data_6HHT
#
_entry.id   6HHT
#
loop_
_entity.id
_entity.type
_entity.pdbx_description
1 polymer 'Echovirus 18 capsid protein 1'
2 polymer 'Echovirus 18 capsid protein 2'
3 polymer 'Echovirus 18 capsid protein 3'
#
loop_
_entity_poly.entity_id
_entity_poly.type
_entity_poly.pdbx_seq_one_letter_code
_entity_poly.pdbx_strand_id
1 'polypeptide(L)'
;GDNQDRTVANTQPSGPSNSTEIPALTAVETGHTSQVDPSDTIQTRHVVNFHSRSESTIENFMGRAACVFMDQYKINGEET
STDRFAVWTINIREMAQLRRKCEMFTYMRFDIEMTMVITSCQDQGTILDQDMPVLTHQIMYVPPGGPIPAKVDGYEWQTS
TNPSVFWTEGNAPPRISIPFISVGNAYSSFYDGWSHFTQDGTYGYTTLNAMGKLYIRHVNRSSPHQITSTIRVYFKPKHI
KAWVPRPPRLCPYINKRDVNFVVTEITDSRTSITDTPHPEHSVLATH
;
A1,V1,S1,P1,M1,J1,G1,D1,A2,w2,t2,q2,n2,k2,h2,e2,b2,Y2,V2,S2,P2,M2,J2,G2,D2
2 'polypeptide(L)'
;SPSAEECGYSDRVRSMTLGNSTITTQESANVVVGYGEWPSYLSDREATAEDQPTQPDVATCRFYTLESVQWEKTSPGWWW
KFPEALKNMGLFGQNMHYHYLGRAGYTIHVQCNASKFHQGCLLVVCVPEAEMGCADTDTTFPATELTTEDTPHVFTSDSI
TGKKVQAAVCNAGMGVGVGNLTIFPHQWINLRTNNSATIVIPYINSVPMDNMFRHYNFTLMIIPFAPLNFTDGATAYVPI
TVTIAPMYAEYNGLRLASTQ
;
W1,T1,Q1,N1,K1,H1,E1,B1,x2,u2,r2,o2,l2,i2,f2,c2,Z2,W2,T2,Q2,N2,K2,H2,E2,B2
3 'polypeptide(L)'
;GVPVLNTPGSNQFLTSDDYQSPSAMPQFDETPEMHIPGEVRNLMEIAEVDSVVPVNNVTGKTKSMDAYQIPVGTGNTDKT
KPIFSFQMDPGYSSVLKRTLLGEMLNYYAHWSGSVKLTFLFCGSAMATGKLLISYSPPGASVPTSRKDAMLGTHIVWDIG
LQSSCVLCVPWISQSHYRMVQQDPYTSAGYITCWYQTNIVVPPGAPTSCDVLCFASACNDFSVRLLRDTPFMAQPGKLQ
;
X1,U1,R1,O1,L1,I1,F1,C1,y2,v2,s2,p2,m2,j2,g2,d2,a2,X2,U2,R2,O2,L2,I2,F2,C2
#
# COMPACT_ATOMS: atom_id res chain seq x y z
N GLN A 43 70.79 -54.93 65.98
CA GLN A 43 69.78 -54.85 64.93
C GLN A 43 68.60 -55.77 65.22
N THR A 44 67.50 -55.56 64.51
CA THR A 44 66.30 -56.36 64.68
C THR A 44 65.70 -56.68 63.32
N ARG A 45 64.96 -57.78 63.26
CA ARG A 45 64.36 -58.25 62.02
C ARG A 45 63.09 -57.44 61.75
N HIS A 46 63.14 -56.59 60.74
CA HIS A 46 62.02 -55.73 60.39
C HIS A 46 61.28 -56.28 59.18
N VAL A 47 60.09 -55.73 58.93
CA VAL A 47 59.32 -56.08 57.75
C VAL A 47 59.93 -55.33 56.57
N VAL A 48 60.81 -55.99 55.83
CA VAL A 48 61.47 -55.40 54.68
C VAL A 48 60.52 -55.61 53.51
N ASN A 49 59.54 -54.71 53.37
CA ASN A 49 58.47 -54.84 52.39
C ASN A 49 58.74 -53.88 51.24
N PHE A 50 59.10 -54.44 50.10
CA PHE A 50 59.23 -53.73 48.82
C PHE A 50 59.49 -54.79 47.76
N HIS A 51 59.37 -54.38 46.50
CA HIS A 51 59.53 -55.30 45.39
C HIS A 51 60.34 -54.57 44.30
N SER A 52 61.63 -54.87 44.24
CA SER A 52 62.52 -54.17 43.30
C SER A 52 63.70 -55.06 42.98
N ARG A 53 64.07 -55.08 41.69
CA ARG A 53 65.30 -55.71 41.25
C ARG A 53 66.04 -54.82 40.26
N SER A 54 65.89 -53.51 40.40
CA SER A 54 66.62 -52.57 39.54
C SER A 54 68.08 -52.48 39.96
N GLU A 55 68.39 -52.78 41.21
CA GLU A 55 69.77 -52.75 41.69
C GLU A 55 70.49 -54.06 41.43
N SER A 56 69.80 -55.06 40.89
CA SER A 56 70.38 -56.35 40.62
C SER A 56 70.68 -56.55 39.14
N THR A 57 70.41 -55.56 38.31
CA THR A 57 70.76 -55.69 36.91
C THR A 57 72.29 -55.59 36.76
N ILE A 58 72.77 -55.95 35.56
CA ILE A 58 74.21 -56.05 35.36
C ILE A 58 74.85 -54.66 35.37
N GLU A 59 74.19 -53.68 34.77
CA GLU A 59 74.77 -52.34 34.71
C GLU A 59 74.76 -51.66 36.07
N ASN A 60 73.84 -52.05 36.95
CA ASN A 60 73.78 -51.51 38.30
C ASN A 60 74.57 -52.35 39.29
N PHE A 61 75.23 -53.40 38.82
CA PHE A 61 76.06 -54.29 39.62
C PHE A 61 77.54 -54.14 39.32
N MET A 62 77.90 -54.03 38.05
CA MET A 62 79.28 -53.89 37.60
C MET A 62 79.69 -52.44 37.40
N GLY A 63 78.78 -51.59 36.92
CA GLY A 63 79.12 -50.21 36.60
C GLY A 63 79.30 -49.36 37.83
N ARG A 64 80.38 -49.61 38.58
CA ARG A 64 80.72 -48.80 39.75
C ARG A 64 82.20 -48.52 39.76
N ALA A 65 82.55 -47.25 39.97
CA ALA A 65 83.94 -46.82 39.89
C ALA A 65 84.71 -47.27 41.12
N ALA A 66 85.85 -47.91 40.90
CA ALA A 66 86.69 -48.42 41.97
C ALA A 66 88.14 -48.10 41.65
N CYS A 67 88.91 -47.76 42.68
CA CYS A 67 90.30 -47.39 42.49
C CYS A 67 91.11 -48.66 42.25
N VAL A 68 91.82 -48.71 41.12
CA VAL A 68 92.49 -49.92 40.68
C VAL A 68 93.99 -49.74 40.50
N PHE A 69 94.54 -48.53 40.67
CA PHE A 69 95.97 -48.34 40.40
C PHE A 69 96.46 -47.09 41.13
N MET A 70 97.21 -47.30 42.21
CA MET A 70 98.04 -46.26 42.83
C MET A 70 99.47 -46.41 42.36
N ASP A 71 100.11 -45.28 42.03
CA ASP A 71 101.52 -45.33 41.66
C ASP A 71 102.15 -43.97 41.86
N GLN A 72 103.45 -43.99 42.14
CA GLN A 72 104.27 -42.79 42.30
C GLN A 72 105.08 -42.56 41.03
N TYR A 73 105.34 -41.29 40.73
CA TYR A 73 106.28 -40.96 39.65
C TYR A 73 106.85 -39.57 39.88
N LYS A 74 108.17 -39.47 39.79
CA LYS A 74 108.90 -38.26 40.14
C LYS A 74 108.81 -37.25 39.00
N ILE A 75 109.63 -36.20 39.05
CA ILE A 75 109.64 -35.21 37.98
C ILE A 75 111.05 -34.99 37.44
N ASN A 76 112.06 -35.16 38.28
CA ASN A 76 113.43 -34.82 37.90
C ASN A 76 114.41 -35.83 38.46
N GLY A 77 115.64 -35.76 37.97
CA GLY A 77 116.69 -36.69 38.31
C GLY A 77 116.60 -37.98 37.51
N GLU A 78 117.74 -38.67 37.42
CA GLU A 78 117.84 -40.00 36.82
C GLU A 78 117.20 -40.02 35.43
N GLU A 79 117.89 -39.36 34.50
CA GLU A 79 117.32 -39.12 33.17
C GLU A 79 116.93 -40.42 32.48
N THR A 80 117.65 -41.51 32.75
CA THR A 80 117.30 -42.85 32.31
C THR A 80 116.82 -43.66 33.52
N SER A 81 115.55 -43.50 33.87
CA SER A 81 114.97 -44.24 34.98
C SER A 81 113.54 -44.64 34.65
N THR A 82 113.06 -45.67 35.35
CA THR A 82 111.71 -46.17 35.20
C THR A 82 110.78 -45.66 36.30
N ASP A 83 111.25 -44.76 37.16
CA ASP A 83 110.46 -44.23 38.26
C ASP A 83 109.96 -42.82 37.98
N ARG A 84 109.92 -42.41 36.72
CA ARG A 84 109.40 -41.11 36.34
C ARG A 84 108.10 -41.21 35.54
N PHE A 85 107.53 -42.41 35.43
CA PHE A 85 106.25 -42.58 34.75
C PHE A 85 105.58 -43.83 35.29
N ALA A 86 104.30 -43.99 34.96
CA ALA A 86 103.48 -45.10 35.39
C ALA A 86 103.07 -45.94 34.19
N VAL A 87 102.61 -47.17 34.45
CA VAL A 87 102.34 -48.11 33.36
C VAL A 87 100.90 -48.64 33.41
N TRP A 88 100.60 -49.52 34.36
CA TRP A 88 99.30 -50.15 34.53
C TRP A 88 98.69 -50.67 33.23
N THR A 89 99.14 -51.84 32.77
CA THR A 89 98.44 -52.57 31.72
C THR A 89 97.00 -52.84 32.15
N ILE A 90 96.04 -52.36 31.37
CA ILE A 90 94.64 -52.36 31.79
C ILE A 90 94.10 -53.79 31.73
N ASN A 91 93.68 -54.31 32.89
CA ASN A 91 93.00 -55.59 32.94
C ASN A 91 92.02 -55.60 34.11
N ILE A 92 91.04 -56.49 34.04
CA ILE A 92 90.05 -56.62 35.12
C ILE A 92 90.62 -57.34 36.33
N ARG A 93 91.74 -58.03 36.18
CA ARG A 93 92.31 -58.83 37.27
C ARG A 93 93.27 -58.00 38.13
N GLU A 94 92.81 -56.82 38.53
CA GLU A 94 93.65 -55.87 39.28
C GLU A 94 93.53 -56.11 40.78
N MET A 95 92.36 -55.88 41.35
CA MET A 95 92.12 -56.17 42.76
C MET A 95 91.01 -57.20 42.88
N ALA A 96 91.08 -58.01 43.95
CA ALA A 96 90.25 -59.20 44.05
C ALA A 96 88.78 -58.87 44.26
N GLN A 97 88.46 -57.69 44.78
CA GLN A 97 87.06 -57.34 44.99
C GLN A 97 86.33 -57.15 43.66
N LEU A 98 86.93 -56.39 42.74
CA LEU A 98 86.34 -56.26 41.41
C LEU A 98 86.54 -57.53 40.59
N ARG A 99 87.72 -58.16 40.67
CA ARG A 99 87.97 -59.38 39.91
C ARG A 99 86.91 -60.43 40.19
N ARG A 100 86.43 -60.50 41.43
CA ARG A 100 85.43 -61.49 41.79
C ARG A 100 84.12 -61.24 41.05
N LYS A 101 83.75 -59.97 40.86
CA LYS A 101 82.50 -59.67 40.18
C LYS A 101 82.56 -59.97 38.68
N CYS A 102 83.72 -59.76 38.05
CA CYS A 102 83.86 -60.06 36.64
C CYS A 102 83.87 -61.56 36.37
N GLU A 103 84.14 -62.37 37.39
CA GLU A 103 84.13 -63.81 37.25
C GLU A 103 82.79 -64.44 37.58
N MET A 104 81.76 -63.63 37.81
CA MET A 104 80.40 -64.15 37.81
C MET A 104 79.99 -64.60 36.42
N PHE A 105 80.61 -64.03 35.39
CA PHE A 105 80.18 -64.17 34.01
C PHE A 105 81.38 -64.58 33.16
N THR A 106 81.15 -65.45 32.19
CA THR A 106 82.24 -65.89 31.33
C THR A 106 82.59 -64.81 30.31
N TYR A 107 81.60 -64.31 29.59
CA TYR A 107 81.82 -63.30 28.55
C TYR A 107 81.11 -62.02 28.91
N MET A 108 81.77 -60.89 28.65
CA MET A 108 81.17 -59.59 28.88
C MET A 108 81.86 -58.57 27.98
N ARG A 109 81.09 -57.57 27.55
CA ARG A 109 81.61 -56.47 26.75
C ARG A 109 81.10 -55.16 27.32
N PHE A 110 81.95 -54.14 27.30
CA PHE A 110 81.67 -52.92 28.04
C PHE A 110 82.66 -51.85 27.64
N ASP A 111 82.17 -50.61 27.55
CA ASP A 111 83.06 -49.46 27.48
C ASP A 111 83.61 -49.16 28.87
N ILE A 112 84.84 -48.65 28.90
CA ILE A 112 85.47 -48.26 30.15
C ILE A 112 85.64 -46.75 30.15
N GLU A 113 85.44 -46.13 31.31
CA GLU A 113 85.49 -44.67 31.45
C GLU A 113 86.21 -44.38 32.76
N MET A 114 87.53 -44.23 32.69
CA MET A 114 88.35 -44.04 33.86
C MET A 114 88.61 -42.55 34.08
N THR A 115 88.65 -42.16 35.36
CA THR A 115 88.94 -40.79 35.75
C THR A 115 90.07 -40.83 36.75
N MET A 116 91.20 -40.21 36.40
CA MET A 116 92.35 -40.22 37.28
C MET A 116 92.22 -39.13 38.34
N VAL A 117 92.86 -39.36 39.48
CA VAL A 117 92.88 -38.40 40.59
C VAL A 117 94.36 -38.25 40.95
N ILE A 118 94.95 -37.14 40.55
CA ILE A 118 96.39 -36.93 40.61
C ILE A 118 96.71 -35.91 41.69
N THR A 119 97.64 -36.26 42.56
CA THR A 119 98.10 -35.39 43.64
C THR A 119 99.56 -35.04 43.41
N SER A 120 100.14 -34.32 44.37
CA SER A 120 101.55 -33.99 44.31
C SER A 120 102.05 -33.65 45.70
N CYS A 121 103.35 -33.78 45.87
CA CYS A 121 104.03 -33.50 47.14
C CYS A 121 105.31 -32.76 46.80
N GLN A 122 106.23 -32.67 47.75
CA GLN A 122 107.53 -32.04 47.50
C GLN A 122 108.53 -32.39 48.61
N MET A 132 107.37 -23.51 43.47
CA MET A 132 107.19 -24.35 42.29
C MET A 132 106.21 -23.70 41.31
N PRO A 133 106.14 -24.22 40.09
CA PRO A 133 105.14 -23.70 39.13
C PRO A 133 103.82 -24.44 39.26
N VAL A 134 102.89 -24.17 38.35
CA VAL A 134 101.69 -24.97 38.21
C VAL A 134 102.00 -26.16 37.31
N LEU A 135 101.64 -27.36 37.77
CA LEU A 135 102.04 -28.60 37.12
C LEU A 135 101.01 -29.05 36.09
N THR A 136 101.50 -29.62 34.99
CA THR A 136 100.67 -30.18 33.95
C THR A 136 101.09 -31.63 33.74
N HIS A 137 100.12 -32.52 33.66
CA HIS A 137 100.38 -33.95 33.55
C HIS A 137 99.99 -34.44 32.15
N GLN A 138 100.29 -35.71 31.88
CA GLN A 138 99.91 -36.35 30.63
C GLN A 138 99.58 -37.80 30.89
N ILE A 139 98.36 -38.21 30.55
CA ILE A 139 97.90 -39.57 30.73
C ILE A 139 97.70 -40.17 29.34
N MET A 140 98.67 -40.92 28.85
CA MET A 140 98.66 -41.45 27.50
C MET A 140 98.15 -42.88 27.51
N TYR A 141 96.99 -43.09 26.90
CA TYR A 141 96.46 -44.43 26.67
C TYR A 141 96.97 -44.95 25.33
N VAL A 142 97.72 -46.05 25.37
CA VAL A 142 98.14 -46.71 24.14
C VAL A 142 97.16 -47.85 23.88
N PRO A 143 96.73 -48.06 22.64
CA PRO A 143 95.86 -49.18 22.32
C PRO A 143 96.60 -50.51 22.42
N PRO A 144 95.92 -51.64 22.22
CA PRO A 144 96.65 -52.92 22.22
C PRO A 144 97.74 -52.99 21.17
N GLY A 145 97.49 -52.46 19.98
CA GLY A 145 98.56 -52.28 19.02
C GLY A 145 99.10 -50.87 19.10
N GLY A 146 100.15 -50.69 19.90
CA GLY A 146 100.71 -49.38 20.14
C GLY A 146 102.10 -49.44 20.73
N PRO A 147 102.95 -48.49 20.33
CA PRO A 147 104.30 -48.43 20.88
C PRO A 147 104.30 -47.87 22.30
N ILE A 148 105.21 -48.39 23.11
CA ILE A 148 105.29 -47.99 24.51
C ILE A 148 106.56 -47.17 24.71
N PRO A 149 106.58 -46.22 25.63
CA PRO A 149 107.84 -45.55 25.96
C PRO A 149 108.73 -46.44 26.82
N ALA A 150 110.04 -46.24 26.65
CA ALA A 150 111.01 -46.87 27.54
C ALA A 150 111.55 -45.89 28.59
N LYS A 151 111.49 -44.59 28.31
CA LYS A 151 111.95 -43.56 29.21
C LYS A 151 110.95 -42.42 29.20
N VAL A 152 111.09 -41.51 30.16
CA VAL A 152 110.18 -40.37 30.26
C VAL A 152 110.33 -39.45 29.06
N ASP A 153 111.46 -39.52 28.35
CA ASP A 153 111.73 -38.66 27.20
C ASP A 153 111.80 -39.46 25.89
N GLY A 154 111.05 -40.55 25.80
CA GLY A 154 111.00 -41.29 24.57
C GLY A 154 110.17 -40.59 23.51
N TYR A 155 110.31 -41.05 22.28
CA TYR A 155 109.56 -40.46 21.18
C TYR A 155 108.14 -41.00 21.09
N GLU A 156 107.84 -42.10 21.78
CA GLU A 156 106.50 -42.68 21.72
C GLU A 156 105.46 -41.71 22.27
N TRP A 157 105.85 -40.89 23.25
CA TRP A 157 104.93 -39.94 23.86
C TRP A 157 104.33 -38.99 22.84
N GLN A 158 104.98 -38.79 21.69
CA GLN A 158 104.52 -37.89 20.66
C GLN A 158 103.76 -38.61 19.55
N THR A 159 103.33 -39.84 19.77
CA THR A 159 102.63 -40.61 18.75
C THR A 159 101.21 -40.11 18.60
N SER A 160 100.81 -39.81 17.36
CA SER A 160 99.49 -39.23 17.10
C SER A 160 98.37 -40.24 17.28
N THR A 161 98.67 -41.54 17.21
CA THR A 161 97.66 -42.56 17.37
C THR A 161 97.45 -42.99 18.82
N ASN A 162 98.27 -42.48 19.73
CA ASN A 162 98.07 -42.71 21.16
C ASN A 162 97.36 -41.51 21.77
N PRO A 163 96.06 -41.59 22.06
CA PRO A 163 95.37 -40.43 22.63
C PRO A 163 95.81 -40.19 24.06
N SER A 164 95.97 -38.91 24.41
CA SER A 164 96.47 -38.54 25.73
C SER A 164 95.81 -37.24 26.16
N VAL A 165 95.54 -37.12 27.46
CA VAL A 165 94.97 -35.91 28.04
C VAL A 165 96.09 -35.15 28.75
N PHE A 166 96.04 -33.84 28.64
CA PHE A 166 97.01 -32.96 29.29
C PHE A 166 96.27 -32.17 30.36
N TRP A 167 96.26 -32.72 31.56
CA TRP A 167 95.56 -32.13 32.69
C TRP A 167 96.55 -31.30 33.50
N THR A 168 96.23 -30.03 33.69
CA THR A 168 97.00 -29.15 34.55
C THR A 168 96.36 -29.11 35.94
N GLU A 169 97.19 -28.89 36.95
CA GLU A 169 96.76 -29.07 38.32
C GLU A 169 95.76 -27.98 38.72
N GLY A 170 94.81 -28.36 39.57
CA GLY A 170 93.82 -27.46 40.11
C GLY A 170 92.42 -27.60 39.52
N ASN A 171 92.31 -28.18 38.33
CA ASN A 171 91.01 -28.29 37.67
C ASN A 171 90.28 -29.55 38.12
N ALA A 172 89.18 -29.86 37.46
CA ALA A 172 88.48 -31.12 37.68
C ALA A 172 89.35 -32.28 37.20
N PRO A 173 89.13 -33.49 37.73
CA PRO A 173 89.99 -34.61 37.36
C PRO A 173 89.84 -34.95 35.89
N PRO A 174 90.90 -35.45 35.25
CA PRO A 174 90.80 -35.79 33.83
C PRO A 174 90.03 -37.08 33.63
N ARG A 175 89.14 -37.08 32.64
CA ARG A 175 88.34 -38.26 32.32
C ARG A 175 88.58 -38.64 30.86
N ILE A 176 88.95 -39.90 30.65
CA ILE A 176 89.23 -40.44 29.32
C ILE A 176 88.41 -41.72 29.19
N SER A 177 87.69 -41.86 28.07
CA SER A 177 86.80 -42.99 27.86
C SER A 177 87.29 -43.83 26.69
N ILE A 178 87.21 -45.14 26.85
CA ILE A 178 87.77 -46.07 25.88
C ILE A 178 86.66 -47.03 25.45
N PRO A 179 86.41 -47.20 24.16
CA PRO A 179 85.32 -48.07 23.72
C PRO A 179 85.68 -49.54 23.84
N PHE A 180 84.82 -50.41 23.31
CA PHE A 180 85.08 -51.84 23.27
C PHE A 180 86.16 -52.12 22.23
N ILE A 181 87.39 -52.35 22.70
CA ILE A 181 88.53 -52.46 21.79
C ILE A 181 88.63 -53.87 21.17
N SER A 182 88.20 -54.90 21.89
CA SER A 182 88.65 -56.26 21.63
C SER A 182 88.34 -56.72 20.21
N VAL A 183 89.15 -57.67 19.73
CA VAL A 183 89.00 -58.17 18.36
C VAL A 183 87.76 -59.04 18.26
N GLY A 184 87.50 -59.85 19.27
CA GLY A 184 86.35 -60.72 19.28
C GLY A 184 85.10 -59.93 19.55
N ASN A 185 84.06 -60.65 19.98
CA ASN A 185 82.77 -60.03 20.22
C ASN A 185 82.50 -59.80 21.70
N ALA A 186 83.39 -60.24 22.58
CA ALA A 186 83.28 -59.98 24.01
C ALA A 186 84.64 -60.18 24.66
N TYR A 187 84.81 -59.55 25.82
CA TYR A 187 85.95 -59.88 26.68
C TYR A 187 85.66 -61.18 27.40
N SER A 188 86.67 -62.06 27.44
CA SER A 188 86.55 -63.35 28.11
C SER A 188 87.22 -63.27 29.46
N SER A 189 86.44 -63.53 30.52
CA SER A 189 87.02 -63.57 31.85
C SER A 189 87.90 -64.81 32.03
N PHE A 190 87.49 -65.92 31.43
CA PHE A 190 88.20 -67.19 31.50
C PHE A 190 88.48 -67.67 30.07
N TYR A 191 89.65 -68.27 29.88
CA TYR A 191 90.04 -68.79 28.57
C TYR A 191 90.72 -70.14 28.79
N ASP A 192 89.95 -71.22 28.67
CA ASP A 192 90.50 -72.58 28.79
C ASP A 192 91.16 -72.94 27.47
N GLY A 193 92.38 -72.45 27.29
CA GLY A 193 93.07 -72.63 26.03
C GLY A 193 94.50 -72.12 26.11
N TRP A 194 95.24 -72.34 25.03
CA TRP A 194 96.65 -72.04 24.96
C TRP A 194 96.89 -70.96 23.90
N SER A 195 97.72 -69.98 24.25
CA SER A 195 98.01 -68.89 23.32
C SER A 195 98.72 -69.41 22.08
N HIS A 196 99.71 -70.27 22.26
CA HIS A 196 100.51 -70.79 21.16
C HIS A 196 100.00 -72.18 20.78
N PHE A 197 99.76 -72.38 19.48
CA PHE A 197 99.18 -73.62 18.99
C PHE A 197 100.07 -74.81 19.32
N THR A 198 99.43 -75.97 19.47
CA THR A 198 100.05 -77.26 19.80
C THR A 198 100.46 -77.31 21.25
N GLN A 199 99.64 -76.75 22.13
CA GLN A 199 99.78 -76.87 23.59
C GLN A 199 101.15 -76.45 24.07
N ASP A 200 101.51 -75.20 23.74
CA ASP A 200 102.79 -74.65 24.16
C ASP A 200 102.61 -73.99 25.53
N GLY A 201 103.46 -73.02 25.87
CA GLY A 201 103.35 -72.34 27.14
C GLY A 201 102.22 -71.34 27.17
N THR A 202 102.14 -70.63 28.29
CA THR A 202 101.16 -69.55 28.52
C THR A 202 99.73 -70.07 28.41
N TYR A 203 99.35 -70.85 29.41
CA TYR A 203 97.98 -71.30 29.54
C TYR A 203 97.07 -70.15 29.97
N GLY A 204 95.85 -70.15 29.44
CA GLY A 204 94.81 -69.30 29.98
C GLY A 204 94.84 -67.86 29.56
N TYR A 205 95.82 -67.44 28.76
CA TYR A 205 95.94 -66.04 28.35
C TYR A 205 95.62 -65.94 26.86
N THR A 206 94.46 -65.39 26.55
CA THR A 206 94.10 -65.03 25.19
C THR A 206 94.46 -63.58 24.93
N THR A 207 94.67 -63.24 23.66
CA THR A 207 94.96 -61.87 23.27
C THR A 207 93.71 -61.09 22.89
N LEU A 208 92.53 -61.72 22.96
CA LEU A 208 91.30 -61.00 22.66
C LEU A 208 90.95 -60.03 23.79
N ASN A 209 91.14 -60.44 25.04
CA ASN A 209 90.84 -59.58 26.18
C ASN A 209 92.05 -58.73 26.57
N ALA A 210 92.62 -58.06 25.58
CA ALA A 210 93.65 -57.04 25.80
C ALA A 210 93.01 -55.68 25.64
N MET A 211 93.25 -54.79 26.61
CA MET A 211 92.54 -53.53 26.66
C MET A 211 93.43 -52.31 26.42
N GLY A 212 94.74 -52.47 26.55
CA GLY A 212 95.67 -51.37 26.34
C GLY A 212 96.50 -51.12 27.58
N LYS A 213 97.20 -49.99 27.56
CA LYS A 213 98.03 -49.56 28.68
C LYS A 213 97.80 -48.07 28.90
N LEU A 214 98.38 -47.54 29.98
CA LEU A 214 98.07 -46.19 30.43
C LEU A 214 99.33 -45.53 30.99
N TYR A 215 100.10 -44.88 30.12
CA TYR A 215 101.37 -44.26 30.50
C TYR A 215 101.13 -42.82 30.95
N ILE A 216 101.64 -42.48 32.12
CA ILE A 216 101.33 -41.24 32.81
C ILE A 216 102.65 -40.58 33.20
N ARG A 217 102.81 -39.30 32.87
CA ARG A 217 104.02 -38.58 33.23
C ARG A 217 103.70 -37.12 33.47
N HIS A 218 104.67 -36.42 34.05
CA HIS A 218 104.67 -34.96 34.05
C HIS A 218 105.14 -34.49 32.67
N VAL A 219 104.52 -33.42 32.17
CA VAL A 219 105.03 -32.79 30.95
C VAL A 219 106.08 -31.74 31.26
N ASN A 220 106.21 -31.32 32.51
CA ASN A 220 107.23 -30.36 32.88
C ASN A 220 108.61 -31.01 32.79
N ARG A 221 109.54 -30.33 32.13
CA ARG A 221 110.82 -30.95 31.82
C ARG A 221 111.67 -31.12 33.08
N SER A 222 111.62 -30.16 34.00
CA SER A 222 112.42 -30.22 35.21
C SER A 222 111.74 -29.41 36.30
N SER A 223 112.40 -29.34 37.45
CA SER A 223 111.92 -28.59 38.60
C SER A 223 113.10 -28.27 39.49
N PRO A 224 113.04 -27.19 40.27
CA PRO A 224 114.14 -26.88 41.19
C PRO A 224 114.29 -27.93 42.29
N HIS A 225 113.17 -28.32 42.91
CA HIS A 225 113.17 -29.36 43.92
C HIS A 225 112.45 -30.60 43.40
N GLN A 226 112.32 -31.61 44.26
CA GLN A 226 111.70 -32.87 43.88
C GLN A 226 110.20 -32.83 44.12
N ILE A 227 109.43 -33.24 43.12
CA ILE A 227 107.98 -33.32 43.21
C ILE A 227 107.60 -34.77 42.93
N THR A 228 106.86 -35.38 43.85
CA THR A 228 106.48 -36.78 43.75
C THR A 228 104.97 -36.85 43.63
N SER A 229 104.48 -37.12 42.43
CA SER A 229 103.05 -37.13 42.17
C SER A 229 102.48 -38.53 42.36
N THR A 230 101.24 -38.60 42.80
CA THR A 230 100.53 -39.85 43.04
C THR A 230 99.26 -39.85 42.22
N ILE A 231 99.01 -40.94 41.50
CA ILE A 231 97.84 -41.05 40.64
C ILE A 231 96.99 -42.22 41.11
N ARG A 232 95.67 -42.04 41.06
CA ARG A 232 94.69 -43.05 41.45
C ARG A 232 93.72 -43.20 40.29
N VAL A 233 93.81 -44.31 39.56
CA VAL A 233 92.98 -44.53 38.38
C VAL A 233 91.68 -45.17 38.83
N TYR A 234 90.55 -44.54 38.46
CA TYR A 234 89.22 -45.01 38.83
C TYR A 234 88.57 -45.68 37.62
N PHE A 235 88.64 -47.00 37.59
CA PHE A 235 88.09 -47.79 36.51
C PHE A 235 86.59 -47.93 36.67
N LYS A 236 85.87 -47.86 35.55
CA LYS A 236 84.43 -48.04 35.58
C LYS A 236 83.91 -48.70 34.31
N PRO A 237 83.32 -49.88 34.40
CA PRO A 237 82.64 -50.45 33.23
C PRO A 237 81.42 -49.62 32.88
N LYS A 238 81.11 -49.56 31.58
CA LYS A 238 79.97 -48.78 31.12
C LYS A 238 79.32 -49.48 29.94
N HIS A 239 78.00 -49.34 29.86
CA HIS A 239 77.19 -49.99 28.82
C HIS A 239 77.53 -51.48 28.74
N ILE A 240 77.45 -52.14 29.89
CA ILE A 240 78.01 -53.47 30.06
C ILE A 240 76.95 -54.53 29.77
N LYS A 241 77.31 -55.52 28.96
CA LYS A 241 76.53 -56.72 28.76
C LYS A 241 77.35 -57.91 29.23
N ALA A 242 76.68 -58.99 29.62
CA ALA A 242 77.36 -60.13 30.19
C ALA A 242 76.63 -61.40 29.80
N TRP A 243 77.39 -62.43 29.43
CA TRP A 243 76.85 -63.71 28.99
C TRP A 243 77.41 -64.82 29.86
N VAL A 244 76.70 -65.95 29.86
CA VAL A 244 77.14 -67.21 30.45
C VAL A 244 77.47 -66.99 31.93
N PRO A 245 76.49 -67.05 32.82
CA PRO A 245 76.79 -66.92 34.25
C PRO A 245 77.64 -68.08 34.72
N ARG A 246 78.19 -67.93 35.93
CA ARG A 246 79.28 -68.76 36.39
C ARG A 246 79.25 -68.74 37.91
N PRO A 247 79.59 -69.83 38.59
CA PRO A 247 79.49 -69.84 40.04
C PRO A 247 80.53 -68.92 40.64
N PRO A 248 80.28 -68.38 41.82
CA PRO A 248 81.23 -67.45 42.43
C PRO A 248 82.51 -68.13 42.88
N ARG A 249 83.56 -67.32 42.96
CA ARG A 249 84.85 -67.77 43.47
C ARG A 249 84.71 -68.21 44.93
N LEU A 250 85.30 -69.34 45.26
CA LEU A 250 85.31 -69.84 46.64
C LEU A 250 86.66 -69.65 47.31
N CYS A 251 87.74 -70.04 46.65
CA CYS A 251 89.08 -69.98 47.20
C CYS A 251 89.67 -68.58 47.05
N PRO A 252 90.63 -68.22 47.89
CA PRO A 252 91.31 -66.93 47.73
C PRO A 252 92.21 -66.92 46.50
N TYR A 253 92.49 -65.71 46.01
CA TYR A 253 93.31 -65.54 44.82
C TYR A 253 94.79 -65.66 45.17
N ILE A 254 95.55 -66.25 44.25
CA ILE A 254 96.99 -66.42 44.44
C ILE A 254 97.75 -65.36 43.64
N ASN A 255 97.57 -65.38 42.32
CA ASN A 255 98.31 -64.52 41.41
C ASN A 255 97.36 -63.87 40.42
N LYS A 256 97.80 -62.74 39.86
CA LYS A 256 96.95 -61.86 39.07
C LYS A 256 96.89 -62.23 37.60
N ARG A 257 97.52 -63.33 37.19
CA ARG A 257 97.49 -63.76 35.80
C ARG A 257 97.05 -65.21 35.64
N ASP A 258 96.58 -65.85 36.71
CA ASP A 258 96.21 -67.25 36.65
C ASP A 258 95.04 -67.50 37.59
N VAL A 259 94.53 -68.73 37.54
CA VAL A 259 93.38 -69.15 38.33
C VAL A 259 93.79 -70.12 39.43
N ASN A 260 95.10 -70.21 39.71
CA ASN A 260 95.60 -71.18 40.67
C ASN A 260 95.09 -70.87 42.06
N PHE A 261 94.92 -71.91 42.86
CA PHE A 261 94.25 -71.75 44.15
C PHE A 261 94.70 -72.85 45.10
N VAL A 262 94.40 -72.64 46.38
CA VAL A 262 94.58 -73.64 47.42
C VAL A 262 93.21 -74.21 47.74
N VAL A 263 93.16 -75.53 47.96
CA VAL A 263 91.87 -76.19 48.19
C VAL A 263 91.29 -75.68 49.50
N THR A 264 90.16 -75.00 49.41
CA THR A 264 89.50 -74.38 50.56
C THR A 264 88.26 -75.19 50.92
N GLU A 265 87.86 -75.09 52.17
CA GLU A 265 86.65 -75.76 52.63
C GLU A 265 85.43 -75.10 52.01
N ILE A 266 84.35 -75.88 51.88
CA ILE A 266 83.14 -75.38 51.22
C ILE A 266 82.51 -74.25 52.04
N THR A 267 82.08 -74.57 53.26
CA THR A 267 81.49 -73.58 54.16
C THR A 267 82.20 -73.65 55.51
N ASP A 268 81.84 -72.72 56.38
CA ASP A 268 82.33 -72.78 57.75
C ASP A 268 81.71 -73.98 58.44
N SER A 269 82.49 -74.66 59.27
CA SER A 269 82.00 -75.88 59.89
C SER A 269 81.17 -75.56 61.13
N ARG A 270 80.27 -76.47 61.46
CA ARG A 270 79.52 -76.44 62.71
C ARG A 270 79.76 -77.76 63.44
N THR A 271 79.18 -77.86 64.64
CA THR A 271 79.52 -78.97 65.53
C THR A 271 78.88 -80.28 65.05
N SER A 272 77.56 -80.31 64.92
CA SER A 272 76.85 -81.48 64.46
C SER A 272 75.92 -81.10 63.31
N ILE A 273 75.25 -82.10 62.74
CA ILE A 273 74.32 -81.87 61.64
C ILE A 273 72.99 -81.29 62.13
N THR A 274 72.71 -81.38 63.43
CA THR A 274 71.40 -81.03 63.96
C THR A 274 71.39 -79.78 64.82
N ASP A 275 72.54 -79.22 65.17
CA ASP A 275 72.58 -78.03 66.02
C ASP A 275 72.32 -76.77 65.21
N GLN B 43 -21.09 103.43 -30.85
CA GLN B 43 -21.21 101.97 -30.83
C GLN B 43 -22.67 101.54 -30.82
N THR B 44 -22.90 100.26 -31.11
CA THR B 44 -24.25 99.71 -31.14
C THR B 44 -24.24 98.35 -30.47
N ARG B 45 -25.40 97.95 -29.96
CA ARG B 45 -25.54 96.68 -29.26
C ARG B 45 -25.67 95.57 -30.29
N HIS B 46 -24.65 94.72 -30.39
CA HIS B 46 -24.63 93.64 -31.36
C HIS B 46 -24.93 92.32 -30.67
N VAL B 47 -25.21 91.30 -31.48
CA VAL B 47 -25.40 89.94 -30.97
C VAL B 47 -24.02 89.37 -30.68
N VAL B 48 -23.60 89.46 -29.42
CA VAL B 48 -22.29 88.95 -28.99
C VAL B 48 -22.52 87.48 -28.67
N ASN B 49 -22.47 86.64 -29.71
CA ASN B 49 -22.80 85.22 -29.59
C ASN B 49 -21.52 84.42 -29.61
N PHE B 50 -21.17 83.85 -28.46
CA PHE B 50 -20.08 82.89 -28.30
C PHE B 50 -20.15 82.38 -26.87
N HIS B 51 -19.41 81.32 -26.60
CA HIS B 51 -19.44 80.69 -25.27
C HIS B 51 -18.00 80.31 -24.92
N SER B 52 -17.37 81.14 -24.09
CA SER B 52 -15.97 80.92 -23.75
C SER B 52 -15.67 81.56 -22.40
N ARG B 53 -14.91 80.84 -21.58
CA ARG B 53 -14.36 81.37 -20.34
C ARG B 53 -12.90 81.01 -20.18
N SER B 54 -12.19 80.86 -21.29
CA SER B 54 -10.76 80.57 -21.23
C SER B 54 -9.97 81.83 -20.86
N GLU B 55 -10.51 83.00 -21.13
CA GLU B 55 -9.85 84.26 -20.79
C GLU B 55 -10.15 84.68 -19.36
N SER B 56 -11.00 83.94 -18.66
CA SER B 56 -11.37 84.28 -17.29
C SER B 56 -10.69 83.38 -16.28
N THR B 57 -9.85 82.45 -16.72
CA THR B 57 -9.11 81.65 -15.77
C THR B 57 -8.05 82.50 -15.08
N ILE B 58 -7.46 81.96 -14.01
CA ILE B 58 -6.55 82.76 -13.19
C ILE B 58 -5.24 83.02 -13.94
N GLU B 59 -4.75 82.02 -14.67
CA GLU B 59 -3.49 82.19 -15.38
C GLU B 59 -3.64 83.13 -16.57
N ASN B 60 -4.83 83.24 -17.13
CA ASN B 60 -5.10 84.15 -18.23
C ASN B 60 -5.58 85.51 -17.74
N PHE B 61 -5.66 85.70 -16.44
CA PHE B 61 -6.08 86.95 -15.81
C PHE B 61 -4.94 87.67 -15.11
N MET B 62 -4.10 86.93 -14.41
CA MET B 62 -2.95 87.47 -13.67
C MET B 62 -1.66 87.42 -14.47
N GLY B 63 -1.45 86.37 -15.25
CA GLY B 63 -0.21 86.18 -15.98
C GLY B 63 -0.06 87.14 -17.15
N ARG B 64 0.11 88.42 -16.85
CA ARG B 64 0.35 89.42 -17.89
C ARG B 64 1.46 90.36 -17.45
N ALA B 65 2.41 90.59 -18.33
CA ALA B 65 3.59 91.38 -17.99
C ALA B 65 3.23 92.86 -17.94
N ALA B 66 3.62 93.51 -16.85
CA ALA B 66 3.34 94.92 -16.63
C ALA B 66 4.59 95.58 -16.06
N CYS B 67 4.84 96.81 -16.49
CA CYS B 67 6.03 97.52 -16.05
C CYS B 67 5.80 98.02 -14.63
N VAL B 68 6.69 97.64 -13.72
CA VAL B 68 6.50 97.89 -12.29
C VAL B 68 7.62 98.71 -11.67
N PHE B 69 8.69 99.05 -12.41
CA PHE B 69 9.81 99.75 -11.78
C PHE B 69 10.63 100.47 -12.86
N MET B 70 10.48 101.80 -12.92
CA MET B 70 11.42 102.66 -13.63
C MET B 70 12.41 103.27 -12.64
N ASP B 71 13.68 103.30 -13.03
CA ASP B 71 14.68 103.93 -12.19
C ASP B 71 15.89 104.34 -13.02
N GLN B 72 16.55 105.39 -12.57
CA GLN B 72 17.78 105.90 -13.18
C GLN B 72 18.98 105.43 -12.36
N TYR B 73 20.11 105.24 -13.03
CA TYR B 73 21.36 104.99 -12.32
C TYR B 73 22.53 105.37 -13.22
N LYS B 74 23.45 106.15 -12.66
CA LYS B 74 24.55 106.74 -13.41
C LYS B 74 25.65 105.70 -13.63
N ILE B 75 26.83 106.15 -14.08
CA ILE B 75 27.95 105.24 -14.28
C ILE B 75 29.19 105.73 -13.54
N ASN B 76 29.35 107.04 -13.38
CA ASN B 76 30.58 107.59 -12.84
C ASN B 76 30.28 108.77 -11.93
N GLY B 77 31.30 109.19 -11.20
CA GLY B 77 31.18 110.23 -10.20
C GLY B 77 30.63 109.71 -8.89
N GLU B 78 30.91 110.48 -7.83
CA GLU B 78 30.36 110.24 -6.49
C GLU B 78 30.55 108.79 -6.06
N GLU B 79 31.82 108.45 -5.79
CA GLU B 79 32.18 107.06 -5.54
C GLU B 79 31.39 106.45 -4.40
N THR B 80 31.01 107.25 -3.41
CA THR B 80 30.09 106.83 -2.35
C THR B 80 28.75 107.54 -2.56
N SER B 81 27.91 106.95 -3.42
CA SER B 81 26.59 107.51 -3.68
C SER B 81 25.59 106.38 -3.85
N THR B 82 24.32 106.72 -3.65
CA THR B 82 23.20 105.79 -3.81
C THR B 82 22.49 105.95 -5.15
N ASP B 83 23.01 106.80 -6.04
CA ASP B 83 22.39 107.05 -7.33
C ASP B 83 23.13 106.35 -8.47
N ARG B 84 23.92 105.32 -8.16
CA ARG B 84 24.62 104.54 -9.17
C ARG B 84 24.10 103.11 -9.26
N PHE B 85 23.00 102.80 -8.59
CA PHE B 85 22.38 101.47 -8.68
C PHE B 85 20.91 101.60 -8.31
N ALA B 86 20.17 100.53 -8.60
CA ALA B 86 18.74 100.47 -8.35
C ALA B 86 18.46 99.39 -7.31
N VAL B 87 17.25 99.44 -6.74
CA VAL B 87 16.92 98.56 -5.61
C VAL B 87 15.67 97.72 -5.88
N TRP B 88 14.49 98.35 -5.83
CA TRP B 88 13.20 97.71 -6.02
C TRP B 88 13.04 96.39 -5.25
N THR B 89 12.75 96.48 -3.95
CA THR B 89 12.28 95.33 -3.21
C THR B 89 11.03 94.75 -3.86
N ILE B 90 11.10 93.48 -4.26
CA ILE B 90 10.03 92.89 -5.08
C ILE B 90 8.79 92.66 -4.24
N ASN B 91 7.69 93.32 -4.61
CA ASN B 91 6.40 93.08 -3.99
C ASN B 91 5.30 93.32 -5.00
N ILE B 92 4.13 92.73 -4.73
CA ILE B 92 2.98 92.92 -5.61
C ILE B 92 2.33 94.28 -5.43
N ARG B 93 2.63 94.99 -4.34
CA ARG B 93 1.99 96.27 -4.05
C ARG B 93 2.77 97.43 -4.67
N GLU B 94 3.08 97.30 -5.95
CA GLU B 94 3.90 98.29 -6.66
C GLU B 94 3.03 99.38 -7.28
N MET B 95 2.21 99.02 -8.25
CA MET B 95 1.26 99.95 -8.85
C MET B 95 -0.16 99.44 -8.64
N ALA B 96 -1.10 100.39 -8.54
CA ALA B 96 -2.44 100.07 -8.08
C ALA B 96 -3.22 99.24 -9.07
N GLN B 97 -2.86 99.27 -10.36
CA GLN B 97 -3.59 98.48 -11.35
C GLN B 97 -3.34 96.99 -11.15
N LEU B 98 -2.08 96.60 -10.97
CA LEU B 98 -1.79 95.20 -10.67
C LEU B 98 -2.16 94.86 -9.23
N ARG B 99 -1.86 95.76 -8.29
CA ARG B 99 -2.19 95.50 -6.88
C ARG B 99 -3.66 95.14 -6.71
N ARG B 100 -4.54 95.79 -7.49
CA ARG B 100 -5.96 95.52 -7.38
C ARG B 100 -6.28 94.08 -7.78
N LYS B 101 -5.59 93.55 -8.78
CA LYS B 101 -5.87 92.18 -9.23
C LYS B 101 -5.39 91.14 -8.23
N CYS B 102 -4.26 91.39 -7.56
CA CYS B 102 -3.77 90.45 -6.57
C CYS B 102 -4.64 90.44 -5.32
N GLU B 103 -5.44 91.47 -5.11
CA GLU B 103 -6.34 91.54 -3.96
C GLU B 103 -7.72 90.99 -4.26
N MET B 104 -7.93 90.40 -5.44
CA MET B 104 -9.11 89.57 -5.64
C MET B 104 -9.06 88.31 -4.80
N PHE B 105 -7.85 87.88 -4.43
CA PHE B 105 -7.63 86.57 -3.83
C PHE B 105 -6.79 86.76 -2.57
N THR B 106 -7.09 85.99 -1.53
CA THR B 106 -6.33 86.10 -0.30
C THR B 106 -4.96 85.45 -0.43
N TYR B 107 -4.93 84.20 -0.89
CA TYR B 107 -3.69 83.43 -1.01
C TYR B 107 -3.44 83.09 -2.47
N MET B 108 -2.18 83.18 -2.88
CA MET B 108 -1.78 82.82 -4.23
C MET B 108 -0.31 82.47 -4.23
N ARG B 109 0.06 81.54 -5.10
CA ARG B 109 1.44 81.13 -5.29
C ARG B 109 1.75 81.08 -6.78
N PHE B 110 2.96 81.49 -7.15
CA PHE B 110 3.26 81.72 -8.55
C PHE B 110 4.76 81.93 -8.70
N ASP B 111 5.30 81.41 -9.80
CA ASP B 111 6.64 81.79 -10.22
C ASP B 111 6.59 83.16 -10.89
N ILE B 112 7.67 83.92 -10.75
CA ILE B 112 7.77 85.23 -11.38
C ILE B 112 8.88 85.15 -12.43
N GLU B 113 8.66 85.82 -13.56
CA GLU B 113 9.59 85.78 -14.68
C GLU B 113 9.66 87.21 -15.23
N MET B 114 10.61 87.98 -14.73
CA MET B 114 10.74 89.38 -15.10
C MET B 114 11.78 89.54 -16.20
N THR B 115 11.52 90.48 -17.11
CA THR B 115 12.44 90.80 -18.20
C THR B 115 12.68 92.29 -18.17
N MET B 116 13.93 92.68 -17.95
CA MET B 116 14.27 94.09 -17.88
C MET B 116 14.44 94.67 -19.27
N VAL B 117 14.19 95.97 -19.39
CA VAL B 117 14.36 96.71 -20.64
C VAL B 117 15.21 97.92 -20.28
N ILE B 118 16.49 97.87 -20.65
CA ILE B 118 17.49 98.82 -20.19
C ILE B 118 17.89 99.72 -21.34
N THR B 119 17.86 101.02 -21.11
CA THR B 119 18.26 102.02 -22.09
C THR B 119 19.49 102.76 -21.58
N SER B 120 19.90 103.78 -22.34
CA SER B 120 21.04 104.60 -21.93
C SER B 120 20.96 105.93 -22.65
N CYS B 121 21.61 106.93 -22.07
CA CYS B 121 21.67 108.28 -22.61
C CYS B 121 23.10 108.77 -22.43
N GLN B 122 23.31 110.07 -22.56
CA GLN B 122 24.62 110.65 -22.32
C GLN B 122 24.55 112.17 -22.17
N MET B 132 31.89 106.50 -26.72
CA MET B 132 31.72 105.60 -25.59
C MET B 132 31.97 104.16 -26.02
N PRO B 133 32.11 103.24 -25.05
CA PRO B 133 32.25 101.82 -25.40
C PRO B 133 30.89 101.15 -25.50
N VAL B 134 30.88 99.82 -25.66
CA VAL B 134 29.67 99.04 -25.53
C VAL B 134 29.46 98.71 -24.05
N LEU B 135 28.25 98.96 -23.55
CA LEU B 135 27.97 98.88 -22.12
C LEU B 135 27.47 97.49 -21.73
N THR B 136 27.88 97.05 -20.55
CA THR B 136 27.43 95.79 -19.98
C THR B 136 26.84 96.07 -18.61
N HIS B 137 25.68 95.49 -18.33
CA HIS B 137 24.95 95.75 -17.10
C HIS B 137 24.99 94.51 -16.21
N GLN B 138 24.45 94.65 -15.00
CA GLN B 138 24.34 93.53 -14.06
C GLN B 138 23.06 93.69 -13.26
N ILE B 139 22.19 92.68 -13.33
CA ILE B 139 20.92 92.69 -12.60
C ILE B 139 21.01 91.58 -11.57
N MET B 140 21.33 91.94 -10.33
CA MET B 140 21.56 90.97 -9.27
C MET B 140 20.29 90.83 -8.44
N TYR B 141 19.71 89.63 -8.48
CA TYR B 141 18.60 89.28 -7.61
C TYR B 141 19.14 88.66 -6.33
N VAL B 142 18.87 89.31 -5.20
CA VAL B 142 19.22 88.73 -3.91
C VAL B 142 17.97 88.04 -3.35
N PRO B 143 18.10 86.85 -2.77
CA PRO B 143 16.95 86.17 -2.17
C PRO B 143 16.50 86.89 -0.90
N PRO B 144 15.42 86.43 -0.26
CA PRO B 144 15.02 87.07 1.01
C PRO B 144 16.11 86.99 2.07
N GLY B 145 16.81 85.86 2.17
CA GLY B 145 18.01 85.81 2.98
C GLY B 145 19.24 86.06 2.14
N GLY B 146 19.66 87.32 2.06
CA GLY B 146 20.76 87.71 1.21
C GLY B 146 21.33 89.06 1.58
N PRO B 147 22.65 89.19 1.46
CA PRO B 147 23.29 90.48 1.74
C PRO B 147 23.05 91.47 0.62
N ILE B 148 22.93 92.75 1.00
CA ILE B 148 22.63 93.80 0.03
C ILE B 148 23.87 94.69 -0.10
N PRO B 149 24.11 95.28 -1.27
CA PRO B 149 25.19 96.26 -1.37
C PRO B 149 24.79 97.58 -0.74
N ALA B 150 25.79 98.29 -0.23
CA ALA B 150 25.62 99.65 0.22
C ALA B 150 26.13 100.67 -0.78
N LYS B 151 27.06 100.27 -1.64
CA LYS B 151 27.65 101.13 -2.65
C LYS B 151 27.79 100.33 -3.94
N VAL B 152 28.05 101.05 -5.04
CA VAL B 152 28.20 100.39 -6.34
C VAL B 152 29.42 99.48 -6.35
N ASP B 153 30.37 99.69 -5.44
CA ASP B 153 31.60 98.89 -5.38
C ASP B 153 31.68 98.05 -4.12
N GLY B 154 30.54 97.62 -3.58
CA GLY B 154 30.53 96.75 -2.43
C GLY B 154 30.95 95.34 -2.80
N TYR B 155 31.27 94.56 -1.78
CA TYR B 155 31.66 93.18 -2.01
C TYR B 155 30.46 92.24 -2.18
N GLU B 156 29.25 92.70 -1.84
CA GLU B 156 28.07 91.85 -1.98
C GLU B 156 27.83 91.49 -3.43
N TRP B 157 28.20 92.37 -4.36
CA TRP B 157 27.99 92.12 -5.78
C TRP B 157 28.68 90.85 -6.25
N GLN B 158 29.70 90.39 -5.53
CA GLN B 158 30.45 89.21 -5.89
C GLN B 158 29.99 87.96 -5.14
N THR B 159 28.81 88.00 -4.52
CA THR B 159 28.33 86.86 -3.75
C THR B 159 27.83 85.77 -4.68
N SER B 160 28.32 84.55 -4.46
CA SER B 160 27.99 83.43 -5.35
C SER B 160 26.56 82.96 -5.18
N THR B 161 25.92 83.25 -4.05
CA THR B 161 24.55 82.83 -3.81
C THR B 161 23.53 83.84 -4.32
N ASN B 162 23.97 85.01 -4.78
CA ASN B 162 23.08 85.98 -5.42
C ASN B 162 23.18 85.82 -6.93
N PRO B 163 22.19 85.21 -7.59
CA PRO B 163 22.29 85.05 -9.05
C PRO B 163 22.10 86.40 -9.75
N SER B 164 22.89 86.61 -10.79
CA SER B 164 22.88 87.87 -11.51
C SER B 164 23.14 87.62 -12.99
N VAL B 165 22.49 88.41 -13.84
CA VAL B 165 22.68 88.33 -15.29
C VAL B 165 23.56 89.50 -15.71
N PHE B 166 24.45 89.23 -16.67
CA PHE B 166 25.35 90.24 -17.21
C PHE B 166 24.95 90.48 -18.65
N TRP B 167 24.06 91.43 -18.85
CA TRP B 167 23.54 91.76 -20.16
C TRP B 167 24.35 92.91 -20.75
N THR B 168 24.91 92.70 -21.93
CA THR B 168 25.59 93.75 -22.68
C THR B 168 24.62 94.37 -23.68
N GLU B 169 24.85 95.64 -23.98
CA GLU B 169 23.87 96.41 -24.73
C GLU B 169 23.80 95.94 -26.18
N GLY B 170 22.59 96.00 -26.74
CA GLY B 170 22.35 95.67 -28.12
C GLY B 170 21.65 94.33 -28.34
N ASN B 171 21.69 93.43 -27.37
CA ASN B 171 21.11 92.10 -27.53
C ASN B 171 19.63 92.13 -27.14
N ALA B 172 19.03 90.94 -27.08
CA ALA B 172 17.68 90.80 -26.56
C ALA B 172 17.66 91.15 -25.07
N PRO B 173 16.50 91.55 -24.53
CA PRO B 173 16.46 91.96 -23.13
C PRO B 173 16.77 90.80 -22.21
N PRO B 174 17.36 91.06 -21.05
CA PRO B 174 17.70 89.97 -20.13
C PRO B 174 16.46 89.46 -19.40
N ARG B 175 16.33 88.14 -19.31
CA ARG B 175 15.21 87.53 -18.62
C ARG B 175 15.73 86.63 -17.51
N ILE B 176 15.21 86.86 -16.30
CA ILE B 176 15.59 86.11 -15.12
C ILE B 176 14.31 85.63 -14.45
N SER B 177 14.25 84.34 -14.12
CA SER B 177 13.04 83.74 -13.57
C SER B 177 13.30 83.27 -12.15
N ILE B 178 12.32 83.50 -11.28
CA ILE B 178 12.47 83.24 -9.85
C ILE B 178 11.33 82.32 -9.42
N PRO B 179 11.64 81.20 -8.76
CA PRO B 179 10.57 80.27 -8.37
C PRO B 179 9.78 80.77 -7.17
N PHE B 180 8.90 79.91 -6.65
CA PHE B 180 8.13 80.21 -5.45
C PHE B 180 9.07 80.17 -4.24
N ILE B 181 9.47 81.34 -3.76
CA ILE B 181 10.49 81.41 -2.72
C ILE B 181 9.90 81.18 -1.32
N SER B 182 8.64 81.57 -1.11
CA SER B 182 8.14 81.82 0.24
C SER B 182 8.26 80.61 1.15
N VAL B 183 8.32 80.88 2.46
CA VAL B 183 8.50 79.82 3.45
C VAL B 183 7.21 79.03 3.61
N GLY B 184 6.08 79.73 3.59
CA GLY B 184 4.79 79.10 3.72
C GLY B 184 4.42 78.38 2.44
N ASN B 185 3.13 78.12 2.29
CA ASN B 185 2.62 77.40 1.14
C ASN B 185 1.98 78.31 0.09
N ALA B 186 1.85 79.60 0.39
CA ALA B 186 1.35 80.57 -0.57
C ALA B 186 1.77 81.96 -0.14
N TYR B 187 1.80 82.88 -1.11
CA TYR B 187 1.92 84.29 -0.79
C TYR B 187 0.57 84.82 -0.31
N SER B 188 0.60 85.59 0.76
CA SER B 188 -0.61 86.17 1.34
C SER B 188 -0.72 87.62 0.90
N SER B 189 -1.82 87.94 0.22
CA SER B 189 -2.07 89.33 -0.16
C SER B 189 -2.42 90.16 1.07
N PHE B 190 -3.16 89.58 2.01
CA PHE B 190 -3.57 90.24 3.24
C PHE B 190 -3.11 89.42 4.43
N TYR B 191 -2.69 90.10 5.49
CA TYR B 191 -2.23 89.43 6.71
C TYR B 191 -2.78 90.19 7.90
N ASP B 192 -3.92 89.74 8.43
CA ASP B 192 -4.53 90.34 9.62
C ASP B 192 -3.80 89.82 10.84
N GLY B 193 -2.65 90.41 11.11
CA GLY B 193 -1.79 89.94 12.18
C GLY B 193 -0.62 90.86 12.39
N TRP B 194 0.16 90.56 13.42
CA TRP B 194 1.27 91.39 13.86
C TRP B 194 2.58 90.62 13.70
N SER B 195 3.59 91.30 13.16
CA SER B 195 4.88 90.66 12.94
C SER B 195 5.52 90.25 14.26
N HIS B 196 5.49 91.13 15.26
CA HIS B 196 6.12 90.88 16.55
C HIS B 196 5.04 90.43 17.54
N PHE B 197 5.33 89.32 18.24
CA PHE B 197 4.36 88.73 19.14
C PHE B 197 3.98 89.69 20.27
N THR B 198 2.75 89.52 20.77
CA THR B 198 2.16 90.32 21.83
C THR B 198 1.75 91.70 21.32
N GLN B 199 1.23 91.75 20.10
CA GLN B 199 0.61 92.95 19.53
C GLN B 199 1.55 94.16 19.58
N ASP B 200 2.72 93.99 18.99
CA ASP B 200 3.70 95.06 18.92
C ASP B 200 3.42 95.91 17.68
N GLY B 201 4.44 96.60 17.17
CA GLY B 201 4.28 97.41 15.97
C GLY B 201 4.22 96.57 14.70
N THR B 202 4.16 97.28 13.58
CA THR B 202 4.18 96.69 12.24
C THR B 202 2.99 95.74 12.05
N TYR B 203 1.81 96.34 11.95
CA TYR B 203 0.61 95.60 11.61
C TYR B 203 0.62 95.20 10.14
N GLY B 204 0.09 94.01 9.86
CA GLY B 204 -0.22 93.64 8.50
C GLY B 204 0.92 93.16 7.65
N TYR B 205 2.15 93.15 8.17
CA TYR B 205 3.33 92.76 7.39
C TYR B 205 3.84 91.43 7.92
N THR B 206 3.61 90.37 7.15
CA THR B 206 4.20 89.08 7.40
C THR B 206 5.50 88.94 6.61
N THR B 207 6.39 88.08 7.09
CA THR B 207 7.64 87.81 6.40
C THR B 207 7.55 86.62 5.44
N LEU B 208 6.38 85.99 5.36
CA LEU B 208 6.21 84.88 4.43
C LEU B 208 6.15 85.38 2.99
N ASN B 209 5.47 86.49 2.75
CA ASN B 209 5.36 87.06 1.40
C ASN B 209 6.50 88.04 1.12
N ALA B 210 7.72 87.58 1.37
CA ALA B 210 8.92 88.29 0.96
C ALA B 210 9.49 87.60 -0.26
N MET B 211 9.80 88.37 -1.30
CA MET B 211 10.18 87.80 -2.59
C MET B 211 11.63 88.07 -2.97
N GLY B 212 12.28 89.03 -2.34
CA GLY B 212 13.66 89.34 -2.63
C GLY B 212 13.82 90.78 -3.08
N LYS B 213 15.01 91.08 -3.59
CA LYS B 213 15.33 92.41 -4.10
C LYS B 213 16.06 92.25 -5.42
N LEU B 214 16.31 93.38 -6.10
CA LEU B 214 16.81 93.35 -7.47
C LEU B 214 17.78 94.52 -7.68
N TYR B 215 19.06 94.28 -7.37
CA TYR B 215 20.09 95.31 -7.48
C TYR B 215 20.69 95.32 -8.87
N ILE B 216 20.73 96.51 -9.48
CA ILE B 216 21.07 96.68 -10.89
C ILE B 216 22.14 97.75 -10.99
N ARG B 217 23.22 97.44 -11.71
CA ARG B 217 24.30 98.41 -11.88
C ARG B 217 24.96 98.21 -13.24
N HIS B 218 25.76 99.21 -13.62
CA HIS B 218 26.72 99.03 -14.69
C HIS B 218 27.90 98.24 -14.15
N VAL B 219 28.45 97.34 -14.97
CA VAL B 219 29.71 96.68 -14.60
C VAL B 219 30.92 97.46 -15.07
N ASN B 220 30.73 98.44 -15.95
CA ASN B 220 31.83 99.28 -16.40
C ASN B 220 32.30 100.17 -15.25
N ARG B 221 33.61 100.19 -15.02
CA ARG B 221 34.12 100.87 -13.83
C ARG B 221 34.00 102.38 -13.95
N SER B 222 34.20 102.92 -15.15
CA SER B 222 34.15 104.37 -15.36
C SER B 222 33.79 104.64 -16.81
N SER B 223 33.75 105.94 -17.14
CA SER B 223 33.44 106.40 -18.49
C SER B 223 34.02 107.79 -18.64
N PRO B 224 34.35 108.21 -19.87
CA PRO B 224 34.83 109.59 -20.07
C PRO B 224 33.77 110.63 -19.78
N HIS B 225 32.55 110.42 -20.29
CA HIS B 225 31.43 111.31 -20.02
C HIS B 225 30.39 110.59 -19.15
N GLN B 226 29.28 111.27 -18.89
CA GLN B 226 28.22 110.74 -18.04
C GLN B 226 27.23 109.94 -18.86
N ILE B 227 26.91 108.74 -18.40
CA ILE B 227 25.91 107.87 -19.03
C ILE B 227 24.85 107.58 -17.98
N THR B 228 23.59 107.86 -18.31
CA THR B 228 22.47 107.72 -17.39
C THR B 228 21.54 106.64 -17.95
N SER B 229 21.59 105.46 -17.36
CA SER B 229 20.81 104.33 -17.86
C SER B 229 19.45 104.29 -17.16
N THR B 230 18.45 103.81 -17.88
CA THR B 230 17.08 103.68 -17.39
C THR B 230 16.65 102.24 -17.55
N ILE B 231 16.08 101.67 -16.49
CA ILE B 231 15.66 100.28 -16.49
C ILE B 231 14.16 100.22 -16.24
N ARG B 232 13.49 99.30 -16.94
CA ARG B 232 12.06 99.07 -16.82
C ARG B 232 11.85 97.59 -16.54
N VAL B 233 11.49 97.23 -15.32
CA VAL B 233 11.34 95.84 -14.93
C VAL B 233 9.92 95.40 -15.26
N TYR B 234 9.79 94.33 -16.05
CA TYR B 234 8.50 93.79 -16.47
C TYR B 234 8.18 92.55 -15.66
N PHE B 235 7.37 92.73 -14.63
CA PHE B 235 6.97 91.65 -13.73
C PHE B 235 5.88 90.81 -14.39
N LYS B 236 5.97 89.49 -14.20
CA LYS B 236 4.94 88.61 -14.72
C LYS B 236 4.74 87.39 -13.83
N PRO B 237 3.56 87.21 -13.26
CA PRO B 237 3.26 85.96 -12.55
C PRO B 237 3.19 84.80 -13.53
N LYS B 238 3.61 83.63 -13.07
CA LYS B 238 3.62 82.45 -13.92
C LYS B 238 3.26 81.22 -13.10
N HIS B 239 2.56 80.29 -13.75
CA HIS B 239 2.08 79.06 -13.11
C HIS B 239 1.35 79.39 -11.81
N ILE B 240 0.37 80.28 -11.93
CA ILE B 240 -0.23 80.93 -10.77
C ILE B 240 -1.46 80.15 -10.31
N LYS B 241 -1.53 79.90 -9.01
CA LYS B 241 -2.73 79.39 -8.36
C LYS B 241 -3.20 80.41 -7.35
N ALA B 242 -4.49 80.39 -7.04
CA ALA B 242 -5.06 81.40 -6.17
C ALA B 242 -6.19 80.78 -5.35
N TRP B 243 -6.23 81.11 -4.07
CA TRP B 243 -7.23 80.60 -3.15
C TRP B 243 -7.99 81.74 -2.50
N VAL B 244 -9.17 81.41 -1.97
CA VAL B 244 -9.97 82.30 -1.14
C VAL B 244 -10.26 83.59 -1.90
N PRO B 245 -11.30 83.63 -2.73
CA PRO B 245 -11.64 84.88 -3.41
C PRO B 245 -12.08 85.93 -2.40
N ARG B 246 -12.15 87.17 -2.89
CA ARG B 246 -12.22 88.32 -2.01
C ARG B 246 -12.87 89.45 -2.79
N PRO B 247 -13.69 90.31 -2.16
CA PRO B 247 -14.37 91.33 -2.92
C PRO B 247 -13.38 92.37 -3.45
N PRO B 248 -13.69 93.01 -4.57
CA PRO B 248 -12.75 93.98 -5.14
C PRO B 248 -12.60 95.23 -4.28
N ARG B 249 -11.45 95.88 -4.46
CA ARG B 249 -11.18 97.15 -3.80
C ARG B 249 -12.16 98.20 -4.28
N LEU B 250 -12.70 98.98 -3.34
CA LEU B 250 -13.60 100.07 -3.65
C LEU B 250 -12.93 101.44 -3.53
N CYS B 251 -12.24 101.68 -2.42
CA CYS B 251 -11.61 102.96 -2.15
C CYS B 251 -10.25 103.06 -2.86
N PRO B 252 -9.79 104.28 -3.12
CA PRO B 252 -8.45 104.45 -3.70
C PRO B 252 -7.36 104.11 -2.68
N TYR B 253 -6.19 103.76 -3.21
CA TYR B 253 -5.05 103.39 -2.37
C TYR B 253 -4.37 104.62 -1.81
N ILE B 254 -3.88 104.50 -0.57
CA ILE B 254 -3.19 105.59 0.10
C ILE B 254 -1.69 105.36 0.05
N ASN B 255 -1.24 104.24 0.63
CA ASN B 255 0.18 103.94 0.78
C ASN B 255 0.44 102.50 0.37
N LYS B 256 1.71 102.24 0.01
CA LYS B 256 2.09 100.99 -0.64
C LYS B 256 2.44 99.89 0.36
N ARG B 257 2.29 100.11 1.65
CA ARG B 257 2.59 99.10 2.65
C ARG B 257 1.43 98.87 3.62
N ASP B 258 0.26 99.44 3.35
CA ASP B 258 -0.87 99.33 4.26
C ASP B 258 -2.16 99.30 3.45
N VAL B 259 -3.27 99.08 4.16
CA VAL B 259 -4.60 98.97 3.57
C VAL B 259 -5.45 100.19 3.92
N ASN B 260 -4.83 101.24 4.44
CA ASN B 260 -5.56 102.42 4.91
C ASN B 260 -6.27 103.09 3.74
N PHE B 261 -7.41 103.71 4.04
CA PHE B 261 -8.26 104.23 2.98
C PHE B 261 -9.12 105.35 3.53
N VAL B 262 -9.71 106.11 2.60
CA VAL B 262 -10.70 107.13 2.91
C VAL B 262 -12.07 106.55 2.57
N VAL B 263 -13.07 106.83 3.41
CA VAL B 263 -14.39 106.24 3.21
C VAL B 263 -14.98 106.79 1.92
N THR B 264 -15.20 105.91 0.95
CA THR B 264 -15.69 106.27 -0.36
C THR B 264 -17.14 105.83 -0.50
N GLU B 265 -17.87 106.51 -1.38
CA GLU B 265 -19.24 106.15 -1.65
C GLU B 265 -19.30 104.81 -2.37
N ILE B 266 -20.43 104.10 -2.20
CA ILE B 266 -20.57 102.76 -2.78
C ILE B 266 -20.57 102.84 -4.30
N THR B 267 -21.56 103.52 -4.88
CA THR B 267 -21.66 103.70 -6.31
C THR B 267 -21.84 105.17 -6.63
N ASP B 268 -21.83 105.50 -7.91
CA ASP B 268 -22.16 106.85 -8.33
C ASP B 268 -23.64 107.10 -8.08
N SER B 269 -23.96 108.32 -7.64
CA SER B 269 -25.32 108.61 -7.26
C SER B 269 -26.16 108.97 -8.48
N ARG B 270 -27.45 108.73 -8.37
CA ARG B 270 -28.44 109.19 -9.33
C ARG B 270 -29.47 110.05 -8.62
N THR B 271 -30.41 110.59 -9.40
CA THR B 271 -31.32 111.60 -8.88
C THR B 271 -32.36 110.99 -7.95
N SER B 272 -33.14 110.04 -8.45
CA SER B 272 -34.16 109.36 -7.66
C SER B 272 -33.99 107.86 -7.78
N ILE B 273 -34.81 107.12 -7.04
CA ILE B 273 -34.76 105.66 -7.09
C ILE B 273 -35.41 105.10 -8.35
N THR B 274 -36.21 105.90 -9.05
CA THR B 274 -37.01 105.40 -10.16
C THR B 274 -36.56 105.90 -11.53
N ASP B 275 -35.64 106.84 -11.60
CA ASP B 275 -35.20 107.37 -12.89
C ASP B 275 -34.18 106.44 -13.55
N VAL C 13 -36.44 71.17 16.07
CA VAL C 13 -35.69 71.51 17.27
C VAL C 13 -34.72 70.39 17.63
N ARG C 14 -33.42 70.67 17.51
CA ARG C 14 -32.37 69.71 17.84
C ARG C 14 -31.53 70.27 18.98
N SER C 15 -31.35 69.46 20.02
CA SER C 15 -30.61 69.87 21.21
C SER C 15 -29.21 69.28 21.11
N MET C 16 -28.31 70.01 20.48
CA MET C 16 -26.93 69.57 20.35
C MET C 16 -26.22 69.66 21.69
N THR C 17 -25.26 68.76 21.90
CA THR C 17 -24.44 68.78 23.09
C THR C 17 -23.00 68.45 22.72
N LEU C 18 -22.05 69.12 23.37
CA LEU C 18 -20.63 68.86 23.19
C LEU C 18 -19.95 69.01 24.55
N GLY C 19 -19.46 67.89 25.08
CA GLY C 19 -18.81 67.93 26.37
C GLY C 19 -19.80 68.19 27.49
N ASN C 20 -19.66 69.34 28.14
CA ASN C 20 -20.57 69.79 29.18
C ASN C 20 -21.23 71.11 28.79
N SER C 21 -21.65 71.21 27.53
CA SER C 21 -22.30 72.42 27.03
C SER C 21 -23.38 71.99 26.03
N THR C 22 -24.63 72.27 26.37
CA THR C 22 -25.77 71.93 25.53
C THR C 22 -26.47 73.21 25.12
N ILE C 23 -26.72 73.36 23.83
CA ILE C 23 -27.52 74.45 23.30
C ILE C 23 -28.74 73.85 22.61
N THR C 24 -29.72 74.71 22.33
CA THR C 24 -30.95 74.30 21.65
C THR C 24 -31.01 75.03 20.32
N THR C 25 -31.01 74.27 19.23
CA THR C 25 -30.99 74.81 17.89
C THR C 25 -32.31 74.55 17.18
N GLN C 26 -32.48 75.22 16.04
CA GLN C 26 -33.70 75.10 15.23
C GLN C 26 -33.40 74.38 13.92
N ASN C 30 -29.95 75.38 8.20
CA ASN C 30 -29.01 74.57 7.44
C ASN C 30 -27.59 75.14 7.50
N VAL C 31 -26.61 74.25 7.61
CA VAL C 31 -25.23 74.66 7.88
C VAL C 31 -24.58 75.16 6.60
N VAL C 32 -23.90 76.30 6.69
CA VAL C 32 -23.10 76.83 5.57
C VAL C 32 -21.66 76.39 5.85
N VAL C 33 -21.28 75.26 5.26
CA VAL C 33 -19.92 74.77 5.38
C VAL C 33 -19.01 75.67 4.55
N GLY C 34 -18.05 76.31 5.22
CA GLY C 34 -17.24 77.33 4.56
C GLY C 34 -16.32 76.72 3.53
N TYR C 35 -16.45 77.16 2.28
CA TYR C 35 -15.62 76.68 1.16
C TYR C 35 -15.75 75.18 0.94
N GLY C 36 -16.93 74.63 1.22
CA GLY C 36 -17.21 73.26 0.88
C GLY C 36 -16.35 72.23 1.58
N GLU C 37 -15.61 72.61 2.61
CA GLU C 37 -14.73 71.69 3.31
C GLU C 37 -15.05 71.71 4.80
N TRP C 38 -14.99 70.53 5.40
CA TRP C 38 -15.16 70.31 6.82
C TRP C 38 -13.78 70.34 7.47
N PRO C 39 -13.62 70.98 8.62
CA PRO C 39 -12.30 71.04 9.23
C PRO C 39 -11.79 69.63 9.49
N SER C 40 -10.46 69.49 9.48
CA SER C 40 -9.85 68.19 9.66
C SER C 40 -8.49 68.36 10.31
N TYR C 41 -7.93 67.25 10.77
CA TYR C 41 -6.58 67.29 11.31
C TYR C 41 -5.56 67.43 10.20
N LEU C 42 -4.31 67.64 10.60
CA LEU C 42 -3.26 67.96 9.64
C LEU C 42 -2.82 66.74 8.83
N SER C 43 -2.98 65.54 9.36
CA SER C 43 -2.61 64.32 8.63
C SER C 43 -3.59 64.05 7.49
N THR C 48 5.02 63.25 11.02
CA THR C 48 6.45 63.55 11.09
C THR C 48 6.93 63.50 12.53
N ALA C 49 8.11 62.93 12.74
CA ALA C 49 8.72 62.89 14.07
C ALA C 49 9.58 64.12 14.37
N GLU C 50 9.88 64.95 13.37
CA GLU C 50 10.60 66.18 13.62
C GLU C 50 9.72 67.24 14.25
N ASP C 51 8.44 67.26 13.88
CA ASP C 51 7.43 68.11 14.52
C ASP C 51 6.17 67.28 14.69
N GLN C 52 5.68 67.19 15.93
CA GLN C 52 4.57 66.31 16.25
C GLN C 52 3.44 67.10 16.88
N PRO C 53 2.23 67.08 16.31
CA PRO C 53 1.10 67.79 16.92
C PRO C 53 0.46 67.03 18.06
N THR C 54 -0.16 67.79 18.96
CA THR C 54 -0.94 67.25 20.06
C THR C 54 -2.41 67.58 19.81
N GLN C 55 -3.27 66.56 19.87
CA GLN C 55 -4.69 66.76 19.64
C GLN C 55 -5.41 66.75 20.98
N PRO C 56 -5.92 67.89 21.46
CA PRO C 56 -6.58 67.90 22.78
C PRO C 56 -7.88 67.11 22.81
N ASP C 57 -8.78 67.32 21.84
CA ASP C 57 -10.06 66.62 21.77
C ASP C 57 -10.87 66.85 23.04
N VAL C 58 -10.34 66.44 24.20
CA VAL C 58 -11.00 66.67 25.47
C VAL C 58 -11.21 68.16 25.67
N ALA C 59 -12.42 68.52 26.12
CA ALA C 59 -12.85 69.92 26.28
C ALA C 59 -12.65 70.61 24.93
N THR C 60 -12.15 71.84 24.89
CA THR C 60 -11.89 72.59 23.65
C THR C 60 -13.07 72.60 22.66
N CYS C 61 -13.69 71.44 22.45
CA CYS C 61 -14.78 71.29 21.48
C CYS C 61 -16.13 71.74 22.02
N ARG C 62 -16.24 72.08 23.29
CA ARG C 62 -17.52 72.45 23.87
C ARG C 62 -17.95 73.82 23.35
N PHE C 63 -19.22 74.15 23.61
CA PHE C 63 -19.77 75.41 23.11
C PHE C 63 -19.40 76.56 24.03
N TYR C 64 -18.82 77.62 23.46
CA TYR C 64 -18.45 78.82 24.18
C TYR C 64 -19.40 79.93 23.77
N THR C 65 -20.46 80.12 24.56
CA THR C 65 -21.44 81.16 24.26
C THR C 65 -20.90 82.51 24.71
N LEU C 66 -20.78 83.44 23.78
CA LEU C 66 -20.33 84.78 24.11
C LEU C 66 -21.47 85.57 24.74
N GLU C 67 -21.19 86.79 25.16
CA GLU C 67 -22.22 87.64 25.73
C GLU C 67 -23.21 88.06 24.66
N SER C 68 -24.48 88.06 25.01
CA SER C 68 -25.52 88.40 24.05
C SER C 68 -25.45 89.87 23.69
N VAL C 69 -25.75 90.19 22.44
CA VAL C 69 -25.55 91.52 21.89
C VAL C 69 -26.91 92.10 21.53
N GLN C 70 -27.25 93.26 22.10
CA GLN C 70 -28.54 93.88 21.86
C GLN C 70 -28.51 94.64 20.53
N TRP C 71 -29.46 94.33 19.67
CA TRP C 71 -29.56 94.92 18.35
C TRP C 71 -30.74 95.88 18.33
N GLU C 72 -30.45 97.18 18.33
CA GLU C 72 -31.45 98.22 18.32
C GLU C 72 -31.70 98.69 16.89
N LYS C 73 -32.51 99.73 16.73
CA LYS C 73 -32.78 100.28 15.41
C LYS C 73 -31.58 101.00 14.82
N THR C 74 -30.65 101.47 15.65
CA THR C 74 -29.53 102.28 15.22
C THR C 74 -28.19 101.54 15.30
N SER C 75 -28.23 100.22 15.42
CA SER C 75 -26.99 99.45 15.49
C SER C 75 -26.41 99.29 14.09
N PRO C 76 -25.14 99.67 13.87
CA PRO C 76 -24.55 99.54 12.53
C PRO C 76 -23.89 98.19 12.27
N GLY C 77 -23.49 97.47 13.31
CA GLY C 77 -22.86 96.18 13.13
C GLY C 77 -21.89 95.87 14.24
N TRP C 78 -21.24 94.71 14.12
CA TRP C 78 -20.28 94.23 15.09
C TRP C 78 -19.21 93.43 14.37
N TRP C 79 -18.07 93.23 15.03
CA TRP C 79 -17.12 92.24 14.56
C TRP C 79 -16.37 91.64 15.73
N TRP C 80 -16.05 90.36 15.60
CA TRP C 80 -15.18 89.63 16.51
C TRP C 80 -13.99 89.13 15.71
N LYS C 81 -12.80 89.16 16.30
CA LYS C 81 -11.61 88.60 15.67
C LYS C 81 -11.17 87.38 16.46
N PHE C 82 -11.27 86.24 15.84
CA PHE C 82 -10.88 84.88 16.17
C PHE C 82 -9.51 84.58 15.56
N PRO C 83 -8.75 83.62 16.10
CA PRO C 83 -9.02 82.70 17.20
C PRO C 83 -8.97 83.32 18.59
N GLU C 84 -8.44 84.53 18.70
CA GLU C 84 -8.13 85.10 20.01
C GLU C 84 -9.33 85.78 20.65
N ALA C 85 -10.50 85.75 20.03
CA ALA C 85 -11.70 86.16 20.74
C ALA C 85 -12.02 85.20 21.87
N LEU C 86 -11.54 83.96 21.77
CA LEU C 86 -11.69 82.94 22.79
C LEU C 86 -10.47 82.86 23.71
N LYS C 87 -9.72 83.95 23.87
CA LYS C 87 -8.46 83.87 24.60
C LYS C 87 -8.66 83.76 26.10
N ASN C 88 -9.86 84.05 26.60
CA ASN C 88 -10.18 83.88 28.01
C ASN C 88 -11.28 82.84 28.21
N MET C 89 -11.53 81.99 27.22
CA MET C 89 -12.63 81.04 27.26
C MET C 89 -12.09 79.65 27.60
N GLY C 90 -11.89 79.43 28.89
CA GLY C 90 -11.72 78.07 29.38
C GLY C 90 -10.41 77.44 28.96
N LEU C 91 -10.47 76.14 28.66
CA LEU C 91 -9.27 75.41 28.28
C LEU C 91 -8.75 75.82 26.91
N PHE C 92 -9.64 76.21 25.99
CA PHE C 92 -9.18 76.70 24.70
C PHE C 92 -8.42 78.00 24.85
N GLY C 93 -8.88 78.89 25.74
CA GLY C 93 -8.15 80.10 26.01
C GLY C 93 -6.95 79.92 26.90
N GLN C 94 -6.80 78.75 27.51
CA GLN C 94 -5.61 78.44 28.30
C GLN C 94 -4.56 77.67 27.52
N ASN C 95 -4.98 76.81 26.57
CA ASN C 95 -4.03 76.17 25.68
C ASN C 95 -3.40 77.15 24.69
N MET C 96 -3.95 78.36 24.56
CA MET C 96 -3.30 79.37 23.74
C MET C 96 -2.03 79.89 24.40
N HIS C 97 -1.95 79.85 25.72
CA HIS C 97 -0.79 80.34 26.44
C HIS C 97 0.32 79.31 26.59
N TYR C 98 0.01 78.02 26.50
CA TYR C 98 1.02 76.98 26.68
C TYR C 98 1.58 76.45 25.37
N HIS C 99 0.81 76.49 24.29
CA HIS C 99 1.27 76.12 22.96
C HIS C 99 1.31 77.37 22.10
N TYR C 100 2.38 77.53 21.32
CA TYR C 100 2.53 78.71 20.48
C TYR C 100 2.17 78.43 19.03
N LEU C 101 1.58 77.27 18.75
CA LEU C 101 1.10 76.91 17.42
C LEU C 101 -0.22 76.16 17.56
N GLY C 102 -1.14 76.39 16.63
CA GLY C 102 -2.42 75.72 16.71
C GLY C 102 -3.29 76.02 15.51
N ARG C 103 -4.43 75.33 15.47
CA ARG C 103 -5.41 75.44 14.40
C ARG C 103 -6.72 74.84 14.89
N ALA C 104 -7.84 75.32 14.33
CA ALA C 104 -9.16 74.86 14.76
C ALA C 104 -10.18 75.16 13.66
N GLY C 105 -11.44 74.83 13.93
CA GLY C 105 -12.50 74.90 12.93
C GLY C 105 -13.65 75.84 13.18
N TYR C 106 -14.07 76.00 14.44
CA TYR C 106 -14.96 77.08 14.87
C TYR C 106 -16.33 77.00 14.17
N THR C 107 -17.15 76.04 14.61
CA THR C 107 -18.58 76.08 14.29
C THR C 107 -19.23 77.24 15.02
N ILE C 108 -19.85 78.15 14.29
CA ILE C 108 -20.37 79.40 14.84
C ILE C 108 -21.88 79.42 14.67
N HIS C 109 -22.62 79.28 15.77
CA HIS C 109 -24.05 79.45 15.77
C HIS C 109 -24.39 80.89 16.13
N VAL C 110 -25.34 81.47 15.40
CA VAL C 110 -25.80 82.83 15.65
C VAL C 110 -27.33 82.82 15.68
N GLN C 111 -27.90 82.79 16.87
CA GLN C 111 -29.34 82.95 17.03
C GLN C 111 -29.69 84.43 17.17
N CYS C 112 -30.98 84.73 17.06
CA CYS C 112 -31.48 86.09 17.21
C CYS C 112 -32.71 86.19 18.09
N ASN C 113 -33.45 85.09 18.29
CA ASN C 113 -34.63 84.98 19.15
C ASN C 113 -35.43 86.27 19.27
N ALA C 114 -35.75 86.88 18.12
CA ALA C 114 -36.65 88.01 18.10
C ALA C 114 -38.09 87.50 18.18
N SER C 115 -39.04 88.41 18.11
CA SER C 115 -40.45 88.04 18.15
C SER C 115 -40.97 87.81 16.74
N LYS C 116 -42.28 87.80 16.59
CA LYS C 116 -42.93 87.63 15.30
C LYS C 116 -43.29 88.97 14.68
N PHE C 117 -43.31 90.05 15.47
CA PHE C 117 -43.61 91.39 14.98
C PHE C 117 -42.36 92.21 14.72
N HIS C 118 -41.18 91.74 15.10
CA HIS C 118 -39.94 92.39 14.73
C HIS C 118 -39.59 92.07 13.29
N GLN C 119 -38.91 93.00 12.64
CA GLN C 119 -38.45 92.80 11.27
C GLN C 119 -37.00 93.25 11.16
N GLY C 120 -36.28 92.66 10.21
CA GLY C 120 -34.89 92.99 10.01
C GLY C 120 -34.18 91.90 9.25
N CYS C 121 -32.89 92.14 9.03
CA CYS C 121 -32.07 91.19 8.28
C CYS C 121 -30.61 91.41 8.65
N LEU C 122 -29.88 90.31 8.80
CA LEU C 122 -28.48 90.34 9.17
C LEU C 122 -27.65 89.62 8.12
N LEU C 123 -26.41 90.08 7.96
CA LEU C 123 -25.39 89.38 7.21
C LEU C 123 -24.39 88.80 8.22
N VAL C 124 -24.34 87.49 8.32
CA VAL C 124 -23.40 86.79 9.21
C VAL C 124 -22.32 86.21 8.32
N VAL C 125 -21.16 86.86 8.30
CA VAL C 125 -20.06 86.53 7.40
C VAL C 125 -18.78 86.45 8.21
N CYS C 126 -17.82 85.68 7.70
CA CYS C 126 -16.65 85.29 8.48
C CYS C 126 -15.35 85.94 8.02
N VAL C 127 -15.19 86.22 6.73
CA VAL C 127 -14.13 87.08 6.22
C VAL C 127 -12.76 86.62 6.71
N PRO C 128 -12.16 85.59 6.13
CA PRO C 128 -10.79 85.24 6.50
C PRO C 128 -9.81 86.35 6.10
N GLU C 129 -8.85 86.61 6.99
CA GLU C 129 -7.80 87.60 6.77
C GLU C 129 -8.37 89.00 6.52
N ALA C 130 -9.17 89.47 7.47
CA ALA C 130 -9.73 90.83 7.40
C ALA C 130 -8.70 91.81 7.93
N GLU C 131 -7.82 92.28 7.06
CA GLU C 131 -6.87 93.33 7.42
C GLU C 131 -7.60 94.67 7.34
N MET C 132 -7.80 95.30 8.49
CA MET C 132 -8.60 96.52 8.54
C MET C 132 -7.69 97.75 8.50
N GLY C 133 -8.30 98.88 8.14
CA GLY C 133 -7.57 100.11 7.91
C GLY C 133 -7.77 101.11 9.02
N CYS C 134 -6.75 101.93 9.26
CA CYS C 134 -6.80 102.92 10.32
C CYS C 134 -7.75 104.07 9.93
N ALA C 135 -8.23 104.77 10.95
CA ALA C 135 -9.28 105.78 10.73
C ALA C 135 -8.72 107.02 10.06
N ASP C 136 -7.60 107.54 10.56
CA ASP C 136 -6.87 108.61 9.90
C ASP C 136 -5.55 108.02 9.38
N THR C 137 -5.47 107.85 8.06
CA THR C 137 -4.31 107.22 7.46
C THR C 137 -3.08 108.12 7.59
N ASP C 138 -1.91 107.50 7.38
CA ASP C 138 -0.53 107.93 7.66
C ASP C 138 -0.05 107.47 9.05
N THR C 139 -0.86 106.65 9.73
CA THR C 139 -0.46 106.16 11.05
C THR C 139 -1.14 104.81 11.30
N THR C 140 -0.81 104.20 12.44
CA THR C 140 -1.35 102.92 12.85
C THR C 140 -2.22 103.07 14.09
N PHE C 141 -2.83 101.96 14.52
CA PHE C 141 -3.67 101.91 15.71
C PHE C 141 -3.03 101.07 16.81
N PRO C 142 -3.37 101.33 18.08
CA PRO C 142 -2.64 100.71 19.20
C PRO C 142 -3.00 99.26 19.52
N ALA C 143 -3.51 98.50 18.55
CA ALA C 143 -3.60 97.04 18.64
C ALA C 143 -4.67 96.58 19.63
N THR C 144 -5.16 97.47 20.48
CA THR C 144 -6.32 97.18 21.32
C THR C 144 -7.61 97.71 20.71
N GLU C 145 -7.54 98.20 19.48
CA GLU C 145 -8.71 98.68 18.74
C GLU C 145 -9.28 97.63 17.81
N LEU C 146 -8.48 96.63 17.41
CA LEU C 146 -9.02 95.53 16.62
C LEU C 146 -9.86 94.59 17.46
N THR C 147 -9.44 94.30 18.69
CA THR C 147 -10.11 93.28 19.48
C THR C 147 -10.17 93.68 20.95
N THR C 148 -11.29 93.36 21.57
CA THR C 148 -11.46 93.43 23.02
C THR C 148 -12.00 92.05 23.40
N GLU C 149 -11.11 91.05 23.33
CA GLU C 149 -11.40 89.64 23.49
C GLU C 149 -12.86 89.26 23.25
N ASP C 150 -13.60 89.10 24.35
CA ASP C 150 -14.98 88.64 24.27
C ASP C 150 -15.92 89.69 23.66
N THR C 151 -15.75 90.96 24.04
CA THR C 151 -16.75 91.93 23.60
C THR C 151 -16.49 92.38 22.16
N PRO C 152 -17.56 92.69 21.41
CA PRO C 152 -17.38 93.08 20.01
C PRO C 152 -17.11 94.57 19.84
N HIS C 153 -16.25 94.89 18.88
CA HIS C 153 -16.15 96.26 18.39
C HIS C 153 -17.28 96.51 17.41
N VAL C 154 -18.04 97.57 17.66
CA VAL C 154 -19.13 97.94 16.77
C VAL C 154 -18.57 98.68 15.56
N PHE C 155 -19.33 98.65 14.47
CA PHE C 155 -19.05 99.54 13.36
C PHE C 155 -19.60 100.93 13.69
N THR C 156 -19.47 101.85 12.75
CA THR C 156 -20.07 103.17 12.86
C THR C 156 -20.89 103.44 11.61
N SER C 157 -21.81 104.40 11.73
CA SER C 157 -22.67 104.74 10.61
C SER C 157 -22.00 105.72 9.65
N ASP C 158 -21.03 106.50 10.13
CA ASP C 158 -20.32 107.45 9.28
C ASP C 158 -18.82 107.35 9.52
N SER C 159 -18.05 108.25 8.92
CA SER C 159 -16.60 108.22 9.08
C SER C 159 -16.19 108.73 10.45
N ILE C 160 -15.07 108.21 10.94
CA ILE C 160 -14.53 108.59 12.24
C ILE C 160 -13.04 108.89 12.07
N THR C 161 -12.49 109.61 13.04
CA THR C 161 -11.08 109.95 13.08
C THR C 161 -10.46 109.44 14.38
N GLY C 162 -9.14 109.57 14.46
CA GLY C 162 -8.41 109.07 15.61
C GLY C 162 -7.68 107.77 15.30
N LYS C 163 -6.76 107.41 16.19
CA LYS C 163 -5.90 106.24 16.00
C LYS C 163 -6.70 104.99 16.36
N LYS C 164 -7.59 104.60 15.46
CA LYS C 164 -8.40 103.41 15.65
C LYS C 164 -8.86 102.93 14.28
N VAL C 165 -9.66 101.87 14.27
CA VAL C 165 -10.07 101.23 13.03
C VAL C 165 -11.15 102.07 12.36
N GLN C 166 -11.00 102.26 11.04
CA GLN C 166 -12.04 102.92 10.27
C GLN C 166 -13.25 101.99 10.20
N ALA C 167 -14.16 102.12 11.16
CA ALA C 167 -15.26 101.19 11.35
C ALA C 167 -16.56 101.68 10.74
N ALA C 168 -16.48 102.44 9.65
CA ALA C 168 -17.69 102.87 8.96
C ALA C 168 -18.19 101.73 8.08
N VAL C 169 -19.47 101.39 8.22
CA VAL C 169 -20.09 100.49 7.25
C VAL C 169 -20.19 101.19 5.90
N CYS C 170 -20.44 100.39 4.87
CA CYS C 170 -20.25 100.62 3.43
C CYS C 170 -18.78 100.46 3.06
N ASN C 171 -17.88 100.43 4.03
CA ASN C 171 -16.46 100.16 3.83
C ASN C 171 -15.93 99.37 5.03
N ALA C 172 -16.54 98.21 5.28
CA ALA C 172 -16.60 97.55 6.58
C ALA C 172 -15.33 97.70 7.39
N GLY C 173 -14.25 97.03 6.96
CA GLY C 173 -12.94 97.30 7.52
C GLY C 173 -11.87 97.45 6.47
N MET C 174 -12.08 96.83 5.31
CA MET C 174 -11.01 96.54 4.36
C MET C 174 -11.00 97.47 3.16
N GLY C 175 -11.92 98.43 3.08
CA GLY C 175 -12.00 99.28 1.92
C GLY C 175 -12.76 98.68 0.76
N VAL C 176 -13.57 97.66 1.01
CA VAL C 176 -14.39 97.07 -0.01
C VAL C 176 -15.83 97.54 0.18
N GLY C 177 -16.68 97.27 -0.80
CA GLY C 177 -18.09 97.54 -0.63
C GLY C 177 -18.69 96.53 0.35
N VAL C 178 -19.55 97.02 1.24
CA VAL C 178 -20.11 96.13 2.25
C VAL C 178 -21.23 95.27 1.67
N GLY C 179 -21.81 95.67 0.54
CA GLY C 179 -22.86 94.87 -0.06
C GLY C 179 -22.34 93.58 -0.65
N ASN C 180 -21.23 93.66 -1.39
CA ASN C 180 -20.61 92.47 -1.97
C ASN C 180 -19.57 91.88 -1.02
N LEU C 181 -19.97 91.75 0.25
CA LEU C 181 -19.22 91.00 1.25
C LEU C 181 -19.73 89.57 1.34
N THR C 182 -20.59 89.19 0.41
CA THR C 182 -21.25 87.89 0.35
C THR C 182 -20.38 86.82 -0.29
N ILE C 183 -19.21 87.20 -0.80
CA ILE C 183 -18.30 86.24 -1.41
C ILE C 183 -17.74 85.26 -0.39
N PHE C 184 -17.73 85.63 0.88
CA PHE C 184 -17.17 84.80 1.94
C PHE C 184 -18.23 83.81 2.43
N PRO C 185 -17.84 82.87 3.31
CA PRO C 185 -18.85 82.03 3.97
C PRO C 185 -19.82 82.87 4.76
N HIS C 186 -21.08 82.92 4.34
CA HIS C 186 -22.06 83.83 4.88
C HIS C 186 -23.37 83.09 5.16
N GLN C 187 -24.28 83.80 5.81
CA GLN C 187 -25.64 83.32 6.05
C GLN C 187 -26.51 84.52 6.38
N TRP C 188 -27.65 84.62 5.71
CA TRP C 188 -28.60 85.69 6.00
C TRP C 188 -29.52 85.25 7.14
N ILE C 189 -29.77 86.18 8.07
CA ILE C 189 -30.77 85.92 9.11
C ILE C 189 -31.91 86.90 8.89
N ASN C 190 -32.91 86.49 8.12
CA ASN C 190 -34.09 87.29 7.88
C ASN C 190 -35.13 86.92 8.94
N LEU C 191 -35.47 87.88 9.81
CA LEU C 191 -36.37 87.59 10.92
C LEU C 191 -37.77 87.24 10.44
N ARG C 192 -38.09 87.55 9.19
CA ARG C 192 -39.35 87.09 8.61
C ARG C 192 -39.39 85.57 8.55
N THR C 193 -38.30 84.94 8.10
CA THR C 193 -38.25 83.50 7.90
C THR C 193 -37.53 82.77 9.03
N ASN C 194 -36.24 83.05 9.22
CA ASN C 194 -35.40 82.28 10.12
C ASN C 194 -34.82 83.19 11.21
N ASN C 195 -34.13 82.55 12.15
CA ASN C 195 -33.48 83.24 13.26
C ASN C 195 -32.06 82.76 13.51
N SER C 196 -31.68 81.58 13.05
CA SER C 196 -30.42 80.96 13.39
C SER C 196 -29.53 80.85 12.16
N ALA C 197 -28.22 80.97 12.40
CA ALA C 197 -27.21 80.78 11.38
C ALA C 197 -26.12 79.89 11.94
N THR C 198 -25.47 79.13 11.08
CA THR C 198 -24.36 78.30 11.50
C THR C 198 -23.35 78.18 10.37
N ILE C 199 -22.08 78.43 10.68
CA ILE C 199 -21.02 78.51 9.70
C ILE C 199 -19.85 77.68 10.21
N VAL C 200 -19.22 76.91 9.32
CA VAL C 200 -18.10 76.06 9.67
C VAL C 200 -16.92 76.50 8.80
N ILE C 201 -15.81 76.87 9.44
CA ILE C 201 -14.72 77.58 8.80
C ILE C 201 -13.46 76.75 8.99
N PRO C 202 -13.03 75.99 7.96
CA PRO C 202 -12.06 74.90 8.13
C PRO C 202 -10.59 75.33 8.16
N TYR C 203 -10.29 76.36 8.94
CA TYR C 203 -8.92 76.85 9.15
C TYR C 203 -8.26 77.20 7.82
N ILE C 204 -8.60 78.39 7.33
CA ILE C 204 -7.96 78.91 6.13
C ILE C 204 -6.67 79.65 6.52
N ASN C 205 -5.53 79.13 6.07
CA ASN C 205 -4.25 79.77 6.33
C ASN C 205 -3.21 79.21 5.35
N SER C 206 -2.13 79.97 5.16
CA SER C 206 -1.09 79.61 4.21
C SER C 206 0.01 78.75 4.83
N VAL C 207 -0.01 78.54 6.13
CA VAL C 207 0.96 77.71 6.84
C VAL C 207 0.13 76.72 7.65
N PRO C 208 0.56 75.47 7.83
CA PRO C 208 -0.32 74.51 8.50
C PRO C 208 -0.65 74.86 9.94
N MET C 209 0.27 75.51 10.65
CA MET C 209 0.02 75.93 12.02
C MET C 209 0.59 77.32 12.22
N ASP C 210 -0.11 78.15 12.99
CA ASP C 210 0.35 79.51 13.23
C ASP C 210 0.03 79.89 14.67
N ASN C 211 0.72 80.93 15.15
CA ASN C 211 0.52 81.41 16.51
C ASN C 211 -0.87 82.03 16.64
N MET C 212 -1.51 81.80 17.78
CA MET C 212 -2.89 82.20 17.98
C MET C 212 -3.04 83.60 18.59
N PHE C 213 -1.95 84.27 18.92
CA PHE C 213 -2.01 85.65 19.40
C PHE C 213 -1.57 86.67 18.37
N ARG C 214 -0.64 86.31 17.49
CA ARG C 214 -0.23 87.24 16.45
C ARG C 214 -1.29 87.36 15.36
N HIS C 215 -1.81 86.22 14.89
CA HIS C 215 -2.57 86.16 13.65
C HIS C 215 -4.05 85.91 13.94
N TYR C 216 -4.91 86.76 13.37
CA TYR C 216 -6.35 86.62 13.46
C TYR C 216 -6.80 85.89 12.20
N ASN C 217 -7.23 84.63 12.35
CA ASN C 217 -7.47 83.80 11.18
C ASN C 217 -8.69 84.28 10.41
N PHE C 218 -9.75 84.71 11.11
CA PHE C 218 -10.92 85.25 10.43
C PHE C 218 -11.61 86.25 11.35
N THR C 219 -12.58 86.96 10.78
CA THR C 219 -13.27 88.06 11.47
C THR C 219 -14.77 87.87 11.31
N LEU C 220 -15.41 87.27 12.31
CA LEU C 220 -16.87 87.15 12.31
C LEU C 220 -17.47 88.54 12.49
N MET C 221 -18.10 89.06 11.44
CA MET C 221 -18.77 90.35 11.49
C MET C 221 -20.23 90.19 11.10
N ILE C 222 -21.11 90.72 11.94
CA ILE C 222 -22.55 90.65 11.76
C ILE C 222 -23.04 92.05 11.42
N ILE C 223 -23.62 92.21 10.24
CA ILE C 223 -23.93 93.53 9.70
C ILE C 223 -25.43 93.59 9.37
N PRO C 224 -26.20 94.46 10.02
CA PRO C 224 -27.64 94.59 9.70
C PRO C 224 -27.83 95.39 8.41
N PHE C 225 -28.24 94.69 7.34
CA PHE C 225 -28.61 95.38 6.12
C PHE C 225 -29.96 96.07 6.25
N ALA C 226 -31.01 95.29 6.42
CA ALA C 226 -32.28 95.94 6.71
C ALA C 226 -32.37 96.22 8.19
N PRO C 227 -32.63 97.47 8.60
CA PRO C 227 -32.57 97.80 10.02
C PRO C 227 -33.73 97.20 10.79
N LEU C 228 -33.51 97.05 12.09
CA LEU C 228 -34.56 96.56 12.96
C LEU C 228 -35.70 97.58 13.02
N ASN C 229 -36.93 97.08 13.05
CA ASN C 229 -38.08 97.98 13.20
C ASN C 229 -39.16 97.26 13.99
N PHE C 230 -39.95 98.04 14.71
CA PHE C 230 -41.01 97.54 15.57
C PHE C 230 -41.86 98.74 15.97
N THR C 231 -42.93 98.47 16.71
CA THR C 231 -43.83 99.51 17.19
C THR C 231 -43.57 99.78 18.67
N ASP C 232 -44.39 100.66 19.25
CA ASP C 232 -44.13 101.22 20.57
C ASP C 232 -44.48 100.28 21.71
N GLY C 233 -44.78 99.01 21.43
CA GLY C 233 -45.07 98.06 22.49
C GLY C 233 -44.03 96.97 22.65
N ALA C 234 -43.27 96.69 21.60
CA ALA C 234 -42.31 95.61 21.65
C ALA C 234 -41.08 96.01 22.44
N THR C 235 -40.19 95.04 22.66
CA THR C 235 -38.93 95.32 23.31
C THR C 235 -38.01 96.08 22.35
N ALA C 236 -37.30 97.07 22.87
CA ALA C 236 -36.58 98.02 22.03
C ALA C 236 -35.29 97.44 21.45
N TYR C 237 -35.10 96.12 21.51
CA TYR C 237 -33.87 95.51 21.03
C TYR C 237 -34.14 94.04 20.71
N VAL C 238 -33.17 93.42 20.05
CA VAL C 238 -33.20 91.99 19.74
C VAL C 238 -31.84 91.42 20.08
N PRO C 239 -31.72 90.55 21.10
CA PRO C 239 -30.41 90.06 21.53
C PRO C 239 -29.89 88.99 20.58
N ILE C 240 -28.68 89.21 20.06
CA ILE C 240 -28.03 88.29 19.13
C ILE C 240 -27.06 87.45 19.94
N THR C 241 -27.20 86.13 19.87
CA THR C 241 -26.41 85.20 20.67
C THR C 241 -25.41 84.48 19.78
N VAL C 242 -24.13 84.55 20.15
CA VAL C 242 -23.04 83.98 19.37
C VAL C 242 -22.43 82.83 20.15
N THR C 243 -22.24 81.69 19.48
CA THR C 243 -21.74 80.48 20.11
C THR C 243 -20.71 79.84 19.18
N ILE C 244 -19.51 79.58 19.71
CA ILE C 244 -18.40 79.08 18.92
C ILE C 244 -17.94 77.76 19.50
N ALA C 245 -17.80 76.75 18.65
CA ALA C 245 -17.28 75.45 19.06
C ALA C 245 -15.99 75.16 18.31
N PRO C 246 -14.82 75.27 18.96
CA PRO C 246 -13.56 75.00 18.26
C PRO C 246 -13.39 73.53 17.93
N MET C 247 -13.49 73.17 16.66
CA MET C 247 -13.45 71.77 16.25
C MET C 247 -12.07 71.43 15.69
N TYR C 248 -11.64 70.20 15.97
CA TYR C 248 -10.39 69.65 15.45
C TYR C 248 -9.20 70.55 15.78
N ALA C 249 -9.20 71.06 17.00
CA ALA C 249 -8.11 71.90 17.47
C ALA C 249 -6.91 71.00 17.75
N GLU C 250 -5.77 71.32 17.14
CA GLU C 250 -4.53 70.62 17.44
C GLU C 250 -3.39 71.61 17.55
N TYR C 251 -2.38 71.23 18.33
CA TYR C 251 -1.36 72.13 18.84
C TYR C 251 -0.01 71.49 18.56
N ASN C 252 1.06 72.13 19.00
CA ASN C 252 2.36 71.52 18.84
C ASN C 252 2.62 70.53 19.98
N GLY C 253 3.73 69.81 19.87
CA GLY C 253 4.11 68.86 20.90
C GLY C 253 5.03 69.51 21.92
N LEU C 254 4.85 69.11 23.18
CA LEU C 254 5.67 69.63 24.27
C LEU C 254 6.67 68.60 24.79
N ARG C 255 6.45 67.32 24.47
CA ARG C 255 7.31 66.23 24.90
C ARG C 255 8.54 66.13 24.00
N LEU C 256 9.55 65.43 24.50
CA LEU C 256 10.72 65.14 23.69
C LEU C 256 10.41 64.00 22.71
N ALA C 257 11.31 63.77 21.77
CA ALA C 257 11.16 62.67 20.82
C ALA C 257 12.25 61.63 21.04
N GLY D 1 27.51 73.59 -37.72
CA GLY D 1 26.46 72.74 -37.20
C GLY D 1 25.15 72.84 -37.97
N VAL D 2 24.06 73.04 -37.24
CA VAL D 2 22.73 73.11 -37.85
C VAL D 2 22.55 74.48 -38.50
N PRO D 3 22.28 74.56 -39.80
CA PRO D 3 22.07 75.86 -40.44
C PRO D 3 20.73 76.45 -40.05
N VAL D 4 20.75 77.51 -39.26
CA VAL D 4 19.55 78.20 -38.84
C VAL D 4 19.55 79.58 -39.48
N LEU D 5 18.37 80.18 -39.57
CA LEU D 5 18.26 81.56 -40.02
C LEU D 5 17.19 82.28 -39.20
N ASN D 6 17.55 83.44 -38.67
CA ASN D 6 16.66 84.20 -37.81
C ASN D 6 15.57 84.87 -38.63
N THR D 7 14.33 84.66 -38.21
CA THR D 7 13.17 85.25 -38.84
C THR D 7 13.01 86.69 -38.35
N PRO D 8 12.15 87.47 -39.00
CA PRO D 8 11.71 88.72 -38.36
C PRO D 8 11.00 88.43 -37.04
N GLY D 9 11.35 89.19 -36.02
CA GLY D 9 10.87 88.91 -34.68
C GLY D 9 11.87 88.26 -33.76
N SER D 10 13.13 88.12 -34.20
CA SER D 10 14.19 87.61 -33.34
C SER D 10 14.77 88.77 -32.54
N ASN D 11 15.24 88.46 -31.33
CA ASN D 11 15.87 89.43 -30.45
C ASN D 11 14.95 90.61 -30.14
N GLN D 12 13.64 90.37 -30.15
CA GLN D 12 12.68 91.37 -29.71
C GLN D 12 12.07 90.92 -28.39
N PHE D 13 11.36 91.84 -27.76
CA PHE D 13 10.67 91.54 -26.51
C PHE D 13 9.19 91.85 -26.69
N LEU D 14 8.44 90.84 -27.12
CA LEU D 14 6.99 90.91 -27.09
C LEU D 14 6.51 90.73 -25.65
N THR D 15 5.67 91.66 -25.20
CA THR D 15 5.26 91.64 -23.79
C THR D 15 4.44 90.41 -23.47
N SER D 16 3.58 90.00 -24.39
CA SER D 16 2.71 88.83 -24.21
C SER D 16 3.29 87.64 -24.97
N ASP D 17 4.27 86.98 -24.35
CA ASP D 17 4.80 85.73 -24.86
C ASP D 17 4.83 84.70 -23.74
N ASP D 18 5.01 83.44 -24.12
CA ASP D 18 4.96 82.31 -23.20
C ASP D 18 6.18 81.41 -23.39
N TYR D 19 7.36 82.03 -23.37
CA TYR D 19 8.61 81.32 -23.60
C TYR D 19 9.16 80.76 -22.28
N GLN D 20 10.08 79.81 -22.41
CA GLN D 20 10.68 79.15 -21.25
C GLN D 20 11.72 80.08 -20.65
N SER D 21 11.38 80.69 -19.52
CA SER D 21 12.32 81.59 -18.86
C SER D 21 13.42 80.79 -18.18
N PRO D 22 14.69 81.16 -18.36
CA PRO D 22 15.77 80.45 -17.66
C PRO D 22 15.71 80.75 -16.17
N SER D 23 15.59 79.70 -15.36
CA SER D 23 15.35 79.87 -13.93
C SER D 23 16.63 80.31 -13.25
N ALA D 24 16.52 81.33 -12.38
CA ALA D 24 17.69 81.88 -11.72
C ALA D 24 18.16 81.00 -10.57
N MET D 25 17.28 80.22 -9.96
CA MET D 25 17.62 79.39 -8.82
C MET D 25 17.28 77.95 -9.19
N PRO D 26 18.16 77.25 -9.92
CA PRO D 26 17.83 75.91 -10.41
C PRO D 26 17.95 74.85 -9.34
N GLN D 27 18.95 75.02 -8.47
CA GLN D 27 19.14 74.09 -7.37
C GLN D 27 17.96 74.15 -6.40
N PHE D 28 17.39 75.35 -6.25
CA PHE D 28 16.33 75.61 -5.28
C PHE D 28 15.09 74.75 -5.56
N ASP D 29 14.64 74.03 -4.54
CA ASP D 29 13.41 73.24 -4.62
C ASP D 29 12.33 73.91 -3.76
N GLU D 30 11.24 74.30 -4.41
CA GLU D 30 10.18 75.10 -3.78
C GLU D 30 9.36 74.29 -2.78
N THR D 31 8.65 75.02 -1.92
CA THR D 31 7.88 74.42 -0.83
C THR D 31 6.74 73.55 -1.38
N PRO D 32 6.51 72.37 -0.79
CA PRO D 32 5.40 71.53 -1.25
C PRO D 32 4.05 72.20 -1.05
N GLU D 33 3.14 71.94 -2.00
CA GLU D 33 1.83 72.58 -2.01
C GLU D 33 0.90 71.82 -1.08
N MET D 34 0.49 72.47 0.02
CA MET D 34 -0.55 71.89 0.85
C MET D 34 -1.92 72.24 0.27
N HIS D 35 -2.95 71.56 0.75
CA HIS D 35 -4.31 71.85 0.34
C HIS D 35 -4.85 73.01 1.17
N ILE D 36 -5.13 74.14 0.54
CA ILE D 36 -5.73 75.30 1.18
C ILE D 36 -7.19 75.37 0.73
N PRO D 37 -8.14 75.55 1.64
CA PRO D 37 -9.55 75.54 1.25
C PRO D 37 -9.93 76.74 0.41
N GLY D 38 -10.81 76.51 -0.56
CA GLY D 38 -11.39 77.60 -1.33
C GLY D 38 -10.54 78.04 -2.51
N GLU D 39 -10.23 77.12 -3.41
CA GLU D 39 -9.42 77.47 -4.58
C GLU D 39 -10.30 78.06 -5.67
N VAL D 40 -9.79 79.10 -6.32
CA VAL D 40 -10.41 79.68 -7.49
C VAL D 40 -9.66 79.18 -8.72
N ARG D 41 -10.39 78.63 -9.68
CA ARG D 41 -9.81 78.13 -10.92
C ARG D 41 -10.34 78.87 -12.13
N ASN D 42 -11.21 79.86 -11.92
CA ASN D 42 -11.86 80.60 -12.99
C ASN D 42 -12.51 81.84 -12.38
N LEU D 43 -12.36 82.98 -13.05
CA LEU D 43 -12.88 84.22 -12.49
C LEU D 43 -14.41 84.21 -12.41
N MET D 44 -15.08 83.60 -13.39
CA MET D 44 -16.53 83.57 -13.40
C MET D 44 -17.13 82.76 -12.26
N GLU D 45 -16.30 82.19 -11.38
CA GLU D 45 -16.80 81.65 -10.12
C GLU D 45 -17.04 82.74 -9.09
N ILE D 46 -16.52 83.94 -9.31
CA ILE D 46 -16.82 85.08 -8.45
C ILE D 46 -18.12 85.76 -8.88
N ALA D 47 -18.37 85.80 -10.19
CA ALA D 47 -19.59 86.42 -10.70
C ALA D 47 -20.84 85.64 -10.34
N GLU D 48 -20.72 84.34 -10.08
CA GLU D 48 -21.87 83.50 -9.76
C GLU D 48 -22.30 83.63 -8.30
N VAL D 49 -21.61 84.43 -7.50
CA VAL D 49 -21.98 84.63 -6.10
C VAL D 49 -22.92 85.82 -6.01
N ASP D 50 -24.06 85.60 -5.34
CA ASP D 50 -25.01 86.69 -5.10
C ASP D 50 -24.37 87.76 -4.21
N SER D 51 -24.76 89.00 -4.44
CA SER D 51 -24.29 90.10 -3.60
C SER D 51 -25.32 91.23 -3.69
N VAL D 52 -25.37 92.03 -2.63
CA VAL D 52 -26.46 93.00 -2.47
C VAL D 52 -26.24 94.16 -3.42
N VAL D 53 -27.30 94.61 -4.07
CA VAL D 53 -27.25 95.59 -5.14
C VAL D 53 -27.79 96.91 -4.59
N PRO D 54 -27.01 97.99 -4.63
CA PRO D 54 -27.48 99.29 -4.11
C PRO D 54 -28.46 99.97 -5.05
N VAL D 55 -29.73 99.59 -4.93
CA VAL D 55 -30.77 100.14 -5.80
C VAL D 55 -31.11 101.56 -5.36
N ASN D 56 -31.14 101.82 -4.06
CA ASN D 56 -31.50 103.13 -3.52
C ASN D 56 -30.24 104.01 -3.38
N ASN D 57 -29.53 104.17 -4.48
CA ASN D 57 -28.30 104.96 -4.50
C ASN D 57 -28.57 106.41 -4.89
N VAL D 58 -29.51 107.05 -4.20
CA VAL D 58 -29.85 108.44 -4.47
C VAL D 58 -28.77 109.34 -3.88
N THR D 59 -28.87 110.65 -4.16
CA THR D 59 -27.74 111.57 -4.04
C THR D 59 -27.15 111.66 -2.64
N GLY D 60 -27.90 111.29 -1.61
CA GLY D 60 -27.41 111.46 -0.25
C GLY D 60 -27.34 110.18 0.56
N LYS D 61 -27.51 109.04 -0.09
CA LYS D 61 -27.67 107.77 0.59
C LYS D 61 -26.73 106.72 0.03
N THR D 62 -25.54 107.12 -0.40
CA THR D 62 -24.57 106.20 -0.99
C THR D 62 -23.36 105.93 -0.10
N LYS D 63 -23.10 106.76 0.91
CA LYS D 63 -22.04 106.48 1.86
C LYS D 63 -22.55 105.80 3.13
N SER D 64 -23.84 105.52 3.21
CA SER D 64 -24.44 104.73 4.28
C SER D 64 -24.96 103.42 3.70
N MET D 65 -25.50 102.58 4.57
CA MET D 65 -26.13 101.34 4.14
C MET D 65 -27.61 101.51 3.84
N ASP D 66 -28.06 102.75 3.62
CA ASP D 66 -29.38 102.99 3.07
C ASP D 66 -29.40 102.87 1.55
N ALA D 67 -28.24 102.66 0.92
CA ALA D 67 -28.18 102.43 -0.52
C ALA D 67 -28.78 101.08 -0.89
N TYR D 68 -28.66 100.09 0.00
CA TYR D 68 -29.08 98.73 -0.31
C TYR D 68 -30.55 98.48 -0.02
N GLN D 69 -31.23 99.42 0.62
CA GLN D 69 -32.57 99.19 1.15
C GLN D 69 -33.59 99.87 0.25
N ILE D 70 -34.52 99.09 -0.28
CA ILE D 70 -35.61 99.62 -1.11
C ILE D 70 -36.81 99.87 -0.20
N PRO D 71 -37.20 101.11 0.05
CA PRO D 71 -38.30 101.37 0.98
C PRO D 71 -39.64 100.98 0.38
N VAL D 72 -40.41 100.18 1.13
CA VAL D 72 -41.73 99.73 0.71
C VAL D 72 -42.71 100.07 1.83
N GLY D 73 -43.68 100.92 1.53
CA GLY D 73 -44.64 101.36 2.53
C GLY D 73 -44.20 102.63 3.24
N ASP D 78 -48.69 106.12 -2.47
CA ASP D 78 -48.77 106.42 -3.89
C ASP D 78 -48.53 105.18 -4.73
N LYS D 79 -49.57 104.73 -5.42
CA LYS D 79 -49.51 103.54 -6.28
C LYS D 79 -49.34 103.89 -7.76
N THR D 80 -49.14 105.16 -8.08
CA THR D 80 -49.07 105.60 -9.46
C THR D 80 -47.64 105.63 -10.02
N LYS D 81 -46.63 105.71 -9.15
CA LYS D 81 -45.25 105.69 -9.61
C LYS D 81 -44.55 104.45 -9.06
N PRO D 82 -43.63 103.87 -9.83
CA PRO D 82 -43.04 102.59 -9.43
C PRO D 82 -42.14 102.74 -8.20
N ILE D 83 -41.89 101.59 -7.56
CA ILE D 83 -41.06 101.59 -6.36
C ILE D 83 -39.61 101.87 -6.73
N PHE D 84 -39.07 101.09 -7.67
CA PHE D 84 -37.72 101.33 -8.17
C PHE D 84 -37.67 100.92 -9.64
N SER D 85 -36.58 101.32 -10.29
CA SER D 85 -36.38 101.07 -11.71
C SER D 85 -34.91 101.33 -12.06
N PHE D 86 -34.31 100.43 -12.83
CA PHE D 86 -32.91 100.63 -13.21
C PHE D 86 -32.60 99.89 -14.50
N GLN D 87 -31.59 100.40 -15.21
CA GLN D 87 -31.05 99.71 -16.38
C GLN D 87 -30.56 98.33 -16.00
N MET D 88 -30.76 97.38 -16.90
CA MET D 88 -30.30 96.00 -16.68
C MET D 88 -29.06 95.75 -17.53
N ASP D 89 -27.94 96.32 -17.08
CA ASP D 89 -26.64 96.03 -17.67
C ASP D 89 -25.53 96.27 -16.65
N PRO D 90 -24.75 95.25 -16.31
CA PRO D 90 -23.76 95.39 -15.23
C PRO D 90 -22.63 96.35 -15.55
N GLY D 91 -22.47 96.77 -16.80
CA GLY D 91 -21.53 97.82 -17.17
C GLY D 91 -22.28 99.11 -17.46
N TYR D 92 -21.65 100.23 -17.14
CA TYR D 92 -22.18 101.56 -17.43
C TYR D 92 -23.57 101.77 -16.81
N SER D 93 -23.81 101.16 -15.65
CA SER D 93 -25.04 101.38 -14.90
C SER D 93 -24.71 101.57 -13.44
N SER D 94 -25.20 102.67 -12.85
CA SER D 94 -24.78 103.03 -11.50
C SER D 94 -25.20 101.99 -10.48
N VAL D 95 -26.28 101.24 -10.76
CA VAL D 95 -26.80 100.31 -9.77
C VAL D 95 -26.00 99.00 -9.79
N LEU D 96 -25.62 98.52 -10.97
CA LEU D 96 -25.05 97.18 -11.14
C LEU D 96 -23.57 97.20 -11.52
N LYS D 97 -22.88 98.33 -11.35
CA LYS D 97 -21.49 98.42 -11.79
C LYS D 97 -20.48 98.08 -10.71
N ARG D 98 -20.87 98.13 -9.44
CA ARG D 98 -19.95 97.79 -8.35
C ARG D 98 -20.36 96.50 -7.65
N THR D 99 -21.27 95.75 -8.24
CA THR D 99 -21.59 94.39 -7.81
C THR D 99 -20.44 93.46 -8.13
N LEU D 100 -20.38 92.32 -7.43
CA LEU D 100 -19.42 91.28 -7.80
C LEU D 100 -19.60 90.86 -9.24
N LEU D 101 -20.86 90.78 -9.70
CA LEU D 101 -21.11 90.58 -11.12
C LEU D 101 -20.57 91.75 -11.94
N GLY D 102 -20.96 92.96 -11.59
CA GLY D 102 -20.62 94.12 -12.39
C GLY D 102 -19.18 94.57 -12.28
N GLU D 103 -18.43 94.02 -11.33
CA GLU D 103 -17.04 94.42 -11.15
C GLU D 103 -16.07 93.45 -11.79
N MET D 104 -16.44 92.18 -11.94
CA MET D 104 -15.60 91.25 -12.68
C MET D 104 -15.86 91.33 -14.18
N LEU D 105 -16.87 92.10 -14.57
CA LEU D 105 -17.20 92.38 -15.97
C LEU D 105 -16.59 93.67 -16.50
N ASN D 106 -16.05 94.53 -15.62
CA ASN D 106 -15.35 95.72 -16.09
C ASN D 106 -13.89 95.45 -16.39
N TYR D 107 -13.39 94.25 -16.08
CA TYR D 107 -12.09 93.80 -16.55
C TYR D 107 -12.11 93.33 -17.99
N TYR D 108 -13.27 93.35 -18.64
CA TYR D 108 -13.40 92.77 -19.96
C TYR D 108 -14.23 93.68 -20.86
N ALA D 109 -13.95 93.61 -22.16
CA ALA D 109 -14.66 94.41 -23.15
C ALA D 109 -15.82 93.67 -23.79
N HIS D 110 -15.66 92.39 -24.11
CA HIS D 110 -16.71 91.60 -24.71
C HIS D 110 -17.23 90.62 -23.66
N TRP D 111 -18.48 90.76 -23.26
CA TRP D 111 -19.11 89.79 -22.37
C TRP D 111 -20.57 89.64 -22.76
N SER D 112 -21.10 88.43 -22.55
CA SER D 112 -22.46 88.11 -22.94
C SER D 112 -22.96 86.96 -22.10
N GLY D 113 -24.18 87.08 -21.59
CA GLY D 113 -24.76 86.04 -20.78
C GLY D 113 -26.06 86.52 -20.16
N SER D 114 -26.52 85.78 -19.17
CA SER D 114 -27.72 86.11 -18.44
C SER D 114 -27.38 86.44 -17.00
N VAL D 115 -28.35 87.01 -16.30
CA VAL D 115 -28.18 87.54 -14.96
C VAL D 115 -29.47 87.32 -14.18
N LYS D 116 -29.35 86.72 -12.99
CA LYS D 116 -30.50 86.43 -12.14
C LYS D 116 -30.56 87.43 -11.00
N LEU D 117 -31.77 87.78 -10.60
CA LEU D 117 -32.01 88.77 -9.55
C LEU D 117 -32.90 88.16 -8.49
N THR D 118 -32.49 88.30 -7.23
CA THR D 118 -33.27 87.81 -6.10
C THR D 118 -33.73 88.99 -5.27
N PHE D 119 -35.03 89.05 -4.99
CA PHE D 119 -35.63 90.12 -4.20
C PHE D 119 -36.04 89.55 -2.85
N LEU D 120 -35.20 89.81 -1.84
CA LEU D 120 -35.46 89.36 -0.49
C LEU D 120 -36.26 90.43 0.25
N PHE D 121 -37.50 90.09 0.62
CA PHE D 121 -38.35 91.01 1.37
C PHE D 121 -37.96 90.94 2.84
N CYS D 122 -37.42 92.03 3.36
CA CYS D 122 -36.93 92.08 4.74
C CYS D 122 -37.91 92.81 5.66
N GLY D 123 -39.20 92.56 5.49
CA GLY D 123 -40.22 93.11 6.36
C GLY D 123 -40.60 92.15 7.47
N SER D 124 -41.75 92.41 8.07
CA SER D 124 -42.19 91.60 9.20
C SER D 124 -42.70 90.25 8.69
N ALA D 125 -42.90 89.33 9.64
CA ALA D 125 -43.49 88.04 9.32
C ALA D 125 -45.01 88.11 9.26
N MET D 126 -45.59 89.28 9.53
CA MET D 126 -47.03 89.48 9.49
C MET D 126 -47.45 90.42 8.38
N ALA D 127 -46.52 91.14 7.76
CA ALA D 127 -46.87 92.06 6.68
C ALA D 127 -47.18 91.28 5.41
N THR D 128 -48.22 91.69 4.71
CA THR D 128 -48.68 90.96 3.53
C THR D 128 -49.10 91.95 2.46
N GLY D 129 -48.60 91.73 1.25
CA GLY D 129 -48.96 92.56 0.11
C GLY D 129 -48.49 91.91 -1.16
N LYS D 130 -48.71 92.62 -2.27
CA LYS D 130 -48.27 92.15 -3.58
C LYS D 130 -47.46 93.21 -4.29
N LEU D 131 -46.41 92.77 -4.97
CA LEU D 131 -45.56 93.60 -5.78
C LEU D 131 -45.49 93.00 -7.18
N LEU D 132 -45.48 93.86 -8.20
CA LEU D 132 -45.50 93.43 -9.59
C LEU D 132 -44.18 93.84 -10.23
N ILE D 133 -43.35 92.84 -10.53
CA ILE D 133 -42.00 93.06 -11.03
C ILE D 133 -42.03 92.87 -12.53
N SER D 134 -41.92 93.97 -13.28
CA SER D 134 -42.02 93.95 -14.73
C SER D 134 -40.64 94.02 -15.36
N TYR D 135 -40.51 93.40 -16.52
CA TYR D 135 -39.26 93.37 -17.26
C TYR D 135 -39.49 93.92 -18.67
N SER D 136 -38.70 94.92 -19.05
CA SER D 136 -38.87 95.36 -20.42
C SER D 136 -37.73 94.83 -21.29
N PRO D 137 -38.05 94.41 -22.51
CA PRO D 137 -36.99 93.96 -23.43
C PRO D 137 -36.06 95.10 -23.78
N PRO D 138 -34.86 94.81 -24.29
CA PRO D 138 -33.86 95.88 -24.43
C PRO D 138 -34.25 96.98 -25.41
N GLY D 139 -35.19 96.73 -26.32
CA GLY D 139 -35.60 97.76 -27.24
C GLY D 139 -36.81 98.54 -26.77
N ALA D 140 -37.61 97.94 -25.90
CA ALA D 140 -38.90 98.50 -25.55
C ALA D 140 -38.74 99.68 -24.60
N SER D 141 -39.81 100.47 -24.50
CA SER D 141 -39.85 101.60 -23.58
C SER D 141 -40.39 101.14 -22.23
N VAL D 142 -40.10 101.93 -21.21
CA VAL D 142 -40.50 101.58 -19.84
C VAL D 142 -42.01 101.72 -19.72
N PRO D 143 -42.65 100.92 -18.85
CA PRO D 143 -44.08 101.14 -18.60
C PRO D 143 -44.27 102.39 -17.75
N THR D 144 -45.19 103.26 -18.18
CA THR D 144 -45.48 104.47 -17.44
C THR D 144 -46.55 104.27 -16.37
N SER D 145 -47.31 103.18 -16.46
CA SER D 145 -48.38 102.87 -15.52
C SER D 145 -48.26 101.42 -15.08
N ARG D 146 -49.07 101.06 -14.09
CA ARG D 146 -49.04 99.68 -13.61
C ARG D 146 -49.73 98.74 -14.59
N LYS D 147 -50.79 99.20 -15.24
CA LYS D 147 -51.49 98.35 -16.21
C LYS D 147 -50.61 98.04 -17.40
N ASP D 148 -49.87 99.04 -17.90
CA ASP D 148 -48.99 98.82 -19.04
C ASP D 148 -47.82 97.93 -18.69
N ALA D 149 -47.43 97.89 -17.40
CA ALA D 149 -46.45 96.91 -16.95
C ALA D 149 -47.06 95.52 -16.82
N MET D 150 -48.36 95.43 -16.53
CA MET D 150 -49.01 94.13 -16.41
C MET D 150 -49.19 93.48 -17.76
N LEU D 151 -49.34 94.27 -18.83
CA LEU D 151 -49.55 93.72 -20.16
C LEU D 151 -48.27 93.20 -20.78
N GLY D 152 -47.11 93.54 -20.23
CA GLY D 152 -45.85 92.98 -20.69
C GLY D 152 -45.44 91.76 -19.90
N THR D 153 -44.16 91.61 -19.64
CA THR D 153 -43.66 90.52 -18.81
C THR D 153 -43.62 90.97 -17.36
N HIS D 154 -44.14 90.14 -16.46
CA HIS D 154 -44.20 90.50 -15.05
C HIS D 154 -44.33 89.23 -14.23
N ILE D 155 -44.19 89.38 -12.91
CA ILE D 155 -44.44 88.33 -11.94
C ILE D 155 -45.08 88.97 -10.72
N VAL D 156 -46.35 88.66 -10.47
CA VAL D 156 -47.06 89.22 -9.32
C VAL D 156 -46.57 88.46 -8.09
N TRP D 157 -45.64 89.06 -7.36
CA TRP D 157 -44.90 88.40 -6.29
C TRP D 157 -45.64 88.62 -4.97
N ASP D 158 -46.37 87.59 -4.52
CA ASP D 158 -47.07 87.65 -3.24
C ASP D 158 -46.06 87.55 -2.10
N ILE D 159 -46.02 88.61 -1.27
CA ILE D 159 -45.03 88.67 -0.20
C ILE D 159 -45.44 87.76 0.96
N GLY D 160 -46.74 87.64 1.23
CA GLY D 160 -47.20 86.88 2.37
C GLY D 160 -46.96 85.39 2.25
N LEU D 161 -46.82 84.88 1.03
CA LEU D 161 -46.56 83.46 0.83
C LEU D 161 -45.07 83.17 0.76
N GLN D 162 -44.38 83.72 -0.23
CA GLN D 162 -42.93 83.60 -0.36
C GLN D 162 -42.30 84.97 -0.15
N SER D 163 -41.08 84.97 0.39
CA SER D 163 -40.36 86.19 0.73
C SER D 163 -39.13 86.40 -0.14
N SER D 164 -39.00 85.66 -1.24
CA SER D 164 -37.82 85.76 -2.10
C SER D 164 -38.21 85.30 -3.50
N CYS D 165 -38.24 86.23 -4.45
CA CYS D 165 -38.62 85.94 -5.82
C CYS D 165 -37.40 86.11 -6.72
N VAL D 166 -37.14 85.11 -7.56
CA VAL D 166 -35.92 85.02 -8.36
C VAL D 166 -36.28 85.20 -9.82
N LEU D 167 -35.54 86.05 -10.50
CA LEU D 167 -35.66 86.27 -11.94
C LEU D 167 -34.46 85.62 -12.64
N CYS D 168 -34.46 85.74 -13.97
CA CYS D 168 -33.28 85.38 -14.77
C CYS D 168 -33.40 86.17 -16.08
N VAL D 169 -32.66 87.26 -16.18
CA VAL D 169 -32.80 88.21 -17.28
C VAL D 169 -31.82 87.82 -18.38
N PRO D 170 -32.30 87.45 -19.57
CA PRO D 170 -31.38 87.09 -20.67
C PRO D 170 -31.01 88.28 -21.53
N TRP D 171 -30.23 88.02 -22.59
CA TRP D 171 -29.85 89.03 -23.57
C TRP D 171 -29.12 90.21 -22.91
N ILE D 172 -28.08 89.89 -22.15
CA ILE D 172 -27.30 90.89 -21.43
C ILE D 172 -25.88 90.82 -21.97
N SER D 173 -25.48 91.82 -22.74
CA SER D 173 -24.18 91.80 -23.40
C SER D 173 -23.82 93.22 -23.82
N GLN D 174 -22.52 93.48 -23.90
CA GLN D 174 -21.99 94.66 -24.57
C GLN D 174 -20.70 94.28 -25.28
N SER D 175 -20.22 95.18 -26.13
CA SER D 175 -19.05 94.93 -26.95
C SER D 175 -18.40 96.22 -27.41
N SER D 187 -28.87 101.02 -24.09
CA SER D 187 -30.13 100.47 -24.60
C SER D 187 -30.33 99.04 -24.12
N ALA D 188 -30.62 98.88 -22.84
CA ALA D 188 -30.80 97.57 -22.24
C ALA D 188 -32.17 97.47 -21.59
N GLY D 189 -32.38 96.40 -20.85
CA GLY D 189 -33.67 96.12 -20.24
C GLY D 189 -33.97 96.99 -19.04
N TYR D 190 -35.07 96.66 -18.38
CA TYR D 190 -35.53 97.40 -17.21
C TYR D 190 -36.19 96.44 -16.23
N ILE D 191 -35.88 96.61 -14.95
CA ILE D 191 -36.54 95.86 -13.89
C ILE D 191 -37.24 96.91 -13.02
N THR D 192 -38.49 97.21 -13.35
CA THR D 192 -39.32 98.08 -12.54
C THR D 192 -40.11 97.24 -11.55
N CYS D 193 -40.68 97.90 -10.56
CA CYS D 193 -41.46 97.20 -9.55
C CYS D 193 -42.60 98.11 -9.10
N TRP D 194 -43.77 97.52 -8.93
CA TRP D 194 -45.02 98.26 -8.79
C TRP D 194 -45.79 97.78 -7.57
N TYR D 195 -46.60 98.69 -7.01
CA TYR D 195 -47.55 98.31 -5.97
C TYR D 195 -48.76 97.69 -6.65
N GLN D 196 -48.84 96.36 -6.63
CA GLN D 196 -50.10 95.71 -6.95
C GLN D 196 -51.10 95.98 -5.84
N THR D 197 -50.73 95.66 -4.61
CA THR D 197 -51.49 95.99 -3.41
C THR D 197 -50.56 96.69 -2.42
N ASN D 198 -51.16 97.40 -1.48
CA ASN D 198 -50.37 97.97 -0.39
C ASN D 198 -49.95 96.88 0.59
N ILE D 199 -49.07 97.24 1.51
CA ILE D 199 -48.60 96.31 2.53
C ILE D 199 -49.63 96.27 3.65
N VAL D 200 -50.30 95.13 3.81
CA VAL D 200 -51.32 94.97 4.83
C VAL D 200 -50.65 94.44 6.09
N VAL D 201 -50.93 95.08 7.22
CA VAL D 201 -50.14 94.85 8.43
C VAL D 201 -51.06 94.87 9.65
N PRO D 202 -50.88 93.94 10.59
CA PRO D 202 -51.69 93.96 11.81
C PRO D 202 -51.31 95.12 12.70
N PRO D 203 -52.06 95.37 13.80
CA PRO D 203 -51.76 96.54 14.64
C PRO D 203 -50.41 96.49 15.32
N GLY D 204 -49.81 95.31 15.50
CA GLY D 204 -48.55 95.23 16.22
C GLY D 204 -47.31 95.45 15.37
N ALA D 205 -47.36 95.03 14.11
CA ALA D 205 -46.16 95.06 13.28
C ALA D 205 -45.98 96.45 12.66
N PRO D 206 -44.74 96.83 12.34
CA PRO D 206 -44.51 98.14 11.73
C PRO D 206 -45.01 98.20 10.30
N THR D 207 -45.20 99.43 9.83
CA THR D 207 -45.86 99.69 8.56
C THR D 207 -44.90 99.74 7.37
N SER D 208 -43.68 100.23 7.58
CA SER D 208 -42.72 100.44 6.51
C SER D 208 -41.68 99.33 6.53
N CYS D 209 -41.45 98.72 5.38
CA CYS D 209 -40.57 97.58 5.23
C CYS D 209 -39.48 97.87 4.20
N ASP D 210 -38.55 96.94 4.04
CA ASP D 210 -37.46 97.07 3.08
C ASP D 210 -37.37 95.82 2.22
N VAL D 211 -36.84 95.99 1.02
CA VAL D 211 -36.62 94.90 0.08
C VAL D 211 -35.16 94.96 -0.38
N LEU D 212 -34.41 93.91 -0.11
CA LEU D 212 -33.04 93.80 -0.62
C LEU D 212 -33.05 93.13 -1.99
N CYS D 213 -32.05 93.45 -2.79
CA CYS D 213 -31.88 92.87 -4.11
C CYS D 213 -30.53 92.19 -4.20
N PHE D 214 -30.43 91.27 -5.16
CA PHE D 214 -29.20 90.50 -5.37
C PHE D 214 -28.99 90.33 -6.86
N ALA D 215 -27.77 89.96 -7.24
CA ALA D 215 -27.45 89.78 -8.66
C ALA D 215 -26.25 88.85 -8.80
N SER D 216 -26.33 87.94 -9.77
CA SER D 216 -25.23 87.06 -10.11
C SER D 216 -25.41 86.61 -11.56
N ALA D 217 -24.61 85.65 -11.99
CA ALA D 217 -24.76 85.03 -13.30
C ALA D 217 -25.74 83.87 -13.18
N CYS D 218 -26.69 83.81 -14.12
CA CYS D 218 -27.85 82.94 -13.94
C CYS D 218 -27.46 81.47 -14.12
N ASN D 219 -27.01 81.10 -15.31
CA ASN D 219 -26.56 79.73 -15.58
C ASN D 219 -25.07 79.69 -15.90
N ASP D 220 -24.62 80.42 -16.92
CA ASP D 220 -23.24 80.46 -17.34
C ASP D 220 -23.03 81.76 -18.08
N PHE D 221 -21.80 82.28 -18.00
CA PHE D 221 -21.54 83.63 -18.46
C PHE D 221 -20.33 83.60 -19.39
N SER D 222 -20.41 84.34 -20.49
CA SER D 222 -19.38 84.36 -21.51
C SER D 222 -18.71 85.73 -21.52
N VAL D 223 -17.39 85.74 -21.66
CA VAL D 223 -16.60 86.94 -21.48
C VAL D 223 -15.25 86.76 -22.17
N ARG D 224 -14.84 87.75 -22.97
CA ARG D 224 -13.75 87.53 -23.92
C ARG D 224 -12.52 88.41 -23.68
N LEU D 225 -12.62 89.73 -23.82
CA LEU D 225 -11.44 90.56 -24.10
C LEU D 225 -11.03 91.34 -22.86
N LEU D 226 -9.91 90.95 -22.27
CA LEU D 226 -9.45 91.55 -21.03
C LEU D 226 -8.94 92.97 -21.29
N ARG D 227 -9.21 93.87 -20.33
CA ARG D 227 -8.74 95.25 -20.38
C ARG D 227 -8.45 95.72 -18.96
N ASP D 228 -7.98 96.96 -18.86
CA ASP D 228 -7.78 97.59 -17.56
C ASP D 228 -9.09 98.20 -17.06
N THR D 229 -9.30 98.15 -15.75
CA THR D 229 -10.54 98.65 -15.18
C THR D 229 -10.55 100.18 -15.17
N PRO D 230 -11.73 100.79 -15.31
CA PRO D 230 -11.81 102.26 -15.31
C PRO D 230 -11.76 102.88 -13.93
N PHE D 231 -12.16 102.14 -12.90
CA PHE D 231 -12.32 102.71 -11.56
C PHE D 231 -11.00 103.23 -11.01
N MET D 232 -9.96 102.40 -11.02
CA MET D 232 -8.66 102.85 -10.52
C MET D 232 -8.12 103.99 -11.37
N ALA D 233 -7.46 104.93 -10.72
CA ALA D 233 -6.92 106.11 -11.39
C ALA D 233 -5.40 106.06 -11.45
N GLN E 43 -74.17 54.81 62.25
CA GLN E 43 -73.78 53.82 61.25
C GLN E 43 -74.53 54.03 59.95
N THR E 44 -74.06 53.40 58.89
CA THR E 44 -74.68 53.51 57.57
C THR E 44 -74.71 52.14 56.91
N ARG E 45 -75.66 51.97 56.00
CA ARG E 45 -75.84 50.70 55.31
C ARG E 45 -74.81 50.60 54.19
N HIS E 46 -73.85 49.71 54.35
CA HIS E 46 -72.78 49.53 53.37
C HIS E 46 -73.04 48.28 52.53
N VAL E 47 -72.28 48.16 51.45
CA VAL E 47 -72.33 46.97 50.60
C VAL E 47 -71.51 45.89 51.30
N VAL E 48 -72.20 45.03 52.05
CA VAL E 48 -71.55 43.95 52.78
C VAL E 48 -71.45 42.80 51.79
N ASN E 49 -70.40 42.82 50.97
CA ASN E 49 -70.22 41.88 49.87
C ASN E 49 -69.16 40.87 50.27
N PHE E 50 -69.60 39.63 50.50
CA PHE E 50 -68.75 38.48 50.71
C PHE E 50 -69.66 37.26 50.79
N HIS E 51 -69.06 36.08 50.71
CA HIS E 51 -69.83 34.83 50.71
C HIS E 51 -69.10 33.84 51.60
N SER E 52 -69.57 33.68 52.83
CA SER E 52 -68.91 32.82 53.79
C SER E 52 -69.91 32.32 54.82
N ARG E 53 -69.80 31.03 55.16
CA ARG E 53 -70.56 30.45 56.26
C ARG E 53 -69.65 29.57 57.12
N SER E 54 -68.36 29.90 57.18
CA SER E 54 -67.45 29.14 58.03
C SER E 54 -67.65 29.51 59.50
N GLU E 55 -68.16 30.70 59.78
CA GLU E 55 -68.41 31.13 61.15
C GLU E 55 -69.78 30.65 61.64
N SER E 56 -70.55 30.00 60.79
CA SER E 56 -71.88 29.54 61.16
C SER E 56 -71.92 28.04 61.39
N THR E 57 -70.78 27.35 61.27
CA THR E 57 -70.75 25.94 61.58
C THR E 57 -70.88 25.74 63.08
N ILE E 58 -71.13 24.49 63.48
CA ILE E 58 -71.43 24.21 64.88
C ILE E 58 -70.18 24.38 65.75
N GLU E 59 -69.03 23.95 65.23
CA GLU E 59 -67.80 24.06 66.02
C GLU E 59 -67.34 25.50 66.14
N ASN E 60 -67.69 26.35 65.19
CA ASN E 60 -67.35 27.77 65.24
C ASN E 60 -68.43 28.59 65.91
N PHE E 61 -69.49 27.96 66.38
CA PHE E 61 -70.61 28.60 67.07
C PHE E 61 -70.67 28.27 68.55
N MET E 62 -70.41 27.00 68.89
CA MET E 62 -70.43 26.51 70.27
C MET E 62 -69.06 26.51 70.91
N GLY E 63 -68.01 26.18 70.14
CA GLY E 63 -66.68 26.05 70.69
C GLY E 63 -66.04 27.37 71.03
N ARG E 64 -66.57 28.04 72.07
CA ARG E 64 -65.99 29.29 72.55
C ARG E 64 -65.96 29.28 74.07
N ALA E 65 -64.80 29.65 74.62
CA ALA E 65 -64.58 29.57 76.05
C ALA E 65 -65.32 30.69 76.76
N ALA E 66 -66.09 30.34 77.78
CA ALA E 66 -66.87 31.30 78.55
C ALA E 66 -66.74 30.96 80.02
N CYS E 67 -66.68 32.00 80.86
CA CYS E 67 -66.51 31.79 82.28
C CYS E 67 -67.84 31.35 82.88
N VAL E 68 -67.83 30.20 83.54
CA VAL E 68 -69.06 29.57 84.01
C VAL E 68 -69.10 29.36 85.51
N PHE E 69 -68.03 29.67 86.25
CA PHE E 69 -68.02 29.38 87.69
C PHE E 69 -66.99 30.25 88.39
N MET E 70 -67.46 31.26 89.12
CA MET E 70 -66.66 31.97 90.10
C MET E 70 -66.96 31.43 91.50
N ASP E 71 -65.92 31.24 92.30
CA ASP E 71 -66.13 30.80 93.67
C ASP E 71 -64.92 31.17 94.52
N GLN E 72 -65.19 31.38 95.80
CA GLN E 72 -64.17 31.67 96.80
C GLN E 72 -63.89 30.41 97.61
N TYR E 73 -62.65 30.28 98.08
CA TYR E 73 -62.32 29.22 99.03
C TYR E 73 -61.09 29.62 99.82
N LYS E 74 -61.17 29.49 101.15
CA LYS E 74 -60.16 29.97 102.06
C LYS E 74 -58.99 28.98 102.11
N ILE E 75 -58.10 29.15 103.09
CA ILE E 75 -56.98 28.23 103.24
C ILE E 75 -56.93 27.66 104.66
N ASN E 76 -57.36 28.44 105.65
CA ASN E 76 -57.19 28.05 107.04
C ASN E 76 -58.41 28.42 107.87
N GLY E 77 -58.45 27.89 109.08
CA GLY E 77 -59.58 28.05 109.97
C GLY E 77 -60.71 27.08 109.66
N GLU E 78 -61.55 26.87 110.67
CA GLU E 78 -62.78 26.08 110.54
C GLU E 78 -62.51 24.73 109.88
N GLU E 79 -61.82 23.86 110.66
CA GLU E 79 -61.33 22.61 110.10
C GLU E 79 -62.44 21.76 109.50
N THR E 80 -63.65 21.86 110.05
CA THR E 80 -64.84 21.24 109.46
C THR E 80 -65.73 22.34 108.89
N SER E 81 -65.42 22.76 107.67
CA SER E 81 -66.21 23.79 107.00
C SER E 81 -66.34 23.46 105.52
N THR E 82 -67.37 24.03 104.90
CA THR E 82 -67.62 23.88 103.47
C THR E 82 -67.14 25.07 102.65
N ASP E 83 -66.46 26.03 103.29
CA ASP E 83 -65.98 27.22 102.60
C ASP E 83 -64.47 27.17 102.34
N ARG E 84 -63.89 25.97 102.34
CA ARG E 84 -62.48 25.79 102.02
C ARG E 84 -62.26 25.03 100.72
N PHE E 85 -63.32 24.80 99.95
CA PHE E 85 -63.20 24.15 98.65
C PHE E 85 -64.40 24.54 97.80
N ALA E 86 -64.29 24.24 96.51
CA ALA E 86 -65.32 24.56 95.53
C ALA E 86 -65.90 23.26 94.97
N VAL E 87 -67.06 23.37 94.32
CA VAL E 87 -67.79 22.18 93.88
C VAL E 87 -68.09 22.21 92.38
N TRP E 88 -69.04 23.05 91.96
CA TRP E 88 -69.47 23.17 90.57
C TRP E 88 -69.71 21.84 89.87
N THR E 89 -70.85 21.21 90.12
CA THR E 89 -71.30 20.10 89.29
C THR E 89 -71.41 20.55 87.83
N ILE E 90 -70.67 19.88 86.95
CA ILE E 90 -70.52 20.36 85.57
C ILE E 90 -71.82 20.12 84.80
N ASN E 91 -72.43 21.20 84.33
CA ASN E 91 -73.58 21.11 83.45
C ASN E 91 -73.60 22.31 82.51
N ILE E 92 -74.32 22.16 81.39
CA ILE E 92 -74.44 23.25 80.42
C ILE E 92 -75.40 24.33 80.89
N ARG E 93 -76.23 24.04 81.89
CA ARG E 93 -77.26 24.99 82.33
C ARG E 93 -76.71 25.90 83.42
N GLU E 94 -75.55 26.48 83.18
CA GLU E 94 -74.87 27.32 84.15
C GLU E 94 -75.29 28.78 84.05
N MET E 95 -74.97 29.42 82.93
CA MET E 95 -75.41 30.79 82.67
C MET E 95 -76.26 30.82 81.41
N ALA E 96 -77.21 31.74 81.38
CA ALA E 96 -78.26 31.72 80.37
C ALA E 96 -77.74 32.04 78.97
N GLN E 97 -76.61 32.72 78.86
CA GLN E 97 -76.08 33.03 77.54
C GLN E 97 -75.59 31.78 76.82
N LEU E 98 -74.81 30.94 77.52
CA LEU E 98 -74.40 29.67 76.94
C LEU E 98 -75.56 28.68 76.91
N ARG E 99 -76.37 28.62 77.98
CA ARG E 99 -77.49 27.70 78.01
C ARG E 99 -78.40 27.87 76.80
N ARG E 100 -78.56 29.11 76.34
CA ARG E 100 -79.42 29.37 75.20
C ARG E 100 -78.87 28.72 73.93
N LYS E 101 -77.54 28.72 73.77
CA LYS E 101 -76.95 28.14 72.58
C LYS E 101 -77.04 26.62 72.56
N CYS E 102 -76.93 25.98 73.72
CA CYS E 102 -77.04 24.53 73.78
C CYS E 102 -78.47 24.06 73.55
N GLU E 103 -79.45 24.95 73.70
CA GLU E 103 -80.84 24.60 73.47
C GLU E 103 -81.29 24.90 72.04
N MET E 104 -80.37 25.29 71.15
CA MET E 104 -80.67 25.27 69.73
C MET E 104 -80.85 23.84 69.23
N PHE E 105 -80.24 22.88 69.92
CA PHE E 105 -80.12 21.51 69.44
C PHE E 105 -80.57 20.57 70.55
N THR E 106 -81.26 19.50 70.16
CA THR E 106 -81.73 18.53 71.15
C THR E 106 -80.59 17.67 71.65
N TYR E 107 -79.83 17.06 70.74
CA TYR E 107 -78.74 16.16 71.10
C TYR E 107 -77.42 16.72 70.62
N MET E 108 -76.39 16.59 71.45
CA MET E 108 -75.05 17.02 71.07
C MET E 108 -74.04 16.25 71.89
N ARG E 109 -72.89 15.99 71.28
CA ARG E 109 -71.78 15.33 71.95
C ARG E 109 -70.49 16.10 71.68
N PHE E 110 -69.63 16.19 72.68
CA PHE E 110 -68.50 17.09 72.61
C PHE E 110 -67.54 16.80 73.75
N ASP E 111 -66.25 16.91 73.47
CA ASP E 111 -65.26 16.96 74.53
C ASP E 111 -65.25 18.34 75.15
N ILE E 112 -64.94 18.40 76.44
CA ILE E 112 -64.84 19.67 77.15
C ILE E 112 -63.38 19.87 77.56
N GLU E 113 -62.91 21.12 77.48
CA GLU E 113 -61.52 21.44 77.77
C GLU E 113 -61.54 22.75 78.55
N MET E 114 -61.58 22.65 79.88
CA MET E 114 -61.69 23.81 80.74
C MET E 114 -60.31 24.22 81.24
N THR E 115 -60.12 25.53 81.36
CA THR E 115 -58.88 26.09 81.88
C THR E 115 -59.23 27.05 83.01
N MET E 116 -58.77 26.72 84.22
CA MET E 116 -59.07 27.55 85.37
C MET E 116 -58.15 28.75 85.43
N VAL E 117 -58.63 29.83 86.04
CA VAL E 117 -57.86 31.05 86.24
C VAL E 117 -57.99 31.38 87.73
N ILE E 118 -56.93 31.12 88.49
CA ILE E 118 -56.96 31.13 89.94
C ILE E 118 -56.18 32.33 90.43
N THR E 119 -56.79 33.11 91.32
CA THR E 119 -56.16 34.27 91.92
C THR E 119 -56.02 34.04 93.43
N SER E 120 -55.54 35.06 94.13
CA SER E 120 -55.43 34.98 95.58
C SER E 120 -55.37 36.40 96.14
N CYS E 121 -55.73 36.49 97.42
CA CYS E 121 -55.74 37.75 98.15
C CYS E 121 -55.16 37.47 99.53
N GLN E 122 -55.36 38.39 100.47
CA GLN E 122 -54.92 38.17 101.85
C GLN E 122 -55.58 39.17 102.79
N MET E 132 -45.97 35.36 102.99
CA MET E 132 -46.60 34.09 102.65
C MET E 132 -45.67 33.25 101.77
N PRO E 133 -45.99 31.96 101.60
CA PRO E 133 -45.19 31.13 100.68
C PRO E 133 -45.73 31.20 99.26
N VAL E 134 -45.19 30.39 98.37
CA VAL E 134 -45.77 30.19 97.05
C VAL E 134 -46.85 29.12 97.15
N LEU E 135 -48.03 29.42 96.61
CA LEU E 135 -49.21 28.60 96.80
C LEU E 135 -49.35 27.56 95.68
N THR E 136 -49.81 26.38 96.06
CA THR E 136 -50.09 25.30 95.12
C THR E 136 -51.54 24.87 95.31
N HIS E 137 -52.26 24.71 94.20
CA HIS E 137 -53.68 24.39 94.23
C HIS E 137 -53.90 22.96 93.74
N GLN E 138 -55.14 22.50 93.81
CA GLN E 138 -55.53 21.18 93.32
C GLN E 138 -56.94 21.26 92.76
N ILE E 139 -57.09 20.92 91.49
CA ILE E 139 -58.39 20.93 90.82
C ILE E 139 -58.73 19.48 90.50
N MET E 140 -59.54 18.86 91.34
CA MET E 140 -59.87 17.44 91.21
C MET E 140 -61.19 17.28 90.48
N TYR E 141 -61.13 16.69 89.29
CA TYR E 141 -62.31 16.30 88.55
C TYR E 141 -62.72 14.89 88.95
N VAL E 142 -63.90 14.74 89.51
CA VAL E 142 -64.45 13.41 89.79
C VAL E 142 -65.38 13.04 88.63
N PRO E 143 -65.33 11.80 88.16
CA PRO E 143 -66.25 11.36 87.11
C PRO E 143 -67.67 11.25 87.63
N PRO E 144 -68.65 10.92 86.77
CA PRO E 144 -70.01 10.72 87.29
C PRO E 144 -70.10 9.63 88.34
N GLY E 145 -69.38 8.53 88.15
CA GLY E 145 -69.23 7.56 89.21
C GLY E 145 -67.95 7.82 89.98
N GLY E 146 -68.05 8.59 91.05
CA GLY E 146 -66.89 8.98 91.82
C GLY E 146 -67.24 9.50 93.19
N PRO E 147 -66.40 9.20 94.18
CA PRO E 147 -66.64 9.70 95.53
C PRO E 147 -66.29 11.18 95.64
N ILE E 148 -67.04 11.88 96.48
CA ILE E 148 -66.87 13.31 96.65
C ILE E 148 -66.31 13.57 98.04
N PRO E 149 -65.51 14.62 98.23
CA PRO E 149 -65.10 14.98 99.58
C PRO E 149 -66.23 15.67 100.33
N ALA E 150 -66.22 15.48 101.65
CA ALA E 150 -67.10 16.23 102.54
C ALA E 150 -66.39 17.37 103.24
N LYS E 151 -65.07 17.28 103.38
CA LYS E 151 -64.26 18.30 104.02
C LYS E 151 -62.98 18.49 103.21
N VAL E 152 -62.26 19.56 103.52
CA VAL E 152 -61.01 19.85 102.81
C VAL E 152 -59.97 18.78 103.08
N ASP E 153 -60.11 18.02 104.17
CA ASP E 153 -59.16 16.99 104.55
C ASP E 153 -59.75 15.59 104.47
N GLY E 154 -60.68 15.37 103.54
CA GLY E 154 -61.23 14.05 103.36
C GLY E 154 -60.26 13.15 102.63
N TYR E 155 -60.56 11.84 102.68
CA TYR E 155 -59.70 10.88 102.01
C TYR E 155 -60.00 10.77 100.52
N GLU E 156 -61.13 11.31 100.06
CA GLU E 156 -61.48 11.23 98.64
C GLU E 156 -60.45 11.95 97.78
N TRP E 157 -59.84 13.02 98.32
CA TRP E 157 -58.86 13.79 97.58
C TRP E 157 -57.69 12.94 97.12
N GLN E 158 -57.44 11.81 97.76
CA GLN E 158 -56.33 10.93 97.43
C GLN E 158 -56.75 9.76 96.55
N THR E 159 -57.93 9.83 95.93
CA THR E 159 -58.42 8.74 95.11
C THR E 159 -57.68 8.71 93.77
N SER E 160 -57.15 7.55 93.40
CA SER E 160 -56.35 7.43 92.19
C SER E 160 -57.18 7.51 90.93
N THR E 161 -58.49 7.25 91.01
CA THR E 161 -59.36 7.30 89.85
C THR E 161 -59.94 8.69 89.60
N ASN E 162 -59.71 9.63 90.52
CA ASN E 162 -60.10 11.02 90.31
C ASN E 162 -58.90 11.81 89.81
N PRO E 163 -58.81 12.14 88.52
CA PRO E 163 -57.66 12.89 88.04
C PRO E 163 -57.69 14.34 88.54
N SER E 164 -56.53 14.84 88.91
CA SER E 164 -56.43 16.18 89.48
C SER E 164 -55.11 16.81 89.06
N VAL E 165 -55.15 18.12 88.83
CA VAL E 165 -53.97 18.89 88.47
C VAL E 165 -53.50 19.66 89.70
N PHE E 166 -52.18 19.73 89.87
CA PHE E 166 -51.57 20.45 90.98
C PHE E 166 -50.84 21.65 90.39
N TRP E 167 -51.54 22.76 90.32
CA TRP E 167 -51.01 23.99 89.75
C TRP E 167 -50.47 24.87 90.87
N THR E 168 -49.20 25.25 90.76
CA THR E 168 -48.59 26.19 91.68
C THR E 168 -48.67 27.59 91.08
N GLU E 169 -48.71 28.58 91.96
CA GLU E 169 -49.02 29.94 91.52
C GLU E 169 -47.85 30.53 90.72
N GLY E 170 -48.20 31.36 89.73
CA GLY E 170 -47.23 32.05 88.91
C GLY E 170 -47.07 31.50 87.51
N ASN E 171 -47.45 30.25 87.27
CA ASN E 171 -47.26 29.63 85.97
C ASN E 171 -48.45 29.94 85.05
N ALA E 172 -48.48 29.29 83.90
CA ALA E 172 -49.63 29.36 83.02
C ALA E 172 -50.83 28.69 83.68
N PRO E 173 -52.06 29.06 83.28
CA PRO E 173 -53.22 28.50 83.95
C PRO E 173 -53.34 27.01 83.70
N PRO E 174 -53.90 26.26 84.65
CA PRO E 174 -54.01 24.81 84.49
C PRO E 174 -55.13 24.46 83.51
N ARG E 175 -54.84 23.53 82.61
CA ARG E 175 -55.82 23.06 81.64
C ARG E 175 -56.02 21.57 81.78
N ILE E 176 -57.28 21.17 81.93
CA ILE E 176 -57.67 19.78 82.10
C ILE E 176 -58.78 19.50 81.09
N SER E 177 -58.63 18.41 80.33
CA SER E 177 -59.56 18.08 79.26
C SER E 177 -60.30 16.79 79.59
N ILE E 178 -61.60 16.76 79.32
CA ILE E 178 -62.45 15.65 79.69
C ILE E 178 -63.15 15.15 78.44
N PRO E 179 -63.09 13.85 78.15
CA PRO E 179 -63.71 13.34 76.92
C PRO E 179 -65.23 13.24 77.04
N PHE E 180 -65.86 12.63 76.04
CA PHE E 180 -67.30 12.38 76.06
C PHE E 180 -67.59 11.28 77.06
N ILE E 181 -68.07 11.65 78.24
CA ILE E 181 -68.23 10.69 79.33
C ILE E 181 -69.53 9.88 79.19
N SER E 182 -70.58 10.46 78.62
CA SER E 182 -71.94 10.00 78.85
C SER E 182 -72.13 8.55 78.44
N VAL E 183 -73.13 7.91 79.07
CA VAL E 183 -73.40 6.50 78.81
C VAL E 183 -74.04 6.31 77.46
N GLY E 184 -74.94 7.22 77.09
CA GLY E 184 -75.61 7.16 75.82
C GLY E 184 -74.68 7.58 74.70
N ASN E 185 -75.27 7.95 73.58
CA ASN E 185 -74.50 8.33 72.41
C ASN E 185 -74.44 9.84 72.21
N ALA E 186 -75.15 10.61 73.03
CA ALA E 186 -75.07 12.07 72.99
C ALA E 186 -75.57 12.63 74.31
N TYR E 187 -75.16 13.85 74.61
CA TYR E 187 -75.77 14.61 75.69
C TYR E 187 -77.11 15.16 75.21
N SER E 188 -78.12 15.04 76.06
CA SER E 188 -79.46 15.52 75.75
C SER E 188 -79.68 16.85 76.45
N SER E 189 -79.96 17.90 75.67
CA SER E 189 -80.29 19.18 76.26
C SER E 189 -81.66 19.14 76.92
N PHE E 190 -82.60 18.42 76.32
CA PHE E 190 -83.95 18.27 76.83
C PHE E 190 -84.27 16.80 77.00
N TYR E 191 -85.01 16.47 78.06
CA TYR E 191 -85.40 15.08 78.33
C TYR E 191 -86.85 15.08 78.79
N ASP E 192 -87.77 14.86 77.86
CA ASP E 192 -89.20 14.76 78.18
C ASP E 192 -89.47 13.38 78.75
N GLY E 193 -89.15 13.22 80.03
CA GLY E 193 -89.26 11.92 80.65
C GLY E 193 -89.00 12.01 82.14
N TRP E 194 -89.18 10.88 82.81
CA TRP E 194 -89.09 10.80 84.27
C TRP E 194 -87.93 9.89 84.65
N SER E 195 -87.14 10.33 85.64
CA SER E 195 -86.00 9.55 86.08
C SER E 195 -86.43 8.22 86.68
N HIS E 196 -87.46 8.24 87.52
CA HIS E 196 -87.93 7.04 88.20
C HIS E 196 -89.15 6.50 87.47
N PHE E 197 -89.13 5.20 87.18
CA PHE E 197 -90.18 4.57 86.39
C PHE E 197 -91.53 4.68 87.09
N THR E 198 -92.59 4.71 86.27
CA THR E 198 -93.99 4.82 86.68
C THR E 198 -94.31 6.25 87.11
N GLN E 199 -93.75 7.23 86.41
CA GLN E 199 -94.11 8.64 86.54
C GLN E 199 -93.97 9.12 87.98
N ASP E 200 -92.78 8.95 88.53
CA ASP E 200 -92.48 9.39 89.89
C ASP E 200 -92.01 10.85 89.84
N GLY E 201 -91.25 11.28 90.83
CA GLY E 201 -90.75 12.64 90.87
C GLY E 201 -89.59 12.84 89.91
N THR E 202 -89.04 14.06 89.97
CA THR E 202 -87.86 14.47 89.18
C THR E 202 -88.14 14.34 87.68
N TYR E 203 -88.98 15.25 87.21
CA TYR E 203 -89.23 15.38 85.77
C TYR E 203 -88.02 15.99 85.07
N GLY E 204 -87.75 15.52 83.86
CA GLY E 204 -86.84 16.22 82.97
C GLY E 204 -85.37 15.99 83.23
N TYR E 205 -85.00 15.22 84.25
CA TYR E 205 -83.61 15.01 84.59
C TYR E 205 -83.24 13.56 84.27
N THR E 206 -82.48 13.38 83.20
CA THR E 206 -81.87 12.09 82.88
C THR E 206 -80.47 12.02 83.46
N THR E 207 -80.00 10.80 83.69
CA THR E 207 -78.64 10.59 84.19
C THR E 207 -77.64 10.38 83.08
N LEU E 208 -78.07 10.41 81.81
CA LEU E 208 -77.14 10.26 80.71
C LEU E 208 -76.30 11.52 80.55
N ASN E 209 -76.90 12.69 80.70
CA ASN E 209 -76.18 13.96 80.56
C ASN E 209 -75.60 14.41 81.90
N ALA E 210 -74.88 13.50 82.55
CA ALA E 210 -74.09 13.82 83.73
C ALA E 210 -72.62 13.87 83.31
N MET E 211 -71.93 14.95 83.70
CA MET E 211 -70.60 15.20 83.22
C MET E 211 -69.52 15.10 84.29
N GLY E 212 -69.89 15.15 85.56
CA GLY E 212 -68.94 15.06 86.64
C GLY E 212 -68.99 16.28 87.52
N LYS E 213 -68.00 16.38 88.40
CA LYS E 213 -67.87 17.51 89.30
C LYS E 213 -66.40 17.95 89.32
N LEU E 214 -66.14 19.07 90.00
CA LEU E 214 -64.82 19.71 89.92
C LEU E 214 -64.46 20.31 91.29
N TYR E 215 -63.83 19.50 92.13
CA TYR E 215 -63.46 19.91 93.48
C TYR E 215 -62.09 20.56 93.49
N ILE E 216 -62.01 21.76 94.08
CA ILE E 216 -60.84 22.62 93.98
C ILE E 216 -60.45 23.04 95.39
N ARG E 217 -59.18 22.89 95.75
CA ARG E 217 -58.72 23.28 97.06
C ARG E 217 -57.27 23.73 96.99
N HIS E 218 -56.83 24.37 98.07
CA HIS E 218 -55.41 24.56 98.31
C HIS E 218 -54.82 23.26 98.82
N VAL E 219 -53.60 22.94 98.37
CA VAL E 219 -52.90 21.79 98.96
C VAL E 219 -52.07 22.20 100.17
N ASN E 220 -51.87 23.49 100.38
CA ASN E 220 -51.14 23.95 101.55
C ASN E 220 -51.99 23.70 102.80
N ARG E 221 -51.36 23.11 103.82
CA ARG E 221 -52.13 22.67 104.99
C ARG E 221 -52.61 23.86 105.81
N SER E 222 -51.79 24.89 105.93
CA SER E 222 -52.14 26.05 106.74
C SER E 222 -51.40 27.27 106.22
N SER E 223 -51.60 28.39 106.91
CA SER E 223 -50.96 29.66 106.57
C SER E 223 -50.96 30.53 107.81
N PRO E 224 -50.00 31.45 107.93
CA PRO E 224 -50.01 32.36 109.09
C PRO E 224 -51.21 33.30 109.08
N HIS E 225 -51.51 33.90 107.94
CA HIS E 225 -52.67 34.76 107.78
C HIS E 225 -53.69 34.10 106.86
N GLN E 226 -54.78 34.82 106.58
CA GLN E 226 -55.87 34.30 105.76
C GLN E 226 -55.62 34.61 104.29
N ILE E 227 -55.76 33.59 103.45
CA ILE E 227 -55.63 33.73 102.01
C ILE E 227 -56.93 33.26 101.38
N THR E 228 -57.55 34.12 100.58
CA THR E 228 -58.86 33.84 99.98
C THR E 228 -58.67 33.78 98.47
N SER E 229 -58.68 32.57 97.92
CA SER E 229 -58.43 32.37 96.51
C SER E 229 -59.75 32.39 95.73
N THR E 230 -59.67 32.87 94.50
CA THR E 230 -60.82 32.97 93.60
C THR E 230 -60.50 32.21 92.33
N ILE E 231 -61.42 31.36 91.90
CA ILE E 231 -61.22 30.54 90.71
C ILE E 231 -62.30 30.87 89.69
N ARG E 232 -61.90 30.90 88.42
CA ARG E 232 -62.80 31.18 87.30
C ARG E 232 -62.63 30.06 86.29
N VAL E 233 -63.62 29.18 86.19
CA VAL E 233 -63.54 28.02 85.31
C VAL E 233 -64.03 28.43 83.93
N TYR E 234 -63.19 28.19 82.92
CA TYR E 234 -63.50 28.55 81.54
C TYR E 234 -63.86 27.29 80.76
N PHE E 235 -65.17 27.07 80.62
CA PHE E 235 -65.71 25.92 79.94
C PHE E 235 -65.62 26.13 78.43
N LYS E 236 -65.28 25.06 77.71
CA LYS E 236 -65.24 25.12 76.26
C LYS E 236 -65.62 23.79 75.62
N PRO E 237 -66.69 23.74 74.84
CA PRO E 237 -66.97 22.53 74.07
C PRO E 237 -65.93 22.35 72.98
N LYS E 238 -65.63 21.09 72.67
CA LYS E 238 -64.62 20.79 71.67
C LYS E 238 -65.03 19.55 70.88
N HIS E 239 -64.69 19.54 69.60
CA HIS E 239 -65.05 18.46 68.67
C HIS E 239 -66.54 18.16 68.77
N ILE E 240 -67.34 19.20 68.60
CA ILE E 240 -68.76 19.16 68.94
C ILE E 240 -69.57 18.78 67.72
N LYS E 241 -70.49 17.83 67.91
CA LYS E 241 -71.52 17.49 66.95
C LYS E 241 -72.86 17.76 67.58
N ALA E 242 -73.87 18.02 66.74
CA ALA E 242 -75.18 18.41 67.24
C ALA E 242 -76.26 17.87 66.31
N TRP E 243 -77.32 17.33 66.89
CA TRP E 243 -78.43 16.75 66.14
C TRP E 243 -79.72 17.44 66.53
N VAL E 244 -80.71 17.30 65.65
CA VAL E 244 -82.09 17.71 65.90
C VAL E 244 -82.15 19.18 66.28
N PRO E 245 -82.18 20.10 65.31
CA PRO E 245 -82.30 21.51 65.66
C PRO E 245 -83.64 21.79 66.32
N ARG E 246 -83.74 22.98 66.91
CA ARG E 246 -84.79 23.28 67.87
C ARG E 246 -84.99 24.78 67.87
N PRO E 247 -86.21 25.28 68.04
CA PRO E 247 -86.40 26.72 67.96
C PRO E 247 -85.76 27.41 69.15
N PRO E 248 -85.35 28.66 69.01
CA PRO E 248 -84.68 29.35 70.11
C PRO E 248 -85.61 29.65 71.28
N ARG E 249 -85.00 29.79 72.44
CA ARG E 249 -85.71 30.19 73.65
C ARG E 249 -86.32 31.58 73.48
N LEU E 250 -87.58 31.73 73.88
CA LEU E 250 -88.26 33.02 73.83
C LEU E 250 -88.37 33.66 75.21
N CYS E 251 -88.83 32.90 76.20
CA CYS E 251 -89.06 33.40 77.54
C CYS E 251 -87.77 33.42 78.34
N PRO E 252 -87.68 34.27 79.36
CA PRO E 252 -86.51 34.25 80.24
C PRO E 252 -86.47 33.00 81.11
N TYR E 253 -85.26 32.66 81.56
CA TYR E 253 -85.06 31.48 82.39
C TYR E 253 -85.45 31.74 83.83
N ILE E 254 -86.01 30.73 84.48
CA ILE E 254 -86.43 30.83 85.87
C ILE E 254 -85.40 30.16 86.77
N ASN E 255 -85.20 28.85 86.57
CA ASN E 255 -84.35 28.04 87.43
C ASN E 255 -83.42 27.20 86.56
N LYS E 256 -82.30 26.78 87.18
CA LYS E 256 -81.20 26.16 86.46
C LYS E 256 -81.34 24.65 86.31
N ARG E 257 -82.46 24.07 86.75
CA ARG E 257 -82.68 22.63 86.62
C ARG E 257 -84.00 22.30 85.96
N ASP E 258 -84.70 23.28 85.41
CA ASP E 258 -86.01 23.05 84.83
C ASP E 258 -86.20 23.98 83.65
N VAL E 259 -87.32 23.79 82.94
CA VAL E 259 -87.66 24.56 81.75
C VAL E 259 -88.83 25.50 82.02
N ASN E 260 -89.17 25.70 83.30
CA ASN E 260 -90.33 26.50 83.67
C ASN E 260 -90.14 27.95 83.24
N PHE E 261 -91.25 28.61 82.90
CA PHE E 261 -91.16 29.93 82.30
C PHE E 261 -92.45 30.69 82.58
N VAL E 262 -92.38 31.99 82.35
CA VAL E 262 -93.53 32.88 82.38
C VAL E 262 -93.93 33.18 80.96
N VAL E 263 -95.24 33.21 80.68
CA VAL E 263 -95.70 33.40 79.32
C VAL E 263 -95.31 34.80 78.84
N THR E 264 -94.45 34.85 77.83
CA THR E 264 -93.91 36.09 77.31
C THR E 264 -94.56 36.39 75.96
N GLU E 265 -94.58 37.66 75.60
CA GLU E 265 -95.10 38.08 74.31
C GLU E 265 -94.19 37.60 73.20
N ILE E 266 -94.76 37.41 72.01
CA ILE E 266 -93.99 36.88 70.89
C ILE E 266 -92.91 37.87 70.46
N THR E 267 -93.31 39.05 70.01
CA THR E 267 -92.39 40.09 69.60
C THR E 267 -92.76 41.39 70.32
N ASP E 268 -91.92 42.41 70.13
CA ASP E 268 -92.26 43.73 70.63
C ASP E 268 -93.42 44.28 69.83
N SER E 269 -94.33 44.98 70.51
CA SER E 269 -95.53 45.44 69.84
C SER E 269 -95.27 46.74 69.10
N ARG E 270 -96.06 46.97 68.06
CA ARG E 270 -96.10 48.24 67.36
C ARG E 270 -97.52 48.78 67.40
N THR E 271 -97.71 49.98 66.84
CA THR E 271 -98.97 50.69 66.99
C THR E 271 -100.07 50.07 66.15
N SER E 272 -99.88 49.98 64.84
CA SER E 272 -100.85 49.39 63.94
C SER E 272 -100.16 48.34 63.07
N ILE E 273 -100.96 47.67 62.24
CA ILE E 273 -100.43 46.66 61.33
C ILE E 273 -99.73 47.28 60.14
N THR E 274 -99.96 48.57 59.86
CA THR E 274 -99.49 49.19 58.63
C THR E 274 -98.38 50.22 58.84
N ASP E 275 -98.07 50.59 60.08
CA ASP E 275 -97.04 51.59 60.32
C ASP E 275 -95.65 50.97 60.25
N VAL F 13 -107.05 8.83 45.41
CA VAL F 13 -107.56 8.06 46.53
C VAL F 13 -106.87 6.70 46.62
N ARG F 14 -106.09 6.50 47.68
CA ARG F 14 -105.38 5.26 47.92
C ARG F 14 -105.88 4.65 49.22
N SER F 15 -106.27 3.37 49.15
CA SER F 15 -106.81 2.66 50.30
C SER F 15 -105.69 1.80 50.88
N MET F 16 -104.93 2.39 51.80
CA MET F 16 -103.85 1.65 52.45
C MET F 16 -104.42 0.64 53.43
N THR F 17 -103.70 -0.47 53.61
CA THR F 17 -104.07 -1.49 54.57
C THR F 17 -102.82 -2.00 55.27
N LEU F 18 -102.94 -2.28 56.56
CA LEU F 18 -101.85 -2.86 57.34
C LEU F 18 -102.47 -3.83 58.33
N GLY F 19 -102.19 -5.13 58.14
CA GLY F 19 -102.74 -6.13 59.02
C GLY F 19 -104.24 -6.28 58.83
N ASN F 20 -105.00 -5.92 59.87
CA ASN F 20 -106.45 -5.92 59.83
C ASN F 20 -107.00 -4.52 60.07
N SER F 21 -106.38 -3.52 59.46
CA SER F 21 -106.80 -2.13 59.60
C SER F 21 -106.60 -1.43 58.27
N THR F 22 -107.70 -0.99 57.65
CA THR F 22 -107.66 -0.31 56.38
C THR F 22 -108.22 1.10 56.57
N ILE F 23 -107.47 2.09 56.08
CA ILE F 23 -107.93 3.47 56.05
C ILE F 23 -107.98 3.91 54.59
N THR F 24 -108.64 5.04 54.36
CA THR F 24 -108.76 5.62 53.02
C THR F 24 -108.07 6.97 53.02
N THR F 25 -107.04 7.11 52.20
CA THR F 25 -106.23 8.31 52.14
C THR F 25 -106.43 9.04 50.82
N GLN F 26 -105.93 10.27 50.78
CA GLN F 26 -106.05 11.12 49.60
C GLN F 26 -104.68 11.31 48.94
N ASN F 30 -98.76 14.29 50.24
CA ASN F 30 -97.37 13.85 50.16
C ASN F 30 -96.74 13.70 51.55
N VAL F 31 -95.93 12.66 51.72
CA VAL F 31 -95.43 12.28 53.03
C VAL F 31 -94.27 13.20 53.41
N VAL F 32 -94.29 13.69 54.65
CA VAL F 32 -93.16 14.46 55.20
C VAL F 32 -92.35 13.46 56.02
N VAL F 33 -91.33 12.90 55.40
CA VAL F 33 -90.42 11.99 56.09
C VAL F 33 -89.57 12.80 57.05
N GLY F 34 -89.67 12.50 58.34
CA GLY F 34 -89.04 13.33 59.35
C GLY F 34 -87.53 13.20 59.30
N TYR F 35 -86.84 14.33 59.10
CA TYR F 35 -85.38 14.38 59.04
C TYR F 35 -84.81 13.51 57.93
N GLY F 36 -85.56 13.37 56.83
CA GLY F 36 -85.03 12.72 55.65
C GLY F 36 -84.68 11.26 55.82
N GLU F 37 -85.10 10.63 56.91
CA GLU F 37 -84.78 9.24 57.17
C GLU F 37 -86.05 8.44 57.42
N TRP F 38 -86.07 7.23 56.90
CA TRP F 38 -87.13 6.26 57.08
C TRP F 38 -86.78 5.40 58.26
N PRO F 39 -87.73 5.08 59.14
CA PRO F 39 -87.38 4.25 60.30
C PRO F 39 -86.80 2.93 59.86
N SER F 40 -85.94 2.35 60.70
CA SER F 40 -85.29 1.11 60.36
C SER F 40 -84.98 0.35 61.64
N TYR F 41 -84.60 -0.92 61.47
CA TYR F 41 -84.20 -1.71 62.62
C TYR F 41 -82.81 -1.29 63.09
N LEU F 42 -82.40 -1.85 64.23
CA LEU F 42 -81.18 -1.41 64.88
C LEU F 42 -79.93 -1.92 64.17
N SER F 43 -80.02 -3.03 63.46
CA SER F 43 -78.88 -3.56 62.73
C SER F 43 -78.56 -2.70 61.51
N THR F 48 -75.62 -8.53 68.18
CA THR F 48 -74.89 -8.87 69.40
C THR F 48 -75.64 -9.97 70.16
N ALA F 49 -74.89 -10.93 70.70
CA ALA F 49 -75.47 -11.99 71.51
C ALA F 49 -75.56 -11.63 72.99
N GLU F 50 -74.93 -10.53 73.42
CA GLU F 50 -75.06 -10.08 74.80
C GLU F 50 -76.41 -9.41 75.04
N ASP F 51 -76.92 -8.71 74.03
CA ASP F 51 -78.27 -8.14 74.05
C ASP F 51 -78.90 -8.37 72.69
N GLN F 52 -80.06 -9.03 72.67
CA GLN F 52 -80.68 -9.44 71.41
C GLN F 52 -82.09 -8.87 71.31
N PRO F 53 -82.39 -8.10 70.27
CA PRO F 53 -83.75 -7.57 70.12
C PRO F 53 -84.72 -8.57 69.53
N THR F 54 -86.00 -8.38 69.85
CA THR F 54 -87.10 -9.15 69.29
C THR F 54 -87.92 -8.23 68.38
N GLN F 55 -88.15 -8.67 67.15
CA GLN F 55 -88.91 -7.88 66.20
C GLN F 55 -90.32 -8.45 66.10
N PRO F 56 -91.34 -7.77 66.62
CA PRO F 56 -92.71 -8.33 66.55
C PRO F 56 -93.26 -8.44 65.14
N ASP F 57 -93.17 -7.37 64.34
CA ASP F 57 -93.67 -7.36 62.96
C ASP F 57 -95.17 -7.69 62.93
N VAL F 58 -95.54 -8.88 63.40
CA VAL F 58 -96.94 -9.26 63.48
C VAL F 58 -97.70 -8.26 64.33
N ALA F 59 -98.88 -7.85 63.85
CA ALA F 59 -99.71 -6.82 64.47
C ALA F 59 -98.83 -5.58 64.64
N THR F 60 -98.90 -4.86 65.77
CA THR F 60 -98.09 -3.67 66.03
C THR F 60 -98.08 -2.64 64.91
N CYS F 61 -97.94 -3.09 63.66
CA CYS F 61 -97.84 -2.21 62.51
C CYS F 61 -99.20 -1.74 61.98
N ARG F 62 -100.30 -2.25 62.53
CA ARG F 62 -101.62 -1.88 62.03
C ARG F 62 -101.95 -0.45 62.43
N PHE F 63 -103.01 0.10 61.83
CA PHE F 63 -103.39 1.47 62.09
C PHE F 63 -104.22 1.59 63.37
N TYR F 64 -103.79 2.46 64.27
CA TYR F 64 -104.48 2.73 65.53
C TYR F 64 -105.11 4.11 65.41
N THR F 65 -106.39 4.13 65.03
CA THR F 65 -107.12 5.40 64.91
C THR F 65 -107.56 5.86 66.28
N LEU F 66 -107.10 7.06 66.68
CA LEU F 66 -107.50 7.63 67.95
C LEU F 66 -108.91 8.20 67.83
N GLU F 67 -109.43 8.70 68.94
CA GLU F 67 -110.75 9.32 68.93
C GLU F 67 -110.71 10.63 68.16
N SER F 68 -111.74 10.87 67.36
CA SER F 68 -111.78 12.07 66.54
C SER F 68 -111.97 13.30 67.43
N VAL F 69 -111.34 14.40 67.04
CA VAL F 69 -111.25 15.60 67.85
C VAL F 69 -112.01 16.72 67.13
N GLN F 70 -113.00 17.30 67.81
CA GLN F 70 -113.80 18.35 67.22
C GLN F 70 -113.08 19.68 67.32
N TRP F 71 -112.92 20.34 66.17
CA TRP F 71 -112.22 21.61 66.06
C TRP F 71 -113.24 22.71 65.84
N GLU F 72 -113.48 23.52 66.87
CA GLU F 72 -114.43 24.62 66.81
C GLU F 72 -113.68 25.92 66.49
N LYS F 73 -114.41 27.04 66.54
CA LYS F 73 -113.79 28.34 66.29
C LYS F 73 -112.86 28.76 67.41
N THR F 74 -113.06 28.25 68.62
CA THR F 74 -112.32 28.69 69.79
C THR F 74 -111.33 27.64 70.29
N SER F 75 -111.01 26.65 69.47
CA SER F 75 -110.06 25.62 69.88
C SER F 75 -108.64 26.17 69.76
N PRO F 76 -107.83 26.09 70.82
CA PRO F 76 -106.46 26.61 70.75
C PRO F 76 -105.44 25.60 70.27
N GLY F 77 -105.72 24.31 70.43
CA GLY F 77 -104.78 23.29 69.99
C GLY F 77 -104.90 22.03 70.84
N TRP F 78 -104.04 21.07 70.51
CA TRP F 78 -104.01 19.78 71.19
C TRP F 78 -102.56 19.29 71.22
N TRP F 79 -102.29 18.33 72.11
CA TRP F 79 -101.05 17.59 72.00
C TRP F 79 -101.25 16.17 72.51
N TRP F 80 -100.54 15.24 71.89
CA TRP F 80 -100.43 13.85 72.32
C TRP F 80 -98.97 13.58 72.60
N LYS F 81 -98.68 12.80 73.64
CA LYS F 81 -97.32 12.36 73.93
C LYS F 81 -97.23 10.86 73.72
N PHE F 82 -96.48 10.48 72.74
CA PHE F 82 -96.05 9.19 72.25
C PHE F 82 -94.67 8.86 72.84
N PRO F 83 -94.28 7.58 72.93
CA PRO F 83 -94.94 6.35 72.49
C PRO F 83 -96.14 5.92 73.35
N GLU F 84 -96.27 6.50 74.54
CA GLU F 84 -97.21 5.99 75.52
C GLU F 84 -98.63 6.51 75.30
N ALA F 85 -98.88 7.28 74.25
CA ALA F 85 -100.26 7.57 73.89
C ALA F 85 -100.96 6.32 73.40
N LEU F 86 -100.19 5.34 72.93
CA LEU F 86 -100.70 4.04 72.49
C LEU F 86 -100.59 2.98 73.58
N LYS F 87 -100.61 3.37 74.85
CA LYS F 87 -100.34 2.42 75.92
C LYS F 87 -101.52 1.48 76.18
N ASN F 88 -102.71 1.81 75.66
CA ASN F 88 -103.87 0.95 75.77
C ASN F 88 -104.35 0.49 74.40
N MET F 89 -103.50 0.60 73.37
CA MET F 89 -103.90 0.30 71.99
C MET F 89 -103.37 -1.08 71.61
N GLY F 90 -104.10 -2.11 72.00
CA GLY F 90 -103.91 -3.42 71.41
C GLY F 90 -102.60 -4.07 71.81
N LEU F 91 -102.00 -4.77 70.85
CA LEU F 91 -100.76 -5.50 71.11
C LEU F 91 -99.59 -4.54 71.32
N PHE F 92 -99.59 -3.38 70.65
CA PHE F 92 -98.53 -2.41 70.89
C PHE F 92 -98.60 -1.86 72.30
N GLY F 93 -99.81 -1.63 72.81
CA GLY F 93 -99.96 -1.21 74.19
C GLY F 93 -99.81 -2.31 75.20
N GLN F 94 -99.79 -3.56 74.75
CA GLN F 94 -99.54 -4.69 75.64
C GLN F 94 -98.08 -5.13 75.64
N ASN F 95 -97.38 -5.00 74.51
CA ASN F 95 -95.93 -5.24 74.52
C ASN F 95 -95.16 -4.17 75.28
N MET F 96 -95.79 -3.04 75.61
CA MET F 96 -95.13 -2.06 76.46
C MET F 96 -95.00 -2.56 77.89
N HIS F 97 -95.91 -3.43 78.32
CA HIS F 97 -95.88 -3.95 79.69
C HIS F 97 -94.97 -5.17 79.86
N TYR F 98 -94.69 -5.90 78.79
CA TYR F 98 -93.87 -7.10 78.90
C TYR F 98 -92.40 -6.87 78.56
N HIS F 99 -92.11 -5.90 77.71
CA HIS F 99 -90.74 -5.51 77.38
C HIS F 99 -90.49 -4.12 77.94
N TYR F 100 -89.33 -3.92 78.56
CA TYR F 100 -89.00 -2.62 79.15
C TYR F 100 -88.09 -1.79 78.27
N LEU F 101 -87.86 -2.23 77.03
CA LEU F 101 -87.08 -1.49 76.06
C LEU F 101 -87.74 -1.63 74.69
N GLY F 102 -87.70 -0.55 73.90
CA GLY F 102 -88.32 -0.61 72.58
C GLY F 102 -88.07 0.65 71.79
N ARG F 103 -88.51 0.60 70.53
CA ARG F 103 -88.36 1.69 69.58
C ARG F 103 -89.32 1.44 68.42
N ALA F 104 -89.75 2.52 67.76
CA ALA F 104 -90.71 2.41 66.67
C ALA F 104 -90.63 3.66 65.80
N GLY F 105 -91.50 3.73 64.78
CA GLY F 105 -91.43 4.77 63.76
C GLY F 105 -92.62 5.69 63.61
N TYR F 106 -93.83 5.17 63.82
CA TYR F 106 -95.05 5.98 63.99
C TYR F 106 -95.34 6.85 62.77
N THR F 107 -95.84 6.20 61.71
CA THR F 107 -96.49 6.94 60.63
C THR F 107 -97.81 7.53 61.13
N ILE F 108 -97.94 8.85 61.05
CA ILE F 108 -99.06 9.57 61.64
C ILE F 108 -99.86 10.24 60.53
N HIS F 109 -101.05 9.72 60.25
CA HIS F 109 -101.99 10.37 59.34
C HIS F 109 -102.91 11.29 60.14
N VAL F 110 -103.16 12.48 59.60
CA VAL F 110 -104.07 13.44 60.23
C VAL F 110 -105.00 13.96 59.14
N GLN F 111 -106.20 13.42 59.08
CA GLN F 111 -107.26 13.94 58.22
C GLN F 111 -108.04 15.03 58.95
N CYS F 112 -108.84 15.76 58.19
CA CYS F 112 -109.70 16.80 58.75
C CYS F 112 -111.12 16.77 58.21
N ASN F 113 -111.35 16.15 57.06
CA ASN F 113 -112.66 15.97 56.42
C ASN F 113 -113.65 17.09 56.71
N ALA F 114 -113.22 18.33 56.52
CA ALA F 114 -114.11 19.47 56.58
C ALA F 114 -114.87 19.58 55.26
N SER F 115 -115.71 20.61 55.14
CA SER F 115 -116.47 20.82 53.93
C SER F 115 -115.68 21.72 52.99
N LYS F 116 -116.37 22.27 51.99
CA LYS F 116 -115.77 23.18 51.03
C LYS F 116 -115.98 24.64 51.43
N PHE F 117 -116.91 24.91 52.35
CA PHE F 117 -117.17 26.25 52.83
C PHE F 117 -116.49 26.55 54.16
N HIS F 118 -115.90 25.55 54.82
CA HIS F 118 -115.09 25.80 55.99
C HIS F 118 -113.72 26.33 55.59
N GLN F 119 -113.14 27.14 56.46
CA GLN F 119 -111.80 27.68 56.24
C GLN F 119 -111.00 27.55 57.51
N GLY F 120 -109.68 27.44 57.36
CA GLY F 120 -108.80 27.30 58.50
C GLY F 120 -107.46 26.75 58.07
N CYS F 121 -106.59 26.59 59.06
CA CYS F 121 -105.24 26.10 58.81
C CYS F 121 -104.70 25.49 60.10
N LEU F 122 -104.01 24.37 59.96
CA LEU F 122 -103.42 23.65 61.09
C LEU F 122 -101.93 23.49 60.90
N LEU F 123 -101.21 23.48 62.02
CA LEU F 123 -99.81 23.06 62.06
C LEU F 123 -99.76 21.70 62.72
N VAL F 124 -99.37 20.69 61.94
CA VAL F 124 -99.22 19.32 62.44
C VAL F 124 -97.72 19.07 62.56
N VAL F 125 -97.21 19.11 63.79
CA VAL F 125 -95.79 19.05 64.08
C VAL F 125 -95.57 18.02 65.18
N CYS F 126 -94.36 17.46 65.21
CA CYS F 126 -94.10 16.29 66.04
C CYS F 126 -93.19 16.55 67.23
N VAL F 127 -92.25 17.49 67.12
CA VAL F 127 -91.51 18.03 68.27
C VAL F 127 -90.89 16.91 69.10
N PRO F 128 -89.77 16.33 68.68
CA PRO F 128 -89.09 15.35 69.55
C PRO F 128 -88.57 16.03 70.83
N GLU F 129 -88.72 15.32 71.94
CA GLU F 129 -88.24 15.78 73.25
C GLU F 129 -88.86 17.11 73.66
N ALA F 130 -90.19 17.16 73.69
CA ALA F 130 -90.91 18.35 74.12
C ALA F 130 -90.99 18.33 75.65
N GLU F 131 -89.97 18.87 76.29
CA GLU F 131 -90.00 19.05 77.74
C GLU F 131 -90.82 20.30 78.05
N MET F 132 -91.98 20.11 78.66
CA MET F 132 -92.89 21.22 78.89
C MET F 132 -92.72 21.78 80.30
N GLY F 133 -93.19 23.01 80.48
CA GLY F 133 -92.97 23.76 81.70
C GLY F 133 -94.24 23.85 82.54
N CYS F 134 -94.06 23.90 83.85
CA CYS F 134 -95.18 23.98 84.78
C CYS F 134 -95.83 25.35 84.71
N ALA F 135 -97.10 25.40 85.14
CA ALA F 135 -97.90 26.61 84.96
C ALA F 135 -97.48 27.70 85.94
N ASP F 136 -97.34 27.35 87.22
CA ASP F 136 -96.75 28.23 88.21
C ASP F 136 -95.38 27.68 88.60
N THR F 137 -94.33 28.34 88.16
CA THR F 137 -92.98 27.84 88.40
C THR F 137 -92.62 27.96 89.88
N ASP F 138 -91.55 27.24 90.24
CA ASP F 138 -91.05 26.85 91.58
C ASP F 138 -91.63 25.52 92.05
N THR F 139 -92.34 24.80 91.18
CA THR F 139 -92.91 23.51 91.54
C THR F 139 -93.05 22.65 90.28
N THR F 140 -93.49 21.41 90.49
CA THR F 140 -93.69 20.44 89.42
C THR F 140 -95.17 20.10 89.28
N PHE F 141 -95.49 19.28 88.28
CA PHE F 141 -96.85 18.82 88.02
C PHE F 141 -96.99 17.32 88.27
N PRO F 142 -98.19 16.85 88.59
CA PRO F 142 -98.37 15.46 89.06
C PRO F 142 -98.34 14.37 87.98
N ALA F 143 -97.70 14.62 86.85
CA ALA F 143 -97.35 13.57 85.89
C ALA F 143 -98.56 13.03 85.13
N THR F 144 -99.77 13.30 85.61
CA THR F 144 -100.99 13.00 84.87
C THR F 144 -101.50 14.21 84.12
N GLU F 145 -100.72 15.29 84.09
CA GLU F 145 -101.05 16.50 83.35
C GLU F 145 -100.38 16.53 81.97
N LEU F 146 -99.29 15.79 81.79
CA LEU F 146 -98.69 15.71 80.47
C LEU F 146 -99.49 14.83 79.53
N THR F 147 -100.04 13.72 80.03
CA THR F 147 -100.68 12.76 79.15
C THR F 147 -101.92 12.16 79.81
N THR F 148 -102.95 11.96 79.00
CA THR F 148 -104.14 11.18 79.37
C THR F 148 -104.29 10.16 78.25
N GLU F 149 -103.38 9.19 78.22
CA GLU F 149 -103.19 8.20 77.16
C GLU F 149 -103.80 8.60 75.81
N ASP F 150 -104.99 8.09 75.53
CA ASP F 150 -105.62 8.32 74.23
C ASP F 150 -106.08 9.76 74.05
N THR F 151 -106.67 10.36 75.10
CA THR F 151 -107.28 11.67 74.86
C THR F 151 -106.22 12.78 74.88
N PRO F 152 -106.42 13.83 74.10
CA PRO F 152 -105.43 14.92 74.04
C PRO F 152 -105.63 15.96 75.12
N HIS F 153 -104.52 16.46 75.64
CA HIS F 153 -104.54 17.69 76.42
C HIS F 153 -104.60 18.89 75.49
N VAL F 154 -105.59 19.75 75.69
CA VAL F 154 -105.72 20.94 74.88
C VAL F 154 -104.74 22.01 75.38
N PHE F 155 -104.40 22.93 74.49
CA PHE F 155 -103.72 24.14 74.90
C PHE F 155 -104.74 25.11 75.50
N THR F 156 -104.27 26.28 75.89
CA THR F 156 -105.16 27.35 76.33
C THR F 156 -104.84 28.61 75.54
N SER F 157 -105.79 29.54 75.52
CA SER F 157 -105.61 30.78 74.79
C SER F 157 -104.84 31.82 75.59
N ASP F 158 -104.84 31.72 76.91
CA ASP F 158 -104.10 32.65 77.75
C ASP F 158 -103.34 31.89 78.83
N SER F 159 -102.73 32.61 79.77
CA SER F 159 -101.95 31.98 80.82
C SER F 159 -102.86 31.34 81.87
N ILE F 160 -102.36 30.27 82.48
CA ILE F 160 -103.09 29.54 83.50
C ILE F 160 -102.17 29.31 84.69
N THR F 161 -102.78 29.02 85.84
CA THR F 161 -102.05 28.74 87.06
C THR F 161 -102.45 27.37 87.59
N GLY F 162 -101.76 26.92 88.62
CA GLY F 162 -101.98 25.60 89.17
C GLY F 162 -100.89 24.62 88.78
N LYS F 163 -100.87 23.48 89.48
CA LYS F 163 -99.82 22.47 89.28
C LYS F 163 -100.16 21.67 88.04
N LYS F 164 -99.92 22.27 86.88
CA LYS F 164 -100.16 21.61 85.60
C LYS F 164 -99.29 22.28 84.55
N VAL F 165 -99.43 21.83 83.30
CA VAL F 165 -98.57 22.29 82.23
C VAL F 165 -99.01 23.69 81.79
N GLN F 166 -98.03 24.58 81.61
CA GLN F 166 -98.32 25.88 81.05
C GLN F 166 -98.70 25.70 79.59
N ALA F 167 -100.00 25.54 79.32
CA ALA F 167 -100.49 25.17 78.01
C ALA F 167 -101.01 26.36 77.21
N ALA F 168 -100.41 27.53 77.41
CA ALA F 168 -100.78 28.69 76.61
C ALA F 168 -100.07 28.61 75.26
N VAL F 169 -100.84 28.74 74.18
CA VAL F 169 -100.24 28.93 72.87
C VAL F 169 -99.54 30.29 72.83
N CYS F 170 -98.68 30.46 71.83
CA CYS F 170 -97.60 31.43 71.66
C CYS F 170 -96.39 31.02 72.49
N ASN F 171 -96.54 30.07 73.40
CA ASN F 171 -95.44 29.51 74.18
C ASN F 171 -95.74 28.03 74.42
N ALA F 172 -95.91 27.28 73.33
CA ALA F 172 -96.67 26.04 73.28
C ALA F 172 -96.53 25.18 74.52
N GLY F 173 -95.36 24.59 74.73
CA GLY F 173 -95.05 23.96 75.98
C GLY F 173 -93.68 24.32 76.53
N MET F 174 -92.77 24.68 75.63
CA MET F 174 -91.34 24.68 75.90
C MET F 174 -90.76 26.07 76.13
N GLY F 175 -91.58 27.11 76.06
CA GLY F 175 -91.06 28.45 76.19
C GLY F 175 -90.49 29.02 74.92
N VAL F 176 -90.83 28.45 73.77
CA VAL F 176 -90.39 28.96 72.48
C VAL F 176 -91.57 29.69 71.83
N GLY F 177 -91.28 30.41 70.76
CA GLY F 177 -92.35 31.00 69.98
C GLY F 177 -93.09 29.90 69.22
N VAL F 178 -94.42 30.02 69.20
CA VAL F 178 -95.20 28.97 68.55
C VAL F 178 -95.20 29.12 67.03
N GLY F 179 -94.85 30.31 66.52
CA GLY F 179 -94.80 30.49 65.08
C GLY F 179 -93.62 29.77 64.45
N ASN F 180 -92.45 29.87 65.07
CA ASN F 180 -91.26 29.17 64.57
C ASN F 180 -91.13 27.79 65.21
N LEU F 181 -92.25 27.07 65.26
CA LEU F 181 -92.27 25.66 65.62
C LEU F 181 -92.19 24.79 64.37
N THR F 182 -91.90 25.41 63.23
CA THR F 182 -91.85 24.77 61.93
C THR F 182 -90.51 24.09 61.66
N ILE F 183 -89.55 24.25 62.57
CA ILE F 183 -88.23 23.63 62.42
C ILE F 183 -88.32 22.11 62.51
N PHE F 184 -89.36 21.59 63.14
CA PHE F 184 -89.50 20.15 63.33
C PHE F 184 -90.19 19.53 62.11
N PRO F 185 -90.29 18.19 62.06
CA PRO F 185 -91.11 17.57 61.02
C PRO F 185 -92.55 18.01 61.11
N HIS F 186 -93.01 18.76 60.12
CA HIS F 186 -94.31 19.42 60.17
C HIS F 186 -95.06 19.20 58.86
N GLN F 187 -96.32 19.62 58.87
CA GLN F 187 -97.16 19.64 57.68
C GLN F 187 -98.31 20.58 57.93
N TRP F 188 -98.56 21.48 56.97
CA TRP F 188 -99.70 22.39 57.07
C TRP F 188 -100.94 21.72 56.50
N ILE F 189 -102.07 21.87 57.19
CA ILE F 189 -103.33 21.42 56.65
C ILE F 189 -104.20 22.65 56.39
N ASN F 190 -104.10 23.19 55.18
CA ASN F 190 -104.92 24.33 54.77
C ASN F 190 -106.19 23.79 54.13
N LEU F 191 -107.33 24.05 54.77
CA LEU F 191 -108.60 23.49 54.30
C LEU F 191 -108.99 24.04 52.93
N ARG F 192 -108.37 25.14 52.52
CA ARG F 192 -108.57 25.63 51.16
C ARG F 192 -108.06 24.62 50.13
N THR F 193 -106.87 24.06 50.38
CA THR F 193 -106.22 23.16 49.43
C THR F 193 -106.37 21.69 49.83
N ASN F 194 -105.81 21.31 50.98
CA ASN F 194 -105.71 19.91 51.37
C ASN F 194 -106.43 19.67 52.69
N ASN F 195 -106.49 18.39 53.06
CA ASN F 195 -107.12 17.96 54.30
C ASN F 195 -106.29 16.96 55.08
N SER F 196 -105.34 16.28 54.46
CA SER F 196 -104.62 15.19 55.07
C SER F 196 -103.15 15.54 55.25
N ALA F 197 -102.57 15.01 56.32
CA ALA F 197 -101.15 15.14 56.61
C ALA F 197 -100.62 13.77 56.98
N THR F 198 -99.33 13.54 56.69
CA THR F 198 -98.70 12.29 57.08
C THR F 198 -97.24 12.55 57.37
N ILE F 199 -96.77 12.08 58.52
CA ILE F 199 -95.43 12.34 59.02
C ILE F 199 -94.83 11.02 59.48
N VAL F 200 -93.56 10.81 59.16
CA VAL F 200 -92.84 9.60 59.53
C VAL F 200 -91.64 10.02 60.37
N ILE F 201 -91.56 9.49 61.59
CA ILE F 201 -90.66 9.98 62.61
C ILE F 201 -89.75 8.82 63.03
N PRO F 202 -88.51 8.78 62.54
CA PRO F 202 -87.68 7.56 62.59
C PRO F 202 -86.95 7.31 63.91
N TYR F 203 -87.69 7.45 65.02
CA TYR F 203 -87.16 7.17 66.36
C TYR F 203 -85.90 7.99 66.65
N ILE F 204 -86.13 9.25 67.00
CA ILE F 204 -85.04 10.13 67.42
C ILE F 204 -84.79 9.94 68.92
N ASN F 205 -83.60 9.44 69.27
CA ASN F 205 -83.21 9.26 70.66
C ASN F 205 -81.70 9.11 70.72
N SER F 206 -81.14 9.38 71.92
CA SER F 206 -79.70 9.33 72.13
C SER F 206 -79.20 7.95 72.56
N VAL F 207 -80.10 7.01 72.81
CA VAL F 207 -79.75 5.64 73.20
C VAL F 207 -80.53 4.75 72.23
N PRO F 208 -79.99 3.59 71.79
CA PRO F 208 -80.69 2.82 70.76
C PRO F 208 -82.05 2.32 71.20
N MET F 209 -82.22 2.00 72.48
CA MET F 209 -83.51 1.54 72.99
C MET F 209 -83.75 2.19 74.35
N ASP F 210 -85.01 2.54 74.62
CA ASP F 210 -85.34 3.18 75.88
C ASP F 210 -86.71 2.69 76.34
N ASN F 211 -86.96 2.87 77.63
CA ASN F 211 -88.23 2.44 78.21
C ASN F 211 -89.37 3.29 77.67
N MET F 212 -90.51 2.66 77.42
CA MET F 212 -91.64 3.31 76.77
C MET F 212 -92.61 3.97 77.74
N PHE F 213 -92.40 3.85 79.04
CA PHE F 213 -93.24 4.55 80.01
C PHE F 213 -92.56 5.73 80.65
N ARG F 214 -91.24 5.69 80.81
CA ARG F 214 -90.52 6.84 81.37
C ARG F 214 -90.42 7.97 80.35
N HIS F 215 -90.03 7.64 79.12
CA HIS F 215 -89.58 8.64 78.16
C HIS F 215 -90.60 8.82 77.04
N TYR F 216 -90.98 10.07 76.80
CA TYR F 216 -91.89 10.44 75.72
C TYR F 216 -91.00 10.87 74.54
N ASN F 217 -90.96 10.05 73.49
CA ASN F 217 -90.00 10.28 72.43
C ASN F 217 -90.33 11.53 71.63
N PHE F 218 -91.62 11.78 71.37
CA PHE F 218 -92.01 12.99 70.68
C PHE F 218 -93.42 13.38 71.10
N THR F 219 -93.83 14.57 70.69
CA THR F 219 -95.11 15.16 71.11
C THR F 219 -95.85 15.67 69.89
N LEU F 220 -96.77 14.87 69.36
CA LEU F 220 -97.61 15.31 68.25
C LEU F 220 -98.55 16.39 68.76
N MET F 221 -98.34 17.63 68.32
CA MET F 221 -99.20 18.74 68.69
C MET F 221 -99.77 19.39 67.44
N ILE F 222 -101.08 19.58 67.41
CA ILE F 222 -101.81 20.15 66.28
C ILE F 222 -102.31 21.52 66.72
N ILE F 223 -101.85 22.56 66.05
CA ILE F 223 -102.09 23.93 66.50
C ILE F 223 -102.77 24.71 65.38
N PRO F 224 -103.99 25.20 65.58
CA PRO F 224 -104.67 26.01 64.55
C PRO F 224 -104.12 27.43 64.52
N PHE F 225 -103.38 27.74 63.46
CA PHE F 225 -102.92 29.11 63.24
C PHE F 225 -104.06 30.00 62.76
N ALA F 226 -104.58 29.73 61.58
CA ALA F 226 -105.77 30.47 61.19
C ALA F 226 -107.00 29.78 61.77
N PRO F 227 -107.85 30.49 62.49
CA PRO F 227 -108.95 29.83 63.20
C PRO F 227 -110.02 29.36 62.23
N LEU F 228 -110.78 28.36 62.70
CA LEU F 228 -111.90 27.87 61.90
C LEU F 228 -112.95 28.96 61.76
N ASN F 229 -113.57 29.04 60.58
CA ASN F 229 -114.65 29.97 60.39
C ASN F 229 -115.65 29.39 59.40
N PHE F 230 -116.91 29.77 59.57
CA PHE F 230 -118.02 29.28 58.77
C PHE F 230 -119.22 30.18 59.04
N THR F 231 -120.32 29.91 58.35
CA THR F 231 -121.54 30.67 58.52
C THR F 231 -122.55 29.85 59.33
N ASP F 232 -123.74 30.41 59.49
CA ASP F 232 -124.73 29.89 60.44
C ASP F 232 -125.46 28.66 59.95
N GLY F 233 -125.03 28.05 58.84
CA GLY F 233 -125.67 26.85 58.37
C GLY F 233 -124.81 25.61 58.45
N ALA F 234 -123.49 25.78 58.50
CA ALA F 234 -122.58 24.64 58.50
C ALA F 234 -122.54 23.99 59.88
N THR F 235 -121.85 22.86 59.95
CA THR F 235 -121.63 22.21 61.23
C THR F 235 -120.63 23.00 62.05
N ALA F 236 -120.90 23.12 63.35
CA ALA F 236 -120.16 24.03 64.21
C ALA F 236 -118.77 23.53 64.58
N TYR F 237 -118.28 22.51 63.89
CA TYR F 237 -116.98 21.91 64.22
C TYR F 237 -116.44 21.19 63.00
N VAL F 238 -115.17 20.81 63.08
CA VAL F 238 -114.50 20.01 62.07
C VAL F 238 -113.72 18.90 62.77
N PRO F 239 -114.12 17.63 62.61
CA PRO F 239 -113.47 16.55 63.36
C PRO F 239 -112.11 16.20 62.76
N ILE F 240 -111.08 16.23 63.59
CA ILE F 240 -109.71 15.92 63.18
C ILE F 240 -109.43 14.48 63.59
N THR F 241 -109.04 13.66 62.62
CA THR F 241 -108.84 12.23 62.84
C THR F 241 -107.35 11.91 62.82
N VAL F 242 -106.86 11.27 63.88
CA VAL F 242 -105.45 10.96 64.05
C VAL F 242 -105.28 9.45 63.99
N THR F 243 -104.31 9.00 63.20
CA THR F 243 -104.06 7.58 62.97
C THR F 243 -102.55 7.34 63.02
N ILE F 244 -102.13 6.40 63.86
CA ILE F 244 -100.71 6.14 64.09
C ILE F 244 -100.43 4.68 63.76
N ALA F 245 -99.40 4.45 62.95
CA ALA F 245 -98.96 3.10 62.61
C ALA F 245 -97.53 2.89 63.12
N PRO F 246 -97.34 2.15 64.22
CA PRO F 246 -95.97 1.93 64.73
C PRO F 246 -95.16 1.04 63.81
N MET F 247 -94.19 1.62 63.11
CA MET F 247 -93.40 0.88 62.13
C MET F 247 -92.05 0.48 62.72
N TYR F 248 -91.59 -0.71 62.33
CA TYR F 248 -90.27 -1.22 62.71
C TYR F 248 -90.09 -1.22 64.22
N ALA F 249 -91.13 -1.62 64.92
CA ALA F 249 -91.08 -1.71 66.37
C ALA F 249 -90.25 -2.94 66.74
N GLU F 250 -89.24 -2.76 67.56
CA GLU F 250 -88.47 -3.88 68.07
C GLU F 250 -88.18 -3.67 69.55
N TYR F 251 -88.02 -4.78 70.27
CA TYR F 251 -88.04 -4.82 71.71
C TYR F 251 -86.81 -5.58 72.18
N ASN F 252 -86.70 -5.79 73.49
CA ASN F 252 -85.58 -6.60 73.97
C ASN F 252 -85.94 -8.08 73.88
N GLY F 253 -84.95 -8.92 74.17
CA GLY F 253 -85.16 -10.35 74.15
C GLY F 253 -85.55 -10.86 75.53
N LEU F 254 -86.45 -11.84 75.54
CA LEU F 254 -86.90 -12.45 76.79
C LEU F 254 -86.34 -13.85 76.99
N ARG F 255 -85.83 -14.48 75.94
CA ARG F 255 -85.26 -15.81 75.97
C ARG F 255 -83.83 -15.77 76.51
N LEU F 256 -83.35 -16.93 76.94
CA LEU F 256 -81.95 -17.07 77.32
C LEU F 256 -81.07 -17.15 76.08
N ALA F 257 -79.76 -17.04 76.29
CA ALA F 257 -78.81 -17.18 75.19
C ALA F 257 -77.97 -18.44 75.36
N GLY G 1 -29.98 20.62 75.59
CA GLY G 1 -30.73 20.09 74.46
C GLY G 1 -30.99 21.10 73.38
N VAL G 2 -32.25 21.19 72.95
CA VAL G 2 -32.64 22.09 71.87
C VAL G 2 -32.73 23.52 72.41
N PRO G 3 -31.96 24.47 71.86
CA PRO G 3 -32.05 25.84 72.34
C PRO G 3 -33.35 26.51 71.89
N VAL G 4 -34.25 26.75 72.82
CA VAL G 4 -35.50 27.41 72.53
C VAL G 4 -35.48 28.77 73.22
N LEU G 5 -36.34 29.68 72.74
CA LEU G 5 -36.52 30.96 73.39
C LEU G 5 -37.99 31.34 73.35
N ASN G 6 -38.54 31.69 74.51
CA ASN G 6 -39.95 32.01 74.62
C ASN G 6 -40.24 33.39 74.03
N THR G 7 -41.23 33.42 73.14
CA THR G 7 -41.66 34.65 72.50
C THR G 7 -42.59 35.42 73.45
N PRO G 8 -42.90 36.67 73.14
CA PRO G 8 -44.03 37.32 73.82
C PRO G 8 -45.31 36.56 73.53
N GLY G 9 -46.10 36.33 74.58
CA GLY G 9 -47.27 35.48 74.48
C GLY G 9 -47.11 34.11 75.07
N SER G 10 -45.99 33.82 75.72
CA SER G 10 -45.80 32.56 76.42
C SER G 10 -46.40 32.66 77.82
N ASN G 11 -46.89 31.52 78.32
CA ASN G 11 -47.46 31.44 79.66
C ASN G 11 -48.63 32.41 79.85
N GLN G 12 -49.34 32.72 78.77
CA GLN G 12 -50.57 33.50 78.85
C GLN G 12 -51.74 32.60 78.55
N PHE G 13 -52.94 33.10 78.82
CA PHE G 13 -54.17 32.37 78.54
C PHE G 13 -55.03 33.23 77.63
N LEU G 14 -54.86 33.05 76.32
CA LEU G 14 -55.77 33.61 75.34
C LEU G 14 -57.04 32.77 75.34
N THR G 15 -58.19 33.44 75.48
CA THR G 15 -59.46 32.72 75.62
C THR G 15 -59.78 31.95 74.34
N SER G 16 -59.51 32.53 73.18
CA SER G 16 -59.79 31.91 71.88
C SER G 16 -58.50 31.35 71.31
N ASP G 17 -58.14 30.15 71.77
CA ASP G 17 -57.03 29.39 71.20
C ASP G 17 -57.50 27.97 70.90
N ASP G 18 -56.70 27.25 70.12
CA ASP G 18 -57.04 25.91 69.66
C ASP G 18 -55.87 24.96 69.90
N TYR G 19 -55.36 24.97 71.12
CA TYR G 19 -54.21 24.15 71.48
C TYR G 19 -54.65 22.75 71.93
N GLN G 20 -53.69 21.83 71.94
CA GLN G 20 -53.96 20.44 72.29
C GLN G 20 -54.05 20.34 73.81
N SER G 21 -55.27 20.20 74.32
CA SER G 21 -55.47 20.10 75.76
C SER G 21 -55.04 18.73 76.24
N PRO G 22 -54.25 18.62 77.31
CA PRO G 22 -53.88 17.31 77.83
C PRO G 22 -55.09 16.62 78.45
N SER G 23 -55.42 15.44 77.95
CA SER G 23 -56.65 14.76 78.33
C SER G 23 -56.51 14.19 79.73
N ALA G 24 -57.54 14.41 80.56
CA ALA G 24 -57.49 13.97 81.94
C ALA G 24 -57.74 12.47 82.07
N MET G 25 -58.47 11.87 81.14
CA MET G 25 -58.82 10.46 81.21
C MET G 25 -58.30 9.81 79.94
N PRO G 26 -57.00 9.44 79.90
CA PRO G 26 -56.41 8.93 78.66
C PRO G 26 -56.78 7.48 78.40
N GLN G 27 -56.85 6.70 79.48
CA GLN G 27 -57.24 5.30 79.37
C GLN G 27 -58.67 5.18 78.87
N PHE G 28 -59.51 6.13 79.26
CA PHE G 28 -60.95 6.09 78.98
C PHE G 28 -61.22 6.11 77.49
N ASP G 29 -61.99 5.14 77.02
CA ASP G 29 -62.43 5.08 75.62
C ASP G 29 -63.92 5.41 75.55
N GLU G 30 -64.25 6.47 74.82
CA GLU G 30 -65.60 7.03 74.77
C GLU G 30 -66.56 6.13 73.99
N THR G 31 -67.85 6.38 74.21
CA THR G 31 -68.91 5.56 73.63
C THR G 31 -68.93 5.70 72.10
N PRO G 32 -69.13 4.60 71.37
CA PRO G 32 -69.18 4.68 69.91
C PRO G 32 -70.36 5.52 69.43
N GLU G 33 -70.15 6.25 68.34
CA GLU G 33 -71.14 7.18 67.81
C GLU G 33 -72.14 6.40 66.96
N MET G 34 -73.39 6.34 67.41
CA MET G 34 -74.44 5.79 66.57
C MET G 34 -74.96 6.89 65.65
N HIS G 35 -75.71 6.47 64.63
CA HIS G 35 -76.34 7.43 63.73
C HIS G 35 -77.65 7.92 64.34
N ILE G 36 -77.72 9.20 64.66
CA ILE G 36 -78.93 9.84 65.16
C ILE G 36 -79.52 10.69 64.06
N PRO G 37 -80.81 10.60 63.77
CA PRO G 37 -81.39 11.34 62.64
C PRO G 37 -81.38 12.84 62.87
N GLY G 38 -81.15 13.59 61.80
CA GLY G 38 -81.30 15.03 61.85
C GLY G 38 -80.06 15.77 62.37
N GLU G 39 -78.92 15.56 61.73
CA GLU G 39 -77.70 16.23 62.15
C GLU G 39 -77.65 17.64 61.58
N VAL G 40 -77.20 18.58 62.39
CA VAL G 40 -76.91 19.94 61.95
C VAL G 40 -75.40 20.07 61.80
N ARG G 41 -74.97 20.54 60.63
CA ARG G 41 -73.56 20.73 60.34
C ARG G 41 -73.25 22.19 60.07
N ASN G 42 -74.25 23.07 60.14
CA ASN G 42 -74.11 24.48 59.82
C ASN G 42 -75.35 25.21 60.34
N LEU G 43 -75.14 26.38 60.95
CA LEU G 43 -76.27 27.09 61.54
C LEU G 43 -77.24 27.57 60.48
N MET G 44 -76.74 28.00 59.32
CA MET G 44 -77.61 28.51 58.27
C MET G 44 -78.53 27.44 57.69
N GLU G 45 -78.49 26.21 58.18
CA GLU G 45 -79.53 25.23 57.87
C GLU G 45 -80.78 25.45 58.72
N ILE G 46 -80.69 26.24 59.77
CA ILE G 46 -81.87 26.62 60.55
C ILE G 46 -82.56 27.83 59.93
N ALA G 47 -81.78 28.76 59.36
CA ALA G 47 -82.35 29.94 58.75
C ALA G 47 -83.13 29.62 57.48
N GLU G 48 -82.81 28.51 56.81
CA GLU G 48 -83.47 28.13 55.57
C GLU G 48 -84.84 27.48 55.80
N VAL G 49 -85.25 27.30 57.04
CA VAL G 49 -86.55 26.71 57.34
C VAL G 49 -87.59 27.83 57.46
N ASP G 50 -88.68 27.68 56.72
CA ASP G 50 -89.78 28.63 56.82
C ASP G 50 -90.39 28.60 58.22
N SER G 51 -90.86 29.76 58.66
CA SER G 51 -91.55 29.85 59.95
C SER G 51 -92.47 31.05 59.92
N VAL G 52 -93.53 30.98 60.71
CA VAL G 52 -94.62 31.95 60.59
C VAL G 52 -94.17 33.28 61.21
N VAL G 53 -94.50 34.37 60.53
CA VAL G 53 -94.01 35.70 60.85
C VAL G 53 -95.16 36.48 61.49
N PRO G 54 -95.01 36.98 62.73
CA PRO G 54 -96.09 37.75 63.37
C PRO G 54 -96.23 39.16 62.81
N VAL G 55 -96.97 39.26 61.71
CA VAL G 55 -97.14 40.56 61.07
C VAL G 55 -98.13 41.42 61.86
N ASN G 56 -99.18 40.80 62.40
CA ASN G 56 -100.22 41.53 63.15
C ASN G 56 -99.84 41.60 64.63
N ASN G 57 -98.65 42.13 64.90
CA ASN G 57 -98.16 42.25 66.27
C ASN G 57 -98.51 43.61 66.88
N VAL G 58 -99.79 43.97 66.83
CA VAL G 58 -100.25 45.24 67.39
C VAL G 58 -100.31 45.12 68.91
N THR G 59 -100.59 46.24 69.58
CA THR G 59 -100.28 46.40 70.99
C THR G 59 -100.97 45.39 71.91
N GLY G 60 -102.07 44.77 71.46
CA GLY G 60 -102.79 43.88 72.34
C GLY G 60 -102.93 42.46 71.83
N LYS G 61 -102.19 42.13 70.77
CA LYS G 61 -102.38 40.86 70.07
C LYS G 61 -101.05 40.14 69.90
N THR G 62 -100.15 40.26 70.86
CA THR G 62 -98.84 39.62 70.79
C THR G 62 -98.66 38.45 71.74
N LYS G 63 -99.50 38.32 72.76
CA LYS G 63 -99.46 37.15 73.64
C LYS G 63 -100.46 36.08 73.24
N SER G 64 -101.22 36.30 72.17
CA SER G 64 -102.10 35.30 71.57
C SER G 64 -101.56 34.92 70.19
N MET G 65 -102.26 33.99 69.55
CA MET G 65 -101.93 33.62 68.18
C MET G 65 -102.65 34.45 67.15
N ASP G 66 -103.17 35.62 67.55
CA ASP G 66 -103.65 36.60 66.59
C ASP G 66 -102.53 37.46 66.03
N ALA G 67 -101.30 37.27 66.53
CA ALA G 67 -100.15 37.98 65.98
C ALA G 67 -99.80 37.49 64.58
N TYR G 68 -100.05 36.21 64.31
CA TYR G 68 -99.64 35.59 63.06
C TYR G 68 -100.66 35.76 61.95
N GLN G 69 -101.85 36.27 62.26
CA GLN G 69 -102.97 36.27 61.33
C GLN G 69 -103.16 37.67 60.77
N ILE G 70 -103.09 37.79 59.44
CA ILE G 70 -103.32 39.06 58.76
C ILE G 70 -104.78 39.10 58.34
N PRO G 71 -105.60 39.97 58.93
CA PRO G 71 -107.04 39.96 58.61
C PRO G 71 -107.29 40.54 57.22
N VAL G 72 -108.04 39.80 56.41
CA VAL G 72 -108.40 40.22 55.06
C VAL G 72 -109.90 40.12 54.92
N GLY G 73 -110.55 41.25 54.67
CA GLY G 73 -112.01 41.29 54.59
C GLY G 73 -112.67 41.59 55.92
N ASP G 78 -112.39 49.16 53.20
CA ASP G 78 -111.51 50.28 52.89
C ASP G 78 -110.35 49.83 52.01
N LYS G 79 -110.34 50.32 50.77
CA LYS G 79 -109.30 49.98 49.81
C LYS G 79 -108.24 51.08 49.68
N THR G 80 -108.29 52.10 50.54
CA THR G 80 -107.38 53.24 50.44
C THR G 80 -106.13 53.08 51.29
N LYS G 81 -106.16 52.24 52.33
CA LYS G 81 -104.99 52.00 53.15
C LYS G 81 -104.55 50.55 53.02
N PRO G 82 -103.25 50.29 53.07
CA PRO G 82 -102.77 48.93 52.81
C PRO G 82 -103.17 47.96 53.91
N ILE G 83 -103.10 46.67 53.56
CA ILE G 83 -103.46 45.62 54.52
C ILE G 83 -102.40 45.53 55.62
N PHE G 84 -101.15 45.37 55.22
CA PHE G 84 -100.04 45.36 56.16
C PHE G 84 -98.81 45.96 55.49
N SER G 85 -97.80 46.24 56.30
CA SER G 85 -96.57 46.87 55.85
C SER G 85 -95.51 46.73 56.93
N PHE G 86 -94.29 46.37 56.57
CA PHE G 86 -93.24 46.24 57.56
C PHE G 86 -91.86 46.40 56.92
N GLN G 87 -90.91 46.85 57.72
CA GLN G 87 -89.51 46.88 57.31
C GLN G 87 -89.04 45.50 56.90
N MET G 88 -88.19 45.46 55.88
CA MET G 88 -87.64 44.19 55.40
C MET G 88 -86.18 44.10 55.86
N ASP G 89 -86.01 43.80 57.14
CA ASP G 89 -84.70 43.51 57.70
C ASP G 89 -84.85 42.65 58.95
N PRO G 90 -84.28 41.43 58.97
CA PRO G 90 -84.51 40.52 60.09
C PRO G 90 -83.90 40.99 61.41
N GLY G 91 -83.03 41.98 61.39
CA GLY G 91 -82.54 42.61 62.61
C GLY G 91 -83.20 43.96 62.80
N TYR G 92 -83.41 44.32 64.07
CA TYR G 92 -83.96 45.63 64.44
C TYR G 92 -85.32 45.89 63.78
N SER G 93 -86.11 44.84 63.59
CA SER G 93 -87.47 44.97 63.09
C SER G 93 -88.39 44.09 63.90
N SER G 94 -89.46 44.67 64.43
CA SER G 94 -90.32 43.96 65.37
C SER G 94 -90.98 42.75 64.73
N VAL G 95 -91.18 42.78 63.41
CA VAL G 95 -91.90 41.70 62.75
C VAL G 95 -90.99 40.50 62.47
N LEU G 96 -89.74 40.76 62.07
CA LEU G 96 -88.84 39.72 61.59
C LEU G 96 -87.67 39.43 62.53
N LYS G 97 -87.74 39.87 63.78
CA LYS G 97 -86.61 39.71 64.68
C LYS G 97 -86.67 38.44 65.52
N ARG G 98 -87.84 37.83 65.67
CA ARG G 98 -87.96 36.60 66.44
C ARG G 98 -88.30 35.41 65.54
N THR G 99 -88.17 35.57 64.23
CA THR G 99 -88.25 34.47 63.28
C THR G 99 -87.00 33.60 63.40
N LEU G 100 -87.11 32.35 62.95
CA LEU G 100 -85.93 31.50 62.85
C LEU G 100 -84.85 32.16 62.01
N LEU G 101 -85.26 32.83 60.93
CA LEU G 101 -84.31 33.66 60.18
C LEU G 101 -83.77 34.78 61.05
N GLY G 102 -84.67 35.57 61.65
CA GLY G 102 -84.24 36.74 62.38
C GLY G 102 -83.60 36.47 63.72
N GLU G 103 -83.66 35.23 64.20
CA GLU G 103 -83.07 34.90 65.49
C GLU G 103 -81.69 34.28 65.36
N MET G 104 -81.41 33.61 64.25
CA MET G 104 -80.06 33.11 64.03
C MET G 104 -79.16 34.18 63.42
N LEU G 105 -79.73 35.34 63.08
CA LEU G 105 -79.01 36.50 62.59
C LEU G 105 -78.69 37.51 63.68
N ASN G 106 -79.26 37.39 64.88
CA ASN G 106 -78.88 38.25 65.99
C ASN G 106 -77.68 37.72 66.75
N TYR G 107 -77.22 36.51 66.44
CA TYR G 107 -75.95 36.01 66.93
C TYR G 107 -74.76 36.58 66.17
N TYR G 108 -75.01 37.42 65.17
CA TYR G 108 -73.94 37.87 64.30
C TYR G 108 -74.09 39.36 64.01
N ALA G 109 -72.96 40.00 63.76
CA ALA G 109 -72.92 41.42 63.46
C ALA G 109 -72.92 41.72 61.97
N HIS G 110 -72.18 40.96 61.18
CA HIS G 110 -72.13 41.16 59.73
C HIS G 110 -72.88 40.00 59.08
N TRP G 111 -73.98 40.31 58.41
CA TRP G 111 -74.68 39.32 57.62
C TRP G 111 -75.24 39.97 56.37
N SER G 112 -75.33 39.19 55.30
CA SER G 112 -75.77 39.69 54.00
C SER G 112 -76.31 38.54 53.18
N GLY G 113 -77.45 38.76 52.55
CA GLY G 113 -78.06 37.74 51.72
C GLY G 113 -79.46 38.15 51.31
N SER G 114 -80.21 37.19 50.81
CA SER G 114 -81.58 37.41 50.40
C SER G 114 -82.53 36.62 51.30
N VAL G 115 -83.81 36.95 51.18
CA VAL G 115 -84.85 36.43 52.06
C VAL G 115 -86.13 36.26 51.25
N LYS G 116 -86.72 35.07 51.32
CA LYS G 116 -87.93 34.75 50.58
C LYS G 116 -89.12 34.78 51.53
N LEU G 117 -90.27 35.21 51.01
CA LEU G 117 -91.49 35.34 51.80
C LEU G 117 -92.60 34.58 51.11
N THR G 118 -93.31 33.76 51.87
CA THR G 118 -94.44 32.99 51.37
C THR G 118 -95.71 33.49 52.05
N PHE G 119 -96.72 33.82 51.24
CA PHE G 119 -98.00 34.31 51.74
C PHE G 119 -99.05 33.22 51.51
N LEU G 120 -99.35 32.48 52.59
CA LEU G 120 -100.35 31.42 52.53
C LEU G 120 -101.72 32.01 52.87
N PHE G 121 -102.63 31.99 51.89
CA PHE G 121 -103.98 32.47 52.11
C PHE G 121 -104.79 31.38 52.80
N CYS G 122 -105.20 31.63 54.04
CA CYS G 122 -105.92 30.64 54.84
C CYS G 122 -107.41 30.94 54.89
N GLY G 123 -108.00 31.34 53.77
CA GLY G 123 -109.43 31.56 53.67
C GLY G 123 -110.14 30.33 53.12
N SER G 124 -111.37 30.56 52.66
CA SER G 124 -112.19 29.46 52.18
C SER G 124 -111.69 29.00 50.82
N ALA G 125 -112.20 27.84 50.38
CA ALA G 125 -111.91 27.36 49.05
C ALA G 125 -112.81 27.98 48.00
N MET G 126 -113.74 28.84 48.41
CA MET G 126 -114.64 29.52 47.51
C MET G 126 -114.40 31.03 47.45
N ALA G 127 -113.63 31.59 48.38
CA ALA G 127 -113.35 33.01 48.38
C ALA G 127 -112.36 33.35 47.29
N THR G 128 -112.62 34.45 46.59
CA THR G 128 -111.82 34.83 45.44
C THR G 128 -111.61 36.34 45.44
N GLY G 129 -110.35 36.74 45.27
CA GLY G 129 -110.03 38.15 45.20
C GLY G 129 -108.60 38.32 44.72
N LYS G 130 -108.16 39.57 44.67
CA LYS G 130 -106.80 39.89 44.28
C LYS G 130 -106.14 40.79 45.31
N LEU G 131 -104.86 40.51 45.56
CA LEU G 131 -104.03 41.30 46.44
C LEU G 131 -102.78 41.70 45.68
N LEU G 132 -102.31 42.93 45.92
CA LEU G 132 -101.18 43.49 45.20
C LEU G 132 -100.04 43.70 46.19
N ILE G 133 -98.99 42.89 46.05
CA ILE G 133 -97.88 42.86 47.00
C ILE G 133 -96.74 43.67 46.39
N SER G 134 -96.51 44.86 46.93
CA SER G 134 -95.51 45.77 46.40
C SER G 134 -94.23 45.72 47.23
N TYR G 135 -93.10 45.94 46.56
CA TYR G 135 -91.79 45.94 47.20
C TYR G 135 -91.11 47.26 46.96
N SER G 136 -90.67 47.91 48.04
CA SER G 136 -89.91 49.12 47.77
C SER G 136 -88.43 48.88 47.96
N PRO G 137 -87.60 49.44 47.10
CA PRO G 137 -86.15 49.32 47.27
C PRO G 137 -85.70 50.00 48.55
N PRO G 138 -84.50 49.68 49.06
CA PRO G 138 -84.13 50.16 50.41
C PRO G 138 -84.02 51.67 50.52
N GLY G 139 -83.84 52.39 49.42
CA GLY G 139 -83.77 53.84 49.49
C GLY G 139 -85.10 54.53 49.27
N ALA G 140 -86.01 53.85 48.60
CA ALA G 140 -87.24 54.49 48.15
C ALA G 140 -88.22 54.68 49.31
N SER G 141 -89.19 55.55 49.09
CA SER G 141 -90.25 55.80 50.05
C SER G 141 -91.41 54.84 49.80
N VAL G 142 -92.23 54.66 50.82
CA VAL G 142 -93.34 53.72 50.74
C VAL G 142 -94.40 54.28 49.79
N PRO G 143 -95.16 53.42 49.10
CA PRO G 143 -96.28 53.93 48.31
C PRO G 143 -97.42 54.36 49.23
N THR G 144 -97.94 55.56 49.00
CA THR G 144 -99.05 56.06 49.80
C THR G 144 -100.41 55.65 49.24
N SER G 145 -100.45 55.20 47.98
CA SER G 145 -101.68 54.80 47.31
C SER G 145 -101.46 53.47 46.63
N ARG G 146 -102.55 52.89 46.12
CA ARG G 146 -102.43 51.62 45.42
C ARG G 146 -101.84 51.81 44.03
N LYS G 147 -102.17 52.92 43.37
CA LYS G 147 -101.62 53.18 42.03
C LYS G 147 -100.11 53.38 42.09
N ASP G 148 -99.63 54.12 43.09
CA ASP G 148 -98.20 54.35 43.23
C ASP G 148 -97.45 53.08 43.60
N ALA G 149 -98.13 52.12 44.24
CA ALA G 149 -97.55 50.81 44.45
C ALA G 149 -97.56 49.97 43.18
N MET G 150 -98.53 50.20 42.30
CA MET G 150 -98.60 49.45 41.05
C MET G 150 -97.50 49.88 40.08
N LEU G 151 -97.08 51.15 40.15
CA LEU G 151 -96.06 51.67 39.25
C LEU G 151 -94.66 51.22 39.62
N GLY G 152 -94.47 50.70 40.83
CA GLY G 152 -93.19 50.14 41.23
C GLY G 152 -93.12 48.65 40.98
N THR G 153 -92.48 47.92 41.89
CA THR G 153 -92.42 46.46 41.80
C THR G 153 -93.61 45.88 42.57
N HIS G 154 -94.30 44.93 41.94
CA HIS G 154 -95.47 44.33 42.56
C HIS G 154 -95.73 42.97 41.92
N ILE G 155 -96.66 42.23 42.53
CA ILE G 155 -97.16 40.98 41.97
C ILE G 155 -98.65 40.91 42.32
N VAL G 156 -99.50 41.01 41.30
CA VAL G 156 -100.95 40.94 41.50
C VAL G 156 -101.30 39.47 41.74
N TRP G 157 -101.45 39.11 43.02
CA TRP G 157 -101.57 37.72 43.44
C TRP G 157 -103.05 37.33 43.48
N ASP G 158 -103.48 36.59 42.44
CA ASP G 158 -104.85 36.10 42.38
C ASP G 158 -105.03 34.97 43.39
N ILE G 159 -105.94 35.18 44.34
CA ILE G 159 -106.16 34.21 45.41
C ILE G 159 -106.94 33.00 44.90
N GLY G 160 -107.89 33.22 44.00
CA GLY G 160 -108.75 32.14 43.54
C GLY G 160 -108.04 31.09 42.72
N LEU G 161 -106.90 31.43 42.12
CA LEU G 161 -106.12 30.47 41.33
C LEU G 161 -105.08 29.77 42.19
N GLN G 162 -104.12 30.52 42.72
CA GLN G 162 -103.12 30.00 43.63
C GLN G 162 -103.32 30.60 45.01
N SER G 163 -102.98 29.82 46.04
CA SER G 163 -103.18 30.21 47.43
C SER G 163 -101.87 30.46 48.16
N SER G 164 -100.75 30.57 47.45
CA SER G 164 -99.46 30.75 48.08
C SER G 164 -98.52 31.42 47.08
N CYS G 165 -98.15 32.67 47.35
CA CYS G 165 -97.29 33.44 46.47
C CYS G 165 -95.96 33.68 47.18
N VAL G 166 -94.86 33.40 46.46
CA VAL G 166 -93.52 33.40 47.02
C VAL G 166 -92.73 34.55 46.43
N LEU G 167 -92.07 35.30 47.29
CA LEU G 167 -91.17 36.38 46.90
C LEU G 167 -89.72 35.93 47.11
N CYS G 168 -88.79 36.83 46.77
CA CYS G 168 -87.39 36.65 47.13
C CYS G 168 -86.76 38.04 47.14
N VAL G 169 -86.59 38.60 48.33
CA VAL G 169 -86.19 40.00 48.49
C VAL G 169 -84.67 40.05 48.60
N PRO G 170 -83.98 40.70 47.66
CA PRO G 170 -82.51 40.79 47.74
C PRO G 170 -82.03 42.02 48.49
N TRP G 171 -80.71 42.21 48.55
CA TRP G 171 -80.10 43.38 49.16
C TRP G 171 -80.52 43.54 50.63
N ILE G 172 -80.33 42.48 51.40
CA ILE G 172 -80.70 42.45 52.81
C ILE G 172 -79.43 42.21 53.60
N SER G 173 -78.95 43.26 54.28
CA SER G 173 -77.69 43.18 54.99
C SER G 173 -77.61 44.31 56.01
N GLN G 174 -76.85 44.07 57.08
CA GLN G 174 -76.43 45.12 57.99
C GLN G 174 -75.00 44.82 58.44
N SER G 175 -74.40 45.81 59.09
CA SER G 175 -73.00 45.70 59.50
C SER G 175 -72.70 46.67 60.64
N SER G 187 -83.02 51.76 57.30
CA SER G 187 -83.23 52.14 55.90
C SER G 187 -83.24 50.92 55.01
N ALA G 188 -84.30 50.12 55.10
CA ALA G 188 -84.41 48.89 54.32
C ALA G 188 -85.69 48.92 53.49
N GLY G 189 -86.00 47.78 52.88
CA GLY G 189 -87.13 47.68 51.99
C GLY G 189 -88.47 47.66 52.71
N TYR G 190 -89.52 47.42 51.91
CA TYR G 190 -90.88 47.38 52.42
C TYR G 190 -91.68 46.34 51.65
N ILE G 191 -92.47 45.57 52.38
CA ILE G 191 -93.40 44.62 51.76
C ILE G 191 -94.79 45.08 52.20
N THR G 192 -95.40 45.94 51.40
CA THR G 192 -96.78 46.34 51.61
C THR G 192 -97.71 45.43 50.82
N CYS G 193 -98.99 45.49 51.15
CA CYS G 193 -99.98 44.66 50.46
C CYS G 193 -101.28 45.44 50.38
N TRP G 194 -101.93 45.33 49.23
CA TRP G 194 -103.03 46.21 48.86
C TRP G 194 -104.22 45.41 48.38
N TYR G 195 -105.41 45.99 48.56
CA TYR G 195 -106.62 45.42 47.96
C TYR G 195 -106.66 45.84 46.50
N GLN G 196 -106.30 44.92 45.61
CA GLN G 196 -106.62 45.12 44.21
C GLN G 196 -108.12 44.99 44.00
N THR G 197 -108.68 43.86 44.45
CA THR G 197 -110.12 43.65 44.50
C THR G 197 -110.50 43.18 45.89
N ASN G 198 -111.78 43.32 46.22
CA ASN G 198 -112.27 42.77 47.48
C ASN G 198 -112.37 41.24 47.38
N ILE G 199 -112.63 40.61 48.52
CA ILE G 199 -112.77 39.17 48.57
C ILE G 199 -114.21 38.82 48.17
N VAL G 200 -114.36 38.17 47.02
CA VAL G 200 -115.67 37.79 46.51
C VAL G 200 -116.00 36.40 47.04
N VAL G 201 -117.19 36.25 47.59
CA VAL G 201 -117.52 35.06 48.39
C VAL G 201 -118.96 34.66 48.12
N PRO G 202 -119.24 33.37 47.96
CA PRO G 202 -120.62 32.92 47.76
C PRO G 202 -121.41 33.05 49.06
N PRO G 203 -122.74 32.82 49.01
CA PRO G 203 -123.55 33.01 50.22
C PRO G 203 -123.20 32.06 51.37
N GLY G 204 -122.59 30.92 51.11
CA GLY G 204 -122.32 29.97 52.16
C GLY G 204 -121.02 30.19 52.91
N ALA G 205 -120.00 30.70 52.23
CA ALA G 205 -118.69 30.81 52.84
C ALA G 205 -118.57 32.09 53.65
N PRO G 206 -117.71 32.11 54.67
CA PRO G 206 -117.56 33.31 55.49
C PRO G 206 -116.84 34.42 54.73
N THR G 207 -117.01 35.64 55.23
CA THR G 207 -116.57 36.84 54.52
C THR G 207 -115.15 37.26 54.87
N SER G 208 -114.72 37.03 56.11
CA SER G 208 -113.42 37.50 56.59
C SER G 208 -112.44 36.33 56.64
N CYS G 209 -111.27 36.54 56.05
CA CYS G 209 -110.26 35.50 55.90
C CYS G 209 -108.96 35.96 56.54
N ASP G 210 -107.98 35.07 56.56
CA ASP G 210 -106.65 35.35 57.11
C ASP G 210 -105.58 34.97 56.12
N VAL G 211 -104.43 35.63 56.24
CA VAL G 211 -103.25 35.38 55.41
C VAL G 211 -102.06 35.18 56.34
N LEU G 212 -101.45 34.00 56.29
CA LEU G 212 -100.22 33.74 57.03
C LEU G 212 -99.03 34.12 56.18
N CYS G 213 -97.94 34.48 56.85
CA CYS G 213 -96.69 34.82 56.17
C CYS G 213 -95.57 33.91 56.67
N PHE G 214 -94.52 33.82 55.86
CA PHE G 214 -93.37 32.97 56.18
C PHE G 214 -92.11 33.70 55.76
N ALA G 215 -90.97 33.24 56.27
CA ALA G 215 -89.70 33.87 55.95
C ALA G 215 -88.57 32.87 56.16
N SER G 216 -87.62 32.86 55.23
CA SER G 216 -86.41 32.06 55.34
C SER G 216 -85.33 32.69 54.48
N ALA G 217 -84.21 31.99 54.31
CA ALA G 217 -83.17 32.42 53.40
C ALA G 217 -83.46 31.90 52.01
N CYS G 218 -83.34 32.76 51.00
CA CYS G 218 -83.89 32.46 49.68
C CYS G 218 -83.05 31.41 48.97
N ASN G 219 -81.79 31.71 48.70
CA ASN G 219 -80.87 30.77 48.06
C ASN G 219 -79.73 30.40 48.99
N ASP G 220 -78.96 31.38 49.45
CA ASP G 220 -77.82 31.16 50.33
C ASP G 220 -77.58 32.44 51.08
N PHE G 221 -77.06 32.33 52.30
CA PHE G 221 -77.00 33.46 53.20
C PHE G 221 -75.59 33.58 53.75
N SER G 222 -75.08 34.80 53.81
CA SER G 222 -73.71 35.06 54.25
C SER G 222 -73.75 35.80 55.59
N VAL G 223 -72.85 35.41 56.48
CA VAL G 223 -72.89 35.86 57.86
C VAL G 223 -71.52 35.69 58.49
N ARG G 224 -71.00 36.72 59.16
CA ARG G 224 -69.58 36.75 59.51
C ARG G 224 -69.29 36.78 61.00
N LEU G 225 -69.68 37.82 61.72
CA LEU G 225 -69.03 38.16 62.99
C LEU G 225 -69.93 37.79 64.17
N LEU G 226 -69.54 36.75 64.90
CA LEU G 226 -70.37 36.25 66.00
C LEU G 226 -70.33 37.22 67.18
N ARG G 227 -71.48 37.35 67.84
CA ARG G 227 -71.60 38.19 69.03
C ARG G 227 -72.61 37.54 69.99
N ASP G 228 -72.80 38.18 71.13
CA ASP G 228 -73.83 37.75 72.08
C ASP G 228 -75.18 38.34 71.70
N THR G 229 -76.24 37.57 71.92
CA THR G 229 -77.58 38.01 71.54
C THR G 229 -78.08 39.08 72.50
N PRO G 230 -78.89 40.02 72.00
CA PRO G 230 -79.41 41.08 72.88
C PRO G 230 -80.59 40.65 73.74
N PHE G 231 -81.35 39.64 73.31
CA PHE G 231 -82.59 39.28 73.97
C PHE G 231 -82.36 38.82 75.41
N MET G 232 -81.45 37.88 75.62
CA MET G 232 -81.16 37.40 76.97
C MET G 232 -80.60 38.55 77.81
N ALA G 233 -80.98 38.56 79.09
CA ALA G 233 -80.54 39.62 80.00
C ALA G 233 -79.56 39.07 81.03
N GLN H 43 10.98 89.48 12.01
CA GLN H 43 10.63 88.13 11.57
C GLN H 43 9.94 87.36 12.69
N THR H 44 9.30 86.25 12.33
CA THR H 44 8.60 85.42 13.30
C THR H 44 8.87 83.96 12.99
N ARG H 45 8.76 83.12 14.02
CA ARG H 45 9.04 81.69 13.88
C ARG H 45 7.82 81.02 13.27
N HIS H 46 7.96 80.57 12.03
CA HIS H 46 6.87 79.93 11.30
C HIS H 46 7.05 78.43 11.29
N VAL H 47 6.00 77.71 10.90
CA VAL H 47 6.05 76.27 10.72
C VAL H 47 6.75 76.00 9.39
N VAL H 48 8.05 75.75 9.45
CA VAL H 48 8.84 75.49 8.24
C VAL H 48 8.70 73.98 8.01
N ASN H 49 7.62 73.61 7.33
CA ASN H 49 7.27 72.21 7.12
C ASN H 49 7.59 71.82 5.68
N PHE H 50 8.62 71.00 5.53
CA PHE H 50 8.99 70.36 4.26
C PHE H 50 10.10 69.39 4.59
N HIS H 51 10.41 68.52 3.63
CA HIS H 51 11.42 67.49 3.82
C HIS H 51 12.24 67.39 2.54
N SER H 52 13.42 68.01 2.54
CA SER H 52 14.24 68.06 1.35
C SER H 52 15.70 68.23 1.74
N ARG H 53 16.57 67.49 1.05
CA ARG H 53 18.01 67.67 1.17
C ARG H 53 18.67 67.67 -0.20
N SER H 54 17.94 68.12 -1.24
CA SER H 54 18.52 68.20 -2.57
C SER H 54 19.45 69.40 -2.68
N GLU H 55 19.26 70.42 -1.85
CA GLU H 55 20.12 71.60 -1.86
C GLU H 55 21.36 71.40 -0.99
N SER H 56 21.46 70.26 -0.30
CA SER H 56 22.58 69.99 0.56
C SER H 56 23.56 69.01 -0.05
N THR H 57 23.31 68.55 -1.26
CA THR H 57 24.27 67.69 -1.92
C THR H 57 25.50 68.49 -2.32
N ILE H 58 26.57 67.77 -2.70
CA ILE H 58 27.84 68.44 -2.94
C ILE H 58 27.78 69.27 -4.22
N GLU H 59 27.11 68.76 -5.26
CA GLU H 59 27.04 69.49 -6.52
C GLU H 59 26.14 70.72 -6.40
N ASN H 60 25.18 70.69 -5.49
CA ASN H 60 24.30 71.83 -5.26
C ASN H 60 24.84 72.76 -4.18
N PHE H 61 26.00 72.46 -3.63
CA PHE H 61 26.67 73.25 -2.61
C PHE H 61 27.92 73.95 -3.12
N MET H 62 28.72 73.26 -3.92
CA MET H 62 29.96 73.78 -4.49
C MET H 62 29.78 74.35 -5.89
N GLY H 63 28.93 73.73 -6.70
CA GLY H 63 28.75 74.15 -8.08
C GLY H 63 28.00 75.44 -8.22
N ARG H 64 28.61 76.54 -7.81
CA ARG H 64 28.02 77.86 -7.97
C ARG H 64 29.08 78.84 -8.44
N ALA H 65 28.74 79.61 -9.47
CA ALA H 65 29.70 80.51 -10.10
C ALA H 65 29.94 81.72 -9.23
N ALA H 66 31.21 82.03 -8.98
CA ALA H 66 31.61 83.15 -8.15
C ALA H 66 32.77 83.86 -8.82
N CYS H 67 32.78 85.19 -8.72
CA CYS H 67 33.82 85.99 -9.35
C CYS H 67 35.09 85.87 -8.53
N VAL H 68 36.17 85.45 -9.17
CA VAL H 68 37.41 85.12 -8.47
C VAL H 68 38.60 85.93 -8.95
N PHE H 69 38.47 86.77 -9.98
CA PHE H 69 39.63 87.46 -10.51
C PHE H 69 39.18 88.71 -11.30
N MET H 70 39.38 89.88 -10.70
CA MET H 70 39.33 91.15 -11.40
C MET H 70 40.73 91.60 -11.75
N ASP H 71 40.92 92.10 -12.97
CA ASP H 71 42.21 92.63 -13.35
C ASP H 71 42.06 93.61 -14.51
N GLN H 72 42.98 94.57 -14.57
CA GLN H 72 43.06 95.55 -15.63
C GLN H 72 44.17 95.15 -16.60
N TYR H 73 43.99 95.50 -17.86
CA TYR H 73 45.08 95.36 -18.83
C TYR H 73 44.84 96.32 -20.00
N LYS H 74 45.89 97.05 -20.35
CA LYS H 74 45.80 98.14 -21.32
C LYS H 74 45.82 97.57 -22.73
N ILE H 75 46.02 98.43 -23.74
CA ILE H 75 46.10 97.97 -25.11
C ILE H 75 47.37 98.47 -25.80
N ASN H 76 47.86 99.63 -25.39
CA ASN H 76 48.97 100.26 -26.10
C ASN H 76 49.93 100.93 -25.12
N GLY H 77 51.09 101.31 -25.64
CA GLY H 77 52.15 101.87 -24.83
C GLY H 77 52.97 100.81 -24.14
N GLU H 78 54.20 101.19 -23.77
CA GLU H 78 55.10 100.37 -22.96
C GLU H 78 55.23 98.95 -23.53
N GLU H 79 55.91 98.89 -24.68
CA GLU H 79 55.96 97.65 -25.45
C GLU H 79 56.50 96.49 -24.62
N THR H 80 57.40 96.76 -23.68
CA THR H 80 57.87 95.78 -22.71
C THR H 80 57.30 96.14 -21.34
N SER H 81 56.06 95.70 -21.09
CA SER H 81 55.41 95.95 -19.81
C SER H 81 54.60 94.73 -19.41
N THR H 82 54.34 94.64 -18.10
CA THR H 82 53.53 93.56 -17.53
C THR H 82 52.10 94.00 -17.26
N ASP H 83 51.71 95.21 -17.66
CA ASP H 83 50.37 95.72 -17.44
C ASP H 83 49.50 95.69 -18.70
N ARG H 84 49.87 94.86 -19.67
CA ARG H 84 49.09 94.69 -20.88
C ARG H 84 48.47 93.30 -20.99
N PHE H 85 48.54 92.50 -19.93
CA PHE H 85 47.92 91.18 -19.92
C PHE H 85 47.67 90.78 -18.47
N ALA H 86 46.85 89.73 -18.30
CA ALA H 86 46.48 89.22 -17.00
C ALA H 86 47.04 87.81 -16.83
N VAL H 87 47.07 87.33 -15.59
CA VAL H 87 47.72 86.08 -15.27
C VAL H 87 46.79 85.09 -14.56
N TRP H 88 46.49 85.34 -13.29
CA TRP H 88 45.65 84.48 -12.46
C TRP H 88 45.96 83.00 -12.57
N THR H 89 47.01 82.55 -11.88
CA THR H 89 47.23 81.12 -11.68
C THR H 89 46.01 80.50 -10.99
N ILE H 90 45.39 79.51 -11.64
CA ILE H 90 44.09 79.01 -11.19
C ILE H 90 44.28 78.18 -9.93
N ASN H 91 43.66 78.62 -8.83
CA ASN H 91 43.62 77.84 -7.61
C ASN H 91 42.33 78.13 -6.86
N ILE H 92 41.95 77.21 -5.98
CA ILE H 92 40.75 77.39 -5.17
C ILE H 92 40.96 78.39 -4.04
N ARG H 93 42.19 78.71 -3.70
CA ARG H 93 42.49 79.60 -2.57
C ARG H 93 42.51 81.05 -3.01
N GLU H 94 41.48 81.48 -3.74
CA GLU H 94 41.42 82.82 -4.30
C GLU H 94 40.77 83.80 -3.32
N MET H 95 39.48 83.60 -3.03
CA MET H 95 38.78 84.41 -2.05
C MET H 95 38.27 83.51 -0.93
N ALA H 96 38.20 84.09 0.27
CA ALA H 96 37.98 83.29 1.47
C ALA H 96 36.58 82.69 1.54
N GLN H 97 35.61 83.27 0.84
CA GLN H 97 34.25 82.71 0.88
C GLN H 97 34.19 81.36 0.17
N LEU H 98 34.77 81.27 -1.03
CA LEU H 98 34.84 79.99 -1.71
C LEU H 98 35.89 79.08 -1.07
N ARG H 99 37.05 79.63 -0.70
CA ARG H 99 38.09 78.82 -0.08
C ARG H 99 37.57 78.07 1.13
N ARG H 100 36.67 78.69 1.89
CA ARG H 100 36.12 78.03 3.07
C ARG H 100 35.31 76.79 2.71
N LYS H 101 34.58 76.84 1.59
CA LYS H 101 33.76 75.71 1.19
C LYS H 101 34.60 74.55 0.68
N CYS H 102 35.71 74.83 0.00
CA CYS H 102 36.58 73.76 -0.48
C CYS H 102 37.33 73.09 0.66
N GLU H 103 37.42 73.73 1.82
CA GLU H 103 38.09 73.16 2.98
C GLU H 103 37.14 72.41 3.90
N MET H 104 35.86 72.23 3.49
CA MET H 104 35.02 71.26 4.16
C MET H 104 35.50 69.85 3.90
N PHE H 105 36.22 69.64 2.81
CA PHE H 105 36.55 68.31 2.31
C PHE H 105 38.05 68.26 2.02
N THR H 106 38.66 67.12 2.33
CA THR H 106 40.09 66.98 2.08
C THR H 106 40.38 66.79 0.61
N TYR H 107 39.70 65.84 -0.04
CA TYR H 107 39.93 65.51 -1.43
C TYR H 107 38.67 65.78 -2.23
N MET H 108 38.84 66.34 -3.43
CA MET H 108 37.73 66.58 -4.32
C MET H 108 38.25 66.64 -5.76
N ARG H 109 37.42 66.20 -6.68
CA ARG H 109 37.73 66.27 -8.11
C ARG H 109 36.52 66.82 -8.86
N PHE H 110 36.78 67.63 -9.87
CA PHE H 110 35.72 68.41 -10.49
C PHE H 110 36.24 69.04 -11.77
N ASP H 111 35.39 69.10 -12.78
CA ASP H 111 35.64 69.94 -13.94
C ASP H 111 35.34 71.39 -13.59
N ILE H 112 36.08 72.30 -14.21
CA ILE H 112 35.86 73.73 -14.01
C ILE H 112 35.37 74.32 -15.33
N GLU H 113 34.43 75.26 -15.23
CA GLU H 113 33.80 75.86 -16.41
C GLU H 113 33.67 77.36 -16.11
N MET H 114 34.69 78.11 -16.50
CA MET H 114 34.73 79.54 -16.21
C MET H 114 34.22 80.33 -17.40
N THR H 115 33.52 81.43 -17.11
CA THR H 115 33.00 82.34 -18.12
C THR H 115 33.48 83.74 -17.77
N MET H 116 34.27 84.34 -18.65
CA MET H 116 34.79 85.66 -18.41
C MET H 116 33.76 86.72 -18.77
N VAL H 117 33.85 87.86 -18.10
CA VAL H 117 32.98 89.01 -18.37
C VAL H 117 33.92 90.19 -18.55
N ILE H 118 34.10 90.62 -19.80
CA ILE H 118 35.14 91.57 -20.18
C ILE H 118 34.48 92.88 -20.55
N THR H 119 34.98 93.97 -19.97
CA THR H 119 34.49 95.32 -20.25
C THR H 119 35.62 96.12 -20.89
N SER H 120 35.34 97.40 -21.11
CA SER H 120 36.35 98.30 -21.67
C SER H 120 35.98 99.74 -21.34
N CYS H 121 36.99 100.59 -21.35
CA CYS H 121 36.85 102.01 -21.07
C CYS H 121 37.71 102.75 -22.08
N GLN H 122 37.97 104.03 -21.82
CA GLN H 122 38.85 104.80 -22.68
C GLN H 122 39.29 106.10 -22.00
N MET H 132 36.99 104.50 -31.94
CA MET H 132 37.71 103.24 -31.78
C MET H 132 37.11 102.16 -32.68
N PRO H 133 37.83 101.03 -32.83
CA PRO H 133 37.24 99.92 -33.59
C PRO H 133 36.45 98.98 -32.69
N VAL H 134 36.00 97.86 -33.22
CA VAL H 134 35.44 96.78 -32.40
C VAL H 134 36.58 95.92 -31.89
N LEU H 135 36.60 95.66 -30.59
CA LEU H 135 37.72 95.01 -29.93
C LEU H 135 37.55 93.50 -29.89
N THR H 136 38.66 92.80 -30.04
CA THR H 136 38.70 91.34 -29.94
C THR H 136 39.74 90.96 -28.90
N HIS H 137 39.37 90.03 -28.01
CA HIS H 137 40.22 89.64 -26.89
C HIS H 137 40.73 88.23 -27.12
N GLN H 138 41.62 87.79 -26.22
CA GLN H 138 42.15 86.42 -26.25
C GLN H 138 42.37 85.95 -24.82
N ILE H 139 41.73 84.85 -24.45
CA ILE H 139 41.84 84.27 -23.12
C ILE H 139 42.54 82.93 -23.29
N MET H 140 43.85 82.91 -23.05
CA MET H 140 44.67 81.73 -23.28
C MET H 140 44.84 80.97 -21.97
N TYR H 141 44.30 79.76 -21.91
CA TYR H 141 44.54 78.85 -20.80
C TYR H 141 45.75 77.99 -21.11
N VAL H 142 46.79 78.10 -20.29
CA VAL H 142 47.93 77.21 -20.41
C VAL H 142 47.76 76.08 -19.41
N PRO H 143 48.06 74.84 -19.79
CA PRO H 143 47.97 73.73 -18.84
C PRO H 143 49.06 73.81 -17.79
N PRO H 144 49.09 72.89 -16.82
CA PRO H 144 50.19 72.91 -15.84
C PRO H 144 51.56 72.76 -16.49
N GLY H 145 51.68 71.89 -17.49
CA GLY H 145 52.87 71.87 -18.31
C GLY H 145 52.68 72.70 -19.55
N GLY H 146 53.08 73.96 -19.47
CA GLY H 146 52.86 74.90 -20.55
C GLY H 146 53.73 76.14 -20.44
N PRO H 147 54.20 76.63 -21.58
CA PRO H 147 54.99 77.86 -21.58
C PRO H 147 54.12 79.09 -21.33
N ILE H 148 54.71 80.07 -20.65
CA ILE H 148 53.97 81.28 -20.30
C ILE H 148 54.56 82.44 -21.09
N PRO H 149 53.76 83.45 -21.44
CA PRO H 149 54.33 84.65 -22.05
C PRO H 149 55.02 85.51 -21.01
N ALA H 150 56.06 86.23 -21.47
CA ALA H 150 56.69 87.25 -20.67
C ALA H 150 56.24 88.65 -21.05
N LYS H 151 55.78 88.84 -22.29
CA LYS H 151 55.33 90.12 -22.79
C LYS H 151 54.05 89.89 -23.60
N VAL H 152 53.36 90.98 -23.91
CA VAL H 152 52.12 90.89 -24.68
C VAL H 152 52.39 90.38 -26.09
N ASP H 153 53.63 90.50 -26.57
CA ASP H 153 54.01 90.09 -27.91
C ASP H 153 54.97 88.90 -27.91
N GLY H 154 54.87 88.03 -26.91
CA GLY H 154 55.70 86.85 -26.88
C GLY H 154 55.21 85.81 -27.88
N TYR H 155 56.08 84.83 -28.13
CA TYR H 155 55.72 83.76 -29.06
C TYR H 155 54.86 82.68 -28.41
N GLU H 156 54.77 82.67 -27.08
CA GLU H 156 53.97 81.65 -26.40
C GLU H 156 52.51 81.76 -26.78
N TRP H 157 52.03 82.98 -27.05
CA TRP H 157 50.64 83.20 -27.40
C TRP H 157 50.22 82.40 -28.62
N GLN H 158 51.17 81.99 -29.46
CA GLN H 158 50.89 81.26 -30.68
C GLN H 158 51.07 79.75 -30.50
N THR H 159 51.16 79.26 -29.27
CA THR H 159 51.38 77.84 -29.02
C THR H 159 50.10 77.06 -29.30
N SER H 160 50.22 76.01 -30.11
CA SER H 160 49.05 75.23 -30.51
C SER H 160 48.50 74.37 -29.37
N THR H 161 49.31 74.07 -28.37
CA THR H 161 48.86 73.25 -27.24
C THR H 161 48.22 74.08 -26.13
N ASN H 162 48.26 75.40 -26.22
CA ASN H 162 47.56 76.27 -25.29
C ASN H 162 46.22 76.69 -25.90
N PRO H 163 45.09 76.11 -25.48
CA PRO H 163 43.81 76.51 -26.05
C PRO H 163 43.43 77.91 -25.61
N SER H 164 42.87 78.68 -26.54
CA SER H 164 42.52 80.06 -26.28
C SER H 164 41.27 80.42 -27.06
N VAL H 165 40.42 81.26 -26.47
CA VAL H 165 39.21 81.75 -27.11
C VAL H 165 39.45 83.18 -27.57
N PHE H 166 38.92 83.50 -28.75
CA PHE H 166 39.03 84.84 -29.33
C PHE H 166 37.64 85.44 -29.34
N TRP H 167 37.32 86.15 -28.27
CA TRP H 167 36.03 86.78 -28.09
C TRP H 167 36.10 88.22 -28.55
N THR H 168 35.23 88.59 -29.49
CA THR H 168 35.09 89.97 -29.93
C THR H 168 33.96 90.63 -29.15
N GLU H 169 34.07 91.94 -28.97
CA GLU H 169 33.19 92.64 -28.06
C GLU H 169 31.77 92.70 -28.62
N GLY H 170 30.79 92.65 -27.72
CA GLY H 170 29.39 92.77 -28.06
C GLY H 170 28.61 91.46 -28.01
N ASN H 171 29.28 90.32 -28.09
CA ASN H 171 28.60 89.03 -28.12
C ASN H 171 28.34 88.53 -26.69
N ALA H 172 27.88 87.29 -26.59
CA ALA H 172 27.77 86.63 -25.29
C ALA H 172 29.14 86.41 -24.69
N PRO H 173 29.24 86.29 -23.37
CA PRO H 173 30.55 86.16 -22.74
C PRO H 173 31.23 84.87 -23.16
N PRO H 174 32.56 84.85 -23.22
CA PRO H 174 33.27 83.63 -23.63
C PRO H 174 33.28 82.60 -22.50
N ARG H 175 33.01 81.35 -22.86
CA ARG H 175 33.02 80.26 -21.90
C ARG H 175 34.01 79.20 -22.34
N ILE H 176 34.92 78.85 -21.43
CA ILE H 176 35.95 77.86 -21.68
C ILE H 176 35.90 76.86 -20.53
N SER H 177 35.89 75.57 -20.86
CA SER H 177 35.74 74.52 -19.85
C SER H 177 37.00 73.67 -19.81
N ILE H 178 37.42 73.31 -18.60
CA ILE H 178 38.69 72.62 -18.39
C ILE H 178 38.40 71.35 -17.61
N PRO H 179 38.85 70.18 -18.07
CA PRO H 179 38.54 68.94 -17.37
C PRO H 179 39.39 68.75 -16.12
N PHE H 180 39.29 67.58 -15.51
CA PHE H 180 40.11 67.23 -14.35
C PHE H 180 41.55 67.01 -14.81
N ILE H 181 42.40 67.99 -14.58
CA ILE H 181 43.76 67.95 -15.13
C ILE H 181 44.70 67.10 -14.26
N SER H 182 44.47 67.05 -12.96
CA SER H 182 45.51 66.69 -12.00
C SER H 182 46.09 65.30 -12.28
N VAL H 183 47.33 65.11 -11.83
CA VAL H 183 48.04 63.85 -12.07
C VAL H 183 47.46 62.75 -11.18
N GLY H 184 47.15 63.10 -9.94
CA GLY H 184 46.59 62.15 -9.01
C GLY H 184 45.14 61.85 -9.35
N ASN H 185 44.43 61.34 -8.35
CA ASN H 185 43.04 60.96 -8.54
C ASN H 185 42.07 61.98 -7.96
N ALA H 186 42.57 63.00 -7.28
CA ALA H 186 41.73 64.08 -6.78
C ALA H 186 42.60 65.30 -6.50
N TYR H 187 41.96 66.47 -6.48
CA TYR H 187 42.61 67.67 -5.95
C TYR H 187 42.61 67.62 -4.44
N SER H 188 43.74 67.95 -3.84
CA SER H 188 43.89 67.95 -2.38
C SER H 188 43.78 69.38 -1.88
N SER H 189 42.80 69.62 -1.01
CA SER H 189 42.69 70.94 -0.39
C SER H 189 43.82 71.17 0.60
N PHE H 190 44.21 70.12 1.32
CA PHE H 190 45.28 70.18 2.30
C PHE H 190 46.34 69.14 1.96
N TYR H 191 47.60 69.49 2.18
CA TYR H 191 48.72 68.57 1.91
C TYR H 191 49.72 68.71 3.04
N ASP H 192 49.61 67.81 4.04
CA ASP H 192 50.55 67.79 5.15
C ASP H 192 51.82 67.07 4.70
N GLY H 193 52.66 67.82 3.99
CA GLY H 193 53.85 67.23 3.40
C GLY H 193 54.71 68.29 2.78
N TRP H 194 55.88 67.85 2.31
CA TRP H 194 56.91 68.73 1.78
C TRP H 194 57.12 68.44 0.30
N SER H 195 57.22 69.50 -0.50
CA SER H 195 57.41 69.34 -1.94
C SER H 195 58.75 68.67 -2.24
N HIS H 196 59.81 69.11 -1.58
CA HIS H 196 61.16 68.59 -1.82
C HIS H 196 61.49 67.55 -0.75
N PHE H 197 61.97 66.39 -1.19
CA PHE H 197 62.23 65.28 -0.28
C PHE H 197 63.30 65.66 0.75
N THR H 198 63.20 65.02 1.92
CA THR H 198 64.08 65.21 3.07
C THR H 198 63.78 66.52 3.79
N GLN H 199 62.49 66.87 3.87
CA GLN H 199 62.01 67.98 4.69
C GLN H 199 62.71 69.29 4.34
N ASP H 200 62.63 69.65 3.07
CA ASP H 200 63.22 70.90 2.59
C ASP H 200 62.19 72.02 2.75
N GLY H 201 62.31 73.09 1.97
CA GLY H 201 61.38 74.19 2.04
C GLY H 201 60.04 73.87 1.39
N THR H 202 59.18 74.88 1.36
CA THR H 202 57.87 74.83 0.71
C THR H 202 57.00 73.73 1.33
N TYR H 203 56.58 74.01 2.56
CA TYR H 203 55.61 73.14 3.23
C TYR H 203 54.22 73.30 2.61
N GLY H 204 53.49 72.20 2.55
CA GLY H 204 52.07 72.25 2.27
C GLY H 204 51.69 72.42 0.82
N TYR H 205 52.65 72.55 -0.10
CA TYR H 205 52.35 72.77 -1.51
C TYR H 205 52.71 71.52 -2.29
N THR H 206 51.70 70.78 -2.72
CA THR H 206 51.88 69.68 -3.65
C THR H 206 51.68 70.17 -5.08
N THR H 207 52.27 69.46 -6.03
CA THR H 207 52.10 69.78 -7.44
C THR H 207 50.96 69.02 -8.08
N LEU H 208 50.26 68.17 -7.33
CA LEU H 208 49.11 67.47 -7.89
C LEU H 208 47.93 68.41 -8.09
N ASN H 209 47.69 69.32 -7.15
CA ASN H 209 46.59 70.27 -7.26
C ASN H 209 47.02 71.54 -7.98
N ALA H 210 47.64 71.36 -9.14
CA ALA H 210 47.93 72.45 -10.06
C ALA H 210 46.93 72.41 -11.19
N MET H 211 46.31 73.55 -11.50
CA MET H 211 45.20 73.59 -12.44
C MET H 211 45.52 74.33 -13.72
N GLY H 212 46.56 75.14 -13.75
CA GLY H 212 46.93 75.88 -14.93
C GLY H 212 46.92 77.37 -14.67
N LYS H 213 47.03 78.13 -15.75
CA LYS H 213 47.01 79.59 -15.70
C LYS H 213 46.11 80.11 -16.81
N LEU H 214 45.87 81.42 -16.81
CA LEU H 214 44.86 82.01 -17.69
C LEU H 214 45.33 83.38 -18.16
N TYR H 215 46.08 83.39 -19.28
CA TYR H 215 46.64 84.62 -19.83
C TYR H 215 45.65 85.28 -20.78
N ILE H 216 45.40 86.57 -20.56
CA ILE H 216 44.33 87.30 -21.23
C ILE H 216 44.92 88.57 -21.81
N ARG H 217 44.66 88.84 -23.09
CA ARG H 217 45.17 90.04 -23.72
C ARG H 217 44.20 90.51 -24.78
N HIS H 218 44.41 91.75 -25.24
CA HIS H 218 43.81 92.20 -26.48
C HIS H 218 44.60 91.62 -27.65
N VAL H 219 43.89 91.24 -28.72
CA VAL H 219 44.59 90.84 -29.94
C VAL H 219 44.83 92.02 -30.85
N ASN H 220 44.21 93.16 -30.59
CA ASN H 220 44.45 94.35 -31.39
C ASN H 220 45.85 94.86 -31.11
N ARG H 221 46.60 95.15 -32.18
CA ARG H 221 48.02 95.48 -32.02
C ARG H 221 48.20 96.86 -31.38
N SER H 222 47.35 97.81 -31.72
CA SER H 222 47.47 99.16 -31.20
C SER H 222 46.11 99.84 -31.23
N SER H 223 46.09 101.11 -30.83
CA SER H 223 44.88 101.91 -30.79
C SER H 223 45.29 103.37 -30.83
N PRO H 224 44.44 104.27 -31.34
CA PRO H 224 44.78 105.69 -31.31
C PRO H 224 44.83 106.26 -29.90
N HIS H 225 43.84 105.93 -29.08
CA HIS H 225 43.82 106.35 -27.68
C HIS H 225 43.99 105.12 -26.77
N GLN H 226 43.92 105.36 -25.46
CA GLN H 226 44.13 104.31 -24.48
C GLN H 226 42.81 103.62 -24.15
N ILE H 227 42.82 102.30 -24.18
CA ILE H 227 41.66 101.48 -23.82
C ILE H 227 42.08 100.57 -22.68
N THR H 228 41.34 100.62 -21.58
CA THR H 228 41.67 99.88 -20.37
C THR H 228 40.55 98.87 -20.13
N SER H 229 40.82 97.61 -20.41
CA SER H 229 39.81 96.56 -20.30
C SER H 229 39.85 95.92 -18.93
N THR H 230 38.69 95.50 -18.45
CA THR H 230 38.55 94.86 -17.16
C THR H 230 37.89 93.50 -17.36
N ILE H 231 38.48 92.47 -16.75
CA ILE H 231 37.98 91.11 -16.89
C ILE H 231 37.58 90.58 -15.53
N ARG H 232 36.49 89.82 -15.50
CA ARG H 232 35.96 89.21 -14.29
C ARG H 232 35.77 87.72 -14.58
N VAL H 233 36.62 86.88 -14.01
CA VAL H 233 36.59 85.45 -14.27
C VAL H 233 35.61 84.80 -13.30
N TYR H 234 34.63 84.08 -13.83
CA TYR H 234 33.60 83.42 -13.04
C TYR H 234 33.90 81.93 -12.97
N PHE H 235 34.53 81.51 -11.87
CA PHE H 235 34.91 80.13 -11.64
C PHE H 235 33.70 79.32 -11.20
N LYS H 236 33.59 78.09 -11.71
CA LYS H 236 32.52 77.21 -11.30
C LYS H 236 32.95 75.75 -11.30
N PRO H 237 32.92 75.08 -10.16
CA PRO H 237 33.16 73.63 -10.15
C PRO H 237 32.00 72.92 -10.83
N LYS H 238 32.30 71.81 -11.48
CA LYS H 238 31.29 71.05 -12.19
C LYS H 238 31.59 69.56 -12.08
N HIS H 239 30.51 68.77 -12.02
CA HIS H 239 30.61 67.31 -11.86
C HIS H 239 31.53 66.97 -10.69
N ILE H 240 31.22 67.56 -9.54
CA ILE H 240 32.15 67.58 -8.41
C ILE H 240 31.88 66.40 -7.48
N LYS H 241 32.94 65.70 -7.11
CA LYS H 241 32.91 64.70 -6.06
C LYS H 241 33.85 65.14 -4.95
N ALA H 242 33.58 64.68 -3.73
CA ALA H 242 34.35 65.14 -2.58
C ALA H 242 34.47 64.01 -1.58
N TRP H 243 35.67 63.84 -1.01
CA TRP H 243 35.96 62.79 -0.06
C TRP H 243 36.47 63.40 1.24
N VAL H 244 36.39 62.61 2.30
CA VAL H 244 36.99 62.91 3.60
C VAL H 244 36.51 64.26 4.10
N PRO H 245 35.35 64.33 4.76
CA PRO H 245 34.89 65.60 5.32
C PRO H 245 35.84 66.08 6.41
N ARG H 246 35.66 67.35 6.78
CA ARG H 246 36.67 68.07 7.54
C ARG H 246 35.97 69.17 8.29
N PRO H 247 36.39 69.52 9.51
CA PRO H 247 35.66 70.53 10.26
C PRO H 247 35.84 71.90 9.61
N PRO H 248 34.88 72.79 9.78
CA PRO H 248 34.98 74.10 9.14
C PRO H 248 36.07 74.97 9.74
N ARG H 249 36.54 75.91 8.92
CA ARG H 249 37.52 76.90 9.35
C ARG H 249 36.93 77.76 10.47
N LEU H 250 37.72 77.99 11.51
CA LEU H 250 37.33 78.85 12.61
C LEU H 250 38.02 80.21 12.57
N CYS H 251 39.34 80.21 12.40
CA CYS H 251 40.12 81.44 12.41
C CYS H 251 40.07 82.13 11.04
N PRO H 252 40.31 83.44 11.00
CA PRO H 252 40.39 84.13 9.72
C PRO H 252 41.64 83.75 8.95
N TYR H 253 41.59 83.94 7.63
CA TYR H 253 42.70 83.60 6.76
C TYR H 253 43.76 84.69 6.79
N ILE H 254 45.03 84.27 6.70
CA ILE H 254 46.15 85.20 6.71
C ILE H 254 46.67 85.39 5.29
N ASN H 255 47.12 84.31 4.67
CA ASN H 255 47.76 84.34 3.36
C ASN H 255 47.18 83.26 2.46
N LYS H 256 47.31 83.48 1.15
CA LYS H 256 46.62 82.67 0.15
C LYS H 256 47.38 81.42 -0.27
N ARG H 257 48.51 81.14 0.36
CA ARG H 257 49.29 79.95 0.04
C ARG H 257 49.62 79.10 1.26
N ASP H 258 49.04 79.41 2.41
CA ASP H 258 49.35 78.69 3.64
C ASP H 258 48.10 78.63 4.51
N VAL H 259 48.24 77.89 5.61
CA VAL H 259 47.14 77.66 6.55
C VAL H 259 47.39 78.40 7.87
N ASN H 260 48.33 79.34 7.88
CA ASN H 260 48.71 80.04 9.08
C ASN H 260 47.55 80.88 9.61
N PHE H 261 47.48 81.03 10.93
CA PHE H 261 46.31 81.64 11.54
C PHE H 261 46.70 82.25 12.88
N VAL H 262 45.81 83.09 13.38
CA VAL H 262 45.91 83.64 14.72
C VAL H 262 44.92 82.89 15.61
N VAL H 263 45.32 82.59 16.84
CA VAL H 263 44.47 81.79 17.72
C VAL H 263 43.21 82.59 18.04
N THR H 264 42.07 82.07 17.61
CA THR H 264 40.79 82.74 17.76
C THR H 264 39.97 82.01 18.83
N GLU H 265 39.05 82.75 19.44
CA GLU H 265 38.18 82.16 20.44
C GLU H 265 37.20 81.19 19.76
N ILE H 266 36.73 80.21 20.53
CA ILE H 266 35.85 79.18 19.98
C ILE H 266 34.53 79.78 19.54
N THR H 267 33.77 80.33 20.48
CA THR H 267 32.50 80.97 20.19
C THR H 267 32.49 82.36 20.80
N ASP H 268 31.42 83.10 20.52
CA ASP H 268 31.23 84.38 21.18
C ASP H 268 30.91 84.14 22.65
N SER H 269 31.44 85.00 23.50
CA SER H 269 31.30 84.77 24.93
C SER H 269 29.94 85.30 25.42
N ARG H 270 29.46 84.71 26.49
CA ARG H 270 28.31 85.22 27.23
C ARG H 270 28.71 85.47 28.67
N THR H 271 27.76 85.99 29.46
CA THR H 271 28.09 86.48 30.79
C THR H 271 28.34 85.33 31.76
N SER H 272 27.36 84.44 31.93
CA SER H 272 27.49 83.30 32.82
C SER H 272 27.11 82.03 32.07
N ILE H 273 27.25 80.90 32.75
CA ILE H 273 26.90 79.61 32.15
C ILE H 273 25.40 79.38 32.12
N THR H 274 24.63 80.15 32.90
CA THR H 274 23.21 79.89 33.07
C THR H 274 22.29 80.93 32.44
N ASP H 275 22.83 82.04 31.96
CA ASP H 275 21.98 83.07 31.37
C ASP H 275 21.62 82.73 29.93
N VAL I 13 38.85 40.01 27.95
CA VAL I 13 40.30 40.09 27.78
C VAL I 13 40.76 39.21 26.63
N ARG I 14 41.25 39.84 25.56
CA ARG I 14 41.75 39.14 24.39
C ARG I 14 43.23 39.46 24.22
N SER I 15 44.04 38.40 24.08
CA SER I 15 45.49 38.54 23.95
C SER I 15 45.84 38.41 22.48
N MET I 16 45.81 39.53 21.76
CA MET I 16 46.16 39.53 20.35
C MET I 16 47.66 39.33 20.18
N THR I 17 48.04 38.70 19.07
CA THR I 17 49.43 38.51 18.73
C THR I 17 49.61 38.71 17.23
N LEU I 18 50.73 39.32 16.85
CA LEU I 18 51.09 39.53 15.44
C LEU I 18 52.59 39.36 15.33
N GLY I 19 53.01 38.30 14.65
CA GLY I 19 54.43 38.04 14.49
C GLY I 19 55.08 37.63 15.80
N ASN I 20 55.97 38.47 16.31
CA ASN I 20 56.62 38.27 17.60
C ASN I 20 56.30 39.43 18.54
N SER I 21 55.04 39.86 18.57
CA SER I 21 54.61 40.95 19.42
C SER I 21 53.20 40.64 19.90
N THR I 22 53.04 40.44 21.21
CA THR I 22 51.76 40.14 21.81
C THR I 22 51.40 41.25 22.78
N ILE I 23 50.18 41.77 22.65
CA ILE I 23 49.64 42.74 23.60
C ILE I 23 48.40 42.12 24.23
N THR I 24 47.94 42.74 25.31
CA THR I 24 46.75 42.30 26.03
C THR I 24 45.71 43.41 25.94
N THR I 25 44.57 43.10 25.33
CA THR I 25 43.52 44.06 25.09
C THR I 25 42.29 43.73 25.94
N GLN I 26 41.36 44.70 25.98
CA GLN I 26 40.14 44.56 26.75
C GLN I 26 38.93 44.44 25.81
N ASN I 30 35.51 48.24 21.40
CA ASN I 30 35.04 48.02 20.03
C ASN I 30 35.81 48.88 19.02
N VAL I 31 36.10 48.30 17.87
CA VAL I 31 36.99 48.93 16.90
C VAL I 31 36.23 50.00 16.13
N VAL I 32 36.85 51.16 15.98
CA VAL I 32 36.32 52.24 15.13
C VAL I 32 37.05 52.12 13.80
N VAL I 33 36.42 51.41 12.86
CA VAL I 33 36.98 51.28 11.51
C VAL I 33 36.82 52.61 10.80
N GLY I 34 37.95 53.20 10.41
CA GLY I 34 37.93 54.56 9.88
C GLY I 34 37.26 54.60 8.52
N TYR I 35 36.20 55.41 8.41
CA TYR I 35 35.45 55.59 7.17
C TYR I 35 34.86 54.27 6.66
N GLY I 36 34.50 53.38 7.57
CA GLY I 36 33.77 52.19 7.19
C GLY I 36 34.51 51.23 6.29
N GLU I 37 35.80 51.42 6.10
CA GLU I 37 36.58 50.57 5.20
C GLU I 37 37.76 49.99 5.94
N TRP I 38 38.05 48.73 5.64
CA TRP I 38 39.18 47.99 6.14
C TRP I 38 40.33 48.15 5.15
N PRO I 39 41.56 48.36 5.61
CA PRO I 39 42.65 48.53 4.66
C PRO I 39 42.77 47.31 3.77
N SER I 40 43.27 47.53 2.55
CA SER I 40 43.39 46.45 1.59
C SER I 40 44.56 46.73 0.66
N TYR I 41 44.94 45.72 -0.11
CA TYR I 41 45.98 45.91 -1.10
C TYR I 41 45.44 46.68 -2.29
N LEU I 42 46.36 47.06 -3.19
CA LEU I 42 46.02 47.96 -4.27
C LEU I 42 45.20 47.26 -5.36
N SER I 43 45.33 45.96 -5.51
CA SER I 43 44.56 45.22 -6.51
C SER I 43 43.09 45.12 -6.11
N THR I 48 49.55 45.38 -12.85
CA THR I 48 50.25 45.99 -13.97
C THR I 48 51.71 45.57 -13.96
N ALA I 49 52.27 45.28 -15.15
CA ALA I 49 53.68 44.94 -15.27
C ALA I 49 54.57 46.16 -15.48
N GLU I 50 53.99 47.34 -15.73
CA GLU I 50 54.79 48.55 -15.84
C GLU I 50 55.23 49.05 -14.48
N ASP I 51 54.39 48.87 -13.46
CA ASP I 51 54.72 49.15 -12.07
C ASP I 51 54.18 48.02 -11.21
N GLN I 52 55.05 47.37 -10.44
CA GLN I 52 54.67 46.18 -9.69
C GLN I 52 54.94 46.38 -8.21
N PRO I 53 53.95 46.25 -7.34
CA PRO I 53 54.19 46.40 -5.91
C PRO I 53 54.76 45.13 -5.27
N THR I 54 55.48 45.34 -4.17
CA THR I 54 56.01 44.26 -3.34
C THR I 54 55.26 44.27 -2.02
N GLN I 55 54.73 43.11 -1.62
CA GLN I 55 54.00 43.01 -0.37
C GLN I 55 54.88 42.35 0.67
N PRO I 56 55.35 43.07 1.68
CA PRO I 56 56.24 42.44 2.67
C PRO I 56 55.57 41.39 3.53
N ASP I 57 54.39 41.68 4.09
CA ASP I 57 53.64 40.74 4.93
C ASP I 57 54.49 40.30 6.12
N VAL I 58 55.63 39.65 5.85
CA VAL I 58 56.55 39.24 6.91
C VAL I 58 56.97 40.46 7.72
N ALA I 59 56.96 40.32 9.04
CA ALA I 59 57.24 41.41 10.00
C ALA I 59 56.28 42.55 9.65
N THR I 60 56.74 43.81 9.67
CA THR I 60 55.91 44.98 9.34
C THR I 60 54.57 45.03 10.06
N CYS I 61 53.86 43.90 10.12
CA CYS I 61 52.53 43.82 10.71
C CYS I 61 52.54 43.69 12.23
N ARG I 62 53.71 43.53 12.83
CA ARG I 62 53.77 43.31 14.27
C ARG I 62 53.45 44.62 15.00
N PHE I 63 53.23 44.52 16.32
CA PHE I 63 52.86 45.68 17.11
C PHE I 63 54.09 46.48 17.51
N TYR I 64 54.06 47.78 17.21
CA TYR I 64 55.13 48.71 17.56
C TYR I 64 54.62 49.60 18.68
N THR I 65 54.92 49.22 19.91
CA THR I 65 54.49 50.01 21.07
C THR I 65 55.43 51.20 21.24
N LEU I 66 54.86 52.40 21.19
CA LEU I 66 55.65 53.61 21.40
C LEU I 66 55.90 53.81 22.89
N GLU I 67 56.67 54.83 23.22
CA GLU I 67 56.95 55.13 24.61
C GLU I 67 55.69 55.63 25.29
N SER I 68 55.48 55.17 26.53
CA SER I 68 54.29 55.55 27.27
C SER I 68 54.34 57.02 27.64
N VAL I 69 53.18 57.67 27.64
CA VAL I 69 53.08 59.11 27.79
C VAL I 69 52.33 59.39 29.08
N GLN I 70 52.96 60.16 29.98
CA GLN I 70 52.36 60.46 31.26
C GLN I 70 51.38 61.62 31.11
N TRP I 71 50.15 61.40 31.56
CA TRP I 71 49.07 62.37 31.46
C TRP I 71 48.79 62.93 32.85
N GLU I 72 49.22 64.18 33.07
CA GLU I 72 49.04 64.86 34.34
C GLU I 72 47.77 65.72 34.29
N LYS I 73 47.53 66.51 35.34
CA LYS I 73 46.38 67.39 35.37
C LYS I 73 46.51 68.56 34.40
N THR I 74 47.74 68.92 34.02
CA THR I 74 47.99 70.11 33.21
C THR I 74 48.44 69.75 31.79
N SER I 75 48.23 68.51 31.36
CA SER I 75 48.62 68.12 30.01
C SER I 75 47.60 68.61 29.01
N PRO I 76 48.00 69.35 27.97
CA PRO I 76 47.04 69.86 27.00
C PRO I 76 46.77 68.91 25.84
N GLY I 77 47.69 68.01 25.54
CA GLY I 77 47.49 67.07 24.46
C GLY I 77 48.80 66.64 23.84
N TRP I 78 48.69 65.82 22.80
CA TRP I 78 49.84 65.29 22.09
C TRP I 78 49.45 65.11 20.62
N TRP I 79 50.46 64.98 19.76
CA TRP I 79 50.20 64.51 18.41
C TRP I 79 51.41 63.75 17.88
N TRP I 80 51.13 62.73 17.09
CA TRP I 80 52.13 61.97 16.33
C TRP I 80 51.79 62.11 14.86
N LYS I 81 52.81 62.24 14.03
CA LYS I 81 52.61 62.26 12.57
C LYS I 81 53.21 61.00 11.97
N PHE I 82 52.37 60.18 11.45
CA PHE I 82 52.51 58.93 10.71
C PHE I 82 52.46 59.22 9.21
N PRO I 83 53.03 58.37 8.35
CA PRO I 83 53.69 57.07 8.58
C PRO I 83 55.08 57.16 9.21
N GLU I 84 55.67 58.35 9.22
CA GLU I 84 57.07 58.48 9.57
C GLU I 84 57.31 58.58 11.07
N ALA I 85 56.26 58.45 11.89
CA ALA I 85 56.50 58.26 13.31
C ALA I 85 57.15 56.92 13.58
N LEU I 86 56.98 55.97 12.67
CA LEU I 86 57.59 54.65 12.74
C LEU I 86 58.87 54.56 11.92
N LYS I 87 59.57 55.69 11.73
CA LYS I 87 60.71 55.68 10.82
C LYS I 87 61.93 55.01 11.41
N ASN I 88 61.96 54.79 12.73
CA ASN I 88 63.03 54.06 13.38
C ASN I 88 62.53 52.76 14.03
N MET I 89 61.36 52.29 13.62
CA MET I 89 60.72 51.12 14.24
C MET I 89 60.93 49.90 13.36
N GLY I 90 62.10 49.30 13.50
CA GLY I 90 62.30 47.94 13.00
C GLY I 90 62.32 47.86 11.48
N LEU I 91 61.73 46.79 10.96
CA LEU I 91 61.72 46.57 9.51
C LEU I 91 60.82 47.56 8.80
N PHE I 92 59.72 47.99 9.43
CA PHE I 92 58.88 49.01 8.81
C PHE I 92 59.63 50.33 8.68
N GLY I 93 60.42 50.68 9.68
CA GLY I 93 61.24 51.88 9.59
C GLY I 93 62.48 51.72 8.73
N GLN I 94 62.81 50.49 8.36
CA GLN I 94 63.92 50.23 7.45
C GLN I 94 63.48 50.08 6.01
N ASN I 95 62.28 49.54 5.76
CA ASN I 95 61.74 49.53 4.40
C ASN I 95 61.35 50.92 3.92
N MET I 96 61.27 51.91 4.82
CA MET I 96 61.04 53.27 4.36
C MET I 96 62.27 53.84 3.65
N HIS I 97 63.46 53.36 3.98
CA HIS I 97 64.68 53.86 3.36
C HIS I 97 65.04 53.15 2.05
N TYR I 98 64.53 51.95 1.82
CA TYR I 98 64.86 51.21 0.60
C TYR I 98 63.82 51.34 -0.49
N HIS I 99 62.56 51.56 -0.12
CA HIS I 99 61.50 51.79 -1.08
C HIS I 99 61.02 53.24 -0.92
N TYR I 100 60.81 53.94 -2.04
CA TYR I 100 60.40 55.32 -2.00
C TYR I 100 58.90 55.49 -2.23
N LEU I 101 58.15 54.39 -2.24
CA LEU I 101 56.70 54.41 -2.36
C LEU I 101 56.11 53.34 -1.44
N GLY I 102 54.97 53.64 -0.84
CA GLY I 102 54.36 52.68 0.07
C GLY I 102 53.01 53.14 0.57
N ARG I 103 52.35 52.24 1.30
CA ARG I 103 51.03 52.47 1.86
C ARG I 103 50.79 51.42 2.94
N ALA I 104 49.95 51.76 3.91
CA ALA I 104 49.69 50.85 5.04
C ALA I 104 48.36 51.24 5.71
N GLY I 105 48.02 50.53 6.77
CA GLY I 105 46.71 50.66 7.40
C GLY I 105 46.68 51.12 8.85
N TYR I 106 47.66 50.72 9.66
CA TYR I 106 47.92 51.30 10.98
C TYR I 106 46.72 51.13 11.93
N THR I 107 46.56 49.90 12.42
CA THR I 107 45.70 49.68 13.58
C THR I 107 46.35 50.29 14.82
N ILE I 108 45.65 51.22 15.47
CA ILE I 108 46.21 52.00 16.56
C ILE I 108 45.44 51.70 17.84
N HIS I 109 46.09 50.98 18.77
CA HIS I 109 45.53 50.77 20.10
C HIS I 109 46.04 51.86 21.03
N VAL I 110 45.14 52.39 21.86
CA VAL I 110 45.49 53.42 22.85
C VAL I 110 44.88 52.98 24.18
N GLN I 111 45.69 52.40 25.04
CA GLN I 111 45.29 52.12 26.41
C GLN I 111 45.60 53.31 27.31
N CYS I 112 45.05 53.28 28.52
CA CYS I 112 45.28 54.33 29.51
C CYS I 112 45.59 53.79 30.89
N ASN I 113 45.20 52.54 31.20
CA ASN I 113 45.46 51.83 32.45
C ASN I 113 45.53 52.74 33.67
N ALA I 114 44.52 53.62 33.81
CA ALA I 114 44.38 54.41 35.02
C ALA I 114 43.76 53.54 36.12
N SER I 115 43.51 54.15 37.27
CA SER I 115 42.89 53.43 38.37
C SER I 115 41.38 53.59 38.30
N LYS I 116 40.71 53.28 39.41
CA LYS I 116 39.26 53.42 39.52
C LYS I 116 38.87 54.76 40.13
N PHE I 117 39.80 55.44 40.79
CA PHE I 117 39.56 56.74 41.41
C PHE I 117 40.02 57.90 40.54
N HIS I 118 40.73 57.64 39.45
CA HIS I 118 41.06 58.69 38.49
C HIS I 118 39.85 58.98 37.62
N GLN I 119 39.77 60.22 37.16
CA GLN I 119 38.71 60.65 36.27
C GLN I 119 39.30 61.46 35.13
N GLY I 120 38.62 61.45 34.00
CA GLY I 120 39.10 62.18 32.84
C GLY I 120 38.47 61.64 31.57
N CYS I 121 38.85 62.27 30.46
CA CYS I 121 38.31 61.90 29.17
C CYS I 121 39.27 62.34 28.08
N LEU I 122 39.47 61.49 27.09
CA LEU I 122 40.37 61.74 25.98
C LEU I 122 39.61 61.68 24.65
N LEU I 123 40.09 62.48 23.69
CA LEU I 123 39.68 62.37 22.30
C LEU I 123 40.85 61.76 21.53
N VAL I 124 40.66 60.55 21.03
CA VAL I 124 41.67 59.85 20.23
C VAL I 124 41.19 59.92 18.78
N VAL I 125 41.80 60.81 17.99
CA VAL I 125 41.37 61.12 16.65
C VAL I 125 42.60 61.09 15.74
N CYS I 126 42.36 60.82 14.46
CA CYS I 126 43.43 60.50 13.53
C CYS I 126 43.72 61.58 12.49
N VAL I 127 42.70 62.34 12.07
CA VAL I 127 42.88 63.56 11.29
C VAL I 127 43.77 63.33 10.07
N PRO I 128 43.27 62.76 8.99
CA PRO I 128 44.08 62.67 7.77
C PRO I 128 44.38 64.05 7.21
N GLU I 129 45.62 64.23 6.74
CA GLU I 129 46.07 65.48 6.12
C GLU I 129 45.95 66.67 7.07
N ALA I 130 46.57 66.56 8.24
CA ALA I 130 46.57 67.65 9.20
C ALA I 130 47.70 68.62 8.83
N GLU I 131 47.39 69.58 7.96
CA GLU I 131 48.33 70.64 7.64
C GLU I 131 48.26 71.69 8.75
N MET I 132 49.34 71.79 9.52
CA MET I 132 49.35 72.67 10.68
C MET I 132 49.95 74.03 10.33
N GLY I 133 49.65 75.01 11.17
CA GLY I 133 50.02 76.39 10.92
C GLY I 133 51.15 76.84 11.82
N CYS I 134 51.96 77.76 11.30
CA CYS I 134 53.10 78.28 12.04
C CYS I 134 52.63 79.19 13.17
N ALA I 135 53.49 79.35 14.18
CA ALA I 135 53.10 80.06 15.40
C ALA I 135 53.01 81.56 15.17
N ASP I 136 54.04 82.13 14.54
CA ASP I 136 54.00 83.52 14.07
C ASP I 136 53.93 83.51 12.56
N THR I 137 52.78 83.85 12.01
CA THR I 137 52.57 83.79 10.57
C THR I 137 53.39 84.88 9.87
N ASP I 138 53.54 84.70 8.56
CA ASP I 138 54.46 85.32 7.59
C ASP I 138 55.76 84.56 7.43
N THR I 139 55.86 83.38 8.04
CA THR I 139 57.07 82.56 7.93
C THR I 139 56.71 81.09 8.09
N THR I 140 57.71 80.23 7.93
CA THR I 140 57.57 78.79 8.05
C THR I 140 58.35 78.27 9.25
N PHE I 141 58.23 76.96 9.50
CA PHE I 141 58.91 76.29 10.59
C PHE I 141 59.95 75.29 10.06
N PRO I 142 61.00 75.00 10.84
CA PRO I 142 62.14 74.24 10.33
C PRO I 142 61.96 72.73 10.19
N ALA I 143 60.72 72.26 10.05
CA ALA I 143 60.43 70.88 9.62
C ALA I 143 60.76 69.84 10.69
N THR I 144 61.51 70.22 11.72
CA THR I 144 61.72 69.37 12.88
C THR I 144 60.77 69.73 14.02
N GLU I 145 59.82 70.62 13.76
CA GLU I 145 58.80 71.01 14.73
C GLU I 145 57.51 70.24 14.56
N LEU I 146 57.26 69.69 13.37
CA LEU I 146 56.08 68.84 13.18
C LEU I 146 56.26 67.47 13.82
N THR I 147 57.46 66.89 13.73
CA THR I 147 57.65 65.52 14.18
C THR I 147 59.02 65.36 14.84
N THR I 148 59.04 64.55 15.89
CA THR I 148 60.27 64.06 16.51
C THR I 148 60.08 62.55 16.59
N GLU I 149 60.15 61.92 15.42
CA GLU I 149 59.84 60.51 15.19
C GLU I 149 58.96 59.87 16.26
N ASP I 150 59.59 59.15 17.20
CA ASP I 150 58.84 58.41 18.20
C ASP I 150 58.16 59.33 19.22
N THR I 151 58.85 60.39 19.67
CA THR I 151 58.28 61.14 20.76
C THR I 151 57.21 62.12 20.26
N PRO I 152 56.19 62.39 21.07
CA PRO I 152 55.11 63.29 20.64
C PRO I 152 55.41 64.75 20.91
N HIS I 153 54.98 65.59 19.97
CA HIS I 153 54.90 67.02 20.23
C HIS I 153 53.63 67.31 21.02
N VAL I 154 53.78 67.97 22.16
CA VAL I 154 52.63 68.34 22.96
C VAL I 154 51.96 69.58 22.38
N PHE I 155 50.68 69.74 22.70
CA PHE I 155 50.02 71.00 22.45
C PHE I 155 50.39 71.99 23.55
N THR I 156 49.83 73.19 23.48
CA THR I 156 49.98 74.18 24.53
C THR I 156 48.61 74.64 24.96
N SER I 157 48.55 75.23 26.16
CA SER I 157 47.28 75.71 26.69
C SER I 157 46.93 77.10 26.18
N ASP I 158 47.92 77.88 25.77
CA ASP I 158 47.69 79.22 25.23
C ASP I 158 48.49 79.43 23.97
N SER I 159 48.48 80.65 23.44
CA SER I 159 49.20 80.94 22.21
C SER I 159 50.70 81.03 22.47
N ILE I 160 51.48 80.68 21.44
CA ILE I 160 52.93 80.70 21.50
C ILE I 160 53.46 81.41 20.26
N THR I 161 54.70 81.85 20.35
CA THR I 161 55.39 82.52 19.25
C THR I 161 56.67 81.78 18.92
N GLY I 162 57.32 82.19 17.84
CA GLY I 162 58.52 81.52 17.37
C GLY I 162 58.25 80.66 16.15
N LYS I 163 59.33 80.27 15.48
CA LYS I 163 59.24 79.50 14.24
C LYS I 163 58.96 78.04 14.58
N LYS I 164 57.71 77.78 14.95
CA LYS I 164 57.27 76.43 15.27
C LYS I 164 55.76 76.36 15.07
N VAL I 165 55.19 75.20 15.38
CA VAL I 165 53.77 74.95 15.11
C VAL I 165 52.93 75.67 16.15
N GLN I 166 51.87 76.34 15.70
CA GLN I 166 50.91 76.94 16.61
C GLN I 166 50.16 75.81 17.30
N ALA I 167 50.66 75.36 18.44
CA ALA I 167 50.16 74.16 19.11
C ALA I 167 49.21 74.49 20.25
N ALA I 168 48.45 75.58 20.13
CA ALA I 168 47.43 75.88 21.13
C ALA I 168 46.19 75.04 20.87
N VAL I 169 45.71 74.35 21.91
CA VAL I 169 44.40 73.71 21.81
C VAL I 169 43.33 74.80 21.75
N CYS I 170 42.13 74.38 21.35
CA CYS I 170 41.00 75.14 20.82
C CYS I 170 41.23 75.50 19.37
N ASN I 171 42.45 75.36 18.86
CA ASN I 171 42.79 75.56 17.46
C ASN I 171 43.89 74.57 17.08
N ALA I 172 43.59 73.29 17.25
CA ALA I 172 44.57 72.22 17.46
C ALA I 172 45.84 72.39 16.65
N GLY I 173 45.75 72.22 15.33
CA GLY I 173 46.84 72.60 14.45
C GLY I 173 46.39 73.38 13.24
N MET I 174 45.13 73.18 12.84
CA MET I 174 44.67 73.54 11.51
C MET I 174 43.82 74.80 11.48
N GLY I 175 43.59 75.44 12.62
CA GLY I 175 42.72 76.60 12.64
C GLY I 175 41.25 76.27 12.72
N VAL I 176 40.91 75.06 13.13
CA VAL I 176 39.53 74.66 13.31
C VAL I 176 39.23 74.66 14.81
N GLY I 177 37.95 74.53 15.15
CA GLY I 177 37.59 74.34 16.54
C GLY I 177 37.98 72.94 16.98
N VAL I 178 38.52 72.86 18.20
CA VAL I 178 38.99 71.55 18.67
C VAL I 178 37.83 70.69 19.16
N GLY I 179 36.67 71.30 19.45
CA GLY I 179 35.54 70.51 19.90
C GLY I 179 34.93 69.70 18.77
N ASN I 180 34.75 70.31 17.61
CA ASN I 180 34.23 69.60 16.44
C ASN I 180 35.35 69.00 15.60
N LEU I 181 36.29 68.35 16.29
CA LEU I 181 37.30 67.52 15.66
C LEU I 181 36.85 66.07 15.61
N THR I 182 35.58 65.82 15.93
CA THR I 182 34.97 64.51 16.01
C THR I 182 34.52 64.00 14.65
N ILE I 183 34.64 64.82 13.60
CA ILE I 183 34.24 64.41 12.26
C ILE I 183 35.15 63.31 11.73
N PHE I 184 36.36 63.20 12.25
CA PHE I 184 37.33 62.22 11.78
C PHE I 184 37.12 60.88 12.48
N PRO I 185 37.84 59.83 12.07
CA PRO I 185 37.81 58.59 12.84
C PRO I 185 38.33 58.81 14.27
N HIS I 186 37.44 58.68 15.24
CA HIS I 186 37.72 59.05 16.62
C HIS I 186 37.27 57.95 17.57
N GLN I 187 37.64 58.13 18.83
CA GLN I 187 37.18 57.27 19.91
C GLN I 187 37.38 58.00 21.22
N TRP I 188 36.36 58.03 22.06
CA TRP I 188 36.46 58.64 23.38
C TRP I 188 37.00 57.61 24.37
N ILE I 189 37.92 58.05 25.22
CA ILE I 189 38.37 57.20 26.31
C ILE I 189 37.94 57.86 27.62
N ASN I 190 36.74 57.50 28.09
CA ASN I 190 36.24 57.99 29.36
C ASN I 190 36.66 57.02 30.46
N LEU I 191 37.51 57.50 31.37
CA LEU I 191 38.06 56.63 32.40
C LEU I 191 36.99 56.10 33.34
N ARG I 192 35.82 56.74 33.36
CA ARG I 192 34.69 56.21 34.10
C ARG I 192 34.27 54.85 33.56
N THR I 193 34.18 54.72 32.24
CA THR I 193 33.70 53.51 31.59
C THR I 193 34.82 52.65 31.04
N ASN I 194 35.58 53.17 30.08
CA ASN I 194 36.55 52.38 29.33
C ASN I 194 37.95 52.95 29.50
N ASN I 195 38.92 52.23 28.94
CA ASN I 195 40.32 52.63 28.98
C ASN I 195 41.02 52.47 27.64
N SER I 196 40.49 51.67 26.72
CA SER I 196 41.18 51.33 25.49
C SER I 196 40.43 51.89 24.28
N ALA I 197 41.19 52.24 23.27
CA ALA I 197 40.67 52.70 22.00
C ALA I 197 41.41 51.98 20.88
N THR I 198 40.74 51.77 19.76
CA THR I 198 41.37 51.15 18.60
C THR I 198 40.76 51.71 17.33
N ILE I 199 41.61 52.16 16.42
CA ILE I 199 41.20 52.84 15.21
C ILE I 199 41.95 52.22 14.04
N VAL I 200 41.23 52.00 12.93
CA VAL I 200 41.81 51.40 11.72
C VAL I 200 41.63 52.40 10.60
N ILE I 201 42.73 52.80 9.98
CA ILE I 201 42.76 53.95 9.07
C ILE I 201 43.26 53.46 7.71
N PRO I 202 42.36 53.24 6.75
CA PRO I 202 42.65 52.46 5.54
C PRO I 202 43.38 53.21 4.42
N TYR I 203 44.43 53.95 4.80
CA TYR I 203 45.28 54.66 3.84
C TYR I 203 44.46 55.63 2.97
N ILE I 204 44.15 56.77 3.56
CA ILE I 204 43.47 57.83 2.82
C ILE I 204 44.51 58.69 2.10
N ASN I 205 44.46 58.68 0.76
CA ASN I 205 45.37 59.50 -0.05
C ASN I 205 44.80 59.60 -1.45
N SER I 206 45.23 60.63 -2.18
CA SER I 206 44.75 60.91 -3.52
C SER I 206 45.54 60.21 -4.62
N VAL I 207 46.64 59.55 -4.27
CA VAL I 207 47.47 58.80 -5.21
C VAL I 207 47.63 57.42 -4.60
N PRO I 208 47.69 56.34 -5.39
CA PRO I 208 47.69 55.00 -4.77
C PRO I 208 48.91 54.75 -3.90
N MET I 209 50.06 55.31 -4.24
CA MET I 209 51.26 55.14 -3.44
C MET I 209 52.00 56.48 -3.36
N ASP I 210 52.57 56.77 -2.20
CA ASP I 210 53.28 58.02 -2.03
C ASP I 210 54.50 57.80 -1.16
N ASN I 211 55.45 58.73 -1.23
CA ASN I 211 56.68 58.62 -0.45
C ASN I 211 56.37 58.79 1.04
N MET I 212 57.06 58.01 1.85
CA MET I 212 56.77 57.95 3.28
C MET I 212 57.56 58.95 4.12
N PHE I 213 58.45 59.72 3.50
CA PHE I 213 59.16 60.77 4.23
C PHE I 213 58.66 62.17 3.90
N ARG I 214 58.18 62.40 2.69
CA ARG I 214 57.64 63.70 2.35
C ARG I 214 56.27 63.91 2.98
N HIS I 215 55.39 62.93 2.87
CA HIS I 215 53.97 63.10 3.13
C HIS I 215 53.57 62.41 4.42
N TYR I 216 52.90 63.14 5.31
CA TYR I 216 52.36 62.61 6.55
C TYR I 216 50.89 62.28 6.29
N ASN I 217 50.58 60.98 6.24
CA ASN I 217 49.24 60.59 5.78
C ASN I 217 48.16 60.97 6.80
N PHE I 218 48.45 60.84 8.09
CA PHE I 218 47.50 61.26 9.10
C PHE I 218 48.25 61.67 10.36
N THR I 219 47.52 62.25 11.30
CA THR I 219 48.09 62.82 12.52
C THR I 219 47.30 62.32 13.73
N LEU I 220 47.79 61.26 14.36
CA LEU I 220 47.17 60.77 15.60
C LEU I 220 47.39 61.81 16.69
N MET I 221 46.32 62.47 17.12
CA MET I 221 46.39 63.45 18.20
C MET I 221 45.41 63.07 19.30
N ILE I 222 45.91 63.03 20.53
CA ILE I 222 45.15 62.65 21.70
C ILE I 222 44.97 63.90 22.55
N ILE I 223 43.72 64.32 22.76
CA ILE I 223 43.42 65.61 23.35
C ILE I 223 42.53 65.39 24.57
N PRO I 224 42.98 65.75 25.78
CA PRO I 224 42.15 65.61 26.98
C PRO I 224 41.11 66.72 27.05
N PHE I 225 39.84 66.36 26.82
CA PHE I 225 38.75 67.32 27.03
C PHE I 225 38.47 67.54 28.50
N ALA I 226 38.02 66.51 29.18
CA ALA I 226 37.90 66.67 30.63
C ALA I 226 39.26 66.38 31.27
N PRO I 227 39.78 67.28 32.09
CA PRO I 227 41.14 67.11 32.59
C PRO I 227 41.22 66.00 33.63
N LEU I 228 42.42 65.45 33.77
CA LEU I 228 42.65 64.44 34.79
C LEU I 228 42.46 65.04 36.18
N ASN I 229 41.88 64.27 37.09
CA ASN I 229 41.74 64.72 38.46
C ASN I 229 41.82 63.52 39.39
N PHE I 230 42.32 63.77 40.60
CA PHE I 230 42.54 62.74 41.60
C PHE I 230 42.81 63.46 42.93
N THR I 231 42.97 62.68 43.98
CA THR I 231 43.26 63.22 45.30
C THR I 231 44.74 63.01 45.63
N ASP I 232 45.12 63.38 46.85
CA ASP I 232 46.52 63.49 47.24
C ASP I 232 47.17 62.15 47.55
N GLY I 233 46.51 61.04 47.25
CA GLY I 233 47.11 59.74 47.49
C GLY I 233 47.43 58.96 46.23
N ALA I 234 46.76 59.28 45.13
CA ALA I 234 46.93 58.53 43.90
C ALA I 234 48.23 58.93 43.21
N THR I 235 48.57 58.21 42.15
CA THR I 235 49.73 58.58 41.35
C THR I 235 49.41 59.82 40.53
N ALA I 236 50.39 60.72 40.44
CA ALA I 236 50.17 62.06 39.89
C ALA I 236 50.05 62.07 38.38
N TYR I 237 49.88 60.92 37.74
CA TYR I 237 49.82 60.84 36.29
C TYR I 237 49.10 59.57 35.88
N VAL I 238 48.77 59.49 34.60
CA VAL I 238 48.16 58.31 34.00
C VAL I 238 48.89 58.02 32.69
N PRO I 239 49.62 56.92 32.58
CA PRO I 239 50.43 56.65 31.38
C PRO I 239 49.57 56.17 30.24
N ILE I 240 49.65 56.85 29.10
CA ILE I 240 48.89 56.52 27.90
C ILE I 240 49.82 55.73 26.99
N THR I 241 49.39 54.53 26.60
CA THR I 241 50.21 53.62 25.81
C THR I 241 49.67 53.54 24.39
N VAL I 242 50.54 53.80 23.41
CA VAL I 242 50.16 53.84 22.00
C VAL I 242 50.84 52.70 21.28
N THR I 243 50.07 51.96 20.48
CA THR I 243 50.55 50.77 19.78
C THR I 243 50.01 50.80 18.37
N ILE I 244 50.90 50.68 17.39
CA ILE I 244 50.54 50.81 15.98
C ILE I 244 50.95 49.52 15.26
N ALA I 245 50.03 48.95 14.51
CA ALA I 245 50.29 47.77 13.69
C ALA I 245 50.11 48.11 12.23
N PRO I 246 51.18 48.28 11.44
CA PRO I 246 51.02 48.61 10.01
C PRO I 246 50.46 47.44 9.23
N MET I 247 49.21 47.54 8.80
CA MET I 247 48.55 46.44 8.10
C MET I 247 48.55 46.68 6.60
N TYR I 248 48.69 45.59 5.85
CA TYR I 248 48.61 45.60 4.39
C TYR I 248 49.60 46.60 3.79
N ALA I 249 50.79 46.63 4.36
CA ALA I 249 51.83 47.50 3.85
C ALA I 249 52.37 46.91 2.55
N GLU I 250 52.38 47.71 1.49
CA GLU I 250 52.98 47.28 0.24
C GLU I 250 53.77 48.44 -0.36
N TYR I 251 54.79 48.08 -1.13
CA TYR I 251 55.86 48.98 -1.54
C TYR I 251 56.02 48.86 -3.05
N ASN I 252 56.99 49.55 -3.61
CA ASN I 252 57.24 49.39 -5.03
C ASN I 252 58.13 48.17 -5.27
N GLY I 253 58.33 47.85 -6.55
CA GLY I 253 59.18 46.73 -6.91
C GLY I 253 60.61 47.19 -7.16
N LEU I 254 61.56 46.35 -6.75
CA LEU I 254 62.97 46.64 -6.95
C LEU I 254 63.60 45.78 -8.04
N ARG I 255 62.95 44.70 -8.42
CA ARG I 255 63.41 43.78 -9.45
C ARG I 255 63.11 44.32 -10.84
N LEU I 256 63.79 43.78 -11.84
CA LEU I 256 63.49 44.10 -13.22
C LEU I 256 62.25 43.34 -13.66
N ALA I 257 61.74 43.70 -14.83
CA ALA I 257 60.58 43.01 -15.40
C ALA I 257 60.99 42.27 -16.67
N GLY J 1 18.01 77.59 -43.76
CA GLY J 1 17.84 76.38 -42.99
C GLY J 1 16.65 76.40 -42.04
N VAL J 2 16.90 76.05 -40.79
CA VAL J 2 15.83 75.99 -39.78
C VAL J 2 15.50 77.40 -39.33
N PRO J 3 14.25 77.85 -39.47
CA PRO J 3 13.90 79.18 -38.99
C PRO J 3 13.82 79.24 -37.47
N VAL J 4 14.77 79.91 -36.85
CA VAL J 4 14.80 80.08 -35.41
C VAL J 4 14.55 81.55 -35.10
N LEU J 5 14.13 81.82 -33.87
CA LEU J 5 14.01 83.19 -33.40
C LEU J 5 14.45 83.27 -31.96
N ASN J 6 15.33 84.22 -31.67
CA ASN J 6 15.91 84.37 -30.34
C ASN J 6 14.89 84.98 -29.39
N THR J 7 14.71 84.32 -28.26
CA THR J 7 13.81 84.78 -27.22
C THR J 7 14.50 85.86 -26.39
N PRO J 8 13.75 86.56 -25.53
CA PRO J 8 14.42 87.36 -24.51
C PRO J 8 15.22 86.45 -23.58
N GLY J 9 16.45 86.86 -23.28
CA GLY J 9 17.37 86.03 -22.55
C GLY J 9 18.45 85.37 -23.39
N SER J 10 18.54 85.72 -24.67
CA SER J 10 19.61 85.25 -25.52
C SER J 10 20.83 86.15 -25.37
N ASN J 11 22.01 85.57 -25.51
CA ASN J 11 23.28 86.30 -25.43
C ASN J 11 23.43 87.01 -24.09
N GLN J 12 22.84 86.46 -23.03
CA GLN J 12 23.06 86.95 -21.68
C GLN J 12 23.87 85.93 -20.91
N PHE J 13 24.34 86.35 -19.74
CA PHE J 13 25.11 85.48 -18.87
C PHE J 13 24.42 85.43 -17.52
N LEU J 14 23.50 84.47 -17.36
CA LEU J 14 22.94 84.15 -16.06
C LEU J 14 23.98 83.37 -15.27
N THR J 15 24.25 83.82 -14.05
CA THR J 15 25.32 83.21 -13.25
C THR J 15 24.99 81.77 -12.91
N SER J 16 23.73 81.49 -12.58
CA SER J 16 23.28 80.15 -12.21
C SER J 16 22.57 79.51 -13.39
N ASP J 17 23.36 78.95 -14.30
CA ASP J 17 22.84 78.14 -15.39
C ASP J 17 23.61 76.83 -15.45
N ASP J 18 23.07 75.87 -16.20
CA ASP J 18 23.60 74.52 -16.29
C ASP J 18 23.73 74.10 -17.75
N TYR J 19 24.37 74.95 -18.55
CA TYR J 19 24.52 74.71 -19.98
C TYR J 19 25.78 73.89 -20.25
N GLN J 20 25.82 73.32 -21.45
CA GLN J 20 26.95 72.47 -21.86
C GLN J 20 28.11 73.36 -22.25
N SER J 21 29.12 73.43 -21.37
CA SER J 21 30.28 74.27 -21.66
C SER J 21 31.15 73.59 -22.70
N PRO J 22 31.59 74.31 -23.74
CA PRO J 22 32.49 73.69 -24.72
C PRO J 22 33.86 73.43 -24.11
N SER J 23 34.28 72.17 -24.13
CA SER J 23 35.48 71.76 -23.42
C SER J 23 36.72 72.26 -24.17
N ALA J 24 37.67 72.83 -23.42
CA ALA J 24 38.86 73.40 -24.03
C ALA J 24 39.86 72.33 -24.43
N MET J 25 39.86 71.19 -23.74
CA MET J 25 40.82 70.12 -24.01
C MET J 25 40.03 68.86 -24.36
N PRO J 26 39.59 68.72 -25.61
CA PRO J 26 38.71 67.61 -25.97
C PRO J 26 39.47 66.30 -26.14
N GLN J 27 40.68 66.41 -26.68
CA GLN J 27 41.53 65.23 -26.85
C GLN J 27 41.91 64.65 -25.51
N PHE J 28 42.08 65.52 -24.51
CA PHE J 28 42.56 65.14 -23.19
C PHE J 28 41.62 64.16 -22.51
N ASP J 29 42.16 63.02 -22.07
CA ASP J 29 41.42 62.03 -21.30
C ASP J 29 41.88 62.05 -19.85
N GLU J 30 40.96 62.34 -18.94
CA GLU J 30 41.26 62.57 -17.54
C GLU J 30 41.62 61.27 -16.80
N THR J 31 42.26 61.45 -15.65
CA THR J 31 42.78 60.33 -14.86
C THR J 31 41.63 59.44 -14.37
N PRO J 32 41.79 58.12 -14.40
CA PRO J 32 40.73 57.23 -13.90
C PRO J 32 40.51 57.41 -12.40
N GLU J 33 39.24 57.29 -12.00
CA GLU J 33 38.85 57.52 -10.62
C GLU J 33 39.11 56.27 -9.79
N MET J 34 40.06 56.37 -8.86
CA MET J 34 40.23 55.29 -7.90
C MET J 34 39.24 55.45 -6.76
N HIS J 35 39.09 54.39 -5.96
CA HIS J 35 38.24 54.46 -4.78
C HIS J 35 39.03 55.06 -3.62
N ILE J 36 38.60 56.22 -3.16
CA ILE J 36 39.19 56.89 -1.99
C ILE J 36 38.21 56.74 -0.83
N PRO J 37 38.68 56.33 0.35
CA PRO J 37 37.74 56.09 1.46
C PRO J 37 37.11 57.38 1.97
N GLY J 38 35.84 57.28 2.36
CA GLY J 38 35.17 58.39 3.03
C GLY J 38 34.58 59.41 2.09
N GLU J 39 33.71 58.98 1.19
CA GLU J 39 33.08 59.91 0.26
C GLU J 39 31.89 60.60 0.92
N VAL J 40 31.76 61.89 0.65
CA VAL J 40 30.59 62.67 1.05
C VAL J 40 29.72 62.85 -0.17
N ARG J 41 28.44 62.50 -0.04
CA ARG J 41 27.48 62.63 -1.12
C ARG J 41 26.36 63.58 -0.75
N ASN J 42 26.40 64.18 0.44
CA ASN J 42 25.36 65.05 0.96
C ASN J 42 25.93 65.78 2.17
N LEU J 43 25.65 67.08 2.26
CA LEU J 43 26.20 67.88 3.35
C LEU J 43 25.66 67.43 4.71
N MET J 44 24.37 67.06 4.76
CA MET J 44 23.76 66.67 6.03
C MET J 44 24.35 65.38 6.60
N GLU J 45 25.33 64.78 5.94
CA GLU J 45 26.12 63.71 6.56
C GLU J 45 27.18 64.27 7.49
N ILE J 46 27.47 65.57 7.41
CA ILE J 46 28.37 66.21 8.37
C ILE J 46 27.60 66.64 9.62
N ALA J 47 26.35 67.06 9.46
CA ALA J 47 25.55 67.49 10.60
C ALA J 47 25.18 66.33 11.52
N GLU J 48 25.15 65.11 11.00
CA GLU J 48 24.79 63.95 11.79
C GLU J 48 25.92 63.44 12.67
N VAL J 49 27.11 64.05 12.61
CA VAL J 49 28.24 63.65 13.44
C VAL J 49 28.19 64.43 14.75
N ASP J 50 28.27 63.72 15.87
CA ASP J 50 28.34 64.37 17.17
C ASP J 50 29.63 65.18 17.28
N SER J 51 29.56 66.28 18.01
CA SER J 51 30.73 67.09 18.27
C SER J 51 30.49 67.88 19.56
N VAL J 52 31.59 68.21 20.24
CA VAL J 52 31.50 68.75 21.60
C VAL J 52 31.02 70.18 21.54
N VAL J 53 30.11 70.53 22.44
CA VAL J 53 29.41 71.81 22.43
C VAL J 53 29.97 72.67 23.55
N PRO J 54 30.51 73.85 23.27
CA PRO J 54 31.07 74.72 24.32
C PRO J 54 29.99 75.41 25.14
N VAL J 55 29.49 74.69 26.15
CA VAL J 55 28.43 75.23 27.00
C VAL J 55 28.99 76.27 27.96
N ASN J 56 30.19 76.03 28.49
CA ASN J 56 30.82 76.93 29.45
C ASN J 56 31.65 78.00 28.73
N ASN J 57 31.01 78.71 27.81
CA ASN J 57 31.68 79.75 27.03
C ASN J 57 31.56 81.12 27.68
N VAL J 58 31.92 81.21 28.97
CA VAL J 58 31.86 82.47 29.69
C VAL J 58 33.02 83.36 29.27
N THR J 59 33.04 84.60 29.75
CA THR J 59 33.82 85.68 29.14
C THR J 59 35.32 85.42 29.10
N GLY J 60 35.84 84.53 29.94
CA GLY J 60 37.27 84.34 29.98
C GLY J 60 37.73 82.92 29.70
N LYS J 61 36.81 82.08 29.23
CA LYS J 61 37.07 80.64 29.11
C LYS J 61 36.72 80.14 27.71
N THR J 62 36.93 80.97 26.69
CA THR J 62 36.59 80.60 25.32
C THR J 62 37.80 80.35 24.43
N LYS J 63 38.99 80.81 24.83
CA LYS J 63 40.21 80.51 24.09
C LYS J 63 40.96 79.32 24.67
N SER J 64 40.44 78.70 25.73
CA SER J 64 40.97 77.46 26.28
C SER J 64 39.94 76.35 26.07
N MET J 65 40.30 75.15 26.51
CA MET J 65 39.38 74.02 26.46
C MET J 65 38.54 73.90 27.72
N ASP J 66 38.44 74.97 28.51
CA ASP J 66 37.48 75.04 29.59
C ASP J 66 36.10 75.46 29.09
N ALA J 67 35.98 75.79 27.79
CA ALA J 67 34.67 76.11 27.22
C ALA J 67 33.79 74.87 27.13
N TYR J 68 34.39 73.69 26.93
CA TYR J 68 33.65 72.47 26.69
C TYR J 68 33.24 71.76 27.98
N GLN J 69 33.75 72.20 29.12
CA GLN J 69 33.62 71.47 30.37
C GLN J 69 32.56 72.14 31.24
N ILE J 70 31.54 71.39 31.61
CA ILE J 70 30.47 71.87 32.49
C ILE J 70 30.84 71.46 33.90
N PRO J 71 31.18 72.39 34.80
CA PRO J 71 31.62 72.00 36.14
C PRO J 71 30.45 71.52 36.99
N VAL J 72 30.62 70.35 37.59
CA VAL J 72 29.61 69.74 38.45
C VAL J 72 30.28 69.40 39.78
N GLY J 73 29.80 70.02 40.86
CA GLY J 73 30.39 69.82 42.17
C GLY J 73 31.48 70.83 42.48
N ASP J 78 25.40 74.81 45.94
CA ASP J 78 24.18 75.56 45.68
C ASP J 78 23.25 74.80 44.74
N LYS J 79 22.11 74.36 45.28
CA LYS J 79 21.12 73.61 44.52
C LYS J 79 19.95 74.49 44.04
N THR J 80 20.05 75.80 44.24
CA THR J 80 18.94 76.70 43.91
C THR J 80 19.05 77.28 42.50
N LYS J 81 20.24 77.32 41.91
CA LYS J 81 20.41 77.82 40.56
C LYS J 81 20.89 76.68 39.65
N PRO J 82 20.45 76.68 38.39
CA PRO J 82 20.76 75.54 37.52
C PRO J 82 22.24 75.47 37.19
N ILE J 83 22.66 74.28 36.73
CA ILE J 83 24.06 74.07 36.36
C ILE J 83 24.38 74.83 35.09
N PHE J 84 23.60 74.60 34.04
CA PHE J 84 23.76 75.32 32.79
C PHE J 84 22.39 75.50 32.14
N SER J 85 22.35 76.35 31.13
CA SER J 85 21.12 76.68 30.43
C SER J 85 21.46 77.41 29.13
N PHE J 86 20.83 77.04 28.03
CA PHE J 86 21.11 77.72 26.77
C PHE J 86 19.93 77.58 25.82
N GLN J 87 19.82 78.56 24.91
CA GLN J 87 18.86 78.48 23.82
C GLN J 87 19.09 77.23 22.99
N MET J 88 17.99 76.63 22.53
CA MET J 88 18.06 75.44 21.69
C MET J 88 17.75 75.84 20.25
N ASP J 89 18.74 76.48 19.62
CA ASP J 89 18.68 76.78 18.19
C ASP J 89 20.10 76.91 17.63
N PRO J 90 20.49 76.07 16.66
CA PRO J 90 21.88 76.07 16.18
C PRO J 90 22.27 77.35 15.44
N GLY J 91 21.32 78.20 15.08
CA GLY J 91 21.63 79.51 14.53
C GLY J 91 21.35 80.59 15.57
N TYR J 92 22.15 81.64 15.54
CA TYR J 92 21.97 82.81 16.42
C TYR J 92 22.01 82.42 17.90
N SER J 93 22.80 81.41 18.25
CA SER J 93 23.00 81.01 19.63
C SER J 93 24.48 80.76 19.86
N SER J 94 25.05 81.42 20.88
CA SER J 94 26.49 81.39 21.08
C SER J 94 26.98 79.98 21.38
N VAL J 95 26.13 79.13 21.94
CA VAL J 95 26.57 77.80 22.35
C VAL J 95 26.58 76.83 21.17
N LEU J 96 25.58 76.92 20.29
CA LEU J 96 25.38 75.92 19.24
C LEU J 96 25.65 76.45 17.83
N LYS J 97 26.34 77.59 17.70
CA LYS J 97 26.52 78.19 16.38
C LYS J 97 27.82 77.76 15.71
N ARG J 98 28.80 77.25 16.46
CA ARG J 98 30.05 76.80 15.87
C ARG J 98 30.21 75.29 15.96
N THR J 99 29.15 74.59 16.30
CA THR J 99 29.09 73.13 16.21
C THR J 99 29.06 72.71 14.75
N LEU J 100 29.46 71.45 14.49
CA LEU J 100 29.29 70.89 13.16
C LEU J 100 27.83 70.98 12.71
N LEU J 101 26.90 70.74 13.63
CA LEU J 101 25.50 70.99 13.34
C LEU J 101 25.26 72.46 13.05
N GLY J 102 25.68 73.33 13.97
CA GLY J 102 25.37 74.74 13.83
C GLY J 102 26.17 75.47 12.79
N GLU J 103 27.19 74.85 12.22
CA GLU J 103 28.01 75.50 11.20
C GLU J 103 27.62 75.11 9.78
N MET J 104 27.04 73.92 9.60
CA MET J 104 26.53 73.56 8.29
C MET J 104 25.11 74.09 8.08
N LEU J 105 24.52 74.66 9.13
CA LEU J 105 23.22 75.31 9.09
C LEU J 105 23.30 76.82 8.88
N ASN J 106 24.48 77.43 9.00
CA ASN J 106 24.63 78.84 8.68
C ASN J 106 24.89 79.09 7.20
N TYR J 107 25.11 78.03 6.42
CA TYR J 107 25.12 78.12 4.97
C TYR J 107 23.73 78.20 4.37
N TYR J 108 22.69 78.16 5.18
CA TYR J 108 21.33 78.06 4.68
C TYR J 108 20.41 78.98 5.46
N ALA J 109 19.36 79.44 4.79
CA ALA J 109 18.38 80.32 5.40
C ALA J 109 17.16 79.59 5.95
N HIS J 110 16.66 78.59 5.23
CA HIS J 110 15.51 77.81 5.68
C HIS J 110 16.01 76.42 6.08
N TRP J 111 15.88 76.09 7.36
CA TRP J 111 16.19 74.74 7.81
C TRP J 111 15.22 74.36 8.92
N SER J 112 14.92 73.07 9.00
CA SER J 112 13.94 72.56 9.95
C SER J 112 14.23 71.10 10.22
N GLY J 113 14.19 70.72 11.49
CA GLY J 113 14.43 69.35 11.86
C GLY J 113 14.57 69.24 13.37
N SER J 114 15.08 68.09 13.80
CA SER J 114 15.32 67.83 15.21
C SER J 114 16.81 67.70 15.47
N VAL J 115 17.15 67.72 16.76
CA VAL J 115 18.53 67.76 17.22
C VAL J 115 18.64 66.97 18.50
N LYS J 116 19.60 66.04 18.54
CA LYS J 116 19.81 65.18 19.69
C LYS J 116 21.03 65.66 20.47
N LEU J 117 20.97 65.53 21.80
CA LEU J 117 22.02 65.99 22.69
C LEU J 117 22.45 64.83 23.58
N THR J 118 23.76 64.62 23.66
CA THR J 118 24.34 63.58 24.50
C THR J 118 25.14 64.24 25.61
N PHE J 119 24.88 63.86 26.86
CA PHE J 119 25.57 64.39 28.01
C PHE J 119 26.48 63.30 28.58
N LEU J 120 27.76 63.39 28.26
CA LEU J 120 28.76 62.45 28.74
C LEU J 120 29.31 62.94 30.06
N PHE J 121 29.06 62.20 31.13
CA PHE J 121 29.59 62.53 32.45
C PHE J 121 31.03 62.05 32.54
N CYS J 122 31.97 62.99 32.64
CA CYS J 122 33.39 62.68 32.65
C CYS J 122 33.98 62.76 34.06
N GLY J 123 33.24 62.26 35.05
CA GLY J 123 33.72 62.20 36.42
C GLY J 123 34.31 60.84 36.73
N SER J 124 34.45 60.57 38.03
CA SER J 124 35.06 59.32 38.46
C SER J 124 34.12 58.15 38.24
N ALA J 125 34.65 56.95 38.36
CA ALA J 125 33.84 55.75 38.30
C ALA J 125 33.17 55.43 39.64
N MET J 126 33.45 56.24 40.66
CA MET J 126 32.86 56.06 41.99
C MET J 126 31.92 57.19 42.37
N ALA J 127 31.92 58.30 41.63
CA ALA J 127 31.04 59.42 41.94
C ALA J 127 29.62 59.08 41.53
N THR J 128 28.65 59.42 42.37
CA THR J 128 27.27 59.06 42.14
C THR J 128 26.37 60.22 42.54
N GLY J 129 25.45 60.57 41.65
CA GLY J 129 24.49 61.63 41.93
C GLY J 129 23.41 61.61 40.87
N LYS J 130 22.50 62.58 40.99
CA LYS J 130 21.42 62.73 40.03
C LYS J 130 21.36 64.14 39.50
N LEU J 131 21.08 64.25 38.20
CA LEU J 131 20.90 65.52 37.52
C LEU J 131 19.57 65.48 36.80
N LEU J 132 18.86 66.61 36.80
CA LEU J 132 17.53 66.72 36.23
C LEU J 132 17.60 67.64 35.02
N ILE J 133 17.44 67.07 33.83
CA ILE J 133 17.61 67.79 32.57
C ILE J 133 16.21 68.14 32.06
N SER J 134 15.85 69.41 32.16
CA SER J 134 14.52 69.88 31.79
C SER J 134 14.55 70.53 30.41
N TYR J 135 13.43 70.41 29.70
CA TYR J 135 13.28 70.97 28.37
C TYR J 135 12.07 71.89 28.34
N SER J 136 12.29 73.13 27.90
CA SER J 136 11.11 73.96 27.79
C SER J 136 10.69 74.09 26.33
N PRO J 137 9.38 74.04 26.06
CA PRO J 137 8.89 74.24 24.70
C PRO J 137 9.22 75.63 24.20
N PRO J 138 9.20 75.86 22.88
CA PRO J 138 9.72 77.14 22.35
C PRO J 138 8.95 78.36 22.80
N GLY J 139 7.71 78.22 23.25
CA GLY J 139 6.94 79.36 23.71
C GLY J 139 7.04 79.58 25.21
N ALA J 140 7.36 78.53 25.95
CA ALA J 140 7.27 78.57 27.40
C ALA J 140 8.45 79.35 27.99
N SER J 141 8.28 79.75 29.24
CA SER J 141 9.32 80.43 29.99
C SER J 141 10.19 79.41 30.71
N VAL J 142 11.40 79.84 31.08
CA VAL J 142 12.36 78.93 31.71
C VAL J 142 11.89 78.62 33.12
N PRO J 143 12.20 77.44 33.66
CA PRO J 143 11.90 77.18 35.07
C PRO J 143 12.85 77.95 35.96
N THR J 144 12.29 78.65 36.95
CA THR J 144 13.11 79.41 37.89
C THR J 144 13.56 78.57 39.07
N SER J 145 12.93 77.43 39.30
CA SER J 145 13.25 76.55 40.42
C SER J 145 13.36 75.12 39.91
N ARG J 146 13.82 74.23 40.79
CA ARG J 146 13.95 72.83 40.39
C ARG J 146 12.59 72.15 40.35
N LYS J 147 11.68 72.52 41.25
CA LYS J 147 10.35 71.92 41.25
C LYS J 147 9.58 72.28 39.99
N ASP J 148 9.67 73.54 39.57
CA ASP J 148 8.97 73.98 38.37
C ASP J 148 9.57 73.35 37.11
N ALA J 149 10.84 72.96 37.15
CA ALA J 149 11.42 72.18 36.07
C ALA J 149 10.97 70.72 36.12
N MET J 150 10.68 70.21 37.33
CA MET J 150 10.23 68.83 37.46
C MET J 150 8.80 68.67 36.94
N LEU J 151 7.99 69.71 37.04
CA LEU J 151 6.60 69.64 36.61
C LEU J 151 6.45 69.71 35.10
N GLY J 152 7.49 70.13 34.38
CA GLY J 152 7.47 70.11 32.93
C GLY J 152 8.05 68.83 32.36
N THR J 153 8.79 68.95 31.26
CA THR J 153 9.47 67.81 30.67
C THR J 153 10.88 67.71 31.27
N HIS J 154 11.26 66.51 31.68
CA HIS J 154 12.56 66.32 32.31
C HIS J 154 12.96 64.85 32.19
N ILE J 155 14.21 64.57 32.55
CA ILE J 155 14.72 63.21 32.66
C ILE J 155 15.69 63.20 33.84
N VAL J 156 15.32 62.51 34.92
CA VAL J 156 16.17 62.42 36.11
C VAL J 156 17.28 61.43 35.77
N TRP J 157 18.45 61.96 35.41
CA TRP J 157 19.55 61.17 34.85
C TRP J 157 20.47 60.72 35.99
N ASP J 158 20.32 59.46 36.38
CA ASP J 158 21.19 58.87 37.41
C ASP J 158 22.58 58.65 36.84
N ILE J 159 23.57 59.32 37.44
CA ILE J 159 24.94 59.25 36.95
C ILE J 159 25.59 57.92 37.33
N GLY J 160 25.27 57.39 38.50
CA GLY J 160 25.92 56.17 38.97
C GLY J 160 25.58 54.94 38.17
N LEU J 161 24.43 54.95 37.48
CA LEU J 161 24.03 53.81 36.66
C LEU J 161 24.53 53.95 35.23
N GLN J 162 24.06 54.98 34.53
CA GLN J 162 24.51 55.29 33.17
C GLN J 162 25.26 56.61 33.19
N SER J 163 26.24 56.72 32.29
CA SER J 163 27.10 57.90 32.22
C SER J 163 26.88 58.71 30.96
N SER J 164 25.80 58.47 30.23
CA SER J 164 25.54 59.17 28.97
C SER J 164 24.04 59.15 28.71
N CYS J 165 23.40 60.31 28.78
CA CYS J 165 21.97 60.42 28.58
C CYS J 165 21.71 61.20 27.30
N VAL J 166 20.86 60.67 26.44
CA VAL J 166 20.62 61.18 25.10
C VAL J 166 19.22 61.76 25.02
N LEU J 167 19.11 62.97 24.48
CA LEU J 167 17.85 63.63 24.22
C LEU J 167 17.57 63.61 22.72
N CYS J 168 16.42 64.18 22.34
CA CYS J 168 16.12 64.45 20.94
C CYS J 168 15.09 65.57 20.93
N VAL J 169 15.55 66.79 20.65
CA VAL J 169 14.73 67.99 20.79
C VAL J 169 14.08 68.28 19.45
N PRO J 170 12.74 68.25 19.36
CA PRO J 170 12.07 68.54 18.09
C PRO J 170 11.72 70.01 17.93
N TRP J 171 11.05 70.35 16.83
CA TRP J 171 10.57 71.71 16.57
C TRP J 171 11.71 72.71 16.57
N ILE J 172 12.75 72.44 15.78
CA ILE J 172 13.92 73.28 15.69
C ILE J 172 14.02 73.77 14.25
N SER J 173 13.71 75.05 14.04
CA SER J 173 13.68 75.60 12.69
C SER J 173 13.77 77.12 12.77
N GLN J 174 14.29 77.72 11.70
CA GLN J 174 14.17 79.15 11.47
C GLN J 174 13.99 79.38 9.98
N SER J 175 13.64 80.62 9.64
CA SER J 175 13.34 80.98 8.26
C SER J 175 13.49 82.48 8.03
N SER J 187 13.22 82.93 20.01
CA SER J 187 12.14 82.29 20.75
C SER J 187 12.16 80.78 20.54
N ALA J 188 13.13 80.11 21.13
CA ALA J 188 13.29 78.67 20.98
C ALA J 188 13.29 78.01 22.35
N GLY J 189 13.61 76.72 22.37
CA GLY J 189 13.56 75.92 23.57
C GLY J 189 14.70 76.22 24.53
N TYR J 190 14.76 75.41 25.58
CA TYR J 190 15.77 75.54 26.62
C TYR J 190 16.15 74.16 27.13
N ILE J 191 17.45 73.95 27.32
CA ILE J 191 17.94 72.73 27.97
C ILE J 191 18.66 73.19 29.22
N THR J 192 17.92 73.25 30.33
CA THR J 192 18.51 73.53 31.62
C THR J 192 18.86 72.22 32.32
N CYS J 193 19.65 72.31 33.37
CA CYS J 193 20.06 71.14 34.11
C CYS J 193 20.21 71.50 35.57
N TRP J 194 19.75 70.60 36.44
CA TRP J 194 19.54 70.90 37.84
C TRP J 194 20.19 69.84 38.72
N TYR J 195 20.55 70.26 39.93
CA TYR J 195 21.00 69.30 40.94
C TYR J 195 19.76 68.67 41.57
N GLN J 196 19.45 67.44 41.15
CA GLN J 196 18.51 66.65 41.91
C GLN J 196 19.13 66.24 43.23
N THR J 197 20.30 65.60 43.17
CA THR J 197 21.12 65.30 44.32
C THR J 197 22.53 65.82 44.08
N ASN J 198 23.29 65.97 45.15
CA ASN J 198 24.70 66.31 45.02
C ASN J 198 25.49 65.08 44.54
N ILE J 199 26.75 65.32 44.20
CA ILE J 199 27.62 64.24 43.75
C ILE J 199 28.19 63.55 44.99
N VAL J 200 27.79 62.30 45.20
CA VAL J 200 28.24 61.52 46.35
C VAL J 200 29.51 60.78 45.96
N VAL J 201 30.55 60.89 46.78
CA VAL J 201 31.88 60.46 46.39
C VAL J 201 32.58 59.81 47.57
N PRO J 202 33.28 58.71 47.36
CA PRO J 202 34.04 58.08 48.46
C PRO J 202 35.25 58.91 48.83
N PRO J 203 35.96 58.55 49.92
CA PRO J 203 37.09 59.38 50.35
C PRO J 203 38.25 59.45 49.36
N GLY J 204 38.37 58.49 48.46
CA GLY J 204 39.50 58.48 47.54
C GLY J 204 39.31 59.30 46.27
N ALA J 205 38.08 59.35 45.77
CA ALA J 205 37.84 59.99 44.48
C ALA J 205 37.69 61.50 44.65
N PRO J 206 37.99 62.27 43.61
CA PRO J 206 37.85 63.73 43.70
C PRO J 206 36.39 64.16 43.72
N THR J 207 36.17 65.38 44.19
CA THR J 207 34.84 65.88 44.47
C THR J 207 34.20 66.59 43.29
N SER J 208 34.99 67.27 42.47
CA SER J 208 34.48 68.08 41.37
C SER J 208 34.68 67.35 40.06
N CYS J 209 33.61 67.27 39.27
CA CYS J 209 33.59 66.51 38.03
C CYS J 209 33.19 67.43 36.87
N ASP J 210 33.22 66.88 35.65
CA ASP J 210 32.85 67.61 34.46
C ASP J 210 31.83 66.81 33.65
N VAL J 211 31.03 67.53 32.87
CA VAL J 211 30.04 66.93 31.98
C VAL J 211 30.25 67.53 30.60
N LEU J 212 30.55 66.69 29.62
CA LEU J 212 30.63 67.11 28.24
C LEU J 212 29.27 66.99 27.57
N CYS J 213 29.04 67.82 26.56
CA CYS J 213 27.81 67.80 25.79
C CYS J 213 28.12 67.57 24.32
N PHE J 214 27.11 67.10 23.59
CA PHE J 214 27.25 66.80 22.17
C PHE J 214 25.98 67.23 21.47
N ALA J 215 26.06 67.35 20.14
CA ALA J 215 24.90 67.76 19.36
C ALA J 215 25.05 67.29 17.92
N SER J 216 23.96 66.79 17.35
CA SER J 216 23.90 66.40 15.95
C SER J 216 22.44 66.45 15.50
N ALA J 217 22.18 65.95 14.30
CA ALA J 217 20.82 65.82 13.80
C ALA J 217 20.26 64.48 14.27
N CYS J 218 19.03 64.50 14.78
CA CYS J 218 18.52 63.35 15.52
C CYS J 218 18.18 62.20 14.59
N ASN J 219 17.24 62.40 13.67
CA ASN J 219 16.87 61.39 12.70
C ASN J 219 17.18 61.84 11.27
N ASP J 220 16.63 62.97 10.85
CA ASP J 220 16.84 63.50 9.52
C ASP J 220 16.56 65.00 9.59
N PHE J 221 17.25 65.75 8.73
CA PHE J 221 17.25 67.20 8.87
C PHE J 221 16.93 67.81 7.51
N SER J 222 16.08 68.84 7.52
CA SER J 222 15.62 69.48 6.29
C SER J 222 16.19 70.89 6.22
N VAL J 223 16.60 71.28 5.03
CA VAL J 223 17.36 72.51 4.85
C VAL J 223 17.26 72.94 3.39
N ARG J 224 16.95 74.22 3.14
CA ARG J 224 16.51 74.64 1.81
C ARG J 224 17.41 75.66 1.14
N LEU J 225 17.55 76.87 1.67
CA LEU J 225 17.97 78.02 0.86
C LEU J 225 19.42 78.40 1.17
N LEU J 226 20.30 78.13 0.22
CA LEU J 226 21.73 78.36 0.43
C LEU J 226 22.04 79.85 0.43
N ARG J 227 22.98 80.26 1.30
CA ARG J 227 23.43 81.64 1.39
C ARG J 227 24.90 81.64 1.75
N ASP J 228 25.48 82.84 1.83
CA ASP J 228 26.85 83.01 2.30
C ASP J 228 26.89 83.04 3.82
N THR J 229 27.96 82.47 4.39
CA THR J 229 28.07 82.41 5.83
C THR J 229 28.41 83.78 6.42
N PRO J 230 27.94 84.07 7.63
CA PRO J 230 28.24 85.38 8.25
C PRO J 230 29.63 85.46 8.86
N PHE J 231 30.21 84.33 9.26
CA PHE J 231 31.46 84.34 10.02
C PHE J 231 32.61 84.95 9.23
N MET J 232 32.83 84.47 8.01
CA MET J 232 33.90 85.03 7.20
C MET J 232 33.63 86.50 6.89
N ALA J 233 34.70 87.30 6.86
CA ALA J 233 34.59 88.72 6.63
C ALA J 233 35.14 89.10 5.26
N GLN K 43 6.91 92.74 -77.35
CA GLN K 43 6.47 91.42 -76.94
C GLN K 43 5.75 90.70 -78.07
N THR K 44 5.57 89.39 -77.92
CA THR K 44 4.90 88.58 -78.93
C THR K 44 3.98 87.59 -78.24
N ARG K 45 2.94 87.17 -78.96
CA ARG K 45 1.95 86.26 -78.42
C ARG K 45 2.51 84.84 -78.47
N HIS K 46 2.80 84.28 -77.30
CA HIS K 46 3.37 82.95 -77.21
C HIS K 46 2.30 81.95 -76.80
N VAL K 47 2.64 80.66 -76.92
CA VAL K 47 1.76 79.59 -76.46
C VAL K 47 1.93 79.50 -74.95
N VAL K 48 1.02 80.13 -74.22
CA VAL K 48 1.05 80.14 -72.76
C VAL K 48 0.29 78.87 -72.35
N ASN K 49 1.00 77.75 -72.32
CA ASN K 49 0.39 76.44 -72.08
C ASN K 49 0.73 76.00 -70.67
N PHE K 50 -0.28 76.01 -69.81
CA PHE K 50 -0.21 75.45 -68.47
C PHE K 50 -1.63 75.50 -67.91
N HIS K 51 -1.85 74.82 -66.79
CA HIS K 51 -3.18 74.73 -66.19
C HIS K 51 -3.00 74.85 -64.68
N SER K 52 -3.24 76.05 -64.15
CA SER K 52 -3.02 76.30 -62.73
C SER K 52 -3.92 77.44 -62.27
N ARG K 53 -4.51 77.26 -61.09
CA ARG K 53 -5.24 78.34 -60.42
C ARG K 53 -4.88 78.40 -58.94
N SER K 54 -3.65 78.01 -58.60
CA SER K 54 -3.19 78.11 -57.23
C SER K 54 -2.88 79.54 -56.84
N GLU K 55 -2.56 80.38 -57.82
CA GLU K 55 -2.26 81.79 -57.56
C GLU K 55 -3.53 82.63 -57.55
N SER K 56 -4.68 82.03 -57.82
CA SER K 56 -5.93 82.76 -57.85
C SER K 56 -6.78 82.49 -56.62
N THR K 57 -6.29 81.68 -55.68
CA THR K 57 -7.02 81.47 -54.44
C THR K 57 -6.97 82.74 -53.60
N ILE K 58 -7.81 82.80 -52.56
CA ILE K 58 -7.95 84.02 -51.79
C ILE K 58 -6.70 84.28 -50.95
N GLU K 59 -6.11 83.22 -50.39
CA GLU K 59 -4.93 83.38 -49.56
C GLU K 59 -3.71 83.76 -50.38
N ASN K 60 -3.67 83.37 -51.65
CA ASN K 60 -2.58 83.73 -52.54
C ASN K 60 -2.85 85.02 -53.30
N PHE K 61 -3.98 85.66 -53.04
CA PHE K 61 -4.38 86.93 -53.65
C PHE K 61 -4.35 88.10 -52.68
N MET K 62 -4.80 87.88 -51.46
CA MET K 62 -4.84 88.90 -50.41
C MET K 62 -3.63 88.85 -49.49
N GLY K 63 -3.12 87.66 -49.19
CA GLY K 63 -2.04 87.51 -48.25
C GLY K 63 -0.70 87.96 -48.81
N ARG K 64 -0.56 89.26 -49.02
CA ARG K 64 0.71 89.84 -49.47
C ARG K 64 1.01 91.09 -48.69
N ALA K 65 2.24 91.19 -48.20
CA ALA K 65 2.64 92.29 -47.33
C ALA K 65 2.82 93.57 -48.15
N ALA K 66 2.19 94.65 -47.70
CA ALA K 66 2.25 95.93 -48.37
C ALA K 66 2.44 97.02 -47.32
N CYS K 67 3.23 98.03 -47.67
CA CYS K 67 3.52 99.11 -46.73
C CYS K 67 2.30 100.03 -46.66
N VAL K 68 1.78 100.23 -45.47
CA VAL K 68 0.52 100.94 -45.28
C VAL K 68 0.64 102.16 -44.38
N PHE K 69 1.80 102.43 -43.80
CA PHE K 69 1.90 103.55 -42.86
C PHE K 69 3.36 103.98 -42.72
N MET K 70 3.69 105.12 -43.31
CA MET K 70 4.93 105.85 -43.02
C MET K 70 4.62 106.98 -42.05
N ASP K 71 5.50 107.16 -41.07
CA ASP K 71 5.33 108.27 -40.14
C ASP K 71 6.66 108.60 -39.47
N GLN K 72 6.81 109.87 -39.11
CA GLN K 72 7.97 110.37 -38.39
C GLN K 72 7.62 110.53 -36.92
N TYR K 73 8.62 110.36 -36.06
CA TYR K 73 8.45 110.70 -34.65
C TYR K 73 9.81 110.97 -34.02
N LYS K 74 9.90 112.09 -33.30
CA LYS K 74 11.17 112.58 -32.78
C LYS K 74 11.53 111.82 -31.51
N ILE K 75 12.51 112.32 -30.77
CA ILE K 75 12.91 111.68 -29.51
C ILE K 75 12.90 112.68 -28.35
N ASN K 76 13.17 113.95 -28.63
CA ASN K 76 13.34 114.93 -27.57
C ASN K 76 12.73 116.27 -27.96
N GLY K 77 12.61 117.14 -26.97
CA GLY K 77 11.97 118.42 -27.14
C GLY K 77 10.45 118.33 -27.04
N GLU K 78 9.84 119.47 -26.74
CA GLU K 78 8.38 119.64 -26.73
C GLU K 78 7.70 118.52 -25.92
N GLU K 79 7.90 118.61 -24.60
CA GLU K 79 7.48 117.53 -23.71
C GLU K 79 5.99 117.22 -23.85
N THR K 80 5.18 118.23 -24.16
CA THR K 80 3.76 118.04 -24.50
C THR K 80 3.59 118.29 -25.99
N SER K 81 3.84 117.26 -26.80
CA SER K 81 3.68 117.35 -28.24
C SER K 81 3.12 116.04 -28.77
N THR K 82 2.52 116.14 -29.96
CA THR K 82 1.96 114.99 -30.66
C THR K 82 2.89 114.48 -31.76
N ASP K 83 4.09 115.03 -31.88
CA ASP K 83 5.04 114.63 -32.92
C ASP K 83 6.15 113.74 -32.37
N ARG K 84 5.94 113.12 -31.21
CA ARG K 84 6.91 112.19 -30.63
C ARG K 84 6.41 110.76 -30.63
N PHE K 85 5.28 110.48 -31.28
CA PHE K 85 4.77 109.12 -31.38
C PHE K 85 3.88 109.03 -32.61
N ALA K 86 3.55 107.79 -32.99
CA ALA K 86 2.73 107.50 -34.15
C ALA K 86 1.44 106.86 -33.70
N VAL K 87 0.45 106.83 -34.61
CA VAL K 87 -0.89 106.40 -34.24
C VAL K 87 -1.39 105.26 -35.13
N TRP K 88 -1.75 105.57 -36.38
CA TRP K 88 -2.28 104.62 -37.35
C TRP K 88 -3.36 103.69 -36.80
N THR K 89 -4.59 104.19 -36.69
CA THR K 89 -5.73 103.32 -36.46
C THR K 89 -5.84 102.28 -37.56
N ILE K 90 -5.79 101.00 -37.19
CA ILE K 90 -5.64 99.93 -38.17
C ILE K 90 -6.95 99.75 -38.93
N ASN K 91 -6.91 99.95 -40.24
CA ASN K 91 -8.04 99.67 -41.11
C ASN K 91 -7.54 99.27 -42.49
N ILE K 92 -8.41 98.57 -43.23
CA ILE K 92 -8.06 98.15 -44.59
C ILE K 92 -8.13 99.30 -45.58
N ARG K 93 -8.78 100.40 -45.23
CA ARG K 93 -8.97 101.52 -46.15
C ARG K 93 -7.81 102.51 -46.06
N GLU K 94 -6.59 101.99 -46.13
CA GLU K 94 -5.38 102.80 -45.98
C GLU K 94 -4.91 103.35 -47.32
N MET K 95 -4.48 102.48 -48.22
CA MET K 95 -4.11 102.88 -49.57
C MET K 95 -5.00 102.18 -50.59
N ALA K 96 -5.23 102.86 -51.71
CA ALA K 96 -6.26 102.43 -52.64
C ALA K 96 -5.92 101.13 -53.35
N GLN K 97 -4.64 100.78 -53.44
CA GLN K 97 -4.29 99.54 -54.11
C GLN K 97 -4.74 98.32 -53.31
N LEU K 98 -4.48 98.32 -52.00
CA LEU K 98 -4.99 97.24 -51.16
C LEU K 98 -6.48 97.38 -50.92
N ARG K 99 -6.96 98.61 -50.69
CA ARG K 99 -8.39 98.83 -50.45
C ARG K 99 -9.23 98.23 -51.57
N ARG K 100 -8.74 98.32 -52.81
CA ARG K 100 -9.49 97.79 -53.94
C ARG K 100 -9.65 96.28 -53.85
N LYS K 101 -8.62 95.58 -53.36
CA LYS K 101 -8.70 94.13 -53.27
C LYS K 101 -9.65 93.67 -52.17
N CYS K 102 -9.71 94.41 -51.05
CA CYS K 102 -10.62 94.03 -49.98
C CYS K 102 -12.08 94.29 -50.35
N GLU K 103 -12.32 95.12 -51.36
CA GLU K 103 -13.67 95.40 -51.81
C GLU K 103 -14.11 94.48 -52.94
N MET K 104 -13.32 93.47 -53.28
CA MET K 104 -13.84 92.37 -54.11
C MET K 104 -14.88 91.57 -53.35
N PHE K 105 -14.83 91.59 -52.02
CA PHE K 105 -15.60 90.69 -51.18
C PHE K 105 -16.30 91.52 -50.12
N THR K 106 -17.53 91.15 -49.79
CA THR K 106 -18.28 91.87 -48.77
C THR K 106 -17.77 91.54 -47.38
N TYR K 107 -17.68 90.25 -47.05
CA TYR K 107 -17.27 89.81 -45.73
C TYR K 107 -15.98 89.01 -45.84
N MET K 108 -15.08 89.23 -44.88
CA MET K 108 -13.83 88.48 -44.82
C MET K 108 -13.32 88.50 -43.39
N ARG K 109 -12.65 87.42 -43.01
CA ARG K 109 -12.01 87.31 -41.70
C ARG K 109 -10.60 86.78 -41.88
N PHE K 110 -9.68 87.28 -41.07
CA PHE K 110 -8.27 87.04 -41.31
C PHE K 110 -7.47 87.51 -40.11
N ASP K 111 -6.42 86.76 -39.78
CA ASP K 111 -5.41 87.26 -38.87
C ASP K 111 -4.49 88.22 -39.60
N ILE K 112 -3.97 89.20 -38.87
CA ILE K 112 -3.04 90.16 -39.43
C ILE K 112 -1.68 89.96 -38.75
N GLU K 113 -0.62 90.09 -39.53
CA GLU K 113 0.74 89.85 -39.04
C GLU K 113 1.61 90.94 -39.65
N MET K 114 1.76 92.05 -38.92
CA MET K 114 2.51 93.20 -39.41
C MET K 114 3.93 93.17 -38.90
N THR K 115 4.86 93.61 -39.73
CA THR K 115 6.27 93.71 -39.37
C THR K 115 6.73 95.12 -39.68
N MET K 116 7.14 95.83 -38.64
CA MET K 116 7.59 97.21 -38.81
C MET K 116 9.03 97.24 -39.29
N VAL K 117 9.36 98.32 -40.00
CA VAL K 117 10.72 98.56 -40.50
C VAL K 117 11.07 99.97 -40.06
N ILE K 118 11.91 100.08 -39.03
CA ILE K 118 12.15 101.34 -38.33
C ILE K 118 13.57 101.81 -38.66
N THR K 119 13.68 103.06 -39.06
CA THR K 119 14.96 103.68 -39.37
C THR K 119 15.21 104.81 -38.39
N SER K 120 16.31 105.54 -38.61
CA SER K 120 16.63 106.68 -37.77
C SER K 120 17.58 107.61 -38.53
N CYS K 121 17.58 108.86 -38.12
CA CYS K 121 18.43 109.90 -38.71
C CYS K 121 18.98 110.73 -37.56
N GLN K 122 19.52 111.90 -37.88
CA GLN K 122 20.00 112.80 -36.84
C GLN K 122 20.23 114.21 -37.40
N MET K 132 25.76 109.09 -30.33
CA MET K 132 24.46 108.66 -29.80
C MET K 132 24.55 107.25 -29.21
N PRO K 133 23.53 106.83 -28.47
CA PRO K 133 23.53 105.45 -27.96
C PRO K 133 22.88 104.50 -28.94
N VAL K 134 22.68 103.24 -28.54
CA VAL K 134 21.87 102.31 -29.31
C VAL K 134 20.41 102.52 -28.91
N LEU K 135 19.53 102.65 -29.91
CA LEU K 135 18.15 103.05 -29.69
C LEU K 135 17.25 101.83 -29.53
N THR K 136 16.26 101.96 -28.64
CA THR K 136 15.25 100.94 -28.42
C THR K 136 13.89 101.58 -28.61
N HIS K 137 13.01 100.89 -29.36
CA HIS K 137 11.71 101.40 -29.71
C HIS K 137 10.63 100.63 -28.96
N GLN K 138 9.38 101.08 -29.12
CA GLN K 138 8.23 100.41 -28.53
C GLN K 138 7.05 100.56 -29.47
N ILE K 139 6.49 99.42 -29.91
CA ILE K 139 5.34 99.41 -30.81
C ILE K 139 4.18 98.82 -30.02
N MET K 140 3.32 99.68 -29.48
CA MET K 140 2.24 99.26 -28.61
C MET K 140 0.95 99.14 -29.41
N TYR K 141 0.44 97.91 -29.54
CA TYR K 141 -0.87 97.67 -30.12
C TYR K 141 -1.93 97.72 -29.03
N VAL K 142 -2.86 98.66 -29.15
CA VAL K 142 -4.00 98.69 -28.23
C VAL K 142 -5.16 98.00 -28.92
N PRO K 143 -5.93 97.18 -28.21
CA PRO K 143 -7.11 96.53 -28.80
C PRO K 143 -8.21 97.55 -29.06
N PRO K 144 -9.33 97.13 -29.66
CA PRO K 144 -10.45 98.08 -29.83
C PRO K 144 -10.95 98.65 -28.52
N GLY K 145 -11.04 97.84 -27.48
CA GLY K 145 -11.27 98.36 -26.15
C GLY K 145 -9.96 98.55 -25.41
N GLY K 146 -9.40 99.75 -25.50
CA GLY K 146 -8.12 100.03 -24.93
C GLY K 146 -7.85 101.52 -24.78
N PRO K 147 -7.17 101.90 -23.70
CA PRO K 147 -6.82 103.30 -23.50
C PRO K 147 -5.68 103.72 -24.42
N ILE K 148 -5.73 104.97 -24.85
CA ILE K 148 -4.74 105.50 -25.77
C ILE K 148 -3.89 106.53 -25.03
N PRO K 149 -2.62 106.68 -25.39
CA PRO K 149 -1.82 107.77 -24.81
C PRO K 149 -2.20 109.10 -25.44
N ALA K 150 -2.05 110.17 -24.63
CA ALA K 150 -2.17 111.53 -25.14
C ALA K 150 -0.82 112.19 -25.35
N LYS K 151 0.21 111.71 -24.65
CA LYS K 151 1.55 112.24 -24.74
C LYS K 151 2.54 111.08 -24.75
N VAL K 152 3.78 111.37 -25.09
CA VAL K 152 4.81 110.34 -25.14
C VAL K 152 5.09 109.78 -23.74
N ASP K 153 4.74 110.52 -22.69
CA ASP K 153 4.98 110.11 -21.32
C ASP K 153 3.69 109.85 -20.56
N GLY K 154 2.65 109.39 -21.25
CA GLY K 154 1.42 109.03 -20.59
C GLY K 154 1.54 107.73 -19.84
N TYR K 155 0.57 107.47 -18.96
CA TYR K 155 0.58 106.23 -18.21
C TYR K 155 0.00 105.05 -18.99
N GLU K 156 -0.67 105.32 -20.12
CA GLU K 156 -1.25 104.25 -20.91
C GLU K 156 -0.18 103.31 -21.44
N TRP K 157 1.01 103.85 -21.72
CA TRP K 157 2.11 103.05 -22.26
C TRP K 157 2.47 101.89 -21.34
N GLN K 158 2.14 101.98 -20.05
CA GLN K 158 2.46 100.95 -19.09
C GLN K 158 1.29 100.00 -18.82
N THR K 159 0.28 100.00 -19.68
CA THR K 159 -0.88 99.15 -19.48
C THR K 159 -0.55 97.70 -19.82
N SER K 160 -0.86 96.80 -18.89
CA SER K 160 -0.51 95.39 -19.06
C SER K 160 -1.37 94.70 -20.12
N THR K 161 -2.55 95.24 -20.43
CA THR K 161 -3.42 94.63 -21.42
C THR K 161 -3.14 95.12 -22.83
N ASN K 162 -2.25 96.10 -23.00
CA ASN K 162 -1.81 96.53 -24.32
C ASN K 162 -0.48 95.86 -24.65
N PRO K 163 -0.46 94.83 -25.51
CA PRO K 163 0.81 94.18 -25.82
C PRO K 163 1.69 95.07 -26.68
N SER K 164 2.99 95.06 -26.37
CA SER K 164 3.94 95.93 -27.05
C SER K 164 5.27 95.21 -27.19
N VAL K 165 5.95 95.46 -28.30
CA VAL K 165 7.28 94.90 -28.55
C VAL K 165 8.31 95.98 -28.31
N PHE K 166 9.44 95.60 -27.73
CA PHE K 166 10.54 96.51 -27.45
C PHE K 166 11.70 96.08 -28.34
N TRP K 167 11.77 96.67 -29.52
CA TRP K 167 12.78 96.36 -30.51
C TRP K 167 13.93 97.36 -30.38
N THR K 168 15.13 96.86 -30.17
CA THR K 168 16.34 97.68 -30.16
C THR K 168 16.97 97.65 -31.55
N GLU K 169 17.66 98.73 -31.88
CA GLU K 169 18.11 98.93 -33.25
C GLU K 169 19.23 97.95 -33.60
N GLY K 170 19.25 97.53 -34.86
CA GLY K 170 20.27 96.64 -35.39
C GLY K 170 19.83 95.21 -35.61
N ASN K 171 18.77 94.76 -34.94
CA ASN K 171 18.32 93.38 -35.05
C ASN K 171 17.38 93.20 -36.25
N ALA K 172 16.78 92.03 -36.34
CA ALA K 172 15.74 91.79 -37.33
C ALA K 172 14.51 92.65 -37.01
N PRO K 173 13.68 92.95 -38.00
CA PRO K 173 12.54 93.83 -37.75
C PRO K 173 11.55 93.20 -36.78
N PRO K 174 10.85 94.00 -35.99
CA PRO K 174 9.89 93.43 -35.03
C PRO K 174 8.62 92.97 -35.73
N ARG K 175 8.16 91.79 -35.34
CA ARG K 175 6.93 91.23 -35.91
C ARG K 175 5.94 90.96 -34.79
N ILE K 176 4.73 91.49 -34.95
CA ILE K 176 3.66 91.36 -33.98
C ILE K 176 2.42 90.87 -34.74
N SER K 177 1.78 89.82 -34.24
CA SER K 177 0.65 89.21 -34.92
C SER K 177 -0.62 89.38 -34.10
N ILE K 178 -1.71 89.69 -34.77
CA ILE K 178 -2.97 90.01 -34.11
C ILE K 178 -4.05 89.09 -34.66
N PRO K 179 -4.80 88.40 -33.79
CA PRO K 179 -5.81 87.46 -34.29
C PRO K 179 -7.06 88.17 -34.79
N PHE K 180 -8.09 87.40 -35.11
CA PHE K 180 -9.38 87.95 -35.52
C PHE K 180 -10.07 88.56 -34.31
N ILE K 181 -10.02 89.89 -34.21
CA ILE K 181 -10.50 90.57 -33.01
C ILE K 181 -12.02 90.74 -33.02
N SER K 182 -12.62 90.89 -34.20
CA SER K 182 -13.94 91.51 -34.32
C SER K 182 -15.00 90.78 -33.51
N VAL K 183 -16.05 91.52 -33.14
CA VAL K 183 -17.11 90.98 -32.31
C VAL K 183 -17.98 90.04 -33.13
N GLY K 184 -18.25 90.40 -34.37
CA GLY K 184 -19.05 89.59 -35.25
C GLY K 184 -18.27 88.39 -35.73
N ASN K 185 -18.74 87.81 -36.82
CA ASN K 185 -18.12 86.61 -37.36
C ASN K 185 -17.24 86.90 -38.58
N ALA K 186 -17.22 88.14 -39.05
CA ALA K 186 -16.33 88.54 -40.13
C ALA K 186 -16.17 90.05 -40.11
N TYR K 187 -15.08 90.52 -40.72
CA TYR K 187 -14.95 91.94 -41.00
C TYR K 187 -15.78 92.27 -42.23
N SER K 188 -16.50 93.39 -42.15
CA SER K 188 -17.36 93.84 -43.23
C SER K 188 -16.64 94.95 -43.98
N SER K 189 -16.40 94.75 -45.28
CA SER K 189 -15.83 95.80 -46.11
C SER K 189 -16.83 96.92 -46.32
N PHE K 190 -18.10 96.59 -46.48
CA PHE K 190 -19.17 97.54 -46.69
C PHE K 190 -20.24 97.35 -45.62
N TYR K 191 -20.82 98.46 -45.17
CA TYR K 191 -21.87 98.40 -44.16
C TYR K 191 -22.95 99.41 -44.54
N ASP K 192 -23.99 98.94 -45.23
CA ASP K 192 -25.13 99.79 -45.61
C ASP K 192 -26.03 99.93 -44.39
N GLY K 193 -25.64 100.83 -43.50
CA GLY K 193 -26.35 101.00 -42.24
C GLY K 193 -25.82 102.17 -41.48
N TRP K 194 -26.48 102.46 -40.36
CA TRP K 194 -26.20 103.62 -39.53
C TRP K 194 -25.71 103.17 -38.17
N SER K 195 -24.65 103.81 -37.67
CA SER K 195 -24.11 103.44 -36.37
C SER K 195 -25.10 103.71 -35.25
N HIS K 196 -25.76 104.87 -35.29
CA HIS K 196 -26.70 105.27 -34.25
C HIS K 196 -28.13 104.98 -34.72
N PHE K 197 -28.90 104.32 -33.88
CA PHE K 197 -30.24 103.89 -34.24
C PHE K 197 -31.13 105.09 -34.56
N THR K 198 -32.12 104.85 -35.43
CA THR K 198 -33.08 105.83 -35.91
C THR K 198 -32.45 106.79 -36.92
N GLN K 199 -31.57 106.27 -37.76
CA GLN K 199 -31.02 106.99 -38.92
C GLN K 199 -30.38 108.31 -38.50
N ASP K 200 -29.42 108.20 -37.58
CA ASP K 200 -28.69 109.37 -37.11
C ASP K 200 -27.48 109.60 -38.04
N GLY K 201 -26.44 110.26 -37.54
CA GLY K 201 -25.26 110.51 -38.33
C GLY K 201 -24.39 109.27 -38.48
N THR K 202 -23.24 109.47 -39.13
CA THR K 202 -22.21 108.44 -39.33
C THR K 202 -22.78 107.25 -40.10
N TYR K 203 -23.02 107.50 -41.38
CA TYR K 203 -23.40 106.43 -42.30
C TYR K 203 -22.22 105.52 -42.59
N GLY K 204 -22.50 104.23 -42.73
CA GLY K 204 -21.53 103.31 -43.30
C GLY K 204 -20.44 102.83 -42.38
N TYR K 205 -20.40 103.31 -41.13
CA TYR K 205 -19.34 102.92 -40.21
C TYR K 205 -19.93 102.03 -39.12
N THR K 206 -19.63 100.74 -39.19
CA THR K 206 -19.94 99.81 -38.13
C THR K 206 -18.75 99.68 -37.18
N THR K 207 -19.03 99.29 -35.94
CA THR K 207 -17.98 99.07 -34.96
C THR K 207 -17.49 97.63 -34.92
N LEU K 208 -18.06 96.76 -35.76
CA LEU K 208 -17.60 95.38 -35.80
C LEU K 208 -16.23 95.28 -36.48
N ASN K 209 -16.03 96.04 -37.55
CA ASN K 209 -14.74 96.02 -38.26
C ASN K 209 -13.78 97.05 -37.68
N ALA K 210 -13.60 97.02 -36.36
CA ALA K 210 -12.58 97.78 -35.68
C ALA K 210 -11.45 96.82 -35.31
N MET K 211 -10.21 97.21 -35.63
CA MET K 211 -9.09 96.31 -35.49
C MET K 211 -8.09 96.72 -34.42
N GLY K 212 -8.13 97.97 -33.98
CA GLY K 212 -7.22 98.46 -32.96
C GLY K 212 -6.40 99.62 -33.47
N LYS K 213 -5.39 99.98 -32.68
CA LYS K 213 -4.46 101.05 -33.03
C LYS K 213 -3.05 100.60 -32.72
N LEU K 214 -2.07 101.40 -33.12
CA LEU K 214 -0.66 100.99 -33.09
C LEU K 214 0.21 102.18 -32.69
N TYR K 215 0.41 102.37 -31.39
CA TYR K 215 1.18 103.50 -30.88
C TYR K 215 2.66 103.12 -30.78
N ILE K 216 3.51 103.97 -31.35
CA ILE K 216 4.92 103.67 -31.55
C ILE K 216 5.74 104.84 -31.00
N ARG K 217 6.73 104.55 -30.17
CA ARG K 217 7.57 105.60 -29.61
C ARG K 217 8.97 105.07 -29.37
N HIS K 218 9.89 106.00 -29.12
CA HIS K 218 11.17 105.66 -28.55
C HIS K 218 10.99 105.42 -27.06
N VAL K 219 11.69 104.43 -26.51
CA VAL K 219 11.70 104.26 -25.05
C VAL K 219 12.82 105.06 -24.40
N ASN K 220 13.76 105.57 -25.19
CA ASN K 220 14.82 106.41 -24.64
C ASN K 220 14.24 107.74 -24.19
N ARG K 221 14.57 108.15 -22.97
CA ARG K 221 13.93 109.32 -22.39
C ARG K 221 14.37 110.61 -23.07
N SER K 222 15.64 110.69 -23.44
CA SER K 222 16.17 111.90 -24.06
C SER K 222 17.37 111.53 -24.94
N SER K 223 17.97 112.57 -25.52
CA SER K 223 19.15 112.41 -26.37
C SER K 223 19.88 113.74 -26.41
N PRO K 224 21.20 113.73 -26.63
CA PRO K 224 21.92 115.00 -26.75
C PRO K 224 21.51 115.81 -27.97
N HIS K 225 21.39 115.16 -29.12
CA HIS K 225 20.93 115.79 -30.35
C HIS K 225 19.57 115.24 -30.74
N GLN K 226 19.07 115.69 -31.89
CA GLN K 226 17.75 115.29 -32.36
C GLN K 226 17.85 114.04 -33.22
N ILE K 227 17.00 113.06 -32.94
CA ILE K 227 16.92 111.83 -33.71
C ILE K 227 15.50 111.70 -34.22
N THR K 228 15.34 111.55 -35.53
CA THR K 228 14.04 111.51 -36.18
C THR K 228 13.88 110.13 -36.80
N SER K 229 13.07 109.29 -36.18
CA SER K 229 12.90 107.92 -36.62
C SER K 229 11.71 107.82 -37.58
N THR K 230 11.83 106.89 -38.53
CA THR K 230 10.80 106.66 -39.53
C THR K 230 10.39 105.20 -39.46
N ILE K 231 9.08 104.95 -39.43
CA ILE K 231 8.55 103.60 -39.32
C ILE K 231 7.70 103.30 -40.55
N ARG K 232 7.80 102.06 -41.03
CA ARG K 232 7.05 101.58 -42.18
C ARG K 232 6.35 100.30 -41.76
N VAL K 233 5.03 100.36 -41.58
CA VAL K 233 4.27 99.21 -41.10
C VAL K 233 3.87 98.36 -42.31
N TYR K 234 4.23 97.09 -42.28
CA TYR K 234 3.93 96.14 -43.37
C TYR K 234 2.77 95.25 -42.96
N PHE K 235 1.58 95.61 -43.42
CA PHE K 235 0.36 94.90 -43.12
C PHE K 235 0.26 93.65 -43.99
N LYS K 236 -0.20 92.55 -43.39
CA LYS K 236 -0.40 91.32 -44.15
C LYS K 236 -1.58 90.51 -43.63
N PRO K 237 -2.61 90.29 -44.44
CA PRO K 237 -3.67 89.37 -44.04
C PRO K 237 -3.14 87.95 -44.00
N LYS K 238 -3.67 87.15 -43.07
CA LYS K 238 -3.23 85.78 -42.91
C LYS K 238 -4.41 84.89 -42.54
N HIS K 239 -4.38 83.65 -43.03
CA HIS K 239 -5.44 82.68 -42.82
C HIS K 239 -6.80 83.30 -43.19
N ILE K 240 -6.87 83.83 -44.41
CA ILE K 240 -7.96 84.70 -44.81
C ILE K 240 -9.06 83.90 -45.48
N LYS K 241 -10.30 84.15 -45.05
CA LYS K 241 -11.49 83.64 -45.72
C LYS K 241 -12.30 84.85 -46.19
N ALA K 242 -13.10 84.64 -47.24
CA ALA K 242 -13.85 85.74 -47.83
C ALA K 242 -15.17 85.24 -48.35
N TRP K 243 -16.23 86.00 -48.11
CA TRP K 243 -17.58 85.65 -48.52
C TRP K 243 -18.16 86.75 -49.39
N VAL K 244 -19.18 86.39 -50.15
CA VAL K 244 -20.01 87.31 -50.92
C VAL K 244 -19.14 88.13 -51.86
N PRO K 245 -18.82 87.62 -53.05
CA PRO K 245 -18.04 88.41 -54.00
C PRO K 245 -18.83 89.63 -54.45
N ARG K 246 -18.12 90.55 -55.10
CA ARG K 246 -18.62 91.91 -55.29
C ARG K 246 -17.90 92.47 -56.51
N PRO K 247 -18.56 93.30 -57.33
CA PRO K 247 -17.91 93.78 -58.53
C PRO K 247 -16.78 94.72 -58.18
N PRO K 248 -15.77 94.84 -59.03
CA PRO K 248 -14.62 95.71 -58.72
C PRO K 248 -14.99 97.18 -58.75
N ARG K 249 -14.20 97.95 -58.01
CA ARG K 249 -14.34 99.41 -58.02
C ARG K 249 -14.05 99.96 -59.41
N LEU K 250 -14.89 100.88 -59.86
CA LEU K 250 -14.71 101.54 -61.14
C LEU K 250 -14.18 102.97 -60.99
N CYS K 251 -14.81 103.76 -60.12
CA CYS K 251 -14.46 105.16 -59.93
C CYS K 251 -13.26 105.29 -58.99
N PRO K 252 -12.52 106.39 -59.09
CA PRO K 252 -11.43 106.64 -58.14
C PRO K 252 -11.96 106.95 -56.74
N TYR K 253 -11.10 106.71 -55.75
CA TYR K 253 -11.46 106.95 -54.36
C TYR K 253 -11.36 108.42 -54.00
N ILE K 254 -12.28 108.89 -53.15
CA ILE K 254 -12.31 110.28 -52.72
C ILE K 254 -11.70 110.38 -51.32
N ASN K 255 -12.32 109.71 -50.35
CA ASN K 255 -11.96 109.82 -48.95
C ASN K 255 -11.85 108.42 -48.34
N LYS K 256 -11.08 108.33 -47.25
CA LYS K 256 -10.69 107.06 -46.66
C LYS K 256 -11.69 106.51 -45.65
N ARG K 257 -12.84 107.17 -45.47
CA ARG K 257 -13.86 106.69 -44.55
C ARG K 257 -15.24 106.59 -45.20
N ASP K 258 -15.33 106.74 -46.51
CA ASP K 258 -16.62 106.72 -47.18
C ASP K 258 -16.44 106.09 -48.56
N VAL K 259 -17.57 105.91 -49.24
CA VAL K 259 -17.63 105.29 -50.56
C VAL K 259 -17.97 106.32 -51.63
N ASN K 260 -17.89 107.61 -51.30
CA ASN K 260 -18.30 108.67 -52.20
C ASN K 260 -17.39 108.68 -53.44
N PHE K 261 -17.97 109.09 -54.57
CA PHE K 261 -17.25 108.97 -55.84
C PHE K 261 -17.79 109.99 -56.81
N VAL K 262 -17.03 110.19 -57.89
CA VAL K 262 -17.44 110.99 -59.03
C VAL K 262 -17.84 110.04 -60.14
N VAL K 263 -18.92 110.38 -60.87
CA VAL K 263 -19.44 109.48 -61.88
C VAL K 263 -18.41 109.35 -63.00
N THR K 264 -17.88 108.15 -63.18
CA THR K 264 -16.83 107.88 -64.15
C THR K 264 -17.42 107.10 -65.32
N GLU K 265 -16.76 107.22 -66.48
CA GLU K 265 -17.20 106.48 -67.65
C GLU K 265 -16.94 104.99 -67.45
N ILE K 266 -17.72 104.16 -68.14
CA ILE K 266 -17.61 102.72 -67.98
C ILE K 266 -16.26 102.22 -68.47
N THR K 267 -16.00 102.39 -69.77
CA THR K 267 -14.73 101.99 -70.37
C THR K 267 -14.15 103.16 -71.14
N ASP K 268 -12.94 102.98 -71.64
CA ASP K 268 -12.35 103.96 -72.53
C ASP K 268 -13.12 103.96 -73.85
N SER K 269 -13.31 105.14 -74.42
CA SER K 269 -14.13 105.24 -75.62
C SER K 269 -13.31 104.91 -76.86
N ARG K 270 -14.00 104.43 -77.89
CA ARG K 270 -13.44 104.27 -79.21
C ARG K 270 -14.26 105.07 -80.21
N THR K 271 -13.83 105.06 -81.47
CA THR K 271 -14.39 105.95 -82.46
C THR K 271 -15.80 105.52 -82.88
N SER K 272 -15.92 104.29 -83.39
CA SER K 272 -17.20 103.75 -83.81
C SER K 272 -17.41 102.39 -83.16
N ILE K 273 -18.58 101.80 -83.41
CA ILE K 273 -18.91 100.49 -82.87
C ILE K 273 -18.21 99.37 -83.64
N THR K 274 -17.71 99.65 -84.84
CA THR K 274 -17.20 98.61 -85.72
C THR K 274 -15.68 98.64 -85.92
N ASP K 275 -15.00 99.68 -85.45
CA ASP K 275 -13.56 99.77 -85.65
C ASP K 275 -12.81 98.92 -84.62
N VAL L 13 -48.78 77.68 -65.09
CA VAL L 13 -49.43 78.61 -64.17
C VAL L 13 -49.63 77.94 -62.81
N ARG L 14 -48.93 78.46 -61.80
CA ARG L 14 -49.03 77.96 -60.43
C ARG L 14 -49.55 79.07 -59.54
N SER L 15 -50.59 78.78 -58.78
CA SER L 15 -51.23 79.75 -57.90
C SER L 15 -50.72 79.49 -56.48
N MET L 16 -49.60 80.13 -56.14
CA MET L 16 -49.05 79.99 -54.80
C MET L 16 -49.91 80.74 -53.79
N THR L 17 -49.92 80.23 -52.56
CA THR L 17 -50.62 80.88 -51.47
C THR L 17 -49.80 80.76 -50.20
N LEU L 18 -49.81 81.83 -49.40
CA LEU L 18 -49.14 81.85 -48.10
C LEU L 18 -50.01 82.64 -47.14
N GLY L 19 -50.56 81.95 -46.14
CA GLY L 19 -51.41 82.60 -45.18
C GLY L 19 -52.73 83.04 -45.80
N ASN L 20 -52.94 84.34 -45.88
CA ASN L 20 -54.11 84.93 -46.52
C ASN L 20 -53.71 85.81 -47.69
N SER L 21 -52.74 85.34 -48.49
CA SER L 21 -52.26 86.10 -49.64
C SER L 21 -51.94 85.10 -50.74
N THR L 22 -52.68 85.18 -51.85
CA THR L 22 -52.50 84.31 -53.00
C THR L 22 -52.10 85.15 -54.20
N ILE L 23 -51.03 84.75 -54.87
CA ILE L 23 -50.60 85.35 -56.12
C ILE L 23 -50.66 84.28 -57.20
N THR L 24 -50.58 84.73 -58.45
CA THR L 24 -50.60 83.83 -59.61
C THR L 24 -49.26 83.98 -60.33
N THR L 25 -48.52 82.88 -60.40
CA THR L 25 -47.19 82.88 -60.99
C THR L 25 -47.17 82.07 -62.29
N GLN L 26 -46.08 82.22 -63.02
CA GLN L 26 -45.90 81.54 -64.30
C GLN L 26 -44.83 80.46 -64.20
N ASN L 30 -38.14 80.02 -63.27
CA ASN L 30 -37.30 79.22 -62.38
C ASN L 30 -36.63 80.08 -61.31
N VAL L 31 -36.55 79.55 -60.09
CA VAL L 31 -36.12 80.32 -58.94
C VAL L 31 -34.61 80.44 -58.94
N VAL L 32 -34.10 81.65 -58.70
CA VAL L 32 -32.67 81.90 -58.52
C VAL L 32 -32.43 81.94 -57.03
N VAL L 33 -32.05 80.79 -56.47
CA VAL L 33 -31.73 80.70 -55.06
C VAL L 33 -30.40 81.41 -54.82
N GLY L 34 -30.42 82.46 -54.00
CA GLY L 34 -29.26 83.31 -53.85
C GLY L 34 -28.14 82.59 -53.13
N TYR L 35 -26.98 82.49 -53.78
CA TYR L 35 -25.79 81.83 -53.23
C TYR L 35 -26.04 80.37 -52.89
N GLY L 36 -26.92 79.71 -53.65
CA GLY L 36 -27.08 78.28 -53.52
C GLY L 36 -27.62 77.80 -52.19
N GLU L 37 -28.11 78.71 -51.34
CA GLU L 37 -28.61 78.35 -50.03
C GLU L 37 -30.03 78.83 -49.85
N TRP L 38 -30.83 78.02 -49.21
CA TRP L 38 -32.20 78.31 -48.84
C TRP L 38 -32.20 78.89 -47.44
N PRO L 39 -32.98 79.93 -47.16
CA PRO L 39 -32.95 80.51 -45.81
C PRO L 39 -33.34 79.45 -44.79
N SER L 40 -32.83 79.63 -43.58
CA SER L 40 -33.08 78.65 -42.53
C SER L 40 -33.04 79.36 -41.18
N TYR L 41 -33.49 78.66 -40.15
CA TYR L 41 -33.41 79.21 -38.80
C TYR L 41 -31.98 79.15 -38.30
N LEU L 42 -31.77 79.76 -37.14
CA LEU L 42 -30.42 79.94 -36.62
C LEU L 42 -29.83 78.65 -36.06
N SER L 43 -30.67 77.72 -35.62
CA SER L 43 -30.20 76.45 -35.09
C SER L 43 -29.68 75.55 -36.21
N THR L 48 -29.45 78.10 -27.22
CA THR L 48 -28.85 78.71 -26.05
C THR L 48 -29.92 79.32 -25.16
N ALA L 49 -29.78 79.15 -23.84
CA ALA L 49 -30.70 79.75 -22.89
C ALA L 49 -30.30 81.16 -22.47
N GLU L 50 -29.08 81.60 -22.81
CA GLU L 50 -28.68 82.97 -22.51
C GLU L 50 -29.33 83.95 -23.47
N ASP L 51 -29.53 83.54 -24.73
CA ASP L 51 -30.26 84.32 -25.72
C ASP L 51 -31.16 83.36 -26.49
N GLN L 52 -32.46 83.62 -26.50
CA GLN L 52 -33.42 82.69 -27.09
C GLN L 52 -34.23 83.39 -28.17
N PRO L 53 -34.24 82.88 -29.40
CA PRO L 53 -35.04 83.50 -30.46
C PRO L 53 -36.50 83.08 -30.41
N THR L 54 -37.35 83.96 -30.94
CA THR L 54 -38.77 83.70 -31.11
C THR L 54 -39.07 83.57 -32.60
N GLN L 55 -39.72 82.48 -32.98
CA GLN L 55 -40.06 82.27 -34.38
C GLN L 55 -41.53 82.59 -34.59
N PRO L 56 -41.86 83.68 -35.30
CA PRO L 56 -43.29 84.02 -35.48
C PRO L 56 -44.05 83.02 -36.34
N ASP L 57 -43.51 82.65 -37.50
CA ASP L 57 -44.15 81.70 -38.41
C ASP L 57 -45.54 82.21 -38.83
N VAL L 58 -46.43 82.38 -37.84
CA VAL L 58 -47.77 82.91 -38.12
C VAL L 58 -47.64 84.28 -38.77
N ALA L 59 -48.43 84.50 -39.82
CA ALA L 59 -48.39 85.72 -40.64
C ALA L 59 -46.94 85.87 -41.12
N THR L 60 -46.38 87.09 -41.13
CA THR L 60 -45.00 87.35 -41.56
C THR L 60 -44.62 86.74 -42.89
N CYS L 61 -44.99 85.47 -43.11
CA CYS L 61 -44.63 84.73 -44.30
C CYS L 61 -45.53 85.02 -45.49
N ARG L 62 -46.61 85.78 -45.32
CA ARG L 62 -47.54 86.03 -46.40
C ARG L 62 -46.90 86.97 -47.43
N PHE L 63 -47.55 87.09 -48.59
CA PHE L 63 -47.02 87.90 -49.67
C PHE L 63 -47.39 89.37 -49.46
N TYR L 64 -46.38 90.23 -49.50
CA TYR L 64 -46.54 91.68 -49.36
C TYR L 64 -46.28 92.30 -50.73
N THR L 65 -47.36 92.52 -51.49
CA THR L 65 -47.23 93.13 -52.80
C THR L 65 -47.06 94.63 -52.66
N LEU L 66 -45.95 95.16 -53.17
CA LEU L 66 -45.71 96.59 -53.14
C LEU L 66 -46.52 97.27 -54.24
N GLU L 67 -46.46 98.59 -54.27
CA GLU L 67 -47.15 99.33 -55.31
C GLU L 67 -46.51 99.09 -56.66
N SER L 68 -47.34 98.93 -57.69
CA SER L 68 -46.84 98.63 -59.02
C SER L 68 -46.11 99.85 -59.58
N VAL L 69 -45.06 99.61 -60.35
CA VAL L 69 -44.16 100.65 -60.80
C VAL L 69 -44.25 100.72 -62.32
N GLN L 70 -44.58 101.90 -62.85
CA GLN L 70 -44.73 102.07 -64.29
C GLN L 70 -43.37 102.28 -64.93
N TRP L 71 -43.08 101.45 -65.93
CA TRP L 71 -41.81 101.47 -66.64
C TRP L 71 -42.03 102.06 -68.03
N GLU L 72 -41.58 103.30 -68.21
CA GLU L 72 -41.71 104.00 -69.48
C GLU L 72 -40.44 103.83 -70.31
N LYS L 73 -40.36 104.53 -71.43
CA LYS L 73 -39.17 104.47 -72.27
C LYS L 73 -37.97 105.17 -71.64
N THR L 74 -38.21 106.12 -70.73
CA THR L 74 -37.15 106.94 -70.17
C THR L 74 -36.87 106.60 -68.70
N SER L 75 -37.33 105.46 -68.23
CA SER L 75 -37.09 105.07 -66.84
C SER L 75 -35.67 104.54 -66.71
N PRO L 76 -34.87 105.08 -65.77
CA PRO L 76 -33.49 104.60 -65.62
C PRO L 76 -33.34 103.44 -64.65
N GLY L 77 -34.27 103.28 -63.73
CA GLY L 77 -34.18 102.18 -62.77
C GLY L 77 -34.85 102.54 -61.46
N TRP L 78 -34.77 101.60 -60.53
CA TRP L 78 -35.35 101.75 -59.21
C TRP L 78 -34.48 101.00 -58.20
N TRP L 79 -34.65 101.33 -56.92
CA TRP L 79 -34.10 100.47 -55.88
C TRP L 79 -34.98 100.55 -54.63
N TRP L 80 -35.06 99.41 -53.95
CA TRP L 80 -35.69 99.29 -52.64
C TRP L 80 -34.63 98.81 -51.66
N LYS L 81 -34.66 99.33 -50.43
CA LYS L 81 -33.77 98.86 -49.39
C LYS L 81 -34.59 98.16 -48.32
N PHE L 82 -34.38 96.88 -48.20
CA PHE L 82 -34.87 95.88 -47.27
C PHE L 82 -33.85 95.68 -46.15
N PRO L 83 -34.26 95.19 -44.97
CA PRO L 83 -35.58 94.71 -44.54
C PRO L 83 -36.61 95.79 -44.30
N GLU L 84 -36.17 97.05 -44.21
CA GLU L 84 -37.04 98.11 -43.73
C GLU L 84 -37.92 98.71 -44.83
N ALA L 85 -37.86 98.16 -46.05
CA ALA L 85 -38.87 98.53 -47.04
C ALA L 85 -40.24 98.01 -46.64
N LEU L 86 -40.28 96.97 -45.81
CA LEU L 86 -41.50 96.40 -45.27
C LEU L 86 -41.82 96.94 -43.88
N LYS L 87 -41.37 98.15 -43.55
CA LYS L 87 -41.51 98.64 -42.18
C LYS L 87 -42.94 99.05 -41.86
N ASN L 88 -43.79 99.23 -42.86
CA ASN L 88 -45.21 99.53 -42.64
C ASN L 88 -46.10 98.43 -43.20
N MET L 89 -45.55 97.24 -43.42
CA MET L 89 -46.28 96.14 -44.05
C MET L 89 -46.72 95.14 -42.99
N GLY L 90 -47.83 95.46 -42.32
CA GLY L 90 -48.54 94.46 -41.54
C GLY L 90 -47.79 94.04 -40.29
N LEU L 91 -47.88 92.74 -39.99
CA LEU L 91 -47.25 92.20 -38.79
C LEU L 91 -45.73 92.20 -38.90
N PHE L 92 -45.20 92.00 -40.11
CA PHE L 92 -43.75 92.06 -40.27
C PHE L 92 -43.24 93.47 -40.01
N GLY L 93 -43.97 94.48 -40.45
CA GLY L 93 -43.60 95.85 -40.15
C GLY L 93 -43.93 96.29 -38.74
N GLN L 94 -44.71 95.50 -38.02
CA GLN L 94 -44.99 95.78 -36.61
C GLN L 94 -44.09 95.03 -35.66
N ASN L 95 -43.65 93.82 -36.02
CA ASN L 95 -42.63 93.12 -35.22
C ASN L 95 -41.26 93.78 -35.32
N MET L 96 -41.06 94.69 -36.27
CA MET L 96 -39.82 95.45 -36.31
C MET L 96 -39.73 96.45 -35.16
N HIS L 97 -40.88 96.92 -34.67
CA HIS L 97 -40.90 97.89 -33.59
C HIS L 97 -40.85 97.28 -32.20
N TYR L 98 -41.23 96.00 -32.06
CA TYR L 98 -41.24 95.37 -30.74
C TYR L 98 -40.00 94.54 -30.46
N HIS L 99 -39.36 94.00 -31.50
CA HIS L 99 -38.12 93.27 -31.37
C HIS L 99 -37.02 94.08 -32.04
N TYR L 100 -35.86 94.18 -31.38
CA TYR L 100 -34.75 94.96 -31.92
C TYR L 100 -33.70 94.08 -32.60
N LEU L 101 -34.00 92.80 -32.79
CA LEU L 101 -33.12 91.87 -33.51
C LEU L 101 -33.98 90.96 -34.36
N GLY L 102 -33.49 90.61 -35.54
CA GLY L 102 -34.25 89.74 -36.42
C GLY L 102 -33.48 89.37 -37.66
N ARG L 103 -34.09 88.48 -38.45
CA ARG L 103 -33.53 87.95 -39.68
C ARG L 103 -34.63 87.30 -40.48
N ALA L 104 -34.48 87.27 -41.80
CA ALA L 104 -35.52 86.72 -42.67
C ALA L 104 -34.89 86.34 -44.02
N GLY L 105 -35.74 85.86 -44.95
CA GLY L 105 -35.27 85.30 -46.21
C GLY L 105 -35.72 85.99 -47.49
N TYR L 106 -36.95 86.51 -47.51
CA TYR L 106 -37.42 87.43 -48.55
C TYR L 106 -37.39 86.79 -49.95
N THR L 107 -38.34 85.90 -50.20
CA THR L 107 -38.64 85.50 -51.57
C THR L 107 -39.25 86.67 -52.33
N ILE L 108 -38.63 87.07 -53.43
CA ILE L 108 -39.01 88.28 -54.14
C ILE L 108 -39.46 87.89 -55.55
N HIS L 109 -40.77 88.01 -55.81
CA HIS L 109 -41.31 87.83 -57.14
C HIS L 109 -41.37 89.19 -57.83
N VAL L 110 -40.99 89.23 -59.11
CA VAL L 110 -41.04 90.44 -59.91
C VAL L 110 -41.70 90.08 -61.24
N GLN L 111 -42.98 90.38 -61.38
CA GLN L 111 -43.66 90.26 -62.65
C GLN L 111 -43.55 91.57 -63.44
N CYS L 112 -43.91 91.50 -64.71
CA CYS L 112 -43.89 92.67 -65.59
C CYS L 112 -45.14 92.80 -66.43
N ASN L 113 -45.89 91.72 -66.65
CA ASN L 113 -47.16 91.67 -67.38
C ASN L 113 -47.25 92.69 -68.51
N ALA L 114 -46.23 92.75 -69.35
CA ALA L 114 -46.29 93.54 -70.56
C ALA L 114 -47.08 92.79 -71.63
N SER L 115 -47.17 93.38 -72.82
CA SER L 115 -47.88 92.73 -73.90
C SER L 115 -46.91 91.88 -74.72
N LYS L 116 -47.32 91.52 -75.93
CA LYS L 116 -46.50 90.75 -76.84
C LYS L 116 -45.75 91.64 -77.82
N PHE L 117 -46.17 92.89 -77.97
CA PHE L 117 -45.53 93.84 -78.86
C PHE L 117 -44.56 94.77 -78.13
N HIS L 118 -44.55 94.75 -76.80
CA HIS L 118 -43.54 95.50 -76.05
C HIS L 118 -42.22 94.74 -76.07
N GLN L 119 -41.14 95.49 -76.00
CA GLN L 119 -39.80 94.91 -75.93
C GLN L 119 -38.99 95.61 -74.85
N GLY L 120 -38.03 94.88 -74.31
CA GLY L 120 -37.20 95.43 -73.26
C GLY L 120 -36.53 94.32 -72.47
N CYS L 121 -35.74 94.74 -71.49
CA CYS L 121 -35.00 93.80 -70.66
C CYS L 121 -34.66 94.47 -69.33
N LEU L 122 -34.79 93.70 -68.26
CA LEU L 122 -34.52 94.18 -66.91
C LEU L 122 -33.45 93.33 -66.24
N LEU L 123 -32.68 93.97 -65.37
CA LEU L 123 -31.79 93.28 -64.44
C LEU L 123 -32.42 93.38 -63.06
N VAL L 124 -32.83 92.23 -62.51
CA VAL L 124 -33.39 92.15 -61.17
C VAL L 124 -32.33 91.54 -60.28
N VAL L 125 -31.67 92.39 -59.48
CA VAL L 125 -30.51 92.00 -58.69
C VAL L 125 -30.72 92.52 -57.27
N CYS L 126 -30.08 91.85 -56.31
CA CYS L 126 -30.38 92.06 -54.90
C CYS L 126 -29.29 92.77 -54.12
N VAL L 127 -28.02 92.58 -54.49
CA VAL L 127 -26.91 93.41 -54.00
C VAL L 127 -26.90 93.49 -52.48
N PRO L 128 -26.41 92.48 -51.76
CA PRO L 128 -26.28 92.61 -50.31
C PRO L 128 -25.24 93.69 -49.96
N GLU L 129 -25.56 94.47 -48.93
CA GLU L 129 -24.67 95.52 -48.42
C GLU L 129 -24.33 96.56 -49.49
N ALA L 130 -25.37 97.16 -50.07
CA ALA L 130 -25.17 98.21 -51.06
C ALA L 130 -24.98 99.53 -50.33
N GLU L 131 -23.73 99.83 -49.98
CA GLU L 131 -23.38 101.13 -49.41
C GLU L 131 -23.27 102.14 -50.54
N MET L 132 -24.19 103.08 -50.59
CA MET L 132 -24.25 104.02 -51.70
C MET L 132 -23.53 105.32 -51.35
N GLY L 133 -23.16 106.07 -52.40
CA GLY L 133 -22.34 107.26 -52.25
C GLY L 133 -23.15 108.52 -52.43
N CYS L 134 -22.72 109.58 -51.74
CA CYS L 134 -23.41 110.86 -51.82
C CYS L 134 -23.17 111.53 -53.17
N ALA L 135 -24.08 112.43 -53.54
CA ALA L 135 -24.05 113.01 -54.88
C ALA L 135 -22.91 114.02 -55.03
N ASP L 136 -22.77 114.92 -54.07
CA ASP L 136 -21.60 115.81 -54.00
C ASP L 136 -20.76 115.38 -52.79
N THR L 137 -19.62 114.76 -53.06
CA THR L 137 -18.79 114.23 -51.99
C THR L 137 -18.16 115.37 -51.18
N ASP L 138 -17.65 115.00 -50.01
CA ASP L 138 -17.23 115.79 -48.84
C ASP L 138 -18.36 116.00 -47.84
N THR L 139 -19.50 115.35 -48.04
CA THR L 139 -20.63 115.47 -47.12
C THR L 139 -21.47 114.20 -47.17
N THR L 140 -22.49 114.16 -46.32
CA THR L 140 -23.40 113.03 -46.20
C THR L 140 -24.80 113.43 -46.64
N PHE L 141 -25.72 112.45 -46.66
CA PHE L 141 -27.11 112.66 -47.03
C PHE L 141 -28.04 112.45 -45.83
N PRO L 142 -29.22 113.08 -45.82
CA PRO L 142 -30.06 113.11 -44.62
C PRO L 142 -30.86 111.84 -44.33
N ALA L 143 -30.41 110.68 -44.81
CA ALA L 143 -30.91 109.38 -44.35
C ALA L 143 -32.34 109.08 -44.82
N THR L 144 -33.06 110.09 -45.31
CA THR L 144 -34.33 109.89 -45.98
C THR L 144 -34.19 109.85 -47.48
N GLU L 145 -32.95 109.85 -47.98
CA GLU L 145 -32.66 109.74 -49.40
C GLU L 145 -32.35 108.31 -49.83
N LEU L 146 -31.94 107.45 -48.90
CA LEU L 146 -31.74 106.04 -49.24
C LEU L 146 -33.06 105.31 -49.38
N THR L 147 -34.04 105.61 -48.53
CA THR L 147 -35.28 104.84 -48.51
C THR L 147 -36.48 105.72 -48.26
N THR L 148 -37.58 105.41 -48.95
CA THR L 148 -38.89 105.97 -48.68
C THR L 148 -39.81 104.76 -48.55
N GLU L 149 -39.64 104.04 -47.43
CA GLU L 149 -40.25 102.74 -47.14
C GLU L 149 -40.74 101.99 -48.37
N ASP L 150 -42.05 102.09 -48.64
CA ASP L 150 -42.66 101.33 -49.73
C ASP L 150 -42.23 101.83 -51.10
N THR L 151 -42.17 103.16 -51.28
CA THR L 151 -41.95 103.63 -52.64
C THR L 151 -40.47 103.57 -53.02
N PRO L 152 -40.17 103.33 -54.29
CA PRO L 152 -38.77 103.21 -54.72
C PRO L 152 -38.13 104.54 -55.05
N HIS L 153 -36.85 104.67 -54.70
CA HIS L 153 -36.02 105.74 -55.24
C HIS L 153 -35.56 105.35 -56.64
N VAL L 154 -35.82 106.22 -57.60
CA VAL L 154 -35.38 105.96 -58.97
C VAL L 154 -33.91 106.32 -59.10
N PHE L 155 -33.27 105.71 -60.10
CA PHE L 155 -31.96 106.16 -60.51
C PHE L 155 -32.11 107.41 -61.38
N THR L 156 -30.99 107.93 -61.88
CA THR L 156 -31.00 109.01 -62.84
C THR L 156 -30.17 108.60 -64.05
N SER L 157 -30.41 109.30 -65.17
CA SER L 157 -29.69 108.99 -66.39
C SER L 157 -28.32 109.67 -66.44
N ASP L 158 -28.14 110.77 -65.71
CA ASP L 158 -26.87 111.47 -65.67
C ASP L 158 -26.48 111.81 -64.24
N SER L 159 -25.41 112.58 -64.05
CA SER L 159 -24.96 112.94 -62.72
C SER L 159 -25.87 114.00 -62.12
N ILE L 160 -25.97 113.98 -60.78
CA ILE L 160 -26.79 114.91 -60.03
C ILE L 160 -25.95 115.46 -58.88
N THR L 161 -26.40 116.59 -58.34
CA THR L 161 -25.76 117.23 -57.21
C THR L 161 -26.77 117.40 -56.08
N GLY L 162 -26.28 117.84 -54.93
CA GLY L 162 -27.11 117.99 -53.76
C GLY L 162 -26.89 116.87 -52.75
N LYS L 163 -27.38 117.09 -51.53
CA LYS L 163 -27.15 116.16 -50.42
C LYS L 163 -28.13 114.99 -50.58
N LYS L 164 -27.80 114.11 -51.51
CA LYS L 164 -28.61 112.91 -51.75
C LYS L 164 -27.72 111.86 -52.42
N VAL L 165 -28.31 110.73 -52.75
CA VAL L 165 -27.56 109.59 -53.27
C VAL L 165 -27.19 109.86 -54.72
N GLN L 166 -25.93 109.57 -55.07
CA GLN L 166 -25.51 109.64 -56.46
C GLN L 166 -26.20 108.51 -57.22
N ALA L 167 -27.36 108.78 -57.78
CA ALA L 167 -28.22 107.75 -58.36
C ALA L 167 -28.10 107.69 -59.88
N ALA L 168 -26.92 107.98 -60.41
CA ALA L 168 -26.69 107.82 -61.84
C ALA L 168 -26.41 106.36 -62.15
N VAL L 169 -27.15 105.81 -63.12
CA VAL L 169 -26.79 104.50 -63.65
C VAL L 169 -25.47 104.60 -64.40
N CYS L 170 -24.87 103.45 -64.67
CA CYS L 170 -23.48 103.16 -65.02
C CYS L 170 -22.60 103.22 -63.78
N ASN L 171 -23.09 103.75 -62.67
CA ASN L 171 -22.39 103.76 -61.39
C ASN L 171 -23.43 103.62 -60.28
N ALA L 172 -24.20 102.53 -60.33
CA ALA L 172 -25.54 102.40 -59.75
C ALA L 172 -25.68 103.13 -58.41
N GLY L 173 -25.05 102.61 -57.37
CA GLY L 173 -24.93 103.35 -56.14
C GLY L 173 -23.53 103.34 -55.56
N MET L 174 -22.76 102.31 -55.89
CA MET L 174 -21.57 101.95 -55.14
C MET L 174 -20.27 102.34 -55.83
N GLY L 175 -20.34 102.96 -57.01
CA GLY L 175 -19.13 103.28 -57.73
C GLY L 175 -18.58 102.13 -58.55
N VAL L 176 -19.39 101.12 -58.83
CA VAL L 176 -18.99 100.01 -59.67
C VAL L 176 -19.62 100.19 -61.04
N GLY L 177 -19.17 99.39 -62.01
CA GLY L 177 -19.84 99.37 -63.29
C GLY L 177 -21.20 98.69 -63.16
N VAL L 178 -22.20 99.27 -63.83
CA VAL L 178 -23.54 98.72 -63.69
C VAL L 178 -23.73 97.48 -64.56
N GLY L 179 -22.86 97.28 -65.56
CA GLY L 179 -22.99 96.10 -66.40
C GLY L 179 -22.58 94.84 -65.66
N ASN L 180 -21.46 94.89 -64.93
CA ASN L 180 -21.01 93.74 -64.15
C ASN L 180 -21.57 93.80 -62.73
N LEU L 181 -22.87 94.07 -62.65
CA LEU L 181 -23.63 93.93 -61.40
C LEU L 181 -24.30 92.57 -61.33
N THR L 182 -23.92 91.67 -62.25
CA THR L 182 -24.48 90.34 -62.40
C THR L 182 -23.85 89.34 -61.45
N ILE L 183 -22.82 89.75 -60.69
CA ILE L 183 -22.16 88.86 -59.75
C ILE L 183 -23.07 88.49 -58.59
N PHE L 184 -24.09 89.30 -58.32
CA PHE L 184 -25.01 89.06 -57.21
C PHE L 184 -26.12 88.12 -57.64
N PRO L 185 -26.97 87.69 -56.70
CA PRO L 185 -28.18 86.95 -57.10
C PRO L 185 -29.06 87.79 -58.01
N HIS L 186 -29.18 87.39 -59.26
CA HIS L 186 -29.84 88.19 -60.28
C HIS L 186 -30.79 87.33 -61.08
N GLN L 187 -31.57 88.00 -61.94
CA GLN L 187 -32.44 87.34 -62.90
C GLN L 187 -32.78 88.35 -63.99
N TRP L 188 -32.64 87.94 -65.24
CA TRP L 188 -33.01 88.79 -66.37
C TRP L 188 -34.49 88.62 -66.68
N ILE L 189 -35.17 89.73 -66.93
CA ILE L 189 -36.54 89.66 -67.40
C ILE L 189 -36.58 90.21 -68.82
N ASN L 190 -36.40 89.31 -69.79
CA ASN L 190 -36.49 89.68 -71.20
C ASN L 190 -37.93 89.50 -71.66
N LEU L 191 -38.57 90.60 -72.03
CA LEU L 191 -39.99 90.57 -72.38
C LEU L 191 -40.24 89.75 -73.64
N ARG L 192 -39.20 89.49 -74.43
CA ARG L 192 -39.32 88.58 -75.55
C ARG L 192 -39.68 87.17 -75.08
N THR L 193 -39.00 86.70 -74.03
CA THR L 193 -39.17 85.33 -73.55
C THR L 193 -40.05 85.26 -72.30
N ASN L 194 -39.62 85.88 -71.21
CA ASN L 194 -40.26 85.72 -69.91
C ASN L 194 -40.75 87.06 -69.37
N ASN L 195 -41.46 86.99 -68.26
CA ASN L 195 -41.97 88.17 -67.58
C ASN L 195 -41.75 88.16 -66.08
N SER L 196 -41.49 87.00 -65.47
CA SER L 196 -41.43 86.87 -64.03
C SER L 196 -40.02 86.52 -63.59
N ALA L 197 -39.67 87.00 -62.40
CA ALA L 197 -38.41 86.69 -61.75
C ALA L 197 -38.69 86.34 -60.31
N THR L 198 -37.86 85.49 -59.73
CA THR L 198 -37.99 85.14 -58.32
C THR L 198 -36.62 84.85 -57.74
N ILE L 199 -36.31 85.48 -56.61
CA ILE L 199 -34.99 85.42 -56.00
C ILE L 199 -35.18 85.13 -54.52
N VAL L 200 -34.35 84.25 -53.97
CA VAL L 200 -34.40 83.86 -52.57
C VAL L 200 -33.05 84.21 -51.95
N ILE L 201 -33.07 85.03 -50.91
CA ILE L 201 -31.87 85.68 -50.38
C ILE L 201 -31.74 85.28 -48.91
N PRO L 202 -30.86 84.32 -48.59
CA PRO L 202 -30.89 83.62 -47.30
C PRO L 202 -30.21 84.36 -46.14
N TYR L 203 -30.51 85.64 -46.00
CA TYR L 203 -30.00 86.47 -44.90
C TYR L 203 -28.47 86.45 -44.84
N ILE L 204 -27.87 87.25 -45.71
CA ILE L 204 -26.42 87.42 -45.70
C ILE L 204 -26.06 88.52 -44.70
N ASN L 205 -25.33 88.15 -43.66
CA ASN L 205 -24.86 89.12 -42.66
C ASN L 205 -23.74 88.49 -41.85
N SER L 206 -22.92 89.34 -41.24
CA SER L 206 -21.75 88.90 -40.47
C SER L 206 -22.07 88.61 -39.01
N VAL L 207 -23.28 88.90 -38.55
CA VAL L 207 -23.71 88.63 -37.18
C VAL L 207 -25.03 87.85 -37.32
N PRO L 208 -25.33 86.90 -36.43
CA PRO L 208 -26.52 86.07 -36.67
C PRO L 208 -27.82 86.86 -36.64
N MET L 209 -27.91 87.92 -35.84
CA MET L 209 -29.10 88.74 -35.79
C MET L 209 -28.67 90.21 -35.71
N ASP L 210 -29.42 91.07 -36.38
CA ASP L 210 -29.09 92.49 -36.37
C ASP L 210 -30.39 93.30 -36.35
N ASN L 211 -30.25 94.56 -35.95
CA ASN L 211 -31.41 95.45 -35.89
C ASN L 211 -31.93 95.75 -37.29
N MET L 212 -33.24 95.83 -37.41
CA MET L 212 -33.89 95.95 -38.72
C MET L 212 -34.11 97.38 -39.15
N PHE L 213 -33.78 98.37 -38.32
CA PHE L 213 -33.88 99.77 -38.71
C PHE L 213 -32.52 100.41 -38.99
N ARG L 214 -31.46 99.97 -38.32
CA ARG L 214 -30.14 100.52 -38.60
C ARG L 214 -29.60 99.97 -39.92
N HIS L 215 -29.69 98.66 -40.13
CA HIS L 215 -28.93 97.96 -41.16
C HIS L 215 -29.85 97.52 -42.29
N TYR L 216 -29.48 97.87 -43.52
CA TYR L 216 -30.20 97.45 -44.72
C TYR L 216 -29.47 96.23 -45.25
N ASN L 217 -30.10 95.05 -45.13
CA ASN L 217 -29.38 93.81 -45.43
C ASN L 217 -29.08 93.67 -46.92
N PHE L 218 -30.01 94.08 -47.78
CA PHE L 218 -29.76 94.05 -49.21
C PHE L 218 -30.58 95.14 -49.89
N THR L 219 -30.30 95.34 -51.18
CA THR L 219 -30.91 96.43 -51.95
C THR L 219 -31.43 95.86 -53.26
N LEU L 220 -32.72 95.54 -53.31
CA LEU L 220 -33.35 95.12 -54.56
C LEU L 220 -33.39 96.29 -55.52
N MET L 221 -32.60 96.23 -56.58
CA MET L 221 -32.58 97.26 -57.61
C MET L 221 -32.88 96.64 -58.96
N ILE L 222 -33.83 97.23 -59.68
CA ILE L 222 -34.28 96.77 -60.99
C ILE L 222 -33.83 97.79 -62.01
N ILE L 223 -32.99 97.37 -62.95
CA ILE L 223 -32.31 98.29 -63.86
C ILE L 223 -32.61 97.88 -65.29
N PRO L 224 -33.26 98.73 -66.08
CA PRO L 224 -33.53 98.39 -67.49
C PRO L 224 -32.29 98.59 -68.35
N PHE L 225 -31.71 97.47 -68.79
CA PHE L 225 -30.60 97.55 -69.74
C PHE L 225 -31.09 97.90 -71.14
N ALA L 226 -31.87 97.03 -71.74
CA ALA L 226 -32.47 97.43 -73.00
C ALA L 226 -33.75 98.23 -72.72
N PRO L 227 -33.88 99.44 -73.26
CA PRO L 227 -35.01 100.29 -72.87
C PRO L 227 -36.31 99.77 -73.45
N LEU L 228 -37.41 100.17 -72.80
CA LEU L 228 -38.73 99.81 -73.30
C LEU L 228 -38.98 100.49 -74.65
N ASN L 229 -39.63 99.76 -75.56
CA ASN L 229 -40.00 100.37 -76.82
C ASN L 229 -41.31 99.77 -77.29
N PHE L 230 -42.06 100.57 -78.04
CA PHE L 230 -43.39 100.20 -78.54
C PHE L 230 -43.77 101.23 -79.59
N THR L 231 -44.93 101.02 -80.20
CA THR L 231 -45.45 101.93 -81.22
C THR L 231 -46.56 102.78 -80.63
N ASP L 232 -47.18 103.60 -81.48
CA ASP L 232 -48.09 104.65 -81.04
C ASP L 232 -49.47 104.16 -80.66
N GLY L 233 -49.67 102.84 -80.57
CA GLY L 233 -50.97 102.31 -80.17
C GLY L 233 -50.98 101.63 -78.82
N ALA L 234 -49.81 101.16 -78.37
CA ALA L 234 -49.73 100.42 -77.13
C ALA L 234 -49.82 101.35 -75.93
N THR L 235 -49.91 100.76 -74.74
CA THR L 235 -49.87 101.56 -73.52
C THR L 235 -48.46 102.08 -73.28
N ALA L 236 -48.37 103.33 -72.84
CA ALA L 236 -47.11 104.03 -72.78
C ALA L 236 -46.22 103.59 -71.63
N TYR L 237 -46.53 102.48 -70.98
CA TYR L 237 -45.78 102.01 -69.82
C TYR L 237 -45.98 100.52 -69.65
N VAL L 238 -45.17 99.93 -68.78
CA VAL L 238 -45.28 98.53 -68.40
C VAL L 238 -45.17 98.45 -66.88
N PRO L 239 -46.23 98.07 -66.17
CA PRO L 239 -46.20 98.08 -64.70
C PRO L 239 -45.43 96.89 -64.16
N ILE L 240 -44.43 97.16 -63.33
CA ILE L 240 -43.60 96.14 -62.71
C ILE L 240 -44.12 95.91 -61.31
N THR L 241 -44.45 94.66 -61.00
CA THR L 241 -45.08 94.31 -59.73
C THR L 241 -44.07 93.55 -58.86
N VAL L 242 -43.85 94.04 -57.64
CA VAL L 242 -42.87 93.48 -56.73
C VAL L 242 -43.61 92.88 -55.53
N THR L 243 -43.24 91.65 -55.18
CA THR L 243 -43.89 90.89 -54.11
C THR L 243 -42.83 90.22 -53.27
N ILE L 244 -42.86 90.45 -51.95
CA ILE L 244 -41.84 89.97 -51.04
C ILE L 244 -42.51 89.10 -49.98
N ALA L 245 -41.97 87.90 -49.78
CA ALA L 245 -42.45 86.99 -48.73
C ALA L 245 -41.33 86.75 -47.72
N PRO L 246 -41.40 87.36 -46.53
CA PRO L 246 -40.35 87.15 -45.53
C PRO L 246 -40.38 85.74 -44.97
N MET L 247 -39.39 84.92 -45.33
CA MET L 247 -39.37 83.52 -44.93
C MET L 247 -38.42 83.31 -43.76
N TYR L 248 -38.80 82.41 -42.86
CA TYR L 248 -37.96 82.01 -41.73
C TYR L 248 -37.54 83.21 -40.89
N ALA L 249 -38.48 84.13 -40.69
CA ALA L 249 -38.22 85.29 -39.86
C ALA L 249 -38.21 84.87 -38.41
N GLU L 250 -37.13 85.18 -37.70
CA GLU L 250 -37.07 84.94 -36.27
C GLU L 250 -36.44 86.14 -35.57
N TYR L 251 -36.82 86.32 -34.31
CA TYR L 251 -36.61 87.55 -33.57
C TYR L 251 -35.97 87.17 -32.23
N ASN L 252 -35.76 88.16 -31.37
CA ASN L 252 -35.24 87.84 -30.06
C ASN L 252 -36.39 87.44 -29.13
N GLY L 253 -36.03 87.00 -27.92
CA GLY L 253 -37.02 86.62 -26.94
C GLY L 253 -37.37 87.78 -26.04
N LEU L 254 -38.65 87.86 -25.68
CA LEU L 254 -39.13 88.91 -24.79
C LEU L 254 -39.45 88.40 -23.40
N ARG L 255 -39.59 87.09 -23.23
CA ARG L 255 -39.89 86.46 -21.96
C ARG L 255 -38.62 86.31 -21.11
N LEU L 256 -38.83 86.09 -19.82
CA LEU L 256 -37.72 85.79 -18.94
C LEU L 256 -37.30 84.33 -19.12
N ALA L 257 -36.15 83.99 -18.53
CA ALA L 257 -35.67 82.62 -18.57
C ALA L 257 -35.69 82.00 -17.17
N GLY M 1 25.07 74.38 -26.04
CA GLY M 1 23.96 73.56 -26.52
C GLY M 1 24.14 73.08 -27.95
N VAL M 2 23.11 73.28 -28.76
CA VAL M 2 23.11 72.82 -30.15
C VAL M 2 23.95 73.77 -30.99
N PRO M 3 25.00 73.28 -31.65
CA PRO M 3 25.82 74.17 -32.49
C PRO M 3 25.07 74.54 -33.77
N VAL M 4 24.67 75.80 -33.87
CA VAL M 4 23.99 76.30 -35.06
C VAL M 4 24.91 77.31 -35.73
N LEU M 5 24.66 77.54 -37.02
CA LEU M 5 25.37 78.60 -37.73
C LEU M 5 24.40 79.31 -38.67
N ASN M 6 24.38 80.63 -38.60
CA ASN M 6 23.46 81.43 -39.38
C ASN M 6 23.90 81.48 -40.83
N THR M 7 22.97 81.17 -41.72
CA THR M 7 23.21 81.20 -43.16
C THR M 7 23.08 82.63 -43.65
N PRO M 8 23.50 82.92 -44.88
CA PRO M 8 23.09 84.18 -45.52
C PRO M 8 21.57 84.24 -45.64
N GLY M 9 21.01 85.38 -45.29
CA GLY M 9 19.57 85.53 -45.19
C GLY M 9 19.01 85.51 -43.79
N SER M 10 19.86 85.50 -42.77
CA SER M 10 19.41 85.60 -41.39
C SER M 10 19.26 87.08 -41.02
N ASN M 11 18.31 87.35 -40.13
CA ASN M 11 18.05 88.70 -39.64
C ASN M 11 17.70 89.66 -40.77
N GLN M 12 17.11 89.14 -41.85
CA GLN M 12 16.59 89.99 -42.91
C GLN M 12 15.08 89.94 -42.89
N PHE M 13 14.47 90.84 -43.65
CA PHE M 13 13.02 90.89 -43.76
C PHE M 13 12.65 90.76 -45.23
N LEU M 14 12.45 89.52 -45.68
CA LEU M 14 11.85 89.25 -46.98
C LEU M 14 10.36 89.52 -46.89
N THR M 15 9.85 90.33 -47.81
CA THR M 15 8.46 90.76 -47.74
C THR M 15 7.52 89.58 -47.93
N SER M 16 7.86 88.66 -48.83
CA SER M 16 7.05 87.49 -49.13
C SER M 16 7.65 86.27 -48.44
N ASP M 17 7.33 86.13 -47.15
CA ASP M 17 7.68 84.92 -46.40
C ASP M 17 6.44 84.43 -45.67
N ASP M 18 6.52 83.19 -45.17
CA ASP M 18 5.40 82.51 -44.54
C ASP M 18 5.83 81.92 -43.21
N TYR M 19 6.46 82.74 -42.38
CA TYR M 19 6.98 82.29 -41.10
C TYR M 19 5.92 82.41 -40.01
N GLN M 20 6.16 81.71 -38.90
CA GLN M 20 5.21 81.69 -37.79
C GLN M 20 5.35 82.98 -37.00
N SER M 21 4.39 83.88 -37.15
CA SER M 21 4.44 85.15 -36.45
C SER M 21 4.08 84.93 -34.98
N PRO M 22 4.85 85.48 -34.05
CA PRO M 22 4.48 85.34 -32.63
C PRO M 22 3.24 86.16 -32.32
N SER M 23 2.21 85.48 -31.82
CA SER M 23 0.90 86.12 -31.64
C SER M 23 0.95 87.07 -30.45
N ALA M 24 0.41 88.27 -30.64
CA ALA M 24 0.44 89.28 -29.60
C ALA M 24 -0.59 89.02 -28.51
N MET M 25 -1.69 88.35 -28.84
CA MET M 25 -2.76 88.10 -27.88
C MET M 25 -2.96 86.59 -27.80
N PRO M 26 -2.13 85.89 -27.00
CA PRO M 26 -2.19 84.42 -26.98
C PRO M 26 -3.36 83.90 -26.16
N GLN M 27 -3.66 84.60 -25.07
CA GLN M 27 -4.79 84.22 -24.23
C GLN M 27 -6.09 84.36 -25.00
N PHE M 28 -6.16 85.37 -25.88
CA PHE M 28 -7.37 85.72 -26.60
C PHE M 28 -7.84 84.57 -27.48
N ASP M 29 -9.11 84.19 -27.32
CA ASP M 29 -9.76 83.18 -28.16
C ASP M 29 -10.77 83.85 -29.07
N GLU M 30 -10.56 83.72 -30.39
CA GLU M 30 -11.32 84.41 -31.40
C GLU M 30 -12.74 83.88 -31.53
N THR M 31 -13.60 84.69 -32.15
CA THR M 31 -15.02 84.39 -32.27
C THR M 31 -15.24 83.15 -33.14
N PRO M 32 -16.16 82.25 -32.76
CA PRO M 32 -16.42 81.07 -33.59
C PRO M 32 -16.96 81.43 -34.96
N GLU M 33 -16.58 80.65 -35.95
CA GLU M 33 -16.94 80.92 -37.35
C GLU M 33 -18.33 80.38 -37.62
N MET M 34 -19.29 81.26 -37.87
CA MET M 34 -20.59 80.82 -38.33
C MET M 34 -20.55 80.61 -39.84
N HIS M 35 -21.57 79.94 -40.36
CA HIS M 35 -21.69 79.74 -41.79
C HIS M 35 -22.35 80.97 -42.42
N ILE M 36 -21.62 81.68 -43.26
CA ILE M 36 -22.12 82.83 -44.00
C ILE M 36 -22.31 82.40 -45.45
N PRO M 37 -23.45 82.70 -46.07
CA PRO M 37 -23.68 82.21 -47.44
C PRO M 37 -22.79 82.90 -48.46
N GLY M 38 -22.36 82.12 -49.46
CA GLY M 38 -21.64 82.69 -50.58
C GLY M 38 -20.15 82.83 -50.35
N GLU M 39 -19.47 81.74 -50.03
CA GLU M 39 -18.03 81.80 -49.81
C GLU M 39 -17.28 81.74 -51.13
N VAL M 40 -16.23 82.55 -51.24
CA VAL M 40 -15.31 82.48 -52.37
C VAL M 40 -14.06 81.76 -51.89
N ARG M 41 -13.65 80.73 -52.64
CA ARG M 41 -12.47 79.96 -52.33
C ARG M 41 -11.43 80.06 -53.45
N ASN M 42 -11.72 80.82 -54.49
CA ASN M 42 -10.85 80.94 -55.66
C ASN M 42 -11.34 82.14 -56.47
N LEU M 43 -10.39 82.95 -56.96
CA LEU M 43 -10.77 84.16 -57.68
C LEU M 43 -11.47 83.83 -59.00
N MET M 44 -11.04 82.77 -59.68
CA MET M 44 -11.64 82.41 -60.97
C MET M 44 -13.09 81.96 -60.84
N GLU M 45 -13.67 81.97 -59.64
CA GLU M 45 -15.11 81.84 -59.50
C GLU M 45 -15.83 83.15 -59.78
N ILE M 46 -15.11 84.27 -59.82
CA ILE M 46 -15.69 85.54 -60.22
C ILE M 46 -15.68 85.70 -61.73
N ALA M 47 -14.62 85.18 -62.38
CA ALA M 47 -14.51 85.28 -63.82
C ALA M 47 -15.55 84.43 -64.55
N GLU M 48 -16.05 83.37 -63.90
CA GLU M 48 -17.03 82.49 -64.52
C GLU M 48 -18.44 83.04 -64.50
N VAL M 49 -18.66 84.22 -63.92
CA VAL M 49 -19.98 84.84 -63.88
C VAL M 49 -20.14 85.73 -65.12
N ASP M 50 -21.24 85.53 -65.83
CA ASP M 50 -21.55 86.38 -66.97
C ASP M 50 -21.80 87.81 -66.51
N SER M 51 -21.44 88.76 -67.36
CA SER M 51 -21.70 90.17 -67.08
C SER M 51 -21.74 90.92 -68.40
N VAL M 52 -22.49 92.01 -68.41
CA VAL M 52 -22.83 92.69 -69.66
C VAL M 52 -21.59 93.45 -70.16
N VAL M 53 -21.36 93.36 -71.46
CA VAL M 53 -20.14 93.85 -72.10
C VAL M 53 -20.50 95.12 -72.86
N PRO M 54 -19.86 96.26 -72.56
CA PRO M 54 -20.17 97.53 -73.27
C PRO M 54 -19.58 97.56 -74.67
N VAL M 55 -20.31 96.97 -75.62
CA VAL M 55 -19.83 96.92 -77.00
C VAL M 55 -19.98 98.28 -77.67
N ASN M 56 -21.07 98.99 -77.38
CA ASN M 56 -21.35 100.28 -77.99
C ASN M 56 -20.74 101.41 -77.16
N ASN M 57 -19.42 101.30 -76.91
CA ASN M 57 -18.71 102.30 -76.11
C ASN M 57 -18.10 103.40 -76.98
N VAL M 58 -18.93 104.01 -77.82
CA VAL M 58 -18.46 105.09 -78.70
C VAL M 58 -18.30 106.36 -77.87
N THR M 59 -17.77 107.41 -78.51
CA THR M 59 -17.17 108.54 -77.79
C THR M 59 -18.14 109.27 -76.87
N GLY M 60 -19.44 109.15 -77.09
CA GLY M 60 -20.38 109.93 -76.29
C GLY M 60 -21.40 109.09 -75.53
N LYS M 61 -21.19 107.78 -75.49
CA LYS M 61 -22.18 106.86 -74.97
C LYS M 61 -21.58 105.91 -73.94
N THR M 62 -20.61 106.39 -73.16
CA THR M 62 -19.93 105.57 -72.17
C THR M 62 -20.29 105.93 -70.73
N LYS M 63 -20.85 107.10 -70.48
CA LYS M 63 -21.32 107.46 -69.15
C LYS M 63 -22.81 107.20 -68.97
N SER M 64 -23.49 106.68 -69.98
CA SER M 64 -24.87 106.24 -69.89
C SER M 64 -24.92 104.72 -70.08
N MET M 65 -26.12 104.16 -70.00
CA MET M 65 -26.32 102.75 -70.25
C MET M 65 -26.61 102.44 -71.71
N ASP M 66 -26.29 103.38 -72.61
CA ASP M 66 -26.28 103.09 -74.03
C ASP M 66 -24.99 102.41 -74.48
N ALA M 67 -24.03 102.25 -73.56
CA ALA M 67 -22.80 101.53 -73.90
C ALA M 67 -23.07 100.04 -74.05
N TYR M 68 -24.05 99.50 -73.33
CA TYR M 68 -24.30 98.07 -73.31
C TYR M 68 -25.22 97.61 -74.44
N GLN M 69 -25.83 98.55 -75.17
CA GLN M 69 -26.88 98.24 -76.11
C GLN M 69 -26.34 98.28 -77.53
N ILE M 70 -26.46 97.18 -78.26
CA ILE M 70 -26.03 97.10 -79.65
C ILE M 70 -27.26 97.38 -80.51
N PRO M 71 -27.31 98.50 -81.23
CA PRO M 71 -28.52 98.83 -82.00
C PRO M 71 -28.65 97.95 -83.23
N VAL M 72 -29.81 97.34 -83.40
CA VAL M 72 -30.11 96.48 -84.54
C VAL M 72 -31.40 96.98 -85.17
N GLY M 73 -31.32 97.41 -86.43
CA GLY M 73 -32.47 97.95 -87.12
C GLY M 73 -32.58 99.46 -86.97
N ASP M 78 -28.52 99.47 -93.91
CA ASP M 78 -27.23 99.19 -94.53
C ASP M 78 -26.71 97.80 -94.14
N LYS M 79 -26.65 96.91 -95.12
CA LYS M 79 -26.19 95.54 -94.91
C LYS M 79 -24.74 95.35 -95.34
N THR M 80 -24.05 96.42 -95.70
CA THR M 80 -22.69 96.31 -96.23
C THR M 80 -21.61 96.45 -95.15
N LYS M 81 -21.93 97.07 -94.02
CA LYS M 81 -20.98 97.20 -92.93
C LYS M 81 -21.49 96.45 -91.70
N PRO M 82 -20.59 95.85 -90.92
CA PRO M 82 -21.03 94.98 -89.83
C PRO M 82 -21.71 95.77 -88.71
N ILE M 83 -22.46 95.04 -87.89
CA ILE M 83 -23.16 95.67 -86.78
C ILE M 83 -22.17 96.12 -85.71
N PHE M 84 -21.33 95.20 -85.25
CA PHE M 84 -20.28 95.52 -84.30
C PHE M 84 -19.08 94.62 -84.57
N SER M 85 -17.97 94.98 -83.93
CA SER M 85 -16.71 94.28 -84.12
C SER M 85 -15.74 94.70 -83.02
N PHE M 86 -15.04 93.75 -82.40
CA PHE M 86 -14.09 94.11 -81.36
C PHE M 86 -13.03 93.03 -81.22
N GLN M 87 -11.86 93.46 -80.75
CA GLN M 87 -10.79 92.53 -80.38
C GLN M 87 -11.28 91.54 -79.34
N MET M 88 -10.81 90.29 -79.46
CA MET M 88 -11.18 89.25 -78.51
C MET M 88 -9.99 88.99 -77.58
N ASP M 89 -9.79 89.92 -76.65
CA ASP M 89 -8.80 89.74 -75.59
C ASP M 89 -9.20 90.58 -74.37
N PRO M 90 -9.43 89.96 -73.21
CA PRO M 90 -9.94 90.72 -72.06
C PRO M 90 -8.94 91.72 -71.49
N GLY M 91 -7.67 91.67 -71.89
CA GLY M 91 -6.70 92.69 -71.53
C GLY M 91 -6.42 93.57 -72.74
N TYR M 92 -6.15 94.85 -72.48
CA TYR M 92 -5.77 95.81 -73.52
C TYR M 92 -6.83 95.92 -74.61
N SER M 93 -8.09 95.75 -74.25
CA SER M 93 -9.20 95.94 -75.19
C SER M 93 -10.29 96.73 -74.51
N SER M 94 -10.72 97.83 -75.14
CA SER M 94 -11.64 98.76 -74.49
C SER M 94 -12.98 98.10 -74.18
N VAL M 95 -13.36 97.08 -74.96
CA VAL M 95 -14.67 96.48 -74.78
C VAL M 95 -14.67 95.48 -73.62
N LEU M 96 -13.61 94.70 -73.48
CA LEU M 96 -13.57 93.57 -72.56
C LEU M 96 -12.63 93.78 -71.38
N LYS M 97 -12.21 95.01 -71.11
CA LYS M 97 -11.23 95.24 -70.05
C LYS M 97 -11.86 95.56 -68.71
N ARG M 98 -13.11 95.99 -68.67
CA ARG M 98 -13.77 96.30 -67.41
C ARG M 98 -14.89 95.31 -67.09
N THR M 99 -14.94 94.20 -67.83
CA THR M 99 -15.80 93.08 -67.50
C THR M 99 -15.28 92.37 -66.25
N LEU M 100 -16.17 91.62 -65.58
CA LEU M 100 -15.72 90.78 -64.48
C LEU M 100 -14.64 89.81 -64.94
N LEU M 101 -14.78 89.29 -66.17
CA LEU M 101 -13.69 88.52 -66.76
C LEU M 101 -12.45 89.38 -66.94
N GLY M 102 -12.61 90.52 -67.62
CA GLY M 102 -11.46 91.34 -67.96
C GLY M 102 -10.86 92.11 -66.81
N GLU M 103 -11.52 92.15 -65.66
CA GLU M 103 -11.02 92.89 -64.51
C GLU M 103 -10.30 92.00 -63.52
N MET M 104 -10.65 90.71 -63.45
CA MET M 104 -9.90 89.81 -62.61
C MET M 104 -8.68 89.25 -63.33
N LEU M 105 -8.54 89.57 -64.62
CA LEU M 105 -7.38 89.22 -65.44
C LEU M 105 -6.34 90.34 -65.51
N ASN M 106 -6.66 91.55 -65.07
CA ASN M 106 -5.66 92.61 -65.01
C ASN M 106 -4.86 92.58 -63.71
N TYR M 107 -5.24 91.73 -62.76
CA TYR M 107 -4.42 91.45 -61.60
C TYR M 107 -3.30 90.48 -61.89
N TYR M 108 -3.18 90.01 -63.13
CA TYR M 108 -2.24 88.95 -63.45
C TYR M 108 -1.55 89.26 -64.77
N ALA M 109 -0.33 88.77 -64.91
CA ALA M 109 0.47 88.96 -66.11
C ALA M 109 0.36 87.79 -67.09
N HIS M 110 0.38 86.56 -66.58
CA HIS M 110 0.26 85.38 -67.44
C HIS M 110 -1.12 84.77 -67.21
N TRP M 111 -1.94 84.77 -68.25
CA TRP M 111 -3.23 84.08 -68.18
C TRP M 111 -3.53 83.46 -69.55
N SER M 112 -4.24 82.34 -69.53
CA SER M 112 -4.53 81.59 -70.74
C SER M 112 -5.78 80.76 -70.51
N GLY M 113 -6.68 80.78 -71.49
CA GLY M 113 -7.91 80.01 -71.38
C GLY M 113 -8.85 80.39 -72.50
N SER M 114 -10.10 79.98 -72.34
CA SER M 114 -11.15 80.28 -73.29
C SER M 114 -12.18 81.19 -72.66
N VAL M 115 -13.04 81.74 -73.51
CA VAL M 115 -14.01 82.75 -73.12
C VAL M 115 -15.28 82.56 -73.95
N LYS M 116 -16.42 82.48 -73.27
CA LYS M 116 -17.71 82.28 -73.91
C LYS M 116 -18.47 83.59 -73.97
N LEU M 117 -19.23 83.77 -75.04
CA LEU M 117 -19.99 85.00 -75.27
C LEU M 117 -21.44 84.64 -75.52
N THR M 118 -22.34 85.33 -74.83
CA THR M 118 -23.78 85.13 -74.97
C THR M 118 -24.37 86.41 -75.55
N PHE M 119 -25.14 86.25 -76.63
CA PHE M 119 -25.80 87.38 -77.30
C PHE M 119 -27.30 87.28 -77.03
N LEU M 120 -27.77 88.08 -76.07
CA LEU M 120 -29.19 88.12 -75.72
C LEU M 120 -29.87 89.17 -76.58
N PHE M 121 -30.79 88.72 -77.44
CA PHE M 121 -31.56 89.64 -78.28
C PHE M 121 -32.71 90.20 -77.45
N CYS M 122 -32.67 91.51 -77.20
CA CYS M 122 -33.65 92.18 -76.36
C CYS M 122 -34.67 92.95 -77.19
N GLY M 123 -35.11 92.38 -78.31
CA GLY M 123 -36.15 92.97 -79.13
C GLY M 123 -37.52 92.42 -78.79
N SER M 124 -38.46 92.62 -79.71
CA SER M 124 -39.83 92.21 -79.48
C SER M 124 -39.95 90.69 -79.59
N ALA M 125 -41.09 90.17 -79.16
CA ALA M 125 -41.38 88.76 -79.33
C ALA M 125 -41.93 88.45 -80.71
N MET M 126 -42.11 89.47 -81.55
CA MET M 126 -42.60 89.30 -82.91
C MET M 126 -41.56 89.64 -83.96
N ALA M 127 -40.45 90.27 -83.58
CA ALA M 127 -39.42 90.62 -84.55
C ALA M 127 -38.63 89.38 -84.93
N THR M 128 -38.33 89.26 -86.22
CA THR M 128 -37.69 88.06 -86.73
C THR M 128 -36.65 88.44 -87.78
N GLY M 129 -35.45 87.91 -87.64
CA GLY M 129 -34.40 88.16 -88.60
C GLY M 129 -33.25 87.20 -88.34
N LYS M 130 -32.19 87.37 -89.13
CA LYS M 130 -30.99 86.56 -88.99
C LYS M 130 -29.77 87.45 -88.87
N LEU M 131 -28.86 87.03 -87.99
CA LEU M 131 -27.57 87.68 -87.78
C LEU M 131 -26.48 86.63 -87.94
N LEU M 132 -25.36 87.03 -88.54
CA LEU M 132 -24.26 86.11 -88.85
C LEU M 132 -23.06 86.54 -88.01
N ILE M 133 -22.71 85.72 -87.02
CA ILE M 133 -21.67 86.05 -86.06
C ILE M 133 -20.41 85.30 -86.49
N SER M 134 -19.43 86.04 -87.01
CA SER M 134 -18.21 85.46 -87.54
C SER M 134 -17.07 85.61 -86.55
N TYR M 135 -16.16 84.65 -86.57
CA TYR M 135 -15.01 84.62 -85.68
C TYR M 135 -13.73 84.55 -86.51
N SER M 136 -12.82 85.49 -86.27
CA SER M 136 -11.58 85.33 -87.00
C SER M 136 -10.49 84.79 -86.08
N PRO M 137 -9.66 83.88 -86.58
CA PRO M 137 -8.54 83.37 -85.79
C PRO M 137 -7.56 84.49 -85.48
N PRO M 138 -6.70 84.31 -84.47
CA PRO M 138 -5.88 85.45 -84.01
C PRO M 138 -4.90 85.98 -85.04
N GLY M 139 -4.55 85.20 -86.06
CA GLY M 139 -3.65 85.70 -87.08
C GLY M 139 -4.35 86.29 -88.28
N ALA M 140 -5.60 85.89 -88.50
CA ALA M 140 -6.29 86.24 -89.72
C ALA M 140 -6.74 87.70 -89.70
N SER M 141 -7.06 88.20 -90.88
CA SER M 141 -7.59 89.55 -91.04
C SER M 141 -9.12 89.52 -90.94
N VAL M 142 -9.70 90.68 -90.64
CA VAL M 142 -11.14 90.78 -90.45
C VAL M 142 -11.84 90.60 -91.79
N PRO M 143 -13.05 90.06 -91.82
CA PRO M 143 -13.81 90.03 -93.08
C PRO M 143 -14.31 91.42 -93.42
N THR M 144 -14.07 91.84 -94.67
CA THR M 144 -14.54 93.14 -95.12
C THR M 144 -15.95 93.11 -95.66
N SER M 145 -16.47 91.92 -95.98
CA SER M 145 -17.80 91.75 -96.53
C SER M 145 -18.52 90.64 -95.78
N ARG M 146 -19.81 90.49 -96.06
CA ARG M 146 -20.57 89.45 -95.40
C ARG M 146 -20.24 88.07 -95.98
N LYS M 147 -19.99 88.00 -97.29
CA LYS M 147 -19.65 86.72 -97.91
C LYS M 147 -18.32 86.21 -97.40
N ASP M 148 -17.33 87.08 -97.25
CA ASP M 148 -16.03 86.66 -96.75
C ASP M 148 -16.10 86.26 -95.28
N ALA M 149 -17.06 86.78 -94.53
CA ALA M 149 -17.32 86.29 -93.18
C ALA M 149 -18.04 84.95 -93.19
N MET M 150 -18.84 84.69 -94.21
CA MET M 150 -19.55 83.42 -94.30
C MET M 150 -18.60 82.28 -94.65
N LEU M 151 -17.53 82.56 -95.39
CA LEU M 151 -16.59 81.53 -95.79
C LEU M 151 -15.66 81.11 -94.67
N GLY M 152 -15.58 81.89 -93.59
CA GLY M 152 -14.81 81.51 -92.43
C GLY M 152 -15.65 80.78 -91.40
N THR M 153 -15.39 81.05 -90.12
CA THR M 153 -16.19 80.49 -89.04
C THR M 153 -17.33 81.44 -88.72
N HIS M 154 -18.55 80.90 -88.61
CA HIS M 154 -19.71 81.73 -88.36
C HIS M 154 -20.81 80.87 -87.76
N ILE M 155 -21.87 81.53 -87.30
CA ILE M 155 -23.09 80.88 -86.84
C ILE M 155 -24.25 81.78 -87.25
N VAL M 156 -25.07 81.30 -88.20
CA VAL M 156 -26.23 82.08 -88.66
C VAL M 156 -27.30 81.96 -87.57
N TRP M 157 -27.40 82.98 -86.74
CA TRP M 157 -28.22 82.95 -85.53
C TRP M 157 -29.61 83.47 -85.84
N ASP M 158 -30.56 82.55 -86.00
CA ASP M 158 -31.95 82.92 -86.24
C ASP M 158 -32.57 83.49 -84.96
N ILE M 159 -33.00 84.75 -85.04
CA ILE M 159 -33.52 85.44 -83.86
C ILE M 159 -34.94 84.96 -83.54
N GLY M 160 -35.74 84.65 -84.56
CA GLY M 160 -37.12 84.28 -84.34
C GLY M 160 -37.31 82.95 -83.65
N LEU M 161 -36.30 82.07 -83.72
CA LEU M 161 -36.39 80.77 -83.06
C LEU M 161 -35.80 80.83 -81.65
N GLN M 162 -34.51 81.12 -81.55
CA GLN M 162 -33.83 81.30 -80.27
C GLN M 162 -33.41 82.74 -80.12
N SER M 163 -33.38 83.22 -78.88
CA SER M 163 -33.07 84.60 -78.57
C SER M 163 -31.75 84.75 -77.83
N SER M 164 -30.92 83.70 -77.79
CA SER M 164 -29.67 83.74 -77.05
C SER M 164 -28.72 82.72 -77.67
N CYS M 165 -27.66 83.20 -78.31
CA CYS M 165 -26.69 82.33 -78.97
C CYS M 165 -25.35 82.43 -78.23
N VAL M 166 -24.78 81.28 -77.90
CA VAL M 166 -23.60 81.18 -77.05
C VAL M 166 -22.42 80.72 -77.89
N LEU M 167 -21.29 81.41 -77.73
CA LEU M 167 -20.03 81.04 -78.36
C LEU M 167 -19.09 80.47 -77.30
N CYS M 168 -17.90 80.08 -77.74
CA CYS M 168 -16.82 79.72 -76.83
C CYS M 168 -15.52 79.91 -77.61
N VAL M 169 -14.84 81.02 -77.36
CA VAL M 169 -13.70 81.44 -78.16
C VAL M 169 -12.43 80.90 -77.50
N PRO M 170 -11.67 80.02 -78.17
CA PRO M 170 -10.44 79.50 -77.57
C PRO M 170 -9.22 80.33 -77.92
N TRP M 171 -8.05 79.88 -77.47
CA TRP M 171 -6.77 80.52 -77.79
C TRP M 171 -6.74 81.98 -77.35
N ILE M 172 -7.06 82.22 -76.08
CA ILE M 172 -7.12 83.56 -75.52
C ILE M 172 -6.09 83.62 -74.41
N SER M 173 -4.98 84.32 -74.65
CA SER M 173 -3.88 84.36 -73.69
C SER M 173 -3.00 85.55 -74.00
N GLN M 174 -2.33 86.06 -72.97
CA GLN M 174 -1.22 86.99 -73.13
C GLN M 174 -0.17 86.68 -72.07
N SER M 175 1.00 87.28 -72.23
CA SER M 175 2.13 87.02 -71.36
C SER M 175 3.14 88.15 -71.39
N SER M 187 -2.80 91.32 -81.29
CA SER M 187 -3.02 90.36 -82.37
C SER M 187 -3.89 89.21 -81.90
N ALA M 188 -5.17 89.47 -81.70
CA ALA M 188 -6.11 88.47 -81.21
C ALA M 188 -7.27 88.32 -82.20
N GLY M 189 -8.29 87.58 -81.77
CA GLY M 189 -9.41 87.25 -82.63
C GLY M 189 -10.35 88.43 -82.82
N TYR M 190 -11.47 88.13 -83.48
CA TYR M 190 -12.49 89.12 -83.78
C TYR M 190 -13.86 88.47 -83.72
N ILE M 191 -14.82 89.17 -83.11
CA ILE M 191 -16.21 88.75 -83.11
C ILE M 191 -16.98 89.85 -83.82
N THR M 192 -17.12 89.71 -85.13
CA THR M 192 -17.95 90.61 -85.93
C THR M 192 -19.36 90.03 -86.02
N CYS M 193 -20.29 90.88 -86.46
CA CYS M 193 -21.67 90.45 -86.59
C CYS M 193 -22.29 91.17 -87.77
N TRP M 194 -23.08 90.44 -88.55
CA TRP M 194 -23.52 90.88 -89.87
C TRP M 194 -25.03 90.72 -90.01
N TYR M 195 -25.61 91.56 -90.86
CA TYR M 195 -27.01 91.39 -91.24
C TYR M 195 -27.07 90.31 -92.31
N GLN M 196 -27.46 89.10 -91.91
CA GLN M 196 -27.86 88.11 -92.89
C GLN M 196 -29.18 88.53 -93.53
N THR M 197 -30.19 88.78 -92.71
CA THR M 197 -31.46 89.36 -93.12
C THR M 197 -31.76 90.55 -92.24
N ASN M 198 -32.65 91.43 -92.72
CA ASN M 198 -33.13 92.51 -91.89
C ASN M 198 -34.10 92.00 -90.84
N ILE M 199 -34.46 92.87 -89.90
CA ILE M 199 -35.39 92.50 -88.84
C ILE M 199 -36.81 92.66 -89.40
N VAL M 200 -37.52 91.54 -89.54
CA VAL M 200 -38.88 91.54 -90.07
C VAL M 200 -39.83 91.69 -88.90
N VAL M 201 -40.77 92.62 -89.02
CA VAL M 201 -41.56 93.04 -87.87
C VAL M 201 -43.00 93.30 -88.31
N PRO M 202 -44.00 92.87 -87.54
CA PRO M 202 -45.39 93.15 -87.89
C PRO M 202 -45.72 94.62 -87.67
N PRO M 203 -46.91 95.07 -88.09
CA PRO M 203 -47.23 96.51 -87.97
C PRO M 203 -47.29 97.02 -86.55
N GLY M 204 -47.50 96.17 -85.55
CA GLY M 204 -47.63 96.65 -84.19
C GLY M 204 -46.33 96.80 -83.44
N ALA M 205 -45.35 95.95 -83.72
CA ALA M 205 -44.13 95.94 -82.93
C ALA M 205 -43.15 97.00 -83.45
N PRO M 206 -42.27 97.50 -82.59
CA PRO M 206 -41.31 98.52 -83.03
C PRO M 206 -40.24 97.92 -83.93
N THR M 207 -39.58 98.82 -84.68
CA THR M 207 -38.68 98.41 -85.75
C THR M 207 -37.24 98.24 -85.28
N SER M 208 -36.79 99.03 -84.31
CA SER M 208 -35.40 99.04 -83.87
C SER M 208 -35.28 98.29 -82.55
N CYS M 209 -34.33 97.36 -82.49
CA CYS M 209 -34.14 96.48 -81.35
C CYS M 209 -32.72 96.61 -80.82
N ASP M 210 -32.45 95.93 -79.71
CA ASP M 210 -31.13 95.93 -79.09
C ASP M 210 -30.67 94.50 -78.85
N VAL M 211 -29.35 94.33 -78.81
CA VAL M 211 -28.71 93.05 -78.52
C VAL M 211 -27.70 93.27 -77.39
N LEU M 212 -27.90 92.59 -76.28
CA LEU M 212 -26.93 92.61 -75.19
C LEU M 212 -25.91 91.50 -75.38
N CYS M 213 -24.71 91.73 -74.85
CA CYS M 213 -23.64 90.74 -74.91
C CYS M 213 -23.17 90.40 -73.50
N PHE M 214 -22.54 89.24 -73.38
CA PHE M 214 -22.06 88.74 -72.10
C PHE M 214 -20.70 88.09 -72.33
N ALA M 215 -19.96 87.89 -71.23
CA ALA M 215 -18.65 87.28 -71.33
C ALA M 215 -18.27 86.66 -69.98
N SER M 216 -17.69 85.47 -70.03
CA SER M 216 -17.17 84.79 -68.85
C SER M 216 -16.09 83.81 -69.30
N ALA M 217 -15.64 82.97 -68.39
CA ALA M 217 -14.71 81.89 -68.71
C ALA M 217 -15.51 80.67 -69.14
N CYS M 218 -15.10 80.04 -70.24
CA CYS M 218 -15.95 79.06 -70.91
C CYS M 218 -16.02 77.76 -70.11
N ASN M 219 -14.89 77.09 -69.93
CA ASN M 219 -14.82 75.87 -69.14
C ASN M 219 -13.94 76.04 -67.92
N ASP M 220 -12.68 76.43 -68.10
CA ASP M 220 -11.74 76.61 -67.01
C ASP M 220 -10.66 77.56 -67.50
N PHE M 221 -10.10 78.34 -66.59
CA PHE M 221 -9.23 79.44 -66.97
C PHE M 221 -7.94 79.34 -66.17
N SER M 222 -6.82 79.58 -66.85
CA SER M 222 -5.50 79.46 -66.25
C SER M 222 -4.86 80.83 -66.16
N VAL M 223 -4.20 81.09 -65.03
CA VAL M 223 -3.73 82.42 -64.70
C VAL M 223 -2.61 82.31 -63.66
N ARG M 224 -1.49 83.00 -63.89
CA ARG M 224 -0.28 82.69 -63.14
C ARG M 224 0.26 83.84 -62.29
N LEU M 225 0.67 84.97 -62.88
CA LEU M 225 1.61 85.86 -62.22
C LEU M 225 0.91 87.13 -61.75
N LEU M 226 0.75 87.24 -60.43
CA LEU M 226 0.00 88.36 -59.86
C LEU M 226 0.79 89.66 -59.98
N ARG M 227 0.09 90.76 -60.25
CA ARG M 227 0.68 92.09 -60.33
C ARG M 227 -0.32 93.11 -59.80
N ASP M 228 0.10 94.37 -59.79
CA ASP M 228 -0.79 95.46 -59.43
C ASP M 228 -1.60 95.91 -60.64
N THR M 229 -2.85 96.29 -60.40
CA THR M 229 -3.73 96.67 -61.49
C THR M 229 -3.34 98.04 -62.05
N PRO M 230 -3.55 98.28 -63.34
CA PRO M 230 -3.19 99.59 -63.93
C PRO M 230 -4.23 100.67 -63.68
N PHE M 231 -5.49 100.30 -63.45
CA PHE M 231 -6.57 101.28 -63.38
C PHE M 231 -6.39 102.24 -62.22
N MET M 232 -6.16 101.73 -61.02
CA MET M 232 -5.95 102.61 -59.87
C MET M 232 -4.70 103.45 -60.07
N ALA M 233 -4.75 104.69 -59.60
CA ALA M 233 -3.64 105.62 -59.75
C ALA M 233 -2.97 105.90 -58.42
N GLN N 43 -158.14 -17.49 22.59
CA GLN N 43 -156.87 -17.71 21.92
C GLN N 43 -156.44 -16.48 21.13
N THR N 44 -155.17 -16.44 20.73
CA THR N 44 -154.63 -15.32 19.96
C THR N 44 -153.73 -15.87 18.87
N ARG N 45 -153.59 -15.08 17.79
CA ARG N 45 -152.79 -15.49 16.65
C ARG N 45 -151.32 -15.24 16.97
N HIS N 46 -150.56 -16.31 17.13
CA HIS N 46 -149.15 -16.23 17.48
C HIS N 46 -148.29 -16.48 16.26
N VAL N 47 -147.00 -16.17 16.37
CA VAL N 47 -146.03 -16.47 15.31
C VAL N 47 -145.70 -17.95 15.43
N VAL N 48 -146.37 -18.77 14.63
CA VAL N 48 -146.16 -20.21 14.62
C VAL N 48 -145.00 -20.44 13.65
N ASN N 49 -143.78 -20.30 14.17
CA ASN N 49 -142.57 -20.34 13.35
C ASN N 49 -141.88 -21.68 13.58
N PHE N 50 -141.92 -22.54 12.56
CA PHE N 50 -141.18 -23.79 12.50
C PHE N 50 -141.40 -24.35 11.11
N HIS N 51 -140.60 -25.35 10.75
CA HIS N 51 -140.66 -25.95 9.42
C HIS N 51 -140.53 -27.46 9.57
N SER N 52 -141.66 -28.15 9.52
CA SER N 52 -141.67 -29.58 9.74
C SER N 52 -142.87 -30.21 9.03
N ARG N 53 -142.63 -31.35 8.40
CA ARG N 53 -143.70 -32.18 7.84
C ARG N 53 -143.49 -33.65 8.18
N SER N 54 -142.86 -33.92 9.32
CA SER N 54 -142.67 -35.30 9.75
C SER N 54 -143.98 -35.88 10.30
N GLU N 55 -144.88 -35.03 10.78
CA GLU N 55 -146.16 -35.49 11.28
C GLU N 55 -147.20 -35.63 10.18
N SER N 56 -146.84 -35.28 8.94
CA SER N 56 -147.76 -35.36 7.83
C SER N 56 -147.46 -36.53 6.93
N THR N 57 -146.45 -37.34 7.26
CA THR N 57 -146.21 -38.54 6.47
C THR N 57 -147.32 -39.56 6.72
N ILE N 58 -147.35 -40.59 5.87
CA ILE N 58 -148.46 -41.54 5.92
C ILE N 58 -148.38 -42.40 7.17
N GLU N 59 -147.17 -42.80 7.57
CA GLU N 59 -147.02 -43.65 8.74
C GLU N 59 -147.30 -42.89 10.03
N ASN N 60 -147.09 -41.57 10.02
CA ASN N 60 -147.39 -40.74 11.17
C ASN N 60 -148.80 -40.18 11.15
N PHE N 61 -149.58 -40.54 10.13
CA PHE N 61 -150.96 -40.11 9.96
C PHE N 61 -151.96 -41.23 10.17
N MET N 62 -151.65 -42.42 9.66
CA MET N 62 -152.50 -43.60 9.77
C MET N 62 -152.12 -44.51 10.92
N GLY N 63 -150.84 -44.63 11.21
CA GLY N 63 -150.37 -45.54 12.25
C GLY N 63 -150.67 -45.04 13.64
N ARG N 64 -151.94 -45.03 14.02
CA ARG N 64 -152.35 -44.66 15.37
C ARG N 64 -153.43 -45.61 15.85
N ALA N 65 -153.25 -46.11 17.07
CA ALA N 65 -154.13 -47.12 17.62
C ALA N 65 -155.45 -46.50 18.03
N ALA N 66 -156.55 -47.11 17.58
CA ALA N 66 -157.89 -46.63 17.87
C ALA N 66 -158.77 -47.82 18.21
N CYS N 67 -159.67 -47.63 19.16
CA CYS N 67 -160.54 -48.71 19.60
C CYS N 67 -161.63 -48.90 18.56
N VAL N 68 -161.74 -50.12 18.05
CA VAL N 68 -162.62 -50.41 16.92
C VAL N 68 -163.67 -51.47 17.22
N PHE N 69 -163.65 -52.09 18.41
CA PHE N 69 -164.59 -53.19 18.66
C PHE N 69 -164.76 -53.38 20.17
N MET N 70 -165.90 -52.96 20.70
CA MET N 70 -166.36 -53.34 22.03
C MET N 70 -167.37 -54.47 21.89
N ASP N 71 -167.26 -55.47 22.76
CA ASP N 71 -168.24 -56.55 22.76
C ASP N 71 -168.24 -57.25 24.11
N GLN N 72 -169.41 -57.79 24.46
CA GLN N 72 -169.60 -58.57 25.67
C GLN N 72 -169.61 -60.05 25.32
N TYR N 73 -169.15 -60.88 26.26
CA TYR N 73 -169.30 -62.32 26.11
C TYR N 73 -169.25 -62.98 27.49
N LYS N 74 -170.22 -63.85 27.75
CA LYS N 74 -170.42 -64.45 29.06
C LYS N 74 -169.43 -65.58 29.27
N ILE N 75 -169.66 -66.40 30.30
CA ILE N 75 -168.78 -67.54 30.57
C ILE N 75 -169.59 -68.83 30.69
N ASN N 76 -170.83 -68.74 31.17
CA ASN N 76 -171.60 -69.93 31.48
C ASN N 76 -173.06 -69.73 31.11
N GLY N 77 -173.81 -70.84 31.11
CA GLY N 77 -175.18 -70.86 30.69
C GLY N 77 -175.33 -70.95 29.18
N GLU N 78 -176.50 -71.42 28.76
CA GLU N 78 -176.90 -71.45 27.35
C GLU N 78 -175.82 -72.10 26.48
N GLU N 79 -175.69 -73.41 26.65
CA GLU N 79 -174.58 -74.14 26.04
C GLU N 79 -174.54 -73.96 24.53
N THR N 80 -175.70 -73.80 23.89
CA THR N 80 -175.80 -73.44 22.48
C THR N 80 -176.29 -72.00 22.38
N SER N 81 -175.35 -71.06 22.48
CA SER N 81 -175.68 -69.63 22.36
C SER N 81 -174.57 -68.91 21.62
N THR N 82 -174.93 -67.76 21.06
CA THR N 82 -174.01 -66.90 20.34
C THR N 82 -173.51 -65.73 21.18
N ASP N 83 -173.86 -65.69 22.47
CA ASP N 83 -173.46 -64.62 23.36
C ASP N 83 -172.33 -65.03 24.31
N ARG N 84 -171.59 -66.08 23.97
CA ARG N 84 -170.45 -66.52 24.75
C ARG N 84 -169.13 -66.32 24.02
N PHE N 85 -169.13 -65.63 22.88
CA PHE N 85 -167.91 -65.34 22.15
C PHE N 85 -168.15 -64.11 21.28
N ALA N 86 -167.05 -63.56 20.77
CA ALA N 86 -167.06 -62.37 19.94
C ALA N 86 -166.59 -62.72 18.53
N VAL N 87 -166.86 -61.82 17.59
CA VAL N 87 -166.60 -62.12 16.18
C VAL N 87 -165.71 -61.07 15.51
N TRP N 88 -166.25 -59.88 15.25
CA TRP N 88 -165.55 -58.79 14.58
C TRP N 88 -164.75 -59.21 13.36
N THR N 89 -165.43 -59.40 12.23
CA THR N 89 -164.74 -59.49 10.94
C THR N 89 -163.89 -58.24 10.71
N ILE N 90 -162.58 -58.44 10.53
CA ILE N 90 -161.65 -57.31 10.52
C ILE N 90 -161.80 -56.53 9.21
N ASN N 91 -162.19 -55.26 9.32
CA ASN N 91 -162.22 -54.37 8.17
C ASN N 91 -161.94 -52.95 8.64
N ILE N 92 -161.50 -52.11 7.68
CA ILE N 92 -161.23 -50.71 7.99
C ILE N 92 -162.51 -49.88 8.13
N ARG N 93 -163.65 -50.40 7.67
CA ARG N 93 -164.89 -49.64 7.69
C ARG N 93 -165.66 -49.88 8.99
N GLU N 94 -164.95 -49.73 10.10
CA GLU N 94 -165.52 -49.99 11.43
C GLU N 94 -166.18 -48.74 12.01
N MET N 95 -165.38 -47.73 12.30
CA MET N 95 -165.91 -46.45 12.78
C MET N 95 -165.51 -45.35 11.80
N ALA N 96 -166.37 -44.33 11.71
CA ALA N 96 -166.27 -43.35 10.64
C ALA N 96 -165.04 -42.46 10.77
N GLN N 97 -164.49 -42.32 11.98
CA GLN N 97 -163.31 -41.47 12.14
C GLN N 97 -162.09 -42.10 11.48
N LEU N 98 -161.86 -43.39 11.71
CA LEU N 98 -160.77 -44.07 11.01
C LEU N 98 -161.13 -44.32 9.55
N ARG N 99 -162.37 -44.74 9.28
CA ARG N 99 -162.78 -45.00 7.90
C ARG N 99 -162.51 -43.81 7.00
N ARG N 100 -162.69 -42.59 7.52
CA ARG N 100 -162.46 -41.39 6.73
C ARG N 100 -161.00 -41.28 6.32
N LYS N 101 -160.08 -41.65 7.21
CA LYS N 101 -158.66 -41.54 6.88
C LYS N 101 -158.21 -42.56 5.85
N CYS N 102 -158.78 -43.77 5.90
CA CYS N 102 -158.42 -44.78 4.90
C CYS N 102 -158.96 -44.44 3.52
N GLU N 103 -159.95 -43.57 3.44
CA GLU N 103 -160.52 -43.16 2.16
C GLU N 103 -159.86 -41.92 1.59
N MET N 104 -158.78 -41.43 2.21
CA MET N 104 -157.93 -40.46 1.55
C MET N 104 -157.20 -41.09 0.37
N PHE N 105 -157.02 -42.41 0.40
CA PHE N 105 -156.16 -43.11 -0.53
C PHE N 105 -156.93 -44.29 -1.11
N THR N 106 -156.72 -44.56 -2.40
CA THR N 106 -157.41 -45.67 -3.03
C THR N 106 -156.81 -47.00 -2.62
N TYR N 107 -155.49 -47.14 -2.75
CA TYR N 107 -154.79 -48.38 -2.45
C TYR N 107 -153.82 -48.16 -1.31
N MET N 108 -153.75 -49.13 -0.40
CA MET N 108 -152.81 -49.08 0.70
C MET N 108 -152.53 -50.51 1.18
N ARG N 109 -151.31 -50.72 1.65
CA ARG N 109 -150.91 -52.00 2.23
C ARG N 109 -150.18 -51.75 3.54
N PHE N 110 -150.41 -52.62 4.52
CA PHE N 110 -149.97 -52.35 5.87
C PHE N 110 -150.12 -53.60 6.71
N ASP N 111 -149.16 -53.81 7.61
CA ASP N 111 -149.34 -54.79 8.68
C ASP N 111 -150.24 -54.20 9.75
N ILE N 112 -151.01 -55.06 10.40
CA ILE N 112 -151.87 -54.64 11.50
C ILE N 112 -151.35 -55.28 12.78
N GLU N 113 -151.41 -54.53 13.88
CA GLU N 113 -150.88 -54.98 15.16
C GLU N 113 -151.88 -54.53 16.22
N MET N 114 -152.83 -55.41 16.53
CA MET N 114 -153.90 -55.10 17.46
C MET N 114 -153.56 -55.60 18.86
N THR N 115 -153.95 -54.83 19.86
CA THR N 115 -153.77 -55.20 21.26
C THR N 115 -155.11 -55.11 21.95
N MET N 116 -155.59 -56.23 22.46
CA MET N 116 -156.88 -56.26 23.13
C MET N 116 -156.74 -55.79 24.56
N VAL N 117 -157.84 -55.23 25.09
CA VAL N 117 -157.92 -54.78 26.48
C VAL N 117 -159.18 -55.42 27.05
N ILE N 118 -158.99 -56.45 27.87
CA ILE N 118 -160.08 -57.32 28.31
C ILE N 118 -160.34 -57.07 29.78
N THR N 119 -161.61 -56.85 30.11
CA THR N 119 -162.05 -56.63 31.48
C THR N 119 -162.97 -57.77 31.90
N SER N 120 -163.53 -57.65 33.10
CA SER N 120 -164.47 -58.64 33.58
C SER N 120 -165.31 -58.02 34.69
N CYS N 121 -166.48 -58.62 34.90
CA CYS N 121 -167.43 -58.17 35.91
C CYS N 121 -167.99 -59.43 36.57
N GLN N 122 -169.09 -59.28 37.30
CA GLN N 122 -169.75 -60.45 37.90
C GLN N 122 -171.15 -60.09 38.37
N MET N 132 -164.23 -66.34 42.81
CA MET N 132 -163.95 -66.79 41.46
C MET N 132 -162.48 -67.18 41.31
N PRO N 133 -162.13 -67.86 40.20
CA PRO N 133 -160.71 -68.16 39.96
C PRO N 133 -160.03 -67.05 39.18
N VAL N 134 -158.79 -67.27 38.78
CA VAL N 134 -158.12 -66.38 37.83
C VAL N 134 -158.50 -66.80 36.42
N LEU N 135 -158.93 -65.83 35.61
CA LEU N 135 -159.51 -66.12 34.30
C LEU N 135 -158.45 -66.10 33.21
N THR N 136 -158.62 -67.00 32.24
CA THR N 136 -157.76 -67.07 31.07
C THR N 136 -158.64 -66.97 29.83
N HIS N 137 -158.22 -66.14 28.87
CA HIS N 137 -159.00 -65.86 27.68
C HIS N 137 -158.31 -66.49 26.47
N GLN N 138 -158.98 -66.41 25.32
CA GLN N 138 -158.43 -66.90 24.05
C GLN N 138 -158.90 -65.98 22.93
N ILE N 139 -157.96 -65.39 22.21
CA ILE N 139 -158.27 -64.50 21.10
C ILE N 139 -157.77 -65.20 19.84
N MET N 140 -158.68 -65.86 19.12
CA MET N 140 -158.32 -66.67 17.95
C MET N 140 -158.53 -65.84 16.69
N TYR N 141 -157.44 -65.56 15.99
CA TYR N 141 -157.51 -64.94 14.67
C TYR N 141 -157.58 -66.02 13.61
N VAL N 142 -158.66 -66.05 12.84
CA VAL N 142 -158.76 -66.96 11.71
C VAL N 142 -158.37 -66.18 10.45
N PRO N 143 -157.60 -66.77 9.55
CA PRO N 143 -157.25 -66.10 8.30
C PRO N 143 -158.45 -65.99 7.39
N PRO N 144 -158.32 -65.33 6.23
CA PRO N 144 -159.46 -65.30 5.29
C PRO N 144 -159.92 -66.68 4.86
N GLY N 145 -158.99 -67.59 4.61
CA GLY N 145 -159.34 -68.98 4.44
C GLY N 145 -159.21 -69.74 5.74
N GLY N 146 -160.30 -69.82 6.49
CA GLY N 146 -160.28 -70.43 7.80
C GLY N 146 -161.67 -70.79 8.31
N PRO N 147 -161.77 -71.91 9.01
CA PRO N 147 -163.05 -72.31 9.59
C PRO N 147 -163.40 -71.47 10.79
N ILE N 148 -164.70 -71.22 10.96
CA ILE N 148 -165.17 -70.38 12.05
C ILE N 148 -165.92 -71.25 13.05
N PRO N 149 -165.91 -70.93 14.33
CA PRO N 149 -166.76 -71.65 15.28
C PRO N 149 -168.22 -71.22 15.15
N ALA N 150 -169.11 -72.17 15.44
CA ALA N 150 -170.53 -71.87 15.57
C ALA N 150 -170.98 -71.76 17.01
N LYS N 151 -170.25 -72.38 17.93
CA LYS N 151 -170.56 -72.36 19.35
C LYS N 151 -169.25 -72.19 20.12
N VAL N 152 -169.38 -71.88 21.42
CA VAL N 152 -168.20 -71.69 22.25
C VAL N 152 -167.41 -72.99 22.40
N ASP N 153 -168.05 -74.13 22.15
CA ASP N 153 -167.40 -75.44 22.30
C ASP N 153 -167.26 -76.15 20.96
N GLY N 154 -167.09 -75.40 19.89
CA GLY N 154 -166.85 -76.01 18.59
C GLY N 154 -165.45 -76.56 18.47
N TYR N 155 -165.24 -77.40 17.46
CA TYR N 155 -163.92 -77.97 17.24
C TYR N 155 -162.97 -77.01 16.49
N GLU N 156 -163.51 -75.95 15.90
CA GLU N 156 -162.67 -75.00 15.17
C GLU N 156 -161.66 -74.34 16.09
N TRP N 157 -162.02 -74.14 17.36
CA TRP N 157 -161.13 -73.50 18.32
C TRP N 157 -159.81 -74.23 18.47
N GLN N 158 -159.76 -75.51 18.12
CA GLN N 158 -158.57 -76.33 18.24
C GLN N 158 -157.80 -76.45 16.93
N THR N 159 -158.09 -75.60 15.95
CA THR N 159 -157.43 -75.68 14.65
C THR N 159 -156.02 -75.14 14.75
N SER N 160 -155.05 -75.92 14.28
CA SER N 160 -153.65 -75.55 14.39
C SER N 160 -153.26 -74.41 13.46
N THR N 161 -154.03 -74.18 12.39
CA THR N 161 -153.73 -73.11 11.46
C THR N 161 -154.36 -71.78 11.84
N ASN N 162 -155.19 -71.76 12.89
CA ASN N 162 -155.72 -70.51 13.43
C ASN N 162 -154.88 -70.09 14.63
N PRO N 163 -154.01 -69.10 14.50
CA PRO N 163 -153.20 -68.69 15.66
C PRO N 163 -154.05 -67.97 16.69
N SER N 164 -153.79 -68.26 17.96
CA SER N 164 -154.57 -67.72 19.06
C SER N 164 -153.67 -67.48 20.25
N VAL N 165 -153.95 -66.41 20.98
CA VAL N 165 -153.21 -66.08 22.21
C VAL N 165 -154.07 -66.47 23.41
N PHE N 166 -153.42 -66.99 24.44
CA PHE N 166 -154.08 -67.39 25.68
C PHE N 166 -153.60 -66.45 26.77
N TRP N 167 -154.34 -65.37 26.95
CA TRP N 167 -154.00 -64.35 27.93
C TRP N 167 -154.77 -64.62 29.21
N THR N 168 -154.05 -64.74 30.31
CA THR N 168 -154.64 -64.87 31.63
C THR N 168 -154.71 -63.49 32.29
N GLU N 169 -155.70 -63.31 33.15
CA GLU N 169 -156.01 -61.99 33.66
C GLU N 169 -154.91 -61.50 34.61
N GLY N 170 -154.67 -60.19 34.59
CA GLY N 170 -153.72 -59.55 35.46
C GLY N 170 -152.42 -59.12 34.80
N ASN N 171 -152.07 -59.72 33.66
CA ASN N 171 -150.81 -59.42 33.00
C ASN N 171 -150.97 -58.21 32.07
N ALA N 172 -149.94 -57.94 31.27
CA ALA N 172 -150.03 -56.94 30.24
C ALA N 172 -151.02 -57.38 29.16
N PRO N 173 -151.59 -56.45 28.41
CA PRO N 173 -152.61 -56.82 27.43
C PRO N 173 -152.02 -57.68 26.32
N PRO N 174 -152.80 -58.58 25.75
CA PRO N 174 -152.28 -59.45 24.69
C PRO N 174 -152.13 -58.70 23.38
N ARG N 175 -151.01 -58.91 22.71
CA ARG N 175 -150.74 -58.28 21.43
C ARG N 175 -150.49 -59.34 20.37
N ILE N 176 -151.23 -59.26 19.28
CA ILE N 176 -151.14 -60.20 18.17
C ILE N 176 -150.98 -59.38 16.89
N SER N 177 -150.00 -59.73 16.08
CA SER N 177 -149.69 -58.96 14.88
C SER N 177 -149.94 -59.81 13.64
N ILE N 178 -150.52 -59.19 12.62
CA ILE N 178 -150.96 -59.89 11.42
C ILE N 178 -150.31 -59.22 10.21
N PRO N 179 -149.64 -59.97 9.34
CA PRO N 179 -148.96 -59.35 8.21
C PRO N 179 -149.94 -58.95 7.10
N PHE N 180 -149.40 -58.53 5.96
CA PHE N 180 -150.20 -58.20 4.79
C PHE N 180 -150.75 -59.49 4.19
N ILE N 181 -152.03 -59.78 4.46
CA ILE N 181 -152.60 -61.07 4.07
C ILE N 181 -153.03 -61.09 2.60
N SER N 182 -153.44 -59.94 2.05
CA SER N 182 -154.28 -59.91 0.86
C SER N 182 -153.63 -60.62 -0.33
N VAL N 183 -154.48 -61.09 -1.24
CA VAL N 183 -154.00 -61.84 -2.41
C VAL N 183 -153.35 -60.89 -3.40
N GLY N 184 -153.92 -59.71 -3.57
CA GLY N 184 -153.39 -58.73 -4.48
C GLY N 184 -152.15 -58.09 -3.90
N ASN N 185 -151.82 -56.91 -4.43
CA ASN N 185 -150.62 -56.20 -4.01
C ASN N 185 -150.93 -55.05 -3.06
N ALA N 186 -152.22 -54.75 -2.82
CA ALA N 186 -152.60 -53.74 -1.86
C ALA N 186 -154.05 -53.97 -1.45
N TYR N 187 -154.41 -53.45 -0.29
CA TYR N 187 -155.81 -53.36 0.09
C TYR N 187 -156.46 -52.21 -0.65
N SER N 188 -157.65 -52.45 -1.19
CA SER N 188 -158.39 -51.44 -1.92
C SER N 188 -159.47 -50.85 -1.02
N SER N 189 -159.41 -49.54 -0.80
CA SER N 189 -160.46 -48.88 -0.02
C SER N 189 -161.75 -48.83 -0.82
N PHE N 190 -161.66 -48.62 -2.13
CA PHE N 190 -162.81 -48.56 -3.02
C PHE N 190 -162.64 -49.58 -4.13
N TYR N 191 -163.75 -50.19 -4.54
CA TYR N 191 -163.73 -51.19 -5.60
C TYR N 191 -164.95 -50.95 -6.48
N ASP N 192 -164.76 -50.21 -7.58
CA ASP N 192 -165.82 -49.95 -8.54
C ASP N 192 -165.95 -51.18 -9.44
N GLY N 193 -166.64 -52.19 -8.92
CA GLY N 193 -166.74 -53.46 -9.63
C GLY N 193 -167.68 -54.40 -8.92
N TRP N 194 -167.92 -55.54 -9.56
CA TRP N 194 -168.88 -56.52 -9.11
C TRP N 194 -168.16 -57.81 -8.74
N SER N 195 -168.54 -58.40 -7.59
CA SER N 195 -167.91 -59.63 -7.14
C SER N 195 -168.18 -60.77 -8.11
N HIS N 196 -169.42 -60.91 -8.56
CA HIS N 196 -169.82 -62.00 -9.45
C HIS N 196 -169.85 -61.48 -10.89
N PHE N 197 -169.20 -62.23 -11.78
CA PHE N 197 -169.07 -61.81 -13.17
C PHE N 197 -170.43 -61.67 -13.84
N THR N 198 -170.48 -60.77 -14.83
CA THR N 198 -171.68 -60.44 -15.61
C THR N 198 -172.64 -59.59 -14.81
N GLN N 199 -172.11 -58.67 -14.01
CA GLN N 199 -172.88 -57.63 -13.32
C GLN N 199 -174.00 -58.23 -12.47
N ASP N 200 -173.62 -59.13 -11.57
CA ASP N 200 -174.56 -59.76 -10.66
C ASP N 200 -174.71 -58.87 -9.41
N GLY N 201 -175.12 -59.46 -8.30
CA GLY N 201 -175.27 -58.71 -7.06
C GLY N 201 -173.95 -58.38 -6.41
N THR N 202 -174.04 -57.76 -5.23
CA THR N 202 -172.90 -57.42 -4.39
C THR N 202 -171.93 -56.48 -5.13
N TYR N 203 -172.40 -55.25 -5.29
CA TYR N 203 -171.54 -54.19 -5.83
C TYR N 203 -170.51 -53.76 -4.80
N GLY N 204 -169.31 -53.44 -5.28
CA GLY N 204 -168.34 -52.74 -4.48
C GLY N 204 -167.56 -53.59 -3.49
N TYR N 205 -167.83 -54.88 -3.41
CA TYR N 205 -167.15 -55.75 -2.46
C TYR N 205 -166.22 -56.70 -3.21
N THR N 206 -164.93 -56.43 -3.11
CA THR N 206 -163.91 -57.36 -3.60
C THR N 206 -163.47 -58.27 -2.47
N THR N 207 -162.95 -59.43 -2.84
CA THR N 207 -162.42 -60.39 -1.86
C THR N 207 -160.93 -60.21 -1.63
N LEU N 208 -160.29 -59.25 -2.31
CA LEU N 208 -158.87 -59.01 -2.07
C LEU N 208 -158.64 -58.33 -0.73
N ASN N 209 -159.51 -57.38 -0.38
CA ASN N 209 -159.37 -56.67 0.90
C ASN N 209 -160.14 -57.39 2.01
N ALA N 210 -159.88 -58.69 2.15
CA ALA N 210 -160.35 -59.48 3.27
C ALA N 210 -159.18 -59.70 4.21
N MET N 211 -159.40 -59.44 5.51
CA MET N 211 -158.31 -59.44 6.47
C MET N 211 -158.40 -60.56 7.49
N GLY N 212 -159.56 -61.17 7.65
CA GLY N 212 -159.74 -62.26 8.60
C GLY N 212 -160.81 -61.91 9.61
N LYS N 213 -160.88 -62.75 10.66
CA LYS N 213 -161.82 -62.56 11.75
C LYS N 213 -161.09 -62.79 13.06
N LEU N 214 -161.77 -62.52 14.18
CA LEU N 214 -161.13 -62.49 15.49
C LEU N 214 -162.09 -63.03 16.54
N TYR N 215 -162.07 -64.36 16.74
CA TYR N 215 -162.95 -65.03 17.68
C TYR N 215 -162.33 -65.07 19.06
N ILE N 216 -163.10 -64.62 20.06
CA ILE N 216 -162.61 -64.38 21.40
C ILE N 216 -163.52 -65.09 22.38
N ARG N 217 -162.96 -65.88 23.30
CA ARG N 217 -163.76 -66.58 24.28
C ARG N 217 -162.97 -66.73 25.58
N HIS N 218 -163.69 -67.12 26.63
CA HIS N 218 -163.06 -67.63 27.83
C HIS N 218 -162.65 -69.08 27.57
N VAL N 219 -161.49 -69.48 28.09
CA VAL N 219 -161.12 -70.89 28.04
C VAL N 219 -161.62 -71.64 29.26
N ASN N 220 -162.07 -70.94 30.29
CA ASN N 220 -162.62 -71.59 31.46
C ASN N 220 -163.96 -72.24 31.09
N ARG N 221 -164.13 -73.50 31.47
CA ARG N 221 -165.29 -74.25 31.01
C ARG N 221 -166.58 -73.76 31.68
N SER N 222 -166.51 -73.40 32.95
CA SER N 222 -167.68 -72.96 33.69
C SER N 222 -167.25 -72.05 34.83
N SER N 223 -168.23 -71.61 35.61
CA SER N 223 -168.01 -70.74 36.76
C SER N 223 -169.19 -70.91 37.70
N PRO N 224 -168.99 -70.68 39.00
CA PRO N 224 -170.13 -70.74 39.94
C PRO N 224 -171.16 -69.65 39.68
N HIS N 225 -170.70 -68.42 39.50
CA HIS N 225 -171.58 -67.30 39.17
C HIS N 225 -171.31 -66.83 37.74
N GLN N 226 -172.01 -65.76 37.34
CA GLN N 226 -171.91 -65.24 35.99
C GLN N 226 -170.80 -64.21 35.91
N ILE N 227 -169.94 -64.35 34.90
CA ILE N 227 -168.85 -63.41 34.64
C ILE N 227 -169.05 -62.89 33.21
N THR N 228 -169.11 -61.56 33.08
CA THR N 228 -169.38 -60.92 31.80
C THR N 228 -168.15 -60.10 31.42
N SER N 229 -167.37 -60.61 30.47
CA SER N 229 -166.13 -59.97 30.08
C SER N 229 -166.37 -59.00 28.93
N THR N 230 -165.58 -57.93 28.91
CA THR N 230 -165.66 -56.90 27.87
C THR N 230 -164.31 -56.77 27.23
N ILE N 231 -164.28 -56.77 25.89
CA ILE N 231 -163.03 -56.68 25.15
C ILE N 231 -163.05 -55.43 24.28
N ARG N 232 -161.90 -54.77 24.18
CA ARG N 232 -161.72 -53.55 23.40
C ARG N 232 -160.52 -53.79 22.48
N VAL N 233 -160.77 -53.98 21.20
CA VAL N 233 -159.71 -54.29 20.24
C VAL N 233 -159.13 -52.97 19.72
N TYR N 234 -157.81 -52.82 19.87
CA TYR N 234 -157.11 -51.61 19.45
C TYR N 234 -156.37 -51.88 18.15
N PHE N 235 -156.99 -51.48 17.05
CA PHE N 235 -156.44 -51.66 15.72
C PHE N 235 -155.37 -50.63 15.43
N LYS N 236 -154.29 -51.06 14.78
CA LYS N 236 -153.23 -50.13 14.40
C LYS N 236 -152.57 -50.55 13.09
N PRO N 237 -152.64 -49.71 12.05
CA PRO N 237 -151.86 -49.97 10.84
C PRO N 237 -150.38 -49.81 11.14
N LYS N 238 -149.56 -50.62 10.45
CA LYS N 238 -148.13 -50.57 10.66
C LYS N 238 -147.41 -50.81 9.34
N HIS N 239 -146.26 -50.14 9.19
CA HIS N 239 -145.46 -50.21 7.96
C HIS N 239 -146.34 -49.95 6.74
N ILE N 240 -147.04 -48.81 6.79
CA ILE N 240 -148.14 -48.54 5.87
C ILE N 240 -147.63 -47.76 4.66
N LYS N 241 -148.01 -48.23 3.47
CA LYS N 241 -147.82 -47.50 2.23
C LYS N 241 -149.19 -47.20 1.64
N ALA N 242 -149.28 -46.14 0.84
CA ALA N 242 -150.56 -45.72 0.31
C ALA N 242 -150.36 -45.12 -1.08
N TRP N 243 -151.25 -45.49 -2.00
CA TRP N 243 -151.20 -45.03 -3.38
C TRP N 243 -152.49 -44.33 -3.75
N VAL N 244 -152.40 -43.52 -4.80
CA VAL N 244 -153.56 -42.89 -5.45
C VAL N 244 -154.35 -42.07 -4.44
N PRO N 245 -153.96 -40.83 -4.17
CA PRO N 245 -154.74 -40.00 -3.25
C PRO N 245 -156.13 -39.73 -3.82
N ARG N 246 -157.00 -39.22 -2.95
CA ARG N 246 -158.43 -39.22 -3.21
C ARG N 246 -159.04 -38.10 -2.39
N PRO N 247 -160.07 -37.41 -2.88
CA PRO N 247 -160.60 -36.28 -2.13
C PRO N 247 -161.30 -36.78 -0.87
N PRO N 248 -161.35 -35.95 0.16
CA PRO N 248 -161.96 -36.38 1.42
C PRO N 248 -163.47 -36.56 1.31
N ARG N 249 -163.99 -37.40 2.20
CA ARG N 249 -165.43 -37.61 2.32
C ARG N 249 -166.12 -36.31 2.72
N LEU N 250 -167.23 -35.99 2.04
CA LEU N 250 -168.02 -34.82 2.37
C LEU N 250 -169.31 -35.18 3.11
N CYS N 251 -170.05 -36.15 2.61
CA CYS N 251 -171.33 -36.54 3.19
C CYS N 251 -171.13 -37.49 4.37
N PRO N 252 -172.10 -37.56 5.28
CA PRO N 252 -172.02 -38.53 6.37
C PRO N 252 -172.21 -39.96 5.87
N TYR N 253 -171.70 -40.91 6.65
CA TYR N 253 -171.79 -42.31 6.30
C TYR N 253 -173.16 -42.88 6.64
N ILE N 254 -173.64 -43.79 5.79
CA ILE N 254 -174.94 -44.42 5.99
C ILE N 254 -174.73 -45.82 6.57
N ASN N 255 -174.05 -46.67 5.83
CA ASN N 255 -173.88 -48.08 6.18
C ASN N 255 -172.42 -48.49 6.03
N LYS N 256 -172.06 -49.55 6.75
CA LYS N 256 -170.66 -49.95 6.92
C LYS N 256 -170.15 -50.86 5.81
N ARG N 257 -170.96 -51.14 4.78
CA ARG N 257 -170.53 -51.99 3.69
C ARG N 257 -170.75 -51.34 2.32
N ASP N 258 -171.10 -50.06 2.29
CA ASP N 258 -171.39 -49.38 1.03
C ASP N 258 -170.96 -47.93 1.12
N VAL N 259 -171.06 -47.24 -0.01
CA VAL N 259 -170.65 -45.84 -0.13
C VAL N 259 -171.88 -44.93 -0.28
N ASN N 260 -173.06 -45.44 0.01
CA ASN N 260 -174.30 -44.70 -0.20
C ASN N 260 -174.34 -43.48 0.72
N PHE N 261 -174.99 -42.43 0.25
CA PHE N 261 -174.93 -41.16 0.96
C PHE N 261 -176.16 -40.33 0.63
N VAL N 262 -176.38 -39.30 1.44
CA VAL N 262 -177.39 -38.28 1.18
C VAL N 262 -176.69 -37.05 0.65
N VAL N 263 -177.30 -36.38 -0.33
CA VAL N 263 -176.64 -35.24 -0.97
C VAL N 263 -176.52 -34.12 0.06
N THR N 264 -175.29 -33.77 0.38
CA THR N 264 -174.98 -32.76 1.39
C THR N 264 -174.49 -31.50 0.70
N GLU N 265 -174.65 -30.38 1.39
CA GLU N 265 -174.18 -29.11 0.88
C GLU N 265 -172.65 -29.09 0.88
N ILE N 266 -172.08 -28.28 -0.01
CA ILE N 266 -170.62 -28.24 -0.15
C ILE N 266 -169.98 -27.67 1.11
N THR N 267 -170.29 -26.41 1.43
CA THR N 267 -169.77 -25.76 2.62
C THR N 267 -170.93 -25.17 3.41
N ASP N 268 -170.62 -24.64 4.59
CA ASP N 268 -171.61 -23.90 5.34
C ASP N 268 -171.92 -22.60 4.62
N SER N 269 -173.18 -22.20 4.63
CA SER N 269 -173.59 -21.04 3.87
C SER N 269 -173.31 -19.76 4.65
N ARG N 270 -173.11 -18.67 3.92
CA ARG N 270 -173.04 -17.33 4.48
C ARG N 270 -174.10 -16.47 3.82
N THR N 271 -174.20 -15.22 4.28
CA THR N 271 -175.31 -14.37 3.89
C THR N 271 -175.17 -13.90 2.44
N SER N 272 -174.08 -13.21 2.13
CA SER N 272 -173.82 -12.71 0.79
C SER N 272 -172.43 -13.16 0.34
N ILE N 273 -172.10 -12.83 -0.90
CA ILE N 273 -170.79 -13.18 -1.46
C ILE N 273 -169.69 -12.26 -0.94
N THR N 274 -170.05 -11.10 -0.38
CA THR N 274 -169.08 -10.09 -0.01
C THR N 274 -168.89 -9.89 1.48
N ASP N 275 -169.72 -10.50 2.31
CA ASP N 275 -169.59 -10.32 3.76
C ASP N 275 -168.49 -11.21 4.33
N VAL O 13 -150.99 -27.53 -35.09
CA VAL O 13 -151.87 -28.58 -35.60
C VAL O 13 -151.06 -29.82 -35.94
N ARG O 14 -151.30 -30.90 -35.18
CA ARG O 14 -150.63 -32.18 -35.39
C ARG O 14 -151.68 -33.22 -35.74
N SER O 15 -151.46 -33.93 -36.83
CA SER O 15 -152.39 -34.95 -37.32
C SER O 15 -151.85 -36.31 -36.89
N MET O 16 -152.24 -36.74 -35.69
CA MET O 16 -151.82 -38.04 -35.20
C MET O 16 -152.55 -39.15 -35.94
N THR O 17 -151.88 -40.29 -36.08
CA THR O 17 -152.48 -41.47 -36.69
C THR O 17 -152.04 -42.71 -35.91
N LEU O 18 -152.97 -43.66 -35.78
CA LEU O 18 -152.69 -44.94 -35.13
C LEU O 18 -153.46 -46.01 -35.89
N GLY O 19 -152.75 -46.90 -36.56
CA GLY O 19 -153.39 -47.94 -37.32
C GLY O 19 -154.12 -47.39 -38.53
N ASN O 20 -155.44 -47.50 -38.52
CA ASN O 20 -156.30 -46.95 -39.57
C ASN O 20 -157.26 -45.93 -39.00
N SER O 21 -156.76 -45.07 -38.10
CA SER O 21 -157.57 -44.03 -37.47
C SER O 21 -156.71 -42.80 -37.30
N THR O 22 -157.07 -41.72 -37.99
CA THR O 22 -156.35 -40.46 -37.92
C THR O 22 -157.28 -39.39 -37.36
N ILE O 23 -156.80 -38.66 -36.36
CA ILE O 23 -157.50 -37.51 -35.82
C ILE O 23 -156.62 -36.28 -36.03
N THR O 24 -157.22 -35.11 -35.85
CA THR O 24 -156.51 -33.85 -35.98
C THR O 24 -156.54 -33.15 -34.64
N THR O 25 -155.35 -32.92 -34.07
CA THR O 25 -155.21 -32.33 -32.75
C THR O 25 -154.60 -30.93 -32.84
N GLN O 26 -154.67 -30.22 -31.72
CA GLN O 26 -154.15 -28.86 -31.63
C GLN O 26 -152.92 -28.81 -30.75
N ASN O 30 -151.23 -29.65 -24.26
CA ASN O 30 -150.19 -30.41 -23.58
C ASN O 30 -150.76 -31.60 -22.80
N VAL O 31 -150.05 -32.72 -22.83
CA VAL O 31 -150.58 -33.98 -22.30
C VAL O 31 -150.44 -33.99 -20.79
N VAL O 32 -151.51 -34.39 -20.11
CA VAL O 32 -151.49 -34.60 -18.66
C VAL O 32 -151.26 -36.09 -18.45
N VAL O 33 -150.00 -36.48 -18.28
CA VAL O 33 -149.65 -37.86 -18.00
C VAL O 33 -150.09 -38.20 -16.58
N GLY O 34 -151.00 -39.17 -16.45
CA GLY O 34 -151.61 -39.43 -15.17
C GLY O 34 -150.62 -40.03 -14.19
N TYR O 35 -150.43 -39.38 -13.04
CA TYR O 35 -149.50 -39.82 -12.00
C TYR O 35 -148.08 -39.96 -12.50
N GLY O 36 -147.68 -39.10 -13.45
CA GLY O 36 -146.30 -39.03 -13.85
C GLY O 36 -145.74 -40.27 -14.49
N GLU O 37 -146.58 -41.24 -14.84
CA GLU O 37 -146.12 -42.49 -15.43
C GLU O 37 -146.81 -42.74 -16.75
N TRP O 38 -146.06 -43.27 -17.69
CA TRP O 38 -146.51 -43.67 -19.01
C TRP O 38 -146.88 -45.14 -18.94
N PRO O 39 -147.99 -45.57 -19.54
CA PRO O 39 -148.36 -46.98 -19.46
C PRO O 39 -147.24 -47.84 -20.02
N SER O 40 -147.16 -49.07 -19.52
CA SER O 40 -146.10 -49.98 -19.95
C SER O 40 -146.60 -51.40 -19.82
N TYR O 41 -145.83 -52.33 -20.41
CA TYR O 41 -146.17 -53.73 -20.27
C TYR O 41 -145.79 -54.22 -18.88
N LEU O 42 -146.20 -55.46 -18.60
CA LEU O 42 -146.06 -56.00 -17.25
C LEU O 42 -144.63 -56.37 -16.91
N SER O 43 -143.81 -56.67 -17.90
CA SER O 43 -142.40 -57.01 -17.65
C SER O 43 -141.60 -55.77 -17.26
N THR O 48 -142.78 -65.03 -16.81
CA THR O 48 -143.09 -66.27 -16.15
C THR O 48 -143.74 -67.25 -17.13
N ALA O 49 -143.37 -68.52 -17.04
CA ALA O 49 -143.98 -69.55 -17.87
C ALA O 49 -145.21 -70.18 -17.25
N GLU O 50 -145.49 -69.90 -15.98
CA GLU O 50 -146.72 -70.39 -15.36
C GLU O 50 -147.93 -69.58 -15.81
N ASP O 51 -147.73 -68.29 -16.04
CA ASP O 51 -148.76 -67.41 -16.63
C ASP O 51 -148.08 -66.51 -17.64
N GLN O 52 -148.56 -66.54 -18.89
CA GLN O 52 -147.89 -65.82 -19.97
C GLN O 52 -148.86 -64.85 -20.64
N PRO O 53 -148.54 -63.57 -20.68
CA PRO O 53 -149.43 -62.61 -21.36
C PRO O 53 -149.27 -62.61 -22.87
N THR O 54 -150.33 -62.20 -23.54
CA THR O 54 -150.35 -62.01 -24.99
C THR O 54 -150.48 -60.52 -25.27
N GLN O 55 -149.58 -59.98 -26.09
CA GLN O 55 -149.62 -58.56 -26.42
C GLN O 55 -150.22 -58.40 -27.82
N PRO O 56 -151.43 -57.86 -27.94
CA PRO O 56 -152.04 -57.73 -29.29
C PRO O 56 -151.31 -56.74 -30.19
N ASP O 57 -151.03 -55.54 -29.69
CA ASP O 57 -150.33 -54.50 -30.47
C ASP O 57 -151.11 -54.17 -31.74
N VAL O 58 -151.30 -55.16 -32.61
CA VAL O 58 -152.07 -54.97 -33.83
C VAL O 58 -153.47 -54.52 -33.46
N ALA O 59 -153.98 -53.51 -34.18
CA ALA O 59 -155.28 -52.87 -33.92
C ALA O 59 -155.26 -52.42 -32.47
N THR O 60 -156.35 -52.59 -31.71
CA THR O 60 -156.44 -52.21 -30.30
C THR O 60 -155.96 -50.79 -29.99
N CYS O 61 -154.83 -50.39 -30.56
CA CYS O 61 -154.21 -49.10 -30.30
C CYS O 61 -154.82 -47.97 -31.11
N ARG O 62 -155.71 -48.26 -32.05
CA ARG O 62 -156.26 -47.22 -32.90
C ARG O 62 -157.23 -46.34 -32.10
N PHE O 63 -157.61 -45.22 -32.69
CA PHE O 63 -158.47 -44.26 -32.01
C PHE O 63 -159.93 -44.68 -32.14
N TYR O 64 -160.62 -44.77 -30.99
CA TYR O 64 -162.03 -45.11 -30.92
C TYR O 64 -162.79 -43.85 -30.53
N THR O 65 -163.29 -43.13 -31.53
CA THR O 65 -164.04 -41.91 -31.28
C THR O 65 -165.47 -42.27 -30.87
N LEU O 66 -165.86 -41.84 -29.67
CA LEU O 66 -167.21 -42.07 -29.20
C LEU O 66 -168.18 -41.09 -29.86
N GLU O 67 -169.46 -41.25 -29.58
CA GLU O 67 -170.45 -40.32 -30.12
C GLU O 67 -170.29 -38.95 -29.49
N SER O 68 -170.42 -37.91 -30.32
CA SER O 68 -170.25 -36.56 -29.84
C SER O 68 -171.39 -36.17 -28.92
N VAL O 69 -171.08 -35.38 -27.90
CA VAL O 69 -172.02 -35.07 -26.82
C VAL O 69 -172.31 -33.57 -26.87
N GLN O 70 -173.59 -33.24 -26.99
CA GLN O 70 -173.99 -31.84 -27.08
C GLN O 70 -174.06 -31.22 -25.69
N TRP O 71 -173.35 -30.12 -25.51
CA TRP O 71 -173.25 -29.42 -24.23
C TRP O 71 -174.07 -28.13 -24.34
N GLU O 72 -175.22 -28.12 -23.68
CA GLU O 72 -176.12 -26.97 -23.66
C GLU O 72 -175.85 -26.14 -22.42
N LYS O 73 -176.68 -25.11 -22.20
CA LYS O 73 -176.55 -24.27 -21.02
C LYS O 73 -176.93 -24.99 -19.74
N THR O 74 -177.77 -26.04 -19.84
CA THR O 74 -178.32 -26.71 -18.67
C THR O 74 -177.73 -28.11 -18.48
N SER O 75 -176.62 -28.41 -19.14
CA SER O 75 -176.01 -29.73 -18.99
C SER O 75 -175.23 -29.78 -17.68
N PRO O 76 -175.49 -30.79 -16.82
CA PRO O 76 -174.77 -30.86 -15.54
C PRO O 76 -173.48 -31.66 -15.61
N GLY O 77 -173.34 -32.55 -16.57
CA GLY O 77 -172.13 -33.34 -16.69
C GLY O 77 -172.40 -34.68 -17.31
N TRP O 78 -171.33 -35.47 -17.42
CA TRP O 78 -171.38 -36.81 -18.00
C TRP O 78 -170.37 -37.69 -17.28
N TRP O 79 -170.54 -39.00 -17.44
CA TRP O 79 -169.46 -39.91 -17.05
C TRP O 79 -169.50 -41.15 -17.93
N TRP O 80 -168.30 -41.67 -18.22
CA TRP O 80 -168.12 -42.95 -18.89
C TRP O 80 -167.33 -43.85 -17.94
N LYS O 81 -167.66 -45.13 -17.91
CA LYS O 81 -166.90 -46.10 -17.13
C LYS O 81 -166.20 -47.05 -18.09
N PHE O 82 -164.91 -46.99 -18.09
CA PHE O 82 -163.88 -47.76 -18.76
C PHE O 82 -163.36 -48.83 -17.82
N PRO O 83 -162.78 -49.93 -18.33
CA PRO O 83 -162.47 -50.29 -19.72
C PRO O 83 -163.66 -50.69 -20.57
N GLU O 84 -164.80 -50.97 -19.92
CA GLU O 84 -165.92 -51.59 -20.62
C GLU O 84 -166.80 -50.58 -21.35
N ALA O 85 -166.44 -49.31 -21.36
CA ALA O 85 -167.10 -48.38 -22.27
C ALA O 85 -166.76 -48.71 -23.72
N LEU O 86 -165.64 -49.38 -23.95
CA LEU O 86 -165.20 -49.84 -25.26
C LEU O 86 -165.58 -51.29 -25.52
N LYS O 87 -166.65 -51.79 -24.88
CA LYS O 87 -166.95 -53.21 -24.97
C LYS O 87 -167.55 -53.60 -26.32
N ASN O 88 -168.01 -52.63 -27.11
CA ASN O 88 -168.51 -52.88 -28.45
C ASN O 88 -167.66 -52.18 -29.50
N MET O 89 -166.43 -51.78 -29.16
CA MET O 89 -165.57 -51.01 -30.05
C MET O 89 -164.52 -51.92 -30.66
N GLY O 90 -164.93 -52.62 -31.71
CA GLY O 90 -163.96 -53.25 -32.61
C GLY O 90 -163.25 -54.42 -31.97
N LEU O 91 -161.95 -54.54 -32.28
CA LEU O 91 -161.15 -55.66 -31.77
C LEU O 91 -160.91 -55.53 -30.27
N PHE O 92 -160.79 -54.31 -29.75
CA PHE O 92 -160.64 -54.15 -28.31
C PHE O 92 -161.89 -54.62 -27.57
N GLY O 93 -163.06 -54.33 -28.13
CA GLY O 93 -164.29 -54.82 -27.54
C GLY O 93 -164.57 -56.28 -27.82
N GLN O 94 -163.83 -56.89 -28.74
CA GLN O 94 -163.95 -58.31 -29.00
C GLN O 94 -162.93 -59.15 -28.26
N ASN O 95 -161.72 -58.62 -28.02
CA ASN O 95 -160.77 -59.30 -27.15
C ASN O 95 -161.20 -59.30 -25.69
N MET O 96 -162.18 -58.49 -25.31
CA MET O 96 -162.71 -58.56 -23.95
C MET O 96 -163.52 -59.84 -23.74
N HIS O 97 -164.10 -60.39 -24.80
CA HIS O 97 -164.91 -61.61 -24.68
C HIS O 97 -164.09 -62.89 -24.77
N TYR O 98 -162.89 -62.85 -25.35
CA TYR O 98 -162.09 -64.05 -25.50
C TYR O 98 -161.03 -64.21 -24.43
N HIS O 99 -160.54 -63.11 -23.87
CA HIS O 99 -159.60 -63.13 -22.76
C HIS O 99 -160.31 -62.58 -21.52
N TYR O 100 -160.12 -63.24 -20.38
CA TYR O 100 -160.77 -62.81 -19.14
C TYR O 100 -159.85 -62.02 -18.24
N LEU O 101 -158.67 -61.64 -18.74
CA LEU O 101 -157.72 -60.81 -18.02
C LEU O 101 -157.09 -59.83 -19.00
N GLY O 102 -156.84 -58.60 -18.53
CA GLY O 102 -156.24 -57.62 -19.41
C GLY O 102 -155.92 -56.33 -18.68
N ARG O 103 -155.27 -55.43 -19.42
CA ARG O 103 -154.84 -54.13 -18.91
C ARG O 103 -154.50 -53.25 -20.11
N ALA O 104 -154.64 -51.93 -19.93
CA ALA O 104 -154.39 -50.98 -21.02
C ALA O 104 -154.12 -49.60 -20.44
N GLY O 105 -153.92 -48.63 -21.33
CA GLY O 105 -153.48 -47.29 -20.93
C GLY O 105 -154.40 -46.13 -21.24
N TYR O 106 -155.12 -46.17 -22.36
CA TYR O 106 -156.24 -45.28 -22.64
C TYR O 106 -155.82 -43.81 -22.68
N THR O 107 -155.15 -43.43 -23.78
CA THR O 107 -155.00 -42.02 -24.10
C THR O 107 -156.35 -41.44 -24.50
N ILE O 108 -156.79 -40.40 -23.78
CA ILE O 108 -158.14 -39.87 -23.94
C ILE O 108 -158.04 -38.42 -24.42
N HIS O 109 -158.40 -38.19 -25.69
CA HIS O 109 -158.51 -36.84 -26.21
C HIS O 109 -159.94 -36.36 -26.05
N VAL O 110 -160.10 -35.10 -25.63
CA VAL O 110 -161.42 -34.48 -25.46
C VAL O 110 -161.36 -33.11 -26.13
N GLN O 111 -161.88 -33.03 -27.35
CA GLN O 111 -162.06 -31.75 -28.02
C GLN O 111 -163.43 -31.16 -27.67
N CYS O 112 -163.61 -29.89 -28.00
CA CYS O 112 -164.86 -29.19 -27.77
C CYS O 112 -165.33 -28.37 -28.96
N ASN O 113 -164.43 -28.01 -29.89
CA ASN O 113 -164.69 -27.28 -31.12
C ASN O 113 -165.87 -26.31 -31.03
N ALA O 114 -165.87 -25.48 -29.98
CA ALA O 114 -166.82 -24.40 -29.88
C ALA O 114 -166.38 -23.23 -30.76
N SER O 115 -167.13 -22.14 -30.72
CA SER O 115 -166.79 -20.98 -31.51
C SER O 115 -165.90 -20.04 -30.67
N LYS O 116 -165.79 -18.80 -31.12
CA LYS O 116 -165.03 -17.79 -30.41
C LYS O 116 -165.92 -16.93 -29.50
N PHE O 117 -167.23 -16.97 -29.70
CA PHE O 117 -168.18 -16.23 -28.90
C PHE O 117 -168.82 -17.09 -27.81
N HIS O 118 -168.61 -18.40 -27.82
CA HIS O 118 -169.06 -19.24 -26.73
C HIS O 118 -168.10 -19.12 -25.55
N GLN O 119 -168.65 -19.29 -24.36
CA GLN O 119 -167.85 -19.26 -23.14
C GLN O 119 -168.24 -20.43 -22.25
N GLY O 120 -167.29 -20.87 -21.44
CA GLY O 120 -167.53 -21.99 -20.55
C GLY O 120 -166.23 -22.61 -20.09
N CYS O 121 -166.37 -23.64 -19.26
CA CYS O 121 -165.21 -24.32 -18.69
C CYS O 121 -165.61 -25.72 -18.29
N LEU O 122 -164.74 -26.68 -18.57
CA LEU O 122 -164.96 -28.09 -18.26
C LEU O 122 -163.86 -28.62 -17.36
N LEU O 123 -164.23 -29.58 -16.51
CA LEU O 123 -163.28 -30.39 -15.77
C LEU O 123 -163.28 -31.77 -16.40
N VAL O 124 -162.16 -32.16 -17.01
CA VAL O 124 -161.98 -33.47 -17.61
C VAL O 124 -161.08 -34.27 -16.68
N VAL O 125 -161.68 -35.17 -15.91
CA VAL O 125 -161.00 -35.90 -14.85
C VAL O 125 -161.33 -37.37 -15.01
N CYS O 126 -160.43 -38.23 -14.50
CA CYS O 126 -160.50 -39.66 -14.79
C CYS O 126 -160.89 -40.52 -13.62
N VAL O 127 -160.55 -40.15 -12.40
CA VAL O 127 -161.10 -40.73 -11.17
C VAL O 127 -160.97 -42.26 -11.18
N PRO O 128 -159.79 -42.81 -10.88
CA PRO O 128 -159.69 -44.27 -10.76
C PRO O 128 -160.52 -44.77 -9.57
N GLU O 129 -161.19 -45.90 -9.78
CA GLU O 129 -161.99 -46.56 -8.74
C GLU O 129 -163.10 -45.65 -8.22
N ALA O 130 -163.94 -45.17 -9.13
CA ALA O 130 -165.08 -44.34 -8.73
C ALA O 130 -166.23 -45.25 -8.34
N GLU O 131 -166.27 -45.63 -7.07
CA GLU O 131 -167.39 -46.39 -6.52
C GLU O 131 -168.52 -45.41 -6.21
N MET O 132 -169.60 -45.49 -6.97
CA MET O 132 -170.68 -44.55 -6.84
C MET O 132 -171.78 -45.07 -5.93
N GLY O 133 -172.60 -44.16 -5.42
CA GLY O 133 -173.59 -44.46 -4.41
C GLY O 133 -175.00 -44.46 -5.00
N CYS O 134 -175.86 -45.29 -4.43
CA CYS O 134 -177.23 -45.41 -4.89
C CYS O 134 -178.03 -44.17 -4.50
N ALA O 135 -179.12 -43.93 -5.24
CA ALA O 135 -179.87 -42.69 -5.09
C ALA O 135 -180.68 -42.69 -3.80
N ASP O 136 -181.41 -43.76 -3.53
CA ASP O 136 -182.06 -43.97 -2.23
C ASP O 136 -181.33 -45.09 -1.51
N THR O 137 -180.58 -44.73 -0.47
CA THR O 137 -179.78 -45.71 0.24
C THR O 137 -180.67 -46.67 1.02
N ASP O 138 -180.05 -47.80 1.44
CA ASP O 138 -180.59 -49.06 1.95
C ASP O 138 -180.84 -50.07 0.85
N THR O 139 -180.41 -49.79 -0.37
CA THR O 139 -180.60 -50.72 -1.49
C THR O 139 -179.51 -50.49 -2.52
N THR O 140 -179.51 -51.32 -3.56
CA THR O 140 -178.54 -51.28 -4.64
C THR O 140 -179.23 -50.91 -5.95
N PHE O 141 -178.43 -50.75 -7.00
CA PHE O 141 -178.92 -50.42 -8.34
C PHE O 141 -178.70 -51.57 -9.32
N PRO O 142 -179.51 -51.67 -10.38
CA PRO O 142 -179.51 -52.88 -11.23
C PRO O 142 -178.37 -52.98 -12.23
N ALA O 143 -177.23 -52.34 -11.98
CA ALA O 143 -175.98 -52.60 -12.70
C ALA O 143 -175.99 -52.09 -14.13
N THR O 144 -177.16 -51.76 -14.66
CA THR O 144 -177.27 -51.07 -15.95
C THR O 144 -177.42 -49.57 -15.77
N GLU O 145 -177.28 -49.08 -14.54
CA GLU O 145 -177.34 -47.66 -14.25
C GLU O 145 -175.95 -47.02 -14.16
N LEU O 146 -174.91 -47.83 -13.92
CA LEU O 146 -173.56 -47.29 -13.96
C LEU O 146 -173.08 -47.03 -15.38
N THR O 147 -173.41 -47.92 -16.31
CA THR O 147 -172.86 -47.82 -17.66
C THR O 147 -173.89 -48.21 -18.69
N THR O 148 -173.87 -47.49 -19.82
CA THR O 148 -174.60 -47.84 -21.03
C THR O 148 -173.55 -47.80 -22.14
N GLU O 149 -172.66 -48.79 -22.11
CA GLU O 149 -171.46 -48.90 -22.93
C GLU O 149 -170.98 -47.56 -23.52
N ASP O 150 -171.33 -47.32 -24.79
CA ASP O 150 -170.85 -46.13 -25.49
C ASP O 150 -171.47 -44.85 -24.95
N THR O 151 -172.77 -44.86 -24.66
CA THR O 151 -173.40 -43.58 -24.34
C THR O 151 -173.14 -43.20 -22.88
N PRO O 152 -173.04 -41.90 -22.59
CA PRO O 152 -172.74 -41.46 -21.23
C PRO O 152 -173.98 -41.32 -20.36
N HIS O 153 -173.84 -41.68 -19.10
CA HIS O 153 -174.82 -41.31 -18.09
C HIS O 153 -174.57 -39.87 -17.67
N VAL O 154 -175.60 -39.04 -17.75
CA VAL O 154 -175.47 -37.65 -17.33
C VAL O 154 -175.59 -37.56 -15.83
N PHE O 155 -175.04 -36.49 -15.27
CA PHE O 155 -175.32 -36.15 -13.89
C PHE O 155 -176.68 -35.46 -13.82
N THR O 156 -177.06 -35.04 -12.63
CA THR O 156 -178.26 -34.25 -12.43
C THR O 156 -177.91 -32.99 -11.65
N SER O 157 -178.78 -31.99 -11.74
CA SER O 157 -178.53 -30.74 -11.04
C SER O 157 -178.98 -30.78 -9.59
N ASP O 158 -179.92 -31.66 -9.25
CA ASP O 158 -180.38 -31.80 -7.87
C ASP O 158 -180.44 -33.26 -7.48
N SER O 159 -180.99 -33.55 -6.30
CA SER O 159 -181.07 -34.92 -5.83
C SER O 159 -182.17 -35.68 -6.55
N ILE O 160 -181.97 -36.99 -6.69
CA ILE O 160 -182.92 -37.88 -7.36
C ILE O 160 -183.14 -39.09 -6.47
N THR O 161 -184.26 -39.79 -6.74
CA THR O 161 -184.61 -41.00 -6.02
C THR O 161 -184.78 -42.14 -7.02
N GLY O 162 -184.96 -43.34 -6.49
CA GLY O 162 -185.08 -44.53 -7.32
C GLY O 162 -183.81 -45.36 -7.30
N LYS O 163 -183.93 -46.60 -7.78
CA LYS O 163 -182.83 -47.56 -7.73
C LYS O 163 -181.86 -47.24 -8.88
N LYS O 164 -181.08 -46.19 -8.69
CA LYS O 164 -180.09 -45.78 -9.67
C LYS O 164 -179.01 -44.98 -8.95
N VAL O 165 -178.06 -44.47 -9.72
CA VAL O 165 -176.90 -43.80 -9.15
C VAL O 165 -177.30 -42.40 -8.72
N GLN O 166 -176.86 -42.01 -7.51
CA GLN O 166 -177.05 -40.64 -7.06
C GLN O 166 -176.17 -39.73 -7.90
N ALA O 167 -176.71 -39.22 -9.00
CA ALA O 167 -175.94 -38.50 -9.99
C ALA O 167 -176.07 -36.99 -9.84
N ALA O 168 -176.23 -36.50 -8.62
CA ALA O 168 -176.24 -35.07 -8.39
C ALA O 168 -174.82 -34.54 -8.36
N VAL O 169 -174.54 -33.50 -9.15
CA VAL O 169 -173.28 -32.79 -9.01
C VAL O 169 -173.27 -32.06 -7.67
N CYS O 170 -172.07 -31.63 -7.26
CA CYS O 170 -171.62 -31.24 -5.93
C CYS O 170 -171.35 -32.47 -5.08
N ASN O 171 -171.78 -33.65 -5.50
CA ASN O 171 -171.49 -34.91 -4.84
C ASN O 171 -171.38 -35.99 -5.91
N ALA O 172 -170.45 -35.79 -6.85
CA ALA O 172 -170.47 -36.35 -8.20
C ALA O 172 -171.01 -37.76 -8.26
N GLY O 173 -170.25 -38.73 -7.74
CA GLY O 173 -170.77 -40.05 -7.52
C GLY O 173 -170.44 -40.62 -6.17
N MET O 174 -169.36 -40.15 -5.57
CA MET O 174 -168.69 -40.83 -4.47
C MET O 174 -168.96 -40.21 -3.11
N GLY O 175 -169.74 -39.13 -3.05
CA GLY O 175 -169.96 -38.46 -1.78
C GLY O 175 -168.87 -37.49 -1.41
N VAL O 176 -168.06 -37.06 -2.38
CA VAL O 176 -167.03 -36.07 -2.14
C VAL O 176 -167.50 -34.74 -2.71
N GLY O 177 -166.78 -33.67 -2.37
CA GLY O 177 -167.06 -32.39 -3.01
C GLY O 177 -166.61 -32.43 -4.46
N VAL O 178 -167.43 -31.86 -5.34
CA VAL O 178 -167.10 -31.91 -6.76
C VAL O 178 -166.05 -30.87 -7.13
N GLY O 179 -165.85 -29.86 -6.28
CA GLY O 179 -164.84 -28.86 -6.57
C GLY O 179 -163.43 -29.40 -6.40
N ASN O 180 -163.20 -30.12 -5.31
CA ASN O 180 -161.88 -30.73 -5.07
C ASN O 180 -161.83 -32.15 -5.65
N LEU O 181 -162.31 -32.27 -6.88
CA LEU O 181 -162.12 -33.47 -7.68
C LEU O 181 -160.88 -33.35 -8.56
N THR O 182 -160.09 -32.33 -8.32
CA THR O 182 -158.90 -31.99 -9.10
C THR O 182 -157.68 -32.78 -8.66
N ILE O 183 -157.80 -33.58 -7.59
CA ILE O 183 -156.69 -34.39 -7.10
C ILE O 183 -156.31 -35.48 -8.10
N PHE O 184 -157.24 -35.87 -8.97
CA PHE O 184 -157.00 -36.93 -9.93
C PHE O 184 -156.33 -36.37 -11.18
N PRO O 185 -155.92 -37.24 -12.12
CA PRO O 185 -155.46 -36.74 -13.43
C PRO O 185 -156.55 -35.97 -14.14
N HIS O 186 -156.35 -34.66 -14.29
CA HIS O 186 -157.39 -33.77 -14.77
C HIS O 186 -156.83 -32.84 -15.84
N GLN O 187 -157.73 -32.10 -16.48
CA GLN O 187 -157.37 -31.05 -17.43
C GLN O 187 -158.57 -30.13 -17.57
N TRP O 188 -158.32 -28.83 -17.47
CA TRP O 188 -159.37 -27.84 -17.67
C TRP O 188 -159.50 -27.52 -19.15
N ILE O 189 -160.73 -27.42 -19.63
CA ILE O 189 -160.97 -26.94 -20.99
C ILE O 189 -161.70 -25.62 -20.90
N ASN O 190 -160.94 -24.53 -20.85
CA ASN O 190 -161.51 -23.19 -20.85
C ASN O 190 -161.64 -22.71 -22.28
N LEU O 191 -162.89 -22.51 -22.73
CA LEU O 191 -163.13 -22.15 -24.12
C LEU O 191 -162.56 -20.80 -24.47
N ARG O 192 -162.24 -19.98 -23.47
CA ARG O 192 -161.53 -18.74 -23.72
C ARG O 192 -160.15 -19.00 -24.31
N THR O 193 -159.43 -19.97 -23.76
CA THR O 193 -158.06 -20.25 -24.16
C THR O 193 -157.96 -21.47 -25.06
N ASN O 194 -158.33 -22.64 -24.56
CA ASN O 194 -158.09 -23.91 -25.25
C ASN O 194 -159.41 -24.63 -25.52
N ASN O 195 -159.30 -25.73 -26.26
CA ASN O 195 -160.45 -26.57 -26.59
C ASN O 195 -160.19 -28.05 -26.40
N SER O 196 -158.92 -28.48 -26.34
CA SER O 196 -158.57 -29.89 -26.34
C SER O 196 -157.93 -30.28 -25.02
N ALA O 197 -158.18 -31.52 -24.62
CA ALA O 197 -157.57 -32.11 -23.44
C ALA O 197 -157.07 -33.50 -23.82
N THR O 198 -156.01 -33.94 -23.15
CA THR O 198 -155.50 -35.29 -23.36
C THR O 198 -154.90 -35.81 -22.07
N ILE O 199 -155.31 -37.01 -21.69
CA ILE O 199 -154.93 -37.62 -20.42
C ILE O 199 -154.48 -39.05 -20.69
N VAL O 200 -153.41 -39.45 -20.02
CA VAL O 200 -152.84 -40.78 -20.17
C VAL O 200 -152.86 -41.45 -18.80
N ILE O 201 -153.53 -42.59 -18.70
CA ILE O 201 -153.86 -43.20 -17.42
C ILE O 201 -153.25 -44.60 -17.39
N PRO O 202 -152.12 -44.78 -16.69
CA PRO O 202 -151.26 -45.96 -16.87
C PRO O 202 -151.70 -47.20 -16.10
N TYR O 203 -152.99 -47.54 -16.19
CA TYR O 203 -153.55 -48.75 -15.58
C TYR O 203 -153.27 -48.79 -14.08
N ILE O 204 -154.07 -48.05 -13.33
CA ILE O 204 -154.00 -48.08 -11.87
C ILE O 204 -154.87 -49.23 -11.35
N ASN O 205 -154.23 -50.22 -10.72
CA ASN O 205 -154.95 -51.33 -10.12
C ASN O 205 -154.03 -52.04 -9.13
N SER O 206 -154.64 -52.78 -8.20
CA SER O 206 -153.91 -53.47 -7.14
C SER O 206 -153.46 -54.87 -7.53
N VAL O 207 -153.89 -55.36 -8.69
CA VAL O 207 -153.51 -56.69 -9.19
C VAL O 207 -153.00 -56.44 -10.61
N PRO O 208 -151.98 -57.18 -11.09
CA PRO O 208 -151.40 -56.82 -12.39
C PRO O 208 -152.38 -56.97 -13.54
N MET O 209 -153.31 -57.92 -13.47
CA MET O 209 -154.32 -58.09 -14.51
C MET O 209 -155.66 -58.38 -13.85
N ASP O 210 -156.73 -57.84 -14.44
CA ASP O 210 -158.06 -58.05 -13.87
C ASP O 210 -159.06 -58.19 -15.01
N ASN O 211 -160.22 -58.76 -14.69
CA ASN O 211 -161.26 -58.97 -15.68
C ASN O 211 -161.84 -57.62 -16.10
N MET O 212 -162.14 -57.51 -17.39
CA MET O 212 -162.56 -56.24 -17.97
C MET O 212 -164.07 -56.02 -17.95
N PHE O 213 -164.85 -56.98 -17.47
CA PHE O 213 -166.28 -56.79 -17.33
C PHE O 213 -166.72 -56.61 -15.89
N ARG O 214 -166.02 -57.21 -14.94
CA ARG O 214 -166.38 -57.00 -13.53
C ARG O 214 -165.93 -55.62 -13.05
N HIS O 215 -164.70 -55.23 -13.36
CA HIS O 215 -164.05 -54.09 -12.71
C HIS O 215 -163.93 -52.92 -13.66
N TYR O 216 -164.39 -51.75 -13.21
CA TYR O 216 -164.26 -50.51 -13.96
C TYR O 216 -163.03 -49.80 -13.43
N ASN O 217 -161.97 -49.75 -14.24
CA ASN O 217 -160.69 -49.28 -13.73
C ASN O 217 -160.71 -47.79 -13.43
N PHE O 218 -161.39 -46.99 -14.25
CA PHE O 218 -161.52 -45.57 -13.98
C PHE O 218 -162.82 -45.05 -14.60
N THR O 219 -163.16 -43.81 -14.26
CA THR O 219 -164.43 -43.21 -14.66
C THR O 219 -164.15 -41.82 -15.24
N LEU O 220 -164.06 -41.73 -16.57
CA LEU O 220 -163.92 -40.44 -17.22
C LEU O 220 -165.21 -39.65 -17.05
N MET O 221 -165.17 -38.59 -16.26
CA MET O 221 -166.32 -37.73 -16.05
C MET O 221 -165.96 -36.29 -16.42
N ILE O 222 -166.80 -35.68 -17.24
CA ILE O 222 -166.60 -34.32 -17.73
C ILE O 222 -167.68 -33.44 -17.09
N ILE O 223 -167.26 -32.47 -16.30
CA ILE O 223 -168.17 -31.70 -15.47
C ILE O 223 -168.02 -30.22 -15.79
N PRO O 224 -169.07 -29.56 -16.28
CA PRO O 224 -169.00 -28.12 -16.58
C PRO O 224 -169.10 -27.30 -15.30
N PHE O 225 -167.97 -26.69 -14.91
CA PHE O 225 -168.00 -25.77 -13.77
C PHE O 225 -168.63 -24.43 -14.16
N ALA O 226 -167.99 -23.71 -15.06
CA ALA O 226 -168.67 -22.53 -15.57
C ALA O 226 -169.62 -22.92 -16.69
N PRO O 227 -170.89 -22.56 -16.61
CA PRO O 227 -171.85 -23.07 -17.59
C PRO O 227 -171.65 -22.42 -18.96
N LEU O 228 -172.12 -23.12 -19.98
CA LEU O 228 -172.07 -22.58 -21.33
C LEU O 228 -172.97 -21.35 -21.43
N ASN O 229 -172.50 -20.35 -22.18
CA ASN O 229 -173.33 -19.17 -22.41
C ASN O 229 -173.03 -18.63 -23.80
N PHE O 230 -174.05 -18.01 -24.39
CA PHE O 230 -173.98 -17.47 -25.74
C PHE O 230 -175.20 -16.57 -25.93
N THR O 231 -175.27 -15.93 -27.09
CA THR O 231 -176.39 -15.07 -27.42
C THR O 231 -177.32 -15.77 -28.41
N ASP O 232 -178.35 -15.05 -28.85
CA ASP O 232 -179.47 -15.64 -29.58
C ASP O 232 -179.15 -15.95 -31.04
N GLY O 233 -177.89 -15.84 -31.46
CA GLY O 233 -177.54 -16.16 -32.82
C GLY O 233 -176.68 -17.40 -32.97
N ALA O 234 -175.97 -17.78 -31.92
CA ALA O 234 -175.05 -18.90 -31.99
C ALA O 234 -175.81 -20.22 -31.95
N THR O 235 -175.08 -21.31 -32.16
CA THR O 235 -175.67 -22.63 -32.02
C THR O 235 -175.90 -22.94 -30.56
N ALA O 236 -177.05 -23.55 -30.27
CA ALA O 236 -177.52 -23.72 -28.90
C ALA O 236 -176.77 -24.80 -28.12
N TYR O 237 -175.64 -25.27 -28.64
CA TYR O 237 -174.90 -26.35 -28.00
C TYR O 237 -173.45 -26.31 -28.45
N VAL O 238 -172.62 -27.08 -27.76
CA VAL O 238 -171.22 -27.26 -28.11
C VAL O 238 -170.90 -28.74 -28.05
N PRO O 239 -170.61 -29.40 -29.18
CA PRO O 239 -170.41 -30.85 -29.18
C PRO O 239 -169.04 -31.21 -28.63
N ILE O 240 -169.02 -32.08 -27.62
CA ILE O 240 -167.79 -32.53 -26.98
C ILE O 240 -167.45 -33.89 -27.56
N THR O 241 -166.24 -34.02 -28.11
CA THR O 241 -165.82 -35.23 -28.80
C THR O 241 -164.79 -35.98 -27.97
N VAL O 242 -165.06 -37.25 -27.69
CA VAL O 242 -164.23 -38.07 -26.84
C VAL O 242 -163.58 -39.17 -27.68
N THR O 243 -162.27 -39.34 -27.53
CA THR O 243 -161.50 -40.28 -28.32
C THR O 243 -160.53 -41.03 -27.40
N ILE O 244 -160.59 -42.36 -27.43
CA ILE O 244 -159.81 -43.19 -26.53
C ILE O 244 -158.92 -44.11 -27.35
N ALA O 245 -157.63 -44.15 -27.02
CA ALA O 245 -156.69 -45.05 -27.67
C ALA O 245 -156.12 -46.02 -26.64
N PRO O 246 -156.55 -47.28 -26.63
CA PRO O 246 -156.03 -48.23 -25.64
C PRO O 246 -154.57 -48.59 -25.92
N MET O 247 -153.66 -48.10 -25.08
CA MET O 247 -152.24 -48.31 -25.30
C MET O 247 -151.71 -49.44 -24.42
N TYR O 248 -150.77 -50.20 -24.97
CA TYR O 248 -150.07 -51.25 -24.24
C TYR O 248 -151.05 -52.25 -23.64
N ALA O 249 -152.08 -52.59 -24.42
CA ALA O 249 -153.05 -53.56 -23.99
C ALA O 249 -152.42 -54.95 -24.07
N GLU O 250 -152.46 -55.70 -22.97
CA GLU O 250 -152.00 -57.08 -22.99
C GLU O 250 -152.97 -57.94 -22.19
N TYR O 251 -153.03 -59.20 -22.56
CA TYR O 251 -154.09 -60.12 -22.17
C TYR O 251 -153.42 -61.39 -21.63
N ASN O 252 -154.23 -62.38 -21.27
CA ASN O 252 -153.64 -63.64 -20.85
C ASN O 252 -153.31 -64.50 -22.07
N GLY O 253 -152.65 -65.63 -21.81
CA GLY O 253 -152.30 -66.54 -22.87
C GLY O 253 -153.38 -67.60 -23.05
N LEU O 254 -153.61 -67.98 -24.30
CA LEU O 254 -154.59 -69.01 -24.63
C LEU O 254 -153.94 -70.32 -25.06
N ARG O 255 -152.67 -70.29 -25.41
CA ARG O 255 -151.92 -71.46 -25.84
C ARG O 255 -151.44 -72.27 -24.64
N LEU O 256 -151.08 -73.52 -24.90
CA LEU O 256 -150.48 -74.35 -23.88
C LEU O 256 -149.01 -73.96 -23.70
N ALA O 257 -148.40 -74.49 -22.65
CA ALA O 257 -146.98 -74.25 -22.39
C ALA O 257 -146.18 -75.54 -22.55
N GLY P 1 -129.87 -65.57 36.30
CA GLY P 1 -129.33 -64.99 35.08
C GLY P 1 -129.03 -63.50 35.20
N VAL P 2 -129.52 -62.73 34.24
CA VAL P 2 -129.27 -61.29 34.19
C VAL P 2 -130.16 -60.59 35.21
N PRO P 3 -129.62 -59.87 36.19
CA PRO P 3 -130.47 -59.16 37.15
C PRO P 3 -131.13 -57.96 36.50
N VAL P 4 -132.44 -58.03 36.31
CA VAL P 4 -133.21 -56.93 35.76
C VAL P 4 -134.14 -56.41 36.85
N LEU P 5 -134.59 -55.18 36.66
CA LEU P 5 -135.60 -54.61 37.56
C LEU P 5 -136.58 -53.78 36.74
N ASN P 6 -137.87 -54.06 36.94
CA ASN P 6 -138.92 -53.39 36.18
C ASN P 6 -139.11 -51.97 36.66
N THR P 7 -139.07 -51.04 35.71
CA THR P 7 -139.28 -49.63 35.97
C THR P 7 -140.77 -49.34 36.11
N PRO P 8 -141.15 -48.16 36.58
CA PRO P 8 -142.53 -47.72 36.41
C PRO P 8 -142.86 -47.61 34.93
N GLY P 9 -144.03 -48.13 34.55
CA GLY P 9 -144.40 -48.24 33.16
C GLY P 9 -144.26 -49.63 32.57
N SER P 10 -143.97 -50.63 33.39
CA SER P 10 -143.96 -52.01 32.93
C SER P 10 -145.36 -52.59 33.01
N ASN P 11 -145.66 -53.52 32.10
CA ASN P 11 -146.96 -54.19 32.05
C ASN P 11 -148.11 -53.21 31.90
N GLN P 12 -147.86 -52.07 31.26
CA GLN P 12 -148.92 -51.14 30.91
C GLN P 12 -149.12 -51.16 29.40
N PHE P 13 -150.21 -50.55 28.97
CA PHE P 13 -150.51 -50.44 27.54
C PHE P 13 -150.66 -48.96 27.19
N LEU P 14 -149.55 -48.35 26.80
CA LEU P 14 -149.57 -47.03 26.21
C LEU P 14 -150.07 -47.15 24.78
N THR P 15 -151.09 -46.35 24.42
CA THR P 15 -151.72 -46.49 23.11
C THR P 15 -150.75 -46.14 22.00
N SER P 16 -149.93 -45.10 22.21
CA SER P 16 -148.97 -44.64 21.22
C SER P 16 -147.57 -45.15 21.59
N ASP P 17 -147.30 -46.41 21.23
CA ASP P 17 -145.96 -46.98 21.36
C ASP P 17 -145.57 -47.63 20.03
N ASP P 18 -144.29 -47.93 19.90
CA ASP P 18 -143.72 -48.47 18.67
C ASP P 18 -142.88 -49.71 18.96
N TYR P 19 -143.45 -50.64 19.70
CA TYR P 19 -142.76 -51.85 20.11
C TYR P 19 -142.89 -52.94 19.06
N GLN P 20 -142.02 -53.93 19.15
CA GLN P 20 -141.99 -55.03 18.20
C GLN P 20 -143.12 -56.01 18.53
N SER P 21 -144.17 -55.98 17.73
CA SER P 21 -145.31 -56.86 17.97
C SER P 21 -144.95 -58.28 17.55
N PRO P 22 -145.22 -59.29 18.38
CA PRO P 22 -144.94 -60.67 17.97
C PRO P 22 -145.90 -61.09 16.87
N SER P 23 -145.35 -61.49 15.72
CA SER P 23 -146.16 -61.76 14.55
C SER P 23 -146.91 -63.08 14.71
N ALA P 24 -148.20 -63.06 14.37
CA ALA P 24 -149.03 -64.25 14.56
C ALA P 24 -148.79 -65.29 13.49
N MET P 25 -148.37 -64.86 12.30
CA MET P 25 -148.16 -65.77 11.17
C MET P 25 -146.71 -65.64 10.73
N PRO P 26 -145.78 -66.34 11.40
CA PRO P 26 -144.35 -66.14 11.11
C PRO P 26 -143.93 -66.88 9.85
N GLN P 27 -144.50 -68.06 9.65
CA GLN P 27 -144.19 -68.83 8.45
C GLN P 27 -144.67 -68.09 7.20
N PHE P 28 -145.77 -67.37 7.32
CA PHE P 28 -146.42 -66.70 6.20
C PHE P 28 -145.51 -65.67 5.56
N ASP P 29 -145.33 -65.77 4.25
CA ASP P 29 -144.56 -64.80 3.47
C ASP P 29 -145.53 -64.00 2.60
N GLU P 30 -145.55 -62.68 2.82
CA GLU P 30 -146.51 -61.78 2.20
C GLU P 30 -146.23 -61.57 0.71
N THR P 31 -147.26 -61.08 0.02
CA THR P 31 -147.21 -60.91 -1.43
C THR P 31 -146.16 -59.88 -1.83
N PRO P 32 -145.39 -60.12 -2.89
CA PRO P 32 -144.40 -59.14 -3.33
C PRO P 32 -145.04 -57.84 -3.78
N GLU P 33 -144.36 -56.73 -3.50
CA GLU P 33 -144.88 -55.40 -3.78
C GLU P 33 -144.62 -55.05 -5.24
N MET P 34 -145.68 -54.93 -6.03
CA MET P 34 -145.53 -54.42 -7.38
C MET P 34 -145.53 -52.89 -7.34
N HIS P 35 -145.12 -52.28 -8.44
CA HIS P 35 -145.16 -50.83 -8.57
C HIS P 35 -146.55 -50.40 -8.99
N ILE P 36 -147.25 -49.67 -8.13
CA ILE P 36 -148.55 -49.10 -8.42
C ILE P 36 -148.38 -47.60 -8.64
N PRO P 37 -148.94 -47.03 -9.70
CA PRO P 37 -148.71 -45.61 -9.99
C PRO P 37 -149.36 -44.70 -8.97
N GLY P 38 -148.68 -43.60 -8.66
CA GLY P 38 -149.27 -42.56 -7.83
C GLY P 38 -149.13 -42.81 -6.34
N GLU P 39 -147.91 -42.97 -5.85
CA GLU P 39 -147.69 -43.19 -4.43
C GLU P 39 -147.70 -41.87 -3.68
N VAL P 40 -148.33 -41.88 -2.51
CA VAL P 40 -148.27 -40.76 -1.58
C VAL P 40 -147.29 -41.12 -0.48
N ARG P 41 -146.33 -40.23 -0.23
CA ARG P 41 -145.33 -40.42 0.80
C ARG P 41 -145.41 -39.34 1.87
N ASN P 42 -146.35 -38.41 1.74
CA ASN P 42 -146.50 -37.27 2.64
C ASN P 42 -147.86 -36.63 2.38
N LEU P 43 -148.56 -36.27 3.45
CA LEU P 43 -149.90 -35.73 3.30
C LEU P 43 -149.88 -34.38 2.58
N MET P 44 -148.88 -33.56 2.84
CA MET P 44 -148.81 -32.23 2.22
C MET P 44 -148.60 -32.28 0.72
N GLU P 45 -148.53 -33.49 0.12
CA GLU P 45 -148.63 -33.60 -1.33
C GLU P 45 -150.06 -33.51 -1.82
N ILE P 46 -151.04 -33.64 -0.92
CA ILE P 46 -152.44 -33.43 -1.28
C ILE P 46 -152.80 -31.96 -1.19
N ALA P 47 -152.22 -31.24 -0.23
CA ALA P 47 -152.51 -29.82 -0.07
C ALA P 47 -151.94 -28.98 -1.21
N GLU P 48 -150.91 -29.47 -1.90
CA GLU P 48 -150.30 -28.73 -2.99
C GLU P 48 -151.07 -28.83 -4.30
N VAL P 49 -152.17 -29.58 -4.34
CA VAL P 49 -152.99 -29.70 -5.53
C VAL P 49 -154.05 -28.62 -5.52
N ASP P 50 -154.15 -27.87 -6.62
CA ASP P 50 -155.20 -26.87 -6.76
C ASP P 50 -156.57 -27.54 -6.78
N SER P 51 -157.56 -26.83 -6.24
CA SER P 51 -158.93 -27.32 -6.27
C SER P 51 -159.86 -26.11 -6.16
N VAL P 52 -161.05 -26.27 -6.72
CA VAL P 52 -161.95 -25.12 -6.90
C VAL P 52 -162.55 -24.74 -5.56
N VAL P 53 -162.61 -23.44 -5.31
CA VAL P 53 -162.99 -22.88 -4.02
C VAL P 53 -164.40 -22.31 -4.14
N PRO P 54 -165.36 -22.77 -3.33
CA PRO P 54 -166.74 -22.25 -3.41
C PRO P 54 -166.87 -20.87 -2.79
N VAL P 55 -166.56 -19.85 -3.59
CA VAL P 55 -166.62 -18.48 -3.09
C VAL P 55 -168.07 -18.00 -3.00
N ASN P 56 -168.90 -18.39 -3.96
CA ASN P 56 -170.30 -17.97 -4.00
C ASN P 56 -171.18 -18.97 -3.23
N ASN P 57 -170.82 -19.19 -1.97
CA ASN P 57 -171.56 -20.13 -1.12
C ASN P 57 -172.66 -19.43 -0.32
N VAL P 58 -173.51 -18.68 -1.01
CA VAL P 58 -174.61 -17.97 -0.35
C VAL P 58 -175.71 -18.97 -0.01
N THR P 59 -176.73 -18.49 0.71
CA THR P 59 -177.63 -19.36 1.47
C THR P 59 -178.38 -20.38 0.62
N GLY P 60 -178.51 -20.15 -0.68
CA GLY P 60 -179.30 -21.06 -1.50
C GLY P 60 -178.55 -21.69 -2.65
N LYS P 61 -177.23 -21.53 -2.67
CA LYS P 61 -176.43 -21.92 -3.82
C LYS P 61 -175.25 -22.80 -3.40
N THR P 62 -175.45 -23.64 -2.37
CA THR P 62 -174.39 -24.51 -1.88
C THR P 62 -174.59 -25.98 -2.19
N LYS P 63 -175.80 -26.40 -2.56
CA LYS P 63 -176.03 -27.77 -3.00
C LYS P 63 -176.00 -27.92 -4.51
N SER P 64 -175.76 -26.83 -5.25
CA SER P 64 -175.54 -26.85 -6.68
C SER P 64 -174.09 -26.46 -6.97
N MET P 65 -173.74 -26.45 -8.25
CA MET P 65 -172.43 -26.00 -8.68
C MET P 65 -172.40 -24.51 -8.98
N ASP P 66 -173.37 -23.76 -8.48
CA ASP P 66 -173.30 -22.31 -8.49
C ASP P 66 -172.49 -21.77 -7.33
N ALA P 67 -172.04 -22.65 -6.43
CA ALA P 67 -171.17 -22.22 -5.33
C ALA P 67 -169.79 -21.84 -5.83
N TYR P 68 -169.32 -22.49 -6.91
CA TYR P 68 -167.96 -22.29 -7.39
C TYR P 68 -167.83 -21.11 -8.35
N GLN P 69 -168.94 -20.53 -8.78
CA GLN P 69 -168.96 -19.55 -9.85
C GLN P 69 -169.12 -18.15 -9.27
N ILE P 70 -168.16 -17.28 -9.56
CA ILE P 70 -168.21 -15.88 -9.13
C ILE P 70 -168.81 -15.08 -10.26
N PRO P 71 -170.02 -14.53 -10.11
CA PRO P 71 -170.65 -13.82 -11.23
C PRO P 71 -169.99 -12.47 -11.47
N VAL P 72 -169.61 -12.22 -12.73
CA VAL P 72 -168.99 -10.97 -13.12
C VAL P 72 -169.78 -10.42 -14.30
N GLY P 73 -170.35 -9.24 -14.12
CA GLY P 73 -171.19 -8.64 -15.15
C GLY P 73 -172.65 -9.01 -15.02
N ASP P 78 -172.97 -2.12 -10.85
CA ASP P 78 -172.57 -1.46 -9.61
C ASP P 78 -171.08 -1.65 -9.34
N LYS P 79 -170.33 -0.55 -9.41
CA LYS P 79 -168.89 -0.57 -9.18
C LYS P 79 -168.52 -0.11 -7.78
N THR P 80 -169.50 0.10 -6.91
CA THR P 80 -169.25 0.63 -5.58
C THR P 80 -169.06 -0.44 -4.52
N LYS P 81 -169.55 -1.66 -4.76
CA LYS P 81 -169.36 -2.75 -3.82
C LYS P 81 -168.53 -3.85 -4.47
N PRO P 82 -167.69 -4.54 -3.70
CA PRO P 82 -166.76 -5.50 -4.30
C PRO P 82 -167.49 -6.71 -4.86
N ILE P 83 -166.79 -7.44 -5.75
CA ILE P 83 -167.36 -8.62 -6.37
C ILE P 83 -167.48 -9.75 -5.34
N PHE P 84 -166.37 -10.05 -4.67
CA PHE P 84 -166.37 -11.05 -3.61
C PHE P 84 -165.35 -10.66 -2.57
N SER P 85 -165.41 -11.32 -1.42
CA SER P 85 -164.53 -11.05 -0.28
C SER P 85 -164.64 -12.19 0.71
N PHE P 86 -163.51 -12.66 1.23
CA PHE P 86 -163.54 -13.74 2.20
C PHE P 86 -162.30 -13.72 3.07
N GLN P 87 -162.44 -14.26 4.28
CA GLN P 87 -161.32 -14.48 5.17
C GLN P 87 -160.27 -15.37 4.50
N MET P 88 -159.00 -15.07 4.76
CA MET P 88 -157.91 -15.86 4.20
C MET P 88 -157.33 -16.73 5.31
N ASP P 89 -158.07 -17.79 5.65
CA ASP P 89 -157.58 -18.82 6.56
C ASP P 89 -158.30 -20.14 6.30
N PRO P 90 -157.56 -21.20 5.92
CA PRO P 90 -158.22 -22.45 5.53
C PRO P 90 -158.96 -23.16 6.66
N GLY P 91 -158.74 -22.76 7.91
CA GLY P 91 -159.53 -23.24 9.03
C GLY P 91 -160.50 -22.18 9.48
N TYR P 92 -161.68 -22.63 9.95
CA TYR P 92 -162.69 -21.74 10.51
C TYR P 92 -163.13 -20.67 9.51
N SER P 93 -163.14 -21.00 8.22
CA SER P 93 -163.64 -20.10 7.19
C SER P 93 -164.50 -20.90 6.22
N SER P 94 -165.73 -20.43 6.00
CA SER P 94 -166.70 -21.21 5.23
C SER P 94 -166.24 -21.42 3.80
N VAL P 95 -165.41 -20.51 3.27
CA VAL P 95 -165.02 -20.59 1.87
C VAL P 95 -163.88 -21.59 1.68
N LEU P 96 -162.91 -21.63 2.59
CA LEU P 96 -161.67 -22.38 2.42
C LEU P 96 -161.55 -23.58 3.36
N LYS P 97 -162.65 -24.01 3.97
CA LYS P 97 -162.56 -25.09 4.95
C LYS P 97 -162.78 -26.47 4.36
N ARG P 98 -163.41 -26.56 3.19
CA ARG P 98 -163.65 -27.86 2.57
C ARG P 98 -162.82 -28.03 1.30
N THR P 99 -161.85 -27.16 1.08
CA THR P 99 -160.85 -27.31 0.04
C THR P 99 -159.90 -28.45 0.40
N LEU P 100 -159.22 -29.01 -0.62
CA LEU P 100 -158.15 -29.96 -0.35
C LEU P 100 -157.11 -29.37 0.58
N LEU P 101 -156.79 -28.09 0.38
CA LEU P 101 -155.95 -27.38 1.35
C LEU P 101 -156.61 -27.32 2.71
N GLY P 102 -157.84 -26.83 2.76
CA GLY P 102 -158.49 -26.60 4.03
C GLY P 102 -158.98 -27.85 4.73
N GLU P 103 -158.97 -29.00 4.05
CA GLU P 103 -159.43 -30.23 4.65
C GLU P 103 -158.31 -31.10 5.19
N MET P 104 -157.11 -30.98 4.63
CA MET P 104 -155.97 -31.67 5.20
C MET P 104 -155.33 -30.87 6.33
N LEU P 105 -155.80 -29.64 6.54
CA LEU P 105 -155.39 -28.79 7.64
C LEU P 105 -156.31 -28.87 8.86
N ASN P 106 -157.49 -29.48 8.73
CA ASN P 106 -158.34 -29.70 9.89
C ASN P 106 -158.00 -30.97 10.65
N TYR P 107 -157.10 -31.79 10.11
CA TYR P 107 -156.52 -32.91 10.85
C TYR P 107 -155.43 -32.47 11.82
N TYR P 108 -155.12 -31.17 11.86
CA TYR P 108 -153.98 -30.71 12.64
C TYR P 108 -154.35 -29.44 13.39
N ALA P 109 -153.69 -29.24 14.52
CA ALA P 109 -153.92 -28.07 15.36
C ALA P 109 -152.93 -26.94 15.08
N HIS P 110 -151.66 -27.24 14.88
CA HIS P 110 -150.65 -26.23 14.59
C HIS P 110 -150.25 -26.37 13.13
N TRP P 111 -150.53 -25.34 12.33
CA TRP P 111 -150.07 -25.31 10.96
C TRP P 111 -149.71 -23.88 10.59
N SER P 112 -148.74 -23.74 9.70
CA SER P 112 -148.22 -22.43 9.32
C SER P 112 -147.59 -22.54 7.94
N GLY P 113 -147.90 -21.58 7.08
CA GLY P 113 -147.34 -21.57 5.74
C GLY P 113 -148.02 -20.52 4.90
N SER P 114 -147.81 -20.63 3.59
CA SER P 114 -148.41 -19.72 2.63
C SER P 114 -149.38 -20.48 1.74
N VAL P 115 -150.19 -19.72 1.01
CA VAL P 115 -151.27 -20.26 0.21
C VAL P 115 -151.41 -19.42 -1.05
N LYS P 116 -151.43 -20.07 -2.20
CA LYS P 116 -151.54 -19.42 -3.49
C LYS P 116 -152.95 -19.55 -4.03
N LEU P 117 -153.42 -18.51 -4.72
CA LEU P 117 -154.77 -18.47 -5.26
C LEU P 117 -154.70 -18.17 -6.75
N THR P 118 -155.42 -18.96 -7.53
CA THR P 118 -155.49 -18.79 -8.97
C THR P 118 -156.91 -18.39 -9.35
N PHE P 119 -157.06 -17.31 -10.10
CA PHE P 119 -158.36 -16.82 -10.55
C PHE P 119 -158.47 -17.06 -12.05
N LEU P 120 -159.19 -18.12 -12.41
CA LEU P 120 -159.41 -18.48 -13.80
C LEU P 120 -160.68 -17.78 -14.29
N PHE P 121 -160.52 -16.87 -15.24
CA PHE P 121 -161.66 -16.18 -15.83
C PHE P 121 -162.29 -17.07 -16.89
N CYS P 122 -163.51 -17.52 -16.63
CA CYS P 122 -164.22 -18.44 -17.52
C CYS P 122 -165.25 -17.73 -18.37
N GLY P 123 -164.93 -16.54 -18.88
CA GLY P 123 -165.80 -15.82 -19.79
C GLY P 123 -165.44 -16.09 -21.24
N SER P 124 -165.93 -15.20 -22.11
CA SER P 124 -165.72 -15.38 -23.54
C SER P 124 -164.28 -15.04 -23.90
N ALA P 125 -163.89 -15.40 -25.12
CA ALA P 125 -162.59 -15.03 -25.63
C ALA P 125 -162.57 -13.61 -26.20
N MET P 126 -163.72 -12.94 -26.19
CA MET P 126 -163.84 -11.56 -26.67
C MET P 126 -164.15 -10.57 -25.57
N ALA P 127 -164.52 -11.03 -24.38
CA ALA P 127 -164.83 -10.13 -23.27
C ALA P 127 -163.54 -9.57 -22.69
N THR P 128 -163.54 -8.27 -22.40
CA THR P 128 -162.34 -7.59 -21.94
C THR P 128 -162.70 -6.61 -20.85
N GLY P 129 -161.95 -6.67 -19.75
CA GLY P 129 -162.16 -5.76 -18.64
C GLY P 129 -161.00 -5.87 -17.67
N LYS P 130 -161.11 -5.10 -16.58
CA LYS P 130 -160.10 -5.14 -15.54
C LYS P 130 -160.74 -5.38 -14.19
N LEU P 131 -160.05 -6.19 -13.38
CA LEU P 131 -160.44 -6.48 -12.01
C LEU P 131 -159.26 -6.17 -11.11
N LEU P 132 -159.54 -5.64 -9.93
CA LEU P 132 -158.51 -5.20 -8.98
C LEU P 132 -158.61 -6.08 -7.74
N ILE P 133 -157.62 -6.94 -7.55
CA ILE P 133 -157.61 -7.94 -6.50
C ILE P 133 -156.74 -7.41 -5.37
N SER P 134 -157.37 -6.99 -4.28
CA SER P 134 -156.68 -6.38 -3.15
C SER P 134 -156.49 -7.39 -2.03
N TYR P 135 -155.40 -7.23 -1.29
CA TYR P 135 -155.07 -8.10 -0.17
C TYR P 135 -154.90 -7.27 1.09
N SER P 136 -155.62 -7.64 2.14
CA SER P 136 -155.37 -6.89 3.36
C SER P 136 -154.53 -7.71 4.31
N PRO P 137 -153.57 -7.09 5.00
CA PRO P 137 -152.77 -7.80 6.00
C PRO P 137 -153.66 -8.27 7.15
N PRO P 138 -153.20 -9.24 7.94
CA PRO P 138 -154.09 -9.87 8.93
C PRO P 138 -154.60 -8.92 10.00
N GLY P 139 -153.94 -7.80 10.24
CA GLY P 139 -154.40 -6.85 11.24
C GLY P 139 -155.28 -5.76 10.66
N ALA P 140 -155.13 -5.49 9.37
CA ALA P 140 -155.76 -4.32 8.78
C ALA P 140 -157.26 -4.55 8.57
N SER P 141 -157.97 -3.45 8.37
CA SER P 141 -159.39 -3.49 8.06
C SER P 141 -159.60 -3.59 6.57
N VAL P 142 -160.78 -4.05 6.18
CA VAL P 142 -161.09 -4.26 4.76
C VAL P 142 -161.23 -2.91 4.07
N PRO P 143 -160.91 -2.81 2.79
CA PRO P 143 -161.18 -1.55 2.07
C PRO P 143 -162.68 -1.42 1.82
N THR P 144 -163.23 -0.25 2.14
CA THR P 144 -164.64 0.03 1.92
C THR P 144 -164.92 0.55 0.52
N SER P 145 -163.89 1.04 -0.17
CA SER P 145 -164.03 1.61 -1.51
C SER P 145 -162.96 1.03 -2.41
N ARG P 146 -163.07 1.32 -3.71
CA ARG P 146 -162.07 0.81 -4.65
C ARG P 146 -160.77 1.59 -4.53
N LYS P 147 -160.85 2.89 -4.27
CA LYS P 147 -159.63 3.69 -4.12
C LYS P 147 -158.82 3.25 -2.91
N ASP P 148 -159.50 2.99 -1.79
CA ASP P 148 -158.80 2.55 -0.60
C ASP P 148 -158.20 1.16 -0.76
N ALA P 149 -158.77 0.34 -1.64
CA ALA P 149 -158.14 -0.92 -2.00
C ALA P 149 -156.96 -0.72 -2.94
N MET P 150 -156.99 0.33 -3.75
CA MET P 150 -155.87 0.60 -4.66
C MET P 150 -154.66 1.11 -3.91
N LEU P 151 -154.86 1.80 -2.79
CA LEU P 151 -153.75 2.35 -2.03
C LEU P 151 -153.02 1.30 -1.20
N GLY P 152 -153.62 0.12 -1.01
CA GLY P 152 -152.94 -0.97 -0.34
C GLY P 152 -152.24 -1.89 -1.31
N THR P 153 -152.27 -3.19 -1.05
CA THR P 153 -151.70 -4.19 -1.95
C THR P 153 -152.78 -4.64 -2.92
N HIS P 154 -152.44 -4.66 -4.21
CA HIS P 154 -153.42 -5.04 -5.23
C HIS P 154 -152.66 -5.51 -6.47
N ILE P 155 -153.43 -6.06 -7.42
CA ILE P 155 -152.93 -6.43 -8.74
C ILE P 155 -154.05 -6.15 -9.73
N VAL P 156 -153.86 -5.15 -10.59
CA VAL P 156 -154.87 -4.80 -11.60
C VAL P 156 -154.78 -5.86 -12.69
N TRP P 157 -155.68 -6.83 -12.64
CA TRP P 157 -155.61 -8.03 -13.47
C TRP P 157 -156.41 -7.80 -14.76
N ASP P 158 -155.69 -7.51 -15.85
CA ASP P 158 -156.31 -7.34 -17.16
C ASP P 158 -156.79 -8.67 -17.69
N ILE P 159 -158.09 -8.79 -17.90
CA ILE P 159 -158.69 -10.05 -18.34
C ILE P 159 -158.40 -10.30 -19.82
N GLY P 160 -158.40 -9.24 -20.63
CA GLY P 160 -158.23 -9.41 -22.06
C GLY P 160 -156.86 -9.90 -22.49
N LEU P 161 -155.84 -9.70 -21.64
CA LEU P 161 -154.50 -10.16 -21.95
C LEU P 161 -154.26 -11.57 -21.40
N GLN P 162 -154.31 -11.71 -20.07
CA GLN P 162 -154.19 -13.00 -19.41
C GLN P 162 -155.50 -13.36 -18.75
N SER P 163 -155.78 -14.66 -18.68
CA SER P 163 -157.04 -15.16 -18.15
C SER P 163 -156.85 -15.92 -16.83
N SER P 164 -155.69 -15.80 -16.19
CA SER P 164 -155.42 -16.53 -14.97
C SER P 164 -154.35 -15.78 -14.19
N CYS P 165 -154.73 -15.20 -13.05
CA CYS P 165 -153.82 -14.44 -12.22
C CYS P 165 -153.59 -15.18 -10.91
N VAL P 166 -152.32 -15.32 -10.54
CA VAL P 166 -151.90 -16.16 -9.41
C VAL P 166 -151.37 -15.27 -8.30
N LEU P 167 -151.84 -15.51 -7.08
CA LEU P 167 -151.35 -14.84 -5.89
C LEU P 167 -150.49 -15.80 -5.08
N CYS P 168 -149.97 -15.31 -3.96
CA CYS P 168 -149.32 -16.16 -2.96
C CYS P 168 -149.40 -15.41 -1.64
N VAL P 169 -150.33 -15.81 -0.80
CA VAL P 169 -150.67 -15.08 0.42
C VAL P 169 -149.83 -15.66 1.57
N PRO P 170 -148.94 -14.87 2.18
CA PRO P 170 -148.14 -15.38 3.29
C PRO P 170 -148.80 -15.15 4.65
N TRP P 171 -148.10 -15.53 5.73
CA TRP P 171 -148.55 -15.30 7.09
C TRP P 171 -149.91 -15.95 7.35
N ILE P 172 -150.02 -17.23 7.04
CA ILE P 172 -151.26 -17.99 7.20
C ILE P 172 -150.99 -19.10 8.20
N SER P 173 -151.52 -18.95 9.41
CA SER P 173 -151.24 -19.91 10.48
C SER P 173 -152.30 -19.77 11.56
N GLN P 174 -152.53 -20.87 12.27
CA GLN P 174 -153.27 -20.84 13.53
C GLN P 174 -152.64 -21.84 14.48
N SER P 175 -153.07 -21.76 15.74
CA SER P 175 -152.48 -22.59 16.79
C SER P 175 -153.44 -22.74 17.98
N SER P 187 -158.94 -13.39 12.86
CA SER P 187 -158.18 -12.18 12.52
C SER P 187 -157.13 -12.49 11.46
N ALA P 188 -157.58 -12.72 10.23
CA ALA P 188 -156.69 -13.06 9.13
C ALA P 188 -156.88 -12.07 7.99
N GLY P 189 -156.26 -12.38 6.85
CA GLY P 189 -156.26 -11.50 5.71
C GLY P 189 -157.59 -11.47 4.98
N TYR P 190 -157.57 -10.78 3.84
CA TYR P 190 -158.76 -10.62 3.00
C TYR P 190 -158.35 -10.59 1.54
N ILE P 191 -159.09 -11.30 0.71
CA ILE P 191 -158.92 -11.25 -0.74
C ILE P 191 -160.23 -10.70 -1.29
N THR P 192 -160.29 -9.38 -1.43
CA THR P 192 -161.42 -8.74 -2.07
C THR P 192 -161.11 -8.55 -3.56
N CYS P 193 -162.15 -8.25 -4.34
CA CYS P 193 -161.99 -8.05 -5.76
C CYS P 193 -162.97 -6.99 -6.22
N TRP P 194 -162.50 -6.12 -7.11
CA TRP P 194 -163.18 -4.88 -7.44
C TRP P 194 -163.30 -4.72 -8.94
N TYR P 195 -164.33 -4.00 -9.36
CA TYR P 195 -164.45 -3.59 -10.76
C TYR P 195 -163.56 -2.38 -10.98
N GLN P 196 -162.39 -2.61 -11.57
CA GLN P 196 -161.64 -1.49 -12.12
C GLN P 196 -162.36 -0.93 -13.33
N THR P 197 -162.65 -1.78 -14.30
CA THR P 197 -163.49 -1.45 -15.44
C THR P 197 -164.59 -2.49 -15.56
N ASN P 198 -165.65 -2.14 -16.29
CA ASN P 198 -166.67 -3.12 -16.59
C ASN P 198 -166.17 -4.09 -17.66
N ILE P 199 -166.95 -5.14 -17.90
CA ILE P 199 -166.61 -6.14 -18.90
C ILE P 199 -167.07 -5.62 -20.26
N VAL P 200 -166.12 -5.32 -21.14
CA VAL P 200 -166.42 -4.80 -22.46
C VAL P 200 -166.56 -5.97 -23.41
N VAL P 201 -167.64 -6.00 -24.18
CA VAL P 201 -168.02 -7.19 -24.91
C VAL P 201 -168.57 -6.79 -26.28
N PRO P 202 -168.21 -7.49 -27.35
CA PRO P 202 -168.76 -7.20 -28.67
C PRO P 202 -170.22 -7.62 -28.75
N PRO P 203 -170.92 -7.28 -29.85
CA PRO P 203 -172.36 -7.60 -29.92
C PRO P 203 -172.67 -9.09 -29.93
N GLY P 204 -171.72 -9.94 -30.31
CA GLY P 204 -172.02 -11.36 -30.39
C GLY P 204 -171.85 -12.14 -29.10
N ALA P 205 -170.90 -11.73 -28.27
CA ALA P 205 -170.57 -12.50 -27.08
C ALA P 205 -171.52 -12.14 -25.93
N PRO P 206 -171.74 -13.07 -24.99
CA PRO P 206 -172.63 -12.78 -23.87
C PRO P 206 -172.00 -11.79 -22.89
N THR P 207 -172.86 -11.18 -22.08
CA THR P 207 -172.47 -10.07 -21.22
C THR P 207 -172.00 -10.50 -19.85
N SER P 208 -172.57 -11.58 -19.30
CA SER P 208 -172.27 -12.01 -17.94
C SER P 208 -171.33 -13.20 -17.97
N CYS P 209 -170.26 -13.13 -17.20
CA CYS P 209 -169.20 -14.13 -17.19
C CYS P 209 -169.02 -14.67 -15.77
N ASP P 210 -168.15 -15.66 -15.64
CA ASP P 210 -167.84 -16.27 -14.36
C ASP P 210 -166.33 -16.32 -14.13
N VAL P 211 -165.95 -16.33 -12.86
CA VAL P 211 -164.55 -16.43 -12.45
C VAL P 211 -164.43 -17.57 -11.45
N LEU P 212 -163.65 -18.58 -11.78
CA LEU P 212 -163.35 -19.66 -10.84
C LEU P 212 -162.12 -19.30 -10.01
N CYS P 213 -162.06 -19.86 -8.81
CA CYS P 213 -160.94 -19.65 -7.92
C CYS P 213 -160.32 -21.00 -7.55
N PHE P 214 -159.06 -20.94 -7.11
CA PHE P 214 -158.32 -22.14 -6.75
C PHE P 214 -157.48 -21.82 -5.51
N ALA P 215 -157.02 -22.88 -4.85
CA ALA P 215 -156.21 -22.70 -3.65
C ALA P 215 -155.36 -23.94 -3.41
N SER P 216 -154.10 -23.71 -3.03
CA SER P 216 -153.18 -24.78 -2.65
C SER P 216 -152.12 -24.18 -1.75
N ALA P 217 -151.09 -24.98 -1.46
CA ALA P 217 -149.92 -24.50 -0.72
C ALA P 217 -148.92 -23.90 -1.70
N CYS P 218 -148.41 -22.71 -1.37
CA CYS P 218 -147.69 -21.92 -2.36
C CYS P 218 -146.32 -22.53 -2.66
N ASN P 219 -145.45 -22.59 -1.65
CA ASN P 219 -144.13 -23.20 -1.80
C ASN P 219 -143.98 -24.44 -0.94
N ASP P 220 -144.16 -24.31 0.37
CA ASP P 220 -144.04 -25.41 1.30
C ASP P 220 -144.86 -25.06 2.53
N PHE P 221 -145.39 -26.08 3.20
CA PHE P 221 -146.37 -25.86 4.24
C PHE P 221 -145.95 -26.63 5.48
N SER P 222 -146.08 -25.98 6.64
CA SER P 222 -145.66 -26.57 7.91
C SER P 222 -146.89 -26.86 8.76
N VAL P 223 -146.86 -28.01 9.43
CA VAL P 223 -148.04 -28.52 10.11
C VAL P 223 -147.60 -29.54 11.17
N ARG P 224 -148.11 -29.41 12.39
CA ARG P 224 -147.49 -30.11 13.52
C ARG P 224 -148.41 -31.11 14.22
N LEU P 225 -149.52 -30.69 14.82
CA LEU P 225 -150.15 -31.46 15.89
C LEU P 225 -151.44 -32.12 15.39
N LEU P 226 -151.39 -33.44 15.22
CA LEU P 226 -152.52 -34.17 14.67
C LEU P 226 -153.67 -34.24 15.66
N ARG P 227 -154.89 -34.13 15.14
CA ARG P 227 -156.11 -34.24 15.95
C ARG P 227 -157.20 -34.92 15.13
N ASP P 228 -158.36 -35.11 15.75
CA ASP P 228 -159.52 -35.62 15.04
C ASP P 228 -160.26 -34.49 14.34
N THR P 229 -160.81 -34.77 13.17
CA THR P 229 -161.49 -33.75 12.39
C THR P 229 -162.84 -33.41 13.01
N PRO P 230 -163.28 -32.15 12.89
CA PRO P 230 -164.58 -31.76 13.46
C PRO P 230 -165.78 -32.18 12.61
N PHE P 231 -165.59 -32.34 11.30
CA PHE P 231 -166.72 -32.55 10.39
C PHE P 231 -167.47 -33.84 10.71
N MET P 232 -166.76 -34.96 10.82
CA MET P 232 -167.41 -36.22 11.14
C MET P 232 -168.05 -36.15 12.53
N ALA P 233 -169.20 -36.79 12.67
CA ALA P 233 -169.95 -36.77 13.92
C ALA P 233 -169.92 -38.14 14.59
N GLN Q 43 58.81 70.19 -8.01
CA GLN Q 43 57.98 69.03 -8.33
C GLN Q 43 58.51 67.77 -7.67
N THR Q 44 57.67 66.74 -7.64
CA THR Q 44 58.05 65.46 -7.03
C THR Q 44 57.56 64.32 -7.91
N ARG Q 45 58.24 63.18 -7.81
CA ARG Q 45 57.91 62.02 -8.63
C ARG Q 45 56.71 61.31 -8.00
N HIS Q 46 55.58 61.38 -8.67
CA HIS Q 46 54.34 60.78 -8.18
C HIS Q 46 54.06 59.46 -8.90
N VAL Q 47 53.12 58.70 -8.35
CA VAL Q 47 52.66 57.47 -9.01
C VAL Q 47 51.71 57.89 -10.12
N VAL Q 48 52.23 57.97 -11.34
CA VAL Q 48 51.44 58.36 -12.50
C VAL Q 48 50.82 57.05 -13.01
N ASN Q 49 49.70 56.67 -12.41
CA ASN Q 49 49.05 55.39 -12.69
C ASN Q 49 47.82 55.64 -13.56
N PHE Q 50 47.92 55.22 -14.82
CA PHE Q 50 46.81 55.19 -15.76
C PHE Q 50 47.33 54.48 -17.01
N HIS Q 51 46.41 54.12 -17.89
CA HIS Q 51 46.76 53.37 -19.11
C HIS Q 51 45.94 53.95 -20.25
N SER Q 52 46.56 54.82 -21.05
CA SER Q 52 45.86 55.50 -22.12
C SER Q 52 46.84 55.89 -23.21
N ARG Q 53 46.42 55.68 -24.47
CA ARG Q 53 47.15 56.19 -25.62
C ARG Q 53 46.20 56.83 -26.63
N SER Q 54 45.10 57.40 -26.14
CA SER Q 54 44.18 58.10 -27.02
C SER Q 54 44.73 59.46 -27.43
N GLU Q 55 45.62 60.04 -26.63
CA GLU Q 55 46.23 61.32 -26.94
C GLU Q 55 47.46 61.15 -27.83
N SER Q 56 47.85 59.93 -28.13
CA SER Q 56 49.02 59.67 -28.95
C SER Q 56 48.65 59.25 -30.36
N THR Q 57 47.37 59.19 -30.68
CA THR Q 57 46.98 58.89 -32.05
C THR Q 57 47.32 60.08 -32.95
N ILE Q 58 47.25 59.84 -34.27
CA ILE Q 58 47.71 60.85 -35.22
C ILE Q 58 46.74 62.03 -35.24
N GLU Q 59 45.44 61.76 -35.17
CA GLU Q 59 44.45 62.84 -35.22
C GLU Q 59 44.48 63.68 -33.95
N ASN Q 60 44.88 63.09 -32.83
CA ASN Q 60 44.99 63.80 -31.56
C ASN Q 60 46.36 64.41 -31.35
N PHE Q 61 47.26 64.24 -32.32
CA PHE Q 61 48.62 64.77 -32.29
C PHE Q 61 48.85 65.90 -33.29
N MET Q 62 48.30 65.76 -34.49
CA MET Q 62 48.42 66.75 -35.56
C MET Q 62 47.24 67.70 -35.62
N GLY Q 63 46.04 67.21 -35.35
CA GLY Q 63 44.84 68.03 -35.47
C GLY Q 63 44.69 69.05 -34.37
N ARG Q 64 45.57 70.06 -34.38
CA ARG Q 64 45.49 71.15 -33.42
C ARG Q 64 45.72 72.47 -34.13
N ALA Q 65 44.84 73.44 -33.87
CA ALA Q 65 44.88 74.70 -34.56
C ALA Q 65 46.03 75.56 -34.05
N ALA Q 66 46.83 76.08 -34.98
CA ALA Q 66 47.99 76.89 -34.65
C ALA Q 66 48.03 78.07 -35.60
N CYS Q 67 48.43 79.23 -35.08
CA CYS Q 67 48.47 80.44 -35.90
C CYS Q 67 49.70 80.38 -36.80
N VAL Q 68 49.48 80.50 -38.11
CA VAL Q 68 50.53 80.28 -39.08
C VAL Q 68 50.77 81.49 -39.99
N PHE Q 69 49.99 82.56 -39.87
CA PHE Q 69 50.16 83.68 -40.79
C PHE Q 69 49.57 84.95 -40.18
N MET Q 70 50.44 85.85 -39.73
CA MET Q 70 50.08 87.23 -39.43
C MET Q 70 50.47 88.12 -40.60
N ASP Q 71 49.57 89.05 -40.95
CA ASP Q 71 49.88 90.00 -42.01
C ASP Q 71 49.02 91.23 -41.87
N GLN Q 72 49.56 92.36 -42.33
CA GLN Q 72 48.87 93.64 -42.36
C GLN Q 72 48.39 93.91 -43.79
N TYR Q 73 47.27 94.62 -43.90
CA TYR Q 73 46.83 95.12 -45.19
C TYR Q 73 45.92 96.33 -45.00
N LYS Q 74 46.21 97.39 -45.75
CA LYS Q 74 45.56 98.68 -45.56
C LYS Q 74 44.19 98.67 -46.24
N ILE Q 75 43.58 99.84 -46.40
CA ILE Q 75 42.29 99.93 -47.06
C ILE Q 75 42.31 100.95 -48.20
N ASN Q 76 43.14 101.99 -48.07
CA ASN Q 76 43.10 103.09 -49.03
C ASN Q 76 44.52 103.59 -49.31
N GLY Q 77 44.62 104.41 -50.34
CA GLY Q 77 45.89 104.91 -50.82
C GLY Q 77 46.60 103.93 -51.72
N GLU Q 78 47.51 104.45 -52.54
CA GLU Q 78 48.41 103.67 -53.39
C GLU Q 78 47.64 102.63 -54.19
N GLU Q 79 46.89 103.14 -55.18
CA GLU Q 79 45.95 102.31 -55.92
C GLU Q 79 46.63 101.12 -56.57
N THR Q 80 47.89 101.26 -56.96
CA THR Q 80 48.73 100.16 -57.43
C THR Q 80 49.78 99.85 -56.38
N SER Q 81 49.40 99.06 -55.39
CA SER Q 81 50.32 98.66 -54.33
C SER Q 81 50.08 97.21 -53.94
N THR Q 82 51.09 96.60 -53.34
CA THR Q 82 51.03 95.23 -52.86
C THR Q 82 50.78 95.15 -51.35
N ASP Q 83 50.54 96.29 -50.70
CA ASP Q 83 50.31 96.32 -49.26
C ASP Q 83 48.84 96.51 -48.91
N ARG Q 84 47.93 96.20 -49.84
CA ARG Q 84 46.50 96.27 -49.59
C ARG Q 84 45.84 94.90 -49.59
N PHE Q 85 46.62 93.82 -49.63
CA PHE Q 85 46.08 92.47 -49.57
C PHE Q 85 47.17 91.54 -49.05
N ALA Q 86 46.74 90.33 -48.68
CA ALA Q 86 47.62 89.30 -48.14
C ALA Q 86 47.69 88.12 -49.11
N VAL Q 87 48.69 87.27 -48.91
CA VAL Q 87 48.95 86.19 -49.87
C VAL Q 87 48.96 84.82 -49.20
N TRP Q 88 50.02 84.52 -48.45
CA TRP Q 88 50.22 83.23 -47.77
C TRP Q 88 49.92 82.01 -48.63
N THR Q 89 50.86 81.64 -49.50
CA THR Q 89 50.80 80.33 -50.16
C THR Q 89 50.77 79.23 -49.12
N ILE Q 90 49.71 78.41 -49.14
CA ILE Q 90 49.46 77.46 -48.06
C ILE Q 90 50.46 76.32 -48.13
N ASN Q 91 51.28 76.17 -47.09
CA ASN Q 91 52.18 75.03 -46.97
C ASN Q 91 52.37 74.70 -45.49
N ILE Q 92 52.79 73.46 -45.23
CA ILE Q 92 53.06 73.03 -43.86
C ILE Q 92 54.36 73.58 -43.32
N ARG Q 93 55.24 74.08 -44.19
CA ARG Q 93 56.56 74.55 -43.76
C ARG Q 93 56.52 76.03 -43.38
N GLU Q 94 55.55 76.39 -42.55
CA GLU Q 94 55.33 77.78 -42.16
C GLU Q 94 56.15 78.16 -40.92
N MET Q 95 55.83 77.54 -39.79
CA MET Q 95 56.59 77.74 -38.56
C MET Q 95 57.18 76.41 -38.11
N ALA Q 96 58.34 76.48 -37.46
CA ALA Q 96 59.13 75.29 -37.19
C ALA Q 96 58.49 74.37 -36.17
N GLN Q 97 57.60 74.88 -35.32
CA GLN Q 97 56.95 74.02 -34.34
C GLN Q 97 56.00 73.04 -35.00
N LEU Q 98 55.15 73.53 -35.91
CA LEU Q 98 54.29 72.63 -36.67
C LEU Q 98 55.07 71.85 -37.73
N ARG Q 99 56.00 72.52 -38.41
CA ARG Q 99 56.80 71.84 -39.44
C ARG Q 99 57.47 70.60 -38.88
N ARG Q 100 57.92 70.66 -37.62
CA ARG Q 100 58.59 69.51 -37.02
C ARG Q 100 57.65 68.33 -36.90
N LYS Q 101 56.38 68.57 -36.57
CA LYS Q 101 55.43 67.48 -36.41
C LYS Q 101 55.08 66.83 -37.74
N CYS Q 102 54.98 67.60 -38.81
CA CYS Q 102 54.68 67.03 -40.12
C CYS Q 102 55.84 66.22 -40.67
N GLU Q 103 57.04 66.43 -40.15
CA GLU Q 103 58.21 65.67 -40.59
C GLU Q 103 58.46 64.43 -39.75
N MET Q 104 57.54 64.09 -38.83
CA MET Q 104 57.57 62.75 -38.24
C MET Q 104 57.21 61.69 -39.27
N PHE Q 105 56.49 62.08 -40.32
CA PHE Q 105 55.89 61.15 -41.26
C PHE Q 105 56.24 61.59 -42.68
N THR Q 106 56.50 60.61 -43.55
CA THR Q 106 56.83 60.95 -44.92
C THR Q 106 55.59 61.37 -45.70
N TYR Q 107 54.54 60.56 -45.66
CA TYR Q 107 53.32 60.81 -46.42
C TYR Q 107 52.16 61.01 -45.46
N MET Q 108 51.31 61.97 -45.77
CA MET Q 108 50.11 62.22 -44.99
C MET Q 108 49.08 62.91 -45.86
N ARG Q 109 47.81 62.63 -45.58
CA ARG Q 109 46.69 63.27 -46.27
C ARG Q 109 45.67 63.72 -45.24
N PHE Q 110 45.06 64.87 -45.47
CA PHE Q 110 44.26 65.52 -44.45
C PHE Q 110 43.48 66.67 -45.08
N ASP Q 111 42.25 66.85 -44.61
CA ASP Q 111 41.52 68.08 -44.88
C ASP Q 111 42.03 69.18 -43.96
N ILE Q 112 42.00 70.42 -44.47
CA ILE Q 112 42.41 71.57 -43.68
C ILE Q 112 41.18 72.43 -43.44
N GLU Q 113 41.09 73.00 -42.24
CA GLU Q 113 39.92 73.80 -41.83
C GLU Q 113 40.48 75.01 -41.08
N MET Q 114 40.72 76.09 -41.80
CA MET Q 114 41.32 77.28 -41.22
C MET Q 114 40.24 78.28 -40.84
N THR Q 115 40.46 78.98 -39.73
CA THR Q 115 39.56 80.02 -39.26
C THR Q 115 40.38 81.28 -39.03
N MET Q 116 40.06 82.33 -39.78
CA MET Q 116 40.81 83.57 -39.67
C MET Q 116 40.30 84.39 -38.48
N VAL Q 117 41.18 85.22 -37.93
CA VAL Q 117 40.86 86.11 -36.82
C VAL Q 117 41.34 87.49 -37.26
N ILE Q 118 40.41 88.36 -37.65
CA ILE Q 118 40.71 89.60 -38.32
C ILE Q 118 40.41 90.75 -37.37
N THR Q 119 41.38 91.65 -37.23
CA THR Q 119 41.24 92.83 -36.39
C THR Q 119 41.32 94.08 -37.27
N SER Q 120 41.30 95.23 -36.62
CA SER Q 120 41.42 96.50 -37.34
C SER Q 120 41.89 97.57 -36.38
N CYS Q 121 42.48 98.62 -36.96
CA CYS Q 121 43.00 99.76 -36.21
C CYS Q 121 42.63 101.00 -37.00
N GLN Q 122 43.25 102.12 -36.67
CA GLN Q 122 43.02 103.35 -37.42
C GLN Q 122 44.10 104.39 -37.12
N MET Q 132 34.01 105.84 -38.76
CA MET Q 132 34.15 104.86 -39.82
C MET Q 132 32.88 104.02 -39.97
N PRO Q 133 32.78 103.25 -41.06
CA PRO Q 133 31.61 102.37 -41.21
C PRO Q 133 31.88 101.00 -40.58
N VAL Q 134 30.97 100.06 -40.78
CA VAL Q 134 31.21 98.67 -40.43
C VAL Q 134 31.94 98.00 -41.60
N LEU Q 135 33.04 97.32 -41.30
CA LEU Q 135 33.93 96.79 -42.32
C LEU Q 135 33.55 95.37 -42.72
N THR Q 136 33.71 95.07 -44.00
CA THR Q 136 33.48 93.74 -44.55
C THR Q 136 34.75 93.31 -45.27
N HIS Q 137 35.17 92.07 -45.01
CA HIS Q 137 36.41 91.54 -45.56
C HIS Q 137 36.11 90.48 -46.61
N GLN Q 138 37.16 89.99 -47.27
CA GLN Q 138 37.05 88.92 -48.25
C GLN Q 138 38.29 88.05 -48.17
N ILE Q 139 38.10 86.76 -47.90
CA ILE Q 139 39.20 85.81 -47.81
C ILE Q 139 39.03 84.84 -48.98
N MET Q 140 39.78 85.07 -50.06
CA MET Q 140 39.63 84.30 -51.29
C MET Q 140 40.68 83.21 -51.32
N TYR Q 141 40.24 81.96 -51.27
CA TYR Q 141 41.11 80.81 -51.48
C TYR Q 141 41.14 80.46 -52.96
N VAL Q 142 42.31 80.53 -53.56
CA VAL Q 142 42.48 80.07 -54.94
C VAL Q 142 43.04 78.66 -54.90
N PRO Q 143 42.54 77.76 -55.74
CA PRO Q 143 43.09 76.39 -55.78
C PRO Q 143 44.49 76.38 -56.38
N PRO Q 144 45.14 75.23 -56.44
CA PRO Q 144 46.46 75.19 -57.11
C PRO Q 144 46.42 75.62 -58.55
N GLY Q 145 45.38 75.23 -59.29
CA GLY Q 145 45.14 75.80 -60.60
C GLY Q 145 44.16 76.94 -60.50
N GLY Q 146 44.67 78.16 -60.35
CA GLY Q 146 43.84 79.32 -60.16
C GLY Q 146 44.58 80.61 -60.42
N PRO Q 147 43.87 81.59 -60.99
CA PRO Q 147 44.49 82.90 -61.23
C PRO Q 147 44.62 83.69 -59.94
N ILE Q 148 45.68 84.48 -59.87
CA ILE Q 148 45.97 85.26 -58.67
C ILE Q 148 45.77 86.73 -58.99
N PRO Q 149 45.37 87.55 -58.03
CA PRO Q 149 45.33 89.00 -58.27
C PRO Q 149 46.73 89.59 -58.24
N ALA Q 150 46.91 90.66 -59.02
CA ALA Q 150 48.11 91.47 -58.94
C ALA Q 150 47.91 92.75 -58.15
N LYS Q 151 46.67 93.23 -58.05
CA LYS Q 151 46.33 94.43 -57.33
C LYS Q 151 45.04 94.18 -56.56
N VAL Q 152 44.73 95.10 -55.64
CA VAL Q 152 43.52 94.97 -54.83
C VAL Q 152 42.27 95.08 -55.69
N ASP Q 153 42.38 95.67 -56.88
CA ASP Q 153 41.25 95.86 -57.78
C ASP Q 153 41.38 95.05 -59.06
N GLY Q 154 42.02 93.89 -58.99
CA GLY Q 154 42.12 93.02 -60.14
C GLY Q 154 40.81 92.31 -60.41
N TYR Q 155 40.71 91.74 -61.61
CA TYR Q 155 39.50 91.02 -61.98
C TYR Q 155 39.48 89.60 -61.44
N GLU Q 156 40.62 89.09 -60.95
CA GLU Q 156 40.66 87.74 -60.42
C GLU Q 156 39.76 87.58 -59.21
N TRP Q 157 39.60 88.66 -58.43
CA TRP Q 157 38.76 88.62 -57.23
C TRP Q 157 37.32 88.22 -57.54
N GLN Q 158 36.89 88.39 -58.79
CA GLN Q 158 35.52 88.08 -59.20
C GLN Q 158 35.41 86.71 -59.86
N THR Q 159 36.43 85.86 -59.73
CA THR Q 159 36.41 84.55 -60.37
C THR Q 159 35.48 83.61 -59.64
N SER Q 160 34.57 82.98 -60.38
CA SER Q 160 33.55 82.12 -59.77
C SER Q 160 34.14 80.81 -59.26
N THR Q 161 35.30 80.39 -59.76
CA THR Q 161 35.92 79.14 -59.33
C THR Q 161 36.83 79.33 -58.13
N ASN Q 162 37.06 80.57 -57.69
CA ASN Q 162 37.80 80.83 -56.46
C ASN Q 162 36.81 81.08 -55.33
N PRO Q 163 36.60 80.12 -54.42
CA PRO Q 163 35.65 80.36 -53.33
C PRO Q 163 36.20 81.36 -52.33
N SER Q 164 35.32 82.24 -51.85
CA SER Q 164 35.72 83.30 -50.95
C SER Q 164 34.60 83.57 -49.96
N VAL Q 165 34.97 83.90 -48.73
CA VAL Q 165 34.02 84.26 -47.69
C VAL Q 165 34.03 85.76 -47.51
N PHE Q 166 32.85 86.33 -47.29
CA PHE Q 166 32.69 87.76 -47.07
C PHE Q 166 32.25 87.96 -45.63
N TRP Q 167 33.23 88.13 -44.75
CA TRP Q 167 32.99 88.29 -43.33
C TRP Q 167 32.94 89.78 -43.00
N THR Q 168 31.85 90.21 -42.39
CA THR Q 168 31.71 91.57 -41.89
C THR Q 168 32.08 91.60 -40.42
N GLU Q 169 32.59 92.75 -39.97
CA GLU Q 169 33.19 92.83 -38.65
C GLU Q 169 32.12 92.72 -37.56
N GLY Q 170 32.52 92.10 -36.44
CA GLY Q 170 31.67 91.96 -35.29
C GLY Q 170 31.10 90.56 -35.07
N ASN Q 171 31.05 89.74 -36.12
CA ASN Q 171 30.45 88.42 -36.00
C ASN Q 171 31.48 87.40 -35.52
N ALA Q 172 31.11 86.13 -35.55
CA ALA Q 172 32.05 85.06 -35.29
C ALA Q 172 33.10 85.00 -36.39
N PRO Q 173 34.28 84.45 -36.11
CA PRO Q 173 35.35 84.45 -37.12
C PRO Q 173 34.96 83.61 -38.32
N PRO Q 174 35.45 83.96 -39.51
CA PRO Q 174 35.09 83.19 -40.70
C PRO Q 174 35.86 81.87 -40.75
N ARG Q 175 35.15 80.81 -41.09
CA ARG Q 175 35.76 79.48 -41.21
C ARG Q 175 35.53 78.94 -42.61
N ILE Q 176 36.62 78.54 -43.25
CA ILE Q 176 36.61 78.00 -44.60
C ILE Q 176 37.37 76.69 -44.58
N SER Q 177 36.78 75.64 -45.14
CA SER Q 177 37.37 74.30 -45.10
C SER Q 177 37.73 73.85 -46.49
N ILE Q 178 38.90 73.22 -46.62
CA ILE Q 178 39.44 72.83 -47.92
C ILE Q 178 39.73 71.34 -47.90
N PRO Q 179 39.23 70.58 -48.87
CA PRO Q 179 39.45 69.13 -48.85
C PRO Q 179 40.85 68.74 -49.27
N PHE Q 180 41.09 67.44 -49.44
CA PHE Q 180 42.37 66.94 -49.92
C PHE Q 180 42.50 67.28 -51.41
N ILE Q 181 43.28 68.31 -51.73
CA ILE Q 181 43.34 68.81 -53.09
C ILE Q 181 44.29 67.99 -53.96
N SER Q 182 45.34 67.42 -53.37
CA SER Q 182 46.53 67.02 -54.12
C SER Q 182 46.20 66.02 -55.23
N VAL Q 183 47.06 66.01 -56.26
CA VAL Q 183 46.85 65.15 -57.41
C VAL Q 183 47.16 63.71 -57.05
N GLY Q 184 48.20 63.49 -56.27
CA GLY Q 184 48.58 62.16 -55.84
C GLY Q 184 47.63 61.65 -54.78
N ASN Q 185 48.10 60.65 -54.05
CA ASN Q 185 47.28 60.02 -53.03
C ASN Q 185 47.63 60.48 -51.62
N ALA Q 186 48.66 61.29 -51.47
CA ALA Q 186 49.01 61.87 -50.17
C ALA Q 186 49.89 63.10 -50.39
N TYR Q 187 49.92 63.97 -49.39
CA TYR Q 187 50.91 65.03 -49.37
C TYR Q 187 52.24 64.45 -48.90
N SER Q 188 53.31 64.83 -49.58
CA SER Q 188 54.65 64.36 -49.27
C SER Q 188 55.38 65.45 -48.49
N SER Q 189 55.80 65.12 -47.27
CA SER Q 189 56.60 66.05 -46.49
C SER Q 189 57.99 66.20 -47.08
N PHE Q 190 58.55 65.11 -47.59
CA PHE Q 190 59.87 65.10 -48.21
C PHE Q 190 59.77 64.55 -49.62
N TYR Q 191 60.56 65.11 -50.54
CA TYR Q 191 60.56 64.67 -51.93
C TYR Q 191 62.01 64.65 -52.40
N ASP Q 192 62.63 63.48 -52.34
CA ASP Q 192 64.00 63.29 -52.82
C ASP Q 192 63.95 63.14 -54.34
N GLY Q 193 63.84 64.28 -55.02
CA GLY Q 193 63.67 64.27 -56.46
C GLY Q 193 63.72 65.67 -57.02
N TRP Q 194 63.68 65.73 -58.35
CA TRP Q 194 63.83 66.98 -59.09
C TRP Q 194 62.55 67.29 -59.84
N SER Q 195 62.12 68.55 -59.77
CA SER Q 195 60.89 68.95 -60.45
C SER Q 195 61.02 68.81 -61.96
N HIS Q 196 62.14 69.24 -62.52
CA HIS Q 196 62.36 69.20 -63.96
C HIS Q 196 63.21 67.99 -64.31
N PHE Q 197 62.75 67.22 -65.29
CA PHE Q 197 63.41 65.98 -65.66
C PHE Q 197 64.84 66.23 -66.14
N THR Q 198 65.69 65.21 -65.93
CA THR Q 198 67.10 65.21 -66.27
C THR Q 198 67.92 66.06 -65.30
N GLN Q 199 67.55 66.01 -64.01
CA GLN Q 199 68.32 66.60 -62.92
C GLN Q 199 68.60 68.09 -63.16
N ASP Q 200 67.52 68.84 -63.35
CA ASP Q 200 67.62 70.28 -63.55
C ASP Q 200 67.60 70.96 -62.18
N GLY Q 201 67.20 72.23 -62.13
CA GLY Q 201 67.13 72.96 -60.89
C GLY Q 201 65.93 72.55 -60.04
N THR Q 202 65.78 73.25 -58.92
CA THR Q 202 64.66 73.09 -57.99
C THR Q 202 64.60 71.65 -57.44
N TYR Q 203 65.58 71.37 -56.59
CA TYR Q 203 65.58 70.10 -55.85
C TYR Q 203 64.51 70.11 -54.78
N GLY Q 204 63.90 68.94 -54.56
CA GLY Q 204 63.09 68.73 -53.39
C GLY Q 204 61.69 69.28 -53.43
N TYR Q 205 61.30 69.97 -54.51
CA TYR Q 205 59.99 70.59 -54.60
C TYR Q 205 59.16 69.83 -55.63
N THR Q 206 58.20 69.05 -55.15
CA THR Q 206 57.20 68.43 -56.01
C THR Q 206 55.96 69.32 -56.08
N THR Q 207 55.20 69.16 -57.17
CA THR Q 207 53.96 69.92 -57.34
C THR Q 207 52.75 69.16 -56.81
N LEU Q 208 52.94 67.96 -56.28
CA LEU Q 208 51.82 67.21 -55.72
C LEU Q 208 51.37 67.83 -54.40
N ASN Q 209 52.31 68.25 -53.56
CA ASN Q 209 51.97 68.86 -52.28
C ASN Q 209 51.81 70.37 -52.41
N ALA Q 210 50.98 70.78 -53.36
CA ALA Q 210 50.55 72.16 -53.50
C ALA Q 210 49.12 72.25 -52.98
N MET Q 211 48.86 73.23 -52.12
CA MET Q 211 47.58 73.31 -51.43
C MET Q 211 46.75 74.50 -51.83
N GLY Q 212 47.33 75.52 -52.44
CA GLY Q 212 46.61 76.70 -52.86
C GLY Q 212 47.18 77.95 -52.22
N LYS Q 213 46.44 79.04 -52.37
CA LYS Q 213 46.81 80.31 -51.79
C LYS Q 213 45.58 80.94 -51.15
N LEU Q 214 45.77 82.06 -50.45
CA LEU Q 214 44.72 82.64 -49.61
C LEU Q 214 44.80 84.17 -49.67
N TYR Q 215 44.12 84.76 -50.66
CA TYR Q 215 44.15 86.20 -50.86
C TYR Q 215 43.05 86.88 -50.05
N ILE Q 216 43.43 87.89 -49.28
CA ILE Q 216 42.57 88.50 -48.28
C ILE Q 216 42.60 90.02 -48.50
N ARG Q 217 41.42 90.63 -48.57
CA ARG Q 217 41.34 92.07 -48.76
C ARG Q 217 40.11 92.61 -48.06
N HIS Q 218 40.06 93.94 -47.94
CA HIS Q 218 38.83 94.63 -47.63
C HIS Q 218 37.98 94.72 -48.90
N VAL Q 219 36.67 94.57 -48.75
CA VAL Q 219 35.78 94.82 -49.89
C VAL Q 219 35.34 96.27 -49.94
N ASN Q 220 35.57 97.04 -48.89
CA ASN Q 220 35.23 98.45 -48.90
C ASN Q 220 36.18 99.18 -49.86
N ARG Q 221 35.61 100.01 -50.74
CA ARG Q 221 36.41 100.61 -51.80
C ARG Q 221 37.36 101.67 -51.25
N SER Q 222 36.92 102.43 -50.26
CA SER Q 222 37.74 103.50 -49.70
C SER Q 222 37.31 103.76 -48.27
N SER Q 223 37.95 104.76 -47.66
CA SER Q 223 37.66 105.16 -46.28
C SER Q 223 38.14 106.59 -46.11
N PRO Q 224 37.53 107.35 -45.20
CA PRO Q 224 38.02 108.72 -44.94
C PRO Q 224 39.41 108.74 -44.35
N HIS Q 225 39.67 107.90 -43.35
CA HIS Q 225 40.99 107.78 -42.75
C HIS Q 225 41.59 106.41 -43.07
N GLN Q 226 42.77 106.15 -42.52
CA GLN Q 226 43.48 104.90 -42.78
C GLN Q 226 43.07 103.83 -41.78
N ILE Q 227 42.75 102.65 -42.30
CA ILE Q 227 42.41 101.49 -41.47
C ILE Q 227 43.38 100.38 -41.83
N THR Q 228 44.07 99.85 -40.81
CA THR Q 228 45.10 98.83 -41.01
C THR Q 228 44.64 97.55 -40.32
N SER Q 229 44.19 96.59 -41.11
CA SER Q 229 43.65 95.36 -40.58
C SER Q 229 44.74 94.31 -40.44
N THR Q 230 44.58 93.45 -39.44
CA THR Q 230 45.53 92.39 -39.15
C THR Q 230 44.77 91.07 -39.15
N ILE Q 231 45.32 90.08 -39.85
CA ILE Q 231 44.68 88.78 -39.97
C ILE Q 231 45.60 87.70 -39.39
N ARG Q 232 45.01 86.74 -38.71
CA ARG Q 232 45.72 85.63 -38.10
C ARG Q 232 45.05 84.34 -38.57
N VAL Q 233 45.71 83.60 -39.46
CA VAL Q 233 45.13 82.40 -40.05
C VAL Q 233 45.45 81.22 -39.12
N TYR Q 234 44.41 80.50 -38.70
CA TYR Q 234 44.55 79.36 -37.81
C TYR Q 234 44.40 78.08 -38.60
N PHE Q 235 45.53 77.48 -38.96
CA PHE Q 235 45.56 76.26 -39.73
C PHE Q 235 45.28 75.06 -38.84
N LYS Q 236 44.50 74.11 -39.37
CA LYS Q 236 44.22 72.89 -38.63
C LYS Q 236 44.07 71.69 -39.55
N PRO Q 237 44.92 70.68 -39.42
CA PRO Q 237 44.69 69.43 -40.15
C PRO Q 237 43.46 68.72 -39.61
N LYS Q 238 42.76 68.03 -40.51
CA LYS Q 238 41.53 67.34 -40.12
C LYS Q 238 41.42 66.05 -40.89
N HIS Q 239 40.85 65.02 -40.24
CA HIS Q 239 40.70 63.68 -40.80
C HIS Q 239 42.04 63.20 -41.39
N ILE Q 240 43.07 63.25 -40.54
CA ILE Q 240 44.44 63.11 -41.00
C ILE Q 240 44.89 61.66 -40.90
N LYS Q 241 45.49 61.17 -41.98
CA LYS Q 241 46.18 59.89 -42.00
C LYS Q 241 47.64 60.14 -42.31
N ALA Q 242 48.51 59.24 -41.88
CA ALA Q 242 49.94 59.44 -42.02
C ALA Q 242 50.63 58.09 -42.23
N TRP Q 243 51.57 58.06 -43.17
CA TRP Q 243 52.30 56.86 -43.53
C TRP Q 243 53.79 57.09 -43.35
N VAL Q 244 54.52 55.98 -43.23
CA VAL Q 244 55.98 55.95 -43.25
C VAL Q 244 56.53 56.86 -42.16
N PRO Q 245 56.66 56.39 -40.94
CA PRO Q 245 57.25 57.23 -39.88
C PRO Q 245 58.71 57.52 -40.20
N ARG Q 246 59.26 58.48 -39.45
CA ARG Q 246 60.50 59.12 -39.84
C ARG Q 246 61.13 59.68 -38.57
N PRO Q 247 62.46 59.67 -38.43
CA PRO Q 247 63.05 60.13 -37.20
C PRO Q 247 62.86 61.63 -37.05
N PRO Q 248 62.83 62.13 -35.82
CA PRO Q 248 62.60 63.56 -35.60
C PRO Q 248 63.77 64.41 -36.06
N ARG Q 249 63.45 65.66 -36.38
CA ARG Q 249 64.46 66.66 -36.73
C ARG Q 249 65.40 66.89 -35.55
N LEU Q 250 66.69 66.93 -35.84
CA LEU Q 250 67.71 67.22 -34.83
C LEU Q 250 68.26 68.63 -34.94
N CYS Q 251 68.65 69.04 -36.14
CA CYS Q 251 69.25 70.34 -36.38
C CYS Q 251 68.18 71.43 -36.50
N PRO Q 252 68.54 72.68 -36.23
CA PRO Q 252 67.60 73.79 -36.44
C PRO Q 252 67.34 74.03 -37.92
N TYR Q 253 66.19 74.64 -38.20
CA TYR Q 253 65.81 74.94 -39.58
C TYR Q 253 66.51 76.18 -40.09
N ILE Q 254 66.86 76.16 -41.38
CA ILE Q 254 67.53 77.28 -42.02
C ILE Q 254 66.53 78.08 -42.83
N ASN Q 255 65.92 77.44 -43.83
CA ASN Q 255 65.04 78.11 -44.78
C ASN Q 255 63.76 77.30 -44.95
N LYS Q 256 62.70 77.99 -45.39
CA LYS Q 256 61.34 77.44 -45.39
C LYS Q 256 61.02 76.66 -46.65
N ARG Q 257 61.97 76.46 -47.56
CA ARG Q 257 61.73 75.72 -48.79
C ARG Q 257 62.76 74.61 -49.00
N ASP Q 258 63.60 74.33 -48.02
CA ASP Q 258 64.65 73.34 -48.19
C ASP Q 258 64.90 72.64 -46.86
N VAL Q 259 65.76 71.63 -46.90
CA VAL Q 259 66.10 70.81 -45.74
C VAL Q 259 67.52 71.09 -45.26
N ASN Q 260 68.12 72.16 -45.74
CA ASN Q 260 69.51 72.47 -45.44
C ASN Q 260 69.68 72.74 -43.95
N PHE Q 261 70.85 72.39 -43.43
CA PHE Q 261 71.06 72.43 -41.99
C PHE Q 261 72.55 72.61 -41.69
N VAL Q 262 72.82 72.96 -40.45
CA VAL Q 262 74.17 73.01 -39.90
C VAL Q 262 74.37 71.77 -39.05
N VAL Q 263 75.56 71.17 -39.13
CA VAL Q 263 75.81 69.93 -38.41
C VAL Q 263 75.76 70.20 -36.92
N THR Q 264 74.79 69.59 -36.24
CA THR Q 264 74.54 69.80 -34.82
C THR Q 264 75.00 68.57 -34.05
N GLU Q 265 75.33 68.77 -32.78
CA GLU Q 265 75.71 67.67 -31.93
C GLU Q 265 74.50 66.78 -31.64
N ILE Q 266 74.77 65.51 -31.36
CA ILE Q 266 73.69 64.55 -31.15
C ILE Q 266 72.89 64.90 -29.89
N THR Q 267 73.54 64.87 -28.74
CA THR Q 267 72.91 65.22 -27.47
C THR Q 267 73.76 66.26 -26.76
N ASP Q 268 73.24 66.75 -25.63
CA ASP Q 268 74.04 67.61 -24.79
C ASP Q 268 75.14 66.80 -24.14
N SER Q 269 76.33 67.41 -24.03
CA SER Q 269 77.47 66.66 -23.54
C SER Q 269 77.47 66.63 -22.01
N ARG Q 270 78.10 65.59 -21.47
CA ARG Q 270 78.38 65.49 -20.05
C ARG Q 270 79.88 65.31 -19.86
N THR Q 271 80.30 65.26 -18.59
CA THR Q 271 81.73 65.32 -18.28
C THR Q 271 82.43 64.01 -18.63
N SER Q 272 81.98 62.90 -18.05
CA SER Q 272 82.56 61.59 -18.32
C SER Q 272 81.44 60.62 -18.69
N ILE Q 273 81.84 59.39 -19.03
CA ILE Q 273 80.89 58.36 -19.39
C ILE Q 273 80.19 57.78 -18.17
N THR Q 274 80.73 57.98 -16.96
CA THR Q 274 80.26 57.32 -15.77
C THR Q 274 79.55 58.24 -14.77
N ASP Q 275 79.60 59.55 -14.97
CA ASP Q 275 78.96 60.47 -14.03
C ASP Q 275 77.47 60.58 -14.28
N VAL R 13 73.06 27.28 -45.87
CA VAL R 13 73.53 27.78 -47.17
C VAL R 13 72.49 27.50 -48.25
N ARG R 14 71.89 28.57 -48.77
CA ARG R 14 70.90 28.49 -49.83
C ARG R 14 71.43 29.22 -51.06
N SER R 15 71.41 28.53 -52.20
CA SER R 15 71.91 29.08 -53.45
C SER R 15 70.72 29.56 -54.27
N MET R 16 70.33 30.81 -54.05
CA MET R 16 69.22 31.39 -54.80
C MET R 16 69.64 31.67 -56.23
N THR R 17 68.66 31.58 -57.14
CA THR R 17 68.89 31.90 -58.55
C THR R 17 67.69 32.65 -59.08
N LEU R 18 67.95 33.63 -59.95
CA LEU R 18 66.90 34.39 -60.63
C LEU R 18 67.38 34.66 -62.05
N GLY R 19 66.71 34.06 -63.01
CA GLY R 19 67.09 34.25 -64.41
C GLY R 19 68.42 33.59 -64.71
N ASN R 20 69.42 34.41 -65.02
CA ASN R 20 70.78 33.94 -65.27
C ASN R 20 71.75 34.57 -64.27
N SER R 21 71.34 34.62 -63.00
CA SER R 21 72.18 35.18 -61.95
C SER R 21 71.96 34.37 -60.68
N THR R 22 72.99 33.70 -60.21
CA THR R 22 72.94 32.88 -59.01
C THR R 22 73.90 33.45 -57.99
N ILE R 23 73.41 33.65 -56.77
CA ILE R 23 74.24 34.04 -55.65
C ILE R 23 74.15 32.96 -54.59
N THR R 24 75.07 33.01 -53.62
CA THR R 24 75.11 32.05 -52.52
C THR R 24 74.86 32.81 -51.22
N THR R 25 73.78 32.46 -50.54
CA THR R 25 73.37 33.13 -49.32
C THR R 25 73.53 32.22 -48.11
N GLN R 26 73.41 32.84 -46.94
CA GLN R 26 73.56 32.12 -45.67
C GLN R 26 72.22 32.02 -44.96
N ASN R 30 67.78 36.11 -41.91
CA ASN R 30 66.32 36.28 -42.00
C ASN R 30 65.95 37.60 -42.66
N VAL R 31 64.91 37.56 -43.49
CA VAL R 31 64.56 38.70 -44.34
C VAL R 31 63.81 39.73 -43.52
N VAL R 32 64.19 41.00 -43.67
CA VAL R 32 63.47 42.11 -43.07
C VAL R 32 62.57 42.67 -44.16
N VAL R 33 61.32 42.20 -44.17
CA VAL R 33 60.33 42.69 -45.12
C VAL R 33 59.94 44.11 -44.71
N GLY R 34 60.19 45.07 -45.59
CA GLY R 34 60.02 46.47 -45.23
C GLY R 34 58.56 46.81 -45.05
N TYR R 35 58.20 47.31 -43.86
CA TYR R 35 56.83 47.71 -43.52
C TYR R 35 55.85 46.56 -43.64
N GLY R 36 56.31 45.33 -43.40
CA GLY R 36 55.40 44.20 -43.30
C GLY R 36 54.68 43.85 -44.59
N GLU R 37 55.09 44.43 -45.72
CA GLU R 37 54.42 44.17 -46.99
C GLU R 37 55.42 43.69 -48.01
N TRP R 38 54.99 42.75 -48.82
CA TRP R 38 55.73 42.19 -49.93
C TRP R 38 55.36 42.97 -51.19
N PRO R 39 56.32 43.33 -52.04
CA PRO R 39 55.96 44.11 -53.23
C PRO R 39 54.94 43.34 -54.06
N SER R 40 54.13 44.09 -54.80
CA SER R 40 53.08 43.49 -55.59
C SER R 40 52.81 44.38 -56.80
N TYR R 41 52.04 43.83 -57.75
CA TYR R 41 51.64 44.62 -58.90
C TYR R 41 50.54 45.60 -58.50
N LEU R 42 50.21 46.48 -59.44
CA LEU R 42 49.31 47.58 -59.14
C LEU R 42 47.85 47.13 -59.03
N SER R 43 47.49 46.03 -59.67
CA SER R 43 46.13 45.52 -59.58
C SER R 43 45.85 44.92 -58.21
N THR R 48 42.59 49.19 -65.85
CA THR R 48 42.03 50.31 -66.58
C THR R 48 42.54 50.31 -68.01
N ALA R 49 41.65 50.61 -68.98
CA ALA R 49 42.04 50.72 -70.37
C ALA R 49 42.49 52.11 -70.76
N GLU R 50 42.30 53.11 -69.90
CA GLU R 50 42.81 54.45 -70.17
C GLU R 50 44.32 54.53 -69.95
N ASP R 51 44.82 53.79 -68.98
CA ASP R 51 46.25 53.65 -68.74
C ASP R 51 46.53 52.20 -68.41
N GLN R 52 47.42 51.56 -69.18
CA GLN R 52 47.66 50.13 -69.06
C GLN R 52 49.13 49.86 -68.77
N PRO R 53 49.45 49.18 -67.68
CA PRO R 53 50.86 48.86 -67.39
C PRO R 53 51.37 47.65 -68.16
N THR R 54 52.68 47.64 -68.38
CA THR R 54 53.38 46.52 -68.97
C THR R 54 54.25 45.87 -67.92
N GLN R 55 54.12 44.55 -67.75
CA GLN R 55 54.91 43.83 -66.77
C GLN R 55 56.02 43.09 -67.47
N PRO R 56 57.28 43.51 -67.30
CA PRO R 56 58.39 42.82 -68.01
C PRO R 56 58.62 41.40 -67.54
N ASP R 57 58.70 41.17 -66.23
CA ASP R 57 58.92 39.83 -65.67
C ASP R 57 60.22 39.24 -66.20
N VAL R 58 60.30 39.05 -67.52
CA VAL R 58 61.52 38.54 -68.14
C VAL R 58 62.69 39.46 -67.82
N ALA R 59 63.83 38.86 -67.46
CA ALA R 59 65.02 39.59 -66.99
C ALA R 59 64.60 40.49 -65.84
N THR R 60 65.07 41.73 -65.75
CA THR R 60 64.72 42.69 -64.71
C THR R 60 64.81 42.13 -63.29
N CYS R 61 64.32 40.91 -63.07
CA CYS R 61 64.27 40.29 -61.75
C CYS R 61 65.59 39.64 -61.34
N ARG R 62 66.57 39.58 -62.24
CA ARG R 62 67.83 38.91 -61.93
C ARG R 62 68.64 39.74 -60.94
N PHE R 63 69.68 39.13 -60.38
CA PHE R 63 70.48 39.80 -59.37
C PHE R 63 71.52 40.70 -60.02
N TYR R 64 71.55 41.96 -59.61
CA TYR R 64 72.50 42.96 -60.09
C TYR R 64 73.49 43.24 -58.96
N THR R 65 74.62 42.54 -58.99
CA THR R 65 75.65 42.73 -57.97
C THR R 65 76.45 43.99 -58.28
N LEU R 66 76.44 44.94 -57.36
CA LEU R 66 77.22 46.16 -57.53
C LEU R 66 78.69 45.87 -57.23
N GLU R 67 79.53 46.89 -57.42
CA GLU R 67 80.94 46.74 -57.12
C GLU R 67 81.15 46.62 -55.62
N SER R 68 82.05 45.72 -55.23
CA SER R 68 82.30 45.49 -53.81
C SER R 68 82.98 46.69 -53.20
N VAL R 69 82.65 46.98 -51.94
CA VAL R 69 83.08 48.20 -51.26
C VAL R 69 83.98 47.81 -50.11
N GLN R 70 85.20 48.34 -50.10
CA GLN R 70 86.17 48.02 -49.06
C GLN R 70 85.89 48.85 -47.82
N TRP R 71 85.73 48.18 -46.69
CA TRP R 71 85.42 48.81 -45.41
C TRP R 71 86.66 48.76 -44.53
N GLU R 72 87.31 49.91 -44.37
CA GLU R 72 88.51 50.03 -43.56
C GLU R 72 88.15 50.49 -42.15
N LYS R 73 89.16 50.78 -41.33
CA LYS R 73 88.92 51.26 -39.97
C LYS R 73 88.37 52.69 -39.96
N THR R 74 88.63 53.46 -41.02
CA THR R 74 88.28 54.88 -41.05
C THR R 74 87.13 55.18 -42.01
N SER R 75 86.39 54.16 -42.43
CA SER R 75 85.27 54.38 -43.34
C SER R 75 84.07 54.91 -42.55
N PRO R 76 83.49 56.04 -42.96
CA PRO R 76 82.34 56.59 -42.22
C PRO R 76 80.99 56.07 -42.69
N GLY R 77 80.90 55.61 -43.94
CA GLY R 77 79.65 55.09 -44.45
C GLY R 77 79.54 55.27 -45.94
N TRP R 78 78.40 54.85 -46.47
CA TRP R 78 78.11 54.93 -47.90
C TRP R 78 76.61 55.17 -48.08
N TRP R 79 76.24 55.63 -49.27
CA TRP R 79 74.83 55.60 -49.64
C TRP R 79 74.69 55.42 -51.15
N TRP R 80 73.64 54.70 -51.53
CA TRP R 80 73.22 54.55 -52.91
C TRP R 80 71.81 55.11 -53.02
N LYS R 81 71.51 55.78 -54.13
CA LYS R 81 70.15 56.25 -54.39
C LYS R 81 69.58 55.48 -55.57
N PHE R 82 68.58 54.71 -55.30
CA PHE R 82 67.71 53.89 -56.12
C PHE R 82 66.43 54.66 -56.43
N PRO R 83 65.71 54.34 -57.51
CA PRO R 83 65.89 53.27 -58.49
C PRO R 83 67.03 53.49 -59.48
N GLU R 84 67.55 54.71 -59.55
CA GLU R 84 68.46 55.06 -60.63
C GLU R 84 69.90 54.68 -60.34
N ALA R 85 70.17 54.02 -59.22
CA ALA R 85 71.48 53.41 -59.04
C ALA R 85 71.69 52.27 -60.03
N LEU R 86 70.59 51.68 -60.52
CA LEU R 86 70.60 50.62 -61.53
C LEU R 86 70.39 51.18 -62.94
N LYS R 87 70.75 52.43 -63.19
CA LYS R 87 70.42 53.05 -64.47
C LYS R 87 71.29 52.54 -65.61
N ASN R 88 72.41 51.89 -65.31
CA ASN R 88 73.26 51.28 -66.31
C ASN R 88 73.33 49.76 -66.15
N MET R 89 72.37 49.17 -65.43
CA MET R 89 72.41 47.75 -65.11
C MET R 89 71.44 47.01 -66.02
N GLY R 90 71.90 46.71 -67.24
CA GLY R 90 71.23 45.72 -68.06
C GLY R 90 69.88 46.20 -68.58
N LEU R 91 68.93 45.25 -68.62
CA LEU R 91 67.60 45.56 -69.14
C LEU R 91 66.82 46.47 -68.20
N PHE R 92 67.04 46.35 -66.89
CA PHE R 92 66.38 47.27 -65.97
C PHE R 92 66.86 48.70 -66.17
N GLY R 93 68.16 48.87 -66.43
CA GLY R 93 68.68 50.19 -66.73
C GLY R 93 68.39 50.66 -68.13
N GLN R 94 67.92 49.77 -69.00
CA GLN R 94 67.52 50.16 -70.34
C GLN R 94 66.02 50.41 -70.46
N ASN R 95 65.19 49.70 -69.69
CA ASN R 95 63.78 50.03 -69.64
C ASN R 95 63.49 51.34 -68.92
N MET R 96 64.48 51.90 -68.23
CA MET R 96 64.30 53.23 -67.65
C MET R 96 64.29 54.30 -68.73
N HIS R 97 64.96 54.06 -69.86
CA HIS R 97 65.03 55.04 -70.93
C HIS R 97 63.86 54.96 -71.91
N TYR R 98 63.17 53.82 -71.99
CA TYR R 98 62.07 53.68 -72.92
C TYR R 98 60.70 53.90 -72.30
N HIS R 99 60.55 53.65 -71.01
CA HIS R 99 59.34 53.92 -70.27
C HIS R 99 59.61 55.04 -69.28
N TYR R 100 58.70 56.01 -69.19
CA TYR R 100 58.88 57.14 -68.29
C TYR R 100 58.10 56.98 -66.99
N LEU R 101 57.54 55.80 -66.74
CA LEU R 101 56.84 55.48 -65.51
C LEU R 101 57.17 54.06 -65.11
N GLY R 102 57.31 53.82 -63.81
CA GLY R 102 57.63 52.47 -63.35
C GLY R 102 57.63 52.36 -61.85
N ARG R 103 57.80 51.13 -61.37
CA ARG R 103 57.81 50.79 -59.96
C ARG R 103 58.43 49.41 -59.81
N ALA R 104 59.03 49.15 -58.65
CA ALA R 104 59.70 47.87 -58.40
C ALA R 104 59.84 47.65 -56.90
N GLY R 105 60.48 46.54 -56.52
CA GLY R 105 60.53 46.10 -55.14
C GLY R 105 61.90 46.00 -54.48
N TYR R 106 62.92 45.61 -55.24
CA TYR R 106 64.33 45.73 -54.85
C TYR R 106 64.64 44.93 -53.58
N THR R 107 64.74 43.62 -53.74
CA THR R 107 65.36 42.79 -52.71
C THR R 107 66.86 43.08 -52.68
N ILE R 108 67.36 43.50 -51.51
CA ILE R 108 68.72 43.97 -51.37
C ILE R 108 69.47 43.05 -50.42
N HIS R 109 70.39 42.25 -50.95
CA HIS R 109 71.29 41.45 -50.14
C HIS R 109 72.57 42.23 -49.89
N VAL R 110 73.07 42.18 -48.65
CA VAL R 110 74.31 42.84 -48.27
C VAL R 110 75.14 41.83 -47.48
N GLN R 111 76.10 41.21 -48.14
CA GLN R 111 77.08 40.37 -47.47
C GLN R 111 78.28 41.22 -47.03
N CYS R 112 79.12 40.62 -46.18
CA CYS R 112 80.32 41.28 -45.69
C CYS R 112 81.55 40.38 -45.72
N ASN R 113 81.38 39.06 -45.77
CA ASN R 113 82.43 38.04 -45.86
C ASN R 113 83.74 38.45 -45.20
N ALA R 114 83.66 38.93 -43.96
CA ALA R 114 84.85 39.18 -43.17
C ALA R 114 85.36 37.86 -42.60
N SER R 115 86.42 37.93 -41.81
CA SER R 115 86.97 36.74 -41.19
C SER R 115 86.33 36.52 -39.82
N LYS R 116 86.97 35.69 -39.01
CA LYS R 116 86.50 35.40 -37.66
C LYS R 116 87.19 36.27 -36.63
N PHE R 117 88.30 36.91 -37.00
CA PHE R 117 89.04 37.79 -36.11
C PHE R 117 88.73 39.26 -36.35
N HIS R 118 88.00 39.59 -37.41
CA HIS R 118 87.52 40.95 -37.60
C HIS R 118 86.32 41.22 -36.70
N GLN R 119 86.17 42.48 -36.30
CA GLN R 119 85.04 42.89 -35.50
C GLN R 119 84.47 44.18 -36.06
N GLY R 120 83.18 44.39 -35.83
CA GLY R 120 82.52 45.58 -36.32
C GLY R 120 81.03 45.37 -36.36
N CYS R 121 80.33 46.42 -36.81
CA CYS R 121 78.88 46.41 -36.87
C CYS R 121 78.42 47.44 -37.89
N LEU R 122 77.42 47.07 -38.69
CA LEU R 122 76.87 47.92 -39.73
C LEU R 122 75.38 48.14 -39.50
N LEU R 123 74.91 49.31 -39.90
CA LEU R 123 73.49 49.59 -40.03
C LEU R 123 73.15 49.61 -41.51
N VAL R 124 72.34 48.66 -41.96
CA VAL R 124 71.89 48.58 -43.34
C VAL R 124 70.43 49.02 -43.35
N VAL R 125 70.20 50.25 -43.79
CA VAL R 125 68.89 50.89 -43.72
C VAL R 125 68.58 51.50 -45.09
N CYS R 126 67.30 51.65 -45.37
CA CYS R 126 66.85 51.97 -46.72
C CYS R 126 66.28 53.37 -46.89
N VAL R 127 65.67 53.94 -45.85
CA VAL R 127 65.33 55.36 -45.78
C VAL R 127 64.58 55.81 -47.03
N PRO R 128 63.27 55.54 -47.13
CA PRO R 128 62.51 56.10 -48.27
C PRO R 128 62.44 57.62 -48.18
N GLU R 129 62.59 58.27 -49.34
CA GLU R 129 62.50 59.73 -49.47
C GLU R 129 63.55 60.43 -48.62
N ALA R 130 64.82 60.08 -48.84
CA ALA R 130 65.92 60.73 -48.14
C ALA R 130 66.28 62.01 -48.88
N GLU R 131 65.60 63.10 -48.53
CA GLU R 131 65.94 64.42 -49.05
C GLU R 131 67.13 64.96 -48.27
N MET R 132 68.27 65.07 -48.92
CA MET R 132 69.51 65.44 -48.25
C MET R 132 69.76 66.94 -48.38
N GLY R 133 70.59 67.46 -47.48
CA GLY R 133 70.83 68.88 -47.37
C GLY R 133 72.20 69.27 -47.92
N CYS R 134 72.28 70.49 -48.45
CA CYS R 134 73.52 70.98 -49.02
C CYS R 134 74.54 71.29 -47.93
N ALA R 135 75.81 71.30 -48.31
CA ALA R 135 76.88 71.41 -47.33
C ALA R 135 76.99 72.82 -46.77
N ASP R 136 76.99 73.82 -47.64
CA ASP R 136 76.88 75.23 -47.24
C ASP R 136 75.50 75.73 -47.65
N THR R 137 74.62 75.92 -46.67
CA THR R 137 73.26 76.33 -46.97
C THR R 137 73.22 77.76 -47.50
N ASP R 138 72.07 78.10 -48.11
CA ASP R 138 71.74 79.24 -48.97
C ASP R 138 71.96 78.94 -50.44
N THR R 139 72.26 77.68 -50.78
CA THR R 139 72.48 77.31 -52.17
C THR R 139 72.14 75.84 -52.36
N THR R 140 72.22 75.37 -53.61
CA THR R 140 71.92 74.00 -53.98
C THR R 140 73.19 73.31 -54.49
N PHE R 141 73.06 72.02 -54.79
CA PHE R 141 74.16 71.20 -55.30
C PHE R 141 73.88 70.77 -56.75
N PRO R 142 74.94 70.49 -57.53
CA PRO R 142 74.78 70.29 -58.98
C PRO R 142 74.25 68.93 -59.41
N ALA R 143 73.51 68.23 -58.55
CA ALA R 143 72.70 67.07 -58.94
C ALA R 143 73.54 65.85 -59.28
N THR R 144 74.85 66.02 -59.48
CA THR R 144 75.77 64.90 -59.62
C THR R 144 76.46 64.58 -58.31
N GLU R 145 76.04 65.23 -57.23
CA GLU R 145 76.58 64.97 -55.90
C GLU R 145 75.71 64.01 -55.10
N LEU R 146 74.43 63.85 -55.45
CA LEU R 146 73.60 62.86 -54.80
C LEU R 146 73.93 61.45 -55.26
N THR R 147 74.21 61.27 -56.56
CA THR R 147 74.37 59.93 -57.10
C THR R 147 75.47 59.90 -58.15
N THR R 148 76.23 58.81 -58.14
CA THR R 148 77.18 58.47 -59.20
C THR R 148 76.82 57.04 -59.57
N GLU R 149 75.67 56.89 -60.24
CA GLU R 149 75.02 55.63 -60.56
C GLU R 149 75.46 54.45 -59.69
N ASP R 150 76.38 53.64 -60.22
CA ASP R 150 76.79 52.42 -59.53
C ASP R 150 77.62 52.72 -58.29
N THR R 151 78.54 53.69 -58.36
CA THR R 151 79.45 53.84 -57.23
C THR R 151 78.79 54.63 -56.09
N PRO R 152 79.15 54.31 -54.84
CA PRO R 152 78.53 54.99 -53.70
C PRO R 152 79.22 56.30 -53.33
N HIS R 153 78.41 57.27 -52.94
CA HIS R 153 78.94 58.44 -52.25
C HIS R 153 79.18 58.10 -50.79
N VAL R 154 80.40 58.34 -50.32
CA VAL R 154 80.72 58.08 -48.93
C VAL R 154 80.21 59.23 -48.07
N PHE R 155 80.00 58.93 -46.79
CA PHE R 155 79.80 59.99 -45.81
C PHE R 155 81.14 60.59 -45.45
N THR R 156 81.13 61.55 -44.52
CA THR R 156 82.35 62.09 -43.97
C THR R 156 82.28 62.02 -42.45
N SER R 157 83.44 62.10 -41.81
CA SER R 157 83.50 62.03 -40.35
C SER R 157 83.22 63.36 -39.70
N ASP R 158 83.44 64.47 -40.40
CA ASP R 158 83.18 65.80 -39.86
C ASP R 158 82.43 66.64 -40.88
N SER R 159 82.24 67.93 -40.58
CA SER R 159 81.51 68.81 -41.48
C SER R 159 82.37 69.18 -42.67
N ILE R 160 81.70 69.42 -43.80
CA ILE R 160 82.36 69.80 -45.05
C ILE R 160 81.64 71.01 -45.63
N THR R 161 82.33 71.71 -46.53
CA THR R 161 81.79 72.86 -47.22
C THR R 161 81.85 72.64 -48.73
N GLY R 162 81.26 73.56 -49.47
CA GLY R 162 81.18 73.44 -50.91
C GLY R 162 79.79 73.01 -51.37
N LYS R 163 79.56 73.17 -52.68
CA LYS R 163 78.25 72.90 -53.27
C LYS R 163 78.11 71.39 -53.46
N LYS R 164 77.86 70.71 -52.34
CA LYS R 164 77.65 69.27 -52.36
C LYS R 164 76.84 68.88 -51.13
N VAL R 165 76.62 67.58 -50.96
CA VAL R 165 75.76 67.09 -49.90
C VAL R 165 76.49 67.15 -48.58
N GLN R 166 75.80 67.64 -47.55
CA GLN R 166 76.36 67.61 -46.20
C GLN R 166 76.39 66.15 -45.74
N ALA R 167 77.52 65.47 -46.00
CA ALA R 167 77.63 64.04 -45.80
C ALA R 167 78.32 63.69 -44.48
N ALA R 168 78.16 64.51 -43.46
CA ALA R 168 78.69 64.17 -42.15
C ALA R 168 77.76 63.19 -41.45
N VAL R 169 78.33 62.08 -40.97
CA VAL R 169 77.57 61.20 -40.09
C VAL R 169 77.31 61.93 -38.77
N CYS R 170 76.37 61.37 -37.99
CA CYS R 170 75.61 61.95 -36.88
C CYS R 170 74.51 62.85 -37.41
N ASN R 171 74.53 63.22 -38.68
CA ASN R 171 73.47 63.98 -39.33
C ASN R 171 73.36 63.51 -40.78
N ALA R 172 73.10 62.21 -40.95
CA ALA R 172 73.45 61.42 -42.14
C ALA R 172 73.29 62.20 -43.43
N GLY R 173 72.05 62.48 -43.83
CA GLY R 173 71.80 63.40 -44.90
C GLY R 173 70.72 64.42 -44.60
N MET R 174 69.81 64.06 -43.70
CA MET R 174 68.52 64.72 -43.58
C MET R 174 68.43 65.65 -42.37
N GLY R 175 69.49 65.77 -41.58
CA GLY R 175 69.43 66.58 -40.38
C GLY R 175 68.82 65.87 -39.19
N VAL R 176 68.76 64.56 -39.22
CA VAL R 176 68.28 63.78 -38.10
C VAL R 176 69.46 63.17 -37.38
N GLY R 177 69.22 62.62 -36.19
CA GLY R 177 70.25 61.86 -35.53
C GLY R 177 70.49 60.54 -36.24
N VAL R 178 71.76 60.17 -36.39
CA VAL R 178 72.07 58.95 -37.13
C VAL R 178 71.84 57.71 -36.27
N GLY R 179 71.77 57.86 -34.96
CA GLY R 179 71.51 56.70 -34.11
C GLY R 179 70.09 56.21 -34.24
N ASN R 180 69.12 57.12 -34.21
CA ASN R 180 67.72 56.75 -34.38
C ASN R 180 67.30 56.80 -35.84
N LEU R 181 68.15 56.21 -36.69
CA LEU R 181 67.81 55.95 -38.08
C LEU R 181 67.26 54.53 -38.24
N THR R 182 66.96 53.89 -37.12
CA THR R 182 66.50 52.51 -37.05
C THR R 182 64.99 52.40 -37.27
N ILE R 183 64.29 53.54 -37.39
CA ILE R 183 62.85 53.54 -37.61
C ILE R 183 62.49 52.98 -38.98
N PHE R 184 63.43 53.01 -39.92
CA PHE R 184 63.19 52.54 -41.28
C PHE R 184 63.43 51.04 -41.37
N PRO R 185 63.11 50.42 -42.52
CA PRO R 185 63.51 49.03 -42.72
C PRO R 185 65.01 48.86 -42.65
N HIS R 186 65.49 48.17 -41.61
CA HIS R 186 66.90 48.10 -41.31
C HIS R 186 67.31 46.66 -41.02
N GLN R 187 68.61 46.46 -40.89
CA GLN R 187 69.19 45.19 -40.47
C GLN R 187 70.59 45.45 -39.98
N TRP R 188 70.93 44.92 -38.80
CA TRP R 188 72.28 45.03 -38.27
C TRP R 188 73.14 43.90 -38.80
N ILE R 189 74.36 44.23 -39.19
CA ILE R 189 75.33 43.20 -39.56
C ILE R 189 76.45 43.23 -38.53
N ASN R 190 76.30 42.43 -37.48
CA ASN R 190 77.33 42.29 -36.45
C ASN R 190 78.25 41.15 -36.85
N LEU R 191 79.51 41.46 -37.13
CA LEU R 191 80.44 40.46 -37.63
C LEU R 191 80.72 39.39 -36.58
N ARG R 192 80.41 39.65 -35.32
CA ARG R 192 80.48 38.62 -34.30
C ARG R 192 79.52 37.47 -34.60
N THR R 193 78.28 37.80 -34.99
CA THR R 193 77.24 36.81 -35.21
C THR R 193 77.01 36.52 -36.69
N ASN R 194 76.59 37.53 -37.45
CA ASN R 194 76.15 37.33 -38.83
C ASN R 194 76.99 38.15 -39.79
N ASN R 195 76.75 37.94 -41.08
CA ASN R 195 77.43 38.66 -42.14
C ASN R 195 76.50 39.16 -43.23
N SER R 196 75.29 38.63 -43.34
CA SER R 196 74.41 38.93 -44.46
C SER R 196 73.16 39.66 -43.96
N ALA R 197 72.66 40.54 -44.82
CA ALA R 197 71.43 41.26 -44.58
C ALA R 197 70.58 41.19 -45.85
N THR R 198 69.26 41.22 -45.67
CA THR R 198 68.37 41.23 -46.82
C THR R 198 67.11 42.03 -46.47
N ILE R 199 66.76 42.96 -47.33
CA ILE R 199 65.67 43.90 -47.09
C ILE R 199 64.79 43.94 -48.34
N VAL R 200 63.48 43.95 -48.14
CA VAL R 200 62.52 43.99 -49.24
C VAL R 200 61.67 45.24 -49.05
N ILE R 201 61.66 46.09 -50.06
CA ILE R 201 61.13 47.45 -49.95
C ILE R 201 60.02 47.62 -50.99
N PRO R 202 58.76 47.54 -50.57
CA PRO R 202 57.63 47.32 -51.49
C PRO R 202 57.12 48.58 -52.19
N TYR R 203 58.04 49.39 -52.73
CA TYR R 203 57.70 50.58 -53.50
C TYR R 203 56.82 51.55 -52.70
N ILE R 204 57.47 52.30 -51.81
CA ILE R 204 56.79 53.33 -51.05
C ILE R 204 56.77 54.62 -51.87
N ASN R 205 55.57 55.07 -52.24
CA ASN R 205 55.40 56.32 -52.98
C ASN R 205 53.95 56.76 -52.87
N SER R 206 53.73 58.06 -53.10
CA SER R 206 52.39 58.66 -52.98
C SER R 206 51.60 58.61 -54.28
N VAL R 207 52.21 58.18 -55.38
CA VAL R 207 51.55 58.05 -56.67
C VAL R 207 51.83 56.63 -57.14
N PRO R 208 50.91 55.95 -57.83
CA PRO R 208 51.16 54.54 -58.15
C PRO R 208 52.36 54.31 -59.04
N MET R 209 52.67 55.24 -59.94
CA MET R 209 53.83 55.12 -60.82
C MET R 209 54.50 56.48 -60.93
N ASP R 210 55.82 56.49 -60.97
CA ASP R 210 56.56 57.74 -61.07
C ASP R 210 57.78 57.54 -61.96
N ASN R 211 58.31 58.65 -62.46
CA ASN R 211 59.47 58.60 -63.33
C ASN R 211 60.70 58.15 -62.54
N MET R 212 61.53 57.34 -63.18
CA MET R 212 62.66 56.70 -62.51
C MET R 212 63.94 57.52 -62.57
N PHE R 213 63.94 58.66 -63.25
CA PHE R 213 65.12 59.53 -63.26
C PHE R 213 64.94 60.78 -62.41
N ARG R 214 63.71 61.29 -62.27
CA ARG R 214 63.50 62.44 -61.41
C ARG R 214 63.54 62.05 -59.94
N HIS R 215 62.86 60.97 -59.58
CA HIS R 215 62.55 60.68 -58.18
C HIS R 215 63.36 59.49 -57.69
N TYR R 216 64.04 59.68 -56.56
CA TYR R 216 64.80 58.61 -55.91
C TYR R 216 63.89 58.04 -54.83
N ASN R 217 63.43 56.80 -55.04
CA ASN R 217 62.39 56.26 -54.17
C ASN R 217 62.92 55.98 -52.77
N PHE R 218 64.15 55.48 -52.66
CA PHE R 218 64.76 55.25 -51.36
C PHE R 218 66.27 55.37 -51.48
N THR R 219 66.94 55.38 -50.33
CA THR R 219 68.39 55.60 -50.25
C THR R 219 69.01 54.52 -49.36
N LEU R 220 69.54 53.48 -49.98
CA LEU R 220 70.25 52.45 -49.24
C LEU R 220 71.55 53.06 -48.72
N MET R 221 71.64 53.23 -47.40
CA MET R 221 72.85 53.75 -46.77
C MET R 221 73.33 52.76 -45.71
N ILE R 222 74.62 52.42 -45.78
CA ILE R 222 75.26 51.47 -44.89
C ILE R 222 76.22 52.25 -44.01
N ILE R 223 75.98 52.24 -42.70
CA ILE R 223 76.68 53.12 -41.76
C ILE R 223 77.34 52.26 -40.69
N PRO R 224 78.68 52.27 -40.58
CA PRO R 224 79.36 51.51 -39.53
C PRO R 224 79.26 52.21 -38.18
N PHE R 225 78.46 51.64 -37.28
CA PHE R 225 78.41 52.15 -35.92
C PHE R 225 79.65 51.77 -35.14
N ALA R 226 79.84 50.48 -34.91
CA ALA R 226 81.10 50.08 -34.30
C ALA R 226 82.15 49.95 -35.38
N PRO R 227 83.29 50.61 -35.26
CA PRO R 227 84.25 50.63 -36.36
C PRO R 227 84.95 49.28 -36.52
N LEU R 228 85.45 49.06 -37.72
CA LEU R 228 86.22 47.85 -37.99
C LEU R 228 87.50 47.85 -37.18
N ASN R 229 87.88 46.68 -36.67
CA ASN R 229 89.15 46.58 -35.96
C ASN R 229 89.73 45.19 -36.19
N PHE R 230 91.05 45.12 -36.16
CA PHE R 230 91.80 43.90 -36.42
C PHE R 230 93.24 44.15 -35.99
N THR R 231 94.06 43.12 -36.08
CA THR R 231 95.48 43.22 -35.74
C THR R 231 96.33 43.29 -37.00
N ASP R 232 97.63 43.30 -36.81
CA ASP R 232 98.58 43.62 -37.88
C ASP R 232 98.81 42.48 -38.85
N GLY R 233 98.03 41.40 -38.78
CA GLY R 233 98.19 40.31 -39.72
C GLY R 233 97.03 40.14 -40.68
N ALA R 234 95.86 40.64 -40.30
CA ALA R 234 94.68 40.44 -41.12
C ALA R 234 94.69 41.38 -42.33
N THR R 235 93.72 41.19 -43.22
CA THR R 235 93.56 42.10 -44.34
C THR R 235 93.00 43.42 -43.85
N ALA R 236 93.52 44.52 -44.41
CA ALA R 236 93.25 45.85 -43.89
C ALA R 236 91.86 46.37 -44.24
N TYR R 237 90.97 45.50 -44.72
CA TYR R 237 89.64 45.93 -45.15
C TYR R 237 88.71 44.74 -45.11
N VAL R 238 87.41 45.04 -45.25
CA VAL R 238 86.36 44.03 -45.34
C VAL R 238 85.44 44.41 -46.49
N PRO R 239 85.40 43.66 -47.58
CA PRO R 239 84.61 44.05 -48.76
C PRO R 239 83.13 43.78 -48.53
N ILE R 240 82.33 44.82 -48.70
CA ILE R 240 80.87 44.75 -48.53
C ILE R 240 80.26 44.60 -49.91
N THR R 241 79.47 43.54 -50.11
CA THR R 241 78.91 43.22 -51.41
C THR R 241 77.41 43.50 -51.41
N VAL R 242 76.96 44.30 -52.36
CA VAL R 242 75.58 44.74 -52.46
C VAL R 242 74.96 44.13 -53.70
N THR R 243 73.77 43.54 -53.55
CA THR R 243 73.08 42.84 -54.62
C THR R 243 71.60 43.23 -54.58
N ILE R 244 71.07 43.71 -55.71
CA ILE R 244 69.71 44.23 -55.79
C ILE R 244 68.96 43.42 -56.84
N ALA R 245 67.78 42.93 -56.48
CA ALA R 245 66.90 42.23 -57.41
C ALA R 245 65.60 42.99 -57.57
N PRO R 246 65.39 43.70 -58.69
CA PRO R 246 64.14 44.45 -58.86
C PRO R 246 62.95 43.53 -59.05
N MET R 247 62.07 43.45 -58.06
CA MET R 247 60.95 42.53 -58.10
C MET R 247 59.67 43.28 -58.47
N TYR R 248 58.82 42.59 -59.24
CA TYR R 248 57.49 43.11 -59.62
C TYR R 248 57.60 44.46 -60.29
N ALA R 249 58.59 44.61 -61.16
CA ALA R 249 58.77 45.83 -61.90
C ALA R 249 57.71 45.90 -62.99
N GLU R 250 56.95 46.99 -63.03
CA GLU R 250 56.00 47.20 -64.10
C GLU R 250 56.05 48.65 -64.55
N TYR R 251 55.70 48.86 -65.81
CA TYR R 251 55.98 50.10 -66.54
C TYR R 251 54.69 50.54 -67.19
N ASN R 252 54.75 51.62 -67.96
CA ASN R 252 53.56 52.05 -68.68
C ASN R 252 53.43 51.27 -69.99
N GLY R 253 52.31 51.47 -70.67
CA GLY R 253 52.08 50.80 -71.94
C GLY R 253 52.55 51.68 -73.09
N LEU R 254 53.11 51.03 -74.11
CA LEU R 254 53.58 51.72 -75.30
C LEU R 254 52.68 51.49 -76.51
N ARG R 255 51.82 50.49 -76.46
CA ARG R 255 50.91 50.15 -77.54
C ARG R 255 49.67 51.04 -77.49
N LEU R 256 48.95 51.07 -78.60
CA LEU R 256 47.68 51.77 -78.64
C LEU R 256 46.60 50.91 -77.98
N ALA R 257 45.44 51.53 -77.76
CA ALA R 257 44.31 50.80 -77.18
C ALA R 257 43.18 50.69 -78.20
N GLY S 1 9.69 80.88 -35.82
CA GLY S 1 10.03 79.47 -35.89
C GLY S 1 10.38 78.85 -34.55
N VAL S 2 11.51 78.15 -34.50
CA VAL S 2 11.95 77.47 -33.28
C VAL S 2 12.54 78.48 -32.32
N PRO S 3 12.00 78.62 -31.10
CA PRO S 3 12.59 79.57 -30.15
C PRO S 3 13.91 79.06 -29.60
N VAL S 4 15.00 79.70 -30.00
CA VAL S 4 16.33 79.35 -29.51
C VAL S 4 16.83 80.51 -28.65
N LEU S 5 17.81 80.20 -27.79
CA LEU S 5 18.48 81.24 -27.03
C LEU S 5 19.96 80.92 -26.94
N ASN S 6 20.79 81.91 -27.28
CA ASN S 6 22.23 81.72 -27.31
C ASN S 6 22.80 81.67 -25.90
N THR S 7 23.57 80.63 -25.63
CA THR S 7 24.24 80.45 -24.35
C THR S 7 25.48 81.31 -24.30
N PRO S 8 26.10 81.46 -23.12
CA PRO S 8 27.46 81.97 -23.09
C PRO S 8 28.40 81.05 -23.84
N GLY S 9 29.26 81.63 -24.66
CA GLY S 9 30.10 80.86 -25.57
C GLY S 9 29.65 80.84 -27.01
N SER S 10 28.62 81.63 -27.36
CA SER S 10 28.20 81.77 -28.75
C SER S 10 29.04 82.85 -29.42
N ASN S 11 29.27 82.67 -30.72
CA ASN S 11 30.02 83.64 -31.53
C ASN S 11 31.44 83.84 -30.99
N GLN S 12 32.00 82.83 -30.35
CA GLN S 12 33.39 82.86 -29.93
C GLN S 12 34.18 81.88 -30.79
N PHE S 13 35.50 81.97 -30.69
CA PHE S 13 36.38 81.07 -31.41
C PHE S 13 37.28 80.37 -30.40
N LEU S 14 36.83 79.22 -29.91
CA LEU S 14 37.67 78.33 -29.14
C LEU S 14 38.63 77.61 -30.09
N THR S 15 39.92 77.66 -29.79
CA THR S 15 40.92 77.12 -30.70
C THR S 15 40.76 75.61 -30.84
N SER S 16 40.48 74.93 -29.73
CA SER S 16 40.32 73.47 -29.72
C SER S 16 38.83 73.12 -29.71
N ASP S 17 38.23 73.14 -30.90
CA ASP S 17 36.86 72.67 -31.08
C ASP S 17 36.83 71.70 -32.26
N ASP S 18 35.72 70.96 -32.36
CA ASP S 18 35.56 69.91 -33.36
C ASP S 18 34.23 70.08 -34.09
N TYR S 19 33.98 71.29 -34.57
CA TYR S 19 32.72 71.62 -35.23
C TYR S 19 32.80 71.30 -36.73
N GLN S 20 31.64 71.22 -37.35
CA GLN S 20 31.54 70.89 -38.77
C GLN S 20 31.88 72.13 -39.59
N SER S 21 33.07 72.15 -40.17
CA SER S 21 33.50 73.29 -40.96
C SER S 21 32.76 73.28 -42.31
N PRO S 22 32.20 74.40 -42.75
CA PRO S 22 31.55 74.43 -44.06
C PRO S 22 32.60 74.32 -45.16
N SER S 23 32.47 73.31 -46.01
CA SER S 23 33.49 73.01 -46.99
C SER S 23 33.45 74.03 -48.12
N ALA S 24 34.63 74.53 -48.51
CA ALA S 24 34.71 75.57 -49.53
C ALA S 24 34.52 75.00 -50.93
N MET S 25 34.87 73.73 -51.14
CA MET S 25 34.78 73.12 -52.46
C MET S 25 33.87 71.90 -52.34
N PRO S 26 32.54 72.10 -52.40
CA PRO S 26 31.60 70.99 -52.15
C PRO S 26 31.47 70.08 -53.36
N GLN S 27 31.52 70.68 -54.55
CA GLN S 27 31.44 69.90 -55.78
C GLN S 27 32.66 68.99 -55.91
N PHE S 28 33.81 69.48 -55.42
CA PHE S 28 35.09 68.79 -55.59
C PHE S 28 35.08 67.42 -54.92
N ASP S 29 35.43 66.39 -55.68
CA ASP S 29 35.58 65.03 -55.16
C ASP S 29 37.05 64.66 -55.11
N GLU S 30 37.55 64.37 -53.91
CA GLU S 30 38.96 64.16 -53.65
C GLU S 30 39.47 62.83 -54.23
N THR S 31 40.79 62.74 -54.35
CA THR S 31 41.43 61.59 -54.98
C THR S 31 41.21 60.33 -54.16
N PRO S 32 40.94 59.19 -54.81
CA PRO S 32 40.76 57.94 -54.05
C PRO S 32 42.02 57.53 -53.33
N GLU S 33 41.83 56.94 -52.14
CA GLU S 33 42.95 56.57 -51.28
C GLU S 33 43.50 55.22 -51.72
N MET S 34 44.73 55.21 -52.22
CA MET S 34 45.41 53.95 -52.48
C MET S 34 46.05 53.45 -51.19
N HIS S 35 46.45 52.18 -51.21
CA HIS S 35 47.16 51.60 -50.09
C HIS S 35 48.64 51.95 -50.19
N ILE S 36 49.15 52.72 -49.24
CA ILE S 36 50.56 53.06 -49.14
C ILE S 36 51.16 52.27 -47.99
N PRO S 37 52.30 51.60 -48.17
CA PRO S 37 52.85 50.76 -47.11
C PRO S 37 53.34 51.57 -45.92
N GLY S 38 53.13 51.03 -44.73
CA GLY S 38 53.70 51.60 -43.52
C GLY S 38 52.87 52.70 -42.92
N GLU S 39 51.62 52.41 -42.58
CA GLU S 39 50.74 53.41 -41.97
C GLU S 39 51.00 53.50 -40.48
N VAL S 40 51.00 54.72 -39.96
CA VAL S 40 51.06 54.97 -38.53
C VAL S 40 49.65 55.34 -38.08
N ARG S 41 49.17 54.64 -37.04
CA ARG S 41 47.86 54.89 -36.48
C ARG S 41 47.94 55.33 -35.03
N ASN S 42 49.15 55.46 -34.49
CA ASN S 42 49.38 55.80 -33.09
C ASN S 42 50.84 56.17 -32.94
N LEU S 43 51.11 57.24 -32.18
CA LEU S 43 52.48 57.71 -32.04
C LEU S 43 53.36 56.70 -31.30
N MET S 44 52.80 56.01 -30.30
CA MET S 44 53.58 55.06 -29.53
C MET S 44 54.01 53.85 -30.34
N GLU S 45 53.71 53.79 -31.63
CA GLU S 45 54.33 52.82 -32.52
C GLU S 45 55.72 53.27 -32.96
N ILE S 46 56.07 54.54 -32.74
CA ILE S 46 57.42 55.02 -33.00
C ILE S 46 58.31 54.76 -31.79
N ALA S 47 57.76 54.88 -30.58
CA ALA S 47 58.53 54.65 -29.37
C ALA S 47 58.92 53.20 -29.19
N GLU S 48 58.18 52.27 -29.79
CA GLU S 48 58.47 50.84 -29.66
C GLU S 48 59.60 50.38 -30.56
N VAL S 49 60.16 51.25 -31.38
CA VAL S 49 61.26 50.89 -32.27
C VAL S 49 62.58 51.13 -31.54
N ASP S 50 63.44 50.12 -31.52
CA ASP S 50 64.76 50.27 -30.95
C ASP S 50 65.57 51.29 -31.74
N SER S 51 66.44 52.00 -31.03
CA SER S 51 67.34 52.95 -31.68
C SER S 51 68.57 53.14 -30.78
N VAL S 52 69.68 53.48 -31.41
CA VAL S 52 70.97 53.46 -30.71
C VAL S 52 71.04 54.66 -29.77
N VAL S 53 71.55 54.42 -28.57
CA VAL S 53 71.55 55.39 -27.49
C VAL S 53 72.97 55.92 -27.31
N PRO S 54 73.20 57.23 -27.43
CA PRO S 54 74.56 57.78 -27.27
C PRO S 54 75.00 57.83 -25.81
N VAL S 55 75.53 56.70 -25.34
CA VAL S 55 75.95 56.62 -23.95
C VAL S 55 77.27 57.35 -23.75
N ASN S 56 78.18 57.27 -24.73
CA ASN S 56 79.50 57.91 -24.64
C ASN S 56 79.43 59.33 -25.21
N ASN S 57 78.52 60.12 -24.65
CA ASN S 57 78.34 61.51 -25.09
C ASN S 57 79.19 62.48 -24.27
N VAL S 58 80.48 62.21 -24.17
CA VAL S 58 81.38 63.07 -23.42
C VAL S 58 81.69 64.33 -24.25
N THR S 59 82.41 65.27 -23.63
CA THR S 59 82.42 66.66 -24.10
C THR S 59 82.94 66.82 -25.53
N GLY S 60 83.69 65.87 -26.06
CA GLY S 60 84.28 66.04 -27.37
C GLY S 60 83.90 64.99 -28.38
N LYS S 61 82.91 64.16 -28.05
CA LYS S 61 82.59 62.98 -28.84
C LYS S 61 81.09 62.93 -29.15
N THR S 62 80.46 64.09 -29.34
CA THR S 62 79.03 64.15 -29.61
C THR S 62 78.68 64.56 -31.03
N LYS S 63 79.62 65.13 -31.78
CA LYS S 63 79.40 65.42 -33.19
C LYS S 63 79.95 64.35 -34.11
N SER S 64 80.53 63.29 -33.56
CA SER S 64 80.95 62.12 -34.31
C SER S 64 80.10 60.93 -33.89
N MET S 65 80.36 59.78 -34.51
CA MET S 65 79.68 58.54 -34.14
C MET S 65 80.43 57.77 -33.07
N ASP S 66 81.33 58.45 -32.34
CA ASP S 66 81.90 57.87 -31.13
C ASP S 66 80.99 58.07 -29.93
N ALA S 67 79.88 58.79 -30.09
CA ALA S 67 78.91 58.94 -29.02
C ALA S 67 78.18 57.63 -28.73
N TYR S 68 77.99 56.81 -29.75
CA TYR S 68 77.19 55.59 -29.63
C TYR S 68 78.00 54.40 -29.14
N GLN S 69 79.32 54.52 -29.06
CA GLN S 69 80.21 53.39 -28.84
C GLN S 69 80.69 53.41 -27.39
N ILE S 70 80.42 52.34 -26.66
CA ILE S 70 80.88 52.19 -25.28
C ILE S 70 82.20 51.42 -25.32
N PRO S 71 83.33 52.03 -25.00
CA PRO S 71 84.61 51.33 -25.11
C PRO S 71 84.77 50.29 -24.00
N VAL S 72 85.11 49.07 -24.40
CA VAL S 72 85.32 47.96 -23.47
C VAL S 72 86.69 47.36 -23.77
N GLY S 73 87.59 47.41 -22.79
CA GLY S 73 88.94 46.93 -22.98
C GLY S 73 89.89 48.01 -23.47
N ASP S 78 91.36 48.81 -15.59
CA ASP S 78 90.81 49.26 -14.32
C ASP S 78 89.43 48.66 -14.08
N LYS S 79 89.33 47.78 -13.08
CA LYS S 79 88.09 47.12 -12.73
C LYS S 79 87.40 47.77 -11.53
N THR S 80 87.90 48.91 -11.06
CA THR S 80 87.36 49.55 -9.87
C THR S 80 86.30 50.60 -10.17
N LYS S 81 86.27 51.14 -11.39
CA LYS S 81 85.25 52.10 -11.76
C LYS S 81 84.39 51.53 -12.88
N PRO S 82 83.10 51.86 -12.90
CA PRO S 82 82.20 51.22 -13.86
C PRO S 82 82.48 51.65 -15.29
N ILE S 83 81.99 50.85 -16.24
CA ILE S 83 82.18 51.15 -17.65
C ILE S 83 81.37 52.37 -18.04
N PHE S 84 80.07 52.33 -17.77
CA PHE S 84 79.19 53.46 -18.03
C PHE S 84 78.10 53.48 -16.97
N SER S 85 77.38 54.60 -16.93
CA SER S 85 76.33 54.83 -15.94
C SER S 85 75.49 56.02 -16.37
N PHE S 86 74.17 55.92 -16.30
CA PHE S 86 73.33 57.04 -16.69
C PHE S 86 71.97 56.95 -16.00
N GLN S 87 71.35 58.12 -15.82
CA GLN S 87 69.97 58.18 -15.34
C GLN S 87 69.04 57.40 -16.26
N MET S 88 68.05 56.75 -15.66
CA MET S 88 67.08 55.99 -16.43
C MET S 88 65.77 56.77 -16.46
N ASP S 89 65.75 57.82 -17.28
CA ASP S 89 64.54 58.57 -17.57
C ASP S 89 64.65 59.25 -18.93
N PRO S 90 63.76 58.93 -19.87
CA PRO S 90 63.91 59.47 -21.23
C PRO S 90 63.71 60.98 -21.34
N GLY S 91 63.19 61.63 -20.30
CA GLY S 91 63.14 63.08 -20.25
C GLY S 91 64.18 63.61 -19.28
N TYR S 92 64.73 64.79 -19.61
CA TYR S 92 65.69 65.48 -18.74
C TYR S 92 66.92 64.61 -18.46
N SER S 93 67.32 63.79 -19.43
CA SER S 93 68.54 62.99 -19.31
C SER S 93 69.29 63.08 -20.63
N SER S 94 70.57 63.46 -20.57
CA SER S 94 71.33 63.73 -21.78
C SER S 94 71.48 62.49 -22.65
N VAL S 95 71.43 61.30 -22.05
CA VAL S 95 71.67 60.07 -22.79
C VAL S 95 70.42 59.63 -23.53
N LEU S 96 69.25 59.75 -22.90
CA LEU S 96 68.01 59.17 -23.41
C LEU S 96 66.99 60.21 -23.89
N LYS S 97 67.42 61.46 -24.11
CA LYS S 97 66.47 62.51 -24.46
C LYS S 97 66.30 62.69 -25.96
N ARG S 98 67.26 62.22 -26.78
CA ARG S 98 67.14 62.36 -28.21
C ARG S 98 66.94 61.01 -28.90
N THR S 99 66.64 59.97 -28.12
CA THR S 99 66.22 58.69 -28.64
C THR S 99 64.81 58.80 -29.23
N LEU S 100 64.47 57.86 -30.12
CA LEU S 100 63.09 57.78 -30.58
C LEU S 100 62.12 57.64 -29.42
N LEU S 101 62.50 56.86 -28.41
CA LEU S 101 61.72 56.83 -27.18
C LEU S 101 61.71 58.20 -26.51
N GLY S 102 62.88 58.77 -26.28
CA GLY S 102 62.96 60.01 -25.52
C GLY S 102 62.52 61.24 -26.26
N GLU S 103 62.29 61.14 -27.58
CA GLU S 103 61.89 62.29 -28.36
C GLU S 103 60.38 62.34 -28.60
N MET S 104 59.72 61.19 -28.59
CA MET S 104 58.27 61.18 -28.68
C MET S 104 57.63 61.36 -27.30
N LEU S 105 58.44 61.36 -26.25
CA LEU S 105 58.02 61.63 -24.88
C LEU S 105 58.21 63.07 -24.46
N ASN S 106 58.94 63.89 -25.24
CA ASN S 106 59.03 65.31 -24.94
C ASN S 106 57.90 66.12 -25.53
N TYR S 107 57.04 65.49 -26.35
CA TYR S 107 55.79 66.09 -26.78
C TYR S 107 54.71 66.00 -25.73
N TYR S 108 55.00 65.41 -24.57
CA TYR S 108 53.97 65.15 -23.58
C TYR S 108 54.50 65.46 -22.19
N ALA S 109 53.58 65.85 -21.30
CA ALA S 109 53.92 66.18 -19.93
C ALA S 109 53.73 65.01 -18.97
N HIS S 110 52.66 64.23 -19.12
CA HIS S 110 52.42 63.07 -18.28
C HIS S 110 52.66 61.82 -19.10
N TRP S 111 53.66 61.03 -18.72
CA TRP S 111 53.88 59.74 -19.34
C TRP S 111 54.37 58.76 -18.30
N SER S 112 54.03 57.48 -18.49
CA SER S 112 54.36 56.45 -17.52
C SER S 112 54.38 55.10 -18.23
N GLY S 113 55.41 54.31 -17.95
CA GLY S 113 55.53 53.01 -18.57
C GLY S 113 56.89 52.41 -18.25
N SER S 114 57.21 51.37 -19.00
CA SER S 114 58.49 50.69 -18.86
C SER S 114 59.31 50.88 -20.13
N VAL S 115 60.59 50.54 -20.03
CA VAL S 115 61.57 50.76 -21.08
C VAL S 115 62.57 49.62 -21.08
N LYS S 116 62.78 49.03 -22.25
CA LYS S 116 63.70 47.91 -22.40
C LYS S 116 65.00 48.38 -23.03
N LEU S 117 66.10 47.77 -22.62
CA LEU S 117 67.43 48.15 -23.10
C LEU S 117 68.13 46.91 -23.64
N THR S 118 68.69 47.03 -24.83
CA THR S 118 69.43 45.95 -25.47
C THR S 118 70.89 46.36 -25.58
N PHE S 119 71.80 45.51 -25.11
CA PHE S 119 73.23 45.77 -25.16
C PHE S 119 73.85 44.82 -26.18
N LEU S 120 74.11 45.35 -27.37
CA LEU S 120 74.72 44.58 -28.45
C LEU S 120 76.23 44.71 -28.34
N PHE S 121 76.91 43.60 -28.06
CA PHE S 121 78.37 43.57 -27.99
C PHE S 121 78.93 43.47 -29.41
N CYS S 122 79.61 44.53 -29.85
CA CYS S 122 80.13 44.62 -31.21
C CYS S 122 81.64 44.35 -31.25
N GLY S 123 82.11 43.36 -30.48
CA GLY S 123 83.49 42.94 -30.51
C GLY S 123 83.70 41.77 -31.44
N SER S 124 84.84 41.10 -31.25
CA SER S 124 85.19 39.99 -32.13
C SER S 124 84.35 38.77 -31.79
N ALA S 125 84.40 37.78 -32.68
CA ALA S 125 83.74 36.51 -32.42
C ALA S 125 84.58 35.59 -31.55
N MET S 126 85.77 36.02 -31.18
CA MET S 126 86.67 35.25 -30.32
C MET S 126 86.88 35.89 -28.95
N ALA S 127 86.47 37.14 -28.77
CA ALA S 127 86.65 37.81 -27.49
C ALA S 127 85.62 37.29 -26.50
N THR S 128 86.05 37.06 -25.26
CA THR S 128 85.20 36.45 -24.25
C THR S 128 85.45 37.12 -22.92
N GLY S 129 84.36 37.51 -22.25
CA GLY S 129 84.46 38.12 -20.94
C GLY S 129 83.08 38.19 -20.32
N LYS S 130 83.03 38.78 -19.13
CA LYS S 130 81.77 38.97 -18.42
C LYS S 130 81.60 40.42 -18.01
N LEU S 131 80.37 40.90 -18.13
CA LEU S 131 79.97 42.24 -17.72
C LEU S 131 78.79 42.11 -16.78
N LEU S 132 78.75 42.95 -15.75
CA LEU S 132 77.72 42.89 -14.72
C LEU S 132 76.90 44.17 -14.80
N ILE S 133 75.65 44.03 -15.24
CA ILE S 133 74.77 45.16 -15.51
C ILE S 133 73.83 45.30 -14.33
N SER S 134 74.05 46.32 -13.51
CA SER S 134 73.29 46.53 -12.28
C SER S 134 72.23 47.60 -12.49
N TYR S 135 71.12 47.44 -11.77
CA TYR S 135 70.01 48.38 -11.84
C TYR S 135 69.70 48.91 -10.46
N SER S 136 69.68 50.23 -10.32
CA SER S 136 69.28 50.71 -9.01
C SER S 136 67.85 51.22 -9.04
N PRO S 137 67.08 50.95 -8.00
CA PRO S 137 65.71 51.47 -7.93
C PRO S 137 65.73 52.99 -7.85
N PRO S 138 64.61 53.65 -8.15
CA PRO S 138 64.64 55.12 -8.29
C PRO S 138 64.99 55.87 -7.02
N GLY S 139 64.85 55.26 -5.85
CA GLY S 139 65.21 55.93 -4.62
C GLY S 139 66.62 55.63 -4.16
N ALA S 140 67.17 54.50 -4.60
CA ALA S 140 68.42 54.01 -4.06
C ALA S 140 69.60 54.81 -4.61
N SER S 141 70.74 54.69 -3.93
CA SER S 141 71.97 55.31 -4.36
C SER S 141 72.74 54.36 -5.28
N VAL S 142 73.64 54.92 -6.07
CA VAL S 142 74.40 54.14 -7.04
C VAL S 142 75.38 53.24 -6.31
N PRO S 143 75.71 52.07 -6.86
CA PRO S 143 76.77 51.26 -6.26
C PRO S 143 78.13 51.90 -6.53
N THR S 144 78.93 52.03 -5.47
CA THR S 144 80.27 52.59 -5.61
C THR S 144 81.31 51.54 -5.96
N SER S 145 81.00 50.26 -5.76
CA SER S 145 81.92 49.16 -6.01
C SER S 145 81.19 48.08 -6.80
N ARG S 146 81.95 47.10 -7.27
CA ARG S 146 81.34 46.00 -8.01
C ARG S 146 80.59 45.06 -7.10
N LYS S 147 81.10 44.84 -5.89
CA LYS S 147 80.41 43.96 -4.95
C LYS S 147 79.08 44.53 -4.53
N ASP S 148 79.02 45.83 -4.26
CA ASP S 148 77.77 46.47 -3.87
C ASP S 148 76.76 46.49 -5.00
N ALA S 149 77.22 46.46 -6.26
CA ALA S 149 76.33 46.28 -7.39
C ALA S 149 75.87 44.84 -7.51
N MET S 150 76.69 43.88 -7.08
CA MET S 150 76.30 42.48 -7.16
C MET S 150 75.23 42.14 -6.13
N LEU S 151 75.22 42.84 -4.99
CA LEU S 151 74.25 42.56 -3.94
C LEU S 151 72.88 43.12 -4.26
N GLY S 152 72.76 44.01 -5.24
CA GLY S 152 71.47 44.51 -5.67
C GLY S 152 70.92 43.71 -6.83
N THR S 153 70.26 44.38 -7.77
CA THR S 153 69.77 43.74 -8.98
C THR S 153 70.84 43.81 -10.05
N HIS S 154 71.10 42.67 -10.71
CA HIS S 154 72.14 42.63 -11.72
C HIS S 154 71.87 41.45 -12.65
N ILE S 155 72.63 41.40 -13.74
CA ILE S 155 72.63 40.27 -14.66
C ILE S 155 74.07 40.08 -15.15
N VAL S 156 74.71 38.99 -14.75
CA VAL S 156 76.09 38.72 -15.16
C VAL S 156 76.03 38.23 -16.60
N TRP S 157 76.30 39.14 -17.54
CA TRP S 157 76.08 38.91 -18.96
C TRP S 157 77.35 38.35 -19.59
N ASP S 158 77.36 37.03 -19.82
CA ASP S 158 78.48 36.37 -20.47
C ASP S 158 78.51 36.73 -21.95
N ILE S 159 79.60 37.37 -22.38
CA ILE S 159 79.70 37.83 -23.75
C ILE S 159 79.99 36.68 -24.71
N GLY S 160 80.78 35.70 -24.26
CA GLY S 160 81.18 34.61 -25.14
C GLY S 160 80.06 33.69 -25.53
N LEU S 161 78.98 33.65 -24.75
CA LEU S 161 77.83 32.81 -25.08
C LEU S 161 76.81 33.57 -25.90
N GLN S 162 76.23 34.62 -25.32
CA GLN S 162 75.29 35.49 -26.01
C GLN S 162 75.91 36.86 -26.18
N SER S 163 75.54 37.54 -27.27
CA SER S 163 76.10 38.84 -27.61
C SER S 163 75.07 39.96 -27.51
N SER S 164 73.93 39.71 -26.87
CA SER S 164 72.88 40.72 -26.78
C SER S 164 72.02 40.40 -25.56
N CYS S 165 72.09 41.25 -24.54
CA CYS S 165 71.35 41.06 -23.30
C CYS S 165 70.29 42.15 -23.19
N VAL S 166 69.06 41.74 -22.90
CA VAL S 166 67.90 42.62 -22.92
C VAL S 166 67.39 42.81 -21.51
N LEU S 167 67.14 44.05 -21.13
CA LEU S 167 66.54 44.41 -19.85
C LEU S 167 65.09 44.85 -20.08
N CYS S 168 64.42 45.20 -18.98
CA CYS S 168 63.12 45.85 -19.05
C CYS S 168 62.94 46.60 -17.73
N VAL S 169 63.17 47.91 -17.77
CA VAL S 169 63.23 48.74 -16.57
C VAL S 169 61.83 49.30 -16.30
N PRO S 170 61.21 48.96 -15.17
CA PRO S 170 59.87 49.49 -14.87
C PRO S 170 59.93 50.78 -14.07
N TRP S 171 58.76 51.29 -13.69
CA TRP S 171 58.63 52.48 -12.84
C TRP S 171 59.34 53.69 -13.47
N ILE S 172 58.99 53.97 -14.73
CA ILE S 172 59.58 55.08 -15.47
C ILE S 172 58.47 56.05 -15.82
N SER S 173 58.45 57.19 -15.14
CA SER S 173 57.37 58.16 -15.32
C SER S 173 57.82 59.51 -14.80
N GLN S 174 57.22 60.56 -15.38
CA GLN S 174 57.29 61.90 -14.80
C GLN S 174 55.95 62.59 -15.02
N SER S 175 55.79 63.74 -14.36
CA SER S 175 54.53 64.46 -14.38
C SER S 175 54.73 65.93 -14.03
N SER S 187 65.32 62.06 -9.93
CA SER S 187 65.37 60.95 -8.99
C SER S 187 64.86 59.67 -9.63
N ALA S 188 65.63 59.11 -10.56
CA ALA S 188 65.23 57.91 -11.27
C ALA S 188 66.29 56.82 -11.09
N GLY S 189 66.15 55.74 -11.85
CA GLY S 189 67.01 54.60 -11.73
C GLY S 189 68.39 54.82 -12.32
N TYR S 190 69.16 53.73 -12.36
CA TYR S 190 70.53 53.75 -12.86
C TYR S 190 70.82 52.43 -13.55
N ILE S 191 71.46 52.50 -14.70
CA ILE S 191 71.95 51.31 -15.40
C ILE S 191 73.47 51.47 -15.46
N THR S 192 74.15 50.94 -14.45
CA THR S 192 75.61 50.89 -14.45
C THR S 192 76.06 49.56 -15.05
N CYS S 193 77.35 49.49 -15.37
CA CYS S 193 77.89 48.27 -15.95
C CYS S 193 79.33 48.13 -15.48
N TRP S 194 79.71 46.90 -15.15
CA TRP S 194 80.93 46.62 -14.41
C TRP S 194 81.72 45.52 -15.10
N TYR S 195 83.05 45.56 -14.90
CA TYR S 195 83.90 44.46 -15.33
C TYR S 195 83.80 43.36 -14.29
N GLN S 196 83.02 42.32 -14.60
CA GLN S 196 83.14 41.09 -13.83
C GLN S 196 84.46 40.41 -14.13
N THR S 197 84.74 40.18 -15.41
CA THR S 197 86.03 39.71 -15.89
C THR S 197 86.51 40.62 -17.00
N ASN S 198 87.81 40.58 -17.27
CA ASN S 198 88.33 41.30 -18.42
C ASN S 198 87.96 40.57 -19.71
N ILE S 199 88.22 41.22 -20.83
CA ILE S 199 87.94 40.64 -22.15
C ILE S 199 89.11 39.73 -22.51
N VAL S 200 88.85 38.43 -22.57
CA VAL S 200 89.88 37.45 -22.90
C VAL S 200 89.88 37.24 -24.40
N VAL S 201 91.05 37.31 -25.01
CA VAL S 201 91.15 37.42 -26.46
C VAL S 201 92.34 36.60 -26.95
N PRO S 202 92.19 35.84 -28.05
CA PRO S 202 93.32 35.10 -28.59
C PRO S 202 94.34 36.03 -29.24
N PRO S 203 95.51 35.51 -29.65
CA PRO S 203 96.54 36.40 -30.20
C PRO S 203 96.15 37.11 -31.48
N GLY S 204 95.19 36.59 -32.25
CA GLY S 204 94.84 37.20 -33.51
C GLY S 204 93.82 38.32 -33.43
N ALA S 205 92.89 38.23 -32.49
CA ALA S 205 91.80 39.20 -32.45
C ALA S 205 92.22 40.46 -31.69
N PRO S 206 91.61 41.59 -32.00
CA PRO S 206 91.96 42.84 -31.31
C PRO S 206 91.48 42.84 -29.86
N THR S 207 92.09 43.72 -29.07
CA THR S 207 91.90 43.72 -27.63
C THR S 207 90.76 44.61 -27.17
N SER S 208 90.51 45.72 -27.87
CA SER S 208 89.52 46.70 -27.46
C SER S 208 88.26 46.55 -28.31
N CYS S 209 87.12 46.48 -27.65
CA CYS S 209 85.83 46.23 -28.29
C CYS S 209 84.86 47.36 -27.95
N ASP S 210 83.68 47.30 -28.56
CA ASP S 210 82.63 48.28 -28.33
C ASP S 210 81.32 47.58 -27.99
N VAL S 211 80.46 48.29 -27.27
CA VAL S 211 79.14 47.82 -26.90
C VAL S 211 78.13 48.90 -27.28
N LEU S 212 77.20 48.55 -28.17
CA LEU S 212 76.11 49.44 -28.51
C LEU S 212 74.94 49.22 -27.57
N CYS S 213 74.14 50.27 -27.37
CA CYS S 213 72.95 50.19 -26.54
C CYS S 213 71.73 50.58 -27.36
N PHE S 214 70.56 50.16 -26.87
CA PHE S 214 69.30 50.41 -27.54
C PHE S 214 68.25 50.72 -26.48
N ALA S 215 67.14 51.32 -26.92
CA ALA S 215 66.07 51.66 -25.99
C ALA S 215 64.75 51.78 -26.76
N SER S 216 63.69 51.25 -26.15
CA SER S 216 62.34 51.38 -26.69
C SER S 216 61.35 51.20 -25.53
N ALA S 217 60.07 51.10 -25.85
CA ALA S 217 59.05 50.80 -24.86
C ALA S 217 58.92 49.29 -24.73
N CYS S 218 58.88 48.81 -23.49
CA CYS S 218 59.07 47.38 -23.23
C CYS S 218 57.85 46.58 -23.66
N ASN S 219 56.69 46.85 -23.03
CA ASN S 219 55.44 46.18 -23.40
C ASN S 219 54.42 47.17 -23.93
N ASP S 220 54.07 48.20 -23.17
CA ASP S 220 53.10 49.19 -23.56
C ASP S 220 53.39 50.45 -22.75
N PHE S 221 53.10 51.60 -23.32
CA PHE S 221 53.53 52.86 -22.76
C PHE S 221 52.35 53.80 -22.66
N SER S 222 52.24 54.50 -21.54
CA SER S 222 51.12 55.39 -21.27
C SER S 222 51.61 56.83 -21.26
N VAL S 223 50.80 57.72 -21.86
CA VAL S 223 51.24 59.08 -22.11
C VAL S 223 50.00 59.96 -22.32
N ARG S 224 49.95 61.11 -21.64
CA ARG S 224 48.69 61.84 -21.52
C ARG S 224 48.70 63.22 -22.13
N LEU S 225 49.50 64.17 -21.64
CA LEU S 225 49.21 65.59 -21.83
C LEU S 225 50.16 66.19 -22.86
N LEU S 226 49.63 66.51 -24.03
CA LEU S 226 50.46 67.02 -25.13
C LEU S 226 50.92 68.44 -24.84
N ARG S 227 52.16 68.74 -25.24
CA ARG S 227 52.73 70.07 -25.09
C ARG S 227 53.66 70.33 -26.29
N ASP S 228 54.23 71.53 -26.31
CA ASP S 228 55.24 71.87 -27.31
C ASP S 228 56.61 71.38 -26.86
N THR S 229 57.43 70.94 -27.83
CA THR S 229 58.73 70.40 -27.50
C THR S 229 59.70 71.52 -27.11
N PRO S 230 60.65 71.24 -26.21
CA PRO S 230 61.61 72.28 -25.81
C PRO S 230 62.74 72.49 -26.80
N PHE S 231 63.07 71.49 -27.61
CA PHE S 231 64.27 71.55 -28.46
C PHE S 231 64.17 72.67 -29.48
N MET S 232 63.08 72.73 -30.23
CA MET S 232 62.92 73.79 -31.21
C MET S 232 62.87 75.16 -30.52
N ALA S 233 63.46 76.16 -31.17
CA ALA S 233 63.53 77.50 -30.61
C ALA S 233 62.63 78.46 -31.38
N GLN T 43 56.29 72.21 -63.22
CA GLN T 43 55.40 71.08 -63.03
C GLN T 43 55.91 69.84 -63.76
N THR T 44 55.38 68.68 -63.40
CA THR T 44 55.77 67.42 -64.03
C THR T 44 54.54 66.58 -64.29
N ARG T 45 54.64 65.69 -65.27
CA ARG T 45 53.52 64.84 -65.67
C ARG T 45 53.43 63.68 -64.69
N HIS T 46 52.38 63.67 -63.88
CA HIS T 46 52.18 62.65 -62.87
C HIS T 46 51.13 61.65 -63.34
N VAL T 47 51.05 60.51 -62.63
CA VAL T 47 50.01 59.53 -62.88
C VAL T 47 48.73 60.04 -62.24
N VAL T 48 47.88 60.69 -63.04
CA VAL T 48 46.62 61.23 -62.56
C VAL T 48 45.63 60.08 -62.66
N ASN T 49 45.61 59.24 -61.64
CA ASN T 49 44.80 58.01 -61.64
C ASN T 49 43.59 58.21 -60.74
N PHE T 50 42.42 58.31 -61.37
CA PHE T 50 41.13 58.32 -60.71
C PHE T 50 40.08 58.26 -61.81
N HIS T 51 38.84 58.00 -61.41
CA HIS T 51 37.74 57.85 -62.37
C HIS T 51 36.52 58.57 -61.79
N SER T 52 36.27 59.78 -62.27
CA SER T 52 35.18 60.59 -61.72
C SER T 52 34.71 61.58 -62.77
N ARG T 53 33.39 61.73 -62.87
CA ARG T 53 32.78 62.78 -63.68
C ARG T 53 31.66 63.46 -62.92
N SER T 54 31.76 63.52 -61.59
CA SER T 54 30.76 64.22 -60.80
C SER T 54 30.93 65.73 -60.90
N GLU T 55 32.14 66.19 -61.21
CA GLU T 55 32.39 67.61 -61.37
C GLU T 55 32.08 68.09 -62.78
N SER T 56 31.69 67.20 -63.68
CA SER T 56 31.39 67.55 -65.05
C SER T 56 29.90 67.58 -65.31
N THR T 57 29.08 67.30 -64.31
CA THR T 57 27.64 67.42 -64.51
C THR T 57 27.25 68.89 -64.64
N ILE T 58 26.00 69.12 -65.08
CA ILE T 58 25.59 70.49 -65.39
C ILE T 58 25.44 71.30 -64.12
N GLU T 59 24.91 70.70 -63.06
CA GLU T 59 24.71 71.43 -61.81
C GLU T 59 26.03 71.74 -61.12
N ASN T 60 27.05 70.93 -61.35
CA ASN T 60 28.37 71.16 -60.78
C ASN T 60 29.25 71.98 -61.71
N PHE T 61 28.73 72.40 -62.85
CA PHE T 61 29.44 73.22 -63.84
C PHE T 61 28.90 74.64 -63.91
N MET T 62 27.58 74.80 -63.86
CA MET T 62 26.92 76.09 -63.93
C MET T 62 26.59 76.67 -62.56
N GLY T 63 26.22 75.83 -61.61
CA GLY T 63 25.81 76.29 -60.30
C GLY T 63 26.96 76.79 -59.45
N ARG T 64 27.54 77.91 -59.84
CA ARG T 64 28.60 78.54 -59.07
C ARG T 64 28.37 80.04 -59.00
N ALA T 65 28.47 80.59 -57.79
CA ALA T 65 28.16 81.99 -57.57
C ALA T 65 29.27 82.88 -58.09
N ALA T 66 28.90 83.87 -58.89
CA ALA T 66 29.84 84.79 -59.50
C ALA T 66 29.29 86.21 -59.39
N CYS T 67 30.17 87.17 -59.15
CA CYS T 67 29.75 88.55 -58.99
C CYS T 67 29.43 89.13 -60.37
N VAL T 68 28.22 89.63 -60.52
CA VAL T 68 27.72 90.06 -61.83
C VAL T 68 27.31 91.51 -61.88
N PHE T 69 27.33 92.24 -60.76
CA PHE T 69 26.84 93.62 -60.78
C PHE T 69 27.43 94.39 -59.60
N MET T 70 28.39 95.27 -59.89
CA MET T 70 28.82 96.31 -58.97
C MET T 70 28.15 97.63 -59.32
N ASP T 71 27.68 98.35 -58.31
CA ASP T 71 27.09 99.66 -58.56
C ASP T 71 27.13 100.50 -57.29
N GLN T 72 27.21 101.82 -57.50
CA GLN T 72 27.19 102.79 -56.43
C GLN T 72 25.80 103.42 -56.33
N TYR T 73 25.40 103.81 -55.13
CA TYR T 73 24.19 104.59 -54.96
C TYR T 73 24.27 105.38 -53.66
N LYS T 74 23.97 106.67 -53.74
CA LYS T 74 24.15 107.61 -52.64
C LYS T 74 22.99 107.47 -51.65
N ILE T 75 22.86 108.43 -50.73
CA ILE T 75 21.78 108.41 -49.77
C ILE T 75 21.01 109.73 -49.78
N ASN T 76 21.69 110.84 -50.07
CA ASN T 76 21.09 112.15 -49.93
C ASN T 76 21.53 113.07 -51.07
N GLY T 77 20.84 114.20 -51.17
CA GLY T 77 21.06 115.15 -52.24
C GLY T 77 20.32 114.75 -53.51
N GLU T 78 20.10 115.75 -54.35
CA GLU T 78 19.55 115.57 -55.70
C GLU T 78 18.27 114.72 -55.67
N GLU T 79 17.22 115.34 -55.11
CA GLU T 79 15.99 114.60 -54.83
C GLU T 79 15.41 113.93 -56.08
N THR T 80 15.62 114.53 -57.24
CA THR T 80 15.29 113.92 -58.53
C THR T 80 16.59 113.54 -59.24
N SER T 81 17.13 112.38 -58.90
CA SER T 81 18.35 111.89 -59.53
C SER T 81 18.26 110.38 -59.73
N THR T 82 19.07 109.89 -60.66
CA THR T 82 19.16 108.47 -60.97
C THR T 82 20.37 107.81 -60.32
N ASP T 83 21.10 108.53 -59.48
CA ASP T 83 22.29 108.00 -58.82
C ASP T 83 22.04 107.67 -57.35
N ARG T 84 20.77 107.48 -56.96
CA ARG T 84 20.43 107.08 -55.60
C ARG T 84 19.85 105.68 -55.54
N PHE T 85 19.88 104.93 -56.64
CA PHE T 85 19.42 103.55 -56.64
C PHE T 85 20.11 102.81 -57.78
N ALA T 86 19.98 101.49 -57.75
CA ALA T 86 20.59 100.60 -58.74
C ALA T 86 19.50 99.90 -59.52
N VAL T 87 19.88 99.32 -60.66
CA VAL T 87 18.89 98.75 -61.58
C VAL T 87 19.18 97.28 -61.90
N TRP T 88 20.21 97.03 -62.71
CA TRP T 88 20.60 95.68 -63.15
C TRP T 88 19.43 94.81 -63.61
N THR T 89 18.95 95.02 -64.83
CA THR T 89 18.06 94.06 -65.47
C THR T 89 18.73 92.69 -65.53
N ILE T 90 18.08 91.69 -64.93
CA ILE T 90 18.73 90.39 -64.72
C ILE T 90 18.81 89.64 -66.05
N ASN T 91 20.04 89.36 -66.50
CA ASN T 91 20.24 88.52 -67.66
C ASN T 91 21.55 87.75 -67.51
N ILE T 92 21.67 86.66 -68.26
CA ILE T 92 22.89 85.85 -68.22
C ILE T 92 24.03 86.50 -69.00
N ARG T 93 23.74 87.48 -69.84
CA ARG T 93 24.76 88.10 -70.68
C ARG T 93 25.42 89.29 -69.98
N GLU T 94 25.84 89.06 -68.74
CA GLU T 94 26.41 90.13 -67.91
C GLU T 94 27.91 90.24 -68.11
N MET T 95 28.66 89.20 -67.71
CA MET T 95 30.09 89.15 -67.93
C MET T 95 30.43 87.95 -68.79
N ALA T 96 31.49 88.09 -69.58
CA ALA T 96 31.78 87.12 -70.63
C ALA T 96 32.21 85.77 -70.09
N GLN T 97 32.71 85.70 -68.86
CA GLN T 97 33.13 84.41 -68.32
C GLN T 97 31.93 83.52 -68.05
N LEU T 98 30.89 84.06 -67.40
CA LEU T 98 29.67 83.29 -67.22
C LEU T 98 28.88 83.16 -68.53
N ARG T 99 28.80 84.25 -69.30
CA ARG T 99 28.06 84.20 -70.56
C ARG T 99 28.55 83.07 -71.45
N ARG T 100 29.86 82.79 -71.43
CA ARG T 100 30.41 81.72 -72.26
C ARG T 100 29.86 80.37 -71.84
N LYS T 101 29.67 80.15 -70.53
CA LYS T 101 29.19 78.86 -70.06
C LYS T 101 27.72 78.65 -70.40
N CYS T 102 26.91 79.70 -70.36
CA CYS T 102 25.50 79.57 -70.70
C CYS T 102 25.31 79.33 -72.20
N GLU T 103 26.31 79.64 -73.02
CA GLU T 103 26.22 79.42 -74.46
C GLU T 103 26.78 78.07 -74.87
N MET T 104 27.14 77.21 -73.92
CA MET T 104 27.37 75.81 -74.25
C MET T 104 26.08 75.12 -74.66
N PHE T 105 24.94 75.64 -74.20
CA PHE T 105 23.66 74.98 -74.31
C PHE T 105 22.65 75.95 -74.89
N THR T 106 21.76 75.46 -75.75
CA THR T 106 20.75 76.33 -76.34
C THR T 106 19.65 76.66 -75.35
N TYR T 107 19.08 75.64 -74.72
CA TYR T 107 17.97 75.83 -73.79
C TYR T 107 18.39 75.37 -72.41
N MET T 108 17.98 76.13 -71.39
CA MET T 108 18.24 75.76 -70.00
C MET T 108 17.21 76.42 -69.11
N ARG T 109 16.87 75.74 -68.02
CA ARG T 109 15.95 76.28 -67.03
C ARG T 109 16.55 76.05 -65.65
N PHE T 110 16.35 77.01 -64.76
CA PHE T 110 17.07 77.03 -63.50
C PHE T 110 16.47 78.07 -62.58
N ASP T 111 16.42 77.76 -61.29
CA ASP T 111 16.16 78.78 -60.28
C ASP T 111 17.42 79.58 -60.03
N ILE T 112 17.25 80.86 -59.70
CA ILE T 112 18.36 81.73 -59.39
C ILE T 112 18.27 82.10 -57.92
N GLU T 113 19.43 82.18 -57.26
CA GLU T 113 19.49 82.45 -55.82
C GLU T 113 20.67 83.41 -55.61
N MET T 114 20.38 84.70 -55.65
CA MET T 114 21.40 85.72 -55.55
C MET T 114 21.52 86.21 -54.12
N THR T 115 22.75 86.51 -53.71
CA THR T 115 23.04 87.05 -52.39
C THR T 115 23.85 88.31 -52.56
N MET T 116 23.31 89.44 -52.13
CA MET T 116 23.99 90.71 -52.27
C MET T 116 25.01 90.89 -51.16
N VAL T 117 26.05 91.67 -51.46
CA VAL T 117 27.10 92.01 -50.51
C VAL T 117 27.22 93.52 -50.55
N ILE T 118 26.69 94.20 -49.53
CA ILE T 118 26.50 95.65 -49.53
C ILE T 118 27.49 96.26 -48.55
N THR T 119 28.21 97.27 -49.02
CA THR T 119 29.17 98.00 -48.20
C THR T 119 28.71 99.44 -48.08
N SER T 120 29.53 100.26 -47.43
CA SER T 120 29.23 101.68 -47.29
C SER T 120 30.52 102.44 -47.01
N CYS T 121 30.48 103.73 -47.31
CA CYS T 121 31.62 104.63 -47.11
C CYS T 121 31.05 105.93 -46.56
N GLN T 122 31.85 106.99 -46.60
CA GLN T 122 31.38 108.30 -46.17
C GLN T 122 32.32 109.41 -46.63
N MET T 132 27.07 108.68 -37.77
CA MET T 132 25.97 108.20 -38.60
C MET T 132 25.13 107.18 -37.83
N PRO T 133 23.94 106.84 -38.36
CA PRO T 133 23.14 105.78 -37.72
C PRO T 133 23.50 104.41 -38.27
N VAL T 134 22.73 103.39 -37.88
CA VAL T 134 22.82 102.08 -38.51
C VAL T 134 21.94 102.08 -39.75
N LEU T 135 22.50 101.64 -40.87
CA LEU T 135 21.84 101.75 -42.16
C LEU T 135 21.01 100.52 -42.48
N THR T 136 19.87 100.75 -43.13
CA THR T 136 18.99 99.68 -43.60
C THR T 136 18.77 99.86 -45.08
N HIS T 137 18.89 98.78 -45.84
CA HIS T 137 18.79 98.81 -47.29
C HIS T 137 17.50 98.15 -47.75
N GLN T 138 17.25 98.21 -49.05
CA GLN T 138 16.08 97.56 -49.66
C GLN T 138 16.45 97.07 -51.04
N ILE T 139 16.33 95.77 -51.27
CA ILE T 139 16.64 95.16 -52.56
C ILE T 139 15.32 94.66 -53.14
N MET T 140 14.72 95.44 -54.03
CA MET T 140 13.40 95.14 -54.57
C MET T 140 13.56 94.43 -55.92
N TYR T 141 13.13 93.18 -55.97
CA TYR T 141 13.05 92.44 -57.22
C TYR T 141 11.67 92.65 -57.84
N VAL T 142 11.63 93.24 -59.03
CA VAL T 142 10.39 93.34 -59.77
C VAL T 142 10.33 92.20 -60.76
N PRO T 143 9.18 91.55 -60.93
CA PRO T 143 9.05 90.49 -61.94
C PRO T 143 9.09 91.05 -63.34
N PRO T 144 9.04 90.20 -64.37
CA PRO T 144 8.98 90.73 -65.74
C PRO T 144 7.78 91.63 -65.98
N GLY T 145 6.62 91.26 -65.45
CA GLY T 145 5.50 92.17 -65.44
C GLY T 145 5.43 92.91 -64.12
N GLY T 146 6.06 94.09 -64.08
CA GLY T 146 6.15 94.86 -62.85
C GLY T 146 6.52 96.30 -63.09
N PRO T 147 5.95 97.19 -62.29
CA PRO T 147 6.28 98.62 -62.41
C PRO T 147 7.65 98.91 -61.84
N ILE T 148 8.34 99.87 -62.46
CA ILE T 148 9.69 100.23 -62.04
C ILE T 148 9.65 101.62 -61.42
N PRO T 149 10.52 101.91 -60.47
CA PRO T 149 10.63 103.29 -59.98
C PRO T 149 11.36 104.17 -60.96
N ALA T 150 10.99 105.45 -60.96
CA ALA T 150 11.73 106.46 -61.70
C ALA T 150 12.64 107.29 -60.79
N LYS T 151 12.32 107.36 -59.50
CA LYS T 151 13.10 108.11 -58.53
C LYS T 151 13.20 107.28 -57.26
N VAL T 152 14.10 107.70 -56.36
CA VAL T 152 14.28 106.98 -55.10
C VAL T 152 13.04 107.06 -54.23
N ASP T 153 12.16 108.04 -54.48
CA ASP T 153 10.96 108.24 -53.69
C ASP T 153 9.68 107.99 -54.51
N GLY T 154 9.75 107.08 -55.48
CA GLY T 154 8.58 106.73 -56.24
C GLY T 154 7.63 105.86 -55.44
N TYR T 155 6.41 105.74 -55.94
CA TYR T 155 5.42 104.90 -55.27
C TYR T 155 5.58 103.42 -55.61
N GLU T 156 6.35 103.09 -56.64
CA GLU T 156 6.53 101.69 -57.03
C GLU T 156 7.19 100.91 -55.91
N TRP T 157 8.07 101.56 -55.13
CA TRP T 157 8.78 100.88 -54.05
C TRP T 157 7.82 100.26 -53.03
N GLN T 158 6.58 100.74 -52.97
CA GLN T 158 5.59 100.25 -52.02
C GLN T 158 4.65 99.22 -52.64
N THR T 159 4.98 98.67 -53.80
CA THR T 159 4.11 97.72 -54.47
C THR T 159 4.17 96.37 -53.77
N SER T 160 3.00 95.83 -53.44
CA SER T 160 2.92 94.57 -52.69
C SER T 160 3.32 93.37 -53.53
N THR T 161 3.25 93.48 -54.85
CA THR T 161 3.61 92.36 -55.73
C THR T 161 5.09 92.34 -56.08
N ASN T 162 5.85 93.36 -55.69
CA ASN T 162 7.29 93.35 -55.86
C ASN T 162 7.95 92.93 -54.56
N PRO T 163 8.45 91.70 -54.45
CA PRO T 163 9.07 91.27 -53.18
C PRO T 163 10.41 91.97 -52.99
N SER T 164 10.67 92.36 -51.74
CA SER T 164 11.88 93.11 -51.42
C SER T 164 12.36 92.71 -50.03
N VAL T 165 13.67 92.67 -49.86
CA VAL T 165 14.29 92.38 -48.57
C VAL T 165 14.78 93.67 -47.96
N PHE T 166 14.63 93.81 -46.64
CA PHE T 166 15.08 94.98 -45.90
C PHE T 166 16.22 94.53 -45.00
N TRP T 167 17.44 94.64 -45.53
CA TRP T 167 18.63 94.22 -44.82
C TRP T 167 19.24 95.43 -44.12
N THR T 168 19.43 95.32 -42.81
CA THR T 168 20.12 96.33 -42.03
C THR T 168 21.58 95.95 -41.89
N GLU T 169 22.45 96.95 -41.77
CA GLU T 169 23.88 96.71 -41.85
C GLU T 169 24.38 95.96 -40.63
N GLY T 170 25.38 95.11 -40.86
CA GLY T 170 26.03 94.35 -39.80
C GLY T 170 25.68 92.88 -39.76
N ASN T 171 24.55 92.48 -40.34
CA ASN T 171 24.10 91.10 -40.28
C ASN T 171 24.72 90.29 -41.41
N ALA T 172 24.24 89.05 -41.57
CA ALA T 172 24.62 88.24 -42.71
C ALA T 172 24.06 88.85 -44.00
N PRO T 173 24.67 88.56 -45.14
CA PRO T 173 24.22 89.19 -46.38
C PRO T 173 22.80 88.76 -46.73
N PRO T 174 22.03 89.61 -47.39
CA PRO T 174 20.65 89.24 -47.74
C PRO T 174 20.62 88.28 -48.92
N ARG T 175 19.79 87.25 -48.81
CA ARG T 175 19.64 86.26 -49.86
C ARG T 175 18.18 86.21 -50.30
N ILE T 176 17.96 86.35 -51.60
CA ILE T 176 16.64 86.35 -52.21
C ILE T 176 16.68 85.35 -53.36
N SER T 177 15.71 84.44 -53.41
CA SER T 177 15.68 83.38 -54.40
C SER T 177 14.49 83.56 -55.32
N ILE T 178 14.71 83.33 -56.61
CA ILE T 178 13.70 83.59 -57.63
C ILE T 178 13.50 82.31 -58.43
N PRO T 179 12.26 81.83 -58.58
CA PRO T 179 12.04 80.58 -59.30
C PRO T 179 12.15 80.75 -60.81
N PHE T 180 11.80 79.70 -61.55
CA PHE T 180 11.78 79.74 -63.00
C PHE T 180 10.60 80.60 -63.46
N ILE T 181 10.88 81.84 -63.84
CA ILE T 181 9.80 82.79 -64.15
C ILE T 181 9.24 82.59 -65.55
N SER T 182 10.06 82.15 -66.50
CA SER T 182 9.79 82.37 -67.92
C SER T 182 8.46 81.76 -68.35
N VAL T 183 7.89 82.34 -69.42
CA VAL T 183 6.59 81.91 -69.91
C VAL T 183 6.71 80.57 -70.61
N GLY T 184 7.78 80.37 -71.35
CA GLY T 184 8.02 79.12 -72.05
C GLY T 184 8.44 78.05 -71.08
N ASN T 185 9.06 77.01 -71.63
CA ASN T 185 9.48 75.87 -70.84
C ASN T 185 10.97 75.88 -70.53
N ALA T 186 11.72 76.83 -71.09
CA ALA T 186 13.13 76.98 -70.78
C ALA T 186 13.57 78.39 -71.17
N TYR T 187 14.66 78.83 -70.55
CA TYR T 187 15.34 80.03 -71.02
C TYR T 187 16.16 79.70 -72.25
N SER T 188 16.07 80.55 -73.26
CA SER T 188 16.79 80.37 -74.51
C SER T 188 18.03 81.26 -74.51
N SER T 189 19.21 80.63 -74.62
CA SER T 189 20.43 81.41 -74.73
C SER T 189 20.51 82.12 -76.08
N PHE T 190 20.04 81.46 -77.13
CA PHE T 190 20.04 82.01 -78.49
C PHE T 190 18.62 81.98 -79.03
N TYR T 191 18.26 83.01 -79.79
CA TYR T 191 16.93 83.11 -80.40
C TYR T 191 17.10 83.62 -81.82
N ASP T 192 17.14 82.71 -82.78
CA ASP T 192 17.24 83.07 -84.19
C ASP T 192 15.84 83.45 -84.67
N GLY T 193 15.45 84.68 -84.36
CA GLY T 193 14.11 85.13 -84.67
C GLY T 193 13.95 86.61 -84.37
N TRP T 194 12.78 87.12 -84.72
CA TRP T 194 12.47 88.55 -84.62
C TRP T 194 11.35 88.75 -83.61
N SER T 195 11.52 89.75 -82.74
CA SER T 195 10.51 90.03 -81.72
C SER T 195 9.19 90.47 -82.36
N HIS T 196 9.25 91.34 -83.35
CA HIS T 196 8.06 91.88 -84.00
C HIS T 196 7.82 91.12 -85.30
N PHE T 197 6.59 90.65 -85.49
CA PHE T 197 6.25 89.84 -86.64
C PHE T 197 6.47 90.59 -87.95
N THR T 198 6.78 89.83 -89.00
CA THR T 198 7.05 90.31 -90.36
C THR T 198 8.44 90.94 -90.44
N GLN T 199 9.41 90.35 -89.74
CA GLN T 199 10.82 90.70 -89.87
C GLN T 199 11.07 92.20 -89.63
N ASP T 200 10.63 92.66 -88.46
CA ASP T 200 10.83 94.05 -88.08
C ASP T 200 12.18 94.19 -87.38
N GLY T 201 12.34 95.20 -86.54
CA GLY T 201 13.58 95.40 -85.82
C GLY T 201 13.75 94.42 -84.67
N THR T 202 14.84 94.63 -83.93
CA THR T 202 15.17 93.87 -82.72
C THR T 202 15.30 92.37 -83.04
N TYR T 203 16.39 92.06 -83.74
CA TYR T 203 16.76 90.67 -83.99
C TYR T 203 17.27 90.02 -82.71
N GLY T 204 16.94 88.74 -82.54
CA GLY T 204 17.60 87.92 -81.55
C GLY T 204 17.11 88.08 -80.13
N TYR T 205 16.16 88.97 -79.87
CA TYR T 205 15.68 89.21 -78.52
C TYR T 205 14.26 88.69 -78.39
N THR T 206 14.12 87.57 -77.69
CA THR T 206 12.81 87.05 -77.31
C THR T 206 12.44 87.56 -75.92
N THR T 207 11.13 87.60 -75.64
CA THR T 207 10.64 88.01 -74.34
C THR T 207 10.44 86.84 -73.40
N LEU T 208 10.72 85.62 -73.85
CA LEU T 208 10.59 84.46 -72.97
C LEU T 208 11.71 84.44 -71.93
N ASN T 209 12.94 84.77 -72.35
CA ASN T 209 14.07 84.78 -71.43
C ASN T 209 14.23 86.14 -70.76
N ALA T 210 13.14 86.63 -70.19
CA ALA T 210 13.16 87.81 -69.33
C ALA T 210 13.05 87.34 -67.89
N MET T 211 13.92 87.85 -67.03
CA MET T 211 14.03 87.35 -65.67
C MET T 211 13.61 88.34 -64.61
N GLY T 212 13.54 89.63 -64.94
CA GLY T 212 13.14 90.65 -63.99
C GLY T 212 14.22 91.69 -63.83
N LYS T 213 14.04 92.54 -62.82
CA LYS T 213 14.99 93.59 -62.49
C LYS T 213 15.19 93.61 -60.98
N LEU T 214 16.15 94.42 -60.53
CA LEU T 214 16.58 94.37 -59.12
C LEU T 214 16.91 95.79 -58.65
N TYR T 215 15.90 96.49 -58.14
CA TYR T 215 16.06 97.87 -57.68
C TYR T 215 16.48 97.91 -56.23
N ILE T 216 17.55 98.64 -55.95
CA ILE T 216 18.22 98.63 -54.65
C ILE T 216 18.37 100.07 -54.18
N ARG T 217 17.97 100.34 -52.94
CA ARG T 217 18.09 101.68 -52.40
C ARG T 217 18.33 101.61 -50.90
N HIS T 218 18.72 102.75 -50.33
CA HIS T 218 18.66 102.95 -48.89
C HIS T 218 17.21 103.25 -48.52
N VAL T 219 16.77 102.72 -47.37
CA VAL T 219 15.46 103.11 -46.86
C VAL T 219 15.55 104.32 -45.96
N ASN T 220 16.76 104.71 -45.54
CA ASN T 220 16.93 105.90 -44.73
C ASN T 220 16.64 107.14 -45.57
N ARG T 221 15.82 108.03 -45.04
CA ARG T 221 15.34 109.16 -45.84
C ARG T 221 16.45 110.16 -46.11
N SER T 222 17.32 110.39 -45.14
CA SER T 222 18.39 111.37 -45.29
C SER T 222 19.54 110.99 -44.37
N SER T 223 20.58 111.84 -44.37
CA SER T 223 21.76 111.65 -43.55
C SER T 223 22.43 112.99 -43.37
N PRO T 224 23.17 113.20 -42.28
CA PRO T 224 23.90 114.47 -42.11
C PRO T 224 25.00 114.64 -43.15
N HIS T 225 25.80 113.60 -43.37
CA HIS T 225 26.84 113.62 -44.38
C HIS T 225 26.49 112.66 -45.52
N GLN T 226 27.40 112.53 -46.48
CA GLN T 226 27.18 111.70 -47.65
C GLN T 226 27.65 110.28 -47.38
N ILE T 227 26.80 109.30 -47.70
CA ILE T 227 27.11 107.88 -47.57
C ILE T 227 26.95 107.26 -48.95
N THR T 228 28.01 106.61 -49.43
CA THR T 228 28.02 106.03 -50.78
C THR T 228 28.15 104.52 -50.63
N SER T 229 27.05 103.81 -50.86
CA SER T 229 27.01 102.37 -50.66
C SER T 229 27.34 101.66 -51.97
N THR T 230 27.98 100.50 -51.84
CA THR T 230 28.39 99.67 -52.97
C THR T 230 27.77 98.30 -52.81
N ILE T 231 27.15 97.80 -53.86
CA ILE T 231 26.49 96.49 -53.82
C ILE T 231 27.13 95.57 -54.86
N ARG T 232 27.27 94.30 -54.47
CA ARG T 232 27.85 93.28 -55.33
C ARG T 232 26.87 92.11 -55.37
N VAL T 233 26.19 91.93 -56.50
CA VAL T 233 25.16 90.90 -56.62
C VAL T 233 25.83 89.61 -57.05
N TYR T 234 25.62 88.54 -56.27
CA TYR T 234 26.21 87.23 -56.54
C TYR T 234 25.15 86.31 -57.13
N PHE T 235 25.16 86.20 -58.45
CA PHE T 235 24.21 85.38 -59.19
C PHE T 235 24.61 83.91 -59.10
N LYS T 236 23.62 83.04 -58.94
CA LYS T 236 23.88 81.61 -58.92
C LYS T 236 22.73 80.82 -59.52
N PRO T 237 22.96 80.08 -60.60
CA PRO T 237 21.94 79.16 -61.09
C PRO T 237 21.74 78.01 -60.11
N LYS T 238 20.51 77.52 -60.03
CA LYS T 238 20.20 76.44 -59.10
C LYS T 238 19.17 75.52 -59.72
N HIS T 239 19.29 74.22 -59.41
CA HIS T 239 18.42 73.19 -59.94
C HIS T 239 18.35 73.30 -61.46
N ILE T 240 19.52 73.30 -62.09
CA ILE T 240 19.65 73.69 -63.49
C ILE T 240 19.58 72.47 -64.38
N LYS T 241 18.77 72.56 -65.43
CA LYS T 241 18.74 71.60 -66.51
C LYS T 241 19.12 72.32 -67.80
N ALA T 242 19.66 71.57 -68.75
CA ALA T 242 20.16 72.18 -69.98
C ALA T 242 19.95 71.22 -71.14
N TRP T 243 19.49 71.77 -72.27
CA TRP T 243 19.21 70.98 -73.47
C TRP T 243 20.02 71.52 -74.63
N VAL T 244 20.18 70.67 -75.65
CA VAL T 244 20.75 71.03 -76.94
C VAL T 244 22.14 71.62 -76.75
N PRO T 245 23.18 70.79 -76.66
CA PRO T 245 24.54 71.32 -76.53
C PRO T 245 24.92 72.07 -77.80
N ARG T 246 26.02 72.82 -77.69
CA ARG T 246 26.34 73.85 -78.67
C ARG T 246 27.83 74.07 -78.62
N PRO T 247 28.50 74.36 -79.75
CA PRO T 247 29.94 74.50 -79.71
C PRO T 247 30.34 75.74 -78.93
N PRO T 248 31.52 75.76 -78.34
CA PRO T 248 31.94 76.90 -77.54
C PRO T 248 32.21 78.14 -78.39
N ARG T 249 32.08 79.29 -77.74
CA ARG T 249 32.41 80.56 -78.37
C ARG T 249 33.88 80.61 -78.74
N LEU T 250 34.18 81.08 -79.94
CA LEU T 250 35.55 81.25 -80.41
C LEU T 250 35.99 82.70 -80.40
N CYS T 251 35.18 83.59 -80.96
CA CYS T 251 35.52 85.00 -81.07
C CYS T 251 35.22 85.74 -79.78
N PRO T 252 35.89 86.87 -79.54
CA PRO T 252 35.57 87.69 -78.37
C PRO T 252 34.21 88.37 -78.51
N TYR T 253 33.63 88.72 -77.37
CA TYR T 253 32.32 89.37 -77.34
C TYR T 253 32.44 90.85 -77.66
N ILE T 254 31.44 91.37 -78.36
CA ILE T 254 31.40 92.79 -78.74
C ILE T 254 30.47 93.54 -77.82
N ASN T 255 29.18 93.15 -77.83
CA ASN T 255 28.14 93.84 -77.10
C ASN T 255 27.28 92.85 -76.34
N LYS T 256 26.62 93.34 -75.30
CA LYS T 256 25.93 92.51 -74.31
C LYS T 256 24.50 92.15 -74.70
N ARG T 257 24.05 92.56 -75.88
CA ARG T 257 22.69 92.25 -76.33
C ARG T 257 22.67 91.59 -77.71
N ASP T 258 23.82 91.22 -78.25
CA ASP T 258 23.88 90.65 -79.59
C ASP T 258 25.00 89.63 -79.65
N VAL T 259 25.08 88.95 -80.80
CA VAL T 259 26.06 87.89 -81.04
C VAL T 259 27.13 88.34 -82.03
N ASN T 260 27.19 89.64 -82.30
CA ASN T 260 28.10 90.16 -83.32
C ASN T 260 29.55 89.93 -82.91
N PHE T 261 30.41 89.74 -83.90
CA PHE T 261 31.78 89.32 -83.62
C PHE T 261 32.69 89.75 -84.76
N VAL T 262 33.98 89.71 -84.48
CA VAL T 262 35.02 89.92 -85.49
C VAL T 262 35.58 88.55 -85.85
N VAL T 263 35.86 88.34 -87.14
CA VAL T 263 36.31 87.03 -87.60
C VAL T 263 37.67 86.74 -87.00
N THR T 264 37.74 85.71 -86.16
CA THR T 264 38.95 85.34 -85.43
C THR T 264 39.53 84.08 -86.05
N GLU T 265 40.83 83.90 -85.86
CA GLU T 265 41.49 82.70 -86.35
C GLU T 265 41.04 81.50 -85.53
N ILE T 266 41.12 80.31 -86.16
CA ILE T 266 40.64 79.10 -85.50
C ILE T 266 41.50 78.76 -84.29
N THR T 267 42.78 78.50 -84.51
CA THR T 267 43.72 78.21 -83.44
C THR T 267 44.93 79.11 -83.57
N ASP T 268 45.82 79.03 -82.59
CA ASP T 268 47.10 79.72 -82.70
C ASP T 268 47.94 79.05 -83.77
N SER T 269 48.67 79.85 -84.54
CA SER T 269 49.39 79.31 -85.67
C SER T 269 50.74 78.74 -85.21
N ARG T 270 51.23 77.78 -85.98
CA ARG T 270 52.58 77.26 -85.83
C ARG T 270 53.33 77.43 -87.14
N THR T 271 54.60 77.05 -87.14
CA THR T 271 55.47 77.36 -88.27
C THR T 271 55.15 76.48 -89.49
N SER T 272 55.23 75.17 -89.32
CA SER T 272 54.93 74.23 -90.40
C SER T 272 53.93 73.20 -89.90
N ILE T 273 53.52 72.31 -90.81
CA ILE T 273 52.57 71.26 -90.46
C ILE T 273 53.24 70.12 -89.70
N THR T 274 54.57 70.04 -89.73
CA THR T 274 55.28 68.89 -89.18
C THR T 274 56.08 69.20 -87.92
N ASP T 275 56.22 70.46 -87.53
CA ASP T 275 57.00 70.79 -86.34
C ASP T 275 56.19 70.58 -85.07
N VAL U 13 18.89 50.55 -103.37
CA VAL U 13 18.07 51.58 -103.99
C VAL U 13 16.63 51.45 -103.52
N ARG U 14 16.16 52.45 -102.76
CA ARG U 14 14.80 52.48 -102.25
C ARG U 14 14.09 53.70 -102.82
N SER U 15 12.92 53.48 -103.41
CA SER U 15 12.13 54.54 -104.03
C SER U 15 11.04 54.96 -103.06
N MET U 16 11.36 55.91 -102.19
CA MET U 16 10.38 56.41 -101.24
C MET U 16 9.34 57.27 -101.94
N THR U 17 8.13 57.25 -101.41
CA THR U 17 7.05 58.08 -101.92
C THR U 17 6.25 58.64 -100.75
N LEU U 18 5.81 59.89 -100.89
CA LEU U 18 4.96 60.55 -99.89
C LEU U 18 3.96 61.41 -100.65
N GLY U 19 2.69 61.04 -100.59
CA GLY U 19 1.67 61.79 -101.28
C GLY U 19 1.79 61.65 -102.77
N ASN U 20 2.11 62.74 -103.45
CA ASN U 20 2.34 62.77 -104.89
C ASN U 20 3.76 63.23 -105.20
N SER U 21 4.73 62.73 -104.43
CA SER U 21 6.14 63.08 -104.62
C SER U 21 6.97 61.85 -104.34
N THR U 22 7.66 61.35 -105.36
CA THR U 22 8.51 60.18 -105.24
C THR U 22 9.94 60.58 -105.56
N ILE U 23 10.86 60.21 -104.68
CA ILE U 23 12.28 60.38 -104.91
C ILE U 23 12.93 59.00 -104.91
N THR U 24 14.17 58.96 -105.38
CA THR U 24 14.95 57.72 -105.44
C THR U 24 16.16 57.88 -104.54
N THR U 25 16.25 57.05 -103.52
CA THR U 25 17.31 57.12 -102.52
C THR U 25 18.24 55.91 -102.63
N GLN U 26 19.37 56.02 -101.94
CA GLN U 26 20.38 54.97 -101.93
C GLN U 26 20.45 54.29 -100.58
N ASN U 30 22.26 55.75 -94.23
CA ASN U 30 21.62 55.55 -92.93
C ASN U 30 21.18 56.88 -92.30
N VAL U 31 20.01 56.87 -91.67
CA VAL U 31 19.37 58.10 -91.21
C VAL U 31 20.03 58.55 -89.91
N VAL U 32 20.34 59.84 -89.83
CA VAL U 32 20.83 60.45 -88.59
C VAL U 32 19.62 61.10 -87.92
N VAL U 33 18.99 60.36 -87.02
CA VAL U 33 17.86 60.88 -86.25
C VAL U 33 18.39 61.90 -85.26
N GLY U 34 17.93 63.14 -85.40
CA GLY U 34 18.49 64.24 -84.62
C GLY U 34 18.13 64.10 -83.15
N TYR U 35 19.16 64.04 -82.29
CA TYR U 35 19.00 63.92 -80.84
C TYR U 35 18.21 62.67 -80.44
N GLY U 36 18.35 61.60 -81.22
CA GLY U 36 17.80 60.33 -80.82
C GLY U 36 16.29 60.28 -80.72
N GLU U 37 15.58 61.29 -81.21
CA GLU U 37 14.14 61.33 -81.12
C GLU U 37 13.53 61.53 -82.49
N TRP U 38 12.41 60.84 -82.72
CA TRP U 38 11.62 60.93 -83.91
C TRP U 38 10.54 61.97 -83.69
N PRO U 39 10.25 62.84 -84.65
CA PRO U 39 9.23 63.87 -84.42
C PRO U 39 7.91 63.21 -84.07
N SER U 40 7.09 63.93 -83.30
CA SER U 40 5.82 63.39 -82.85
C SER U 40 4.84 64.54 -82.66
N TYR U 41 3.57 64.19 -82.49
CA TYR U 41 2.57 65.19 -82.20
C TYR U 41 2.69 65.66 -80.75
N LEU U 42 1.93 66.70 -80.42
CA LEU U 42 2.08 67.35 -79.13
C LEU U 42 1.48 66.54 -77.99
N SER U 43 0.51 65.67 -78.28
CA SER U 43 -0.08 64.82 -77.25
C SER U 43 0.88 63.73 -76.80
N THR U 48 -6.23 69.41 -74.73
CA THR U 48 -6.85 70.53 -74.04
C THR U 48 -7.92 71.16 -74.93
N ALA U 49 -9.06 71.54 -74.34
CA ALA U 49 -10.11 72.22 -75.07
C ALA U 49 -9.95 73.73 -75.08
N GLU U 50 -9.05 74.28 -74.26
CA GLU U 50 -8.78 75.72 -74.30
C GLU U 50 -7.95 76.11 -75.52
N ASP U 51 -7.04 75.22 -75.93
CA ASP U 51 -6.28 75.38 -77.16
C ASP U 51 -6.21 74.03 -77.85
N GLN U 52 -6.66 73.96 -79.10
CA GLN U 52 -6.79 72.69 -79.81
C GLN U 52 -5.99 72.73 -81.11
N PRO U 53 -5.04 71.81 -81.30
CA PRO U 53 -4.29 71.79 -82.56
C PRO U 53 -5.04 71.11 -83.69
N THR U 54 -4.69 71.50 -84.91
CA THR U 54 -5.20 70.89 -86.13
C THR U 54 -4.04 70.16 -86.80
N GLN U 55 -4.26 68.88 -87.12
CA GLN U 55 -3.23 68.08 -87.78
C GLN U 55 -3.55 67.96 -89.26
N PRO U 56 -2.80 68.61 -90.15
CA PRO U 56 -3.13 68.52 -91.58
C PRO U 56 -2.94 67.13 -92.17
N ASP U 57 -1.81 66.49 -91.93
CA ASP U 57 -1.52 65.15 -92.44
C ASP U 57 -1.60 65.14 -93.97
N VAL U 58 -2.78 65.45 -94.53
CA VAL U 58 -2.94 65.52 -95.97
C VAL U 58 -1.96 66.54 -96.54
N ALA U 59 -1.31 66.17 -97.65
CA ALA U 59 -0.26 66.97 -98.29
C ALA U 59 0.79 67.26 -97.22
N THR U 60 1.35 68.48 -97.15
CA THR U 60 2.33 68.88 -96.16
C THR U 60 3.51 67.91 -96.01
N CYS U 61 3.22 66.60 -95.96
CA CYS U 61 4.23 65.57 -95.75
C CYS U 61 4.98 65.18 -97.02
N ARG U 62 4.58 65.69 -98.17
CA ARG U 62 5.22 65.31 -99.42
C ARG U 62 6.61 65.92 -99.51
N PHE U 63 7.39 65.44 -100.48
CA PHE U 63 8.76 65.90 -100.64
C PHE U 63 8.82 67.21 -101.41
N TYR U 64 9.48 68.20 -100.83
CA TYR U 64 9.67 69.52 -101.44
C TYR U 64 11.13 69.62 -101.85
N THR U 65 11.41 69.30 -103.11
CA THR U 65 12.77 69.38 -103.62
C THR U 65 13.11 70.83 -103.96
N LEU U 66 14.14 71.36 -103.31
CA LEU U 66 14.58 72.71 -103.59
C LEU U 66 15.39 72.74 -104.89
N GLU U 67 15.79 73.93 -105.31
CA GLU U 67 16.60 74.05 -106.51
C GLU U 67 17.99 73.47 -106.27
N SER U 68 18.50 72.76 -107.27
CA SER U 68 19.80 72.11 -107.13
C SER U 68 20.89 73.16 -107.10
N VAL U 69 21.93 72.90 -106.31
CA VAL U 69 22.98 73.87 -106.01
C VAL U 69 24.28 73.34 -106.60
N GLN U 70 24.91 74.14 -107.46
CA GLN U 70 26.15 73.73 -108.11
C GLN U 70 27.33 73.98 -107.17
N TRP U 71 28.11 72.93 -106.93
CA TRP U 71 29.25 72.98 -106.03
C TRP U 71 30.52 72.94 -106.87
N GLU U 72 31.20 74.09 -106.96
CA GLU U 72 32.43 74.23 -107.72
C GLU U 72 33.63 74.05 -106.79
N LYS U 73 34.83 74.28 -107.31
CA LYS U 73 36.04 74.18 -106.50
C LYS U 73 36.16 75.32 -105.49
N THR U 74 35.51 76.45 -105.75
CA THR U 74 35.66 77.64 -104.93
C THR U 74 34.41 77.95 -104.12
N SER U 75 33.50 76.99 -103.97
CA SER U 75 32.29 77.21 -103.19
C SER U 75 32.62 77.11 -101.70
N PRO U 76 32.27 78.12 -100.89
CA PRO U 76 32.58 78.06 -99.47
C PRO U 76 31.49 77.41 -98.62
N GLY U 77 30.25 77.40 -99.10
CA GLY U 77 29.18 76.79 -98.35
C GLY U 77 27.85 77.45 -98.66
N TRP U 78 26.82 76.96 -97.97
CA TRP U 78 25.46 77.46 -98.13
C TRP U 78 24.74 77.36 -96.79
N TRP U 79 23.63 78.09 -96.66
CA TRP U 79 22.73 77.83 -95.55
C TRP U 79 21.30 78.16 -95.96
N TRP U 80 20.37 77.38 -95.43
CA TRP U 80 18.94 77.61 -95.53
C TRP U 80 18.40 77.79 -94.13
N LYS U 81 17.45 78.70 -93.96
CA LYS U 81 16.77 78.87 -92.68
C LYS U 81 15.31 78.45 -92.83
N PHE U 82 14.96 77.39 -92.17
CA PHE U 82 13.70 76.72 -91.96
C PHE U 82 13.09 77.19 -90.64
N PRO U 83 11.76 77.10 -90.46
CA PRO U 83 10.72 76.52 -91.33
C PRO U 83 10.36 77.36 -92.55
N GLU U 84 10.79 78.62 -92.57
CA GLU U 84 10.29 79.55 -93.57
C GLU U 84 11.05 79.47 -94.89
N ALA U 85 12.00 78.56 -95.02
CA ALA U 85 12.55 78.28 -96.35
C ALA U 85 11.50 77.66 -97.24
N LEU U 86 10.49 77.02 -96.66
CA LEU U 86 9.37 76.44 -97.37
C LEU U 86 8.16 77.36 -97.42
N LYS U 87 8.37 78.68 -97.34
CA LYS U 87 7.24 79.59 -97.22
C LYS U 87 6.47 79.76 -98.53
N ASN U 88 7.05 79.35 -99.65
CA ASN U 88 6.37 79.38 -100.94
C ASN U 88 6.20 77.98 -101.52
N MET U 89 6.31 76.94 -100.68
CA MET U 89 6.28 75.56 -101.13
C MET U 89 4.91 74.96 -100.85
N GLY U 90 3.96 75.25 -101.73
CA GLY U 90 2.73 74.47 -101.77
C GLY U 90 1.83 74.72 -100.57
N LEU U 91 1.19 73.65 -100.11
CA LEU U 91 0.26 73.76 -98.99
C LEU U 91 0.98 74.05 -97.67
N PHE U 92 2.19 73.55 -97.50
CA PHE U 92 2.95 73.88 -96.30
C PHE U 92 3.29 75.36 -96.25
N GLY U 93 3.64 75.93 -97.41
CA GLY U 93 3.88 77.36 -97.46
C GLY U 93 2.63 78.21 -97.47
N GLN U 94 1.47 77.59 -97.65
CA GLN U 94 0.20 78.30 -97.57
C GLN U 94 -0.46 78.18 -96.20
N ASN U 95 -0.28 77.06 -95.51
CA ASN U 95 -0.74 76.97 -94.12
C ASN U 95 0.08 77.83 -93.17
N MET U 96 1.23 78.34 -93.61
CA MET U 96 1.97 79.29 -92.79
C MET U 96 1.25 80.63 -92.71
N HIS U 97 0.48 80.98 -93.74
CA HIS U 97 -0.22 82.26 -93.76
C HIS U 97 -1.58 82.23 -93.06
N TYR U 98 -2.19 81.06 -92.91
CA TYR U 98 -3.50 80.97 -92.30
C TYR U 98 -3.46 80.60 -90.83
N HIS U 99 -2.43 79.87 -90.39
CA HIS U 99 -2.23 79.55 -88.99
C HIS U 99 -0.98 80.28 -88.51
N TYR U 100 -1.05 80.88 -87.32
CA TYR U 100 0.07 81.63 -86.78
C TYR U 100 0.86 80.83 -85.76
N LEU U 101 0.59 79.53 -85.63
CA LEU U 101 1.33 78.64 -84.75
C LEU U 101 1.49 77.30 -85.45
N GLY U 102 2.64 76.66 -85.26
CA GLY U 102 2.86 75.38 -85.90
C GLY U 102 4.17 74.75 -85.47
N ARG U 103 4.37 73.53 -85.94
CA ARG U 103 5.55 72.72 -85.63
C ARG U 103 5.63 71.58 -86.64
N ALA U 104 6.84 71.10 -86.90
CA ALA U 104 7.04 70.04 -87.89
C ALA U 104 8.38 69.35 -87.63
N GLY U 105 8.72 68.38 -88.49
CA GLY U 105 9.87 67.52 -88.26
C GLY U 105 10.98 67.55 -89.30
N TYR U 106 10.64 67.73 -90.57
CA TYR U 106 11.59 68.07 -91.64
C TYR U 106 12.67 66.97 -91.82
N THR U 107 12.26 65.87 -92.43
CA THR U 107 13.23 64.93 -92.97
C THR U 107 13.95 65.56 -94.16
N ILE U 108 15.27 65.65 -94.09
CA ILE U 108 16.06 66.39 -95.07
C ILE U 108 17.00 65.41 -95.77
N HIS U 109 16.72 65.12 -97.04
CA HIS U 109 17.63 64.35 -97.87
C HIS U 109 18.55 65.30 -98.62
N VAL U 110 19.83 64.95 -98.69
CA VAL U 110 20.83 65.73 -99.41
C VAL U 110 21.63 64.76 -100.27
N GLN U 111 21.30 64.69 -101.56
CA GLN U 111 22.11 63.95 -102.51
C GLN U 111 23.18 64.86 -103.11
N CYS U 112 24.13 64.23 -103.80
CA CYS U 112 25.21 64.96 -104.46
C CYS U 112 25.47 64.49 -105.88
N ASN U 113 25.07 63.27 -106.23
CA ASN U 113 25.19 62.66 -107.56
C ASN U 113 26.39 63.14 -108.35
N ALA U 114 27.57 63.11 -107.72
CA ALA U 114 28.81 63.37 -108.42
C ALA U 114 29.22 62.11 -109.18
N SER U 115 30.38 62.17 -109.84
CA SER U 115 30.88 61.03 -110.58
C SER U 115 31.77 60.18 -109.68
N LYS U 116 32.56 59.31 -110.29
CA LYS U 116 33.50 58.46 -109.57
C LYS U 116 34.89 59.07 -109.53
N PHE U 117 35.17 60.05 -110.38
CA PHE U 117 36.46 60.72 -110.42
C PHE U 117 36.45 62.05 -109.68
N HIS U 118 35.29 62.53 -109.24
CA HIS U 118 35.24 63.71 -108.39
C HIS U 118 35.60 63.32 -106.96
N GLN U 119 36.18 64.27 -106.24
CA GLN U 119 36.52 64.07 -104.84
C GLN U 119 36.08 65.28 -104.03
N GLY U 120 35.80 65.06 -102.76
CA GLY U 120 35.37 66.12 -101.89
C GLY U 120 34.67 65.56 -100.66
N CYS U 121 34.23 66.49 -99.81
CA CYS U 121 33.58 66.12 -98.57
C CYS U 121 32.73 67.29 -98.10
N LEU U 122 31.53 66.98 -97.60
CA LEU U 122 30.58 67.96 -97.12
C LEU U 122 30.22 67.70 -95.67
N LEU U 123 29.94 68.77 -94.94
CA LEU U 123 29.31 68.70 -93.64
C LEU U 123 27.86 69.16 -93.79
N VAL U 124 26.93 68.24 -93.58
CA VAL U 124 25.50 68.53 -93.65
C VAL U 124 25.00 68.56 -92.20
N VAL U 125 24.78 69.76 -91.68
CA VAL U 125 24.46 69.97 -90.28
C VAL U 125 23.27 70.92 -90.21
N CYS U 126 22.52 70.82 -89.11
CA CYS U 126 21.21 71.46 -89.00
C CYS U 126 21.17 72.65 -88.05
N VAL U 127 21.95 72.63 -86.98
CA VAL U 127 22.20 73.80 -86.13
C VAL U 127 20.89 74.45 -85.68
N PRO U 128 20.21 73.91 -84.68
CA PRO U 128 19.03 74.61 -84.15
C PRO U 128 19.41 75.93 -83.51
N GLU U 129 18.59 76.95 -83.74
CA GLU U 129 18.78 78.29 -83.17
C GLU U 129 20.12 78.91 -83.56
N ALA U 130 20.37 78.99 -84.87
CA ALA U 130 21.58 79.62 -85.38
C ALA U 130 21.36 81.12 -85.44
N GLU U 131 21.65 81.80 -84.33
CA GLU U 131 21.62 83.26 -84.30
C GLU U 131 22.92 83.77 -84.90
N MET U 132 22.83 84.40 -86.07
CA MET U 132 24.02 84.82 -86.79
C MET U 132 24.34 86.28 -86.50
N GLY U 133 25.59 86.65 -86.77
CA GLY U 133 26.12 87.96 -86.41
C GLY U 133 26.28 88.85 -87.63
N CYS U 134 26.12 90.14 -87.41
CA CYS U 134 26.23 91.11 -88.49
C CYS U 134 27.69 91.27 -88.92
N ALA U 135 27.87 91.74 -90.16
CA ALA U 135 29.21 91.77 -90.75
C ALA U 135 30.07 92.88 -90.14
N ASP U 136 29.51 94.08 -90.04
CA ASP U 136 30.15 95.17 -89.30
C ASP U 136 29.34 95.42 -88.04
N THR U 137 29.89 95.02 -86.89
CA THR U 137 29.16 95.14 -85.63
C THR U 137 29.00 96.60 -85.23
N ASP U 138 28.07 96.83 -84.29
CA ASP U 138 27.43 98.07 -83.84
C ASP U 138 26.14 98.38 -84.60
N THR U 139 25.68 97.44 -85.44
CA THR U 139 24.45 97.65 -86.20
C THR U 139 23.82 96.30 -86.50
N THR U 140 22.65 96.34 -87.13
CA THR U 140 21.88 95.16 -87.50
C THR U 140 21.80 95.05 -89.02
N PHE U 141 21.19 93.95 -89.49
CA PHE U 141 21.00 93.68 -90.91
C PHE U 141 19.51 93.72 -91.28
N PRO U 142 19.19 94.03 -92.55
CA PRO U 142 17.79 94.31 -92.92
C PRO U 142 16.89 93.09 -93.10
N ALA U 143 17.19 91.98 -92.45
CA ALA U 143 16.24 90.87 -92.29
C ALA U 143 16.01 90.09 -93.58
N THR U 144 16.40 90.66 -94.73
CA THR U 144 16.40 89.94 -96.00
C THR U 144 17.77 89.37 -96.32
N GLU U 145 18.71 89.47 -95.37
CA GLU U 145 20.05 88.91 -95.52
C GLU U 145 20.17 87.54 -94.88
N LEU U 146 19.31 87.20 -93.92
CA LEU U 146 19.32 85.85 -93.37
C LEU U 146 18.72 84.83 -94.32
N THR U 147 17.65 85.20 -95.02
CA THR U 147 16.94 84.22 -95.83
C THR U 147 16.45 84.85 -97.13
N THR U 148 16.52 84.06 -98.21
CA THR U 148 15.89 84.37 -99.49
C THR U 148 15.09 83.12 -99.83
N GLU U 149 14.00 82.93 -99.08
CA GLU U 149 13.16 81.73 -99.07
C GLU U 149 13.83 80.48 -99.64
N ASP U 150 13.57 80.17 -100.91
CA ASP U 150 14.07 78.95 -101.51
C ASP U 150 15.57 78.99 -101.73
N THR U 151 16.11 80.12 -102.20
CA THR U 151 17.51 80.10 -102.59
C THR U 151 18.42 80.24 -101.37
N PRO U 152 19.60 79.62 -101.41
CA PRO U 152 20.51 79.66 -100.27
C PRO U 152 21.42 80.89 -100.28
N HIS U 153 21.66 81.42 -99.08
CA HIS U 153 22.74 82.36 -98.89
C HIS U 153 24.06 81.60 -98.79
N VAL U 154 25.02 81.97 -99.61
CA VAL U 154 26.33 81.33 -99.57
C VAL U 154 27.15 81.93 -98.42
N PHE U 155 28.12 81.16 -97.95
CA PHE U 155 29.13 81.72 -97.08
C PHE U 155 30.16 82.48 -97.92
N THR U 156 31.18 83.01 -97.27
CA THR U 156 32.29 83.63 -97.95
C THR U 156 33.59 83.01 -97.44
N SER U 157 34.65 83.16 -98.25
CA SER U 157 35.94 82.60 -97.88
C SER U 157 36.71 83.50 -96.93
N ASP U 158 36.44 84.80 -96.94
CA ASP U 158 37.11 85.73 -96.03
C ASP U 158 36.09 86.65 -95.38
N SER U 159 36.57 87.66 -94.65
CA SER U 159 35.68 88.58 -93.96
C SER U 159 35.05 89.56 -94.94
N ILE U 160 33.84 90.00 -94.61
CA ILE U 160 33.09 90.94 -95.44
C ILE U 160 32.56 92.05 -94.54
N THR U 161 32.21 93.17 -95.16
CA THR U 161 31.63 94.32 -94.46
C THR U 161 30.28 94.66 -95.07
N GLY U 162 29.58 95.60 -94.43
CA GLY U 162 28.25 95.97 -94.86
C GLY U 162 27.18 95.39 -93.95
N LYS U 163 25.97 95.94 -94.09
CA LYS U 163 24.85 95.55 -93.22
C LYS U 163 24.29 94.22 -93.72
N LYS U 164 25.00 93.16 -93.41
CA LYS U 164 24.58 91.82 -93.77
C LYS U 164 25.25 90.83 -92.83
N VAL U 165 25.01 89.54 -93.07
CA VAL U 165 25.49 88.50 -92.16
C VAL U 165 26.98 88.27 -92.37
N GLN U 166 27.71 88.18 -91.27
CA GLN U 166 29.12 87.82 -91.35
C GLN U 166 29.21 86.37 -91.79
N ALA U 167 29.29 86.13 -93.10
CA ALA U 167 29.19 84.80 -93.67
C ALA U 167 30.55 84.20 -94.00
N ALA U 168 31.57 84.54 -93.23
CA ALA U 168 32.87 83.92 -93.41
C ALA U 168 32.89 82.54 -92.76
N VAL U 169 33.29 81.52 -93.51
CA VAL U 169 33.57 80.22 -92.90
C VAL U 169 34.79 80.34 -92.01
N CYS U 170 34.97 79.34 -91.15
CA CYS U 170 35.77 79.26 -89.93
C CYS U 170 35.06 79.97 -88.79
N ASN U 171 34.02 80.76 -89.06
CA ASN U 171 33.19 81.40 -88.05
C ASN U 171 31.75 81.46 -88.59
N ALA U 172 31.21 80.27 -88.89
CA ALA U 172 30.12 80.09 -89.85
C ALA U 172 29.08 81.20 -89.82
N GLY U 173 28.29 81.26 -88.75
CA GLY U 173 27.45 82.41 -88.53
C GLY U 173 27.52 82.93 -87.11
N MET U 174 27.85 82.05 -86.17
CA MET U 174 27.58 82.28 -84.76
C MET U 174 28.82 82.66 -83.96
N GLY U 175 29.98 82.77 -84.60
CA GLY U 175 31.19 83.06 -83.87
C GLY U 175 31.84 81.86 -83.23
N VAL U 176 31.49 80.66 -83.68
CA VAL U 176 32.11 79.44 -83.21
C VAL U 176 33.10 78.95 -84.25
N GLY U 177 33.91 77.97 -83.87
CA GLY U 177 34.76 77.31 -84.85
C GLY U 177 33.92 76.45 -85.77
N VAL U 178 34.24 76.50 -87.06
CA VAL U 178 33.43 75.74 -88.02
C VAL U 178 33.80 74.27 -88.01
N GLY U 179 34.97 73.91 -87.48
CA GLY U 179 35.35 72.51 -87.44
C GLY U 179 34.55 71.74 -86.41
N ASN U 180 34.38 72.30 -85.22
CA ASN U 180 33.58 71.67 -84.18
C ASN U 180 32.13 72.12 -84.25
N LEU U 181 31.59 72.10 -85.47
CA LEU U 181 30.16 72.27 -85.71
C LEU U 181 29.47 70.92 -85.79
N THR U 182 30.18 69.86 -85.43
CA THR U 182 29.74 68.48 -85.51
C THR U 182 28.92 68.07 -84.30
N ILE U 183 28.79 68.94 -83.31
CA ILE U 183 28.00 68.65 -82.11
C ILE U 183 26.51 68.54 -82.43
N PHE U 184 26.07 69.13 -83.53
CA PHE U 184 24.67 69.14 -83.91
C PHE U 184 24.34 67.87 -84.70
N PRO U 185 23.05 67.64 -85.02
CA PRO U 185 22.72 66.55 -85.95
C PRO U 185 23.37 66.76 -87.30
N HIS U 186 24.32 65.91 -87.65
CA HIS U 186 25.15 66.10 -88.82
C HIS U 186 25.24 64.82 -89.63
N GLN U 187 25.85 64.93 -90.81
CA GLN U 187 26.17 63.78 -91.64
C GLN U 187 27.24 64.20 -92.63
N TRP U 188 28.28 63.40 -92.76
CA TRP U 188 29.33 63.66 -93.73
C TRP U 188 28.95 63.05 -95.06
N ILE U 189 29.19 63.81 -96.14
CA ILE U 189 29.02 63.26 -97.47
C ILE U 189 30.40 63.21 -98.13
N ASN U 190 31.09 62.08 -97.97
CA ASN U 190 32.38 61.87 -98.61
C ASN U 190 32.15 61.22 -99.96
N LEU U 191 32.48 61.93 -101.03
CA LEU U 191 32.21 61.44 -102.38
C LEU U 191 32.99 60.18 -102.70
N ARG U 192 34.04 59.89 -101.93
CA ARG U 192 34.74 58.62 -102.06
C ARG U 192 33.82 57.45 -101.74
N THR U 193 33.05 57.57 -100.66
CA THR U 193 32.20 56.48 -100.18
C THR U 193 30.74 56.68 -100.55
N ASN U 194 30.11 57.74 -100.04
CA ASN U 194 28.68 57.93 -100.16
C ASN U 194 28.35 59.23 -100.88
N ASN U 195 27.07 59.43 -101.15
CA ASN U 195 26.57 60.62 -101.80
C ASN U 195 25.35 61.22 -101.14
N SER U 196 24.63 60.47 -100.32
CA SER U 196 23.34 60.89 -99.78
C SER U 196 23.45 61.06 -98.27
N ALA U 197 22.68 62.02 -97.76
CA ALA U 197 22.55 62.27 -96.33
C ALA U 197 21.07 62.42 -96.02
N THR U 198 20.69 62.06 -94.80
CA THR U 198 19.31 62.24 -94.37
C THR U 198 19.29 62.50 -92.87
N ILE U 199 18.60 63.56 -92.47
CA ILE U 199 18.57 64.03 -91.09
C ILE U 199 17.13 64.28 -90.70
N VAL U 200 16.77 63.89 -89.48
CA VAL U 200 15.42 64.05 -88.97
C VAL U 200 15.51 64.89 -87.70
N ILE U 201 14.81 66.02 -87.69
CA ILE U 201 15.01 67.06 -86.68
C ILE U 201 13.68 67.28 -85.97
N PRO U 202 13.51 66.74 -84.77
CA PRO U 202 12.18 66.58 -84.14
C PRO U 202 11.63 67.83 -83.45
N TYR U 203 11.72 68.97 -84.12
CA TYR U 203 11.18 70.24 -83.62
C TYR U 203 11.75 70.60 -82.24
N ILE U 204 12.96 71.13 -82.26
CA ILE U 204 13.59 71.62 -81.04
C ILE U 204 13.15 73.06 -80.79
N ASN U 205 12.43 73.28 -79.69
CA ASN U 205 12.00 74.62 -79.31
C ASN U 205 11.60 74.61 -77.85
N SER U 206 11.60 75.79 -77.23
CA SER U 206 11.30 75.95 -75.81
C SER U 206 9.81 76.16 -75.53
N VAL U 207 9.00 76.31 -76.56
CA VAL U 207 7.56 76.49 -76.43
C VAL U 207 6.93 75.44 -77.36
N PRO U 208 5.79 74.84 -77.01
CA PRO U 208 5.30 73.73 -77.86
C PRO U 208 4.94 74.15 -79.27
N MET U 209 4.48 75.38 -79.47
CA MET U 209 4.16 75.89 -80.79
C MET U 209 4.64 77.32 -80.91
N ASP U 210 5.15 77.69 -82.09
CA ASP U 210 5.64 79.04 -82.29
C ASP U 210 5.31 79.48 -83.70
N ASN U 211 5.34 80.80 -83.91
CA ASN U 211 5.03 81.36 -85.23
C ASN U 211 6.13 80.99 -86.22
N MET U 212 5.71 80.71 -87.45
CA MET U 212 6.63 80.20 -88.46
C MET U 212 7.28 81.27 -89.30
N PHE U 213 6.94 82.55 -89.09
CA PHE U 213 7.61 83.63 -89.79
C PHE U 213 8.58 84.42 -88.91
N ARG U 214 8.31 84.50 -87.61
CA ARG U 214 9.24 85.19 -86.72
C ARG U 214 10.47 84.33 -86.45
N HIS U 215 10.27 83.06 -86.14
CA HIS U 215 11.32 82.22 -85.55
C HIS U 215 11.81 81.19 -86.56
N TYR U 216 13.13 81.14 -86.73
CA TYR U 216 13.78 80.14 -87.59
C TYR U 216 14.23 79.01 -86.67
N ASN U 217 13.57 77.86 -86.78
CA ASN U 217 13.79 76.80 -85.81
C ASN U 217 15.18 76.19 -85.96
N PHE U 218 15.66 76.02 -87.19
CA PHE U 218 17.01 75.52 -87.40
C PHE U 218 17.55 76.06 -88.72
N THR U 219 18.85 75.83 -88.94
CA THR U 219 19.55 76.37 -90.10
C THR U 219 20.35 75.25 -90.77
N LEU U 220 19.78 74.66 -91.81
CA LEU U 220 20.50 73.67 -92.59
C LEU U 220 21.63 74.36 -93.34
N MET U 221 22.87 74.09 -92.94
CA MET U 221 24.04 74.64 -93.61
C MET U 221 24.95 73.51 -94.08
N ILE U 222 25.33 73.56 -95.35
CA ILE U 222 26.17 72.55 -95.99
C ILE U 222 27.52 73.20 -96.27
N ILE U 223 28.57 72.66 -95.66
CA ILE U 223 29.88 73.31 -95.66
C ILE U 223 30.90 72.33 -96.22
N PRO U 224 31.55 72.65 -97.35
CA PRO U 224 32.59 71.77 -97.91
C PRO U 224 33.90 71.91 -97.14
N PHE U 225 34.24 70.87 -96.38
CA PHE U 225 35.54 70.84 -95.71
C PHE U 225 36.66 70.53 -96.70
N ALA U 226 36.64 69.34 -97.27
CA ALA U 226 37.59 69.10 -98.34
C ALA U 226 37.04 69.63 -99.65
N PRO U 227 37.77 70.48 -100.36
CA PRO U 227 37.19 71.13 -101.54
C PRO U 227 37.03 70.16 -102.69
N LEU U 228 36.11 70.51 -103.59
CA LEU U 228 35.91 69.70 -104.79
C LEU U 228 37.17 69.76 -105.66
N ASN U 229 37.51 68.62 -106.27
CA ASN U 229 38.62 68.61 -107.20
C ASN U 229 38.34 67.59 -108.30
N PHE U 230 38.89 67.87 -109.48
CA PHE U 230 38.69 67.05 -110.67
C PHE U 230 39.72 67.50 -111.70
N THR U 231 39.74 66.81 -112.83
CA THR U 231 40.65 67.13 -113.92
C THR U 231 39.89 67.87 -115.03
N ASP U 232 40.60 68.15 -116.12
CA ASP U 232 40.12 69.06 -117.16
C ASP U 232 39.09 68.44 -118.09
N GLY U 233 38.59 67.24 -117.77
CA GLY U 233 37.58 66.62 -118.62
C GLY U 233 36.21 66.51 -117.95
N ALA U 234 36.17 66.53 -116.64
CA ALA U 234 34.93 66.32 -115.92
C ALA U 234 34.08 67.59 -115.95
N THR U 235 32.86 67.49 -115.45
CA THR U 235 32.00 68.66 -115.32
C THR U 235 32.51 69.54 -114.19
N ALA U 236 32.48 70.85 -114.42
CA ALA U 236 33.13 71.80 -113.52
C ALA U 236 32.37 72.03 -112.22
N TYR U 237 31.39 71.19 -111.91
CA TYR U 237 30.56 71.38 -110.72
C TYR U 237 29.94 70.05 -110.33
N VAL U 238 29.36 70.03 -109.13
CA VAL U 238 28.62 68.88 -108.62
C VAL U 238 27.31 69.40 -108.02
N PRO U 239 26.16 69.09 -108.61
CA PRO U 239 24.89 69.64 -108.13
C PRO U 239 24.42 68.95 -106.86
N ILE U 240 24.17 69.74 -105.82
CA ILE U 240 23.72 69.24 -104.53
C ILE U 240 22.20 69.43 -104.48
N THR U 241 21.48 68.35 -104.24
CA THR U 241 20.02 68.36 -104.27
C THR U 241 19.47 68.22 -102.85
N VAL U 242 18.62 69.17 -102.46
CA VAL U 242 18.07 69.23 -101.11
C VAL U 242 16.58 68.96 -101.18
N THR U 243 16.10 68.07 -100.31
CA THR U 243 14.71 67.65 -100.29
C THR U 243 14.23 67.59 -98.85
N ILE U 244 13.12 68.27 -98.57
CA ILE U 244 12.62 68.42 -97.20
C ILE U 244 11.20 67.87 -97.17
N ALA U 245 10.93 67.00 -96.20
CA ALA U 245 9.58 66.47 -95.99
C ALA U 245 9.09 66.87 -94.62
N PRO U 246 8.17 67.85 -94.51
CA PRO U 246 7.67 68.27 -93.20
C PRO U 246 6.81 67.20 -92.55
N MET U 247 7.31 66.55 -91.50
CA MET U 247 6.61 65.45 -90.87
C MET U 247 5.92 65.92 -89.60
N TYR U 248 4.74 65.35 -89.33
CA TYR U 248 3.98 65.60 -88.11
C TYR U 248 3.74 67.08 -87.90
N ALA U 249 3.41 67.77 -88.98
CA ALA U 249 3.10 69.19 -88.91
C ALA U 249 1.73 69.34 -88.30
N GLU U 250 1.62 70.15 -87.24
CA GLU U 250 0.34 70.47 -86.66
C GLU U 250 0.29 71.95 -86.31
N TYR U 251 -0.91 72.49 -86.31
CA TYR U 251 -1.16 73.93 -86.33
C TYR U 251 -2.17 74.23 -85.23
N ASN U 252 -2.57 75.49 -85.12
CA ASN U 252 -3.60 75.81 -84.14
C ASN U 252 -4.98 75.53 -84.73
N GLY U 253 -6.00 75.66 -83.88
CA GLY U 253 -7.37 75.46 -84.32
C GLY U 253 -8.00 76.77 -84.76
N LEU U 254 -8.82 76.68 -85.80
CA LEU U 254 -9.52 77.85 -86.32
C LEU U 254 -11.01 77.83 -86.00
N ARG U 255 -11.55 76.69 -85.61
CA ARG U 255 -12.95 76.52 -85.26
C ARG U 255 -13.21 76.99 -83.82
N LEU U 256 -14.47 77.23 -83.54
CA LEU U 256 -14.88 77.54 -82.17
C LEU U 256 -14.93 76.26 -81.34
N ALA U 257 -15.06 76.43 -80.03
CA ALA U 257 -15.19 75.28 -79.13
C ALA U 257 -16.57 75.24 -78.51
N GLY V 1 14.06 78.88 -24.86
CA GLY V 1 13.81 77.72 -25.70
C GLY V 1 15.01 76.80 -25.83
N VAL V 2 15.35 76.44 -27.06
CA VAL V 2 16.45 75.50 -27.32
C VAL V 2 17.77 76.24 -27.16
N PRO V 3 18.66 75.80 -26.27
CA PRO V 3 19.96 76.47 -26.13
C PRO V 3 20.87 76.16 -27.31
N VAL V 4 21.11 77.16 -28.14
CA VAL V 4 22.00 77.01 -29.28
C VAL V 4 23.24 77.88 -29.03
N LEU V 5 24.32 77.56 -29.73
CA LEU V 5 25.51 78.40 -29.70
C LEU V 5 26.11 78.46 -31.09
N ASN V 6 26.38 79.69 -31.55
CA ASN V 6 26.90 79.91 -32.89
C ASN V 6 28.37 79.51 -32.97
N THR V 7 28.68 78.68 -33.95
CA THR V 7 30.04 78.24 -34.20
C THR V 7 30.80 79.31 -34.97
N PRO V 8 32.11 79.20 -35.08
CA PRO V 8 32.83 80.01 -36.08
C PRO V 8 32.33 79.67 -37.47
N GLY V 9 32.09 80.71 -38.26
CA GLY V 9 31.46 80.54 -39.56
C GLY V 9 30.00 80.92 -39.61
N SER V 10 29.45 81.49 -38.54
CA SER V 10 28.09 81.99 -38.54
C SER V 10 28.09 83.42 -39.09
N ASN V 11 26.98 83.78 -39.74
CA ASN V 11 26.79 85.12 -40.31
C ASN V 11 27.90 85.49 -41.30
N GLN V 12 28.46 84.48 -41.97
CA GLN V 12 29.40 84.73 -43.04
C GLN V 12 28.75 84.35 -44.37
N PHE V 13 29.39 84.74 -45.46
CA PHE V 13 28.91 84.41 -46.79
C PHE V 13 30.01 83.66 -47.53
N LEU V 14 30.00 82.34 -47.40
CA LEU V 14 30.83 81.48 -48.23
C LEU V 14 30.21 81.42 -49.62
N THR V 15 31.02 81.69 -50.65
CA THR V 15 30.50 81.79 -52.01
C THR V 15 29.97 80.44 -52.48
N SER V 16 30.67 79.35 -52.13
CA SER V 16 30.29 78.00 -52.54
C SER V 16 29.62 77.29 -51.36
N ASP V 17 28.32 77.58 -51.19
CA ASP V 17 27.49 76.86 -50.23
C ASP V 17 26.22 76.38 -50.93
N ASP V 18 25.50 75.48 -50.27
CA ASP V 18 24.31 74.85 -50.82
C ASP V 18 23.16 74.91 -49.82
N TYR V 19 22.91 76.11 -49.30
CA TYR V 19 21.89 76.30 -48.29
C TYR V 19 20.53 76.56 -48.93
N GLN V 20 19.48 76.41 -48.13
CA GLN V 20 18.12 76.58 -48.61
C GLN V 20 17.81 78.07 -48.70
N SER V 21 17.79 78.60 -49.91
CA SER V 21 17.52 80.01 -50.11
C SER V 21 16.04 80.28 -49.88
N PRO V 22 15.67 81.31 -49.11
CA PRO V 22 14.24 81.63 -48.94
C PRO V 22 13.68 82.19 -50.24
N SER V 23 12.64 81.54 -50.76
CA SER V 23 12.12 81.88 -52.07
C SER V 23 11.34 83.18 -52.00
N ALA V 24 11.59 84.07 -52.97
CA ALA V 24 10.95 85.38 -52.96
C ALA V 24 9.52 85.32 -53.44
N MET V 25 9.18 84.34 -54.29
CA MET V 25 7.84 84.23 -54.85
C MET V 25 7.30 82.86 -54.47
N PRO V 26 6.75 82.71 -53.25
CA PRO V 26 6.34 81.39 -52.77
C PRO V 26 5.01 80.96 -53.36
N GLN V 27 4.11 81.92 -53.55
CA GLN V 27 2.82 81.63 -54.15
C GLN V 27 2.99 81.18 -55.59
N PHE V 28 4.00 81.74 -56.27
CA PHE V 28 4.22 81.51 -57.69
C PHE V 28 4.50 80.04 -57.98
N ASP V 29 3.75 79.47 -58.92
CA ASP V 29 3.95 78.11 -59.39
C ASP V 29 4.51 78.14 -60.81
N GLU V 30 5.71 77.58 -60.97
CA GLU V 30 6.46 77.66 -62.21
C GLU V 30 5.86 76.80 -63.33
N THR V 31 6.27 77.11 -64.55
CA THR V 31 5.72 76.47 -65.74
C THR V 31 6.07 74.98 -65.76
N PRO V 32 5.12 74.11 -66.15
CA PRO V 32 5.43 72.67 -66.21
C PRO V 32 6.50 72.37 -67.26
N GLU V 33 7.34 71.38 -66.94
CA GLU V 33 8.47 71.03 -67.79
C GLU V 33 8.00 70.12 -68.91
N MET V 34 8.06 70.61 -70.15
CA MET V 34 7.82 69.73 -71.29
C MET V 34 9.10 69.00 -71.64
N HIS V 35 8.95 67.97 -72.47
CA HIS V 35 10.12 67.23 -72.95
C HIS V 35 10.71 67.96 -74.16
N ILE V 36 11.93 68.45 -74.01
CA ILE V 36 12.67 69.09 -75.10
C ILE V 36 13.76 68.13 -75.56
N PRO V 37 13.91 67.89 -76.86
CA PRO V 37 14.88 66.90 -77.32
C PRO V 37 16.32 67.34 -77.08
N GLY V 38 17.17 66.38 -76.74
CA GLY V 38 18.59 66.62 -76.65
C GLY V 38 19.04 67.18 -75.32
N GLU V 39 18.75 66.47 -74.24
CA GLU V 39 19.16 66.94 -72.91
C GLU V 39 20.61 66.56 -72.65
N VAL V 40 21.34 67.48 -72.03
CA VAL V 40 22.68 67.21 -71.54
C VAL V 40 22.60 67.03 -70.04
N ARG V 41 23.15 65.92 -69.55
CA ARG V 41 23.17 65.60 -68.13
C ARG V 41 24.58 65.51 -67.60
N ASN V 42 25.59 65.74 -68.43
CA ASN V 42 26.99 65.62 -68.08
C ASN V 42 27.81 66.28 -69.18
N LEU V 43 28.83 67.05 -68.78
CA LEU V 43 29.63 67.77 -69.76
C LEU V 43 30.41 66.83 -70.67
N MET V 44 30.91 65.72 -70.13
CA MET V 44 31.69 64.78 -70.92
C MET V 44 30.88 64.09 -72.02
N GLU V 45 29.60 64.42 -72.16
CA GLU V 45 28.85 64.03 -73.35
C GLU V 45 29.14 64.93 -74.53
N ILE V 46 29.76 66.10 -74.30
CA ILE V 46 30.19 66.96 -75.38
C ILE V 46 31.56 66.54 -75.88
N ALA V 47 32.43 66.08 -74.97
CA ALA V 47 33.77 65.65 -75.36
C ALA V 47 33.75 64.38 -76.20
N GLU V 48 32.71 63.56 -76.08
CA GLU V 48 32.63 62.31 -76.82
C GLU V 48 32.17 62.49 -78.26
N VAL V 49 31.88 63.72 -78.68
CA VAL V 49 31.47 63.99 -80.05
C VAL V 49 32.71 64.29 -80.89
N ASP V 50 32.84 63.59 -82.01
CA ASP V 50 33.93 63.87 -82.94
C ASP V 50 33.79 65.27 -83.52
N SER V 51 34.93 65.90 -83.80
CA SER V 51 34.95 67.21 -84.43
C SER V 51 36.27 67.38 -85.14
N VAL V 52 36.26 68.20 -86.20
CA VAL V 52 37.40 68.26 -87.10
C VAL V 52 38.53 69.03 -86.44
N VAL V 53 39.74 68.52 -86.61
CA VAL V 53 40.92 69.01 -85.91
C VAL V 53 41.78 69.79 -86.90
N PRO V 54 42.06 71.07 -86.65
CA PRO V 54 42.88 71.87 -87.58
C PRO V 54 44.36 71.51 -87.50
N VAL V 55 44.74 70.47 -88.23
CA VAL V 55 46.13 70.02 -88.21
C VAL V 55 47.02 70.95 -89.03
N ASN V 56 46.50 71.45 -90.15
CA ASN V 56 47.25 72.33 -91.04
C ASN V 56 47.06 73.80 -90.64
N ASN V 57 47.36 74.08 -89.37
CA ASN V 57 47.20 75.44 -88.84
C ASN V 57 48.49 76.25 -88.95
N VAL V 58 49.06 76.30 -90.17
CA VAL V 58 50.28 77.05 -90.40
C VAL V 58 49.97 78.54 -90.45
N THR V 59 51.01 79.38 -90.54
CA THR V 59 50.92 80.78 -90.18
C THR V 59 49.91 81.57 -91.02
N GLY V 60 49.53 81.09 -92.19
CA GLY V 60 48.65 81.86 -93.05
C GLY V 60 47.35 81.17 -93.42
N LYS V 61 47.07 80.05 -92.76
CA LYS V 61 45.96 79.18 -93.16
C LYS V 61 45.06 78.85 -91.97
N THR V 62 44.91 79.80 -91.05
CA THR V 62 44.09 79.57 -89.85
C THR V 62 42.78 80.35 -89.84
N LYS V 63 42.64 81.38 -90.67
CA LYS V 63 41.37 82.08 -90.80
C LYS V 63 40.54 81.58 -91.97
N SER V 64 41.01 80.58 -92.71
CA SER V 64 40.27 79.90 -93.74
C SER V 64 40.01 78.46 -93.30
N MET V 65 39.31 77.71 -94.16
CA MET V 65 39.08 76.29 -93.91
C MET V 65 40.17 75.42 -94.52
N ASP V 66 41.32 75.99 -94.83
CA ASP V 66 42.50 75.20 -95.17
C ASP V 66 43.24 74.73 -93.92
N ALA V 67 42.79 75.14 -92.74
CA ALA V 67 43.38 74.65 -91.50
C ALA V 67 43.03 73.19 -91.26
N TYR V 68 41.86 72.74 -91.72
CA TYR V 68 41.38 71.41 -91.43
C TYR V 68 41.88 70.37 -92.43
N GLN V 69 42.50 70.80 -93.52
CA GLN V 69 42.81 69.93 -94.65
C GLN V 69 44.29 69.57 -94.62
N ILE V 70 44.59 68.28 -94.55
CA ILE V 70 45.96 67.78 -94.58
C ILE V 70 46.29 67.43 -96.03
N PRO V 71 47.18 68.17 -96.70
CA PRO V 71 47.44 67.90 -98.11
C PRO V 71 48.24 66.63 -98.30
N VAL V 72 47.76 65.75 -99.17
CA VAL V 72 48.41 64.49 -99.47
C VAL V 72 48.57 64.40 -100.99
N GLY V 73 49.82 64.34 -101.45
CA GLY V 73 50.09 64.32 -102.88
C GLY V 73 50.29 65.70 -103.46
N ASP V 78 58.04 64.04 -102.02
CA ASP V 78 59.04 63.86 -100.97
C ASP V 78 58.55 62.88 -99.91
N LYS V 79 59.20 61.72 -99.84
CA LYS V 79 58.85 60.67 -98.89
C LYS V 79 59.77 60.66 -97.68
N THR V 80 60.65 61.65 -97.55
CA THR V 80 61.63 61.67 -96.47
C THR V 80 61.17 62.44 -95.24
N LYS V 81 60.20 63.35 -95.40
CA LYS V 81 59.68 64.08 -94.26
C LYS V 81 58.20 63.75 -94.06
N PRO V 82 57.73 63.71 -92.82
CA PRO V 82 56.37 63.24 -92.56
C PRO V 82 55.32 64.21 -93.09
N ILE V 83 54.10 63.68 -93.25
CA ILE V 83 53.00 64.50 -93.75
C ILE V 83 52.59 65.53 -92.70
N PHE V 84 52.30 65.06 -91.49
CA PHE V 84 51.97 65.93 -90.38
C PHE V 84 52.47 65.30 -89.09
N SER V 85 52.46 66.11 -88.03
CA SER V 85 52.96 65.70 -86.73
C SER V 85 52.50 66.72 -85.68
N PHE V 86 52.00 66.25 -84.55
CA PHE V 86 51.58 67.17 -83.51
C PHE V 86 51.60 66.50 -82.14
N GLN V 87 51.78 67.32 -81.11
CA GLN V 87 51.65 66.86 -79.73
C GLN V 87 50.28 66.25 -79.49
N MET V 88 50.25 65.18 -78.68
CA MET V 88 49.01 64.51 -78.34
C MET V 88 48.62 64.90 -76.92
N ASP V 89 48.12 66.13 -76.78
CA ASP V 89 47.54 66.58 -75.52
C ASP V 89 46.54 67.71 -75.78
N PRO V 90 45.27 67.52 -75.42
CA PRO V 90 44.25 68.52 -75.76
C PRO V 90 44.42 69.86 -75.06
N GLY V 91 45.27 69.96 -74.05
CA GLY V 91 45.62 71.22 -73.44
C GLY V 91 47.03 71.64 -73.87
N TYR V 92 47.24 72.94 -74.00
CA TYR V 92 48.54 73.51 -74.33
C TYR V 92 49.10 72.96 -75.63
N SER V 93 48.22 72.65 -76.59
CA SER V 93 48.64 72.22 -77.92
C SER V 93 47.80 72.95 -78.95
N SER V 94 48.46 73.60 -79.91
CA SER V 94 47.76 74.46 -80.85
C SER V 94 46.78 73.68 -81.71
N VAL V 95 47.03 72.39 -81.93
CA VAL V 95 46.19 71.62 -82.83
C VAL V 95 44.91 71.15 -82.11
N LEU V 96 45.02 70.74 -80.85
CA LEU V 96 43.94 70.07 -80.14
C LEU V 96 43.34 70.92 -79.01
N LYS V 97 43.60 72.22 -78.99
CA LYS V 97 43.13 73.05 -77.88
C LYS V 97 41.78 73.69 -78.12
N ARG V 98 41.35 73.81 -79.39
CA ARG V 98 40.06 74.40 -79.69
C ARG V 98 39.06 73.37 -80.22
N THR V 99 39.40 72.09 -80.10
CA THR V 99 38.47 71.01 -80.37
C THR V 99 37.40 70.96 -79.28
N LEU V 100 36.26 70.33 -79.60
CA LEU V 100 35.26 70.07 -78.57
C LEU V 100 35.87 69.28 -77.41
N LEU V 101 36.74 68.32 -77.72
CA LEU V 101 37.50 67.66 -76.68
C LEU V 101 38.40 68.66 -75.94
N GLY V 102 39.22 69.39 -76.68
CA GLY V 102 40.19 70.26 -76.06
C GLY V 102 39.64 71.52 -75.45
N GLU V 103 38.37 71.83 -75.70
CA GLU V 103 37.77 73.04 -75.15
C GLU V 103 36.95 72.77 -73.89
N MET V 104 36.42 71.57 -73.73
CA MET V 104 35.75 71.22 -72.50
C MET V 104 36.74 70.73 -71.44
N LEU V 105 38.01 70.57 -71.83
CA LEU V 105 39.11 70.22 -70.94
C LEU V 105 39.89 71.42 -70.43
N ASN V 106 39.69 72.62 -71.01
CA ASN V 106 40.32 73.82 -70.47
C ASN V 106 39.50 74.45 -69.36
N TYR V 107 38.29 73.96 -69.10
CA TYR V 107 37.53 74.32 -67.91
C TYR V 107 38.01 73.60 -66.67
N TYR V 108 39.01 72.74 -66.78
CA TYR V 108 39.41 71.89 -65.68
C TYR V 108 40.92 71.82 -65.60
N ALA V 109 41.42 71.61 -64.37
CA ALA V 109 42.84 71.51 -64.11
C ALA V 109 43.35 70.08 -64.10
N HIS V 110 42.60 69.15 -63.50
CA HIS V 110 42.99 67.75 -63.46
C HIS V 110 42.08 66.98 -64.39
N TRP V 111 42.64 66.39 -65.43
CA TRP V 111 41.89 65.51 -66.31
C TRP V 111 42.79 64.39 -66.79
N SER V 112 42.20 63.22 -67.02
CA SER V 112 42.95 62.03 -67.39
C SER V 112 42.02 61.07 -68.12
N GLY V 113 42.51 60.53 -69.23
CA GLY V 113 41.72 59.60 -70.01
C GLY V 113 42.41 59.31 -71.32
N SER V 114 41.65 58.71 -72.23
CA SER V 114 42.14 58.39 -73.56
C SER V 114 41.39 59.21 -74.60
N VAL V 115 41.93 59.20 -75.82
CA VAL V 115 41.45 60.03 -76.91
C VAL V 115 41.60 59.25 -78.21
N LYS V 116 40.53 59.19 -78.98
CA LYS V 116 40.51 58.46 -80.25
C LYS V 116 40.58 59.45 -81.41
N LEU V 117 41.27 59.05 -82.47
CA LEU V 117 41.47 59.89 -83.64
C LEU V 117 41.00 59.15 -84.87
N THR V 118 40.20 59.82 -85.70
CA THR V 118 39.70 59.27 -86.94
C THR V 118 40.28 60.06 -88.10
N PHE V 119 40.88 59.35 -89.06
CA PHE V 119 41.48 59.97 -90.23
C PHE V 119 40.62 59.64 -91.45
N LEU V 120 39.79 60.59 -91.85
CA LEU V 120 38.91 60.44 -93.00
C LEU V 120 39.66 60.91 -94.24
N PHE V 121 39.92 59.99 -95.17
CA PHE V 121 40.57 60.32 -96.42
C PHE V 121 39.53 60.88 -97.38
N CYS V 122 39.66 62.16 -97.72
CA CYS V 122 38.70 62.85 -98.58
C CYS V 122 39.22 63.01 -100.01
N GLY V 123 39.85 61.97 -100.54
CA GLY V 123 40.30 61.96 -101.91
C GLY V 123 39.30 61.28 -102.83
N SER V 124 39.77 60.91 -104.02
CA SER V 124 38.90 60.32 -105.01
C SER V 124 38.57 58.88 -104.62
N ALA V 125 37.59 58.31 -105.31
CA ALA V 125 37.25 56.91 -105.12
C ALA V 125 38.15 55.99 -105.93
N MET V 126 39.07 56.56 -106.70
CA MET V 126 40.02 55.80 -107.50
C MET V 126 41.47 55.95 -107.03
N ALA V 127 41.75 56.91 -106.15
CA ALA V 127 43.10 57.09 -105.65
C ALA V 127 43.44 56.01 -104.64
N THR V 128 44.65 55.49 -104.74
CA THR V 128 45.05 54.36 -103.90
C THR V 128 46.50 54.55 -103.44
N GLY V 129 46.72 54.40 -102.15
CA GLY V 129 48.06 54.52 -101.60
C GLY V 129 48.07 54.01 -100.18
N LYS V 130 49.23 54.10 -99.54
CA LYS V 130 49.39 53.70 -98.15
C LYS V 130 50.00 54.83 -97.34
N LEU V 131 49.50 54.98 -96.12
CA LEU V 131 50.02 55.93 -95.16
C LEU V 131 50.32 55.17 -93.87
N LEU V 132 51.41 55.56 -93.21
CA LEU V 132 51.89 54.89 -92.01
C LEU V 132 51.77 55.85 -90.84
N ILE V 133 50.84 55.57 -89.93
CA ILE V 133 50.50 56.44 -88.83
C ILE V 133 51.20 55.91 -87.58
N SER V 134 52.24 56.59 -87.14
CA SER V 134 53.06 56.15 -86.03
C SER V 134 52.69 56.92 -84.76
N TYR V 135 52.83 56.24 -83.62
CA TYR V 135 52.52 56.82 -82.32
C TYR V 135 53.75 56.73 -81.42
N SER V 136 54.16 57.87 -80.88
CA SER V 136 55.27 57.74 -79.95
C SER V 136 54.77 57.85 -78.51
N PRO V 137 55.31 57.02 -77.61
CA PRO V 137 54.94 57.12 -76.20
C PRO V 137 55.36 58.47 -75.63
N PRO V 138 54.78 58.87 -74.49
CA PRO V 138 55.00 60.26 -74.02
C PRO V 138 56.44 60.58 -73.66
N GLY V 139 57.28 59.58 -73.40
CA GLY V 139 58.66 59.84 -73.09
C GLY V 139 59.58 59.77 -74.29
N ALA V 140 59.16 59.05 -75.32
CA ALA V 140 60.04 58.75 -76.43
C ALA V 140 60.21 59.97 -77.34
N SER V 141 61.25 59.91 -78.17
CA SER V 141 61.52 60.93 -79.16
C SER V 141 60.81 60.60 -80.47
N VAL V 142 60.61 61.62 -81.29
CA VAL V 142 59.87 61.46 -82.54
C VAL V 142 60.72 60.64 -83.51
N PRO V 143 60.10 59.88 -84.40
CA PRO V 143 60.89 59.20 -85.45
C PRO V 143 61.34 60.22 -86.48
N THR V 144 62.64 60.18 -86.81
CA THR V 144 63.18 61.08 -87.81
C THR V 144 63.08 60.53 -89.23
N SER V 145 62.83 59.23 -89.36
CA SER V 145 62.73 58.57 -90.65
C SER V 145 61.49 57.68 -90.66
N ARG V 146 61.16 57.15 -91.84
CA ARG V 146 60.00 56.28 -91.94
C ARG V 146 60.29 54.90 -91.36
N LYS V 147 61.52 54.41 -91.51
CA LYS V 147 61.88 53.10 -90.95
C LYS V 147 61.83 53.13 -89.43
N ASP V 148 62.34 54.19 -88.81
CA ASP V 148 62.32 54.31 -87.36
C ASP V 148 60.90 54.47 -86.82
N ALA V 149 59.99 55.00 -87.64
CA ALA V 149 58.58 55.01 -87.26
C ALA V 149 57.95 53.63 -87.43
N MET V 150 58.45 52.82 -88.38
CA MET V 150 57.91 51.50 -88.59
C MET V 150 58.29 50.56 -87.45
N LEU V 151 59.45 50.78 -86.84
CA LEU V 151 59.93 49.91 -85.77
C LEU V 151 59.21 50.17 -84.45
N GLY V 152 58.50 51.28 -84.32
CA GLY V 152 57.71 51.54 -83.14
C GLY V 152 56.27 51.09 -83.31
N THR V 153 55.32 51.86 -82.78
CA THR V 153 53.91 51.57 -82.95
C THR V 153 53.41 52.30 -84.21
N HIS V 154 52.69 51.58 -85.06
CA HIS V 154 52.20 52.16 -86.30
C HIS V 154 50.99 51.35 -86.78
N ILE V 155 50.34 51.88 -87.80
CA ILE V 155 49.27 51.19 -88.52
C ILE V 155 49.38 51.57 -89.99
N VAL V 156 49.75 50.60 -90.83
CA VAL V 156 49.88 50.86 -92.27
C VAL V 156 48.47 50.92 -92.84
N TRP V 157 47.97 52.13 -93.03
CA TRP V 157 46.56 52.37 -93.36
C TRP V 157 46.40 52.41 -94.89
N ASP V 158 45.90 51.31 -95.44
CA ASP V 158 45.64 51.23 -96.87
C ASP V 158 44.43 52.08 -97.22
N ILE V 159 44.63 53.08 -98.07
CA ILE V 159 43.56 54.01 -98.42
C ILE V 159 42.58 53.39 -99.40
N GLY V 160 43.07 52.55 -100.31
CA GLY V 160 42.22 51.99 -101.34
C GLY V 160 41.19 51.00 -100.82
N LEU V 161 41.44 50.41 -99.66
CA LEU V 161 40.49 49.47 -99.06
C LEU V 161 39.52 50.18 -98.12
N GLN V 162 40.03 50.77 -97.05
CA GLN V 162 39.23 51.55 -96.12
C GLN V 162 39.66 53.01 -96.21
N SER V 163 38.69 53.91 -95.97
CA SER V 163 38.91 55.34 -96.08
C SER V 163 38.84 56.05 -94.73
N SER V 164 38.87 55.31 -93.63
CA SER V 164 38.75 55.91 -92.30
C SER V 164 39.41 54.98 -91.30
N CYS V 165 40.53 55.40 -90.73
CA CYS V 165 41.28 54.60 -89.76
C CYS V 165 41.20 55.27 -88.40
N VAL V 166 40.86 54.48 -87.38
CA VAL V 166 40.56 54.97 -86.05
C VAL V 166 41.65 54.51 -85.09
N LEU V 167 42.16 55.45 -84.29
CA LEU V 167 43.13 55.17 -83.25
C LEU V 167 42.44 55.27 -81.89
N CYS V 168 43.21 55.01 -80.83
CA CYS V 168 42.76 55.29 -79.47
C CYS V 168 44.04 55.46 -78.63
N VAL V 169 44.39 56.71 -78.34
CA VAL V 169 45.66 57.05 -77.72
C VAL V 169 45.45 57.09 -76.20
N PRO V 170 46.11 56.23 -75.44
CA PRO V 170 45.96 56.26 -73.98
C PRO V 170 46.99 57.16 -73.30
N TRP V 171 46.96 57.18 -71.96
CA TRP V 171 47.92 57.93 -71.16
C TRP V 171 47.93 59.42 -71.52
N ILE V 172 46.75 60.03 -71.50
CA ILE V 172 46.58 61.43 -71.83
C ILE V 172 46.04 62.13 -70.61
N SER V 173 46.89 62.92 -69.95
CA SER V 173 46.51 63.57 -68.70
C SER V 173 47.45 64.73 -68.42
N GLN V 174 46.95 65.72 -67.69
CA GLN V 174 47.79 66.74 -67.09
C GLN V 174 47.20 67.09 -65.72
N SER V 175 47.98 67.85 -64.95
CA SER V 175 47.61 68.19 -63.59
C SER V 175 48.34 69.44 -63.10
N SER V 187 55.40 67.25 -72.54
CA SER V 187 56.01 65.93 -72.72
C SER V 187 54.94 64.87 -72.93
N ALA V 188 54.32 64.89 -74.11
CA ALA V 188 53.25 63.96 -74.43
C ALA V 188 53.59 63.19 -75.70
N GLY V 189 52.61 62.46 -76.22
CA GLY V 189 52.82 61.60 -77.36
C GLY V 189 52.91 62.37 -78.67
N TYR V 190 52.95 61.60 -79.75
CA TYR V 190 53.05 62.15 -81.09
C TYR V 190 52.27 61.27 -82.06
N ILE V 191 51.53 61.90 -82.95
CA ILE V 191 50.85 61.22 -84.04
C ILE V 191 51.44 61.77 -85.32
N THR V 192 52.49 61.12 -85.81
CA THR V 192 53.07 61.44 -87.10
C THR V 192 52.44 60.57 -88.18
N CYS V 193 52.65 60.96 -89.42
CA CYS V 193 52.10 60.20 -90.54
C CYS V 193 53.07 60.28 -91.70
N TRP V 194 53.24 59.16 -92.39
CA TRP V 194 54.32 58.96 -93.34
C TRP V 194 53.79 58.42 -94.65
N TYR V 195 54.52 58.72 -95.73
CA TYR V 195 54.23 58.11 -97.02
C TYR V 195 54.86 56.72 -97.03
N GLN V 196 54.03 55.70 -96.83
CA GLN V 196 54.48 54.35 -97.15
C GLN V 196 54.60 54.19 -98.65
N THR V 197 53.54 54.50 -99.37
CA THR V 197 53.54 54.57 -100.83
C THR V 197 52.95 55.91 -101.24
N ASN V 198 53.23 56.31 -102.48
CA ASN V 198 52.60 57.49 -103.03
C ASN V 198 51.14 57.19 -103.38
N ILE V 199 50.40 58.24 -103.72
CA ILE V 199 48.99 58.11 -104.09
C ILE V 199 48.94 57.71 -105.56
N VAL V 200 48.49 56.49 -105.84
CA VAL V 200 48.39 55.99 -107.21
C VAL V 200 47.01 56.34 -107.74
N VAL V 201 46.98 56.92 -108.93
CA VAL V 201 45.76 57.55 -109.43
C VAL V 201 45.62 57.29 -110.93
N PRO V 202 44.43 56.96 -111.41
CA PRO V 202 44.23 56.77 -112.85
C PRO V 202 44.30 58.09 -113.60
N PRO V 203 44.29 58.08 -114.93
CA PRO V 203 44.43 59.34 -115.69
C PRO V 203 43.29 60.33 -115.48
N GLY V 204 42.11 59.88 -115.06
CA GLY V 204 40.99 60.78 -114.92
C GLY V 204 40.90 61.50 -113.59
N ALA V 205 41.32 60.85 -112.52
CA ALA V 205 41.13 61.41 -111.19
C ALA V 205 42.26 62.39 -110.85
N PRO V 206 42.00 63.37 -109.99
CA PRO V 206 43.04 64.34 -109.63
C PRO V 206 44.11 63.71 -108.76
N THR V 207 45.27 64.37 -108.71
CA THR V 207 46.47 63.83 -108.10
C THR V 207 46.60 64.17 -106.62
N SER V 208 46.14 65.36 -106.21
CA SER V 208 46.32 65.84 -104.86
C SER V 208 45.03 65.67 -104.08
N CYS V 209 45.12 65.08 -102.89
CA CYS V 209 43.97 64.75 -102.06
C CYS V 209 44.13 65.40 -100.69
N ASP V 210 43.09 65.25 -99.87
CA ASP V 210 43.08 65.78 -98.50
C ASP V 210 42.70 64.69 -97.52
N VAL V 211 43.15 64.86 -96.28
CA VAL V 211 42.82 63.96 -95.18
C VAL V 211 42.32 64.80 -94.02
N LEU V 212 41.08 64.56 -93.61
CA LEU V 212 40.53 65.20 -92.42
C LEU V 212 40.82 64.37 -91.19
N CYS V 213 40.92 65.03 -90.04
CA CYS V 213 41.16 64.38 -88.77
C CYS V 213 40.02 64.69 -87.81
N PHE V 214 39.88 63.83 -86.79
CA PHE V 214 38.83 63.97 -85.80
C PHE V 214 39.40 63.61 -84.45
N ALA V 215 38.69 64.01 -83.38
CA ALA V 215 39.15 63.72 -82.03
C ALA V 215 37.97 63.76 -81.07
N SER V 216 37.95 62.79 -80.15
CA SER V 216 36.95 62.74 -79.09
C SER V 216 37.53 61.93 -77.93
N ALA V 217 36.70 61.62 -76.95
CA ALA V 217 37.08 60.73 -75.86
C ALA V 217 36.82 59.30 -76.27
N CYS V 218 37.79 58.41 -76.03
CA CYS V 218 37.76 57.09 -76.64
C CYS V 218 36.71 56.21 -76.00
N ASN V 219 36.84 55.92 -74.70
CA ASN V 219 35.86 55.13 -73.97
C ASN V 219 35.19 55.95 -72.88
N ASP V 220 35.96 56.50 -71.95
CA ASP V 220 35.44 57.30 -70.85
C ASP V 220 36.57 58.21 -70.38
N PHE V 221 36.19 59.38 -69.88
CA PHE V 221 37.16 60.43 -69.61
C PHE V 221 36.98 60.92 -68.20
N SER V 222 38.09 61.13 -67.50
CA SER V 222 38.07 61.55 -66.10
C SER V 222 38.60 62.97 -65.99
N VAL V 223 37.95 63.77 -65.14
CA VAL V 223 38.20 65.20 -65.10
C VAL V 223 37.73 65.74 -63.75
N ARG V 224 38.56 66.53 -63.07
CA ARG V 224 38.31 66.81 -61.65
C ARG V 224 38.08 68.28 -61.33
N LEU V 225 39.06 69.17 -61.54
CA LEU V 225 39.11 70.44 -60.81
C LEU V 225 38.73 71.59 -61.74
N LEU V 226 37.54 72.15 -61.51
CA LEU V 226 37.02 73.20 -62.38
C LEU V 226 37.79 74.50 -62.18
N ARG V 227 38.01 75.23 -63.27
CA ARG V 227 38.67 76.53 -63.23
C ARG V 227 38.07 77.41 -64.31
N ASP V 228 38.55 78.65 -64.38
CA ASP V 228 38.16 79.57 -65.45
C ASP V 228 39.01 79.33 -66.70
N THR V 229 38.39 79.48 -67.86
CA THR V 229 39.08 79.22 -69.11
C THR V 229 40.08 80.34 -69.42
N PRO V 230 41.19 80.02 -70.08
CA PRO V 230 42.18 81.06 -70.41
C PRO V 230 41.82 81.89 -71.62
N PHE V 231 41.01 81.36 -72.54
CA PHE V 231 40.76 82.02 -73.82
C PHE V 231 40.08 83.36 -73.63
N MET V 232 38.98 83.40 -72.88
CA MET V 232 38.28 84.66 -72.64
C MET V 232 39.18 85.63 -71.89
N ALA V 233 39.07 86.91 -72.24
CA ALA V 233 39.91 87.94 -71.63
C ALA V 233 39.07 88.84 -70.72
N GLY W 1 78.44 -14.31 26.09
CA GLY W 1 77.47 -15.29 25.65
C GLY W 1 76.38 -15.59 26.67
N VAL W 2 76.16 -16.88 26.93
CA VAL W 2 75.12 -17.31 27.85
C VAL W 2 75.61 -17.11 29.29
N PRO W 3 74.91 -16.31 30.10
CA PRO W 3 75.34 -16.13 31.49
C PRO W 3 75.06 -17.38 32.33
N VAL W 4 76.11 -18.08 32.71
CA VAL W 4 76.00 -19.27 33.55
C VAL W 4 76.62 -18.95 34.90
N LEU W 5 76.24 -19.73 35.91
CA LEU W 5 76.87 -19.63 37.21
C LEU W 5 77.03 -21.02 37.80
N ASN W 6 78.26 -21.32 38.26
CA ASN W 6 78.57 -22.63 38.77
C ASN W 6 77.98 -22.83 40.15
N THR W 7 77.25 -23.93 40.32
CA THR W 7 76.64 -24.30 41.59
C THR W 7 77.69 -24.93 42.48
N PRO W 8 77.38 -25.12 43.76
CA PRO W 8 78.20 -26.02 44.58
C PRO W 8 78.15 -27.43 44.01
N GLY W 9 79.31 -28.06 43.92
CA GLY W 9 79.44 -29.33 43.25
C GLY W 9 80.04 -29.28 41.87
N SER W 10 80.53 -28.11 41.44
CA SER W 10 81.24 -28.00 40.18
C SER W 10 82.71 -28.33 40.39
N ASN W 11 83.33 -28.89 39.35
CA ASN W 11 84.74 -29.25 39.37
C ASN W 11 85.07 -30.23 40.49
N GLN W 12 84.11 -31.06 40.88
CA GLN W 12 84.34 -32.13 41.83
C GLN W 12 84.27 -33.46 41.10
N PHE W 13 84.70 -34.51 41.79
CA PHE W 13 84.64 -35.86 41.22
C PHE W 13 83.84 -36.73 42.18
N LEU W 14 82.54 -36.79 41.95
CA LEU W 14 81.70 -37.77 42.62
C LEU W 14 81.92 -39.12 41.97
N THR W 15 82.21 -40.13 42.79
CA THR W 15 82.57 -41.45 42.27
C THR W 15 81.41 -42.08 41.52
N SER W 16 80.19 -41.91 42.05
CA SER W 16 78.99 -42.48 41.45
C SER W 16 78.24 -41.39 40.68
N ASP W 17 78.69 -41.13 39.46
CA ASP W 17 77.98 -40.25 38.55
C ASP W 17 77.81 -40.95 37.20
N ASP W 18 76.95 -40.38 36.37
CA ASP W 18 76.60 -40.98 35.07
C ASP W 18 76.69 -39.92 33.97
N TYR W 19 77.82 -39.23 33.93
CA TYR W 19 78.04 -38.17 32.96
C TYR W 19 78.59 -38.72 31.66
N GLN W 20 78.49 -37.90 30.61
CA GLN W 20 78.95 -38.29 29.27
C GLN W 20 80.46 -38.16 29.22
N SER W 21 81.15 -39.29 29.27
CA SER W 21 82.61 -39.28 29.21
C SER W 21 83.07 -38.96 27.80
N PRO W 22 84.02 -38.03 27.62
CA PRO W 22 84.53 -37.76 26.26
C PRO W 22 85.35 -38.95 25.78
N SER W 23 84.95 -39.51 24.63
CA SER W 23 85.55 -40.74 24.15
C SER W 23 86.94 -40.46 23.59
N ALA W 24 87.91 -41.31 23.96
CA ALA W 24 89.29 -41.09 23.54
C ALA W 24 89.52 -41.53 22.11
N MET W 25 88.74 -42.47 21.61
CA MET W 25 88.92 -42.99 20.25
C MET W 25 87.61 -42.78 19.51
N PRO W 26 87.37 -41.57 18.96
CA PRO W 26 86.07 -41.26 18.35
C PRO W 26 85.94 -41.86 16.96
N GLN W 27 87.06 -41.87 16.22
CA GLN W 27 87.06 -42.46 14.89
C GLN W 27 86.79 -43.94 14.96
N PHE W 28 87.29 -44.58 16.03
CA PHE W 28 87.23 -46.03 16.19
C PHE W 28 85.80 -46.53 16.22
N ASP W 29 85.49 -47.51 15.37
CA ASP W 29 84.19 -48.16 15.34
C ASP W 29 84.33 -49.59 15.88
N GLU W 30 83.62 -49.88 16.96
CA GLU W 30 83.76 -51.13 17.70
C GLU W 30 83.17 -52.32 16.95
N THR W 31 83.59 -53.50 17.37
CA THR W 31 83.22 -54.75 16.70
C THR W 31 81.71 -55.00 16.81
N PRO W 32 81.06 -55.45 15.74
CA PRO W 32 79.62 -55.73 15.80
C PRO W 32 79.30 -56.85 16.79
N GLU W 33 78.17 -56.71 17.46
CA GLU W 33 77.76 -57.64 18.51
C GLU W 33 77.10 -58.86 17.88
N MET W 34 77.75 -60.01 17.99
CA MET W 34 77.10 -61.26 17.59
C MET W 34 76.23 -61.76 18.73
N HIS W 35 75.36 -62.71 18.42
CA HIS W 35 74.53 -63.35 19.43
C HIS W 35 75.32 -64.46 20.11
N ILE W 36 75.59 -64.29 21.39
CA ILE W 36 76.25 -65.32 22.21
C ILE W 36 75.21 -65.95 23.12
N PRO W 37 75.14 -67.27 23.20
CA PRO W 37 74.08 -67.91 23.99
C PRO W 37 74.26 -67.67 25.48
N GLY W 38 73.13 -67.51 26.17
CA GLY W 38 73.14 -67.44 27.63
C GLY W 38 73.43 -66.06 28.18
N GLU W 39 72.62 -65.07 27.80
CA GLU W 39 72.82 -63.71 28.31
C GLU W 39 72.19 -63.57 29.67
N VAL W 40 72.89 -62.85 30.56
CA VAL W 40 72.35 -62.46 31.85
C VAL W 40 71.96 -61.00 31.77
N ARG W 41 70.72 -60.70 32.14
CA ARG W 41 70.21 -59.34 32.13
C ARG W 41 69.82 -58.87 33.53
N ASN W 42 70.01 -59.72 34.54
CA ASN W 42 69.62 -59.44 35.92
C ASN W 42 70.30 -60.47 36.81
N LEU W 43 70.82 -60.01 37.95
CA LEU W 43 71.55 -60.91 38.84
C LEU W 43 70.64 -61.97 39.43
N MET W 44 69.39 -61.61 39.76
CA MET W 44 68.48 -62.56 40.36
C MET W 44 68.08 -63.70 39.44
N GLU W 45 68.62 -63.75 38.21
CA GLU W 45 68.52 -64.94 37.39
C GLU W 45 69.54 -66.01 37.80
N ILE W 46 70.54 -65.64 38.59
CA ILE W 46 71.47 -66.61 39.15
C ILE W 46 70.92 -67.22 40.43
N ALA W 47 70.20 -66.42 41.23
CA ALA W 47 69.63 -66.92 42.47
C ALA W 47 68.51 -67.92 42.23
N GLU W 48 67.84 -67.87 41.08
CA GLU W 48 66.74 -68.77 40.78
C GLU W 48 67.21 -70.16 40.34
N VAL W 49 68.51 -70.39 40.24
CA VAL W 49 69.04 -71.70 39.85
C VAL W 49 69.26 -72.53 41.10
N ASP W 50 68.71 -73.74 41.10
CA ASP W 50 68.95 -74.68 42.20
C ASP W 50 70.42 -75.04 42.28
N SER W 51 70.88 -75.27 43.50
CA SER W 51 72.25 -75.73 43.71
C SER W 51 72.32 -76.46 45.03
N VAL W 52 73.27 -77.39 45.13
CA VAL W 52 73.29 -78.33 46.25
C VAL W 52 73.77 -77.62 47.51
N VAL W 53 73.11 -77.90 48.62
CA VAL W 53 73.30 -77.18 49.87
C VAL W 53 74.06 -78.09 50.82
N PRO W 54 75.23 -77.68 51.31
CA PRO W 54 76.02 -78.53 52.23
C PRO W 54 75.43 -78.56 53.65
N VAL W 55 74.45 -79.44 53.84
CA VAL W 55 73.79 -79.54 55.14
C VAL W 55 74.70 -80.26 56.14
N ASN W 56 75.41 -81.28 55.69
CA ASN W 56 76.28 -82.06 56.56
C ASN W 56 77.69 -81.46 56.61
N ASN W 57 77.74 -80.18 56.97
CA ASN W 57 79.02 -79.45 57.05
C ASN W 57 79.62 -79.52 58.45
N VAL W 58 79.75 -80.73 58.99
CA VAL W 58 80.33 -80.91 60.32
C VAL W 58 81.84 -80.74 60.24
N THR W 59 82.51 -80.76 61.40
CA THR W 59 83.85 -80.20 61.55
C THR W 59 84.89 -80.88 60.66
N GLY W 60 84.65 -82.10 60.19
CA GLY W 60 85.66 -82.80 59.43
C GLY W 60 85.24 -83.20 58.04
N LYS W 61 84.10 -82.70 57.58
CA LYS W 61 83.48 -83.17 56.34
C LYS W 61 83.13 -82.00 55.43
N THR W 62 83.95 -80.94 55.44
CA THR W 62 83.69 -79.76 54.63
C THR W 62 84.65 -79.59 53.46
N LYS W 63 85.79 -80.27 53.46
CA LYS W 63 86.70 -80.25 52.32
C LYS W 63 86.51 -81.45 51.40
N SER W 64 85.56 -82.32 51.70
CA SER W 64 85.16 -83.41 50.83
C SER W 64 83.73 -83.17 50.36
N MET W 65 83.23 -84.08 49.52
CA MET W 65 81.84 -84.03 49.08
C MET W 65 80.90 -84.79 50.00
N ASP W 66 81.34 -85.07 51.22
CA ASP W 66 80.42 -85.56 52.25
C ASP W 66 79.67 -84.42 52.93
N ALA W 67 79.97 -83.18 52.58
CA ALA W 67 79.22 -82.04 53.11
C ALA W 67 77.81 -81.99 52.54
N TYR W 68 77.63 -82.46 51.30
CA TYR W 68 76.36 -82.34 50.60
C TYR W 68 75.41 -83.50 50.90
N GLN W 69 75.88 -84.53 51.58
CA GLN W 69 75.15 -85.78 51.73
C GLN W 69 74.56 -85.86 53.12
N ILE W 70 73.24 -85.99 53.21
CA ILE W 70 72.54 -86.15 54.48
C ILE W 70 72.36 -87.64 54.73
N PRO W 71 73.03 -88.23 55.71
CA PRO W 71 72.94 -89.68 55.90
C PRO W 71 71.59 -90.07 56.48
N VAL W 72 70.94 -91.04 55.85
CA VAL W 72 69.63 -91.55 56.28
C VAL W 72 69.75 -93.06 56.40
N GLY W 73 69.56 -93.58 57.60
CA GLY W 73 69.70 -95.01 57.85
C GLY W 73 71.10 -95.39 58.26
N ASP W 78 68.06 -94.52 65.67
CA ASP W 78 67.58 -93.55 66.64
C ASP W 78 66.54 -92.62 66.02
N LYS W 79 65.30 -92.73 66.48
CA LYS W 79 64.20 -91.92 65.98
C LYS W 79 63.86 -90.76 66.91
N THR W 80 64.68 -90.54 67.94
CA THR W 80 64.39 -89.50 68.94
C THR W 80 65.04 -88.16 68.62
N LYS W 81 66.10 -88.14 67.82
CA LYS W 81 66.74 -86.90 67.44
C LYS W 81 66.61 -86.69 65.93
N PRO W 82 66.47 -85.44 65.48
CA PRO W 82 66.18 -85.20 64.06
C PRO W 82 67.37 -85.54 63.18
N ILE W 83 67.07 -85.73 61.88
CA ILE W 83 68.12 -86.07 60.93
C ILE W 83 69.03 -84.87 60.70
N PHE W 84 68.44 -83.72 60.36
CA PHE W 84 69.20 -82.50 60.20
C PHE W 84 68.33 -81.32 60.61
N SER W 85 68.97 -80.17 60.76
CA SER W 85 68.29 -78.95 61.20
C SER W 85 69.21 -77.76 60.94
N PHE W 86 68.67 -76.67 60.39
CA PHE W 86 69.50 -75.50 60.13
C PHE W 86 68.63 -74.25 60.08
N GLN W 87 69.27 -73.11 60.40
CA GLN W 87 68.64 -71.81 60.23
C GLN W 87 68.21 -71.60 58.78
N MET W 88 67.07 -70.95 58.60
CA MET W 88 66.56 -70.65 57.26
C MET W 88 66.79 -69.17 56.97
N ASP W 89 68.04 -68.84 56.69
CA ASP W 89 68.41 -67.51 56.21
C ASP W 89 69.71 -67.57 55.40
N PRO W 90 69.67 -67.18 54.12
CA PRO W 90 70.86 -67.35 53.27
C PRO W 90 72.04 -66.49 53.66
N GLY W 91 71.85 -65.49 54.53
CA GLY W 91 72.94 -64.73 55.11
C GLY W 91 73.19 -65.16 56.54
N TYR W 92 74.45 -65.12 56.95
CA TYR W 92 74.85 -65.41 58.33
C TYR W 92 74.41 -66.80 58.77
N SER W 93 74.38 -67.76 57.85
CA SER W 93 74.09 -69.15 58.16
C SER W 93 75.08 -70.05 57.43
N SER W 94 75.74 -70.92 58.17
CA SER W 94 76.83 -71.71 57.60
C SER W 94 76.35 -72.62 56.49
N VAL W 95 75.08 -73.03 56.52
CA VAL W 95 74.58 -73.99 55.54
C VAL W 95 74.22 -73.30 54.22
N LEU W 96 73.62 -72.11 54.29
CA LEU W 96 73.04 -71.45 53.12
C LEU W 96 73.80 -70.20 52.69
N LYS W 97 75.03 -70.01 53.16
CA LYS W 97 75.75 -68.77 52.86
C LYS W 97 76.63 -68.87 51.62
N ARG W 98 76.98 -70.08 51.19
CA ARG W 98 77.81 -70.24 50.00
C ARG W 98 77.04 -70.88 48.85
N THR W 99 75.72 -70.95 48.98
CA THR W 99 74.84 -71.33 47.88
C THR W 99 74.80 -70.21 46.83
N LEU W 100 74.42 -70.57 45.61
CA LEU W 100 74.17 -69.54 44.60
C LEU W 100 73.14 -68.53 45.09
N LEU W 101 72.11 -69.00 45.79
CA LEU W 101 71.20 -68.09 46.46
C LEU W 101 71.92 -67.27 47.51
N GLY W 102 72.62 -67.93 48.43
CA GLY W 102 73.23 -67.24 49.54
C GLY W 102 74.46 -66.44 49.21
N GLU W 103 75.00 -66.58 48.00
CA GLU W 103 76.19 -65.85 47.61
C GLU W 103 75.88 -64.61 46.79
N MET W 104 74.76 -64.60 46.06
CA MET W 104 74.35 -63.39 45.38
C MET W 104 73.57 -62.46 46.30
N LEU W 105 73.27 -62.92 47.51
CA LEU W 105 72.63 -62.13 48.55
C LEU W 105 73.61 -61.50 49.53
N ASN W 106 74.88 -61.89 49.51
CA ASN W 106 75.88 -61.23 50.33
C ASN W 106 76.47 -59.99 49.65
N TYR W 107 76.15 -59.77 48.39
CA TYR W 107 76.46 -58.50 47.72
C TYR W 107 75.50 -57.39 48.10
N TYR W 108 74.51 -57.67 48.94
CA TYR W 108 73.46 -56.71 49.21
C TYR W 108 73.15 -56.69 50.70
N ALA W 109 72.69 -55.54 51.18
CA ALA W 109 72.33 -55.36 52.57
C ALA W 109 70.86 -55.56 52.85
N HIS W 110 69.98 -55.06 51.98
CA HIS W 110 68.53 -55.23 52.13
C HIS W 110 68.06 -56.22 51.08
N TRP W 111 67.54 -57.36 51.53
CA TRP W 111 66.92 -58.31 50.63
C TRP W 111 65.75 -58.98 51.34
N SER W 112 64.74 -59.34 50.55
CA SER W 112 63.51 -59.90 51.09
C SER W 112 62.84 -60.72 50.01
N GLY W 113 62.38 -61.91 50.38
CA GLY W 113 61.71 -62.78 49.44
C GLY W 113 61.50 -64.15 50.05
N SER W 114 61.17 -65.10 49.19
CA SER W 114 60.97 -66.48 49.60
C SER W 114 62.02 -67.37 48.97
N VAL W 115 62.10 -68.59 49.48
CA VAL W 115 63.15 -69.54 49.12
C VAL W 115 62.56 -70.94 49.12
N LYS W 116 62.77 -71.67 48.03
CA LYS W 116 62.25 -73.02 47.88
C LYS W 116 63.37 -74.03 48.08
N LEU W 117 63.01 -75.17 48.67
CA LEU W 117 63.98 -76.21 48.99
C LEU W 117 63.50 -77.53 48.39
N THR W 118 64.40 -78.22 47.69
CA THR W 118 64.11 -79.50 47.08
C THR W 118 64.96 -80.57 47.76
N PHE W 119 64.31 -81.64 48.22
CA PHE W 119 64.99 -82.74 48.89
C PHE W 119 64.97 -83.95 47.96
N LEU W 120 66.10 -84.17 47.29
CA LEU W 120 66.25 -85.30 46.38
C LEU W 120 66.77 -86.50 47.17
N PHE W 121 65.95 -87.55 47.26
CA PHE W 121 66.36 -88.77 47.94
C PHE W 121 67.20 -89.61 46.98
N CYS W 122 68.48 -89.77 47.31
CA CYS W 122 69.43 -90.47 46.46
C CYS W 122 69.70 -91.89 46.96
N GLY W 123 68.67 -92.59 47.42
CA GLY W 123 68.79 -93.97 47.83
C GLY W 123 68.41 -94.93 46.72
N SER W 124 68.14 -96.17 47.11
CA SER W 124 67.83 -97.20 46.12
C SER W 124 66.43 -97.00 45.57
N ALA W 125 66.13 -97.72 44.50
CA ALA W 125 64.78 -97.72 43.94
C ALA W 125 63.86 -98.68 44.68
N MET W 126 64.38 -99.40 45.66
CA MET W 126 63.60 -100.34 46.46
C MET W 126 63.46 -99.91 47.91
N ALA W 127 64.22 -98.92 48.36
CA ALA W 127 64.13 -98.46 49.74
C ALA W 127 62.87 -97.63 49.92
N THR W 128 62.18 -97.83 51.03
CA THR W 128 60.90 -97.18 51.26
C THR W 128 60.80 -96.76 52.73
N GLY W 129 60.42 -95.51 52.95
CA GLY W 129 60.25 -95.01 54.29
C GLY W 129 59.55 -93.67 54.24
N LYS W 130 59.38 -93.08 55.43
CA LYS W 130 58.76 -91.77 55.53
C LYS W 130 59.64 -90.83 56.34
N LEU W 131 59.70 -89.58 55.89
CA LEU W 131 60.41 -88.51 56.57
C LEU W 131 59.44 -87.35 56.78
N LEU W 132 59.55 -86.69 57.94
CA LEU W 132 58.64 -85.62 58.31
C LEU W 132 59.44 -84.32 58.38
N ILE W 133 59.17 -83.44 57.42
CA ILE W 133 59.93 -82.20 57.25
C ILE W 133 59.12 -81.07 57.88
N SER W 134 59.57 -80.58 59.02
CA SER W 134 58.84 -79.57 59.78
C SER W 134 59.47 -78.20 59.56
N TYR W 135 58.63 -77.18 59.61
CA TYR W 135 59.06 -75.80 59.44
C TYR W 135 58.65 -74.97 60.64
N SER W 136 59.62 -74.29 61.24
CA SER W 136 59.19 -73.43 62.33
C SER W 136 59.16 -71.97 61.88
N PRO W 137 58.15 -71.22 62.30
CA PRO W 137 58.09 -69.80 61.98
C PRO W 137 59.27 -69.06 62.61
N PRO W 138 59.60 -67.85 62.13
CA PRO W 138 60.84 -67.21 62.57
C PRO W 138 60.88 -66.87 64.06
N GLY W 139 59.73 -66.78 64.73
CA GLY W 139 59.73 -66.49 66.15
C GLY W 139 59.70 -67.73 67.01
N ALA W 140 59.20 -68.84 66.46
CA ALA W 140 58.93 -70.01 67.26
C ALA W 140 60.21 -70.74 67.61
N SER W 141 60.11 -71.62 68.61
CA SER W 141 61.22 -72.46 69.03
C SER W 141 61.19 -73.78 68.24
N VAL W 142 62.34 -74.44 68.20
CA VAL W 142 62.47 -75.67 67.42
C VAL W 142 61.68 -76.78 68.11
N PRO W 143 61.15 -77.74 67.37
CA PRO W 143 60.52 -78.90 68.00
C PRO W 143 61.59 -79.80 68.61
N THR W 144 61.40 -80.19 69.86
CA THR W 144 62.33 -81.09 70.54
C THR W 144 62.02 -82.55 70.31
N SER W 145 60.80 -82.85 69.85
CA SER W 145 60.35 -84.21 69.62
C SER W 145 59.69 -84.29 68.25
N ARG W 146 59.38 -85.52 67.82
CA ARG W 146 58.72 -85.70 66.54
C ARG W 146 57.25 -85.31 66.62
N LYS W 147 56.60 -85.58 67.75
CA LYS W 147 55.19 -85.23 67.90
C LYS W 147 55.01 -83.71 67.88
N ASP W 148 55.88 -82.99 68.57
CA ASP W 148 55.79 -81.53 68.59
C ASP W 148 56.09 -80.91 67.23
N ALA W 149 56.86 -81.61 66.40
CA ALA W 149 57.04 -81.19 65.02
C ALA W 149 55.82 -81.52 64.17
N MET W 150 55.09 -82.59 64.52
CA MET W 150 53.90 -82.95 63.76
C MET W 150 52.76 -81.97 64.02
N LEU W 151 52.71 -81.38 65.21
CA LEU W 151 51.63 -80.46 65.56
C LEU W 151 51.80 -79.09 64.92
N GLY W 152 52.99 -78.78 64.41
CA GLY W 152 53.21 -77.54 63.69
C GLY W 152 53.01 -77.72 62.19
N THR W 153 53.84 -77.05 61.39
CA THR W 153 53.81 -77.20 59.94
C THR W 153 54.76 -78.32 59.55
N HIS W 154 54.29 -79.22 58.69
CA HIS W 154 55.11 -80.36 58.28
C HIS W 154 54.59 -80.90 56.96
N ILE W 155 55.35 -81.81 56.37
CA ILE W 155 54.94 -82.56 55.19
C ILE W 155 55.51 -83.97 55.34
N VAL W 156 54.63 -84.96 55.54
CA VAL W 156 55.07 -86.35 55.68
C VAL W 156 55.42 -86.85 54.28
N TRP W 157 56.71 -86.85 53.97
CA TRP W 157 57.21 -87.09 52.62
C TRP W 157 57.49 -88.58 52.44
N ASP W 158 56.57 -89.26 51.76
CA ASP W 158 56.75 -90.68 51.47
C ASP W 158 57.81 -90.86 50.40
N ILE W 159 58.88 -91.57 50.75
CA ILE W 159 60.01 -91.73 49.84
C ILE W 159 59.69 -92.75 48.74
N GLY W 160 58.93 -93.79 49.09
CA GLY W 160 58.65 -94.86 48.13
C GLY W 160 57.78 -94.43 46.97
N LEU W 161 56.99 -93.37 47.14
CA LEU W 161 56.13 -92.88 46.07
C LEU W 161 56.85 -91.82 45.23
N GLN W 162 57.20 -90.69 45.86
CA GLN W 162 57.95 -89.63 45.21
C GLN W 162 59.33 -89.53 45.86
N SER W 163 60.31 -89.13 45.06
CA SER W 163 61.71 -89.05 45.50
C SER W 163 62.21 -87.62 45.57
N SER W 164 61.33 -86.63 45.50
CA SER W 164 61.74 -85.23 45.51
C SER W 164 60.58 -84.40 46.02
N CYS W 165 60.74 -83.82 47.21
CA CYS W 165 59.71 -83.00 47.84
C CYS W 165 60.18 -81.56 47.89
N VAL W 166 59.32 -80.64 47.45
CA VAL W 166 59.66 -79.24 47.26
C VAL W 166 58.91 -78.41 48.29
N LEU W 167 59.62 -77.51 48.95
CA LEU W 167 59.04 -76.55 49.88
C LEU W 167 59.05 -75.16 49.23
N CYS W 168 58.53 -74.19 49.98
CA CYS W 168 58.67 -72.77 49.60
C CYS W 168 58.53 -71.98 50.90
N VAL W 169 59.66 -71.54 51.45
CA VAL W 169 59.69 -70.93 52.78
C VAL W 169 59.56 -69.42 52.61
N PRO W 170 58.50 -68.80 53.14
CA PRO W 170 58.34 -67.34 53.02
C PRO W 170 58.96 -66.59 54.18
N TRP W 171 58.80 -65.26 54.19
CA TRP W 171 59.27 -64.41 55.27
C TRP W 171 60.77 -64.55 55.51
N ILE W 172 61.54 -64.40 54.45
CA ILE W 172 62.99 -64.54 54.51
C ILE W 172 63.60 -63.20 54.10
N SER W 173 64.14 -62.48 55.08
CA SER W 173 64.65 -61.13 54.83
C SER W 173 65.59 -60.74 55.96
N GLN W 174 66.54 -59.86 55.63
CA GLN W 174 67.32 -59.16 56.63
C GLN W 174 67.56 -57.73 56.14
N SER W 175 68.08 -56.90 57.04
CA SER W 175 68.26 -55.49 56.76
C SER W 175 69.30 -54.87 57.68
N SER W 187 67.41 -64.79 64.13
CA SER W 187 66.06 -65.18 64.52
C SER W 187 65.21 -65.50 63.28
N ALA W 188 65.50 -66.62 62.65
CA ALA W 188 64.80 -67.03 61.44
C ALA W 188 64.17 -68.41 61.64
N GLY W 189 63.68 -68.97 60.54
CA GLY W 189 62.97 -70.23 60.58
C GLY W 189 63.89 -71.43 60.77
N TYR W 190 63.29 -72.61 60.66
CA TYR W 190 64.01 -73.86 60.83
C TYR W 190 63.41 -74.91 59.90
N ILE W 191 64.27 -75.68 59.25
CA ILE W 191 63.86 -76.82 58.45
C ILE W 191 64.49 -78.04 59.11
N THR W 192 63.75 -78.65 60.03
CA THR W 192 64.17 -79.91 60.62
C THR W 192 63.57 -81.07 59.85
N CYS W 193 64.09 -82.26 60.09
CA CYS W 193 63.60 -83.44 59.40
C CYS W 193 63.69 -84.63 60.35
N TRP W 194 62.66 -85.47 60.32
CA TRP W 194 62.43 -86.47 61.34
C TRP W 194 62.18 -87.83 60.71
N TYR W 195 62.51 -88.87 61.45
CA TYR W 195 62.14 -90.24 61.06
C TYR W 195 60.69 -90.46 61.45
N GLN W 196 59.80 -90.37 60.47
CA GLN W 196 58.46 -90.88 60.69
C GLN W 196 58.49 -92.40 60.75
N THR W 197 59.07 -93.03 59.74
CA THR W 197 59.34 -94.45 59.73
C THR W 197 60.80 -94.67 59.36
N ASN W 198 61.32 -95.85 59.68
CA ASN W 198 62.65 -96.20 59.22
C ASN W 198 62.64 -96.52 57.72
N ILE W 199 63.83 -96.68 57.16
CA ILE W 199 63.96 -97.02 55.75
C ILE W 199 63.81 -98.52 55.60
N VAL W 200 62.73 -98.94 54.96
CA VAL W 200 62.44 -100.36 54.76
C VAL W 200 63.07 -100.79 53.44
N VAL W 201 63.82 -101.89 53.47
CA VAL W 201 64.69 -102.24 52.37
C VAL W 201 64.67 -103.76 52.16
N PRO W 202 64.61 -104.23 50.92
CA PRO W 202 64.66 -105.68 50.67
C PRO W 202 66.05 -106.22 50.93
N PRO W 203 66.23 -107.55 50.90
CA PRO W 203 67.55 -108.13 51.23
C PRO W 203 68.65 -107.73 50.26
N GLY W 204 68.34 -107.34 49.04
CA GLY W 204 69.38 -107.03 48.07
C GLY W 204 69.91 -105.61 48.13
N ALA W 205 69.06 -104.66 48.47
CA ALA W 205 69.45 -103.26 48.39
C ALA W 205 70.18 -102.84 49.67
N PRO W 206 71.05 -101.83 49.57
CA PRO W 206 71.78 -101.39 50.77
C PRO W 206 70.88 -100.65 51.75
N THR W 207 71.35 -100.57 52.99
CA THR W 207 70.53 -100.10 54.10
C THR W 207 70.64 -98.59 54.31
N SER W 208 71.80 -98.00 54.05
CA SER W 208 72.05 -96.60 54.34
C SER W 208 71.98 -95.78 53.05
N CYS W 209 71.22 -94.71 53.07
CA CYS W 209 70.96 -93.89 51.89
C CYS W 209 71.37 -92.44 52.18
N ASP W 210 71.27 -91.61 51.15
CA ASP W 210 71.60 -90.19 51.25
C ASP W 210 70.45 -89.34 50.71
N VAL W 211 70.38 -88.11 51.21
CA VAL W 211 69.39 -87.14 50.77
C VAL W 211 70.13 -85.85 50.42
N LEU W 212 70.02 -85.42 49.17
CA LEU W 212 70.57 -84.14 48.75
C LEU W 212 69.52 -83.05 48.94
N CYS W 213 70.00 -81.83 49.15
CA CYS W 213 69.14 -80.67 49.30
C CYS W 213 69.48 -79.63 48.25
N PHE W 214 68.53 -78.73 48.00
CA PHE W 214 68.69 -77.69 46.99
C PHE W 214 68.05 -76.42 47.54
N ALA W 215 68.40 -75.29 46.91
CA ALA W 215 67.85 -74.00 47.35
C ALA W 215 67.93 -73.00 46.21
N SER W 216 66.86 -72.22 46.04
CA SER W 216 66.81 -71.14 45.08
C SER W 216 65.77 -70.13 45.54
N ALA W 217 65.45 -69.17 44.68
CA ALA W 217 64.37 -68.23 44.94
C ALA W 217 63.06 -68.81 44.43
N CYS W 218 62.02 -68.73 45.26
CA CYS W 218 60.82 -69.53 45.02
C CYS W 218 60.03 -68.97 43.84
N ASN W 219 59.55 -67.73 43.95
CA ASN W 219 58.82 -67.08 42.88
C ASN W 219 59.57 -65.85 42.36
N ASP W 220 59.86 -64.90 43.23
CA ASP W 220 60.56 -63.68 42.87
C ASP W 220 61.21 -63.13 44.13
N PHE W 221 62.33 -62.45 43.96
CA PHE W 221 63.17 -62.09 45.09
C PHE W 221 63.49 -60.61 45.02
N SER W 222 63.42 -59.93 46.15
CA SER W 222 63.63 -58.49 46.22
C SER W 222 64.91 -58.22 46.98
N VAL W 223 65.68 -57.24 46.48
CA VAL W 223 67.03 -57.00 46.96
C VAL W 223 67.45 -55.58 46.60
N ARG W 224 67.98 -54.83 47.56
CA ARG W 224 68.09 -53.38 47.40
C ARG W 224 69.52 -52.85 47.41
N LEU W 225 70.26 -52.97 48.52
CA LEU W 225 71.39 -52.08 48.78
C LEU W 225 72.71 -52.82 48.57
N LEU W 226 73.42 -52.47 47.49
CA LEU W 226 74.64 -53.17 47.14
C LEU W 226 75.77 -52.81 48.11
N ARG W 227 76.60 -53.80 48.43
CA ARG W 227 77.76 -53.62 49.29
C ARG W 227 78.88 -54.54 48.81
N ASP W 228 80.02 -54.46 49.48
CA ASP W 228 81.13 -55.37 49.23
C ASP W 228 80.94 -56.66 50.00
N THR W 229 81.35 -57.78 49.39
CA THR W 229 81.17 -59.08 50.01
C THR W 229 82.15 -59.26 51.17
N PRO W 230 81.75 -60.01 52.21
CA PRO W 230 82.66 -60.24 53.34
C PRO W 230 83.71 -61.31 53.10
N PHE W 231 83.44 -62.25 52.19
CA PHE W 231 84.30 -63.42 52.03
C PHE W 231 85.71 -63.03 51.57
N MET W 232 85.80 -62.22 50.51
CA MET W 232 87.11 -61.80 50.03
C MET W 232 87.81 -60.96 51.09
N ALA W 233 89.13 -61.12 51.18
CA ALA W 233 89.92 -60.40 52.18
C ALA W 233 90.80 -59.35 51.52
N VAL X 13 61.20 -96.11 24.85
CA VAL X 13 62.42 -96.54 24.18
C VAL X 13 62.45 -96.03 22.74
N ARG X 14 63.38 -95.13 22.46
CA ARG X 14 63.56 -94.56 21.13
C ARG X 14 64.94 -94.93 20.61
N SER X 15 64.99 -95.50 19.41
CA SER X 15 66.24 -95.94 18.81
C SER X 15 66.67 -94.87 17.81
N MET X 16 67.43 -93.89 18.29
CA MET X 16 67.94 -92.84 17.42
C MET X 16 69.04 -93.38 16.52
N THR X 17 69.15 -92.80 15.33
CA THR X 17 70.20 -93.14 14.39
C THR X 17 70.70 -91.87 13.71
N LEU X 18 72.02 -91.83 13.48
CA LEU X 18 72.65 -90.72 12.77
C LEU X 18 73.75 -91.30 11.91
N GLY X 19 73.58 -91.24 10.59
CA GLY X 19 74.57 -91.78 9.69
C GLY X 19 74.63 -93.29 9.76
N ASN X 20 75.75 -93.81 10.24
CA ASN X 20 75.94 -95.24 10.45
C ASN X 20 76.21 -95.54 11.91
N SER X 21 75.47 -94.90 12.80
CA SER X 21 75.62 -95.09 14.24
C SER X 21 74.24 -95.02 14.87
N THR X 22 73.79 -96.12 15.45
CA THR X 22 72.50 -96.21 16.11
C THR X 22 72.71 -96.52 17.58
N ILE X 23 72.07 -95.74 18.44
CA ILE X 23 72.05 -95.99 19.88
C ILE X 23 70.61 -96.22 20.29
N THR X 24 70.43 -96.75 21.50
CA THR X 24 69.12 -97.00 22.06
C THR X 24 68.96 -96.14 23.30
N THR X 25 67.97 -95.24 23.27
CA THR X 25 67.73 -94.30 24.35
C THR X 25 66.44 -94.61 25.07
N GLN X 26 66.26 -93.95 26.22
CA GLN X 26 65.08 -94.14 27.04
C GLN X 26 64.21 -92.89 27.03
N ASN X 30 64.45 -86.48 29.16
CA ASN X 30 64.17 -85.20 28.53
C ASN X 30 65.44 -84.38 28.32
N VAL X 31 65.53 -83.70 27.17
CA VAL X 31 66.76 -83.05 26.76
C VAL X 31 66.91 -81.73 27.50
N VAL X 32 68.12 -81.48 28.01
CA VAL X 32 68.46 -80.19 28.63
C VAL X 32 69.18 -79.40 27.54
N VAL X 33 68.43 -78.57 26.82
CA VAL X 33 69.01 -77.71 25.81
C VAL X 33 69.79 -76.60 26.50
N GLY X 34 71.09 -76.54 26.25
CA GLY X 34 71.96 -75.64 27.00
C GLY X 34 71.66 -74.20 26.65
N TYR X 35 71.33 -73.39 27.67
CA TYR X 35 71.03 -71.97 27.51
C TYR X 35 69.88 -71.72 26.54
N GLY X 36 68.92 -72.64 26.50
CA GLY X 36 67.70 -72.40 25.75
C GLY X 36 67.88 -72.24 24.26
N GLU X 37 69.04 -72.56 23.72
CA GLU X 37 69.30 -72.40 22.30
C GLU X 37 69.77 -73.71 21.70
N TRP X 38 69.32 -73.97 20.49
CA TRP X 38 69.70 -75.12 19.69
C TRP X 38 70.85 -74.71 18.80
N PRO X 39 71.88 -75.53 18.64
CA PRO X 39 73.02 -75.12 17.80
C PRO X 39 72.53 -74.80 16.39
N SER X 40 73.25 -73.91 15.72
CA SER X 40 72.86 -73.49 14.39
C SER X 40 74.11 -73.10 13.62
N TYR X 41 73.94 -72.93 12.31
CA TYR X 41 75.05 -72.46 11.48
C TYR X 41 75.27 -70.97 11.71
N LEU X 42 76.35 -70.47 11.12
CA LEU X 42 76.78 -69.11 11.40
C LEU X 42 75.92 -68.07 10.70
N SER X 43 75.26 -68.43 9.61
CA SER X 43 74.39 -67.50 8.90
C SER X 43 73.09 -67.26 9.68
N THR X 48 79.47 -64.12 3.62
CA THR X 48 80.57 -63.27 3.20
C THR X 48 81.48 -64.03 2.22
N ALA X 49 81.93 -63.33 1.18
CA ALA X 49 82.87 -63.92 0.23
C ALA X 49 84.34 -63.72 0.63
N GLU X 50 84.60 -62.88 1.63
CA GLU X 50 85.97 -62.73 2.12
C GLU X 50 86.39 -63.91 2.97
N ASP X 51 85.45 -64.48 3.73
CA ASP X 51 85.66 -65.71 4.49
C ASP X 51 84.42 -66.59 4.32
N GLN X 52 84.61 -67.81 3.83
CA GLN X 52 83.48 -68.68 3.50
C GLN X 52 83.58 -69.99 4.26
N PRO X 53 82.57 -70.35 5.05
CA PRO X 53 82.61 -71.63 5.77
C PRO X 53 82.22 -72.81 4.90
N THR X 54 82.73 -73.98 5.28
CA THR X 54 82.38 -75.25 4.66
C THR X 54 81.58 -76.06 5.67
N GLN X 55 80.42 -76.55 5.24
CA GLN X 55 79.57 -77.35 6.11
C GLN X 55 79.72 -78.81 5.75
N PRO X 56 80.35 -79.65 6.59
CA PRO X 56 80.52 -81.05 6.22
C PRO X 56 79.22 -81.84 6.16
N ASP X 57 78.38 -81.73 7.19
CA ASP X 57 77.10 -82.45 7.25
C ASP X 57 77.32 -83.95 7.14
N VAL X 58 77.88 -84.40 6.02
CA VAL X 58 78.18 -85.82 5.84
C VAL X 58 79.11 -86.29 6.95
N ALA X 59 78.80 -87.46 7.52
CA ALA X 59 79.51 -88.03 8.67
C ALA X 59 79.48 -86.96 9.79
N THR X 60 80.57 -86.75 10.52
CA THR X 60 80.67 -85.75 11.59
C THR X 60 79.51 -85.80 12.59
N CYS X 61 78.27 -85.91 12.09
CA CYS X 61 77.08 -85.89 12.93
C CYS X 61 76.76 -87.23 13.58
N ARG X 62 77.50 -88.29 13.25
CA ARG X 62 77.19 -89.61 13.78
C ARG X 62 77.58 -89.66 15.26
N PHE X 63 77.13 -90.72 15.93
CA PHE X 63 77.39 -90.87 17.36
C PHE X 63 78.77 -91.46 17.61
N TYR X 64 79.56 -90.77 18.43
CA TYR X 64 80.90 -91.20 18.82
C TYR X 64 80.83 -91.65 20.28
N THR X 65 80.65 -92.96 20.48
CA THR X 65 80.59 -93.52 21.82
C THR X 65 82.00 -93.65 22.38
N LEU X 66 82.26 -92.99 23.50
CA LEU X 66 83.56 -93.10 24.15
C LEU X 66 83.63 -94.40 24.92
N GLU X 67 84.81 -94.67 25.50
CA GLU X 67 84.96 -95.88 26.30
C GLU X 67 84.15 -95.78 27.58
N SER X 68 83.51 -96.88 27.95
CA SER X 68 82.66 -96.89 29.13
C SER X 68 83.52 -96.76 30.39
N VAL X 69 82.97 -96.06 31.38
CA VAL X 69 83.72 -95.69 32.57
C VAL X 69 83.09 -96.38 33.77
N GLN X 70 83.89 -97.15 34.50
CA GLN X 70 83.38 -97.89 35.65
C GLN X 70 83.31 -96.99 36.86
N TRP X 71 82.13 -96.92 37.46
CA TRP X 71 81.87 -96.08 38.62
C TRP X 71 81.75 -96.96 39.86
N GLU X 72 82.78 -96.92 40.70
CA GLU X 72 82.83 -97.70 41.93
C GLU X 72 82.34 -96.85 43.10
N LYS X 73 82.45 -97.39 44.31
CA LYS X 73 82.05 -96.65 45.51
C LYS X 73 82.99 -95.50 45.81
N THR X 74 84.24 -95.57 45.35
CA THR X 74 85.27 -94.60 45.71
C THR X 74 85.65 -93.71 44.54
N SER X 75 84.82 -93.66 43.50
CA SER X 75 85.13 -92.80 42.36
C SER X 75 84.76 -91.36 42.68
N PRO X 76 85.69 -90.41 42.53
CA PRO X 76 85.38 -89.01 42.84
C PRO X 76 84.79 -88.23 41.68
N GLY X 77 85.04 -88.65 40.45
CA GLY X 77 84.51 -87.95 39.31
C GLY X 77 85.41 -88.10 38.09
N TRP X 78 84.99 -87.44 37.00
CA TRP X 78 85.71 -87.48 35.74
C TRP X 78 85.53 -86.13 35.05
N TRP X 79 86.40 -85.86 34.08
CA TRP X 79 86.13 -84.76 33.16
C TRP X 79 86.74 -85.06 31.79
N TRP X 80 86.05 -84.61 30.76
CA TRP X 80 86.52 -84.62 29.39
C TRP X 80 86.57 -83.18 28.90
N LYS X 81 87.59 -82.85 28.11
CA LYS X 81 87.68 -81.53 27.50
C LYS X 81 87.51 -81.69 25.99
N PHE X 82 86.44 -81.15 25.49
CA PHE X 82 85.95 -80.98 24.14
C PHE X 82 86.32 -79.60 23.63
N PRO X 83 86.41 -79.38 22.31
CA PRO X 83 86.14 -80.27 21.18
C PRO X 83 87.18 -81.35 20.93
N GLU X 84 88.35 -81.21 21.56
CA GLU X 84 89.48 -82.05 21.20
C GLU X 84 89.48 -83.40 21.91
N ALA X 85 88.45 -83.71 22.69
CA ALA X 85 88.30 -85.07 23.16
C ALA X 85 87.97 -86.01 22.02
N LEU X 86 87.42 -85.46 20.93
CA LEU X 86 87.12 -86.21 19.71
C LEU X 86 88.23 -86.07 18.66
N LYS X 87 89.47 -85.83 19.09
CA LYS X 87 90.52 -85.53 18.12
C LYS X 87 91.00 -86.77 17.37
N ASN X 88 90.66 -87.97 17.86
CA ASN X 88 90.98 -89.20 17.16
C ASN X 88 89.73 -89.96 16.76
N MET X 89 88.57 -89.28 16.71
CA MET X 89 87.29 -89.93 16.46
C MET X 89 86.87 -89.67 15.01
N GLY X 90 87.43 -90.47 14.10
CA GLY X 90 86.88 -90.55 12.77
C GLY X 90 87.09 -89.30 11.94
N LEU X 91 86.07 -88.96 11.15
CA LEU X 91 86.17 -87.80 10.26
C LEU X 91 86.15 -86.50 11.04
N PHE X 92 85.44 -86.44 12.17
CA PHE X 92 85.47 -85.23 12.99
C PHE X 92 86.86 -85.01 13.57
N GLY X 93 87.54 -86.07 13.98
CA GLY X 93 88.90 -85.94 14.45
C GLY X 93 89.93 -85.78 13.35
N GLN X 94 89.52 -86.00 12.10
CA GLN X 94 90.41 -85.77 10.97
C GLN X 94 90.20 -84.41 10.32
N ASN X 95 88.98 -83.88 10.33
CA ASN X 95 88.77 -82.51 9.89
C ASN X 95 89.35 -81.48 10.85
N MET X 96 89.72 -81.89 12.07
CA MET X 96 90.42 -80.97 12.95
C MET X 96 91.83 -80.68 12.47
N HIS X 97 92.44 -81.62 11.74
CA HIS X 97 93.81 -81.44 11.26
C HIS X 97 93.89 -80.71 9.92
N TYR X 98 92.81 -80.69 9.13
CA TYR X 98 92.85 -80.04 7.83
C TYR X 98 92.26 -78.62 7.84
N HIS X 99 91.33 -78.33 8.75
CA HIS X 99 90.79 -77.01 8.93
C HIS X 99 91.23 -76.48 10.29
N TYR X 100 91.66 -75.21 10.33
CA TYR X 100 92.15 -74.63 11.58
C TYR X 100 91.09 -73.76 12.25
N LEU X 101 89.85 -73.80 11.77
CA LEU X 101 88.73 -73.09 12.37
C LEU X 101 87.50 -73.97 12.29
N GLY X 102 86.66 -73.91 13.34
CA GLY X 102 85.47 -74.73 13.34
C GLY X 102 84.60 -74.44 14.54
N ARG X 103 83.43 -75.09 14.53
CA ARG X 103 82.42 -74.94 15.57
C ARG X 103 81.44 -76.10 15.44
N ALA X 104 80.81 -76.48 16.56
CA ALA X 104 79.88 -77.61 16.57
C ALA X 104 78.96 -77.50 17.78
N GLY X 105 78.09 -78.50 17.94
CA GLY X 105 77.03 -78.45 18.94
C GLY X 105 77.03 -79.52 20.03
N TYR X 106 77.45 -80.73 19.69
CA TYR X 106 77.78 -81.78 20.68
C TYR X 106 76.58 -82.15 21.54
N THR X 107 75.65 -82.90 20.96
CA THR X 107 74.64 -83.60 21.76
C THR X 107 75.32 -84.72 22.55
N ILE X 108 75.20 -84.69 23.87
CA ILE X 108 75.93 -85.59 24.74
C ILE X 108 74.93 -86.45 25.50
N HIS X 109 74.87 -87.74 25.15
CA HIS X 109 74.10 -88.71 25.91
C HIS X 109 74.98 -89.36 26.96
N VAL X 110 74.45 -89.52 28.18
CA VAL X 110 75.16 -90.17 29.27
C VAL X 110 74.21 -91.19 29.89
N GLN X 111 74.37 -92.46 29.53
CA GLN X 111 73.65 -93.54 30.18
C GLN X 111 74.47 -94.05 31.37
N CYS X 112 73.81 -94.86 32.20
CA CYS X 112 74.46 -95.46 33.37
C CYS X 112 74.14 -96.93 33.54
N ASN X 113 73.06 -97.44 32.93
CA ASN X 113 72.65 -98.84 32.92
C ASN X 113 73.04 -99.60 34.18
N ALA X 114 72.73 -99.04 35.34
CA ALA X 114 72.89 -99.75 36.60
C ALA X 114 71.70 -100.69 36.78
N SER X 115 71.67 -101.38 37.92
CA SER X 115 70.59 -102.29 38.22
C SER X 115 69.50 -101.54 38.97
N LYS X 116 68.60 -102.30 39.61
CA LYS X 116 67.52 -101.75 40.41
C LYS X 116 67.89 -101.68 41.88
N PHE X 117 68.93 -102.41 42.30
CA PHE X 117 69.40 -102.40 43.68
C PHE X 117 70.59 -101.48 43.90
N HIS X 118 71.18 -100.94 42.84
CA HIS X 118 72.20 -99.93 42.99
C HIS X 118 71.57 -98.58 43.31
N GLN X 119 72.30 -97.76 44.05
CA GLN X 119 71.86 -96.41 44.38
C GLN X 119 72.99 -95.44 44.16
N GLY X 120 72.63 -94.20 43.87
CA GLY X 120 73.62 -93.17 43.63
C GLY X 120 73.01 -92.01 42.87
N CYS X 121 73.87 -91.02 42.61
CA CYS X 121 73.43 -89.81 41.92
C CYS X 121 74.64 -89.15 41.28
N LEU X 122 74.45 -88.66 40.06
CA LEU X 122 75.49 -88.00 39.29
C LEU X 122 75.08 -86.58 38.92
N LEU X 123 76.07 -85.71 38.83
CA LEU X 123 75.91 -84.39 38.22
C LEU X 123 76.60 -84.42 36.86
N VAL X 124 75.82 -84.31 35.79
CA VAL X 124 76.35 -84.27 34.44
C VAL X 124 76.24 -82.82 33.97
N VAL X 125 77.38 -82.12 33.96
CA VAL X 125 77.44 -80.69 33.71
C VAL X 125 78.54 -80.44 32.68
N CYS X 126 78.40 -79.34 31.94
CA CYS X 126 79.22 -79.10 30.77
C CYS X 126 80.24 -77.99 30.92
N VAL X 127 79.95 -76.96 31.71
CA VAL X 127 80.94 -75.98 32.16
C VAL X 127 81.71 -75.39 30.98
N PRO X 128 81.15 -74.44 30.24
CA PRO X 128 81.94 -73.77 29.20
C PRO X 128 83.09 -72.97 29.81
N GLU X 129 84.25 -73.03 29.16
CA GLU X 129 85.44 -72.28 29.56
C GLU X 129 85.89 -72.65 30.98
N ALA X 130 86.12 -73.94 31.21
CA ALA X 130 86.62 -74.40 32.50
C ALA X 130 88.13 -74.24 32.52
N GLU X 131 88.59 -73.07 32.94
CA GLU X 131 90.02 -72.84 33.15
C GLU X 131 90.40 -73.42 34.50
N MET X 132 91.18 -74.48 34.49
CA MET X 132 91.52 -75.19 35.72
C MET X 132 92.85 -74.71 36.28
N GLY X 133 93.06 -74.97 37.56
CA GLY X 133 94.20 -74.47 38.30
C GLY X 133 95.22 -75.55 38.58
N CYS X 134 96.49 -75.15 38.63
CA CYS X 134 97.57 -76.09 38.88
C CYS X 134 97.55 -76.56 40.34
N ALA X 135 98.16 -77.72 40.57
CA ALA X 135 98.06 -78.36 41.88
C ALA X 135 98.92 -77.64 42.91
N ASP X 136 100.17 -77.34 42.57
CA ASP X 136 101.03 -76.48 43.39
C ASP X 136 101.22 -75.17 42.64
N THR X 137 100.58 -74.12 43.14
CA THR X 137 100.64 -72.82 42.46
C THR X 137 102.03 -72.23 42.55
N ASP X 138 102.26 -71.22 41.69
CA ASP X 138 103.51 -70.58 41.27
C ASP X 138 104.12 -71.24 40.03
N THR X 139 103.40 -72.17 39.41
CA THR X 139 103.91 -72.85 38.22
C THR X 139 102.73 -73.31 37.38
N THR X 140 103.04 -73.87 36.20
CA THR X 140 102.06 -74.38 35.25
C THR X 140 102.17 -75.89 35.13
N PHE X 141 101.27 -76.48 34.35
CA PHE X 141 101.23 -77.91 34.08
C PHE X 141 101.57 -78.21 32.61
N PRO X 142 102.09 -79.41 32.32
CA PRO X 142 102.64 -79.69 30.99
C PRO X 142 101.63 -80.00 29.88
N ALA X 143 100.39 -79.51 30.02
CA ALA X 143 99.42 -79.48 28.92
C ALA X 143 98.89 -80.86 28.53
N THR X 144 99.55 -81.92 28.99
CA THR X 144 99.03 -83.27 28.85
C THR X 144 98.31 -83.72 30.11
N GLU X 145 98.12 -82.81 31.07
CA GLU X 145 97.38 -83.10 32.28
C GLU X 145 95.93 -82.65 32.21
N LEU X 146 95.60 -81.72 31.32
CA LEU X 146 94.20 -81.36 31.12
C LEU X 146 93.44 -82.42 30.35
N THR X 147 94.06 -83.02 29.34
CA THR X 147 93.33 -83.93 28.46
C THR X 147 94.21 -85.10 28.05
N THR X 148 93.58 -86.27 27.98
CA THR X 148 94.17 -87.48 27.39
C THR X 148 93.12 -87.95 26.39
N GLU X 149 92.99 -87.20 25.29
CA GLU X 149 91.95 -87.32 24.27
C GLU X 149 90.70 -88.07 24.73
N ASP X 150 90.63 -89.36 24.39
CA ASP X 150 89.43 -90.15 24.67
C ASP X 150 89.27 -90.43 26.17
N THR X 151 90.37 -90.76 26.87
CA THR X 151 90.18 -91.21 28.25
C THR X 151 90.00 -90.02 29.19
N PRO X 152 89.21 -90.20 30.25
CA PRO X 152 88.95 -89.09 31.18
C PRO X 152 90.00 -88.96 32.26
N HIS X 153 90.32 -87.73 32.61
CA HIS X 153 91.05 -87.45 33.84
C HIS X 153 90.08 -87.50 35.01
N VAL X 154 90.41 -88.31 36.01
CA VAL X 154 89.57 -88.41 37.20
C VAL X 154 89.86 -87.22 38.12
N PHE X 155 88.90 -86.91 38.97
CA PHE X 155 89.15 -86.01 40.08
C PHE X 155 89.85 -86.78 41.19
N THR X 156 90.12 -86.10 42.29
CA THR X 156 90.66 -86.74 43.49
C THR X 156 89.77 -86.37 44.67
N SER X 157 89.86 -87.19 45.72
CA SER X 157 89.07 -86.96 46.92
C SER X 157 89.68 -85.92 47.84
N ASP X 158 91.00 -85.73 47.78
CA ASP X 158 91.68 -84.74 48.60
C ASP X 158 92.65 -83.92 47.76
N SER X 159 93.45 -83.08 48.42
CA SER X 159 94.39 -82.24 47.70
C SER X 159 95.58 -83.05 47.22
N ILE X 160 96.16 -82.61 46.09
CA ILE X 160 97.31 -83.26 45.49
C ILE X 160 98.35 -82.20 45.16
N THR X 161 99.59 -82.65 44.98
CA THR X 161 100.70 -81.78 44.62
C THR X 161 101.34 -82.28 43.32
N GLY X 162 102.26 -81.50 42.80
CA GLY X 162 102.90 -81.81 41.54
C GLY X 162 102.38 -80.94 40.40
N LYS X 163 103.11 -80.95 39.29
CA LYS X 163 102.80 -80.11 38.14
C LYS X 163 101.66 -80.76 37.36
N LYS X 164 100.45 -80.62 37.91
CA LYS X 164 99.25 -81.15 37.26
C LYS X 164 98.05 -80.38 37.79
N VAL X 165 96.87 -80.78 37.33
CA VAL X 165 95.64 -80.06 37.65
C VAL X 165 95.23 -80.35 39.09
N GLN X 166 94.86 -79.31 39.82
CA GLN X 166 94.30 -79.50 41.15
C GLN X 166 92.92 -80.14 41.00
N ALA X 167 92.87 -81.46 41.01
CA ALA X 167 91.67 -82.20 40.69
C ALA X 167 90.92 -82.67 41.93
N ALA X 168 90.97 -81.90 43.00
CA ALA X 168 90.19 -82.23 44.19
C ALA X 168 88.76 -81.77 43.99
N VAL X 169 87.80 -82.68 44.21
CA VAL X 169 86.41 -82.25 44.29
C VAL X 169 86.20 -81.41 45.53
N CYS X 170 85.07 -80.70 45.56
CA CYS X 170 84.70 -79.54 46.37
C CYS X 170 85.34 -78.28 45.79
N ASN X 171 86.31 -78.41 44.90
CA ASN X 171 86.92 -77.29 44.18
C ASN X 171 87.28 -77.74 42.78
N ALA X 172 86.25 -78.19 42.04
CA ALA X 172 86.37 -79.12 40.92
C ALA X 172 87.61 -78.89 40.07
N GLY X 173 87.64 -77.79 39.33
CA GLY X 173 88.88 -77.37 38.68
C GLY X 173 89.17 -75.91 38.85
N MET X 174 88.13 -75.11 39.07
CA MET X 174 88.18 -73.66 38.86
C MET X 174 88.26 -72.88 40.16
N GLY X 175 88.27 -73.55 41.31
CA GLY X 175 88.26 -72.84 42.57
C GLY X 175 86.90 -72.39 43.02
N VAL X 176 85.84 -72.99 42.48
CA VAL X 176 84.49 -72.71 42.90
C VAL X 176 83.99 -73.85 43.77
N GLY X 177 82.86 -73.65 44.44
CA GLY X 177 82.23 -74.74 45.15
C GLY X 177 81.64 -75.73 44.16
N VAL X 178 81.83 -77.02 44.46
CA VAL X 178 81.35 -78.03 43.52
C VAL X 178 79.84 -78.25 43.64
N GLY X 179 79.24 -77.83 44.76
CA GLY X 179 77.80 -77.98 44.90
C GLY X 179 77.03 -77.04 44.01
N ASN X 180 77.44 -75.78 43.96
CA ASN X 180 76.79 -74.80 43.09
C ASN X 180 77.48 -74.75 41.72
N LEU X 181 77.72 -75.94 41.17
CA LEU X 181 78.13 -76.09 39.78
C LEU X 181 76.93 -76.33 38.88
N THR X 182 75.73 -76.15 39.43
CA THR X 182 74.46 -76.40 38.77
C THR X 182 74.02 -75.23 37.90
N ILE X 183 74.76 -74.11 37.93
CA ILE X 183 74.43 -72.95 37.13
C ILE X 183 74.60 -73.22 35.64
N PHE X 184 75.40 -74.20 35.28
CA PHE X 184 75.68 -74.52 33.89
C PHE X 184 74.60 -75.46 33.35
N PRO X 185 74.63 -75.75 32.04
CA PRO X 185 73.75 -76.82 31.52
C PRO X 185 74.05 -78.15 32.16
N HIS X 186 73.11 -78.65 32.96
CA HIS X 186 73.35 -79.82 33.79
C HIS X 186 72.18 -80.80 33.65
N GLN X 187 72.36 -81.97 34.26
CA GLN X 187 71.31 -82.98 34.36
C GLN X 187 71.69 -83.94 35.47
N TRP X 188 70.76 -84.22 36.37
CA TRP X 188 70.99 -85.19 37.43
C TRP X 188 70.65 -86.58 36.94
N ILE X 189 71.50 -87.54 37.27
CA ILE X 189 71.19 -88.94 36.99
C ILE X 189 71.02 -89.65 38.32
N ASN X 190 69.79 -89.67 38.83
CA ASN X 190 69.47 -90.39 40.06
C ASN X 190 69.06 -91.80 39.70
N LEU X 191 69.85 -92.78 40.13
CA LEU X 191 69.61 -94.16 39.75
C LEU X 191 68.30 -94.69 40.32
N ARG X 192 67.75 -94.02 41.32
CA ARG X 192 66.42 -94.36 41.80
C ARG X 192 65.37 -94.15 40.71
N THR X 193 65.44 -93.04 39.99
CA THR X 193 64.45 -92.68 38.99
C THR X 193 64.93 -92.95 37.57
N ASN X 194 65.99 -92.29 37.13
CA ASN X 194 66.41 -92.31 35.74
C ASN X 194 67.84 -92.84 35.62
N ASN X 195 68.26 -93.02 34.38
CA ASN X 195 69.62 -93.49 34.07
C ASN X 195 70.29 -92.69 32.97
N SER X 196 69.55 -91.96 32.15
CA SER X 196 70.09 -91.30 30.97
C SER X 196 70.02 -89.79 31.11
N ALA X 197 71.00 -89.13 30.53
CA ALA X 197 71.07 -87.68 30.46
C ALA X 197 71.41 -87.28 29.03
N THR X 198 70.93 -86.11 28.63
CA THR X 198 71.27 -85.60 27.30
C THR X 198 71.31 -84.08 27.35
N ILE X 199 72.40 -83.52 26.85
CA ILE X 199 72.66 -82.08 26.92
C ILE X 199 73.08 -81.60 25.55
N VAL X 200 72.57 -80.44 25.15
CA VAL X 200 72.88 -79.85 23.85
C VAL X 200 73.50 -78.49 24.10
N ILE X 201 74.71 -78.28 23.60
CA ILE X 201 75.55 -77.15 23.97
C ILE X 201 75.88 -76.37 22.71
N PRO X 202 75.21 -75.24 22.47
CA PRO X 202 75.17 -74.60 21.15
C PRO X 202 76.37 -73.70 20.83
N TYR X 203 77.57 -74.22 21.09
CA TYR X 203 78.83 -73.53 20.76
C TYR X 203 78.88 -72.13 21.40
N ILE X 204 79.22 -72.13 22.68
CA ILE X 204 79.42 -70.88 23.41
C ILE X 204 80.87 -70.42 23.21
N ASN X 205 81.04 -69.27 22.57
CA ASN X 205 82.36 -68.70 22.36
C ASN X 205 82.21 -67.22 21.98
N SER X 206 83.28 -66.46 22.19
CA SER X 206 83.27 -65.02 21.95
C SER X 206 83.67 -64.65 20.52
N VAL X 207 84.10 -65.62 19.72
CA VAL X 207 84.47 -65.40 18.32
C VAL X 207 83.68 -66.44 17.53
N PRO X 208 83.22 -66.14 16.31
CA PRO X 208 82.34 -67.11 15.62
C PRO X 208 83.01 -68.43 15.32
N MET X 209 84.31 -68.43 15.06
CA MET X 209 85.03 -69.66 14.80
C MET X 209 86.39 -69.60 15.50
N ASP X 210 86.83 -70.73 16.04
CA ASP X 210 88.10 -70.77 16.74
C ASP X 210 88.79 -72.10 16.45
N ASN X 211 90.10 -72.12 16.69
CA ASN X 211 90.88 -73.33 16.46
C ASN X 211 90.50 -74.41 17.46
N MET X 212 90.46 -75.65 16.99
CA MET X 212 89.95 -76.77 17.78
C MET X 212 91.03 -77.47 18.59
N PHE X 213 92.30 -77.07 18.46
CA PHE X 213 93.36 -77.64 19.28
C PHE X 213 93.83 -76.70 20.38
N ARG X 214 93.79 -75.39 20.15
CA ARG X 214 94.18 -74.45 21.20
C ARG X 214 93.11 -74.36 22.28
N HIS X 215 91.85 -74.23 21.88
CA HIS X 215 90.79 -73.80 22.78
C HIS X 215 89.85 -74.95 23.09
N TYR X 216 89.61 -75.19 24.38
CA TYR X 216 88.66 -76.20 24.84
C TYR X 216 87.36 -75.46 25.13
N ASN X 217 86.35 -75.71 24.28
CA ASN X 217 85.14 -74.90 24.35
C ASN X 217 84.34 -75.18 25.62
N PHE X 218 84.28 -76.44 26.05
CA PHE X 218 83.61 -76.77 27.30
C PHE X 218 84.24 -78.03 27.89
N THR X 219 83.84 -78.34 29.13
CA THR X 219 84.43 -79.43 29.89
C THR X 219 83.31 -80.29 30.48
N LEU X 220 82.97 -81.37 29.80
CA LEU X 220 82.00 -82.32 30.34
C LEU X 220 82.60 -83.01 31.56
N MET X 221 82.09 -82.71 32.74
CA MET X 221 82.54 -83.34 33.97
C MET X 221 81.36 -83.99 34.67
N ILE X 222 81.53 -85.26 35.05
CA ILE X 222 80.51 -86.07 35.69
C ILE X 222 80.96 -86.30 37.13
N ILE X 223 80.19 -85.83 38.09
CA ILE X 223 80.61 -85.78 39.48
C ILE X 223 79.58 -86.52 40.33
N PRO X 224 79.95 -87.62 41.00
CA PRO X 224 79.01 -88.35 41.87
C PRO X 224 78.83 -87.61 43.20
N PHE X 225 77.65 -87.01 43.39
CA PHE X 225 77.32 -86.41 44.67
C PHE X 225 76.99 -87.49 45.70
N ALA X 226 75.92 -88.21 45.48
CA ALA X 226 75.67 -89.34 46.37
C ALA X 226 76.48 -90.54 45.88
N PRO X 227 77.29 -91.16 46.73
CA PRO X 227 78.19 -92.21 46.24
C PRO X 227 77.42 -93.48 45.90
N LEU X 228 78.03 -94.28 45.04
CA LEU X 228 77.46 -95.57 44.69
C LEU X 228 77.43 -96.48 45.92
N ASN X 229 76.35 -97.25 46.07
CA ASN X 229 76.30 -98.22 47.15
C ASN X 229 75.50 -99.43 46.69
N PHE X 230 75.85 -100.58 47.25
CA PHE X 230 75.26 -101.86 46.89
C PHE X 230 75.68 -102.87 47.96
N THR X 231 75.18 -104.09 47.85
CA THR X 231 75.51 -105.16 48.78
C THR X 231 76.50 -106.12 48.12
N ASP X 232 76.82 -107.18 48.85
CA ASP X 232 77.93 -108.06 48.50
C ASP X 232 77.61 -109.03 47.37
N GLY X 233 76.47 -108.87 46.69
CA GLY X 233 76.15 -109.74 45.58
C GLY X 233 76.16 -109.05 44.23
N ALA X 234 75.99 -107.74 44.22
CA ALA X 234 75.89 -107.00 42.97
C ALA X 234 77.27 -106.83 42.33
N THR X 235 77.28 -106.30 41.11
CA THR X 235 78.54 -105.98 40.47
C THR X 235 79.16 -104.75 41.13
N ALA X 236 80.48 -104.79 41.31
CA ALA X 236 81.17 -103.80 42.12
C ALA X 236 81.34 -102.46 41.42
N TYR X 237 80.63 -102.22 40.33
CA TYR X 237 80.78 -100.99 39.57
C TYR X 237 79.51 -100.75 38.75
N VAL X 238 79.42 -99.55 38.19
CA VAL X 238 78.34 -99.17 37.29
C VAL X 238 78.96 -98.45 36.09
N PRO X 239 78.92 -99.03 34.89
CA PRO X 239 79.60 -98.43 33.73
C PRO X 239 78.80 -97.25 33.19
N ILE X 240 79.47 -96.10 33.09
CA ILE X 240 78.86 -94.88 32.58
C ILE X 240 79.27 -94.73 31.13
N THR X 241 78.30 -94.62 30.23
CA THR X 241 78.55 -94.59 28.80
C THR X 241 78.30 -93.18 28.27
N VAL X 242 79.30 -92.62 27.59
CA VAL X 242 79.26 -91.26 27.08
C VAL X 242 79.23 -91.30 25.56
N THR X 243 78.32 -90.54 24.96
CA THR X 243 78.12 -90.53 23.52
C THR X 243 77.93 -89.09 23.06
N ILE X 244 78.73 -88.67 22.08
CA ILE X 244 78.75 -87.28 21.63
C ILE X 244 78.44 -87.26 20.14
N ALA X 245 77.49 -86.42 19.75
CA ALA X 245 77.15 -86.22 18.35
C ALA X 245 77.43 -84.78 17.94
N PRO X 246 78.52 -84.51 17.21
CA PRO X 246 78.81 -83.13 16.81
C PRO X 246 77.81 -82.60 15.80
N MET X 247 76.95 -81.68 16.20
CA MET X 247 75.90 -81.18 15.34
C MET X 247 76.27 -79.82 14.76
N TYR X 248 75.87 -79.59 13.52
CA TYR X 248 76.05 -78.31 12.83
C TYR X 248 77.52 -77.89 12.84
N ALA X 249 78.39 -78.86 12.61
CA ALA X 249 79.82 -78.58 12.53
C ALA X 249 80.10 -77.89 11.21
N GLU X 250 80.75 -76.73 11.26
CA GLU X 250 81.18 -76.06 10.04
C GLU X 250 82.58 -75.51 10.25
N TYR X 251 83.31 -75.39 9.14
CA TYR X 251 84.74 -75.19 9.13
C TYR X 251 85.04 -74.01 8.21
N ASN X 252 86.32 -73.72 8.00
CA ASN X 252 86.66 -72.66 7.05
C ASN X 252 86.68 -73.23 5.65
N GLY X 253 86.86 -72.33 4.67
CA GLY X 253 86.93 -72.74 3.28
C GLY X 253 88.37 -72.97 2.87
N LEU X 254 88.56 -73.97 2.01
CA LEU X 254 89.88 -74.30 1.50
C LEU X 254 90.06 -73.92 0.05
N ARG X 255 88.97 -73.68 -0.66
CA ARG X 255 88.97 -73.29 -2.07
C ARG X 255 89.27 -71.80 -2.22
N LEU X 256 89.66 -71.42 -3.43
CA LEU X 256 89.82 -70.02 -3.76
C LEU X 256 88.46 -69.37 -3.99
N ALA X 257 88.47 -68.04 -4.07
CA ALA X 257 87.23 -67.31 -4.36
C ALA X 257 87.32 -66.64 -5.72
N GLN Y 43 -117.57 -82.75 68.47
CA GLN Y 43 -116.64 -82.27 67.46
C GLN Y 43 -115.22 -82.75 67.76
N THR Y 44 -114.34 -82.64 66.77
CA THR Y 44 -112.96 -83.04 66.92
C THR Y 44 -112.05 -82.02 66.26
N ARG Y 45 -110.81 -81.94 66.74
CA ARG Y 45 -109.85 -80.97 66.24
C ARG Y 45 -109.27 -81.49 64.93
N HIS Y 46 -109.62 -80.83 63.83
CA HIS Y 46 -109.17 -81.24 62.51
C HIS Y 46 -108.04 -80.34 62.04
N VAL Y 47 -107.36 -80.76 60.96
CA VAL Y 47 -106.34 -79.95 60.33
C VAL Y 47 -107.05 -78.90 59.47
N VAL Y 48 -107.24 -77.71 60.03
CA VAL Y 48 -107.91 -76.62 59.34
C VAL Y 48 -106.82 -75.93 58.53
N ASN Y 49 -106.54 -76.46 57.34
CA ASN Y 49 -105.44 -76.00 56.50
C ASN Y 49 -106.00 -75.18 55.35
N PHE Y 50 -105.76 -73.88 55.41
CA PHE Y 50 -106.05 -72.94 54.33
C PHE Y 50 -105.45 -71.60 54.76
N HIS Y 51 -105.37 -70.68 53.80
CA HIS Y 51 -104.77 -69.37 54.06
C HIS Y 51 -105.63 -68.32 53.37
N SER Y 52 -106.48 -67.66 54.14
CA SER Y 52 -107.41 -66.69 53.58
C SER Y 52 -107.79 -65.66 54.64
N ARG Y 53 -107.84 -64.40 54.22
CA ARG Y 53 -108.38 -63.33 55.05
C ARG Y 53 -109.31 -62.43 54.25
N SER Y 54 -109.98 -62.99 53.25
CA SER Y 54 -110.94 -62.23 52.47
C SER Y 54 -112.23 -62.01 53.25
N GLU Y 55 -112.53 -62.89 54.20
CA GLU Y 55 -113.73 -62.76 55.03
C GLU Y 55 -113.48 -61.85 56.23
N SER Y 56 -112.26 -61.38 56.42
CA SER Y 56 -111.93 -60.53 57.55
C SER Y 56 -111.78 -59.08 57.14
N THR Y 57 -111.99 -58.75 55.87
CA THR Y 57 -111.96 -57.36 55.47
C THR Y 57 -113.19 -56.63 56.02
N ILE Y 58 -113.16 -55.30 55.96
CA ILE Y 58 -114.20 -54.51 56.58
C ILE Y 58 -115.52 -54.65 55.83
N GLU Y 59 -115.46 -54.69 54.50
CA GLU Y 59 -116.69 -54.80 53.71
C GLU Y 59 -117.32 -56.17 53.84
N ASN Y 60 -116.51 -57.20 54.11
CA ASN Y 60 -117.02 -58.55 54.32
C ASN Y 60 -117.34 -58.84 55.77
N PHE Y 61 -117.17 -57.86 56.65
CA PHE Y 61 -117.46 -57.96 58.07
C PHE Y 61 -118.66 -57.15 58.49
N MET Y 62 -118.79 -55.93 57.97
CA MET Y 62 -119.88 -55.02 58.27
C MET Y 62 -121.03 -55.10 57.27
N GLY Y 63 -120.71 -55.29 56.00
CA GLY Y 63 -121.71 -55.29 54.95
C GLY Y 63 -122.58 -56.52 54.95
N ARG Y 64 -123.41 -56.67 55.98
CA ARG Y 64 -124.36 -57.77 56.06
C ARG Y 64 -125.71 -57.26 56.53
N ALA Y 65 -126.76 -57.67 55.82
CA ALA Y 65 -128.10 -57.16 56.08
C ALA Y 65 -128.66 -57.79 57.34
N ALA Y 66 -129.16 -56.94 58.24
CA ALA Y 66 -129.73 -57.38 59.51
C ALA Y 66 -131.00 -56.61 59.77
N CYS Y 67 -131.99 -57.29 60.35
CA CYS Y 67 -133.28 -56.66 60.60
C CYS Y 67 -133.15 -55.75 61.82
N VAL Y 68 -133.48 -54.48 61.65
CA VAL Y 68 -133.24 -53.47 62.67
C VAL Y 68 -134.50 -52.77 63.13
N PHE Y 69 -135.67 -53.04 62.54
CA PHE Y 69 -136.87 -52.28 62.91
C PHE Y 69 -138.11 -53.08 62.52
N MET Y 70 -138.78 -53.64 63.52
CA MET Y 70 -140.14 -54.14 63.39
C MET Y 70 -141.12 -53.11 63.94
N ASP Y 71 -142.22 -52.89 63.22
CA ASP Y 71 -143.24 -51.98 63.71
C ASP Y 71 -144.57 -52.30 63.05
N GLN Y 72 -145.65 -52.01 63.79
CA GLN Y 72 -147.01 -52.17 63.32
C GLN Y 72 -147.57 -50.80 62.92
N TYR Y 73 -148.46 -50.80 61.94
CA TYR Y 73 -149.20 -49.59 61.61
C TYR Y 73 -150.51 -49.95 60.92
N LYS Y 74 -151.60 -49.36 61.39
CA LYS Y 74 -152.94 -49.72 60.96
C LYS Y 74 -153.25 -49.07 59.62
N ILE Y 75 -154.52 -49.07 59.22
CA ILE Y 75 -154.92 -48.44 57.97
C ILE Y 75 -156.07 -47.45 58.20
N ASN Y 76 -156.93 -47.74 59.17
CA ASN Y 76 -158.14 -46.94 59.35
C ASN Y 76 -158.44 -46.74 60.83
N GLY Y 77 -159.37 -45.83 61.09
CA GLY Y 77 -159.72 -45.43 62.44
C GLY Y 77 -158.76 -44.39 63.00
N GLU Y 78 -159.24 -43.66 64.00
CA GLU Y 78 -158.45 -42.71 64.78
C GLU Y 78 -157.68 -41.76 63.86
N GLU Y 79 -158.44 -40.87 63.22
CA GLU Y 79 -157.89 -40.02 62.18
C GLU Y 79 -156.71 -39.19 62.67
N THR Y 80 -156.70 -38.82 63.95
CA THR Y 80 -155.55 -38.19 64.59
C THR Y 80 -154.93 -39.20 65.56
N SER Y 81 -154.06 -40.06 65.03
CA SER Y 81 -153.37 -41.05 65.84
C SER Y 81 -151.95 -41.22 65.35
N THR Y 82 -151.10 -41.73 66.24
CA THR Y 82 -149.71 -42.01 65.95
C THR Y 82 -149.46 -43.48 65.66
N ASP Y 83 -150.50 -44.30 65.59
CA ASP Y 83 -150.38 -45.72 65.34
C ASP Y 83 -150.75 -46.11 63.91
N ARG Y 84 -150.74 -45.14 62.99
CA ARG Y 84 -151.01 -45.40 61.58
C ARG Y 84 -149.78 -45.20 60.70
N PHE Y 85 -148.61 -45.00 61.30
CA PHE Y 85 -147.37 -44.87 60.54
C PHE Y 85 -146.20 -45.25 61.44
N ALA Y 86 -145.04 -45.44 60.82
CA ALA Y 86 -143.82 -45.82 61.51
C ALA Y 86 -142.79 -44.70 61.39
N VAL Y 87 -141.76 -44.77 62.24
CA VAL Y 87 -140.81 -43.67 62.34
C VAL Y 87 -139.37 -44.13 62.11
N TRP Y 88 -138.79 -44.82 63.08
CA TRP Y 88 -137.41 -45.31 63.05
C TRP Y 88 -136.39 -44.28 62.57
N THR Y 89 -136.00 -43.36 63.45
CA THR Y 89 -134.83 -42.53 63.20
C THR Y 89 -133.60 -43.40 62.96
N ILE Y 90 -132.98 -43.26 61.78
CA ILE Y 90 -131.94 -44.19 61.36
C ILE Y 90 -130.67 -43.96 62.17
N ASN Y 91 -130.24 -44.97 62.92
CA ASN Y 91 -128.96 -44.92 63.61
C ASN Y 91 -128.40 -46.33 63.72
N ILE Y 92 -127.08 -46.41 63.92
CA ILE Y 92 -126.42 -47.70 64.07
C ILE Y 92 -126.66 -48.31 65.44
N ARG Y 93 -127.13 -47.53 66.40
CA ARG Y 93 -127.32 -48.02 67.78
C ARG Y 93 -128.71 -48.60 67.97
N GLU Y 94 -129.10 -49.48 67.05
CA GLU Y 94 -130.44 -50.06 67.06
C GLU Y 94 -130.49 -51.34 67.90
N MET Y 95 -129.78 -52.38 67.46
CA MET Y 95 -129.68 -53.61 68.22
C MET Y 95 -128.22 -53.88 68.56
N ALA Y 96 -128.00 -54.53 69.71
CA ALA Y 96 -126.67 -54.61 70.28
C ALA Y 96 -125.72 -55.49 69.47
N GLN Y 97 -126.25 -56.41 68.67
CA GLN Y 97 -125.38 -57.26 67.87
C GLN Y 97 -124.67 -56.46 66.77
N LEU Y 98 -125.43 -55.63 66.03
CA LEU Y 98 -124.80 -54.76 65.06
C LEU Y 98 -124.07 -53.61 65.73
N ARG Y 99 -124.66 -53.01 66.77
CA ARG Y 99 -124.01 -51.91 67.46
C ARG Y 99 -122.61 -52.27 67.91
N ARG Y 100 -122.41 -53.52 68.34
CA ARG Y 100 -121.09 -53.95 68.80
C ARG Y 100 -120.07 -53.91 67.67
N LYS Y 101 -120.48 -54.26 66.44
CA LYS Y 101 -119.54 -54.26 65.33
C LYS Y 101 -119.16 -52.86 64.89
N CYS Y 102 -120.08 -51.91 64.96
CA CYS Y 102 -119.77 -50.53 64.59
C CYS Y 102 -118.86 -49.87 65.62
N GLU Y 103 -118.78 -50.41 66.83
CA GLU Y 103 -117.91 -49.86 67.86
C GLU Y 103 -116.54 -50.52 67.88
N MET Y 104 -116.23 -51.37 66.91
CA MET Y 104 -114.84 -51.77 66.69
C MET Y 104 -114.01 -50.60 66.19
N PHE Y 105 -114.66 -49.62 65.57
CA PHE Y 105 -113.99 -48.56 64.84
C PHE Y 105 -114.56 -47.22 65.29
N THR Y 106 -113.69 -46.23 65.40
CA THR Y 106 -114.15 -44.90 65.82
C THR Y 106 -114.88 -44.19 64.69
N TYR Y 107 -114.26 -44.11 63.51
CA TYR Y 107 -114.83 -43.41 62.38
C TYR Y 107 -115.08 -44.38 61.24
N MET Y 108 -116.21 -44.22 60.56
CA MET Y 108 -116.54 -45.03 59.40
C MET Y 108 -117.50 -44.27 58.51
N ARG Y 109 -117.40 -44.50 57.22
CA ARG Y 109 -118.31 -43.92 56.24
C ARG Y 109 -118.76 -45.01 55.28
N PHE Y 110 -120.03 -44.93 54.88
CA PHE Y 110 -120.65 -46.04 54.17
C PHE Y 110 -121.99 -45.60 53.61
N ASP Y 111 -122.31 -46.08 52.41
CA ASP Y 111 -123.66 -45.99 51.91
C ASP Y 111 -124.52 -47.06 52.56
N ILE Y 112 -125.80 -46.75 52.75
CA ILE Y 112 -126.75 -47.68 53.32
C ILE Y 112 -127.76 -48.05 52.25
N GLU Y 113 -128.17 -49.32 52.23
CA GLU Y 113 -129.08 -49.84 51.21
C GLU Y 113 -130.05 -50.76 51.94
N MET Y 114 -131.17 -50.21 52.37
CA MET Y 114 -132.15 -50.95 53.14
C MET Y 114 -133.26 -51.47 52.24
N THR Y 115 -133.74 -52.67 52.55
CA THR Y 115 -134.84 -53.29 51.82
C THR Y 115 -135.90 -53.69 52.84
N MET Y 116 -137.08 -53.11 52.71
CA MET Y 116 -138.17 -53.39 53.64
C MET Y 116 -138.87 -54.68 53.25
N VAL Y 117 -139.45 -55.35 54.24
CA VAL Y 117 -140.21 -56.57 54.05
C VAL Y 117 -141.54 -56.33 54.76
N ILE Y 118 -142.59 -56.08 53.99
CA ILE Y 118 -143.86 -55.59 54.52
C ILE Y 118 -144.90 -56.70 54.40
N THR Y 119 -145.59 -56.97 55.48
CA THR Y 119 -146.65 -57.97 55.53
C THR Y 119 -147.98 -57.29 55.82
N SER Y 120 -149.02 -58.09 55.99
CA SER Y 120 -150.33 -57.56 56.33
C SER Y 120 -151.17 -58.66 56.95
N CYS Y 121 -152.16 -58.24 57.72
CA CYS Y 121 -153.08 -59.15 58.41
C CYS Y 121 -154.47 -58.55 58.26
N GLN Y 122 -155.42 -59.03 59.06
CA GLN Y 122 -156.77 -58.46 59.05
C GLN Y 122 -157.56 -58.91 60.29
N MET Y 132 -160.89 -57.51 50.61
CA MET Y 132 -160.05 -56.32 50.61
C MET Y 132 -159.48 -56.05 49.23
N PRO Y 133 -158.90 -54.87 49.02
CA PRO Y 133 -158.24 -54.60 47.72
C PRO Y 133 -156.79 -55.02 47.74
N VAL Y 134 -156.03 -54.69 46.70
CA VAL Y 134 -154.59 -54.83 46.71
C VAL Y 134 -153.99 -53.59 47.33
N LEU Y 135 -153.09 -53.78 48.29
CA LEU Y 135 -152.58 -52.69 49.11
C LEU Y 135 -151.31 -52.09 48.51
N THR Y 136 -151.18 -50.78 48.65
CA THR Y 136 -150.00 -50.05 48.21
C THR Y 136 -149.46 -49.27 49.41
N HIS Y 137 -148.14 -49.33 49.62
CA HIS Y 137 -147.50 -48.72 50.76
C HIS Y 137 -146.67 -47.52 50.31
N GLN Y 138 -146.11 -46.81 51.29
CA GLN Y 138 -145.22 -45.68 51.01
C GLN Y 138 -144.16 -45.62 52.09
N ILE Y 139 -142.89 -45.70 51.68
CA ILE Y 139 -141.77 -45.66 52.61
C ILE Y 139 -141.02 -44.36 52.31
N MET Y 140 -141.27 -43.33 53.10
CA MET Y 140 -140.72 -42.00 52.87
C MET Y 140 -139.48 -41.81 53.73
N TYR Y 141 -138.33 -41.68 53.08
CA TYR Y 141 -137.09 -41.31 53.75
C TYR Y 141 -136.96 -39.80 53.76
N VAL Y 142 -136.92 -39.20 54.94
CA VAL Y 142 -136.64 -37.77 55.06
C VAL Y 142 -135.16 -37.61 55.37
N PRO Y 143 -134.48 -36.65 54.75
CA PRO Y 143 -133.07 -36.41 55.06
C PRO Y 143 -132.91 -35.81 56.46
N PRO Y 144 -131.68 -35.58 56.92
CA PRO Y 144 -131.52 -34.92 58.23
C PRO Y 144 -132.16 -33.55 58.28
N GLY Y 145 -132.04 -32.76 57.21
CA GLY Y 145 -132.83 -31.55 57.10
C GLY Y 145 -134.10 -31.81 56.31
N GLY Y 146 -135.18 -32.13 57.02
CA GLY Y 146 -136.42 -32.50 56.40
C GLY Y 146 -137.60 -32.43 57.34
N PRO Y 147 -138.75 -32.00 56.82
CA PRO Y 147 -139.96 -31.96 57.64
C PRO Y 147 -140.52 -33.34 57.88
N ILE Y 148 -141.11 -33.52 59.06
CA ILE Y 148 -141.65 -34.82 59.44
C ILE Y 148 -143.17 -34.71 59.49
N PRO Y 149 -143.89 -35.79 59.21
CA PRO Y 149 -145.35 -35.76 59.42
C PRO Y 149 -145.69 -35.87 60.90
N ALA Y 150 -146.81 -35.26 61.26
CA ALA Y 150 -147.39 -35.45 62.59
C ALA Y 150 -148.55 -36.42 62.58
N LYS Y 151 -149.22 -36.58 61.43
CA LYS Y 151 -150.36 -37.47 61.28
C LYS Y 151 -150.21 -38.20 59.95
N VAL Y 152 -151.02 -39.25 59.78
CA VAL Y 152 -150.97 -40.03 58.55
C VAL Y 152 -151.42 -39.20 57.35
N ASP Y 153 -152.14 -38.11 57.59
CA ASP Y 153 -152.66 -37.24 56.52
C ASP Y 153 -152.02 -35.85 56.55
N GLY Y 154 -150.77 -35.77 56.99
CA GLY Y 154 -150.07 -34.50 56.97
C GLY Y 154 -149.64 -34.12 55.56
N TYR Y 155 -149.27 -32.85 55.40
CA TYR Y 155 -148.82 -32.39 54.10
C TYR Y 155 -147.36 -32.72 53.82
N GLU Y 156 -146.61 -33.13 54.85
CA GLU Y 156 -145.19 -33.45 54.65
C GLU Y 156 -145.03 -34.63 53.71
N TRP Y 157 -146.00 -35.55 53.72
CA TRP Y 157 -145.92 -36.74 52.86
C TRP Y 157 -145.82 -36.38 51.38
N GLN Y 158 -146.24 -35.17 51.01
CA GLN Y 158 -146.22 -34.72 49.62
C GLN Y 158 -145.00 -33.87 49.30
N THR Y 159 -143.98 -33.87 50.16
CA THR Y 159 -142.80 -33.05 49.94
C THR Y 159 -141.93 -33.64 48.84
N SER Y 160 -141.57 -32.81 47.86
CA SER Y 160 -140.81 -33.30 46.71
C SER Y 160 -139.37 -33.62 47.05
N THR Y 161 -138.84 -33.06 48.14
CA THR Y 161 -137.45 -33.31 48.54
C THR Y 161 -137.31 -34.53 49.44
N ASN Y 162 -138.42 -35.13 49.86
CA ASN Y 162 -138.38 -36.38 50.61
C ASN Y 162 -138.62 -37.54 49.65
N PRO Y 163 -137.61 -38.30 49.25
CA PRO Y 163 -137.83 -39.41 48.33
C PRO Y 163 -138.57 -40.55 49.02
N SER Y 164 -139.50 -41.15 48.29
CA SER Y 164 -140.35 -42.20 48.84
C SER Y 164 -140.66 -43.22 47.75
N VAL Y 165 -140.74 -44.49 48.15
CA VAL Y 165 -141.09 -45.57 47.25
C VAL Y 165 -142.54 -45.95 47.50
N PHE Y 166 -143.26 -46.27 46.42
CA PHE Y 166 -144.66 -46.68 46.50
C PHE Y 166 -144.71 -48.15 46.07
N TRP Y 167 -144.59 -49.03 47.04
CA TRP Y 167 -144.59 -50.46 46.80
C TRP Y 167 -146.00 -51.01 46.99
N THR Y 168 -146.51 -51.67 45.96
CA THR Y 168 -147.79 -52.36 46.05
C THR Y 168 -147.55 -53.82 46.39
N GLU Y 169 -148.52 -54.43 47.06
CA GLU Y 169 -148.31 -55.75 47.65
C GLU Y 169 -148.23 -56.81 46.55
N GLY Y 170 -147.39 -57.82 46.81
CA GLY Y 170 -147.24 -58.96 45.92
C GLY Y 170 -145.95 -58.96 45.13
N ASN Y 171 -145.29 -57.82 44.96
CA ASN Y 171 -144.09 -57.74 44.15
C ASN Y 171 -142.85 -58.06 44.99
N ALA Y 172 -141.68 -57.85 44.42
CA ALA Y 172 -140.43 -57.96 45.16
C ALA Y 172 -140.37 -56.85 46.21
N PRO Y 173 -139.59 -57.05 47.27
CA PRO Y 173 -139.56 -56.05 48.35
C PRO Y 173 -138.97 -54.75 47.86
N PRO Y 174 -139.40 -53.62 48.42
CA PRO Y 174 -138.88 -52.32 47.98
C PRO Y 174 -137.48 -52.09 48.51
N ARG Y 175 -136.60 -51.59 47.64
CA ARG Y 175 -135.23 -51.28 48.02
C ARG Y 175 -134.94 -49.82 47.74
N ILE Y 176 -134.46 -49.13 48.77
CA ILE Y 176 -134.12 -47.71 48.69
C ILE Y 176 -132.71 -47.54 49.24
N SER Y 177 -131.87 -46.84 48.49
CA SER Y 177 -130.45 -46.69 48.85
C SER Y 177 -130.16 -45.24 49.16
N ILE Y 178 -129.36 -45.02 50.20
CA ILE Y 178 -129.08 -43.68 50.71
C ILE Y 178 -127.58 -43.48 50.74
N PRO Y 179 -127.05 -42.41 50.15
CA PRO Y 179 -125.60 -42.22 50.12
C PRO Y 179 -125.05 -41.75 51.46
N PHE Y 180 -123.77 -41.39 51.47
CA PHE Y 180 -123.14 -40.84 52.66
C PHE Y 180 -123.64 -39.42 52.88
N ILE Y 181 -124.57 -39.26 53.83
CA ILE Y 181 -125.24 -37.98 54.00
C ILE Y 181 -124.40 -36.99 54.82
N SER Y 182 -123.59 -37.49 55.76
CA SER Y 182 -123.11 -36.69 56.87
C SER Y 182 -122.35 -35.45 56.42
N VAL Y 183 -122.34 -34.43 57.28
CA VAL Y 183 -121.70 -33.16 56.96
C VAL Y 183 -120.19 -33.31 57.01
N GLY Y 184 -119.69 -34.06 57.99
CA GLY Y 184 -118.28 -34.29 58.13
C GLY Y 184 -117.79 -35.26 57.08
N ASN Y 185 -116.63 -35.84 57.37
CA ASN Y 185 -116.00 -36.76 56.43
C ASN Y 185 -116.19 -38.22 56.81
N ALA Y 186 -116.79 -38.49 57.98
CA ALA Y 186 -117.11 -39.85 58.38
C ALA Y 186 -118.19 -39.81 59.45
N TYR Y 187 -118.90 -40.92 59.60
CA TYR Y 187 -119.76 -41.10 60.76
C TYR Y 187 -118.91 -41.48 61.96
N SER Y 188 -119.20 -40.85 63.10
CA SER Y 188 -118.48 -41.09 64.33
C SER Y 188 -119.30 -42.03 65.21
N SER Y 189 -118.72 -43.18 65.55
CA SER Y 189 -119.40 -44.09 66.47
C SER Y 189 -119.39 -43.52 67.88
N PHE Y 190 -118.31 -42.85 68.27
CA PHE Y 190 -118.17 -42.24 69.57
C PHE Y 190 -117.85 -40.76 69.42
N TYR Y 191 -118.40 -39.94 70.31
CA TYR Y 191 -118.17 -38.50 70.27
C TYR Y 191 -117.98 -38.02 71.70
N ASP Y 192 -116.71 -37.92 72.13
CA ASP Y 192 -116.38 -37.41 73.46
C ASP Y 192 -116.45 -35.89 73.41
N GLY Y 193 -117.68 -35.37 73.51
CA GLY Y 193 -117.89 -33.96 73.37
C GLY Y 193 -119.34 -33.60 73.67
N TRP Y 194 -119.60 -32.30 73.66
CA TRP Y 194 -120.90 -31.74 74.05
C TRP Y 194 -121.52 -31.05 72.85
N SER Y 195 -122.81 -31.30 72.62
CA SER Y 195 -123.50 -30.68 71.50
C SER Y 195 -123.55 -29.17 71.63
N HIS Y 196 -123.87 -28.68 72.82
CA HIS Y 196 -124.00 -27.24 73.07
C HIS Y 196 -122.73 -26.72 73.71
N PHE Y 197 -122.20 -25.64 73.16
CA PHE Y 197 -120.92 -25.09 73.60
C PHE Y 197 -120.99 -24.66 75.06
N THR Y 198 -119.84 -24.72 75.73
CA THR Y 198 -119.65 -24.38 77.14
C THR Y 198 -120.20 -25.47 78.05
N GLN Y 199 -120.04 -26.72 77.66
CA GLN Y 199 -120.32 -27.89 78.49
C GLN Y 199 -121.76 -27.87 79.01
N ASP Y 200 -122.70 -27.79 78.08
CA ASP Y 200 -124.11 -27.80 78.42
C ASP Y 200 -124.60 -29.25 78.48
N GLY Y 201 -125.89 -29.49 78.30
CA GLY Y 201 -126.43 -30.82 78.32
C GLY Y 201 -126.11 -31.60 77.05
N THR Y 202 -126.67 -32.82 76.99
CA THR Y 202 -126.56 -33.71 75.84
C THR Y 202 -125.09 -34.05 75.54
N TYR Y 203 -124.52 -34.85 76.44
CA TYR Y 203 -123.19 -35.39 76.21
C TYR Y 203 -123.20 -36.46 75.13
N GLY Y 204 -122.15 -36.51 74.33
CA GLY Y 204 -121.90 -37.64 73.47
C GLY Y 204 -122.70 -37.68 72.18
N TYR Y 205 -123.58 -36.71 71.93
CA TYR Y 205 -124.42 -36.70 70.75
C TYR Y 205 -123.96 -35.58 69.82
N THR Y 206 -123.30 -35.95 68.74
CA THR Y 206 -122.98 -35.02 67.67
C THR Y 206 -124.07 -35.07 66.60
N THR Y 207 -124.19 -33.97 65.85
CA THR Y 207 -125.16 -33.91 64.75
C THR Y 207 -124.54 -34.33 63.43
N LEU Y 208 -123.26 -34.68 63.40
CA LEU Y 208 -122.64 -35.13 62.16
C LEU Y 208 -123.13 -36.52 61.78
N ASN Y 209 -123.27 -37.41 62.76
CA ASN Y 209 -123.74 -38.77 62.51
C ASN Y 209 -125.26 -38.86 62.59
N ALA Y 210 -125.93 -37.97 61.87
CA ALA Y 210 -127.37 -38.04 61.67
C ALA Y 210 -127.62 -38.56 60.27
N MET Y 211 -128.49 -39.57 60.16
CA MET Y 211 -128.69 -40.26 58.90
C MET Y 211 -130.05 -40.05 58.26
N GLY Y 212 -131.03 -39.58 59.04
CA GLY Y 212 -132.36 -39.34 58.52
C GLY Y 212 -133.39 -40.15 59.28
N LYS Y 213 -134.60 -40.16 58.73
CA LYS Y 213 -135.71 -40.93 59.30
C LYS Y 213 -136.43 -41.65 58.16
N LEU Y 214 -137.39 -42.50 58.54
CA LEU Y 214 -138.01 -43.41 57.57
C LEU Y 214 -139.49 -43.57 57.91
N TYR Y 215 -140.33 -42.69 57.36
CA TYR Y 215 -141.76 -42.70 57.63
C TYR Y 215 -142.48 -43.59 56.64
N ILE Y 216 -143.31 -44.50 57.16
CA ILE Y 216 -143.90 -45.57 56.40
C ILE Y 216 -145.40 -45.57 56.67
N ARG Y 217 -146.20 -45.60 55.61
CA ARG Y 217 -147.65 -45.62 55.78
C ARG Y 217 -148.29 -46.38 54.63
N HIS Y 218 -149.57 -46.70 54.82
CA HIS Y 218 -150.41 -47.11 53.71
C HIS Y 218 -150.82 -45.87 52.92
N VAL Y 219 -150.87 -46.00 51.59
CA VAL Y 219 -151.41 -44.92 50.78
C VAL Y 219 -152.92 -45.07 50.59
N ASN Y 220 -153.48 -46.22 50.92
CA ASN Y 220 -154.92 -46.41 50.82
C ASN Y 220 -155.61 -45.58 51.90
N ARG Y 221 -156.63 -44.82 51.49
CA ARG Y 221 -157.24 -43.85 52.40
C ARG Y 221 -158.04 -44.55 53.50
N SER Y 222 -158.71 -45.64 53.17
CA SER Y 222 -159.54 -46.34 54.14
C SER Y 222 -159.66 -47.80 53.73
N SER Y 223 -160.43 -48.55 54.51
CA SER Y 223 -160.69 -49.97 54.26
C SER Y 223 -161.97 -50.34 54.96
N PRO Y 224 -162.69 -51.36 54.47
CA PRO Y 224 -163.91 -51.80 55.17
C PRO Y 224 -163.61 -52.39 56.54
N HIS Y 225 -162.61 -53.26 56.63
CA HIS Y 225 -162.18 -53.85 57.90
C HIS Y 225 -160.79 -53.32 58.26
N GLN Y 226 -160.26 -53.83 59.37
CA GLN Y 226 -158.97 -53.39 59.88
C GLN Y 226 -157.84 -54.22 59.28
N ILE Y 227 -156.82 -53.54 58.78
CA ILE Y 227 -155.63 -54.19 58.23
C ILE Y 227 -154.43 -53.68 59.02
N THR Y 228 -153.65 -54.60 59.58
CA THR Y 228 -152.52 -54.26 60.43
C THR Y 228 -151.26 -54.76 59.75
N SER Y 229 -150.49 -53.83 59.17
CA SER Y 229 -149.31 -54.18 58.41
C SER Y 229 -148.08 -54.17 59.31
N THR Y 230 -147.13 -55.04 58.99
CA THR Y 230 -145.89 -55.17 59.75
C THR Y 230 -144.73 -54.98 58.78
N ILE Y 231 -143.77 -54.14 59.18
CA ILE Y 231 -142.63 -53.84 58.33
C ILE Y 231 -141.35 -54.25 59.05
N ARG Y 232 -140.40 -54.79 58.29
CA ARG Y 232 -139.11 -55.24 58.79
C ARG Y 232 -138.04 -54.57 57.93
N VAL Y 233 -137.34 -53.59 58.48
CA VAL Y 233 -136.35 -52.85 57.72
C VAL Y 233 -135.02 -53.58 57.82
N TYR Y 234 -134.43 -53.90 56.66
CA TYR Y 234 -133.15 -54.62 56.59
C TYR Y 234 -132.04 -53.65 56.25
N PHE Y 235 -131.33 -53.20 57.27
CA PHE Y 235 -130.24 -52.27 57.13
C PHE Y 235 -128.99 -52.97 56.62
N LYS Y 236 -128.27 -52.31 55.72
CA LYS Y 236 -127.01 -52.87 55.22
C LYS Y 236 -126.00 -51.79 54.89
N PRO Y 237 -124.85 -51.77 55.56
CA PRO Y 237 -123.78 -50.87 55.14
C PRO Y 237 -123.22 -51.29 53.80
N LYS Y 238 -122.78 -50.32 53.01
CA LYS Y 238 -122.26 -50.60 51.68
C LYS Y 238 -121.12 -49.65 51.37
N HIS Y 239 -120.13 -50.15 50.64
CA HIS Y 239 -118.93 -49.40 50.28
C HIS Y 239 -118.32 -48.75 51.52
N ILE Y 240 -118.07 -49.58 52.53
CA ILE Y 240 -117.77 -49.12 53.87
C ILE Y 240 -116.27 -48.99 54.06
N LYS Y 241 -115.85 -47.86 54.61
CA LYS Y 241 -114.48 -47.65 55.07
C LYS Y 241 -114.53 -47.38 56.57
N ALA Y 242 -113.44 -47.68 57.26
CA ALA Y 242 -113.42 -47.56 58.70
C ALA Y 242 -112.02 -47.16 59.16
N TRP Y 243 -111.97 -46.23 60.11
CA TRP Y 243 -110.72 -45.70 60.64
C TRP Y 243 -110.68 -45.91 62.15
N VAL Y 244 -109.46 -45.86 62.68
CA VAL Y 244 -109.19 -45.83 64.11
C VAL Y 244 -109.83 -47.03 64.79
N PRO Y 245 -109.17 -48.19 64.80
CA PRO Y 245 -109.74 -49.35 65.51
C PRO Y 245 -109.83 -49.08 67.00
N ARG Y 246 -110.57 -49.95 67.68
CA ARG Y 246 -111.04 -49.66 69.03
C ARG Y 246 -111.30 -51.00 69.70
N PRO Y 247 -111.05 -51.12 71.01
CA PRO Y 247 -111.22 -52.42 71.65
C PRO Y 247 -112.69 -52.79 71.70
N PRO Y 248 -113.01 -54.07 71.72
CA PRO Y 248 -114.41 -54.49 71.73
C PRO Y 248 -115.12 -54.15 73.03
N ARG Y 249 -116.44 -54.03 72.93
CA ARG Y 249 -117.28 -53.82 74.10
C ARG Y 249 -117.19 -55.01 75.03
N LEU Y 250 -117.05 -54.74 76.33
CA LEU Y 250 -117.02 -55.78 77.35
C LEU Y 250 -118.32 -55.87 78.13
N CYS Y 251 -118.82 -54.73 78.61
CA CYS Y 251 -120.03 -54.69 79.42
C CYS Y 251 -121.28 -54.73 78.56
N PRO Y 252 -122.42 -55.17 79.11
CA PRO Y 252 -123.67 -55.13 78.37
C PRO Y 252 -124.16 -53.70 78.19
N TYR Y 253 -125.00 -53.51 77.17
CA TYR Y 253 -125.55 -52.19 76.86
C TYR Y 253 -126.72 -51.86 77.78
N ILE Y 254 -126.82 -50.58 78.14
CA ILE Y 254 -127.89 -50.11 79.00
C ILE Y 254 -128.96 -49.43 78.17
N ASN Y 255 -128.58 -48.35 77.49
CA ASN Y 255 -129.50 -47.50 76.75
C ASN Y 255 -128.96 -47.22 75.35
N LYS Y 256 -129.86 -46.89 74.44
CA LYS Y 256 -129.55 -46.81 73.02
C LYS Y 256 -129.03 -45.44 72.59
N ARG Y 257 -128.81 -44.52 73.51
CA ARG Y 257 -128.30 -43.20 73.18
C ARG Y 257 -127.08 -42.82 74.00
N ASP Y 258 -126.52 -43.75 74.78
CA ASP Y 258 -125.41 -43.44 75.66
C ASP Y 258 -124.50 -44.65 75.75
N VAL Y 259 -123.37 -44.48 76.44
CA VAL Y 259 -122.35 -45.50 76.60
C VAL Y 259 -122.31 -46.00 78.04
N ASN Y 260 -123.34 -45.69 78.82
CA ASN Y 260 -123.35 -46.03 80.24
C ASN Y 260 -123.38 -47.55 80.41
N PHE Y 261 -122.77 -48.01 81.51
CA PHE Y 261 -122.57 -49.44 81.68
C PHE Y 261 -122.45 -49.76 83.17
N VAL Y 262 -122.57 -51.04 83.47
CA VAL Y 262 -122.31 -51.58 84.80
C VAL Y 262 -120.95 -52.25 84.77
N VAL Y 263 -120.18 -52.09 85.84
CA VAL Y 263 -118.82 -52.61 85.87
C VAL Y 263 -118.88 -54.13 85.84
N THR Y 264 -118.36 -54.71 84.76
CA THR Y 264 -118.39 -56.16 84.53
C THR Y 264 -117.01 -56.74 84.75
N GLU Y 265 -116.97 -58.02 85.07
CA GLU Y 265 -115.71 -58.71 85.25
C GLU Y 265 -115.01 -58.85 83.91
N ILE Y 266 -113.68 -58.95 83.95
CA ILE Y 266 -112.89 -59.02 82.72
C ILE Y 266 -113.18 -60.31 81.97
N THR Y 267 -112.89 -61.46 82.58
CA THR Y 267 -113.15 -62.76 81.98
C THR Y 267 -113.91 -63.61 82.98
N ASP Y 268 -114.32 -64.79 82.53
CA ASP Y 268 -114.92 -65.76 83.43
C ASP Y 268 -113.85 -66.28 84.38
N SER Y 269 -114.22 -66.48 85.64
CA SER Y 269 -113.24 -66.86 86.64
C SER Y 269 -112.99 -68.36 86.59
N ARG Y 270 -111.79 -68.75 87.02
CA ARG Y 270 -111.44 -70.13 87.25
C ARG Y 270 -111.00 -70.30 88.70
N THR Y 271 -110.69 -71.53 89.08
CA THR Y 271 -110.47 -71.85 90.48
C THR Y 271 -109.12 -71.31 90.97
N SER Y 272 -108.03 -71.73 90.33
CA SER Y 272 -106.70 -71.28 90.69
C SER Y 272 -105.99 -70.77 89.44
N ILE Y 273 -104.77 -70.26 89.64
CA ILE Y 273 -103.97 -69.75 88.52
C ILE Y 273 -103.35 -70.88 87.72
N THR Y 274 -103.28 -72.10 88.27
CA THR Y 274 -102.55 -73.19 87.66
C THR Y 274 -103.42 -74.30 87.09
N ASP Y 275 -104.72 -74.29 87.36
CA ASP Y 275 -105.59 -75.37 86.86
C ASP Y 275 -105.98 -75.13 85.41
N GLN Z 43 67.89 -47.72 -140.99
CA GLN Z 43 66.86 -47.61 -139.97
C GLN Z 43 65.66 -48.50 -140.29
N THR Z 44 64.80 -48.71 -139.31
CA THR Z 44 63.62 -49.54 -139.48
C THR Z 44 62.44 -48.89 -138.79
N ARG Z 45 61.24 -49.20 -139.27
CA ARG Z 45 60.02 -48.61 -138.74
C ARG Z 45 59.65 -49.34 -137.46
N HIS Z 46 59.77 -48.66 -136.33
CA HIS Z 46 59.48 -49.24 -135.03
C HIS Z 46 58.13 -48.77 -134.52
N VAL Z 47 57.64 -49.42 -133.47
CA VAL Z 47 56.40 -49.01 -132.81
C VAL Z 47 56.76 -47.83 -131.92
N VAL Z 48 56.54 -46.62 -132.42
CA VAL Z 48 56.82 -45.39 -131.68
C VAL Z 48 55.57 -45.12 -130.85
N ASN Z 49 55.50 -45.77 -129.69
CA ASN Z 49 54.31 -45.73 -128.84
C ASN Z 49 54.59 -44.81 -127.65
N PHE Z 50 53.94 -43.65 -127.66
CA PHE Z 50 53.92 -42.72 -126.54
C PHE Z 50 52.92 -41.63 -126.91
N HIS Z 51 52.55 -40.81 -125.93
CA HIS Z 51 51.56 -39.76 -126.13
C HIS Z 51 52.05 -38.52 -125.39
N SER Z 52 52.63 -37.59 -126.13
CA SER Z 52 53.21 -36.40 -125.53
C SER Z 52 53.23 -35.26 -126.54
N ARG Z 53 52.88 -34.06 -126.07
CA ARG Z 53 53.03 -32.84 -126.86
C ARG Z 53 53.63 -31.73 -126.01
N SER Z 54 54.45 -32.09 -125.02
CA SER Z 54 55.11 -31.08 -124.21
C SER Z 54 56.27 -30.44 -124.98
N GLU Z 55 56.83 -31.14 -125.96
CA GLU Z 55 57.91 -30.59 -126.76
C GLU Z 55 57.39 -29.76 -127.93
N SER Z 56 56.07 -29.70 -128.11
CA SER Z 56 55.48 -28.96 -129.20
C SER Z 56 54.88 -27.65 -128.75
N THR Z 57 54.97 -27.32 -127.47
CA THR Z 57 54.49 -26.03 -127.01
C THR Z 57 55.43 -24.92 -127.52
N ILE Z 58 54.97 -23.67 -127.39
CA ILE Z 58 55.70 -22.56 -127.99
C ILE Z 58 57.00 -22.31 -127.23
N GLU Z 59 56.96 -22.42 -125.91
CA GLU Z 59 58.15 -22.16 -125.11
C GLU Z 59 59.19 -23.26 -125.29
N ASN Z 60 58.77 -24.47 -125.62
CA ASN Z 60 59.68 -25.58 -125.86
C ASN Z 60 60.07 -25.69 -127.33
N PHE Z 61 59.59 -24.77 -128.17
CA PHE Z 61 59.88 -24.73 -129.59
C PHE Z 61 60.75 -23.55 -129.97
N MET Z 62 60.48 -22.38 -129.39
CA MET Z 62 61.23 -21.15 -129.66
C MET Z 62 62.34 -20.90 -128.65
N GLY Z 63 62.12 -21.24 -127.38
CA GLY Z 63 63.07 -20.95 -126.34
C GLY Z 63 64.29 -21.85 -126.39
N ARG Z 64 65.12 -21.67 -127.41
CA ARG Z 64 66.37 -22.41 -127.53
C ARG Z 64 67.48 -21.47 -127.96
N ALA Z 65 68.61 -21.55 -127.27
CA ALA Z 65 69.71 -20.62 -127.49
C ALA Z 65 70.43 -20.98 -128.79
N ALA Z 66 70.63 -19.99 -129.65
CA ALA Z 66 71.30 -20.18 -130.92
C ALA Z 66 72.26 -19.01 -131.14
N CYS Z 67 73.41 -19.32 -131.74
CA CYS Z 67 74.43 -18.30 -131.96
C CYS Z 67 74.00 -17.44 -133.14
N VAL Z 68 73.90 -16.14 -132.92
CA VAL Z 68 73.35 -15.22 -133.90
C VAL Z 68 74.31 -14.12 -134.32
N PHE Z 69 75.50 -14.03 -133.74
CA PHE Z 69 76.39 -12.91 -134.06
C PHE Z 69 77.83 -13.28 -133.70
N MET Z 70 78.64 -13.56 -134.72
CA MET Z 70 80.09 -13.60 -134.60
C MET Z 70 80.68 -12.29 -135.09
N ASP Z 71 81.66 -11.76 -134.36
CA ASP Z 71 82.33 -10.55 -134.81
C ASP Z 71 83.70 -10.44 -134.16
N GLN Z 72 84.61 -9.79 -134.88
CA GLN Z 72 85.96 -9.52 -134.40
C GLN Z 72 86.05 -8.07 -133.94
N TYR Z 73 86.90 -7.82 -132.96
CA TYR Z 73 87.22 -6.45 -132.57
C TYR Z 73 88.57 -6.41 -131.89
N LYS Z 74 89.42 -5.48 -132.33
CA LYS Z 74 90.81 -5.41 -131.90
C LYS Z 74 90.90 -4.73 -130.53
N ILE Z 75 92.11 -4.35 -130.13
CA ILE Z 75 92.29 -3.67 -128.85
C ILE Z 75 93.06 -2.36 -129.03
N ASN Z 76 93.95 -2.31 -130.01
CA ASN Z 76 94.85 -1.17 -130.15
C ASN Z 76 95.05 -0.81 -131.62
N GLY Z 77 95.64 0.36 -131.84
CA GLY Z 77 95.83 0.90 -133.16
C GLY Z 77 94.58 1.60 -133.68
N GLU Z 78 94.80 2.48 -134.65
CA GLU Z 78 93.74 3.16 -135.40
C GLU Z 78 92.71 3.77 -134.45
N GLU Z 79 93.16 4.84 -133.77
CA GLU Z 79 92.36 5.42 -132.69
C GLU Z 79 90.97 5.84 -133.16
N THR Z 80 90.84 6.24 -134.42
CA THR Z 80 89.54 6.49 -135.04
C THR Z 80 89.27 5.38 -136.06
N SER Z 81 88.74 4.26 -135.57
CA SER Z 81 88.39 3.14 -136.43
C SER Z 81 87.10 2.50 -135.96
N THR Z 82 86.45 1.79 -136.88
CA THR Z 82 85.22 1.06 -136.59
C THR Z 82 85.47 -0.43 -136.36
N ASP Z 83 86.73 -0.87 -136.32
CA ASP Z 83 87.06 -2.27 -136.13
C ASP Z 83 87.55 -2.56 -134.72
N ARG Z 84 87.23 -1.69 -133.76
CA ARG Z 84 87.58 -1.91 -132.36
C ARG Z 84 86.36 -2.15 -131.48
N PHE Z 85 85.18 -2.31 -132.07
CA PHE Z 85 83.98 -2.62 -131.33
C PHE Z 85 82.99 -3.31 -132.25
N ALA Z 86 81.95 -3.89 -131.64
CA ALA Z 86 80.91 -4.63 -132.36
C ALA Z 86 79.58 -3.90 -132.19
N VAL Z 87 78.62 -4.25 -133.05
CA VAL Z 87 77.36 -3.52 -133.11
C VAL Z 87 76.14 -4.43 -132.91
N TRP Z 88 75.82 -5.24 -133.92
CA TRP Z 88 74.67 -6.14 -133.92
C TRP Z 88 73.37 -5.51 -133.40
N THR Z 89 72.71 -4.73 -134.25
CA THR Z 89 71.33 -4.33 -133.97
C THR Z 89 70.45 -5.57 -133.77
N ILE Z 90 69.83 -5.68 -132.60
CA ILE Z 90 69.14 -6.91 -132.21
C ILE Z 90 67.86 -7.06 -133.02
N ASN Z 91 67.77 -8.12 -133.82
CA ASN Z 91 66.54 -8.46 -134.52
C ASN Z 91 66.46 -9.97 -134.69
N ILE Z 92 65.23 -10.46 -134.89
CA ILE Z 92 65.02 -11.89 -135.11
C ILE Z 92 65.44 -12.34 -136.51
N ARG Z 93 65.63 -11.40 -137.44
CA ARG Z 93 65.95 -11.75 -138.81
C ARG Z 93 67.45 -11.85 -139.03
N GLU Z 94 68.11 -12.60 -138.14
CA GLU Z 94 69.57 -12.71 -138.16
C GLU Z 94 70.02 -13.87 -139.05
N MET Z 95 69.69 -15.10 -138.66
CA MET Z 95 69.98 -16.27 -139.47
C MET Z 95 68.68 -16.97 -139.83
N ALA Z 96 68.68 -17.61 -141.01
CA ALA Z 96 67.44 -18.10 -141.60
C ALA Z 96 66.83 -19.26 -140.82
N GLN Z 97 67.63 -20.00 -140.05
CA GLN Z 97 67.09 -21.12 -139.30
C GLN Z 97 66.17 -20.63 -138.17
N LEU Z 98 66.62 -19.64 -137.40
CA LEU Z 98 65.75 -19.05 -136.39
C LEU Z 98 64.68 -18.17 -137.02
N ARG Z 99 65.04 -17.37 -138.03
CA ARG Z 99 64.07 -16.50 -138.68
C ARG Z 99 62.85 -17.29 -139.16
N ARG Z 100 63.07 -18.51 -139.63
CA ARG Z 100 61.96 -19.33 -140.12
C ARG Z 100 60.99 -19.66 -139.00
N LYS Z 101 61.50 -19.90 -137.79
CA LYS Z 101 60.62 -20.27 -136.68
C LYS Z 101 59.80 -19.07 -136.19
N CYS Z 102 60.37 -17.87 -136.21
CA CYS Z 102 59.63 -16.69 -135.78
C CYS Z 102 58.56 -16.31 -136.79
N GLU Z 103 58.64 -16.80 -138.03
CA GLU Z 103 57.65 -16.53 -139.04
C GLU Z 103 56.55 -17.58 -139.09
N MET Z 104 56.54 -18.53 -138.15
CA MET Z 104 55.36 -19.36 -137.97
C MET Z 104 54.19 -18.54 -137.42
N PHE Z 105 54.50 -17.43 -136.75
CA PHE Z 105 53.52 -16.67 -135.99
C PHE Z 105 53.63 -15.21 -136.38
N THR Z 106 52.49 -14.53 -136.46
CA THR Z 106 52.50 -13.11 -136.83
C THR Z 106 52.97 -12.26 -135.66
N TYR Z 107 52.36 -12.43 -134.49
CA TYR Z 107 52.68 -11.63 -133.31
C TYR Z 107 53.24 -12.52 -132.21
N MET Z 108 54.25 -12.02 -131.53
CA MET Z 108 54.83 -12.74 -130.40
C MET Z 108 55.52 -11.74 -129.48
N ARG Z 109 55.51 -12.05 -128.19
CA ARG Z 109 56.18 -11.25 -127.18
C ARG Z 109 56.97 -12.16 -126.27
N PHE Z 110 58.14 -11.71 -125.86
CA PHE Z 110 59.09 -12.59 -125.19
C PHE Z 110 60.22 -11.76 -124.59
N ASP Z 111 60.68 -12.17 -123.42
CA ASP Z 111 61.95 -11.66 -122.90
C ASP Z 111 63.10 -12.36 -123.60
N ILE Z 112 64.20 -11.65 -123.76
CA ILE Z 112 65.41 -12.21 -124.37
C ILE Z 112 66.49 -12.27 -123.30
N GLU Z 113 67.28 -13.35 -123.34
CA GLU Z 113 68.32 -13.58 -122.33
C GLU Z 113 69.53 -14.12 -123.08
N MET Z 114 70.41 -13.20 -123.49
CA MET Z 114 71.57 -13.57 -124.28
C MET Z 114 72.79 -13.74 -123.39
N THR Z 115 73.63 -14.70 -123.75
CA THR Z 115 74.88 -14.97 -123.04
C THR Z 115 76.00 -14.96 -124.06
N MET Z 116 76.94 -14.04 -123.91
CA MET Z 116 78.04 -13.92 -124.84
C MET Z 116 79.13 -14.93 -124.50
N VAL Z 117 79.88 -15.34 -125.51
CA VAL Z 117 81.01 -16.26 -125.36
C VAL Z 117 82.18 -15.58 -126.06
N ILE Z 118 83.10 -15.03 -125.28
CA ILE Z 118 84.14 -14.14 -125.76
C ILE Z 118 85.48 -14.86 -125.69
N THR Z 119 86.22 -14.85 -126.78
CA THR Z 119 87.54 -15.45 -126.86
C THR Z 119 88.57 -14.36 -127.12
N SER Z 120 89.82 -14.78 -127.30
CA SER Z 120 90.88 -13.84 -127.62
C SER Z 120 92.03 -14.59 -128.28
N CYS Z 121 92.83 -13.84 -129.02
CA CYS Z 121 93.99 -14.38 -129.74
C CYS Z 121 95.12 -13.36 -129.56
N GLN Z 122 96.16 -13.49 -130.36
CA GLN Z 122 97.26 -12.52 -130.33
C GLN Z 122 98.14 -12.64 -131.57
N MET Z 132 100.91 -10.63 -121.82
CA MET Z 132 99.73 -9.78 -121.78
C MET Z 132 99.12 -9.77 -120.39
N PRO Z 133 98.18 -8.83 -120.13
CA PRO Z 133 97.49 -8.85 -118.84
C PRO Z 133 96.24 -9.71 -118.89
N VAL Z 134 95.43 -9.69 -117.83
CA VAL Z 134 94.10 -10.28 -117.86
C VAL Z 134 93.13 -9.27 -118.43
N LEU Z 135 92.34 -9.71 -119.40
CA LEU Z 135 91.50 -8.81 -120.19
C LEU Z 135 90.11 -8.68 -119.57
N THR Z 136 89.56 -7.47 -119.66
CA THR Z 136 88.20 -7.18 -119.20
C THR Z 136 87.44 -6.56 -120.36
N HIS Z 137 86.22 -7.04 -120.59
CA HIS Z 137 85.40 -6.62 -121.71
C HIS Z 137 84.24 -5.78 -121.21
N GLN Z 138 83.46 -5.24 -122.16
CA GLN Z 138 82.26 -4.47 -121.86
C GLN Z 138 81.24 -4.71 -122.94
N ILE Z 139 80.06 -5.21 -122.55
CA ILE Z 139 78.97 -5.49 -123.47
C ILE Z 139 77.85 -4.52 -123.13
N MET Z 140 77.76 -3.42 -123.88
CA MET Z 140 76.81 -2.35 -123.59
C MET Z 140 75.57 -2.54 -124.45
N TYR Z 141 74.44 -2.81 -123.80
CA TYR Z 141 73.14 -2.84 -124.47
C TYR Z 141 72.52 -1.44 -124.41
N VAL Z 142 72.30 -0.85 -125.58
CA VAL Z 142 71.57 0.42 -125.64
C VAL Z 142 70.11 0.11 -125.95
N PRO Z 143 69.17 0.77 -125.30
CA PRO Z 143 67.74 0.56 -125.61
C PRO Z 143 67.40 1.13 -126.98
N PRO Z 144 66.15 0.97 -127.43
CA PRO Z 144 65.77 1.61 -128.71
C PRO Z 144 65.94 3.11 -128.71
N GLY Z 145 65.59 3.77 -127.61
CA GLY Z 145 65.95 5.16 -127.44
C GLY Z 145 67.24 5.29 -126.66
N GLY Z 146 68.36 5.36 -127.38
CA GLY Z 146 69.65 5.40 -126.76
C GLY Z 146 70.75 5.88 -127.69
N PRO Z 147 71.70 6.62 -127.15
CA PRO Z 147 72.82 7.10 -127.96
C PRO Z 147 73.80 5.97 -128.24
N ILE Z 148 74.40 6.04 -129.43
CA ILE Z 148 75.33 5.00 -129.85
C ILE Z 148 76.73 5.59 -129.89
N PRO Z 149 77.77 4.80 -129.64
CA PRO Z 149 79.13 5.30 -129.85
C PRO Z 149 79.49 5.36 -131.33
N ALA Z 150 80.35 6.31 -131.66
CA ALA Z 150 80.94 6.38 -132.98
C ALA Z 150 82.37 5.84 -133.01
N LYS Z 151 83.05 5.85 -131.87
CA LYS Z 151 84.41 5.36 -131.74
C LYS Z 151 84.52 4.57 -130.45
N VAL Z 152 85.63 3.84 -130.31
CA VAL Z 152 85.85 3.04 -129.11
C VAL Z 152 86.00 3.92 -127.88
N ASP Z 153 86.34 5.20 -128.06
CA ASP Z 153 86.56 6.13 -126.97
C ASP Z 153 85.50 7.24 -126.94
N GLY Z 154 84.29 6.94 -127.38
CA GLY Z 154 83.22 7.92 -127.30
C GLY Z 154 82.71 8.07 -125.89
N TYR Z 155 81.95 9.15 -125.68
CA TYR Z 155 81.37 9.40 -124.36
C TYR Z 155 80.10 8.59 -124.11
N GLU Z 156 79.51 8.01 -125.16
CA GLU Z 156 78.29 7.24 -124.99
C GLU Z 156 78.52 6.04 -124.09
N TRP Z 157 79.72 5.46 -124.13
CA TRP Z 157 80.04 4.29 -123.33
C TRP Z 157 79.83 4.54 -121.84
N GLN Z 158 79.85 5.80 -121.40
CA GLN Z 158 79.70 6.16 -120.01
C GLN Z 158 78.26 6.56 -119.66
N THR Z 159 77.30 6.27 -120.52
CA THR Z 159 75.91 6.66 -120.29
C THR Z 159 75.30 5.77 -119.22
N SER Z 160 74.69 6.40 -118.21
CA SER Z 160 74.13 5.65 -117.08
C SER Z 160 72.87 4.89 -117.45
N THR Z 161 72.18 5.30 -118.51
CA THR Z 161 70.95 4.65 -118.93
C THR Z 161 71.20 3.48 -119.88
N ASN Z 162 72.44 3.28 -120.32
CA ASN Z 162 72.79 2.11 -121.11
C ASN Z 162 73.41 1.05 -120.20
N PRO Z 163 72.69 0.00 -119.85
CA PRO Z 163 73.27 -1.03 -118.97
C PRO Z 163 74.33 -1.83 -119.69
N SER Z 164 75.41 -2.13 -118.99
CA SER Z 164 76.55 -2.83 -119.57
C SER Z 164 77.17 -3.73 -118.52
N VAL Z 165 77.65 -4.89 -118.98
CA VAL Z 165 78.35 -5.84 -118.11
C VAL Z 165 79.84 -5.74 -118.37
N PHE Z 166 80.62 -5.84 -117.31
CA PHE Z 166 82.08 -5.78 -117.38
C PHE Z 166 82.61 -7.16 -117.01
N TRP Z 167 82.78 -8.00 -118.03
CA TRP Z 167 83.22 -9.36 -117.85
C TRP Z 167 84.74 -9.42 -118.05
N THR Z 168 85.45 -9.92 -117.04
CA THR Z 168 86.88 -10.16 -117.14
C THR Z 168 87.12 -11.61 -117.55
N GLU Z 169 88.23 -11.83 -118.24
CA GLU Z 169 88.45 -13.13 -118.87
C GLU Z 169 88.72 -14.21 -117.83
N GLY Z 170 88.26 -15.43 -118.13
CA GLY Z 170 88.48 -16.58 -117.29
C GLY Z 170 87.26 -17.04 -116.51
N ASN Z 171 86.28 -16.17 -116.30
CA ASN Z 171 85.11 -16.52 -115.49
C ASN Z 171 84.05 -17.19 -116.35
N ALA Z 172 82.87 -17.39 -115.78
CA ALA Z 172 81.72 -17.85 -116.53
C ALA Z 172 81.29 -16.79 -117.54
N PRO Z 173 80.62 -17.18 -118.62
CA PRO Z 173 80.26 -16.21 -119.65
C PRO Z 173 79.28 -15.18 -119.11
N PRO Z 174 79.32 -13.95 -119.63
CA PRO Z 174 78.41 -12.92 -119.12
C PRO Z 174 77.01 -13.11 -119.66
N ARG Z 175 76.02 -12.97 -118.78
CA ARG Z 175 74.62 -13.10 -119.16
C ARG Z 175 73.88 -11.82 -118.82
N ILE Z 176 73.20 -11.27 -119.82
CA ILE Z 176 72.43 -10.05 -119.70
C ILE Z 176 71.03 -10.33 -120.23
N SER Z 177 70.00 -9.96 -119.47
CA SER Z 177 68.63 -10.26 -119.83
C SER Z 177 67.86 -8.96 -120.09
N ILE Z 178 67.04 -8.98 -121.12
CA ILE Z 178 66.34 -7.78 -121.58
C ILE Z 178 64.85 -8.07 -121.61
N PRO Z 179 64.02 -7.25 -120.98
CA PRO Z 179 62.58 -7.54 -120.96
C PRO Z 179 61.90 -7.21 -122.27
N PHE Z 180 60.57 -7.29 -122.28
CA PHE Z 180 59.78 -6.93 -123.46
C PHE Z 180 59.81 -5.40 -123.61
N ILE Z 181 60.62 -4.91 -124.54
CA ILE Z 181 60.85 -3.48 -124.66
C ILE Z 181 59.74 -2.79 -125.45
N SER Z 182 59.12 -3.48 -126.40
CA SER Z 182 58.40 -2.83 -127.49
C SER Z 182 57.28 -1.92 -126.99
N VAL Z 183 56.94 -0.93 -127.82
CA VAL Z 183 55.93 0.05 -127.45
C VAL Z 183 54.54 -0.57 -127.52
N GLY Z 184 54.31 -1.40 -128.52
CA GLY Z 184 53.04 -2.06 -128.69
C GLY Z 184 52.89 -3.19 -127.68
N ASN Z 185 51.98 -4.10 -127.99
CA ASN Z 185 51.70 -5.21 -127.09
C ASN Z 185 52.34 -6.51 -127.54
N ALA Z 186 52.98 -6.53 -128.71
CA ALA Z 186 53.72 -7.69 -129.16
C ALA Z 186 54.72 -7.26 -130.23
N TYR Z 187 55.76 -8.09 -130.42
CA TYR Z 187 56.62 -7.93 -131.57
C TYR Z 187 55.93 -8.50 -132.80
N SER Z 188 56.00 -7.77 -133.91
CA SER Z 188 55.37 -8.19 -135.16
C SER Z 188 56.44 -8.77 -136.06
N SER Z 189 56.28 -10.03 -136.45
CA SER Z 189 57.19 -10.63 -137.41
C SER Z 189 57.00 -10.04 -138.79
N PHE Z 190 55.76 -9.74 -139.16
CA PHE Z 190 55.41 -9.16 -140.45
C PHE Z 190 54.64 -7.87 -140.22
N TYR Z 191 54.90 -6.88 -141.08
CA TYR Z 191 54.21 -5.59 -140.98
C TYR Z 191 53.86 -5.14 -142.40
N ASP Z 192 52.62 -5.43 -142.83
CA ASP Z 192 52.14 -5.00 -144.13
C ASP Z 192 51.72 -3.54 -144.03
N GLY Z 193 52.72 -2.66 -144.10
CA GLY Z 193 52.47 -1.25 -143.90
C GLY Z 193 53.71 -0.44 -144.17
N TRP Z 194 53.54 0.88 -144.12
CA TRP Z 194 54.59 1.83 -144.46
C TRP Z 194 54.97 2.64 -143.22
N SER Z 195 56.27 2.82 -143.01
CA SER Z 195 56.74 3.56 -141.85
C SER Z 195 56.29 5.03 -141.93
N HIS Z 196 56.43 5.65 -143.10
CA HIS Z 196 56.10 7.04 -143.28
C HIS Z 196 54.72 7.15 -143.90
N PHE Z 197 53.86 7.99 -143.31
CA PHE Z 197 52.48 8.12 -143.75
C PHE Z 197 52.40 8.61 -145.19
N THR Z 198 51.32 8.20 -145.86
CA THR Z 198 51.01 8.52 -147.26
C THR Z 198 51.89 7.72 -148.21
N GLN Z 199 52.14 6.46 -147.86
CA GLN Z 199 52.78 5.48 -148.75
C GLN Z 199 54.13 5.98 -149.26
N ASP Z 200 55.00 6.31 -148.32
CA ASP Z 200 56.34 6.77 -148.66
C ASP Z 200 57.26 5.56 -148.77
N GLY Z 201 58.56 5.75 -148.58
CA GLY Z 201 59.51 4.66 -148.65
C GLY Z 201 59.46 3.76 -147.42
N THR Z 202 60.38 2.79 -147.41
CA THR Z 202 60.58 1.87 -146.30
C THR Z 202 59.30 1.06 -146.03
N TYR Z 203 59.01 0.16 -146.95
CA TYR Z 203 57.93 -0.80 -146.77
C TYR Z 203 58.30 -1.84 -145.73
N GLY Z 204 57.32 -2.26 -144.93
CA GLY Z 204 57.45 -3.45 -144.12
C GLY Z 204 58.22 -3.28 -142.83
N TYR Z 205 58.75 -2.09 -142.54
CA TYR Z 205 59.55 -1.87 -141.34
C TYR Z 205 58.76 -0.98 -140.38
N THR Z 206 58.25 -1.59 -139.32
CA THR Z 206 57.67 -0.85 -138.21
C THR Z 206 58.72 -0.59 -137.14
N THR Z 207 58.49 0.45 -136.34
CA THR Z 207 59.39 0.77 -135.24
C THR Z 207 58.96 0.13 -133.93
N LEU Z 208 57.85 -0.62 -133.94
CA LEU Z 208 57.42 -1.30 -132.71
C LEU Z 208 58.33 -2.47 -132.39
N ASN Z 209 58.74 -3.22 -133.41
CA ASN Z 209 59.63 -4.38 -133.20
C ASN Z 209 61.09 -3.97 -133.28
N ALA Z 210 61.45 -2.94 -132.52
CA ALA Z 210 62.84 -2.54 -132.31
C ALA Z 210 63.25 -3.02 -130.92
N MET Z 211 64.40 -3.69 -130.85
CA MET Z 211 64.82 -4.34 -129.62
C MET Z 211 66.04 -3.71 -128.98
N GLY Z 212 66.81 -2.93 -129.72
CA GLY Z 212 68.00 -2.30 -129.19
C GLY Z 212 69.23 -2.70 -129.97
N LYS Z 213 70.39 -2.35 -129.41
CA LYS Z 213 71.68 -2.69 -130.00
C LYS Z 213 72.59 -3.18 -128.89
N LEU Z 214 73.77 -3.67 -129.29
CA LEU Z 214 74.66 -4.37 -128.36
C LEU Z 214 76.11 -4.03 -128.69
N TYR Z 215 76.62 -2.95 -128.10
CA TYR Z 215 77.98 -2.49 -128.36
C TYR Z 215 78.96 -3.14 -127.40
N ILE Z 216 80.03 -3.72 -127.97
CA ILE Z 216 80.95 -4.57 -127.24
C ILE Z 216 82.37 -4.08 -127.50
N ARG Z 217 83.14 -3.88 -126.44
CA ARG Z 217 84.51 -3.43 -126.59
C ARG Z 217 85.37 -4.00 -125.48
N HIS Z 218 86.68 -3.88 -125.66
CA HIS Z 218 87.63 -4.04 -124.56
C HIS Z 218 87.61 -2.77 -123.73
N VAL Z 219 87.71 -2.93 -122.40
CA VAL Z 219 87.89 -1.76 -121.54
C VAL Z 219 89.35 -1.42 -121.35
N ASN Z 220 90.26 -2.32 -121.72
CA ASN Z 220 91.68 -2.05 -121.63
C ASN Z 220 92.06 -0.99 -122.66
N ARG Z 221 92.79 0.03 -122.22
CA ARG Z 221 93.05 1.18 -123.08
C ARG Z 221 94.02 0.83 -124.20
N SER Z 222 95.02 0.00 -123.92
CA SER Z 222 96.01 -0.36 -124.91
C SER Z 222 96.60 -1.72 -124.56
N SER Z 223 97.57 -2.15 -125.36
CA SER Z 223 98.27 -3.42 -125.17
C SER Z 223 99.60 -3.33 -125.88
N PRO Z 224 100.61 -4.08 -125.42
CA PRO Z 224 101.89 -4.09 -126.13
C PRO Z 224 101.80 -4.68 -127.53
N HIS Z 225 101.13 -5.82 -127.65
CA HIS Z 225 100.90 -6.46 -128.95
C HIS Z 225 99.41 -6.40 -129.31
N GLN Z 226 99.06 -7.00 -130.44
CA GLN Z 226 97.69 -6.97 -130.93
C GLN Z 226 96.90 -8.16 -130.38
N ILE Z 227 95.72 -7.86 -129.85
CA ILE Z 227 94.80 -8.88 -129.34
C ILE Z 227 93.51 -8.74 -130.12
N THR Z 228 93.06 -9.85 -130.72
CA THR Z 228 91.87 -9.86 -131.57
C THR Z 228 90.84 -10.76 -130.91
N SER Z 229 89.82 -10.14 -130.30
CA SER Z 229 88.82 -10.89 -129.56
C SER Z 229 87.65 -11.24 -130.47
N THR Z 230 87.03 -12.37 -130.20
CA THR Z 230 85.89 -12.87 -130.97
C THR Z 230 84.74 -13.10 -130.00
N ILE Z 231 83.57 -12.61 -130.36
CA ILE Z 231 82.38 -12.72 -129.51
C ILE Z 231 81.30 -13.49 -130.25
N ARG Z 232 80.59 -14.34 -129.52
CA ARG Z 232 79.50 -15.16 -130.06
C ARG Z 232 78.28 -14.91 -129.17
N VAL Z 233 77.30 -14.18 -129.68
CA VAL Z 233 76.12 -13.83 -128.90
C VAL Z 233 75.09 -14.95 -129.05
N TYR Z 234 74.64 -15.49 -127.91
CA TYR Z 234 73.68 -16.58 -127.87
C TYR Z 234 72.32 -16.03 -127.49
N PHE Z 235 71.48 -15.80 -128.51
CA PHE Z 235 70.15 -15.26 -128.32
C PHE Z 235 69.19 -16.36 -127.86
N LYS Z 236 68.31 -16.00 -126.94
CA LYS Z 236 67.31 -16.95 -126.48
C LYS Z 236 66.00 -16.26 -126.10
N PRO Z 237 64.91 -16.59 -126.79
CA PRO Z 237 63.60 -16.09 -126.34
C PRO Z 237 63.22 -16.74 -125.02
N LYS Z 238 62.50 -15.99 -124.18
CA LYS Z 238 62.11 -16.48 -122.88
C LYS Z 238 60.72 -15.95 -122.53
N HIS Z 239 59.94 -16.78 -121.82
CA HIS Z 239 58.57 -16.46 -121.45
C HIS Z 239 57.78 -16.00 -122.67
N ILE Z 240 57.80 -16.83 -123.70
CA ILE Z 240 57.37 -16.43 -125.03
C ILE Z 240 55.89 -16.79 -125.23
N LYS Z 241 55.13 -15.83 -125.73
CA LYS Z 241 53.77 -16.05 -126.19
C LYS Z 241 53.72 -15.72 -127.68
N ALA Z 242 52.78 -16.32 -128.39
CA ALA Z 242 52.70 -16.16 -129.84
C ALA Z 242 51.25 -16.21 -130.28
N TRP Z 243 50.90 -15.30 -131.19
CA TRP Z 243 49.54 -15.19 -131.71
C TRP Z 243 49.55 -15.34 -133.22
N VAL Z 244 48.38 -15.67 -133.76
CA VAL Z 244 48.11 -15.67 -135.19
C VAL Z 244 49.10 -16.57 -135.91
N PRO Z 245 48.85 -17.87 -135.97
CA PRO Z 245 49.75 -18.76 -136.71
C PRO Z 245 49.74 -18.41 -138.19
N ARG Z 246 50.72 -18.97 -138.91
CA ARG Z 246 51.06 -18.49 -140.24
C ARG Z 246 51.72 -19.64 -140.97
N PRO Z 247 51.52 -19.79 -142.28
CA PRO Z 247 52.10 -20.93 -142.97
C PRO Z 247 53.61 -20.81 -143.04
N PRO Z 248 54.32 -21.92 -143.10
CA PRO Z 248 55.79 -21.86 -143.12
C PRO Z 248 56.34 -21.27 -144.41
N ARG Z 249 57.54 -20.72 -144.29
CA ARG Z 249 58.27 -20.21 -145.43
C ARG Z 249 58.57 -21.33 -146.43
N LEU Z 250 58.34 -21.06 -147.71
CA LEU Z 250 58.63 -22.02 -148.77
C LEU Z 250 59.89 -21.65 -149.54
N CYS Z 251 60.01 -20.40 -149.98
CA CYS Z 251 61.12 -19.94 -150.78
C CYS Z 251 62.32 -19.60 -149.90
N PRO Z 252 63.53 -19.64 -150.47
CA PRO Z 252 64.72 -19.22 -149.71
C PRO Z 252 64.72 -17.72 -149.47
N TYR Z 253 65.45 -17.31 -148.43
CA TYR Z 253 65.56 -15.91 -148.07
C TYR Z 253 66.55 -15.17 -148.97
N ILE Z 254 66.24 -13.92 -149.28
CA ILE Z 254 67.09 -13.09 -150.13
C ILE Z 254 67.89 -12.13 -149.25
N ASN Z 255 67.19 -11.27 -148.53
CA ASN Z 255 67.80 -10.20 -147.74
C ASN Z 255 67.19 -10.16 -146.34
N LYS Z 256 67.95 -9.60 -145.41
CA LYS Z 256 67.65 -9.67 -143.99
C LYS Z 256 66.71 -8.57 -143.50
N ARG Z 257 66.20 -7.73 -144.40
CA ARG Z 257 65.29 -6.66 -144.01
C ARG Z 257 64.01 -6.65 -144.83
N ASP Z 258 63.79 -7.69 -145.65
CA ASP Z 258 62.62 -7.72 -146.52
C ASP Z 258 62.15 -9.16 -146.67
N VAL Z 259 61.02 -9.32 -147.35
CA VAL Z 259 60.38 -10.61 -147.56
C VAL Z 259 60.50 -11.04 -149.02
N ASN Z 260 61.36 -10.38 -149.79
CA ASN Z 260 61.48 -10.65 -151.22
C ASN Z 260 61.98 -12.06 -151.46
N PHE Z 261 61.55 -12.65 -152.57
CA PHE Z 261 61.82 -14.05 -152.80
C PHE Z 261 61.80 -14.34 -154.30
N VAL Z 262 62.32 -15.50 -154.65
CA VAL Z 262 62.24 -16.04 -156.00
C VAL Z 262 61.17 -17.11 -156.01
N VAL Z 263 60.38 -17.16 -157.08
CA VAL Z 263 59.26 -18.10 -157.13
C VAL Z 263 59.80 -19.52 -157.17
N THR Z 264 59.51 -20.28 -156.12
CA THR Z 264 60.01 -21.63 -155.94
C THR Z 264 58.88 -22.62 -156.20
N GLU Z 265 59.26 -23.84 -156.58
CA GLU Z 265 58.28 -24.88 -156.79
C GLU Z 265 57.67 -25.31 -155.46
N ILE Z 266 56.45 -25.83 -155.52
CA ILE Z 266 55.73 -26.19 -154.30
C ILE Z 266 56.43 -27.36 -153.60
N THR Z 267 56.50 -28.50 -154.25
CA THR Z 267 57.17 -29.67 -153.71
C THR Z 267 58.17 -30.20 -154.72
N ASP Z 268 58.95 -31.20 -154.32
CA ASP Z 268 59.81 -31.88 -155.27
C ASP Z 268 58.96 -32.68 -156.24
N SER Z 269 59.37 -32.70 -157.50
CA SER Z 269 58.56 -33.33 -158.51
C SER Z 269 58.80 -34.84 -158.54
N ARG Z 270 57.79 -35.57 -158.99
CA ARG Z 270 57.90 -36.99 -159.28
C ARG Z 270 57.52 -37.23 -160.74
N THR Z 271 57.63 -38.48 -161.17
CA THR Z 271 57.51 -38.79 -162.60
C THR Z 271 56.06 -38.70 -163.06
N SER Z 272 55.17 -39.47 -162.45
CA SER Z 272 53.75 -39.45 -162.79
C SER Z 272 52.92 -39.25 -161.54
N ILE Z 273 51.60 -39.16 -161.72
CA ILE Z 273 50.70 -38.98 -160.60
C ILE Z 273 50.47 -40.28 -159.83
N THR Z 274 50.80 -41.43 -160.43
CA THR Z 274 50.46 -42.72 -159.87
C THR Z 274 51.65 -43.52 -159.35
N ASP Z 275 52.88 -43.08 -159.60
CA ASP Z 275 54.05 -43.83 -159.15
C ASP Z 275 54.35 -43.55 -157.68
N VAL AA 13 17.01 -18.56 -147.27
CA VAL AA 13 17.19 -17.21 -147.79
C VAL AA 13 16.90 -16.19 -146.70
N ARG AA 14 17.93 -15.46 -146.28
CA ARG AA 14 17.83 -14.44 -145.26
C ARG AA 14 18.21 -13.10 -145.88
N SER AA 15 17.34 -12.10 -145.72
CA SER AA 15 17.56 -10.77 -146.29
C SER AA 15 18.08 -9.87 -145.17
N MET AA 16 19.39 -9.85 -145.00
CA MET AA 16 20.00 -8.99 -143.99
C MET AA 16 19.94 -7.53 -144.42
N THR AA 17 19.85 -6.65 -143.43
CA THR AA 17 19.85 -5.22 -143.68
C THR AA 17 20.69 -4.53 -142.61
N LEU AA 18 21.43 -3.50 -143.02
CA LEU AA 18 22.23 -2.69 -142.09
C LEU AA 18 22.15 -1.25 -142.58
N GLY AA 19 21.50 -0.40 -141.80
CA GLY AA 19 21.37 1.00 -142.18
C GLY AA 19 20.45 1.16 -143.37
N ASN AA 20 21.01 1.61 -144.49
CA ASN AA 20 20.30 1.74 -145.76
C ASN AA 20 20.92 0.87 -146.84
N SER AA 21 21.28 -0.37 -146.47
CA SER AA 21 21.88 -1.31 -147.40
C SER AA 21 21.36 -2.70 -147.06
N THR AA 22 20.62 -3.29 -147.99
CA THR AA 22 20.05 -4.63 -147.82
C THR AA 22 20.63 -5.54 -148.89
N ILE AA 23 21.13 -6.69 -148.46
CA ILE AA 23 21.60 -7.73 -149.36
C ILE AA 23 20.73 -8.98 -149.12
N THR AA 24 20.82 -9.92 -150.04
CA THR AA 24 20.09 -11.18 -149.95
C THR AA 24 21.10 -12.32 -149.85
N THR AA 25 21.06 -13.04 -148.74
CA THR AA 25 22.01 -14.10 -148.47
C THR AA 25 21.32 -15.46 -148.50
N GLN AA 26 22.15 -16.51 -148.51
CA GLN AA 26 21.67 -17.88 -148.55
C GLN AA 26 21.93 -18.59 -147.24
N ASN AA 30 27.18 -20.78 -143.59
CA ASN AA 30 27.56 -20.64 -142.18
C ASN AA 30 28.79 -19.74 -142.01
N VAL AA 31 28.76 -18.92 -140.97
CA VAL AA 31 29.77 -17.87 -140.79
C VAL AA 31 31.05 -18.48 -140.24
N VAL AA 32 32.18 -18.10 -140.82
CA VAL AA 32 33.50 -18.48 -140.31
C VAL AA 32 33.98 -17.30 -139.48
N VAL AA 33 33.73 -17.35 -138.18
CA VAL AA 33 34.20 -16.32 -137.26
C VAL AA 33 35.71 -16.46 -137.12
N GLY AA 34 36.44 -15.41 -137.51
CA GLY AA 34 37.88 -15.51 -137.58
C GLY AA 34 38.50 -15.62 -136.19
N TYR AA 35 39.25 -16.69 -135.95
CA TYR AA 35 39.93 -16.93 -134.68
C TYR AA 35 38.96 -17.00 -133.51
N GLY AA 36 37.74 -17.49 -133.77
CA GLY AA 36 36.81 -17.77 -132.69
C GLY AA 36 36.35 -16.57 -131.90
N GLU AA 37 36.63 -15.35 -132.37
CA GLU AA 37 36.26 -14.15 -131.65
C GLU AA 37 35.44 -13.23 -132.54
N TRP AA 38 34.45 -12.60 -131.94
CA TRP AA 38 33.58 -11.63 -132.56
C TRP AA 38 34.17 -10.25 -132.30
N PRO AA 39 34.21 -9.35 -133.28
CA PRO AA 39 34.80 -8.04 -133.04
C PRO AA 39 34.08 -7.34 -131.89
N SER AA 40 34.81 -6.48 -131.20
CA SER AA 40 34.25 -5.79 -130.04
C SER AA 40 34.93 -4.44 -129.90
N TYR AA 41 34.35 -3.60 -129.05
CA TYR AA 41 34.97 -2.32 -128.76
C TYR AA 41 36.18 -2.51 -127.84
N LEU AA 42 36.91 -1.43 -127.64
CA LEU AA 42 38.18 -1.51 -126.94
C LEU AA 42 38.02 -1.69 -125.43
N SER AA 43 36.88 -1.25 -124.88
CA SER AA 43 36.64 -1.41 -123.45
C SER AA 43 36.34 -2.87 -123.10
N THR AA 48 39.62 5.46 -120.46
CA THR AA 48 40.67 6.39 -120.07
C THR AA 48 40.31 7.80 -120.55
N ALA AA 49 40.58 8.81 -119.70
CA ALA AA 49 40.36 10.19 -120.07
C ALA AA 49 41.57 10.83 -120.75
N GLU AA 50 42.73 10.16 -120.74
CA GLU AA 50 43.88 10.68 -121.45
C GLU AA 50 43.76 10.46 -122.95
N ASP AA 51 43.14 9.35 -123.35
CA ASP AA 51 42.81 9.08 -124.74
C ASP AA 51 41.41 8.48 -124.78
N GLN AA 52 40.52 9.12 -125.54
CA GLN AA 52 39.10 8.72 -125.54
C GLN AA 52 38.65 8.38 -126.95
N PRO AA 53 38.13 7.17 -127.19
CA PRO AA 53 37.65 6.82 -128.52
C PRO AA 53 36.26 7.35 -128.81
N THR AA 54 35.99 7.54 -130.10
CA THR AA 54 34.67 7.92 -130.60
C THR AA 54 34.10 6.73 -131.37
N GLN AA 55 32.87 6.35 -131.02
CA GLN AA 55 32.22 5.23 -131.70
C GLN AA 55 31.20 5.77 -132.67
N PRO AA 56 31.42 5.66 -133.98
CA PRO AA 56 30.45 6.22 -134.94
C PRO AA 56 29.12 5.50 -134.94
N ASP AA 57 29.12 4.16 -135.01
CA ASP AA 57 27.89 3.36 -135.03
C ASP AA 57 27.00 3.76 -136.20
N VAL AA 58 26.56 5.02 -136.23
CA VAL AA 58 25.75 5.53 -137.33
C VAL AA 58 26.51 5.36 -138.64
N ALA AA 59 25.81 4.88 -139.67
CA ALA AA 59 26.40 4.55 -140.98
C ALA AA 59 27.56 3.59 -140.72
N THR AA 60 28.69 3.72 -141.40
CA THR AA 60 29.88 2.88 -141.22
C THR AA 60 29.58 1.38 -141.26
N CYS AA 61 28.52 0.95 -140.57
CA CYS AA 61 28.17 -0.46 -140.45
C CYS AA 61 27.40 -1.00 -141.65
N ARG AA 62 27.01 -0.14 -142.59
CA ARG AA 62 26.20 -0.59 -143.72
C ARG AA 62 27.06 -1.42 -144.67
N PHE AA 63 26.41 -2.09 -145.61
CA PHE AA 63 27.10 -2.97 -146.54
C PHE AA 63 27.69 -2.17 -147.70
N TYR AA 64 28.98 -2.35 -147.93
CA TYR AA 64 29.70 -1.70 -149.04
C TYR AA 64 30.01 -2.77 -150.08
N THR AA 65 29.14 -2.89 -151.08
CA THR AA 65 29.35 -3.87 -152.14
C THR AA 65 30.38 -3.34 -153.12
N LEU AA 66 31.47 -4.07 -153.30
CA LEU AA 66 32.48 -3.68 -154.26
C LEU AA 66 32.03 -4.05 -155.67
N GLU AA 67 32.84 -3.69 -156.65
CA GLU AA 67 32.50 -4.04 -158.04
C GLU AA 67 32.63 -5.53 -158.25
N SER AA 68 31.69 -6.10 -158.99
CA SER AA 68 31.67 -7.54 -159.23
C SER AA 68 32.86 -7.92 -160.11
N VAL AA 69 33.42 -9.10 -159.86
CA VAL AA 69 34.65 -9.54 -160.49
C VAL AA 69 34.33 -10.77 -161.34
N GLN AA 70 34.66 -10.69 -162.63
CA GLN AA 70 34.37 -11.79 -163.55
C GLN AA 70 35.45 -12.85 -163.43
N TRP AA 71 35.03 -14.08 -163.18
CA TRP AA 71 35.94 -15.21 -163.01
C TRP AA 71 35.83 -16.11 -164.25
N GLU AA 72 36.87 -16.05 -165.08
CA GLU AA 72 36.94 -16.84 -166.30
C GLU AA 72 37.71 -18.14 -166.04
N LYS AA 73 37.96 -18.91 -167.10
CA LYS AA 73 38.73 -20.15 -166.96
C LYS AA 73 40.20 -19.89 -166.67
N THR AA 74 40.71 -18.71 -167.03
CA THR AA 74 42.13 -18.42 -166.91
C THR AA 74 42.43 -17.40 -165.81
N SER AA 75 41.49 -17.17 -164.90
CA SER AA 75 41.73 -16.23 -163.82
C SER AA 75 42.58 -16.88 -162.73
N PRO AA 76 43.70 -16.27 -162.34
CA PRO AA 76 44.56 -16.88 -161.32
C PRO AA 76 44.19 -16.49 -159.89
N GLY AA 77 43.53 -15.36 -159.70
CA GLY AA 77 43.14 -14.94 -158.38
C GLY AA 77 43.05 -13.43 -158.27
N TRP AA 78 42.74 -12.97 -157.06
CA TRP AA 78 42.61 -11.55 -156.76
C TRP AA 78 43.06 -11.31 -155.32
N TRP AA 79 43.34 -10.05 -155.00
CA TRP AA 79 43.48 -9.68 -153.60
C TRP AA 79 43.05 -8.23 -153.42
N TRP AA 80 42.47 -7.97 -152.25
CA TRP AA 80 42.13 -6.64 -151.78
C TRP AA 80 42.88 -6.41 -150.48
N LYS AA 81 43.38 -5.20 -150.28
CA LYS AA 81 44.01 -4.84 -149.00
C LYS AA 81 43.15 -3.82 -148.30
N PHE AA 82 42.60 -4.20 -147.19
CA PHE AA 82 41.81 -3.54 -146.18
C PHE AA 82 42.71 -3.08 -145.04
N PRO AA 83 42.32 -2.07 -144.25
CA PRO AA 83 41.08 -1.30 -144.24
C PRO AA 83 40.91 -0.30 -145.38
N GLU AA 84 42.00 -0.01 -146.09
CA GLU AA 84 42.00 1.10 -147.03
C GLU AA 84 41.45 0.72 -148.39
N ALA AA 85 40.96 -0.51 -148.57
CA ALA AA 85 40.18 -0.79 -149.77
C ALA AA 85 38.87 -0.04 -149.76
N LEU AA 86 38.39 0.34 -148.57
CA LEU AA 86 37.18 1.13 -148.40
C LEU AA 86 37.49 2.63 -148.25
N LYS AA 87 38.60 3.10 -148.81
CA LYS AA 87 39.01 4.48 -148.56
C LYS AA 87 38.17 5.50 -149.32
N ASN AA 88 37.41 5.06 -150.32
CA ASN AA 88 36.49 5.93 -151.04
C ASN AA 88 35.04 5.49 -150.86
N MET AA 89 34.76 4.68 -149.83
CA MET AA 89 33.43 4.11 -149.63
C MET AA 89 32.69 4.88 -148.54
N GLY AA 90 32.13 6.02 -148.93
CA GLY AA 90 31.12 6.66 -148.09
C GLY AA 90 31.71 7.27 -146.82
N LEU AA 91 30.95 7.15 -145.73
CA LEU AA 91 31.37 7.72 -144.46
C LEU AA 91 32.55 6.99 -143.86
N PHE AA 92 32.64 5.67 -144.08
CA PHE AA 92 33.81 4.94 -143.60
C PHE AA 92 35.07 5.40 -144.31
N GLY AA 93 34.98 5.66 -145.61
CA GLY AA 93 36.12 6.20 -146.32
C GLY AA 93 36.37 7.66 -146.09
N GLN AA 94 35.42 8.36 -145.46
CA GLN AA 94 35.61 9.75 -145.11
C GLN AA 94 36.08 9.94 -143.67
N ASN AA 95 35.68 9.06 -142.75
CA ASN AA 95 36.23 9.08 -141.41
C ASN AA 95 37.69 8.64 -141.36
N MET AA 96 38.19 8.03 -142.44
CA MET AA 96 39.62 7.71 -142.49
C MET AA 96 40.47 8.97 -142.64
N HIS AA 97 39.91 10.03 -143.24
CA HIS AA 97 40.65 11.26 -143.45
C HIS AA 97 40.59 12.22 -142.26
N TYR AA 98 39.58 12.09 -141.40
CA TYR AA 98 39.45 13.01 -140.27
C TYR AA 98 40.01 12.46 -138.97
N HIS AA 99 40.03 11.13 -138.81
CA HIS AA 99 40.63 10.49 -137.66
C HIS AA 99 41.86 9.71 -138.13
N TYR AA 100 42.95 9.80 -137.40
CA TYR AA 100 44.18 9.12 -137.77
C TYR AA 100 44.39 7.83 -137.01
N LEU AA 101 43.39 7.37 -136.27
CA LEU AA 101 43.44 6.11 -135.55
C LEU AA 101 42.06 5.46 -135.64
N GLY AA 102 42.04 4.12 -135.77
CA GLY AA 102 40.78 3.43 -135.87
C GLY AA 102 40.95 1.93 -135.88
N ARG AA 103 39.81 1.24 -135.86
CA ARG AA 103 39.74 -0.21 -135.83
C ARG AA 103 38.32 -0.63 -136.22
N ALA AA 104 38.19 -1.82 -136.79
CA ALA AA 104 36.89 -2.31 -137.25
C ALA AA 104 36.93 -3.83 -137.38
N GLY AA 105 35.80 -4.40 -137.84
CA GLY AA 105 35.64 -5.85 -137.84
C GLY AA 105 35.42 -6.52 -139.19
N TYR AA 106 34.74 -5.86 -140.12
CA TYR AA 106 34.70 -6.25 -141.53
C TYR AA 106 34.11 -7.65 -141.73
N THR AA 107 32.79 -7.73 -141.60
CA THR AA 107 32.07 -8.91 -142.10
C THR AA 107 32.11 -8.91 -143.62
N ILE AA 108 32.64 -9.98 -144.21
CA ILE AA 108 32.90 -10.04 -145.64
C ILE AA 108 32.06 -11.16 -146.24
N HIS AA 109 31.03 -10.78 -147.01
CA HIS AA 109 30.25 -11.75 -147.78
C HIS AA 109 30.85 -11.87 -149.18
N VAL AA 110 30.95 -13.10 -149.67
CA VAL AA 110 31.45 -13.37 -151.02
C VAL AA 110 30.49 -14.34 -151.68
N GLN AA 111 29.60 -13.80 -152.52
CA GLN AA 111 28.75 -14.64 -153.36
C GLN AA 111 29.45 -14.93 -154.69
N CYS AA 112 28.89 -15.89 -155.43
CA CYS AA 112 29.41 -16.26 -156.73
C CYS AA 112 28.34 -16.41 -157.79
N ASN AA 113 27.08 -16.61 -157.41
CA ASN AA 113 25.90 -16.71 -158.28
C ASN AA 113 26.20 -17.30 -159.65
N ALA AA 114 26.91 -18.43 -159.67
CA ALA AA 114 27.09 -19.18 -160.90
C ALA AA 114 25.83 -19.99 -161.20
N SER AA 115 25.88 -20.77 -162.28
CA SER AA 115 24.75 -21.60 -162.64
C SER AA 115 24.88 -22.97 -161.99
N LYS AA 116 24.12 -23.94 -162.48
CA LYS AA 116 24.17 -25.31 -162.01
C LYS AA 116 25.10 -26.17 -162.85
N PHE AA 117 25.46 -25.72 -164.05
CA PHE AA 117 26.35 -26.43 -164.94
C PHE AA 117 27.79 -25.92 -164.87
N HIS AA 118 28.04 -24.81 -164.19
CA HIS AA 118 29.39 -24.36 -163.94
C HIS AA 118 30.01 -25.18 -162.82
N GLN AA 119 31.33 -25.34 -162.89
CA GLN AA 119 32.08 -26.04 -161.85
C GLN AA 119 33.31 -25.24 -161.48
N GLY AA 120 33.77 -25.41 -160.26
CA GLY AA 120 34.94 -24.71 -159.79
C GLY AA 120 34.99 -24.68 -158.28
N CYS AA 121 36.04 -24.05 -157.77
CA CYS AA 121 36.25 -23.97 -156.33
C CYS AA 121 37.13 -22.77 -156.03
N LEU AA 122 36.80 -22.05 -154.96
CA LEU AA 122 37.52 -20.86 -154.54
C LEU AA 122 38.01 -21.03 -153.11
N LEU AA 123 39.16 -20.41 -152.83
CA LEU AA 123 39.64 -20.21 -151.47
C LEU AA 123 39.45 -18.75 -151.11
N VAL AA 124 38.57 -18.48 -150.16
CA VAL AA 124 38.31 -17.13 -149.67
C VAL AA 124 38.98 -17.02 -148.31
N VAL AA 125 40.13 -16.35 -148.27
CA VAL AA 125 40.98 -16.30 -147.08
C VAL AA 125 41.37 -14.84 -146.86
N CYS AA 126 41.67 -14.51 -145.60
CA CYS AA 126 41.81 -13.12 -145.19
C CYS AA 126 43.23 -12.70 -144.86
N VAL AA 127 44.08 -13.60 -144.37
CA VAL AA 127 45.52 -13.40 -144.27
C VAL AA 127 45.86 -12.08 -143.57
N PRO AA 128 45.80 -12.01 -142.24
CA PRO AA 128 46.26 -10.79 -141.56
C PRO AA 128 47.75 -10.59 -141.76
N GLU AA 129 48.14 -9.34 -141.97
CA GLU AA 129 49.54 -8.95 -142.13
C GLU AA 129 50.21 -9.66 -143.30
N ALA AA 130 49.62 -9.52 -144.49
CA ALA AA 130 50.20 -10.11 -145.70
C ALA AA 130 51.25 -9.14 -146.24
N GLU AA 131 52.48 -9.28 -145.76
CA GLU AA 131 53.60 -8.53 -146.30
C GLU AA 131 54.07 -9.22 -147.57
N MET AA 132 53.86 -8.56 -148.71
CA MET AA 132 54.15 -9.17 -150.00
C MET AA 132 55.54 -8.77 -150.49
N GLY AA 133 56.07 -9.56 -151.42
CA GLY AA 133 57.42 -9.42 -151.89
C GLY AA 133 57.48 -8.82 -153.29
N CYS AA 134 58.54 -8.08 -153.57
CA CYS AA 134 58.71 -7.45 -154.86
C CYS AA 134 59.05 -8.48 -155.93
N ALA AA 135 58.77 -8.12 -157.19
CA ALA AA 135 58.88 -9.07 -158.28
C ALA AA 135 60.34 -9.36 -158.62
N ASP AA 136 61.15 -8.33 -158.77
CA ASP AA 136 62.60 -8.47 -158.90
C ASP AA 136 63.24 -7.94 -157.62
N THR AA 137 63.76 -8.85 -156.80
CA THR AA 137 64.32 -8.47 -155.52
C THR AA 137 65.62 -7.70 -155.70
N ASP AA 138 66.02 -7.02 -154.61
CA ASP AA 138 67.03 -5.96 -154.46
C ASP AA 138 66.42 -4.57 -154.60
N THR AA 139 65.10 -4.46 -154.69
CA THR AA 139 64.44 -3.16 -154.81
C THR AA 139 63.04 -3.25 -154.23
N THR AA 140 62.35 -2.11 -154.20
CA THR AA 140 60.99 -2.00 -153.69
C THR AA 140 60.02 -1.64 -154.81
N PHE AA 141 58.74 -1.58 -154.47
CA PHE AA 141 57.67 -1.24 -155.41
C PHE AA 141 57.03 0.10 -155.04
N PRO AA 142 56.45 0.80 -156.03
CA PRO AA 142 56.01 2.19 -155.80
C PRO AA 142 54.70 2.38 -155.04
N ALA AA 143 54.31 1.41 -154.21
CA ALA AA 143 53.24 1.60 -153.23
C ALA AA 143 51.85 1.69 -153.84
N THR AA 144 51.77 1.91 -155.15
CA THR AA 144 50.51 1.83 -155.87
C THR AA 144 50.32 0.47 -156.53
N GLU AA 145 51.22 -0.47 -156.25
CA GLU AA 145 51.12 -1.83 -156.74
C GLU AA 145 50.48 -2.79 -155.76
N LEU AA 146 50.48 -2.44 -154.46
CA LEU AA 146 49.77 -3.27 -153.49
C LEU AA 146 48.27 -3.06 -153.58
N THR AA 147 47.81 -1.83 -153.80
CA THR AA 147 46.39 -1.55 -153.72
C THR AA 147 45.98 -0.53 -154.79
N THR AA 148 44.80 -0.75 -155.36
CA THR AA 148 44.12 0.21 -156.22
C THR AA 148 42.73 0.32 -155.61
N GLU AA 149 42.65 0.97 -154.45
CA GLU AA 149 41.47 1.06 -153.59
C GLU AA 149 40.41 -0.01 -153.84
N ASP AA 150 39.38 0.34 -154.61
CA ASP AA 150 38.26 -0.56 -154.83
C ASP AA 150 38.64 -1.75 -155.73
N THR AA 151 39.42 -1.51 -156.79
CA THR AA 151 39.62 -2.60 -157.73
C THR AA 151 40.69 -3.56 -157.23
N PRO AA 152 40.57 -4.85 -157.56
CA PRO AA 152 41.53 -5.84 -157.08
C PRO AA 152 42.75 -5.97 -157.98
N HIS AA 153 43.90 -6.17 -157.35
CA HIS AA 153 45.08 -6.63 -158.07
C HIS AA 153 44.96 -8.14 -158.29
N VAL AA 154 45.09 -8.57 -159.54
CA VAL AA 154 45.04 -9.99 -159.84
C VAL AA 154 46.39 -10.62 -159.54
N PHE AA 155 46.37 -11.93 -159.31
CA PHE AA 155 47.61 -12.68 -159.30
C PHE AA 155 48.04 -12.96 -160.74
N THR AA 156 49.13 -13.69 -160.90
CA THR AA 156 49.58 -14.15 -162.20
C THR AA 156 49.79 -15.66 -162.14
N SER AA 157 49.79 -16.28 -163.32
CA SER AA 157 49.98 -17.72 -163.40
C SER AA 157 51.44 -18.12 -163.34
N ASP AA 158 52.35 -17.23 -163.73
CA ASP AA 158 53.78 -17.52 -163.70
C ASP AA 158 54.53 -16.35 -163.08
N SER AA 159 55.86 -16.41 -163.11
CA SER AA 159 56.68 -15.36 -162.52
C SER AA 159 56.67 -14.12 -163.41
N ILE AA 160 56.81 -12.96 -162.77
CA ILE AA 160 56.84 -11.67 -163.46
C ILE AA 160 58.02 -10.87 -162.93
N THR AA 161 58.41 -9.87 -163.71
CA THR AA 161 59.51 -8.97 -163.35
C THR AA 161 59.00 -7.53 -163.35
N GLY AA 162 59.85 -6.63 -162.90
CA GLY AA 162 59.49 -5.23 -162.78
C GLY AA 162 59.21 -4.83 -161.33
N LYS AA 163 59.17 -3.52 -161.10
CA LYS AA 163 59.02 -2.97 -159.75
C LYS AA 163 57.54 -3.07 -159.37
N LYS AA 164 57.12 -4.28 -159.03
CA LYS AA 164 55.76 -4.52 -158.58
C LYS AA 164 55.74 -5.79 -157.75
N VAL AA 165 54.56 -6.20 -157.31
CA VAL AA 165 54.41 -7.32 -156.40
C VAL AA 165 54.59 -8.62 -157.16
N GLN AA 166 55.37 -9.54 -156.58
CA GLN AA 166 55.49 -10.87 -157.15
C GLN AA 166 54.16 -11.60 -156.96
N ALA AA 167 53.28 -11.48 -157.95
CA ALA AA 167 51.90 -11.94 -157.82
C ALA AA 167 51.69 -13.30 -158.48
N ALA AA 168 52.70 -14.16 -158.47
CA ALA AA 168 52.52 -15.51 -158.96
C ALA AA 168 51.85 -16.37 -157.89
N VAL AA 169 50.77 -17.05 -158.28
CA VAL AA 169 50.21 -18.07 -157.40
C VAL AA 169 51.19 -19.23 -157.30
N CYS AA 170 50.95 -20.08 -156.29
CA CYS AA 170 51.84 -21.06 -155.66
C CYS AA 170 52.80 -20.37 -154.71
N ASN AA 171 52.91 -19.05 -154.77
CA ASN AA 171 53.72 -18.25 -153.84
C ASN AA 171 53.01 -16.92 -153.62
N ALA AA 172 51.76 -16.99 -153.15
CA ALA AA 172 50.73 -15.97 -153.34
C ALA AA 172 51.27 -14.54 -153.29
N GLY AA 173 51.67 -14.09 -152.10
CA GLY AA 173 52.41 -12.86 -151.99
C GLY AA 173 53.63 -12.96 -151.10
N MET AA 174 53.59 -13.90 -150.16
CA MET AA 174 54.47 -13.89 -149.00
C MET AA 174 55.60 -14.90 -149.09
N GLY AA 175 55.69 -15.66 -150.17
CA GLY AA 175 56.71 -16.70 -150.25
C GLY AA 175 56.35 -17.98 -149.57
N VAL AA 176 55.07 -18.20 -149.29
CA VAL AA 176 54.60 -19.44 -148.70
C VAL AA 176 53.95 -20.28 -149.79
N GLY AA 177 53.66 -21.54 -149.48
CA GLY AA 177 52.88 -22.35 -150.39
C GLY AA 177 51.44 -21.89 -150.39
N VAL AA 178 50.85 -21.83 -151.58
CA VAL AA 178 49.48 -21.34 -151.68
C VAL AA 178 48.47 -22.39 -151.25
N GLY AA 179 48.86 -23.67 -151.22
CA GLY AA 179 47.94 -24.70 -150.81
C GLY AA 179 47.67 -24.65 -149.32
N ASN AA 180 48.73 -24.50 -148.52
CA ASN AA 180 48.57 -24.39 -147.07
C ASN AA 180 48.42 -22.93 -146.65
N LEU AA 181 47.55 -22.22 -147.36
CA LEU AA 181 47.09 -20.90 -146.96
C LEU AA 181 45.79 -20.99 -146.18
N THR AA 182 45.42 -22.21 -145.80
CA THR AA 182 44.17 -22.52 -145.11
C THR AA 182 44.28 -22.31 -143.61
N ILE AA 183 45.47 -21.98 -143.10
CA ILE AA 183 45.67 -21.74 -141.68
C ILE AA 183 44.93 -20.49 -141.21
N PHE AA 184 44.64 -19.57 -142.12
CA PHE AA 184 43.98 -18.32 -141.78
C PHE AA 184 42.46 -18.51 -141.76
N PRO AA 185 41.70 -17.48 -141.33
CA PRO AA 185 40.24 -17.55 -141.49
C PRO AA 185 39.85 -17.68 -142.95
N HIS AA 186 39.30 -18.83 -143.32
CA HIS AA 186 39.05 -19.15 -144.71
C HIS AA 186 37.64 -19.70 -144.88
N GLN AA 187 37.26 -19.89 -146.14
CA GLN AA 187 36.01 -20.54 -146.49
C GLN AA 187 36.11 -21.00 -147.95
N TRP AA 188 35.75 -22.25 -148.20
CA TRP AA 188 35.74 -22.77 -149.56
C TRP AA 188 34.41 -22.46 -150.21
N ILE AA 189 34.46 -22.04 -151.46
CA ILE AA 189 33.23 -21.87 -152.25
C ILE AA 189 33.25 -22.90 -153.37
N ASN AA 190 32.71 -24.07 -153.11
CA ASN AA 190 32.59 -25.11 -154.13
C ASN AA 190 31.25 -24.95 -154.84
N LEU AA 191 31.30 -24.62 -156.13
CA LEU AA 191 30.08 -24.34 -156.88
C LEU AA 191 29.19 -25.56 -156.99
N ARG AA 192 29.73 -26.75 -156.74
CA ARG AA 192 28.89 -27.95 -156.67
C ARG AA 192 27.90 -27.85 -155.52
N THR AA 193 28.36 -27.40 -154.36
CA THR AA 193 27.52 -27.34 -153.15
C THR AA 193 27.00 -25.95 -152.86
N ASN AA 194 27.91 -25.00 -152.60
CA ASN AA 194 27.53 -23.69 -152.10
C ASN AA 194 28.02 -22.60 -153.05
N ASN AA 195 27.62 -21.37 -152.74
CA ASN AA 195 28.01 -20.20 -153.53
C ASN AA 195 28.45 -19.02 -152.67
N SER AA 196 28.11 -19.00 -151.38
CA SER AA 196 28.35 -17.83 -150.54
C SER AA 196 29.35 -18.17 -149.44
N ALA AA 197 30.12 -17.16 -149.08
CA ALA AA 197 31.08 -17.25 -147.98
C ALA AA 197 30.91 -16.01 -147.11
N THR AA 198 31.19 -16.16 -145.82
CA THR AA 198 31.14 -15.01 -144.92
C THR AA 198 32.17 -15.20 -143.82
N ILE AA 199 32.99 -14.17 -143.61
CA ILE AA 199 34.12 -14.23 -142.69
C ILE AA 199 34.08 -12.98 -141.81
N VAL AA 200 34.34 -13.16 -140.53
CA VAL AA 200 34.34 -12.07 -139.56
C VAL AA 200 35.72 -12.01 -138.93
N ILE AA 201 36.37 -10.85 -139.04
CA ILE AA 201 37.79 -10.71 -138.75
C ILE AA 201 37.94 -9.65 -137.67
N PRO AA 202 38.15 -10.05 -136.41
CA PRO AA 202 37.96 -9.17 -135.25
C PRO AA 202 39.14 -8.24 -134.93
N TYR AA 203 39.66 -7.59 -135.97
CA TYR AA 203 40.74 -6.60 -135.82
C TYR AA 203 41.96 -7.21 -135.12
N ILE AA 204 42.74 -7.94 -135.90
CA ILE AA 204 44.00 -8.49 -135.40
C ILE AA 204 45.10 -7.45 -135.58
N ASN AA 205 45.67 -6.98 -134.47
CA ASN AA 205 46.78 -6.03 -134.51
C ASN AA 205 47.47 -6.03 -133.14
N SER AA 206 48.72 -5.58 -133.13
CA SER AA 206 49.54 -5.56 -131.92
C SER AA 206 49.39 -4.28 -131.10
N VAL AA 207 48.67 -3.29 -131.62
CA VAL AA 207 48.41 -2.03 -130.92
C VAL AA 207 46.90 -1.85 -130.96
N PRO AA 208 46.27 -1.28 -129.92
CA PRO AA 208 44.80 -1.23 -129.93
C PRO AA 208 44.22 -0.40 -131.06
N MET AA 209 44.90 0.65 -131.50
CA MET AA 209 44.44 1.47 -132.61
C MET AA 209 45.62 1.82 -133.49
N ASP AA 210 45.40 1.85 -134.79
CA ASP AA 210 46.48 2.17 -135.72
C ASP AA 210 45.92 2.98 -136.88
N ASN AA 211 46.82 3.68 -137.58
CA ASN AA 211 46.42 4.51 -138.70
C ASN AA 211 45.92 3.64 -139.84
N MET AA 212 44.89 4.11 -140.53
CA MET AA 212 44.20 3.33 -141.54
C MET AA 212 44.77 3.52 -142.94
N PHE AA 213 45.75 4.40 -143.12
CA PHE AA 213 46.39 4.54 -144.42
C PHE AA 213 47.80 3.94 -144.47
N ARG AA 214 48.51 3.92 -143.35
CA ARG AA 214 49.82 3.29 -143.33
C ARG AA 214 49.71 1.76 -143.34
N HIS AA 215 48.84 1.21 -142.50
CA HIS AA 215 48.87 -0.20 -142.17
C HIS AA 215 47.67 -0.91 -142.79
N TYR AA 216 47.93 -2.00 -143.51
CA TYR AA 216 46.90 -2.84 -144.10
C TYR AA 216 46.69 -4.00 -143.12
N ASN AA 217 45.54 -4.01 -142.45
CA ASN AA 217 45.35 -4.96 -141.37
C ASN AA 217 45.23 -6.39 -141.87
N PHE AA 218 44.57 -6.60 -143.00
CA PHE AA 218 44.50 -7.93 -143.59
C PHE AA 218 44.33 -7.81 -145.09
N THR AA 219 44.44 -8.95 -145.78
CA THR AA 219 44.44 -9.01 -147.24
C THR AA 219 43.44 -10.08 -147.69
N LEU AA 220 42.23 -9.67 -148.03
CA LEU AA 220 41.26 -10.60 -148.58
C LEU AA 220 41.72 -11.02 -149.97
N MET AA 221 42.12 -12.28 -150.12
CA MET AA 221 42.54 -12.82 -151.40
C MET AA 221 41.70 -14.04 -151.74
N ILE AA 222 41.15 -14.05 -152.94
CA ILE AA 222 40.28 -15.12 -153.44
C ILE AA 222 41.04 -15.85 -154.53
N ILE AA 223 41.30 -17.14 -154.31
CA ILE AA 223 42.21 -17.89 -155.16
C ILE AA 223 41.47 -19.12 -155.70
N PRO AA 224 41.29 -19.24 -157.02
CA PRO AA 224 40.62 -20.42 -157.59
C PRO AA 224 41.56 -21.61 -157.64
N PHE AA 225 41.31 -22.60 -156.77
CA PHE AA 225 42.07 -23.84 -156.82
C PHE AA 225 41.62 -24.70 -157.99
N ALA AA 226 40.39 -25.16 -157.97
CA ALA AA 226 39.91 -25.85 -159.16
C ALA AA 226 39.40 -24.82 -160.16
N PRO AA 227 39.89 -24.83 -161.40
CA PRO AA 227 39.54 -23.76 -162.33
C PRO AA 227 38.10 -23.86 -162.79
N LEU AA 228 37.57 -22.72 -163.22
CA LEU AA 228 36.22 -22.70 -163.77
C LEU AA 228 36.16 -23.52 -165.06
N ASN AA 229 35.06 -24.23 -165.25
CA ASN AA 229 34.88 -24.96 -166.50
C ASN AA 229 33.40 -24.99 -166.84
N PHE AA 230 33.12 -25.05 -168.13
CA PHE AA 230 31.77 -25.03 -168.66
C PHE AA 230 31.85 -25.43 -170.14
N THR AA 231 30.69 -25.53 -170.77
CA THR AA 231 30.62 -25.87 -172.18
C THR AA 231 30.32 -24.62 -173.01
N ASP AA 232 30.14 -24.82 -174.31
CA ASP AA 232 30.11 -23.73 -175.28
C ASP AA 232 28.78 -22.98 -175.30
N GLY AA 233 27.88 -23.24 -174.35
CA GLY AA 233 26.63 -22.53 -174.31
C GLY AA 233 26.48 -21.60 -173.12
N ALA AA 234 27.22 -21.86 -172.05
CA ALA AA 234 27.07 -21.07 -170.83
C ALA AA 234 27.76 -19.72 -170.98
N THR AA 235 27.57 -18.87 -169.98
CA THR AA 235 28.28 -17.60 -169.95
C THR AA 235 29.74 -17.83 -169.63
N ALA AA 236 30.61 -17.09 -170.31
CA ALA AA 236 32.05 -17.36 -170.28
C ALA AA 236 32.71 -16.89 -168.99
N TYR AA 237 31.94 -16.56 -167.96
CA TYR AA 237 32.49 -16.05 -166.71
C TYR AA 237 31.50 -16.30 -165.58
N VAL AA 238 31.97 -16.09 -164.36
CA VAL AA 238 31.15 -16.17 -163.16
C VAL AA 238 31.46 -14.96 -162.29
N PRO AA 239 30.53 -14.03 -162.10
CA PRO AA 239 30.83 -12.79 -161.37
C PRO AA 239 30.86 -13.05 -159.87
N ILE AA 240 31.97 -12.68 -159.24
CA ILE AA 240 32.17 -12.84 -157.80
C ILE AA 240 31.87 -11.50 -157.14
N THR AA 241 30.95 -11.49 -156.19
CA THR AA 241 30.48 -10.27 -155.55
C THR AA 241 31.01 -10.20 -154.13
N VAL AA 242 31.68 -9.10 -153.80
CA VAL AA 242 32.32 -8.91 -152.50
C VAL AA 242 31.59 -7.80 -151.76
N THR AA 243 31.26 -8.04 -150.50
CA THR AA 243 30.50 -7.10 -149.67
C THR AA 243 31.12 -7.05 -148.29
N ILE AA 244 31.46 -5.86 -147.83
CA ILE AA 244 32.17 -5.67 -146.56
C ILE AA 244 31.32 -4.76 -145.67
N ALA AA 245 31.11 -5.20 -144.44
CA ALA AA 245 30.40 -4.41 -143.44
C ALA AA 245 31.33 -4.10 -142.28
N PRO AA 246 31.84 -2.87 -142.17
CA PRO AA 246 32.75 -2.54 -141.06
C PRO AA 246 32.02 -2.50 -139.72
N MET AA 247 32.27 -3.48 -138.87
CA MET AA 247 31.56 -3.60 -137.60
C MET AA 247 32.42 -3.08 -136.46
N TYR AA 248 31.76 -2.45 -135.49
CA TYR AA 248 32.40 -1.96 -134.27
C TYR AA 248 33.58 -1.05 -134.58
N ALA AA 249 33.40 -0.19 -135.57
CA ALA AA 249 34.42 0.78 -135.93
C ALA AA 249 34.46 1.86 -134.87
N GLU AA 250 35.63 2.10 -134.31
CA GLU AA 250 35.80 3.21 -133.38
C GLU AA 250 37.11 3.92 -133.66
N TYR AA 251 37.15 5.21 -133.33
CA TYR AA 251 38.15 6.14 -133.80
C TYR AA 251 38.70 6.88 -132.59
N ASN AA 252 39.59 7.84 -132.80
CA ASN AA 252 40.06 8.63 -131.69
C ASN AA 252 39.08 9.77 -131.41
N GLY AA 253 39.33 10.50 -130.32
CA GLY AA 253 38.51 11.63 -129.97
C GLY AA 253 39.06 12.92 -130.55
N LEU AA 254 38.15 13.79 -130.97
CA LEU AA 254 38.53 15.08 -131.52
C LEU AA 254 38.24 16.24 -130.59
N ARG AA 255 37.41 16.02 -129.58
CA ARG AA 255 37.03 17.02 -128.59
C ARG AA 255 38.12 17.16 -127.52
N LEU AA 256 38.06 18.27 -126.80
CA LEU AA 256 38.94 18.45 -125.65
C LEU AA 256 38.41 17.65 -124.47
N ALA AA 257 39.23 17.56 -123.42
CA ALA AA 257 38.82 16.87 -122.20
C ALA AA 257 38.71 17.87 -121.05
N GLY BA 1 81.27 -17.83 -93.78
CA GLY BA 1 79.83 -18.02 -93.88
C GLY BA 1 79.42 -19.46 -94.16
N VAL BA 2 78.56 -19.65 -95.16
CA VAL BA 2 78.06 -20.98 -95.49
C VAL BA 2 79.12 -21.75 -96.27
N PRO BA 3 79.57 -22.90 -95.78
CA PRO BA 3 80.56 -23.67 -96.54
C PRO BA 3 79.95 -24.33 -97.76
N VAL BA 4 80.32 -23.84 -98.94
CA VAL BA 4 79.85 -24.40 -100.20
C VAL BA 4 81.04 -25.04 -100.90
N LEU BA 5 80.74 -25.94 -101.83
CA LEU BA 5 81.78 -26.51 -102.67
C LEU BA 5 81.24 -26.67 -104.09
N ASN BA 6 82.01 -26.17 -105.06
CA ASN BA 6 81.58 -26.19 -106.45
C ASN BA 6 81.70 -27.59 -107.03
N THR BA 7 80.60 -28.06 -107.63
CA THR BA 7 80.56 -29.36 -108.27
C THR BA 7 81.19 -29.26 -109.65
N PRO BA 8 81.45 -30.40 -110.30
CA PRO BA 8 81.73 -30.35 -111.73
C PRO BA 8 80.54 -29.80 -112.49
N GLY BA 9 80.80 -28.89 -113.42
CA GLY BA 9 79.76 -28.16 -114.09
C GLY BA 9 79.55 -26.73 -113.62
N SER BA 10 80.42 -26.24 -112.75
CA SER BA 10 80.38 -24.85 -112.32
C SER BA 10 81.16 -23.99 -113.32
N ASN BA 11 80.71 -22.75 -113.48
CA ASN BA 11 81.37 -21.79 -114.38
C ASN BA 11 81.44 -22.30 -115.81
N GLN BA 12 80.48 -23.12 -116.21
CA GLN BA 12 80.35 -23.54 -117.60
C GLN BA 12 79.12 -22.89 -118.19
N PHE BA 13 79.01 -22.99 -119.51
CA PHE BA 13 77.85 -22.45 -120.22
C PHE BA 13 77.21 -23.59 -121.01
N LEU BA 14 76.27 -24.27 -120.39
CA LEU BA 14 75.40 -25.21 -121.10
C LEU BA 14 74.37 -24.41 -121.88
N THR BA 15 74.27 -24.72 -123.18
CA THR BA 15 73.41 -23.93 -124.06
C THR BA 15 71.95 -24.07 -123.66
N SER BA 16 71.53 -25.27 -123.28
CA SER BA 16 70.15 -25.56 -122.89
C SER BA 16 70.06 -25.61 -121.36
N ASP BA 17 69.96 -24.44 -120.75
CA ASP BA 17 69.69 -24.33 -119.33
C ASP BA 17 68.54 -23.35 -119.11
N ASP BA 18 67.99 -23.36 -117.90
CA ASP BA 18 66.83 -22.57 -117.54
C ASP BA 18 67.07 -21.81 -116.24
N TYR BA 19 68.20 -21.11 -116.18
CA TYR BA 19 68.59 -20.39 -114.98
C TYR BA 19 68.00 -18.98 -114.98
N GLN BA 20 68.00 -18.36 -113.81
CA GLN BA 20 67.44 -17.03 -113.63
C GLN BA 20 68.44 -16.00 -114.16
N SER BA 21 68.15 -15.45 -115.33
CA SER BA 21 69.04 -14.45 -115.92
C SER BA 21 68.90 -13.13 -115.17
N PRO BA 22 70.00 -12.49 -114.79
CA PRO BA 22 69.90 -11.18 -114.12
C PRO BA 22 69.42 -10.13 -115.12
N SER BA 23 68.31 -9.48 -114.81
CA SER BA 23 67.67 -8.58 -115.75
C SER BA 23 68.46 -7.28 -115.86
N ALA BA 24 68.67 -6.83 -117.09
CA ALA BA 24 69.47 -5.63 -117.32
C ALA BA 24 68.71 -4.36 -117.02
N MET BA 25 67.38 -4.39 -117.14
CA MET BA 25 66.56 -3.20 -116.94
C MET BA 25 65.55 -3.54 -115.84
N PRO BA 26 65.96 -3.42 -114.56
CA PRO BA 26 65.08 -3.86 -113.47
C PRO BA 26 63.99 -2.84 -113.17
N GLN BA 27 64.35 -1.56 -113.28
CA GLN BA 27 63.38 -0.50 -113.05
C GLN BA 27 62.28 -0.55 -114.10
N PHE BA 28 62.64 -0.94 -115.32
CA PHE BA 28 61.74 -0.93 -116.46
C PHE BA 28 60.54 -1.84 -116.25
N ASP BA 29 59.34 -1.29 -116.42
CA ASP BA 29 58.09 -2.05 -116.34
C ASP BA 29 57.50 -2.19 -117.75
N GLU BA 30 57.36 -3.43 -118.20
CA GLU BA 30 56.97 -3.73 -119.56
C GLU BA 30 55.49 -3.42 -119.83
N THR BA 31 55.16 -3.32 -121.12
CA THR BA 31 53.83 -2.92 -121.56
C THR BA 31 52.79 -3.96 -121.14
N PRO BA 32 51.61 -3.53 -120.68
CA PRO BA 32 50.57 -4.50 -120.30
C PRO BA 32 50.09 -5.31 -121.50
N GLU BA 33 49.77 -6.57 -121.25
CA GLU BA 33 49.38 -7.51 -122.29
C GLU BA 33 47.91 -7.32 -122.61
N MET BA 34 47.61 -6.85 -123.82
CA MET BA 34 46.23 -6.83 -124.27
C MET BA 34 45.86 -8.20 -124.84
N HIS BA 35 44.57 -8.42 -125.03
CA HIS BA 35 44.09 -9.64 -125.65
C HIS BA 35 44.16 -9.50 -127.17
N ILE BA 36 45.00 -10.29 -127.81
CA ILE BA 36 45.11 -10.34 -129.26
C ILE BA 36 44.46 -11.64 -129.74
N PRO BA 37 43.60 -11.58 -130.75
CA PRO BA 37 42.88 -12.79 -131.17
C PRO BA 37 43.81 -13.82 -131.82
N GLY BA 38 43.53 -15.09 -131.55
CA GLY BA 38 44.22 -16.17 -132.23
C GLY BA 38 45.53 -16.55 -131.59
N GLU BA 39 45.51 -16.92 -130.32
CA GLU BA 39 46.73 -17.33 -129.63
C GLU BA 39 47.05 -18.79 -129.94
N VAL BA 40 48.34 -19.06 -130.14
CA VAL BA 40 48.83 -20.43 -130.26
C VAL BA 40 49.50 -20.79 -128.95
N ARG BA 41 49.10 -21.93 -128.38
CA ARG BA 41 49.66 -22.42 -127.13
C ARG BA 41 50.34 -23.76 -127.31
N ASN BA 42 50.37 -24.29 -128.53
CA ASN BA 42 50.91 -25.60 -128.84
C ASN BA 42 51.06 -25.70 -130.36
N LEU BA 43 52.18 -26.25 -130.81
CA LEU BA 43 52.44 -26.32 -132.25
C LEU BA 43 51.46 -27.24 -132.94
N MET BA 44 51.07 -28.34 -132.31
CA MET BA 44 50.16 -29.29 -132.93
C MET BA 44 48.76 -28.72 -133.15
N GLU BA 45 48.51 -27.46 -132.81
CA GLU BA 45 47.32 -26.77 -133.26
C GLU BA 45 47.43 -26.28 -134.69
N ILE BA 46 48.64 -26.25 -135.24
CA ILE BA 46 48.84 -25.94 -136.65
C ILE BA 46 48.67 -27.18 -137.51
N ALA BA 47 49.09 -28.33 -137.00
CA ALA BA 47 48.98 -29.58 -137.75
C ALA BA 47 47.53 -30.02 -137.90
N GLU BA 48 46.64 -29.61 -137.01
CA GLU BA 48 45.24 -30.00 -137.06
C GLU BA 48 44.43 -29.21 -138.08
N VAL BA 49 45.04 -28.24 -138.77
CA VAL BA 49 44.34 -27.46 -139.78
C VAL BA 49 44.50 -28.14 -141.13
N ASP BA 50 43.38 -28.36 -141.80
CA ASP BA 50 43.40 -28.91 -143.15
C ASP BA 50 44.11 -27.96 -144.10
N SER BA 51 44.79 -28.53 -145.10
CA SER BA 51 45.44 -27.73 -146.13
C SER BA 51 45.59 -28.59 -147.37
N VAL BA 52 45.62 -27.93 -148.52
CA VAL BA 52 45.52 -28.63 -149.80
C VAL BA 52 46.84 -29.33 -150.09
N VAL BA 53 46.74 -30.56 -150.57
CA VAL BA 53 47.87 -31.46 -150.75
C VAL BA 53 48.19 -31.55 -152.23
N PRO BA 54 49.39 -31.19 -152.67
CA PRO BA 54 49.74 -31.26 -154.11
C PRO BA 54 49.98 -32.69 -154.58
N VAL BA 55 48.88 -33.38 -154.93
CA VAL BA 55 48.99 -34.76 -155.37
C VAL BA 55 49.52 -34.83 -156.79
N ASN BA 56 49.11 -33.90 -157.65
CA ASN BA 56 49.53 -33.88 -159.05
C ASN BA 56 50.81 -33.07 -159.22
N ASN BA 57 51.84 -33.45 -158.46
CA ASN BA 57 53.12 -32.75 -158.50
C ASN BA 57 54.08 -33.40 -159.51
N VAL BA 58 53.62 -33.57 -160.75
CA VAL BA 58 54.45 -34.16 -161.79
C VAL BA 58 55.45 -33.12 -162.28
N THR BA 59 56.37 -33.55 -163.16
CA THR BA 59 57.62 -32.83 -163.39
C THR BA 59 57.44 -31.41 -163.90
N GLY BA 60 56.29 -31.08 -164.48
CA GLY BA 60 56.12 -29.76 -165.06
C GLY BA 60 54.98 -28.96 -164.49
N LYS BA 61 54.40 -29.43 -163.39
CA LYS BA 61 53.17 -28.85 -162.86
C LYS BA 61 53.30 -28.54 -161.37
N THR BA 62 54.50 -28.14 -160.94
CA THR BA 62 54.74 -27.85 -159.53
C THR BA 62 54.92 -26.36 -159.23
N LYS BA 63 55.19 -25.54 -160.23
CA LYS BA 63 55.27 -24.09 -160.04
C LYS BA 63 53.97 -23.39 -160.39
N SER BA 64 52.94 -24.14 -160.79
CA SER BA 64 51.60 -23.63 -161.01
C SER BA 64 50.66 -24.24 -159.97
N MET BA 65 49.39 -23.84 -160.03
CA MET BA 65 48.37 -24.42 -159.17
C MET BA 65 47.70 -25.64 -159.80
N ASP BA 66 48.34 -26.24 -160.80
CA ASP BA 66 47.91 -27.53 -161.30
C ASP BA 66 48.47 -28.68 -160.46
N ALA BA 67 49.32 -28.36 -159.48
CA ALA BA 67 49.82 -29.39 -158.56
C ALA BA 67 48.73 -29.90 -157.64
N TYR BA 68 47.77 -29.04 -157.28
CA TYR BA 68 46.75 -29.37 -156.31
C TYR BA 68 45.55 -30.09 -156.92
N GLN BA 69 45.46 -30.15 -158.24
CA GLN BA 69 44.26 -30.60 -158.94
C GLN BA 69 44.47 -32.02 -159.44
N ILE BA 70 43.60 -32.93 -159.01
CA ILE BA 70 43.64 -34.31 -159.47
C ILE BA 70 42.67 -34.44 -160.64
N PRO BA 71 43.14 -34.66 -161.86
CA PRO BA 71 42.22 -34.70 -163.01
C PRO BA 71 41.39 -35.97 -163.02
N VAL BA 72 40.09 -35.81 -163.14
CA VAL BA 72 39.14 -36.94 -163.19
C VAL BA 72 38.28 -36.77 -164.42
N GLY BA 73 38.36 -37.73 -165.34
CA GLY BA 73 37.63 -37.65 -166.59
C GLY BA 73 38.43 -36.98 -167.69
N ASP BA 78 40.41 -44.59 -169.43
CA ASP BA 78 41.17 -45.76 -168.98
C ASP BA 78 40.86 -46.08 -167.52
N LYS BA 79 40.21 -47.23 -167.31
CA LYS BA 79 39.84 -47.68 -165.98
C LYS BA 79 40.80 -48.72 -165.42
N THR BA 80 41.91 -48.98 -166.12
CA THR BA 80 42.84 -50.03 -165.71
C THR BA 80 43.97 -49.53 -164.84
N LYS BA 81 44.28 -48.24 -164.87
CA LYS BA 81 45.32 -47.68 -164.01
C LYS BA 81 44.70 -46.67 -163.06
N PRO BA 82 45.22 -46.58 -161.84
CA PRO BA 82 44.57 -45.74 -160.82
C PRO BA 82 44.69 -44.26 -161.14
N ILE BA 83 43.82 -43.47 -160.51
CA ILE BA 83 43.82 -42.03 -160.73
C ILE BA 83 45.06 -41.41 -160.10
N PHE BA 84 45.29 -41.66 -158.83
CA PHE BA 84 46.48 -41.19 -158.15
C PHE BA 84 46.88 -42.23 -157.09
N SER BA 85 48.09 -42.04 -156.57
CA SER BA 85 48.66 -42.97 -155.59
C SER BA 85 49.88 -42.30 -154.96
N PHE BA 86 50.01 -42.38 -153.63
CA PHE BA 86 51.17 -41.79 -152.97
C PHE BA 86 51.42 -42.47 -151.64
N GLN BA 87 52.68 -42.42 -151.22
CA GLN BA 87 53.08 -42.86 -149.88
C GLN BA 87 52.30 -42.09 -148.82
N MET BA 88 51.94 -42.78 -147.75
CA MET BA 88 51.22 -42.16 -146.64
C MET BA 88 52.20 -41.97 -145.48
N ASP BA 89 53.07 -40.96 -145.63
CA ASP BA 89 53.94 -40.54 -144.55
C ASP BA 89 54.34 -39.07 -144.74
N PRO BA 90 54.00 -38.19 -143.79
CA PRO BA 90 54.25 -36.75 -144.00
C PRO BA 90 55.72 -36.37 -144.05
N GLY BA 91 56.63 -37.27 -143.66
CA GLY BA 91 58.05 -37.05 -143.85
C GLY BA 91 58.57 -37.91 -144.99
N TYR BA 92 59.56 -37.40 -145.71
CA TYR BA 92 60.22 -38.12 -146.79
C TYR BA 92 59.24 -38.57 -147.87
N SER BA 93 58.19 -37.78 -148.11
CA SER BA 93 57.25 -38.05 -149.19
C SER BA 93 56.96 -36.75 -149.92
N SER BA 94 57.13 -36.76 -151.25
CA SER BA 94 57.04 -35.52 -152.02
C SER BA 94 55.65 -34.90 -151.94
N VAL BA 95 54.62 -35.71 -151.70
CA VAL BA 95 53.25 -35.20 -151.73
C VAL BA 95 52.90 -34.55 -150.40
N LEU BA 96 53.32 -35.13 -149.28
CA LEU BA 96 52.87 -34.72 -147.96
C LEU BA 96 53.96 -34.05 -147.12
N LYS BA 97 55.05 -33.60 -147.75
CA LYS BA 97 56.17 -33.06 -146.96
C LYS BA 97 56.10 -31.55 -146.80
N ARG BA 98 55.34 -30.85 -147.65
CA ARG BA 98 55.22 -29.40 -147.54
C ARG BA 98 53.83 -28.98 -147.11
N THR BA 99 53.02 -29.93 -146.66
CA THR BA 99 51.74 -29.65 -146.01
C THR BA 99 51.98 -29.04 -144.64
N LEU BA 100 50.96 -28.33 -144.12
CA LEU BA 100 51.03 -27.86 -142.74
C LEU BA 100 51.26 -29.03 -141.78
N LEU BA 101 50.63 -30.17 -142.05
CA LEU BA 101 50.95 -31.37 -141.31
C LEU BA 101 52.41 -31.78 -141.53
N GLY BA 102 52.81 -31.92 -142.78
CA GLY BA 102 54.13 -32.43 -143.08
C GLY BA 102 55.26 -31.47 -142.84
N GLU BA 103 54.96 -30.20 -142.57
CA GLU BA 103 56.00 -29.21 -142.34
C GLU BA 103 56.26 -28.95 -140.86
N MET BA 104 55.25 -29.16 -140.01
CA MET BA 104 55.47 -29.06 -138.58
C MET BA 104 56.00 -30.36 -138.00
N LEU BA 105 56.06 -31.41 -138.83
CA LEU BA 105 56.63 -32.70 -138.48
C LEU BA 105 58.08 -32.85 -138.92
N ASN BA 106 58.61 -31.95 -139.75
CA ASN BA 106 60.03 -31.98 -140.08
C ASN BA 106 60.89 -31.23 -139.08
N TYR BA 107 60.28 -30.54 -138.13
CA TYR BA 107 60.98 -29.99 -136.99
C TYR BA 107 61.28 -31.03 -135.92
N TYR BA 108 60.86 -32.28 -136.13
CA TYR BA 108 60.96 -33.28 -135.09
C TYR BA 108 61.43 -34.60 -135.69
N ALA BA 109 62.12 -35.39 -134.86
CA ALA BA 109 62.63 -36.69 -135.28
C ALA BA 109 61.70 -37.84 -134.92
N HIS BA 110 61.10 -37.82 -133.74
CA HIS BA 110 60.18 -38.86 -133.32
C HIS BA 110 58.76 -38.29 -133.34
N TRP BA 111 57.91 -38.82 -134.21
CA TRP BA 111 56.51 -38.44 -134.20
C TRP BA 111 55.66 -39.66 -134.55
N SER BA 112 54.46 -39.70 -133.99
CA SER BA 112 53.57 -40.85 -134.16
C SER BA 112 52.14 -40.39 -133.94
N GLY BA 113 51.25 -40.83 -134.83
CA GLY BA 113 49.86 -40.47 -134.72
C GLY BA 113 49.12 -40.90 -135.97
N SER BA 114 47.90 -40.36 -136.11
CA SER BA 114 47.07 -40.64 -137.26
C SER BA 114 46.88 -39.35 -138.07
N VAL BA 115 46.35 -39.55 -139.28
CA VAL BA 115 46.23 -38.48 -140.26
C VAL BA 115 44.95 -38.70 -141.06
N LYS BA 116 44.12 -37.67 -141.16
CA LYS BA 116 42.86 -37.74 -141.87
C LYS BA 116 42.98 -37.03 -143.21
N LEU BA 117 42.29 -37.57 -144.22
CA LEU BA 117 42.35 -37.05 -145.57
C LEU BA 117 40.93 -36.76 -146.05
N THR BA 118 40.74 -35.56 -146.61
CA THR BA 118 39.45 -35.15 -147.15
C THR BA 118 39.59 -34.97 -148.65
N PHE BA 119 38.69 -35.62 -149.41
CA PHE BA 119 38.70 -35.53 -150.87
C PHE BA 119 37.49 -34.71 -151.30
N LEU BA 120 37.74 -33.45 -151.62
CA LEU BA 120 36.70 -32.54 -152.09
C LEU BA 120 36.60 -32.63 -153.60
N PHE BA 121 35.45 -33.11 -154.08
CA PHE BA 121 35.21 -33.21 -155.52
C PHE BA 121 34.77 -31.85 -156.03
N CYS BA 122 35.60 -31.23 -156.87
CA CYS BA 122 35.34 -29.88 -157.38
C CYS BA 122 34.82 -29.90 -158.80
N GLY BA 123 33.93 -30.85 -159.12
CA GLY BA 123 33.29 -30.92 -160.41
C GLY BA 123 31.94 -30.22 -160.42
N SER BA 124 31.14 -30.54 -161.43
CA SER BA 124 29.86 -29.89 -161.58
C SER BA 124 28.87 -30.43 -160.55
N ALA BA 125 27.74 -29.74 -160.42
CA ALA BA 125 26.66 -30.22 -159.57
C ALA BA 125 25.79 -31.25 -160.26
N MET BA 126 26.08 -31.55 -161.52
CA MET BA 126 25.34 -32.55 -162.29
C MET BA 126 26.18 -33.78 -162.63
N ALA BA 127 27.49 -33.73 -162.44
CA ALA BA 127 28.35 -34.87 -162.74
C ALA BA 127 28.19 -35.93 -161.66
N THR BA 128 28.12 -37.19 -162.08
CA THR BA 128 27.86 -38.28 -161.16
C THR BA 128 28.71 -39.48 -161.53
N GLY BA 129 29.40 -40.03 -160.54
CA GLY BA 129 30.21 -41.22 -160.76
C GLY BA 129 30.62 -41.80 -159.42
N LYS BA 130 31.42 -42.86 -159.49
CA LYS BA 130 31.94 -43.51 -158.30
C LYS BA 130 33.45 -43.64 -158.38
N LEU BA 131 34.10 -43.42 -157.24
CA LEU BA 131 35.54 -43.58 -157.08
C LEU BA 131 35.78 -44.51 -155.90
N LEU BA 132 36.79 -45.36 -156.03
CA LEU BA 132 37.09 -46.37 -155.02
C LEU BA 132 38.44 -46.05 -154.41
N ILE BA 133 38.44 -45.63 -153.16
CA ILE BA 133 39.63 -45.14 -152.46
C ILE BA 133 40.13 -46.27 -151.58
N SER BA 134 41.24 -46.89 -151.98
CA SER BA 134 41.79 -48.05 -151.30
C SER BA 134 42.96 -47.64 -150.42
N TYR BA 135 43.13 -48.35 -149.31
CA TYR BA 135 44.21 -48.10 -148.36
C TYR BA 135 45.03 -49.37 -148.17
N SER BA 136 46.34 -49.25 -148.37
CA SER BA 136 47.11 -50.44 -148.09
C SER BA 136 47.84 -50.30 -146.76
N PRO BA 137 47.89 -51.37 -145.97
CA PRO BA 137 48.64 -51.33 -144.71
C PRO BA 137 50.11 -51.13 -144.98
N PRO BA 138 50.89 -50.69 -143.97
CA PRO BA 138 52.28 -50.28 -144.25
C PRO BA 138 53.18 -51.40 -144.75
N GLY BA 139 52.82 -52.65 -144.53
CA GLY BA 139 53.64 -53.75 -145.01
C GLY BA 139 53.20 -54.28 -146.36
N ALA BA 140 51.94 -54.06 -146.71
CA ALA BA 140 51.35 -54.69 -147.88
C ALA BA 140 51.84 -54.02 -149.16
N SER BA 141 51.65 -54.73 -150.27
CA SER BA 141 51.97 -54.21 -151.59
C SER BA 141 50.76 -53.49 -152.17
N VAL BA 142 51.01 -52.62 -153.14
CA VAL BA 142 49.94 -51.81 -153.73
C VAL BA 142 49.04 -52.70 -154.56
N PRO BA 143 47.76 -52.38 -154.69
CA PRO BA 143 46.91 -53.14 -155.61
C PRO BA 143 47.25 -52.77 -157.05
N THR BA 144 47.44 -53.80 -157.89
CA THR BA 144 47.73 -53.57 -159.30
C THR BA 144 46.49 -53.45 -160.15
N SER BA 145 45.33 -53.87 -159.64
CA SER BA 145 44.07 -53.82 -160.35
C SER BA 145 43.00 -53.24 -159.44
N ARG BA 146 41.83 -52.97 -160.02
CA ARG BA 146 40.74 -52.42 -159.22
C ARG BA 146 40.11 -53.50 -158.34
N LYS BA 147 40.04 -54.75 -158.83
CA LYS BA 147 39.47 -55.82 -158.03
C LYS BA 147 40.33 -56.11 -156.81
N ASP BA 148 41.65 -56.13 -156.98
CA ASP BA 148 42.53 -56.38 -155.86
C ASP BA 148 42.52 -55.25 -154.84
N ALA BA 149 42.19 -54.03 -155.28
CA ALA BA 149 41.95 -52.94 -154.34
C ALA BA 149 40.60 -53.07 -153.64
N MET BA 150 39.62 -53.68 -154.31
CA MET BA 150 38.31 -53.87 -153.69
C MET BA 150 38.35 -54.93 -152.60
N LEU BA 151 39.23 -55.91 -152.73
CA LEU BA 151 39.32 -56.98 -151.75
C LEU BA 151 40.03 -56.56 -150.48
N GLY BA 152 40.73 -55.43 -150.49
CA GLY BA 152 41.35 -54.90 -149.29
C GLY BA 152 40.45 -53.90 -148.59
N THR BA 153 41.04 -52.85 -148.04
CA THR BA 153 40.28 -51.76 -147.42
C THR BA 153 39.97 -50.71 -148.48
N HIS BA 154 38.71 -50.27 -148.53
CA HIS BA 154 38.30 -49.29 -149.53
C HIS BA 154 37.04 -48.60 -149.05
N ILE BA 155 36.66 -47.55 -149.77
CA ILE BA 155 35.40 -46.86 -149.57
C ILE BA 155 34.89 -46.43 -150.95
N VAL BA 156 33.80 -47.03 -151.41
CA VAL BA 156 33.24 -46.69 -152.72
C VAL BA 156 32.51 -45.35 -152.55
N TRP BA 157 33.17 -44.27 -152.95
CA TRP BA 157 32.73 -42.91 -152.67
C TRP BA 157 31.86 -42.42 -153.81
N ASP BA 158 30.53 -42.44 -153.60
CA ASP BA 158 29.59 -41.94 -154.59
C ASP BA 158 29.66 -40.41 -154.64
N ILE BA 159 30.02 -39.88 -155.81
CA ILE BA 159 30.21 -38.45 -155.97
C ILE BA 159 28.86 -37.73 -156.04
N GLY BA 160 27.87 -38.36 -156.68
CA GLY BA 160 26.59 -37.70 -156.87
C GLY BA 160 25.80 -37.46 -155.61
N LEU BA 161 26.08 -38.23 -154.56
CA LEU BA 161 25.40 -38.06 -153.27
C LEU BA 161 26.16 -37.09 -152.37
N GLN BA 162 27.37 -37.45 -151.98
CA GLN BA 162 28.24 -36.61 -151.19
C GLN BA 162 29.44 -36.20 -152.03
N SER BA 163 29.96 -35.00 -151.75
CA SER BA 163 31.07 -34.43 -152.50
C SER BA 163 32.34 -34.31 -151.69
N SER BA 164 32.40 -34.96 -150.53
CA SER BA 164 33.57 -34.85 -149.65
C SER BA 164 33.63 -36.11 -148.78
N CYS BA 165 34.63 -36.95 -149.01
CA CYS BA 165 34.79 -38.20 -148.27
C CYS BA 165 36.04 -38.10 -147.41
N VAL BA 166 35.91 -38.45 -146.13
CA VAL BA 166 36.95 -38.24 -145.13
C VAL BA 166 37.47 -39.60 -144.69
N LEU BA 167 38.79 -39.74 -144.65
CA LEU BA 167 39.47 -40.92 -144.15
C LEU BA 167 40.09 -40.60 -142.79
N CYS BA 168 40.74 -41.61 -142.20
CA CYS BA 168 41.57 -41.40 -141.03
C CYS BA 168 42.58 -42.55 -141.00
N VAL BA 169 43.80 -42.28 -141.43
CA VAL BA 169 44.81 -43.30 -141.65
C VAL BA 169 45.63 -43.46 -140.37
N PRO BA 170 45.61 -44.61 -139.72
CA PRO BA 170 46.40 -44.80 -138.50
C PRO BA 170 47.79 -45.35 -138.78
N TRP BA 171 48.56 -45.62 -137.72
CA TRP BA 171 49.88 -46.22 -137.81
C TRP BA 171 50.82 -45.39 -138.69
N ILE BA 172 50.93 -44.10 -138.37
CA ILE BA 172 51.76 -43.18 -139.12
C ILE BA 172 52.82 -42.64 -138.17
N SER BA 173 54.06 -43.10 -138.36
CA SER BA 173 55.14 -42.74 -137.45
C SER BA 173 56.47 -43.00 -138.12
N GLN BA 174 57.48 -42.24 -137.70
CA GLN BA 174 58.87 -42.54 -138.00
C GLN BA 174 59.72 -42.20 -136.80
N SER BA 175 60.97 -42.63 -136.83
CA SER BA 175 61.88 -42.45 -135.70
C SER BA 175 63.34 -42.54 -136.15
N SER BA 187 58.59 -47.40 -146.03
CA SER BA 187 57.68 -48.54 -145.93
C SER BA 187 56.40 -48.14 -145.19
N ALA BA 188 55.57 -47.35 -145.84
CA ALA BA 188 54.34 -46.85 -145.24
C ALA BA 188 53.14 -47.24 -146.11
N GLY BA 189 51.98 -46.69 -145.78
CA GLY BA 189 50.75 -47.03 -146.44
C GLY BA 189 50.63 -46.43 -147.83
N TYR BA 190 49.44 -46.61 -148.40
CA TYR BA 190 49.14 -46.12 -149.74
C TYR BA 190 47.69 -45.69 -149.80
N ILE BA 191 47.44 -44.55 -150.43
CA ILE BA 191 46.08 -44.09 -150.70
C ILE BA 191 45.97 -44.01 -152.22
N THR BA 192 45.53 -45.11 -152.83
CA THR BA 192 45.23 -45.13 -154.25
C THR BA 192 43.77 -44.81 -154.47
N CYS BA 193 43.43 -44.51 -155.72
CA CYS BA 193 42.05 -44.18 -156.06
C CYS BA 193 41.76 -44.69 -157.46
N TRP BA 194 40.56 -45.24 -157.62
CA TRP BA 194 40.22 -46.04 -158.80
C TRP BA 194 38.91 -45.56 -159.39
N TYR BA 195 38.76 -45.77 -160.70
CA TYR BA 195 37.48 -45.56 -161.36
C TYR BA 195 36.61 -46.78 -161.10
N GLN BA 196 35.69 -46.66 -160.16
CA GLN BA 196 34.61 -47.64 -160.07
C GLN BA 196 33.68 -47.49 -161.27
N THR BA 197 33.17 -46.28 -161.48
CA THR BA 197 32.42 -45.92 -162.66
C THR BA 197 33.02 -44.65 -163.26
N ASN BA 198 32.72 -44.41 -164.53
CA ASN BA 198 33.12 -43.15 -165.15
C ASN BA 198 32.22 -42.02 -164.64
N ILE BA 199 32.62 -40.79 -164.99
CA ILE BA 199 31.85 -39.62 -164.59
C ILE BA 199 30.72 -39.43 -165.58
N VAL BA 200 29.48 -39.61 -165.11
CA VAL BA 200 28.29 -39.48 -165.96
C VAL BA 200 27.82 -38.05 -165.89
N VAL BA 201 27.60 -37.45 -167.06
CA VAL BA 201 27.41 -36.00 -167.15
C VAL BA 201 26.33 -35.69 -168.17
N PRO BA 202 25.43 -34.75 -167.88
CA PRO BA 202 24.42 -34.36 -168.86
C PRO BA 202 25.04 -33.58 -170.00
N PRO BA 203 24.26 -33.28 -171.06
CA PRO BA 203 24.85 -32.59 -172.22
C PRO BA 203 25.37 -31.18 -171.92
N GLY BA 204 24.88 -30.52 -170.87
CA GLY BA 204 25.30 -29.16 -170.61
C GLY BA 204 26.57 -29.01 -169.80
N ALA BA 205 26.82 -29.94 -168.88
CA ALA BA 205 27.92 -29.80 -167.97
C ALA BA 205 29.21 -30.32 -168.60
N PRO BA 206 30.37 -29.79 -168.17
CA PRO BA 206 31.64 -30.25 -168.74
C PRO BA 206 31.99 -31.66 -168.30
N THR BA 207 32.89 -32.29 -169.05
CA THR BA 207 33.19 -33.71 -168.90
C THR BA 207 34.32 -33.98 -167.92
N SER BA 208 35.31 -33.08 -167.85
CA SER BA 208 36.50 -33.30 -167.05
C SER BA 208 36.41 -32.47 -165.76
N CYS BA 209 36.64 -33.12 -164.63
CA CYS BA 209 36.50 -32.52 -163.31
C CYS BA 209 37.81 -32.63 -162.55
N ASP BA 210 37.83 -32.04 -161.36
CA ASP BA 210 39.00 -32.06 -160.49
C ASP BA 210 38.61 -32.51 -159.09
N VAL BA 211 39.57 -33.08 -158.38
CA VAL BA 211 39.39 -33.52 -157.00
C VAL BA 211 40.53 -32.93 -156.18
N LEU BA 212 40.19 -32.11 -155.19
CA LEU BA 212 41.17 -31.59 -154.25
C LEU BA 212 41.32 -32.55 -153.07
N CYS BA 213 42.50 -32.54 -152.46
CA CYS BA 213 42.79 -33.36 -151.29
C CYS BA 213 43.21 -32.47 -150.13
N PHE BA 214 43.08 -33.01 -148.93
CA PHE BA 214 43.42 -32.29 -147.71
C PHE BA 214 44.08 -33.25 -146.74
N ALA BA 215 44.76 -32.71 -145.75
CA ALA BA 215 45.44 -33.53 -144.76
C ALA BA 215 45.64 -32.76 -143.46
N SER BA 216 45.41 -33.43 -142.34
CA SER BA 216 45.66 -32.87 -141.03
C SER BA 216 45.86 -34.02 -140.05
N ALA BA 217 45.92 -33.71 -138.76
CA ALA BA 217 45.97 -34.72 -137.71
C ALA BA 217 44.56 -35.13 -137.35
N CYS BA 218 44.33 -36.45 -137.25
CA CYS BA 218 42.97 -36.96 -137.21
C CYS BA 218 42.31 -36.67 -135.85
N ASN BA 219 42.87 -37.22 -134.77
CA ASN BA 219 42.36 -36.97 -133.43
C ASN BA 219 43.39 -36.25 -132.57
N ASP BA 220 44.59 -36.82 -132.41
CA ASP BA 220 45.65 -36.23 -131.61
C ASP BA 220 46.96 -36.80 -132.12
N PHE BA 221 48.02 -36.02 -132.00
CA PHE BA 221 49.28 -36.35 -132.66
C PHE BA 221 50.40 -36.26 -131.64
N SER BA 222 51.30 -37.23 -131.67
CA SER BA 222 52.40 -37.32 -130.72
C SER BA 222 53.71 -37.06 -131.44
N VAL BA 223 54.59 -36.31 -130.78
CA VAL BA 223 55.80 -35.81 -131.43
C VAL BA 223 56.81 -35.44 -130.35
N ARG BA 224 58.06 -35.89 -130.50
CA ARG BA 224 59.00 -35.86 -129.37
C ARG BA 224 60.23 -35.00 -129.60
N LEU BA 225 61.09 -35.31 -130.56
CA LEU BA 225 62.48 -34.87 -130.51
C LEU BA 225 62.73 -33.76 -131.53
N LEU BA 226 62.91 -32.53 -131.03
CA LEU BA 226 63.07 -31.38 -131.91
C LEU BA 226 64.42 -31.40 -132.60
N ARG BA 227 64.44 -30.97 -133.86
CA ARG BA 227 65.65 -30.88 -134.65
C ARG BA 227 65.54 -29.67 -135.59
N ASP BA 228 66.60 -29.44 -136.35
CA ASP BA 228 66.57 -28.41 -137.38
C ASP BA 228 65.96 -28.95 -138.66
N THR BA 229 65.22 -28.09 -139.37
CA THR BA 229 64.54 -28.52 -140.58
C THR BA 229 65.54 -28.72 -141.73
N PRO BA 230 65.27 -29.66 -142.63
CA PRO BA 230 66.19 -29.88 -143.76
C PRO BA 230 66.04 -28.88 -144.89
N PHE BA 231 64.86 -28.27 -145.04
CA PHE BA 231 64.56 -27.45 -146.21
C PHE BA 231 65.49 -26.23 -146.28
N MET BA 232 65.58 -25.47 -145.19
CA MET BA 232 66.47 -24.31 -145.20
C MET BA 232 67.91 -24.73 -145.39
N ALA BA 233 68.67 -23.92 -146.12
CA ALA BA 233 70.06 -24.22 -146.42
C ALA BA 233 71.00 -23.28 -145.68
N GLN CA 43 100.59 -64.04 20.28
CA GLN CA 43 99.31 -63.79 19.64
C GLN CA 43 98.89 -64.99 18.79
N THR CA 44 97.61 -65.02 18.42
CA THR CA 44 97.06 -66.10 17.61
C THR CA 44 96.14 -65.51 16.55
N ARG CA 45 95.99 -66.25 15.44
CA ARG CA 45 95.18 -65.79 14.33
C ARG CA 45 93.72 -66.06 14.64
N HIS CA 46 92.95 -65.00 14.87
CA HIS CA 46 91.56 -65.10 15.23
C HIS CA 46 90.68 -64.80 14.01
N VAL CA 47 89.40 -65.11 14.14
CA VAL CA 47 88.42 -64.77 13.10
C VAL CA 47 88.08 -63.29 13.28
N VAL CA 48 88.75 -62.44 12.51
CA VAL CA 48 88.53 -61.00 12.56
C VAL CA 48 87.36 -60.74 11.61
N ASN CA 49 86.15 -60.91 12.13
CA ASN CA 49 84.93 -60.81 11.33
C ASN CA 49 84.25 -59.49 11.62
N PHE CA 50 84.28 -58.59 10.64
CA PHE CA 50 83.53 -57.34 10.64
C PHE CA 50 83.74 -56.73 9.25
N HIS CA 51 82.93 -55.71 8.95
CA HIS CA 51 82.97 -55.07 7.64
C HIS CA 51 82.85 -53.56 7.86
N SER CA 52 83.99 -52.86 7.83
CA SER CA 52 84.00 -51.43 8.11
C SER CA 52 85.18 -50.79 7.42
N ARG CA 53 84.94 -49.62 6.83
CA ARG CA 53 86.00 -48.78 6.29
C ARG CA 53 85.80 -47.33 6.69
N SER CA 54 85.18 -47.09 7.84
CA SER CA 54 85.00 -45.73 8.34
C SER CA 54 86.30 -45.17 8.89
N GLU CA 55 87.21 -46.04 9.33
CA GLU CA 55 88.50 -45.61 9.84
C GLU CA 55 89.52 -45.42 8.72
N SER CA 56 89.16 -45.72 7.49
CA SER CA 56 90.07 -45.60 6.36
C SER CA 56 89.76 -44.38 5.51
N THR CA 57 88.76 -43.59 5.88
CA THR CA 57 88.49 -42.37 5.15
C THR CA 57 89.61 -41.35 5.43
N ILE CA 58 89.64 -40.28 4.62
CA ILE CA 58 90.74 -39.34 4.70
C ILE CA 58 90.67 -38.53 5.98
N GLU CA 59 89.47 -38.14 6.40
CA GLU CA 59 89.34 -37.35 7.62
C GLU CA 59 89.63 -38.16 8.87
N ASN CA 60 89.43 -39.48 8.81
CA ASN CA 60 89.73 -40.35 9.93
C ASN CA 60 91.14 -40.92 9.86
N PHE CA 61 91.91 -40.51 8.85
CA PHE CA 61 93.29 -40.93 8.64
C PHE CA 61 94.29 -39.81 8.89
N MET CA 62 93.98 -38.61 8.42
CA MET CA 62 94.83 -37.44 8.57
C MET CA 62 94.46 -36.58 9.77
N GLY CA 63 93.18 -36.46 10.09
CA GLY CA 63 92.72 -35.59 11.15
C GLY CA 63 93.03 -36.15 12.54
N ARG CA 64 94.31 -36.18 12.89
CA ARG CA 64 94.74 -36.60 14.22
C ARG CA 64 95.82 -35.67 14.74
N ALA CA 65 95.65 -35.22 15.98
CA ALA CA 65 96.54 -34.23 16.55
C ALA CA 65 97.87 -34.87 16.92
N ALA CA 66 98.96 -34.25 16.48
CA ALA CA 66 100.31 -34.73 16.74
C ALA CA 66 101.19 -33.56 17.12
N CYS CA 67 102.10 -33.78 18.06
CA CYS CA 67 102.98 -32.73 18.53
C CYS CA 67 104.05 -32.49 17.48
N VAL CA 68 104.16 -31.25 17.02
CA VAL CA 68 105.03 -30.92 15.89
C VAL CA 68 106.07 -29.86 16.22
N PHE CA 69 106.08 -29.29 17.43
CA PHE CA 69 107.02 -28.21 17.72
C PHE CA 69 107.19 -28.07 19.23
N MET CA 70 108.34 -28.53 19.74
CA MET CA 70 108.81 -28.19 21.07
C MET CA 70 109.83 -27.06 20.97
N ASP CA 71 109.73 -26.09 21.88
CA ASP CA 71 110.71 -25.02 21.91
C ASP CA 71 110.73 -24.37 23.29
N GLN CA 72 111.89 -23.84 23.65
CA GLN CA 72 112.10 -23.11 24.89
C GLN CA 72 112.11 -21.61 24.60
N TYR CA 73 111.66 -20.82 25.57
CA TYR CA 73 111.80 -19.38 25.48
C TYR CA 73 111.77 -18.78 26.88
N LYS CA 74 112.74 -17.92 27.16
CA LYS CA 74 112.95 -17.38 28.50
C LYS CA 74 111.97 -16.24 28.76
N ILE CA 75 112.20 -15.47 29.83
CA ILE CA 75 111.34 -14.34 30.14
C ILE CA 75 112.15 -13.06 30.30
N ASN CA 76 113.39 -13.17 30.78
CA ASN CA 76 114.17 -11.99 31.13
C ASN CA 76 115.63 -12.17 30.73
N GLY CA 77 116.36 -11.07 30.77
CA GLY CA 77 117.74 -11.02 30.34
C GLY CA 77 117.87 -10.89 28.83
N GLU CA 78 119.03 -10.40 28.41
CA GLU CA 78 119.42 -10.30 27.00
C GLU CA 78 118.33 -9.63 26.17
N GLU CA 79 118.19 -8.32 26.40
CA GLU CA 79 117.08 -7.56 25.83
C GLU CA 79 117.03 -7.69 24.31
N THR CA 80 118.19 -7.83 23.66
CA THR CA 80 118.27 -8.13 22.23
C THR CA 80 118.75 -9.56 22.06
N SER CA 81 117.82 -10.51 22.14
CA SER CA 81 118.14 -11.92 21.97
C SER CA 81 117.03 -12.61 21.19
N THR CA 82 117.39 -13.75 20.59
CA THR CA 82 116.45 -14.58 19.84
C THR CA 82 115.96 -15.77 20.66
N ASP CA 83 116.33 -15.86 21.93
CA ASP CA 83 115.94 -16.98 22.78
C ASP CA 83 114.82 -16.60 23.75
N ARG CA 84 114.07 -15.54 23.46
CA ARG CA 84 112.94 -15.13 24.27
C ARG CA 84 111.61 -15.30 23.55
N PHE CA 85 111.61 -15.93 22.39
CA PHE CA 85 110.38 -16.21 21.66
C PHE CA 85 110.60 -17.40 20.74
N ALA CA 86 109.50 -17.93 20.22
CA ALA CA 86 109.51 -19.09 19.34
C ALA CA 86 109.01 -18.68 17.96
N VAL CA 87 109.28 -19.54 16.96
CA VAL CA 87 109.00 -19.18 15.58
C VAL CA 87 108.10 -20.20 14.88
N TRP CA 88 108.64 -21.38 14.56
CA TRP CA 88 107.93 -22.45 13.86
C TRP CA 88 107.12 -21.99 12.66
N THR CA 89 107.78 -21.75 11.54
CA THR CA 89 107.08 -21.60 10.26
C THR CA 89 106.23 -22.84 9.98
N ILE CA 90 104.92 -22.65 9.83
CA ILE CA 90 103.99 -23.77 9.78
C ILE CA 90 104.12 -24.49 8.45
N ASN CA 91 104.51 -25.77 8.50
CA ASN CA 91 104.53 -26.61 7.31
C ASN CA 91 104.25 -28.05 7.72
N ILE CA 92 103.82 -28.84 6.74
CA ILE CA 92 103.55 -30.26 6.99
C ILE CA 92 104.82 -31.09 7.09
N ARG CA 93 105.95 -30.55 6.64
CA ARG CA 93 107.20 -31.31 6.60
C ARG CA 93 107.98 -31.13 7.91
N GLU CA 94 107.28 -31.33 9.03
CA GLU CA 94 107.87 -31.11 10.35
C GLU CA 94 108.53 -32.38 10.88
N MET CA 95 107.73 -33.42 11.14
CA MET CA 95 108.26 -34.70 11.55
C MET CA 95 107.87 -35.76 10.54
N ALA CA 96 108.72 -36.78 10.41
CA ALA CA 96 108.60 -37.72 9.30
C ALA CA 96 107.38 -38.61 9.41
N GLN CA 97 106.83 -38.80 10.61
CA GLN CA 97 105.66 -39.66 10.75
C GLN CA 97 104.44 -39.01 10.13
N LEU CA 98 104.20 -37.72 10.41
CA LEU CA 98 103.11 -37.01 9.75
C LEU CA 98 103.45 -36.70 8.30
N ARG CA 99 104.69 -36.28 8.03
CA ARG CA 99 105.09 -35.96 6.66
C ARG CA 99 104.81 -37.12 5.72
N ARG CA 100 104.99 -38.35 6.19
CA ARG CA 100 104.75 -39.51 5.35
C ARG CA 100 103.29 -39.62 4.94
N LYS CA 101 102.38 -39.27 5.86
CA LYS CA 101 100.95 -39.38 5.55
C LYS CA 101 100.50 -38.31 4.56
N CYS CA 102 101.06 -37.11 4.65
CA CYS CA 102 100.69 -36.07 3.70
C CYS CA 102 101.23 -36.34 2.30
N GLU CA 103 102.22 -37.22 2.17
CA GLU CA 103 102.77 -37.57 0.88
C GLU CA 103 102.10 -38.79 0.27
N MET CA 104 101.03 -39.29 0.88
CA MET CA 104 100.16 -40.24 0.18
C MET CA 104 99.43 -39.56 -0.96
N PHE CA 105 99.26 -38.25 -0.88
CA PHE CA 105 98.38 -37.50 -1.77
C PHE CA 105 99.15 -36.30 -2.31
N THR CA 106 98.93 -35.99 -3.58
CA THR CA 106 99.61 -34.85 -4.18
C THR CA 106 99.00 -33.53 -3.71
N TYR CA 107 97.68 -33.39 -3.82
CA TYR CA 107 96.99 -32.17 -3.46
C TYR CA 107 96.03 -32.43 -2.31
N MET CA 108 95.97 -31.50 -1.37
CA MET CA 108 95.05 -31.59 -0.26
C MET CA 108 94.77 -30.19 0.28
N ARG CA 109 93.55 -29.99 0.77
CA ARG CA 109 93.15 -28.74 1.39
C ARG CA 109 92.44 -29.05 2.71
N PHE CA 110 92.68 -28.22 3.71
CA PHE CA 110 92.25 -28.55 5.06
C PHE CA 110 92.42 -27.32 5.95
N ASP CA 111 91.47 -27.15 6.87
CA ASP CA 111 91.67 -26.21 7.96
C ASP CA 111 92.56 -26.84 9.01
N ILE CA 112 93.34 -26.01 9.69
CA ILE CA 112 94.22 -26.47 10.76
C ILE CA 112 93.71 -25.88 12.07
N GLU CA 113 93.78 -26.68 13.13
CA GLU CA 113 93.26 -26.28 14.45
C GLU CA 113 94.28 -26.77 15.48
N MET CA 114 95.24 -25.91 15.81
CA MET CA 114 96.32 -26.26 16.71
C MET CA 114 95.99 -25.80 18.13
N THR CA 115 96.39 -26.62 19.10
CA THR CA 115 96.22 -26.30 20.52
C THR CA 115 97.57 -26.43 21.19
N MET CA 116 98.05 -25.32 21.73
CA MET CA 116 99.36 -25.31 22.39
C MET CA 116 99.23 -25.85 23.81
N VAL CA 117 100.33 -26.42 24.30
CA VAL CA 117 100.42 -26.94 25.67
C VAL CA 117 101.68 -26.31 26.25
N ILE CA 118 101.52 -25.32 27.11
CA ILE CA 118 102.61 -24.46 27.56
C ILE CA 118 102.89 -24.78 29.02
N THR CA 119 104.16 -25.01 29.34
CA THR CA 119 104.61 -25.29 30.69
C THR CA 119 105.54 -24.17 31.14
N SER CA 120 106.11 -24.33 32.34
CA SER CA 120 107.06 -23.36 32.85
C SER CA 120 107.91 -24.02 33.92
N CYS CA 121 109.08 -23.44 34.14
CA CYS CA 121 110.04 -23.92 35.13
C CYS CA 121 110.61 -22.68 35.82
N GLN CA 122 111.71 -22.86 36.54
CA GLN CA 122 112.37 -21.74 37.18
C GLN CA 122 113.78 -22.09 37.62
N MET CA 132 106.91 -16.03 42.38
CA MET CA 132 106.61 -15.52 41.05
C MET CA 132 105.14 -15.14 40.93
N PRO CA 133 104.79 -14.41 39.86
CA PRO CA 133 103.36 -14.10 39.65
C PRO CA 133 102.68 -15.18 38.84
N VAL CA 134 101.43 -14.95 38.44
CA VAL CA 134 100.74 -15.79 37.47
C VAL CA 134 101.12 -15.32 36.07
N LEU CA 135 101.53 -16.25 35.22
CA LEU CA 135 102.11 -15.92 33.92
C LEU CA 135 101.04 -15.89 32.84
N THR CA 136 101.20 -14.96 31.90
CA THR CA 136 100.32 -14.84 30.75
C THR CA 136 101.18 -14.89 29.49
N HIS CA 137 100.75 -15.67 28.51
CA HIS CA 137 101.52 -15.90 27.29
C HIS CA 137 100.82 -15.23 26.12
N GLN CA 138 101.47 -15.27 24.96
CA GLN CA 138 100.91 -14.73 23.73
C GLN CA 138 101.37 -15.59 22.57
N ILE CA 139 100.42 -16.16 21.83
CA ILE CA 139 100.72 -17.00 20.68
C ILE CA 139 100.21 -16.26 19.44
N MET CA 140 101.11 -15.57 18.75
CA MET CA 140 100.74 -14.71 17.62
C MET CA 140 100.94 -15.49 16.32
N TYR CA 141 99.84 -15.74 15.62
CA TYR CA 141 99.89 -16.31 14.28
C TYR CA 141 99.94 -15.18 13.27
N VAL CA 142 101.03 -15.12 12.49
CA VAL CA 142 101.11 -14.18 11.39
C VAL CA 142 100.71 -14.90 10.11
N PRO CA 143 99.92 -14.28 9.24
CA PRO CA 143 99.56 -14.90 7.96
C PRO CA 143 100.76 -14.98 7.03
N PRO CA 144 100.62 -15.57 5.85
CA PRO CA 144 101.75 -15.57 4.90
C PRO CA 144 102.20 -14.18 4.52
N GLY CA 145 101.27 -13.26 4.31
CA GLY CA 145 101.62 -11.86 4.19
C GLY CA 145 101.50 -11.15 5.53
N GLY CA 146 102.60 -11.10 6.27
CA GLY CA 146 102.59 -10.54 7.60
C GLY CA 146 103.98 -10.21 8.11
N PRO CA 147 104.09 -9.12 8.86
CA PRO CA 147 105.38 -8.74 9.43
C PRO CA 147 105.74 -9.63 10.61
N ILE CA 148 107.04 -9.89 10.75
CA ILE CA 148 107.52 -10.77 11.80
C ILE CA 148 108.29 -9.93 12.82
N PRO CA 149 108.30 -10.31 14.10
CA PRO CA 149 109.15 -9.63 15.06
C PRO CA 149 110.61 -10.04 14.89
N ALA CA 150 111.50 -9.11 15.22
CA ALA CA 150 112.91 -9.42 15.31
C ALA CA 150 113.38 -9.58 16.75
N LYS CA 151 112.66 -9.00 17.70
CA LYS CA 151 112.98 -9.08 19.12
C LYS CA 151 111.69 -9.28 19.89
N VAL CA 152 111.83 -9.64 21.17
CA VAL CA 152 110.67 -9.86 22.02
C VAL CA 152 109.88 -8.58 22.22
N ASP CA 153 110.51 -7.42 22.02
CA ASP CA 153 109.88 -6.12 22.22
C ASP CA 153 109.71 -5.35 20.91
N GLY CA 154 109.53 -6.06 19.80
CA GLY CA 154 109.28 -5.40 18.54
C GLY CA 154 107.87 -4.85 18.47
N TYR CA 155 107.65 -3.98 17.48
CA TYR CA 155 106.33 -3.40 17.30
C TYR CA 155 105.39 -4.32 16.53
N GLU CA 156 105.91 -5.36 15.89
CA GLU CA 156 105.06 -6.27 15.12
C GLU CA 156 104.05 -6.97 16.03
N TRP CA 157 104.44 -7.22 17.29
CA TRP CA 157 103.55 -7.90 18.23
C TRP CA 157 102.23 -7.17 18.42
N GLN CA 158 102.19 -5.88 18.12
CA GLN CA 158 100.99 -5.07 18.29
C GLN CA 158 100.21 -4.90 17.00
N THR CA 159 100.49 -5.71 15.98
CA THR CA 159 99.82 -5.57 14.69
C THR CA 159 98.40 -6.12 14.78
N SER CA 160 97.43 -5.32 14.35
CA SER CA 160 96.02 -5.69 14.46
C SER CA 160 95.64 -6.80 13.50
N THR CA 161 96.39 -6.99 12.41
CA THR CA 161 96.09 -8.02 11.44
C THR CA 161 96.71 -9.36 11.77
N ASN CA 162 97.55 -9.42 12.80
CA ASN CA 162 98.09 -10.68 13.28
C ASN CA 162 97.27 -11.16 14.47
N PRO CA 163 96.39 -12.15 14.31
CA PRO CA 163 95.59 -12.61 15.45
C PRO CA 163 96.46 -13.36 16.46
N SER CA 164 96.20 -13.12 17.74
CA SER CA 164 97.00 -13.70 18.80
C SER CA 164 96.11 -13.99 19.99
N VAL CA 165 96.39 -15.09 20.69
CA VAL CA 165 95.68 -15.47 21.90
C VAL CA 165 96.55 -15.12 23.10
N PHE CA 166 95.90 -14.64 24.17
CA PHE CA 166 96.58 -14.30 25.41
C PHE CA 166 96.12 -15.29 26.47
N TRP CA 167 96.86 -16.37 26.60
CA TRP CA 167 96.53 -17.44 27.53
C TRP CA 167 97.31 -17.22 28.82
N THR CA 168 96.60 -17.13 29.94
CA THR CA 168 97.21 -17.06 31.25
C THR CA 168 97.28 -18.46 31.85
N GLU CA 169 98.28 -18.67 32.69
CA GLU CA 169 98.59 -20.02 33.16
C GLU CA 169 97.51 -20.54 34.09
N GLY CA 170 97.27 -21.85 34.02
CA GLY CA 170 96.32 -22.53 34.88
C GLY CA 170 95.02 -22.93 34.21
N ASN CA 171 94.66 -22.29 33.10
CA ASN CA 171 93.39 -22.56 32.44
C ASN CA 171 93.53 -23.74 31.46
N ALA CA 172 92.50 -23.97 30.67
CA ALA CA 172 92.57 -24.93 29.59
C ALA CA 172 93.55 -24.44 28.52
N PRO CA 173 94.12 -25.35 27.73
CA PRO CA 173 95.12 -24.93 26.75
C PRO CA 173 94.52 -24.03 25.70
N PRO CA 174 95.30 -23.11 25.14
CA PRO CA 174 94.76 -22.20 24.13
C PRO CA 174 94.61 -22.90 22.79
N ARG CA 175 93.47 -22.66 22.14
CA ARG CA 175 93.20 -23.24 20.83
C ARG CA 175 92.93 -22.14 19.83
N ILE CA 176 93.66 -22.17 18.72
CA ILE CA 176 93.56 -21.19 17.66
C ILE CA 176 93.38 -21.95 16.35
N SER CA 177 92.39 -21.57 15.55
CA SER CA 177 92.06 -22.29 14.33
C SER CA 177 92.31 -21.40 13.13
N ILE CA 178 92.88 -21.98 12.08
CA ILE CA 178 93.30 -21.22 10.90
C ILE CA 178 92.65 -21.85 9.68
N PRO CA 179 91.97 -21.06 8.84
CA PRO CA 179 91.28 -21.64 7.68
C PRO CA 179 92.24 -21.99 6.56
N PHE CA 180 91.69 -22.37 5.41
CA PHE CA 180 92.48 -22.64 4.22
C PHE CA 180 93.02 -21.33 3.66
N ILE CA 181 94.30 -21.05 3.93
CA ILE CA 181 94.87 -19.75 3.58
C ILE CA 181 95.27 -19.68 2.11
N SER CA 182 95.68 -20.80 1.52
CA SER CA 182 96.51 -20.78 0.31
C SER CA 182 95.85 -20.03 -0.84
N VAL CA 183 96.70 -19.51 -1.74
CA VAL CA 183 96.20 -18.72 -2.87
C VAL CA 183 95.54 -19.63 -3.89
N GLY CA 184 96.11 -20.80 -4.12
CA GLY CA 184 95.56 -21.75 -5.06
C GLY CA 184 94.34 -22.41 -4.49
N ASN CA 185 94.00 -23.57 -5.06
CA ASN CA 185 92.81 -24.29 -4.66
C ASN CA 185 93.13 -25.48 -3.77
N ALA CA 186 94.40 -25.79 -3.55
CA ALA CA 186 94.81 -26.84 -2.63
C ALA CA 186 96.26 -26.61 -2.23
N TYR CA 187 96.63 -27.20 -1.09
CA TYR CA 187 98.04 -27.29 -0.73
C TYR CA 187 98.68 -28.42 -1.53
N SER CA 188 99.86 -28.16 -2.06
CA SER CA 188 100.60 -29.14 -2.85
C SER CA 188 101.68 -29.75 -1.99
N SER CA 189 101.62 -31.07 -1.81
CA SER CA 189 102.68 -31.77 -1.08
C SER CA 189 103.97 -31.79 -1.89
N PHE CA 190 103.86 -31.94 -3.20
CA PHE CA 190 104.99 -31.97 -4.11
C PHE CA 190 104.82 -30.90 -5.18
N TYR CA 191 105.92 -30.27 -5.57
CA TYR CA 191 105.89 -29.24 -6.59
C TYR CA 191 107.11 -29.44 -7.50
N ASP CA 192 106.90 -30.13 -8.62
CA ASP CA 192 107.95 -30.35 -9.61
C ASP CA 192 108.07 -29.08 -10.46
N GLY CA 193 108.76 -28.10 -9.91
CA GLY CA 193 108.86 -26.81 -10.56
C GLY CA 193 109.82 -25.89 -9.82
N TRP CA 194 110.04 -24.72 -10.42
CA TRP CA 194 111.01 -23.76 -9.94
C TRP CA 194 110.29 -22.49 -9.51
N SER CA 195 110.69 -21.96 -8.35
CA SER CA 195 110.06 -20.73 -7.84
C SER CA 195 110.32 -19.56 -8.76
N HIS CA 196 111.55 -19.40 -9.22
CA HIS CA 196 111.94 -18.29 -10.07
C HIS CA 196 111.95 -18.74 -11.52
N PHE CA 197 111.30 -17.95 -12.39
CA PHE CA 197 111.15 -18.31 -13.79
C PHE CA 197 112.51 -18.44 -14.48
N THR CA 198 112.56 -19.29 -15.50
CA THR CA 198 113.74 -19.59 -16.31
C THR CA 198 114.72 -20.47 -15.55
N GLN CA 199 114.18 -21.42 -14.78
CA GLN CA 199 114.97 -22.49 -14.14
C GLN CA 199 116.10 -21.91 -13.28
N ASP CA 200 115.71 -21.06 -12.34
CA ASP CA 200 116.67 -20.48 -11.42
C ASP CA 200 116.84 -21.41 -10.22
N GLY CA 201 117.26 -20.87 -9.07
CA GLY CA 201 117.42 -21.66 -7.88
C GLY CA 201 116.10 -22.02 -7.23
N THR CA 202 116.22 -22.68 -6.07
CA THR CA 202 115.07 -23.05 -5.23
C THR CA 202 114.10 -23.96 -5.99
N TYR CA 203 114.57 -25.19 -6.22
CA TYR CA 203 113.71 -26.22 -6.78
C TYR CA 203 112.68 -26.70 -5.76
N GLY CA 204 111.48 -26.99 -6.25
CA GLY CA 204 110.52 -27.73 -5.45
C GLY CA 204 109.75 -26.93 -4.43
N TYR CA 205 110.02 -25.63 -4.29
CA TYR CA 205 109.35 -24.80 -3.30
C TYR CA 205 108.42 -23.83 -4.00
N THR CA 206 107.13 -24.09 -3.91
CA THR CA 206 106.10 -23.15 -4.35
C THR CA 206 105.67 -22.28 -3.18
N THR CA 207 105.14 -21.09 -3.49
CA THR CA 207 104.63 -20.20 -2.48
C THR CA 207 103.14 -20.38 -2.23
N LEU CA 208 102.49 -21.31 -2.94
CA LEU CA 208 101.08 -21.56 -2.71
C LEU CA 208 100.87 -22.30 -1.38
N ASN CA 209 101.73 -23.26 -1.08
CA ASN CA 209 101.62 -24.01 0.17
C ASN CA 209 102.39 -23.34 1.30
N ALA CA 210 102.13 -22.06 1.49
CA ALA CA 210 102.62 -21.31 2.64
C ALA CA 210 101.46 -21.13 3.60
N MET CA 211 101.68 -21.43 4.87
CA MET CA 211 100.61 -21.47 5.85
C MET CA 211 100.71 -20.39 6.92
N GLY CA 212 101.87 -19.79 7.10
CA GLY CA 212 102.06 -18.74 8.08
C GLY CA 212 103.14 -19.12 9.07
N LYS CA 213 103.22 -18.34 10.15
CA LYS CA 213 104.17 -18.57 11.22
C LYS CA 213 103.45 -18.39 12.55
N LEU CA 214 104.16 -18.71 13.63
CA LEU CA 214 103.52 -18.79 14.96
C LEU CA 214 104.50 -18.28 16.02
N TYR CA 215 104.46 -16.97 16.27
CA TYR CA 215 105.37 -16.34 17.23
C TYR CA 215 104.76 -16.36 18.62
N ILE CA 216 105.54 -16.84 19.59
CA ILE CA 216 105.05 -17.13 20.93
C ILE CA 216 105.99 -16.46 21.93
N ARG CA 217 105.44 -15.71 22.87
CA ARG CA 217 106.25 -15.05 23.88
C ARG CA 217 105.47 -14.95 25.19
N HIS CA 218 106.20 -14.62 26.25
CA HIS CA 218 105.59 -14.14 27.47
C HIS CA 218 105.17 -12.69 27.27
N VAL CA 219 104.01 -12.31 27.83
CA VAL CA 219 103.64 -10.90 27.84
C VAL CA 219 104.15 -10.20 29.09
N ASN CA 220 104.62 -10.94 30.08
CA ASN CA 220 105.19 -10.33 31.26
C ASN CA 220 106.51 -9.68 30.91
N ARG CA 221 106.69 -8.42 31.33
CA ARG CA 221 107.86 -7.65 30.89
C ARG CA 221 109.14 -8.17 31.52
N SER CA 222 109.08 -8.59 32.79
CA SER CA 222 110.26 -9.05 33.49
C SER CA 222 109.85 -10.01 34.60
N SER CA 223 110.84 -10.47 35.35
CA SER CA 223 110.62 -11.39 36.47
C SER CA 223 111.82 -11.27 37.41
N PRO CA 224 111.63 -11.55 38.70
CA PRO CA 224 112.78 -11.52 39.62
C PRO CA 224 113.80 -12.60 39.31
N HIS CA 225 113.35 -13.82 39.08
CA HIS CA 225 114.22 -14.93 38.71
C HIS CA 225 113.95 -15.34 37.26
N GLN CA 226 114.63 -16.39 36.81
CA GLN CA 226 114.52 -16.86 35.44
C GLN CA 226 113.40 -17.89 35.32
N ILE CA 227 112.53 -17.71 34.33
CA ILE CA 227 111.45 -18.64 34.04
C ILE CA 227 111.62 -19.11 32.61
N THR CA 228 111.69 -20.42 32.41
CA THR CA 228 111.94 -21.01 31.10
C THR CA 228 110.72 -21.82 30.71
N SER CA 229 109.93 -21.27 29.79
CA SER CA 229 108.68 -21.90 29.39
C SER CA 229 108.90 -22.82 28.19
N THR CA 230 108.12 -23.89 28.13
CA THR CA 230 108.19 -24.86 27.06
C THR CA 230 106.83 -24.97 26.42
N ILE CA 231 106.78 -24.93 25.10
CA ILE CA 231 105.52 -24.98 24.36
C ILE CA 231 105.54 -26.20 23.44
N ARG CA 232 104.38 -26.86 23.34
CA ARG CA 232 104.19 -28.03 22.49
C ARG CA 232 102.99 -27.77 21.60
N VAL CA 233 103.23 -27.52 20.32
CA VAL CA 233 102.15 -27.18 19.39
C VAL CA 233 101.56 -28.47 18.84
N TYR CA 234 100.25 -28.63 18.99
CA TYR CA 234 99.54 -29.83 18.52
C TYR CA 234 98.79 -29.50 17.24
N PHE CA 235 99.39 -29.86 16.12
CA PHE CA 235 98.83 -29.61 14.80
C PHE CA 235 97.75 -30.63 14.49
N LYS CA 236 96.67 -30.18 13.86
CA LYS CA 236 95.61 -31.09 13.46
C LYS CA 236 94.93 -30.63 12.18
N PRO CA 237 94.99 -31.42 11.11
CA PRO CA 237 94.20 -31.11 9.92
C PRO CA 237 92.72 -31.28 10.22
N LYS CA 238 91.90 -30.46 9.58
CA LYS CA 238 90.46 -30.50 9.80
C LYS CA 238 89.73 -30.22 8.50
N HIS CA 239 88.58 -30.88 8.33
CA HIS CA 239 87.77 -30.76 7.11
C HIS CA 239 88.63 -30.97 5.88
N ILE CA 240 89.34 -32.10 5.86
CA ILE CA 240 90.43 -32.34 4.92
C ILE CA 240 89.90 -33.06 3.70
N LYS CA 241 90.27 -32.56 2.53
CA LYS CA 241 90.07 -33.25 1.25
C LYS CA 241 91.43 -33.51 0.64
N ALA CA 242 91.51 -34.54 -0.21
CA ALA CA 242 92.79 -34.94 -0.77
C ALA CA 242 92.57 -35.48 -2.18
N TRP CA 243 93.46 -35.09 -3.08
CA TRP CA 243 93.39 -35.48 -4.49
C TRP CA 243 94.68 -36.17 -4.89
N VAL CA 244 94.58 -36.93 -5.98
CA VAL CA 244 95.73 -37.53 -6.67
C VAL CA 244 96.53 -38.39 -5.69
N PRO CA 245 96.14 -39.65 -5.47
CA PRO CA 245 96.94 -40.51 -4.60
C PRO CA 245 98.32 -40.76 -5.19
N ARG CA 246 99.19 -41.30 -4.35
CA ARG CA 246 100.62 -41.28 -4.63
C ARG CA 246 101.24 -42.43 -3.85
N PRO CA 247 102.26 -43.10 -4.39
CA PRO CA 247 102.80 -44.26 -3.69
C PRO CA 247 103.51 -43.82 -2.42
N PRO CA 248 103.57 -44.69 -1.42
CA PRO CA 248 104.19 -44.31 -0.15
C PRO CA 248 105.71 -44.13 -0.27
N ARG CA 249 106.24 -43.33 0.64
CA ARG CA 249 107.67 -43.12 0.75
C ARG CA 249 108.37 -44.43 1.09
N LEU CA 250 109.46 -44.72 0.40
CA LEU CA 250 110.26 -45.91 0.67
C LEU CA 250 111.55 -45.58 1.41
N CYS CA 251 112.30 -44.58 0.94
CA CYS CA 251 113.58 -44.22 1.52
C CYS CA 251 113.39 -43.32 2.74
N PRO CA 252 114.37 -43.29 3.63
CA PRO CA 252 114.31 -42.37 4.78
C PRO CA 252 114.49 -40.92 4.33
N TYR CA 253 113.98 -40.00 5.15
CA TYR CA 253 114.08 -38.58 4.86
C TYR CA 253 115.44 -38.03 5.21
N ILE CA 254 115.92 -37.09 4.39
CA ILE CA 254 117.22 -36.46 4.60
C ILE CA 254 117.03 -35.09 5.23
N ASN CA 255 116.33 -34.20 4.53
CA ASN CA 255 116.17 -32.81 4.95
C ASN CA 255 114.71 -32.40 4.83
N LYS CA 256 114.35 -31.36 5.59
CA LYS CA 256 112.96 -30.98 5.79
C LYS CA 256 112.43 -30.01 4.72
N ARG CA 257 113.23 -29.70 3.70
CA ARG CA 257 112.80 -28.80 2.64
C ARG CA 257 113.00 -29.40 1.25
N ASP CA 258 113.35 -30.68 1.16
CA ASP CA 258 113.63 -31.30 -0.13
C ASP CA 258 113.19 -32.75 -0.08
N VAL CA 259 113.29 -33.41 -1.24
CA VAL CA 259 112.88 -34.80 -1.42
C VAL CA 259 114.09 -35.70 -1.61
N ASN CA 260 115.29 -35.20 -1.32
CA ASN CA 260 116.51 -35.94 -1.56
C ASN CA 260 116.57 -37.19 -0.70
N PHE CA 261 117.21 -38.22 -1.21
CA PHE CA 261 117.16 -39.52 -0.56
C PHE CA 261 118.38 -40.33 -0.93
N VAL CA 262 118.61 -41.40 -0.17
CA VAL CA 262 119.63 -42.40 -0.48
C VAL CA 262 118.91 -43.61 -1.04
N VAL CA 263 119.51 -44.24 -2.06
CA VAL CA 263 118.86 -45.35 -2.74
C VAL CA 263 118.74 -46.51 -1.76
N THR CA 264 117.51 -46.88 -1.44
CA THR CA 264 117.21 -47.92 -0.47
C THR CA 264 116.72 -49.16 -1.20
N GLU CA 265 116.89 -50.31 -0.55
CA GLU CA 265 116.41 -51.56 -1.12
C GLU CA 265 114.88 -51.58 -1.10
N ILE CA 266 114.30 -52.34 -2.01
CA ILE CA 266 112.84 -52.38 -2.14
C ILE CA 266 112.21 -53.00 -0.90
N THR CA 267 112.52 -54.27 -0.63
CA THR CA 267 112.02 -54.97 0.54
C THR CA 267 113.18 -55.60 1.29
N ASP CA 268 112.89 -56.17 2.45
CA ASP CA 268 113.89 -56.94 3.16
C ASP CA 268 114.19 -58.22 2.39
N SER CA 269 115.45 -58.60 2.37
CA SER CA 269 115.85 -59.74 1.55
C SER CA 269 115.58 -61.05 2.29
N ARG CA 270 115.37 -62.10 1.52
CA ARG CA 270 115.30 -63.47 2.03
C ARG CA 270 116.36 -64.30 1.33
N THR CA 271 116.46 -65.57 1.72
CA THR CA 271 117.57 -66.40 1.29
C THR CA 271 117.41 -66.82 -0.17
N SER CA 272 116.31 -67.49 -0.50
CA SER CA 272 116.04 -67.93 -1.86
C SER CA 272 114.65 -67.47 -2.28
N ILE CA 273 114.30 -67.75 -3.53
CA ILE CA 273 112.99 -67.37 -4.05
C ILE CA 273 111.89 -68.32 -3.56
N THR CA 274 112.26 -69.49 -3.05
CA THR CA 274 111.29 -70.53 -2.72
C THR CA 274 111.12 -70.78 -1.23
N ASP CA 275 111.95 -70.20 -0.38
CA ASP CA 275 111.84 -70.45 1.06
C ASP CA 275 110.75 -69.58 1.68
N VAL DA 13 92.84 -51.70 -36.86
CA VAL DA 13 93.71 -50.63 -37.35
C VAL DA 13 92.91 -49.37 -37.62
N ARG DA 14 93.16 -48.33 -36.83
CA ARG DA 14 92.48 -47.05 -36.98
C ARG DA 14 93.52 -45.98 -37.29
N SER DA 15 93.29 -45.23 -38.36
CA SER DA 15 94.22 -44.20 -38.82
C SER DA 15 93.68 -42.85 -38.33
N MET DA 16 94.08 -42.46 -37.11
CA MET DA 16 93.67 -41.19 -36.57
C MET DA 16 94.39 -40.05 -37.27
N THR DA 17 93.72 -38.91 -37.36
CA THR DA 17 94.31 -37.70 -37.92
C THR DA 17 93.89 -36.50 -37.10
N LEU DA 18 94.81 -35.55 -36.93
CA LEU DA 18 94.54 -34.30 -36.23
C LEU DA 18 95.30 -33.20 -36.95
N GLY DA 19 94.58 -32.29 -37.59
CA GLY DA 19 95.22 -31.21 -38.31
C GLY DA 19 95.93 -31.71 -39.54
N ASN DA 20 97.25 -31.60 -39.54
CA ASN DA 20 98.11 -32.11 -40.62
C ASN DA 20 99.07 -33.16 -40.09
N SER DA 21 98.59 -34.05 -39.24
CA SER DA 21 99.39 -35.11 -38.66
C SER DA 21 98.54 -36.35 -38.53
N THR DA 22 98.90 -37.41 -39.26
CA THR DA 22 98.18 -38.66 -39.24
C THR DA 22 99.11 -39.75 -38.74
N ILE DA 23 98.63 -40.52 -37.76
CA ILE DA 23 99.34 -41.70 -37.27
C ILE DA 23 98.46 -42.91 -37.51
N THR DA 24 99.06 -44.09 -37.39
CA THR DA 24 98.36 -45.35 -37.56
C THR DA 24 98.38 -46.10 -36.24
N THR DA 25 97.21 -46.36 -35.68
CA THR DA 25 97.08 -47.00 -34.39
C THR DA 25 96.47 -48.39 -34.53
N GLN DA 26 96.55 -49.14 -33.43
CA GLN DA 26 96.04 -50.50 -33.39
C GLN DA 26 94.81 -50.59 -32.50
N ASN DA 30 93.19 -50.01 -25.96
CA ASN DA 30 92.16 -49.28 -25.24
C ASN DA 30 92.74 -48.13 -24.42
N VAL DA 31 92.04 -47.00 -24.41
CA VAL DA 31 92.56 -45.77 -23.83
C VAL DA 31 92.44 -45.82 -22.31
N VAL DA 32 93.51 -45.44 -21.63
CA VAL DA 32 93.51 -45.29 -20.17
C VAL DA 32 93.29 -43.80 -19.90
N VAL DA 33 92.03 -43.43 -19.71
CA VAL DA 33 91.69 -42.05 -19.37
C VAL DA 33 92.14 -41.78 -17.94
N GLY DA 34 93.05 -40.82 -17.78
CA GLY DA 34 93.67 -40.60 -16.49
C GLY DA 34 92.69 -40.04 -15.49
N TYR DA 35 92.51 -40.75 -14.36
CA TYR DA 35 91.60 -40.34 -13.29
C TYR DA 35 90.16 -40.19 -13.77
N GLY DA 36 89.77 -41.00 -14.74
CA GLY DA 36 88.37 -41.06 -15.14
C GLY DA 36 87.81 -39.78 -15.72
N GLU DA 37 88.64 -38.81 -16.05
CA GLU DA 37 88.18 -37.54 -16.57
C GLU DA 37 88.86 -37.23 -17.89
N TRP DA 38 88.08 -36.67 -18.80
CA TRP DA 38 88.53 -36.21 -20.10
C TRP DA 38 88.90 -34.75 -19.98
N PRO DA 39 90.00 -34.30 -20.57
CA PRO DA 39 90.37 -32.89 -20.44
C PRO DA 39 89.25 -32.00 -20.96
N SER DA 40 89.17 -30.80 -20.41
CA SER DA 40 88.11 -29.88 -20.78
C SER DA 40 88.61 -28.46 -20.61
N TYR DA 41 87.85 -27.51 -21.16
CA TYR DA 41 88.18 -26.11 -20.97
C TYR DA 41 87.81 -25.67 -19.55
N LEU DA 42 88.22 -24.45 -19.22
CA LEU DA 42 88.11 -23.98 -17.85
C LEU DA 42 86.68 -23.61 -17.48
N SER DA 43 85.84 -23.27 -18.45
CA SER DA 43 84.44 -22.94 -18.18
C SER DA 43 83.65 -24.19 -17.82
N THR DA 48 84.82 -14.97 -17.02
CA THR DA 48 85.15 -13.75 -16.30
C THR DA 48 85.79 -12.73 -17.25
N ALA DA 49 85.42 -11.46 -17.11
CA ALA DA 49 86.02 -10.40 -17.91
C ALA DA 49 87.26 -9.80 -17.27
N GLU DA 50 87.55 -10.12 -16.02
CA GLU DA 50 88.79 -9.67 -15.39
C GLU DA 50 89.99 -10.46 -15.89
N ASP DA 51 89.80 -11.74 -16.17
CA ASP DA 51 90.81 -12.58 -16.79
C ASP DA 51 90.12 -13.44 -17.84
N GLN DA 52 90.58 -13.36 -19.09
CA GLN DA 52 89.91 -14.03 -20.20
C GLN DA 52 90.87 -14.98 -20.90
N PRO DA 53 90.55 -16.26 -21.01
CA PRO DA 53 91.43 -17.19 -21.73
C PRO DA 53 91.25 -17.14 -23.23
N THR DA 54 92.31 -17.51 -23.94
CA THR DA 54 92.31 -17.65 -25.39
C THR DA 54 92.45 -19.13 -25.73
N GLN DA 55 91.53 -19.63 -26.56
CA GLN DA 55 91.57 -21.03 -26.95
C GLN DA 55 92.15 -21.15 -28.35
N PRO DA 56 93.36 -21.68 -28.52
CA PRO DA 56 93.94 -21.75 -29.86
C PRO DA 56 93.22 -22.70 -30.80
N ASP DA 57 92.93 -23.93 -30.35
CA ASP DA 57 92.24 -24.93 -31.15
C ASP DA 57 93.00 -25.21 -32.45
N VAL DA 58 93.17 -24.19 -33.29
CA VAL DA 58 93.94 -24.33 -34.53
C VAL DA 58 95.35 -24.79 -34.19
N ALA DA 59 95.84 -25.77 -34.96
CA ALA DA 59 97.14 -26.42 -34.73
C ALA DA 59 97.14 -26.93 -33.29
N THR DA 60 98.23 -26.79 -32.55
CA THR DA 60 98.35 -27.23 -31.15
C THR DA 60 97.86 -28.65 -30.89
N CYS DA 61 96.72 -29.03 -31.47
CA CYS DA 61 96.11 -30.33 -31.25
C CYS DA 61 96.71 -31.44 -32.11
N ARG DA 62 97.60 -31.10 -33.04
CA ARG DA 62 98.14 -32.11 -33.95
C ARG DA 62 99.10 -33.01 -33.19
N PHE DA 63 99.49 -34.13 -33.83
CA PHE DA 63 100.35 -35.09 -33.20
C PHE DA 63 101.81 -34.68 -33.32
N TYR DA 64 102.50 -34.64 -32.19
CA TYR DA 64 103.93 -34.29 -32.11
C TYR DA 64 104.69 -35.58 -31.78
N THR DA 65 105.18 -36.25 -32.82
CA THR DA 65 105.94 -37.48 -32.63
C THR DA 65 107.36 -37.13 -32.22
N LEU DA 66 107.77 -37.61 -31.03
CA LEU DA 66 109.13 -37.39 -30.57
C LEU DA 66 110.08 -38.36 -31.29
N GLU DA 67 111.37 -38.21 -31.00
CA GLU DA 67 112.35 -39.10 -31.60
C GLU DA 67 112.20 -40.51 -31.02
N SER DA 68 112.32 -41.50 -31.89
CA SER DA 68 112.15 -42.88 -31.47
C SER DA 68 113.31 -43.30 -30.57
N VAL DA 69 113.00 -44.13 -29.58
CA VAL DA 69 113.95 -44.48 -28.53
C VAL DA 69 114.25 -45.98 -28.64
N GLN DA 70 115.53 -46.31 -28.79
CA GLN DA 70 115.93 -47.70 -28.94
C GLN DA 70 116.00 -48.38 -27.57
N TRP DA 71 115.29 -49.49 -27.43
CA TRP DA 71 115.21 -50.24 -26.18
C TRP DA 71 116.02 -51.52 -26.35
N GLU DA 72 117.19 -51.56 -25.70
CA GLU DA 72 118.08 -52.70 -25.74
C GLU DA 72 117.83 -53.59 -24.53
N LYS DA 73 118.67 -54.62 -24.36
CA LYS DA 73 118.54 -55.51 -23.21
C LYS DA 73 118.94 -54.84 -21.91
N THR DA 74 119.78 -53.80 -21.97
CA THR DA 74 120.34 -53.16 -20.79
C THR DA 74 119.75 -51.77 -20.54
N SER DA 75 118.63 -51.45 -21.17
CA SER DA 75 118.02 -50.13 -20.96
C SER DA 75 117.26 -50.13 -19.64
N PRO DA 76 117.53 -49.17 -18.75
CA PRO DA 76 116.82 -49.15 -17.45
C PRO DA 76 115.53 -48.35 -17.48
N GLY DA 77 115.39 -47.42 -18.40
CA GLY DA 77 114.17 -46.63 -18.48
C GLY DA 77 114.44 -45.26 -19.05
N TRP DA 78 113.36 -44.46 -19.11
CA TRP DA 78 113.41 -43.10 -19.64
C TRP DA 78 112.41 -42.25 -18.88
N TRP DA 79 112.57 -40.93 -18.98
CA TRP DA 79 111.50 -40.05 -18.55
C TRP DA 79 111.53 -38.77 -19.38
N TRP DA 80 110.34 -38.24 -19.64
CA TRP DA 80 110.13 -36.93 -20.24
C TRP DA 80 109.36 -36.08 -19.25
N LYS DA 81 109.69 -34.80 -19.18
CA LYS DA 81 108.94 -33.86 -18.35
C LYS DA 81 108.24 -32.87 -19.26
N PHE DA 82 106.94 -32.93 -19.26
CA PHE DA 82 105.90 -32.14 -19.89
C PHE DA 82 105.40 -31.09 -18.89
N PRO DA 83 104.81 -29.98 -19.35
CA PRO DA 83 104.47 -29.56 -20.72
C PRO DA 83 105.67 -29.13 -21.57
N GLU DA 84 106.82 -28.89 -20.92
CA GLU DA 84 107.92 -28.23 -21.60
C GLU DA 84 108.80 -29.21 -22.38
N ALA DA 85 108.44 -30.48 -22.44
CA ALA DA 85 109.09 -31.37 -23.40
C ALA DA 85 108.74 -30.99 -24.82
N LEU DA 86 107.61 -30.31 -25.01
CA LEU DA 86 107.16 -29.80 -26.30
C LEU DA 86 107.54 -28.34 -26.51
N LYS DA 87 108.61 -27.87 -25.86
CA LYS DA 87 108.91 -26.44 -25.91
C LYS DA 87 109.49 -26.00 -27.23
N ASN DA 88 109.95 -26.93 -28.07
CA ASN DA 88 110.43 -26.63 -29.41
C ASN DA 88 109.57 -27.28 -30.48
N MET DA 89 108.34 -27.69 -30.13
CA MET DA 89 107.48 -28.44 -31.04
C MET DA 89 106.42 -27.51 -31.61
N GLY DA 90 106.81 -26.76 -32.64
CA GLY DA 90 105.84 -26.10 -33.49
C GLY DA 90 105.13 -24.95 -32.80
N LEU DA 91 103.84 -24.82 -33.09
CA LEU DA 91 103.04 -23.73 -32.53
C LEU DA 91 102.82 -23.90 -31.04
N PHE DA 92 102.70 -25.15 -30.57
CA PHE DA 92 102.56 -25.36 -29.13
C PHE DA 92 103.82 -24.93 -28.39
N GLY DA 93 104.99 -25.19 -28.96
CA GLY DA 93 106.22 -24.72 -28.37
C GLY DA 93 106.51 -23.26 -28.59
N GLN DA 94 105.74 -22.62 -29.48
CA GLN DA 94 105.88 -21.18 -29.69
C GLN DA 94 104.85 -20.38 -28.90
N ASN DA 95 103.66 -20.92 -28.66
CA ASN DA 95 102.71 -20.27 -27.77
C ASN DA 95 103.15 -20.33 -26.31
N MET DA 96 104.14 -21.15 -25.98
CA MET DA 96 104.69 -21.14 -24.62
C MET DA 96 105.49 -19.87 -24.36
N HIS DA 97 106.06 -19.27 -25.41
CA HIS DA 97 106.87 -18.06 -25.26
C HIS DA 97 106.05 -16.78 -25.27
N TYR DA 98 104.85 -16.80 -25.85
CA TYR DA 98 104.04 -15.58 -25.94
C TYR DA 98 103.00 -15.47 -24.85
N HIS DA 99 102.52 -16.59 -24.33
CA HIS DA 99 101.59 -16.62 -23.21
C HIS DA 99 102.30 -17.21 -22.01
N TYR DA 100 102.13 -16.60 -20.84
CA TYR DA 100 102.80 -17.07 -19.63
C TYR DA 100 101.87 -17.91 -18.75
N LEU DA 101 100.69 -18.27 -19.25
CA LEU DA 101 99.76 -19.13 -18.54
C LEU DA 101 99.11 -20.07 -19.56
N GLY DA 102 98.87 -21.31 -19.14
CA GLY DA 102 98.26 -22.26 -20.06
C GLY DA 102 97.96 -23.58 -19.38
N ARG DA 103 97.29 -24.44 -20.14
CA ARG DA 103 96.86 -25.76 -19.68
C ARG DA 103 96.51 -26.60 -20.91
N ALA DA 104 96.65 -27.92 -20.78
CA ALA DA 104 96.39 -28.82 -21.90
C ALA DA 104 96.13 -30.23 -21.38
N GLY DA 105 95.92 -31.17 -22.30
CA GLY DA 105 95.48 -32.52 -21.95
C GLY DA 105 96.39 -33.67 -22.31
N TYR DA 106 97.10 -33.57 -23.44
CA TYR DA 106 98.23 -34.45 -23.78
C TYR DA 106 97.80 -35.93 -23.87
N THR DA 107 97.12 -36.26 -24.98
CA THR DA 107 96.96 -37.66 -25.35
C THR DA 107 98.31 -38.22 -25.78
N ILE DA 108 98.76 -39.28 -25.12
CA ILE DA 108 100.11 -39.81 -25.31
C ILE DA 108 100.01 -41.23 -25.85
N HIS DA 109 100.35 -41.42 -27.13
CA HIS DA 109 100.46 -42.75 -27.70
C HIS DA 109 101.89 -43.24 -27.58
N VAL DA 110 102.05 -44.51 -27.21
CA VAL DA 110 103.36 -45.13 -27.08
C VAL DA 110 103.30 -46.47 -27.81
N GLN DA 111 103.81 -46.51 -29.03
CA GLN DA 111 103.98 -47.76 -29.75
C GLN DA 111 105.35 -48.37 -29.44
N CYS DA 112 105.52 -49.62 -29.83
CA CYS DA 112 106.78 -50.33 -29.64
C CYS DA 112 107.24 -51.09 -30.86
N ASN DA 113 106.33 -51.43 -31.80
CA ASN DA 113 106.58 -52.11 -33.06
C ASN DA 113 107.76 -53.07 -33.01
N ALA DA 114 107.77 -53.94 -32.01
CA ALA DA 114 108.73 -55.03 -31.95
C ALA DA 114 108.27 -56.16 -32.87
N SER DA 115 109.02 -57.25 -32.89
CA SER DA 115 108.66 -58.39 -33.71
C SER DA 115 107.80 -59.35 -32.91
N LYS DA 116 107.68 -60.58 -33.40
CA LYS DA 116 106.92 -61.62 -32.73
C LYS DA 116 107.82 -62.50 -31.87
N PHE DA 117 109.13 -62.46 -32.09
CA PHE DA 117 110.09 -63.23 -31.32
C PHE DA 117 110.74 -62.42 -30.20
N HIS DA 118 110.53 -61.10 -30.16
CA HIS DA 118 110.99 -60.31 -29.04
C HIS DA 118 110.05 -60.48 -27.86
N GLN DA 119 110.60 -60.36 -26.66
CA GLN DA 119 109.82 -60.43 -25.43
C GLN DA 119 110.21 -59.29 -24.50
N GLY DA 120 109.29 -58.88 -23.67
CA GLY DA 120 109.54 -57.80 -22.74
C GLY DA 120 108.23 -57.22 -22.24
N CYS DA 121 108.38 -56.21 -21.38
CA CYS DA 121 107.23 -55.56 -20.77
C CYS DA 121 107.64 -54.16 -20.32
N LEU DA 122 106.75 -53.21 -20.54
CA LEU DA 122 106.99 -51.81 -20.18
C LEU DA 122 105.90 -51.31 -19.24
N LEU DA 123 106.28 -50.39 -18.37
CA LEU DA 123 105.33 -49.60 -17.58
C LEU DA 123 105.32 -48.20 -18.15
N VAL DA 124 104.19 -47.80 -18.74
CA VAL DA 124 104.02 -46.46 -19.29
C VAL DA 124 103.13 -45.71 -18.31
N VAL DA 125 103.73 -44.83 -17.52
CA VAL DA 125 103.06 -44.14 -16.42
C VAL DA 125 103.40 -42.66 -16.52
N CYS DA 126 102.50 -41.83 -15.97
CA CYS DA 126 102.56 -40.39 -16.21
C CYS DA 126 102.97 -39.57 -15.00
N VAL DA 127 102.64 -40.00 -13.79
CA VAL DA 127 103.21 -39.46 -12.55
C VAL DA 127 103.07 -37.94 -12.51
N PRO DA 128 101.90 -37.40 -12.16
CA PRO DA 128 101.80 -35.95 -11.98
C PRO DA 128 102.64 -35.48 -10.79
N GLU DA 129 103.31 -34.35 -10.95
CA GLU DA 129 104.13 -33.74 -9.89
C GLU DA 129 105.24 -34.67 -9.41
N ALA DA 130 106.06 -35.12 -10.36
CA ALA DA 130 107.21 -35.95 -10.01
C ALA DA 130 108.37 -35.06 -9.60
N GLU DA 131 108.41 -34.73 -8.30
CA GLU DA 131 109.54 -33.99 -7.74
C GLU DA 131 110.67 -34.98 -7.48
N MET DA 132 111.74 -34.87 -8.25
CA MET DA 132 112.83 -35.82 -8.17
C MET DA 132 113.93 -35.33 -7.25
N GLY DA 133 114.76 -36.27 -6.79
CA GLY DA 133 115.77 -36.00 -5.78
C GLY DA 133 117.17 -35.98 -6.38
N CYS DA 134 118.03 -35.17 -5.79
CA CYS DA 134 119.40 -35.03 -6.25
C CYS DA 134 120.21 -36.29 -5.93
N ALA DA 135 121.29 -36.49 -6.69
CA ALA DA 135 122.04 -37.74 -6.59
C ALA DA 135 122.86 -37.80 -5.31
N ASP DA 136 123.59 -36.73 -5.00
CA ASP DA 136 124.26 -36.58 -3.71
C ASP DA 136 123.53 -35.48 -2.93
N THR DA 137 122.79 -35.89 -1.90
CA THR DA 137 122.00 -34.94 -1.14
C THR DA 137 122.90 -34.01 -0.33
N ASP DA 138 122.28 -32.90 0.13
CA ASP DA 138 122.83 -31.67 0.69
C ASP DA 138 123.07 -30.59 -0.37
N THR DA 139 122.63 -30.84 -1.60
CA THR DA 139 122.81 -29.87 -2.67
C THR DA 139 121.70 -30.05 -3.71
N THR DA 140 121.70 -29.18 -4.72
CA THR DA 140 120.72 -29.18 -5.78
C THR DA 140 121.40 -29.50 -7.11
N PHE DA 141 120.58 -29.61 -8.17
CA PHE DA 141 121.06 -29.90 -9.52
C PHE DA 141 120.82 -28.69 -10.44
N PRO DA 142 121.62 -28.56 -11.51
CA PRO DA 142 121.61 -27.32 -12.32
C PRO DA 142 120.46 -27.18 -13.30
N ALA DA 143 119.32 -27.83 -13.05
CA ALA DA 143 118.07 -27.53 -13.76
C ALA DA 143 118.06 -27.99 -15.21
N THR DA 144 119.23 -28.31 -15.77
CA THR DA 144 119.33 -28.93 -17.07
C THR DA 144 119.48 -30.44 -16.97
N GLU DA 145 119.36 -30.98 -15.76
CA GLU DA 145 119.41 -32.42 -15.52
C GLU DA 145 118.03 -33.04 -15.45
N LEU DA 146 116.99 -32.26 -15.16
CA LEU DA 146 115.63 -32.80 -15.20
C LEU DA 146 115.14 -33.00 -16.62
N THR DA 147 115.46 -32.07 -17.53
CA THR DA 147 114.90 -32.12 -18.87
C THR DA 147 115.92 -31.68 -19.90
N THR DA 148 115.88 -32.36 -21.05
CA THR DA 148 116.60 -31.97 -22.26
C THR DA 148 115.53 -31.96 -23.35
N GLU DA 149 114.66 -30.97 -23.28
CA GLU DA 149 113.44 -30.83 -24.09
C GLU DA 149 112.96 -32.13 -24.72
N ASP DA 150 113.29 -32.33 -26.00
CA ASP DA 150 112.80 -33.48 -26.74
C ASP DA 150 113.43 -34.79 -26.26
N THR DA 151 114.74 -34.80 -25.99
CA THR DA 151 115.36 -36.08 -25.72
C THR DA 151 115.11 -36.52 -24.27
N PRO DA 152 115.02 -37.83 -24.05
CA PRO DA 152 114.74 -38.33 -22.69
C PRO DA 152 115.99 -38.50 -21.85
N HIS DA 153 115.86 -38.19 -20.56
CA HIS DA 153 116.85 -38.61 -19.59
C HIS DA 153 116.60 -40.06 -19.21
N VAL DA 154 117.63 -40.89 -19.35
CA VAL DA 154 117.51 -42.29 -18.99
C VAL DA 154 117.63 -42.44 -17.48
N PHE DA 155 117.09 -43.54 -16.96
CA PHE DA 155 117.39 -43.93 -15.60
C PHE DA 155 118.75 -44.62 -15.57
N THR DA 156 119.15 -45.08 -14.39
CA THR DA 156 120.35 -45.88 -14.24
C THR DA 156 120.00 -47.16 -13.51
N SER DA 157 120.87 -48.16 -13.65
CA SER DA 157 120.63 -49.45 -13.01
C SER DA 157 121.10 -49.46 -11.56
N ASP DA 158 122.03 -48.60 -11.19
CA ASP DA 158 122.52 -48.52 -9.82
C ASP DA 158 122.58 -47.07 -9.37
N SER DA 159 123.14 -46.83 -8.19
CA SER DA 159 123.22 -45.48 -7.65
C SER DA 159 124.32 -44.69 -8.36
N ILE DA 160 124.12 -43.38 -8.45
CA ILE DA 160 125.06 -42.47 -9.09
C ILE DA 160 125.30 -41.28 -8.16
N THR DA 161 126.40 -40.58 -8.40
CA THR DA 161 126.76 -39.39 -7.64
C THR DA 161 126.93 -38.21 -8.60
N GLY DA 162 127.12 -37.04 -8.02
CA GLY DA 162 127.22 -35.82 -8.80
C GLY DA 162 125.95 -34.98 -8.73
N LYS DA 163 126.07 -33.73 -9.16
CA LYS DA 163 124.96 -32.78 -9.07
C LYS DA 163 123.99 -33.04 -10.22
N LYS DA 164 123.21 -34.10 -10.06
CA LYS DA 164 122.21 -34.47 -11.04
C LYS DA 164 121.14 -35.31 -10.35
N VAL DA 165 120.18 -35.77 -11.14
CA VAL DA 165 119.02 -36.48 -10.58
C VAL DA 165 119.42 -37.89 -10.20
N GLN DA 166 119.00 -38.32 -9.01
CA GLN DA 166 119.20 -39.71 -8.61
C GLN DA 166 118.31 -40.59 -9.47
N ALA DA 167 118.84 -41.06 -10.60
CA ALA DA 167 118.05 -41.74 -11.62
C ALA DA 167 118.18 -43.25 -11.53
N ALA DA 168 118.36 -43.79 -10.33
CA ALA DA 168 118.37 -45.23 -10.16
C ALA DA 168 116.95 -45.76 -10.13
N VAL DA 169 116.66 -46.77 -10.96
CA VAL DA 169 115.41 -47.48 -10.83
C VAL DA 169 115.41 -48.27 -9.52
N CYS DA 170 114.22 -48.71 -9.12
CA CYS DA 170 113.77 -49.15 -7.81
C CYS DA 170 113.52 -47.96 -6.90
N ASN DA 171 113.95 -46.76 -7.28
CA ASN DA 171 113.67 -45.52 -6.57
C ASN DA 171 113.54 -44.40 -7.59
N ALA DA 172 112.59 -44.57 -8.53
CA ALA DA 172 112.60 -43.96 -9.86
C ALA DA 172 113.15 -42.53 -9.86
N GLY DA 173 112.39 -41.60 -9.30
CA GLY DA 173 112.92 -40.28 -9.04
C GLY DA 173 112.60 -39.77 -7.65
N MET DA 174 111.52 -40.27 -7.06
CA MET DA 174 110.87 -39.62 -5.93
C MET DA 174 111.15 -40.31 -4.60
N GLY DA 175 111.93 -41.38 -4.59
CA GLY DA 175 112.16 -42.11 -3.35
C GLY DA 175 111.07 -43.10 -3.01
N VAL DA 176 110.25 -43.48 -3.97
CA VAL DA 176 109.23 -44.48 -3.78
C VAL DA 176 109.70 -45.79 -4.40
N GLY DA 177 108.98 -46.87 -4.10
CA GLY DA 177 109.25 -48.12 -4.79
C GLY DA 177 108.78 -48.03 -6.24
N VAL DA 178 109.60 -48.56 -7.15
CA VAL DA 178 109.24 -48.45 -8.56
C VAL DA 178 108.19 -49.47 -8.95
N GLY DA 179 108.00 -50.52 -8.15
CA GLY DA 179 106.99 -51.51 -8.47
C GLY DA 179 105.58 -50.98 -8.26
N ASN DA 180 105.36 -50.30 -7.14
CA ASN DA 180 104.06 -49.69 -6.87
C ASN DA 180 103.99 -48.26 -7.38
N LEU DA 181 104.45 -48.08 -8.62
CA LEU DA 181 104.26 -46.85 -9.36
C LEU DA 181 103.02 -46.93 -10.23
N THR DA 182 102.21 -47.97 -10.03
CA THR DA 182 101.02 -48.28 -10.80
C THR DA 182 99.81 -47.51 -10.32
N ILE DA 183 99.94 -46.75 -9.22
CA ILE DA 183 98.83 -45.97 -8.69
C ILE DA 183 98.45 -44.84 -9.64
N PHE DA 184 99.35 -44.42 -10.51
CA PHE DA 184 99.12 -43.31 -11.42
C PHE DA 184 98.43 -43.82 -12.69
N PRO DA 185 98.01 -42.91 -13.58
CA PRO DA 185 97.53 -43.36 -14.90
C PRO DA 185 98.62 -44.11 -15.66
N HIS DA 186 98.42 -45.40 -15.85
CA HIS DA 186 99.45 -46.27 -16.39
C HIS DA 186 98.88 -47.15 -17.49
N GLN DA 187 99.78 -47.87 -18.16
CA GLN DA 187 99.41 -48.88 -19.15
C GLN DA 187 100.61 -49.80 -19.33
N TRP DA 188 100.36 -51.10 -19.29
CA TRP DA 188 101.41 -52.08 -19.54
C TRP DA 188 101.51 -52.35 -21.03
N ILE DA 189 102.75 -52.42 -21.53
CA ILE DA 189 102.96 -52.84 -22.91
C ILE DA 189 103.70 -54.17 -22.88
N ASN DA 190 102.94 -55.26 -22.87
CA ASN DA 190 103.51 -56.60 -22.92
C ASN DA 190 103.63 -57.02 -24.38
N LEU DA 191 104.87 -57.20 -24.84
CA LEU DA 191 105.09 -57.50 -26.25
C LEU DA 191 104.51 -58.85 -26.66
N ARG DA 192 104.21 -59.70 -25.68
CA ARG DA 192 103.50 -60.93 -25.97
C ARG DA 192 102.11 -60.65 -26.54
N THR DA 193 101.40 -59.71 -25.94
CA THR DA 193 100.02 -59.41 -26.32
C THR DA 193 99.91 -58.15 -27.17
N ASN DA 194 100.28 -56.99 -26.62
CA ASN DA 194 100.05 -55.71 -27.26
C ASN DA 194 101.36 -54.98 -27.51
N ASN DA 195 101.24 -53.85 -28.20
CA ASN DA 195 102.38 -52.99 -28.51
C ASN DA 195 102.12 -51.52 -28.26
N SER DA 196 100.87 -51.09 -28.18
CA SER DA 196 100.52 -49.69 -28.11
C SER DA 196 99.88 -49.36 -26.78
N ALA DA 197 100.13 -48.13 -26.33
CA ALA DA 197 99.55 -47.58 -25.12
C ALA DA 197 99.03 -46.18 -25.43
N THR DA 198 97.99 -45.77 -24.73
CA THR DA 198 97.47 -44.42 -24.90
C THR DA 198 96.89 -43.94 -23.58
N ILE DA 199 97.30 -42.76 -23.15
CA ILE DA 199 96.94 -42.20 -21.85
C ILE DA 199 96.49 -40.77 -22.05
N VAL DA 200 95.42 -40.39 -21.36
CA VAL DA 200 94.84 -39.04 -21.45
C VAL DA 200 94.89 -38.45 -20.05
N ILE DA 201 95.54 -37.30 -19.91
CA ILE DA 201 95.91 -36.74 -18.62
C ILE DA 201 95.29 -35.35 -18.53
N PRO DA 202 94.17 -35.20 -17.81
CA PRO DA 202 93.31 -34.01 -17.92
C PRO DA 202 93.75 -32.79 -17.12
N TYR DA 203 95.04 -32.46 -17.20
CA TYR DA 203 95.61 -31.28 -16.55
C TYR DA 203 95.34 -31.29 -15.04
N ILE DA 204 96.15 -32.06 -14.33
CA ILE DA 204 96.10 -32.09 -12.87
C ILE DA 204 96.97 -30.97 -12.32
N ASN DA 205 96.34 -30.01 -11.64
CA ASN DA 205 97.07 -28.91 -11.00
C ASN DA 205 96.16 -28.25 -9.98
N SER DA 206 96.77 -27.54 -9.03
CA SER DA 206 96.06 -26.90 -7.94
C SER DA 206 95.61 -25.48 -8.27
N VAL DA 207 96.02 -24.93 -9.41
CA VAL DA 207 95.63 -23.61 -9.85
C VAL DA 207 95.10 -23.79 -11.27
N PRO DA 208 94.09 -23.04 -11.71
CA PRO DA 208 93.50 -23.34 -13.02
C PRO DA 208 94.47 -23.15 -14.18
N MET DA 209 95.40 -22.20 -14.08
CA MET DA 209 96.39 -21.99 -15.12
C MET DA 209 97.73 -21.72 -14.47
N ASP DA 210 98.80 -22.24 -15.08
CA ASP DA 210 100.14 -22.05 -14.53
C ASP DA 210 101.13 -21.87 -15.66
N ASN DA 211 102.28 -21.30 -15.33
CA ASN DA 211 103.32 -21.07 -16.32
C ASN DA 211 103.89 -22.39 -16.81
N MET DA 212 104.19 -22.45 -18.10
CA MET DA 212 104.59 -23.70 -18.74
C MET DA 212 106.10 -23.92 -18.74
N PHE DA 213 106.90 -22.96 -18.24
CA PHE DA 213 108.33 -23.17 -18.12
C PHE DA 213 108.79 -23.41 -16.69
N ARG DA 214 108.09 -22.85 -15.69
CA ARG DA 214 108.45 -23.11 -14.31
C ARG DA 214 108.03 -24.51 -13.88
N HIS DA 215 106.79 -24.89 -14.19
CA HIS DA 215 106.15 -26.04 -13.58
C HIS DA 215 106.01 -27.18 -14.58
N TYR DA 216 106.47 -28.36 -14.18
CA TYR DA 216 106.34 -29.58 -14.98
C TYR DA 216 105.11 -30.31 -14.46
N ASN DA 217 104.05 -30.33 -15.26
CA ASN DA 217 102.77 -30.82 -14.76
C ASN DA 217 102.79 -32.32 -14.52
N PHE DA 218 103.46 -33.08 -15.39
CA PHE DA 218 103.60 -34.51 -15.17
C PHE DA 218 104.88 -35.00 -15.82
N THR DA 219 105.23 -36.25 -15.53
CA THR DA 219 106.49 -36.85 -15.97
C THR DA 219 106.21 -38.21 -16.60
N LEU DA 220 106.10 -38.24 -17.93
CA LEU DA 220 105.95 -39.51 -18.64
C LEU DA 220 107.25 -40.30 -18.51
N MET DA 221 107.21 -41.39 -17.76
CA MET DA 221 108.36 -42.27 -17.60
C MET DA 221 108.00 -43.68 -18.01
N ILE DA 222 108.84 -44.27 -18.87
CA ILE DA 222 108.64 -45.60 -19.43
C ILE DA 222 109.71 -46.50 -18.83
N ILE DA 223 109.30 -47.51 -18.08
CA ILE DA 223 110.22 -48.31 -17.28
C ILE DA 223 110.08 -49.77 -17.67
N PRO DA 224 111.11 -50.42 -18.18
CA PRO DA 224 111.04 -51.85 -18.54
C PRO DA 224 111.15 -52.72 -17.30
N PHE DA 225 110.04 -53.33 -16.91
CA PHE DA 225 110.08 -54.31 -15.82
C PHE DA 225 110.70 -55.62 -16.27
N ALA DA 226 110.06 -56.31 -17.19
CA ALA DA 226 110.72 -57.47 -17.75
C ALA DA 226 111.65 -57.03 -18.86
N PRO DA 227 112.94 -57.40 -18.82
CA PRO DA 227 113.88 -56.85 -19.79
C PRO DA 227 113.67 -57.45 -21.17
N LEU DA 228 114.13 -56.71 -22.17
CA LEU DA 228 114.07 -57.19 -23.54
C LEU DA 228 114.95 -58.41 -23.71
N ASN DA 229 114.49 -59.39 -24.49
CA ASN DA 229 115.31 -60.55 -24.77
C ASN DA 229 114.99 -61.03 -26.17
N PHE DA 230 116.00 -61.64 -26.80
CA PHE DA 230 115.92 -62.12 -28.18
C PHE DA 230 117.14 -63.01 -28.41
N THR DA 231 117.20 -63.60 -29.60
CA THR DA 231 118.31 -64.45 -29.97
C THR DA 231 119.24 -63.70 -30.94
N ASP DA 232 120.25 -64.41 -31.43
CA ASP DA 232 121.37 -63.79 -32.15
C ASP DA 232 121.04 -63.42 -33.58
N GLY DA 233 119.77 -63.51 -33.99
CA GLY DA 233 119.40 -63.14 -35.34
C GLY DA 233 118.55 -61.89 -35.44
N ALA DA 234 117.85 -61.56 -34.35
CA ALA DA 234 116.93 -60.44 -34.38
C ALA DA 234 117.68 -59.12 -34.29
N THR DA 235 116.95 -58.02 -34.45
CA THR DA 235 117.55 -56.71 -34.26
C THR DA 235 117.80 -56.45 -32.79
N ALA DA 236 118.94 -55.85 -32.49
CA ALA DA 236 119.43 -55.76 -31.12
C ALA DA 236 118.70 -54.70 -30.29
N TYR DA 237 117.56 -54.21 -30.77
CA TYR DA 237 116.83 -53.16 -30.07
C TYR DA 237 115.37 -53.18 -30.52
N VAL DA 238 114.55 -52.43 -29.79
CA VAL DA 238 113.14 -52.24 -30.12
C VAL DA 238 112.82 -50.76 -30.00
N PRO DA 239 112.53 -50.06 -31.10
CA PRO DA 239 112.32 -48.61 -31.03
C PRO DA 239 110.95 -48.27 -30.45
N ILE DA 240 110.95 -47.45 -29.41
CA ILE DA 240 109.73 -47.02 -28.74
C ILE DA 240 109.38 -45.63 -29.26
N THR DA 241 108.17 -45.49 -29.79
CA THR DA 241 107.74 -44.25 -30.44
C THR DA 241 106.72 -43.54 -29.56
N VAL DA 242 106.99 -42.28 -29.24
CA VAL DA 242 106.16 -41.49 -28.34
C VAL DA 242 105.51 -40.36 -29.13
N THR DA 243 104.21 -40.19 -28.96
CA THR DA 243 103.42 -39.21 -29.71
C THR DA 243 102.47 -38.52 -28.75
N ILE DA 244 102.52 -37.19 -28.73
CA ILE DA 244 101.76 -36.38 -27.78
C ILE DA 244 100.86 -35.44 -28.56
N ALA DA 245 99.57 -35.41 -28.21
CA ALA DA 245 98.62 -34.49 -28.81
C ALA DA 245 98.06 -33.57 -27.74
N PRO DA 246 98.49 -32.30 -27.68
CA PRO DA 246 97.98 -31.38 -26.66
C PRO DA 246 96.52 -31.02 -26.89
N MET DA 247 95.62 -31.54 -26.07
CA MET DA 247 94.20 -31.33 -26.27
C MET DA 247 93.68 -30.24 -25.34
N TYR DA 248 92.73 -29.46 -25.84
CA TYR DA 248 92.03 -28.43 -25.06
C TYR DA 248 93.03 -27.45 -24.43
N ALA DA 249 94.04 -27.08 -25.21
CA ALA DA 249 95.03 -26.12 -24.76
C ALA DA 249 94.40 -24.74 -24.77
N GLU DA 250 94.45 -24.04 -23.66
CA GLU DA 250 93.99 -22.66 -23.61
C GLU DA 250 94.96 -21.84 -22.78
N TYR DA 251 95.01 -20.55 -23.10
CA TYR DA 251 96.07 -19.65 -22.68
C TYR DA 251 95.43 -18.41 -22.09
N ASN DA 252 96.23 -17.43 -21.70
CA ASN DA 252 95.65 -16.19 -21.21
C ASN DA 252 95.31 -15.28 -22.39
N GLY DA 253 94.65 -14.17 -22.09
CA GLY DA 253 94.29 -13.20 -23.12
C GLY DA 253 95.36 -12.13 -23.26
N LEU DA 254 95.57 -11.71 -24.50
CA LEU DA 254 96.55 -10.67 -24.79
C LEU DA 254 95.90 -9.34 -25.16
N ARG DA 255 94.63 -9.36 -25.50
CA ARG DA 255 93.87 -8.18 -25.88
C ARG DA 255 93.41 -7.41 -24.64
N LEU DA 256 93.05 -6.15 -24.85
CA LEU DA 256 92.45 -5.37 -23.79
C LEU DA 256 90.99 -5.76 -23.61
N ALA DA 257 90.39 -5.27 -22.53
CA ALA DA 257 88.98 -5.52 -22.27
C ALA DA 257 88.18 -4.23 -22.36
N GLY EA 1 72.48 -16.54 36.21
CA GLY EA 1 71.93 -17.09 34.98
C GLY EA 1 71.63 -18.57 35.04
N VAL EA 2 72.11 -19.31 34.04
CA VAL EA 2 71.86 -20.75 33.95
C VAL EA 2 72.76 -21.48 34.92
N PRO EA 3 72.22 -22.24 35.87
CA PRO EA 3 73.08 -22.99 36.79
C PRO EA 3 73.75 -24.17 36.10
N VAL EA 4 75.05 -24.09 35.89
CA VAL EA 4 75.82 -25.16 35.28
C VAL EA 4 76.75 -25.73 36.34
N LEU EA 5 77.21 -26.95 36.11
CA LEU EA 5 78.23 -27.55 36.96
C LEU EA 5 79.20 -28.34 36.10
N ASN EA 6 80.50 -28.08 36.30
CA ASN EA 6 81.53 -28.71 35.50
C ASN EA 6 81.72 -30.16 35.92
N THR EA 7 81.68 -31.05 34.94
CA THR EA 7 81.89 -32.47 35.14
C THR EA 7 83.38 -32.76 35.24
N PRO EA 8 83.76 -33.96 35.67
CA PRO EA 8 85.15 -34.39 35.46
C PRO EA 8 85.46 -34.44 33.98
N GLY EA 9 86.61 -33.91 33.61
CA GLY EA 9 86.96 -33.74 32.22
C GLY EA 9 86.84 -32.33 31.69
N SER EA 10 86.55 -31.36 32.55
CA SER EA 10 86.53 -29.96 32.15
C SER EA 10 87.94 -29.39 32.24
N ASN EA 11 88.23 -28.43 31.36
CA ASN EA 11 89.52 -27.75 31.33
C ASN EA 11 90.68 -28.72 31.12
N GLN EA 12 90.42 -29.83 30.43
CA GLN EA 12 91.47 -30.75 30.04
C GLN EA 12 91.66 -30.66 28.54
N PHE EA 13 92.74 -31.27 28.06
CA PHE EA 13 93.03 -31.32 26.64
C PHE EA 13 93.17 -32.78 26.23
N LEU EA 14 92.05 -33.37 25.83
CA LEU EA 14 92.08 -34.67 25.17
C LEU EA 14 92.56 -34.49 23.74
N THR EA 15 93.57 -35.27 23.35
CA THR EA 15 94.19 -35.08 22.04
C THR EA 15 93.21 -35.39 20.92
N SER EA 16 92.39 -36.44 21.10
CA SER EA 16 91.41 -36.85 20.10
C SER EA 16 90.02 -36.36 20.51
N ASP EA 17 89.75 -35.09 20.19
CA ASP EA 17 88.42 -34.53 20.36
C ASP EA 17 88.01 -33.82 19.07
N ASP EA 18 86.72 -33.51 18.97
CA ASP EA 18 86.14 -32.93 17.76
C ASP EA 18 85.30 -31.71 18.12
N TYR EA 19 85.90 -30.80 18.89
CA TYR EA 19 85.20 -29.61 19.35
C TYR EA 19 85.32 -28.48 18.33
N GLN EA 20 84.44 -27.49 18.48
CA GLN EA 20 84.41 -26.35 17.58
C GLN EA 20 85.53 -25.40 17.93
N SER EA 21 86.59 -25.39 17.12
CA SER EA 21 87.72 -24.52 17.38
C SER EA 21 87.36 -23.08 17.02
N PRO EA 22 87.64 -22.11 17.89
CA PRO EA 22 87.36 -20.70 17.54
C PRO EA 22 88.31 -20.24 16.44
N SER EA 23 87.74 -19.80 15.33
CA SER EA 23 88.54 -19.48 14.15
C SER EA 23 89.29 -18.17 14.36
N ALA EA 24 90.57 -18.17 14.01
CA ALA EA 24 91.42 -17.00 14.23
C ALA EA 24 91.16 -15.93 13.19
N MET EA 25 90.73 -16.29 12.00
CA MET EA 25 90.51 -15.34 10.91
C MET EA 25 89.06 -15.45 10.48
N PRO EA 26 88.13 -14.79 11.19
CA PRO EA 26 86.70 -14.98 10.91
C PRO EA 26 86.26 -14.19 9.69
N GLN EA 27 86.83 -13.00 9.52
CA GLN EA 27 86.51 -12.17 8.35
C GLN EA 27 86.97 -12.87 7.08
N PHE EA 28 88.09 -13.59 7.16
CA PHE EA 28 88.72 -14.20 6.01
C PHE EA 28 87.80 -15.21 5.34
N ASP EA 29 87.60 -15.06 4.03
CA ASP EA 29 86.83 -16.00 3.22
C ASP EA 29 87.79 -16.77 2.31
N GLU EA 30 87.80 -18.09 2.47
CA GLU EA 30 88.76 -18.97 1.81
C GLU EA 30 88.46 -19.12 0.32
N THR EA 31 89.48 -19.58 -0.41
CA THR EA 31 89.43 -19.69 -1.86
C THR EA 31 88.37 -20.71 -2.29
N PRO EA 32 87.59 -20.42 -3.33
CA PRO EA 32 86.59 -21.39 -3.79
C PRO EA 32 87.23 -22.67 -4.31
N GLU EA 33 86.55 -23.79 -4.07
CA GLU EA 33 87.06 -25.11 -4.41
C GLU EA 33 86.79 -25.39 -5.88
N MET EA 34 87.84 -25.48 -6.68
CA MET EA 34 87.67 -25.95 -8.05
C MET EA 34 87.68 -27.48 -8.06
N HIS EA 35 87.25 -28.03 -9.20
CA HIS EA 35 87.29 -29.48 -9.38
C HIS EA 35 88.69 -29.90 -9.84
N ILE EA 36 89.38 -30.66 -9.00
CA ILE EA 36 90.69 -31.21 -9.34
C ILE EA 36 90.51 -32.71 -9.61
N PRO EA 37 91.06 -33.23 -10.70
CA PRO EA 37 90.82 -34.64 -11.05
C PRO EA 37 91.49 -35.59 -10.06
N GLY EA 38 90.81 -36.70 -9.78
CA GLY EA 38 91.41 -37.76 -9.01
C GLY EA 38 91.30 -37.58 -7.51
N GLU EA 39 90.07 -37.45 -7.01
CA GLU EA 39 89.88 -37.27 -5.58
C GLU EA 39 89.88 -38.62 -4.87
N VAL EA 40 90.52 -38.66 -3.70
CA VAL EA 40 90.48 -39.81 -2.83
C VAL EA 40 89.51 -39.51 -1.70
N ARG EA 41 88.56 -40.41 -1.48
CA ARG EA 41 87.57 -40.25 -0.43
C ARG EA 41 87.65 -41.38 0.59
N ASN EA 42 88.60 -42.31 0.42
CA ASN EA 42 88.75 -43.48 1.26
C ASN EA 42 90.10 -44.10 0.96
N LEU EA 43 90.82 -44.50 2.01
CA LEU EA 43 92.16 -45.04 1.82
C LEU EA 43 92.14 -46.36 1.05
N MET EA 44 91.13 -47.20 1.30
CA MET EA 44 91.05 -48.49 0.63
C MET EA 44 90.83 -48.37 -0.88
N GLU EA 45 90.76 -47.16 -1.42
CA GLU EA 45 90.83 -46.98 -2.87
C GLU EA 45 92.27 -47.05 -3.37
N ILE EA 46 93.25 -46.95 -2.49
CA ILE EA 46 94.64 -47.15 -2.86
C ILE EA 46 95.01 -48.63 -2.85
N ALA EA 47 94.44 -49.39 -1.91
CA ALA EA 47 94.72 -50.81 -1.80
C ALA EA 47 94.15 -51.60 -2.97
N GLU EA 48 93.11 -51.09 -3.63
CA GLU EA 48 92.48 -51.78 -4.74
C GLU EA 48 93.24 -51.63 -6.06
N VAL EA 49 94.35 -50.88 -6.07
CA VAL EA 49 95.16 -50.70 -7.27
C VAL EA 49 96.22 -51.79 -7.31
N ASP EA 50 96.30 -52.49 -8.44
CA ASP EA 50 97.34 -53.48 -8.64
C ASP EA 50 98.71 -52.81 -8.64
N SER EA 51 99.72 -53.55 -8.15
CA SER EA 51 101.08 -53.06 -8.17
C SER EA 51 102.01 -54.27 -8.12
N VAL EA 52 103.21 -54.10 -8.68
CA VAL EA 52 104.10 -55.23 -8.92
C VAL EA 52 104.71 -55.66 -7.60
N VAL EA 53 104.77 -56.97 -7.40
CA VAL EA 53 105.17 -57.58 -6.13
C VAL EA 53 106.56 -58.15 -6.30
N PRO EA 54 107.54 -57.71 -5.49
CA PRO EA 54 108.92 -58.24 -5.60
C PRO EA 54 109.06 -59.65 -5.03
N VAL EA 55 108.73 -60.64 -5.87
CA VAL EA 55 108.80 -62.03 -5.42
C VAL EA 55 110.25 -62.49 -5.37
N ASN EA 56 111.08 -62.07 -6.32
CA ASN EA 56 112.48 -62.48 -6.40
C ASN EA 56 113.36 -61.52 -5.59
N ASN EA 57 113.02 -61.35 -4.32
CA ASN EA 57 113.76 -60.45 -3.44
C ASN EA 57 114.87 -61.18 -2.68
N VAL EA 58 115.72 -61.91 -3.41
CA VAL EA 58 116.81 -62.63 -2.80
C VAL EA 58 117.93 -61.65 -2.42
N THR EA 59 118.96 -62.15 -1.73
CA THR EA 59 119.86 -61.32 -0.95
C THR EA 59 120.60 -60.26 -1.77
N GLY EA 60 120.72 -60.44 -3.08
CA GLY EA 60 121.50 -59.50 -3.87
C GLY EA 60 120.74 -58.82 -4.98
N LYS EA 61 119.42 -58.98 -4.99
CA LYS EA 61 118.59 -58.55 -6.12
C LYS EA 61 117.43 -57.68 -5.65
N THR EA 62 117.64 -56.89 -4.59
CA THR EA 62 116.59 -56.04 -4.05
C THR EA 62 116.79 -54.56 -4.32
N LYS EA 63 117.99 -54.12 -4.67
CA LYS EA 63 118.21 -52.74 -5.06
C LYS EA 63 118.17 -52.53 -6.57
N SER EA 64 117.91 -53.58 -7.34
CA SER EA 64 117.69 -53.51 -8.77
C SER EA 64 116.24 -53.89 -9.06
N MET EA 65 115.87 -53.84 -10.34
CA MET EA 65 114.56 -54.28 -10.77
C MET EA 65 114.51 -55.76 -11.13
N ASP EA 66 115.50 -56.52 -10.68
CA ASP EA 66 115.42 -57.98 -10.74
C ASP EA 66 114.63 -58.56 -9.59
N ALA EA 67 114.19 -57.72 -8.65
CA ALA EA 67 113.33 -58.19 -7.56
C ALA EA 67 111.95 -58.55 -8.06
N TYR EA 68 111.47 -57.86 -9.10
CA TYR EA 68 110.11 -58.04 -9.58
C TYR EA 68 109.97 -59.17 -10.59
N GLN EA 69 111.07 -59.74 -11.04
CA GLN EA 69 111.07 -60.68 -12.17
C GLN EA 69 111.24 -62.09 -11.65
N ILE EA 70 110.27 -62.96 -11.95
CA ILE EA 70 110.33 -64.37 -11.57
C ILE EA 70 110.92 -65.13 -12.75
N PRO EA 71 112.12 -65.68 -12.64
CA PRO EA 71 112.74 -66.35 -13.79
C PRO EA 71 112.08 -67.68 -14.07
N VAL EA 72 111.70 -67.89 -15.33
CA VAL EA 72 111.06 -69.12 -15.78
C VAL EA 72 111.84 -69.63 -16.99
N GLY EA 73 112.42 -70.81 -16.86
CA GLY EA 73 113.25 -71.38 -17.92
C GLY EA 73 114.71 -71.01 -17.79
N ASP EA 78 115.07 -78.05 -13.91
CA ASP EA 78 114.68 -78.75 -12.69
C ASP EA 78 113.20 -78.59 -12.40
N LYS EA 79 112.44 -79.68 -12.50
CA LYS EA 79 111.02 -79.67 -12.26
C LYS EA 79 110.65 -80.19 -10.87
N THR EA 80 111.64 -80.43 -10.02
CA THR EA 80 111.40 -81.02 -8.70
C THR EA 80 111.22 -79.97 -7.60
N LYS EA 81 111.71 -78.76 -7.79
CA LYS EA 81 111.53 -77.70 -6.81
C LYS EA 81 110.70 -76.57 -7.41
N PRO EA 82 109.87 -75.92 -6.61
CA PRO EA 82 108.93 -74.94 -7.16
C PRO EA 82 109.65 -73.70 -7.68
N ILE EA 83 108.94 -72.95 -8.52
CA ILE EA 83 109.51 -71.73 -9.11
C ILE EA 83 109.64 -70.66 -8.03
N PHE EA 84 108.54 -70.37 -7.34
CA PHE EA 84 108.55 -69.42 -6.24
C PHE EA 84 107.53 -69.86 -5.20
N SER EA 85 107.60 -69.23 -4.03
CA SER EA 85 106.75 -69.56 -2.90
C SER EA 85 106.86 -68.46 -1.86
N PHE EA 86 105.73 -68.00 -1.31
CA PHE EA 86 105.79 -66.96 -0.29
C PHE EA 86 104.54 -67.01 0.58
N GLN EA 87 104.71 -66.53 1.82
CA GLN EA 87 103.59 -66.35 2.72
C GLN EA 87 102.54 -65.43 2.10
N MET EA 88 101.27 -65.74 2.35
CA MET EA 88 100.17 -64.93 1.85
C MET EA 88 99.60 -64.10 2.99
N ASP EA 89 100.35 -63.06 3.36
CA ASP EA 89 99.86 -62.06 4.32
C ASP EA 89 100.57 -60.74 4.10
N PRO EA 90 99.84 -59.66 3.79
CA PRO EA 90 100.50 -58.39 3.44
C PRO EA 90 101.23 -57.74 4.59
N GLY EA 91 101.04 -58.19 5.82
CA GLY EA 91 101.84 -57.75 6.95
C GLY EA 91 102.82 -58.82 7.35
N TYR EA 92 103.99 -58.40 7.82
CA TYR EA 92 105.03 -59.30 8.33
C TYR EA 92 105.45 -60.34 7.29
N SER EA 93 105.44 -59.96 6.02
CA SER EA 93 105.92 -60.81 4.94
C SER EA 93 106.78 -59.98 4.00
N SER EA 94 108.01 -60.44 3.75
CA SER EA 94 108.96 -59.63 3.00
C SER EA 94 108.49 -59.36 1.58
N VAL EA 95 107.66 -60.24 1.02
CA VAL EA 95 107.26 -60.10 -0.37
C VAL EA 95 106.12 -59.10 -0.51
N LEU EA 96 105.16 -59.11 0.42
CA LEU EA 96 103.92 -58.34 0.28
C LEU EA 96 103.80 -57.19 1.28
N LYS EA 97 104.91 -56.77 1.90
CA LYS EA 97 104.84 -55.73 2.92
C LYS EA 97 105.05 -54.33 2.38
N ARG EA 98 105.66 -54.19 1.21
CA ARG EA 98 105.89 -52.87 0.63
C ARG EA 98 105.05 -52.65 -0.63
N THR EA 99 104.08 -53.52 -0.86
CA THR EA 99 103.06 -53.32 -1.89
C THR EA 99 102.12 -52.20 -1.48
N LEU EA 100 101.44 -51.60 -2.46
CA LEU EA 100 100.37 -50.65 -2.13
C LEU EA 100 99.33 -51.29 -1.22
N LEU EA 101 99.01 -52.56 -1.47
CA LEU EA 101 98.18 -53.30 -0.52
C LEU EA 101 98.86 -53.41 0.83
N GLY EA 102 100.09 -53.92 0.85
CA GLY EA 102 100.75 -54.19 2.10
C GLY EA 102 101.25 -52.97 2.84
N GLU EA 103 101.23 -51.80 2.22
CA GLU EA 103 101.70 -50.58 2.86
C GLU EA 103 100.58 -49.75 3.44
N MET EA 104 99.38 -49.85 2.89
CA MET EA 104 98.25 -49.17 3.50
C MET EA 104 97.62 -50.01 4.60
N LEU EA 105 98.09 -51.25 4.76
CA LEU EA 105 97.69 -52.15 5.83
C LEU EA 105 98.62 -52.12 7.04
N ASN EA 106 99.80 -51.50 6.92
CA ASN EA 106 100.66 -51.33 8.08
C ASN EA 106 100.33 -50.09 8.89
N TYR EA 107 99.43 -49.24 8.40
CA TYR EA 107 98.86 -48.17 9.19
C TYR EA 107 97.77 -48.64 10.14
N TYR EA 108 97.47 -49.93 10.14
CA TYR EA 108 96.34 -50.44 10.92
C TYR EA 108 96.71 -51.73 11.60
N ALA EA 109 96.06 -51.99 12.74
CA ALA EA 109 96.30 -53.19 13.53
C ALA EA 109 95.32 -54.30 13.21
N HIS EA 110 94.04 -53.98 13.04
CA HIS EA 110 93.02 -54.97 12.72
C HIS EA 110 92.61 -54.78 11.26
N TRP EA 111 92.88 -55.78 10.44
CA TRP EA 111 92.40 -55.76 9.06
C TRP EA 111 92.05 -57.17 8.64
N SER EA 112 91.06 -57.27 7.76
CA SER EA 112 90.55 -58.57 7.32
C SER EA 112 89.89 -58.42 5.96
N GLY EA 113 90.18 -59.33 5.05
CA GLY EA 113 89.62 -59.29 3.72
C GLY EA 113 90.29 -60.30 2.84
N SER EA 114 90.06 -60.15 1.54
CA SER EA 114 90.66 -61.01 0.54
C SER EA 114 91.62 -60.21 -0.33
N VAL EA 115 92.42 -60.94 -1.10
CA VAL EA 115 93.49 -60.38 -1.90
C VAL EA 115 93.62 -61.17 -3.19
N LYS EA 116 93.63 -60.46 -4.31
CA LYS EA 116 93.72 -61.07 -5.63
C LYS EA 116 95.12 -60.92 -6.18
N LEU EA 117 95.58 -61.92 -6.91
CA LEU EA 117 96.93 -61.94 -7.47
C LEU EA 117 96.84 -62.18 -8.96
N THR EA 118 97.56 -61.36 -9.73
CA THR EA 118 97.62 -61.48 -11.18
C THR EA 118 99.03 -61.86 -11.58
N PHE EA 119 99.17 -62.91 -12.38
CA PHE EA 119 100.47 -63.39 -12.85
C PHE EA 119 100.56 -63.08 -14.35
N LEU EA 120 101.27 -62.00 -14.66
CA LEU EA 120 101.49 -61.59 -16.05
C LEU EA 120 102.74 -62.27 -16.58
N PHE EA 121 102.58 -63.14 -17.57
CA PHE EA 121 103.71 -63.82 -18.20
C PHE EA 121 104.33 -62.88 -19.23
N CYS EA 122 105.55 -62.43 -18.96
CA CYS EA 122 106.25 -61.48 -19.82
C CYS EA 122 107.28 -62.16 -20.71
N GLY EA 123 106.94 -63.32 -21.27
CA GLY EA 123 107.80 -64.01 -22.20
C GLY EA 123 107.43 -63.68 -23.64
N SER EA 124 107.91 -64.54 -24.55
CA SER EA 124 107.69 -64.30 -25.96
C SER EA 124 106.24 -64.62 -26.33
N ALA EA 125 105.85 -64.21 -27.53
CA ALA EA 125 104.53 -64.57 -28.05
C ALA EA 125 104.52 -65.95 -28.67
N MET EA 126 105.66 -66.64 -28.70
CA MET EA 126 105.78 -67.98 -29.24
C MET EA 126 106.09 -69.02 -28.17
N ALA EA 127 106.48 -68.61 -26.97
CA ALA EA 127 106.80 -69.56 -25.91
C ALA EA 127 105.51 -70.13 -25.34
N THR EA 128 105.53 -71.44 -25.09
CA THR EA 128 104.33 -72.15 -24.66
C THR EA 128 104.69 -73.17 -23.60
N GLY EA 129 103.96 -73.14 -22.49
CA GLY EA 129 104.18 -74.10 -21.42
C GLY EA 129 103.03 -74.04 -20.44
N LYS EA 130 103.14 -74.83 -19.39
CA LYS EA 130 102.14 -74.86 -18.33
C LYS EA 130 102.80 -74.66 -16.97
N LEU EA 131 102.12 -73.89 -16.13
CA LEU EA 131 102.52 -73.65 -14.75
C LEU EA 131 101.35 -73.99 -13.85
N LEU EA 132 101.65 -74.58 -12.69
CA LEU EA 132 100.64 -75.05 -11.77
C LEU EA 132 100.74 -74.22 -10.49
N ILE EA 133 99.75 -73.37 -10.25
CA ILE EA 133 99.76 -72.41 -9.15
C ILE EA 133 98.90 -72.99 -8.04
N SER EA 134 99.55 -73.44 -6.97
CA SER EA 134 98.86 -74.10 -5.87
C SER EA 134 98.68 -73.14 -4.70
N TYR EA 135 97.60 -73.33 -3.96
CA TYR EA 135 97.28 -72.51 -2.81
C TYR EA 135 97.13 -73.39 -1.58
N SER EA 136 97.87 -73.07 -0.52
CA SER EA 136 97.62 -73.86 0.67
C SER EA 136 96.78 -73.07 1.67
N PRO EA 137 95.84 -73.72 2.33
CA PRO EA 137 95.06 -73.06 3.38
C PRO EA 137 95.94 -72.63 4.52
N PRO EA 138 95.49 -71.70 5.37
CA PRO EA 138 96.41 -71.11 6.37
C PRO EA 138 96.93 -72.10 7.40
N GLY EA 139 96.26 -73.23 7.60
CA GLY EA 139 96.74 -74.21 8.55
C GLY EA 139 97.61 -75.29 7.93
N ALA EA 140 97.44 -75.51 6.63
CA ALA EA 140 98.06 -76.64 5.98
C ALA EA 140 99.56 -76.40 5.77
N SER EA 141 100.27 -77.49 5.50
CA SER EA 141 101.69 -77.44 5.20
C SER EA 141 101.88 -77.29 3.69
N VAL EA 142 103.06 -76.80 3.32
CA VAL EA 142 103.36 -76.54 1.91
C VAL EA 142 103.49 -77.87 1.17
N PRO EA 143 103.16 -77.92 -0.12
CA PRO EA 143 103.42 -79.13 -0.89
C PRO EA 143 104.92 -79.27 -1.16
N THR EA 144 105.46 -80.44 -0.89
CA THR EA 144 106.87 -80.71 -1.15
C THR EA 144 107.14 -81.18 -2.56
N SER EA 145 106.11 -81.63 -3.27
CA SER EA 145 106.23 -82.15 -4.63
C SER EA 145 105.14 -81.53 -5.49
N ARG EA 146 105.24 -81.77 -6.80
CA ARG EA 146 104.24 -81.23 -7.70
C ARG EA 146 102.94 -82.01 -7.61
N LYS EA 147 103.02 -83.32 -7.40
CA LYS EA 147 101.80 -84.13 -7.27
C LYS EA 147 101.01 -83.74 -6.04
N ASP EA 148 101.69 -83.53 -4.92
CA ASP EA 148 101.01 -83.13 -3.69
C ASP EA 148 100.41 -81.74 -3.79
N ALA EA 149 100.97 -80.88 -4.65
CA ALA EA 149 100.33 -79.61 -4.95
C ALA EA 149 99.14 -79.77 -5.88
N MET EA 150 99.16 -80.79 -6.74
CA MET EA 150 98.04 -81.02 -7.65
C MET EA 150 96.83 -81.56 -6.90
N LEU EA 151 97.04 -82.29 -5.81
CA LEU EA 151 95.94 -82.88 -5.05
C LEU EA 151 95.22 -81.86 -4.18
N GLY EA 152 95.82 -80.69 -3.96
CA GLY EA 152 95.16 -79.62 -3.23
C GLY EA 152 94.44 -78.67 -4.16
N THR EA 153 94.48 -77.38 -3.84
CA THR EA 153 93.89 -76.35 -4.70
C THR EA 153 94.96 -75.86 -5.67
N HIS EA 154 94.62 -75.78 -6.95
CA HIS EA 154 95.57 -75.36 -7.96
C HIS EA 154 94.81 -74.85 -9.18
N ILE EA 155 95.57 -74.25 -10.10
CA ILE EA 155 95.05 -73.84 -11.40
C ILE EA 155 96.16 -74.07 -12.42
N VAL EA 156 95.97 -75.05 -13.32
CA VAL EA 156 96.96 -75.35 -14.34
C VAL EA 156 96.87 -74.25 -15.40
N TRP EA 157 97.76 -73.28 -15.32
CA TRP EA 157 97.68 -72.05 -16.10
C TRP EA 157 98.47 -72.23 -17.40
N ASP EA 158 97.73 -72.47 -18.50
CA ASP EA 158 98.34 -72.59 -19.81
C ASP EA 158 98.81 -71.23 -20.30
N ILE EA 159 100.11 -71.11 -20.52
CA ILE EA 159 100.70 -69.84 -20.92
C ILE EA 159 100.41 -69.52 -22.38
N GLY EA 160 100.39 -70.54 -23.24
CA GLY EA 160 100.21 -70.32 -24.67
C GLY EA 160 98.84 -69.81 -25.05
N LEU EA 161 97.84 -70.04 -24.21
CA LEU EA 161 96.48 -69.57 -24.47
C LEU EA 161 96.25 -68.19 -23.86
N GLN EA 162 96.31 -68.10 -22.53
CA GLN EA 162 96.19 -66.84 -21.82
C GLN EA 162 97.53 -66.52 -21.16
N SER EA 163 97.81 -65.21 -21.04
CA SER EA 163 99.07 -64.73 -20.50
C SER EA 163 98.90 -64.03 -19.16
N SER EA 164 97.74 -64.17 -18.51
CA SER EA 164 97.48 -63.49 -17.25
C SER EA 164 96.42 -64.27 -16.49
N CYS EA 165 96.81 -64.89 -15.38
CA CYS EA 165 95.91 -65.70 -14.57
C CYS EA 165 95.69 -65.00 -13.23
N VAL EA 166 94.42 -64.87 -12.84
CA VAL EA 166 94.03 -64.09 -11.68
C VAL EA 166 93.50 -65.02 -10.60
N LEU EA 167 93.98 -64.82 -9.38
CA LEU EA 167 93.51 -65.55 -8.21
C LEU EA 167 92.66 -64.62 -7.35
N CYS EA 168 92.15 -65.16 -6.24
CA CYS EA 168 91.50 -64.35 -5.22
C CYS EA 168 91.60 -65.15 -3.92
N VAL EA 169 92.55 -64.78 -3.07
CA VAL EA 169 92.88 -65.56 -1.88
C VAL EA 169 92.06 -65.03 -0.71
N PRO EA 170 91.19 -65.84 -0.12
CA PRO EA 170 90.40 -65.37 1.03
C PRO EA 170 91.06 -65.66 2.37
N TRP EA 171 90.38 -65.32 3.45
CA TRP EA 171 90.84 -65.60 4.81
C TRP EA 171 92.21 -64.97 5.08
N ILE EA 172 92.30 -63.67 4.82
CA ILE EA 172 93.55 -62.93 5.00
C ILE EA 172 93.29 -61.85 6.04
N SER EA 173 93.83 -62.04 7.24
CA SER EA 173 93.57 -61.14 8.35
C SER EA 173 94.64 -61.32 9.41
N GLN EA 174 94.88 -60.25 10.17
CA GLN EA 174 95.63 -60.33 11.41
C GLN EA 174 95.01 -59.37 12.42
N SER EA 175 95.45 -59.49 13.67
CA SER EA 175 94.88 -58.71 14.75
C SER EA 175 95.84 -58.62 15.94
N SER EA 187 101.28 -67.74 10.39
CA SER EA 187 100.53 -68.93 10.01
C SER EA 187 99.48 -68.59 8.97
N ALA EA 188 99.90 -68.31 7.75
CA ALA EA 188 99.00 -67.92 6.68
C ALA EA 188 99.18 -68.87 5.49
N GLY EA 189 98.55 -68.51 4.37
CA GLY EA 189 98.53 -69.35 3.19
C GLY EA 189 99.86 -69.35 2.46
N TYR EA 190 99.83 -69.99 1.29
CA TYR EA 190 101.01 -70.11 0.43
C TYR EA 190 100.57 -70.08 -1.03
N ILE EA 191 101.32 -69.35 -1.84
CA ILE EA 191 101.13 -69.34 -3.28
C ILE EA 191 102.42 -69.86 -3.88
N THR EA 192 102.49 -71.18 -4.06
CA THR EA 192 103.62 -71.80 -4.76
C THR EA 192 103.29 -71.93 -6.24
N CYS EA 193 104.33 -72.19 -7.03
CA CYS EA 193 104.13 -72.34 -8.47
C CYS EA 193 105.11 -73.38 -8.98
N TRP EA 194 104.63 -74.21 -9.90
CA TRP EA 194 105.32 -75.43 -10.28
C TRP EA 194 105.42 -75.54 -11.79
N TYR EA 195 106.45 -76.24 -12.25
CA TYR EA 195 106.56 -76.59 -13.67
C TYR EA 195 105.66 -77.78 -13.92
N GLN EA 196 104.48 -77.54 -14.49
CA GLN EA 196 103.72 -78.63 -15.07
C GLN EA 196 104.43 -79.16 -16.31
N THR EA 197 104.72 -78.26 -17.26
CA THR EA 197 105.54 -78.55 -18.42
C THR EA 197 106.63 -77.49 -18.51
N ASN EA 198 107.68 -77.82 -19.25
CA ASN EA 198 108.70 -76.82 -19.53
C ASN EA 198 108.20 -75.81 -20.56
N ILE EA 199 108.97 -74.75 -20.76
CA ILE EA 199 108.62 -73.72 -21.72
C ILE EA 199 109.07 -74.18 -23.10
N VAL EA 200 108.11 -74.44 -23.97
CA VAL EA 200 108.40 -74.91 -25.32
C VAL EA 200 108.52 -73.70 -26.23
N VAL EA 201 109.60 -73.65 -27.00
CA VAL EA 201 109.97 -72.42 -27.70
C VAL EA 201 110.51 -72.77 -29.09
N PRO EA 202 110.14 -72.02 -30.12
CA PRO EA 202 110.67 -72.26 -31.46
C PRO EA 202 112.13 -71.85 -31.55
N PRO EA 203 112.82 -72.14 -32.65
CA PRO EA 203 114.25 -71.82 -32.73
C PRO EA 203 114.57 -70.33 -32.68
N GLY EA 204 113.63 -69.45 -33.02
CA GLY EA 204 113.91 -68.03 -33.04
C GLY EA 204 113.76 -67.32 -31.72
N ALA EA 205 112.81 -67.75 -30.90
CA ALA EA 205 112.51 -67.03 -29.68
C ALA EA 205 113.46 -67.44 -28.55
N PRO EA 206 113.69 -66.54 -27.59
CA PRO EA 206 114.59 -66.88 -26.47
C PRO EA 206 113.97 -67.91 -25.54
N THR EA 207 114.84 -68.55 -24.76
CA THR EA 207 114.46 -69.70 -23.94
C THR EA 207 114.00 -69.32 -22.54
N SER EA 208 114.57 -68.27 -21.97
CA SER EA 208 114.30 -67.89 -20.58
C SER EA 208 113.36 -66.69 -20.56
N CYS EA 209 112.29 -66.80 -19.77
CA CYS EA 209 111.24 -65.80 -19.71
C CYS EA 209 111.07 -65.32 -18.27
N ASP EA 210 110.20 -64.33 -18.09
CA ASP EA 210 109.91 -63.77 -16.78
C ASP EA 210 108.41 -63.75 -16.55
N VAL EA 211 108.03 -63.77 -15.27
CA VAL EA 211 106.64 -63.70 -14.85
C VAL EA 211 106.53 -62.59 -13.79
N LEU EA 212 105.74 -61.56 -14.07
CA LEU EA 212 105.46 -60.54 -13.09
C LEU EA 212 104.23 -60.92 -12.27
N CYS EA 213 104.19 -60.41 -11.04
CA CYS EA 213 103.07 -60.65 -10.15
C CYS EA 213 102.46 -59.33 -9.72
N PHE EA 214 101.21 -59.39 -9.27
CA PHE EA 214 100.47 -58.21 -8.85
C PHE EA 214 99.64 -58.57 -7.62
N ALA EA 215 99.19 -57.55 -6.90
CA ALA EA 215 98.39 -57.78 -5.71
C ALA EA 215 97.54 -56.56 -5.41
N SER EA 216 96.28 -56.79 -5.03
CA SER EA 216 95.38 -55.74 -4.59
C SER EA 216 94.31 -56.37 -3.70
N ALA EA 217 93.29 -55.59 -3.37
CA ALA EA 217 92.14 -56.10 -2.64
C ALA EA 217 91.12 -56.66 -3.63
N CYS EA 218 90.61 -57.85 -3.35
CA CYS EA 218 89.88 -58.61 -4.36
C CYS EA 218 88.51 -58.00 -4.62
N ASN EA 219 87.65 -57.96 -3.60
CA ASN EA 219 86.33 -57.36 -3.72
C ASN EA 219 86.18 -56.15 -2.80
N ASP EA 220 86.39 -56.33 -1.49
CA ASP EA 220 86.27 -55.27 -0.51
C ASP EA 220 87.10 -55.67 0.69
N PHE EA 221 87.64 -54.68 1.38
CA PHE EA 221 88.64 -54.94 2.41
C PHE EA 221 88.23 -54.22 3.68
N SER EA 222 88.37 -54.90 4.82
CA SER EA 222 87.97 -54.39 6.11
C SER EA 222 89.19 -54.13 6.96
N VAL EA 223 89.18 -53.00 7.67
CA VAL EA 223 90.36 -52.52 8.36
C VAL EA 223 89.93 -51.55 9.46
N ARG EA 224 90.46 -51.72 10.68
CA ARG EA 224 89.86 -51.07 11.85
C ARG EA 224 90.79 -50.09 12.57
N LEU EA 225 91.90 -50.54 13.14
CA LEU EA 225 92.54 -49.81 14.23
C LEU EA 225 93.82 -49.14 13.74
N LEU EA 226 93.77 -47.80 13.63
CA LEU EA 226 94.90 -47.05 13.08
C LEU EA 226 96.06 -47.03 14.08
N ARG EA 227 97.28 -47.11 13.55
CA ARG EA 227 98.50 -47.03 14.35
C ARG EA 227 99.58 -46.33 13.54
N ASP EA 228 100.74 -46.16 14.15
CA ASP EA 228 101.90 -45.62 13.45
C ASP EA 228 102.63 -46.73 12.70
N THR EA 229 103.17 -46.39 11.53
CA THR EA 229 103.84 -47.38 10.71
C THR EA 229 105.20 -47.75 11.30
N PRO EA 230 105.64 -49.00 11.11
CA PRO EA 230 106.95 -49.41 11.67
C PRO EA 230 108.13 -48.96 10.82
N PHE EA 231 107.93 -48.74 9.52
CA PHE EA 231 109.05 -48.49 8.61
C PHE EA 231 109.81 -47.22 8.97
N MET EA 232 109.09 -46.11 9.14
CA MET EA 232 109.75 -44.86 9.50
C MET EA 232 110.40 -44.99 10.87
N ALA EA 233 111.56 -44.36 11.02
CA ALA EA 233 112.32 -44.42 12.27
C ALA EA 233 112.30 -43.09 12.99
N GLN FA 43 -81.22 7.11 89.36
CA GLN FA 43 -80.69 6.56 88.12
C GLN FA 43 -81.67 5.57 87.49
N THR FA 44 -81.44 5.25 86.21
CA THR FA 44 -82.29 4.33 85.49
C THR FA 44 -81.43 3.39 84.66
N ARG FA 45 -81.97 2.21 84.38
CA ARG FA 45 -81.24 1.19 83.62
C ARG FA 45 -81.32 1.53 82.14
N HIS FA 46 -80.19 1.93 81.57
CA HIS FA 46 -80.13 2.32 80.16
C HIS FA 46 -79.51 1.21 79.33
N VAL FA 47 -79.64 1.34 78.01
CA VAL FA 47 -79.00 0.40 77.09
C VAL FA 47 -77.53 0.79 76.99
N VAL FA 48 -76.69 0.11 77.78
CA VAL FA 48 -75.27 0.38 77.80
C VAL FA 48 -74.68 -0.47 76.67
N ASN FA 49 -74.73 0.07 75.46
CA ASN FA 49 -74.34 -0.66 74.25
C ASN FA 49 -72.98 -0.16 73.79
N PHE FA 50 -71.97 -1.01 73.96
CA PHE FA 50 -70.63 -0.81 73.42
C PHE FA 50 -69.87 -2.10 73.69
N HIS FA 51 -68.70 -2.23 73.05
CA HIS FA 51 -67.90 -3.44 73.17
C HIS FA 51 -66.43 -3.01 73.30
N SER FA 52 -65.93 -3.00 74.52
CA SER FA 52 -64.57 -2.52 74.77
C SER FA 52 -64.02 -3.17 76.04
N ARG FA 53 -62.75 -3.58 75.97
CA ARG FA 53 -62.02 -4.04 77.15
C ARG FA 53 -60.63 -3.43 77.18
N SER FA 54 -60.47 -2.23 76.63
CA SER FA 54 -59.18 -1.56 76.68
C SER FA 54 -58.92 -0.98 78.07
N GLU FA 55 -59.97 -0.71 78.84
CA GLU FA 55 -59.83 -0.19 80.19
C GLU FA 55 -59.64 -1.31 81.20
N SER FA 56 -59.70 -2.56 80.77
CA SER FA 56 -59.56 -3.69 81.67
C SER FA 56 -58.20 -4.36 81.54
N THR FA 57 -57.32 -3.84 80.69
CA THR FA 57 -55.99 -4.39 80.62
C THR FA 57 -55.21 -4.02 81.88
N ILE FA 58 -54.06 -4.67 82.06
CA ILE FA 58 -53.31 -4.51 83.31
C ILE FA 58 -52.70 -3.12 83.40
N GLU FA 59 -52.19 -2.60 82.28
CA GLU FA 59 -51.57 -1.29 82.30
C GLU FA 59 -52.59 -0.17 82.48
N ASN FA 60 -53.83 -0.40 82.07
CA ASN FA 60 -54.90 0.57 82.25
C ASN FA 60 -55.65 0.36 83.55
N PHE FA 61 -55.24 -0.62 84.35
CA PHE FA 61 -55.84 -0.92 85.65
C PHE FA 61 -54.93 -0.57 86.82
N MET FA 62 -53.64 -0.85 86.69
CA MET FA 62 -52.65 -0.58 87.72
C MET FA 62 -51.93 0.75 87.52
N GLY FA 63 -51.66 1.12 86.28
CA GLY FA 63 -50.89 2.32 86.00
C GLY FA 63 -51.67 3.59 86.23
N ARG FA 64 -51.96 3.89 87.50
CA ARG FA 64 -52.63 5.13 87.88
C ARG FA 64 -51.95 5.72 89.10
N ALA FA 65 -51.67 7.02 89.02
CA ALA FA 65 -50.92 7.69 90.07
C ALA FA 65 -51.80 7.91 91.29
N ALA FA 66 -51.30 7.52 92.46
CA ALA FA 66 -52.03 7.65 93.71
C ALA FA 66 -51.07 8.15 94.77
N CYS FA 67 -51.57 9.01 95.66
CA CYS FA 67 -50.73 9.58 96.71
C CYS FA 67 -50.53 8.54 97.79
N VAL FA 68 -49.26 8.25 98.08
CA VAL FA 68 -48.91 7.14 98.97
C VAL FA 68 -48.10 7.58 100.18
N PHE FA 69 -47.71 8.85 100.30
CA PHE FA 69 -46.85 9.24 101.41
C PHE FA 69 -46.96 10.76 101.63
N MET FA 70 -47.65 11.15 102.70
CA MET FA 70 -47.58 12.49 103.25
C MET FA 70 -46.62 12.51 104.43
N ASP FA 71 -45.79 13.54 104.50
CA ASP FA 71 -44.90 13.68 105.64
C ASP FA 71 -44.47 15.13 105.78
N GLN FA 72 -44.18 15.51 107.03
CA GLN FA 72 -43.68 16.83 107.37
C GLN FA 72 -42.17 16.75 107.61
N TYR FA 73 -41.47 17.85 107.32
CA TYR FA 73 -40.06 17.94 107.70
C TYR FA 73 -39.68 19.41 107.77
N LYS FA 74 -39.03 19.77 108.89
CA LYS FA 74 -38.72 21.16 109.21
C LYS FA 74 -37.50 21.62 108.42
N ILE FA 75 -36.93 22.77 108.80
CA ILE FA 75 -35.73 23.27 108.13
C ILE FA 75 -34.63 23.58 109.13
N ASN FA 76 -35.01 23.98 110.36
CA ASN FA 76 -34.02 24.45 111.32
C ASN FA 76 -34.37 23.97 112.73
N GLY FA 77 -33.41 24.14 113.62
CA GLY FA 77 -33.53 23.66 114.98
C GLY FA 77 -33.19 22.18 115.11
N GLU FA 78 -32.84 21.79 116.33
CA GLU FA 78 -32.61 20.39 116.70
C GLU FA 78 -31.66 19.71 115.71
N GLU FA 79 -30.39 20.11 115.80
CA GLU FA 79 -29.40 19.70 114.81
C GLU FA 79 -29.29 18.19 114.71
N THR FA 80 -29.51 17.48 115.81
CA THR FA 80 -29.61 16.02 115.82
C THR FA 80 -31.07 15.64 116.07
N SER FA 81 -31.87 15.62 114.99
CA SER FA 81 -33.27 15.24 115.08
C SER FA 81 -33.66 14.43 113.86
N THR FA 82 -34.73 13.66 114.01
CA THR FA 82 -35.30 12.84 112.95
C THR FA 82 -36.50 13.49 112.29
N ASP FA 83 -36.83 14.73 112.66
CA ASP FA 83 -37.98 15.44 112.10
C ASP FA 83 -37.58 16.50 111.08
N ARG FA 84 -36.38 16.38 110.52
CA ARG FA 84 -35.93 17.30 109.47
C ARG FA 84 -35.78 16.61 108.12
N PHE FA 85 -36.23 15.37 107.99
CA PHE FA 85 -36.20 14.66 106.72
C PHE FA 85 -37.27 13.57 106.73
N ALA FA 86 -37.54 13.03 105.55
CA ALA FA 86 -38.55 12.00 105.35
C ALA FA 86 -37.88 10.71 104.91
N VAL FA 87 -38.61 9.60 105.01
CA VAL FA 87 -38.03 8.29 104.78
C VAL FA 87 -38.78 7.50 103.71
N TRP FA 88 -39.97 6.99 104.04
CA TRP FA 88 -40.81 6.18 103.17
C TRP FA 88 -40.06 5.09 102.41
N THR FA 89 -39.77 3.98 103.08
CA THR FA 89 -39.33 2.77 102.39
C THR FA 89 -40.37 2.36 101.35
N ILE FA 90 -39.95 2.30 100.08
CA ILE FA 90 -40.90 2.13 98.98
C ILE FA 90 -41.43 0.70 98.98
N ASN FA 91 -42.75 0.56 99.15
CA ASN FA 91 -43.41 -0.73 99.01
C ASN FA 91 -44.83 -0.52 98.52
N ILE FA 92 -45.39 -1.57 97.94
CA ILE FA 92 -46.77 -1.51 97.44
C ILE FA 92 -47.79 -1.59 98.57
N ARG FA 93 -47.38 -2.01 99.77
CA ARG FA 93 -48.32 -2.19 100.88
C ARG FA 93 -48.45 -0.91 101.70
N GLU FA 94 -48.69 0.20 101.00
CA GLU FA 94 -48.75 1.52 101.64
C GLU FA 94 -50.18 1.84 102.10
N MET FA 95 -51.10 1.99 101.15
CA MET FA 95 -52.51 2.21 101.48
C MET FA 95 -53.33 1.07 100.89
N ALA FA 96 -54.44 0.76 101.57
CA ALA FA 96 -55.19 -0.47 101.29
C ALA FA 96 -55.88 -0.43 99.93
N GLN FA 97 -56.15 0.77 99.39
CA GLN FA 97 -56.82 0.83 98.10
C GLN FA 97 -55.91 0.35 96.98
N LEU FA 98 -54.65 0.82 96.96
CA LEU FA 98 -53.71 0.31 95.99
C LEU FA 98 -53.24 -1.10 96.34
N ARG FA 99 -52.99 -1.36 97.63
CA ARG FA 99 -52.54 -2.69 98.05
C ARG FA 99 -53.49 -3.77 97.57
N ARG FA 100 -54.79 -3.47 97.56
CA ARG FA 100 -55.77 -4.47 97.13
C ARG FA 100 -55.59 -4.81 95.65
N LYS FA 101 -55.24 -3.83 94.82
CA LYS FA 101 -55.08 -4.09 93.39
C LYS FA 101 -53.83 -4.90 93.10
N CYS FA 102 -52.74 -4.68 93.85
CA CYS FA 102 -51.52 -5.45 93.64
C CYS FA 102 -51.68 -6.90 94.10
N GLU FA 103 -52.68 -7.18 94.93
CA GLU FA 103 -52.92 -8.54 95.39
C GLU FA 103 -53.92 -9.28 94.53
N MET FA 104 -54.34 -8.70 93.40
CA MET FA 104 -55.03 -9.49 92.38
C MET FA 104 -54.09 -10.49 91.74
N PHE FA 105 -52.79 -10.23 91.78
CA PHE FA 105 -51.80 -10.97 91.02
C PHE FA 105 -50.67 -11.37 91.95
N THR FA 106 -50.14 -12.58 91.77
CA THR FA 106 -49.05 -13.04 92.61
C THR FA 106 -47.74 -12.37 92.24
N TYR FA 107 -47.38 -12.40 90.97
CA TYR FA 107 -46.12 -11.84 90.48
C TYR FA 107 -46.39 -10.70 89.51
N MET FA 108 -45.60 -9.65 89.62
CA MET FA 108 -45.71 -8.52 88.71
C MET FA 108 -44.38 -7.79 88.67
N ARG FA 109 -44.06 -7.23 87.51
CA ARG FA 109 -42.87 -6.41 87.34
C ARG FA 109 -43.24 -5.14 86.60
N PHE FA 110 -42.61 -4.03 86.99
CA PHE FA 110 -43.05 -2.72 86.54
C PHE FA 110 -42.01 -1.68 86.91
N ASP FA 111 -41.82 -0.71 86.03
CA ASP FA 111 -41.10 0.50 86.39
C ASP FA 111 -42.00 1.42 87.20
N ILE FA 112 -41.40 2.16 88.12
CA ILE FA 112 -42.14 3.13 88.93
C ILE FA 112 -41.68 4.52 88.54
N GLU FA 113 -42.62 5.47 88.50
CA GLU FA 113 -42.34 6.84 88.08
C GLU FA 113 -43.12 7.75 89.02
N MET FA 114 -42.47 8.16 90.11
CA MET FA 114 -43.12 8.96 91.13
C MET FA 114 -42.83 10.43 90.92
N THR FA 115 -43.82 11.27 91.20
CA THR FA 115 -43.69 12.71 91.10
C THR FA 115 -44.12 13.31 92.43
N MET FA 116 -43.19 13.98 93.10
CA MET FA 116 -43.48 14.58 94.39
C MET FA 116 -44.19 15.92 94.22
N VAL FA 117 -44.99 16.28 95.21
CA VAL FA 117 -45.69 17.56 95.25
C VAL FA 117 -45.38 18.16 96.61
N ILE FA 118 -44.50 19.16 96.61
CA ILE FA 118 -43.89 19.68 97.84
C ILE FA 118 -44.46 21.08 98.09
N THR FA 119 -44.93 21.30 99.30
CA THR FA 119 -45.45 22.59 99.74
C THR FA 119 -44.57 23.15 100.84
N SER FA 120 -44.99 24.28 101.39
CA SER FA 120 -44.26 24.89 102.50
C SER FA 120 -45.19 25.82 103.26
N CYS FA 121 -44.84 26.07 104.51
CA CYS FA 121 -45.61 26.94 105.39
C CYS FA 121 -44.59 27.78 106.17
N GLN FA 122 -45.03 28.42 107.25
CA GLN FA 122 -44.12 29.18 108.09
C GLN FA 122 -44.77 29.50 109.44
N MET FA 132 -38.44 35.33 103.71
CA MET FA 132 -37.71 34.09 103.48
C MET FA 132 -37.08 34.09 102.09
N PRO FA 133 -36.16 33.14 101.82
CA PRO FA 133 -35.61 33.04 100.47
C PRO FA 133 -36.44 32.12 99.60
N VAL FA 134 -35.95 31.81 98.40
CA VAL FA 134 -36.55 30.76 97.58
C VAL FA 134 -35.94 29.42 97.99
N LEU FA 135 -36.79 28.44 98.24
CA LEU FA 135 -36.37 27.17 98.83
C LEU FA 135 -36.02 26.15 97.76
N THR FA 136 -35.01 25.34 98.05
CA THR FA 136 -34.58 24.26 97.19
C THR FA 136 -34.59 22.97 98.00
N HIS FA 137 -35.15 21.91 97.43
CA HIS FA 137 -35.32 20.65 98.12
C HIS FA 137 -34.38 19.60 97.53
N GLN FA 138 -34.35 18.42 98.15
CA GLN FA 138 -33.57 17.29 97.66
C GLN FA 138 -34.32 16.01 97.95
N ILE FA 139 -34.62 15.24 96.91
CA ILE FA 139 -35.32 13.97 97.04
C ILE FA 139 -34.34 12.88 96.64
N MET FA 140 -33.71 12.25 97.62
CA MET FA 140 -32.66 11.27 97.38
C MET FA 140 -33.26 9.87 97.42
N TYR FA 141 -33.24 9.18 96.29
CA TYR FA 141 -33.61 7.77 96.22
C TYR FA 141 -32.36 6.92 96.44
N VAL FA 142 -32.37 6.12 97.50
CA VAL FA 142 -31.29 5.16 97.71
C VAL FA 142 -31.77 3.81 97.18
N PRO FA 143 -30.90 3.06 96.49
CA PRO FA 143 -31.27 1.74 96.01
C PRO FA 143 -31.41 0.76 97.16
N PRO FA 144 -31.80 -0.50 96.90
CA PRO FA 144 -31.84 -1.48 97.99
C PRO FA 144 -30.49 -1.68 98.66
N GLY FA 145 -29.41 -1.72 97.88
CA GLY FA 145 -28.08 -1.66 98.46
C GLY FA 145 -27.57 -0.24 98.48
N GLY FA 146 -27.80 0.46 99.58
CA GLY FA 146 -27.44 1.85 99.69
C GLY FA 146 -27.41 2.34 101.12
N PRO FA 147 -26.46 3.23 101.42
CA PRO FA 147 -26.38 3.80 102.76
C PRO FA 147 -27.47 4.82 103.00
N ILE FA 148 -27.94 4.87 104.24
CA ILE FA 148 -29.03 5.77 104.60
C ILE FA 148 -28.48 6.86 105.51
N PRO FA 149 -29.03 8.07 105.48
CA PRO FA 149 -28.63 9.09 106.44
C PRO FA 149 -29.25 8.80 107.81
N ALA FA 150 -28.52 9.22 108.85
CA ALA FA 150 -29.05 9.20 110.20
C ALA FA 150 -29.50 10.59 110.66
N LYS FA 151 -28.95 11.64 110.06
CA LYS FA 151 -29.28 13.02 110.40
C LYS FA 151 -29.39 13.81 109.10
N VAL FA 152 -29.94 15.02 109.21
CA VAL FA 152 -30.10 15.88 108.03
C VAL FA 152 -28.74 16.29 107.47
N ASP FA 153 -27.69 16.22 108.27
CA ASP FA 153 -26.35 16.63 107.86
C ASP FA 153 -25.38 15.45 107.79
N GLY FA 154 -25.88 14.25 107.48
CA GLY FA 154 -25.02 13.10 107.32
C GLY FA 154 -24.25 13.17 106.01
N TYR FA 155 -23.23 12.32 105.92
CA TYR FA 155 -22.43 12.28 104.71
C TYR FA 155 -23.06 11.43 103.61
N GLU FA 156 -24.08 10.63 103.95
CA GLU FA 156 -24.73 9.78 102.95
C GLU FA 156 -25.38 10.62 101.86
N TRP FA 157 -25.86 11.82 102.23
CA TRP FA 157 -26.53 12.69 101.26
C TRP FA 157 -25.63 13.03 100.07
N GLN FA 158 -24.31 12.92 100.24
CA GLN FA 158 -23.37 13.25 99.19
C GLN FA 158 -22.89 12.02 98.42
N THR FA 159 -23.59 10.89 98.55
CA THR FA 159 -23.16 9.66 97.88
C THR FA 159 -23.48 9.74 96.40
N SER FA 160 -22.49 9.46 95.56
CA SER FA 160 -22.66 9.58 94.11
C SER FA 160 -23.53 8.48 93.53
N THR FA 161 -23.68 7.36 94.23
CA THR FA 161 -24.50 6.25 93.74
C THR FA 161 -25.96 6.37 94.16
N ASN FA 162 -26.30 7.35 94.99
CA ASN FA 162 -27.69 7.63 95.33
C ASN FA 162 -28.19 8.79 94.47
N PRO FA 163 -28.99 8.52 93.44
CA PRO FA 163 -29.49 9.63 92.59
C PRO FA 163 -30.49 10.47 93.35
N SER FA 164 -30.40 11.79 93.16
CA SER FA 164 -31.25 12.72 93.87
C SER FA 164 -31.56 13.91 92.97
N VAL FA 165 -32.78 14.43 93.09
CA VAL FA 165 -33.22 15.61 92.34
C VAL FA 165 -33.19 16.80 93.27
N PHE FA 166 -32.77 17.94 92.74
CA PHE FA 166 -32.71 19.20 93.49
C PHE FA 166 -33.75 20.13 92.88
N TRP FA 167 -34.95 20.08 93.44
CA TRP FA 167 -36.06 20.87 92.97
C TRP FA 167 -36.16 22.15 93.80
N THR FA 168 -36.13 23.29 93.13
CA THR FA 168 -36.34 24.58 93.77
C THR FA 168 -37.80 24.98 93.63
N GLU FA 169 -38.29 25.75 94.59
CA GLU FA 169 -39.72 25.99 94.69
C GLU FA 169 -40.20 26.89 93.56
N GLY FA 170 -41.43 26.65 93.11
CA GLY FA 170 -42.06 27.45 92.08
C GLY FA 170 -42.15 26.78 90.72
N ASN FA 171 -41.31 25.78 90.45
CA ASN FA 171 -41.29 25.15 89.14
C ASN FA 171 -42.32 24.02 89.08
N ALA FA 172 -42.27 23.24 88.00
CA ALA FA 172 -43.07 22.03 87.90
C ALA FA 172 -42.59 21.01 88.92
N PRO FA 173 -43.46 20.08 89.32
CA PRO FA 173 -43.08 19.13 90.36
C PRO FA 173 -41.94 18.23 89.89
N PRO FA 174 -41.08 17.78 90.80
CA PRO FA 174 -39.97 16.92 90.40
C PRO FA 174 -40.44 15.50 90.11
N ARG FA 175 -39.93 14.94 89.01
CA ARG FA 175 -40.27 13.58 88.62
C ARG FA 175 -39.01 12.75 88.52
N ILE FA 176 -38.99 11.62 89.22
CA ILE FA 176 -37.86 10.69 89.25
C ILE FA 176 -38.41 9.31 88.93
N SER FA 177 -37.76 8.62 88.00
CA SER FA 177 -38.24 7.32 87.54
C SER FA 177 -37.23 6.24 87.90
N ILE FA 178 -37.73 5.10 88.35
CA ILE FA 178 -36.90 4.02 88.87
C ILE FA 178 -37.22 2.75 88.10
N PRO FA 179 -36.24 2.07 87.53
CA PRO FA 179 -36.53 0.87 86.75
C PRO FA 179 -36.85 -0.33 87.61
N PHE FA 180 -36.97 -1.51 86.99
CA PHE FA 180 -37.21 -2.75 87.71
C PHE FA 180 -35.92 -3.15 88.44
N ILE FA 181 -35.89 -2.89 89.75
CA ILE FA 181 -34.66 -3.08 90.51
C ILE FA 181 -34.44 -4.54 90.90
N SER FA 182 -35.52 -5.31 91.11
CA SER FA 182 -35.45 -6.52 91.91
C SER FA 182 -34.45 -7.54 91.35
N VAL FA 183 -33.95 -8.39 92.25
CA VAL FA 183 -32.94 -9.38 91.88
C VAL FA 183 -33.57 -10.49 91.05
N GLY FA 184 -34.78 -10.90 91.42
CA GLY FA 184 -35.49 -11.93 90.72
C GLY FA 184 -36.03 -11.41 89.40
N ASN FA 185 -37.01 -12.13 88.87
CA ASN FA 185 -37.60 -11.78 87.60
C ASN FA 185 -38.94 -11.07 87.74
N ALA FA 186 -39.47 -10.96 88.96
CA ALA FA 186 -40.69 -10.21 89.20
C ALA FA 186 -40.76 -9.84 90.68
N TYR FA 187 -41.55 -8.80 90.98
CA TYR FA 187 -41.92 -8.52 92.35
C TYR FA 187 -43.00 -9.48 92.79
N SER FA 188 -42.85 -10.03 93.98
CA SER FA 188 -43.81 -10.97 94.53
C SER FA 188 -44.70 -10.24 95.53
N SER FA 189 -46.01 -10.26 95.25
CA SER FA 189 -46.96 -9.67 96.20
C SER FA 189 -47.06 -10.53 97.46
N PHE FA 190 -47.01 -11.84 97.30
CA PHE FA 190 -47.09 -12.79 98.39
C PHE FA 190 -45.87 -13.70 98.38
N TYR FA 191 -45.36 -14.04 99.56
CA TYR FA 191 -44.20 -14.91 99.68
C TYR FA 191 -44.46 -15.88 100.83
N ASP FA 192 -44.95 -17.08 100.49
CA ASP FA 192 -45.18 -18.13 101.48
C ASP FA 192 -43.84 -18.80 101.78
N GLY FA 193 -43.06 -18.15 102.63
CA GLY FA 193 -41.73 -18.62 102.92
C GLY FA 193 -41.09 -17.81 104.02
N TRP FA 194 -39.89 -18.24 104.42
CA TRP FA 194 -39.18 -17.67 105.54
C TRP FA 194 -37.88 -17.04 105.05
N SER FA 195 -37.59 -15.84 105.54
CA SER FA 195 -36.37 -15.14 105.13
C SER FA 195 -35.13 -15.90 105.56
N HIS FA 196 -35.10 -16.39 106.80
CA HIS FA 196 -33.94 -17.09 107.35
C HIS FA 196 -34.18 -18.59 107.26
N PHE FA 197 -33.20 -19.31 106.72
CA PHE FA 197 -33.33 -20.74 106.48
C PHE FA 197 -33.55 -21.49 107.79
N THR FA 198 -34.26 -22.63 107.68
CA THR FA 198 -34.61 -23.52 108.79
C THR FA 198 -35.74 -22.93 109.62
N GLN FA 199 -36.70 -22.27 108.96
CA GLN FA 199 -37.95 -21.83 109.58
C GLN FA 199 -37.69 -20.95 110.80
N ASP FA 200 -36.94 -19.88 110.58
CA ASP FA 200 -36.64 -18.92 111.63
C ASP FA 200 -37.75 -17.87 111.67
N GLY FA 201 -37.45 -16.68 112.19
CA GLY FA 201 -38.42 -15.61 112.25
C GLY FA 201 -38.66 -14.96 110.89
N THR FA 202 -39.48 -13.91 110.93
CA THR FA 202 -39.80 -13.09 109.76
C THR FA 202 -40.42 -13.92 108.63
N TYR FA 203 -41.66 -14.33 108.90
CA TYR FA 203 -42.45 -15.00 107.87
C TYR FA 203 -42.89 -14.01 106.80
N GLY FA 204 -42.93 -14.49 105.55
CA GLY FA 204 -43.62 -13.76 104.51
C GLY FA 204 -42.85 -12.61 103.89
N TYR FA 205 -41.65 -12.31 104.37
CA TYR FA 205 -40.87 -11.18 103.86
C TYR FA 205 -39.68 -11.71 103.09
N THR FA 206 -39.74 -11.59 101.76
CA THR FA 206 -38.61 -11.86 100.91
C THR FA 206 -37.86 -10.56 100.63
N THR FA 207 -36.58 -10.70 100.30
CA THR FA 207 -35.76 -9.53 99.96
C THR FA 207 -35.74 -9.26 98.47
N LEU FA 208 -36.44 -10.06 97.66
CA LEU FA 208 -36.50 -9.80 96.22
C LEU FA 208 -37.38 -8.60 95.93
N ASN FA 209 -38.50 -8.45 96.63
CA ASN FA 209 -39.39 -7.32 96.42
C ASN FA 209 -39.01 -6.14 97.31
N ALA FA 210 -37.75 -5.77 97.26
CA ALA FA 210 -37.26 -4.54 97.89
C ALA FA 210 -37.03 -3.52 96.79
N MET FA 211 -37.56 -2.31 96.99
CA MET FA 211 -37.56 -1.31 95.94
C MET FA 211 -36.68 -0.11 96.23
N GLY FA 212 -36.29 0.10 97.48
CA GLY FA 212 -35.45 1.22 97.85
C GLY FA 212 -36.13 2.10 98.87
N LYS FA 213 -35.52 3.26 99.10
CA LYS FA 213 -36.05 4.26 100.02
C LYS FA 213 -35.95 5.63 99.37
N LEU FA 214 -36.53 6.63 100.03
CA LEU FA 214 -36.70 7.96 99.41
C LEU FA 214 -36.51 9.04 100.48
N TYR FA 215 -35.26 9.47 100.66
CA TYR FA 215 -34.91 10.46 101.68
C TYR FA 215 -35.03 11.86 101.10
N ILE FA 216 -35.77 12.72 101.81
CA ILE FA 216 -36.17 14.04 101.31
C ILE FA 216 -35.80 15.07 102.36
N ARG FA 217 -35.12 16.13 101.94
CA ARG FA 217 -34.75 17.19 102.87
C ARG FA 217 -34.72 18.52 102.15
N HIS FA 218 -34.65 19.59 102.95
CA HIS FA 218 -34.26 20.90 102.43
C HIS FA 218 -32.76 20.92 102.25
N VAL FA 219 -32.28 21.56 101.19
CA VAL FA 219 -30.84 21.79 101.04
C VAL FA 219 -30.41 23.09 101.69
N ASN FA 220 -31.36 23.95 102.04
CA ASN FA 220 -31.02 25.20 102.73
C ASN FA 220 -30.54 24.87 104.14
N ARG FA 221 -29.40 25.46 104.51
CA ARG FA 221 -28.77 25.08 105.78
C ARG FA 221 -29.57 25.58 106.98
N SER FA 222 -30.14 26.78 106.87
CA SER FA 222 -30.88 27.36 107.98
C SER FA 222 -31.91 28.34 107.43
N SER FA 223 -32.63 28.99 108.35
CA SER FA 223 -33.64 29.97 108.02
C SER FA 223 -33.84 30.86 109.22
N PRO FA 224 -34.27 32.12 109.03
CA PRO FA 224 -34.56 32.98 110.19
C PRO FA 224 -35.73 32.48 111.01
N HIS FA 225 -36.82 32.11 110.36
CA HIS FA 225 -37.98 31.55 111.04
C HIS FA 225 -38.14 30.06 110.67
N GLN FA 226 -39.21 29.46 111.18
CA GLN FA 226 -39.45 28.04 110.96
C GLN FA 226 -40.27 27.82 109.69
N ILE FA 227 -39.81 26.91 108.84
CA ILE FA 227 -40.51 26.54 107.62
C ILE FA 227 -40.79 25.04 107.69
N THR FA 228 -42.05 24.67 107.54
CA THR FA 228 -42.49 23.27 107.67
C THR FA 228 -43.03 22.82 106.32
N SER FA 229 -42.23 22.02 105.61
CA SER FA 229 -42.60 21.60 104.27
C SER FA 229 -43.36 20.27 104.32
N THR FA 230 -44.27 20.10 103.38
CA THR FA 230 -45.09 18.91 103.27
C THR FA 230 -44.89 18.31 101.89
N ILE FA 231 -44.65 17.01 101.83
CA ILE FA 231 -44.41 16.32 100.57
C ILE FA 231 -45.46 15.25 100.38
N ARG FA 232 -45.91 15.10 99.13
CA ARG FA 232 -46.90 14.11 98.74
C ARG FA 232 -46.33 13.32 97.57
N VAL FA 233 -45.95 12.08 97.82
CA VAL FA 233 -45.31 11.25 96.80
C VAL FA 233 -46.40 10.54 96.01
N TYR FA 234 -46.38 10.72 94.68
CA TYR FA 234 -47.36 10.13 93.78
C TYR FA 234 -46.74 8.93 93.07
N PHE FA 235 -47.03 7.74 93.59
CA PHE FA 235 -46.52 6.51 93.05
C PHE FA 235 -47.30 6.09 91.81
N LYS FA 236 -46.59 5.58 90.80
CA LYS FA 236 -47.27 5.10 89.61
C LYS FA 236 -46.53 3.92 88.99
N PRO FA 237 -47.16 2.76 88.90
CA PRO FA 237 -46.56 1.65 88.15
C PRO FA 237 -46.54 1.99 86.66
N LYS FA 238 -45.51 1.50 85.96
CA LYS FA 238 -45.36 1.77 84.55
C LYS FA 238 -44.78 0.56 83.85
N HIS FA 239 -45.23 0.34 82.61
CA HIS FA 239 -44.81 -0.81 81.80
C HIS FA 239 -44.98 -2.10 82.60
N ILE FA 240 -46.19 -2.29 83.11
CA ILE FA 240 -46.46 -3.30 84.12
C ILE FA 240 -46.91 -4.60 83.48
N LYS FA 241 -46.31 -5.70 83.90
CA LYS FA 241 -46.76 -7.04 83.56
C LYS FA 241 -47.15 -7.75 84.85
N ALA FA 242 -48.05 -8.73 84.75
CA ALA FA 242 -48.55 -9.39 85.93
C ALA FA 242 -48.85 -10.85 85.61
N TRP FA 243 -48.48 -11.73 86.53
CA TRP FA 243 -48.65 -13.17 86.37
C TRP FA 243 -49.47 -13.72 87.52
N VAL FA 244 -50.04 -14.90 87.29
CA VAL FA 244 -50.71 -15.71 88.31
C VAL FA 244 -51.82 -14.89 88.97
N PRO FA 245 -53.01 -14.84 88.41
CA PRO FA 245 -54.11 -14.12 89.06
C PRO FA 245 -54.47 -14.80 90.37
N ARG FA 246 -55.26 -14.08 91.17
CA ARG FA 246 -55.43 -14.42 92.58
C ARG FA 246 -56.77 -13.83 93.02
N PRO FA 247 -57.51 -14.49 93.90
CA PRO FA 247 -58.82 -13.98 94.26
C PRO FA 247 -58.69 -12.69 95.05
N PRO FA 248 -59.68 -11.82 95.00
CA PRO FA 248 -59.59 -10.55 95.70
C PRO FA 248 -59.63 -10.70 97.21
N ARG FA 249 -59.06 -9.70 97.88
CA ARG FA 249 -59.10 -9.63 99.34
C ARG FA 249 -60.54 -9.50 99.82
N LEU FA 250 -60.89 -10.27 100.84
CA LEU FA 250 -62.22 -10.20 101.45
C LEU FA 250 -62.20 -9.47 102.79
N CYS FA 251 -61.28 -9.83 103.67
CA CYS FA 251 -61.20 -9.26 105.00
C CYS FA 251 -60.47 -7.92 104.98
N PRO FA 252 -60.72 -7.07 105.98
CA PRO FA 252 -59.97 -5.81 106.08
C PRO FA 252 -58.52 -6.07 106.49
N TYR FA 253 -57.66 -5.10 106.15
CA TYR FA 253 -56.25 -5.20 106.46
C TYR FA 253 -55.97 -4.84 107.91
N ILE FA 254 -55.00 -5.53 108.51
CA ILE FA 254 -54.63 -5.30 109.90
C ILE FA 254 -53.35 -4.47 109.95
N ASN FA 255 -52.28 -5.02 109.39
CA ASN FA 255 -50.95 -4.41 109.46
C ASN FA 255 -50.31 -4.41 108.09
N LYS FA 256 -49.34 -3.50 107.91
CA LYS FA 256 -48.77 -3.18 106.60
C LYS FA 256 -47.60 -4.08 106.22
N ARG FA 257 -47.28 -5.09 107.04
CA ARG FA 257 -46.18 -5.99 106.73
C ARG FA 257 -46.59 -7.46 106.81
N ASP FA 258 -47.89 -7.74 106.94
CA ASP FA 258 -48.35 -9.12 107.10
C ASP FA 258 -49.71 -9.25 106.44
N VAL FA 259 -50.20 -10.49 106.40
CA VAL FA 259 -51.47 -10.84 105.77
C VAL FA 259 -52.51 -11.21 106.81
N ASN FA 260 -52.24 -10.90 108.09
CA ASN FA 260 -53.13 -11.29 109.18
C ASN FA 260 -54.48 -10.61 109.04
N PHE FA 261 -55.52 -11.29 109.50
CA PHE FA 261 -56.88 -10.82 109.26
C PHE FA 261 -57.81 -11.36 110.33
N VAL FA 262 -58.99 -10.75 110.39
CA VAL FA 262 -60.09 -11.23 111.23
C VAL FA 262 -61.08 -11.94 110.32
N VAL FA 263 -61.64 -13.05 110.79
CA VAL FA 263 -62.53 -13.85 109.96
C VAL FA 263 -63.79 -13.05 109.67
N THR FA 264 -64.00 -12.72 108.40
CA THR FA 264 -65.11 -11.89 107.96
C THR FA 264 -66.14 -12.76 107.26
N GLU FA 265 -67.38 -12.29 107.26
CA GLU FA 265 -68.44 -13.00 106.56
C GLU FA 265 -68.22 -12.92 105.06
N ILE FA 266 -68.76 -13.91 104.34
CA ILE FA 266 -68.55 -13.98 102.89
C ILE FA 266 -69.23 -12.81 102.20
N THR FA 267 -70.56 -12.73 102.31
CA THR FA 267 -71.33 -11.64 101.72
C THR FA 267 -72.23 -11.04 102.78
N ASP FA 268 -72.91 -9.96 102.42
CA ASP FA 268 -73.92 -9.40 103.29
C ASP FA 268 -75.10 -10.36 103.37
N SER FA 269 -75.68 -10.48 104.56
CA SER FA 269 -76.73 -11.46 104.74
C SER FA 269 -78.07 -10.89 104.29
N ARG FA 270 -78.96 -11.81 103.90
CA ARG FA 270 -80.36 -11.49 103.62
C ARG FA 270 -81.24 -12.34 104.52
N THR FA 271 -82.55 -12.12 104.41
CA THR FA 271 -83.48 -12.71 105.37
C THR FA 271 -83.66 -14.21 105.13
N SER FA 272 -84.09 -14.59 103.92
CA SER FA 272 -84.28 -15.97 103.57
C SER FA 272 -83.55 -16.27 102.26
N ILE FA 273 -83.59 -17.53 101.85
CA ILE FA 273 -82.96 -17.95 100.60
C ILE FA 273 -83.77 -17.54 99.38
N THR FA 274 -85.05 -17.21 99.56
CA THR FA 274 -85.96 -16.99 98.44
C THR FA 274 -86.39 -15.55 98.25
N ASP FA 275 -86.08 -14.66 99.19
CA ASP FA 275 -86.50 -13.26 99.06
C ASP FA 275 -85.57 -12.48 98.15
N VAL GA 13 -59.79 -47.42 82.62
CA VAL GA 13 -58.82 -47.79 83.64
C VAL GA 13 -57.43 -47.86 83.05
N ARG GA 14 -56.56 -46.94 83.47
CA ARG GA 14 -55.18 -46.88 83.01
C ARG GA 14 -54.25 -47.10 84.21
N SER GA 15 -53.32 -48.04 84.08
CA SER GA 15 -52.39 -48.38 85.15
C SER GA 15 -51.07 -47.69 84.85
N MET GA 16 -50.93 -46.45 85.33
CA MET GA 16 -49.70 -45.71 85.14
C MET GA 16 -48.59 -46.29 86.02
N THR GA 17 -47.36 -46.18 85.53
CA THR GA 17 -46.20 -46.61 86.30
C THR GA 17 -45.07 -45.60 86.10
N LEU GA 18 -44.31 -45.34 87.16
CA LEU GA 18 -43.15 -44.47 87.11
C LEU GA 18 -42.09 -45.06 88.03
N GLY GA 19 -41.00 -45.54 87.44
CA GLY GA 19 -39.94 -46.13 88.23
C GLY GA 19 -40.36 -47.45 88.83
N ASN GA 20 -40.46 -47.49 90.16
CA ASN GA 20 -40.93 -48.66 90.89
C ASN GA 20 -42.19 -48.32 91.69
N SER GA 21 -43.11 -47.58 91.08
CA SER GA 21 -44.35 -47.19 91.73
C SER GA 21 -45.45 -47.20 90.68
N THR GA 22 -46.43 -48.07 90.85
CA THR GA 22 -47.55 -48.20 89.93
C THR GA 22 -48.84 -47.88 90.69
N ILE GA 23 -49.65 -47.01 90.12
CA ILE GA 23 -50.98 -46.71 90.64
C ILE GA 23 -51.99 -47.09 89.56
N THR GA 24 -53.26 -47.15 89.97
CA THR GA 24 -54.35 -47.47 89.07
C THR GA 24 -55.28 -46.27 89.00
N THR GA 25 -55.43 -45.70 87.82
CA THR GA 25 -56.21 -44.50 87.61
C THR GA 25 -57.46 -44.81 86.79
N GLN GA 26 -58.37 -43.84 86.76
CA GLN GA 26 -59.62 -43.96 86.04
C GLN GA 26 -59.64 -43.04 84.82
N ASN GA 30 -59.75 -36.43 83.45
CA ASN GA 30 -58.98 -35.56 82.55
C ASN GA 30 -58.06 -34.61 83.33
N VAL GA 31 -56.85 -34.41 82.81
CA VAL GA 31 -55.81 -33.70 83.54
C VAL GA 31 -56.06 -32.21 83.44
N VAL GA 32 -55.96 -31.51 84.58
CA VAL GA 32 -56.01 -30.05 84.62
C VAL GA 32 -54.57 -29.57 84.66
N VAL GA 33 -54.03 -29.27 83.47
CA VAL GA 33 -52.68 -28.73 83.36
C VAL GA 33 -52.69 -27.30 83.87
N GLY GA 34 -51.92 -27.04 84.93
CA GLY GA 34 -51.98 -25.77 85.61
C GLY GA 34 -51.43 -24.66 84.74
N TYR GA 35 -52.24 -23.64 84.47
CA TYR GA 35 -51.86 -22.48 83.67
C TYR GA 35 -51.43 -22.87 82.26
N GLY GA 36 -52.02 -23.94 81.72
CA GLY GA 36 -51.80 -24.28 80.33
C GLY GA 36 -50.38 -24.65 79.96
N GLU GA 37 -49.51 -24.87 80.95
CA GLU GA 37 -48.12 -25.20 80.68
C GLU GA 37 -47.74 -26.49 81.37
N TRP GA 38 -46.94 -27.29 80.69
CA TRP GA 38 -46.38 -28.53 81.17
C TRP GA 38 -45.02 -28.22 81.78
N PRO GA 39 -44.66 -28.79 82.92
CA PRO GA 39 -43.37 -28.47 83.52
C PRO GA 39 -42.25 -28.83 82.54
N SER GA 40 -41.14 -28.12 82.66
CA SER GA 40 -40.02 -28.31 81.76
C SER GA 40 -38.73 -27.96 82.49
N TYR GA 41 -37.62 -28.34 81.88
CA TYR GA 41 -36.32 -27.97 82.43
C TYR GA 41 -36.04 -26.50 82.17
N LEU GA 42 -34.96 -26.02 82.78
CA LEU GA 42 -34.67 -24.59 82.76
C LEU GA 42 -34.15 -24.11 81.42
N SER GA 43 -33.55 -25.00 80.62
CA SER GA 43 -33.04 -24.61 79.31
C SER GA 43 -34.19 -24.41 78.33
N THR GA 48 -25.47 -22.39 80.98
CA THR GA 48 -24.44 -21.53 81.52
C THR GA 48 -23.40 -22.36 82.30
N ALA GA 49 -22.13 -22.02 82.13
CA ALA GA 49 -21.06 -22.69 82.88
C ALA GA 49 -20.77 -22.04 84.21
N GLU GA 50 -21.32 -20.84 84.47
CA GLU GA 50 -21.15 -20.22 85.78
C GLU GA 50 -22.03 -20.86 86.83
N ASP GA 51 -23.22 -21.31 86.43
CA ASP GA 51 -24.12 -22.09 87.28
C ASP GA 51 -24.70 -23.22 86.44
N GLN GA 52 -24.52 -24.46 86.88
CA GLN GA 52 -24.90 -25.62 86.09
C GLN GA 52 -25.88 -26.49 86.87
N PRO GA 53 -27.07 -26.76 86.35
CA PRO GA 53 -28.01 -27.63 87.06
C PRO GA 53 -27.71 -29.10 86.86
N THR GA 54 -28.15 -29.90 87.83
CA THR GA 54 -28.08 -31.35 87.79
C THR GA 54 -29.48 -31.90 87.67
N GLN GA 55 -29.72 -32.76 86.68
CA GLN GA 55 -31.04 -33.34 86.48
C GLN GA 55 -31.03 -34.76 87.01
N PRO GA 56 -31.72 -35.05 88.12
CA PRO GA 56 -31.70 -36.42 88.65
C PRO GA 56 -32.39 -37.44 87.76
N ASP GA 57 -33.60 -37.16 87.30
CA ASP GA 57 -34.36 -38.07 86.43
C ASP GA 57 -34.57 -39.41 87.12
N VAL GA 58 -33.47 -40.11 87.44
CA VAL GA 58 -33.55 -41.38 88.15
C VAL GA 58 -34.28 -41.17 89.47
N ALA GA 59 -35.19 -42.09 89.79
CA ALA GA 59 -36.06 -42.01 90.97
C ALA GA 59 -36.77 -40.65 90.92
N THR GA 60 -36.92 -39.94 92.03
CA THR GA 60 -37.55 -38.62 92.09
C THR GA 60 -38.91 -38.55 91.40
N CYS GA 61 -39.02 -39.12 90.19
CA CYS GA 61 -40.23 -39.06 89.38
C CYS GA 61 -41.28 -40.09 89.78
N ARG GA 62 -40.96 -41.00 90.69
CA ARG GA 62 -41.89 -42.05 91.05
C ARG GA 62 -43.04 -41.48 91.88
N PHE GA 63 -44.09 -42.28 92.05
CA PHE GA 63 -45.27 -41.82 92.77
C PHE GA 63 -45.07 -41.95 94.28
N TYR GA 64 -45.29 -40.84 94.99
CA TYR GA 64 -45.20 -40.78 96.44
C TYR GA 64 -46.62 -40.66 97.00
N THR GA 65 -47.20 -41.80 97.36
CA THR GA 65 -48.55 -41.81 97.92
C THR GA 65 -48.50 -41.41 99.38
N LEU GA 66 -49.20 -40.33 99.73
CA LEU GA 66 -49.26 -39.90 101.11
C LEU GA 66 -50.25 -40.77 101.88
N GLU GA 67 -50.35 -40.53 103.18
CA GLU GA 67 -51.29 -41.28 103.99
C GLU GA 67 -52.72 -40.90 103.63
N SER GA 68 -53.59 -41.90 103.57
CA SER GA 68 -54.98 -41.67 103.19
C SER GA 68 -55.69 -40.88 104.29
N VAL GA 69 -56.60 -40.01 103.87
CA VAL GA 69 -57.24 -39.06 104.77
C VAL GA 69 -58.72 -39.37 104.82
N GLN GA 70 -59.23 -39.62 106.03
CA GLN GA 70 -60.63 -39.98 106.20
C GLN GA 70 -61.50 -38.73 106.18
N TRP GA 71 -62.50 -38.71 105.31
CA TRP GA 71 -63.39 -37.58 105.14
C TRP GA 71 -64.75 -37.95 105.73
N GLU GA 72 -65.06 -37.37 106.88
CA GLU GA 72 -66.31 -37.59 107.58
C GLU GA 72 -67.32 -36.51 107.20
N LYS GA 73 -68.47 -36.51 107.87
CA LYS GA 73 -69.50 -35.49 107.62
C LYS GA 73 -69.08 -34.14 108.15
N THR GA 74 -68.19 -34.08 109.14
CA THR GA 74 -67.82 -32.85 109.81
C THR GA 74 -66.41 -32.38 109.47
N SER GA 75 -65.83 -32.92 108.42
CA SER GA 75 -64.48 -32.50 108.02
C SER GA 75 -64.54 -31.16 107.30
N PRO GA 76 -63.78 -30.16 107.73
CA PRO GA 76 -63.82 -28.85 107.06
C PRO GA 76 -62.83 -28.71 105.92
N GLY GA 77 -61.77 -29.49 105.90
CA GLY GA 77 -60.80 -29.41 104.83
C GLY GA 77 -59.41 -29.80 105.31
N TRP GA 78 -58.47 -29.71 104.37
CA TRP GA 78 -57.07 -30.04 104.62
C TRP GA 78 -56.19 -29.13 103.78
N TRP GA 79 -54.91 -29.05 104.16
CA TRP GA 79 -53.94 -28.47 103.25
C TRP GA 79 -52.58 -29.11 103.47
N TRP GA 80 -51.84 -29.24 102.37
CA TRP GA 80 -50.44 -29.65 102.37
C TRP GA 80 -49.63 -28.53 101.77
N LYS GA 81 -48.44 -28.29 102.30
CA LYS GA 81 -47.52 -27.31 101.73
C LYS GA 81 -46.31 -28.04 101.17
N PHE GA 82 -46.17 -27.99 99.88
CA PHE GA 82 -45.14 -28.46 98.97
C PHE GA 82 -44.19 -27.32 98.65
N PRO GA 83 -42.93 -27.60 98.25
CA PRO GA 83 -42.29 -28.87 97.97
C PRO GA 83 -41.92 -29.70 99.20
N GLU GA 84 -41.96 -29.08 100.38
CA GLU GA 84 -41.40 -29.71 101.56
C GLU GA 84 -42.37 -30.66 102.26
N ALA GA 85 -43.56 -30.87 101.69
CA ALA GA 85 -44.39 -31.96 102.17
C ALA GA 85 -43.76 -33.30 101.87
N LEU GA 86 -42.89 -33.35 100.85
CA LEU GA 86 -42.14 -34.54 100.47
C LEU GA 86 -40.74 -34.56 101.08
N LYS GA 87 -40.54 -33.90 102.22
CA LYS GA 87 -39.18 -33.75 102.75
C LYS GA 87 -38.66 -35.04 103.37
N ASN GA 88 -39.52 -36.01 103.64
CA ASN GA 88 -39.10 -37.31 104.15
C ASN GA 88 -39.46 -38.43 103.17
N MET GA 89 -39.72 -38.09 101.90
CA MET GA 89 -40.19 -39.06 100.91
C MET GA 89 -39.02 -39.45 100.00
N GLY GA 90 -38.21 -40.38 100.50
CA GLY GA 90 -37.29 -41.10 99.62
C GLY GA 90 -36.15 -40.22 99.13
N LEU GA 91 -35.79 -40.44 97.86
CA LEU GA 91 -34.67 -39.70 97.27
C LEU GA 91 -35.03 -38.24 97.03
N PHE GA 92 -36.29 -37.93 96.74
CA PHE GA 92 -36.68 -36.54 96.59
C PHE GA 92 -36.56 -35.80 97.91
N GLY GA 93 -36.92 -36.45 99.02
CA GLY GA 93 -36.74 -35.86 100.33
C GLY GA 93 -35.32 -35.89 100.83
N GLN GA 94 -34.44 -36.64 100.17
CA GLN GA 94 -33.03 -36.66 100.52
C GLN GA 94 -32.20 -35.71 99.66
N ASN GA 95 -32.57 -35.51 98.39
CA ASN GA 95 -31.91 -34.49 97.58
C ASN GA 95 -32.25 -33.07 98.04
N MET GA 96 -33.26 -32.91 98.89
CA MET GA 96 -33.52 -31.59 99.45
C MET GA 96 -32.45 -31.19 100.45
N HIS GA 97 -31.80 -32.16 101.10
CA HIS GA 97 -30.78 -31.88 102.09
C HIS GA 97 -29.38 -31.69 101.49
N TYR GA 98 -29.12 -32.22 100.29
CA TYR GA 98 -27.81 -32.10 99.69
C TYR GA 98 -27.69 -30.96 98.69
N HIS GA 99 -28.79 -30.58 98.04
CA HIS GA 99 -28.82 -29.43 97.15
C HIS GA 99 -29.70 -28.36 97.78
N TYR GA 100 -29.24 -27.10 97.73
CA TYR GA 100 -29.97 -26.00 98.33
C TYR GA 100 -30.77 -25.21 97.30
N LEU GA 101 -30.86 -25.71 96.08
CA LEU GA 101 -31.66 -25.09 95.02
C LEU GA 101 -32.33 -26.20 94.21
N GLY GA 102 -33.56 -25.95 93.79
CA GLY GA 102 -34.27 -26.96 93.01
C GLY GA 102 -35.61 -26.45 92.51
N ARG GA 103 -36.24 -27.30 91.71
CA ARG GA 103 -37.53 -27.01 91.08
C ARG GA 103 -38.12 -28.32 90.58
N ALA GA 104 -39.44 -28.40 90.50
CA ALA GA 104 -40.13 -29.61 90.09
C ALA GA 104 -41.54 -29.27 89.61
N GLY GA 105 -42.29 -30.31 89.23
CA GLY GA 105 -43.59 -30.13 88.59
C GLY GA 105 -44.81 -30.69 89.30
N TYR GA 106 -44.67 -31.82 90.00
CA TYR GA 106 -45.66 -32.32 90.96
C TYR GA 106 -47.01 -32.60 90.30
N THR GA 107 -47.07 -33.70 89.55
CA THR GA 107 -48.36 -34.27 89.16
C THR GA 107 -49.06 -34.83 90.39
N ILE GA 108 -50.26 -34.33 90.68
CA ILE GA 108 -50.96 -34.65 91.92
C ILE GA 108 -52.26 -35.38 91.58
N HIS GA 109 -52.31 -36.67 91.87
CA HIS GA 109 -53.54 -37.45 91.75
C HIS GA 109 -54.26 -37.44 93.09
N VAL GA 110 -55.58 -37.26 93.05
CA VAL GA 110 -56.42 -37.27 94.25
C VAL GA 110 -57.62 -38.17 93.95
N GLN GA 111 -57.56 -39.41 94.42
CA GLN GA 111 -58.70 -40.30 94.38
C GLN GA 111 -59.55 -40.13 95.64
N CYS GA 112 -60.75 -40.70 95.60
CA CYS GA 112 -61.66 -40.66 96.74
C CYS GA 112 -62.32 -42.00 97.04
N ASN GA 113 -62.35 -42.92 96.07
CA ASN GA 113 -62.89 -44.29 96.19
C ASN GA 113 -64.03 -44.41 97.20
N ALA GA 114 -65.02 -43.54 97.08
CA ALA GA 114 -66.25 -43.68 97.86
C ALA GA 114 -67.13 -44.73 97.20
N SER GA 115 -68.32 -44.93 97.77
CA SER GA 115 -69.25 -45.89 97.23
C SER GA 115 -70.18 -45.18 96.23
N LYS GA 116 -71.29 -45.84 95.90
CA LYS GA 116 -72.29 -45.28 95.00
C LYS GA 116 -73.41 -44.59 95.76
N PHE GA 117 -73.54 -44.85 97.06
CA PHE GA 117 -74.55 -44.23 97.89
C PHE GA 117 -74.02 -43.04 98.69
N HIS GA 118 -72.71 -42.82 98.69
CA HIS GA 118 -72.16 -41.62 99.30
C HIS GA 118 -72.35 -40.44 98.37
N GLN GA 119 -72.49 -39.25 98.95
CA GLN GA 119 -72.61 -38.02 98.18
C GLN GA 119 -71.70 -36.96 98.78
N GLY GA 120 -71.28 -36.03 97.94
CA GLY GA 120 -70.39 -34.97 98.38
C GLY GA 120 -69.68 -34.35 97.20
N CYS GA 121 -68.85 -33.36 97.52
CA CYS GA 121 -68.12 -32.63 96.50
C CYS GA 121 -66.88 -32.00 97.14
N LEU GA 122 -65.76 -32.05 96.42
CA LEU GA 122 -64.50 -31.51 96.87
C LEU GA 122 -63.97 -30.47 95.90
N LEU GA 123 -63.26 -29.49 96.44
CA LEU GA 123 -62.45 -28.57 95.65
C LEU GA 123 -60.99 -28.94 95.85
N VAL GA 124 -60.35 -29.42 94.80
CA VAL GA 124 -58.93 -29.77 94.82
C VAL GA 124 -58.19 -28.66 94.08
N VAL GA 125 -57.54 -27.78 94.83
CA VAL GA 125 -56.92 -26.58 94.30
C VAL GA 125 -55.52 -26.48 94.87
N CYS GA 126 -54.64 -25.79 94.14
CA CYS GA 126 -53.21 -25.83 94.41
C CYS GA 126 -52.64 -24.53 94.97
N VAL GA 127 -53.19 -23.38 94.60
CA VAL GA 127 -52.92 -22.10 95.27
C VAL GA 127 -51.43 -21.84 95.38
N PRO GA 128 -50.76 -21.39 94.32
CA PRO GA 128 -49.34 -21.00 94.47
C PRO GA 128 -49.21 -19.78 95.38
N GLU GA 129 -48.18 -19.82 96.23
CA GLU GA 129 -47.85 -18.73 97.15
C GLU GA 129 -49.00 -18.42 98.10
N ALA GA 130 -49.44 -19.45 98.84
CA ALA GA 130 -50.49 -19.27 99.83
C ALA GA 130 -49.85 -18.78 101.13
N GLU GA 131 -49.71 -17.46 101.25
CA GLU GA 131 -49.26 -16.85 102.49
C GLU GA 131 -50.44 -16.78 103.45
N MET GA 132 -50.38 -17.57 104.51
CA MET GA 132 -51.50 -17.67 105.44
C MET GA 132 -51.33 -16.72 106.62
N GLY GA 133 -52.43 -16.44 107.30
CA GLY GA 133 -52.48 -15.44 108.35
C GLY GA 133 -52.59 -16.09 109.72
N CYS GA 134 -52.02 -15.42 110.71
CA CYS GA 134 -52.04 -15.93 112.09
C CYS GA 134 -53.44 -15.81 112.67
N ALA GA 135 -53.69 -16.64 113.70
CA ALA GA 135 -55.04 -16.75 114.25
C ALA GA 135 -55.41 -15.52 115.07
N ASP GA 136 -54.53 -15.10 115.97
CA ASP GA 136 -54.66 -13.83 116.68
C ASP GA 136 -53.60 -12.87 116.16
N THR GA 137 -54.02 -11.89 115.38
CA THR GA 137 -53.08 -10.97 114.76
C THR GA 137 -52.42 -10.07 115.81
N ASP GA 138 -51.32 -9.43 115.39
CA ASP GA 138 -50.26 -8.73 116.13
C ASP GA 138 -49.11 -9.65 116.52
N THR GA 139 -49.10 -10.89 116.03
CA THR GA 139 -48.03 -11.81 116.34
C THR GA 139 -47.88 -12.82 115.20
N THR GA 140 -46.88 -13.68 115.32
CA THR GA 140 -46.59 -14.72 114.33
C THR GA 140 -46.82 -16.10 114.92
N PHE GA 141 -46.64 -17.13 114.09
CA PHE GA 141 -46.80 -18.52 114.48
C PHE GA 141 -45.46 -19.26 114.42
N PRO GA 142 -45.30 -20.33 115.22
CA PRO GA 142 -43.98 -20.96 115.39
C PRO GA 142 -43.51 -21.86 114.25
N ALA GA 143 -44.01 -21.67 113.03
CA ALA GA 143 -43.43 -22.26 111.84
C ALA GA 143 -43.66 -23.77 111.73
N THR GA 144 -44.07 -24.41 112.82
CA THR GA 144 -44.52 -25.80 112.79
C THR GA 144 -46.03 -25.90 112.70
N GLU GA 145 -46.71 -24.77 112.51
CA GLU GA 145 -48.15 -24.74 112.33
C GLU GA 145 -48.57 -24.69 110.87
N LEU GA 146 -47.68 -24.26 109.97
CA LEU GA 146 -47.98 -24.32 108.55
C LEU GA 146 -47.88 -25.74 108.01
N THR GA 147 -46.90 -26.52 108.46
CA THR GA 147 -46.67 -27.82 107.86
C THR GA 147 -46.26 -28.83 108.93
N THR GA 148 -46.76 -30.06 108.75
CA THR GA 148 -46.31 -31.22 109.51
C THR GA 148 -45.99 -32.27 108.44
N GLU GA 149 -44.89 -32.02 107.73
CA GLU GA 149 -44.45 -32.76 106.54
C GLU GA 149 -45.55 -33.54 105.85
N ASP GA 150 -45.61 -34.84 106.13
CA ASP GA 150 -46.56 -35.71 105.43
C ASP GA 150 -48.01 -35.45 105.85
N THR GA 151 -48.26 -35.23 107.15
CA THR GA 151 -49.65 -35.17 107.56
C THR GA 151 -50.24 -33.79 107.28
N PRO GA 152 -51.54 -33.74 106.98
CA PRO GA 152 -52.18 -32.46 106.64
C PRO GA 152 -52.66 -31.70 107.87
N HIS GA 153 -52.52 -30.38 107.82
CA HIS GA 153 -53.23 -29.51 108.74
C HIS GA 153 -54.66 -29.34 108.27
N VAL GA 154 -55.61 -29.62 109.15
CA VAL GA 154 -57.01 -29.45 108.81
C VAL GA 154 -57.39 -27.98 108.95
N PHE GA 155 -58.45 -27.60 108.24
CA PHE GA 155 -59.08 -26.32 108.49
C PHE GA 155 -59.97 -26.45 109.73
N THR GA 156 -60.66 -25.36 110.07
CA THR GA 156 -61.64 -25.38 111.12
C THR GA 156 -62.94 -24.81 110.59
N SER GA 157 -64.04 -25.12 111.28
CA SER GA 157 -65.35 -24.65 110.86
C SER GA 157 -65.64 -23.24 111.33
N ASP GA 158 -65.00 -22.80 112.41
CA ASP GA 158 -65.19 -21.44 112.92
C ASP GA 158 -63.84 -20.79 113.23
N SER GA 159 -63.87 -19.61 113.85
CA SER GA 159 -62.63 -18.91 114.16
C SER GA 159 -61.94 -19.54 115.35
N ILE GA 160 -60.61 -19.44 115.36
CA ILE GA 160 -59.78 -19.99 116.42
C ILE GA 160 -58.79 -18.92 116.86
N THR GA 161 -58.24 -19.11 118.06
CA THR GA 161 -57.24 -18.21 118.62
C THR GA 161 -55.98 -19.00 118.95
N GLY GA 162 -54.94 -18.28 119.34
CA GLY GA 162 -53.66 -18.87 119.62
C GLY GA 162 -52.65 -18.64 118.51
N LYS GA 163 -51.39 -18.90 118.82
CA LYS GA 163 -50.29 -18.63 117.89
C LYS GA 163 -50.24 -19.77 116.86
N LYS GA 164 -51.18 -19.72 115.93
CA LYS GA 164 -51.23 -20.70 114.85
C LYS GA 164 -51.99 -20.10 113.68
N VAL GA 165 -52.18 -20.89 112.63
CA VAL GA 165 -52.77 -20.39 111.40
C VAL GA 165 -54.26 -20.23 111.57
N GLN GA 166 -54.79 -19.09 111.11
CA GLN GA 166 -56.23 -18.90 111.09
C GLN GA 166 -56.83 -19.83 110.04
N ALA GA 167 -57.20 -21.04 110.48
CA ALA GA 167 -57.61 -22.10 109.57
C ALA GA 167 -59.12 -22.24 109.46
N ALA GA 168 -59.85 -21.13 109.57
CA ALA GA 168 -61.28 -21.16 109.35
C ALA GA 168 -61.57 -21.15 107.86
N VAL GA 169 -62.39 -22.09 107.41
CA VAL GA 169 -62.92 -22.01 106.05
C VAL GA 169 -63.87 -20.82 105.95
N CYS GA 170 -64.17 -20.43 104.72
CA CYS GA 170 -64.73 -19.18 104.23
C CYS GA 170 -63.65 -18.10 104.18
N ASN GA 171 -62.50 -18.33 104.80
CA ASN GA 171 -61.34 -17.45 104.73
C ASN GA 171 -60.08 -18.31 104.76
N ALA GA 172 -59.97 -19.22 103.79
CA ALA GA 172 -59.18 -20.44 103.88
C ALA GA 172 -57.87 -20.27 104.64
N GLY GA 173 -56.92 -19.56 104.05
CA GLY GA 173 -55.74 -19.14 104.79
C GLY GA 173 -55.39 -17.68 104.59
N MET GA 174 -55.80 -17.13 103.45
CA MET GA 174 -55.23 -15.89 102.93
C MET GA 174 -56.13 -14.68 103.12
N GLY GA 175 -57.30 -14.85 103.72
CA GLY GA 175 -58.23 -13.74 103.85
C GLY GA 175 -59.07 -13.49 102.63
N VAL GA 176 -59.18 -14.46 101.74
CA VAL GA 176 -60.03 -14.36 100.57
C VAL GA 176 -61.29 -15.18 100.82
N GLY GA 177 -62.27 -15.00 99.94
CA GLY GA 177 -63.44 -15.87 99.99
C GLY GA 177 -63.07 -17.26 99.51
N VAL GA 178 -63.59 -18.28 100.21
CA VAL GA 178 -63.23 -19.64 99.86
C VAL GA 178 -64.00 -20.13 98.65
N GLY GA 179 -65.12 -19.47 98.31
CA GLY GA 179 -65.88 -19.88 97.14
C GLY GA 179 -65.16 -19.55 95.85
N ASN GA 180 -64.62 -18.34 95.76
CA ASN GA 180 -63.87 -17.92 94.57
C ASN GA 180 -62.39 -18.23 94.73
N LEU GA 181 -62.10 -19.45 95.18
CA LEU GA 181 -60.77 -20.01 95.18
C LEU GA 181 -60.53 -20.83 93.93
N THR GA 182 -61.45 -20.75 92.97
CA THR GA 182 -61.46 -21.50 91.73
C THR GA 182 -60.58 -20.87 90.67
N ILE GA 183 -60.02 -19.68 90.94
CA ILE GA 183 -59.14 -19.01 89.99
C ILE GA 183 -57.85 -19.77 89.76
N PHE GA 184 -57.46 -20.61 90.71
CA PHE GA 184 -56.21 -21.35 90.64
C PHE GA 184 -56.42 -22.65 89.86
N PRO GA 185 -55.33 -23.39 89.56
CA PRO GA 185 -55.51 -24.73 89.00
C PRO GA 185 -56.30 -25.63 89.95
N HIS GA 186 -57.51 -26.00 89.53
CA HIS GA 186 -58.45 -26.69 90.40
C HIS GA 186 -59.06 -27.88 89.68
N GLN GA 187 -59.81 -28.67 90.44
CA GLN GA 187 -60.59 -29.77 89.89
C GLN GA 187 -61.65 -30.14 90.91
N TRP GA 188 -62.90 -30.27 90.46
CA TRP GA 188 -63.98 -30.68 91.34
C TRP GA 188 -64.05 -32.20 91.36
N ILE GA 189 -64.24 -32.76 92.57
CA ILE GA 189 -64.49 -34.19 92.69
C ILE GA 189 -65.91 -34.38 93.20
N ASN GA 190 -66.86 -34.49 92.27
CA ASN GA 190 -68.25 -34.74 92.62
C ASN GA 190 -68.47 -36.25 92.64
N LEU GA 191 -68.77 -36.79 93.83
CA LEU GA 191 -68.90 -38.22 93.98
C LEU GA 191 -70.06 -38.79 93.19
N ARG GA 192 -71.00 -37.93 92.77
CA ARG GA 192 -72.05 -38.36 91.86
C ARG GA 192 -71.46 -38.82 90.52
N THR GA 193 -70.52 -38.06 89.98
CA THR GA 193 -69.96 -38.34 88.67
C THR GA 193 -68.58 -39.02 88.74
N ASN GA 194 -67.60 -38.33 89.31
CA ASN GA 194 -66.22 -38.77 89.26
C ASN GA 194 -65.67 -38.97 90.67
N ASN GA 195 -64.44 -39.50 90.73
CA ASN GA 195 -63.74 -39.73 91.99
C ASN GA 195 -62.30 -39.27 91.97
N SER GA 196 -61.69 -39.08 90.80
CA SER GA 196 -60.28 -38.81 90.69
C SER GA 196 -60.04 -37.40 90.14
N ALA GA 197 -58.95 -36.81 90.59
CA ALA GA 197 -58.49 -35.51 90.12
C ALA GA 197 -57.00 -35.60 89.84
N THR GA 198 -56.53 -34.81 88.89
CA THR GA 198 -55.12 -34.77 88.59
C THR GA 198 -54.74 -33.37 88.11
N ILE GA 199 -53.71 -32.80 88.72
CA ILE GA 199 -53.30 -31.42 88.48
C ILE GA 199 -51.80 -31.41 88.24
N VAL GA 200 -51.36 -30.62 87.27
CA VAL GA 200 -49.94 -30.51 86.93
C VAL GA 200 -49.56 -29.04 87.09
N ILE GA 201 -48.56 -28.78 87.92
CA ILE GA 201 -48.26 -27.44 88.39
C ILE GA 201 -46.81 -27.12 88.01
N PRO GA 202 -46.60 -26.35 86.94
CA PRO GA 202 -45.29 -26.26 86.28
C PRO GA 202 -44.28 -25.31 86.93
N TYR GA 203 -44.14 -25.41 88.25
CA TYR GA 203 -43.17 -24.62 89.01
C TYR GA 203 -43.35 -23.12 88.77
N ILE GA 204 -44.33 -22.56 89.46
CA ILE GA 204 -44.56 -21.12 89.43
C ILE GA 204 -43.68 -20.46 90.48
N ASN GA 205 -42.74 -19.61 90.03
CA ASN GA 205 -41.87 -18.87 90.94
C ASN GA 205 -41.23 -17.73 90.16
N SER GA 206 -40.77 -16.71 90.91
CA SER GA 206 -40.18 -15.51 90.32
C SER GA 206 -38.69 -15.62 90.11
N VAL GA 207 -38.06 -16.70 90.58
CA VAL GA 207 -36.63 -16.93 90.39
C VAL GA 207 -36.52 -18.35 89.82
N PRO GA 208 -35.57 -18.63 88.93
CA PRO GA 208 -35.58 -19.95 88.28
C PRO GA 208 -35.38 -21.11 89.24
N MET GA 209 -34.62 -20.91 90.30
CA MET GA 209 -34.42 -21.96 91.31
C MET GA 209 -34.46 -21.33 92.69
N ASP GA 210 -35.04 -22.05 93.64
CA ASP GA 210 -35.15 -21.53 95.00
C ASP GA 210 -34.96 -22.67 95.98
N ASN GA 211 -34.64 -22.31 97.23
CA ASN GA 211 -34.42 -23.30 98.27
C ASN GA 211 -35.73 -23.99 98.62
N MET GA 212 -35.66 -25.29 98.86
CA MET GA 212 -36.85 -26.11 99.06
C MET GA 212 -37.30 -26.20 100.51
N PHE GA 213 -36.56 -25.61 101.45
CA PHE GA 213 -37.01 -25.58 102.84
C PHE GA 213 -37.52 -24.21 103.28
N ARG GA 214 -37.01 -23.13 102.70
CA ARG GA 214 -37.52 -21.81 103.04
C ARG GA 214 -38.88 -21.56 102.41
N HIS GA 215 -39.01 -21.87 101.12
CA HIS GA 215 -40.12 -21.39 100.30
C HIS GA 215 -41.07 -22.53 99.98
N TYR GA 216 -42.36 -22.32 100.25
CA TYR GA 216 -43.41 -23.27 99.90
C TYR GA 216 -44.00 -22.81 98.58
N ASN GA 217 -43.74 -23.56 97.51
CA ASN GA 217 -44.10 -23.08 96.19
C ASN GA 217 -45.60 -23.05 95.97
N PHE GA 218 -46.33 -24.04 96.50
CA PHE GA 218 -47.78 -24.03 96.40
C PHE GA 218 -48.37 -24.79 97.57
N THR GA 219 -49.69 -24.70 97.73
CA THR GA 219 -50.40 -25.27 98.87
C THR GA 219 -51.59 -26.07 98.36
N LEU GA 220 -51.42 -27.38 98.23
CA LEU GA 220 -52.53 -28.25 97.87
C LEU GA 220 -53.52 -28.28 99.02
N MET GA 221 -54.70 -27.69 98.82
CA MET GA 221 -55.75 -27.70 99.82
C MET GA 221 -57.03 -28.29 99.22
N ILE GA 222 -57.60 -29.25 99.94
CA ILE GA 222 -58.80 -29.98 99.52
C ILE GA 222 -59.93 -29.55 100.45
N ILE GA 223 -60.96 -28.93 99.89
CA ILE GA 223 -62.00 -28.29 100.68
C ILE GA 223 -63.35 -28.87 100.29
N PRO GA 224 -64.07 -29.52 101.21
CA PRO GA 224 -65.40 -30.06 100.90
C PRO GA 224 -66.45 -28.95 100.90
N PHE GA 225 -66.94 -28.61 99.70
CA PHE GA 225 -68.05 -27.66 99.60
C PHE GA 225 -69.36 -28.32 100.00
N ALA GA 226 -69.80 -29.30 99.24
CA ALA GA 226 -70.96 -30.04 99.70
C ALA GA 226 -70.52 -31.12 100.67
N PRO GA 227 -71.08 -31.18 101.87
CA PRO GA 227 -70.56 -32.10 102.87
C PRO GA 227 -70.91 -33.55 102.54
N LEU GA 228 -70.11 -34.45 103.10
CA LEU GA 228 -70.38 -35.87 102.93
C LEU GA 228 -71.70 -36.24 103.61
N ASN GA 229 -72.45 -37.13 102.98
CA ASN GA 229 -73.69 -37.61 103.60
C ASN GA 229 -73.91 -39.04 103.18
N PHE GA 230 -74.56 -39.79 104.07
CA PHE GA 230 -74.83 -41.21 103.89
C PHE GA 230 -75.85 -41.62 104.94
N THR GA 231 -76.28 -42.88 104.88
CA THR GA 231 -77.22 -43.41 105.84
C THR GA 231 -76.50 -44.30 106.85
N ASP GA 232 -77.28 -44.92 107.73
CA ASP GA 232 -76.75 -45.59 108.92
C ASP GA 232 -76.14 -46.95 108.62
N GLY GA 233 -75.96 -47.31 107.36
CA GLY GA 233 -75.35 -48.59 107.03
C GLY GA 233 -73.99 -48.47 106.38
N ALA GA 234 -73.71 -47.33 105.77
CA ALA GA 234 -72.46 -47.16 105.04
C ALA GA 234 -71.31 -46.92 106.00
N THR GA 235 -70.10 -46.90 105.45
CA THR GA 235 -68.92 -46.57 106.25
C THR GA 235 -68.93 -45.08 106.56
N ALA GA 236 -68.56 -44.74 107.80
CA ALA GA 236 -68.73 -43.39 108.32
C ALA GA 236 -67.71 -42.40 107.77
N TYR GA 237 -66.98 -42.76 106.72
CA TYR GA 237 -65.94 -41.90 106.19
C TYR GA 237 -65.67 -42.28 104.74
N VAL GA 238 -64.91 -41.42 104.06
CA VAL GA 238 -64.47 -41.67 102.69
C VAL GA 238 -62.98 -41.32 102.62
N PRO GA 239 -62.10 -42.30 102.41
CA PRO GA 239 -60.65 -42.03 102.45
C PRO GA 239 -60.19 -41.36 101.16
N ILE GA 240 -59.54 -40.21 101.31
CA ILE GA 240 -59.03 -39.43 100.19
C ILE GA 240 -57.55 -39.74 100.06
N THR GA 241 -57.13 -40.20 98.87
CA THR GA 241 -55.77 -40.65 98.64
C THR GA 241 -55.04 -39.63 97.76
N VAL GA 242 -53.90 -39.16 98.24
CA VAL GA 242 -53.11 -38.13 97.57
C VAL GA 242 -51.80 -38.74 97.10
N THR GA 243 -51.46 -38.49 95.83
CA THR GA 243 -50.27 -39.07 95.20
C THR GA 243 -49.58 -37.98 94.40
N ILE GA 244 -48.29 -37.77 94.66
CA ILE GA 244 -47.52 -36.70 94.05
C ILE GA 244 -46.34 -37.30 93.30
N ALA GA 245 -46.17 -36.90 92.05
CA ALA GA 245 -45.03 -37.33 91.24
C ALA GA 245 -44.19 -36.11 90.86
N PRO GA 246 -43.04 -35.90 91.49
CA PRO GA 246 -42.20 -34.74 91.15
C PRO GA 246 -41.59 -34.86 89.76
N MET GA 247 -42.07 -34.08 88.81
CA MET GA 247 -41.61 -34.19 87.44
C MET GA 247 -40.60 -33.10 87.11
N TYR GA 248 -39.61 -33.45 86.29
CA TYR GA 248 -38.61 -32.51 85.79
C TYR GA 248 -37.90 -31.79 86.94
N ALA GA 249 -37.58 -32.55 87.98
CA ALA GA 249 -36.87 -32.00 89.12
C ALA GA 249 -35.41 -31.82 88.72
N GLU GA 250 -34.90 -30.61 88.90
CA GLU GA 250 -33.49 -30.35 88.67
C GLU GA 250 -32.94 -29.47 89.77
N TYR GA 251 -31.65 -29.60 90.03
CA TYR GA 251 -31.00 -29.10 91.23
C TYR GA 251 -29.77 -28.32 90.80
N ASN GA 252 -29.00 -27.83 91.76
CA ASN GA 252 -27.76 -27.17 91.40
C ASN GA 252 -26.65 -28.20 91.18
N GLY GA 253 -25.51 -27.71 90.71
CA GLY GA 253 -24.37 -28.57 90.49
C GLY GA 253 -23.46 -28.61 91.72
N LEU GA 254 -22.90 -29.78 91.98
CA LEU GA 254 -21.99 -29.97 93.11
C LEU GA 254 -20.55 -30.13 92.67
N ARG GA 255 -20.31 -30.42 91.40
CA ARG GA 255 -18.99 -30.60 90.84
C ARG GA 255 -18.35 -29.24 90.53
N LEU GA 256 -17.02 -29.27 90.37
CA LEU GA 256 -16.31 -28.08 89.93
C LEU GA 256 -16.50 -27.90 88.43
N ALA GA 257 -16.08 -26.74 87.92
CA ALA GA 257 -16.14 -26.46 86.50
C ALA GA 257 -14.74 -26.34 85.92
N GLY HA 1 -32.68 30.57 69.54
CA GLY HA 1 -32.94 29.30 68.88
C GLY HA 1 -34.36 29.16 68.35
N VAL HA 2 -35.01 28.05 68.69
CA VAL HA 2 -36.36 27.78 68.20
C VAL HA 2 -37.36 28.60 69.01
N PRO HA 3 -38.16 29.46 68.36
CA PRO HA 3 -39.16 30.23 69.12
C PRO HA 3 -40.31 29.36 69.56
N VAL HA 4 -40.40 29.11 70.86
CA VAL HA 4 -41.48 28.33 71.43
C VAL HA 4 -42.34 29.26 72.28
N LEU HA 5 -43.57 28.84 72.54
CA LEU HA 5 -44.43 29.56 73.46
C LEU HA 5 -45.24 28.56 74.28
N ASN HA 6 -45.22 28.74 75.60
CA ASN HA 6 -45.88 27.82 76.51
C ASN HA 6 -47.39 28.03 76.47
N THR HA 7 -48.11 26.93 76.27
CA THR HA 7 -49.56 26.94 76.25
C THR HA 7 -50.08 26.94 77.67
N PRO HA 8 -51.38 27.18 77.87
CA PRO HA 8 -52.00 26.86 79.15
C PRO HA 8 -51.88 25.36 79.43
N GLY HA 9 -51.49 25.03 80.66
CA GLY HA 9 -51.18 23.66 81.00
C GLY HA 9 -49.70 23.33 81.09
N SER HA 10 -48.83 24.32 80.98
CA SER HA 10 -47.40 24.13 81.17
C SER HA 10 -47.08 24.23 82.66
N ASN HA 11 -46.06 23.49 83.08
CA ASN HA 11 -45.59 23.49 84.46
C ASN HA 11 -46.69 23.11 85.45
N GLN HA 12 -47.65 22.29 85.00
CA GLN HA 12 -48.65 21.73 85.88
C GLN HA 12 -48.39 20.24 86.05
N PHE HA 13 -49.08 19.64 87.01
CA PHE HA 13 -48.96 18.22 87.28
C PHE HA 13 -50.35 17.60 87.16
N LEU HA 14 -50.70 17.17 85.96
CA LEU HA 14 -51.89 16.34 85.77
C LEU HA 14 -51.58 14.93 86.25
N THR HA 15 -52.44 14.39 87.10
CA THR HA 15 -52.17 13.11 87.72
C THR HA 15 -52.16 11.99 86.68
N SER HA 16 -53.07 12.06 85.71
CA SER HA 16 -53.19 11.05 84.66
C SER HA 16 -52.54 11.58 83.38
N ASP HA 17 -51.22 11.45 83.30
CA ASP HA 17 -50.48 11.75 82.08
C ASP HA 17 -49.55 10.58 81.77
N ASP HA 18 -49.02 10.58 80.55
CA ASP HA 18 -48.19 9.49 80.05
C ASP HA 18 -46.92 10.04 79.42
N TYR HA 19 -46.23 10.91 80.17
CA TYR HA 19 -45.03 11.57 79.68
C TYR HA 19 -43.80 10.71 79.96
N GLN HA 20 -42.72 11.03 79.26
CA GLN HA 20 -41.47 10.28 79.39
C GLN HA 20 -40.76 10.73 80.66
N SER HA 21 -40.80 9.88 81.69
CA SER HA 21 -40.16 10.21 82.95
C SER HA 21 -38.65 10.07 82.82
N PRO HA 22 -37.87 11.05 83.27
CA PRO HA 22 -36.41 10.91 83.21
C PRO HA 22 -35.95 9.85 84.20
N SER HA 23 -35.26 8.83 83.69
CA SER HA 23 -34.91 7.68 84.51
C SER HA 23 -33.78 8.03 85.45
N ALA HA 24 -33.93 7.63 86.73
CA ALA HA 24 -32.95 7.98 87.75
C ALA HA 24 -31.71 7.11 87.64
N MET HA 25 -31.83 5.90 87.13
CA MET HA 25 -30.71 4.97 87.06
C MET HA 25 -30.53 4.58 85.59
N PRO HA 26 -29.85 5.41 84.80
CA PRO HA 26 -29.75 5.17 83.35
C PRO HA 26 -28.74 4.08 83.02
N GLN HA 27 -27.65 4.06 83.77
CA GLN HA 27 -26.63 3.03 83.58
C GLN HA 27 -27.19 1.66 83.89
N PHE HA 28 -28.09 1.59 84.87
CA PHE HA 28 -28.62 0.34 85.39
C PHE HA 28 -29.38 -0.43 84.30
N ASP HA 29 -28.99 -1.70 84.10
CA ASP HA 29 -29.68 -2.59 83.18
C ASP HA 29 -30.45 -3.64 83.97
N GLU HA 30 -31.77 -3.66 83.78
CA GLU HA 30 -32.68 -4.48 84.57
C GLU HA 30 -32.57 -5.96 84.23
N THR HA 31 -33.08 -6.79 85.15
CA THR HA 31 -32.98 -8.24 85.05
C THR HA 31 -33.74 -8.76 83.84
N PRO HA 32 -33.19 -9.72 83.09
CA PRO HA 32 -33.91 -10.27 81.94
C PRO HA 32 -35.19 -10.97 82.35
N GLU HA 33 -36.20 -10.86 81.51
CA GLU HA 33 -37.53 -11.40 81.80
C GLU HA 33 -37.56 -12.88 81.46
N MET HA 34 -37.69 -13.73 82.47
CA MET HA 34 -37.93 -15.14 82.21
C MET HA 34 -39.42 -15.38 81.96
N HIS HA 35 -39.74 -16.56 81.43
CA HIS HA 35 -41.13 -16.93 81.23
C HIS HA 35 -41.69 -17.49 82.53
N ILE HA 36 -42.66 -16.81 83.11
CA ILE HA 36 -43.37 -17.28 84.30
C ILE HA 36 -44.75 -17.75 83.88
N PRO HA 37 -45.20 -18.92 84.32
CA PRO HA 37 -46.49 -19.44 83.85
C PRO HA 37 -47.66 -18.62 84.38
N GLY HA 38 -48.68 -18.47 83.54
CA GLY HA 38 -49.93 -17.88 83.97
C GLY HA 38 -49.94 -16.37 83.91
N GLU HA 39 -49.69 -15.80 82.74
CA GLU HA 39 -49.70 -14.35 82.60
C GLU HA 39 -51.12 -13.84 82.40
N VAL HA 40 -51.42 -12.72 83.04
CA VAL HA 40 -52.67 -12.01 82.84
C VAL HA 40 -52.38 -10.81 81.95
N ARG HA 41 -53.13 -10.68 80.86
CA ARG HA 41 -52.98 -9.58 79.94
C ARG HA 41 -54.24 -8.73 79.86
N ASN HA 42 -55.26 -9.07 80.63
CA ASN HA 42 -56.56 -8.40 80.62
C ASN HA 42 -57.33 -8.83 81.85
N LEU HA 43 -57.99 -7.88 82.50
CA LEU HA 43 -58.70 -8.19 83.74
C LEU HA 43 -59.87 -9.14 83.49
N MET HA 44 -60.57 -8.97 82.37
CA MET HA 44 -61.72 -9.81 82.07
C MET HA 44 -61.36 -11.27 81.85
N GLU HA 45 -60.09 -11.65 81.96
CA GLU HA 45 -59.72 -13.05 82.04
C GLU HA 45 -59.94 -13.62 83.43
N ILE HA 46 -60.12 -12.77 84.43
CA ILE HA 46 -60.49 -13.22 85.76
C ILE HA 46 -61.99 -13.43 85.89
N ALA HA 47 -62.78 -12.57 85.22
CA ALA HA 47 -64.22 -12.69 85.28
C ALA HA 47 -64.74 -13.93 84.57
N GLU HA 48 -63.97 -14.47 83.61
CA GLU HA 48 -64.40 -15.64 82.85
C GLU HA 48 -64.19 -16.94 83.61
N VAL HA 49 -63.62 -16.90 84.81
CA VAL HA 49 -63.41 -18.09 85.62
C VAL HA 49 -64.63 -18.33 86.49
N ASP HA 50 -65.16 -19.56 86.44
CA ASP HA 50 -66.27 -19.92 87.30
C ASP HA 50 -65.83 -19.89 88.77
N SER HA 51 -66.76 -19.54 89.64
CA SER HA 51 -66.51 -19.55 91.07
C SER HA 51 -67.84 -19.71 91.79
N VAL HA 52 -67.78 -20.29 92.99
CA VAL HA 52 -68.99 -20.72 93.69
C VAL HA 52 -69.70 -19.50 94.24
N VAL HA 53 -71.02 -19.49 94.10
CA VAL HA 53 -71.86 -18.34 94.41
C VAL HA 53 -72.61 -18.63 95.70
N PRO HA 54 -72.46 -17.81 96.74
CA PRO HA 54 -73.16 -18.05 98.02
C PRO HA 54 -74.64 -17.69 97.94
N VAL HA 55 -75.44 -18.64 97.45
CA VAL HA 55 -76.87 -18.39 97.31
C VAL HA 55 -77.57 -18.45 98.66
N ASN HA 56 -77.14 -19.38 99.52
CA ASN HA 56 -77.75 -19.57 100.84
C ASN HA 56 -77.06 -18.68 101.88
N ASN HA 57 -77.03 -17.39 101.59
CA ASN HA 57 -76.38 -16.42 102.48
C ASN HA 57 -77.39 -15.81 103.48
N VAL HA 58 -78.11 -16.67 104.18
CA VAL HA 58 -79.09 -16.20 105.16
C VAL HA 58 -78.36 -15.74 106.42
N THR HA 59 -79.11 -15.17 107.37
CA THR HA 59 -78.55 -14.32 108.41
C THR HA 59 -77.51 -15.02 109.29
N GLY HA 60 -77.52 -16.35 109.35
CA GLY HA 60 -76.62 -17.02 110.27
C GLY HA 60 -75.67 -18.01 109.60
N LYS HA 61 -75.61 -17.99 108.28
CA LYS HA 61 -74.91 -19.00 107.51
C LYS HA 61 -73.95 -18.37 106.51
N THR HA 62 -73.35 -17.23 106.86
CA THR HA 62 -72.44 -16.53 105.97
C THR HA 62 -70.97 -16.60 106.40
N LYS HA 63 -70.69 -16.94 107.65
CA LYS HA 63 -69.32 -17.14 108.09
C LYS HA 63 -68.89 -18.60 108.06
N SER HA 64 -69.77 -19.49 107.62
CA SER HA 64 -69.46 -20.89 107.37
C SER HA 64 -69.56 -21.18 105.88
N MET HA 65 -69.27 -22.42 105.50
CA MET HA 65 -69.43 -22.85 104.12
C MET HA 65 -70.82 -23.41 103.84
N ASP HA 66 -71.79 -23.11 104.70
CA ASP HA 66 -73.19 -23.37 104.39
C ASP HA 66 -73.79 -22.28 103.53
N ALA HA 67 -73.04 -21.21 103.25
CA ALA HA 67 -73.52 -20.17 102.35
C ALA HA 67 -73.59 -20.65 100.91
N TYR HA 68 -72.70 -21.57 100.53
CA TYR HA 68 -72.58 -22.01 99.15
C TYR HA 68 -73.53 -23.16 98.81
N GLN HA 69 -74.20 -23.74 99.80
CA GLN HA 69 -74.94 -24.97 99.63
C GLN HA 69 -76.43 -24.65 99.57
N ILE HA 70 -77.08 -25.04 98.48
CA ILE HA 70 -78.52 -24.87 98.32
C ILE HA 70 -79.19 -26.16 98.75
N PRO HA 71 -79.94 -26.17 99.86
CA PRO HA 71 -80.52 -27.43 100.34
C PRO HA 71 -81.68 -27.87 99.46
N VAL HA 72 -81.64 -29.12 99.03
CA VAL HA 72 -82.68 -29.71 98.20
C VAL HA 72 -83.12 -31.01 98.86
N GLY HA 73 -84.40 -31.07 99.25
CA GLY HA 73 -84.92 -32.23 99.95
C GLY HA 73 -84.81 -32.11 101.46
N ASP HA 78 -92.31 -29.25 100.74
CA ASP HA 78 -93.10 -28.13 100.28
C ASP HA 78 -92.74 -27.76 98.84
N LYS HA 79 -93.69 -27.98 97.93
CA LYS HA 79 -93.49 -27.67 96.52
C LYS HA 79 -94.14 -26.36 96.10
N THR HA 80 -94.65 -25.59 97.06
CA THR HA 80 -95.36 -24.36 96.75
C THR HA 80 -94.48 -23.12 96.76
N LYS HA 81 -93.34 -23.16 97.44
CA LYS HA 81 -92.43 -22.04 97.45
C LYS HA 81 -91.11 -22.44 96.80
N PRO HA 82 -90.45 -21.52 96.10
CA PRO HA 82 -89.26 -21.89 95.32
C PRO HA 82 -88.09 -22.27 96.22
N ILE HA 83 -87.13 -22.98 95.62
CA ILE HA 83 -85.95 -23.40 96.36
C ILE HA 83 -85.07 -22.20 96.69
N PHE HA 84 -84.71 -21.43 95.66
CA PHE HA 84 -83.94 -20.21 95.85
C PHE HA 84 -84.36 -19.20 94.78
N SER HA 85 -83.92 -17.96 94.99
CA SER HA 85 -84.27 -16.84 94.11
C SER HA 85 -83.36 -15.67 94.41
N PHE HA 86 -82.83 -15.02 93.39
CA PHE HA 86 -81.96 -13.87 93.62
C PHE HA 86 -81.94 -12.96 92.41
N GLN HA 87 -81.66 -11.68 92.67
CA GLN HA 87 -81.43 -10.71 91.61
C GLN HA 87 -80.29 -11.16 90.71
N MET HA 88 -80.43 -10.90 89.42
CA MET HA 88 -79.40 -11.24 88.45
C MET HA 88 -78.66 -9.97 88.05
N ASP HA 89 -77.81 -9.49 88.96
CA ASP HA 89 -76.90 -8.38 88.65
C ASP HA 89 -75.69 -8.45 89.57
N PRO HA 90 -74.48 -8.58 89.01
CA PRO HA 90 -73.28 -8.78 89.85
C PRO HA 90 -72.92 -7.58 90.71
N GLY HA 91 -73.51 -6.42 90.46
CA GLY HA 91 -73.36 -5.27 91.35
C GLY HA 91 -74.63 -5.06 92.15
N TYR HA 92 -74.46 -4.58 93.39
CA TYR HA 92 -75.59 -4.24 94.27
C TYR HA 92 -76.51 -5.44 94.51
N SER HA 93 -75.95 -6.65 94.52
CA SER HA 93 -76.71 -7.85 94.85
C SER HA 93 -75.90 -8.70 95.80
N SER HA 94 -76.50 -9.06 96.95
CA SER HA 94 -75.75 -9.73 98.00
C SER HA 94 -75.21 -11.09 97.55
N VAL HA 95 -75.87 -11.72 96.58
CA VAL HA 95 -75.47 -13.06 96.18
C VAL HA 95 -74.29 -13.02 95.21
N LEU HA 96 -74.28 -12.05 94.29
CA LEU HA 96 -73.32 -12.03 93.18
C LEU HA 96 -72.32 -10.89 93.27
N LYS HA 97 -72.16 -10.27 94.44
CA LYS HA 97 -71.29 -9.11 94.55
C LYS HA 97 -69.88 -9.45 94.98
N ARG HA 98 -69.67 -10.62 95.59
CA ARG HA 98 -68.33 -11.03 96.01
C ARG HA 98 -67.81 -12.20 95.20
N THR HA 99 -68.47 -12.51 94.09
CA THR HA 99 -67.97 -13.46 93.10
C THR HA 99 -66.79 -12.85 92.35
N LEU HA 100 -65.96 -13.72 91.76
CA LEU HA 100 -64.91 -13.22 90.87
C LEU HA 100 -65.50 -12.37 89.76
N LEU HA 101 -66.66 -12.77 89.23
CA LEU HA 101 -67.38 -11.91 88.31
C LEU HA 101 -67.78 -10.61 88.99
N GLY HA 102 -68.48 -10.71 90.12
CA GLY HA 102 -69.03 -9.53 90.75
C GLY HA 102 -68.02 -8.66 91.46
N GLU HA 103 -66.78 -9.11 91.61
CA GLU HA 103 -65.77 -8.33 92.30
C GLU HA 103 -64.85 -7.59 91.33
N MET HA 104 -64.68 -8.10 90.11
CA MET HA 104 -63.92 -7.36 89.11
C MET HA 104 -64.80 -6.36 88.38
N LEU HA 105 -66.11 -6.39 88.65
CA LEU HA 105 -67.08 -5.43 88.12
C LEU HA 105 -67.38 -4.28 89.08
N ASN HA 106 -66.94 -4.35 90.34
CA ASN HA 106 -67.07 -3.21 91.24
C ASN HA 106 -65.92 -2.23 91.12
N TYR HA 107 -64.89 -2.57 90.37
CA TYR HA 107 -63.85 -1.61 89.98
C TYR HA 107 -64.28 -0.69 88.86
N TYR HA 108 -65.49 -0.85 88.35
CA TYR HA 108 -65.92 -0.12 87.17
C TYR HA 108 -67.35 0.38 87.35
N ALA HA 109 -67.65 1.48 86.68
CA ALA HA 109 -68.98 2.09 86.74
C ALA HA 109 -69.87 1.67 85.57
N HIS HA 110 -69.33 1.60 84.36
CA HIS HA 110 -70.09 1.18 83.20
C HIS HA 110 -69.64 -0.21 82.79
N TRP HA 111 -70.54 -1.19 82.89
CA TRP HA 111 -70.24 -2.52 82.39
C TRP HA 111 -71.52 -3.12 81.81
N SER HA 112 -71.33 -3.97 80.80
CA SER HA 112 -72.46 -4.55 80.07
C SER HA 112 -72.01 -5.85 79.43
N GLY HA 113 -72.82 -6.88 79.56
CA GLY HA 113 -72.50 -8.16 78.98
C GLY HA 113 -73.47 -9.22 79.47
N SER HA 114 -73.09 -10.47 79.24
CA SER HA 114 -73.89 -11.61 79.67
C SER HA 114 -73.13 -12.40 80.72
N VAL HA 115 -73.87 -13.29 81.39
CA VAL HA 115 -73.37 -14.04 82.53
C VAL HA 115 -73.98 -15.44 82.50
N LYS HA 116 -73.13 -16.45 82.60
CA LYS HA 116 -73.55 -17.84 82.56
C LYS HA 116 -73.54 -18.42 83.97
N LEU HA 117 -74.49 -19.31 84.25
CA LEU HA 117 -74.64 -19.92 85.56
C LEU HA 117 -74.65 -21.42 85.41
N THR HA 118 -73.85 -22.09 86.23
CA THR HA 118 -73.77 -23.55 86.24
C THR HA 118 -74.30 -24.06 87.57
N PHE HA 119 -75.23 -25.00 87.52
CA PHE HA 119 -75.83 -25.59 88.72
C PHE HA 119 -75.33 -27.02 88.83
N LEU HA 120 -74.35 -27.23 89.70
CA LEU HA 120 -73.78 -28.54 89.95
C LEU HA 120 -74.57 -29.21 91.08
N PHE HA 121 -75.26 -30.30 90.75
CA PHE HA 121 -76.00 -31.07 91.75
C PHE HA 121 -75.02 -31.98 92.49
N CYS HA 122 -74.84 -31.72 93.78
CA CYS HA 122 -73.89 -32.46 94.61
C CYS HA 122 -74.58 -33.48 95.49
N GLY HA 123 -75.58 -34.17 94.97
CA GLY HA 123 -76.25 -35.24 95.68
C GLY HA 123 -75.69 -36.60 95.34
N SER HA 124 -76.46 -37.63 95.66
CA SER HA 124 -75.98 -38.99 95.45
C SER HA 124 -76.02 -39.33 93.97
N ALA HA 125 -75.40 -40.45 93.62
CA ALA HA 125 -75.46 -40.96 92.26
C ALA HA 125 -76.73 -41.76 92.00
N MET HA 126 -77.57 -41.93 93.02
CA MET HA 126 -78.82 -42.65 92.91
C MET HA 126 -80.04 -41.76 93.08
N ALA HA 127 -79.86 -40.53 93.55
CA ALA HA 127 -80.99 -39.62 93.73
C ALA HA 127 -81.45 -39.09 92.37
N THR HA 128 -82.75 -39.01 92.18
CA THR HA 128 -83.32 -38.64 90.90
C THR HA 128 -84.53 -37.74 91.11
N GLY HA 129 -84.54 -36.62 90.42
CA GLY HA 129 -85.67 -35.71 90.50
C GLY HA 129 -85.57 -34.67 89.39
N LYS HA 130 -86.52 -33.75 89.40
CA LYS HA 130 -86.52 -32.66 88.43
C LYS HA 130 -86.63 -31.31 89.12
N LEU HA 131 -85.90 -30.35 88.60
CA LEU HA 131 -85.92 -28.97 89.07
C LEU HA 131 -86.20 -28.07 87.87
N LEU HA 132 -86.99 -27.03 88.09
CA LEU HA 132 -87.41 -26.12 87.03
C LEU HA 132 -86.81 -24.75 87.29
N ILE HA 133 -85.85 -24.37 86.45
CA ILE HA 133 -85.08 -23.15 86.64
C ILE HA 133 -85.66 -22.08 85.72
N SER HA 134 -86.37 -21.11 86.30
CA SER HA 134 -87.05 -20.09 85.54
C SER HA 134 -86.25 -18.80 85.54
N TYR HA 135 -86.38 -18.04 84.45
CA TYR HA 135 -85.68 -16.77 84.29
C TYR HA 135 -86.70 -15.66 84.02
N SER HA 136 -86.65 -14.61 84.82
CA SER HA 136 -87.56 -13.53 84.48
C SER HA 136 -86.80 -12.39 83.80
N PRO HA 137 -87.38 -11.80 82.77
CA PRO HA 137 -86.75 -10.64 82.13
C PRO HA 137 -86.64 -9.48 83.09
N PRO HA 138 -85.78 -8.49 82.82
CA PRO HA 138 -85.49 -7.47 83.83
C PRO HA 138 -86.69 -6.60 84.20
N GLY HA 139 -87.71 -6.54 83.36
CA GLY HA 139 -88.88 -5.74 83.70
C GLY HA 139 -89.98 -6.55 84.37
N ALA HA 140 -89.98 -7.86 84.15
CA ALA HA 140 -91.10 -8.68 84.57
C ALA HA 140 -91.07 -8.92 86.08
N SER HA 141 -92.21 -9.36 86.60
CA SER HA 141 -92.34 -9.72 88.00
C SER HA 141 -92.01 -11.19 88.19
N VAL HA 142 -91.66 -11.54 89.43
CA VAL HA 142 -91.25 -12.91 89.73
C VAL HA 142 -92.46 -13.83 89.63
N PRO HA 143 -92.27 -15.09 89.27
CA PRO HA 143 -93.39 -16.04 89.33
C PRO HA 143 -93.72 -16.39 90.78
N THR HA 144 -94.99 -16.32 91.13
CA THR HA 144 -95.43 -16.65 92.47
C THR HA 144 -95.74 -18.13 92.63
N SER HA 145 -95.93 -18.85 91.53
CA SER HA 145 -96.26 -20.26 91.54
C SER HA 145 -95.35 -20.99 90.56
N ARG HA 146 -95.42 -22.32 90.59
CA ARG HA 146 -94.60 -23.11 89.67
C ARG HA 146 -95.17 -23.07 88.26
N LYS HA 147 -96.50 -23.05 88.13
CA LYS HA 147 -97.12 -22.99 86.81
C LYS HA 147 -96.79 -21.68 86.11
N ASP HA 148 -96.84 -20.56 86.83
CA ASP HA 148 -96.53 -19.27 86.24
C ASP HA 148 -95.05 -19.15 85.87
N ALA HA 149 -94.18 -19.91 86.55
CA ALA HA 149 -92.79 -20.00 86.13
C ALA HA 149 -92.64 -20.89 84.90
N MET HA 150 -93.51 -21.89 84.75
CA MET HA 150 -93.44 -22.77 83.58
C MET HA 150 -93.88 -22.05 82.32
N LEU HA 151 -94.79 -21.08 82.43
CA LEU HA 151 -95.29 -20.37 81.27
C LEU HA 151 -94.31 -19.34 80.73
N GLY HA 152 -93.29 -18.98 81.52
CA GLY HA 152 -92.25 -18.09 81.05
C GLY HA 152 -91.07 -18.85 80.47
N THR HA 153 -89.86 -18.36 80.72
CA THR HA 153 -88.65 -19.04 80.30
C THR HA 153 -88.19 -19.97 81.41
N HIS HA 154 -87.87 -21.22 81.06
CA HIS HA 154 -87.47 -22.20 82.05
C HIS HA 154 -86.68 -23.30 81.36
N ILE HA 155 -86.09 -24.16 82.18
CA ILE HA 155 -85.42 -25.37 81.72
C ILE HA 155 -85.68 -26.46 82.76
N VAL HA 156 -86.45 -27.47 82.39
CA VAL HA 156 -86.76 -28.57 83.31
C VAL HA 156 -85.52 -29.46 83.37
N TRP HA 157 -84.73 -29.28 84.41
CA TRP HA 157 -83.41 -29.89 84.52
C TRP HA 157 -83.52 -31.22 85.23
N ASP HA 158 -83.48 -32.31 84.45
CA ASP HA 158 -83.52 -33.66 85.01
C ASP HA 158 -82.18 -33.97 85.69
N ILE HA 159 -82.23 -34.23 86.99
CA ILE HA 159 -81.02 -34.46 87.77
C ILE HA 159 -80.46 -35.86 87.50
N GLY HA 160 -81.34 -36.84 87.30
CA GLY HA 160 -80.89 -38.22 87.13
C GLY HA 160 -80.12 -38.47 85.85
N LEU HA 161 -80.31 -37.63 84.83
CA LEU HA 161 -79.59 -37.77 83.58
C LEU HA 161 -78.30 -36.97 83.57
N GLN HA 162 -78.42 -35.65 83.68
CA GLN HA 162 -77.27 -34.77 83.78
C GLN HA 162 -77.25 -34.12 85.16
N SER HA 163 -76.03 -33.83 85.64
CA SER HA 163 -75.84 -33.28 86.97
C SER HA 163 -75.32 -31.85 86.94
N SER HA 164 -75.37 -31.19 85.80
CA SER HA 164 -74.84 -29.83 85.68
C SER HA 164 -75.55 -29.15 84.51
N CYS HA 165 -76.38 -28.15 84.82
CA CYS HA 165 -77.14 -27.42 83.82
C CYS HA 165 -76.62 -26.00 83.73
N VAL HA 166 -76.35 -25.53 82.52
CA VAL HA 166 -75.68 -24.26 82.26
C VAL HA 166 -76.67 -23.30 81.62
N LEU HA 167 -76.72 -22.08 82.15
CA LEU HA 167 -77.53 -21.00 81.59
C LEU HA 167 -76.60 -19.99 80.91
N CYS HA 168 -77.21 -18.95 80.35
CA CYS HA 168 -76.46 -17.79 79.86
C CYS HA 168 -77.45 -16.63 79.85
N VAL HA 169 -77.36 -15.77 80.86
CA VAL HA 169 -78.34 -14.72 81.09
C VAL HA 169 -77.87 -13.46 80.39
N PRO HA 170 -78.59 -12.94 79.40
CA PRO HA 170 -78.18 -11.72 78.71
C PRO HA 170 -78.75 -10.46 79.35
N TRP HA 171 -78.48 -9.30 78.76
CA TRP HA 171 -79.01 -8.02 79.20
C TRP HA 171 -78.65 -7.71 80.65
N ILE HA 172 -77.36 -7.80 80.95
CA ILE HA 172 -76.85 -7.57 82.30
C ILE HA 172 -75.91 -6.38 82.24
N SER HA 173 -76.36 -5.24 82.76
CA SER HA 173 -75.59 -4.01 82.67
C SER HA 173 -76.08 -3.03 83.72
N GLN HA 174 -75.18 -2.15 84.14
CA GLN HA 174 -75.55 -0.95 84.89
C GLN HA 174 -74.66 0.20 84.45
N SER HA 175 -75.02 1.40 84.88
CA SER HA 175 -74.33 2.60 84.47
C SER HA 175 -74.56 3.75 85.45
N SER HA 187 -83.53 -3.22 89.26
CA SER HA 187 -84.53 -3.74 88.32
C SER HA 187 -83.88 -4.67 87.30
N ALA HA 188 -83.50 -5.85 87.76
CA ALA HA 188 -82.83 -6.83 86.91
C ALA HA 188 -83.61 -8.14 86.90
N GLY HA 189 -83.00 -9.17 86.33
CA GLY HA 189 -83.65 -10.45 86.15
C GLY HA 189 -83.75 -11.24 87.44
N TYR HA 190 -84.21 -12.48 87.30
CA TYR HA 190 -84.40 -13.39 88.42
C TYR HA 190 -84.09 -14.81 87.97
N ILE HA 191 -83.37 -15.54 88.81
CA ILE HA 191 -83.13 -16.97 88.59
C ILE HA 191 -83.76 -17.68 89.77
N THR HA 192 -85.02 -18.05 89.64
CA THR HA 192 -85.71 -18.87 90.62
C THR HA 192 -85.56 -20.33 90.26
N CYS HA 193 -85.88 -21.20 91.22
CA CYS HA 193 -85.78 -22.63 90.99
C CYS HA 193 -86.88 -23.32 91.77
N TRP HA 194 -87.49 -24.32 91.14
CA TRP HA 194 -88.74 -24.91 91.61
C TRP HA 194 -88.63 -26.42 91.67
N TYR HA 195 -89.42 -27.01 92.56
CA TYR HA 195 -89.57 -28.46 92.59
C TYR HA 195 -90.57 -28.84 91.51
N GLN HA 196 -90.06 -29.32 90.37
CA GLN HA 196 -90.93 -30.02 89.44
C GLN HA 196 -91.37 -31.35 90.02
N THR HA 197 -90.41 -32.17 90.44
CA THR HA 197 -90.65 -33.39 91.18
C THR HA 197 -89.78 -33.38 92.43
N ASN HA 198 -90.15 -34.21 93.40
CA ASN HA 198 -89.30 -34.39 94.56
C ASN HA 198 -88.10 -35.24 94.20
N ILE HA 199 -87.14 -35.32 95.14
CA ILE HA 199 -85.94 -36.12 94.94
C ILE HA 199 -86.27 -37.57 95.28
N VAL HA 200 -86.25 -38.44 94.27
CA VAL HA 200 -86.57 -39.85 94.46
C VAL HA 200 -85.27 -40.58 94.76
N VAL HA 201 -85.27 -41.38 95.81
CA VAL HA 201 -84.04 -41.92 96.37
C VAL HA 201 -84.26 -43.36 96.81
N PRO HA 202 -83.32 -44.26 96.55
CA PRO HA 202 -83.46 -45.64 97.02
C PRO HA 202 -83.26 -45.73 98.53
N PRO HA 203 -83.50 -46.89 99.13
CA PRO HA 203 -83.40 -46.99 100.60
C PRO HA 203 -82.00 -46.75 101.15
N GLY HA 204 -80.95 -46.92 100.35
CA GLY HA 204 -79.60 -46.76 100.86
C GLY HA 204 -79.07 -45.34 100.86
N ALA HA 205 -79.47 -44.55 99.87
CA ALA HA 205 -78.88 -43.24 99.70
C ALA HA 205 -79.58 -42.21 100.59
N PRO HA 206 -78.90 -41.14 100.99
CA PRO HA 206 -79.52 -40.14 101.83
C PRO HA 206 -80.56 -39.32 101.08
N THR HA 207 -81.44 -38.67 101.85
CA THR HA 207 -82.61 -38.01 101.31
C THR HA 207 -82.36 -36.56 100.94
N SER HA 208 -81.52 -35.86 101.68
CA SER HA 208 -81.30 -34.42 101.50
C SER HA 208 -79.98 -34.20 100.77
N CYS HA 209 -80.04 -33.39 99.70
CA CYS HA 209 -78.90 -33.15 98.83
C CYS HA 209 -78.61 -31.65 98.77
N ASP HA 210 -77.53 -31.31 98.07
CA ASP HA 210 -77.12 -29.92 97.90
C ASP HA 210 -76.90 -29.62 96.42
N VAL HA 211 -77.05 -28.34 96.08
CA VAL HA 211 -76.81 -27.85 94.72
C VAL HA 211 -75.87 -26.65 94.81
N LEU HA 212 -74.71 -26.76 94.19
CA LEU HA 212 -73.79 -25.63 94.09
C LEU HA 212 -74.10 -24.82 92.84
N CYS HA 213 -73.77 -23.54 92.90
CA CYS HA 213 -73.96 -22.63 91.77
C CYS HA 213 -72.63 -22.00 91.40
N PHE HA 214 -72.56 -21.52 90.16
CA PHE HA 214 -71.35 -20.91 89.62
C PHE HA 214 -71.76 -19.71 88.78
N ALA HA 215 -70.78 -18.84 88.50
CA ALA HA 215 -71.05 -17.65 87.70
C ALA HA 215 -69.76 -17.16 87.07
N SER HA 216 -69.86 -16.76 85.79
CA SER HA 216 -68.75 -16.16 85.07
C SER HA 216 -69.32 -15.31 83.94
N ALA HA 217 -68.45 -14.83 83.06
CA ALA HA 217 -68.88 -14.13 81.85
C ALA HA 217 -69.12 -15.15 80.75
N CYS HA 218 -70.24 -15.01 80.06
CA CYS HA 218 -70.73 -16.09 79.19
C CYS HA 218 -69.87 -16.21 77.93
N ASN HA 219 -69.85 -15.16 77.11
CA ASN HA 219 -69.04 -15.14 75.90
C ASN HA 219 -67.97 -14.05 75.97
N ASP HA 220 -68.36 -12.80 76.18
CA ASP HA 220 -67.43 -11.68 76.24
C ASP HA 220 -68.13 -10.58 77.02
N PHE HA 221 -67.35 -9.77 77.73
CA PHE HA 221 -67.91 -8.83 78.68
C PHE HA 221 -67.33 -7.46 78.42
N SER HA 222 -68.18 -6.44 78.48
CA SER HA 222 -67.78 -5.08 78.18
C SER HA 222 -67.85 -4.24 79.45
N VAL HA 223 -66.85 -3.38 79.63
CA VAL HA 223 -66.65 -2.68 80.89
C VAL HA 223 -65.80 -1.44 80.64
N ARG HA 224 -66.23 -0.28 81.15
CA ARG HA 224 -65.67 0.99 80.69
C ARG HA 224 -64.96 1.79 81.77
N LEU HA 225 -65.65 2.26 82.81
CA LEU HA 225 -65.20 3.41 83.58
C LEU HA 225 -64.65 2.97 84.94
N LEU HA 226 -63.34 3.04 85.11
CA LEU HA 226 -62.70 2.57 86.33
C LEU HA 226 -63.00 3.50 87.50
N ARG HA 227 -63.20 2.91 88.68
CA ARG HA 227 -63.42 3.66 89.90
C ARG HA 227 -62.79 2.91 91.07
N ASP HA 228 -62.89 3.50 92.26
CA ASP HA 228 -62.45 2.84 93.47
C ASP HA 228 -63.54 1.91 94.01
N THR HA 229 -63.12 0.77 94.58
CA THR HA 229 -64.08 -0.20 95.06
C THR HA 229 -64.74 0.28 96.35
N PRO HA 230 -66.00 -0.10 96.59
CA PRO HA 230 -66.69 0.33 97.81
C PRO HA 230 -66.32 -0.49 99.04
N PHE HA 231 -65.87 -1.73 98.85
CA PHE HA 231 -65.68 -2.65 99.98
C PHE HA 231 -64.61 -2.15 100.94
N MET HA 232 -63.43 -1.81 100.41
CA MET HA 232 -62.37 -1.30 101.27
C MET HA 232 -62.79 0.01 101.92
N ALA HA 233 -62.38 0.21 103.17
CA ALA HA 233 -62.74 1.40 103.92
C ALA HA 233 -61.53 2.30 104.13
N GLN IA 43 60.14 6.96 -137.80
CA GLN IA 43 59.23 6.56 -136.74
C GLN IA 43 57.81 7.05 -137.03
N THR IA 44 56.83 6.49 -136.32
CA THR IA 44 55.44 6.86 -136.49
C THR IA 44 54.78 6.98 -135.12
N ARG IA 45 53.73 7.78 -135.07
CA ARG IA 45 53.01 8.03 -133.82
C ARG IA 45 52.09 6.85 -133.54
N HIS IA 46 52.40 6.06 -132.53
CA HIS IA 46 51.62 4.89 -132.18
C HIS IA 46 50.74 5.18 -130.97
N VAL IA 47 49.80 4.27 -130.72
CA VAL IA 47 48.95 4.36 -129.52
C VAL IA 47 49.78 3.84 -128.36
N VAL IA 48 50.40 4.75 -127.62
CA VAL IA 48 51.22 4.40 -126.46
C VAL IA 48 50.26 4.30 -125.30
N ASN IA 49 49.63 3.13 -125.16
CA ASN IA 49 48.58 2.92 -124.17
C ASN IA 49 49.14 2.09 -123.02
N PHE IA 50 49.30 2.74 -121.87
CA PHE IA 50 49.65 2.10 -120.61
C PHE IA 50 49.57 3.19 -119.54
N HIS IA 51 49.60 2.76 -118.28
CA HIS IA 51 49.45 3.69 -117.16
C HIS IA 51 50.46 3.27 -116.09
N SER IA 52 51.59 3.96 -116.03
CA SER IA 52 52.65 3.59 -115.10
C SER IA 52 53.50 4.81 -114.78
N ARG IA 53 53.84 4.95 -113.49
CA ARG IA 53 54.81 5.94 -113.06
C ARG IA 53 55.79 5.34 -112.07
N SER IA 54 56.08 4.05 -112.21
CA SER IA 54 57.07 3.40 -111.35
C SER IA 54 58.49 3.78 -111.77
N GLU IA 55 58.68 4.16 -113.03
CA GLU IA 55 59.98 4.58 -113.51
C GLU IA 55 60.24 6.05 -113.26
N SER IA 56 59.27 6.77 -112.71
CA SER IA 56 59.41 8.18 -112.45
C SER IA 56 59.64 8.47 -110.97
N THR IA 57 59.70 7.44 -110.14
CA THR IA 57 60.00 7.68 -108.73
C THR IA 57 61.47 8.09 -108.59
N ILE IA 58 61.82 8.57 -107.39
CA ILE IA 58 63.15 9.13 -107.20
C ILE IA 58 64.21 8.03 -107.20
N GLU IA 59 63.89 6.88 -106.61
CA GLU IA 59 64.87 5.80 -106.55
C GLU IA 59 65.08 5.16 -107.91
N ASN IA 60 64.08 5.23 -108.79
CA ASN IA 60 64.18 4.70 -110.15
C ASN IA 60 64.67 5.74 -111.14
N PHE IA 61 64.95 6.95 -110.66
CA PHE IA 61 65.45 8.06 -111.46
C PHE IA 61 66.89 8.40 -111.18
N MET IA 62 67.28 8.40 -109.90
CA MET IA 62 68.63 8.71 -109.45
C MET IA 62 69.50 7.47 -109.26
N GLY IA 63 68.91 6.38 -108.78
CA GLY IA 63 69.67 5.18 -108.47
C GLY IA 63 70.12 4.44 -109.70
N ARG IA 64 71.05 5.02 -110.45
CA ARG IA 64 71.63 4.36 -111.62
C ARG IA 64 73.12 4.58 -111.64
N ALA IA 65 73.86 3.49 -111.85
CA ALA IA 65 75.32 3.52 -111.76
C ALA IA 65 75.88 4.20 -113.01
N ALA IA 66 76.77 5.17 -112.79
CA ALA IA 66 77.39 5.93 -113.86
C ALA IA 66 78.87 6.09 -113.55
N CYS IA 67 79.71 6.01 -114.58
CA CYS IA 67 81.14 6.12 -114.39
C CYS IA 67 81.50 7.57 -114.16
N VAL IA 68 82.16 7.84 -113.03
CA VAL IA 68 82.41 9.21 -112.60
C VAL IA 68 83.89 9.52 -112.42
N PHE IA 69 84.79 8.56 -112.59
CA PHE IA 69 86.21 8.84 -112.33
C PHE IA 69 87.08 7.81 -113.06
N MET IA 70 87.72 8.25 -114.14
CA MET IA 70 88.83 7.53 -114.76
C MET IA 70 90.14 8.13 -114.30
N ASP IA 71 91.11 7.28 -113.98
CA ASP IA 71 92.43 7.77 -113.61
C ASP IA 71 93.47 6.68 -113.82
N GLN IA 72 94.69 7.12 -114.10
CA GLN IA 72 95.85 6.24 -114.26
C GLN IA 72 96.69 6.29 -112.99
N TYR IA 73 97.36 5.18 -112.69
CA TYR IA 73 98.35 5.17 -111.62
C TYR IA 73 99.33 4.04 -111.86
N LYS IA 74 100.62 4.37 -111.77
CA LYS IA 74 101.70 3.44 -112.12
C LYS IA 74 101.94 2.46 -110.99
N ILE IA 75 103.05 1.74 -111.03
CA ILE IA 75 103.39 0.80 -109.97
C ILE IA 75 104.81 1.06 -109.43
N ASN IA 76 105.70 1.54 -110.29
CA ASN IA 76 107.10 1.65 -109.91
C ASN IA 76 107.71 2.94 -110.47
N GLY IA 77 108.90 3.25 -109.98
CA GLY IA 77 109.59 4.47 -110.33
C GLY IA 77 109.09 5.66 -109.52
N GLU IA 78 109.95 6.68 -109.44
CA GLU IA 78 109.61 7.97 -108.84
C GLU IA 78 109.01 7.80 -107.44
N GLU IA 79 109.88 7.38 -106.52
CA GLU IA 79 109.42 6.98 -105.19
C GLU IA 79 108.64 8.10 -104.50
N THR IA 80 108.98 9.35 -104.77
CA THR IA 80 108.20 10.50 -104.32
C THR IA 80 107.49 11.13 -105.52
N SER IA 81 106.34 10.56 -105.87
CA SER IA 81 105.54 11.08 -106.98
C SER IA 81 104.06 10.99 -106.65
N THR IA 82 103.28 11.81 -107.35
CA THR IA 82 101.84 11.85 -107.19
C THR IA 82 101.11 11.07 -108.29
N ASP IA 83 101.85 10.37 -109.14
CA ASP IA 83 101.26 9.61 -110.25
C ASP IA 83 101.25 8.11 -109.98
N ARG IA 84 101.35 7.71 -108.71
CA ARG IA 84 101.26 6.31 -108.32
C ARG IA 84 100.02 5.99 -107.51
N PHE IA 85 99.08 6.94 -107.41
CA PHE IA 85 97.82 6.69 -106.72
C PHE IA 85 96.78 7.67 -107.25
N ALA IA 86 95.52 7.39 -106.92
CA ALA IA 86 94.39 8.19 -107.35
C ALA IA 86 93.73 8.85 -106.14
N VAL IA 87 92.90 9.86 -106.40
CA VAL IA 87 92.34 10.67 -105.33
C VAL IA 87 90.82 10.71 -105.36
N TRP IA 88 90.24 11.45 -106.31
CA TRP IA 88 88.81 11.62 -106.47
C TRP IA 88 88.06 11.92 -105.17
N THR IA 89 88.12 13.17 -104.71
CA THR IA 89 87.23 13.64 -103.66
C THR IA 89 85.77 13.44 -104.08
N ILE IA 90 85.03 12.67 -103.30
CA ILE IA 90 83.69 12.22 -103.72
C ILE IA 90 82.72 13.39 -103.65
N ASN IA 91 82.16 13.75 -104.81
CA ASN IA 91 81.10 14.75 -104.86
C ASN IA 91 80.17 14.44 -106.02
N ILE IA 92 78.94 14.97 -105.95
CA ILE IA 92 77.97 14.77 -107.02
C ILE IA 92 78.27 15.65 -108.23
N ARG IA 93 79.11 16.66 -108.09
CA ARG IA 93 79.39 17.59 -109.18
C ARG IA 93 80.56 17.11 -110.04
N GLU IA 94 80.50 15.84 -110.44
CA GLU IA 94 81.59 15.22 -111.19
C GLU IA 94 81.40 15.41 -112.70
N MET IA 95 80.36 14.82 -113.26
CA MET IA 95 80.04 15.01 -114.67
C MET IA 95 78.65 15.63 -114.78
N ALA IA 96 78.46 16.41 -115.85
CA ALA IA 96 77.29 17.27 -115.95
C ALA IA 96 76.00 16.49 -116.15
N GLN IA 97 76.08 15.26 -116.67
CA GLN IA 97 74.86 14.48 -116.87
C GLN IA 97 74.25 14.06 -115.55
N LEU IA 98 75.06 13.55 -114.63
CA LEU IA 98 74.54 13.24 -113.29
C LEU IA 98 74.32 14.50 -112.47
N ARG IA 99 75.24 15.47 -112.56
CA ARG IA 99 75.08 16.71 -111.80
C ARG IA 99 73.74 17.37 -112.08
N ARG IA 100 73.27 17.28 -113.32
CA ARG IA 100 71.99 17.89 -113.67
C ARG IA 100 70.84 17.24 -112.92
N LYS IA 101 70.90 15.91 -112.72
CA LYS IA 101 69.81 15.22 -112.04
C LYS IA 101 69.79 15.53 -110.55
N CYS IA 102 70.96 15.70 -109.93
CA CYS IA 102 70.99 16.03 -108.51
C CYS IA 102 70.52 17.45 -108.25
N GLU IA 103 70.51 18.30 -109.27
CA GLU IA 103 70.04 19.68 -109.12
C GLU IA 103 68.56 19.83 -109.45
N MET IA 104 67.84 18.73 -109.68
CA MET IA 104 66.39 18.80 -109.67
C MET IA 104 65.86 19.09 -108.27
N PHE IA 105 66.64 18.75 -107.25
CA PHE IA 105 66.19 18.75 -105.87
C PHE IA 105 67.20 19.51 -105.02
N THR IA 106 66.70 20.27 -104.05
CA THR IA 106 67.60 21.03 -103.20
C THR IA 106 68.29 20.13 -102.17
N TYR IA 107 67.52 19.33 -101.45
CA TYR IA 107 68.05 18.46 -100.41
C TYR IA 107 67.79 17.00 -100.77
N MET IA 108 68.78 16.16 -100.52
CA MET IA 108 68.63 14.73 -100.74
C MET IA 108 69.61 13.99 -99.84
N ARG IA 109 69.21 12.79 -99.42
CA ARG IA 109 70.05 11.92 -98.62
C ARG IA 109 69.99 10.52 -99.19
N PHE IA 110 71.13 9.82 -99.17
CA PHE IA 110 71.25 8.58 -99.91
C PHE IA 110 72.53 7.88 -99.50
N ASP IA 111 72.48 6.56 -99.43
CA ASP IA 111 73.68 5.75 -99.35
C ASP IA 111 74.30 5.64 -100.74
N ILE IA 112 75.62 5.55 -100.79
CA ILE IA 112 76.34 5.39 -102.04
C ILE IA 112 76.99 4.00 -102.03
N GLU IA 113 76.99 3.36 -103.20
CA GLU IA 113 77.50 2.00 -103.34
C GLU IA 113 78.27 1.95 -104.66
N MET IA 114 79.57 2.23 -104.57
CA MET IA 114 80.41 2.32 -105.76
C MET IA 114 81.13 0.99 -105.98
N THR IA 115 81.29 0.62 -107.26
CA THR IA 115 82.01 -0.57 -107.66
C THR IA 115 83.07 -0.17 -108.67
N MET IA 116 84.33 -0.39 -108.32
CA MET IA 116 85.43 -0.02 -109.19
C MET IA 116 85.63 -1.09 -110.26
N VAL IA 117 86.15 -0.67 -111.40
CA VAL IA 117 86.49 -1.56 -112.51
C VAL IA 117 87.92 -1.24 -112.88
N ILE IA 118 88.85 -2.11 -112.49
CA ILE IA 118 90.28 -1.83 -112.54
C ILE IA 118 90.90 -2.69 -113.63
N THR IA 119 91.68 -2.06 -114.51
CA THR IA 119 92.38 -2.75 -115.58
C THR IA 119 93.88 -2.60 -115.36
N SER IA 120 94.65 -3.10 -116.33
CA SER IA 120 96.10 -2.96 -116.26
C SER IA 120 96.67 -3.12 -117.66
N CYS IA 121 97.88 -2.58 -117.84
CA CYS IA 121 98.59 -2.62 -119.10
C CYS IA 121 100.05 -2.92 -118.77
N GLN IA 122 100.94 -2.70 -119.73
CA GLN IA 122 102.36 -2.88 -119.48
C GLN IA 122 103.20 -2.24 -120.59
N MET IA 132 104.99 -11.01 -115.46
CA MET IA 132 104.54 -10.28 -114.28
C MET IA 132 103.84 -11.20 -113.29
N PRO IA 133 103.61 -10.73 -112.06
CA PRO IA 133 102.84 -11.55 -111.12
C PRO IA 133 101.35 -11.27 -111.23
N VAL IA 134 100.56 -11.82 -110.32
CA VAL IA 134 99.15 -11.44 -110.18
C VAL IA 134 99.07 -10.22 -109.28
N LEU IA 135 98.35 -9.20 -109.73
CA LEU IA 135 98.34 -7.90 -109.09
C LEU IA 135 97.22 -7.81 -108.05
N THR IA 136 97.50 -7.11 -106.96
CA THR IA 136 96.52 -6.85 -105.91
C THR IA 136 96.47 -5.34 -105.69
N HIS IA 137 95.26 -4.80 -105.61
CA HIS IA 137 95.04 -3.36 -105.50
C HIS IA 137 94.52 -3.02 -104.11
N GLN IA 138 94.40 -1.73 -103.84
CA GLN IA 138 93.84 -1.24 -102.57
C GLN IA 138 93.05 0.02 -102.84
N ILE IA 139 91.78 0.02 -102.49
CA ILE IA 139 90.89 1.16 -102.67
C ILE IA 139 90.53 1.66 -101.28
N MET IA 140 91.21 2.68 -100.80
CA MET IA 140 91.03 3.18 -99.44
C MET IA 140 90.08 4.37 -99.46
N TYR IA 141 88.92 4.20 -98.82
CA TYR IA 141 87.99 5.29 -98.60
C TYR IA 141 88.31 5.96 -97.27
N VAL IA 142 88.68 7.23 -97.30
CA VAL IA 142 88.85 7.99 -96.07
C VAL IA 142 87.56 8.77 -95.81
N PRO IA 143 87.10 8.83 -94.57
CA PRO IA 143 85.91 9.61 -94.24
C PRO IA 143 86.19 11.10 -94.35
N PRO IA 144 85.18 11.95 -94.14
CA PRO IA 144 85.46 13.41 -94.15
C PRO IA 144 86.48 13.82 -93.11
N GLY IA 145 86.40 13.25 -91.91
CA GLY IA 145 87.47 13.41 -90.96
C GLY IA 145 88.46 12.25 -91.04
N GLY IA 146 89.49 12.41 -91.85
CA GLY IA 146 90.44 11.35 -92.09
C GLY IA 146 91.74 11.86 -92.68
N PRO IA 147 92.85 11.24 -92.28
CA PRO IA 147 94.15 11.61 -92.84
C PRO IA 147 94.31 11.09 -94.26
N ILE IA 148 95.01 11.86 -95.07
CA ILE IA 148 95.22 11.51 -96.48
C ILE IA 148 96.68 11.15 -96.68
N PRO IA 149 97.00 10.25 -97.60
CA PRO IA 149 98.40 10.02 -97.94
C PRO IA 149 98.96 11.15 -98.80
N ALA IA 150 100.26 11.38 -98.65
CA ALA IA 150 100.99 12.28 -99.53
C ALA IA 150 101.79 11.54 -100.58
N LYS IA 151 102.15 10.29 -100.29
CA LYS IA 151 102.94 9.46 -101.20
C LYS IA 151 102.35 8.06 -101.19
N VAL IA 152 102.76 7.24 -102.16
CA VAL IA 152 102.28 5.88 -102.25
C VAL IA 152 102.71 5.05 -101.05
N ASP IA 153 103.76 5.48 -100.35
CA ASP IA 153 104.30 4.76 -99.20
C ASP IA 153 104.11 5.53 -97.90
N GLY IA 154 103.05 6.32 -97.79
CA GLY IA 154 102.77 7.02 -96.56
C GLY IA 154 102.22 6.08 -95.51
N TYR IA 155 102.21 6.56 -94.27
CA TYR IA 155 101.69 5.75 -93.17
C TYR IA 155 100.17 5.81 -93.07
N GLU IA 156 99.53 6.76 -93.75
CA GLU IA 156 98.08 6.87 -93.69
C GLU IA 156 97.40 5.63 -94.24
N TRP IA 157 98.04 4.97 -95.23
CA TRP IA 157 97.46 3.77 -95.83
C TRP IA 157 97.20 2.68 -94.81
N GLN IA 158 97.89 2.71 -93.66
CA GLN IA 158 97.75 1.70 -92.63
C GLN IA 158 96.80 2.13 -91.52
N THR IA 159 95.99 3.17 -91.74
CA THR IA 159 95.10 3.67 -90.70
C THR IA 159 93.91 2.74 -90.55
N SER IA 160 93.64 2.32 -89.32
CA SER IA 160 92.57 1.36 -89.05
C SER IA 160 91.18 1.95 -89.22
N THR IA 161 91.05 3.28 -89.16
CA THR IA 161 89.75 3.93 -89.30
C THR IA 161 89.42 4.25 -90.75
N ASN IA 162 90.35 4.04 -91.68
CA ASN IA 162 90.08 4.19 -93.10
C ASN IA 162 89.80 2.82 -93.70
N PRO IA 163 88.54 2.48 -93.98
CA PRO IA 163 88.26 1.16 -94.56
C PRO IA 163 88.75 1.07 -96.00
N SER IA 164 89.32 -0.08 -96.35
CA SER IA 164 89.91 -0.28 -97.66
C SER IA 164 89.69 -1.71 -98.09
N VAL IA 165 89.46 -1.91 -99.39
CA VAL IA 165 89.32 -3.25 -99.97
C VAL IA 165 90.61 -3.60 -100.69
N PHE IA 166 90.99 -4.87 -100.58
CA PHE IA 166 92.20 -5.39 -101.23
C PHE IA 166 91.74 -6.37 -102.30
N TRP IA 167 91.54 -5.85 -103.51
CA TRP IA 167 91.08 -6.64 -104.63
C TRP IA 167 92.27 -7.11 -105.44
N THR IA 168 92.37 -8.42 -105.64
CA THR IA 168 93.39 -9.00 -106.50
C THR IA 168 92.78 -9.23 -107.88
N GLU IA 169 93.65 -9.18 -108.89
CA GLU IA 169 93.16 -9.15 -110.27
C GLU IA 169 92.57 -10.50 -110.66
N GLY IA 170 91.55 -10.45 -111.52
CA GLY IA 170 90.90 -11.64 -112.05
C GLY IA 170 89.54 -11.94 -111.45
N ASN IA 171 89.24 -11.43 -110.26
CA ASN IA 171 87.98 -11.74 -109.59
C ASN IA 171 86.88 -10.78 -110.04
N ALA IA 172 85.74 -10.85 -109.37
CA ALA IA 172 84.67 -9.88 -109.59
C ALA IA 172 85.12 -8.50 -109.12
N PRO IA 173 84.53 -7.43 -109.64
CA PRO IA 173 85.00 -6.09 -109.27
C PRO IA 173 84.73 -5.81 -107.81
N PRO IA 174 85.57 -5.00 -107.17
CA PRO IA 174 85.38 -4.71 -105.75
C PRO IA 174 84.24 -3.73 -105.54
N ARG IA 175 83.40 -4.02 -104.55
CA ARG IA 175 82.27 -3.16 -104.22
C ARG IA 175 82.38 -2.72 -102.77
N ILE IA 176 82.32 -1.41 -102.55
CA ILE IA 176 82.42 -0.80 -101.23
C ILE IA 176 81.22 0.14 -101.09
N SER IA 177 80.51 0.04 -99.97
CA SER IA 177 79.30 0.82 -99.76
C SER IA 177 79.50 1.78 -98.59
N ILE IA 178 79.01 3.00 -98.75
CA ILE IA 178 79.24 4.06 -97.78
C ILE IA 178 77.89 4.61 -97.35
N PRO IA 179 77.60 4.69 -96.05
CA PRO IA 179 76.28 5.17 -95.61
C PRO IA 179 76.15 6.68 -95.73
N PHE IA 180 75.06 7.22 -95.19
CA PHE IA 180 74.84 8.66 -95.16
C PHE IA 180 75.78 9.26 -94.12
N ILE IA 181 76.87 9.88 -94.59
CA ILE IA 181 77.91 10.36 -93.68
C ILE IA 181 77.55 11.71 -93.06
N SER IA 182 76.82 12.55 -93.79
CA SER IA 182 76.81 13.98 -93.53
C SER IA 182 76.37 14.32 -92.10
N VAL IA 183 76.82 15.48 -91.63
CA VAL IA 183 76.54 15.91 -90.26
C VAL IA 183 75.09 16.34 -90.14
N GLY IA 184 74.57 17.03 -91.15
CA GLY IA 184 73.21 17.48 -91.16
C GLY IA 184 72.27 16.32 -91.42
N ASN IA 185 71.06 16.66 -91.85
CA ASN IA 185 70.04 15.67 -92.10
C ASN IA 185 69.85 15.35 -93.57
N ALA IA 186 70.55 16.07 -94.46
CA ALA IA 186 70.51 15.77 -95.88
C ALA IA 186 71.74 16.40 -96.54
N TYR IA 187 72.11 15.87 -97.70
CA TYR IA 187 73.06 16.54 -98.56
C TYR IA 187 72.37 17.69 -99.28
N SER IA 188 73.04 18.84 -99.33
CA SER IA 188 72.51 20.01 -99.99
C SER IA 188 73.17 20.16 -101.35
N SER IA 189 72.34 20.15 -102.40
CA SER IA 189 72.88 20.39 -103.74
C SER IA 189 73.31 21.84 -103.91
N PHE IA 190 72.55 22.75 -103.32
CA PHE IA 190 72.83 24.18 -103.37
C PHE IA 190 72.94 24.74 -101.96
N TYR IA 191 73.86 25.68 -101.77
CA TYR IA 191 74.06 26.30 -100.46
C TYR IA 191 74.27 27.79 -100.68
N ASP IA 192 73.21 28.57 -100.56
CA ASP IA 192 73.27 30.03 -100.68
C ASP IA 192 73.79 30.59 -99.36
N GLY IA 193 75.10 30.52 -99.19
CA GLY IA 193 75.71 30.91 -97.93
C GLY IA 193 77.22 30.89 -98.02
N TRP IA 194 77.85 31.34 -96.93
CA TRP IA 194 79.29 31.50 -96.88
C TRP IA 194 79.86 30.56 -95.82
N SER IA 195 80.97 29.90 -96.17
CA SER IA 195 81.59 28.96 -95.24
C SER IA 195 82.11 29.68 -94.00
N HIS IA 196 82.77 30.81 -94.19
CA HIS IA 196 83.36 31.57 -93.09
C HIS IA 196 82.43 32.71 -92.71
N PHE IA 197 82.15 32.83 -91.41
CA PHE IA 197 81.20 33.82 -90.92
C PHE IA 197 81.66 35.23 -91.25
N THR IA 198 80.68 36.12 -91.39
CA THR IA 198 80.85 37.54 -91.72
C THR IA 198 81.22 37.73 -93.19
N GLN IA 199 80.62 36.92 -94.05
CA GLN IA 199 80.69 37.08 -95.51
C GLN IA 199 82.15 37.12 -96.00
N ASP IA 200 82.88 36.07 -95.67
CA ASP IA 200 84.27 35.94 -96.09
C ASP IA 200 84.30 35.27 -97.47
N GLY IA 201 85.42 34.63 -97.81
CA GLY IA 201 85.54 33.95 -99.08
C GLY IA 201 84.77 32.63 -99.11
N THR IA 202 84.93 31.92 -100.22
CA THR IA 202 84.36 30.59 -100.45
C THR IA 202 82.83 30.62 -100.33
N TYR IA 203 82.22 31.25 -101.34
CA TYR IA 203 80.77 31.22 -101.46
C TYR IA 203 80.28 29.85 -101.88
N GLY IA 204 79.12 29.45 -101.35
CA GLY IA 204 78.40 28.32 -101.89
C GLY IA 204 78.90 26.95 -101.47
N TYR IA 205 79.97 26.88 -100.67
CA TYR IA 205 80.54 25.59 -100.26
C TYR IA 205 80.28 25.40 -98.78
N THR IA 206 79.35 24.50 -98.46
CA THR IA 206 79.13 24.04 -97.10
C THR IA 206 79.94 22.78 -96.84
N THR IA 207 80.25 22.54 -95.57
CA THR IA 207 80.96 21.34 -95.18
C THR IA 207 80.03 20.19 -94.80
N LEU IA 208 78.72 20.41 -94.87
CA LEU IA 208 77.78 19.33 -94.57
C LEU IA 208 77.76 18.30 -95.69
N ASN IA 209 77.81 18.75 -96.94
CA ASN IA 209 77.80 17.84 -98.08
C ASN IA 209 79.21 17.42 -98.47
N ALA IA 210 79.97 16.96 -97.48
CA ALA IA 210 81.27 16.34 -97.71
C ALA IA 210 81.10 14.84 -97.55
N MET IA 211 81.61 14.08 -98.52
CA MET IA 211 81.35 12.65 -98.58
C MET IA 211 82.58 11.79 -98.34
N GLY IA 212 83.78 12.35 -98.48
CA GLY IA 212 85.00 11.62 -98.27
C GLY IA 212 85.87 11.64 -99.51
N LYS IA 213 86.90 10.80 -99.49
CA LYS IA 213 87.82 10.65 -100.60
C LYS IA 213 88.08 9.18 -100.83
N LEU IA 214 88.79 8.86 -101.92
CA LEU IA 214 88.93 7.47 -102.36
C LEU IA 214 90.34 7.27 -102.93
N TYR IA 215 91.28 6.91 -102.06
CA TYR IA 215 92.68 6.71 -102.45
C TYR IA 215 92.91 5.27 -102.90
N ILE IA 216 93.51 5.13 -104.08
CA ILE IA 216 93.61 3.85 -104.76
C ILE IA 216 95.06 3.64 -105.17
N ARG IA 217 95.62 2.48 -104.83
CA ARG IA 217 97.00 2.19 -105.19
C ARG IA 217 97.17 0.70 -105.44
N HIS IA 218 98.31 0.36 -106.02
CA HIS IA 218 98.78 -1.03 -106.01
C HIS IA 218 99.38 -1.32 -104.65
N VAL IA 219 99.15 -2.54 -104.14
CA VAL IA 219 99.84 -2.96 -102.92
C VAL IA 219 101.17 -3.63 -103.23
N ASN IA 220 101.41 -3.98 -104.49
CA ASN IA 220 102.69 -4.56 -104.87
C ASN IA 220 103.77 -3.50 -104.78
N ARG IA 221 104.89 -3.84 -104.12
CA ARG IA 221 105.90 -2.85 -103.82
C ARG IA 221 106.65 -2.41 -105.08
N SER IA 222 106.90 -3.34 -106.00
CA SER IA 222 107.65 -3.03 -107.20
C SER IA 222 107.26 -4.01 -108.30
N SER IA 223 107.91 -3.87 -109.45
CA SER IA 223 107.68 -4.73 -110.61
C SER IA 223 108.91 -4.66 -111.50
N PRO IA 224 109.19 -5.70 -112.27
CA PRO IA 224 110.32 -5.63 -113.20
C PRO IA 224 110.13 -4.60 -114.31
N HIS IA 225 108.94 -4.58 -114.91
CA HIS IA 225 108.60 -3.60 -115.93
C HIS IA 225 107.52 -2.66 -115.40
N GLN IA 226 107.07 -1.75 -116.26
CA GLN IA 226 106.08 -0.74 -115.88
C GLN IA 226 104.67 -1.27 -116.11
N ILE IA 227 103.81 -1.13 -115.11
CA ILE IA 227 102.41 -1.52 -115.20
C ILE IA 227 101.58 -0.28 -114.91
N THR IA 228 100.68 0.07 -115.83
CA THR IA 228 99.87 1.28 -115.72
C THR IA 228 98.41 0.85 -115.61
N SER IA 229 97.87 0.95 -114.39
CA SER IA 229 96.51 0.50 -114.12
C SER IA 229 95.53 1.65 -114.32
N THR IA 230 94.33 1.30 -114.75
CA THR IA 230 93.26 2.26 -115.00
C THR IA 230 92.05 1.85 -114.16
N ILE IA 231 91.47 2.80 -113.45
CA ILE IA 231 90.33 2.54 -112.58
C ILE IA 231 89.15 3.38 -113.04
N ARG IA 232 87.96 2.77 -112.99
CA ARG IA 232 86.71 3.41 -113.38
C ARG IA 232 85.74 3.24 -112.21
N VAL IA 233 85.47 4.32 -111.48
CA VAL IA 233 84.61 4.27 -110.30
C VAL IA 233 83.17 4.45 -110.74
N TYR IA 234 82.32 3.49 -110.37
CA TYR IA 234 80.90 3.52 -110.74
C TYR IA 234 80.07 3.93 -109.52
N PHE IA 235 79.72 5.21 -109.50
CA PHE IA 235 78.95 5.79 -108.41
C PHE IA 235 77.48 5.43 -108.56
N LYS IA 236 76.82 5.13 -107.43
CA LYS IA 236 75.41 4.84 -107.47
C LYS IA 236 74.71 5.30 -106.19
N PRO IA 237 73.76 6.22 -106.28
CA PRO IA 237 72.94 6.54 -105.11
C PRO IA 237 72.05 5.36 -104.75
N LYS IA 238 71.78 5.22 -103.45
CA LYS IA 238 70.97 4.10 -102.99
C LYS IA 238 70.13 4.55 -101.80
N HIS IA 239 68.92 4.01 -101.72
CA HIS IA 239 67.95 4.36 -100.68
C HIS IA 239 67.79 5.87 -100.60
N ILE IA 240 67.49 6.48 -101.74
CA ILE IA 240 67.59 7.92 -101.91
C ILE IA 240 66.25 8.58 -101.62
N LYS IA 241 66.28 9.63 -100.81
CA LYS IA 241 65.16 10.52 -100.61
C LYS IA 241 65.55 11.92 -101.07
N ALA IA 242 64.57 12.71 -101.46
CA ALA IA 242 64.84 14.02 -102.04
C ALA IA 242 63.74 14.99 -101.64
N TRP IA 243 64.13 16.20 -101.27
CA TRP IA 243 63.21 17.24 -100.84
C TRP IA 243 63.38 18.48 -101.71
N VAL IA 244 62.34 19.31 -101.70
CA VAL IA 244 62.36 20.65 -102.30
C VAL IA 244 62.73 20.54 -103.77
N PRO IA 245 61.78 20.29 -104.67
CA PRO IA 245 62.09 20.26 -106.10
C PRO IA 245 62.53 21.63 -106.57
N ARG IA 246 63.09 21.65 -107.77
CA ARG IA 246 63.86 22.80 -108.24
C ARG IA 246 63.83 22.76 -109.76
N PRO IA 247 63.80 23.91 -110.44
CA PRO IA 247 63.69 23.89 -111.89
C PRO IA 247 64.97 23.36 -112.50
N PRO IA 248 64.90 22.76 -113.67
CA PRO IA 248 66.10 22.18 -114.30
C PRO IA 248 67.09 23.24 -114.74
N ARG IA 249 68.34 22.81 -114.82
CA ARG IA 249 69.42 23.66 -115.34
C ARG IA 249 69.15 24.01 -116.80
N LEU IA 250 69.34 25.28 -117.14
CA LEU IA 250 69.18 25.75 -118.51
C LEU IA 250 70.52 26.01 -119.19
N CYS IA 251 71.41 26.73 -118.53
CA CYS IA 251 72.70 27.10 -119.09
C CYS IA 251 73.71 25.96 -118.94
N PRO IA 252 74.74 25.93 -119.79
CA PRO IA 252 75.79 24.94 -119.63
C PRO IA 252 76.65 25.21 -118.40
N TYR IA 253 77.29 24.16 -117.91
CA TYR IA 253 78.14 24.28 -116.73
C TYR IA 253 79.51 24.86 -117.08
N ILE IA 254 80.04 25.65 -116.17
CA ILE IA 254 81.35 26.29 -116.36
C ILE IA 254 82.41 25.52 -115.56
N ASN IA 255 82.24 25.48 -114.25
CA ASN IA 255 83.22 24.91 -113.34
C ASN IA 255 82.54 23.98 -112.34
N LYS IA 256 83.32 23.05 -111.79
CA LYS IA 256 82.80 21.95 -111.00
C LYS IA 256 82.63 22.28 -109.52
N ARG IA 257 82.87 23.53 -109.12
CA ARG IA 257 82.71 23.93 -107.72
C ARG IA 257 81.83 25.16 -107.57
N ASP IA 258 81.18 25.61 -108.63
CA ASP IA 258 80.37 26.83 -108.57
C ASP IA 258 79.18 26.68 -109.50
N VAL IA 259 78.30 27.67 -109.45
CA VAL IA 259 77.07 27.70 -110.24
C VAL IA 259 77.15 28.75 -111.34
N ASN IA 260 78.34 29.26 -111.62
CA ASN IA 260 78.51 30.34 -112.58
C ASN IA 260 78.12 29.88 -113.98
N PHE IA 261 77.62 30.81 -114.77
CA PHE IA 261 77.04 30.45 -116.05
C PHE IA 261 77.10 31.62 -117.00
N VAL IA 262 76.89 31.33 -118.28
CA VAL IA 262 76.74 32.35 -119.32
C VAL IA 262 75.25 32.44 -119.65
N VAL IA 263 74.77 33.67 -119.86
CA VAL IA 263 73.33 33.87 -120.08
C VAL IA 263 72.94 33.21 -121.39
N THR IA 264 72.09 32.20 -121.30
CA THR IA 264 71.67 31.41 -122.44
C THR IA 264 70.24 31.77 -122.79
N GLU IA 265 69.88 31.54 -124.05
CA GLU IA 265 68.51 31.79 -124.50
C GLU IA 265 67.58 30.77 -123.88
N ILE IA 266 66.30 31.17 -123.74
CA ILE IA 266 65.32 30.30 -123.09
C ILE IA 266 65.08 29.04 -123.90
N THR IA 267 64.57 29.18 -125.12
CA THR IA 267 64.32 28.07 -126.01
C THR IA 267 64.97 28.36 -127.35
N ASP IA 268 64.93 27.36 -128.25
CA ASP IA 268 65.37 27.59 -129.61
C ASP IA 268 64.39 28.51 -130.31
N SER IA 269 64.91 29.40 -131.14
CA SER IA 269 64.05 30.40 -131.75
C SER IA 269 63.36 29.84 -132.99
N ARG IA 270 62.21 30.40 -133.30
CA ARG IA 270 61.51 30.14 -134.55
C ARG IA 270 61.31 31.46 -135.29
N THR IA 271 60.72 31.37 -136.49
CA THR IA 271 60.68 32.53 -137.37
C THR IA 271 59.66 33.55 -136.89
N SER IA 272 58.40 33.16 -136.76
CA SER IA 272 57.34 34.04 -136.29
C SER IA 272 56.60 33.38 -135.13
N ILE IA 273 55.65 34.12 -134.57
CA ILE IA 273 54.85 33.59 -133.47
C ILE IA 273 53.78 32.63 -133.95
N THR IA 274 53.46 32.62 -135.25
CA THR IA 274 52.34 31.86 -135.77
C THR IA 274 52.73 30.67 -136.64
N ASP IA 275 54.01 30.52 -136.98
CA ASP IA 275 54.41 29.40 -137.83
C ASP IA 275 54.58 28.12 -137.03
N VAL JA 13 37.98 42.88 -96.62
CA VAL JA 13 39.00 43.68 -95.95
C VAL JA 13 39.19 43.21 -94.51
N ARG JA 14 40.37 42.66 -94.23
CA ARG JA 14 40.73 42.18 -92.90
C ARG JA 14 41.91 42.97 -92.40
N SER JA 15 41.80 43.52 -91.19
CA SER JA 15 42.84 44.35 -90.58
C SER JA 15 43.59 43.47 -89.59
N MET JA 16 44.63 42.79 -90.08
CA MET JA 16 45.45 41.97 -89.21
C MET JA 16 46.32 42.82 -88.32
N THR JA 17 46.61 42.31 -87.12
CA THR JA 17 47.49 42.98 -86.18
C THR JA 17 48.38 41.94 -85.52
N LEU JA 18 49.64 42.31 -85.29
CA LEU JA 18 50.60 41.47 -84.58
C LEU JA 18 51.47 42.38 -83.72
N GLY JA 19 51.32 42.26 -82.40
CA GLY JA 19 52.10 43.09 -81.51
C GLY JA 19 51.66 44.54 -81.57
N ASN JA 20 52.55 45.41 -82.06
CA ASN JA 20 52.27 46.81 -82.26
C ASN JA 20 52.43 47.19 -83.73
N SER JA 21 51.92 46.34 -84.62
CA SER JA 21 52.00 46.57 -86.06
C SER JA 21 50.72 46.05 -86.69
N THR JA 22 49.94 46.95 -87.26
CA THR JA 22 48.68 46.61 -87.91
C THR JA 22 48.77 46.98 -89.38
N ILE JA 23 48.42 46.03 -90.25
CA ILE JA 23 48.31 46.28 -91.68
C ILE JA 23 46.87 46.01 -92.09
N THR JA 24 46.53 46.46 -93.30
CA THR JA 24 45.19 46.27 -93.86
C THR JA 24 45.32 45.41 -95.10
N THR JA 25 44.67 44.24 -95.06
CA THR JA 25 44.75 43.27 -96.14
C THR JA 25 43.42 43.14 -96.86
N GLN JA 26 43.47 42.47 -98.00
CA GLN JA 26 42.28 42.27 -98.83
C GLN JA 26 41.86 40.80 -98.81
N ASN JA 30 44.14 34.81 -100.95
CA ASN JA 30 44.29 33.51 -100.31
C ASN JA 30 45.76 33.13 -100.10
N VAL JA 31 46.06 32.53 -98.96
CA VAL JA 31 47.44 32.30 -98.54
C VAL JA 31 48.01 31.10 -99.29
N VAL JA 32 49.23 31.25 -99.81
CA VAL JA 32 49.96 30.15 -100.42
C VAL JA 32 50.91 29.63 -99.34
N VAL JA 33 50.46 28.60 -98.63
CA VAL JA 33 51.29 27.97 -97.61
C VAL JA 33 52.38 27.17 -98.31
N GLY JA 34 53.64 27.54 -98.06
CA GLY JA 34 54.74 26.97 -98.81
C GLY JA 34 54.94 25.50 -98.47
N TYR JA 35 54.87 24.64 -99.48
CA TYR JA 35 55.05 23.19 -99.33
C TYR JA 35 54.04 22.58 -98.36
N GLY JA 36 52.83 23.15 -98.30
CA GLY JA 36 51.76 22.53 -97.56
C GLY JA 36 51.98 22.43 -96.06
N GLU JA 37 52.99 23.12 -95.53
CA GLU JA 37 53.29 23.04 -94.11
C GLU JA 37 53.32 24.44 -93.51
N TRP JA 38 52.81 24.54 -92.30
CA TRP JA 38 52.80 25.75 -91.50
C TRP JA 38 54.03 25.73 -90.61
N PRO JA 39 54.75 26.84 -90.45
CA PRO JA 39 55.95 26.81 -89.62
C PRO JA 39 55.60 26.36 -88.21
N SER JA 40 56.57 25.75 -87.54
CA SER JA 40 56.34 25.22 -86.21
C SER JA 40 57.65 25.26 -85.44
N TYR JA 41 57.55 25.05 -84.13
CA TYR JA 41 58.75 24.95 -83.32
C TYR JA 41 59.44 23.62 -83.54
N LEU JA 42 60.63 23.49 -82.96
CA LEU JA 42 61.47 22.34 -83.24
C LEU JA 42 60.99 21.08 -82.54
N SER JA 43 60.26 21.21 -81.44
CA SER JA 43 59.73 20.04 -80.73
C SER JA 43 58.59 19.41 -81.51
N THR JA 48 65.65 18.49 -75.46
CA THR JA 48 66.97 18.03 -75.05
C THR JA 48 67.60 19.05 -74.09
N ALA JA 49 68.26 18.54 -73.04
CA ALA JA 49 68.96 19.40 -72.10
C ALA JA 49 70.40 19.68 -72.50
N GLU JA 50 70.93 18.97 -73.50
CA GLU JA 50 72.27 19.27 -74.00
C GLU JA 50 72.28 20.53 -74.86
N ASP JA 51 71.20 20.76 -75.61
CA ASP JA 51 71.00 21.99 -76.37
C ASP JA 51 69.55 22.41 -76.19
N GLN JA 52 69.34 23.64 -75.71
CA GLN JA 52 67.99 24.10 -75.36
C GLN JA 52 67.66 25.37 -76.13
N PRO JA 53 66.58 25.38 -76.91
CA PRO JA 53 66.20 26.60 -77.63
C PRO JA 53 65.46 27.60 -76.75
N THR JA 54 65.56 28.87 -77.14
CA THR JA 54 64.83 29.97 -76.52
C THR JA 54 63.80 30.48 -77.52
N GLN JA 55 62.55 30.56 -77.09
CA GLN JA 55 61.48 31.04 -77.96
C GLN JA 55 61.15 32.48 -77.59
N PRO JA 56 61.48 33.46 -78.43
CA PRO JA 56 61.19 34.86 -78.07
C PRO JA 56 59.71 35.19 -78.01
N ASP JA 57 58.93 34.80 -79.03
CA ASP JA 57 57.50 35.07 -79.08
C ASP JA 57 57.22 36.57 -78.97
N VAL JA 58 57.62 37.18 -77.86
CA VAL JA 58 57.45 38.62 -77.67
C VAL JA 58 58.17 39.36 -78.80
N ALA JA 59 57.50 40.36 -79.36
CA ALA JA 59 57.98 41.13 -80.52
C ALA JA 59 58.29 40.12 -81.62
N THR JA 60 59.39 40.27 -82.36
CA THR JA 60 59.79 39.35 -83.43
C THR JA 60 58.68 39.02 -84.43
N CYS JA 61 57.47 38.74 -83.93
CA CYS JA 61 56.36 38.32 -84.77
C CYS JA 61 55.62 39.49 -85.41
N ARG JA 62 55.97 40.73 -85.08
CA ARG JA 62 55.26 41.87 -85.62
C ARG JA 62 55.60 42.06 -87.09
N PHE JA 63 54.83 42.92 -87.76
CA PHE JA 63 55.02 43.13 -89.19
C PHE JA 63 56.14 44.13 -89.44
N TYR JA 64 57.10 43.74 -90.27
CA TYR JA 64 58.23 44.58 -90.66
C TYR JA 64 58.02 44.99 -92.12
N THR JA 65 57.43 46.15 -92.32
CA THR JA 65 57.19 46.67 -93.66
C THR JA 65 58.47 47.25 -94.22
N LEU JA 66 58.94 46.70 -95.34
CA LEU JA 66 60.12 47.23 -96.00
C LEU JA 66 59.77 48.49 -96.77
N GLU JA 67 60.79 49.12 -97.35
CA GLU JA 67 60.55 50.31 -98.16
C GLU JA 67 59.81 49.94 -99.43
N SER JA 68 58.84 50.79 -99.80
CA SER JA 68 58.03 50.53 -100.98
C SER JA 68 58.88 50.67 -102.24
N VAL JA 69 58.59 49.84 -103.23
CA VAL JA 69 59.42 49.73 -104.42
C VAL JA 69 58.58 50.18 -105.61
N GLN JA 70 59.09 51.17 -106.34
CA GLN JA 70 58.37 51.70 -107.49
C GLN JA 70 58.58 50.82 -108.71
N TRP JA 71 57.49 50.38 -109.31
CA TRP JA 71 57.50 49.49 -110.46
C TRP JA 71 57.10 50.29 -111.70
N GLU JA 72 58.09 50.58 -112.54
CA GLU JA 72 57.88 51.34 -113.78
C GLU JA 72 57.68 50.38 -114.94
N LYS JA 73 57.61 50.92 -116.16
CA LYS JA 73 57.46 50.10 -117.35
C LYS JA 73 58.73 49.30 -117.67
N THR JA 74 59.89 49.77 -117.21
CA THR JA 74 61.17 49.19 -117.57
C THR JA 74 61.83 48.46 -116.40
N SER JA 75 61.06 48.15 -115.35
CA SER JA 75 61.63 47.44 -114.21
C SER JA 75 61.75 45.96 -114.54
N PRO JA 76 62.93 45.36 -114.39
CA PRO JA 76 63.09 43.93 -114.70
C PRO JA 76 62.80 43.00 -113.54
N GLY JA 77 62.90 43.48 -112.31
CA GLY JA 77 62.62 42.65 -111.16
C GLY JA 77 63.43 43.09 -109.95
N TRP JA 78 63.25 42.32 -108.87
CA TRP JA 78 63.93 42.59 -107.61
C TRP JA 78 64.20 41.26 -106.91
N TRP JA 79 65.11 41.29 -105.94
CA TRP JA 79 65.21 40.15 -105.02
C TRP JA 79 65.68 40.64 -103.66
N TRP JA 80 65.19 39.99 -102.62
CA TRP JA 80 65.63 40.14 -101.25
C TRP JA 80 66.14 38.80 -100.77
N LYS JA 81 67.22 38.82 -99.98
CA LYS JA 81 67.72 37.60 -99.37
C LYS JA 81 67.53 37.68 -97.86
N PHE JA 82 66.69 36.84 -97.36
CA PHE JA 82 66.29 36.53 -96.01
C PHE JA 82 67.08 35.33 -95.50
N PRO JA 83 67.25 35.15 -94.18
CA PRO JA 83 66.70 35.91 -93.04
C PRO JA 83 67.34 37.27 -92.81
N GLU JA 84 68.49 37.52 -93.43
CA GLU JA 84 69.30 38.68 -93.08
C GLU JA 84 68.86 39.95 -93.79
N ALA JA 85 67.78 39.91 -94.58
CA ALA JA 85 67.19 41.15 -95.04
C ALA JA 85 66.59 41.94 -93.89
N LEU JA 86 66.25 41.25 -92.79
CA LEU JA 86 65.73 41.86 -91.58
C LEU JA 86 66.82 42.08 -90.54
N LYS JA 87 68.08 42.25 -90.97
CA LYS JA 87 69.17 42.31 -90.00
C LYS JA 87 69.23 43.63 -89.26
N ASN JA 88 68.52 44.66 -89.74
CA ASN JA 88 68.43 45.93 -89.04
C ASN JA 88 67.00 46.25 -88.64
N MET JA 89 66.13 45.23 -88.59
CA MET JA 89 64.70 45.43 -88.32
C MET JA 89 64.40 45.04 -86.88
N GLY JA 90 64.68 45.98 -85.97
CA GLY JA 90 64.12 45.90 -84.64
C GLY JA 90 64.73 44.78 -83.80
N LEU JA 91 63.88 44.13 -83.00
CA LEU JA 91 64.36 43.06 -82.13
C LEU JA 91 64.76 41.82 -82.91
N PHE JA 92 64.09 41.54 -84.03
CA PHE JA 92 64.51 40.41 -84.85
C PHE JA 92 65.89 40.63 -85.44
N GLY JA 93 66.19 41.87 -85.84
CA GLY JA 93 67.52 42.18 -86.32
C GLY JA 93 68.55 42.35 -85.23
N GLN JA 94 68.11 42.44 -83.98
CA GLN JA 94 69.02 42.50 -82.86
C GLN JA 94 69.26 41.15 -82.20
N ASN JA 95 68.27 40.25 -82.21
CA ASN JA 95 68.51 38.88 -81.77
C ASN JA 95 69.38 38.10 -82.73
N MET JA 96 69.61 38.61 -83.94
CA MET JA 96 70.56 37.96 -84.84
C MET JA 96 71.99 38.14 -84.36
N HIS JA 97 72.28 39.22 -83.63
CA HIS JA 97 73.62 39.49 -83.15
C HIS JA 97 73.94 38.82 -81.82
N TYR JA 98 72.93 38.46 -81.03
CA TYR JA 98 73.18 37.85 -79.72
C TYR JA 98 73.09 36.34 -79.74
N HIS JA 99 72.29 35.77 -80.64
CA HIS JA 99 72.20 34.33 -80.82
C HIS JA 99 72.79 33.97 -82.18
N TYR JA 100 73.60 32.92 -82.23
CA TYR JA 100 74.24 32.51 -83.47
C TYR JA 100 73.53 31.34 -84.14
N LEU JA 101 72.34 30.99 -83.65
CA LEU JA 101 71.52 29.96 -84.25
C LEU JA 101 70.06 30.39 -84.18
N GLY JA 102 69.28 30.07 -85.21
CA GLY JA 102 67.89 30.46 -85.21
C GLY JA 102 67.14 29.91 -86.41
N ARG JA 103 65.83 30.14 -86.40
CA ARG JA 103 64.92 29.68 -87.44
C ARG JA 103 63.62 30.46 -87.30
N ALA JA 104 62.89 30.62 -88.41
CA ALA JA 104 61.65 31.38 -88.41
C ALA JA 104 60.81 30.99 -89.62
N GLY JA 105 59.66 31.65 -89.78
CA GLY JA 105 58.68 31.26 -90.78
C GLY JA 105 58.34 32.27 -91.86
N TYR JA 106 58.33 33.56 -91.53
CA TYR JA 106 58.30 34.66 -92.51
C TYR JA 106 57.04 34.61 -93.38
N THR JA 107 55.92 35.02 -92.78
CA THR JA 107 54.75 35.37 -93.58
C THR JA 107 55.02 36.65 -94.37
N ILE JA 108 54.91 36.57 -95.70
CA ILE JA 108 55.31 37.66 -96.58
C ILE JA 108 54.09 38.16 -97.32
N HIS JA 109 53.62 39.36 -96.98
CA HIS JA 109 52.56 40.03 -97.73
C HIS JA 109 53.19 40.93 -98.78
N VAL JA 110 52.63 40.91 -99.99
CA VAL JA 110 53.09 41.76 -101.09
C VAL JA 110 51.86 42.41 -101.71
N GLN JA 111 51.60 43.66 -101.34
CA GLN JA 111 50.58 44.46 -102.00
C GLN JA 111 51.18 45.19 -103.19
N CYS JA 112 50.30 45.75 -104.02
CA CYS JA 112 50.71 46.52 -105.18
C CYS JA 112 49.94 47.83 -105.34
N ASN JA 113 48.76 47.95 -104.73
CA ASN JA 113 47.90 49.14 -104.72
C ASN JA 113 48.03 50.00 -105.98
N ALA JA 114 47.92 49.36 -107.14
CA ALA JA 114 47.83 50.07 -108.40
C ALA JA 114 46.40 50.59 -108.58
N SER JA 115 46.15 51.24 -109.72
CA SER JA 115 44.82 51.74 -110.01
C SER JA 115 44.02 50.70 -110.77
N LYS JA 116 42.94 51.12 -111.39
CA LYS JA 116 42.09 50.25 -112.19
C LYS JA 116 42.46 50.30 -113.67
N PHE JA 117 43.20 51.32 -114.09
CA PHE JA 117 43.63 51.47 -115.47
C PHE JA 117 45.06 50.97 -115.69
N HIS JA 118 45.80 50.65 -114.64
CA HIS JA 118 47.10 50.03 -114.80
C HIS JA 118 46.93 48.55 -115.11
N GLN JA 119 47.89 48.00 -115.86
CA GLN JA 119 47.90 46.59 -116.19
C GLN JA 119 49.29 46.03 -115.97
N GLY JA 120 49.35 44.74 -115.68
CA GLY JA 120 50.61 44.08 -115.44
C GLY JA 120 50.42 42.79 -114.69
N CYS JA 121 51.54 42.12 -114.43
CA CYS JA 121 51.52 40.84 -113.74
C CYS JA 121 52.88 40.61 -113.11
N LEU JA 122 52.86 40.08 -111.88
CA LEU JA 122 54.07 39.79 -111.11
C LEU JA 122 54.13 38.33 -110.74
N LEU JA 123 55.35 37.82 -110.66
CA LEU JA 123 55.63 36.52 -110.05
C LEU JA 123 56.28 36.77 -108.69
N VAL JA 124 55.58 36.41 -107.63
CA VAL JA 124 56.10 36.55 -106.26
C VAL JA 124 56.47 35.13 -105.80
N VAL JA 125 57.76 34.84 -105.80
CA VAL JA 125 58.28 33.51 -105.54
C VAL JA 125 59.41 33.63 -104.53
N CYS JA 126 59.64 32.53 -103.79
CA CYS JA 126 60.49 32.58 -102.61
C CYS JA 126 61.82 31.85 -102.77
N VAL JA 127 61.87 30.78 -103.56
CA VAL JA 127 63.12 30.17 -104.02
C VAL JA 127 64.05 29.86 -102.84
N PRO JA 128 63.83 28.79 -102.09
CA PRO JA 128 64.79 28.41 -101.06
C PRO JA 128 66.13 28.01 -101.67
N GLU JA 129 67.22 28.45 -101.03
CA GLU JA 129 68.58 28.12 -101.43
C GLU JA 129 68.88 28.61 -102.85
N ALA JA 130 68.68 29.91 -103.08
CA ALA JA 130 68.99 30.51 -104.38
C ALA JA 130 70.48 30.85 -104.40
N GLU JA 131 71.30 29.88 -104.82
CA GLU JA 131 72.72 30.11 -105.04
C GLU JA 131 72.89 30.79 -106.39
N MET JA 132 73.30 32.05 -106.38
CA MET JA 132 73.38 32.82 -107.60
C MET JA 132 74.79 32.81 -108.17
N GLY JA 133 74.89 33.11 -109.46
CA GLY JA 133 76.14 32.99 -110.20
C GLY JA 133 76.76 34.35 -110.48
N CYS JA 134 78.08 34.38 -110.54
CA CYS JA 134 78.80 35.62 -110.80
C CYS JA 134 78.63 36.06 -112.25
N ALA JA 135 78.83 37.35 -112.49
CA ALA JA 135 78.53 37.94 -113.79
C ALA JA 135 79.56 37.53 -114.84
N ASP JA 136 80.85 37.65 -114.50
CA ASP JA 136 81.94 37.11 -115.31
C ASP JA 136 82.55 35.93 -114.58
N THR JA 137 82.27 34.72 -115.07
CA THR JA 137 82.74 33.52 -114.39
C THR JA 137 84.26 33.40 -114.49
N ASP JA 138 84.80 32.52 -113.63
CA ASP JA 138 86.19 32.31 -113.22
C ASP JA 138 86.56 33.13 -111.98
N THR JA 139 85.58 33.80 -111.36
CA THR JA 139 85.84 34.59 -110.17
C THR JA 139 84.59 34.65 -109.31
N THR JA 140 84.71 35.29 -108.15
CA THR JA 140 83.62 35.45 -107.20
C THR JA 140 83.24 36.92 -107.07
N PHE JA 141 82.20 37.18 -106.27
CA PHE JA 141 81.71 38.53 -106.01
C PHE JA 141 81.93 38.92 -104.54
N PRO JA 142 82.04 40.23 -104.26
CA PRO JA 142 82.48 40.67 -102.92
C PRO JA 142 81.42 40.63 -101.82
N ALA JA 143 80.41 39.78 -101.95
CA ALA JA 143 79.51 39.43 -100.84
C ALA JA 143 78.57 40.57 -100.45
N THR JA 144 78.84 41.78 -100.91
CA THR JA 144 77.91 42.90 -100.76
C THR JA 144 77.07 43.09 -102.02
N GLU JA 145 77.19 42.17 -102.99
CA GLU JA 145 76.39 42.20 -104.20
C GLU JA 145 75.16 41.31 -104.11
N LEU JA 146 75.15 40.33 -103.22
CA LEU JA 146 73.95 39.53 -103.03
C LEU JA 146 72.89 40.29 -102.25
N THR JA 147 73.29 41.07 -101.24
CA THR JA 147 72.31 41.69 -100.36
C THR JA 147 72.77 43.08 -99.96
N THR JA 148 71.79 43.99 -99.87
CA THR JA 148 71.96 45.31 -99.29
C THR JA 148 70.81 45.43 -98.28
N GLU JA 149 70.95 44.67 -97.18
CA GLU JA 149 69.93 44.46 -96.16
C GLU JA 149 68.50 44.76 -96.61
N ASP JA 150 68.02 45.96 -96.27
CA ASP JA 150 66.63 46.33 -96.55
C ASP JA 150 66.38 46.54 -98.04
N THR JA 151 67.31 47.20 -98.75
CA THR JA 151 66.99 47.56 -100.12
C THR JA 151 67.18 46.38 -101.07
N PRO JA 152 66.39 46.29 -102.12
CA PRO JA 152 66.48 45.16 -103.05
C PRO JA 152 67.52 45.39 -104.14
N HIS JA 153 68.22 44.31 -104.49
CA HIS JA 153 68.99 44.28 -105.73
C HIS JA 153 68.05 44.02 -106.89
N VAL JA 154 68.11 44.89 -107.89
CA VAL JA 154 67.27 44.71 -109.07
C VAL JA 154 67.93 43.68 -109.99
N PHE JA 155 67.10 43.08 -110.85
CA PHE JA 155 67.64 42.30 -111.95
C PHE JA 155 68.05 43.25 -113.07
N THR JA 156 68.52 42.70 -114.18
CA THR JA 156 68.81 43.47 -115.37
C THR JA 156 68.08 42.85 -116.55
N SER JA 157 67.91 43.65 -117.61
CA SER JA 157 67.22 43.17 -118.80
C SER JA 157 68.14 42.39 -119.73
N ASP JA 158 69.44 42.64 -119.66
CA ASP JA 158 70.41 41.92 -120.49
C ASP JA 158 71.59 41.45 -119.65
N SER JA 159 72.61 40.91 -120.31
CA SER JA 159 73.78 40.42 -119.59
C SER JA 159 74.65 41.58 -119.12
N ILE JA 160 75.35 41.35 -118.00
CA ILE JA 160 76.23 42.33 -117.40
C ILE JA 160 77.55 41.66 -117.08
N THR JA 161 78.58 42.48 -116.89
CA THR JA 161 79.92 42.02 -116.54
C THR JA 161 80.36 42.69 -115.25
N GLY JA 162 81.50 42.25 -114.73
CA GLY JA 162 82.00 42.75 -113.48
C GLY JA 162 81.79 41.77 -112.33
N LYS JA 163 82.48 42.02 -111.22
CA LYS JA 163 82.47 41.11 -110.08
C LYS JA 163 81.18 41.35 -109.30
N LYS JA 164 80.08 40.85 -109.84
CA LYS JA 164 78.78 40.96 -109.18
C LYS JA 164 77.88 39.85 -109.70
N VAL JA 165 76.63 39.84 -109.25
CA VAL JA 165 75.72 38.76 -109.57
C VAL JA 165 75.22 38.90 -110.99
N GLN JA 166 75.20 37.80 -111.72
CA GLN JA 166 74.60 37.79 -113.05
C GLN JA 166 73.09 37.95 -112.90
N ALA JA 167 72.63 39.20 -112.91
CA ALA JA 167 71.24 39.52 -112.58
C ALA JA 167 70.38 39.72 -113.81
N ALA JA 168 70.67 39.00 -114.89
CA ALA JA 168 69.82 39.06 -116.07
C ALA JA 168 68.62 38.16 -115.87
N VAL JA 169 67.42 38.71 -116.08
CA VAL JA 169 66.23 37.87 -116.16
C VAL JA 169 66.30 36.99 -117.40
N CYS JA 170 65.45 35.96 -117.42
CA CYS JA 170 65.48 34.74 -118.23
C CYS JA 170 66.50 33.76 -117.67
N ASN JA 171 67.37 34.19 -116.76
CA ASN JA 171 68.32 33.32 -116.07
C ASN JA 171 68.51 33.87 -114.65
N ALA JA 172 67.40 33.96 -113.91
CA ALA JA 172 67.21 34.89 -112.79
C ALA JA 172 68.47 35.08 -111.95
N GLY JA 173 68.86 34.05 -111.20
CA GLY JA 173 70.16 34.04 -110.57
C GLY JA 173 70.91 32.75 -110.74
N MET JA 174 70.18 31.66 -110.95
CA MET JA 174 70.70 30.31 -110.75
C MET JA 174 71.02 29.59 -112.05
N GLY JA 175 70.81 30.22 -113.19
CA GLY JA 175 71.03 29.54 -114.45
C GLY JA 175 69.87 28.68 -114.90
N VAL JA 176 68.68 28.91 -114.36
CA VAL JA 176 67.49 28.21 -114.77
C VAL JA 176 66.65 29.13 -115.64
N GLY JA 177 65.64 28.56 -116.30
CA GLY JA 177 64.69 29.40 -117.00
C GLY JA 177 63.82 30.16 -116.01
N VAL JA 178 63.58 31.44 -116.31
CA VAL JA 178 62.80 32.25 -115.37
C VAL JA 178 61.31 31.96 -115.49
N GLY JA 179 60.87 31.36 -116.60
CA GLY JA 179 59.46 31.05 -116.74
C GLY JA 179 59.03 29.91 -115.85
N ASN JA 180 59.83 28.84 -115.80
CA ASN JA 180 59.54 27.72 -114.93
C ASN JA 180 60.19 27.89 -113.56
N LEU JA 181 60.05 29.09 -113.00
CA LEU JA 181 60.40 29.37 -111.62
C LEU JA 181 59.18 29.21 -110.71
N THR JA 182 58.11 28.66 -111.26
CA THR JA 182 56.83 28.48 -110.59
C THR JA 182 56.79 27.23 -109.73
N ILE JA 183 57.85 26.42 -109.77
CA ILE JA 183 57.92 25.20 -108.96
C ILE JA 183 57.99 25.51 -107.48
N PHE JA 184 58.44 26.71 -107.11
CA PHE JA 184 58.60 27.10 -105.72
C PHE JA 184 57.28 27.65 -105.17
N PRO JA 185 57.22 27.93 -103.86
CA PRO JA 185 56.04 28.65 -103.34
C PRO JA 185 55.90 30.01 -103.99
N HIS JA 186 54.84 30.19 -104.77
CA HIS JA 186 54.68 31.37 -105.61
C HIS JA 186 53.27 31.91 -105.47
N GLN JA 187 53.06 33.09 -106.07
CA GLN JA 187 51.75 33.70 -106.17
C GLN JA 187 51.79 34.73 -107.28
N TRP JA 188 50.82 34.70 -108.18
CA TRP JA 188 50.72 35.68 -109.25
C TRP JA 188 49.95 36.89 -108.74
N ILE JA 189 50.45 38.08 -109.08
CA ILE JA 189 49.70 39.30 -108.80
C ILE JA 189 49.30 39.92 -110.13
N ASN JA 190 48.13 39.55 -110.63
CA ASN JA 190 47.59 40.12 -111.85
C ASN JA 190 46.74 41.33 -111.49
N LEU JA 191 47.19 42.51 -111.93
CA LEU JA 191 46.51 43.74 -111.54
C LEU JA 191 45.10 43.82 -112.11
N ARG JA 192 44.79 42.99 -113.10
CA ARG JA 192 43.42 42.89 -113.59
C ARG JA 192 42.49 42.36 -112.49
N THR JA 193 42.93 41.33 -111.77
CA THR JA 193 42.11 40.67 -110.77
C THR JA 193 42.48 41.09 -109.34
N ASN JA 194 43.70 40.79 -108.92
CA ASN JA 194 44.10 40.95 -107.52
C ASN JA 194 45.28 41.91 -107.41
N ASN JA 195 45.63 42.23 -106.17
CA ASN JA 195 46.75 43.10 -105.86
C ASN JA 195 47.65 42.57 -104.77
N SER JA 196 47.19 41.64 -103.94
CA SER JA 196 47.92 41.19 -102.77
C SER JA 196 48.34 39.74 -102.92
N ALA JA 197 49.49 39.42 -102.33
CA ALA JA 197 50.01 38.07 -102.27
C ALA JA 197 50.47 37.81 -100.84
N THR JA 198 50.40 36.55 -100.43
CA THR JA 198 50.89 36.17 -99.11
C THR JA 198 51.42 34.74 -99.16
N ILE JA 199 52.63 34.55 -98.66
CA ILE JA 199 53.35 33.29 -98.74
C ILE JA 199 53.90 32.97 -97.36
N VAL JA 200 53.79 31.70 -96.96
CA VAL JA 200 54.27 31.24 -95.67
C VAL JA 200 55.30 30.15 -95.93
N ILE JA 201 56.52 30.35 -95.43
CA ILE JA 201 57.68 29.56 -95.80
C ILE JA 201 58.25 28.92 -94.55
N PRO JA 202 57.96 27.63 -94.31
CA PRO JA 202 58.15 27.01 -92.99
C PRO JA 202 59.57 26.56 -92.66
N TYR JA 203 60.55 27.43 -92.92
CA TYR JA 203 61.96 27.18 -92.61
C TYR JA 203 62.45 25.88 -93.25
N ILE JA 204 62.76 25.98 -94.53
CA ILE JA 204 63.36 24.86 -95.25
C ILE JA 204 64.87 24.89 -95.07
N ASN JA 205 65.41 23.86 -94.42
CA ASN JA 205 66.85 23.74 -94.22
C ASN JA 205 67.18 22.30 -93.85
N SER JA 206 68.44 21.92 -94.06
CA SER JA 206 68.90 20.56 -93.81
C SER JA 206 69.40 20.33 -92.38
N VAL JA 207 69.50 21.39 -91.59
CA VAL JA 207 69.92 21.31 -90.19
C VAL JA 207 68.84 22.03 -89.40
N PRO JA 208 68.50 21.60 -88.18
CA PRO JA 208 67.36 22.23 -87.49
C PRO JA 208 67.57 23.70 -87.19
N MET JA 209 68.80 24.13 -86.92
CA MET JA 209 69.10 25.52 -86.67
C MET JA 209 70.39 25.89 -87.37
N ASP JA 210 70.45 27.11 -87.92
CA ASP JA 210 71.64 27.55 -88.62
C ASP JA 210 71.87 29.03 -88.33
N ASN JA 211 73.10 29.47 -88.58
CA ASN JA 211 73.45 30.87 -88.35
C ASN JA 211 72.73 31.77 -89.34
N MET JA 212 72.29 32.93 -88.87
CA MET JA 212 71.46 33.82 -89.67
C MET JA 212 72.25 34.84 -90.48
N PHE JA 213 73.57 34.87 -90.35
CA PHE JA 213 74.39 35.75 -91.18
C PHE JA 213 75.15 35.02 -92.28
N ARG JA 214 75.52 33.76 -92.05
CA ARG JA 214 76.19 33.00 -93.10
C ARG JA 214 75.21 32.56 -94.18
N HIS JA 215 74.06 32.03 -93.78
CA HIS JA 215 73.18 31.28 -94.67
C HIS JA 215 71.92 32.07 -94.97
N TYR JA 216 71.62 32.22 -96.26
CA TYR JA 216 70.40 32.86 -96.72
C TYR JA 216 69.38 31.75 -97.00
N ASN JA 217 68.36 31.67 -96.16
CA ASN JA 217 67.47 30.50 -96.23
C ASN JA 217 66.62 30.52 -97.49
N PHE JA 218 66.16 31.70 -97.91
CA PHE JA 218 65.41 31.79 -99.16
C PHE JA 218 65.60 33.18 -99.75
N THR JA 219 65.13 33.34 -100.99
CA THR JA 219 65.33 34.57 -101.76
C THR JA 219 63.99 35.01 -102.34
N LEU JA 220 63.32 35.93 -101.66
CA LEU JA 220 62.09 36.52 -102.20
C LEU JA 220 62.44 37.36 -103.41
N MET JA 221 62.04 36.91 -104.60
CA MET JA 221 62.26 37.65 -105.83
C MET JA 221 60.93 37.89 -106.53
N ILE JA 222 60.68 39.15 -106.89
CA ILE JA 222 59.45 39.58 -107.53
C ILE JA 222 59.80 39.96 -108.97
N ILE JA 223 59.22 39.25 -109.93
CA ILE JA 223 59.63 39.35 -111.33
C ILE JA 223 58.40 39.71 -112.17
N PRO JA 224 58.40 40.87 -112.84
CA PRO JA 224 57.27 41.25 -113.71
C PRO JA 224 57.33 40.50 -115.03
N PHE JA 225 56.41 39.55 -115.21
CA PHE JA 225 56.28 38.88 -116.50
C PHE JA 225 55.62 39.78 -117.53
N ALA JA 226 54.37 40.13 -117.31
CA ALA JA 226 53.78 41.11 -118.19
C ALA JA 226 54.16 42.51 -117.71
N PRO JA 227 54.72 43.36 -118.55
CA PRO JA 227 55.23 44.64 -118.06
C PRO JA 227 54.11 45.60 -117.73
N LEU JA 228 54.42 46.55 -116.87
CA LEU JA 228 53.46 47.59 -116.52
C LEU JA 228 53.14 48.44 -117.74
N ASN JA 229 51.88 48.83 -117.88
CA ASN JA 229 51.51 49.72 -118.97
C ASN JA 229 50.37 50.62 -118.51
N PHE JA 230 50.33 51.81 -119.07
CA PHE JA 230 49.35 52.84 -118.71
C PHE JA 230 49.43 53.92 -119.78
N THR JA 231 48.55 54.92 -119.67
CA THR JA 231 48.53 56.03 -120.59
C THR JA 231 49.15 57.26 -119.94
N ASP JA 232 49.11 58.38 -120.67
CA ASP JA 232 49.88 59.57 -120.32
C ASP JA 232 49.27 60.38 -119.18
N GLY JA 233 48.25 59.87 -118.51
CA GLY JA 233 47.68 60.59 -117.39
C GLY JA 233 47.90 59.94 -116.04
N ALA JA 234 48.16 58.64 -116.03
CA ALA JA 234 48.31 57.92 -114.78
C ALA JA 234 49.68 58.20 -114.15
N THR JA 235 49.87 57.70 -112.93
CA THR JA 235 51.16 57.80 -112.29
C THR JA 235 52.14 56.83 -112.96
N ALA JA 236 53.38 57.30 -113.14
CA ALA JA 236 54.35 56.59 -113.96
C ALA JA 236 54.94 55.36 -113.26
N TYR JA 237 54.35 54.91 -112.16
CA TYR JA 237 54.89 53.79 -111.41
C TYR JA 237 53.77 53.16 -110.59
N VAL JA 238 54.07 52.00 -110.02
CA VAL JA 238 53.17 51.29 -109.12
C VAL JA 238 54.00 50.81 -107.92
N PRO JA 239 53.77 51.35 -106.72
CA PRO JA 239 54.62 51.00 -105.57
C PRO JA 239 54.25 49.63 -105.01
N ILE JA 240 55.24 48.75 -104.92
CA ILE JA 240 55.07 47.39 -104.42
C ILE JA 240 55.52 47.39 -102.96
N THR JA 241 54.63 46.97 -102.06
CA THR JA 241 54.88 47.03 -100.62
C THR JA 241 55.10 45.61 -100.10
N VAL JA 242 56.23 45.41 -99.42
CA VAL JA 242 56.63 44.10 -98.92
C VAL JA 242 56.60 44.14 -97.39
N THR JA 243 55.97 43.12 -96.79
CA THR JA 243 55.80 43.05 -95.35
C THR JA 243 56.09 41.63 -94.89
N ILE JA 244 56.99 41.48 -93.92
CA ILE JA 244 57.46 40.18 -93.47
C ILE JA 244 57.17 40.05 -91.98
N ALA JA 245 56.54 38.95 -91.59
CA ALA JA 245 56.29 38.65 -90.18
C ALA JA 245 57.02 37.38 -89.78
N PRO JA 246 58.13 37.48 -89.05
CA PRO JA 246 58.86 36.27 -88.65
C PRO JA 246 58.09 35.44 -87.63
N MET JA 247 57.56 34.29 -88.04
CA MET JA 247 56.73 33.48 -87.17
C MET JA 247 57.53 32.32 -86.60
N TYR JA 248 57.23 31.97 -85.35
CA TYR JA 248 57.82 30.82 -84.66
C TYR JA 248 59.34 30.89 -84.68
N ALA JA 249 59.86 32.09 -84.44
CA ALA JA 249 61.30 32.28 -84.38
C ALA JA 249 61.79 31.72 -83.06
N GLU JA 250 62.78 30.83 -83.10
CA GLU JA 250 63.41 30.34 -81.90
C GLU JA 250 64.91 30.26 -82.11
N TYR JA 251 65.64 30.38 -80.99
CA TYR JA 251 67.07 30.66 -80.99
C TYR JA 251 67.72 29.65 -80.07
N ASN JA 252 69.04 29.78 -79.88
CA ASN JA 252 69.70 28.89 -78.94
C ASN JA 252 69.54 29.44 -77.52
N GLY JA 253 70.00 28.64 -76.55
CA GLY JA 253 69.94 29.04 -75.16
C GLY JA 253 71.24 29.73 -74.75
N LEU JA 254 71.10 30.75 -73.90
CA LEU JA 254 72.25 31.48 -73.39
C LEU JA 254 72.54 31.17 -71.93
N ARG JA 255 71.59 30.59 -71.22
CA ARG JA 255 71.72 30.23 -69.82
C ARG JA 255 72.48 28.93 -69.66
N LEU JA 256 72.98 28.69 -68.46
CA LEU JA 256 73.59 27.41 -68.14
C LEU JA 256 72.51 26.36 -67.90
N ALA JA 257 72.93 25.10 -67.81
CA ALA JA 257 72.02 24.01 -67.53
C ALA JA 257 72.32 23.41 -66.16
N GLY KA 1 80.62 -29.02 -97.96
CA GLY KA 1 79.39 -28.40 -97.52
C GLY KA 1 78.27 -28.46 -98.54
N VAL KA 2 77.64 -27.32 -98.80
CA VAL KA 2 76.51 -27.25 -99.73
C VAL KA 2 77.03 -27.29 -101.16
N PRO KA 3 76.61 -28.26 -101.97
CA PRO KA 3 77.08 -28.29 -103.36
C PRO KA 3 76.41 -27.20 -104.19
N VAL KA 4 77.19 -26.20 -104.58
CA VAL KA 4 76.69 -25.11 -105.41
C VAL KA 4 77.37 -25.22 -106.77
N LEU KA 5 76.76 -24.59 -107.78
CA LEU KA 5 77.38 -24.49 -109.09
C LEU KA 5 77.09 -23.12 -109.67
N ASN KA 6 78.14 -22.45 -110.13
CA ASN KA 6 78.03 -21.10 -110.65
C ASN KA 6 77.39 -21.11 -112.03
N THR KA 7 76.34 -20.30 -112.19
CA THR KA 7 75.65 -20.16 -113.45
C THR KA 7 76.43 -19.21 -114.36
N PRO KA 8 76.07 -19.14 -115.64
CA PRO KA 8 76.56 -18.02 -116.46
C PRO KA 8 76.06 -16.70 -115.89
N GLY KA 9 76.96 -15.73 -115.80
CA GLY KA 9 76.67 -14.49 -115.13
C GLY KA 9 77.26 -14.34 -113.74
N SER KA 10 78.09 -15.29 -113.32
CA SER KA 10 78.81 -15.16 -112.06
C SER KA 10 80.10 -14.36 -112.28
N ASN KA 11 80.50 -13.65 -111.24
CA ASN KA 11 81.73 -12.85 -111.27
C ASN KA 11 81.72 -11.82 -112.39
N GLN KA 12 80.54 -11.35 -112.77
CA GLN KA 12 80.42 -10.25 -113.72
C GLN KA 12 79.92 -9.02 -112.99
N PHE KA 13 80.00 -7.88 -113.67
CA PHE KA 13 79.51 -6.64 -113.12
C PHE KA 13 78.47 -6.06 -114.07
N LEU KA 14 77.21 -6.42 -113.84
CA LEU KA 14 76.09 -5.77 -114.50
C LEU KA 14 75.87 -4.41 -113.85
N THR KA 15 75.82 -3.36 -114.68
CA THR KA 15 75.74 -2.01 -114.15
C THR KA 15 74.44 -1.78 -113.40
N SER KA 16 73.33 -2.33 -113.91
CA SER KA 16 72.02 -2.18 -113.31
C SER KA 16 71.66 -3.45 -112.55
N ASP KA 17 72.17 -3.55 -111.33
CA ASP KA 17 71.80 -4.62 -110.41
C ASP KA 17 71.42 -4.01 -109.07
N ASP KA 18 70.78 -4.81 -108.22
CA ASP KA 18 70.27 -4.37 -106.93
C ASP KA 18 70.69 -5.33 -105.83
N TYR KA 19 71.99 -5.63 -105.79
CA TYR KA 19 72.53 -6.57 -104.83
C TYR KA 19 72.90 -5.86 -103.52
N GLN KA 20 73.06 -6.67 -102.47
CA GLN KA 20 73.38 -6.15 -101.14
C GLN KA 20 74.85 -5.78 -101.10
N SER KA 21 75.14 -4.49 -101.14
CA SER KA 21 76.52 -4.04 -101.09
C SER KA 21 77.07 -4.18 -99.68
N PRO KA 22 78.26 -4.76 -99.50
CA PRO KA 22 78.84 -4.85 -98.15
C PRO KA 22 79.24 -3.47 -97.67
N SER KA 23 78.69 -3.06 -96.52
CA SER KA 23 78.86 -1.70 -96.04
C SER KA 23 80.27 -1.52 -95.49
N ALA KA 24 80.90 -0.41 -95.87
CA ALA KA 24 82.28 -0.17 -95.45
C ALA KA 24 82.37 0.31 -94.02
N MET KA 25 81.33 0.96 -93.51
CA MET KA 25 81.34 1.51 -92.16
C MET KA 25 80.16 0.89 -91.40
N PRO KA 26 80.34 -0.32 -90.86
CA PRO KA 26 79.22 -1.03 -90.24
C PRO KA 26 78.90 -0.51 -88.85
N GLN KA 27 79.95 -0.15 -88.12
CA GLN KA 27 79.77 0.41 -86.79
C GLN KA 27 79.04 1.74 -86.86
N PHE KA 28 79.30 2.49 -87.92
CA PHE KA 28 78.78 3.85 -88.08
C PHE KA 28 77.25 3.87 -88.11
N ASP KA 29 76.65 4.69 -87.25
CA ASP KA 29 75.21 4.88 -87.23
C ASP KA 29 74.89 6.28 -87.76
N GLU KA 30 74.12 6.34 -88.84
CA GLU KA 30 73.85 7.56 -89.58
C GLU KA 30 72.91 8.50 -88.82
N THR KA 31 72.92 9.76 -89.25
CA THR KA 31 72.16 10.82 -88.58
C THR KA 31 70.66 10.56 -88.68
N PRO KA 32 69.91 10.79 -87.60
CA PRO KA 32 68.46 10.59 -87.67
C PRO KA 32 67.79 11.54 -88.65
N GLU KA 33 66.75 11.04 -89.32
CA GLU KA 33 66.06 11.80 -90.36
C GLU KA 33 65.05 12.74 -89.73
N MET KA 34 65.30 14.04 -89.85
CA MET KA 34 64.29 15.00 -89.44
C MET KA 34 63.29 15.20 -90.57
N HIS KA 35 62.16 15.82 -90.25
CA HIS KA 35 61.17 16.15 -91.27
C HIS KA 35 61.55 17.46 -91.94
N ILE KA 36 61.86 17.40 -93.24
CA ILE KA 36 62.16 18.57 -94.05
C ILE KA 36 60.96 18.83 -94.95
N PRO KA 37 60.47 20.07 -95.04
CA PRO KA 37 59.26 20.33 -95.83
C PRO KA 37 59.49 20.15 -97.32
N GLY KA 38 58.48 19.63 -98.01
CA GLY KA 38 58.50 19.57 -99.45
C GLY KA 38 59.21 18.37 -100.01
N GLU KA 39 58.77 17.16 -99.63
CA GLU KA 39 59.40 15.95 -100.13
C GLU KA 39 58.84 15.60 -101.50
N VAL KA 40 59.73 15.15 -102.39
CA VAL KA 40 59.34 14.61 -103.68
C VAL KA 40 59.43 13.09 -103.60
N ARG KA 41 58.36 12.41 -103.97
CA ARG KA 41 58.32 10.96 -103.95
C ARG KA 41 58.10 10.39 -105.35
N ASN KA 42 58.00 11.25 -106.36
CA ASN KA 42 57.71 10.86 -107.73
C ASN KA 42 58.01 12.05 -108.64
N LEU KA 43 58.66 11.79 -109.77
CA LEU KA 43 59.06 12.88 -110.66
C LEU KA 43 57.85 13.59 -111.25
N MET KA 44 56.78 12.84 -111.57
CA MET KA 44 55.61 13.44 -112.18
C MET KA 44 54.87 14.41 -111.25
N GLU KA 45 55.37 14.62 -110.03
CA GLU KA 45 54.89 15.73 -109.21
C GLU KA 45 55.51 17.05 -109.61
N ILE KA 46 56.57 17.02 -110.41
CA ILE KA 46 57.14 18.25 -110.97
C ILE KA 46 56.41 18.65 -112.25
N ALA KA 47 55.99 17.66 -113.04
CA ALA KA 47 55.29 17.95 -114.29
C ALA KA 47 53.91 18.53 -114.04
N GLU KA 48 53.30 18.27 -112.89
CA GLU KA 48 51.97 18.77 -112.58
C GLU KA 48 51.96 20.23 -112.14
N VAL KA 49 53.11 20.88 -112.04
CA VAL KA 49 53.20 22.28 -111.66
C VAL KA 49 53.13 23.14 -112.91
N ASP KA 50 52.23 24.12 -112.91
CA ASP KA 50 52.14 25.07 -114.01
C ASP KA 50 53.42 25.89 -114.09
N SER KA 51 53.79 26.26 -115.32
CA SER KA 51 54.94 27.12 -115.53
C SER KA 51 54.75 27.85 -116.85
N VAL KA 52 55.36 29.03 -116.96
CA VAL KA 52 55.06 29.93 -118.07
C VAL KA 52 55.75 29.40 -119.33
N VAL KA 53 55.03 29.45 -120.44
CA VAL KA 53 55.43 28.84 -121.69
C VAL KA 53 55.86 29.95 -122.64
N PRO KA 54 57.10 29.93 -123.14
CA PRO KA 54 57.57 30.99 -124.07
C PRO KA 54 56.99 30.82 -125.48
N VAL KA 55 55.78 31.35 -125.66
CA VAL KA 55 55.12 31.22 -126.96
C VAL KA 55 55.73 32.20 -127.96
N ASN KA 56 56.10 33.40 -127.51
CA ASN KA 56 56.66 34.42 -128.39
C ASN KA 56 58.19 34.30 -128.44
N ASN KA 57 58.65 33.10 -128.81
CA ASN KA 57 60.08 32.83 -128.89
C ASN KA 57 60.63 33.08 -130.30
N VAL KA 58 60.37 34.26 -130.83
CA VAL KA 58 60.85 34.61 -132.17
C VAL KA 58 62.33 34.95 -132.09
N THR KA 59 62.95 35.18 -133.26
CA THR KA 59 64.40 35.09 -133.41
C THR KA 59 65.18 36.06 -132.53
N GLY KA 60 64.55 37.14 -132.05
CA GLY KA 60 65.29 38.13 -131.30
C GLY KA 60 64.77 38.38 -129.90
N LYS KA 61 63.85 37.53 -129.44
CA LYS KA 61 63.12 37.78 -128.20
C LYS KA 61 63.17 36.56 -127.29
N THR KA 62 64.28 35.82 -127.30
CA THR KA 62 64.42 34.62 -126.49
C THR KA 62 65.38 34.77 -125.32
N LYS KA 63 66.25 35.78 -125.33
CA LYS KA 63 67.12 36.05 -124.20
C LYS KA 63 66.56 37.13 -123.27
N SER KA 64 65.38 37.64 -123.57
CA SER KA 64 64.65 38.55 -122.69
C SER KA 64 63.38 37.86 -122.21
N MET KA 65 62.61 38.56 -121.38
CA MET KA 65 61.32 38.07 -120.93
C MET KA 65 60.18 38.48 -121.84
N ASP KA 66 60.49 38.90 -123.07
CA ASP KA 66 59.47 39.06 -124.09
C ASP KA 66 59.12 37.75 -124.77
N ALA KA 67 59.81 36.66 -124.42
CA ALA KA 67 59.45 35.34 -124.95
C ALA KA 67 58.14 34.84 -124.37
N TYR KA 68 57.83 35.23 -123.13
CA TYR KA 68 56.65 34.70 -122.43
C TYR KA 68 55.39 35.50 -122.73
N GLN KA 69 55.50 36.63 -123.41
CA GLN KA 69 54.40 37.58 -123.54
C GLN KA 69 53.81 37.46 -124.95
N ILE KA 70 52.53 37.16 -125.02
CA ILE KA 70 51.81 37.09 -126.30
C ILE KA 70 51.16 38.43 -126.54
N PRO KA 71 51.60 39.21 -127.53
CA PRO KA 71 51.04 40.55 -127.71
C PRO KA 71 49.63 40.48 -128.29
N VAL KA 72 48.71 41.19 -127.65
CA VAL KA 72 47.31 41.26 -128.08
C VAL KA 72 46.93 42.73 -128.19
N GLY KA 73 46.58 43.16 -129.40
CA GLY KA 73 46.25 44.55 -129.65
C GLY KA 73 47.45 45.37 -130.06
N ASP KA 78 44.83 43.56 -137.46
CA ASP KA 78 44.68 42.49 -138.43
C ASP KA 78 44.00 41.27 -137.81
N LYS KA 79 42.78 40.98 -138.26
CA LYS KA 79 42.01 39.85 -137.76
C LYS KA 79 42.06 38.65 -138.68
N THR KA 80 42.90 38.69 -139.73
CA THR KA 80 42.96 37.63 -140.71
C THR KA 80 44.00 36.57 -140.41
N LYS KA 81 45.01 36.89 -139.60
CA LYS KA 81 46.02 35.91 -139.22
C LYS KA 81 45.97 35.68 -137.71
N PRO KA 82 46.24 34.45 -137.27
CA PRO KA 82 46.06 34.14 -135.85
C PRO KA 82 47.07 34.84 -134.97
N ILE KA 83 46.74 34.92 -133.68
CA ILE KA 83 47.63 35.58 -132.72
C ILE KA 83 48.88 34.73 -132.50
N PHE KA 84 48.70 33.47 -132.16
CA PHE KA 84 49.81 32.55 -132.00
C PHE KA 84 49.35 31.15 -132.41
N SER KA 85 50.33 30.26 -132.56
CA SER KA 85 50.08 28.90 -133.01
C SER KA 85 51.33 28.06 -132.75
N PHE KA 86 51.17 26.85 -132.20
CA PHE KA 86 52.33 26.01 -131.94
C PHE KA 86 51.91 24.55 -131.88
N GLN KA 87 52.88 23.69 -132.21
CA GLN KA 87 52.71 22.25 -132.03
C GLN KA 87 52.38 21.91 -130.59
N MET KA 88 51.51 20.92 -130.41
CA MET KA 88 51.12 20.49 -129.06
C MET KA 88 51.82 19.16 -128.77
N ASP KA 89 53.12 19.25 -128.49
CA ASP KA 89 53.89 18.10 -128.02
C ASP KA 89 55.09 18.58 -127.22
N PRO KA 90 55.19 18.20 -125.94
CA PRO KA 90 56.27 18.74 -125.08
C PRO KA 90 57.66 18.30 -125.49
N GLY KA 91 57.80 17.31 -126.36
CA GLY KA 91 59.09 16.94 -126.93
C GLY KA 91 59.17 17.41 -128.37
N TYR KA 92 60.37 17.78 -128.79
CA TYR KA 92 60.66 18.19 -130.17
C TYR KA 92 59.78 19.36 -130.61
N SER KA 93 59.45 20.26 -129.67
CA SER KA 93 58.73 21.48 -129.99
C SER KA 93 59.38 22.64 -129.26
N SER KA 94 59.73 23.70 -130.01
CA SER KA 94 60.51 24.79 -129.43
C SER KA 94 59.76 25.50 -128.32
N VAL KA 95 58.43 25.47 -128.34
CA VAL KA 95 57.65 26.22 -127.37
C VAL KA 95 57.54 25.46 -126.06
N LEU KA 96 57.35 24.14 -126.12
CA LEU KA 96 57.01 23.33 -124.95
C LEU KA 96 58.14 22.39 -124.52
N LYS KA 97 59.37 22.60 -124.99
CA LYS KA 97 60.44 21.66 -124.69
C LYS KA 97 61.25 22.04 -123.46
N ARG KA 98 61.21 23.30 -123.03
CA ARG KA 98 61.94 23.72 -121.85
C ARG KA 98 61.01 24.08 -120.69
N THR KA 99 59.73 23.72 -120.81
CA THR KA 99 58.78 23.79 -119.71
C THR KA 99 59.11 22.73 -118.67
N LEU KA 100 58.63 22.94 -117.44
CA LEU KA 100 58.74 21.89 -116.43
C LEU KA 100 58.08 20.61 -116.91
N LEU KA 101 56.95 20.71 -117.61
CA LEU KA 101 56.37 19.56 -118.28
C LEU KA 101 57.32 19.02 -119.34
N GLY KA 102 57.77 19.87 -120.25
CA GLY KA 102 58.56 19.41 -121.37
C GLY KA 102 59.99 19.04 -121.04
N GLU KA 103 60.45 19.35 -119.83
CA GLU KA 103 61.82 19.04 -119.45
C GLU KA 103 61.93 17.77 -118.62
N MET KA 104 60.87 17.40 -117.90
CA MET KA 104 60.88 16.12 -117.21
C MET KA 104 60.44 14.99 -118.12
N LEU KA 105 60.00 15.33 -119.34
CA LEU KA 105 59.65 14.38 -120.38
C LEU KA 105 60.78 14.09 -121.36
N ASN KA 106 61.86 14.88 -121.34
CA ASN KA 106 63.01 14.56 -122.18
C ASN KA 106 63.97 13.59 -121.49
N TYR KA 107 63.74 13.27 -120.23
CA TYR KA 107 64.44 12.18 -119.56
C TYR KA 107 63.88 10.81 -119.94
N TYR KA 108 62.85 10.76 -120.78
CA TYR KA 108 62.17 9.50 -121.05
C TYR KA 108 61.88 9.39 -122.53
N ALA KA 109 61.81 8.16 -123.01
CA ALA KA 109 61.53 7.86 -124.40
C ALA KA 109 60.06 7.58 -124.67
N HIS KA 110 59.40 6.83 -123.80
CA HIS KA 110 57.99 6.51 -123.94
C HIS KA 110 57.21 7.30 -122.90
N TRP KA 111 56.36 8.22 -123.35
CA TRP KA 111 55.46 8.92 -122.44
C TRP KA 111 54.14 9.17 -123.13
N SER KA 112 53.07 9.19 -122.35
CA SER KA 112 51.73 9.33 -122.89
C SER KA 112 50.82 9.89 -121.81
N GLY KA 113 50.01 10.87 -122.17
CA GLY KA 113 49.09 11.47 -121.24
C GLY KA 113 48.46 12.70 -121.84
N SER KA 114 47.83 13.50 -120.98
CA SER KA 114 47.20 14.74 -121.38
C SER KA 114 47.92 15.91 -120.75
N VAL KA 115 47.60 17.10 -121.26
CA VAL KA 115 48.29 18.34 -120.91
C VAL KA 115 47.27 19.47 -120.91
N LYS KA 116 47.24 20.23 -119.82
CA LYS KA 116 46.31 21.34 -119.66
C LYS KA 116 47.05 22.66 -119.87
N LEU KA 117 46.34 23.63 -120.46
CA LEU KA 117 46.92 24.93 -120.78
C LEU KA 117 46.05 26.01 -120.17
N THR KA 118 46.68 26.95 -119.48
CA THR KA 118 46.00 28.08 -118.86
C THR KA 118 46.45 29.36 -119.56
N PHE KA 119 45.49 30.16 -120.01
CA PHE KA 119 45.79 31.43 -120.68
C PHE KA 119 45.38 32.56 -119.74
N LEU KA 120 46.37 33.15 -119.08
CA LEU KA 120 46.16 34.26 -118.17
C LEU KA 120 46.26 35.57 -118.96
N PHE KA 121 45.15 36.29 -119.05
CA PHE KA 121 45.13 37.59 -119.73
C PHE KA 121 45.68 38.64 -118.77
N CYS KA 122 46.82 39.21 -119.10
CA CYS KA 122 47.50 40.18 -118.26
C CYS KA 122 47.30 41.61 -118.76
N GLY KA 123 46.10 41.95 -119.21
CA GLY KA 123 45.76 43.29 -119.62
C GLY KA 123 45.10 44.07 -118.51
N SER KA 124 44.45 45.17 -118.90
CA SER KA 124 43.84 46.04 -117.92
C SER KA 124 42.57 45.40 -117.35
N ALA KA 125 42.06 45.98 -116.27
CA ALA KA 125 40.78 45.54 -115.72
C ALA KA 125 39.60 46.16 -116.45
N MET KA 126 39.86 47.02 -117.44
CA MET KA 126 38.80 47.64 -118.22
C MET KA 126 38.80 47.20 -119.68
N ALA KA 127 39.85 46.50 -120.13
CA ALA KA 127 39.90 46.03 -121.51
C ALA KA 127 38.98 44.83 -121.68
N THR KA 128 38.25 44.81 -122.79
CA THR KA 128 37.24 43.78 -123.02
C THR KA 128 37.28 43.36 -124.48
N GLY KA 129 37.33 42.05 -124.70
CA GLY KA 129 37.32 41.51 -126.05
C GLY KA 129 37.09 40.03 -126.00
N LYS KA 130 37.11 39.40 -127.18
CA LYS KA 130 36.95 37.96 -127.29
C LYS KA 130 38.09 37.36 -128.10
N LEU KA 131 38.54 36.19 -127.65
CA LEU KA 131 39.55 35.41 -128.34
C LEU KA 131 39.01 34.00 -128.54
N LEU KA 132 39.32 33.42 -129.70
CA LEU KA 132 38.81 32.11 -130.07
C LEU KA 132 39.98 31.13 -130.13
N ILE KA 133 40.01 30.21 -129.18
CA ILE KA 133 41.12 29.29 -129.02
C ILE KA 133 40.72 27.96 -129.63
N SER KA 134 41.30 27.64 -130.80
CA SER KA 134 40.94 26.45 -131.55
C SER KA 134 41.97 25.35 -131.32
N TYR KA 135 41.51 24.11 -131.38
CA TYR KA 135 42.35 22.94 -131.19
C TYR KA 135 42.23 22.03 -132.41
N SER KA 136 43.36 21.69 -133.01
CA SER KA 136 43.23 20.74 -134.10
C SER KA 136 43.67 19.36 -133.65
N PRO KA 137 42.96 18.32 -134.06
CA PRO KA 137 43.37 16.94 -133.74
C PRO KA 137 44.71 16.63 -134.38
N PRO KA 138 45.41 15.59 -133.91
CA PRO KA 138 46.80 15.38 -134.36
C PRO KA 138 46.94 15.07 -135.83
N GLY KA 139 45.88 14.62 -136.50
CA GLY KA 139 45.97 14.34 -137.93
C GLY KA 139 45.53 15.51 -138.79
N ALA KA 140 44.70 16.39 -138.24
CA ALA KA 140 44.06 17.42 -139.04
C ALA KA 140 45.04 18.53 -139.39
N SER KA 141 44.66 19.32 -140.39
CA SER KA 141 45.44 20.47 -140.80
C SER KA 141 45.00 21.70 -140.01
N VAL KA 142 45.86 22.70 -139.98
CA VAL KA 142 45.59 23.91 -139.19
C VAL KA 142 44.49 24.71 -139.89
N PRO KA 143 43.68 25.45 -139.14
CA PRO KA 143 42.71 26.35 -139.78
C PRO KA 143 43.43 27.54 -140.38
N THR KA 144 43.12 27.84 -141.64
CA THR KA 144 43.71 28.99 -142.31
C THR KA 144 42.94 30.28 -142.08
N SER KA 145 41.69 30.18 -141.62
CA SER KA 145 40.83 31.32 -141.38
C SER KA 145 40.18 31.18 -140.02
N ARG KA 146 39.50 32.25 -139.59
CA ARG KA 146 38.83 32.20 -138.29
C ARG KA 146 37.56 31.37 -138.37
N LYS KA 147 36.84 31.41 -139.51
CA LYS KA 147 35.64 30.62 -139.64
C LYS KA 147 35.94 29.13 -139.63
N ASP KA 148 37.00 28.72 -140.32
CA ASP KA 148 37.38 27.32 -140.34
C ASP KA 148 37.86 26.83 -138.99
N ALA KA 149 38.38 27.73 -138.15
CA ALA KA 149 38.69 27.39 -136.77
C ALA KA 149 37.43 27.31 -135.92
N MET KA 150 36.40 28.08 -136.27
CA MET KA 150 35.15 28.05 -135.50
C MET KA 150 34.38 26.76 -135.76
N LEU KA 151 34.53 26.17 -136.95
CA LEU KA 151 33.80 24.96 -137.29
C LEU KA 151 34.41 23.72 -136.66
N GLY KA 152 35.63 23.81 -136.15
CA GLY KA 152 36.24 22.71 -135.42
C GLY KA 152 36.00 22.81 -133.93
N THR KA 153 37.00 22.44 -133.14
CA THR KA 153 36.93 22.58 -131.69
C THR KA 153 37.48 23.94 -131.29
N HIS KA 154 36.74 24.65 -130.44
CA HIS KA 154 37.15 25.99 -130.03
C HIS KA 154 36.48 26.33 -128.71
N ILE KA 155 36.92 27.44 -128.13
CA ILE KA 155 36.30 28.03 -126.94
C ILE KA 155 36.38 29.54 -127.09
N VAL KA 156 35.23 30.19 -127.28
CA VAL KA 156 35.20 31.65 -127.43
C VAL KA 156 35.37 32.24 -126.03
N TRP KA 157 36.60 32.65 -125.73
CA TRP KA 157 37.00 33.04 -124.38
C TRP KA 157 36.79 34.53 -124.19
N ASP KA 158 35.70 34.90 -123.52
CA ASP KA 158 35.41 36.29 -123.21
C ASP KA 158 36.37 36.81 -122.15
N ILE KA 159 37.15 37.82 -122.51
CA ILE KA 159 38.17 38.34 -121.60
C ILE KA 159 37.53 39.20 -120.51
N GLY KA 160 36.48 39.95 -120.84
CA GLY KA 160 35.88 40.86 -119.88
C GLY KA 160 35.19 40.18 -118.72
N LEU KA 161 34.80 38.92 -118.89
CA LEU KA 161 34.15 38.18 -117.81
C LEU KA 161 35.17 37.41 -116.98
N GLN KA 162 35.86 36.45 -117.60
CA GLN KA 162 36.91 35.70 -116.96
C GLN KA 162 38.25 36.04 -117.62
N SER KA 163 39.31 35.98 -116.82
CA SER KA 163 40.65 36.35 -117.27
C SER KA 163 41.59 35.16 -117.34
N SER KA 164 41.07 33.94 -117.27
CA SER KA 164 41.91 32.74 -117.28
C SER KA 164 41.08 31.58 -117.79
N CYS KA 165 41.42 31.08 -118.98
CA CYS KA 165 40.70 29.98 -119.60
C CYS KA 165 41.61 28.76 -119.66
N VAL KA 166 41.09 27.62 -119.21
CA VAL KA 166 41.86 26.41 -119.03
C VAL KA 166 41.41 25.36 -120.04
N LEU KA 167 42.38 24.75 -120.72
CA LEU KA 167 42.14 23.66 -121.64
C LEU KA 167 42.59 22.34 -121.00
N CYS KA 168 42.42 21.25 -121.75
CA CYS KA 168 43.00 19.97 -121.37
C CYS KA 168 43.12 19.16 -122.67
N VAL KA 169 44.33 19.10 -123.23
CA VAL KA 169 44.55 18.54 -124.55
C VAL KA 169 44.91 17.06 -124.39
N PRO KA 170 44.11 16.14 -124.90
CA PRO KA 170 44.43 14.72 -124.79
C PRO KA 170 45.24 14.20 -125.96
N TRP KA 171 45.53 12.89 -125.97
CA TRP KA 171 46.24 12.22 -127.05
C TRP KA 171 47.61 12.85 -127.29
N ILE KA 172 48.39 12.95 -126.23
CA ILE KA 172 49.72 13.55 -126.29
C ILE KA 172 50.73 12.47 -125.90
N SER KA 173 51.47 11.96 -126.87
CA SER KA 173 52.38 10.86 -126.64
C SER KA 173 53.41 10.80 -127.76
N GLN KA 174 54.58 10.26 -127.44
CA GLN KA 174 55.54 9.85 -128.44
C GLN KA 174 56.23 8.58 -127.95
N SER KA 175 56.98 7.95 -128.86
CA SER KA 175 57.62 6.67 -128.57
C SER KA 175 58.80 6.41 -129.50
N SER KA 187 53.78 15.20 -135.93
CA SER KA 187 52.38 15.13 -136.31
C SER KA 187 51.48 15.16 -135.08
N ALA KA 188 51.39 16.33 -134.45
CA ALA KA 188 50.60 16.48 -133.23
C ALA KA 188 49.57 17.59 -133.42
N GLY KA 189 48.92 17.96 -132.33
CA GLY KA 189 47.84 18.93 -132.36
C GLY KA 189 48.33 20.35 -132.55
N TYR KA 190 47.38 21.28 -132.45
CA TYR KA 190 47.65 22.70 -132.62
C TYR KA 190 46.76 23.50 -131.68
N ILE KA 191 47.34 24.50 -131.04
CA ILE KA 191 46.57 25.45 -130.23
C ILE KA 191 46.77 26.81 -130.89
N THR KA 192 45.89 27.15 -131.81
CA THR KA 192 45.87 28.47 -132.41
C THR KA 192 44.93 29.38 -131.62
N CYS KA 193 45.04 30.67 -131.87
CA CYS KA 193 44.19 31.64 -131.18
C CYS KA 193 43.90 32.79 -132.12
N TRP KA 194 42.65 33.25 -132.09
CA TRP KA 194 42.10 34.13 -133.12
C TRP KA 194 41.44 35.34 -132.48
N TYR KA 195 41.41 36.44 -133.22
CA TYR KA 195 40.62 37.60 -132.82
C TYR KA 195 39.18 37.34 -133.20
N GLN KA 196 38.36 36.97 -132.23
CA GLN KA 196 36.92 37.02 -132.44
C GLN KA 196 36.47 38.48 -132.51
N THR KA 197 36.81 39.26 -131.49
CA THR KA 197 36.62 40.70 -131.48
C THR KA 197 37.94 41.37 -131.11
N ASN KA 198 38.05 42.65 -131.44
CA ASN KA 198 39.20 43.41 -130.98
C ASN KA 198 39.09 43.72 -129.50
N ILE KA 199 40.16 44.25 -128.93
CA ILE KA 199 40.19 44.61 -127.52
C ILE KA 199 39.55 45.98 -127.37
N VAL KA 200 38.40 46.03 -126.72
CA VAL KA 200 37.67 47.29 -126.53
C VAL KA 200 38.13 47.90 -125.20
N VAL KA 201 38.49 49.18 -125.24
CA VAL KA 201 39.21 49.80 -124.14
C VAL KA 201 38.70 51.22 -123.93
N PRO KA 202 38.49 51.65 -122.70
CA PRO KA 202 38.08 53.03 -122.44
C PRO KA 202 39.22 54.00 -122.71
N PRO KA 203 38.96 55.31 -122.67
CA PRO KA 203 40.02 56.28 -123.00
C PRO KA 203 41.20 56.28 -122.05
N GLY KA 204 41.03 55.80 -120.82
CA GLY KA 204 42.12 55.84 -119.86
C GLY KA 204 43.08 54.67 -119.92
N ALA KA 205 42.58 53.49 -120.25
CA ALA KA 205 43.40 52.29 -120.19
C ALA KA 205 44.23 52.13 -121.46
N PRO KA 206 45.37 51.45 -121.37
CA PRO KA 206 46.19 51.27 -122.57
C PRO KA 206 45.57 50.28 -123.55
N THR KA 207 46.04 50.35 -124.79
CA THR KA 207 45.41 49.64 -125.90
C THR KA 207 46.00 48.25 -126.11
N SER KA 208 47.29 48.06 -125.86
CA SER KA 208 47.98 46.81 -126.15
C SER KA 208 48.19 46.03 -124.85
N CYS KA 209 47.80 44.77 -124.87
CA CYS KA 209 47.83 43.90 -123.70
C CYS KA 209 48.69 42.67 -123.98
N ASP KA 210 48.87 41.84 -122.95
CA ASP KA 210 49.62 40.60 -123.06
C ASP KA 210 48.82 39.44 -122.52
N VAL KA 211 49.14 38.25 -123.01
CA VAL KA 211 48.51 37.00 -122.57
C VAL KA 211 49.63 36.03 -122.23
N LEU KA 212 49.68 35.59 -120.97
CA LEU KA 212 50.61 34.55 -120.56
C LEU KA 212 49.97 33.18 -120.74
N CYS KA 213 50.82 32.17 -120.96
CA CYS KA 213 50.36 30.80 -121.10
C CYS KA 213 51.04 29.93 -120.05
N PHE KA 214 50.42 28.77 -119.79
CA PHE KA 214 50.91 27.84 -118.80
C PHE KA 214 50.71 26.43 -119.33
N ALA KA 215 51.41 25.47 -118.72
CA ALA KA 215 51.31 24.08 -119.15
C ALA KA 215 51.70 23.15 -118.01
N SER KA 216 50.94 22.08 -117.84
CA SER KA 216 51.26 21.03 -116.88
C SER KA 216 50.59 19.75 -117.34
N ALA KA 217 50.60 18.72 -116.48
CA ALA KA 217 49.88 17.49 -116.73
C ALA KA 217 48.46 17.63 -116.23
N CYS KA 218 47.49 17.22 -117.04
CA CYS KA 218 46.09 17.58 -116.79
C CYS KA 218 45.53 16.80 -115.60
N ASN KA 219 45.47 15.47 -115.72
CA ASN KA 219 45.00 14.62 -114.64
C ASN KA 219 46.10 13.70 -114.14
N ASP KA 220 46.69 12.89 -115.01
CA ASP KA 220 47.74 11.95 -114.65
C ASP KA 220 48.53 11.65 -115.91
N PHE KA 221 49.81 11.37 -115.74
CA PHE KA 221 50.71 11.30 -116.89
C PHE KA 221 51.49 9.99 -116.80
N SER KA 222 51.64 9.32 -117.95
CA SER KA 222 52.30 8.04 -118.02
C SER KA 222 53.61 8.18 -118.78
N VAL KA 223 54.64 7.51 -118.29
CA VAL KA 223 56.00 7.73 -118.77
C VAL KA 223 56.85 6.50 -118.41
N ARG KA 224 57.60 5.96 -119.38
CA ARG KA 224 58.17 4.62 -119.21
C ARG KA 224 59.70 4.58 -119.24
N LEU KA 225 60.35 4.94 -120.34
CA LEU KA 225 61.71 4.46 -120.61
C LEU KA 225 62.72 5.59 -120.41
N LEU KA 226 63.50 5.48 -119.33
CA LEU KA 226 64.44 6.54 -118.98
C LEU KA 226 65.62 6.56 -119.96
N ARG KA 227 66.08 7.77 -120.27
CA ARG KA 227 67.24 7.97 -121.14
C ARG KA 227 68.01 9.20 -120.66
N ASP KA 228 69.11 9.49 -121.35
CA ASP KA 228 69.87 10.71 -121.09
C ASP KA 228 69.27 11.88 -121.86
N THR KA 229 69.30 13.06 -121.25
CA THR KA 229 68.70 14.23 -121.88
C THR KA 229 69.57 14.73 -123.03
N PRO KA 230 68.96 15.30 -124.07
CA PRO KA 230 69.73 15.81 -125.21
C PRO KA 230 70.38 17.16 -124.96
N PHE KA 231 69.83 17.97 -124.06
CA PHE KA 231 70.27 19.35 -123.90
C PHE KA 231 71.72 19.43 -123.45
N MET KA 232 72.08 18.71 -122.38
CA MET KA 232 73.46 18.72 -121.92
C MET KA 232 74.39 18.14 -122.98
N ALA KA 233 75.58 18.72 -123.07
CA ALA KA 233 76.56 18.30 -124.07
C ALA KA 233 77.73 17.58 -123.42
N GLN LA 43 -19.99 65.86 60.92
CA GLN LA 43 -20.14 64.84 59.89
C GLN LA 43 -19.51 65.29 58.58
N THR LA 44 -19.30 64.34 57.67
CA THR LA 44 -18.71 64.63 56.37
C THR LA 44 -19.46 63.85 55.30
N ARG LA 45 -19.42 64.37 54.08
CA ARG LA 45 -20.13 63.76 52.96
C ARG LA 45 -19.29 62.59 52.44
N HIS LA 46 -19.78 61.37 52.65
CA HIS LA 46 -19.07 60.17 52.24
C HIS LA 46 -19.69 59.60 50.97
N VAL LA 47 -18.98 58.66 50.36
CA VAL LA 47 -19.50 57.94 49.20
C VAL LA 47 -20.45 56.88 49.72
N VAL LA 48 -21.75 57.22 49.71
CA VAL LA 48 -22.79 56.30 50.18
C VAL LA 48 -23.13 55.44 48.97
N ASN LA 49 -22.35 54.38 48.76
CA ASN LA 49 -22.47 53.54 47.58
C ASN LA 49 -23.15 52.23 47.98
N PHE LA 50 -24.39 52.06 47.53
CA PHE LA 50 -25.14 50.83 47.64
C PHE LA 50 -26.43 51.03 46.84
N HIS LA 51 -27.15 49.94 46.60
CA HIS LA 51 -28.36 49.99 45.80
C HIS LA 51 -29.40 49.08 46.46
N SER LA 52 -30.31 49.68 47.21
CA SER LA 52 -31.30 48.91 47.96
C SER LA 52 -32.53 49.75 48.19
N ARG LA 53 -33.70 49.11 48.03
CA ARG LA 53 -34.97 49.71 48.40
C ARG LA 53 -35.84 48.71 49.15
N SER LA 54 -35.22 47.79 49.89
CA SER LA 54 -35.96 46.85 50.69
C SER LA 54 -36.51 47.50 51.95
N GLU LA 55 -35.88 48.58 52.41
CA GLU LA 55 -36.35 49.31 53.58
C GLU LA 55 -37.40 50.34 53.23
N SER LA 56 -37.71 50.50 51.95
CA SER LA 56 -38.69 51.48 51.51
C SER LA 56 -40.01 50.84 51.12
N THR LA 57 -40.13 49.52 51.25
CA THR LA 57 -41.40 48.88 50.98
C THR LA 57 -42.40 49.23 52.09
N ILE LA 58 -43.67 48.92 51.84
CA ILE LA 58 -44.72 49.35 52.76
C ILE LA 58 -44.64 48.57 54.07
N GLU LA 59 -44.36 47.27 53.99
CA GLU LA 59 -44.30 46.45 55.18
C GLU LA 59 -43.07 46.79 56.04
N ASN LA 60 -42.01 47.29 55.42
CA ASN LA 60 -40.81 47.69 56.14
C ASN LA 60 -40.85 49.16 56.54
N PHE LA 61 -41.94 49.85 56.23
CA PHE LA 61 -42.14 51.26 56.56
C PHE LA 61 -43.20 51.47 57.63
N MET LA 62 -44.30 50.73 57.54
CA MET LA 62 -45.41 50.81 58.49
C MET LA 62 -45.33 49.78 59.60
N GLY LA 63 -44.85 48.57 59.29
CA GLY LA 63 -44.83 47.50 60.26
C GLY LA 63 -43.75 47.68 61.31
N ARG LA 64 -43.93 48.66 62.19
CA ARG LA 64 -43.03 48.89 63.30
C ARG LA 64 -43.82 49.19 64.56
N ALA LA 65 -43.45 48.51 65.64
CA ALA LA 65 -44.20 48.61 66.89
C ALA LA 65 -43.91 49.93 67.57
N ALA LA 66 -44.98 50.64 67.95
CA ALA LA 66 -44.87 51.93 68.61
C ALA LA 66 -45.86 51.99 69.75
N CYS LA 67 -45.46 52.61 70.84
CA CYS LA 67 -46.32 52.70 72.02
C CYS LA 67 -47.40 53.74 71.78
N VAL LA 68 -48.65 53.32 71.89
CA VAL LA 68 -49.78 54.17 71.50
C VAL LA 68 -50.75 54.43 72.65
N PHE LA 69 -50.56 53.84 73.83
CA PHE LA 69 -51.54 54.01 74.90
C PHE LA 69 -50.90 53.70 76.25
N MET LA 70 -50.63 54.75 77.03
CA MET LA 70 -50.34 54.64 78.44
C MET LA 70 -51.59 54.94 79.25
N ASP LA 71 -51.83 54.14 80.29
CA ASP LA 71 -52.97 54.41 81.17
C ASP LA 71 -52.75 53.75 82.52
N GLN LA 72 -53.33 54.36 83.54
CA GLN LA 72 -53.30 53.86 84.90
C GLN LA 72 -54.64 53.19 85.22
N TYR LA 73 -54.60 52.18 86.08
CA TYR LA 73 -55.84 51.61 86.60
C TYR LA 73 -55.55 50.93 87.93
N LYS LA 74 -56.38 51.23 88.93
CA LYS LA 74 -56.15 50.80 90.30
C LYS LA 74 -56.60 49.36 90.47
N ILE LA 75 -56.71 48.90 91.73
CA ILE LA 75 -57.17 47.54 91.98
C ILE LA 75 -58.34 47.53 92.97
N ASN LA 76 -58.38 48.50 93.88
CA ASN LA 76 -59.37 48.46 94.95
C ASN LA 76 -59.89 49.87 95.24
N GLY LA 77 -60.96 49.91 96.02
CA GLY LA 77 -61.65 51.14 96.33
C GLY LA 77 -62.60 51.56 95.23
N GLU LA 78 -63.57 52.39 95.61
CA GLU LA 78 -64.51 53.03 94.69
C GLU LA 78 -65.15 52.00 93.76
N GLU LA 79 -66.03 51.18 94.35
CA GLU LA 79 -66.57 50.02 93.64
C GLU LA 79 -67.27 50.43 92.36
N THR LA 80 -67.87 51.62 92.32
CA THR LA 80 -68.42 52.20 91.10
C THR LA 80 -67.53 53.36 90.67
N SER LA 81 -66.45 53.03 89.95
CA SER LA 81 -65.54 54.04 89.44
C SER LA 81 -65.06 53.66 88.05
N THR LA 82 -64.61 54.68 87.32
CA THR LA 82 -64.06 54.50 85.98
C THR LA 82 -62.54 54.49 85.96
N ASP LA 83 -61.89 54.51 87.14
CA ASP LA 83 -60.44 54.53 87.23
C ASP LA 83 -59.87 53.16 87.62
N ARG LA 84 -60.64 52.09 87.44
CA ARG LA 84 -60.17 50.75 87.72
C ARG LA 84 -60.02 49.91 86.45
N PHE LA 85 -60.13 50.52 85.27
CA PHE LA 85 -59.93 49.81 84.02
C PHE LA 85 -59.56 50.83 82.95
N ALA LA 86 -59.07 50.31 81.81
CA ALA LA 86 -58.63 51.12 80.69
C ALA LA 86 -59.54 50.86 79.50
N VAL LA 87 -59.48 51.75 78.50
CA VAL LA 87 -60.42 51.71 77.39
C VAL LA 87 -59.70 51.64 76.03
N TRP LA 88 -59.11 52.76 75.59
CA TRP LA 88 -58.42 52.88 74.32
C TRP LA 88 -59.18 52.28 73.13
N THR LA 89 -60.18 52.99 72.62
CA THR LA 89 -60.75 52.66 71.32
C THR LA 89 -59.67 52.65 70.24
N ILE LA 90 -59.50 51.50 69.59
CA ILE LA 90 -58.35 51.30 68.71
C ILE LA 90 -58.53 52.11 67.43
N ASN LA 91 -57.62 53.06 67.19
CA ASN LA 91 -57.60 53.79 65.93
C ASN LA 91 -56.16 54.17 65.61
N ILE LA 92 -55.92 54.46 64.32
CA ILE LA 92 -54.59 54.87 63.88
C ILE LA 92 -54.29 56.32 64.25
N ARG LA 93 -55.30 57.10 64.60
CA ARG LA 93 -55.10 58.52 64.89
C ARG LA 93 -54.78 58.74 66.37
N GLU LA 94 -53.82 57.98 66.88
CA GLU LA 94 -53.46 58.03 68.29
C GLU LA 94 -52.39 59.06 68.57
N MET LA 95 -51.19 58.86 68.03
CA MET LA 95 -50.11 59.83 68.15
C MET LA 95 -49.70 60.29 66.75
N ALA LA 96 -49.24 61.54 66.67
CA ALA LA 96 -49.05 62.19 65.38
C ALA LA 96 -47.91 61.59 64.57
N GLN LA 97 -46.95 60.94 65.23
CA GLN LA 97 -45.84 60.34 64.49
C GLN LA 97 -46.31 59.17 63.64
N LEU LA 98 -47.10 58.26 64.23
CA LEU LA 98 -47.66 57.17 63.44
C LEU LA 98 -48.80 57.66 62.55
N ARG LA 99 -49.65 58.55 63.06
CA ARG LA 99 -50.76 59.08 62.27
C ARG LA 99 -50.27 59.66 60.94
N ARG LA 100 -49.10 60.30 60.96
CA ARG LA 100 -48.56 60.90 59.75
C ARG LA 100 -48.24 59.83 58.70
N LYS LA 101 -47.74 58.67 59.14
CA LYS LA 101 -47.38 57.63 58.19
C LYS LA 101 -48.61 56.97 57.57
N CYS LA 102 -49.69 56.82 58.34
CA CYS LA 102 -50.89 56.23 57.79
C CYS LA 102 -51.60 57.16 56.81
N GLU LA 103 -51.28 58.45 56.84
CA GLU LA 103 -51.86 59.42 55.93
C GLU LA 103 -51.02 59.63 54.68
N MET LA 104 -49.96 58.83 54.49
CA MET LA 104 -49.32 58.76 53.18
C MET LA 104 -50.24 58.11 52.16
N PHE LA 105 -51.18 57.28 52.62
CA PHE LA 105 -51.96 56.42 51.77
C PHE LA 105 -53.44 56.59 52.13
N THR LA 106 -54.30 56.57 51.12
CA THR LA 106 -55.73 56.73 51.37
C THR LA 106 -56.33 55.45 51.94
N TYR LA 107 -56.09 54.31 51.29
CA TYR LA 107 -56.65 53.04 51.71
C TYR LA 107 -55.53 52.09 52.09
N MET LA 108 -55.75 51.33 53.17
CA MET LA 108 -54.79 50.32 53.59
C MET LA 108 -55.52 49.27 54.41
N ARG LA 109 -55.04 48.03 54.31
CA ARG LA 109 -55.56 46.92 55.09
C ARG LA 109 -54.41 46.15 55.70
N PHE LA 110 -54.59 45.68 56.92
CA PHE LA 110 -53.49 45.14 57.70
C PHE LA 110 -54.02 44.44 58.93
N ASP LA 111 -53.39 43.34 59.29
CA ASP LA 111 -53.59 42.75 60.61
C ASP LA 111 -52.81 43.55 61.65
N ILE LA 112 -53.34 43.61 62.87
CA ILE LA 112 -52.68 44.29 63.96
C ILE LA 112 -52.29 43.25 64.99
N GLU LA 113 -51.12 43.43 65.60
CA GLU LA 113 -50.56 42.47 66.56
C GLU LA 113 -49.95 43.30 67.68
N MET LA 114 -50.75 43.57 68.71
CA MET LA 114 -50.32 44.41 69.82
C MET LA 114 -49.82 43.56 70.97
N THR LA 115 -48.79 44.05 71.65
CA THR LA 115 -48.22 43.39 72.82
C THR LA 115 -48.18 44.40 73.95
N MET LA 116 -48.92 44.12 75.02
CA MET LA 116 -48.97 45.02 76.15
C MET LA 116 -47.75 44.83 77.05
N VAL LA 117 -47.37 45.90 77.75
CA VAL LA 117 -46.27 45.88 78.70
C VAL LA 117 -46.84 46.48 79.98
N ILE LA 118 -47.12 45.62 80.96
CA ILE LA 118 -47.88 45.98 82.14
C ILE LA 118 -46.93 46.00 83.34
N THR LA 119 -46.98 47.09 84.10
CA THR LA 119 -46.19 47.25 85.31
C THR LA 119 -47.11 47.35 86.52
N SER LA 120 -46.52 47.61 87.68
CA SER LA 120 -47.30 47.78 88.89
C SER LA 120 -46.47 48.55 89.91
N CYS LA 121 -47.18 49.17 90.84
CA CYS LA 121 -46.56 49.96 91.91
C CYS LA 121 -47.33 49.64 93.18
N GLN LA 122 -47.16 50.45 94.22
CA GLN LA 122 -47.91 50.29 95.45
C GLN LA 122 -47.82 51.53 96.32
N MET LA 132 -47.93 41.60 99.17
CA MET LA 132 -48.96 41.43 98.15
C MET LA 132 -48.87 40.06 97.51
N PRO LA 133 -49.90 39.67 96.74
CA PRO LA 133 -49.82 38.38 96.02
C PRO LA 133 -49.19 38.56 94.66
N VAL LA 134 -49.20 37.50 93.84
CA VAL LA 134 -48.84 37.61 92.43
C VAL LA 134 -50.07 38.04 91.65
N LEU LA 135 -49.92 39.07 90.82
CA LEU LA 135 -51.05 39.70 90.15
C LEU LA 135 -51.33 39.07 88.80
N THR LA 136 -52.60 38.98 88.45
CA THR LA 136 -53.05 38.49 87.16
C THR LA 136 -53.94 39.55 86.54
N HIS LA 137 -53.72 39.83 85.25
CA HIS LA 137 -54.42 40.89 84.55
C HIS LA 137 -55.37 40.27 83.52
N GLN LA 138 -56.16 41.13 82.88
CA GLN LA 138 -57.07 40.71 81.81
C GLN LA 138 -57.15 41.82 80.77
N ILE LA 139 -56.81 41.49 79.53
CA ILE LA 139 -56.85 42.45 78.43
C ILE LA 139 -57.93 41.97 77.48
N MET LA 140 -59.13 42.55 77.59
CA MET LA 140 -60.28 42.11 76.81
C MET LA 140 -60.44 42.98 75.58
N TYR LA 141 -60.26 42.38 74.41
CA TYR LA 141 -60.55 43.04 73.15
C TYR LA 141 -62.01 42.79 72.76
N VAL LA 142 -62.79 43.85 72.67
CA VAL LA 142 -64.15 43.73 72.17
C VAL LA 142 -64.14 44.08 70.68
N PRO LA 143 -64.86 43.34 69.84
CA PRO LA 143 -64.94 43.68 68.41
C PRO LA 143 -65.73 44.95 68.20
N PRO LA 144 -65.85 45.42 66.95
CA PRO LA 144 -66.71 46.60 66.71
C PRO LA 144 -68.15 46.38 67.13
N GLY LA 145 -68.71 45.20 66.87
CA GLY LA 145 -69.98 44.83 67.44
C GLY LA 145 -69.78 44.03 68.72
N GLY LA 146 -69.77 44.73 69.84
CA GLY LA 146 -69.49 44.11 71.12
C GLY LA 146 -69.91 44.97 72.29
N PRO LA 147 -70.40 44.33 73.35
CA PRO LA 147 -70.79 45.06 74.55
C PRO LA 147 -69.58 45.51 75.34
N ILE LA 148 -69.71 46.67 75.97
CA ILE LA 148 -68.60 47.25 76.73
C ILE LA 148 -68.94 47.21 78.21
N PRO LA 149 -67.97 47.08 79.09
CA PRO LA 149 -68.26 47.20 80.52
C PRO LA 149 -68.47 48.66 80.91
N ALA LA 150 -69.30 48.86 81.93
CA ALA LA 150 -69.45 50.16 82.56
C ALA LA 150 -68.69 50.26 83.87
N LYS LA 151 -68.42 49.14 84.51
CA LYS LA 151 -67.71 49.08 85.78
C LYS LA 151 -66.73 47.91 85.73
N VAL LA 152 -65.81 47.89 86.69
CA VAL LA 152 -64.82 46.81 86.74
C VAL LA 152 -65.48 45.47 87.02
N ASP LA 153 -66.70 45.46 87.57
CA ASP LA 153 -67.41 44.24 87.91
C ASP LA 153 -68.67 44.06 87.05
N GLY LA 154 -68.65 44.53 85.82
CA GLY LA 154 -69.77 44.32 84.92
C GLY LA 154 -69.80 42.90 84.42
N TYR LA 155 -70.94 42.53 83.84
CA TYR LA 155 -71.09 41.19 83.29
C TYR LA 155 -70.48 41.06 81.89
N GLU LA 156 -70.17 42.18 81.23
CA GLU LA 156 -69.60 42.13 79.89
C GLU LA 156 -68.26 41.41 79.90
N TRP LA 157 -67.51 41.53 80.99
CA TRP LA 157 -66.19 40.90 81.10
C TRP LA 157 -66.26 39.39 80.90
N GLN LA 158 -67.42 38.78 81.12
CA GLN LA 158 -67.59 37.35 80.99
C GLN LA 158 -68.18 36.94 79.64
N THR LA 159 -68.18 37.84 78.66
CA THR LA 159 -68.76 37.54 77.36
C THR LA 159 -67.84 36.61 76.57
N SER LA 160 -68.41 35.51 76.06
CA SER LA 160 -67.61 34.51 75.36
C SER LA 160 -67.14 34.98 73.99
N THR LA 161 -67.80 35.97 73.40
CA THR LA 161 -67.43 36.49 72.10
C THR LA 161 -66.39 37.59 72.18
N ASN LA 162 -66.04 38.06 73.37
CA ASN LA 162 -64.95 39.02 73.55
C ASN LA 162 -63.70 38.26 73.96
N PRO LA 163 -62.73 38.06 73.06
CA PRO LA 163 -61.51 37.34 73.44
C PRO LA 163 -60.65 38.18 74.37
N SER LA 164 -60.08 37.52 75.38
CA SER LA 164 -59.30 38.21 76.39
C SER LA 164 -58.15 37.31 76.84
N VAL LA 165 -57.01 37.92 77.13
CA VAL LA 165 -55.85 37.20 77.63
C VAL LA 165 -55.74 37.45 79.14
N PHE LA 166 -55.35 36.41 79.86
CA PHE LA 166 -55.18 36.47 81.31
C PHE LA 166 -53.69 36.31 81.59
N TRP LA 167 -52.99 37.44 81.64
CA TRP LA 167 -51.55 37.45 81.86
C TRP LA 167 -51.28 37.66 83.34
N THR LA 168 -50.53 36.75 83.94
CA THR LA 168 -50.07 36.88 85.31
C THR LA 168 -48.67 37.49 85.32
N GLU LA 169 -48.36 38.21 86.39
CA GLU LA 169 -47.15 39.03 86.41
C GLU LA 169 -45.90 38.14 86.47
N GLY LA 170 -44.84 38.62 85.83
CA GLY LA 170 -43.56 37.95 85.83
C GLY LA 170 -43.20 37.24 84.53
N ASN LA 171 -44.18 36.91 83.70
CA ASN LA 171 -43.92 36.16 82.48
C ASN LA 171 -43.57 37.11 81.34
N ALA LA 172 -43.49 36.56 80.13
CA ALA LA 172 -43.33 37.38 78.94
C ALA LA 172 -44.59 38.23 78.72
N PRO LA 173 -44.47 39.35 78.00
CA PRO LA 173 -45.63 40.22 77.84
C PRO LA 173 -46.72 39.54 77.04
N PRO LA 174 -47.99 39.87 77.30
CA PRO LA 174 -49.08 39.23 76.56
C PRO LA 174 -49.20 39.78 75.14
N ARG LA 175 -49.37 38.89 74.18
CA ARG LA 175 -49.53 39.28 72.79
C ARG LA 175 -50.85 38.76 72.26
N ILE LA 176 -51.64 39.67 71.69
CA ILE LA 176 -52.96 39.36 71.13
C ILE LA 176 -52.99 39.94 69.73
N SER LA 177 -53.41 39.13 68.76
CA SER LA 177 -53.40 39.52 67.36
C SER LA 177 -54.83 39.59 66.83
N ILE LA 178 -55.10 40.62 66.03
CA ILE LA 178 -56.46 40.89 65.56
C ILE LA 178 -56.42 40.97 64.04
N PRO LA 179 -57.27 40.22 63.34
CA PRO LA 179 -57.21 40.23 61.87
C PRO LA 179 -57.84 41.49 61.28
N PHE LA 180 -57.99 41.51 59.96
CA PHE LA 180 -58.65 42.61 59.27
C PHE LA 180 -60.15 42.54 59.55
N ILE LA 181 -60.63 43.40 60.46
CA ILE LA 181 -62.01 43.31 60.92
C ILE LA 181 -62.97 43.98 59.95
N SER LA 182 -62.54 45.03 59.26
CA SER LA 182 -63.45 46.01 58.68
C SER LA 182 -64.46 45.38 57.72
N VAL LA 183 -65.60 46.06 57.56
CA VAL LA 183 -66.67 45.55 56.71
C VAL LA 183 -66.30 45.71 55.25
N GLY LA 184 -65.67 46.82 54.91
CA GLY LA 184 -65.26 47.08 53.55
C GLY LA 184 -64.04 46.24 53.19
N ASN LA 185 -63.35 46.68 52.15
CA ASN LA 185 -62.19 45.96 51.67
C ASN LA 185 -60.88 46.58 52.09
N ALA LA 186 -60.92 47.75 52.76
CA ALA LA 186 -59.73 48.36 53.30
C ALA LA 186 -60.13 49.35 54.38
N TYR LA 187 -59.19 49.67 55.27
CA TYR LA 187 -59.35 50.79 56.18
C TYR LA 187 -59.08 52.08 55.42
N SER LA 188 -59.95 53.07 55.63
CA SER LA 188 -59.82 54.36 54.98
C SER LA 188 -59.20 55.35 55.96
N SER LA 189 -58.06 55.92 55.60
CA SER LA 189 -57.44 56.95 56.42
C SER LA 189 -58.26 58.24 56.37
N PHE LA 190 -58.81 58.55 55.19
CA PHE LA 190 -59.62 59.74 54.97
C PHE LA 190 -60.98 59.33 54.43
N TYR LA 191 -62.02 60.04 54.86
CA TYR LA 191 -63.38 59.75 54.39
C TYR LA 191 -64.08 61.09 54.16
N ASP LA 192 -64.06 61.56 52.91
CA ASP LA 192 -64.75 62.79 52.52
C ASP LA 192 -66.23 62.47 52.35
N GLY LA 193 -66.93 62.41 53.48
CA GLY LA 193 -68.32 62.02 53.46
C GLY LA 193 -68.94 62.17 54.83
N TRP LA 194 -70.25 61.92 54.89
CA TRP LA 194 -71.05 62.12 56.08
C TRP LA 194 -71.60 60.79 56.56
N SER LA 195 -71.52 60.55 57.86
CA SER LA 195 -72.02 59.30 58.42
C SER LA 195 -73.52 59.16 58.24
N HIS LA 196 -74.27 60.23 58.49
CA HIS LA 196 -75.72 60.21 58.40
C HIS LA 196 -76.15 60.81 57.07
N PHE LA 197 -77.02 60.10 56.36
CA PHE LA 197 -77.43 60.51 55.02
C PHE LA 197 -78.13 61.87 55.06
N THR LA 198 -78.01 62.59 53.94
CA THR LA 198 -78.58 63.93 53.72
C THR LA 198 -77.78 64.98 54.47
N GLN LA 199 -76.46 64.82 54.50
CA GLN LA 199 -75.52 65.84 54.99
C GLN LA 199 -75.85 66.27 56.42
N ASP LA 200 -75.91 65.30 57.31
CA ASP LA 200 -76.18 65.56 58.72
C ASP LA 200 -74.85 65.86 59.42
N GLY LA 201 -74.80 65.64 60.73
CA GLY LA 201 -73.59 65.88 61.49
C GLY LA 201 -72.55 64.79 61.27
N THR LA 202 -71.44 64.92 62.02
CA THR LA 202 -70.35 63.95 62.03
C THR LA 202 -69.73 63.79 60.63
N TYR LA 203 -69.04 64.84 60.21
CA TYR LA 203 -68.26 64.79 58.98
C TYR LA 203 -67.04 63.91 59.15
N GLY LA 204 -66.68 63.18 58.09
CA GLY LA 204 -65.38 62.56 58.02
C GLY LA 204 -65.23 61.25 58.78
N TYR LA 205 -66.26 60.80 59.48
CA TYR LA 205 -66.18 59.59 60.28
C TYR LA 205 -67.03 58.50 59.63
N THR LA 206 -66.37 57.53 59.00
CA THR LA 206 -67.04 56.33 58.52
C THR LA 206 -66.95 55.24 59.58
N THR LA 207 -67.90 54.30 59.51
CA THR LA 207 -67.90 53.16 60.42
C THR LA 207 -67.17 51.96 59.86
N LEU LA 208 -66.62 52.06 58.64
CA LEU LA 208 -65.86 50.96 58.08
C LEU LA 208 -64.51 50.81 58.78
N ASN LA 209 -63.85 51.93 59.09
CA ASN LA 209 -62.55 51.89 59.76
C ASN LA 209 -62.71 51.91 61.27
N ALA LA 210 -63.56 51.01 61.78
CA ALA LA 210 -63.67 50.75 63.20
C ALA LA 210 -62.94 49.45 63.51
N MET LA 211 -62.09 49.47 64.53
CA MET LA 211 -61.21 48.35 64.80
C MET LA 211 -61.51 47.63 66.10
N GLY LA 212 -62.26 48.25 67.00
CA GLY LA 212 -62.61 47.63 68.27
C GLY LA 212 -62.12 48.46 69.43
N LYS LA 213 -62.19 47.86 70.62
CA LYS LA 213 -61.73 48.49 71.84
C LYS LA 213 -60.94 47.48 72.65
N LEU LA 214 -60.32 47.94 73.74
CA LEU LA 214 -59.35 47.12 74.48
C LEU LA 214 -59.48 47.41 75.98
N TYR LA 215 -60.38 46.66 76.64
CA TYR LA 215 -60.65 46.86 78.06
C TYR LA 215 -59.70 46.01 78.90
N ILE LA 216 -59.05 46.65 79.87
CA ILE LA 216 -57.95 46.05 80.62
C ILE LA 216 -58.23 46.24 82.10
N ARG LA 217 -58.14 45.16 82.87
CA ARG LA 217 -58.38 45.26 84.31
C ARG LA 217 -57.52 44.24 85.03
N HIS LA 218 -57.44 44.40 86.35
CA HIS LA 218 -56.97 43.34 87.23
C HIS LA 218 -58.09 42.33 87.40
N VAL LA 219 -57.73 41.04 87.45
CA VAL LA 219 -58.72 40.02 87.80
C VAL LA 219 -58.78 39.78 89.29
N ASN LA 220 -57.80 40.29 90.04
CA ASN LA 220 -57.82 40.16 91.50
C ASN LA 220 -58.94 41.02 92.06
N ARG LA 221 -59.75 40.44 92.94
CA ARG LA 221 -60.94 41.13 93.40
C ARG LA 221 -60.60 42.29 94.32
N SER LA 222 -59.59 42.12 95.17
CA SER LA 222 -59.21 43.16 96.11
C SER LA 222 -57.73 43.01 96.46
N SER LA 223 -57.27 43.87 97.37
CA SER LA 223 -55.89 43.87 97.83
C SER LA 223 -55.85 44.55 99.19
N PRO LA 224 -54.88 44.22 100.04
CA PRO LA 224 -54.77 44.92 101.33
C PRO LA 224 -54.41 46.38 101.16
N HIS LA 225 -53.42 46.68 100.32
CA HIS LA 225 -53.02 48.04 100.02
C HIS LA 225 -53.38 48.39 98.57
N GLN LA 226 -53.01 49.60 98.15
CA GLN LA 226 -53.33 50.08 96.82
C GLN LA 226 -52.25 49.70 95.83
N ILE LA 227 -52.65 49.14 94.70
CA ILE LA 227 -51.74 48.78 93.62
C ILE LA 227 -52.19 49.51 92.37
N THR LA 228 -51.28 50.27 91.76
CA THR LA 228 -51.60 51.12 90.61
C THR LA 228 -50.79 50.59 89.42
N SER LA 229 -51.46 49.90 88.51
CA SER LA 229 -50.80 49.27 87.39
C SER LA 229 -50.79 50.23 86.19
N THR LA 230 -49.74 50.12 85.39
CA THR LA 230 -49.56 50.95 84.20
C THR LA 230 -49.38 50.02 83.01
N ILE LA 231 -50.12 50.31 81.94
CA ILE LA 231 -50.08 49.48 80.74
C ILE LA 231 -49.62 50.32 79.56
N ARG LA 232 -48.81 49.72 78.70
CA ARG LA 232 -48.27 50.36 77.50
C ARG LA 232 -48.58 49.46 76.32
N VAL LA 233 -49.53 49.86 75.48
CA VAL LA 233 -49.97 49.03 74.36
C VAL LA 233 -49.07 49.32 73.17
N TYR LA 234 -48.45 48.28 72.61
CA TYR LA 234 -47.55 48.41 71.47
C TYR LA 234 -48.25 47.94 70.22
N PHE LA 235 -48.76 48.91 69.46
CA PHE LA 235 -49.47 48.66 68.22
C PHE LA 235 -48.51 48.35 67.10
N LYS LA 236 -48.86 47.38 66.26
CA LYS LA 236 -48.04 47.06 65.11
C LYS LA 236 -48.87 46.60 63.92
N PRO LA 237 -48.83 47.31 62.80
CA PRO LA 237 -49.47 46.79 61.59
C PRO LA 237 -48.72 45.58 61.07
N LYS LA 238 -49.46 44.65 60.47
CA LYS LA 238 -48.85 43.43 59.97
C LYS LA 238 -49.56 43.01 58.69
N HIS LA 239 -48.77 42.43 57.77
CA HIS LA 239 -49.26 42.01 56.46
C HIS LA 239 -50.02 43.15 55.78
N ILE LA 240 -49.35 44.29 55.68
CA ILE LA 240 -50.01 45.55 55.36
C ILE LA 240 -49.93 45.79 53.85
N LYS LA 241 -51.07 46.14 53.26
CA LYS LA 241 -51.15 46.63 51.89
C LYS LA 241 -51.68 48.05 51.93
N ALA LA 242 -51.35 48.84 50.92
CA ALA LA 242 -51.73 50.25 50.91
C ALA LA 242 -51.98 50.69 49.48
N TRP LA 243 -53.06 51.47 49.30
CA TRP LA 243 -53.47 51.96 48.00
C TRP LA 243 -53.54 53.47 48.02
N VAL LA 244 -53.50 54.05 46.82
CA VAL LA 244 -53.74 55.47 46.58
C VAL LA 244 -52.80 56.31 47.42
N PRO LA 245 -51.58 56.57 46.96
CA PRO LA 245 -50.67 57.43 47.73
C PRO LA 245 -51.22 58.84 47.80
N ARG LA 246 -50.61 59.63 48.68
CA ARG LA 246 -51.21 60.89 49.13
C ARG LA 246 -50.09 61.77 49.62
N PRO LA 247 -50.16 63.09 49.42
CA PRO LA 247 -49.04 63.93 49.82
C PRO LA 247 -48.92 63.98 51.33
N PRO LA 248 -47.73 64.21 51.86
CA PRO LA 248 -47.55 64.21 53.30
C PRO LA 248 -48.22 65.41 53.97
N ARG LA 249 -48.53 65.21 55.25
CA ARG LA 249 -49.08 66.28 56.08
C ARG LA 249 -48.08 67.42 56.20
N LEU LA 250 -48.56 68.65 56.05
CA LEU LA 250 -47.73 69.83 56.21
C LEU LA 250 -47.98 70.56 57.53
N CYS LA 251 -49.25 70.80 57.86
CA CYS LA 251 -49.63 71.53 59.06
C CYS LA 251 -49.62 70.62 60.28
N PRO LA 252 -49.46 71.18 61.47
CA PRO LA 252 -49.57 70.37 62.70
C PRO LA 252 -51.00 69.93 62.95
N TYR LA 253 -51.13 68.85 63.71
CA TYR LA 253 -52.44 68.28 64.03
C TYR LA 253 -53.11 69.06 65.16
N ILE LA 254 -54.43 69.19 65.06
CA ILE LA 254 -55.21 69.91 66.06
C ILE LA 254 -55.89 68.90 66.99
N ASN LA 255 -56.75 68.06 66.42
CA ASN LA 255 -57.58 67.14 67.18
C ASN LA 255 -57.51 65.74 66.56
N LYS LA 256 -57.81 64.74 67.38
CA LYS LA 256 -57.57 63.34 67.04
C LYS LA 256 -58.74 62.70 66.29
N ARG LA 257 -59.78 63.46 65.94
CA ARG LA 257 -60.92 62.92 65.22
C ARG LA 257 -61.25 63.74 63.97
N ASP LA 258 -60.40 64.69 63.59
CA ASP LA 258 -60.69 65.55 62.46
C ASP LA 258 -59.38 65.91 61.76
N VAL LA 259 -59.52 66.61 60.63
CA VAL LA 259 -58.39 67.01 59.80
C VAL LA 259 -58.16 68.51 59.87
N ASN LA 260 -58.77 69.17 60.85
CA ASN LA 260 -58.70 70.62 60.95
C ASN LA 260 -57.27 71.06 61.22
N PHE LA 261 -56.92 72.25 60.73
CA PHE LA 261 -55.54 72.68 60.76
C PHE LA 261 -55.48 74.20 60.73
N VAL LA 262 -54.30 74.73 61.06
CA VAL LA 262 -53.99 76.14 60.93
C VAL LA 262 -53.12 76.30 59.69
N VAL LA 263 -53.36 77.36 58.93
CA VAL LA 263 -52.64 77.55 57.67
C VAL LA 263 -51.16 77.79 57.97
N THR LA 264 -50.32 76.86 57.53
CA THR LA 264 -48.89 76.89 57.79
C THR LA 264 -48.15 77.28 56.53
N GLU LA 265 -46.96 77.83 56.71
CA GLU LA 265 -46.13 78.20 55.57
C GLU LA 265 -45.63 76.94 54.87
N ILE LA 266 -45.33 77.07 53.58
CA ILE LA 266 -44.93 75.91 52.78
C ILE LA 266 -43.58 75.38 53.27
N THR LA 267 -42.53 76.20 53.17
CA THR LA 267 -41.20 75.83 53.62
C THR LA 267 -40.68 76.92 54.54
N ASP LA 268 -39.50 76.66 55.13
CA ASP LA 268 -38.83 77.70 55.89
C ASP LA 268 -38.34 78.77 54.94
N SER LA 269 -38.43 80.03 55.38
CA SER LA 269 -38.09 81.12 54.49
C SER LA 269 -36.58 81.36 54.48
N ARG LA 270 -36.11 81.91 53.37
CA ARG LA 270 -34.74 82.40 53.25
C ARG LA 270 -34.78 83.88 52.87
N THR LA 271 -33.60 84.48 52.78
CA THR LA 271 -33.52 85.94 52.64
C THR LA 271 -33.92 86.38 51.25
N SER LA 272 -33.24 85.89 50.22
CA SER LA 272 -33.53 86.23 48.84
C SER LA 272 -33.68 84.95 48.02
N ILE LA 273 -34.03 85.12 46.75
CA ILE LA 273 -34.18 83.98 45.85
C ILE LA 273 -32.85 83.41 45.40
N THR LA 274 -31.76 84.18 45.55
CA THR LA 274 -30.47 83.80 44.99
C THR LA 274 -29.42 83.40 46.01
N ASP LA 275 -29.68 83.60 47.30
CA ASP LA 275 -28.69 83.25 48.32
C ASP LA 275 -28.71 81.77 48.63
N VAL MA 13 -57.82 67.79 15.72
CA VAL MA 13 -59.19 68.11 16.13
C VAL MA 13 -60.08 66.88 15.98
N ARG MA 14 -60.56 66.37 17.11
CA ARG MA 14 -61.44 65.21 17.16
C ARG MA 14 -62.77 65.62 17.77
N SER MA 15 -63.86 65.33 17.08
CA SER MA 15 -65.20 65.70 17.52
C SER MA 15 -65.84 64.46 18.15
N MET MA 16 -65.61 64.30 19.46
CA MET MA 16 -66.19 63.18 20.18
C MET MA 16 -67.69 63.39 20.36
N THR MA 17 -68.43 62.28 20.40
CA THR MA 17 -69.86 62.31 20.65
C THR MA 17 -70.24 61.15 21.56
N LEU MA 18 -71.18 61.41 22.47
CA LEU MA 18 -71.71 60.39 23.36
C LEU MA 18 -73.20 60.66 23.54
N GLY MA 19 -74.03 59.76 23.02
CA GLY MA 19 -75.46 59.94 23.13
C GLY MA 19 -75.94 61.10 22.28
N ASN MA 20 -76.44 62.14 22.94
CA ASN MA 20 -76.88 63.37 22.28
C ASN MA 20 -76.07 64.56 22.78
N SER MA 21 -74.76 64.38 22.90
CA SER MA 21 -73.87 65.44 23.37
C SER MA 21 -72.55 65.31 22.62
N THR MA 22 -72.23 66.31 21.82
CA THR MA 22 -71.00 66.34 21.04
C THR MA 22 -70.16 67.52 21.49
N ILE MA 23 -68.89 67.26 21.77
CA ILE MA 23 -67.92 68.31 22.06
C ILE MA 23 -66.83 68.24 21.02
N THR MA 24 -66.02 69.30 20.96
CA THR MA 24 -64.90 69.38 20.03
C THR MA 24 -63.62 69.45 20.84
N THR MA 25 -62.75 68.47 20.65
CA THR MA 25 -61.52 68.34 21.40
C THR MA 25 -60.31 68.57 20.50
N GLN MA 26 -59.16 68.73 21.15
CA GLN MA 26 -57.90 68.97 20.45
C GLN MA 26 -56.98 67.77 20.56
N ASN MA 30 -53.44 64.48 25.29
CA ASN MA 30 -53.32 63.08 25.66
C ASN MA 30 -53.96 62.78 27.01
N VAL MA 31 -54.62 61.62 27.10
CA VAL MA 31 -55.45 61.30 28.26
C VAL MA 31 -54.56 60.85 29.40
N VAL MA 32 -54.83 61.37 30.61
CA VAL MA 32 -54.17 60.92 31.82
C VAL MA 32 -55.12 59.93 32.48
N VAL MA 33 -54.92 58.65 32.20
CA VAL MA 33 -55.72 57.59 32.81
C VAL MA 33 -55.31 57.47 34.27
N GLY MA 34 -56.26 57.70 35.17
CA GLY MA 34 -55.94 57.79 36.58
C GLY MA 34 -55.54 56.44 37.14
N TYR MA 35 -54.33 56.35 37.70
CA TYR MA 35 -53.80 55.13 38.29
C TYR MA 35 -53.72 53.99 37.29
N GLY MA 36 -53.50 54.30 36.03
CA GLY MA 36 -53.23 53.28 35.03
C GLY MA 36 -54.36 52.32 34.77
N GLU MA 37 -55.56 52.62 35.25
CA GLU MA 37 -56.70 51.73 35.07
C GLU MA 37 -57.85 52.48 34.44
N TRP MA 38 -58.55 51.79 33.55
CA TRP MA 38 -59.73 52.26 32.87
C TRP MA 38 -60.94 51.81 33.68
N PRO MA 39 -61.95 52.65 33.88
CA PRO MA 39 -63.10 52.22 34.68
C PRO MA 39 -63.73 50.98 34.05
N SER MA 40 -64.35 50.17 34.90
CA SER MA 40 -64.95 48.93 34.43
C SER MA 40 -66.14 48.60 35.32
N TYR MA 41 -66.93 47.63 34.87
CA TYR MA 41 -68.04 47.16 35.69
C TYR MA 41 -67.52 46.28 36.83
N LEU MA 42 -68.42 45.92 37.73
CA LEU MA 42 -68.03 45.24 38.96
C LEU MA 42 -67.68 43.78 38.72
N SER MA 43 -68.21 43.17 37.67
CA SER MA 43 -67.89 41.78 37.36
C SER MA 43 -66.46 41.64 36.82
N THR MA 48 -73.66 37.82 41.38
CA THR MA 48 -74.35 37.32 42.55
C THR MA 48 -75.85 37.58 42.45
N ALA MA 49 -76.66 36.60 42.86
CA ALA MA 49 -78.10 36.77 42.88
C ALA MA 49 -78.63 37.34 44.19
N GLU MA 50 -77.79 37.43 45.22
CA GLU MA 50 -78.20 38.06 46.47
C GLU MA 50 -78.21 39.58 46.34
N ASP MA 51 -77.29 40.13 45.56
CA ASP MA 51 -77.28 41.55 45.21
C ASP MA 51 -76.94 41.68 43.74
N GLN MA 52 -77.81 42.34 42.97
CA GLN MA 52 -77.66 42.39 41.52
C GLN MA 52 -77.60 43.84 41.05
N PRO MA 53 -76.54 44.24 40.35
CA PRO MA 53 -76.47 45.61 39.85
C PRO MA 53 -77.26 45.81 38.56
N THR MA 54 -77.67 47.06 38.36
CA THR MA 54 -78.34 47.50 37.14
C THR MA 54 -77.39 48.43 36.39
N GLN MA 55 -77.16 48.15 35.11
CA GLN MA 55 -76.28 48.97 34.29
C GLN MA 55 -77.12 49.85 33.40
N PRO MA 56 -77.17 51.18 33.64
CA PRO MA 56 -78.01 52.03 32.79
C PRO MA 56 -77.53 52.15 31.34
N ASP MA 57 -76.24 52.40 31.14
CA ASP MA 57 -75.67 52.53 29.79
C ASP MA 57 -76.37 53.62 29.01
N VAL MA 58 -77.68 53.47 28.78
CA VAL MA 58 -78.46 54.49 28.09
C VAL MA 58 -78.36 55.81 28.85
N ALA MA 59 -78.14 56.89 28.10
CA ALA MA 59 -77.92 58.24 28.65
C ALA MA 59 -76.75 58.13 29.62
N THR MA 60 -76.79 58.78 30.79
CA THR MA 60 -75.74 58.73 31.81
C THR MA 60 -74.33 58.98 31.27
N CYS MA 61 -73.98 58.37 30.13
CA CYS MA 61 -72.66 58.45 29.55
C CYS MA 61 -72.43 59.72 28.73
N ARG MA 62 -73.47 60.52 28.51
CA ARG MA 62 -73.33 61.70 27.68
C ARG MA 62 -72.51 62.76 28.41
N PHE MA 63 -72.10 63.79 27.66
CA PHE MA 63 -71.26 64.83 28.22
C PHE MA 63 -72.10 65.87 28.96
N TYR MA 64 -71.75 66.13 30.21
CA TYR MA 64 -72.41 67.12 31.05
C TYR MA 64 -71.46 68.30 31.21
N THR MA 65 -71.63 69.31 30.35
CA THR MA 65 -70.80 70.51 30.42
C THR MA 65 -71.28 71.41 31.54
N LEU MA 66 -70.42 71.69 32.50
CA LEU MA 66 -70.77 72.58 33.59
C LEU MA 66 -70.68 74.03 33.11
N GLU MA 67 -71.04 74.96 33.98
CA GLU MA 67 -70.95 76.37 33.64
C GLU MA 67 -69.50 76.80 33.52
N SER MA 68 -69.22 77.61 32.52
CA SER MA 68 -67.85 78.05 32.27
C SER MA 68 -67.40 78.99 33.38
N VAL MA 69 -66.11 78.91 33.74
CA VAL MA 69 -65.57 79.59 34.90
C VAL MA 69 -64.56 80.61 34.40
N GLN MA 70 -64.76 81.88 34.76
CA GLN MA 70 -63.87 82.94 34.31
C GLN MA 70 -62.64 82.99 35.21
N TRP MA 71 -61.47 82.93 34.59
CA TRP MA 71 -60.18 82.91 35.28
C TRP MA 71 -59.51 84.26 35.06
N GLU MA 72 -59.51 85.09 36.11
CA GLU MA 72 -58.89 86.40 36.07
C GLU MA 72 -57.46 86.34 36.61
N LYS MA 73 -56.82 87.50 36.76
CA LYS MA 73 -55.47 87.54 37.31
C LYS MA 73 -55.43 87.21 38.79
N THR MA 74 -56.54 87.40 39.51
CA THR MA 74 -56.58 87.25 40.95
C THR MA 74 -57.36 86.02 41.39
N SER MA 75 -57.62 85.08 40.48
CA SER MA 75 -58.34 83.86 40.84
C SER MA 75 -57.40 82.90 41.56
N PRO MA 76 -57.76 82.42 42.75
CA PRO MA 76 -56.88 81.49 43.47
C PRO MA 76 -57.12 80.02 43.14
N GLY MA 77 -58.30 79.68 42.67
CA GLY MA 77 -58.59 78.29 42.32
C GLY MA 77 -60.06 77.98 42.49
N TRP MA 78 -60.38 76.71 42.23
CA TRP MA 78 -61.74 76.21 42.33
C TRP MA 78 -61.70 74.76 42.77
N TRP MA 79 -62.84 74.26 43.26
CA TRP MA 79 -62.98 72.82 43.42
C TRP MA 79 -64.44 72.42 43.23
N TRP MA 80 -64.63 71.23 42.67
CA TRP MA 80 -65.92 70.57 42.55
C TRP MA 80 -65.82 69.25 43.31
N LYS MA 81 -66.89 68.87 43.99
CA LYS MA 81 -66.96 67.58 44.65
C LYS MA 81 -68.01 66.72 43.95
N PHE MA 82 -67.56 65.68 43.32
CA PHE MA 82 -68.20 64.58 42.62
C PHE MA 82 -68.32 63.39 43.56
N PRO MA 83 -69.27 62.46 43.33
CA PRO MA 83 -70.22 62.34 42.23
C PRO MA 83 -71.38 63.32 42.26
N GLU MA 84 -71.59 63.99 43.40
CA GLU MA 84 -72.80 64.76 43.60
C GLU MA 84 -72.73 66.16 43.02
N ALA MA 85 -71.64 66.51 42.34
CA ALA MA 85 -71.65 67.73 41.55
C ALA MA 85 -72.61 67.62 40.38
N LEU MA 86 -72.90 66.39 39.95
CA LEU MA 86 -73.85 66.09 38.89
C LEU MA 86 -75.23 65.73 39.43
N LYS MA 87 -75.58 66.22 40.62
CA LYS MA 87 -76.82 65.77 41.25
C LYS MA 87 -78.06 66.37 40.61
N ASN MA 88 -77.91 67.42 39.80
CA ASN MA 88 -79.02 68.01 39.06
C ASN MA 88 -78.80 67.90 37.56
N MET MA 89 -77.92 67.00 37.12
CA MET MA 89 -77.54 66.89 35.71
C MET MA 89 -78.26 65.68 35.09
N GLY MA 90 -79.52 65.90 34.72
CA GLY MA 90 -80.20 64.98 33.82
C GLY MA 90 -80.51 63.64 34.47
N LEU MA 91 -80.36 62.58 33.67
CA LEU MA 91 -80.68 61.24 34.15
C LEU MA 91 -79.67 60.76 35.19
N PHE MA 92 -78.40 61.16 35.06
CA PHE MA 92 -77.43 60.79 36.09
C PHE MA 92 -77.76 61.43 37.42
N GLY MA 93 -78.23 62.68 37.40
CA GLY MA 93 -78.66 63.31 38.62
C GLY MA 93 -80.02 62.88 39.11
N GLN MA 94 -80.77 62.15 38.28
CA GLN MA 94 -82.04 61.59 38.70
C GLN MA 94 -81.94 60.15 39.15
N ASN MA 95 -81.02 59.36 38.58
CA ASN MA 95 -80.76 58.03 39.11
C ASN MA 95 -80.07 58.06 40.46
N MET MA 96 -79.55 59.21 40.89
CA MET MA 96 -79.01 59.31 42.25
C MET MA 96 -80.12 59.27 43.28
N HIS MA 97 -81.32 59.72 42.93
CA HIS MA 97 -82.43 59.75 43.87
C HIS MA 97 -83.21 58.43 43.94
N TYR MA 98 -83.13 57.59 42.92
CA TYR MA 98 -83.89 56.35 42.90
C TYR MA 98 -83.06 55.14 43.34
N HIS MA 99 -81.76 55.17 43.12
CA HIS MA 99 -80.85 54.13 43.59
C HIS MA 99 -79.96 54.71 44.68
N TYR MA 100 -79.76 53.97 45.76
CA TYR MA 100 -78.95 54.45 46.87
C TYR MA 100 -77.54 53.87 46.85
N LEU MA 101 -77.16 53.20 45.76
CA LEU MA 101 -75.81 52.68 45.58
C LEU MA 101 -75.42 52.86 44.12
N GLY MA 102 -74.15 53.17 43.89
CA GLY MA 102 -73.69 53.38 42.52
C GLY MA 102 -72.20 53.60 42.45
N ARG MA 103 -71.72 53.67 41.21
CA ARG MA 103 -70.31 53.86 40.90
C ARG MA 103 -70.19 54.30 39.44
N ALA MA 104 -69.14 55.04 39.13
CA ALA MA 104 -68.95 55.56 37.78
C ALA MA 104 -67.47 55.90 37.56
N GLY MA 105 -67.16 56.44 36.37
CA GLY MA 105 -65.78 56.66 35.96
C GLY MA 105 -65.35 58.08 35.68
N TYR MA 106 -66.24 58.91 35.14
CA TYR MA 106 -66.08 60.37 35.06
C TYR MA 106 -64.83 60.76 34.25
N THR MA 107 -64.95 60.64 32.93
CA THR MA 107 -64.00 61.31 32.04
C THR MA 107 -64.21 62.82 32.11
N ILE MA 108 -63.16 63.55 32.48
CA ILE MA 108 -63.26 64.97 32.76
C ILE MA 108 -62.39 65.73 31.75
N HIS MA 109 -63.04 66.44 30.82
CA HIS MA 109 -62.34 67.33 29.91
C HIS MA 109 -62.32 68.73 30.51
N VAL MA 110 -61.18 69.41 30.42
CA VAL MA 110 -61.02 70.78 30.90
C VAL MA 110 -60.34 71.57 29.79
N GLN MA 111 -61.12 72.33 29.03
CA GLN MA 111 -60.56 73.27 28.08
C GLN MA 111 -60.36 74.63 28.75
N CYS MA 112 -59.62 75.49 28.06
CA CYS MA 112 -59.36 76.85 28.53
C CYS MA 112 -59.55 77.91 27.48
N ASN MA 113 -59.50 77.56 26.19
CA ASN MA 113 -59.72 78.43 25.03
C ASN MA 113 -59.29 79.88 25.27
N ALA MA 114 -58.07 80.06 25.77
CA ALA MA 114 -57.48 81.39 25.86
C ALA MA 114 -56.96 81.80 24.50
N SER MA 115 -56.34 82.98 24.43
CA SER MA 115 -55.76 83.45 23.18
C SER MA 115 -54.32 83.00 23.08
N LYS MA 116 -53.57 83.64 22.18
CA LYS MA 116 -52.15 83.37 21.99
C LYS MA 116 -51.29 84.33 22.78
N PHE MA 117 -51.84 85.45 23.23
CA PHE MA 117 -51.11 86.43 24.02
C PHE MA 117 -51.37 86.28 25.52
N HIS MA 118 -52.31 85.45 25.93
CA HIS MA 118 -52.48 85.15 27.34
C HIS MA 118 -51.43 84.15 27.80
N GLN MA 119 -51.06 84.24 29.07
CA GLN MA 119 -50.10 83.32 29.65
C GLN MA 119 -50.62 82.85 31.00
N GLY MA 120 -50.20 81.65 31.40
CA GLY MA 120 -50.63 81.10 32.66
C GLY MA 120 -50.43 79.60 32.67
N CYS MA 121 -50.80 79.00 33.80
CA CYS MA 121 -50.64 77.56 33.99
C CYS MA 121 -51.62 77.10 35.06
N LEU MA 122 -52.23 75.94 34.81
CA LEU MA 122 -53.20 75.35 35.72
C LEU MA 122 -52.76 73.96 36.15
N LEU MA 123 -53.13 73.59 37.37
CA LEU MA 123 -53.04 72.22 37.85
C LEU MA 123 -54.45 71.66 37.89
N VAL MA 124 -54.72 70.67 37.05
CA VAL MA 124 -56.02 70.00 37.00
C VAL MA 124 -55.81 68.63 37.65
N VAL MA 125 -56.27 68.49 38.90
CA VAL MA 125 -56.02 67.32 39.72
C VAL MA 125 -57.34 66.89 40.34
N CYS MA 126 -57.42 65.60 40.67
CA CYS MA 126 -58.69 64.99 41.02
C CYS MA 126 -58.83 64.61 42.49
N VAL MA 127 -57.74 64.24 43.15
CA VAL MA 127 -57.68 64.13 44.61
C VAL MA 127 -58.81 63.24 45.14
N PRO MA 128 -58.69 61.92 45.07
CA PRO MA 128 -59.71 61.07 45.70
C PRO MA 128 -59.69 61.23 47.21
N GLU MA 129 -60.88 61.27 47.81
CA GLU MA 129 -61.05 61.36 49.26
C GLU MA 129 -60.41 62.63 49.83
N ALA MA 130 -60.81 63.78 49.30
CA ALA MA 130 -60.32 65.06 49.80
C ALA MA 130 -61.16 65.47 51.01
N GLU MA 131 -60.74 65.01 52.19
CA GLU MA 131 -61.37 65.45 53.44
C GLU MA 131 -60.80 66.80 53.81
N MET MA 132 -61.63 67.83 53.73
CA MET MA 132 -61.18 69.19 53.95
C MET MA 132 -61.42 69.63 55.39
N GLY MA 133 -60.69 70.66 55.80
CA GLY MA 133 -60.66 71.11 57.18
C GLY MA 133 -61.43 72.41 57.35
N CYS MA 134 -62.02 72.57 58.54
CA CYS MA 134 -62.80 73.76 58.84
C CYS MA 134 -61.89 74.97 59.03
N ALA MA 135 -62.46 76.16 58.85
CA ALA MA 135 -61.67 77.38 58.81
C ALA MA 135 -61.19 77.77 60.21
N ASP MA 136 -62.10 77.76 61.19
CA ASP MA 136 -61.73 77.91 62.59
C ASP MA 136 -61.95 76.58 63.28
N THR MA 137 -60.86 75.90 63.62
CA THR MA 137 -60.95 74.57 64.21
C THR MA 137 -61.53 74.64 65.62
N ASP MA 138 -61.96 73.48 66.11
CA ASP MA 138 -62.81 73.16 67.28
C ASP MA 138 -64.29 73.10 66.92
N THR MA 139 -64.62 73.17 65.62
CA THR MA 139 -66.01 73.10 65.20
C THR MA 139 -66.08 72.54 63.79
N THR MA 140 -67.30 72.35 63.30
CA THR MA 140 -67.56 71.82 61.96
C THR MA 140 -68.23 72.88 61.09
N PHE MA 141 -68.46 72.53 59.82
CA PHE MA 141 -69.10 73.40 58.85
C PHE MA 141 -70.47 72.84 58.44
N PRO MA 142 -71.40 73.72 58.00
CA PRO MA 142 -72.79 73.29 57.79
C PRO MA 142 -73.08 72.52 56.51
N ALA MA 143 -72.08 71.84 55.95
CA ALA MA 143 -72.29 70.83 54.91
C ALA MA 143 -72.72 71.42 53.56
N THR MA 144 -73.13 72.69 53.55
CA THR MA 144 -73.36 73.41 52.31
C THR MA 144 -72.16 74.26 51.92
N GLU MA 145 -71.05 74.11 52.63
CA GLU MA 145 -69.81 74.82 52.33
C GLU MA 145 -68.85 73.97 51.51
N LEU MA 146 -68.99 72.64 51.54
CA LEU MA 146 -68.17 71.79 50.68
C LEU MA 146 -68.63 71.85 49.24
N THR MA 147 -69.94 71.88 49.00
CA THR MA 147 -70.44 71.77 47.64
C THR MA 147 -71.66 72.67 47.44
N THR MA 148 -71.72 73.27 46.25
CA THR MA 148 -72.90 73.97 45.75
C THR MA 148 -73.15 73.36 44.38
N GLU MA 149 -73.63 72.12 44.39
CA GLU MA 149 -73.79 71.25 43.22
C GLU MA 149 -72.95 71.66 42.01
N ASP MA 150 -73.59 72.36 41.07
CA ASP MA 150 -72.93 72.71 39.81
C ASP MA 150 -71.83 73.76 40.01
N THR MA 151 -72.09 74.79 40.84
CA THR MA 151 -71.12 75.88 40.88
C THR MA 151 -69.92 75.52 41.77
N PRO MA 152 -68.74 76.03 41.44
CA PRO MA 152 -67.54 75.70 42.21
C PRO MA 152 -67.35 76.62 43.41
N HIS MA 153 -66.87 76.02 44.51
CA HIS MA 153 -66.33 76.81 45.60
C HIS MA 153 -64.90 77.24 45.25
N VAL MA 154 -64.64 78.53 45.32
CA VAL MA 154 -63.30 79.03 45.05
C VAL MA 154 -62.42 78.83 46.27
N PHE MA 155 -61.12 78.79 46.04
CA PHE MA 155 -60.17 78.89 47.13
C PHE MA 155 -60.03 80.36 47.54
N THR MA 156 -59.16 80.62 48.50
CA THR MA 156 -58.82 81.97 48.89
C THR MA 156 -57.31 82.14 48.85
N SER MA 157 -56.87 83.40 48.78
CA SER MA 157 -55.44 83.67 48.72
C SER MA 157 -54.79 83.69 50.10
N ASP MA 158 -55.58 83.95 51.14
CA ASP MA 158 -55.05 83.96 52.51
C ASP MA 158 -55.97 83.18 53.44
N SER MA 159 -55.70 83.21 54.73
CA SER MA 159 -56.51 82.48 55.70
C SER MA 159 -57.85 83.18 55.92
N ILE MA 160 -58.87 82.38 56.23
CA ILE MA 160 -60.22 82.87 56.49
C ILE MA 160 -60.72 82.25 57.78
N THR MA 161 -61.75 82.87 58.35
CA THR MA 161 -62.39 82.39 59.56
C THR MA 161 -63.87 82.18 59.30
N GLY MA 162 -64.55 81.60 60.29
CA GLY MA 162 -65.96 81.28 60.15
C GLY MA 162 -66.19 79.80 59.92
N LYS MA 163 -67.44 79.38 60.08
CA LYS MA 163 -67.81 77.97 59.99
C LYS MA 163 -67.91 77.59 58.52
N LYS MA 164 -66.74 77.42 57.89
CA LYS MA 164 -66.67 77.02 56.50
C LYS MA 164 -65.31 76.38 56.26
N VAL MA 165 -65.06 76.01 55.00
CA VAL MA 165 -63.86 75.26 54.66
C VAL MA 165 -62.66 76.20 54.63
N GLN MA 166 -61.57 75.76 55.24
CA GLN MA 166 -60.32 76.51 55.14
C GLN MA 166 -59.81 76.43 53.72
N ALA MA 167 -60.21 77.39 52.89
CA ALA MA 167 -59.97 77.34 51.45
C ALA MA 167 -58.78 78.18 51.02
N ALA MA 168 -57.77 78.28 51.88
CA ALA MA 168 -56.54 78.97 51.50
C ALA MA 168 -55.67 78.05 50.67
N VAL MA 169 -55.24 78.52 49.50
CA VAL MA 169 -54.21 77.80 48.75
C VAL MA 169 -52.89 77.86 49.53
N CYS MA 170 -51.96 77.00 49.14
CA CYS MA 170 -50.78 76.51 49.83
C CYS MA 170 -51.16 75.47 50.87
N ASN MA 171 -52.43 75.34 51.21
CA ASN MA 171 -52.94 74.30 52.09
C ASN MA 171 -54.34 73.91 51.62
N ALA MA 172 -54.41 73.44 50.37
CA ALA MA 172 -55.60 73.48 49.53
C ALA MA 172 -56.89 73.22 50.29
N GLY MA 173 -57.09 71.99 50.74
CA GLY MA 173 -58.15 71.70 51.67
C GLY MA 173 -57.72 70.83 52.83
N MET MA 174 -56.68 70.03 52.62
CA MET MA 174 -56.38 68.89 53.46
C MET MA 174 -55.23 69.12 54.41
N GLY MA 175 -54.62 70.30 54.40
CA GLY MA 175 -53.46 70.54 55.23
C GLY MA 175 -52.15 70.04 54.65
N VAL MA 176 -52.12 69.80 53.35
CA VAL MA 176 -50.90 69.40 52.66
C VAL MA 176 -50.35 70.60 51.91
N GLY MA 177 -49.12 70.46 51.42
CA GLY MA 177 -48.59 71.47 50.53
C GLY MA 177 -49.28 71.41 49.18
N VAL MA 178 -49.61 72.59 48.63
CA VAL MA 178 -50.34 72.60 47.37
C VAL MA 178 -49.41 72.34 46.19
N GLY MA 179 -48.10 72.49 46.37
CA GLY MA 179 -47.18 72.23 45.27
C GLY MA 179 -47.05 70.75 44.99
N ASN MA 180 -46.92 69.94 46.03
CA ASN MA 180 -46.85 68.49 45.86
C ASN MA 180 -48.23 67.85 45.94
N LEU MA 181 -49.18 68.45 45.23
CA LEU MA 181 -50.49 67.87 44.98
C LEU MA 181 -50.50 67.10 43.67
N THR MA 182 -49.33 66.91 43.08
CA THR MA 182 -49.13 66.27 41.79
C THR MA 182 -49.11 64.75 41.89
N ILE MA 183 -49.16 64.21 43.12
CA ILE MA 183 -49.15 62.76 43.32
C ILE MA 183 -50.43 62.12 42.79
N PHE MA 184 -51.50 62.88 42.67
CA PHE MA 184 -52.79 62.37 42.21
C PHE MA 184 -52.85 62.37 40.69
N PRO MA 185 -53.91 61.80 40.10
CA PRO MA 185 -54.11 61.96 38.65
C PRO MA 185 -54.26 63.43 38.28
N HIS MA 186 -53.29 63.95 37.55
CA HIS MA 186 -53.20 65.38 37.29
C HIS MA 186 -52.93 65.62 35.81
N GLN MA 187 -52.99 66.89 35.43
CA GLN MA 187 -52.62 67.34 34.09
C GLN MA 187 -52.36 68.83 34.16
N TRP MA 188 -51.24 69.27 33.60
CA TRP MA 188 -50.92 70.69 33.54
C TRP MA 188 -51.54 71.29 32.28
N ILE MA 189 -52.13 72.47 32.43
CA ILE MA 189 -52.60 73.21 31.27
C ILE MA 189 -51.76 74.48 31.16
N ASN MA 190 -50.67 74.39 30.40
CA ASN MA 190 -49.82 75.55 30.14
C ASN MA 190 -50.30 76.22 28.87
N LEU MA 191 -50.80 77.45 29.01
CA LEU MA 191 -51.38 78.15 27.86
C LEU MA 191 -50.35 78.44 26.78
N ARG MA 192 -49.07 78.37 27.12
CA ARG MA 192 -48.03 78.46 26.09
C ARG MA 192 -48.13 77.32 25.10
N THR MA 193 -48.33 76.10 25.60
CA THR MA 193 -48.34 74.90 24.76
C THR MA 193 -49.76 74.40 24.48
N ASN MA 194 -50.49 74.01 25.51
CA ASN MA 194 -51.77 73.33 25.35
C ASN MA 194 -52.88 74.12 26.03
N ASN MA 195 -54.10 73.64 25.82
CA ASN MA 195 -55.29 74.24 26.43
C ASN MA 195 -56.24 73.22 27.04
N SER MA 196 -56.14 71.95 26.68
CA SER MA 196 -57.11 70.94 27.08
C SER MA 196 -56.46 69.91 27.99
N ALA MA 197 -57.27 69.39 28.92
CA ALA MA 197 -56.87 68.33 29.82
C ALA MA 197 -57.98 67.29 29.83
N THR MA 198 -57.61 66.03 30.06
CA THR MA 198 -58.60 64.97 30.18
C THR MA 198 -58.09 63.92 31.15
N ILE MA 199 -58.92 63.57 32.12
CA ILE MA 199 -58.55 62.66 33.20
C ILE MA 199 -59.65 61.62 33.34
N VAL MA 200 -59.24 60.37 33.54
CA VAL MA 200 -60.18 59.25 33.69
C VAL MA 200 -59.91 58.63 35.06
N ILE MA 201 -60.95 58.57 35.89
CA ILE MA 201 -60.80 58.26 37.31
C ILE MA 201 -61.66 57.04 37.61
N PRO MA 202 -61.05 55.85 37.72
CA PRO MA 202 -61.78 54.57 37.65
C PRO MA 202 -62.45 54.13 38.96
N TYR MA 203 -63.15 55.06 39.61
CA TYR MA 203 -63.91 54.78 40.83
C TYR MA 203 -63.01 54.16 41.92
N ILE MA 204 -62.28 55.05 42.59
CA ILE MA 204 -61.46 54.64 43.73
C ILE MA 204 -62.32 54.67 44.99
N ASN MA 205 -62.51 53.50 45.59
CA ASN MA 205 -63.27 53.39 46.85
C ASN MA 205 -62.96 52.05 47.49
N SER MA 206 -63.19 51.98 48.80
CA SER MA 206 -62.89 50.79 49.58
C SER MA 206 -64.05 49.78 49.63
N VAL MA 207 -65.21 50.14 49.10
CA VAL MA 207 -66.38 49.27 49.04
C VAL MA 207 -66.83 49.28 47.58
N PRO MA 208 -67.33 48.18 47.03
CA PRO MA 208 -67.62 48.17 45.58
C PRO MA 208 -68.69 49.17 45.18
N MET MA 209 -69.66 49.45 46.04
CA MET MA 209 -70.70 50.43 45.74
C MET MA 209 -70.97 51.25 46.99
N ASP MA 210 -71.22 52.55 46.80
CA ASP MA 210 -71.49 53.41 47.94
C ASP MA 210 -72.55 54.44 47.55
N ASN MA 211 -73.17 55.03 48.56
CA ASN MA 211 -74.21 56.03 48.33
C ASN MA 211 -73.61 57.28 47.72
N MET MA 212 -74.34 57.89 46.79
CA MET MA 212 -73.83 59.00 46.01
C MET MA 212 -74.11 60.37 46.64
N PHE MA 213 -74.84 60.42 47.76
CA PHE MA 213 -75.06 61.68 48.45
C PHE MA 213 -74.25 61.82 49.72
N ARG MA 214 -73.95 60.71 50.40
CA ARG MA 214 -73.11 60.79 51.59
C ARG MA 214 -71.65 61.03 51.23
N HIS MA 215 -71.13 60.26 50.27
CA HIS MA 215 -69.70 60.14 50.05
C HIS MA 215 -69.29 60.86 48.76
N TYR MA 216 -68.29 61.73 48.87
CA TYR MA 216 -67.72 62.43 47.73
C TYR MA 216 -66.49 61.64 47.29
N ASN MA 217 -66.57 60.97 46.14
CA ASN MA 217 -65.53 60.03 45.77
C ASN MA 217 -64.23 60.73 45.43
N PHE MA 218 -64.29 61.88 44.76
CA PHE MA 218 -63.09 62.65 44.48
C PHE MA 218 -63.45 64.13 44.38
N THR MA 219 -62.42 64.97 44.32
CA THR MA 219 -62.58 66.43 44.33
C THR MA 219 -61.76 67.03 43.20
N LEU MA 220 -62.40 67.29 42.07
CA LEU MA 220 -61.74 67.98 40.96
C LEU MA 220 -61.45 69.41 41.38
N MET MA 221 -60.17 69.74 41.57
CA MET MA 221 -59.76 71.09 41.92
C MET MA 221 -58.75 71.59 40.90
N ILE MA 222 -59.01 72.80 40.39
CA ILE MA 222 -58.20 73.44 39.36
C ILE MA 222 -57.50 74.62 40.01
N ILE MA 223 -56.17 74.60 40.06
CA ILE MA 223 -55.40 75.55 40.85
C ILE MA 223 -54.41 76.25 39.93
N PRO MA 224 -54.50 77.57 39.75
CA PRO MA 224 -53.54 78.32 38.92
C PRO MA 224 -52.24 78.52 39.65
N PHE MA 225 -51.19 77.80 39.22
CA PHE MA 225 -49.86 78.04 39.76
C PHE MA 225 -49.26 79.33 39.21
N ALA MA 226 -49.02 79.37 37.92
CA ALA MA 226 -48.60 80.64 37.36
C ALA MA 226 -49.82 81.48 37.05
N PRO MA 227 -49.91 82.71 37.55
CA PRO MA 227 -51.15 83.48 37.42
C PRO MA 227 -51.36 83.94 35.98
N LEU MA 228 -52.62 84.21 35.66
CA LEU MA 228 -52.95 84.75 34.34
C LEU MA 228 -52.34 86.13 34.18
N ASN MA 229 -51.85 86.43 32.98
CA ASN MA 229 -51.34 87.76 32.71
C ASN MA 229 -51.61 88.11 31.25
N PHE MA 230 -51.78 89.40 31.00
CA PHE MA 230 -52.11 89.92 29.68
C PHE MA 230 -51.92 91.43 29.72
N THR MA 231 -52.10 92.08 28.58
CA THR MA 231 -51.98 93.52 28.49
C THR MA 231 -53.37 94.16 28.41
N ASP MA 232 -53.39 95.47 28.24
CA ASP MA 232 -54.59 96.28 28.41
C ASP MA 232 -55.55 96.18 27.22
N GLY MA 233 -55.31 95.28 26.27
CA GLY MA 233 -56.21 95.13 25.15
C GLY MA 233 -56.98 93.83 25.12
N ALA MA 234 -56.44 92.80 25.79
CA ALA MA 234 -57.06 91.49 25.75
C ALA MA 234 -58.29 91.44 26.66
N THR MA 235 -59.01 90.33 26.59
CA THR MA 235 -60.13 90.12 27.49
C THR MA 235 -59.61 89.83 28.89
N ALA MA 236 -60.29 90.40 29.89
CA ALA MA 236 -59.78 90.41 31.25
C ALA MA 236 -59.94 89.07 31.96
N TYR MA 237 -60.24 88.00 31.22
CA TYR MA 237 -60.46 86.69 31.83
C TYR MA 237 -60.23 85.61 30.79
N VAL MA 238 -60.18 84.37 31.26
CA VAL MA 238 -60.07 83.19 30.40
C VAL MA 238 -61.07 82.16 30.90
N PRO MA 239 -62.11 81.84 30.13
CA PRO MA 239 -63.16 80.93 30.61
C PRO MA 239 -62.69 79.48 30.57
N ILE MA 240 -62.78 78.81 31.71
CA ILE MA 240 -62.39 77.41 31.84
C ILE MA 240 -63.65 76.57 31.75
N THR MA 241 -63.68 75.62 30.82
CA THR MA 241 -64.85 74.81 30.55
C THR MA 241 -64.63 73.39 31.05
N VAL MA 242 -65.54 72.91 31.89
CA VAL MA 242 -65.44 71.60 32.52
C VAL MA 242 -66.54 70.71 31.98
N THR MA 243 -66.18 69.49 31.57
CA THR MA 243 -67.10 68.54 30.96
C THR MA 243 -66.84 67.16 31.56
N ILE MA 244 -67.89 66.53 32.07
CA ILE MA 244 -67.78 65.27 32.78
C ILE MA 244 -68.67 64.24 32.08
N ALA MA 245 -68.11 63.08 31.76
CA ALA MA 245 -68.86 61.98 31.17
C ALA MA 245 -68.85 60.79 32.11
N PRO MA 246 -69.94 60.50 32.83
CA PRO MA 246 -69.95 59.36 33.75
C PRO MA 246 -69.92 58.02 33.00
N MET MA 247 -68.79 57.32 33.06
CA MET MA 247 -68.62 56.09 32.32
C MET MA 247 -68.82 54.89 33.22
N TYR MA 248 -69.41 53.83 32.67
CA TYR MA 248 -69.60 52.55 33.34
C TYR MA 248 -70.34 52.73 34.66
N ALA MA 249 -71.35 53.58 34.64
CA ALA MA 249 -72.17 53.80 35.82
C ALA MA 249 -73.07 52.60 36.02
N GLU MA 250 -73.04 52.00 37.20
CA GLU MA 250 -73.96 50.93 37.53
C GLU MA 250 -74.47 51.12 38.95
N TYR MA 251 -75.67 50.60 39.18
CA TYR MA 251 -76.48 50.93 40.35
C TYR MA 251 -76.94 49.62 40.97
N ASN MA 252 -77.75 49.70 42.02
CA ASN MA 252 -78.30 48.48 42.59
C ASN MA 252 -79.53 48.05 41.81
N GLY MA 253 -80.05 46.87 42.15
CA GLY MA 253 -81.23 46.34 41.51
C GLY MA 253 -82.48 46.74 42.28
N LEU MA 254 -83.55 47.02 41.54
CA LEU MA 254 -84.82 47.39 42.14
C LEU MA 254 -85.86 46.29 42.02
N ARG MA 255 -85.64 45.32 41.14
CA ARG MA 255 -86.55 44.20 40.92
C ARG MA 255 -86.34 43.12 41.98
N LEU MA 256 -87.33 42.25 42.10
CA LEU MA 256 -87.20 41.09 42.97
C LEU MA 256 -86.34 40.02 42.29
N ALA MA 257 -85.96 39.01 43.06
CA ALA MA 257 -85.18 37.90 42.52
C ALA MA 257 -86.01 36.62 42.54
N GLY NA 1 -40.19 14.86 77.98
CA GLY NA 1 -40.26 14.99 76.53
C GLY NA 1 -38.96 15.46 75.91
N VAL NA 2 -39.05 16.48 75.05
CA VAL NA 2 -37.90 17.01 74.33
C VAL NA 2 -37.09 17.88 75.28
N PRO NA 3 -35.81 17.57 75.51
CA PRO NA 3 -34.99 18.43 76.38
C PRO NA 3 -34.64 19.73 75.70
N VAL NA 4 -35.22 20.83 76.18
CA VAL NA 4 -34.94 22.15 75.65
C VAL NA 4 -34.21 22.94 76.73
N LEU NA 5 -33.52 23.99 76.31
CA LEU NA 5 -32.91 24.91 77.25
C LEU NA 5 -33.04 26.33 76.73
N ASN NA 6 -33.54 27.23 77.59
CA ASN NA 6 -33.79 28.60 77.19
C ASN NA 6 -32.48 29.38 77.09
N THR NA 7 -32.29 30.03 75.96
CA THR NA 7 -31.13 30.86 75.70
C THR NA 7 -31.31 32.21 76.37
N PRO NA 8 -30.25 33.02 76.46
CA PRO NA 8 -30.46 34.43 76.78
C PRO NA 8 -31.30 35.10 75.70
N GLY NA 9 -32.28 35.89 76.15
CA GLY NA 9 -33.27 36.45 75.25
C GLY NA 9 -34.62 35.77 75.27
N SER NA 10 -34.83 34.83 76.19
CA SER NA 10 -36.13 34.22 76.36
C SER NA 10 -36.98 35.08 77.29
N ASN NA 11 -38.29 35.07 77.07
CA ASN NA 11 -39.25 35.80 77.89
C ASN NA 11 -38.95 37.30 77.91
N GLN NA 12 -38.36 37.81 76.83
CA GLN NA 12 -38.17 39.25 76.67
C GLN NA 12 -39.10 39.75 75.58
N PHE NA 13 -39.21 41.07 75.48
CA PHE NA 13 -40.02 41.68 74.45
C PHE NA 13 -39.13 42.64 73.65
N LEU NA 14 -38.54 42.11 72.58
CA LEU NA 14 -37.86 42.94 71.60
C LEU NA 14 -38.93 43.61 70.73
N THR NA 15 -38.83 44.94 70.60
CA THR NA 15 -39.87 45.69 69.91
C THR NA 15 -39.92 45.31 68.43
N SER NA 16 -38.76 45.10 67.82
CA SER NA 16 -38.66 44.76 66.40
C SER NA 16 -38.40 43.26 66.26
N ASP NA 17 -39.47 42.48 66.35
CA ASP NA 17 -39.43 41.06 66.07
C ASP NA 17 -40.54 40.69 65.10
N ASP NA 18 -40.44 39.50 64.52
CA ASP NA 18 -41.37 39.03 63.49
C ASP NA 18 -41.88 37.64 63.84
N TYR NA 19 -42.36 37.49 65.07
CA TYR NA 19 -42.84 36.19 65.54
C TYR NA 19 -44.30 35.99 65.20
N GLN NA 20 -44.73 34.73 65.27
CA GLN NA 20 -46.11 34.37 64.93
C GLN NA 20 -47.02 34.74 66.09
N SER NA 21 -47.78 35.81 65.93
CA SER NA 21 -48.67 36.26 66.99
C SER NA 21 -49.88 35.33 67.05
N PRO NA 22 -50.28 34.85 68.23
CA PRO NA 22 -51.48 34.02 68.33
C PRO NA 22 -52.72 34.85 68.07
N SER NA 23 -53.50 34.43 67.06
CA SER NA 23 -54.62 35.24 66.60
C SER NA 23 -55.77 35.16 67.59
N ALA NA 24 -56.35 36.32 67.91
CA ALA NA 24 -57.41 36.37 68.90
C ALA NA 24 -58.74 35.89 68.35
N MET NA 25 -58.96 36.02 67.04
CA MET NA 25 -60.22 35.64 66.42
C MET NA 25 -59.91 34.60 65.35
N PRO NA 26 -59.76 33.32 65.73
CA PRO NA 26 -59.33 32.30 64.77
C PRO NA 26 -60.46 31.85 63.87
N GLN NA 27 -61.67 31.78 64.43
CA GLN NA 27 -62.84 31.40 63.65
C GLN NA 27 -63.12 32.44 62.58
N PHE NA 28 -62.85 33.71 62.90
CA PHE NA 28 -63.17 34.84 62.04
C PHE NA 28 -62.45 34.75 60.70
N ASP NA 29 -63.22 34.83 59.61
CA ASP NA 29 -62.67 34.87 58.25
C ASP NA 29 -62.84 36.27 57.69
N GLU NA 30 -61.72 36.90 57.34
CA GLU NA 30 -61.68 38.30 56.94
C GLU NA 30 -62.27 38.51 55.54
N THR NA 31 -62.60 39.77 55.26
CA THR NA 31 -63.28 40.15 54.02
C THR NA 31 -62.38 39.89 52.81
N PRO NA 32 -62.92 39.36 51.72
CA PRO NA 32 -62.10 39.13 50.52
C PRO NA 32 -61.56 40.43 49.95
N GLU NA 33 -60.34 40.36 49.41
CA GLU NA 33 -59.65 41.53 48.90
C GLU NA 33 -60.11 41.82 47.48
N MET NA 34 -60.81 42.94 47.29
CA MET NA 34 -61.12 43.38 45.94
C MET NA 34 -59.92 44.15 45.37
N HIS NA 35 -59.96 44.36 44.06
CA HIS NA 35 -58.93 45.15 43.41
C HIS NA 35 -59.27 46.63 43.53
N ILE NA 36 -58.45 47.39 44.25
CA ILE NA 36 -58.59 48.83 44.39
C ILE NA 36 -57.51 49.49 43.54
N PRO NA 37 -57.84 50.49 42.72
CA PRO NA 37 -56.84 51.08 41.82
C PRO NA 37 -55.78 51.85 42.58
N GLY NA 38 -54.55 51.78 42.09
CA GLY NA 38 -53.48 52.60 42.59
C GLY NA 38 -52.79 52.03 43.82
N GLU NA 39 -52.25 50.82 43.70
CA GLU NA 39 -51.56 50.21 44.83
C GLU NA 39 -50.12 50.72 44.91
N VAL NA 40 -49.67 50.97 46.13
CA VAL NA 40 -48.27 51.29 46.40
C VAL NA 40 -47.62 50.04 46.97
N ARG NA 41 -46.50 49.64 46.37
CA ARG NA 41 -45.75 48.48 46.81
C ARG NA 41 -44.35 48.85 47.27
N ASN NA 42 -44.01 50.13 47.22
CA ASN NA 42 -42.67 50.63 47.56
C ASN NA 42 -42.77 52.14 47.72
N LEU NA 43 -42.11 52.67 48.75
CA LEU NA 43 -42.20 54.10 49.03
C LEU NA 43 -41.57 54.93 47.91
N MET NA 44 -40.47 54.45 47.34
CA MET NA 44 -39.79 55.20 46.29
C MET NA 44 -40.60 55.34 45.01
N GLU NA 45 -41.82 54.81 44.99
CA GLU NA 45 -42.77 55.15 43.92
C GLU NA 45 -43.43 56.50 44.15
N ILE NA 46 -43.33 57.05 45.36
CA ILE NA 46 -43.81 58.40 45.63
C ILE NA 46 -42.74 59.43 45.28
N ALA NA 47 -41.47 59.10 45.50
CA ALA NA 47 -40.39 60.01 45.19
C ALA NA 47 -40.22 60.23 43.69
N GLU NA 48 -40.65 59.28 42.87
CA GLU NA 48 -40.50 59.39 41.42
C GLU NA 48 -41.56 60.28 40.78
N VAL NA 49 -42.50 60.82 41.56
CA VAL NA 49 -43.52 61.71 41.03
C VAL NA 49 -43.01 63.14 41.09
N ASP NA 50 -43.10 63.85 39.96
CA ASP NA 50 -42.74 65.25 39.94
C ASP NA 50 -43.69 66.06 40.81
N SER NA 51 -43.16 67.12 41.40
CA SER NA 51 -43.98 68.02 42.21
C SER NA 51 -43.29 69.38 42.23
N VAL NA 52 -44.09 70.43 42.40
CA VAL NA 52 -43.61 71.79 42.22
C VAL NA 52 -42.74 72.18 43.40
N VAL NA 53 -41.63 72.84 43.12
CA VAL NA 53 -40.60 73.14 44.09
C VAL NA 53 -40.67 74.63 44.41
N PRO NA 54 -40.87 75.01 45.67
CA PRO NA 54 -40.95 76.44 46.04
C PRO NA 54 -39.59 77.12 46.04
N VAL NA 55 -39.15 77.56 44.87
CA VAL NA 55 -37.84 78.19 44.75
C VAL NA 55 -37.88 79.61 45.30
N ASN NA 56 -38.99 80.33 45.06
CA ASN NA 56 -39.14 81.72 45.51
C ASN NA 56 -39.74 81.76 46.91
N ASN NA 57 -39.08 81.07 47.84
CA ASN NA 57 -39.55 81.01 49.22
C ASN NA 57 -38.92 82.11 50.08
N VAL NA 58 -39.00 83.35 49.63
CA VAL NA 58 -38.43 84.47 50.38
C VAL NA 58 -39.35 84.80 51.55
N THR NA 59 -38.90 85.74 52.40
CA THR NA 59 -39.42 85.87 53.76
C THR NA 59 -40.92 86.17 53.83
N GLY NA 60 -41.51 86.69 52.75
CA GLY NA 60 -42.92 87.07 52.83
C GLY NA 60 -43.81 86.39 51.82
N LYS NA 61 -43.29 85.37 51.14
CA LYS NA 61 -43.98 84.76 50.01
C LYS NA 61 -44.05 83.24 50.17
N THR NA 62 -44.18 82.75 51.40
CA THR NA 62 -44.22 81.32 51.66
C THR NA 62 -45.59 80.81 52.07
N LYS NA 63 -46.50 81.69 52.50
CA LYS NA 63 -47.87 81.28 52.81
C LYS NA 63 -48.83 81.53 51.64
N SER NA 64 -48.33 82.03 50.52
CA SER NA 64 -49.07 82.17 49.28
C SER NA 64 -48.48 81.23 48.24
N MET NA 65 -49.10 81.23 47.05
CA MET NA 65 -48.57 80.46 45.93
C MET NA 65 -47.59 81.25 45.08
N ASP NA 66 -47.05 82.34 45.63
CA ASP NA 66 -45.92 83.01 45.01
C ASP NA 66 -44.60 82.35 45.36
N ALA NA 67 -44.61 81.33 46.23
CA ALA NA 67 -43.40 80.58 46.52
C ALA NA 67 -42.96 79.74 45.34
N TYR NA 68 -43.90 79.27 44.53
CA TYR NA 68 -43.61 78.34 43.44
C TYR NA 68 -43.20 79.05 42.16
N GLN NA 69 -43.34 80.37 42.09
CA GLN NA 69 -43.21 81.11 40.86
C GLN NA 69 -41.85 81.82 40.84
N ILE NA 70 -41.05 81.53 39.82
CA ILE NA 70 -39.75 82.18 39.65
C ILE NA 70 -39.96 83.35 38.69
N PRO NA 71 -39.84 84.60 39.14
CA PRO NA 71 -40.12 85.74 38.26
C PRO NA 71 -39.02 85.93 37.23
N VAL NA 72 -39.41 86.03 35.97
CA VAL NA 72 -38.49 86.23 34.85
C VAL NA 72 -38.98 87.43 34.06
N GLY NA 73 -38.15 88.47 34.01
CA GLY NA 73 -38.52 89.70 33.33
C GLY NA 73 -39.20 90.70 34.24
N ASP NA 78 -31.69 93.51 34.98
CA ASP NA 78 -30.37 93.24 35.53
C ASP NA 78 -29.89 91.85 35.14
N LYS NA 79 -28.85 91.80 34.30
CA LYS NA 79 -28.28 90.55 33.83
C LYS NA 79 -27.02 90.14 34.59
N THR NA 80 -26.68 90.88 35.66
CA THR NA 80 -25.45 90.63 36.39
C THR NA 80 -25.62 89.68 37.57
N LYS NA 81 -26.84 89.54 38.09
CA LYS NA 81 -27.09 88.61 39.18
C LYS NA 81 -28.03 87.51 38.73
N PRO NA 82 -27.87 86.29 39.22
CA PRO NA 82 -28.64 85.16 38.70
C PRO NA 82 -30.12 85.28 39.07
N ILE NA 83 -30.94 84.53 38.32
CA ILE NA 83 -32.38 84.53 38.57
C ILE NA 83 -32.70 83.84 39.88
N PHE NA 84 -32.22 82.61 40.04
CA PHE NA 84 -32.38 81.87 41.28
C PHE NA 84 -31.16 80.97 41.48
N SER NA 85 -31.06 80.43 42.68
CA SER NA 85 -29.93 79.60 43.07
C SER NA 85 -30.27 78.87 44.37
N PHE NA 86 -29.99 77.58 44.45
CA PHE NA 86 -30.28 76.85 45.67
C PHE NA 86 -29.39 75.62 45.79
N GLN NA 87 -29.16 75.20 47.03
CA GLN NA 87 -28.48 73.94 47.32
C GLN NA 87 -29.21 72.78 46.65
N MET NA 88 -28.44 71.82 46.16
CA MET NA 88 -29.01 70.63 45.53
C MET NA 88 -28.87 69.46 46.49
N ASP NA 89 -29.72 69.46 47.52
CA ASP NA 89 -29.84 68.33 48.43
C ASP NA 89 -31.23 68.31 49.06
N PRO NA 90 -32.01 67.24 48.86
CA PRO NA 90 -33.41 67.24 49.34
C PRO NA 90 -33.54 67.24 50.86
N GLY NA 91 -32.47 66.99 51.60
CA GLY NA 91 -32.45 67.15 53.04
C GLY NA 91 -31.69 68.40 53.44
N TYR NA 92 -32.14 69.04 54.52
CA TYR NA 92 -31.47 70.21 55.08
C TYR NA 92 -31.35 71.34 54.05
N SER NA 93 -32.32 71.47 53.16
CA SER NA 93 -32.38 72.57 52.21
C SER NA 93 -33.80 73.10 52.16
N SER NA 94 -33.95 74.42 52.34
CA SER NA 94 -35.28 74.99 52.49
C SER NA 94 -36.11 74.83 51.22
N VAL NA 95 -35.46 74.72 50.07
CA VAL NA 95 -36.18 74.66 48.80
C VAL NA 95 -36.69 73.26 48.52
N LEU NA 96 -35.89 72.24 48.83
CA LEU NA 96 -36.18 70.86 48.42
C LEU NA 96 -36.53 69.94 49.59
N LYS NA 97 -36.87 70.49 50.75
CA LYS NA 97 -37.11 69.65 51.92
C LYS NA 97 -38.57 69.26 52.09
N ARG NA 98 -39.50 70.00 51.49
CA ARG NA 98 -40.91 69.68 51.60
C ARG NA 98 -41.50 69.19 50.28
N THR NA 99 -40.64 68.88 49.32
CA THR NA 99 -41.03 68.21 48.10
C THR NA 99 -41.40 66.75 48.40
N LEU NA 100 -42.19 66.14 47.51
CA LEU NA 100 -42.43 64.71 47.62
C LEU NA 100 -41.13 63.92 47.63
N LEU NA 101 -40.15 64.36 46.83
CA LEU NA 101 -38.81 63.80 46.93
C LEU NA 101 -38.22 64.07 48.30
N GLY NA 102 -38.19 65.34 48.70
CA GLY NA 102 -37.50 65.71 49.93
C GLY NA 102 -38.21 65.33 51.19
N GLU NA 103 -39.47 64.87 51.10
CA GLU NA 103 -40.23 64.51 52.29
C GLU NA 103 -40.23 63.02 52.54
N MET NA 104 -40.08 62.20 51.50
CA MET NA 104 -39.94 60.78 51.71
C MET NA 104 -38.49 60.40 52.00
N LEU NA 105 -37.57 61.36 51.90
CA LEU NA 105 -36.17 61.20 52.25
C LEU NA 105 -35.84 61.65 53.67
N ASN NA 106 -36.75 62.36 54.35
CA ASN NA 106 -36.53 62.69 55.75
C ASN NA 106 -36.97 61.59 56.69
N TYR NA 107 -37.62 60.54 56.18
CA TYR NA 107 -37.87 59.34 56.95
C TYR NA 107 -36.66 58.43 57.03
N TYR NA 108 -35.55 58.82 56.43
CA TYR NA 108 -34.40 57.94 56.34
C TYR NA 108 -33.11 58.72 56.60
N ALA NA 109 -32.11 58.02 57.11
CA ALA NA 109 -30.82 58.61 57.43
C ALA NA 109 -29.80 58.42 56.31
N HIS NA 110 -29.76 57.25 55.69
CA HIS NA 110 -28.83 56.99 54.60
C HIS NA 110 -29.63 56.91 53.30
N TRP NA 111 -29.38 57.85 52.39
CA TRP NA 111 -29.97 57.79 51.07
C TRP NA 111 -28.98 58.31 50.05
N SER NA 112 -29.06 57.77 48.84
CA SER NA 112 -28.11 58.09 47.78
C SER NA 112 -28.77 57.81 46.44
N GLY NA 113 -28.62 58.75 45.51
CA GLY NA 113 -29.19 58.59 44.19
C GLY NA 113 -29.07 59.88 43.41
N SER NA 114 -29.82 59.94 42.32
CA SER NA 114 -29.85 61.13 41.48
C SER NA 114 -31.24 61.74 41.52
N VAL NA 115 -31.33 62.96 40.99
CA VAL NA 115 -32.53 63.78 41.07
C VAL NA 115 -32.63 64.61 39.79
N LYS NA 116 -33.79 64.54 39.15
CA LYS NA 116 -34.04 65.26 37.90
C LYS NA 116 -34.90 66.49 38.18
N LEU NA 117 -34.64 67.55 37.43
CA LEU NA 117 -35.33 68.82 37.59
C LEU NA 117 -35.92 69.25 36.27
N THR NA 118 -37.19 69.63 36.28
CA THR NA 118 -37.89 70.10 35.09
C THR NA 118 -38.25 71.56 35.29
N PHE NA 119 -37.88 72.40 34.33
CA PHE NA 119 -38.17 73.84 34.37
C PHE NA 119 -39.24 74.15 33.33
N LEU NA 120 -40.47 74.28 33.79
CA LEU NA 120 -41.60 74.60 32.92
C LEU NA 120 -41.73 76.11 32.84
N PHE NA 121 -41.52 76.67 31.64
CA PHE NA 121 -41.68 78.10 31.42
C PHE NA 121 -43.16 78.40 31.23
N CYS NA 122 -43.74 79.14 32.17
CA CYS NA 122 -45.16 79.46 32.15
C CYS NA 122 -45.43 80.87 31.65
N GLY NA 123 -44.71 81.32 30.63
CA GLY NA 123 -44.94 82.61 30.03
C GLY NA 123 -45.83 82.51 28.81
N SER NA 124 -45.80 83.55 27.99
CA SER NA 124 -46.67 83.61 26.83
C SER NA 124 -46.17 82.67 25.75
N ALA NA 125 -47.01 82.44 24.74
CA ALA NA 125 -46.61 81.66 23.58
C ALA NA 125 -45.83 82.49 22.56
N MET NA 126 -45.66 83.79 22.83
CA MET NA 126 -44.94 84.69 21.96
C MET NA 126 -43.64 85.20 22.58
N ALA NA 127 -43.45 85.01 23.89
CA ALA NA 127 -42.23 85.47 24.54
C ALA NA 127 -41.08 84.55 24.19
N THR NA 128 -39.92 85.15 23.92
CA THR NA 128 -38.77 84.39 23.46
C THR NA 128 -37.50 84.94 24.11
N GLY NA 129 -36.71 84.04 24.67
CA GLY NA 129 -35.45 84.43 25.28
C GLY NA 129 -34.63 83.20 25.57
N LYS NA 130 -33.47 83.42 26.18
CA LYS NA 130 -32.58 82.33 26.56
C LYS NA 130 -32.21 82.43 28.03
N LEU NA 131 -32.16 81.27 28.68
CA LEU NA 131 -31.73 81.14 30.06
C LEU NA 131 -30.62 80.11 30.12
N LEU NA 132 -29.63 80.36 30.97
CA LEU NA 132 -28.45 79.51 31.08
C LEU NA 132 -28.46 78.86 32.46
N ILE NA 133 -28.69 77.55 32.50
CA ILE NA 133 -28.87 76.80 33.73
C ILE NA 133 -27.55 76.10 34.03
N SER NA 134 -26.83 76.59 35.02
CA SER NA 134 -25.50 76.07 35.36
C SER NA 134 -25.59 75.15 36.56
N TYR NA 135 -24.70 74.16 36.59
CA TYR NA 135 -24.63 73.18 37.67
C TYR NA 135 -23.23 73.18 38.26
N SER NA 136 -23.16 73.37 39.59
CA SER NA 136 -21.82 73.26 40.14
C SER NA 136 -21.65 71.92 40.84
N PRO NA 137 -20.48 71.30 40.70
CA PRO NA 137 -20.21 70.04 41.42
C PRO NA 137 -20.21 70.28 42.92
N PRO NA 138 -20.36 69.23 43.73
CA PRO NA 138 -20.57 69.44 45.17
C PRO NA 138 -19.40 70.09 45.89
N GLY NA 139 -18.20 70.06 45.32
CA GLY NA 139 -17.06 70.70 45.96
C GLY NA 139 -16.82 72.11 45.47
N ALA NA 140 -17.29 72.41 44.27
CA ALA NA 140 -16.93 73.66 43.61
C ALA NA 140 -17.70 74.84 44.22
N SER NA 141 -17.20 76.03 43.95
CA SER NA 141 -17.84 77.26 44.38
C SER NA 141 -18.83 77.73 43.32
N VAL NA 142 -19.77 78.57 43.74
CA VAL NA 142 -20.82 79.04 42.83
C VAL NA 142 -20.21 79.99 41.82
N PRO NA 143 -20.76 80.07 40.61
CA PRO NA 143 -20.29 81.10 39.66
C PRO NA 143 -20.80 82.46 40.08
N THR NA 144 -19.89 83.44 40.12
CA THR NA 144 -20.26 84.80 40.49
C THR NA 144 -20.72 85.61 39.30
N SER NA 145 -20.42 85.17 38.08
CA SER NA 145 -20.78 85.87 36.85
C SER NA 145 -21.39 84.88 35.88
N ARG NA 146 -21.93 85.42 34.78
CA ARG NA 146 -22.54 84.54 33.78
C ARG NA 146 -21.47 83.82 32.96
N LYS NA 147 -20.34 84.50 32.69
CA LYS NA 147 -19.27 83.85 31.93
C LYS NA 147 -18.67 82.69 32.70
N ASP NA 148 -18.45 82.86 34.01
CA ASP NA 148 -17.90 81.78 34.82
C ASP NA 148 -18.86 80.63 34.97
N ALA NA 149 -20.17 80.87 34.84
CA ALA NA 149 -21.13 79.79 34.78
C ALA NA 149 -21.13 79.12 33.40
N MET NA 150 -20.79 79.86 32.35
CA MET NA 150 -20.75 79.29 31.01
C MET NA 150 -19.56 78.35 30.86
N LEU NA 151 -18.46 78.62 31.57
CA LEU NA 151 -17.26 77.81 31.46
C LEU NA 151 -17.38 76.49 32.19
N GLY NA 152 -18.36 76.34 33.08
CA GLY NA 152 -18.61 75.08 33.75
C GLY NA 152 -19.63 74.25 33.01
N THR NA 153 -20.49 73.54 33.75
CA THR NA 153 -21.58 72.78 33.17
C THR NA 153 -22.81 73.66 33.06
N HIS NA 154 -23.45 73.65 31.89
CA HIS NA 154 -24.61 74.50 31.68
C HIS NA 154 -25.43 73.92 30.53
N ILE NA 155 -26.63 74.49 30.35
CA ILE NA 155 -27.49 74.18 29.21
C ILE NA 155 -28.18 75.47 28.83
N VAL NA 156 -27.84 76.03 27.66
CA VAL NA 156 -28.46 77.26 27.19
C VAL NA 156 -29.86 76.90 26.68
N TRP NA 157 -30.85 77.14 27.52
CA TRP NA 157 -32.22 76.67 27.30
C TRP NA 157 -33.02 77.73 26.55
N ASP NA 158 -33.19 77.52 25.25
CA ASP NA 158 -33.97 78.42 24.42
C ASP NA 158 -35.46 78.26 24.74
N ILE NA 159 -36.08 79.34 25.21
CA ILE NA 159 -37.46 79.29 25.63
C ILE NA 159 -38.40 79.26 24.43
N GLY NA 160 -38.05 79.97 23.36
CA GLY NA 160 -38.92 80.08 22.21
C GLY NA 160 -39.11 78.78 21.45
N LEU NA 161 -38.16 77.85 21.57
CA LEU NA 161 -38.28 76.56 20.90
C LEU NA 161 -38.96 75.53 21.78
N GLN NA 162 -38.33 75.20 22.91
CA GLN NA 162 -38.91 74.29 23.89
C GLN NA 162 -39.23 75.07 25.17
N SER NA 163 -40.27 74.62 25.86
CA SER NA 163 -40.75 75.29 27.07
C SER NA 163 -40.53 74.46 28.32
N SER NA 164 -39.72 73.41 28.25
CA SER NA 164 -39.50 72.53 29.40
C SER NA 164 -38.15 71.85 29.23
N CYS NA 165 -37.20 72.20 30.09
CA CYS NA 165 -35.85 71.65 30.02
C CYS NA 165 -35.61 70.78 31.25
N VAL NA 166 -35.12 69.56 31.03
CA VAL NA 166 -35.00 68.55 32.07
C VAL NA 166 -33.52 68.30 32.35
N LEU NA 167 -33.17 68.29 33.63
CA LEU NA 167 -31.84 67.96 34.10
C LEU NA 167 -31.85 66.57 34.73
N CYS NA 168 -30.67 66.14 35.19
CA CYS NA 168 -30.55 64.94 36.01
C CYS NA 168 -29.26 65.09 36.80
N VAL NA 169 -29.39 65.48 38.07
CA VAL NA 169 -28.25 65.84 38.90
C VAL NA 169 -27.78 64.61 39.66
N PRO NA 170 -26.57 64.13 39.43
CA PRO NA 170 -26.07 62.95 40.16
C PRO NA 170 -25.35 63.31 41.44
N TRP NA 171 -24.81 62.29 42.12
CA TRP NA 171 -24.01 62.47 43.34
C TRP NA 171 -24.79 63.23 44.42
N ILE NA 172 -25.98 62.73 44.73
CA ILE NA 172 -26.86 63.35 45.72
C ILE NA 172 -27.06 62.33 46.82
N SER NA 173 -26.44 62.57 47.98
CA SER NA 173 -26.48 61.62 49.08
C SER NA 173 -26.10 62.32 50.38
N GLN NA 174 -26.62 61.80 51.48
CA GLN NA 174 -26.12 62.15 52.81
C GLN NA 174 -26.15 60.90 53.68
N SER NA 175 -25.52 61.01 54.85
CA SER NA 175 -25.38 59.87 55.74
C SER NA 175 -25.12 60.33 57.18
N SER NA 187 -22.58 70.79 51.92
CA SER NA 187 -21.61 70.85 50.82
C SER NA 187 -22.11 70.06 49.62
N ALA NA 188 -23.12 70.59 48.93
CA ALA NA 188 -23.71 69.92 47.79
C ALA NA 188 -23.65 70.84 46.57
N GLY NA 189 -24.34 70.42 45.51
CA GLY NA 189 -24.30 71.13 44.25
C GLY NA 189 -25.11 72.42 44.27
N TYR NA 190 -25.22 73.01 43.07
CA TYR NA 190 -25.94 74.27 42.89
C TYR NA 190 -26.60 74.26 41.53
N ILE NA 191 -27.85 74.72 41.49
CA ILE NA 191 -28.57 74.92 40.23
C ILE NA 191 -28.87 76.41 40.17
N THR NA 192 -27.96 77.17 39.56
CA THR NA 192 -28.19 78.59 39.30
C THR NA 192 -28.79 78.75 37.91
N CYS NA 193 -29.31 79.94 37.65
CA CYS NA 193 -29.92 80.23 36.36
C CYS NA 193 -29.66 81.69 36.02
N TRP NA 194 -29.35 81.93 34.75
CA TRP NA 194 -28.80 83.20 34.32
C TRP NA 194 -29.56 83.72 33.11
N TYR NA 195 -29.57 85.04 32.96
CA TYR NA 195 -30.08 85.66 31.75
C TYR NA 195 -29.00 85.59 30.69
N GLN NA 196 -29.14 84.63 29.77
CA GLN NA 196 -28.34 84.69 28.55
C GLN NA 196 -28.82 85.85 27.69
N THR NA 197 -30.12 85.88 27.38
CA THR NA 197 -30.77 87.00 26.73
C THR NA 197 -31.98 87.41 27.54
N ASN NA 198 -32.46 88.63 27.31
CA ASN NA 198 -33.70 89.06 27.92
C ASN NA 198 -34.88 88.39 27.23
N ILE NA 199 -36.07 88.56 27.82
CA ILE NA 199 -37.29 87.99 27.26
C ILE NA 199 -37.80 88.95 26.18
N VAL NA 200 -37.75 88.51 24.94
CA VAL NA 200 -38.20 89.32 23.80
C VAL NA 200 -39.67 89.05 23.57
N VAL NA 201 -40.46 90.12 23.47
CA VAL NA 201 -41.92 89.99 23.54
C VAL NA 201 -42.54 90.96 22.53
N PRO NA 202 -43.57 90.54 21.80
CA PRO NA 202 -44.26 91.46 20.89
C PRO NA 202 -45.09 92.47 21.65
N PRO NA 203 -45.67 93.47 20.97
CA PRO NA 203 -46.40 94.52 21.68
C PRO NA 203 -47.64 94.02 22.42
N GLY NA 204 -48.22 92.90 22.03
CA GLY NA 204 -49.44 92.43 22.66
C GLY NA 204 -49.24 91.61 23.92
N ALA NA 205 -48.17 90.84 23.98
CA ALA NA 205 -48.00 89.91 25.08
C ALA NA 205 -47.37 90.61 26.29
N PRO NA 206 -47.62 90.12 27.50
CA PRO NA 206 -47.05 90.75 28.69
C PRO NA 206 -45.55 90.51 28.79
N THR NA 207 -44.90 91.35 29.58
CA THR NA 207 -43.44 91.40 29.65
C THR NA 207 -42.85 90.48 30.70
N SER NA 208 -43.54 90.28 31.81
CA SER NA 208 -43.02 89.52 32.94
C SER NA 208 -43.66 88.13 32.95
N CYS NA 209 -42.82 87.10 33.05
CA CYS NA 209 -43.25 85.72 32.98
C CYS NA 209 -42.81 84.97 34.24
N ASP NA 210 -43.22 83.71 34.33
CA ASP NA 210 -42.88 82.85 35.46
C ASP NA 210 -42.31 81.54 34.96
N VAL NA 211 -41.49 80.92 35.80
CA VAL NA 211 -40.89 79.61 35.53
C VAL NA 211 -41.16 78.72 36.73
N LEU NA 212 -41.87 77.62 36.51
CA LEU NA 212 -42.08 76.61 37.55
C LEU NA 212 -40.95 75.59 37.50
N CYS NA 213 -40.68 74.99 38.66
CA CYS NA 213 -39.67 73.96 38.77
C CYS NA 213 -40.30 72.68 39.31
N PHE NA 214 -39.62 71.57 39.07
CA PHE NA 214 -40.09 70.25 39.49
C PHE NA 214 -38.90 69.44 39.97
N ALA NA 215 -39.18 68.37 40.70
CA ALA NA 215 -38.11 67.51 41.21
C ALA NA 215 -38.65 66.12 41.51
N SER NA 216 -37.88 65.11 41.14
CA SER NA 216 -38.20 63.72 41.46
C SER NA 216 -36.90 62.92 41.44
N ALA NA 217 -37.01 61.60 41.51
CA ALA NA 217 -35.87 60.72 41.38
C ALA NA 217 -35.65 60.41 39.91
N CYS NA 218 -34.39 60.50 39.47
CA CYS NA 218 -34.11 60.52 38.04
C CYS NA 218 -34.32 59.15 37.41
N ASN NA 219 -33.53 58.17 37.84
CA ASN NA 219 -33.66 56.80 37.36
C ASN NA 219 -34.08 55.84 38.47
N ASP NA 220 -33.30 55.77 39.54
CA ASP NA 220 -33.58 54.89 40.68
C ASP NA 220 -32.88 55.48 41.88
N PHE NA 221 -33.45 55.26 43.06
CA PHE NA 221 -33.00 55.95 44.25
C PHE NA 221 -32.77 54.93 45.35
N SER NA 222 -31.67 55.10 46.08
CA SER NA 222 -31.27 54.18 47.12
C SER NA 222 -31.39 54.85 48.48
N VAL NA 223 -31.89 54.10 49.46
CA VAL NA 223 -32.27 54.67 50.74
C VAL NA 223 -32.32 53.55 51.78
N ARG NA 224 -31.68 53.77 52.94
CA ARG NA 224 -31.39 52.64 53.85
C ARG NA 224 -32.06 52.74 55.21
N LEU NA 225 -31.75 53.75 56.03
CA LEU NA 225 -31.94 53.63 57.48
C LEU NA 225 -33.13 54.48 57.92
N LEU NA 226 -34.22 53.81 58.29
CA LEU NA 226 -35.45 54.51 58.66
C LEU NA 226 -35.29 55.21 60.00
N ARG NA 227 -35.90 56.40 60.12
CA ARG NA 227 -35.90 57.16 61.35
C ARG NA 227 -37.22 57.92 61.46
N ASP NA 228 -37.39 58.64 62.56
CA ASP NA 228 -38.54 59.51 62.74
C ASP NA 228 -38.30 60.86 62.07
N THR NA 229 -39.36 61.43 61.50
CA THR NA 229 -39.23 62.69 60.78
C THR NA 229 -39.03 63.85 61.76
N PRO NA 230 -38.29 64.89 61.36
CA PRO NA 230 -38.08 66.03 62.26
C PRO NA 230 -39.24 67.01 62.29
N PHE NA 231 -40.05 67.07 61.23
CA PHE NA 231 -41.07 68.09 61.10
C PHE NA 231 -42.12 68.00 62.22
N MET NA 232 -42.68 66.81 62.42
CA MET NA 232 -43.67 66.64 63.48
C MET NA 232 -43.05 66.90 64.85
N ALA NA 233 -43.82 67.51 65.74
CA ALA NA 233 -43.33 67.86 67.07
C ALA NA 233 -43.99 66.98 68.13
N GLN OA 43 60.53 -0.68 69.16
CA GLN OA 43 59.59 -1.12 68.15
C GLN OA 43 58.18 -0.66 68.48
N THR OA 44 57.28 -0.72 67.50
CA THR OA 44 55.89 -0.32 67.68
C THR OA 44 54.99 -1.33 66.99
N ARG OA 45 53.75 -1.42 67.48
CA ARG OA 45 52.78 -2.36 66.95
C ARG OA 45 52.19 -1.80 65.67
N HIS OA 46 52.53 -2.41 64.54
CA HIS OA 46 52.06 -1.94 63.25
C HIS OA 46 50.93 -2.83 62.74
N VAL OA 47 50.25 -2.36 61.70
CA VAL OA 47 49.21 -3.15 61.03
C VAL OA 47 49.92 -4.16 60.14
N VAL OA 48 50.11 -5.38 60.65
CA VAL OA 48 50.76 -6.45 59.91
C VAL OA 48 49.66 -7.10 59.08
N ASN OA 49 49.38 -6.52 57.91
CA ASN OA 49 48.27 -6.93 57.07
C ASN OA 49 48.82 -7.71 55.88
N PHE OA 50 48.58 -9.02 55.89
CA PHE OA 50 48.85 -9.92 54.78
C PHE OA 50 48.27 -11.27 55.15
N HIS OA 51 48.18 -12.16 54.16
CA HIS OA 51 47.57 -13.47 54.37
C HIS OA 51 48.43 -14.50 53.63
N SER OA 52 49.29 -15.20 54.37
CA SER OA 52 50.21 -16.13 53.76
C SER OA 52 50.60 -17.20 54.77
N ARG OA 53 50.64 -18.45 54.30
CA ARG OA 53 51.19 -19.55 55.09
C ARG OA 53 52.12 -20.41 54.24
N SER OA 54 52.77 -19.81 53.25
CA SER OA 54 53.73 -20.55 52.43
C SER OA 54 55.02 -20.79 53.19
N GLU OA 55 55.33 -19.95 54.18
CA GLU OA 55 56.54 -20.12 54.97
C GLU OA 55 56.31 -21.07 56.14
N SER OA 56 55.09 -21.55 56.33
CA SER OA 56 54.77 -22.44 57.42
C SER OA 56 54.63 -23.88 56.96
N THR OA 57 54.81 -24.15 55.68
CA THR OA 57 54.78 -25.53 55.23
C THR OA 57 56.01 -26.28 55.73
N ILE OA 58 55.98 -27.60 55.61
CA ILE OA 58 57.03 -28.42 56.20
C ILE OA 58 58.34 -28.25 55.44
N GLU OA 59 58.27 -28.16 54.11
CA GLU OA 59 59.48 -28.02 53.31
C GLU OA 59 60.12 -26.65 53.48
N ASN OA 60 59.32 -25.63 53.82
CA ASN OA 60 59.82 -24.29 54.06
C ASN OA 60 60.16 -24.06 55.52
N PHE OA 61 60.00 -25.07 56.36
CA PHE OA 61 60.30 -25.03 57.79
C PHE OA 61 61.51 -25.86 58.16
N MET OA 62 61.63 -27.06 57.59
CA MET OA 62 62.73 -27.98 57.85
C MET OA 62 63.86 -27.86 56.84
N GLY OA 63 63.53 -27.61 55.57
CA GLY OA 63 64.53 -27.58 54.52
C GLY OA 63 65.40 -26.33 54.56
N ARG OA 64 66.24 -26.24 55.59
CA ARG OA 64 67.18 -25.14 55.70
C ARG OA 64 68.55 -25.67 56.13
N ALA OA 65 69.58 -25.23 55.43
CA ALA OA 65 70.92 -25.76 55.65
C ALA OA 65 71.50 -25.17 56.93
N ALA OA 66 72.01 -26.05 57.79
CA ALA OA 66 72.58 -25.66 59.07
C ALA OA 66 73.86 -26.44 59.29
N CYS OA 67 74.86 -25.79 59.87
CA CYS OA 67 76.16 -26.43 60.10
C CYS OA 67 76.02 -27.38 61.28
N VAL OA 68 76.36 -28.64 61.05
CA VAL OA 68 76.13 -29.69 62.04
C VAL OA 68 77.39 -30.43 62.46
N PHE OA 69 78.56 -30.13 61.86
CA PHE OA 69 79.76 -30.90 62.19
C PHE OA 69 81.00 -30.09 61.82
N MET OA 70 81.69 -29.56 62.84
CA MET OA 70 83.04 -29.05 62.71
C MET OA 70 84.02 -30.11 63.21
N ASP OA 71 85.11 -30.29 62.47
CA ASP OA 71 86.14 -31.22 62.91
C ASP OA 71 87.47 -30.88 62.25
N GLN OA 72 88.55 -31.20 62.97
CA GLN OA 72 89.91 -31.03 62.49
C GLN OA 72 90.46 -32.38 62.02
N TYR OA 73 91.35 -32.34 61.03
CA TYR OA 73 92.08 -33.54 60.65
C TYR OA 73 93.37 -33.14 59.96
N LYS OA 74 94.48 -33.74 60.40
CA LYS OA 74 95.82 -33.37 59.96
C LYS OA 74 96.10 -33.97 58.60
N ILE OA 75 97.38 -33.95 58.19
CA ILE OA 75 97.76 -34.53 56.91
C ILE OA 75 98.91 -35.53 57.08
N ASN OA 76 99.78 -35.28 58.06
CA ASN OA 76 101.00 -36.08 58.19
C ASN OA 76 101.30 -36.35 59.66
N GLY OA 77 102.25 -37.27 59.88
CA GLY OA 77 102.60 -37.72 61.21
C GLY OA 77 101.65 -38.77 61.73
N GLU OA 78 102.14 -39.55 62.69
CA GLU OA 78 101.35 -40.52 63.44
C GLU OA 78 100.58 -41.45 62.49
N GLU OA 79 101.34 -42.30 61.82
CA GLU OA 79 100.78 -43.12 60.74
C GLU OA 79 99.59 -43.96 61.21
N THR OA 80 99.60 -44.39 62.48
CA THR OA 80 98.46 -45.04 63.11
C THR OA 80 97.84 -44.08 64.12
N SER OA 81 96.98 -43.19 63.63
CA SER OA 81 96.30 -42.23 64.50
C SER OA 81 94.87 -42.04 64.03
N THR OA 82 94.03 -41.57 64.95
CA THR OA 82 92.63 -41.28 64.68
C THR OA 82 92.37 -39.79 64.44
N ASP OA 83 93.43 -38.98 64.40
CA ASP OA 83 93.30 -37.53 64.21
C ASP OA 83 93.65 -37.10 62.78
N ARG OA 84 93.63 -38.03 61.83
CA ARG OA 84 93.89 -37.72 60.43
C ARG OA 84 92.64 -37.88 59.56
N PHE OA 85 91.48 -38.10 60.16
CA PHE OA 85 90.24 -38.20 59.41
C PHE OA 85 89.08 -37.86 60.34
N ALA OA 86 87.91 -37.65 59.74
CA ALA OA 86 86.70 -37.29 60.46
C ALA OA 86 85.67 -38.41 60.31
N VAL OA 87 84.65 -38.37 61.16
CA VAL OA 87 83.69 -39.48 61.22
C VAL OA 87 82.25 -39.01 61.04
N TRP OA 88 81.68 -38.36 62.05
CA TRP OA 88 80.30 -37.86 62.04
C TRP OA 88 79.28 -38.88 61.54
N THR OA 89 78.89 -39.83 62.38
CA THR OA 89 77.73 -40.65 62.11
C THR OA 89 76.50 -39.77 61.92
N ILE OA 90 75.86 -39.86 60.74
CA ILE OA 90 74.82 -38.91 60.36
C ILE OA 90 73.56 -39.19 61.17
N ASN OA 91 73.14 -38.21 61.97
CA ASN OA 91 71.87 -38.28 62.67
C ASN OA 91 71.30 -36.87 62.85
N ILE OA 92 69.99 -36.81 63.06
CA ILE OA 92 69.33 -35.52 63.28
C ILE OA 92 69.58 -34.97 64.67
N ARG OA 93 70.06 -35.78 65.60
CA ARG OA 93 70.25 -35.36 66.98
C ARG OA 93 71.65 -34.78 67.19
N GLU OA 94 72.04 -33.86 66.30
CA GLU OA 94 73.38 -33.28 66.31
C GLU OA 94 73.44 -32.03 67.20
N MET OA 95 72.73 -30.98 66.81
CA MET OA 95 72.63 -29.78 67.63
C MET OA 95 71.17 -29.53 67.99
N ALA OA 96 70.97 -28.92 69.16
CA ALA OA 96 69.64 -28.86 69.76
C ALA OA 96 68.68 -27.95 68.99
N GLN OA 97 69.20 -27.00 68.21
CA GLN OA 97 68.33 -26.12 67.46
C GLN OA 97 67.61 -26.88 66.34
N LEU OA 98 68.35 -27.67 65.57
CA LEU OA 98 67.72 -28.51 64.56
C LEU OA 98 66.99 -29.69 65.19
N ARG OA 99 67.59 -30.32 66.20
CA ARG OA 99 66.95 -31.46 66.85
C ARG OA 99 65.55 -31.11 67.34
N ARG OA 100 65.36 -29.88 67.81
CA ARG OA 100 64.05 -29.47 68.30
C ARG OA 100 63.02 -29.46 67.19
N LYS OA 101 63.41 -29.06 65.97
CA LYS OA 101 62.46 -29.02 64.87
C LYS OA 101 62.07 -30.40 64.38
N CYS OA 102 63.00 -31.36 64.40
CA CYS OA 102 62.68 -32.71 63.97
C CYS OA 102 61.79 -33.42 64.99
N GLU OA 103 61.71 -32.93 66.22
CA GLU OA 103 60.86 -33.51 67.24
C GLU OA 103 59.49 -32.86 67.30
N MET OA 104 59.17 -31.96 66.36
CA MET OA 104 57.78 -31.56 66.18
C MET OA 104 56.95 -32.71 65.65
N PHE OA 105 57.58 -33.66 64.97
CA PHE OA 105 56.90 -34.69 64.21
C PHE OA 105 57.47 -36.05 64.59
N THR OA 106 56.61 -37.06 64.68
CA THR OA 106 57.07 -38.39 65.04
C THR OA 106 57.79 -39.06 63.87
N TYR OA 107 57.16 -39.08 62.71
CA TYR OA 107 57.71 -39.74 61.53
C TYR OA 107 57.95 -38.72 60.43
N MET OA 108 59.07 -38.86 59.74
CA MET OA 108 59.39 -38.00 58.61
C MET OA 108 60.35 -38.73 57.68
N ARG OA 109 60.23 -38.44 56.39
CA ARG OA 109 61.13 -38.99 55.39
C ARG OA 109 61.58 -37.86 54.47
N PHE OA 110 62.84 -37.91 54.05
CA PHE OA 110 63.45 -36.78 53.37
C PHE OA 110 64.78 -37.20 52.78
N ASP OA 111 65.09 -36.66 51.61
CA ASP OA 111 66.44 -36.74 51.08
C ASP OA 111 67.31 -35.70 51.78
N ILE OA 112 68.58 -36.02 51.93
CA ILE OA 112 69.54 -35.10 52.53
C ILE OA 112 70.54 -34.70 51.46
N GLU OA 113 70.95 -33.43 51.50
CA GLU OA 113 71.85 -32.87 50.49
C GLU OA 113 72.83 -31.97 51.23
N MET OA 114 73.95 -32.54 51.64
CA MET OA 114 74.95 -31.84 52.43
C MET OA 114 76.04 -31.28 51.53
N THR OA 115 76.53 -30.10 51.88
CA THR OA 115 77.62 -29.45 51.18
C THR OA 115 78.69 -29.08 52.19
N MET OA 116 79.87 -29.67 52.03
CA MET OA 116 80.96 -29.42 52.95
C MET OA 116 81.66 -28.11 52.61
N VAL OA 117 82.24 -27.48 53.62
CA VAL OA 117 83.02 -26.25 53.47
C VAL OA 117 84.34 -26.52 54.16
N ILE OA 118 85.40 -26.74 53.37
CA ILE OA 118 86.67 -27.26 53.87
C ILE OA 118 87.70 -26.14 53.77
N THR OA 119 88.40 -25.91 54.86
CA THR OA 119 89.46 -24.91 54.93
C THR OA 119 90.79 -25.61 55.19
N SER OA 120 91.84 -24.81 55.38
CA SER OA 120 93.15 -25.36 55.68
C SER OA 120 94.00 -24.27 56.34
N CYS OA 121 95.01 -24.73 57.09
CA CYS OA 121 95.93 -23.85 57.79
C CYS OA 121 97.32 -24.44 57.60
N GLN OA 122 98.28 -24.00 58.42
CA GLN OA 122 99.62 -24.56 58.37
C GLN OA 122 100.42 -24.16 59.61
N MET OA 132 103.66 -25.17 49.84
CA MET OA 132 102.81 -26.36 49.82
C MET OA 132 102.22 -26.57 48.42
N PRO OA 133 101.65 -27.75 48.17
CA PRO OA 133 100.98 -27.97 46.88
C PRO OA 133 99.51 -27.55 46.94
N VAL OA 134 98.77 -27.83 45.88
CA VAL OA 134 97.32 -27.69 45.91
C VAL OA 134 96.71 -28.97 46.49
N LEU OA 135 95.83 -28.81 47.47
CA LEU OA 135 95.33 -29.93 48.25
C LEU OA 135 94.05 -30.50 47.65
N THR OA 136 93.92 -31.83 47.73
CA THR OA 136 92.73 -32.53 47.28
C THR OA 136 92.21 -33.36 48.44
N HIS OA 137 90.90 -33.31 48.66
CA HIS OA 137 90.26 -33.97 49.80
C HIS OA 137 89.43 -35.14 49.30
N GLN OA 138 88.88 -35.90 50.26
CA GLN OA 138 87.99 -37.02 49.95
C GLN OA 138 86.93 -37.11 51.04
N ILE OA 139 85.67 -37.02 50.64
CA ILE OA 139 84.55 -37.10 51.58
C ILE OA 139 83.79 -38.38 51.24
N MET OA 140 84.07 -39.45 51.98
CA MET OA 140 83.50 -40.77 51.70
C MET OA 140 82.27 -40.99 52.57
N TYR OA 141 81.11 -41.10 51.92
CA TYR OA 141 79.89 -41.49 52.60
C TYR OA 141 79.74 -43.01 52.54
N VAL OA 142 79.73 -43.64 53.71
CA VAL OA 142 79.44 -45.07 53.77
C VAL OA 142 77.97 -45.25 54.09
N PRO OA 143 77.28 -46.19 53.44
CA PRO OA 143 75.88 -46.45 53.75
C PRO OA 143 75.73 -47.09 55.12
N PRO OA 144 74.50 -47.34 55.59
CA PRO OA 144 74.35 -48.06 56.87
C PRO OA 144 75.01 -49.43 56.87
N GLY OA 145 74.88 -50.17 55.77
CA GLY OA 145 75.66 -51.37 55.60
C GLY OA 145 76.92 -51.08 54.81
N GLY OA 146 78.00 -50.79 55.52
CA GLY OA 146 79.24 -50.40 54.89
C GLY OA 146 80.43 -50.51 55.82
N PRO OA 147 81.57 -50.92 55.27
CA PRO OA 147 82.80 -51.00 56.08
C PRO OA 147 83.36 -49.62 56.37
N ILE OA 148 83.96 -49.48 57.54
CA ILE OA 148 84.50 -48.19 57.97
C ILE OA 148 86.02 -48.31 58.01
N PRO OA 149 86.75 -47.23 57.76
CA PRO OA 149 88.20 -47.26 57.95
C PRO OA 149 88.56 -47.21 59.42
N ALA OA 150 89.68 -47.83 59.75
CA ALA OA 150 90.28 -47.70 61.08
C ALA OA 150 91.45 -46.72 61.10
N LYS OA 151 92.09 -46.52 59.95
CA LYS OA 151 93.23 -45.62 59.82
C LYS OA 151 93.07 -44.84 58.53
N VAL OA 152 93.88 -43.78 58.39
CA VAL OA 152 93.82 -42.96 57.19
C VAL OA 152 94.25 -43.75 55.96
N ASP OA 153 94.98 -44.85 56.13
CA ASP OA 153 95.47 -45.67 55.03
C ASP OA 153 94.85 -47.05 55.01
N GLY OA 154 93.60 -47.16 55.46
CA GLY OA 154 92.90 -48.43 55.39
C GLY OA 154 92.46 -48.74 53.98
N TYR OA 155 92.08 -50.01 53.77
CA TYR OA 155 91.62 -50.42 52.45
C TYR OA 155 90.15 -50.07 52.21
N GLU OA 156 89.41 -49.71 53.26
CA GLU OA 156 87.99 -49.37 53.10
C GLU OA 156 87.82 -48.16 52.20
N TRP OA 157 88.79 -47.23 52.24
CA TRP OA 157 88.71 -46.02 51.43
C TRP OA 157 88.58 -46.32 49.94
N GLN OA 158 89.01 -47.51 49.51
CA GLN OA 158 88.97 -47.91 48.11
C GLN OA 158 87.75 -48.74 47.77
N THR OA 159 86.73 -48.77 48.64
CA THR OA 159 85.55 -49.59 48.40
C THR OA 159 84.67 -48.95 47.33
N SER OA 160 84.30 -49.74 46.32
CA SER OA 160 83.53 -49.21 45.20
C SER OA 160 82.08 -48.90 45.57
N THR OA 161 81.57 -49.51 46.64
CA THR OA 161 80.20 -49.28 47.06
C THR OA 161 80.06 -48.10 48.02
N ASN OA 162 81.17 -47.51 48.45
CA ASN OA 162 81.14 -46.29 49.24
C ASN OA 162 81.38 -45.09 48.33
N PRO OA 163 80.34 -44.32 47.98
CA PRO OA 163 80.57 -43.16 47.10
C PRO OA 163 81.31 -42.06 47.82
N SER OA 164 82.24 -41.43 47.10
CA SER OA 164 83.09 -40.40 47.69
C SER OA 164 83.38 -39.34 46.64
N VAL OA 165 83.47 -38.10 47.08
CA VAL OA 165 83.82 -36.97 46.22
C VAL OA 165 85.27 -36.59 46.48
N PHE OA 166 85.97 -36.24 45.41
CA PHE OA 166 87.37 -35.82 45.48
C PHE OA 166 87.42 -34.35 45.11
N TRP OA 167 87.31 -33.51 46.12
CA TRP OA 167 87.31 -32.06 45.93
C TRP OA 167 88.72 -31.53 46.14
N THR OA 168 89.23 -30.82 45.13
CA THR OA 168 90.51 -30.14 45.23
C THR OA 168 90.26 -28.69 45.63
N GLU OA 169 91.24 -28.11 46.31
CA GLU OA 169 91.04 -26.83 46.95
C GLU OA 169 90.95 -25.72 45.91
N GLY OA 170 90.13 -24.71 46.21
CA GLY OA 170 89.95 -23.54 45.36
C GLY OA 170 88.65 -23.50 44.59
N ASN OA 171 88.00 -24.64 44.39
CA ASN OA 171 86.78 -24.69 43.58
C ASN OA 171 85.56 -24.40 44.45
N ALA OA 172 84.38 -24.59 43.88
CA ALA OA 172 83.14 -24.51 44.64
C ALA OA 172 83.08 -25.66 45.65
N PRO OA 173 82.32 -25.51 46.73
CA PRO OA 173 82.30 -26.54 47.76
C PRO OA 173 81.70 -27.83 47.23
N PRO OA 174 82.14 -28.98 47.74
CA PRO OA 174 81.61 -30.25 47.24
C PRO OA 174 80.22 -30.52 47.78
N ARG OA 175 79.33 -30.97 46.90
CA ARG OA 175 77.97 -31.29 47.29
C ARG OA 175 77.66 -32.74 46.96
N ILE OA 176 77.20 -33.48 47.96
CA ILE OA 176 76.87 -34.90 47.83
C ILE OA 176 75.45 -35.08 48.38
N SER OA 177 74.60 -35.76 47.62
CA SER OA 177 73.20 -35.92 47.98
C SER OA 177 72.90 -37.38 48.24
N ILE OA 178 72.12 -37.64 49.29
CA ILE OA 178 71.85 -39.00 49.73
C ILE OA 178 70.34 -39.20 49.78
N PRO OA 179 69.81 -40.25 49.14
CA PRO OA 179 68.35 -40.43 49.13
C PRO OA 179 67.82 -40.96 50.45
N PHE OA 180 66.54 -41.32 50.47
CA PHE OA 180 65.92 -41.92 51.64
C PHE OA 180 66.43 -43.35 51.79
N ILE OA 181 67.37 -43.55 52.72
CA ILE OA 181 68.04 -44.84 52.84
C ILE OA 181 67.21 -45.85 53.63
N SER OA 182 66.41 -45.39 54.59
CA SER OA 182 65.94 -46.24 55.68
C SER OA 182 65.17 -47.45 55.18
N VAL OA 183 65.17 -48.51 56.01
CA VAL OA 183 64.53 -49.76 55.64
C VAL OA 183 63.01 -49.62 55.71
N GLY OA 184 62.53 -48.91 56.72
CA GLY OA 184 61.12 -48.68 56.90
C GLY OA 184 60.61 -47.68 55.89
N ASN OA 185 59.46 -47.10 56.20
CA ASN OA 185 58.82 -46.15 55.31
C ASN OA 185 59.02 -44.70 55.76
N ALA OA 186 59.63 -44.48 56.92
CA ALA OA 186 59.96 -43.13 57.38
C ALA OA 186 61.04 -43.23 58.43
N TYR OA 187 61.76 -42.11 58.62
CA TYR OA 187 62.63 -41.98 59.77
C TYR OA 187 61.79 -41.66 60.99
N SER OA 188 62.10 -42.33 62.10
CA SER OA 188 61.39 -42.13 63.35
C SER OA 188 62.21 -41.24 64.26
N SER OA 189 61.64 -40.10 64.65
CA SER OA 189 62.33 -39.23 65.60
C SER OA 189 62.34 -39.85 66.99
N PHE OA 190 61.26 -40.54 67.36
CA PHE OA 190 61.13 -41.19 68.65
C PHE OA 190 60.81 -42.66 68.43
N TYR OA 191 61.37 -43.53 69.29
CA TYR OA 191 61.14 -44.96 69.18
C TYR OA 191 60.96 -45.50 70.61
N ASP OA 192 59.69 -45.62 71.03
CA ASP OA 192 59.38 -46.18 72.35
C ASP OA 192 59.46 -47.70 72.24
N GLY OA 193 60.68 -48.21 72.31
CA GLY OA 193 60.90 -49.64 72.11
C GLY OA 193 62.34 -49.99 72.37
N TRP OA 194 62.61 -51.30 72.32
CA TRP OA 194 63.90 -51.87 72.66
C TRP OA 194 64.51 -52.51 71.42
N SER OA 195 65.80 -52.26 71.20
CA SER OA 195 66.49 -52.82 70.04
C SER OA 195 66.53 -54.34 70.11
N HIS OA 196 66.87 -54.89 71.28
CA HIS OA 196 67.00 -56.32 71.47
C HIS OA 196 65.73 -56.87 72.10
N PHE OA 197 65.19 -57.93 71.51
CA PHE OA 197 63.92 -58.49 71.95
C PHE OA 197 64.01 -58.98 73.40
N THR OA 198 62.86 -58.95 74.07
CA THR OA 198 62.68 -59.35 75.46
C THR OA 198 63.25 -58.31 76.42
N GLN OA 199 63.08 -57.03 76.07
CA GLN OA 199 63.38 -55.90 76.96
C GLN OA 199 64.81 -55.94 77.46
N ASP OA 200 65.75 -55.98 76.51
CA ASP OA 200 67.16 -55.98 76.85
C ASP OA 200 67.64 -54.53 76.96
N GLY OA 201 68.94 -54.29 76.77
CA GLY OA 201 69.49 -52.95 76.83
C GLY OA 201 69.15 -52.12 75.60
N THR OA 202 69.70 -50.91 75.59
CA THR OA 202 69.59 -49.97 74.47
C THR OA 202 68.11 -49.62 74.21
N TYR OA 203 67.56 -48.86 75.13
CA TYR OA 203 66.22 -48.31 74.95
C TYR OA 203 66.23 -47.20 73.91
N GLY OA 204 65.16 -47.12 73.11
CA GLY OA 204 64.91 -45.95 72.31
C GLY OA 204 65.68 -45.87 71.01
N TYR OA 205 66.57 -46.82 70.72
CA TYR OA 205 67.39 -46.77 69.52
C TYR OA 205 66.93 -47.87 68.57
N THR OA 206 66.24 -47.46 67.50
CA THR OA 206 65.92 -48.34 66.40
C THR OA 206 67.00 -48.25 65.32
N THR OA 207 67.11 -49.31 64.52
CA THR OA 207 68.06 -49.32 63.42
C THR OA 207 67.44 -48.86 62.11
N LEU OA 208 66.15 -48.50 62.12
CA LEU OA 208 65.53 -48.00 60.90
C LEU OA 208 66.02 -46.60 60.58
N ASN OA 209 66.15 -45.75 61.59
CA ASN OA 209 66.63 -44.38 61.39
C ASN OA 209 68.15 -44.29 61.46
N ALA OA 210 68.81 -45.15 60.70
CA ALA OA 210 70.24 -45.08 60.48
C ALA OA 210 70.49 -44.50 59.10
N MET OA 211 71.36 -43.49 59.02
CA MET OA 211 71.54 -42.75 57.78
C MET OA 211 72.90 -42.94 57.14
N GLY OA 212 73.88 -43.43 57.86
CA GLY OA 212 75.20 -43.65 57.34
C GLY OA 212 76.24 -42.87 58.12
N LYS OA 213 77.45 -42.83 57.55
CA LYS OA 213 78.57 -42.10 58.14
C LYS OA 213 79.28 -41.34 57.03
N LEU OA 214 80.23 -40.49 57.42
CA LEU OA 214 80.84 -39.54 56.49
C LEU OA 214 82.33 -39.40 56.81
N TYR OA 215 83.16 -40.26 56.22
CA TYR OA 215 84.60 -40.26 56.47
C TYR OA 215 85.31 -39.33 55.51
N ILE OA 216 86.13 -38.44 56.07
CA ILE OA 216 86.73 -37.33 55.34
C ILE OA 216 88.23 -37.34 55.59
N ARG OA 217 89.02 -37.28 54.53
CA ARG OA 217 90.47 -37.26 54.68
C ARG OA 217 91.09 -36.45 53.56
N HIS OA 218 92.38 -36.15 53.74
CA HIS OA 218 93.21 -35.68 52.64
C HIS OA 218 93.60 -36.89 51.80
N VAL OA 219 93.64 -36.71 50.48
CA VAL OA 219 94.18 -37.77 49.61
C VAL OA 219 95.68 -37.61 49.42
N ASN OA 220 96.25 -36.47 49.78
CA ASN OA 220 97.68 -36.27 49.68
C ASN OA 220 98.38 -37.15 50.72
N ARG OA 221 99.40 -37.89 50.27
CA ARG OA 221 100.02 -38.89 51.13
C ARG OA 221 100.82 -38.24 52.25
N SER OA 222 101.50 -37.13 51.96
CA SER OA 222 102.34 -36.47 52.95
C SER OA 222 102.46 -35.00 52.59
N SER OA 223 103.24 -34.28 53.40
CA SER OA 223 103.49 -32.85 53.20
C SER OA 223 104.78 -32.51 53.90
N PRO OA 224 105.49 -31.47 53.45
CA PRO OA 224 106.72 -31.05 54.15
C PRO OA 224 106.44 -30.52 55.55
N HIS OA 225 105.44 -29.65 55.68
CA HIS OA 225 105.02 -29.12 56.97
C HIS OA 225 103.64 -29.67 57.34
N GLN OA 226 103.12 -29.20 58.47
CA GLN OA 226 101.82 -29.67 58.97
C GLN OA 226 100.70 -28.81 58.42
N ILE OA 227 99.67 -29.46 57.90
CA ILE OA 227 98.47 -28.80 57.39
C ILE OA 227 97.29 -29.34 58.17
N THR OA 228 96.51 -28.45 58.77
CA THR OA 228 95.39 -28.81 59.62
C THR OA 228 94.12 -28.30 58.98
N SER OA 229 93.35 -29.20 58.37
CA SER OA 229 92.15 -28.82 57.63
C SER OA 229 90.94 -28.86 58.55
N THR OA 230 89.98 -27.98 58.29
CA THR OA 230 88.75 -27.88 59.05
C THR OA 230 87.58 -28.03 58.10
N ILE OA 231 86.63 -28.88 58.45
CA ILE OA 231 85.47 -29.15 57.61
C ILE OA 231 84.21 -28.77 58.36
N ARG OA 232 83.26 -28.19 57.63
CA ARG OA 232 81.96 -27.77 58.17
C ARG OA 232 80.88 -28.40 57.30
N VAL OA 233 80.19 -29.41 57.81
CA VAL OA 233 79.19 -30.12 57.04
C VAL OA 233 77.85 -29.39 57.18
N TYR OA 234 77.26 -29.03 56.04
CA TYR OA 234 75.98 -28.30 56.01
C TYR OA 234 74.86 -29.26 55.63
N PHE OA 235 74.17 -29.75 56.65
CA PHE OA 235 73.07 -30.69 56.48
C PHE OA 235 71.81 -29.96 56.01
N LYS OA 236 71.08 -30.58 55.09
CA LYS OA 236 69.82 -30.00 54.64
C LYS OA 236 68.81 -31.06 54.27
N PRO OA 237 67.67 -31.12 54.95
CA PRO OA 237 66.60 -32.00 54.51
C PRO OA 237 66.02 -31.51 53.20
N LYS OA 238 65.58 -32.46 52.37
CA LYS OA 238 65.04 -32.12 51.06
C LYS OA 238 63.90 -33.07 50.72
N HIS OA 239 62.90 -32.53 50.02
CA HIS OA 239 61.69 -33.27 49.64
C HIS OA 239 61.10 -33.97 50.87
N ILE OA 240 60.86 -33.17 51.91
CA ILE OA 240 60.58 -33.70 53.23
C ILE OA 240 59.07 -33.83 53.44
N LYS OA 241 58.65 -34.98 53.94
CA LYS OA 241 57.29 -35.21 54.42
C LYS OA 241 57.36 -35.54 55.89
N ALA OA 242 56.27 -35.27 56.61
CA ALA OA 242 56.27 -35.45 58.05
C ALA OA 242 54.88 -35.87 58.51
N TRP OA 243 54.83 -36.84 59.42
CA TRP OA 243 53.59 -37.39 59.93
C TRP OA 243 53.56 -37.24 61.45
N VAL OA 244 52.34 -37.31 61.99
CA VAL OA 244 52.10 -37.39 63.43
C VAL OA 244 52.74 -36.21 64.14
N PRO OA 245 52.08 -35.06 64.21
CA PRO OA 245 52.66 -33.93 64.95
C PRO OA 245 52.76 -34.26 66.42
N ARG OA 246 53.51 -33.42 67.14
CA ARG OA 246 54.00 -33.76 68.47
C ARG OA 246 54.26 -32.46 69.20
N PRO OA 247 54.02 -32.39 70.51
CA PRO OA 247 54.20 -31.11 71.20
C PRO OA 247 55.68 -30.75 71.24
N PRO OA 248 56.00 -29.47 71.31
CA PRO OA 248 57.40 -29.05 71.33
C PRO OA 248 58.12 -29.43 72.61
N ARG OA 249 59.44 -29.56 72.49
CA ARG OA 249 60.30 -29.82 73.64
C ARG OA 249 60.22 -28.66 74.62
N LEU OA 250 60.09 -28.99 75.91
CA LEU OA 250 60.06 -27.99 76.97
C LEU OA 250 61.38 -27.93 77.74
N CYS OA 251 61.89 -29.07 78.17
CA CYS OA 251 63.10 -29.15 78.96
C CYS OA 251 64.35 -29.08 78.09
N PRO OA 252 65.48 -28.65 78.64
CA PRO OA 252 66.73 -28.68 77.89
C PRO OA 252 67.23 -30.10 77.65
N TYR OA 253 68.04 -30.24 76.61
CA TYR OA 253 68.59 -31.54 76.25
C TYR OA 253 69.77 -31.91 77.13
N ILE OA 254 69.87 -33.21 77.44
CA ILE OA 254 70.96 -33.71 78.28
C ILE OA 254 72.01 -34.36 77.41
N ASN OA 255 71.63 -35.41 76.68
CA ASN OA 255 72.54 -36.23 75.90
C ASN OA 255 71.98 -36.45 74.50
N LYS OA 256 72.88 -36.75 73.56
CA LYS OA 256 72.56 -36.77 72.14
C LYS OA 256 72.03 -38.12 71.67
N ARG OA 257 71.82 -39.07 72.56
CA ARG OA 257 71.30 -40.37 72.17
C ARG OA 257 70.09 -40.80 73.00
N ASP OA 258 69.55 -39.89 73.82
CA ASP OA 258 68.44 -40.24 74.69
C ASP OA 258 67.53 -39.03 74.84
N VAL OA 259 66.41 -39.24 75.53
CA VAL OA 259 65.38 -38.22 75.75
C VAL OA 259 65.37 -37.77 77.21
N ASN OA 260 66.40 -38.12 77.97
CA ASN OA 260 66.43 -37.84 79.39
C ASN OA 260 66.45 -36.33 79.64
N PHE OA 261 65.86 -35.92 80.75
CA PHE OA 261 65.66 -34.49 80.98
C PHE OA 261 65.55 -34.23 82.47
N VAL OA 262 65.68 -32.96 82.84
CA VAL OA 262 65.44 -32.48 84.19
C VAL OA 262 64.08 -31.80 84.20
N VAL OA 263 63.32 -32.01 85.27
CA VAL OA 263 61.95 -31.49 85.33
C VAL OA 263 62.01 -29.97 85.36
N THR OA 264 61.48 -29.34 84.31
CA THR OA 264 61.53 -27.90 84.14
C THR OA 264 60.14 -27.32 84.39
N GLU OA 265 60.11 -26.05 84.78
CA GLU OA 265 58.84 -25.37 84.99
C GLU OA 265 58.12 -25.17 83.66
N ILE OA 266 56.79 -25.07 83.73
CA ILE OA 266 56.00 -24.95 82.51
C ILE OA 266 56.28 -23.64 81.80
N THR OA 267 55.99 -22.52 82.46
CA THR OA 267 56.25 -21.20 81.92
C THR OA 267 57.02 -20.38 82.94
N ASP OA 268 57.43 -19.18 82.53
CA ASP OA 268 58.04 -18.26 83.47
C ASP OA 268 56.97 -17.78 84.44
N SER OA 269 57.37 -17.62 85.71
CA SER OA 269 56.39 -17.28 86.73
C SER OA 269 56.14 -15.79 86.75
N ARG OA 270 54.95 -15.42 87.21
CA ARG OA 270 54.60 -14.04 87.49
C ARG OA 270 54.17 -13.93 88.95
N THR OA 271 53.87 -12.71 89.38
CA THR OA 271 53.66 -12.45 90.80
C THR OA 271 52.32 -13.01 91.28
N SER OA 272 51.23 -12.57 90.67
CA SER OA 272 49.89 -13.03 91.03
C SER OA 272 49.17 -13.49 89.77
N ILE OA 273 47.95 -14.00 89.96
CA ILE OA 273 47.15 -14.47 88.84
C ILE OA 273 46.51 -13.31 88.08
N THR OA 274 46.46 -12.12 88.67
CA THR OA 274 45.71 -11.00 88.11
C THR OA 274 46.58 -9.86 87.59
N ASP OA 275 47.89 -9.88 87.85
CA ASP OA 275 48.74 -8.79 87.38
C ASP OA 275 49.12 -8.97 85.91
N VAL PA 13 21.77 -44.65 75.63
CA VAL PA 13 22.37 -45.87 76.14
C VAL PA 13 22.42 -46.94 75.05
N ARG PA 14 23.63 -47.28 74.63
CA ARG PA 14 23.86 -48.30 73.61
C ARG PA 14 24.66 -49.44 74.23
N SER PA 15 24.16 -50.66 74.07
CA SER PA 15 24.79 -51.85 74.65
C SER PA 15 25.57 -52.54 73.52
N MET PA 16 26.82 -52.13 73.35
CA MET PA 16 27.67 -52.74 72.34
C MET PA 16 28.08 -54.15 72.76
N THR PA 17 28.27 -55.01 71.77
CA THR PA 17 28.75 -56.36 72.02
C THR PA 17 29.74 -56.75 70.94
N LEU PA 18 30.78 -57.48 71.35
CA LEU PA 18 31.79 -58.01 70.42
C LEU PA 18 32.18 -59.39 70.90
N GLY PA 19 31.84 -60.41 70.13
CA GLY PA 19 32.16 -61.77 70.51
C GLY PA 19 31.36 -62.22 71.70
N ASN PA 20 32.03 -62.46 72.82
CA ASN PA 20 31.40 -62.82 74.09
C ASN PA 20 31.72 -61.79 75.16
N SER PA 21 31.66 -60.51 74.80
CA SER PA 21 31.93 -59.42 75.72
C SER PA 21 30.99 -58.27 75.39
N THR PA 22 30.10 -57.94 76.33
CA THR PA 22 29.14 -56.87 76.16
C THR PA 22 29.40 -55.81 77.23
N ILE PA 23 29.50 -54.55 76.80
CA ILE PA 23 29.60 -53.43 77.70
C ILE PA 23 28.39 -52.53 77.46
N THR PA 24 28.16 -51.60 78.38
CA THR PA 24 27.07 -50.64 78.29
C THR PA 24 27.67 -49.26 78.20
N THR PA 25 27.38 -48.58 77.09
CA THR PA 25 27.94 -47.26 76.81
C THR PA 25 26.85 -46.20 76.84
N GLN PA 26 27.29 -44.94 76.85
CA GLN PA 26 26.40 -43.80 76.89
C GLN PA 26 26.42 -43.04 75.57
N ASN PA 30 30.67 -39.28 71.91
CA ASN PA 30 31.07 -39.29 70.50
C ASN PA 30 32.52 -39.74 70.33
N VAL PA 31 32.76 -40.53 69.28
CA VAL PA 31 34.04 -41.20 69.11
C VAL PA 31 35.06 -40.21 68.55
N VAL PA 32 36.26 -40.21 69.12
CA VAL PA 32 37.37 -39.43 68.60
C VAL PA 32 38.22 -40.39 67.77
N VAL PA 33 37.95 -40.42 66.47
CA VAL PA 33 38.72 -41.24 65.55
C VAL PA 33 40.10 -40.63 65.41
N GLY PA 34 41.14 -41.38 65.78
CA GLY PA 34 42.47 -40.83 65.85
C GLY PA 34 43.02 -40.54 64.47
N TYR PA 35 43.38 -39.28 64.23
CA TYR PA 35 43.94 -38.83 62.95
C TYR PA 35 42.99 -39.08 61.78
N GLY PA 36 41.69 -39.01 62.04
CA GLY PA 36 40.71 -39.04 60.98
C GLY PA 36 40.67 -40.32 60.18
N GLU PA 37 41.32 -41.39 60.65
CA GLU PA 37 41.35 -42.64 59.93
C GLU PA 37 40.88 -43.78 60.82
N TRP PA 38 40.14 -44.69 60.22
CA TRP PA 38 39.64 -45.89 60.85
C TRP PA 38 40.64 -47.01 60.59
N PRO PA 39 40.96 -47.85 61.57
CA PRO PA 39 41.94 -48.90 61.32
C PRO PA 39 41.48 -49.79 60.18
N SER PA 40 42.44 -50.38 59.48
CA SER PA 40 42.13 -51.21 58.33
C SER PA 40 43.21 -52.26 58.18
N TYR PA 41 42.93 -53.25 57.33
CA TYR PA 41 43.93 -54.25 57.04
C TYR PA 41 45.00 -53.69 56.11
N LEU PA 42 46.06 -54.48 55.91
CA LEU PA 42 47.22 -53.99 55.20
C LEU PA 42 47.00 -53.89 53.70
N SER PA 43 46.07 -54.65 53.15
CA SER PA 43 45.77 -54.58 51.72
C SER PA 43 45.03 -53.30 51.38
N THR PA 48 50.80 -60.13 48.71
CA THR PA 48 52.09 -60.68 48.32
C THR PA 48 52.21 -62.13 48.80
N ALA PA 49 52.78 -62.99 47.95
CA ALA PA 49 53.02 -64.38 48.32
C ALA PA 49 54.37 -64.59 48.99
N GLU PA 50 55.26 -63.60 48.97
CA GLU PA 50 56.52 -63.70 49.69
C GLU PA 50 56.34 -63.54 51.19
N ASP PA 51 55.39 -62.69 51.59
CA ASP PA 51 55.00 -62.53 52.98
C ASP PA 51 53.49 -62.42 53.03
N GLN PA 52 52.84 -63.30 53.79
CA GLN PA 52 51.38 -63.39 53.80
C GLN PA 52 50.85 -63.20 55.21
N PRO PA 53 49.98 -62.23 55.45
CA PRO PA 53 49.41 -62.04 56.79
C PRO PA 53 48.26 -63.00 57.07
N THR PA 54 48.07 -63.26 58.37
CA THR PA 54 46.94 -64.05 58.87
C THR PA 54 46.03 -63.11 59.65
N GLN PA 55 44.74 -63.13 59.30
CA GLN PA 55 43.76 -62.29 59.98
C GLN PA 55 42.98 -63.13 60.96
N PRO PA 56 43.16 -62.96 62.28
CA PRO PA 56 42.42 -63.80 63.23
C PRO PA 56 40.93 -63.54 63.24
N ASP PA 57 40.50 -62.28 63.31
CA ASP PA 57 39.08 -61.91 63.33
C ASP PA 57 38.36 -62.58 64.51
N VAL PA 58 38.35 -63.91 64.53
CA VAL PA 58 37.75 -64.66 65.64
C VAL PA 58 38.43 -64.25 66.94
N ALA PA 59 37.62 -64.02 67.97
CA ALA PA 59 38.07 -63.52 69.28
C ALA PA 59 38.86 -62.23 69.02
N THR PA 60 39.99 -62.00 69.70
CA THR PA 60 40.83 -60.81 69.52
C THR PA 60 40.06 -59.49 69.55
N CYS PA 61 38.92 -59.42 68.87
CA CYS PA 61 38.13 -58.19 68.75
C CYS PA 61 37.23 -57.94 69.96
N ARG PA 62 37.15 -58.87 70.90
CA ARG PA 62 36.25 -58.71 72.03
C ARG PA 62 36.79 -57.64 72.98
N PHE PA 63 35.95 -57.22 73.92
CA PHE PA 63 36.33 -56.17 74.85
C PHE PA 63 37.15 -56.74 76.01
N TYR PA 64 38.32 -56.15 76.24
CA TYR PA 64 39.21 -56.53 77.33
C TYR PA 64 39.17 -55.41 78.37
N THR PA 65 38.32 -55.58 79.38
CA THR PA 65 38.20 -54.59 80.44
C THR PA 65 39.34 -54.76 81.43
N LEU PA 66 40.15 -53.72 81.59
CA LEU PA 66 41.23 -53.75 82.55
C LEU PA 66 40.68 -53.55 83.96
N GLU PA 67 41.57 -53.63 84.94
CA GLU PA 67 41.16 -53.41 86.32
C GLU PA 67 40.79 -51.95 86.53
N SER PA 68 39.72 -51.72 87.29
CA SER PA 68 39.25 -50.36 87.52
C SER PA 68 40.24 -49.62 88.41
N VAL PA 69 40.39 -48.33 88.14
CA VAL PA 69 41.42 -47.51 88.77
C VAL PA 69 40.73 -46.45 89.62
N GLN PA 70 41.07 -46.41 90.91
CA GLN PA 70 40.44 -45.47 91.83
C GLN PA 70 41.13 -44.12 91.72
N TRP PA 71 40.33 -43.09 91.47
CA TRP PA 71 40.82 -41.72 91.29
C TRP PA 71 40.45 -40.92 92.53
N GLU PA 72 41.45 -40.62 93.36
CA GLU PA 72 41.26 -39.85 94.58
C GLU PA 72 41.57 -38.39 94.31
N LYS PA 73 41.58 -37.57 95.38
CA LYS PA 73 41.89 -36.16 95.24
C LYS PA 73 43.36 -35.92 94.93
N THR PA 74 44.24 -36.86 95.29
CA THR PA 74 45.67 -36.69 95.18
C THR PA 74 46.28 -37.55 94.07
N SER PA 75 45.46 -38.07 93.16
CA SER PA 75 45.98 -38.89 92.08
C SER PA 75 46.58 -38.00 91.00
N PRO PA 76 47.84 -38.23 90.60
CA PRO PA 76 48.44 -37.37 89.57
C PRO PA 76 48.22 -37.86 88.14
N GLY PA 77 47.95 -39.14 87.96
CA GLY PA 77 47.71 -39.66 86.63
C GLY PA 77 48.12 -41.12 86.52
N TRP PA 78 47.96 -41.65 85.31
CA TRP PA 78 48.29 -43.04 85.01
C TRP PA 78 48.80 -43.12 83.57
N TRP PA 79 49.46 -44.23 83.26
CA TRP PA 79 49.71 -44.54 81.86
C TRP PA 79 49.76 -46.05 81.67
N TRP PA 80 49.29 -46.48 80.50
CA TRP PA 80 49.40 -47.85 80.03
C TRP PA 80 50.19 -47.82 78.73
N LYS PA 81 51.04 -48.81 78.52
CA LYS PA 81 51.76 -48.95 77.25
C LYS PA 81 51.26 -50.21 76.54
N PHE PA 82 50.62 -50.01 75.44
CA PHE PA 82 50.07 -50.90 74.43
C PHE PA 82 51.07 -51.04 73.29
N PRO PA 83 51.04 -52.13 72.51
CA PRO PA 83 50.09 -53.25 72.49
C PRO PA 83 50.27 -54.24 73.63
N GLU PA 84 51.39 -54.17 74.34
CA GLU PA 84 51.75 -55.23 75.28
C GLU PA 84 51.11 -55.05 76.65
N ALA PA 85 50.26 -54.05 76.82
CA ALA PA 85 49.44 -54.01 78.02
C ALA PA 85 48.43 -55.15 78.02
N LEU PA 86 48.09 -55.67 76.84
CA LEU PA 86 47.21 -56.81 76.67
C LEU PA 86 47.98 -58.12 76.52
N LYS PA 87 49.19 -58.21 77.07
CA LYS PA 87 50.02 -59.38 76.82
C LYS PA 87 49.56 -60.62 77.57
N ASN PA 88 48.70 -60.45 78.58
CA ASN PA 88 48.11 -61.57 79.30
C ASN PA 88 46.60 -61.62 79.14
N MET PA 89 46.07 -60.95 78.11
CA MET PA 89 44.62 -60.83 77.91
C MET PA 89 44.17 -61.80 76.82
N GLY PA 90 44.00 -63.06 77.21
CA GLY PA 90 43.25 -63.98 76.37
C GLY PA 90 43.99 -64.37 75.10
N LEU PA 91 43.23 -64.51 74.02
CA LEU PA 91 43.81 -64.92 72.75
C LEU PA 91 44.69 -63.84 72.15
N PHE PA 92 44.35 -62.57 72.36
CA PHE PA 92 45.22 -61.50 71.87
C PHE PA 92 46.57 -61.52 72.58
N GLY PA 93 46.58 -61.80 73.88
CA GLY PA 93 47.82 -61.94 74.59
C GLY PA 93 48.53 -63.25 74.36
N GLN PA 94 47.86 -64.21 73.73
CA GLN PA 94 48.49 -65.47 73.38
C GLN PA 94 48.99 -65.49 71.94
N ASN PA 95 48.31 -64.81 71.02
CA ASN PA 95 48.85 -64.65 69.68
C ASN PA 95 50.07 -63.74 69.62
N MET PA 96 50.37 -63.01 70.70
CA MET PA 96 51.61 -62.25 70.75
C MET PA 96 52.82 -63.18 70.89
N HIS PA 97 52.63 -64.35 71.50
CA HIS PA 97 53.74 -65.28 71.70
C HIS PA 97 53.98 -66.21 70.51
N TYR PA 98 52.99 -66.41 69.65
CA TYR PA 98 53.15 -67.33 68.52
C TYR PA 98 53.49 -66.61 67.22
N HIS PA 99 53.08 -65.37 67.06
CA HIS PA 99 53.44 -64.55 65.91
C HIS PA 99 54.35 -63.42 66.38
N TYR PA 100 55.42 -63.16 65.63
CA TYR PA 100 56.37 -62.12 66.01
C TYR PA 100 56.15 -60.83 65.24
N LEU PA 101 55.05 -60.72 64.50
CA LEU PA 101 54.68 -59.51 63.79
C LEU PA 101 53.17 -59.33 63.89
N GLY PA 102 52.73 -58.08 64.01
CA GLY PA 102 51.30 -57.83 64.13
C GLY PA 102 50.98 -56.36 64.13
N ARG PA 103 49.68 -56.07 64.12
CA ARG PA 103 49.14 -54.72 64.10
C ARG PA 103 47.67 -54.78 64.48
N ALA PA 104 47.17 -53.69 65.05
CA ALA PA 104 45.78 -53.66 65.52
C ALA PA 104 45.32 -52.20 65.65
N GLY PA 105 44.09 -52.01 66.11
CA GLY PA 105 43.46 -50.71 66.12
C GLY PA 105 43.05 -50.12 67.46
N TYR PA 106 42.61 -50.98 68.39
CA TYR PA 106 42.45 -50.62 69.81
C TYR PA 106 41.44 -49.48 70.02
N THR PA 107 40.17 -49.83 69.89
CA THR PA 107 39.11 -48.95 70.39
C THR PA 107 39.15 -48.93 71.92
N ILE PA 108 39.31 -47.75 72.51
CA ILE PA 108 39.55 -47.61 73.94
C ILE PA 108 38.39 -46.82 74.54
N HIS PA 109 37.54 -47.50 75.31
CA HIS PA 109 36.50 -46.84 76.08
C HIS PA 109 37.03 -46.53 77.48
N VAL PA 110 36.73 -45.34 77.98
CA VAL PA 110 37.13 -44.92 79.31
C VAL PA 110 35.91 -44.31 79.99
N GLN PA 111 35.24 -45.10 80.83
CA GLN PA 111 34.17 -44.58 81.67
C GLN PA 111 34.74 -44.08 82.99
N CYS PA 112 33.91 -43.35 83.73
CA CYS PA 112 34.29 -42.83 85.04
C CYS PA 112 33.23 -43.03 86.10
N ASN PA 113 31.97 -43.26 85.72
CA ASN PA 113 30.82 -43.53 86.59
C ASN PA 113 30.93 -42.87 87.98
N ALA PA 114 31.22 -41.58 88.00
CA ALA PA 114 31.17 -40.81 89.22
C ALA PA 114 29.72 -40.46 89.53
N SER PA 115 29.51 -39.70 90.59
CA SER PA 115 28.17 -39.28 90.97
C SER PA 115 27.86 -37.93 90.32
N LYS PA 116 26.83 -37.27 90.82
CA LYS PA 116 26.43 -35.95 90.35
C LYS PA 116 27.03 -34.83 91.18
N PHE PA 117 27.52 -35.15 92.38
CA PHE PA 117 28.15 -34.18 93.27
C PHE PA 117 29.67 -34.20 93.19
N HIS PA 118 30.26 -35.18 92.51
CA HIS PA 118 31.70 -35.16 92.26
C HIS PA 118 32.01 -34.20 91.13
N GLN PA 119 33.21 -33.62 91.19
CA GLN PA 119 33.68 -32.71 90.15
C GLN PA 119 35.11 -33.07 89.78
N GLY PA 120 35.48 -32.76 88.55
CA GLY PA 120 36.81 -33.06 88.08
C GLY PA 120 36.86 -33.07 86.57
N CYS PA 121 38.05 -33.33 86.05
CA CYS PA 121 38.27 -33.34 84.62
C CYS PA 121 39.50 -34.19 84.31
N LEU PA 122 39.40 -34.98 83.24
CA LEU PA 122 40.48 -35.87 82.81
C LEU PA 122 40.89 -35.55 81.39
N LEU PA 123 42.17 -35.77 81.10
CA LEU PA 123 42.68 -35.80 79.74
C LEU PA 123 42.97 -37.25 79.38
N VAL PA 124 42.21 -37.79 78.43
CA VAL PA 124 42.40 -39.16 77.94
C VAL PA 124 43.07 -39.04 76.57
N VAL PA 125 44.37 -39.30 76.53
CA VAL PA 125 45.19 -39.09 75.35
C VAL PA 125 46.03 -40.34 75.12
N CYS PA 126 46.41 -40.54 73.86
CA CYS PA 126 46.99 -41.83 73.44
C CYS PA 126 48.47 -41.77 73.12
N VAL PA 127 48.97 -40.65 72.62
CA VAL PA 127 50.41 -40.37 72.52
C VAL PA 127 51.15 -41.50 71.82
N PRO PA 128 51.11 -41.59 70.49
CA PRO PA 128 51.93 -42.60 69.80
C PRO PA 128 53.42 -42.31 69.99
N GLU PA 129 54.19 -43.37 70.20
CA GLU PA 129 55.64 -43.29 70.36
C GLU PA 129 56.06 -42.40 71.53
N ALA PA 130 55.54 -42.71 72.71
CA ALA PA 130 55.91 -41.98 73.92
C ALA PA 130 57.21 -42.55 74.45
N GLU PA 131 58.33 -42.02 73.97
CA GLU PA 131 59.64 -42.37 74.51
C GLU PA 131 59.86 -41.57 75.78
N MET PA 132 59.88 -42.26 76.92
CA MET PA 132 59.96 -41.58 78.21
C MET PA 132 61.41 -41.53 78.70
N GLY PA 133 61.65 -40.60 79.62
CA GLY PA 133 63.00 -40.30 80.09
C GLY PA 133 63.24 -40.84 81.49
N CYS PA 134 64.49 -41.21 81.75
CA CYS PA 134 64.86 -41.75 83.05
C CYS PA 134 64.85 -40.66 84.12
N ALA PA 135 64.71 -41.10 85.37
CA ALA PA 135 64.51 -40.15 86.47
C ALA PA 135 65.79 -39.41 86.81
N ASP PA 136 66.90 -40.13 86.95
CA ASP PA 136 68.23 -39.53 87.07
C ASP PA 136 68.99 -39.82 85.79
N THR PA 137 69.18 -38.79 84.97
CA THR PA 137 69.84 -38.97 83.68
C THR PA 137 71.32 -39.30 83.87
N ASP PA 138 71.91 -39.81 82.78
CA ASP PA 138 73.21 -40.49 82.61
C ASP PA 138 73.09 -42.00 82.76
N THR PA 139 71.86 -42.52 82.85
CA THR PA 139 71.66 -43.96 82.97
C THR PA 139 70.29 -44.33 82.40
N THR PA 140 70.01 -45.63 82.38
CA THR PA 140 68.77 -46.18 81.86
C THR PA 140 67.97 -46.83 82.99
N PHE PA 141 66.76 -47.29 82.65
CA PHE PA 141 65.87 -47.96 83.59
C PHE PA 141 65.70 -49.43 83.23
N PRO PA 142 65.38 -50.29 84.22
CA PRO PA 142 65.41 -51.74 83.99
C PRO PA 142 64.22 -52.34 83.24
N ALA PA 143 63.53 -51.55 82.42
CA ALA PA 143 62.59 -52.07 81.43
C ALA PA 143 61.30 -52.61 82.05
N THR PA 144 61.30 -52.84 83.36
CA THR PA 144 60.07 -53.17 84.08
C THR PA 144 59.46 -51.94 84.75
N GLU PA 145 60.01 -50.77 84.46
CA GLU PA 145 59.49 -49.51 84.97
C GLU PA 145 58.57 -48.81 83.97
N LEU PA 146 58.68 -49.13 82.68
CA LEU PA 146 57.73 -48.58 81.71
C LEU PA 146 56.37 -49.26 81.80
N THR PA 147 56.34 -50.58 82.02
CA THR PA 147 55.08 -51.30 81.95
C THR PA 147 55.03 -52.39 83.02
N THR PA 148 53.84 -52.56 83.60
CA THR PA 148 53.51 -53.70 84.45
C THR PA 148 52.22 -54.25 83.86
N GLU PA 149 52.36 -54.88 82.69
CA GLU PA 149 51.27 -55.35 81.84
C GLU PA 149 49.93 -54.67 82.10
N ASP PA 150 49.06 -55.34 82.87
CA ASP PA 150 47.71 -54.85 83.10
C ASP PA 150 47.69 -53.61 83.99
N THR PA 151 48.51 -53.58 85.05
CA THR PA 151 48.35 -52.48 86.00
C THR PA 151 49.06 -51.22 85.49
N PRO PA 152 48.52 -50.04 85.82
CA PRO PA 152 49.12 -48.79 85.34
C PRO PA 152 50.23 -48.28 86.24
N HIS PA 153 51.26 -47.73 85.60
CA HIS PA 153 52.22 -46.91 86.31
C HIS PA 153 51.63 -45.52 86.53
N VAL PA 154 51.61 -45.06 87.78
CA VAL PA 154 51.11 -43.73 88.08
C VAL PA 154 52.19 -42.70 87.77
N PHE PA 155 51.75 -41.47 87.54
CA PHE PA 155 52.67 -40.36 87.54
C PHE PA 155 53.00 -39.96 88.97
N THR PA 156 53.80 -38.92 89.12
CA THR PA 156 54.08 -38.33 90.43
C THR PA 156 53.80 -36.84 90.37
N SER PA 157 53.60 -36.25 91.55
CA SER PA 157 53.31 -34.82 91.62
C SER PA 157 54.57 -33.97 91.57
N ASP PA 158 55.72 -34.53 91.96
CA ASP PA 158 56.97 -33.79 91.91
C ASP PA 158 58.07 -34.66 91.29
N SER PA 159 59.31 -34.17 91.32
CA SER PA 159 60.41 -34.91 90.72
C SER PA 159 60.81 -36.09 91.61
N ILE PA 160 61.32 -37.14 90.97
CA ILE PA 160 61.76 -38.35 91.65
C ILE PA 160 63.13 -38.73 91.13
N THR PA 161 63.84 -39.55 91.91
CA THR PA 161 65.15 -40.05 91.54
C THR PA 161 65.13 -41.57 91.54
N GLY PA 162 66.24 -42.15 91.09
CA GLY PA 162 66.34 -43.59 90.96
C GLY PA 162 66.20 -44.06 89.52
N LYS PA 163 66.58 -45.32 89.29
CA LYS PA 163 66.60 -45.89 87.94
C LYS PA 163 65.18 -46.27 87.56
N LYS PA 164 64.39 -45.26 87.22
CA LYS PA 164 63.02 -45.46 86.79
C LYS PA 164 62.58 -44.26 85.95
N VAL PA 165 61.34 -44.27 85.52
CA VAL PA 165 60.83 -43.25 84.61
C VAL PA 165 60.59 -41.96 85.37
N GLN PA 166 61.02 -40.85 84.79
CA GLN PA 166 60.71 -39.54 85.34
C GLN PA 166 59.23 -39.29 85.17
N ALA PA 167 58.42 -39.67 86.16
CA ALA PA 167 56.97 -39.68 86.05
C ALA PA 167 56.33 -38.46 86.70
N ALA PA 168 57.01 -37.33 86.68
CA ALA PA 168 56.42 -36.10 87.18
C ALA PA 168 55.50 -35.51 86.12
N VAL PA 169 54.26 -35.21 86.51
CA VAL PA 169 53.40 -34.42 85.63
C VAL PA 169 53.95 -33.01 85.52
N CYS PA 170 53.45 -32.28 84.52
CA CYS PA 170 53.98 -31.07 83.89
C CYS PA 170 55.10 -31.42 82.93
N ASN PA 171 55.64 -32.63 82.99
CA ASN PA 171 56.63 -33.13 82.06
C ASN PA 171 56.40 -34.62 81.84
N ALA PA 172 55.19 -34.95 81.37
CA ALA PA 172 54.55 -36.25 81.57
C ALA PA 172 55.52 -37.42 81.51
N GLY PA 173 56.04 -37.72 80.32
CA GLY PA 173 57.14 -38.65 80.21
C GLY PA 173 58.26 -38.16 79.32
N MET PA 174 57.91 -37.29 78.37
CA MET PA 174 58.74 -37.01 77.21
C MET PA 174 59.49 -35.70 77.29
N GLY PA 175 59.34 -34.94 78.37
CA GLY PA 175 59.97 -33.64 78.46
C GLY PA 175 59.20 -32.53 77.77
N VAL PA 176 57.92 -32.74 77.50
CA VAL PA 176 57.08 -31.72 76.91
C VAL PA 176 56.19 -31.14 78.01
N GLY PA 177 55.52 -30.03 77.69
CA GLY PA 177 54.52 -29.51 78.61
C GLY PA 177 53.31 -30.42 78.62
N VAL PA 178 52.77 -30.66 79.82
CA VAL PA 178 51.63 -31.57 79.91
C VAL PA 178 50.33 -30.90 79.49
N GLY PA 179 50.30 -29.57 79.47
CA GLY PA 179 49.08 -28.89 79.05
C GLY PA 179 48.85 -29.01 77.56
N ASN PA 180 49.89 -28.83 76.75
CA ASN PA 180 49.77 -28.98 75.31
C ASN PA 180 50.09 -30.40 74.88
N LEU PA 181 49.50 -31.36 75.59
CA LEU PA 181 49.49 -32.77 75.20
C LEU PA 181 48.24 -33.09 74.42
N THR PA 182 47.48 -32.06 74.05
CA THR PA 182 46.20 -32.16 73.36
C THR PA 182 46.36 -32.33 71.86
N ILE PA 183 47.60 -32.27 71.35
CA ILE PA 183 47.86 -32.42 69.93
C ILE PA 183 47.56 -33.84 69.46
N PHE PA 184 47.57 -34.81 70.37
CA PHE PA 184 47.36 -36.21 70.04
C PHE PA 184 45.86 -36.51 70.02
N PRO PA 185 45.47 -37.73 69.59
CA PRO PA 185 44.07 -38.13 69.75
C PRO PA 185 43.66 -38.14 71.22
N HIS PA 186 42.77 -37.23 71.59
CA HIS PA 186 42.43 -37.00 72.98
C HIS PA 186 40.92 -36.93 73.15
N GLN PA 187 40.50 -36.88 74.42
CA GLN PA 187 39.11 -36.67 74.78
C GLN PA 187 39.07 -36.20 76.23
N TRP PA 188 38.33 -35.13 76.49
CA TRP PA 188 38.16 -34.63 77.85
C TRP PA 188 36.99 -35.36 78.50
N ILE PA 189 37.18 -35.74 79.76
CA ILE PA 189 36.08 -36.29 80.54
C ILE PA 189 35.78 -35.31 81.67
N ASN PA 190 34.88 -34.38 81.41
CA ASN PA 190 34.43 -33.43 82.42
C ASN PA 190 33.22 -34.01 83.14
N LEU PA 191 33.38 -34.30 84.43
CA LEU PA 191 32.33 -34.96 85.18
C LEU PA 191 31.08 -34.10 85.31
N ARG PA 192 31.21 -32.80 85.06
CA ARG PA 192 30.04 -31.93 84.98
C ARG PA 192 29.12 -32.35 83.85
N THR PA 193 29.69 -32.64 82.68
CA THR PA 193 28.92 -32.95 81.48
C THR PA 193 28.88 -34.44 81.18
N ASN PA 194 30.03 -35.04 80.91
CA ASN PA 194 30.11 -36.42 80.42
C ASN PA 194 30.92 -37.29 81.37
N ASN PA 195 30.93 -38.58 81.07
CA ASN PA 195 31.68 -39.56 81.84
C ASN PA 195 32.47 -40.53 80.98
N SER PA 196 32.15 -40.66 79.70
CA SER PA 196 32.74 -41.69 78.85
C SER PA 196 33.58 -41.05 77.76
N ALA PA 197 34.64 -41.76 77.38
CA ALA PA 197 35.50 -41.37 76.28
C ALA PA 197 35.74 -42.59 75.41
N THR PA 198 35.97 -42.36 74.13
CA THR PA 198 36.28 -43.46 73.22
C THR PA 198 37.20 -42.96 72.12
N ILE PA 199 38.30 -43.67 71.91
CA ILE PA 199 39.35 -43.25 70.98
C ILE PA 199 39.70 -44.44 70.10
N VAL PA 200 39.89 -44.19 68.81
CA VAL PA 200 40.23 -45.23 67.85
C VAL PA 200 41.56 -44.84 67.22
N ILE PA 201 42.55 -45.72 67.33
CA ILE PA 201 43.94 -45.40 67.02
C ILE PA 201 44.42 -46.36 65.94
N PRO PA 202 44.48 -45.91 64.68
CA PRO PA 202 44.57 -46.80 63.52
C PRO PA 202 45.99 -47.30 63.20
N TYR PA 203 46.71 -47.76 64.23
CA TYR PA 203 48.03 -48.35 64.08
C TYR PA 203 49.00 -47.39 63.38
N ILE PA 204 49.51 -46.43 64.15
CA ILE PA 204 50.52 -45.50 63.66
C ILE PA 204 51.90 -46.13 63.83
N ASN PA 205 52.58 -46.40 62.71
CA ASN PA 205 53.93 -46.94 62.74
C ASN PA 205 54.58 -46.72 61.37
N SER PA 206 55.91 -46.75 61.36
CA SER PA 206 56.69 -46.50 60.14
C SER PA 206 56.95 -47.76 59.33
N VAL PA 207 56.59 -48.93 59.84
CA VAL PA 207 56.76 -50.21 59.14
C VAL PA 207 55.39 -50.87 59.19
N PRO PA 208 54.97 -51.61 58.16
CA PRO PA 208 53.58 -52.13 58.17
C PRO PA 208 53.30 -53.09 59.30
N MET PA 209 54.30 -53.87 59.73
CA MET PA 209 54.12 -54.79 60.84
C MET PA 209 55.36 -54.75 61.72
N ASP PA 210 55.17 -54.84 63.03
CA ASP PA 210 56.30 -54.80 63.95
C ASP PA 210 56.03 -55.77 65.10
N ASN PA 211 57.11 -56.12 65.80
CA ASN PA 211 57.00 -57.04 66.93
C ASN PA 211 56.26 -56.37 68.07
N MET PA 212 55.43 -57.15 68.76
CA MET PA 212 54.53 -56.63 69.79
C MET PA 212 55.14 -56.62 71.18
N PHE PA 213 56.35 -57.14 71.36
CA PHE PA 213 57.02 -57.07 72.65
C PHE PA 213 58.14 -56.05 72.70
N ARG PA 214 58.82 -55.80 71.57
CA ARG PA 214 59.85 -54.78 71.55
C ARG PA 214 59.25 -53.38 71.56
N HIS PA 215 58.25 -53.13 70.72
CA HIS PA 215 57.81 -51.78 70.39
C HIS PA 215 56.46 -51.50 71.02
N TYR PA 216 56.37 -50.38 71.74
CA TYR PA 216 55.12 -49.90 72.33
C TYR PA 216 54.54 -48.88 71.35
N ASN PA 217 53.45 -49.24 70.70
CA ASN PA 217 52.96 -48.41 69.60
C ASN PA 217 52.38 -47.09 70.11
N PHE PA 218 51.69 -47.11 71.24
CA PHE PA 218 51.20 -45.87 71.83
C PHE PA 218 51.08 -46.04 73.34
N THR PA 219 50.82 -44.93 74.02
CA THR PA 219 50.81 -44.88 75.48
C THR PA 219 49.54 -44.17 75.94
N LEU PA 220 48.51 -44.95 76.28
CA LEU PA 220 47.29 -44.38 76.84
C LEU PA 220 47.60 -43.84 78.23
N MET PA 221 47.57 -42.51 78.38
CA MET PA 221 47.80 -41.86 79.65
C MET PA 221 46.61 -40.98 79.99
N ILE PA 222 46.09 -41.15 81.20
CA ILE PA 222 44.93 -40.43 81.70
C ILE PA 222 45.42 -39.48 82.79
N ILE PA 223 45.25 -38.18 82.59
CA ILE PA 223 45.87 -37.17 83.42
C ILE PA 223 44.78 -36.25 83.97
N PRO PA 224 44.57 -36.18 85.29
CA PRO PA 224 43.56 -35.28 85.87
C PRO PA 224 44.07 -33.85 85.90
N PHE PA 225 43.52 -33.00 85.03
CA PHE PA 225 43.83 -31.57 85.08
C PHE PA 225 43.14 -30.91 86.26
N ALA PA 226 41.82 -30.87 86.25
CA ALA PA 226 41.15 -30.38 87.44
C ALA PA 226 41.01 -31.51 88.43
N PRO PA 227 41.46 -31.34 89.68
CA PRO PA 227 41.49 -32.47 90.61
C PRO PA 227 40.09 -32.84 91.07
N LEU PA 228 39.96 -34.09 91.50
CA LEU PA 228 38.69 -34.54 92.05
C LEU PA 228 38.38 -33.79 93.34
N ASN PA 229 37.11 -33.46 93.54
CA ASN PA 229 36.70 -32.83 94.78
C ASN PA 229 35.29 -33.27 95.14
N PHE PA 230 35.01 -33.31 96.43
CA PHE PA 230 33.74 -33.76 96.96
C PHE PA 230 33.70 -33.36 98.44
N THR PA 231 32.57 -33.63 99.08
CA THR PA 231 32.39 -33.33 100.50
C THR PA 231 32.52 -34.61 101.32
N ASP PA 232 32.29 -34.48 102.63
CA ASP PA 232 32.61 -35.52 103.59
C ASP PA 232 31.60 -36.66 103.61
N GLY PA 233 30.66 -36.70 102.68
CA GLY PA 233 29.70 -37.78 102.63
C GLY PA 233 29.86 -38.71 101.45
N ALA PA 234 30.47 -38.23 100.37
CA ALA PA 234 30.57 -39.02 99.16
C ALA PA 234 31.67 -40.07 99.30
N THR PA 235 31.75 -40.95 98.30
CA THR PA 235 32.82 -41.92 98.27
C THR PA 235 34.14 -41.24 97.94
N ALA PA 236 35.21 -41.65 98.61
CA ALA PA 236 36.48 -40.94 98.57
C ALA PA 236 37.25 -41.17 97.28
N TYR PA 237 36.62 -41.73 96.25
CA TYR PA 237 37.31 -42.03 95.01
C TYR PA 237 36.28 -42.12 93.89
N VAL PA 238 36.80 -42.17 92.66
CA VAL PA 238 35.98 -42.35 91.46
C VAL PA 238 36.67 -43.39 90.59
N PRO PA 239 36.09 -44.58 90.41
CA PRO PA 239 36.76 -45.66 89.66
C PRO PA 239 36.70 -45.41 88.17
N ILE PA 240 37.87 -45.40 87.54
CA ILE PA 240 38.00 -45.18 86.10
C ILE PA 240 38.15 -46.54 85.44
N THR PA 241 37.27 -46.85 84.49
CA THR PA 241 37.22 -48.17 83.85
C THR PA 241 37.73 -48.05 82.43
N VAL PA 242 38.73 -48.88 82.09
CA VAL PA 242 39.38 -48.85 80.79
C VAL PA 242 39.06 -50.14 80.06
N THR PA 243 38.65 -50.03 78.79
CA THR PA 243 38.23 -51.15 77.97
C THR PA 243 38.83 -51.00 76.59
N ILE PA 244 39.54 -52.03 76.12
CA ILE PA 244 40.26 -51.98 74.86
C ILE PA 244 39.75 -53.11 73.97
N ALA PA 245 39.41 -52.77 72.73
CA ALA PA 245 38.98 -53.74 71.74
C ALA PA 245 39.96 -53.75 70.57
N PRO PA 246 40.84 -54.74 70.46
CA PRO PA 246 41.80 -54.77 69.35
C PRO PA 246 41.12 -55.03 68.01
N MET PA 247 41.03 -54.02 67.16
CA MET PA 247 40.32 -54.14 65.90
C MET PA 247 41.30 -54.36 64.75
N TYR PA 248 40.87 -55.17 63.78
CA TYR PA 248 41.63 -55.42 62.55
C TYR PA 248 43.04 -55.91 62.86
N ALA PA 249 43.14 -56.78 63.85
CA ALA PA 249 44.43 -57.36 64.21
C ALA PA 249 44.81 -58.38 63.15
N GLU PA 250 46.00 -58.24 62.58
CA GLU PA 250 46.51 -59.23 61.65
C GLU PA 250 47.99 -59.48 61.93
N TYR PA 251 48.42 -60.68 61.59
CA TYR PA 251 49.69 -61.25 62.05
C TYR PA 251 50.43 -61.77 60.84
N ASN PA 252 51.58 -62.39 61.06
CA ASN PA 252 52.28 -62.99 59.94
C ASN PA 252 51.72 -64.39 59.67
N GLY PA 253 52.20 -64.99 58.58
CA GLY PA 253 51.77 -66.33 58.22
C GLY PA 253 52.71 -67.37 58.81
N LEU PA 254 52.13 -68.50 59.22
CA LEU PA 254 52.91 -69.60 59.78
C LEU PA 254 53.00 -70.78 58.84
N ARG PA 255 52.14 -70.83 57.83
CA ARG PA 255 52.10 -71.91 56.85
C ARG PA 255 53.16 -71.68 55.78
N LEU PA 256 53.47 -72.76 55.05
CA LEU PA 256 54.36 -72.65 53.90
C LEU PA 256 53.60 -72.06 52.71
N ALA PA 257 54.34 -71.72 51.67
CA ALA PA 257 53.73 -71.20 50.45
C ALA PA 257 53.93 -72.18 49.30
N GLY QA 1 82.63 -24.70 21.89
CA GLY QA 1 81.21 -24.97 22.00
C GLY QA 1 80.36 -23.75 22.28
N VAL QA 2 79.50 -23.84 23.28
CA VAL QA 2 78.58 -22.75 23.62
C VAL QA 2 79.35 -21.68 24.39
N PRO QA 3 79.40 -20.44 23.90
CA PRO QA 3 80.10 -19.39 24.65
C PRO QA 3 79.32 -18.97 25.88
N VAL QA 4 79.83 -19.31 27.05
CA VAL QA 4 79.21 -18.93 28.31
C VAL QA 4 80.13 -17.95 29.01
N LEU QA 5 79.56 -17.18 29.94
CA LEU QA 5 80.36 -16.31 30.79
C LEU QA 5 79.80 -16.33 32.20
N ASN QA 6 80.69 -16.55 33.17
CA ASN QA 6 80.29 -16.68 34.57
C ASN QA 6 79.95 -15.31 35.14
N THR QA 7 78.77 -15.21 35.74
CA THR QA 7 78.31 -14.01 36.39
C THR QA 7 78.94 -13.89 37.76
N PRO QA 8 78.82 -12.73 38.41
CA PRO QA 8 79.12 -12.68 39.85
C PRO QA 8 78.16 -13.59 40.61
N GLY QA 9 78.71 -14.36 41.54
CA GLY QA 9 77.96 -15.40 42.22
C GLY QA 9 78.23 -16.80 41.74
N SER QA 10 79.20 -17.00 40.86
CA SER QA 10 79.60 -18.33 40.45
C SER QA 10 80.62 -18.88 41.43
N ASN QA 11 80.60 -20.21 41.60
CA ASN QA 11 81.53 -20.91 42.49
C ASN QA 11 81.44 -20.40 43.92
N GLN QA 12 80.26 -19.92 44.32
CA GLN QA 12 80.02 -19.57 45.71
C GLN QA 12 79.07 -20.59 46.32
N PHE QA 13 78.93 -20.53 47.64
CA PHE QA 13 78.01 -21.40 48.35
C PHE QA 13 77.05 -20.54 49.14
N LEU QA 14 75.93 -20.20 48.51
CA LEU QA 14 74.81 -19.58 49.23
C LEU QA 14 74.10 -20.67 50.03
N THR QA 15 73.91 -20.41 51.32
CA THR QA 15 73.35 -21.43 52.21
C THR QA 15 71.92 -21.77 51.81
N SER QA 16 71.13 -20.75 51.43
CA SER QA 16 69.74 -20.94 51.05
C SER QA 16 69.63 -20.92 49.52
N ASP QA 17 69.90 -22.06 48.91
CA ASP QA 17 69.68 -22.25 47.48
C ASP QA 17 68.91 -23.55 47.27
N ASP QA 18 68.38 -23.71 46.06
CA ASP QA 18 67.52 -24.85 45.71
C ASP QA 18 68.00 -25.48 44.41
N TYR QA 19 69.29 -25.78 44.35
CA TYR QA 19 69.89 -26.34 43.15
C TYR QA 19 69.79 -27.86 43.15
N GLN QA 20 69.98 -28.45 41.96
CA GLN QA 20 69.87 -29.90 41.79
C GLN QA 20 71.15 -30.55 42.31
N SER QA 21 71.07 -31.17 43.48
CA SER QA 21 72.23 -31.81 44.07
C SER QA 21 72.52 -33.11 43.33
N PRO QA 22 73.77 -33.36 42.93
CA PRO QA 22 74.09 -34.64 42.28
C PRO QA 22 73.98 -35.79 43.28
N SER QA 23 73.14 -36.76 42.96
CA SER QA 23 72.81 -37.82 43.90
C SER QA 23 73.98 -38.79 44.01
N ALA QA 24 74.34 -39.15 45.24
CA ALA QA 24 75.49 -40.02 45.47
C ALA QA 24 75.16 -41.48 45.16
N MET QA 25 73.91 -41.87 45.30
CA MET QA 25 73.50 -43.27 45.09
C MET QA 25 72.44 -43.28 44.00
N PRO QA 26 72.85 -43.26 42.73
CA PRO QA 26 71.88 -43.12 41.63
C PRO QA 26 71.17 -44.44 41.33
N GLN QA 27 71.92 -45.53 41.44
CA GLN QA 27 71.35 -46.86 41.22
C GLN QA 27 70.29 -47.16 42.28
N PHE QA 28 70.51 -46.66 43.49
CA PHE QA 28 69.67 -46.97 44.64
C PHE QA 28 68.24 -46.49 44.43
N ASP QA 29 67.28 -47.40 44.60
CA ASP QA 29 65.86 -47.08 44.53
C ASP QA 29 65.26 -47.14 45.94
N GLU QA 30 64.73 -46.02 46.40
CA GLU QA 30 64.26 -45.85 47.77
C GLU QA 30 62.96 -46.62 48.03
N THR QA 31 62.70 -46.82 49.32
CA THR QA 31 61.56 -47.63 49.76
C THR QA 31 60.24 -46.98 49.36
N PRO QA 32 59.26 -47.75 48.90
CA PRO QA 32 57.96 -47.18 48.52
C PRO QA 32 57.25 -46.56 49.72
N GLU QA 33 56.54 -45.47 49.47
CA GLU QA 33 55.88 -44.71 50.52
C GLU QA 33 54.54 -45.36 50.84
N MET QA 34 54.41 -45.91 52.05
CA MET QA 34 53.11 -46.36 52.50
C MET QA 34 52.33 -45.19 53.09
N HIS QA 35 51.04 -45.40 53.27
CA HIS QA 35 50.20 -44.39 53.90
C HIS QA 35 50.31 -44.51 55.41
N ILE QA 36 50.85 -43.48 56.05
CA ILE QA 36 50.96 -43.40 57.50
C ILE QA 36 49.92 -42.38 57.99
N PRO QA 37 49.13 -42.71 59.01
CA PRO QA 37 48.06 -41.79 59.43
C PRO QA 37 48.61 -40.53 60.07
N GLY QA 38 47.93 -39.41 59.80
CA GLY QA 38 48.24 -38.16 60.48
C GLY QA 38 49.36 -37.38 59.85
N GLU QA 39 49.22 -37.04 58.56
CA GLU QA 39 50.24 -36.26 57.88
C GLU QA 39 50.07 -34.78 58.17
N VAL QA 40 51.20 -34.11 58.38
CA VAL QA 40 51.23 -32.66 58.50
C VAL QA 40 51.75 -32.10 57.18
N ARG QA 41 51.00 -31.15 56.62
CA ARG QA 41 51.37 -30.50 55.37
C ARG QA 41 51.57 -29.01 55.55
N ASN QA 42 51.43 -28.51 56.76
CA ASN QA 42 51.53 -27.09 57.08
C ASN QA 42 51.64 -26.95 58.59
N LEU QA 43 52.53 -26.06 59.03
CA LEU QA 43 52.76 -25.91 60.47
C LEU QA 43 51.53 -25.35 61.17
N MET QA 44 50.80 -24.44 60.54
CA MET QA 44 49.64 -23.83 61.16
C MET QA 44 48.50 -24.82 61.40
N GLU QA 45 48.68 -26.09 61.05
CA GLU QA 45 47.77 -27.13 61.50
C GLU QA 45 48.04 -27.56 62.93
N ILE QA 46 49.19 -27.19 63.48
CA ILE QA 46 49.48 -27.43 64.89
C ILE QA 46 48.93 -26.31 65.76
N ALA QA 47 48.96 -25.08 65.24
CA ALA QA 47 48.45 -23.93 65.99
C ALA QA 47 46.93 -23.97 66.15
N GLU QA 48 46.23 -24.66 65.26
CA GLU QA 48 44.78 -24.74 65.31
C GLU QA 48 44.27 -25.75 66.34
N VAL QA 49 45.15 -26.47 67.02
CA VAL QA 49 44.76 -27.43 68.03
C VAL QA 49 44.68 -26.74 69.38
N ASP QA 50 43.55 -26.90 70.07
CA ASP QA 50 43.41 -26.36 71.41
C ASP QA 50 44.39 -27.04 72.37
N SER QA 51 44.86 -26.28 73.35
CA SER QA 51 45.73 -26.82 74.38
C SER QA 51 45.60 -25.96 75.62
N VAL QA 52 45.85 -26.58 76.77
CA VAL QA 52 45.53 -25.94 78.05
C VAL QA 52 46.55 -24.86 78.34
N VAL QA 53 46.06 -23.72 78.82
CA VAL QA 53 46.86 -22.50 78.99
C VAL QA 53 47.12 -22.32 80.48
N PRO QA 54 48.39 -22.27 80.92
CA PRO QA 54 48.69 -22.09 82.35
C PRO QA 54 48.46 -20.66 82.83
N VAL QA 55 47.21 -20.37 83.17
CA VAL QA 55 46.86 -19.01 83.61
C VAL QA 55 47.35 -18.77 85.04
N ASN QA 56 47.27 -19.79 85.89
CA ASN QA 56 47.66 -19.67 87.29
C ASN QA 56 49.14 -20.03 87.45
N ASN QA 57 49.99 -19.34 86.70
CA ASN QA 57 51.43 -19.58 86.73
C ASN QA 57 52.14 -18.67 87.73
N VAL QA 58 51.65 -18.65 88.97
CA VAL QA 58 52.26 -17.82 90.01
C VAL QA 58 53.54 -18.48 90.50
N THR QA 59 54.27 -17.79 91.37
CA THR QA 59 55.69 -18.05 91.60
C THR QA 59 55.98 -19.46 92.11
N GLY QA 60 55.00 -20.15 92.69
CA GLY QA 60 55.27 -21.45 93.27
C GLY QA 60 54.44 -22.58 92.71
N LYS QA 61 53.73 -22.32 91.61
CA LYS QA 61 52.75 -23.25 91.08
C LYS QA 61 52.97 -23.51 89.60
N THR QA 62 54.23 -23.50 89.16
CA THR QA 62 54.55 -23.71 87.74
C THR QA 62 55.20 -25.05 87.45
N LYS QA 63 55.72 -25.75 88.45
CA LYS QA 63 56.26 -27.09 88.25
C LYS QA 63 55.25 -28.18 88.61
N SER QA 64 54.04 -27.80 89.02
CA SER QA 64 52.93 -28.72 89.24
C SER QA 64 51.84 -28.43 88.20
N MET QA 65 50.77 -29.23 88.26
CA MET QA 65 49.61 -29.00 87.41
C MET QA 65 48.60 -28.07 88.04
N ASP QA 66 49.00 -27.30 89.05
CA ASP QA 66 48.19 -26.20 89.54
C ASP QA 66 48.35 -24.94 88.71
N ALA QA 67 49.25 -24.97 87.71
CA ALA QA 67 49.39 -23.83 86.80
C ALA QA 67 48.19 -23.71 85.87
N TYR QA 68 47.55 -24.82 85.53
CA TYR QA 68 46.48 -24.83 84.56
C TYR QA 68 45.11 -24.55 85.18
N GLN QA 69 45.02 -24.51 86.49
CA GLN QA 69 43.74 -24.48 87.20
C GLN QA 69 43.49 -23.07 87.71
N ILE QA 70 42.37 -22.48 87.28
CA ILE QA 70 41.96 -21.16 87.73
C ILE QA 70 41.00 -21.35 88.91
N PRO QA 71 41.38 -20.98 90.13
CA PRO QA 71 40.51 -21.25 91.28
C PRO QA 71 39.31 -20.31 91.28
N VAL QA 72 38.12 -20.88 91.42
CA VAL QA 72 36.87 -20.12 91.47
C VAL QA 72 36.11 -20.57 92.71
N GLY QA 73 35.89 -19.62 93.63
CA GLY QA 73 35.22 -19.92 94.88
C GLY QA 73 36.20 -20.30 95.98
N ASP QA 78 35.63 -12.45 97.72
CA ASP QA 78 35.98 -11.11 97.26
C ASP QA 78 35.57 -10.91 95.81
N LYS QA 79 34.59 -10.03 95.60
CA LYS QA 79 34.08 -9.73 94.26
C LYS QA 79 34.66 -8.43 93.71
N THR QA 80 35.63 -7.82 94.40
CA THR QA 80 36.17 -6.53 93.99
C THR QA 80 37.40 -6.64 93.10
N LYS QA 81 38.10 -7.77 93.14
CA LYS QA 81 39.26 -7.97 92.29
C LYS QA 81 39.00 -9.11 91.31
N PRO QA 82 39.52 -9.04 90.10
CA PRO QA 82 39.17 -10.04 89.08
C PRO QA 82 39.76 -11.41 89.41
N ILE QA 83 39.18 -12.43 88.78
CA ILE QA 83 39.65 -13.80 89.00
C ILE QA 83 41.02 -13.98 88.37
N PHE QA 84 41.15 -13.67 87.09
CA PHE QA 84 42.43 -13.73 86.41
C PHE QA 84 42.47 -12.63 85.35
N SER QA 85 43.67 -12.41 84.82
CA SER QA 85 43.92 -11.35 83.84
C SER QA 85 45.28 -11.58 83.20
N PHE QA 86 45.37 -11.47 81.88
CA PHE QA 86 46.65 -11.66 81.22
C PHE QA 86 46.68 -10.94 79.88
N GLN QA 87 47.88 -10.57 79.45
CA GLN QA 87 48.11 -10.04 78.12
C GLN QA 87 47.62 -11.02 77.07
N MET QA 88 47.05 -10.47 75.99
CA MET QA 88 46.57 -11.30 74.89
C MET QA 88 47.54 -11.17 73.72
N ASP QA 89 48.68 -11.84 73.86
CA ASP QA 89 49.65 -11.96 72.77
C ASP QA 89 50.50 -13.22 72.97
N PRO QA 90 50.45 -14.17 72.02
CA PRO QA 90 51.15 -15.45 72.23
C PRO QA 90 52.67 -15.33 72.28
N GLY QA 91 53.25 -14.20 71.89
CA GLY QA 91 54.66 -13.94 72.06
C GLY QA 91 54.87 -12.96 73.20
N TYR QA 92 55.99 -13.14 73.92
CA TYR QA 92 56.38 -12.23 75.00
C TYR QA 92 55.31 -12.12 76.08
N SER QA 93 54.58 -13.20 76.32
CA SER QA 93 53.60 -13.25 77.40
C SER QA 93 53.74 -14.58 78.13
N SER QA 94 53.91 -14.50 79.46
CA SER QA 94 54.23 -15.71 80.22
C SER QA 94 53.12 -16.74 80.15
N VAL QA 95 51.88 -16.30 79.94
CA VAL QA 95 50.75 -17.23 79.96
C VAL QA 95 50.61 -17.97 78.63
N LEU QA 96 50.82 -17.27 77.51
CA LEU QA 96 50.52 -17.81 76.18
C LEU QA 96 51.77 -18.10 75.35
N LYS QA 97 52.95 -18.16 75.96
CA LYS QA 97 54.17 -18.33 75.19
C LYS QA 97 54.60 -19.78 75.02
N ARG QA 98 54.11 -20.68 75.87
CA ARG QA 98 54.46 -22.09 75.76
C ARG QA 98 53.27 -22.94 75.33
N THR QA 99 52.20 -22.30 74.88
CA THR QA 99 51.08 -22.98 74.24
C THR QA 99 51.49 -23.49 72.86
N LEU QA 100 50.76 -24.48 72.35
CA LEU QA 100 50.96 -24.90 70.97
C LEU QA 100 50.81 -23.72 70.01
N LEU QA 101 49.85 -22.85 70.29
CA LEU QA 101 49.76 -21.60 69.54
C LEU QA 101 51.01 -20.75 69.75
N GLY QA 102 51.35 -20.49 71.00
CA GLY QA 102 52.43 -19.57 71.31
C GLY QA 102 53.81 -20.12 71.06
N GLU QA 103 53.94 -21.42 70.79
CA GLU QA 103 55.24 -22.03 70.55
C GLU QA 103 55.56 -22.19 69.07
N MET QA 104 54.53 -22.32 68.23
CA MET QA 104 54.77 -22.35 66.80
C MET QA 104 54.85 -20.94 66.22
N LEU QA 105 54.57 -19.92 67.04
CA LEU QA 105 54.70 -18.52 66.70
C LEU QA 105 56.03 -17.91 67.12
N ASN QA 106 56.82 -18.59 67.96
CA ASN QA 106 58.15 -18.10 68.28
C ASN QA 106 59.20 -18.54 67.28
N TYR QA 107 58.84 -19.40 66.33
CA TYR QA 107 59.69 -19.69 65.18
C TYR QA 107 59.62 -18.60 64.11
N TYR QA 108 58.83 -17.56 64.33
CA TYR QA 108 58.59 -16.57 63.29
C TYR QA 108 58.63 -15.18 63.89
N ALA QA 109 59.00 -14.21 63.06
CA ALA QA 109 59.08 -12.81 63.46
C ALA QA 109 57.83 -12.03 63.12
N HIS QA 110 57.26 -12.23 61.93
CA HIS QA 110 56.04 -11.55 61.52
C HIS QA 110 54.89 -12.54 61.54
N TRP QA 111 53.92 -12.31 62.41
CA TRP QA 111 52.71 -13.12 62.42
C TRP QA 111 51.53 -12.25 62.76
N SER QA 112 50.36 -12.59 62.22
CA SER QA 112 49.17 -11.79 62.39
C SER QA 112 47.95 -12.68 62.18
N GLY QA 113 46.97 -12.55 63.07
CA GLY QA 113 45.77 -13.34 62.97
C GLY QA 113 44.93 -13.18 64.22
N SER QA 114 43.96 -14.07 64.36
CA SER QA 114 43.09 -14.09 65.52
C SER QA 114 43.31 -15.35 66.32
N VAL QA 115 42.76 -15.34 67.54
CA VAL QA 115 42.99 -16.40 68.53
C VAL QA 115 41.71 -16.59 69.33
N LYS QA 116 41.27 -17.84 69.42
CA LYS QA 116 40.05 -18.18 70.14
C LYS QA 116 40.40 -18.80 71.49
N LEU QA 117 39.57 -18.52 72.49
CA LEU QA 117 39.80 -19.00 73.85
C LEU QA 117 38.56 -19.73 74.33
N THR QA 118 38.76 -20.91 74.89
CA THR QA 118 37.68 -21.72 75.43
C THR QA 118 37.87 -21.84 76.93
N PHE QA 119 36.82 -21.52 77.69
CA PHE QA 119 36.86 -21.60 79.15
C PHE QA 119 35.98 -22.76 79.59
N LEU QA 120 36.62 -23.89 79.92
CA LEU QA 120 35.93 -25.08 80.37
C LEU QA 120 35.81 -25.01 81.89
N PHE QA 121 34.57 -24.92 82.38
CA PHE QA 121 34.31 -24.92 83.81
C PHE QA 121 34.34 -26.35 84.32
N CYS QA 122 35.33 -26.67 85.16
CA CYS QA 122 35.52 -28.03 85.67
C CYS QA 122 35.02 -28.17 87.11
N GLY QA 123 33.88 -27.56 87.43
CA GLY QA 123 33.26 -27.70 88.72
C GLY QA 123 32.21 -28.79 88.73
N SER QA 124 31.35 -28.75 89.74
CA SER QA 124 30.34 -29.78 89.90
C SER QA 124 29.23 -29.59 88.87
N ALA QA 125 28.38 -30.60 88.75
CA ALA QA 125 27.20 -30.51 87.90
C ALA QA 125 26.05 -29.79 88.59
N MET QA 126 26.23 -29.42 89.86
CA MET QA 126 25.21 -28.71 90.62
C MET QA 126 25.61 -27.28 90.96
N ALA QA 127 26.87 -26.90 90.76
CA ALA QA 127 27.31 -25.55 91.06
C ALA QA 127 26.82 -24.61 89.98
N THR QA 128 26.35 -23.43 90.40
CA THR QA 128 25.75 -22.49 89.48
C THR QA 128 26.17 -21.08 89.86
N GLY QA 129 26.63 -20.32 88.86
CA GLY QA 129 27.02 -18.95 89.08
C GLY QA 129 27.23 -18.26 87.74
N LYS QA 130 27.64 -17.00 87.81
CA LYS QA 130 27.92 -16.23 86.62
C LYS QA 130 29.31 -15.61 86.69
N LEU QA 131 29.98 -15.61 85.55
CA LEU QA 131 31.30 -15.00 85.38
C LEU QA 131 31.22 -14.04 84.20
N LEU QA 132 31.90 -12.90 84.33
CA LEU QA 132 31.85 -11.85 83.32
C LEU QA 132 33.24 -11.72 82.70
N ILE QA 133 33.37 -12.13 81.45
CA ILE QA 133 34.65 -12.20 80.75
C ILE QA 133 34.76 -10.96 79.87
N SER QA 134 35.61 -10.03 80.27
CA SER QA 134 35.75 -8.76 79.57
C SER QA 134 37.00 -8.77 78.70
N TYR QA 135 36.92 -8.04 77.59
CA TYR QA 135 38.01 -7.93 76.63
C TYR QA 135 38.39 -6.47 76.45
N SER QA 136 39.67 -6.16 76.65
CA SER QA 136 40.01 -4.77 76.36
C SER QA 136 40.74 -4.68 75.02
N PRO QA 137 40.44 -3.65 74.23
CA PRO QA 137 41.15 -3.45 72.97
C PRO QA 137 42.62 -3.17 73.23
N PRO QA 138 43.50 -3.33 72.23
CA PRO QA 138 44.94 -3.27 72.49
C PRO QA 138 45.44 -1.92 72.98
N GLY QA 139 44.69 -0.84 72.77
CA GLY QA 139 45.11 0.45 73.26
C GLY QA 139 44.54 0.81 74.61
N ALA QA 140 43.41 0.20 74.96
CA ALA QA 140 42.65 0.61 76.13
C ALA QA 140 43.33 0.13 77.41
N SER QA 141 42.93 0.74 78.52
CA SER QA 141 43.41 0.35 79.84
C SER QA 141 42.49 -0.72 80.42
N VAL QA 142 43.02 -1.46 81.39
CA VAL QA 142 42.28 -2.57 81.99
C VAL QA 142 41.14 -2.00 82.82
N PRO QA 143 40.03 -2.72 82.95
CA PRO QA 143 38.98 -2.28 83.88
C PRO QA 143 39.42 -2.51 85.32
N THR QA 144 39.28 -1.49 86.15
CA THR QA 144 39.64 -1.61 87.56
C THR QA 144 38.50 -2.13 88.42
N SER QA 145 37.27 -2.10 87.90
CA SER QA 145 36.09 -2.55 88.63
C SER QA 145 35.27 -3.44 87.72
N ARG QA 146 34.24 -4.07 88.30
CA ARG QA 146 33.38 -4.94 87.51
C ARG QA 146 32.44 -4.12 86.63
N LYS QA 147 31.97 -2.98 87.12
CA LYS QA 147 31.08 -2.14 86.33
C LYS QA 147 31.80 -1.59 85.10
N ASP QA 148 33.03 -1.14 85.27
CA ASP QA 148 33.80 -0.63 84.14
C ASP QA 148 34.14 -1.70 83.12
N ALA QA 149 34.22 -2.96 83.56
CA ALA QA 149 34.34 -4.07 82.62
C ALA QA 149 33.02 -4.37 81.93
N MET QA 150 31.90 -4.11 82.60
CA MET QA 150 30.60 -4.37 82.00
C MET QA 150 30.29 -3.36 80.89
N LEU QA 151 30.81 -2.13 81.02
CA LEU QA 151 30.54 -1.09 80.05
C LEU QA 151 31.35 -1.26 78.76
N GLY QA 152 32.37 -2.11 78.78
CA GLY QA 152 33.12 -2.41 77.58
C GLY QA 152 32.59 -3.65 76.88
N THR QA 153 33.49 -4.45 76.33
CA THR QA 153 33.11 -5.73 75.71
C THR QA 153 33.16 -6.83 76.76
N HIS QA 154 32.12 -7.64 76.83
CA HIS QA 154 32.05 -8.70 77.82
C HIS QA 154 31.07 -9.76 77.35
N ILE QA 155 31.06 -10.88 78.07
CA ILE QA 155 30.08 -11.95 77.88
C ILE QA 155 29.75 -12.52 79.25
N VAL QA 156 28.52 -12.29 79.72
CA VAL QA 156 28.10 -12.80 81.03
C VAL QA 156 27.84 -14.29 80.86
N TRP QA 157 28.81 -15.10 81.26
CA TRP QA 157 28.83 -16.54 80.97
C TRP QA 157 28.17 -17.28 82.12
N ASP QA 158 26.91 -17.68 81.92
CA ASP QA 158 26.18 -18.47 82.92
C ASP QA 158 26.74 -19.89 82.97
N ILE QA 159 27.26 -20.27 84.13
CA ILE QA 159 27.89 -21.57 84.28
C ILE QA 159 26.85 -22.69 84.37
N GLY QA 160 25.71 -22.41 85.00
CA GLY QA 160 24.71 -23.44 85.21
C GLY QA 160 24.04 -23.92 83.94
N LEU QA 161 24.06 -23.11 82.89
CA LEU QA 161 23.46 -23.50 81.61
C LEU QA 161 24.48 -24.16 80.71
N GLN QA 162 25.52 -23.42 80.31
CA GLN QA 162 26.61 -23.94 79.51
C GLN QA 162 27.89 -23.95 80.35
N SER QA 163 28.76 -24.92 80.07
CA SER QA 163 29.99 -25.10 80.82
C SER QA 163 31.23 -24.80 79.99
N SER QA 164 31.08 -24.16 78.84
CA SER QA 164 32.21 -23.89 77.96
C SER QA 164 31.86 -22.69 77.09
N CYS QA 165 32.54 -21.57 77.31
CA CYS QA 165 32.29 -20.35 76.57
C CYS QA 165 33.50 -20.03 75.70
N VAL QA 166 33.25 -19.74 74.43
CA VAL QA 166 34.30 -19.60 73.42
C VAL QA 166 34.36 -18.14 72.98
N LEU QA 167 35.57 -17.60 72.94
CA LEU QA 167 35.83 -16.26 72.43
C LEU QA 167 36.51 -16.36 71.07
N CYS QA 168 36.80 -15.20 70.48
CA CYS QA 168 37.65 -15.13 69.30
C CYS QA 168 38.23 -13.71 69.28
N VAL QA 169 39.48 -13.58 69.69
CA VAL QA 169 40.10 -12.28 69.92
C VAL QA 169 40.83 -11.88 68.64
N PRO QA 170 40.43 -10.78 67.98
CA PRO QA 170 41.12 -10.35 66.76
C PRO QA 170 42.25 -9.38 67.04
N TRP QA 171 42.89 -8.90 65.97
CA TRP QA 171 43.95 -7.89 66.06
C TRP QA 171 45.11 -8.37 66.94
N ILE QA 172 45.62 -9.56 66.61
CA ILE QA 172 46.72 -10.17 67.36
C ILE QA 172 47.89 -10.33 66.41
N SER QA 173 48.91 -9.50 66.59
CA SER QA 173 50.05 -9.50 65.67
C SER QA 173 51.23 -8.82 66.33
N GLN QA 174 52.43 -9.22 65.91
CA GLN QA 174 53.65 -8.47 66.21
C GLN QA 174 54.55 -8.54 65.00
N SER QA 175 55.61 -7.72 65.04
CA SER QA 175 56.52 -7.59 63.91
C SER QA 175 57.88 -7.05 64.35
N SER QA 187 51.85 -3.96 74.25
CA SER QA 187 50.62 -3.19 74.15
C SER QA 187 49.54 -3.97 73.42
N ALA QA 188 49.01 -4.99 74.07
CA ALA QA 188 48.00 -5.86 73.47
C ALA QA 188 46.74 -5.87 74.35
N GLY QA 189 45.82 -6.76 74.02
CA GLY QA 189 44.54 -6.83 74.68
C GLY QA 189 44.64 -7.44 76.07
N TYR QA 190 43.45 -7.66 76.65
CA TYR QA 190 43.33 -8.22 77.99
C TYR QA 190 42.09 -9.09 78.06
N ILE QA 191 42.22 -10.26 78.68
CA ILE QA 191 41.09 -11.13 78.97
C ILE QA 191 41.01 -11.23 80.49
N THR QA 192 40.24 -10.33 81.10
CA THR QA 192 39.97 -10.40 82.51
C THR QA 192 38.68 -11.18 82.74
N CYS QA 193 38.46 -11.58 83.98
CA CYS QA 193 37.26 -12.33 84.34
C CYS QA 193 36.83 -11.95 85.73
N TRP QA 194 35.52 -11.80 85.92
CA TRP QA 194 34.95 -11.16 87.09
C TRP QA 194 33.85 -12.04 87.69
N TYR QA 195 33.66 -11.88 88.99
CA TYR QA 195 32.52 -12.49 89.66
C TYR QA 195 31.30 -11.61 89.41
N GLN QA 196 30.46 -12.03 88.46
CA GLN QA 196 29.12 -11.45 88.39
C GLN QA 196 28.29 -11.89 89.59
N THR QA 197 28.20 -13.20 89.80
CA THR QA 197 27.62 -13.78 90.99
C THR QA 197 28.59 -14.79 91.58
N ASN QA 198 28.39 -15.11 92.86
CA ASN QA 198 29.17 -16.17 93.46
C ASN QA 198 28.69 -17.53 92.96
N ILE QA 199 29.46 -18.57 93.30
CA ILE QA 199 29.11 -19.93 92.90
C ILE QA 199 28.09 -20.47 93.90
N VAL QA 200 26.87 -20.69 93.43
CA VAL QA 200 25.80 -21.20 94.29
C VAL QA 200 25.81 -22.72 94.22
N VAL QA 201 25.78 -23.35 95.38
CA VAL QA 201 26.08 -24.78 95.47
C VAL QA 201 25.16 -25.43 96.50
N PRO QA 202 24.61 -26.61 96.22
CA PRO QA 202 23.78 -27.30 97.20
C PRO QA 202 24.62 -27.84 98.35
N PRO QA 203 23.99 -28.37 99.40
CA PRO QA 203 24.78 -28.84 100.56
C PRO QA 203 25.71 -30.00 100.26
N GLY QA 204 25.46 -30.78 99.21
CA GLY QA 204 26.30 -31.94 98.94
C GLY QA 204 27.54 -31.66 98.12
N ALA QA 205 27.47 -30.71 97.20
CA ALA QA 205 28.56 -30.49 96.28
C ALA QA 205 29.63 -29.57 96.92
N PRO QA 206 30.89 -29.70 96.49
CA PRO QA 206 31.94 -28.86 97.05
C PRO QA 206 31.81 -27.41 96.61
N THR QA 207 32.47 -26.53 97.36
CA THR QA 207 32.29 -25.09 97.21
C THR QA 207 33.27 -24.47 96.22
N SER QA 208 34.50 -25.00 96.15
CA SER QA 208 35.55 -24.42 95.34
C SER QA 208 35.73 -25.22 94.05
N CYS QA 209 35.74 -24.53 92.92
CA CYS QA 209 35.79 -25.15 91.61
C CYS QA 209 36.99 -24.62 90.83
N ASP QA 210 37.20 -25.18 89.64
CA ASP QA 210 38.30 -24.78 88.77
C ASP QA 210 37.77 -24.49 87.38
N VAL QA 211 38.50 -23.64 86.66
CA VAL QA 211 38.19 -23.28 85.28
C VAL QA 211 39.46 -23.47 84.46
N LEU QA 212 39.39 -24.36 83.46
CA LEU QA 212 40.48 -24.52 82.52
C LEU QA 212 40.30 -23.58 81.34
N CYS QA 213 41.42 -23.21 80.73
CA CYS QA 213 41.42 -22.35 79.56
C CYS QA 213 42.11 -23.04 78.40
N PHE QA 214 41.81 -22.58 77.19
CA PHE QA 214 42.35 -23.16 75.97
C PHE QA 214 42.67 -22.03 75.01
N ALA QA 215 43.49 -22.33 74.00
CA ALA QA 215 43.86 -21.32 73.02
C ALA QA 215 44.29 -22.00 71.72
N SER QA 216 43.85 -21.44 70.60
CA SER QA 216 44.26 -21.89 69.28
C SER QA 216 44.09 -20.73 68.31
N ALA QA 217 44.23 -21.01 67.01
CA ALA QA 217 43.96 -20.04 65.97
C ALA QA 217 42.48 -20.10 65.60
N CYS QA 218 41.84 -18.93 65.52
CA CYS QA 218 40.38 -18.89 65.47
C CYS QA 218 39.85 -19.37 64.13
N ASN QA 219 40.20 -18.67 63.05
CA ASN QA 219 39.79 -19.06 61.71
C ASN QA 219 40.99 -19.42 60.84
N ASP QA 220 41.94 -18.51 60.68
CA ASP QA 220 43.14 -18.72 59.88
C ASP QA 220 44.20 -17.75 60.38
N PHE QA 221 45.45 -18.15 60.25
CA PHE QA 221 46.53 -17.43 60.90
C PHE QA 221 47.62 -17.16 59.88
N SER QA 222 48.16 -15.95 59.91
CA SER QA 222 49.17 -15.51 58.95
C SER QA 222 50.50 -15.33 59.66
N VAL QA 223 51.57 -15.76 59.01
CA VAL QA 223 52.88 -15.85 59.65
C VAL QA 223 53.96 -15.88 58.57
N ARG QA 224 54.99 -15.04 58.71
CA ARG QA 224 55.88 -14.78 57.58
C ARG QA 224 57.33 -15.20 57.80
N LEU QA 225 58.05 -14.61 58.76
CA LEU QA 225 59.51 -14.59 58.70
C LEU QA 225 60.11 -15.55 59.71
N LEU QA 226 60.67 -16.65 59.22
CA LEU QA 226 61.19 -17.70 60.09
C LEU QA 226 62.47 -17.25 60.78
N ARG QA 227 62.62 -17.65 62.05
CA ARG QA 227 63.81 -17.35 62.83
C ARG QA 227 64.09 -18.52 63.77
N ASP QA 228 65.18 -18.41 64.53
CA ASP QA 228 65.49 -19.38 65.56
C ASP QA 228 64.74 -19.07 66.85
N THR QA 229 64.32 -20.12 67.54
CA THR QA 229 63.54 -19.93 68.76
C THR QA 229 64.42 -19.43 69.90
N PRO QA 230 63.87 -18.62 70.81
CA PRO QA 230 64.68 -18.11 71.93
C PRO QA 230 64.85 -19.10 73.07
N PHE QA 231 63.94 -20.06 73.22
CA PHE QA 231 63.93 -20.94 74.38
C PHE QA 231 65.19 -21.80 74.45
N MET QA 232 65.53 -22.48 73.37
CA MET QA 232 66.73 -23.30 73.37
C MET QA 232 67.97 -22.43 73.55
N ALA QA 233 68.95 -22.96 74.28
CA ALA QA 233 70.17 -22.22 74.57
C ALA QA 233 71.36 -22.82 73.84
N GLN RA 43 98.16 -63.26 -97.37
CA GLN RA 43 96.84 -63.08 -96.79
C GLN RA 43 96.41 -64.31 -96.01
N THR RA 44 95.37 -64.17 -95.18
CA THR RA 44 94.86 -65.26 -94.38
C THR RA 44 93.34 -65.22 -94.40
N ARG RA 45 92.73 -66.38 -94.17
CA ARG RA 45 91.28 -66.52 -94.20
C ARG RA 45 90.72 -66.02 -92.88
N HIS RA 46 90.03 -64.89 -92.92
CA HIS RA 46 89.46 -64.28 -91.72
C HIS RA 46 87.96 -64.55 -91.66
N VAL RA 47 87.38 -64.28 -90.49
CA VAL RA 47 85.94 -64.38 -90.31
C VAL RA 47 85.33 -63.13 -90.92
N VAL RA 48 84.88 -63.24 -92.17
CA VAL RA 48 84.26 -62.12 -92.89
C VAL RA 48 82.79 -62.16 -92.50
N ASN RA 49 82.48 -61.54 -91.35
CA ASN RA 49 81.14 -61.61 -90.77
C ASN RA 49 80.45 -60.27 -91.00
N PHE RA 50 79.46 -60.28 -91.88
CA PHE RA 50 78.55 -59.15 -92.11
C PHE RA 50 77.48 -59.66 -93.06
N HIS RA 51 76.41 -58.89 -93.19
CA HIS RA 51 75.28 -59.27 -94.03
C HIS RA 51 74.81 -58.04 -94.80
N SER RA 52 75.22 -57.94 -96.06
CA SER RA 52 74.92 -56.77 -96.87
C SER RA 52 74.92 -57.14 -98.33
N ARG RA 53 73.92 -56.61 -99.07
CA ARG RA 53 73.88 -56.71 -100.51
C ARG RA 53 73.52 -55.37 -101.13
N SER RA 54 73.88 -54.27 -100.47
CA SER RA 54 73.63 -52.94 -101.03
C SER RA 54 74.61 -52.62 -102.15
N GLU RA 55 75.78 -53.26 -102.14
CA GLU RA 55 76.78 -53.04 -103.18
C GLU RA 55 76.55 -53.95 -104.38
N SER RA 56 75.55 -54.83 -104.31
CA SER RA 56 75.26 -55.75 -105.40
C SER RA 56 74.04 -55.34 -106.19
N THR RA 57 73.41 -54.22 -105.83
CA THR RA 57 72.29 -53.74 -106.62
C THR RA 57 72.79 -53.22 -107.96
N ILE RA 58 71.86 -52.99 -108.89
CA ILE RA 58 72.24 -52.64 -110.25
C ILE RA 58 72.83 -51.23 -110.31
N GLU RA 59 72.25 -50.30 -109.54
CA GLU RA 59 72.74 -48.93 -109.56
C GLU RA 59 74.10 -48.80 -108.88
N ASN RA 60 74.41 -49.70 -107.95
CA ASN RA 60 75.70 -49.71 -107.27
C ASN RA 60 76.70 -50.60 -107.98
N PHE RA 61 76.32 -51.21 -109.10
CA PHE RA 61 77.17 -52.08 -109.90
C PHE RA 61 77.54 -51.47 -111.23
N MET RA 62 76.59 -50.81 -111.89
CA MET RA 62 76.78 -50.17 -113.19
C MET RA 62 77.11 -48.69 -113.08
N GLY RA 63 76.51 -48.00 -112.12
CA GLY RA 63 76.68 -46.57 -112.00
C GLY RA 63 78.04 -46.17 -111.46
N ARG RA 64 79.08 -46.38 -112.26
CA ARG RA 64 80.43 -45.98 -111.90
C ARG RA 64 81.11 -45.35 -113.09
N ALA RA 65 81.73 -44.19 -112.86
CA ALA RA 65 82.32 -43.41 -113.94
C ALA RA 65 83.62 -44.05 -114.40
N ALA RA 66 83.76 -44.25 -115.70
CA ALA RA 66 84.93 -44.87 -116.29
C ALA RA 66 85.30 -44.10 -117.54
N CYS RA 67 86.60 -43.95 -117.77
CA CYS RA 67 87.09 -43.20 -118.91
C CYS RA 67 86.92 -44.05 -120.17
N VAL RA 68 86.21 -43.50 -121.15
CA VAL RA 68 85.82 -44.27 -122.33
C VAL RA 68 86.31 -43.66 -123.64
N PHE RA 69 86.96 -42.49 -123.61
CA PHE RA 69 87.35 -41.86 -124.87
C PHE RA 69 88.48 -40.85 -124.61
N MET RA 70 89.69 -41.23 -125.02
CA MET RA 70 90.80 -40.29 -125.15
C MET RA 70 90.95 -39.90 -126.62
N ASP RA 71 91.18 -38.60 -126.85
CA ASP RA 71 91.41 -38.15 -128.22
C ASP RA 71 92.16 -36.82 -128.20
N GLN RA 72 92.94 -36.61 -129.26
CA GLN RA 72 93.68 -35.38 -129.48
C GLN RA 72 92.94 -34.51 -130.50
N TYR RA 73 93.07 -33.20 -130.35
CA TYR RA 73 92.58 -32.28 -131.38
C TYR RA 73 93.33 -30.97 -131.29
N LYS RA 74 93.81 -30.50 -132.43
CA LYS RA 74 94.69 -29.34 -132.51
C LYS RA 74 93.87 -28.05 -132.42
N ILE RA 75 94.50 -26.92 -132.72
CA ILE RA 75 93.78 -25.65 -132.70
C ILE RA 75 93.93 -24.90 -134.03
N ASN RA 76 95.05 -25.09 -134.71
CA ASN RA 76 95.35 -24.29 -135.90
C ASN RA 76 96.02 -25.14 -136.96
N GLY RA 77 96.09 -24.58 -138.16
CA GLY RA 77 96.61 -25.28 -139.32
C GLY RA 77 95.57 -26.17 -139.96
N GLU RA 78 95.81 -26.47 -141.24
CA GLU RA 78 95.02 -27.43 -142.02
C GLU RA 78 93.52 -27.13 -141.89
N GLU RA 79 93.13 -26.02 -142.54
CA GLU RA 79 91.77 -25.50 -142.36
C GLU RA 79 90.72 -26.53 -142.73
N THR RA 80 91.01 -27.42 -143.68
CA THR RA 80 90.15 -28.55 -143.99
C THR RA 80 90.85 -29.83 -143.52
N SER RA 81 90.67 -30.14 -142.23
CA SER RA 81 91.25 -31.34 -141.65
C SER RA 81 90.28 -31.96 -140.66
N THR RA 82 90.48 -33.25 -140.41
CA THR RA 82 89.68 -34.01 -139.45
C THR RA 82 90.38 -34.17 -138.11
N ASP RA 83 91.55 -33.54 -137.93
CA ASP RA 83 92.31 -33.66 -136.69
C ASP RA 83 92.18 -32.42 -135.81
N ARG RA 84 91.14 -31.62 -136.02
CA ARG RA 84 90.88 -30.44 -135.18
C ARG RA 84 89.62 -30.58 -134.35
N PHE RA 85 89.03 -31.77 -134.31
CA PHE RA 85 87.86 -32.03 -133.48
C PHE RA 85 87.78 -33.51 -133.19
N ALA RA 86 86.93 -33.86 -132.23
CA ALA RA 86 86.72 -35.23 -131.80
C ALA RA 86 85.30 -35.67 -132.11
N VAL RA 87 85.07 -36.98 -132.08
CA VAL RA 87 83.79 -37.53 -132.54
C VAL RA 87 83.12 -38.39 -131.46
N TRP RA 88 83.65 -39.60 -131.24
CA TRP RA 88 83.11 -40.56 -130.28
C TRP RA 88 81.59 -40.73 -130.34
N THR RA 89 81.11 -41.50 -131.31
CA THR RA 89 79.72 -41.97 -131.29
C THR RA 89 79.46 -42.74 -130.01
N ILE RA 90 78.48 -42.28 -129.22
CA ILE RA 90 78.28 -42.79 -127.86
C ILE RA 90 77.69 -44.19 -127.93
N ASN RA 91 78.42 -45.17 -127.41
CA ASN RA 91 77.90 -46.53 -127.27
C ASN RA 91 78.53 -47.19 -126.06
N ILE RA 92 77.86 -48.23 -125.56
CA ILE RA 92 78.38 -48.98 -124.41
C ILE RA 92 79.52 -49.90 -124.80
N ARG RA 93 79.70 -50.19 -126.08
CA ARG RA 93 80.71 -51.14 -126.54
C ARG RA 93 82.04 -50.44 -126.80
N GLU RA 94 82.48 -49.64 -125.84
CA GLU RA 94 83.69 -48.84 -125.98
C GLU RA 94 84.92 -49.60 -125.51
N MET RA 95 85.00 -49.91 -124.22
CA MET RA 95 86.08 -50.72 -123.68
C MET RA 95 85.50 -51.98 -123.06
N ALA RA 96 86.30 -53.05 -123.10
CA ALA RA 96 85.77 -54.38 -122.77
C ALA RA 96 85.43 -54.54 -121.30
N GLN RA 97 86.02 -53.73 -120.42
CA GLN RA 97 85.72 -53.86 -119.00
C GLN RA 97 84.29 -53.40 -118.70
N LEU RA 98 83.89 -52.25 -119.23
CA LEU RA 98 82.51 -51.82 -119.08
C LEU RA 98 81.57 -52.63 -119.97
N ARG RA 99 81.99 -52.91 -121.21
CA ARG RA 99 81.14 -53.67 -122.13
C ARG RA 99 80.72 -55.00 -121.50
N ARG RA 100 81.61 -55.62 -120.73
CA ARG RA 100 81.28 -56.90 -120.11
C ARG RA 100 80.14 -56.75 -119.10
N LYS RA 101 80.11 -55.64 -118.37
CA LYS RA 101 79.06 -55.45 -117.37
C LYS RA 101 77.71 -55.17 -117.99
N CYS RA 102 77.67 -54.46 -119.12
CA CYS RA 102 76.41 -54.20 -119.79
C CYS RA 102 75.84 -55.46 -120.44
N GLU RA 103 76.67 -56.48 -120.66
CA GLU RA 103 76.21 -57.73 -121.24
C GLU RA 103 75.81 -58.76 -120.20
N MET RA 104 75.78 -58.37 -118.92
CA MET RA 104 75.10 -59.20 -117.92
C MET RA 104 73.60 -59.22 -118.16
N PHE RA 105 73.07 -58.19 -118.81
CA PHE RA 105 71.65 -57.94 -118.92
C PHE RA 105 71.30 -57.69 -120.38
N THR RA 106 70.15 -58.20 -120.81
CA THR RA 106 69.72 -58.01 -122.19
C THR RA 106 69.22 -56.59 -122.42
N TYR RA 107 68.29 -56.13 -121.58
CA TYR RA 107 67.69 -54.82 -121.72
C TYR RA 107 68.01 -53.97 -120.51
N MET RA 108 68.30 -52.69 -120.75
CA MET RA 108 68.56 -51.75 -119.67
C MET RA 108 68.28 -50.34 -120.17
N ARG RA 109 67.81 -49.49 -119.25
CA ARG RA 109 67.57 -48.09 -119.54
C ARG RA 109 68.16 -47.25 -118.44
N PHE RA 110 68.72 -46.10 -118.81
CA PHE RA 110 69.54 -45.33 -117.88
C PHE RA 110 69.83 -43.96 -118.47
N ASP RA 111 69.84 -42.95 -117.61
CA ASP RA 111 70.40 -41.66 -117.99
C ASP RA 111 71.91 -41.73 -117.93
N ILE RA 112 72.56 -40.97 -118.79
CA ILE RA 112 74.02 -40.89 -118.82
C ILE RA 112 74.43 -39.49 -118.41
N GLU RA 113 75.52 -39.39 -117.64
CA GLU RA 113 75.99 -38.11 -117.10
C GLU RA 113 77.51 -38.13 -117.23
N MET RA 114 78.01 -37.63 -118.34
CA MET RA 114 79.43 -37.65 -118.63
C MET RA 114 80.07 -36.33 -118.23
N THR RA 115 81.30 -36.41 -117.73
CA THR RA 115 82.08 -35.23 -117.35
C THR RA 115 83.43 -35.33 -118.05
N MET RA 116 83.70 -34.36 -118.92
CA MET RA 116 84.96 -34.37 -119.65
C MET RA 116 86.09 -33.80 -118.80
N VAL RA 117 87.30 -34.25 -119.09
CA VAL RA 117 88.51 -33.78 -118.42
C VAL RA 117 89.46 -33.39 -119.54
N ILE RA 118 89.62 -32.08 -119.76
CA ILE RA 118 90.29 -31.54 -120.93
C ILE RA 118 91.61 -30.93 -120.49
N THR RA 119 92.69 -31.30 -121.18
CA THR RA 119 94.02 -30.78 -120.91
C THR RA 119 94.50 -30.02 -122.14
N SER RA 120 95.75 -29.56 -122.08
CA SER RA 120 96.34 -28.85 -123.21
C SER RA 120 97.85 -28.92 -123.09
N CYS RA 121 98.51 -28.75 -124.23
CA CYS RA 121 99.96 -28.77 -124.31
C CYS RA 121 100.36 -27.66 -125.27
N GLN RA 122 101.60 -27.68 -125.75
CA GLN RA 122 102.05 -26.69 -126.73
C GLN RA 122 103.35 -27.13 -127.39
N MET RA 132 100.36 -17.63 -124.66
CA MET RA 132 99.06 -18.02 -125.18
C MET RA 132 97.94 -17.34 -124.38
N PRO RA 133 96.70 -17.40 -124.90
CA PRO RA 133 95.57 -16.85 -124.13
C PRO RA 133 94.97 -17.90 -123.21
N VAL RA 134 93.85 -17.58 -122.57
CA VAL RA 134 93.05 -18.57 -121.86
C VAL RA 134 92.12 -19.25 -122.86
N LEU RA 135 92.11 -20.57 -122.85
CA LEU RA 135 91.42 -21.36 -123.86
C LEU RA 135 89.98 -21.67 -123.44
N THR RA 136 89.09 -21.67 -124.42
CA THR RA 136 87.69 -22.03 -124.22
C THR RA 136 87.35 -23.14 -125.20
N HIS RA 137 86.67 -24.18 -124.71
CA HIS RA 137 86.36 -25.36 -125.50
C HIS RA 137 84.85 -25.41 -125.77
N GLN RA 138 84.45 -26.38 -126.59
CA GLN RA 138 83.04 -26.61 -126.89
C GLN RA 138 82.81 -28.10 -127.05
N ILE RA 139 81.92 -28.65 -126.24
CA ILE RA 139 81.57 -30.07 -126.29
C ILE RA 139 80.13 -30.17 -126.76
N MET RA 140 79.94 -30.41 -128.06
CA MET RA 140 78.61 -30.42 -128.66
C MET RA 140 78.09 -31.85 -128.73
N TYR RA 141 77.02 -32.12 -127.99
CA TYR RA 141 76.31 -33.37 -128.10
C TYR RA 141 75.21 -33.25 -129.15
N VAL RA 142 75.30 -34.05 -130.21
CA VAL RA 142 74.23 -34.11 -131.19
C VAL RA 142 73.34 -35.31 -130.85
N PRO RA 143 72.02 -35.16 -130.93
CA PRO RA 143 71.12 -36.30 -130.68
C PRO RA 143 71.23 -37.32 -131.79
N PRO RA 144 70.51 -38.45 -131.68
CA PRO RA 144 70.52 -39.42 -132.80
C PRO RA 144 70.03 -38.82 -134.10
N GLY RA 145 68.99 -38.01 -134.06
CA GLY RA 145 68.60 -37.22 -135.21
C GLY RA 145 69.23 -35.84 -135.14
N GLY RA 146 70.40 -35.69 -135.74
CA GLY RA 146 71.14 -34.45 -135.67
C GLY RA 146 72.22 -34.35 -136.72
N PRO RA 147 72.43 -33.15 -137.24
CA PRO RA 147 73.48 -32.93 -138.23
C PRO RA 147 74.85 -32.92 -137.58
N ILE RA 148 75.83 -33.43 -138.33
CA ILE RA 148 77.19 -33.54 -137.81
C ILE RA 148 78.08 -32.56 -138.57
N PRO RA 149 79.11 -32.02 -137.93
CA PRO RA 149 80.07 -31.20 -138.69
C PRO RA 149 80.99 -32.07 -139.53
N ALA RA 150 81.43 -31.50 -140.65
CA ALA RA 150 82.47 -32.12 -141.47
C ALA RA 150 83.82 -31.47 -141.26
N LYS RA 151 83.85 -30.22 -140.80
CA LYS RA 151 85.08 -29.49 -140.55
C LYS RA 151 84.91 -28.72 -139.25
N VAL RA 152 86.03 -28.21 -138.73
CA VAL RA 152 86.00 -27.45 -137.49
C VAL RA 152 85.21 -26.16 -137.64
N ASP RA 153 85.04 -25.68 -138.87
CA ASP RA 153 84.32 -24.43 -139.15
C ASP RA 153 83.02 -24.67 -139.91
N GLY RA 154 82.37 -25.81 -139.68
CA GLY RA 154 81.10 -26.07 -140.30
C GLY RA 154 79.99 -25.27 -139.64
N TYR RA 155 78.85 -25.22 -140.32
CA TYR RA 155 77.70 -24.50 -139.78
C TYR RA 155 76.92 -25.32 -138.77
N GLU RA 156 77.15 -26.63 -138.70
CA GLU RA 156 76.43 -27.48 -137.76
C GLU RA 156 76.70 -27.07 -136.32
N TRP RA 157 77.92 -26.57 -136.05
CA TRP RA 157 78.30 -26.17 -134.71
C TRP RA 157 77.37 -25.11 -134.13
N GLN RA 158 76.66 -24.37 -135.00
CA GLN RA 158 75.77 -23.30 -134.58
C GLN RA 158 74.31 -23.75 -134.51
N THR RA 159 74.05 -25.06 -134.54
CA THR RA 159 72.69 -25.56 -134.52
C THR RA 159 72.09 -25.43 -133.13
N SER RA 160 70.90 -24.83 -133.05
CA SER RA 160 70.27 -24.57 -131.77
C SER RA 160 69.74 -25.83 -131.10
N THR RA 161 69.50 -26.90 -131.88
CA THR RA 161 68.99 -28.14 -131.32
C THR RA 161 70.09 -29.07 -130.85
N ASN RA 162 71.35 -28.74 -131.10
CA ASN RA 162 72.48 -29.48 -130.56
C ASN RA 162 72.99 -28.80 -129.31
N PRO RA 163 72.71 -29.30 -128.11
CA PRO RA 163 73.19 -28.64 -126.90
C PRO RA 163 74.69 -28.82 -126.75
N SER RA 164 75.36 -27.74 -126.32
CA SER RA 164 76.81 -27.75 -126.21
C SER RA 164 77.22 -26.90 -125.01
N VAL RA 165 78.28 -27.32 -124.33
CA VAL RA 165 78.84 -26.59 -123.20
C VAL RA 165 80.09 -25.87 -123.67
N PHE RA 166 80.28 -24.64 -123.18
CA PHE RA 166 81.44 -23.83 -123.50
C PHE RA 166 82.27 -23.70 -122.22
N TRP RA 167 83.20 -24.62 -122.05
CA TRP RA 167 84.05 -24.66 -120.87
C TRP RA 167 85.35 -23.94 -121.18
N THR RA 168 85.68 -22.94 -120.36
CA THR RA 168 86.96 -22.25 -120.44
C THR RA 168 87.93 -22.89 -119.45
N GLU RA 169 89.22 -22.81 -119.78
CA GLU RA 169 90.21 -23.58 -119.03
C GLU RA 169 90.41 -23.00 -117.64
N GLY RA 170 90.68 -23.88 -116.67
CA GLY RA 170 90.96 -23.51 -115.31
C GLY RA 170 89.84 -23.79 -114.34
N ASN RA 171 88.60 -23.93 -114.81
CA ASN RA 171 87.46 -24.13 -113.92
C ASN RA 171 87.28 -25.62 -113.61
N ALA RA 172 86.17 -25.95 -112.96
CA ALA RA 172 85.80 -27.33 -112.75
C ALA RA 172 85.46 -27.98 -114.09
N PRO RA 173 85.57 -29.31 -114.19
CA PRO RA 173 85.34 -29.97 -115.48
C PRO RA 173 83.90 -29.80 -115.92
N PRO RA 174 83.65 -29.75 -117.23
CA PRO RA 174 82.28 -29.59 -117.71
C PRO RA 174 81.49 -30.88 -117.58
N ARG RA 175 80.25 -30.76 -117.10
CA ARG RA 175 79.37 -31.91 -116.95
C ARG RA 175 78.09 -31.68 -117.75
N ILE RA 176 77.77 -32.65 -118.60
CA ILE RA 176 76.59 -32.60 -119.46
C ILE RA 176 75.85 -33.91 -119.27
N SER RA 177 74.54 -33.83 -119.02
CA SER RA 177 73.74 -35.01 -118.73
C SER RA 177 72.70 -35.22 -119.83
N ILE RA 178 72.52 -36.48 -120.21
CA ILE RA 178 71.67 -36.83 -121.34
C ILE RA 178 70.63 -37.83 -120.87
N PRO RA 179 69.35 -37.59 -121.11
CA PRO RA 179 68.31 -38.51 -120.61
C PRO RA 179 68.23 -39.78 -121.44
N PHE RA 180 67.22 -40.60 -121.17
CA PHE RA 180 66.95 -41.81 -121.94
C PHE RA 180 66.41 -41.41 -123.31
N ILE RA 181 67.28 -41.47 -124.32
CA ILE RA 181 66.92 -40.96 -125.65
C ILE RA 181 66.09 -41.97 -126.45
N SER RA 182 66.32 -43.26 -126.23
CA SER RA 182 65.97 -44.28 -127.21
C SER RA 182 64.47 -44.27 -127.56
N VAL RA 183 64.17 -44.76 -128.76
CA VAL RA 183 62.79 -44.77 -129.24
C VAL RA 183 61.98 -45.83 -128.52
N GLY RA 184 62.59 -46.99 -128.28
CA GLY RA 184 61.94 -48.07 -127.59
C GLY RA 184 61.83 -47.77 -126.12
N ASN RA 185 61.63 -48.83 -125.35
CA ASN RA 185 61.46 -48.70 -123.91
C ASN RA 185 62.72 -49.08 -123.13
N ALA RA 186 63.75 -49.57 -123.80
CA ALA RA 186 65.03 -49.85 -123.16
C ALA RA 186 66.12 -49.91 -124.23
N TYR RA 187 67.36 -49.71 -123.79
CA TYR RA 187 68.50 -50.01 -124.64
C TYR RA 187 68.73 -51.51 -124.65
N SER RA 188 68.97 -52.06 -125.84
CA SER RA 188 69.22 -53.47 -126.01
C SER RA 188 70.72 -53.71 -126.14
N SER RA 189 71.27 -54.51 -125.24
CA SER RA 189 72.68 -54.87 -125.35
C SER RA 189 72.90 -55.82 -126.52
N PHE RA 190 71.96 -56.72 -126.76
CA PHE RA 190 72.02 -57.69 -127.84
C PHE RA 190 70.77 -57.56 -128.71
N TYR RA 191 70.93 -57.73 -130.02
CA TYR RA 191 69.82 -57.65 -130.95
C TYR RA 191 69.99 -58.75 -131.98
N ASP RA 192 69.32 -59.88 -131.75
CA ASP RA 192 69.35 -61.01 -132.69
C ASP RA 192 68.36 -60.70 -133.81
N GLY RA 193 68.81 -59.87 -134.76
CA GLY RA 193 67.94 -59.42 -135.82
C GLY RA 193 68.72 -58.62 -136.85
N TRP RA 194 68.01 -58.25 -137.91
CA TRP RA 194 68.60 -57.58 -139.06
C TRP RA 194 68.01 -56.19 -139.19
N SER RA 195 68.87 -55.21 -139.44
CA SER RA 195 68.42 -53.82 -139.58
C SER RA 195 67.50 -53.67 -140.79
N HIS RA 196 67.86 -54.25 -141.92
CA HIS RA 196 67.09 -54.13 -143.15
C HIS RA 196 66.23 -55.38 -143.33
N PHE RA 197 64.95 -55.16 -143.61
CA PHE RA 197 64.00 -56.26 -143.70
C PHE RA 197 64.37 -57.21 -144.83
N THR RA 198 63.99 -58.48 -144.65
CA THR RA 198 64.23 -59.59 -145.57
C THR RA 198 65.68 -60.04 -145.50
N GLN RA 199 66.25 -60.05 -144.30
CA GLN RA 199 67.56 -60.65 -144.01
C GLN RA 199 68.65 -60.07 -144.92
N ASP RA 200 68.78 -58.75 -144.87
CA ASP RA 200 69.80 -58.07 -145.65
C ASP RA 200 71.09 -58.00 -144.82
N GLY RA 201 71.96 -57.03 -145.10
CA GLY RA 201 73.19 -56.89 -144.36
C GLY RA 201 72.98 -56.29 -142.99
N THR RA 202 74.10 -56.06 -142.30
CA THR RA 202 74.15 -55.43 -140.98
C THR RA 202 73.34 -56.22 -139.96
N TYR RA 203 73.90 -57.37 -139.60
CA TYR RA 203 73.36 -58.18 -138.53
C TYR RA 203 73.62 -57.53 -137.17
N GLY RA 204 72.66 -57.67 -136.27
CA GLY RA 204 72.90 -57.36 -134.88
C GLY RA 204 72.86 -55.90 -134.49
N TYR RA 205 72.66 -54.99 -135.44
CA TYR RA 205 72.66 -53.56 -135.16
C TYR RA 205 71.24 -53.02 -135.30
N THR RA 206 70.62 -52.73 -134.17
CA THR RA 206 69.35 -52.02 -134.15
C THR RA 206 69.59 -50.52 -134.00
N THR RA 207 68.63 -49.73 -134.45
CA THR RA 207 68.71 -48.28 -134.31
C THR RA 207 68.05 -47.77 -133.05
N LEU RA 208 67.48 -48.66 -132.23
CA LEU RA 208 66.89 -48.23 -130.98
C LEU RA 208 67.95 -47.83 -129.96
N ASN RA 209 69.05 -48.59 -129.90
CA ASN RA 209 70.13 -48.30 -128.97
C ASN RA 209 71.16 -47.36 -129.59
N ALA RA 210 70.67 -46.26 -130.14
CA ALA RA 210 71.51 -45.17 -130.59
C ALA RA 210 71.43 -44.04 -129.57
N MET RA 211 72.58 -43.53 -129.15
CA MET RA 211 72.63 -42.58 -128.05
C MET RA 211 73.06 -41.18 -128.45
N GLY RA 212 73.67 -41.02 -129.61
CA GLY RA 212 74.11 -39.73 -130.08
C GLY RA 212 75.60 -39.71 -130.33
N LYS RA 213 76.13 -38.51 -130.54
CA LYS RA 213 77.55 -38.30 -130.75
C LYS RA 213 77.99 -37.10 -129.93
N LEU RA 214 79.31 -36.86 -129.91
CA LEU RA 214 79.88 -35.87 -128.99
C LEU RA 214 81.05 -35.15 -129.68
N TYR RA 215 80.73 -34.07 -130.39
CA TYR RA 215 81.72 -33.31 -131.14
C TYR RA 215 82.35 -32.24 -130.26
N ILE RA 216 83.68 -32.22 -130.22
CA ILE RA 216 84.45 -31.40 -129.28
C ILE RA 216 85.48 -30.61 -130.05
N ARG RA 217 85.55 -29.31 -129.82
CA ARG RA 217 86.51 -28.46 -130.51
C ARG RA 217 86.93 -27.32 -129.61
N HIS RA 218 88.00 -26.64 -130.01
CA HIS RA 218 88.32 -25.33 -129.47
C HIS RA 218 87.41 -24.31 -130.13
N VAL RA 219 86.96 -23.31 -129.35
CA VAL RA 219 86.23 -22.20 -129.95
C VAL RA 219 87.17 -21.09 -130.37
N ASN RA 220 88.43 -21.12 -129.94
CA ASN RA 220 89.39 -20.12 -130.36
C ASN RA 220 89.71 -20.32 -131.84
N ARG RA 221 89.68 -19.23 -132.61
CA ARG RA 221 89.79 -19.35 -134.06
C ARG RA 221 91.20 -19.73 -134.48
N SER RA 222 92.21 -19.20 -133.79
CA SER RA 222 93.59 -19.46 -134.14
C SER RA 222 94.47 -19.29 -132.91
N SER RA 223 95.77 -19.46 -133.10
CA SER RA 223 96.76 -19.32 -132.04
C SER RA 223 98.10 -19.03 -132.68
N PRO RA 224 99.02 -18.35 -131.99
CA PRO RA 224 100.35 -18.11 -132.55
C PRO RA 224 101.14 -19.40 -132.73
N HIS RA 225 101.15 -20.26 -131.71
CA HIS RA 225 101.80 -21.56 -131.78
C HIS RA 225 100.76 -22.68 -131.78
N GLN RA 226 101.24 -23.92 -131.77
CA GLN RA 226 100.37 -25.08 -131.81
C GLN RA 226 99.98 -25.51 -130.41
N ILE RA 227 98.68 -25.73 -130.20
CA ILE RA 227 98.15 -26.22 -128.93
C ILE RA 227 97.42 -27.51 -129.22
N THR RA 228 97.79 -28.58 -128.51
CA THR RA 228 97.23 -29.91 -128.74
C THR RA 228 96.49 -30.32 -127.48
N SER RA 229 95.16 -30.27 -127.52
CA SER RA 229 94.35 -30.56 -126.35
C SER RA 229 93.97 -32.02 -126.32
N THR RA 230 93.83 -32.56 -125.12
CA THR RA 230 93.47 -33.95 -124.89
C THR RA 230 92.23 -34.00 -124.03
N ILE RA 231 91.25 -34.79 -124.43
CA ILE RA 231 89.98 -34.89 -123.72
C ILE RA 231 89.78 -36.33 -123.27
N ARG RA 232 89.24 -36.48 -122.06
CA ARG RA 232 88.95 -37.78 -121.46
C ARG RA 232 87.50 -37.76 -121.03
N VAL RA 233 86.64 -38.49 -121.75
CA VAL RA 233 85.21 -38.49 -121.47
C VAL RA 233 84.92 -39.55 -120.42
N TYR RA 234 84.29 -39.14 -119.32
CA TYR RA 234 83.96 -40.05 -118.21
C TYR RA 234 82.47 -40.39 -118.26
N PHE RA 235 82.18 -41.55 -118.83
CA PHE RA 235 80.82 -42.03 -118.98
C PHE RA 235 80.31 -42.60 -117.67
N LYS RA 236 79.04 -42.32 -117.35
CA LYS RA 236 78.44 -42.87 -116.15
C LYS RA 236 76.95 -43.15 -116.34
N PRO RA 237 76.52 -44.40 -116.23
CA PRO RA 237 75.08 -44.67 -116.21
C PRO RA 237 74.45 -44.13 -114.94
N LYS RA 238 73.21 -43.69 -115.05
CA LYS RA 238 72.50 -43.12 -113.91
C LYS RA 238 71.04 -43.50 -113.96
N HIS RA 239 70.46 -43.70 -112.78
CA HIS RA 239 69.06 -44.13 -112.62
C HIS RA 239 68.79 -45.35 -113.50
N ILE RA 240 69.61 -46.38 -113.32
CA ILE RA 240 69.69 -47.48 -114.26
C ILE RA 240 68.77 -48.61 -113.81
N LYS RA 241 67.99 -49.12 -114.76
CA LYS RA 241 67.20 -50.34 -114.58
C LYS RA 241 67.69 -51.35 -115.60
N ALA RA 242 67.51 -52.63 -115.28
CA ALA RA 242 68.03 -53.69 -116.13
C ALA RA 242 67.11 -54.89 -116.08
N TRP RA 243 66.85 -55.49 -117.25
CA TRP RA 243 65.96 -56.62 -117.38
C TRP RA 243 66.70 -57.79 -118.01
N VAL RA 244 66.15 -58.98 -117.82
CA VAL RA 244 66.58 -60.21 -118.49
C VAL RA 244 68.06 -60.44 -118.24
N PRO RA 245 68.44 -61.07 -117.12
CA PRO RA 245 69.85 -61.38 -116.89
C PRO RA 245 70.35 -62.37 -117.93
N ARG RA 246 71.68 -62.50 -117.98
CA ARG RA 246 72.35 -63.13 -119.10
C ARG RA 246 73.68 -63.65 -118.60
N PRO RA 247 74.16 -64.79 -119.09
CA PRO RA 247 75.41 -65.33 -118.56
C PRO RA 247 76.58 -64.45 -118.94
N PRO RA 248 77.64 -64.44 -118.15
CA PRO RA 248 78.78 -63.57 -118.45
C PRO RA 248 79.55 -64.00 -119.69
N ARG RA 249 80.22 -63.03 -120.28
CA ARG RA 249 81.10 -63.30 -121.41
C ARG RA 249 82.23 -64.22 -121.01
N LEU RA 250 82.51 -65.22 -121.84
CA LEU RA 250 83.62 -66.14 -121.61
C LEU RA 250 84.81 -65.85 -122.51
N CYS RA 251 84.57 -65.70 -123.82
CA CYS RA 251 85.62 -65.49 -124.79
C CYS RA 251 86.06 -64.03 -124.83
N PRO RA 252 87.27 -63.75 -125.28
CA PRO RA 252 87.71 -62.36 -125.45
C PRO RA 252 86.99 -61.68 -126.61
N TYR RA 253 86.94 -60.36 -126.55
CA TYR RA 253 86.27 -59.57 -127.58
C TYR RA 253 87.15 -59.41 -128.81
N ILE RA 254 86.51 -59.42 -129.98
CA ILE RA 254 87.23 -59.28 -131.25
C ILE RA 254 87.07 -57.85 -131.77
N ASN RA 255 85.83 -57.45 -132.02
CA ASN RA 255 85.52 -56.17 -132.63
C ASN RA 255 84.40 -55.47 -131.85
N LYS RA 256 84.35 -54.14 -132.00
CA LYS RA 256 83.51 -53.29 -131.17
C LYS RA 256 82.09 -53.12 -131.71
N ARG RA 257 81.74 -53.82 -132.79
CA ARG RA 257 80.40 -53.72 -133.36
C ARG RA 257 79.76 -55.09 -133.57
N ASP RA 258 80.36 -56.16 -133.06
CA ASP RA 258 79.84 -57.49 -133.29
C ASP RA 258 80.13 -58.35 -132.05
N VAL RA 259 79.60 -59.56 -132.08
CA VAL RA 259 79.74 -60.52 -130.98
C VAL RA 259 80.65 -61.67 -131.36
N ASN RA 260 81.41 -61.52 -132.46
CA ASN RA 260 82.24 -62.59 -132.96
C ASN RA 260 83.34 -62.93 -131.97
N PHE RA 261 83.74 -64.20 -131.96
CA PHE RA 261 84.64 -64.68 -130.91
C PHE RA 261 85.41 -65.89 -131.42
N VAL RA 262 86.47 -66.21 -130.69
CA VAL RA 262 87.24 -67.44 -130.91
C VAL RA 262 86.83 -68.42 -129.82
N VAL RA 263 86.70 -69.70 -130.19
CA VAL RA 263 86.22 -70.70 -129.23
C VAL RA 263 87.27 -70.86 -128.13
N THR RA 264 86.88 -70.51 -126.91
CA THR RA 264 87.76 -70.52 -125.76
C THR RA 264 87.39 -71.70 -124.87
N GLU RA 265 88.37 -72.16 -124.08
CA GLU RA 265 88.12 -73.23 -123.13
C GLU RA 265 87.22 -72.73 -122.01
N ILE RA 266 86.48 -73.66 -121.40
CA ILE RA 266 85.52 -73.30 -120.35
C ILE RA 266 86.25 -72.74 -119.14
N THR RA 267 87.08 -73.55 -118.50
CA THR RA 267 87.85 -73.14 -117.34
C THR RA 267 89.31 -73.49 -117.57
N ASP RA 268 90.17 -73.05 -116.64
CA ASP RA 268 91.56 -73.46 -116.67
C ASP RA 268 91.65 -74.95 -116.34
N SER RA 269 92.55 -75.65 -117.03
CA SER RA 269 92.62 -77.09 -116.86
C SER RA 269 93.44 -77.45 -115.64
N ARG RA 270 93.15 -78.61 -115.08
CA ARG RA 270 93.96 -79.22 -114.04
C ARG RA 270 94.41 -80.60 -114.50
N THR RA 271 95.20 -81.26 -113.67
CA THR RA 271 95.88 -82.49 -114.09
C THR RA 271 94.90 -83.66 -114.17
N SER RA 272 94.23 -83.97 -113.07
CA SER RA 272 93.27 -85.06 -113.03
C SER RA 272 91.96 -84.55 -112.43
N ILE RA 273 90.96 -85.43 -112.39
CA ILE RA 273 89.67 -85.07 -111.83
C ILE RA 273 89.69 -85.07 -110.31
N THR RA 274 90.69 -85.68 -109.69
CA THR RA 274 90.71 -85.89 -108.25
C THR RA 274 91.74 -85.06 -107.50
N ASP RA 275 92.65 -84.39 -108.20
CA ASP RA 275 93.68 -83.62 -107.52
C ASP RA 275 93.15 -82.26 -107.08
N VAL SA 13 48.54 -88.37 -117.02
CA VAL SA 13 48.35 -88.21 -118.46
C VAL SA 13 47.21 -87.24 -118.73
N ARG SA 14 47.54 -86.10 -119.30
CA ARG SA 14 46.56 -85.06 -119.66
C ARG SA 14 46.59 -84.86 -121.16
N SER SA 15 45.43 -84.93 -121.79
CA SER SA 15 45.30 -84.79 -123.24
C SER SA 15 44.84 -83.37 -123.53
N MET SA 16 45.80 -82.46 -123.69
CA MET SA 16 45.48 -81.09 -124.00
C MET SA 16 45.01 -80.97 -125.44
N THR SA 17 44.12 -80.00 -125.68
CA THR SA 17 43.65 -79.71 -127.03
C THR SA 17 43.55 -78.20 -127.21
N LEU SA 18 43.88 -77.73 -128.41
CA LEU SA 18 43.76 -76.33 -128.77
C LEU SA 18 43.32 -76.26 -130.22
N GLY SA 19 42.11 -75.78 -130.45
CA GLY SA 19 41.59 -75.69 -131.80
C GLY SA 19 41.33 -77.06 -132.39
N ASN SA 20 42.10 -77.42 -133.42
CA ASN SA 20 42.03 -78.73 -134.05
C ASN SA 20 43.37 -79.45 -133.95
N SER SA 21 44.00 -79.37 -132.78
CA SER SA 21 45.29 -80.01 -132.54
C SER SA 21 45.30 -80.52 -131.11
N THR SA 22 45.38 -81.84 -130.95
CA THR SA 22 45.41 -82.47 -129.64
C THR SA 22 46.73 -83.22 -129.49
N ILE SA 23 47.41 -82.98 -128.37
CA ILE SA 23 48.60 -83.73 -128.02
C ILE SA 23 48.33 -84.44 -126.70
N THR SA 24 49.21 -85.39 -126.37
CA THR SA 24 49.11 -86.16 -125.14
C THR SA 24 50.34 -85.85 -124.29
N THR SA 25 50.11 -85.29 -123.11
CA THR SA 25 51.18 -84.88 -122.22
C THR SA 25 51.22 -85.75 -120.97
N GLN SA 26 52.31 -85.61 -120.23
CA GLN SA 26 52.51 -86.36 -119.00
C GLN SA 26 52.43 -85.46 -117.78
N ASN SA 30 55.87 -80.38 -114.94
CA ASN SA 30 55.48 -79.07 -114.42
C ASN SA 30 56.01 -77.93 -115.29
N VAL SA 31 55.18 -76.91 -115.47
CA VAL SA 31 55.46 -75.85 -116.44
C VAL SA 31 56.48 -74.88 -115.86
N VAL SA 32 57.49 -74.53 -116.65
CA VAL SA 32 58.45 -73.50 -116.29
C VAL SA 32 57.98 -72.22 -116.96
N VAL SA 33 57.22 -71.42 -116.21
CA VAL SA 33 56.76 -70.13 -116.70
C VAL SA 33 57.95 -69.17 -116.76
N GLY SA 34 58.26 -68.70 -117.96
CA GLY SA 34 59.48 -67.93 -118.15
C GLY SA 34 59.39 -66.58 -117.47
N TYR SA 35 60.32 -66.30 -116.56
CA TYR SA 35 60.39 -65.04 -115.82
C TYR SA 35 59.12 -64.77 -115.02
N GLY SA 36 58.48 -65.83 -114.54
CA GLY SA 36 57.38 -65.68 -113.61
C GLY SA 36 56.17 -64.96 -114.16
N GLU SA 37 56.10 -64.76 -115.47
CA GLU SA 37 54.98 -64.05 -116.08
C GLU SA 37 54.35 -64.89 -117.17
N TRP SA 38 53.03 -64.83 -117.24
CA TRP SA 38 52.22 -65.48 -118.24
C TRP SA 38 52.00 -64.49 -119.38
N PRO SA 39 52.08 -64.92 -120.64
CA PRO SA 39 51.91 -63.96 -121.73
C PRO SA 39 50.53 -63.30 -121.63
N SER SA 40 50.44 -62.09 -122.13
CA SER SA 40 49.19 -61.34 -122.05
C SER SA 40 49.11 -60.38 -123.23
N TYR SA 41 47.93 -59.83 -123.43
CA TYR SA 41 47.76 -58.82 -124.47
C TYR SA 41 48.38 -57.50 -124.05
N LEU SA 42 48.43 -56.57 -124.99
CA LEU SA 42 49.16 -55.32 -124.78
C LEU SA 42 48.42 -54.37 -123.84
N SER SA 43 47.10 -54.48 -123.74
CA SER SA 43 46.32 -53.61 -122.85
C SER SA 43 46.54 -54.01 -121.39
N THR SA 48 44.50 -47.41 -127.68
CA THR SA 48 44.77 -46.21 -128.45
C THR SA 48 44.12 -46.31 -129.83
N ALA SA 49 43.54 -45.21 -130.30
CA ALA SA 49 42.95 -45.16 -131.63
C ALA SA 49 43.94 -44.74 -132.71
N GLU SA 50 45.13 -44.27 -132.32
CA GLU SA 50 46.16 -43.95 -133.31
C GLU SA 50 46.82 -45.21 -133.86
N ASP SA 51 46.97 -46.23 -133.01
CA ASP SA 51 47.44 -47.55 -133.42
C ASP SA 51 46.60 -48.59 -132.71
N GLN SA 52 45.96 -49.48 -133.48
CA GLN SA 52 45.00 -50.43 -132.92
C GLN SA 52 45.43 -51.86 -133.26
N PRO SA 53 45.62 -52.72 -132.26
CA PRO SA 53 45.98 -54.11 -132.55
C PRO SA 53 44.79 -54.97 -132.92
N THR SA 54 45.07 -56.02 -133.68
CA THR SA 54 44.10 -57.05 -134.04
C THR SA 54 44.47 -58.34 -133.33
N GLN SA 55 43.51 -58.92 -132.62
CA GLN SA 55 43.75 -60.17 -131.91
C GLN SA 55 43.15 -61.32 -132.69
N PRO SA 56 43.96 -62.19 -133.30
CA PRO SA 56 43.38 -63.29 -134.09
C PRO SA 56 42.63 -64.32 -133.26
N ASP SA 57 43.22 -64.80 -132.17
CA ASP SA 57 42.58 -65.79 -131.29
C ASP SA 57 42.23 -67.05 -132.07
N VAL SA 58 41.37 -66.92 -133.09
CA VAL SA 58 41.02 -68.05 -133.94
C VAL SA 58 42.27 -68.62 -134.57
N ALA SA 59 42.39 -69.95 -134.56
CA ALA SA 59 43.56 -70.69 -135.04
C ALA SA 59 44.77 -70.14 -134.28
N THR SA 60 45.92 -69.92 -134.93
CA THR SA 60 47.12 -69.38 -134.31
C THR SA 60 47.53 -70.06 -132.99
N CYS SA 61 46.56 -70.31 -132.12
CA CYS SA 61 46.81 -70.89 -130.80
C CYS SA 61 46.96 -72.40 -130.83
N ARG SA 62 46.72 -73.05 -131.96
CA ARG SA 62 46.78 -74.50 -132.01
C ARG SA 62 48.23 -74.97 -131.93
N PHE SA 63 48.40 -76.28 -131.71
CA PHE SA 63 49.73 -76.85 -131.55
C PHE SA 63 50.38 -77.11 -132.90
N TYR SA 64 51.59 -76.57 -133.08
CA TYR SA 64 52.38 -76.75 -134.30
C TYR SA 64 53.54 -77.69 -133.96
N THR SA 65 53.34 -78.97 -134.22
CA THR SA 65 54.38 -79.96 -133.96
C THR SA 65 55.42 -79.92 -135.07
N LEU SA 66 56.67 -79.64 -134.71
CA LEU SA 66 57.75 -79.63 -135.68
C LEU SA 66 58.16 -81.06 -136.00
N GLU SA 67 59.10 -81.20 -136.94
CA GLU SA 67 59.59 -82.53 -137.28
C GLU SA 67 60.41 -83.10 -136.13
N SER SA 68 60.22 -84.39 -135.87
CA SER SA 68 60.92 -85.03 -134.77
C SER SA 68 62.41 -85.13 -135.08
N VAL SA 69 63.23 -84.99 -134.04
CA VAL SA 69 64.67 -84.87 -134.19
C VAL SA 69 65.32 -86.09 -133.51
N GLN SA 70 66.11 -86.83 -134.28
CA GLN SA 70 66.75 -88.04 -133.76
C GLN SA 70 68.00 -87.66 -132.98
N TRP SA 71 68.07 -88.12 -131.75
CA TRP SA 71 69.17 -87.83 -130.83
C TRP SA 71 70.02 -89.09 -130.68
N GLU SA 72 71.19 -89.09 -131.31
CA GLU SA 72 72.11 -90.21 -131.26
C GLU SA 72 73.14 -89.98 -130.16
N LYS SA 73 74.14 -90.87 -130.08
CA LYS SA 73 75.20 -90.72 -129.08
C LYS SA 73 76.12 -89.55 -129.38
N THR SA 74 76.21 -89.13 -130.64
CA THR SA 74 77.15 -88.11 -131.08
C THR SA 74 76.48 -86.80 -131.44
N SER SA 75 75.24 -86.60 -131.02
CA SER SA 75 74.55 -85.36 -131.32
C SER SA 75 75.02 -84.26 -130.36
N PRO SA 76 75.47 -83.12 -130.87
CA PRO SA 76 75.94 -82.04 -129.97
C PRO SA 76 74.85 -81.08 -129.53
N GLY SA 77 73.77 -80.96 -130.29
CA GLY SA 77 72.70 -80.07 -129.91
C GLY SA 77 71.96 -79.55 -131.13
N TRP SA 78 70.98 -78.69 -130.86
CA TRP SA 78 70.15 -78.08 -131.89
C TRP SA 78 69.76 -76.69 -131.45
N TRP SA 79 69.33 -75.87 -132.41
CA TRP SA 79 68.66 -74.63 -132.05
C TRP SA 79 67.63 -74.28 -133.12
N TRP SA 80 66.53 -73.67 -132.66
CA TRP SA 80 65.51 -73.08 -133.50
C TRP SA 80 65.42 -71.60 -133.17
N LYS SA 81 65.23 -70.76 -134.18
CA LYS SA 81 65.01 -69.34 -133.95
C LYS SA 81 63.58 -68.98 -134.33
N PHE SA 82 62.82 -68.61 -133.35
CA PHE SA 82 61.46 -68.11 -133.28
C PHE SA 82 61.48 -66.59 -133.24
N PRO SA 83 60.40 -65.91 -133.64
CA PRO SA 83 59.08 -66.38 -134.09
C PRO SA 83 59.05 -67.00 -135.48
N GLU SA 84 60.11 -66.79 -136.26
CA GLU SA 84 60.06 -67.12 -137.68
C GLU SA 84 60.39 -68.59 -137.95
N ALA SA 85 60.59 -69.41 -136.91
CA ALA SA 85 60.64 -70.84 -137.14
C ALA SA 85 59.27 -71.37 -137.57
N LEU SA 86 58.21 -70.65 -137.22
CA LEU SA 86 56.84 -70.96 -137.61
C LEU SA 86 56.40 -70.19 -138.85
N LYS SA 87 57.34 -69.79 -139.72
CA LYS SA 87 56.98 -68.92 -140.83
C LYS SA 87 56.23 -69.64 -141.94
N ASN SA 88 56.25 -70.97 -141.94
CA ASN SA 88 55.48 -71.77 -142.90
C ASN SA 88 54.44 -72.63 -142.20
N MET SA 89 54.09 -72.30 -140.95
CA MET SA 89 53.19 -73.11 -140.14
C MET SA 89 51.80 -72.48 -140.14
N GLY SA 90 51.04 -72.74 -141.20
CA GLY SA 90 49.62 -72.50 -141.16
C GLY SA 90 49.26 -71.03 -141.14
N LEU SA 91 48.22 -70.70 -140.37
CA LEU SA 91 47.74 -69.32 -140.30
C LEU SA 91 48.72 -68.42 -139.55
N PHE SA 92 49.44 -68.96 -138.56
CA PHE SA 92 50.45 -68.15 -137.89
C PHE SA 92 51.58 -67.78 -138.83
N GLY SA 93 51.98 -68.72 -139.70
CA GLY SA 93 52.98 -68.41 -140.70
C GLY SA 93 52.47 -67.62 -141.87
N GLN SA 94 51.14 -67.48 -141.99
CA GLN SA 94 50.56 -66.65 -143.03
C GLN SA 94 50.21 -65.25 -142.54
N ASN SA 95 49.84 -65.09 -141.27
CA ASN SA 95 49.67 -63.76 -140.70
C ASN SA 95 50.99 -63.02 -140.54
N MET SA 96 52.13 -63.72 -140.65
CA MET SA 96 53.41 -63.02 -140.63
C MET SA 96 53.62 -62.23 -141.92
N HIS SA 97 53.01 -62.66 -143.02
CA HIS SA 97 53.18 -61.97 -144.31
C HIS SA 97 52.21 -60.82 -144.51
N TYR SA 98 51.08 -60.81 -143.81
CA TYR SA 98 50.08 -59.75 -143.99
C TYR SA 98 50.18 -58.63 -142.96
N HIS SA 99 50.66 -58.94 -141.77
CA HIS SA 99 50.90 -57.95 -140.72
C HIS SA 99 52.40 -57.84 -140.52
N TYR SA 100 52.91 -56.60 -140.40
CA TYR SA 100 54.34 -56.39 -140.22
C TYR SA 100 54.70 -56.10 -138.76
N LEU SA 101 53.76 -56.30 -137.84
CA LEU SA 101 53.99 -56.15 -136.41
C LEU SA 101 53.23 -57.24 -135.68
N GLY SA 102 53.82 -57.77 -134.61
CA GLY SA 102 53.14 -58.83 -133.87
C GLY SA 102 53.91 -59.21 -132.62
N ARG SA 103 53.28 -60.09 -131.85
CA ARG SA 103 53.82 -60.58 -130.59
C ARG SA 103 53.04 -61.84 -130.19
N ALA SA 104 53.68 -62.73 -129.44
CA ALA SA 104 53.05 -63.99 -129.04
C ALA SA 104 53.78 -64.55 -127.82
N GLY SA 105 53.33 -65.74 -127.38
CA GLY SA 105 53.80 -66.31 -126.13
C GLY SA 105 54.51 -67.65 -126.20
N TYR SA 106 54.11 -68.53 -127.12
CA TYR SA 106 54.88 -69.73 -127.49
C TYR SA 106 55.08 -70.68 -126.30
N THR SA 107 54.01 -71.39 -125.95
CA THR SA 107 54.15 -72.56 -125.09
C THR SA 107 54.86 -73.67 -125.85
N ILE SA 108 55.99 -74.13 -125.32
CA ILE SA 108 56.86 -75.06 -126.03
C ILE SA 108 56.92 -76.37 -125.24
N HIS SA 109 56.30 -77.41 -125.78
CA HIS SA 109 56.43 -78.75 -125.22
C HIS SA 109 57.57 -79.48 -125.92
N VAL SA 110 58.38 -80.19 -125.14
CA VAL SA 110 59.50 -80.97 -125.66
C VAL SA 110 59.43 -82.36 -125.02
N GLN SA 111 58.89 -83.32 -125.75
CA GLN SA 111 58.93 -84.71 -125.32
C GLN SA 111 60.19 -85.38 -125.85
N CYS SA 112 60.48 -86.57 -125.32
CA CYS SA 112 61.63 -87.35 -125.74
C CYS SA 112 61.32 -88.81 -125.97
N ASN SA 113 60.23 -89.34 -125.40
CA ASN SA 113 59.73 -90.70 -125.55
C ASN SA 113 60.83 -91.74 -125.79
N ALA SA 114 61.86 -91.70 -124.95
CA ALA SA 114 62.87 -92.75 -124.96
C ALA SA 114 62.35 -93.98 -124.23
N SER SA 115 63.19 -95.00 -124.11
CA SER SA 115 62.79 -96.21 -123.40
C SER SA 115 63.19 -96.09 -121.93
N LYS SA 116 63.20 -97.21 -121.24
CA LYS SA 116 63.59 -97.28 -119.84
C LYS SA 116 65.06 -97.64 -119.68
N PHE SA 117 65.69 -98.17 -120.73
CA PHE SA 117 67.10 -98.53 -120.71
C PHE SA 117 67.99 -97.46 -121.34
N HIS SA 118 67.42 -96.46 -121.98
CA HIS SA 118 68.21 -95.33 -122.46
C HIS SA 118 68.53 -94.40 -121.31
N GLN SA 119 69.67 -93.73 -121.41
CA GLN SA 119 70.09 -92.75 -120.42
C GLN SA 119 70.58 -91.49 -121.12
N GLY SA 120 70.47 -90.37 -120.43
CA GLY SA 120 70.89 -89.11 -120.99
C GLY SA 120 70.24 -87.96 -120.25
N CYS SA 121 70.58 -86.75 -120.72
CA CYS SA 121 70.07 -85.54 -120.10
C CYS SA 121 70.14 -84.40 -121.11
N LEU SA 122 69.09 -83.58 -121.14
CA LEU SA 122 68.99 -82.45 -122.04
C LEU SA 122 68.81 -81.15 -121.27
N LEU SA 123 69.33 -80.08 -121.85
CA LEU SA 123 69.03 -78.72 -121.40
C LEU SA 123 68.11 -78.09 -122.44
N VAL SA 124 66.88 -77.82 -122.05
CA VAL SA 124 65.89 -77.17 -122.90
C VAL SA 124 65.77 -75.73 -122.43
N VAL SA 125 66.39 -74.80 -123.16
CA VAL SA 125 66.50 -73.41 -122.76
C VAL SA 125 66.11 -72.54 -123.94
N CYS SA 126 65.66 -71.33 -123.64
CA CYS SA 126 65.00 -70.49 -124.64
C CYS SA 126 65.81 -69.28 -125.07
N VAL SA 127 66.62 -68.70 -124.18
CA VAL SA 127 67.65 -67.71 -124.55
C VAL SA 127 67.05 -66.58 -125.37
N PRO SA 128 66.39 -65.60 -124.76
CA PRO SA 128 65.94 -64.43 -125.52
C PRO SA 128 67.13 -63.63 -126.04
N GLU SA 129 67.01 -63.16 -127.28
CA GLU SA 129 68.02 -62.32 -127.92
C GLU SA 129 69.38 -63.03 -128.00
N ALA SA 130 69.38 -64.20 -128.62
CA ALA SA 130 70.62 -64.96 -128.82
C ALA SA 130 71.29 -64.43 -130.08
N GLU SA 131 72.12 -63.40 -129.92
CA GLU SA 131 72.93 -62.89 -131.01
C GLU SA 131 74.17 -63.78 -131.15
N MET SA 132 74.23 -64.54 -132.24
CA MET SA 132 75.29 -65.52 -132.41
C MET SA 132 76.44 -64.94 -133.23
N GLY SA 133 77.61 -65.58 -133.10
CA GLY SA 133 78.83 -65.08 -133.69
C GLY SA 133 79.25 -65.89 -134.90
N CYS SA 134 79.91 -65.22 -135.84
CA CYS SA 134 80.36 -65.87 -137.06
C CYS SA 134 81.53 -66.81 -136.77
N ALA SA 135 81.72 -67.78 -137.67
CA ALA SA 135 82.69 -68.84 -137.41
C ALA SA 135 84.12 -68.33 -137.58
N ASP SA 136 84.40 -67.63 -138.67
CA ASP SA 136 85.66 -66.92 -138.84
C ASP SA 136 85.38 -65.42 -138.75
N THR SA 137 85.81 -64.81 -137.65
CA THR SA 137 85.52 -63.41 -137.43
C THR SA 137 86.30 -62.53 -138.40
N ASP SA 138 85.86 -61.26 -138.49
CA ASP SA 138 86.15 -60.22 -139.47
C ASP SA 138 85.15 -60.22 -140.64
N THR SA 139 84.10 -61.03 -140.54
CA THR SA 139 83.10 -61.08 -141.61
C THR SA 139 81.77 -61.51 -141.01
N THR SA 140 80.73 -61.54 -141.86
CA THR SA 140 79.38 -61.90 -141.48
C THR SA 140 78.97 -63.19 -142.18
N PHE SA 141 77.77 -63.68 -141.84
CA PHE SA 141 77.20 -64.88 -142.44
C PHE SA 141 75.97 -64.56 -143.29
N PRO SA 142 75.66 -65.39 -144.29
CA PRO SA 142 74.63 -65.03 -145.29
C PRO SA 142 73.18 -65.18 -144.85
N ALA SA 143 72.90 -65.12 -143.55
CA ALA SA 143 71.54 -64.95 -143.03
C ALA SA 143 70.67 -66.19 -143.20
N THR SA 144 71.09 -67.14 -144.02
CA THR SA 144 70.45 -68.44 -144.11
C THR SA 144 71.16 -69.48 -143.26
N GLU SA 145 72.14 -69.05 -142.46
CA GLU SA 145 72.86 -69.92 -141.54
C GLU SA 145 72.30 -69.88 -140.13
N LEU SA 146 71.58 -68.81 -139.77
CA LEU SA 146 70.93 -68.76 -138.47
C LEU SA 146 69.69 -69.65 -138.44
N THR SA 147 68.91 -69.67 -139.52
CA THR SA 147 67.64 -70.37 -139.50
C THR SA 147 67.37 -71.06 -140.83
N THR SA 148 66.78 -72.25 -140.74
CA THR SA 148 66.21 -72.98 -141.87
C THR SA 148 64.80 -73.32 -141.44
N GLU SA 149 63.95 -72.29 -141.39
CA GLU SA 149 62.59 -72.31 -140.85
C GLU SA 149 62.33 -73.48 -139.89
N ASP SA 150 61.69 -74.53 -140.41
CA ASP SA 150 61.29 -75.65 -139.56
C ASP SA 150 62.47 -76.47 -139.07
N THR SA 151 63.46 -76.72 -139.93
CA THR SA 151 64.50 -77.65 -139.51
C THR SA 151 65.53 -76.97 -138.62
N PRO SA 152 66.11 -77.71 -137.67
CA PRO SA 152 67.08 -77.10 -136.73
C PRO SA 152 68.49 -77.10 -137.28
N HIS SA 153 69.21 -76.02 -136.98
CA HIS SA 153 70.66 -76.02 -137.14
C HIS SA 153 71.29 -76.73 -135.95
N VAL SA 154 72.12 -77.72 -136.23
CA VAL SA 154 72.80 -78.43 -135.17
C VAL SA 154 74.00 -77.62 -134.70
N PHE SA 155 74.43 -77.89 -133.46
CA PHE SA 155 75.72 -77.39 -133.02
C PHE SA 155 76.81 -78.30 -133.57
N THR SA 156 78.06 -78.01 -133.21
CA THR SA 156 79.19 -78.86 -133.55
C THR SA 156 79.95 -79.18 -132.27
N SER SA 157 80.73 -80.26 -132.33
CA SER SA 157 81.52 -80.67 -131.18
C SER SA 157 82.82 -79.91 -131.06
N ASP SA 158 83.34 -79.38 -132.15
CA ASP SA 158 84.58 -78.60 -132.12
C ASP SA 158 84.42 -77.32 -132.93
N SER SA 159 85.51 -76.58 -133.11
CA SER SA 159 85.45 -75.32 -133.84
C SER SA 159 85.33 -75.58 -135.34
N ILE SA 160 84.68 -74.65 -136.03
CA ILE SA 160 84.46 -74.73 -137.47
C ILE SA 160 84.84 -73.38 -138.08
N THR SA 161 85.08 -73.40 -139.38
CA THR SA 161 85.41 -72.21 -140.15
C THR SA 161 84.42 -72.03 -141.29
N GLY SA 162 84.51 -70.90 -141.97
CA GLY SA 162 83.59 -70.57 -143.04
C GLY SA 162 82.56 -69.53 -142.61
N LYS SA 163 81.88 -68.97 -143.60
CA LYS SA 163 80.93 -67.89 -143.37
C LYS SA 163 79.62 -68.49 -142.85
N LYS SA 164 79.64 -68.87 -141.58
CA LYS SA 164 78.47 -69.43 -140.93
C LYS SA 164 78.61 -69.24 -139.42
N VAL SA 165 77.64 -69.74 -138.68
CA VAL SA 165 77.58 -69.51 -137.24
C VAL SA 165 78.61 -70.38 -136.54
N GLN SA 166 79.35 -69.81 -135.60
CA GLN SA 166 80.25 -70.58 -134.77
C GLN SA 166 79.41 -71.46 -133.84
N ALA SA 167 79.10 -72.68 -134.30
CA ALA SA 167 78.15 -73.54 -133.62
C ALA SA 167 78.83 -74.59 -132.75
N ALA SA 168 79.99 -74.27 -132.18
CA ALA SA 168 80.64 -75.17 -131.25
C ALA SA 168 79.98 -75.06 -129.88
N VAL SA 169 79.58 -76.20 -129.31
CA VAL SA 169 79.17 -76.21 -127.92
C VAL SA 169 80.38 -75.93 -127.03
N CYS SA 170 80.10 -75.60 -125.78
CA CYS SA 170 80.92 -74.94 -124.77
C CYS SA 170 80.98 -73.44 -125.04
N ASN SA 171 80.54 -72.98 -126.21
CA ASN SA 171 80.42 -71.58 -126.55
C ASN SA 171 79.22 -71.40 -127.46
N ALA SA 172 78.05 -71.79 -126.96
CA ALA SA 172 76.89 -72.22 -127.75
C ALA SA 172 76.70 -71.40 -129.03
N GLY SA 173 76.30 -70.14 -128.87
CA GLY SA 173 76.33 -69.21 -130.00
C GLY SA 173 76.95 -67.87 -129.65
N MET SA 174 76.88 -67.50 -128.38
CA MET SA 174 77.06 -66.12 -127.95
C MET SA 174 78.41 -65.85 -127.32
N GLY SA 175 79.28 -66.84 -127.23
CA GLY SA 175 80.56 -66.64 -126.57
C GLY SA 175 80.49 -66.77 -125.06
N VAL SA 176 79.44 -67.38 -124.53
CA VAL SA 176 79.33 -67.62 -123.10
C VAL SA 176 79.64 -69.09 -122.84
N GLY SA 177 79.81 -69.43 -121.55
CA GLY SA 177 79.93 -70.83 -121.20
C GLY SA 177 78.59 -71.53 -121.36
N VAL SA 178 78.63 -72.74 -121.91
CA VAL SA 178 77.38 -73.45 -122.16
C VAL SA 178 76.84 -74.08 -120.88
N GLY SA 179 77.66 -74.25 -119.85
CA GLY SA 179 77.17 -74.81 -118.61
C GLY SA 179 76.28 -73.85 -117.86
N ASN SA 180 76.68 -72.58 -117.76
CA ASN SA 180 75.87 -71.56 -117.10
C ASN SA 180 74.95 -70.86 -118.10
N LEU SA 181 74.29 -71.68 -118.92
CA LEU SA 181 73.20 -71.22 -119.78
C LEU SA 181 71.87 -71.43 -119.09
N THR SA 182 71.89 -71.77 -117.81
CA THR SA 182 70.74 -72.10 -116.99
C THR SA 182 70.06 -70.84 -116.43
N ILE SA 183 70.64 -69.67 -116.66
CA ILE SA 183 70.06 -68.41 -116.19
C ILE SA 183 68.75 -68.09 -116.89
N PHE SA 184 68.55 -68.65 -118.08
CA PHE SA 184 67.35 -68.38 -118.86
C PHE SA 184 66.22 -69.32 -118.45
N PRO SA 185 65.00 -69.11 -118.98
CA PRO SA 185 63.94 -70.10 -118.76
C PRO SA 185 64.34 -71.45 -119.33
N HIS SA 186 64.54 -72.43 -118.44
CA HIS SA 186 65.11 -73.71 -118.83
C HIS SA 186 64.29 -74.85 -118.21
N GLN SA 187 64.63 -76.06 -118.62
CA GLN SA 187 64.06 -77.28 -118.03
C GLN SA 187 64.99 -78.43 -118.39
N TRP SA 188 65.33 -79.25 -117.40
CA TRP SA 188 66.15 -80.42 -117.63
C TRP SA 188 65.25 -81.59 -118.01
N ILE SA 189 65.67 -82.36 -119.01
CA ILE SA 189 64.99 -83.60 -119.34
C ILE SA 189 65.93 -84.75 -119.04
N ASN SA 190 65.87 -85.27 -117.81
CA ASN SA 190 66.66 -86.42 -117.42
C ASN SA 190 65.85 -87.68 -117.70
N LEU SA 191 66.34 -88.50 -118.63
CA LEU SA 191 65.58 -89.68 -119.05
C LEU SA 191 65.44 -90.70 -117.92
N ARG SA 192 66.25 -90.57 -116.88
CA ARG SA 192 66.05 -91.40 -115.69
C ARG SA 192 64.71 -91.11 -115.04
N THR SA 193 64.36 -89.82 -114.91
CA THR SA 193 63.14 -89.41 -114.21
C THR SA 193 62.02 -89.03 -115.18
N ASN SA 194 62.22 -88.00 -115.99
CA ASN SA 194 61.16 -87.42 -116.80
C ASN SA 194 61.52 -87.50 -118.28
N ASN SA 195 60.55 -87.11 -119.11
CA ASN SA 195 60.73 -87.07 -120.55
C ASN SA 195 60.21 -85.80 -121.20
N SER SA 196 59.35 -85.04 -120.52
CA SER SA 196 58.67 -83.90 -121.12
C SER SA 196 59.12 -82.61 -120.45
N ALA SA 197 59.16 -81.55 -121.25
CA ALA SA 197 59.45 -80.20 -120.78
C ALA SA 197 58.42 -79.26 -121.37
N THR SA 198 58.12 -78.18 -120.65
CA THR SA 198 57.21 -77.17 -121.15
C THR SA 198 57.62 -75.81 -120.62
N ILE SA 199 57.74 -74.84 -121.52
CA ILE SA 199 58.25 -73.51 -121.20
C ILE SA 199 57.31 -72.49 -121.80
N VAL SA 200 57.01 -71.44 -121.05
CA VAL SA 200 56.12 -70.37 -121.49
C VAL SA 200 56.91 -69.07 -121.46
N ILE SA 201 57.01 -68.39 -122.60
CA ILE SA 201 57.93 -67.30 -122.81
C ILE SA 201 57.13 -66.06 -123.19
N PRO SA 202 56.90 -65.13 -122.24
CA PRO SA 202 55.87 -64.10 -122.38
C PRO SA 202 56.28 -62.87 -123.21
N TYR SA 203 56.88 -63.12 -124.38
CA TYR SA 203 57.26 -62.06 -125.31
C TYR SA 203 58.16 -61.02 -124.65
N ILE SA 204 59.44 -61.37 -124.54
CA ILE SA 204 60.45 -60.45 -124.03
C ILE SA 204 60.97 -59.59 -125.18
N ASN SA 205 60.73 -58.29 -125.11
CA ASN SA 205 61.22 -57.35 -126.12
C ASN SA 205 61.15 -55.95 -125.55
N SER SA 206 61.95 -55.04 -126.13
CA SER SA 206 62.06 -53.67 -125.67
C SER SA 206 61.04 -52.72 -126.32
N VAL SA 207 60.28 -53.21 -127.30
CA VAL SA 207 59.25 -52.43 -127.98
C VAL SA 207 57.99 -53.29 -127.92
N PRO SA 208 56.79 -52.71 -127.78
CA PRO SA 208 55.61 -53.57 -127.58
C PRO SA 208 55.32 -54.48 -128.76
N MET SA 209 55.61 -54.06 -129.98
CA MET SA 209 55.40 -54.89 -131.15
C MET SA 209 56.59 -54.72 -132.09
N ASP SA 210 56.99 -55.82 -132.73
CA ASP SA 210 58.12 -55.77 -133.65
C ASP SA 210 57.85 -56.68 -134.83
N ASN SA 211 58.59 -56.46 -135.91
CA ASN SA 211 58.43 -57.24 -137.12
C ASN SA 211 58.91 -58.67 -136.88
N MET SA 212 58.20 -59.63 -137.45
CA MET SA 212 58.44 -61.05 -137.17
C MET SA 212 59.43 -61.69 -138.14
N PHE SA 213 59.92 -60.96 -139.13
CA PHE SA 213 60.96 -61.48 -140.01
C PHE SA 213 62.33 -60.90 -139.75
N ARG SA 214 62.42 -59.65 -139.29
CA ARG SA 214 63.71 -59.08 -138.96
C ARG SA 214 64.26 -59.65 -137.65
N HIS SA 215 63.42 -59.71 -136.62
CA HIS SA 215 63.87 -59.92 -135.25
C HIS SA 215 63.50 -61.31 -134.77
N TYR SA 216 64.49 -62.04 -134.25
CA TYR SA 216 64.29 -63.35 -133.65
C TYR SA 216 64.16 -63.13 -132.15
N ASN SA 217 62.95 -63.31 -131.61
CA ASN SA 217 62.71 -62.92 -130.23
C ASN SA 217 63.44 -63.83 -129.25
N PHE SA 218 63.51 -65.13 -129.54
CA PHE SA 218 64.26 -66.04 -128.69
C PHE SA 218 64.75 -67.21 -129.51
N THR SA 219 65.61 -68.03 -128.91
CA THR SA 219 66.28 -69.13 -129.60
C THR SA 219 66.15 -70.39 -128.74
N LEU SA 220 65.17 -71.22 -129.06
CA LEU SA 220 65.03 -72.51 -128.40
C LEU SA 220 66.19 -73.41 -128.81
N MET SA 221 67.10 -73.69 -127.87
CA MET SA 221 68.22 -74.56 -128.12
C MET SA 221 68.22 -75.71 -127.12
N ILE SA 222 68.32 -76.92 -127.63
CA ILE SA 222 68.29 -78.15 -126.83
C ILE SA 222 69.70 -78.75 -126.87
N ILE SA 223 70.34 -78.86 -125.72
CA ILE SA 223 71.75 -79.20 -125.64
C ILE SA 223 71.91 -80.43 -124.75
N PRO SA 224 72.41 -81.55 -125.28
CA PRO SA 224 72.63 -82.75 -124.45
C PRO SA 224 73.89 -82.61 -123.61
N PHE SA 225 73.71 -82.44 -122.30
CA PHE SA 225 74.85 -82.43 -121.40
C PHE SA 225 75.38 -83.85 -121.18
N ALA SA 226 74.58 -84.70 -120.58
CA ALA SA 226 75.02 -86.09 -120.51
C ALA SA 226 74.63 -86.79 -121.81
N PRO SA 227 75.58 -87.43 -122.49
CA PRO SA 227 75.28 -87.97 -123.82
C PRO SA 227 74.38 -89.20 -123.73
N LEU SA 228 73.68 -89.47 -124.83
CA LEU SA 228 72.85 -90.65 -124.91
C LEU SA 228 73.71 -91.89 -124.84
N ASN SA 229 73.23 -92.93 -124.15
CA ASN SA 229 73.94 -94.19 -124.12
C ASN SA 229 72.94 -95.32 -124.03
N PHE SA 230 73.32 -96.47 -124.58
CA PHE SA 230 72.46 -97.65 -124.65
C PHE SA 230 73.36 -98.82 -125.06
N THR SA 231 72.77 -100.01 -125.11
CA THR SA 231 73.49 -101.21 -125.50
C THR SA 231 73.10 -101.59 -126.93
N ASP SA 232 73.63 -102.73 -127.39
CA ASP SA 232 73.57 -103.11 -128.79
C ASP SA 232 72.22 -103.66 -129.22
N GLY SA 233 71.19 -103.57 -128.38
CA GLY SA 233 69.87 -104.05 -128.76
C GLY SA 233 68.84 -102.96 -128.93
N ALA SA 234 69.06 -101.81 -128.30
CA ALA SA 234 68.08 -100.75 -128.33
C ALA SA 234 68.13 -100.01 -129.66
N THR SA 235 67.18 -99.10 -129.86
CA THR SA 235 67.19 -98.25 -131.04
C THR SA 235 68.30 -97.22 -130.93
N ALA SA 236 68.99 -96.98 -132.03
CA ALA SA 236 70.22 -96.20 -132.03
C ALA SA 236 69.99 -94.70 -131.87
N TYR SA 237 68.77 -94.29 -131.51
CA TYR SA 237 68.44 -92.88 -131.41
C TYR SA 237 67.26 -92.69 -130.48
N VAL SA 238 67.00 -91.44 -130.12
CA VAL SA 238 65.84 -91.07 -129.31
C VAL SA 238 65.21 -89.84 -129.96
N PRO SA 239 63.99 -89.94 -130.50
CA PRO SA 239 63.39 -88.83 -131.24
C PRO SA 239 62.85 -87.78 -130.28
N ILE SA 240 63.29 -86.53 -130.45
CA ILE SA 240 62.88 -85.41 -129.62
C ILE SA 240 61.79 -84.67 -130.39
N THR SA 241 60.63 -84.50 -129.77
CA THR SA 241 59.47 -83.90 -130.42
C THR SA 241 59.22 -82.52 -129.84
N VAL SA 242 59.15 -81.52 -130.72
CA VAL SA 242 59.00 -80.12 -130.32
C VAL SA 242 57.63 -79.63 -130.79
N THR SA 243 56.90 -78.98 -129.90
CA THR SA 243 55.54 -78.52 -130.16
C THR SA 243 55.40 -77.11 -129.61
N ILE SA 244 54.96 -76.18 -130.45
CA ILE SA 244 54.87 -74.76 -130.09
C ILE SA 244 53.44 -74.30 -130.28
N ALA SA 245 52.90 -73.65 -129.25
CA ALA SA 245 51.56 -73.07 -129.31
C ALA SA 245 51.64 -71.56 -129.15
N PRO SA 246 51.49 -70.78 -130.22
CA PRO SA 246 51.58 -69.32 -130.09
C PRO SA 246 50.39 -68.75 -129.33
N MET SA 247 50.61 -68.28 -128.10
CA MET SA 247 49.53 -67.81 -127.26
C MET SA 247 49.49 -66.28 -127.27
N TYR SA 248 48.27 -65.74 -127.21
CA TYR SA 248 48.03 -64.30 -127.12
C TYR SA 248 48.72 -63.55 -128.24
N ALA SA 249 48.67 -64.11 -129.44
CA ALA SA 249 49.24 -63.46 -130.60
C ALA SA 249 48.34 -62.30 -131.00
N GLU SA 250 48.91 -61.11 -131.12
CA GLU SA 250 48.17 -59.97 -131.63
C GLU SA 250 49.05 -59.18 -132.58
N TYR SA 251 48.39 -58.50 -133.51
CA TYR SA 251 49.02 -57.95 -134.71
C TYR SA 251 48.59 -56.49 -134.81
N ASN SA 252 49.00 -55.82 -135.89
CA ASN SA 252 48.54 -54.45 -136.08
C ASN SA 252 47.18 -54.45 -136.75
N GLY SA 253 46.60 -53.26 -136.87
CA GLY SA 253 45.30 -53.12 -137.51
C GLY SA 253 45.47 -52.81 -138.99
N LEU SA 254 44.57 -53.37 -139.80
CA LEU SA 254 44.59 -53.14 -141.23
C LEU SA 254 43.45 -52.23 -141.69
N ARG SA 255 42.43 -52.05 -140.86
CA ARG SA 255 41.28 -51.22 -141.16
C ARG SA 255 41.61 -49.75 -140.92
N LEU SA 256 40.78 -48.88 -141.49
CA LEU SA 256 40.88 -47.45 -141.21
C LEU SA 256 40.27 -47.14 -139.85
N ALA SA 257 40.49 -45.92 -139.39
CA ALA SA 257 39.91 -45.47 -138.12
C ALA SA 257 38.89 -44.37 -138.37
N GLY TA 1 75.26 -10.73 -101.29
CA GLY TA 1 74.25 -11.71 -100.95
C GLY TA 1 74.64 -12.62 -99.80
N VAL TA 2 74.49 -13.92 -100.00
CA VAL TA 2 74.79 -14.91 -98.95
C VAL TA 2 76.29 -15.10 -98.86
N PRO TA 3 76.91 -14.85 -97.71
CA PRO TA 3 78.36 -15.07 -97.59
C PRO TA 3 78.69 -16.56 -97.56
N VAL TA 4 79.31 -17.05 -98.62
CA VAL TA 4 79.73 -18.44 -98.70
C VAL TA 4 81.25 -18.46 -98.70
N LEU TA 5 81.81 -19.62 -98.35
CA LEU TA 5 83.25 -19.83 -98.47
C LEU TA 5 83.51 -21.25 -98.94
N ASN TA 6 84.34 -21.36 -99.98
CA ASN TA 6 84.63 -22.65 -100.59
C ASN TA 6 85.57 -23.45 -99.71
N THR TA 7 85.16 -24.69 -99.43
CA THR TA 7 85.95 -25.62 -98.65
C THR TA 7 87.03 -26.25 -99.52
N PRO TA 8 88.00 -26.94 -98.92
CA PRO TA 8 88.85 -27.82 -99.73
C PRO TA 8 88.01 -28.90 -100.38
N GLY TA 9 88.26 -29.14 -101.66
CA GLY TA 9 87.43 -30.01 -102.45
C GLY TA 9 86.46 -29.33 -103.39
N SER TA 10 86.55 -28.00 -103.51
CA SER TA 10 85.75 -27.26 -104.49
C SER TA 10 86.46 -27.27 -105.82
N ASN TA 11 85.67 -27.25 -106.90
CA ASN TA 11 86.18 -27.21 -108.27
C ASN TA 11 87.09 -28.40 -108.57
N GLN TA 12 86.85 -29.53 -107.91
CA GLN TA 12 87.55 -30.77 -108.23
C GLN TA 12 86.56 -31.72 -108.88
N PHE TA 13 87.10 -32.80 -109.45
CA PHE TA 13 86.29 -33.83 -110.07
C PHE TA 13 86.60 -35.16 -109.39
N LEU TA 14 85.85 -35.47 -108.34
CA LEU TA 14 85.88 -36.80 -107.76
C LEU TA 14 85.09 -37.74 -108.67
N THR TA 15 85.71 -38.86 -109.04
CA THR TA 15 85.09 -39.76 -110.01
C THR TA 15 83.81 -40.37 -109.45
N SER TA 16 83.82 -40.72 -108.17
CA SER TA 16 82.66 -41.33 -107.51
C SER TA 16 81.93 -40.28 -106.67
N ASP TA 17 81.09 -39.50 -107.35
CA ASP TA 17 80.19 -38.57 -106.68
C ASP TA 17 78.78 -38.77 -107.22
N ASP TA 18 77.81 -38.19 -106.52
CA ASP TA 18 76.40 -38.36 -106.82
C ASP TA 18 75.70 -37.01 -106.86
N TYR TA 19 76.27 -36.08 -107.61
CA TYR TA 19 75.75 -34.71 -107.69
C TYR TA 19 74.70 -34.61 -108.78
N GLN TA 20 73.91 -33.54 -108.72
CA GLN TA 20 72.84 -33.30 -109.67
C GLN TA 20 73.44 -32.77 -110.97
N SER TA 21 73.50 -33.63 -111.99
CA SER TA 21 74.06 -33.22 -113.27
C SER TA 21 73.07 -32.32 -114.00
N PRO TA 22 73.50 -31.18 -114.52
CA PRO TA 22 72.58 -30.32 -115.30
C PRO TA 22 72.22 -31.00 -116.61
N SER TA 23 70.92 -31.22 -116.82
CA SER TA 23 70.45 -32.01 -117.96
C SER TA 23 70.59 -31.20 -119.24
N ALA TA 24 71.12 -31.83 -120.28
CA ALA TA 24 71.37 -31.14 -121.54
C ALA TA 24 70.10 -30.96 -122.34
N MET TA 25 69.11 -31.85 -122.17
CA MET TA 25 67.87 -31.79 -122.94
C MET TA 25 66.72 -31.67 -121.94
N PRO TA 26 66.42 -30.46 -121.46
CA PRO TA 26 65.42 -30.30 -120.40
C PRO TA 26 64.00 -30.38 -120.94
N GLN TA 27 63.80 -29.84 -122.13
CA GLN TA 27 62.49 -29.89 -122.77
C GLN TA 27 62.11 -31.34 -123.07
N PHE TA 28 63.11 -32.16 -123.41
CA PHE TA 28 62.90 -33.53 -123.86
C PHE TA 28 62.23 -34.37 -122.77
N ASP TA 29 61.12 -35.03 -123.13
CA ASP TA 29 60.42 -35.94 -122.24
C ASP TA 29 60.63 -37.38 -122.74
N GLU TA 30 61.24 -38.20 -121.89
CA GLU TA 30 61.67 -39.55 -122.24
C GLU TA 30 60.48 -40.51 -122.41
N THR TA 31 60.76 -41.63 -123.08
CA THR TA 31 59.73 -42.61 -123.42
C THR TA 31 59.15 -43.25 -122.16
N PRO TA 32 57.83 -43.45 -122.10
CA PRO TA 32 57.24 -44.10 -120.92
C PRO TA 32 57.74 -45.53 -120.76
N GLU TA 33 57.90 -45.94 -119.49
CA GLU TA 33 58.44 -47.24 -119.16
C GLU TA 33 57.34 -48.29 -119.25
N MET TA 34 57.45 -49.21 -120.21
CA MET TA 34 56.54 -50.35 -120.22
C MET TA 34 57.07 -51.43 -119.29
N HIS TA 35 56.22 -52.40 -118.98
CA HIS TA 35 56.64 -53.54 -118.18
C HIS TA 35 57.31 -54.58 -119.08
N ILE TA 36 58.59 -54.81 -118.85
CA ILE TA 36 59.36 -55.84 -119.55
C ILE TA 36 59.59 -56.99 -118.59
N PRO TA 37 59.33 -58.25 -119.00
CA PRO TA 37 59.45 -59.36 -118.07
C PRO TA 37 60.90 -59.62 -117.67
N GLY TA 38 61.09 -60.01 -116.41
CA GLY TA 38 62.38 -60.45 -115.94
C GLY TA 38 63.30 -59.34 -115.51
N GLU TA 39 62.87 -58.52 -114.55
CA GLU TA 39 63.70 -57.44 -114.07
C GLU TA 39 64.69 -57.94 -113.04
N VAL TA 40 65.92 -57.43 -113.11
CA VAL TA 40 66.93 -57.67 -112.09
C VAL TA 40 67.03 -56.42 -111.23
N ARG TA 41 66.92 -56.60 -109.92
CA ARG TA 41 67.01 -55.51 -108.97
C ARG TA 41 68.19 -55.68 -108.03
N ASN TA 42 68.98 -56.75 -108.20
CA ASN TA 42 70.09 -57.07 -107.33
C ASN TA 42 70.93 -58.14 -108.02
N LEU TA 43 72.25 -57.99 -107.96
CA LEU TA 43 73.12 -58.93 -108.66
C LEU TA 43 73.04 -60.33 -108.08
N MET TA 44 72.90 -60.43 -106.75
CA MET TA 44 72.84 -61.74 -106.11
C MET TA 44 71.61 -62.54 -106.47
N GLU TA 45 70.73 -62.02 -107.34
CA GLU TA 45 69.69 -62.83 -107.95
C GLU TA 45 70.22 -63.67 -109.11
N ILE TA 46 71.43 -63.36 -109.60
CA ILE TA 46 72.08 -64.19 -110.62
C ILE TA 46 72.84 -65.33 -109.96
N ALA TA 47 73.44 -65.07 -108.79
CA ALA TA 47 74.19 -66.11 -108.09
C ALA TA 47 73.30 -67.21 -107.55
N GLU TA 48 72.01 -66.93 -107.32
CA GLU TA 48 71.09 -67.92 -106.78
C GLU TA 48 70.58 -68.90 -107.83
N VAL TA 49 70.96 -68.74 -109.09
CA VAL TA 49 70.54 -69.64 -110.16
C VAL TA 49 71.56 -70.78 -110.27
N ASP TA 50 71.05 -72.01 -110.25
CA ASP TA 50 71.91 -73.16 -110.45
C ASP TA 50 72.50 -73.14 -111.86
N SER TA 51 73.72 -73.66 -111.98
CA SER TA 51 74.36 -73.79 -113.28
C SER TA 51 75.39 -74.90 -113.20
N VAL TA 52 75.66 -75.53 -114.34
CA VAL TA 52 76.44 -76.76 -114.37
C VAL TA 52 77.90 -76.43 -114.14
N VAL TA 53 78.55 -77.24 -113.32
CA VAL TA 53 79.90 -76.99 -112.83
C VAL TA 53 80.85 -77.94 -113.55
N PRO TA 54 81.86 -77.45 -114.26
CA PRO TA 54 82.79 -78.33 -114.98
C PRO TA 54 83.80 -79.00 -114.04
N VAL TA 55 83.36 -80.12 -113.45
CA VAL TA 55 84.22 -80.83 -112.51
C VAL TA 55 85.31 -81.60 -113.25
N ASN TA 56 84.98 -82.17 -114.41
CA ASN TA 56 85.92 -82.96 -115.20
C ASN TA 56 86.69 -82.07 -116.18
N ASN TA 57 87.32 -81.03 -115.64
CA ASN TA 57 88.06 -80.08 -116.46
C ASN TA 57 89.54 -80.47 -116.58
N VAL TA 58 89.80 -81.72 -116.97
CA VAL TA 58 91.17 -82.19 -117.14
C VAL TA 58 91.75 -81.63 -118.43
N THR TA 59 93.04 -81.87 -118.65
CA THR TA 59 93.85 -81.08 -119.58
C THR TA 59 93.35 -81.10 -121.02
N GLY TA 60 92.55 -82.10 -121.40
CA GLY TA 60 92.13 -82.19 -122.79
C GLY TA 60 90.63 -82.19 -123.00
N LYS TA 61 89.88 -81.87 -121.95
CA LYS TA 61 88.43 -82.01 -121.97
C LYS TA 61 87.74 -80.73 -121.51
N THR TA 62 88.33 -79.57 -121.83
CA THR TA 62 87.76 -78.30 -121.42
C THR TA 62 87.16 -77.48 -122.54
N LYS TA 63 87.48 -77.80 -123.80
CA LYS TA 63 86.86 -77.14 -124.94
C LYS TA 63 85.68 -77.95 -125.50
N SER TA 64 85.36 -79.09 -124.90
CA SER TA 64 84.18 -79.87 -125.23
C SER TA 64 83.23 -79.85 -124.04
N MET TA 65 82.09 -80.51 -124.20
CA MET TA 65 81.14 -80.66 -123.11
C MET TA 65 81.39 -81.91 -122.28
N ASP TA 66 82.60 -82.48 -122.38
CA ASP TA 66 83.02 -83.52 -121.45
C ASP TA 66 83.56 -82.93 -120.15
N ALA TA 67 83.66 -81.61 -120.07
CA ALA TA 67 84.08 -80.97 -118.82
C ALA TA 67 83.01 -81.10 -117.75
N TYR TA 68 81.73 -81.12 -118.14
CA TYR TA 68 80.63 -81.11 -117.20
C TYR TA 68 80.25 -82.49 -116.70
N GLN TA 69 80.80 -83.54 -117.30
CA GLN TA 69 80.33 -84.90 -117.07
C GLN TA 69 81.32 -85.62 -116.15
N ILE TA 70 80.83 -86.10 -115.02
CA ILE TA 70 81.63 -86.88 -114.08
C ILE TA 70 81.43 -88.34 -114.40
N PRO TA 71 82.45 -89.05 -114.90
CA PRO TA 71 82.25 -90.46 -115.30
C PRO TA 71 82.12 -91.36 -114.08
N VAL TA 72 81.07 -92.17 -114.06
CA VAL TA 72 80.81 -93.12 -112.98
C VAL TA 72 80.61 -94.49 -113.61
N GLY TA 73 81.48 -95.44 -113.26
CA GLY TA 73 81.44 -96.76 -113.83
C GLY TA 73 82.28 -96.89 -115.09
N ASP TA 78 87.78 -99.49 -109.81
CA ASP TA 78 88.67 -99.08 -108.73
C ASP TA 78 87.91 -98.30 -107.66
N LYS TA 79 87.78 -98.88 -106.48
CA LYS TA 79 87.08 -98.27 -105.36
C LYS TA 79 88.02 -97.63 -104.35
N THR TA 80 89.32 -97.57 -104.66
CA THR TA 80 90.32 -97.08 -103.72
C THR TA 80 90.61 -95.59 -103.88
N LYS TA 81 90.33 -95.01 -105.06
CA LYS TA 81 90.53 -93.59 -105.27
C LYS TA 81 89.20 -92.91 -105.55
N PRO TA 82 89.03 -91.67 -105.10
CA PRO TA 82 87.71 -91.03 -105.20
C PRO TA 82 87.34 -90.72 -106.64
N ILE TA 83 86.03 -90.51 -106.84
CA ILE TA 83 85.54 -90.20 -108.18
C ILE TA 83 85.98 -88.81 -108.60
N PHE TA 84 85.70 -87.81 -107.77
CA PHE TA 84 86.15 -86.46 -108.03
C PHE TA 84 86.42 -85.77 -106.70
N SER TA 85 87.07 -84.61 -106.78
CA SER TA 85 87.47 -83.85 -105.60
C SER TA 85 87.88 -82.45 -106.03
N PHE TA 86 87.42 -81.42 -105.34
CA PHE TA 86 87.80 -80.06 -105.69
C PHE TA 86 87.68 -79.13 -104.50
N GLN TA 87 88.48 -78.07 -104.53
CA GLN TA 87 88.37 -77.00 -103.55
C GLN TA 87 86.96 -76.42 -103.55
N MET TA 88 86.49 -76.06 -102.35
CA MET TA 88 85.16 -75.45 -102.22
C MET TA 88 85.33 -73.96 -101.96
N ASP TA 89 85.67 -73.24 -103.03
CA ASP TA 89 85.70 -71.78 -102.99
C ASP TA 89 85.50 -71.21 -104.39
N PRO TA 90 84.45 -70.43 -104.62
CA PRO TA 90 84.14 -69.96 -105.99
C PRO TA 90 85.17 -69.01 -106.57
N GLY TA 91 86.09 -68.49 -105.77
CA GLY TA 91 87.21 -67.72 -106.28
C GLY TA 91 88.48 -68.54 -106.19
N TYR TA 92 89.38 -68.32 -107.16
CA TYR TA 92 90.68 -68.97 -107.19
C TYR TA 92 90.58 -70.49 -107.19
N SER TA 93 89.53 -71.02 -107.81
CA SER TA 93 89.37 -72.47 -107.97
C SER TA 93 88.92 -72.76 -109.38
N SER TA 94 89.65 -73.64 -110.08
CA SER TA 94 89.42 -73.86 -111.50
C SER TA 94 88.03 -74.42 -111.76
N VAL TA 95 87.45 -75.12 -110.79
CA VAL TA 95 86.17 -75.77 -111.01
C VAL TA 95 85.01 -74.78 -110.84
N LEU TA 96 85.09 -73.89 -109.85
CA LEU TA 96 83.97 -73.04 -109.47
C LEU TA 96 84.19 -71.57 -109.79
N LYS TA 97 85.14 -71.23 -110.66
CA LYS TA 97 85.45 -69.83 -110.92
C LYS TA 97 84.70 -69.26 -112.12
N ARG TA 98 84.18 -70.11 -113.01
CA ARG TA 98 83.44 -69.63 -114.16
C ARG TA 98 81.96 -69.99 -114.08
N THR TA 99 81.51 -70.44 -112.91
CA THR TA 99 80.10 -70.62 -112.61
C THR TA 99 79.42 -69.27 -112.49
N LEU TA 100 78.09 -69.25 -112.67
CA LEU TA 100 77.34 -68.04 -112.38
C LEU TA 100 77.58 -67.57 -110.96
N LEU TA 101 77.67 -68.51 -110.01
CA LEU TA 101 78.09 -68.16 -108.66
C LEU TA 101 79.51 -67.60 -108.67
N GLY TA 102 80.44 -68.34 -109.25
CA GLY TA 102 81.84 -67.94 -109.17
C GLY TA 102 82.22 -66.79 -110.05
N GLU TA 103 81.35 -66.36 -110.95
CA GLU TA 103 81.65 -65.26 -111.84
C GLU TA 103 81.09 -63.93 -111.37
N MET TA 104 79.99 -63.96 -110.60
CA MET TA 104 79.49 -62.73 -110.01
C MET TA 104 80.20 -62.41 -108.70
N LEU TA 105 81.04 -63.33 -108.23
CA LEU TA 105 81.88 -63.16 -107.05
C LEU TA 105 83.29 -62.67 -107.37
N ASN TA 106 83.71 -62.70 -108.65
CA ASN TA 106 84.99 -62.12 -109.02
C ASN TA 106 84.92 -60.63 -109.29
N TYR TA 107 83.70 -60.06 -109.30
CA TYR TA 107 83.54 -58.61 -109.31
C TYR TA 107 83.72 -57.99 -107.94
N TYR TA 108 84.01 -58.79 -106.92
CA TYR TA 108 84.04 -58.30 -105.56
C TYR TA 108 85.23 -58.89 -104.82
N ALA TA 109 85.73 -58.13 -103.84
CA ALA TA 109 86.85 -58.54 -103.03
C ALA TA 109 86.44 -59.21 -101.72
N HIS TA 110 85.43 -58.67 -101.04
CA HIS TA 110 84.94 -59.25 -99.80
C HIS TA 110 83.60 -59.90 -100.07
N TRP TA 111 83.52 -61.22 -99.91
CA TRP TA 111 82.25 -61.92 -100.00
C TRP TA 111 82.25 -63.06 -99.01
N SER TA 112 81.06 -63.38 -98.50
CA SER TA 112 80.91 -64.40 -97.46
C SER TA 112 79.49 -64.93 -97.50
N GLY TA 113 79.36 -66.25 -97.43
CA GLY TA 113 78.06 -66.88 -97.46
C GLY TA 113 78.20 -68.38 -97.60
N SER TA 114 77.08 -69.01 -97.92
CA SER TA 114 77.05 -70.45 -98.13
C SER TA 114 76.73 -70.75 -99.59
N VAL TA 115 76.93 -72.01 -99.96
CA VAL TA 115 76.83 -72.47 -101.34
C VAL TA 115 76.27 -73.89 -101.34
N LYS TA 116 75.23 -74.11 -102.13
CA LYS TA 116 74.57 -75.40 -102.23
C LYS TA 116 74.98 -76.09 -103.52
N LEU TA 117 75.10 -77.42 -103.45
CA LEU TA 117 75.53 -78.23 -104.58
C LEU TA 117 74.50 -79.31 -104.84
N THR TA 118 74.10 -79.45 -106.10
CA THR TA 118 73.15 -80.47 -106.51
C THR TA 118 73.86 -81.45 -107.44
N PHE TA 119 73.76 -82.74 -107.12
CA PHE TA 119 74.38 -83.80 -107.93
C PHE TA 119 73.28 -84.56 -108.65
N LEU TA 120 73.09 -84.25 -109.92
CA LEU TA 120 72.09 -84.89 -110.76
C LEU TA 120 72.73 -86.12 -111.42
N PHE TA 121 72.24 -87.31 -111.07
CA PHE TA 121 72.72 -88.55 -111.67
C PHE TA 121 72.03 -88.74 -113.01
N CYS TA 122 72.81 -88.67 -114.09
CA CYS TA 122 72.28 -88.76 -115.45
C CYS TA 122 72.52 -90.14 -116.05
N GLY TA 123 72.34 -91.20 -115.27
CA GLY TA 123 72.44 -92.55 -115.75
C GLY TA 123 71.09 -93.13 -116.13
N SER TA 124 71.03 -94.45 -116.24
CA SER TA 124 69.81 -95.10 -116.65
C SER TA 124 68.80 -95.09 -115.52
N ALA TA 125 67.56 -95.44 -115.85
CA ALA TA 125 66.52 -95.60 -114.84
C ALA TA 125 66.57 -96.95 -114.17
N MET TA 126 67.49 -97.83 -114.60
CA MET TA 126 67.66 -99.14 -114.01
C MET TA 126 68.98 -99.30 -113.27
N ALA TA 127 69.92 -98.38 -113.43
CA ALA TA 127 71.20 -98.46 -112.76
C ALA TA 127 71.04 -98.10 -111.29
N THR TA 128 71.69 -98.86 -110.42
CA THR TA 128 71.52 -98.68 -108.99
C THR TA 128 72.86 -98.85 -108.29
N GLY TA 129 73.19 -97.89 -107.43
CA GLY TA 129 74.43 -97.96 -106.67
C GLY TA 129 74.40 -96.92 -105.57
N LYS TA 130 75.51 -96.84 -104.84
CA LYS TA 130 75.65 -95.86 -103.78
C LYS TA 130 76.94 -95.08 -103.95
N LEU TA 131 76.84 -93.78 -103.67
CA LEU TA 131 77.99 -92.87 -103.69
C LEU TA 131 78.04 -92.15 -102.34
N LEU TA 132 79.25 -91.94 -101.85
CA LEU TA 132 79.46 -91.34 -100.53
C LEU TA 132 80.13 -89.99 -100.72
N ILE TA 133 79.38 -88.92 -100.46
CA ILE TA 133 79.82 -87.56 -100.72
C ILE TA 133 80.30 -86.96 -99.39
N SER TA 134 81.61 -86.82 -99.25
CA SER TA 134 82.21 -86.36 -98.01
C SER TA 134 82.58 -84.89 -98.11
N TYR TA 135 82.52 -84.20 -96.97
CA TYR TA 135 82.84 -82.78 -96.89
C TYR TA 135 83.94 -82.57 -95.85
N SER TA 136 85.02 -81.91 -96.27
CA SER TA 136 86.00 -81.64 -95.23
C SER TA 136 85.92 -80.17 -94.81
N PRO TA 137 86.04 -79.91 -93.51
CA PRO TA 137 86.06 -78.52 -93.03
C PRO TA 137 87.27 -77.78 -93.59
N PRO TA 138 87.26 -76.44 -93.57
CA PRO TA 138 88.30 -75.69 -94.29
C PRO TA 138 89.70 -75.90 -93.73
N GLY TA 139 89.85 -76.35 -92.49
CA GLY TA 139 91.17 -76.59 -91.95
C GLY TA 139 91.65 -78.02 -92.11
N ALA TA 140 90.70 -78.95 -92.26
CA ALA TA 140 91.03 -80.36 -92.21
C ALA TA 140 91.70 -80.81 -93.49
N SER TA 141 92.34 -81.97 -93.42
CA SER TA 141 92.96 -82.59 -94.58
C SER TA 141 91.96 -83.50 -95.29
N VAL TA 142 92.24 -83.78 -96.55
CA VAL TA 142 91.34 -84.59 -97.36
C VAL TA 142 91.36 -86.04 -96.87
N PRO TA 143 90.26 -86.77 -96.99
CA PRO TA 143 90.32 -88.21 -96.68
C PRO TA 143 91.08 -88.95 -97.76
N THR TA 144 92.03 -89.79 -97.34
CA THR TA 144 92.79 -90.58 -98.30
C THR TA 144 92.13 -91.91 -98.63
N SER TA 145 91.17 -92.35 -97.82
CA SER TA 145 90.47 -93.61 -98.01
C SER TA 145 88.97 -93.36 -97.88
N ARG TA 146 88.19 -94.40 -98.21
CA ARG TA 146 86.74 -94.27 -98.08
C ARG TA 146 86.30 -94.33 -96.63
N LYS TA 147 86.97 -95.15 -95.81
CA LYS TA 147 86.61 -95.24 -94.40
C LYS TA 147 86.86 -93.93 -93.68
N ASP TA 148 87.99 -93.28 -93.96
CA ASP TA 148 88.30 -92.01 -93.33
C ASP TA 148 87.37 -90.89 -93.79
N ALA TA 149 86.79 -91.02 -94.98
CA ALA TA 149 85.74 -90.11 -95.40
C ALA TA 149 84.41 -90.42 -94.72
N MET TA 150 84.18 -91.70 -94.37
CA MET TA 150 82.94 -92.07 -93.70
C MET TA 150 82.92 -91.57 -92.26
N LEU TA 151 84.09 -91.47 -91.63
CA LEU TA 151 84.18 -91.04 -90.24
C LEU TA 151 83.99 -89.54 -90.08
N GLY TA 152 84.08 -88.78 -91.16
CA GLY TA 152 83.82 -87.36 -91.10
C GLY TA 152 82.37 -87.04 -91.46
N THR TA 153 82.15 -85.95 -92.18
CA THR TA 153 80.83 -85.58 -92.66
C THR TA 153 80.62 -86.20 -94.04
N HIS TA 154 79.46 -86.84 -94.24
CA HIS TA 154 79.18 -87.51 -95.50
C HIS TA 154 77.67 -87.66 -95.64
N ILE TA 155 77.26 -88.08 -96.83
CA ILE TA 155 75.88 -88.45 -97.11
C ILE TA 155 75.92 -89.62 -98.09
N VAL TA 156 75.52 -90.80 -97.63
CA VAL TA 156 75.50 -91.99 -98.49
C VAL TA 156 74.30 -91.86 -99.41
N TRP TA 157 74.56 -91.42 -100.64
CA TRP TA 157 73.51 -91.04 -101.59
C TRP TA 157 73.12 -92.23 -102.44
N ASP TA 158 71.99 -92.85 -102.10
CA ASP TA 158 71.48 -93.98 -102.87
C ASP TA 158 70.93 -93.49 -104.20
N ILE TA 159 71.52 -93.98 -105.29
CA ILE TA 159 71.13 -93.52 -106.62
C ILE TA 159 69.81 -94.13 -107.05
N GLY TA 160 69.56 -95.38 -106.68
CA GLY TA 160 68.36 -96.07 -107.13
C GLY TA 160 67.07 -95.51 -106.57
N LEU TA 161 67.14 -94.82 -105.43
CA LEU TA 161 65.96 -94.22 -104.83
C LEU TA 161 65.76 -92.79 -105.32
N GLN TA 162 66.70 -91.90 -105.01
CA GLN TA 162 66.68 -90.53 -105.47
C GLN TA 162 67.84 -90.31 -106.43
N SER TA 163 67.63 -89.42 -107.40
CA SER TA 163 68.61 -89.14 -108.45
C SER TA 163 69.19 -87.74 -108.34
N SER TA 164 69.00 -87.06 -107.21
CA SER TA 164 69.49 -85.69 -107.06
C SER TA 164 69.67 -85.42 -105.57
N CYS TA 165 70.91 -85.27 -105.13
CA CYS TA 165 71.22 -85.03 -103.73
C CYS TA 165 71.79 -83.62 -103.59
N VAL TA 166 71.26 -82.87 -102.63
CA VAL TA 166 71.55 -81.46 -102.46
C VAL TA 166 72.34 -81.26 -101.17
N LEU TA 167 73.41 -80.50 -101.26
CA LEU TA 167 74.23 -80.11 -100.11
C LEU TA 167 73.97 -78.63 -99.80
N CYS TA 168 74.65 -78.15 -98.76
CA CYS TA 168 74.69 -76.71 -98.47
C CYS TA 168 75.96 -76.49 -97.65
N VAL TA 169 77.01 -75.99 -98.31
CA VAL TA 169 78.33 -75.90 -97.69
C VAL TA 169 78.47 -74.51 -97.07
N PRO TA 170 78.64 -74.42 -95.75
CA PRO TA 170 78.81 -73.11 -95.11
C PRO TA 170 80.26 -72.68 -95.01
N TRP TA 171 80.50 -71.53 -94.38
CA TRP TA 171 81.84 -71.02 -94.12
C TRP TA 171 82.63 -70.85 -95.42
N ILE TA 172 82.04 -70.13 -96.38
CA ILE TA 172 82.66 -69.90 -97.68
C ILE TA 172 82.85 -68.40 -97.82
N SER TA 173 84.09 -67.95 -97.73
CA SER TA 173 84.39 -66.53 -97.76
C SER TA 173 85.87 -66.32 -98.09
N GLN TA 174 86.16 -65.18 -98.69
CA GLN TA 174 87.53 -64.69 -98.81
C GLN TA 174 87.51 -63.17 -98.64
N SER TA 175 88.71 -62.61 -98.49
CA SER TA 175 88.85 -61.19 -98.22
C SER TA 175 90.24 -60.68 -98.61
N SER TA 187 92.90 -72.37 -98.65
CA SER TA 187 92.61 -73.20 -97.49
C SER TA 187 91.10 -73.27 -97.25
N ALA TA 188 90.41 -73.99 -98.12
CA ALA TA 188 88.95 -74.11 -98.03
C ALA TA 188 88.56 -75.58 -97.95
N GLY TA 189 87.26 -75.83 -98.06
CA GLY TA 189 86.72 -77.16 -97.89
C GLY TA 189 86.99 -78.07 -99.09
N TYR TA 190 86.38 -79.25 -99.04
CA TYR TA 190 86.54 -80.25 -100.07
C TYR TA 190 85.24 -81.02 -100.23
N ILE TA 191 84.85 -81.26 -101.47
CA ILE TA 191 83.71 -82.11 -101.78
C ILE TA 191 84.27 -83.28 -102.58
N THR TA 192 84.64 -84.34 -101.89
CA THR TA 192 85.05 -85.58 -102.53
C THR TA 192 83.86 -86.50 -102.67
N CYS TA 193 84.01 -87.53 -103.50
CA CYS TA 193 82.94 -88.48 -103.73
C CYS TA 193 83.54 -89.85 -103.95
N TRP TA 194 82.91 -90.87 -103.37
CA TRP TA 194 83.48 -92.18 -103.23
C TRP TA 194 82.51 -93.25 -103.72
N TYR TA 195 83.07 -94.37 -104.16
CA TYR TA 195 82.26 -95.55 -104.47
C TYR TA 195 81.96 -96.26 -103.16
N GLN TA 196 80.76 -96.07 -102.63
CA GLN TA 196 80.28 -96.96 -101.58
C GLN TA 196 80.01 -98.34 -102.16
N THR TA 197 79.20 -98.39 -103.21
CA THR TA 197 78.98 -99.60 -103.99
C THR TA 197 79.20 -99.28 -105.47
N ASN TA 198 79.43 -100.33 -106.25
CA ASN TA 198 79.49 -100.14 -107.70
C ASN TA 198 78.10 -99.92 -108.27
N ILE TA 199 78.05 -99.55 -109.54
CA ILE TA 199 76.77 -99.31 -110.22
C ILE TA 199 76.24 -100.67 -110.69
N VAL TA 200 75.13 -101.10 -110.10
CA VAL TA 200 74.52 -102.38 -110.44
C VAL TA 200 73.52 -102.14 -111.56
N VAL TA 201 73.60 -102.94 -112.61
CA VAL TA 201 72.89 -102.65 -113.85
C VAL TA 201 72.37 -103.94 -114.45
N PRO TA 202 71.14 -103.95 -114.96
CA PRO TA 202 70.61 -105.15 -115.62
C PRO TA 202 71.28 -105.38 -116.95
N PRO TA 203 71.02 -106.52 -117.61
CA PRO TA 203 71.72 -106.80 -118.88
C PRO TA 203 71.41 -105.83 -120.01
N GLY TA 204 70.28 -105.12 -119.96
CA GLY TA 204 69.94 -104.24 -121.06
C GLY TA 204 70.51 -102.84 -120.98
N ALA TA 205 70.68 -102.32 -119.77
CA ALA TA 205 71.10 -100.94 -119.62
C ALA TA 205 72.62 -100.82 -119.71
N PRO TA 206 73.12 -99.66 -120.12
CA PRO TA 206 74.57 -99.48 -120.22
C PRO TA 206 75.24 -99.40 -118.85
N THR TA 207 76.55 -99.64 -118.86
CA THR TA 207 77.30 -99.81 -117.62
C THR TA 207 77.88 -98.51 -117.08
N SER TA 208 78.26 -97.59 -117.96
CA SER TA 208 78.93 -96.35 -117.58
C SER TA 208 77.95 -95.19 -117.62
N CYS TA 209 77.90 -94.43 -116.53
CA CYS TA 209 76.94 -93.34 -116.37
C CYS TA 209 77.68 -92.03 -116.11
N ASP TA 210 76.93 -90.94 -116.02
CA ASP TA 210 77.47 -89.63 -115.75
C ASP TA 210 76.71 -88.97 -114.61
N VAL TA 211 77.40 -88.05 -113.92
CA VAL TA 211 76.83 -87.28 -112.83
C VAL TA 211 77.12 -85.80 -113.11
N LEU TA 212 76.07 -85.01 -113.25
CA LEU TA 212 76.21 -83.57 -113.37
C LEU TA 212 76.20 -82.92 -111.99
N CYS TA 213 76.86 -81.77 -111.90
CA CYS TA 213 76.90 -81.00 -110.66
C CYS TA 213 76.36 -79.61 -110.90
N PHE TA 214 75.94 -78.96 -109.82
CA PHE TA 214 75.36 -77.63 -109.88
C PHE TA 214 75.85 -76.84 -108.68
N ALA TA 215 75.72 -75.51 -108.75
CA ALA TA 215 76.16 -74.66 -107.66
C ALA TA 215 75.41 -73.34 -107.71
N SER TA 216 75.02 -72.85 -106.54
CA SER TA 216 74.39 -71.55 -106.38
C SER TA 216 74.59 -71.07 -104.95
N ALA TA 217 73.93 -69.99 -104.59
CA ALA TA 217 73.93 -69.51 -103.21
C ALA TA 217 72.82 -70.20 -102.44
N CYS TA 218 73.14 -70.69 -101.24
CA CYS TA 218 72.24 -71.63 -100.57
C CYS TA 218 71.00 -70.92 -100.03
N ASN TA 219 71.19 -69.97 -99.11
CA ASN TA 219 70.10 -69.19 -98.56
C ASN TA 219 70.22 -67.71 -98.92
N ASP TA 220 71.33 -67.08 -98.56
CA ASP TA 220 71.57 -65.67 -98.82
C ASP TA 220 73.07 -65.46 -98.80
N PHE TA 221 73.54 -64.49 -99.59
CA PHE TA 221 74.96 -64.35 -99.83
C PHE TA 221 75.36 -62.91 -99.58
N SER TA 222 76.49 -62.71 -98.92
CA SER TA 222 76.97 -61.39 -98.54
C SER TA 222 78.23 -61.07 -99.33
N VAL TA 223 78.32 -59.82 -99.78
CA VAL TA 223 79.36 -59.44 -100.73
C VAL TA 223 79.52 -57.91 -100.68
N ARG TA 224 80.77 -57.44 -100.58
CA ARG TA 224 81.00 -56.04 -100.18
C ARG TA 224 81.71 -55.21 -101.23
N LEU TA 225 82.96 -55.51 -101.58
CA LEU TA 225 83.86 -54.52 -102.17
C LEU TA 225 84.04 -54.76 -103.65
N LEU TA 226 83.46 -53.89 -104.48
CA LEU TA 226 83.49 -54.07 -105.92
C LEU TA 226 84.88 -53.80 -106.47
N ARG TA 227 85.28 -54.59 -107.48
CA ARG TA 227 86.56 -54.42 -108.15
C ARG TA 227 86.38 -54.79 -109.62
N ASP TA 228 87.47 -54.67 -110.38
CA ASP TA 228 87.49 -55.11 -111.77
C ASP TA 228 87.80 -56.60 -111.85
N THR TA 229 87.17 -57.27 -112.81
CA THR TA 229 87.36 -58.71 -112.94
C THR TA 229 88.73 -59.03 -113.52
N PRO TA 230 89.32 -60.17 -113.12
CA PRO TA 230 90.64 -60.53 -113.65
C PRO TA 230 90.61 -61.14 -115.04
N PHE TA 231 89.48 -61.75 -115.44
CA PHE TA 231 89.43 -62.51 -116.68
C PHE TA 231 89.69 -61.64 -117.90
N MET TA 232 88.97 -60.52 -118.02
CA MET TA 232 89.18 -59.63 -119.15
C MET TA 232 90.60 -59.06 -119.12
N ALA TA 233 91.19 -58.89 -120.30
CA ALA TA 233 92.55 -58.40 -120.42
C ALA TA 233 92.57 -57.00 -121.00
N GLN UA 43 -31.40 -11.31 104.79
CA GLN UA 43 -31.30 -11.62 103.36
C GLN UA 43 -31.05 -13.10 103.14
N THR UA 44 -31.24 -13.56 101.91
CA THR UA 44 -31.03 -14.96 101.55
C THR UA 44 -30.33 -15.04 100.21
N ARG UA 45 -29.62 -16.14 100.00
CA ARG UA 45 -28.85 -16.34 98.77
C ARG UA 45 -29.80 -16.78 97.67
N HIS UA 46 -30.03 -15.92 96.69
CA HIS UA 46 -30.94 -16.21 95.60
C HIS UA 46 -30.16 -16.57 94.34
N VAL UA 47 -30.88 -17.10 93.36
CA VAL UA 47 -30.29 -17.40 92.06
C VAL UA 47 -30.19 -16.08 91.29
N VAL UA 48 -29.02 -15.46 91.34
CA VAL UA 48 -28.79 -14.19 90.66
C VAL UA 48 -28.37 -14.57 89.25
N ASN UA 49 -29.36 -14.80 88.39
CA ASN UA 49 -29.13 -15.29 87.03
C ASN UA 49 -29.33 -14.15 86.05
N PHE UA 50 -28.22 -13.70 85.46
CA PHE UA 50 -28.20 -12.74 84.36
C PHE UA 50 -26.75 -12.66 83.90
N HIS UA 51 -26.55 -12.04 82.75
CA HIS UA 51 -25.23 -11.94 82.15
C HIS UA 51 -25.07 -10.53 81.57
N SER UA 52 -24.41 -9.66 82.32
CA SER UA 52 -24.27 -8.27 81.92
C SER UA 52 -23.00 -7.67 82.52
N ARG UA 53 -22.29 -6.89 81.71
CA ARG UA 53 -21.17 -6.10 82.20
C ARG UA 53 -21.23 -4.68 81.62
N SER UA 54 -22.44 -4.19 81.36
CA SER UA 54 -22.59 -2.82 80.88
C SER UA 54 -22.39 -1.82 82.00
N GLU UA 55 -22.62 -2.23 83.24
CA GLU UA 55 -22.44 -1.35 84.39
C GLU UA 55 -21.00 -1.36 84.89
N SER UA 56 -20.14 -2.18 84.29
CA SER UA 56 -18.76 -2.28 84.70
C SER UA 56 -17.82 -1.57 83.73
N THR UA 57 -18.36 -0.95 82.69
CA THR UA 57 -17.49 -0.18 81.80
C THR UA 57 -17.02 1.09 82.51
N ILE UA 58 -16.03 1.75 81.92
CA ILE UA 58 -15.40 2.88 82.58
C ILE UA 58 -16.35 4.08 82.64
N GLU UA 59 -17.11 4.31 81.57
CA GLU UA 59 -18.01 5.44 81.54
C GLU UA 59 -19.20 5.25 82.48
N ASN UA 60 -19.57 4.00 82.75
CA ASN UA 60 -20.65 3.69 83.66
C ASN UA 60 -20.16 3.49 85.09
N PHE UA 61 -18.86 3.64 85.32
CA PHE UA 61 -18.23 3.50 86.62
C PHE UA 61 -17.74 4.82 87.19
N MET UA 62 -17.15 5.67 86.34
CA MET UA 62 -16.62 6.97 86.73
C MET UA 62 -17.61 8.10 86.48
N GLY UA 63 -18.37 8.03 85.40
CA GLY UA 63 -19.27 9.10 85.03
C GLY UA 63 -20.49 9.19 85.91
N ARG UA 64 -20.29 9.59 87.17
CA ARG UA 64 -21.39 9.80 88.10
C ARG UA 64 -21.16 11.08 88.88
N ALA UA 65 -22.20 11.90 88.97
CA ALA UA 65 -22.08 13.22 89.58
C ALA UA 65 -22.03 13.08 91.10
N ALA UA 66 -21.04 13.72 91.71
CA ALA UA 66 -20.84 13.68 93.14
C ALA UA 66 -20.50 15.08 93.63
N CYS UA 67 -21.01 15.43 94.81
CA CYS UA 67 -20.79 16.76 95.36
C CYS UA 67 -19.37 16.83 95.91
N VAL UA 68 -18.60 17.80 95.42
CA VAL UA 68 -17.18 17.87 95.72
C VAL UA 68 -16.77 19.18 96.38
N PHE UA 69 -17.68 20.15 96.55
CA PHE UA 69 -17.27 21.44 97.09
C PHE UA 69 -18.49 22.16 97.67
N MET UA 70 -18.57 22.21 99.00
CA MET UA 70 -19.46 23.11 99.71
C MET UA 70 -18.67 24.33 100.19
N ASP UA 71 -19.25 25.51 100.03
CA ASP UA 71 -18.60 26.71 100.53
C ASP UA 71 -19.63 27.82 100.74
N GLN UA 72 -19.33 28.69 101.70
CA GLN UA 72 -20.15 29.86 102.01
C GLN UA 72 -19.50 31.09 101.41
N TYR UA 73 -20.33 32.07 101.03
CA TYR UA 73 -19.81 33.37 100.62
C TYR UA 73 -20.90 34.41 100.82
N LYS UA 74 -20.53 35.52 101.46
CA LYS UA 74 -21.47 36.56 101.87
C LYS UA 74 -21.81 37.45 100.69
N ILE UA 75 -22.45 38.58 100.95
CA ILE UA 75 -22.79 39.53 99.89
C ILE UA 75 -22.27 40.94 100.21
N ASN UA 76 -22.20 41.28 101.49
CA ASN UA 76 -21.88 42.66 101.87
C ASN UA 76 -20.98 42.67 103.10
N GLY UA 77 -20.43 43.85 103.38
CA GLY UA 77 -19.48 44.04 104.44
C GLY UA 77 -18.07 43.64 104.04
N GLU UA 78 -17.11 44.19 104.77
CA GLU UA 78 -15.69 43.83 104.65
C GLU UA 78 -15.24 43.88 103.19
N GLU UA 79 -15.15 45.11 102.69
CA GLU UA 79 -14.91 45.32 101.26
C GLU UA 79 -13.63 44.63 100.78
N THR UA 80 -12.63 44.54 101.65
CA THR UA 80 -11.43 43.76 101.38
C THR UA 80 -11.45 42.50 102.27
N SER UA 81 -12.15 41.47 101.79
CA SER UA 81 -12.22 40.21 102.53
C SER UA 81 -12.19 39.05 101.55
N THR UA 82 -11.80 37.88 102.08
CA THR UA 82 -11.75 36.65 101.31
C THR UA 82 -12.96 35.76 101.55
N ASP UA 83 -13.95 36.23 102.29
CA ASP UA 83 -15.14 35.46 102.60
C ASP UA 83 -16.35 35.91 101.78
N ARG UA 84 -16.12 36.58 100.66
CA ARG UA 84 -17.20 37.00 99.76
C ARG UA 84 -17.16 36.28 98.43
N PHE UA 85 -16.30 35.27 98.29
CA PHE UA 85 -16.24 34.47 97.07
C PHE UA 85 -15.65 33.11 97.40
N ALA UA 86 -15.78 32.18 96.45
CA ALA UA 86 -15.31 30.82 96.60
C ALA UA 86 -14.19 30.56 95.58
N VAL UA 87 -13.44 29.48 95.82
CA VAL UA 87 -12.24 29.22 95.02
C VAL UA 87 -12.27 27.84 94.36
N TRP UA 88 -12.06 26.79 95.15
CA TRP UA 88 -12.03 25.40 94.69
C TRP UA 88 -11.19 25.18 93.44
N THR UA 89 -9.87 25.12 93.60
CA THR UA 89 -9.01 24.63 92.53
C THR UA 89 -9.43 23.22 92.12
N ILE UA 90 -9.78 23.04 90.84
CA ILE UA 90 -10.41 21.80 90.41
C ILE UA 90 -9.38 20.69 90.36
N ASN UA 91 -9.59 19.65 91.17
CA ASN UA 91 -8.76 18.45 91.12
C ASN UA 91 -9.60 17.24 91.51
N ILE UA 92 -9.13 16.05 91.09
CA ILE UA 92 -9.83 14.82 91.43
C ILE UA 92 -9.60 14.40 92.87
N ARG UA 93 -8.61 14.97 93.55
CA ARG UA 93 -8.27 14.56 94.91
C ARG UA 93 -9.05 15.38 95.93
N GLU UA 94 -10.36 15.46 95.73
CA GLU UA 94 -11.22 16.29 96.58
C GLU UA 94 -11.75 15.49 97.77
N MET UA 95 -12.56 14.47 97.52
CA MET UA 95 -13.05 13.59 98.57
C MET UA 95 -12.60 12.17 98.28
N ALA UA 96 -12.39 11.40 99.34
CA ALA UA 96 -11.71 10.12 99.23
C ALA UA 96 -12.54 9.06 98.49
N GLN UA 97 -13.86 9.22 98.45
CA GLN UA 97 -14.68 8.24 97.76
C GLN UA 97 -14.47 8.31 96.25
N LEU UA 98 -14.48 9.52 95.69
CA LEU UA 98 -14.17 9.66 94.27
C LEU UA 98 -12.67 9.49 94.01
N ARG UA 99 -11.82 10.04 94.87
CA ARG UA 99 -10.38 9.92 94.69
C ARG UA 99 -9.96 8.46 94.56
N ARG UA 100 -10.62 7.57 95.29
CA ARG UA 100 -10.29 6.15 95.23
C ARG UA 100 -10.56 5.58 93.85
N LYS UA 101 -11.64 6.01 93.20
CA LYS UA 101 -11.98 5.48 91.88
C LYS UA 101 -11.03 5.97 90.80
N CYS UA 102 -10.55 7.21 90.91
CA CYS UA 102 -9.62 7.72 89.92
C CYS UA 102 -8.24 7.08 90.06
N GLU UA 103 -7.95 6.47 91.20
CA GLU UA 103 -6.67 5.79 91.42
C GLU UA 103 -6.74 4.31 91.06
N MET UA 104 -7.84 3.84 90.49
CA MET UA 104 -7.84 2.53 89.84
C MET UA 104 -6.95 2.55 88.60
N PHE UA 105 -6.76 3.73 88.01
CA PHE UA 105 -6.14 3.87 86.69
C PHE UA 105 -5.05 4.92 86.79
N THR UA 106 -3.94 4.68 86.09
CA THR UA 106 -2.84 5.63 86.10
C THR UA 106 -3.16 6.86 85.25
N TYR UA 107 -3.57 6.64 84.00
CA TYR UA 107 -3.85 7.73 83.08
C TYR UA 107 -5.32 7.70 82.67
N MET UA 108 -5.92 8.88 82.58
CA MET UA 108 -7.30 8.99 82.13
C MET UA 108 -7.52 10.39 81.57
N ARG UA 109 -8.40 10.48 80.58
CA ARG UA 109 -8.78 11.75 79.98
C ARG UA 109 -10.30 11.79 79.86
N PHE UA 110 -10.87 12.97 80.09
CA PHE UA 110 -12.31 13.08 80.24
C PHE UA 110 -12.70 14.54 80.23
N ASP UA 111 -13.85 14.83 79.62
CA ASP UA 111 -14.49 16.12 79.80
C ASP UA 111 -15.20 16.15 81.15
N ILE UA 112 -15.26 17.33 81.75
CA ILE UA 112 -15.96 17.52 83.02
C ILE UA 112 -17.16 18.42 82.77
N GLU UA 113 -18.27 18.12 83.43
CA GLU UA 113 -19.53 18.83 83.25
C GLU UA 113 -20.14 19.02 84.64
N MET UA 114 -19.81 20.13 85.28
CA MET UA 114 -20.25 20.39 86.63
C MET UA 114 -21.51 21.26 86.63
N THR UA 115 -22.40 20.98 87.57
CA THR UA 115 -23.63 21.74 87.74
C THR UA 115 -23.71 22.19 89.19
N MET UA 116 -23.70 23.50 89.40
CA MET UA 116 -23.74 24.04 90.74
C MET UA 116 -25.17 24.06 91.27
N VAL UA 117 -25.29 23.98 92.59
CA VAL UA 117 -26.59 24.04 93.27
C VAL UA 117 -26.42 25.11 94.35
N ILE UA 118 -26.98 26.29 94.12
CA ILE UA 118 -26.72 27.48 94.92
C ILE UA 118 -27.96 27.80 95.74
N THR UA 119 -27.77 28.00 97.04
CA THR UA 119 -28.85 28.36 97.95
C THR UA 119 -28.58 29.74 98.51
N SER UA 120 -29.43 30.16 99.45
CA SER UA 120 -29.24 31.45 100.10
C SER UA 120 -29.99 31.44 101.42
N CYS UA 121 -29.56 32.32 102.32
CA CYS UA 121 -30.16 32.46 103.64
C CYS UA 121 -30.22 33.96 103.92
N GLN UA 122 -30.44 34.32 105.19
CA GLN UA 122 -30.43 35.73 105.57
C GLN UA 122 -30.33 35.88 107.09
N MET UA 132 -35.75 41.55 100.35
CA MET UA 132 -34.57 41.45 99.50
C MET UA 132 -34.96 41.42 98.03
N PRO UA 133 -33.99 41.59 97.12
CA PRO UA 133 -34.30 41.46 95.69
C PRO UA 133 -34.15 40.03 95.21
N VAL UA 134 -34.26 39.82 93.90
CA VAL UA 134 -33.91 38.54 93.30
C VAL UA 134 -32.41 38.53 93.04
N LEU UA 135 -31.73 37.47 93.46
CA LEU UA 135 -30.28 37.41 93.45
C LEU UA 135 -29.76 36.80 92.16
N THR UA 136 -28.63 37.32 91.68
CA THR UA 136 -27.95 36.80 90.51
C THR UA 136 -26.52 36.49 90.90
N HIS UA 137 -26.04 35.32 90.50
CA HIS UA 137 -24.72 34.83 90.87
C HIS UA 137 -23.79 34.84 89.65
N GLN UA 138 -22.52 34.53 89.89
CA GLN UA 138 -21.53 34.42 88.82
C GLN UA 138 -20.55 33.32 89.18
N ILE UA 139 -20.44 32.31 88.31
CA ILE UA 139 -19.53 31.20 88.50
C ILE UA 139 -18.47 31.29 87.42
N MET UA 140 -17.31 31.86 87.75
CA MET UA 140 -16.26 32.13 86.78
C MET UA 140 -15.24 31.00 86.83
N TYR UA 141 -15.14 30.25 85.73
CA TYR UA 141 -14.09 29.26 85.55
C TYR UA 141 -12.89 29.91 84.89
N VAL UA 142 -11.76 29.91 85.59
CA VAL UA 142 -10.51 30.38 84.98
C VAL UA 142 -9.74 29.16 84.49
N PRO UA 143 -9.14 29.23 83.32
CA PRO UA 143 -8.33 28.10 82.81
C PRO UA 143 -7.05 27.96 83.62
N PRO UA 144 -6.22 26.95 83.33
CA PRO UA 144 -4.93 26.85 84.04
C PRO UA 144 -4.05 28.07 83.83
N GLY UA 145 -4.02 28.61 82.62
CA GLY UA 145 -3.41 29.91 82.41
C GLY UA 145 -4.45 31.01 82.46
N GLY UA 146 -4.63 31.58 83.64
CA GLY UA 146 -5.65 32.58 83.86
C GLY UA 146 -5.44 33.38 85.12
N PRO UA 147 -5.77 34.66 85.07
CA PRO UA 147 -5.65 35.51 86.25
C PRO UA 147 -6.76 35.23 87.25
N ILE UA 148 -6.42 35.35 88.53
CA ILE UA 148 -7.37 35.06 89.59
C ILE UA 148 -7.73 36.36 90.29
N PRO UA 149 -8.94 36.50 90.82
CA PRO UA 149 -9.25 37.67 91.64
C PRO UA 149 -8.63 37.56 93.01
N ALA UA 150 -8.30 38.72 93.59
CA ALA UA 150 -7.88 38.81 94.97
C ALA UA 150 -9.00 39.29 95.88
N LYS UA 151 -9.98 40.01 95.33
CA LYS UA 151 -11.10 40.54 96.09
C LYS UA 151 -12.36 40.35 95.26
N VAL UA 152 -13.51 40.53 95.90
CA VAL UA 152 -14.79 40.38 95.20
C VAL UA 152 -14.96 41.44 94.13
N ASP UA 153 -14.22 42.54 94.22
CA ASP UA 153 -14.32 43.64 93.26
C ASP UA 153 -13.05 43.81 92.44
N GLY UA 154 -12.33 42.73 92.19
CA GLY UA 154 -11.16 42.80 91.34
C GLY UA 154 -11.53 42.94 89.88
N TYR UA 155 -10.53 43.31 89.08
CA TYR UA 155 -10.77 43.47 87.65
C TYR UA 155 -10.72 42.14 86.90
N GLU UA 156 -10.21 41.08 87.53
CA GLU UA 156 -10.12 39.78 86.86
C GLU UA 156 -11.51 39.26 86.49
N TRP UA 157 -12.52 39.59 87.32
CA TRP UA 157 -13.87 39.12 87.07
C TRP UA 157 -14.39 39.55 85.70
N GLN UA 158 -13.81 40.59 85.12
CA GLN UA 158 -14.25 41.12 83.83
C GLN UA 158 -13.39 40.61 82.67
N THR UA 159 -12.59 39.57 82.90
CA THR UA 159 -11.70 39.06 81.85
C THR UA 159 -12.51 38.27 80.82
N SER UA 160 -12.32 38.61 79.55
CA SER UA 160 -13.09 38.00 78.47
C SER UA 160 -12.69 36.56 78.21
N THR UA 161 -11.48 36.16 78.61
CA THR UA 161 -11.01 34.79 78.40
C THR UA 161 -11.39 33.85 79.53
N ASN UA 162 -11.97 34.37 80.61
CA ASN UA 162 -12.49 33.53 81.69
C ASN UA 162 -13.99 33.37 81.49
N PRO UA 163 -14.48 32.22 81.02
CA PRO UA 163 -15.92 32.05 80.82
C PRO UA 163 -16.64 31.94 82.16
N SER UA 164 -17.80 32.58 82.24
CA SER UA 164 -18.56 32.63 83.49
C SER UA 164 -20.04 32.60 83.17
N VAL UA 165 -20.82 31.94 84.02
CA VAL UA 165 -22.27 31.89 83.89
C VAL UA 165 -22.87 32.84 84.92
N PHE UA 166 -23.93 33.52 84.51
CA PHE UA 166 -24.66 34.45 85.36
C PHE UA 166 -26.03 33.86 85.62
N TRP UA 167 -26.13 33.09 86.70
CA TRP UA 167 -27.36 32.41 87.08
C TRP UA 167 -28.11 33.27 88.09
N THR UA 168 -29.36 33.60 87.77
CA THR UA 168 -30.24 34.29 88.70
C THR UA 168 -31.09 33.26 89.44
N GLU UA 169 -31.49 33.62 90.66
CA GLU UA 169 -32.09 32.64 91.55
C GLU UA 169 -33.50 32.28 91.06
N GLY UA 170 -33.87 31.01 91.29
CA GLY UA 170 -35.18 30.51 90.95
C GLY UA 170 -35.24 29.60 89.74
N ASN UA 171 -34.24 29.69 88.85
CA ASN UA 171 -34.26 28.91 87.63
C ASN UA 171 -33.64 27.52 87.86
N ALA UA 172 -33.43 26.78 86.77
CA ALA UA 172 -32.71 25.53 86.84
C ALA UA 172 -31.25 25.79 87.21
N PRO UA 173 -30.56 24.81 87.78
CA PRO UA 173 -29.18 25.05 88.23
C PRO UA 173 -28.27 25.33 87.05
N PRO UA 174 -27.23 26.13 87.24
CA PRO UA 174 -26.33 26.46 86.14
C PRO UA 174 -25.40 25.30 85.83
N ARG UA 175 -25.24 25.00 84.54
CA ARG UA 175 -24.36 23.94 84.10
C ARG UA 175 -23.30 24.50 83.17
N ILE UA 176 -22.04 24.22 83.48
CA ILE UA 176 -20.90 24.68 82.71
C ILE UA 176 -20.02 23.47 82.43
N SER UA 177 -19.64 23.29 81.17
CA SER UA 177 -18.88 22.11 80.76
C SER UA 177 -17.49 22.53 80.29
N ILE UA 178 -16.49 21.74 80.67
CA ILE UA 178 -15.10 22.09 80.41
C ILE UA 178 -14.46 20.91 79.67
N PRO UA 179 -13.80 21.16 78.54
CA PRO UA 179 -13.22 20.05 77.77
C PRO UA 179 -11.93 19.54 78.39
N PHE UA 180 -11.24 18.64 77.69
CA PHE UA 180 -9.95 18.13 78.12
C PHE UA 180 -8.91 19.23 77.96
N ILE UA 181 -8.54 19.87 79.07
CA ILE UA 181 -7.67 21.03 79.01
C ILE UA 181 -6.20 20.65 78.90
N SER UA 182 -5.80 19.51 79.47
CA SER UA 182 -4.40 19.27 79.82
C SER UA 182 -3.47 19.37 78.61
N VAL UA 183 -2.21 19.68 78.90
CA VAL UA 183 -1.21 19.86 77.84
C VAL UA 183 -0.83 18.52 77.25
N GLY UA 184 -0.69 17.51 78.11
CA GLY UA 184 -0.34 16.18 77.66
C GLY UA 184 -1.51 15.51 76.98
N ASN UA 185 -1.44 14.19 76.91
CA ASN UA 185 -2.47 13.42 76.24
C ASN UA 185 -3.43 12.75 77.22
N ALA UA 186 -3.18 12.85 78.52
CA ALA UA 186 -4.09 12.33 79.53
C ALA UA 186 -3.79 13.01 80.86
N TYR UA 187 -4.79 13.01 81.74
CA TYR UA 187 -4.55 13.37 83.13
C TYR UA 187 -3.88 12.20 83.85
N SER UA 188 -2.87 12.51 84.63
CA SER UA 188 -2.12 11.50 85.38
C SER UA 188 -2.61 11.52 86.83
N SER UA 189 -3.12 10.37 87.29
CA SER UA 189 -3.51 10.27 88.70
C SER UA 189 -2.28 10.23 89.59
N PHE UA 190 -1.21 9.58 89.14
CA PHE UA 190 0.05 9.48 89.87
C PHE UA 190 1.19 10.00 89.02
N TYR UA 191 2.14 10.67 89.65
CA TYR UA 191 3.29 11.22 88.94
C TYR UA 191 4.53 10.98 89.80
N ASP UA 192 5.24 9.89 89.52
CA ASP UA 192 6.48 9.57 90.23
C ASP UA 192 7.60 10.41 89.62
N GLY UA 193 7.65 11.66 90.06
CA GLY UA 193 8.60 12.61 89.49
C GLY UA 193 8.58 13.91 90.23
N TRP UA 194 9.50 14.80 89.84
CA TRP UA 194 9.72 16.07 90.50
C TRP UA 194 9.38 17.21 89.56
N SER UA 195 8.67 18.21 90.08
CA SER UA 195 8.28 19.34 89.26
C SER UA 195 9.50 20.13 88.79
N HIS UA 196 10.45 20.38 89.69
CA HIS UA 196 11.64 21.15 89.37
C HIS UA 196 12.80 20.22 89.09
N PHE UA 197 13.49 20.46 87.98
CA PHE UA 197 14.56 19.56 87.54
C PHE UA 197 15.68 19.52 88.56
N THR UA 198 16.38 18.37 88.59
CA THR UA 198 17.49 18.07 89.48
C THR UA 198 17.00 17.78 90.89
N GLN UA 199 15.86 17.09 91.00
CA GLN UA 199 15.35 16.54 92.26
C GLN UA 199 15.21 17.64 93.33
N ASP UA 200 14.44 18.67 92.98
CA ASP UA 200 14.19 19.76 93.91
C ASP UA 200 12.96 19.41 94.75
N GLY UA 201 12.27 20.41 95.28
CA GLY UA 201 11.09 20.17 96.08
C GLY UA 201 9.88 19.80 95.24
N THR UA 202 8.75 19.67 95.93
CA THR UA 202 7.44 19.37 95.32
C THR UA 202 7.47 18.05 94.54
N TYR UA 203 7.54 16.97 95.31
CA TYR UA 203 7.43 15.63 94.73
C TYR UA 203 6.00 15.37 94.31
N GLY UA 204 5.84 14.63 93.20
CA GLY UA 204 4.57 14.05 92.86
C GLY UA 204 3.57 14.97 92.20
N TYR UA 205 3.89 16.26 92.03
CA TYR UA 205 2.96 17.23 91.46
C TYR UA 205 3.45 17.62 90.08
N THR UA 206 2.78 17.13 89.05
CA THR UA 206 2.99 17.57 87.68
C THR UA 206 2.00 18.69 87.36
N THR UA 207 2.37 19.52 86.38
CA THR UA 207 1.50 20.60 85.93
C THR UA 207 0.64 20.19 84.75
N LEU UA 208 0.75 18.94 84.28
CA LEU UA 208 -0.10 18.48 83.19
C LEU UA 208 -1.53 18.26 83.68
N ASN UA 209 -1.70 17.71 84.87
CA ASN UA 209 -3.02 17.46 85.41
C ASN UA 209 -3.53 18.66 86.22
N ALA UA 210 -3.47 19.83 85.59
CA ALA UA 210 -4.08 21.04 86.12
C ALA UA 210 -5.35 21.30 85.32
N MET UA 211 -6.45 21.55 86.03
CA MET UA 211 -7.76 21.63 85.39
C MET UA 211 -8.38 23.02 85.44
N GLY UA 212 -7.89 23.91 86.30
CA GLY UA 212 -8.41 25.25 86.41
C GLY UA 212 -8.94 25.52 87.80
N LYS UA 213 -9.64 26.65 87.93
CA LYS UA 213 -10.24 27.06 89.18
C LYS UA 213 -11.66 27.55 88.90
N LEU UA 214 -12.41 27.82 89.97
CA LEU UA 214 -13.85 28.10 89.84
C LEU UA 214 -14.25 29.18 90.85
N TYR UA 215 -14.14 30.44 90.44
CA TYR UA 215 -14.44 31.56 91.32
C TYR UA 215 -15.91 31.94 91.22
N ILE UA 216 -16.57 32.03 92.37
CA ILE UA 216 -18.02 32.16 92.47
C ILE UA 216 -18.33 33.35 93.36
N ARG UA 217 -19.20 34.25 92.90
CA ARG UA 217 -19.58 35.39 93.70
C ARG UA 217 -21.00 35.80 93.39
N HIS UA 218 -21.54 36.66 94.25
CA HIS UA 218 -22.76 37.41 93.91
C HIS UA 218 -22.37 38.55 92.98
N VAL UA 219 -23.23 38.82 91.99
CA VAL UA 219 -23.03 40.02 91.16
C VAL UA 219 -23.72 41.24 91.76
N ASN UA 220 -24.60 41.04 92.74
CA ASN UA 220 -25.25 42.16 93.39
C ASN UA 220 -24.23 42.92 94.23
N ARG UA 221 -24.20 44.24 94.08
CA ARG UA 221 -23.14 45.04 94.69
C ARG UA 221 -23.30 45.10 96.21
N SER UA 222 -24.54 45.18 96.69
CA SER UA 222 -24.79 45.29 98.12
C SER UA 222 -26.18 44.74 98.43
N SER UA 223 -26.56 44.83 99.70
CA SER UA 223 -27.86 44.38 100.17
C SER UA 223 -28.15 45.10 101.48
N PRO UA 224 -29.43 45.29 101.82
CA PRO UA 224 -29.76 45.92 103.11
C PRO UA 224 -29.35 45.06 104.30
N HIS UA 225 -29.65 43.77 104.25
CA HIS UA 225 -29.25 42.84 105.29
C HIS UA 225 -28.20 41.86 104.74
N GLN UA 226 -27.80 40.91 105.58
CA GLN UA 226 -26.77 39.95 105.22
C GLN UA 226 -27.39 38.73 104.56
N ILE UA 227 -26.83 38.33 103.42
CA ILE UA 227 -27.27 37.14 102.70
C ILE UA 227 -26.05 36.22 102.58
N THR UA 228 -26.21 34.98 103.04
CA THR UA 228 -25.11 34.02 103.06
C THR UA 228 -25.47 32.87 102.13
N SER UA 229 -24.84 32.84 100.96
CA SER UA 229 -25.17 31.84 99.95
C SER UA 229 -24.26 30.63 100.11
N THR UA 230 -24.81 29.46 99.77
CA THR UA 230 -24.10 28.20 99.85
C THR UA 230 -24.12 27.55 98.47
N ILE UA 231 -22.97 27.08 98.02
CA ILE UA 231 -22.85 26.48 96.70
C ILE UA 231 -22.36 25.05 96.85
N ARG UA 232 -22.91 24.15 96.02
CA ARG UA 232 -22.55 22.74 96.01
C ARG UA 232 -22.20 22.37 94.58
N VAL UA 233 -20.92 22.17 94.30
CA VAL UA 233 -20.45 21.89 92.95
C VAL UA 233 -20.53 20.39 92.71
N TYR UA 234 -21.25 19.99 91.65
CA TYR UA 234 -21.44 18.59 91.30
C TYR UA 234 -20.55 18.24 90.12
N PHE UA 235 -19.41 17.63 90.44
CA PHE UA 235 -18.42 17.23 89.44
C PHE UA 235 -18.85 15.95 88.75
N LYS UA 236 -18.63 15.89 87.45
CA LYS UA 236 -18.95 14.68 86.70
C LYS UA 236 -17.98 14.46 85.55
N PRO UA 237 -17.23 13.36 85.55
CA PRO UA 237 -16.43 13.02 84.36
C PRO UA 237 -17.34 12.63 83.21
N LYS UA 238 -16.90 12.96 82.00
CA LYS UA 238 -17.69 12.67 80.81
C LYS UA 238 -16.78 12.28 79.67
N HIS UA 239 -17.27 11.36 78.83
CA HIS UA 239 -16.52 10.83 77.69
C HIS UA 239 -15.13 10.37 78.15
N ILE UA 240 -15.13 9.51 79.17
CA ILE UA 240 -13.92 9.20 79.92
C ILE UA 240 -13.25 7.97 79.34
N LYS UA 241 -11.94 8.07 79.12
CA LYS UA 241 -11.08 6.94 78.79
C LYS UA 241 -10.06 6.78 79.89
N ALA UA 242 -9.55 5.56 80.06
CA ALA UA 242 -8.64 5.28 81.16
C ALA UA 242 -7.64 4.22 80.73
N TRP UA 243 -6.38 4.44 81.09
CA TRP UA 243 -5.29 3.54 80.73
C TRP UA 243 -4.58 3.06 81.99
N VAL UA 244 -3.86 1.95 81.84
CA VAL UA 244 -2.95 1.41 82.84
C VAL UA 244 -3.70 1.18 84.15
N PRO UA 245 -4.37 0.05 84.32
CA PRO UA 245 -5.04 -0.22 85.59
C PRO UA 245 -4.01 -0.35 86.72
N ARG UA 246 -4.53 -0.33 87.94
CA ARG UA 246 -3.71 -0.10 89.11
C ARG UA 246 -4.42 -0.70 90.31
N PRO UA 247 -3.71 -1.27 91.28
CA PRO UA 247 -4.40 -1.92 92.38
C PRO UA 247 -5.12 -0.90 93.24
N PRO UA 248 -6.19 -1.29 93.91
CA PRO UA 248 -6.94 -0.33 94.72
C PRO UA 248 -6.17 0.12 95.95
N ARG UA 249 -6.55 1.31 96.43
CA ARG UA 249 -6.00 1.86 97.66
C ARG UA 249 -6.36 0.96 98.84
N LEU UA 250 -5.37 0.69 99.70
CA LEU UA 250 -5.59 -0.09 100.90
C LEU UA 250 -5.63 0.77 102.15
N CYS UA 251 -4.66 1.66 102.32
CA CYS UA 251 -4.54 2.50 103.50
C CYS UA 251 -5.46 3.73 103.40
N PRO UA 252 -5.84 4.30 104.54
CA PRO UA 252 -6.62 5.54 104.49
C PRO UA 252 -5.78 6.72 104.02
N TYR UA 253 -6.47 7.74 103.50
CA TYR UA 253 -5.81 8.93 102.99
C TYR UA 253 -5.40 9.87 104.12
N ILE UA 254 -4.25 10.52 103.95
CA ILE UA 254 -3.74 11.46 104.95
C ILE UA 254 -4.02 12.88 104.50
N ASN UA 255 -3.46 13.26 103.35
CA ASN UA 255 -3.53 14.63 102.85
C ASN UA 255 -3.93 14.62 101.38
N LYS UA 256 -4.47 15.76 100.93
CA LYS UA 256 -5.11 15.87 99.62
C LYS UA 256 -4.15 16.21 98.50
N ARG UA 257 -2.84 16.29 98.77
CA ARG UA 257 -1.86 16.61 97.75
C ARG UA 257 -0.72 15.60 97.70
N ASP UA 258 -0.82 14.50 98.43
CA ASP UA 258 0.26 13.53 98.49
C ASP UA 258 -0.34 12.13 98.64
N VAL UA 259 0.54 11.13 98.60
CA VAL UA 259 0.18 9.73 98.67
C VAL UA 259 0.61 9.12 99.99
N ASN UA 260 0.97 9.96 100.97
CA ASN UA 260 1.50 9.47 102.24
C ASN UA 260 0.43 8.69 102.99
N PHE UA 261 0.88 7.71 103.76
CA PHE UA 261 -0.05 6.77 104.38
C PHE UA 261 0.58 6.17 105.62
N VAL UA 262 -0.28 5.55 106.43
CA VAL UA 262 0.14 4.77 107.60
C VAL UA 262 0.04 3.30 107.21
N VAL UA 263 1.00 2.50 107.64
CA VAL UA 263 1.05 1.10 107.24
C VAL UA 263 -0.15 0.39 107.85
N THR UA 264 -1.04 -0.11 107.00
CA THR UA 264 -2.28 -0.74 107.40
C THR UA 264 -2.16 -2.24 107.17
N GLU UA 265 -2.95 -3.00 107.93
CA GLU UA 265 -2.98 -4.44 107.76
C GLU UA 265 -3.63 -4.80 106.43
N ILE UA 266 -3.26 -5.97 105.89
CA ILE UA 266 -3.76 -6.38 104.58
C ILE UA 266 -5.26 -6.62 104.63
N THR UA 267 -5.70 -7.58 105.43
CA THR UA 267 -7.11 -7.90 105.59
C THR UA 267 -7.45 -7.92 107.07
N ASP UA 268 -8.74 -8.07 107.36
CA ASP UA 268 -9.15 -8.27 108.74
C ASP UA 268 -8.67 -9.63 109.22
N SER UA 269 -8.24 -9.71 110.47
CA SER UA 269 -7.66 -10.95 110.96
C SER UA 269 -8.75 -11.91 111.41
N ARG UA 270 -8.43 -13.19 111.36
CA ARG UA 270 -9.25 -14.25 111.93
C ARG UA 270 -8.43 -15.02 112.95
N THR UA 271 -9.07 -15.98 113.60
CA THR UA 271 -8.45 -16.65 114.74
C THR UA 271 -7.34 -17.60 114.30
N SER UA 272 -7.68 -18.58 113.46
CA SER UA 272 -6.71 -19.54 112.95
C SER UA 272 -6.80 -19.60 111.44
N ILE UA 273 -5.91 -20.39 110.84
CA ILE UA 273 -5.90 -20.55 109.39
C ILE UA 273 -7.02 -21.46 108.90
N THR UA 274 -7.62 -22.25 109.79
CA THR UA 274 -8.58 -23.28 109.39
C THR UA 274 -10.01 -23.00 109.80
N ASP UA 275 -10.27 -21.97 110.60
CA ASP UA 275 -11.63 -21.68 111.03
C ASP UA 275 -12.39 -20.91 109.95
N VAL VA 13 18.64 -23.22 75.92
CA VAL VA 13 19.69 -22.24 76.17
C VAL VA 13 19.93 -21.39 74.93
N ARG VA 14 19.61 -20.11 75.03
CA ARG VA 14 19.80 -19.16 73.94
C ARG VA 14 20.77 -18.09 74.39
N SER VA 15 21.81 -17.85 73.58
CA SER VA 15 22.85 -16.88 73.90
C SER VA 15 22.55 -15.61 73.12
N MET VA 16 21.76 -14.73 73.70
CA MET VA 16 21.43 -13.47 73.06
C MET VA 16 22.64 -12.53 73.09
N THR VA 17 22.73 -11.68 72.06
CA THR VA 17 23.78 -10.69 71.98
C THR VA 17 23.20 -9.38 71.45
N LEU VA 18 23.67 -8.27 71.98
CA LEU VA 18 23.28 -6.93 71.52
C LEU VA 18 24.50 -6.04 71.59
N GLY VA 19 25.00 -5.63 70.43
CA GLY VA 19 26.17 -4.78 70.39
C GLY VA 19 27.42 -5.53 70.82
N ASN VA 20 27.99 -5.13 71.95
CA ASN VA 20 29.15 -5.79 72.54
C ASN VA 20 28.81 -6.32 73.93
N SER VA 21 27.62 -6.92 74.07
CA SER VA 21 27.18 -7.47 75.35
C SER VA 21 26.39 -8.74 75.06
N THR VA 22 26.91 -9.88 75.52
CA THR VA 22 26.27 -11.17 75.34
C THR VA 22 25.92 -11.74 76.69
N ILE VA 23 24.67 -12.17 76.85
CA ILE VA 23 24.24 -12.89 78.03
C ILE VA 23 23.78 -14.28 77.60
N THR VA 24 23.61 -15.16 78.59
CA THR VA 24 23.15 -16.52 78.35
C THR VA 24 21.81 -16.69 79.05
N THR VA 25 20.77 -16.98 78.28
CA THR VA 25 19.42 -17.10 78.79
C THR VA 25 18.93 -18.54 78.71
N GLN VA 26 17.82 -18.80 79.37
CA GLN VA 26 17.22 -20.13 79.41
C GLN VA 26 15.90 -20.15 78.62
N ASN VA 30 9.68 -17.57 79.01
CA ASN VA 30 8.81 -16.87 78.06
C ASN VA 30 8.62 -15.40 78.43
N VAL VA 31 8.62 -14.54 77.42
CA VAL VA 31 8.65 -13.10 77.62
C VAL VA 31 7.26 -12.61 78.01
N VAL VA 32 7.20 -11.76 79.04
CA VAL VA 32 5.96 -11.09 79.42
C VAL VA 32 6.02 -9.71 78.80
N VAL VA 33 5.43 -9.58 77.61
CA VAL VA 33 5.34 -8.30 76.93
C VAL VA 33 4.36 -7.41 77.67
N GLY VA 34 4.83 -6.28 78.19
CA GLY VA 34 4.02 -5.46 79.07
C GLY VA 34 2.88 -4.81 78.31
N TYR VA 35 1.65 -5.07 78.75
CA TYR VA 35 0.44 -4.51 78.13
C TYR VA 35 0.30 -4.88 76.66
N GLY VA 36 0.79 -6.06 76.29
CA GLY VA 36 0.55 -6.58 74.96
C GLY VA 36 1.15 -5.78 73.83
N GLU VA 37 2.03 -4.83 74.13
CA GLU VA 37 2.63 -3.98 73.10
C GLU VA 37 4.15 -4.05 73.19
N TRP VA 38 4.78 -4.06 72.03
CA TRP VA 38 6.21 -4.03 71.87
C TRP VA 38 6.64 -2.58 71.72
N PRO VA 39 7.73 -2.15 72.35
CA PRO VA 39 8.12 -0.74 72.23
C PRO VA 39 8.35 -0.39 70.76
N SER VA 40 8.15 0.87 70.44
CA SER VA 40 8.27 1.32 69.06
C SER VA 40 8.70 2.78 69.05
N TYR VA 41 9.10 3.25 67.88
CA TYR VA 41 9.43 4.66 67.75
C TYR VA 41 8.16 5.50 67.70
N LEU VA 42 8.35 6.81 67.74
CA LEU VA 42 7.23 7.73 67.89
C LEU VA 42 6.42 7.87 66.61
N SER VA 43 7.01 7.63 65.46
CA SER VA 43 6.27 7.70 64.20
C SER VA 43 5.32 6.53 64.04
N THR VA 48 7.49 15.40 62.08
CA THR VA 48 7.31 16.84 62.18
C THR VA 48 8.67 17.54 62.08
N ALA VA 49 8.72 18.66 61.35
CA ALA VA 49 9.94 19.45 61.26
C ALA VA 49 10.04 20.51 62.35
N GLU VA 50 8.98 20.75 63.11
CA GLU VA 50 9.06 21.67 64.24
C GLU VA 50 9.78 21.06 65.42
N ASP VA 51 9.61 19.75 65.62
CA ASP VA 51 10.35 18.99 66.62
C ASP VA 51 10.77 17.67 65.98
N GLN VA 52 12.07 17.38 65.98
CA GLN VA 52 12.59 16.21 65.27
C GLN VA 52 13.36 15.32 66.23
N PRO VA 53 12.99 14.05 66.37
CA PRO VA 53 13.73 13.14 67.26
C PRO VA 53 15.00 12.59 66.61
N THR VA 54 15.95 12.23 67.46
CA THR VA 54 17.18 11.57 67.06
C THR VA 54 17.15 10.15 67.59
N GLN VA 55 17.37 9.18 66.71
CA GLN VA 55 17.38 7.78 67.11
C GLN VA 55 18.81 7.28 67.23
N PRO VA 56 19.31 7.03 68.43
CA PRO VA 56 20.71 6.58 68.56
C PRO VA 56 20.99 5.22 67.96
N ASP VA 57 20.16 4.22 68.27
CA ASP VA 57 20.32 2.85 67.77
C ASP VA 57 21.69 2.30 68.14
N VAL VA 58 22.76 2.94 67.68
CA VAL VA 58 24.12 2.54 68.02
C VAL VA 58 24.28 2.55 69.53
N ALA VA 59 24.90 1.50 70.07
CA ALA VA 59 25.07 1.30 71.52
C ALA VA 59 23.67 1.37 72.14
N THR VA 60 23.50 2.02 73.29
CA THR VA 60 22.22 2.18 73.97
C THR VA 60 21.43 0.88 74.13
N CYS VA 61 21.36 0.06 73.07
CA CYS VA 61 20.59 -1.16 73.06
C CYS VA 61 21.30 -2.34 73.70
N ARG VA 62 22.57 -2.18 74.08
CA ARG VA 62 23.31 -3.30 74.63
C ARG VA 62 22.82 -3.62 76.05
N PHE VA 63 23.25 -4.76 76.56
CA PHE VA 63 22.79 -5.21 77.88
C PHE VA 63 23.61 -4.55 78.99
N TYR VA 64 22.91 -3.93 79.93
CA TYR VA 64 23.51 -3.28 81.09
C TYR VA 64 23.21 -4.13 82.31
N THR VA 65 24.13 -5.01 82.66
CA THR VA 65 23.96 -5.87 83.83
C THR VA 65 24.27 -5.09 85.09
N LEU VA 66 23.28 -4.98 85.98
CA LEU VA 66 23.49 -4.31 87.25
C LEU VA 66 24.25 -5.21 88.20
N GLU VA 67 24.57 -4.70 89.38
CA GLU VA 67 25.27 -5.49 90.38
C GLU VA 67 24.34 -6.58 90.92
N SER VA 68 24.89 -7.77 91.10
CA SER VA 68 24.09 -8.89 91.56
C SER VA 68 23.67 -8.68 93.02
N VAL VA 69 22.47 -9.13 93.35
CA VAL VA 69 21.84 -8.83 94.63
C VAL VA 69 21.67 -10.15 95.38
N GLN VA 70 22.23 -10.22 96.59
CA GLN VA 70 22.18 -11.44 97.39
C GLN VA 70 20.84 -11.51 98.10
N TRP VA 71 20.13 -12.62 97.91
CA TRP VA 71 18.81 -12.85 98.49
C TRP VA 71 18.96 -13.88 99.61
N GLU VA 72 18.87 -13.41 100.85
CA GLU VA 72 18.96 -14.25 102.03
C GLU VA 72 17.56 -14.66 102.49
N LYS VA 73 17.50 -15.33 103.65
CA LYS VA 73 16.21 -15.73 104.20
C LYS VA 73 15.41 -14.56 104.73
N THR VA 74 16.07 -13.45 105.08
CA THR VA 74 15.43 -12.31 105.71
C THR VA 74 15.33 -11.10 104.79
N SER VA 75 15.51 -11.30 103.49
CA SER VA 75 15.42 -10.18 102.55
C SER VA 75 13.95 -9.86 102.29
N PRO VA 76 13.53 -8.60 102.47
CA PRO VA 76 12.12 -8.26 102.24
C PRO VA 76 11.81 -7.84 100.80
N GLY VA 77 12.80 -7.38 100.07
CA GLY VA 77 12.58 -6.98 98.69
C GLY VA 77 13.54 -5.89 98.26
N TRP VA 78 13.36 -5.45 97.02
CA TRP VA 78 14.19 -4.41 96.42
C TRP VA 78 13.34 -3.59 95.47
N TRP VA 79 13.83 -2.39 95.12
CA TRP VA 79 13.25 -1.68 93.99
C TRP VA 79 14.31 -0.84 93.32
N TRP VA 80 14.19 -0.72 91.99
CA TRP VA 80 14.98 0.18 91.17
C TRP VA 80 14.02 1.14 90.50
N LYS VA 81 14.42 2.39 90.37
CA LYS VA 81 13.64 3.38 89.63
C LYS VA 81 14.39 3.78 88.36
N PHE VA 82 13.85 3.42 87.25
CA PHE VA 82 14.17 3.67 85.86
C PHE VA 82 13.37 4.85 85.35
N PRO VA 83 13.82 5.56 84.30
CA PRO VA 83 14.99 5.35 83.45
C PRO VA 83 16.33 5.70 84.08
N GLU VA 84 16.30 6.41 85.20
CA GLU VA 84 17.52 7.00 85.74
C GLU VA 84 18.30 6.03 86.61
N ALA VA 85 17.88 4.78 86.72
CA ALA VA 85 18.75 3.77 87.32
C ALA VA 85 19.95 3.51 86.43
N LEU VA 86 19.83 3.79 85.14
CA LEU VA 86 20.91 3.67 84.17
C LEU VA 86 21.62 5.00 83.93
N LYS VA 87 21.62 5.90 84.90
CA LYS VA 87 22.15 7.24 84.66
C LYS VA 87 23.66 7.28 84.61
N ASN VA 88 24.33 6.23 85.08
CA ASN VA 88 25.78 6.12 84.97
C ASN VA 88 26.20 4.93 84.12
N MET VA 89 25.29 4.41 83.29
CA MET VA 89 25.54 3.20 82.51
C MET VA 89 25.85 3.59 81.06
N GLY VA 90 27.10 3.97 80.83
CA GLY VA 90 27.62 4.03 79.48
C GLY VA 90 27.02 5.16 78.67
N LEU VA 91 26.78 4.87 77.38
CA LEU VA 91 26.25 5.88 76.47
C LEU VA 91 24.81 6.23 76.79
N PHE VA 92 24.02 5.26 77.27
CA PHE VA 92 22.65 5.57 77.67
C PHE VA 92 22.64 6.52 78.86
N GLY VA 93 23.55 6.33 79.81
CA GLY VA 93 23.65 7.26 80.91
C GLY VA 93 24.34 8.55 80.58
N GLN VA 94 24.97 8.63 79.41
CA GLN VA 94 25.58 9.87 78.95
C GLN VA 94 24.67 10.66 78.02
N ASN VA 95 23.84 9.99 77.22
CA ASN VA 95 22.84 10.70 76.44
C ASN VA 95 21.72 11.28 77.29
N MET VA 96 21.64 10.89 78.57
CA MET VA 96 20.68 11.53 79.46
C MET VA 96 21.10 12.95 79.80
N HIS VA 97 22.41 13.23 79.77
CA HIS VA 97 22.91 14.56 80.11
C HIS VA 97 22.93 15.52 78.93
N TYR VA 98 22.94 15.02 77.70
CA TYR VA 98 23.00 15.89 76.54
C TYR VA 98 21.64 16.16 75.90
N HIS VA 99 20.70 15.23 76.04
CA HIS VA 99 19.34 15.42 75.57
C HIS VA 99 18.42 15.50 76.79
N TYR VA 100 17.48 16.44 76.78
CA TYR VA 100 16.58 16.61 77.91
C TYR VA 100 15.21 15.99 77.66
N LEU VA 101 15.07 15.21 76.59
CA LEU VA 101 13.86 14.48 76.28
C LEU VA 101 14.23 13.11 75.72
N GLY VA 102 13.45 12.10 76.07
CA GLY VA 102 13.75 10.75 75.59
C GLY VA 102 12.69 9.75 75.98
N ARG VA 103 12.86 8.54 75.47
CA ARG VA 103 11.96 7.43 75.69
C ARG VA 103 12.65 6.14 75.30
N ALA VA 104 12.27 5.02 75.92
CA ALA VA 104 12.92 3.74 75.66
C ALA VA 104 11.98 2.61 76.08
N GLY VA 105 12.46 1.37 75.95
CA GLY VA 105 11.63 0.20 76.14
C GLY VA 105 12.02 -0.77 77.25
N TYR VA 106 13.32 -0.94 77.49
CA TYR VA 106 13.84 -1.62 78.69
C TYR VA 106 13.37 -3.07 78.79
N THR VA 107 13.97 -3.93 77.97
CA THR VA 107 13.87 -5.37 78.20
C THR VA 107 14.67 -5.73 79.45
N ILE VA 108 13.99 -6.33 80.44
CA ILE VA 108 14.57 -6.58 81.75
C ILE VA 108 14.64 -8.08 81.99
N HIS VA 109 15.84 -8.64 81.97
CA HIS VA 109 16.05 -10.03 82.35
C HIS VA 109 16.40 -10.09 83.83
N VAL VA 110 15.82 -11.06 84.53
CA VAL VA 110 16.08 -11.28 85.95
C VAL VA 110 16.34 -12.78 86.14
N GLN VA 111 17.62 -13.15 86.22
CA GLN VA 111 17.99 -14.50 86.59
C GLN VA 111 18.12 -14.61 88.11
N CYS VA 112 18.20 -15.86 88.58
CA CYS VA 112 18.37 -16.13 90.00
C CYS VA 112 19.43 -17.18 90.29
N ASN VA 113 19.79 -18.03 89.32
CA ASN VA 113 20.83 -19.05 89.39
C ASN VA 113 21.01 -19.64 90.79
N ALA VA 114 19.90 -20.04 91.41
CA ALA VA 114 19.97 -20.78 92.66
C ALA VA 114 20.31 -22.24 92.36
N SER VA 115 20.35 -23.06 93.40
CA SER VA 115 20.62 -24.48 93.24
C SER VA 115 19.32 -25.24 93.05
N LYS VA 116 19.38 -26.56 93.22
CA LYS VA 116 18.22 -27.42 93.12
C LYS VA 116 17.60 -27.69 94.50
N PHE VA 117 18.33 -27.43 95.57
CA PHE VA 117 17.85 -27.61 96.93
C PHE VA 117 17.36 -26.32 97.57
N HIS VA 118 17.57 -25.18 96.93
CA HIS VA 118 16.99 -23.93 97.41
C HIS VA 118 15.52 -23.87 97.00
N GLN VA 119 14.73 -23.18 97.81
CA GLN VA 119 13.32 -22.97 97.53
C GLN VA 119 12.96 -21.52 97.77
N GLY VA 120 11.95 -21.04 97.06
CA GLY VA 120 11.52 -19.67 97.19
C GLY VA 120 10.71 -19.26 95.99
N CYS VA 121 10.27 -17.99 96.03
CA CYS VA 121 9.44 -17.44 94.98
C CYS VA 121 9.57 -15.93 94.98
N LEU VA 122 9.65 -15.34 93.80
CA LEU VA 122 9.79 -13.91 93.63
C LEU VA 122 8.66 -13.36 92.78
N LEU VA 123 8.28 -12.11 93.07
CA LEU VA 123 7.41 -11.33 92.20
C LEU VA 123 8.28 -10.28 91.51
N VAL VA 124 8.42 -10.39 90.21
CA VAL VA 124 9.18 -9.43 89.40
C VAL VA 124 8.16 -8.59 88.65
N VAL VA 125 7.93 -7.36 89.13
CA VAL VA 125 6.88 -6.49 88.63
C VAL VA 125 7.48 -5.12 88.38
N CYS VA 126 6.86 -4.37 87.47
CA CYS VA 126 7.46 -3.16 86.93
C CYS VA 126 6.78 -1.87 87.39
N VAL VA 127 5.47 -1.89 87.62
CA VAL VA 127 4.76 -0.81 88.31
C VAL VA 127 5.05 0.55 87.67
N PRO VA 128 4.43 0.90 86.55
CA PRO VA 128 4.60 2.25 86.02
C PRO VA 128 4.00 3.30 86.96
N GLU VA 129 4.73 4.41 87.11
CA GLU VA 129 4.30 5.54 87.93
C GLU VA 129 4.09 5.13 89.39
N ALA VA 130 5.13 4.57 90.00
CA ALA VA 130 5.09 4.20 91.41
C ALA VA 130 5.42 5.43 92.25
N GLU VA 131 4.40 6.22 92.57
CA GLU VA 131 4.55 7.34 93.48
C GLU VA 131 4.53 6.80 94.91
N MET VA 132 5.68 6.87 95.58
CA MET VA 132 5.81 6.27 96.90
C MET VA 132 5.58 7.32 97.99
N GLY VA 133 5.26 6.83 99.19
CA GLY VA 133 4.87 7.68 100.30
C GLY VA 133 5.96 7.79 101.34
N CYS VA 134 6.00 8.94 102.01
CA CYS VA 134 7.01 9.19 103.02
C CYS VA 134 6.74 8.37 104.27
N ALA VA 135 7.79 8.15 105.06
CA ALA VA 135 7.70 7.24 106.20
C ALA VA 135 6.89 7.84 107.34
N ASP VA 136 7.19 9.08 107.70
CA ASP VA 136 6.38 9.85 108.64
C ASP VA 136 5.68 10.96 107.86
N THR VA 137 4.38 10.82 107.66
CA THR VA 137 3.63 11.77 106.86
C THR VA 137 3.52 13.11 107.59
N ASP VA 138 3.15 14.14 106.80
CA ASP VA 138 3.21 15.59 107.02
C ASP VA 138 4.51 16.21 106.53
N THR VA 139 5.35 15.43 105.84
CA THR VA 139 6.61 15.95 105.32
C THR VA 139 7.01 15.15 104.10
N THR VA 140 8.11 15.56 103.47
CA THR VA 140 8.66 14.93 102.27
C THR VA 140 10.02 14.31 102.59
N PHE VA 141 10.57 13.62 101.58
CA PHE VA 141 11.88 12.99 101.67
C PHE VA 141 12.90 13.67 100.76
N PRO VA 142 14.20 13.57 101.09
CA PRO VA 142 15.22 14.38 100.40
C PRO VA 142 15.65 13.88 99.02
N ALA VA 143 14.79 13.13 98.32
CA ALA VA 143 14.97 12.85 96.90
C ALA VA 143 16.13 11.90 96.60
N THR VA 144 17.01 11.67 97.57
CA THR VA 144 18.03 10.64 97.47
C THR VA 144 17.61 9.36 98.16
N GLU VA 145 16.36 9.30 98.62
CA GLU VA 145 15.80 8.11 99.24
C GLU VA 145 15.01 7.25 98.26
N LEU VA 146 14.54 7.83 97.16
CA LEU VA 146 13.88 7.02 96.14
C LEU VA 146 14.88 6.21 95.33
N THR VA 147 16.04 6.78 95.01
CA THR VA 147 16.96 6.11 94.11
C THR VA 147 18.40 6.35 94.54
N THR VA 148 19.22 5.30 94.39
CA THR VA 148 20.67 5.37 94.52
C THR VA 148 21.19 4.72 93.24
N GLU VA 149 21.02 5.45 92.13
CA GLU VA 149 21.27 4.99 90.76
C GLU VA 149 21.29 3.47 90.60
N ASP VA 150 22.49 2.90 90.57
CA ASP VA 150 22.65 1.48 90.31
C ASP VA 150 22.15 0.61 91.47
N THR VA 151 22.45 1.01 92.71
CA THR VA 151 22.13 0.09 93.80
C THR VA 151 20.65 0.18 94.18
N PRO VA 152 20.07 -0.94 94.63
CA PRO VA 152 18.64 -0.94 94.97
C PRO VA 152 18.37 -0.50 96.40
N HIS VA 153 17.28 0.23 96.56
CA HIS VA 153 16.72 0.44 97.90
C HIS VA 153 15.92 -0.79 98.30
N VAL VA 154 16.24 -1.34 99.47
CA VAL VA 154 15.50 -2.50 99.96
C VAL VA 154 14.20 -2.05 100.59
N PHE VA 155 13.24 -2.97 100.65
CA PHE VA 155 12.08 -2.75 101.48
C PHE VA 155 12.43 -3.04 102.94
N THR VA 156 11.43 -2.94 103.81
CA THR VA 156 11.60 -3.33 105.20
C THR VA 156 10.48 -4.28 105.57
N SER VA 157 10.70 -5.05 106.64
CA SER VA 157 9.71 -6.01 107.09
C SER VA 157 8.62 -5.38 107.95
N ASP VA 158 8.90 -4.25 108.59
CA ASP VA 158 7.92 -3.56 109.40
C ASP VA 158 7.92 -2.07 109.09
N SER VA 159 7.18 -1.29 109.87
CA SER VA 159 7.10 0.15 109.64
C SER VA 159 8.38 0.84 110.11
N ILE VA 160 8.71 1.95 109.45
CA ILE VA 160 9.88 2.74 109.76
C ILE VA 160 9.48 4.21 109.84
N THR VA 161 10.33 5.00 110.49
CA THR VA 161 10.12 6.42 110.63
C THR VA 161 11.32 7.17 110.07
N GLY VA 162 11.20 8.50 110.00
CA GLY VA 162 12.23 9.32 109.42
C GLY VA 162 11.87 9.81 108.03
N LYS VA 163 12.62 10.80 107.56
CA LYS VA 163 12.34 11.45 106.28
C LYS VA 163 12.88 10.55 105.16
N LYS VA 164 12.15 9.48 104.89
CA LYS VA 164 12.50 8.56 103.82
C LYS VA 164 11.24 7.82 103.39
N VAL VA 165 11.41 6.89 102.45
CA VAL VA 165 10.27 6.20 101.86
C VAL VA 165 9.74 5.16 102.83
N GLN VA 166 8.41 5.12 102.97
CA GLN VA 166 7.78 4.07 103.75
C GLN VA 166 7.95 2.75 103.00
N ALA VA 167 9.03 2.04 103.29
CA ALA VA 167 9.42 0.86 102.53
C ALA VA 167 9.02 -0.44 103.19
N ALA VA 168 7.90 -0.44 103.91
CA ALA VA 168 7.38 -1.67 104.49
C ALA VA 168 6.63 -2.46 103.42
N VAL VA 169 6.99 -3.74 103.26
CA VAL VA 169 6.17 -4.62 102.44
C VAL VA 169 4.82 -4.84 103.13
N CYS VA 170 3.87 -5.36 102.35
CA CYS VA 170 2.42 -5.37 102.52
C CYS VA 170 1.83 -4.01 102.15
N ASN VA 171 2.65 -2.98 102.00
CA ASN VA 171 2.24 -1.67 101.54
C ASN VA 171 3.36 -1.07 100.71
N ALA VA 172 3.75 -1.78 99.65
CA ALA VA 172 5.08 -1.72 99.04
C ALA VA 172 5.67 -0.32 99.00
N GLY VA 173 5.11 0.56 98.18
CA GLY VA 173 5.44 1.97 98.27
C GLY VA 173 4.24 2.88 98.24
N MET VA 174 3.14 2.40 97.64
CA MET VA 174 2.06 3.25 97.19
C MET VA 174 0.83 3.19 98.09
N GLY VA 175 0.86 2.40 99.17
CA GLY VA 175 -0.30 2.27 100.00
C GLY VA 175 -1.31 1.26 99.49
N VAL VA 176 -0.90 0.36 98.61
CA VAL VA 176 -1.75 -0.69 98.11
C VAL VA 176 -1.36 -1.99 98.79
N GLY VA 177 -2.19 -3.02 98.63
CA GLY VA 177 -1.80 -4.34 99.09
C GLY VA 177 -0.70 -4.90 98.20
N VAL VA 178 0.29 -5.54 98.82
CA VAL VA 178 1.42 -6.04 98.03
C VAL VA 178 1.06 -7.35 97.35
N GLY VA 179 0.01 -8.04 97.80
CA GLY VA 179 -0.38 -9.28 97.14
C GLY VA 179 -0.99 -9.04 95.78
N ASN VA 180 -1.90 -8.06 95.69
CA ASN VA 180 -2.51 -7.71 94.42
C ASN VA 180 -1.72 -6.63 93.70
N LEU VA 181 -0.40 -6.83 93.65
CA LEU VA 181 0.49 -6.03 92.82
C LEU VA 181 0.73 -6.71 91.48
N THR VA 182 -0.05 -7.76 91.20
CA THR VA 182 0.06 -8.60 90.02
C THR VA 182 -0.66 -8.00 88.82
N ILE VA 183 -1.37 -6.88 89.01
CA ILE VA 183 -2.09 -6.22 87.93
C ILE VA 183 -1.12 -5.64 86.90
N PHE VA 184 0.12 -5.38 87.28
CA PHE VA 184 1.11 -4.78 86.40
C PHE VA 184 1.80 -5.86 85.58
N PRO VA 185 2.65 -5.48 84.61
CA PRO VA 185 3.49 -6.48 83.94
C PRO VA 185 4.40 -7.19 84.93
N HIS VA 186 4.16 -8.47 85.14
CA HIS VA 186 4.82 -9.22 86.20
C HIS VA 186 5.33 -10.55 85.66
N GLN VA 187 6.09 -11.25 86.50
CA GLN VA 187 6.54 -12.60 86.22
C GLN VA 187 6.96 -13.22 87.54
N TRP VA 188 6.49 -14.45 87.79
CA TRP VA 188 6.88 -15.17 88.99
C TRP VA 188 8.16 -15.95 88.71
N ILE VA 189 9.08 -15.91 89.67
CA ILE VA 189 10.27 -16.75 89.59
C ILE VA 189 10.20 -17.79 90.71
N ASN VA 190 9.60 -18.93 90.43
CA ASN VA 190 9.52 -20.02 91.39
C ASN VA 190 10.74 -20.92 91.19
N LEU VA 191 11.62 -20.98 92.20
CA LEU VA 191 12.86 -21.72 92.08
C LEU VA 191 12.62 -23.21 91.91
N ARG VA 192 11.43 -23.68 92.24
CA ARG VA 192 11.07 -25.06 91.95
C ARG VA 192 11.08 -25.33 90.46
N THR VA 193 10.50 -24.42 89.68
CA THR VA 193 10.35 -24.61 88.24
C THR VA 193 11.37 -23.82 87.43
N ASN VA 194 11.35 -22.49 87.53
CA ASN VA 194 12.14 -21.63 86.66
C ASN VA 194 13.09 -20.76 87.49
N ASN VA 195 13.94 -20.02 86.78
CA ASN VA 195 14.89 -19.12 87.40
C ASN VA 195 14.95 -17.75 86.73
N SER VA 196 14.48 -17.63 85.49
CA SER VA 196 14.64 -16.41 84.71
C SER VA 196 13.29 -15.76 84.45
N ALA VA 197 13.33 -14.43 84.38
CA ALA VA 197 12.17 -13.62 84.04
C ALA VA 197 12.59 -12.60 83.01
N THR VA 198 11.66 -12.20 82.15
CA THR VA 198 11.94 -11.16 81.17
C THR VA 198 10.67 -10.38 80.89
N ILE VA 199 10.77 -9.05 80.97
CA ILE VA 199 9.63 -8.16 80.87
C ILE VA 199 9.99 -7.05 79.89
N VAL VA 200 9.05 -6.69 79.03
CA VAL VA 200 9.24 -5.64 78.02
C VAL VA 200 8.18 -4.58 78.28
N ILE VA 201 8.63 -3.34 78.50
CA ILE VA 201 7.79 -2.27 79.03
C ILE VA 201 7.81 -1.13 78.03
N PRO VA 202 6.77 -0.98 77.20
CA PRO VA 202 6.83 -0.16 75.99
C PRO VA 202 6.62 1.34 76.20
N TYR VA 203 7.31 1.90 77.21
CA TYR VA 203 7.27 3.34 77.49
C TYR VA 203 5.84 3.83 77.72
N ILE VA 204 5.35 3.58 78.93
CA ILE VA 204 4.05 4.09 79.34
C ILE VA 204 4.20 5.51 79.89
N ASN VA 205 3.60 6.48 79.22
CA ASN VA 205 3.63 7.87 79.67
C ASN VA 205 2.53 8.64 78.94
N SER VA 206 2.13 9.76 79.54
CA SER VA 206 1.05 10.59 79.02
C SER VA 206 1.52 11.65 78.02
N VAL VA 207 2.83 11.80 77.84
CA VAL VA 207 3.40 12.75 76.89
C VAL VA 207 4.38 11.94 76.05
N PRO VA 208 4.54 12.21 74.75
CA PRO VA 208 5.38 11.33 73.93
C PRO VA 208 6.83 11.28 74.36
N MET VA 209 7.37 12.38 74.88
CA MET VA 209 8.74 12.41 75.36
C MET VA 209 8.79 13.20 76.66
N ASP VA 210 9.62 12.75 77.59
CA ASP VA 210 9.74 13.43 78.88
C ASP VA 210 11.18 13.40 79.34
N ASN VA 211 11.50 14.29 80.27
CA ASN VA 211 12.86 14.37 80.79
C ASN VA 211 13.19 13.13 81.62
N MET VA 212 14.42 12.65 81.49
CA MET VA 212 14.83 11.40 82.09
C MET VA 212 15.39 11.54 83.50
N PHE VA 213 15.51 12.76 84.03
CA PHE VA 213 15.93 12.95 85.40
C PHE VA 213 14.82 13.37 86.33
N ARG VA 214 13.80 14.08 85.83
CA ARG VA 214 12.68 14.44 86.67
C ARG VA 214 11.76 13.24 86.91
N HIS VA 215 11.43 12.50 85.86
CA HIS VA 215 10.33 11.55 85.87
C HIS VA 215 10.85 10.12 85.85
N TYR VA 216 10.40 9.32 86.81
CA TYR VA 216 10.72 7.89 86.87
C TYR VA 216 9.57 7.15 86.19
N ASN VA 217 9.84 6.59 85.02
CA ASN VA 217 8.75 6.05 84.21
C ASN VA 217 8.16 4.79 84.83
N PHE VA 218 9.00 3.93 85.42
CA PHE VA 218 8.49 2.76 86.11
C PHE VA 218 9.45 2.37 87.22
N THR VA 219 9.03 1.43 88.05
CA THR VA 219 9.78 1.02 89.24
C THR VA 219 9.86 -0.51 89.27
N LEU VA 220 10.97 -1.05 88.79
CA LEU VA 220 11.21 -2.49 88.88
C LEU VA 220 11.41 -2.86 90.34
N MET VA 221 10.46 -3.58 90.92
CA MET VA 221 10.56 -4.04 92.30
C MET VA 221 10.41 -5.55 92.34
N ILE VA 222 11.35 -6.21 93.02
CA ILE VA 222 11.40 -7.66 93.15
C ILE VA 222 11.09 -8.00 94.59
N ILE VA 223 10.01 -8.73 94.82
CA ILE VA 223 9.48 -8.93 96.16
C ILE VA 223 9.37 -10.43 96.42
N PRO VA 224 10.10 -10.98 97.40
CA PRO VA 224 10.00 -12.40 97.73
C PRO VA 224 8.73 -12.70 98.51
N PHE VA 225 7.78 -13.37 97.87
CA PHE VA 225 6.59 -13.83 98.58
C PHE VA 225 6.90 -15.03 99.46
N ALA VA 226 7.27 -16.14 98.84
CA ALA VA 226 7.72 -17.24 99.67
C ALA VA 226 9.20 -17.05 99.99
N PRO VA 227 9.58 -17.07 101.27
CA PRO VA 227 10.96 -16.73 101.61
C PRO VA 227 11.93 -17.83 101.20
N LEU VA 228 13.19 -17.43 101.04
CA LEU VA 228 14.24 -18.38 100.73
C LEU VA 228 14.43 -19.35 101.89
N ASN VA 229 14.66 -20.62 101.59
CA ASN VA 229 14.95 -21.59 102.63
C ASN VA 229 15.93 -22.62 102.09
N PHE VA 230 16.73 -23.16 103.00
CA PHE VA 230 17.78 -24.13 102.67
C PHE VA 230 18.26 -24.74 103.99
N THR VA 231 19.16 -25.70 103.88
CA THR VA 231 19.73 -26.36 105.05
C THR VA 231 21.14 -25.83 105.30
N ASP VA 232 21.80 -26.41 106.30
CA ASP VA 232 23.04 -25.87 106.85
C ASP VA 232 24.26 -26.15 105.97
N GLY VA 233 24.07 -26.67 104.76
CA GLY VA 233 25.21 -26.92 103.89
C GLY VA 233 25.26 -26.03 102.67
N ALA VA 234 24.11 -25.49 102.26
CA ALA VA 234 24.05 -24.69 101.05
C ALA VA 234 24.62 -23.30 101.28
N THR VA 235 24.75 -22.54 100.20
CA THR VA 235 25.18 -21.15 100.32
C THR VA 235 24.04 -20.33 100.92
N ALA VA 236 24.41 -19.40 101.81
CA ALA VA 236 23.43 -18.70 102.62
C ALA VA 236 22.68 -17.61 101.86
N TYR VA 237 22.77 -17.60 100.54
CA TYR VA 237 22.13 -16.56 99.74
C TYR VA 237 21.91 -17.08 98.32
N VAL VA 238 21.14 -16.32 97.56
CA VAL VA 238 20.89 -16.59 96.14
C VAL VA 238 21.04 -15.28 95.38
N PRO VA 239 22.05 -15.13 94.53
CA PRO VA 239 22.30 -13.85 93.86
C PRO VA 239 21.32 -13.64 92.71
N ILE VA 240 20.61 -12.51 92.75
CA ILE VA 240 19.64 -12.16 91.73
C ILE VA 240 20.32 -11.18 90.76
N THR VA 241 20.32 -11.52 89.48
CA THR VA 241 21.02 -10.75 88.47
C THR VA 241 20.02 -10.01 87.60
N VAL VA 242 20.19 -8.69 87.49
CA VAL VA 242 19.27 -7.84 86.75
C VAL VA 242 19.99 -7.27 85.54
N THR VA 243 19.35 -7.34 84.37
CA THR VA 243 19.93 -6.92 83.11
C THR VA 243 18.88 -6.15 82.32
N ILE VA 244 19.23 -4.94 81.90
CA ILE VA 244 18.29 -4.03 81.24
C ILE VA 244 18.86 -3.68 79.87
N ALA VA 245 18.04 -3.82 78.83
CA ALA VA 245 18.40 -3.42 77.48
C ALA VA 245 17.48 -2.32 77.00
N PRO VA 246 17.93 -1.06 76.95
CA PRO VA 246 17.06 0.03 76.50
C PRO VA 246 16.76 -0.07 75.01
N MET VA 247 15.54 -0.43 74.65
CA MET VA 247 15.18 -0.64 73.25
C MET VA 247 14.44 0.56 72.70
N TYR VA 248 14.70 0.87 71.43
CA TYR VA 248 14.01 1.93 70.70
C TYR VA 248 14.11 3.27 71.43
N ALA VA 249 15.30 3.54 71.95
CA ALA VA 249 15.55 4.80 72.63
C ALA VA 249 15.67 5.89 71.58
N GLU VA 250 14.88 6.95 71.73
CA GLU VA 250 15.01 8.11 70.85
C GLU VA 250 14.90 9.38 71.67
N TYR VA 251 15.54 10.44 71.17
CA TYR VA 251 15.84 11.64 71.92
C TYR VA 251 15.37 12.82 71.09
N ASN VA 252 15.62 14.03 71.59
CA ASN VA 252 15.28 15.20 70.79
C ASN VA 252 16.40 15.50 69.80
N GLY VA 253 16.15 16.47 68.92
CA GLY VA 253 17.15 16.87 67.95
C GLY VA 253 17.98 18.02 68.48
N LEU VA 254 19.27 17.99 68.14
CA LEU VA 254 20.19 19.04 68.55
C LEU VA 254 20.59 19.95 67.39
N ARG VA 255 20.37 19.52 66.16
CA ARG VA 255 20.70 20.27 64.96
C ARG VA 255 19.62 21.31 64.67
N LEU VA 256 19.99 22.29 63.84
CA LEU VA 256 19.02 23.26 63.36
C LEU VA 256 18.15 22.64 62.27
N ALA VA 257 17.09 23.34 61.90
CA ALA VA 257 16.22 22.89 60.81
C ALA VA 257 16.32 23.84 59.63
N GLY WA 1 -44.55 30.97 68.19
CA GLY WA 1 -43.84 29.91 67.51
C GLY WA 1 -44.40 28.52 67.79
N VAL WA 2 -43.52 27.59 68.17
CA VAL WA 2 -43.91 26.21 68.41
C VAL WA 2 -44.58 26.12 69.78
N PRO WA 3 -45.84 25.66 69.86
CA PRO WA 3 -46.48 25.52 71.17
C PRO WA 3 -45.91 24.36 71.94
N VAL WA 4 -45.17 24.65 73.01
CA VAL WA 4 -44.61 23.63 73.88
C VAL WA 4 -45.29 23.73 75.23
N LEU WA 5 -45.22 22.65 75.99
CA LEU WA 5 -45.71 22.66 77.36
C LEU WA 5 -44.76 21.84 78.24
N ASN WA 6 -44.34 22.44 79.35
CA ASN WA 6 -43.38 21.82 80.24
C ASN WA 6 -44.05 20.71 81.05
N THR WA 7 -43.43 19.54 81.02
CA THR WA 7 -43.90 18.38 81.77
C THR WA 7 -43.45 18.50 83.21
N PRO WA 8 -43.97 17.66 84.10
CA PRO WA 8 -43.34 17.51 85.42
C PRO WA 8 -41.92 16.98 85.25
N GLY WA 9 -40.99 17.59 85.97
CA GLY WA 9 -39.59 17.30 85.79
C GLY WA 9 -38.81 18.35 85.02
N SER WA 10 -39.43 19.48 84.69
CA SER WA 10 -38.72 20.58 84.06
C SER WA 10 -38.08 21.45 85.13
N ASN WA 11 -36.94 22.06 84.78
CA ASN WA 11 -36.20 22.95 85.67
C ASN WA 11 -35.81 22.25 86.97
N GLN WA 12 -35.60 20.95 86.92
CA GLN WA 12 -35.07 20.21 88.05
C GLN WA 12 -33.64 19.76 87.72
N PHE WA 13 -32.95 19.29 88.74
CA PHE WA 13 -31.59 18.79 88.58
C PHE WA 13 -31.55 17.35 89.08
N LEU WA 14 -31.82 16.41 88.18
CA LEU WA 14 -31.57 15.00 88.46
C LEU WA 14 -30.07 14.75 88.38
N THR WA 15 -29.52 14.13 89.43
CA THR WA 15 -28.07 13.95 89.50
C THR WA 15 -27.58 13.03 88.39
N SER WA 16 -28.33 11.97 88.09
CA SER WA 16 -27.96 11.01 87.06
C SER WA 16 -28.76 11.29 85.79
N ASP WA 17 -28.27 12.25 85.01
CA ASP WA 17 -28.81 12.52 83.68
C ASP WA 17 -27.67 12.58 82.68
N ASP WA 18 -28.03 12.52 81.40
CA ASP WA 18 -27.06 12.47 80.31
C ASP WA 18 -27.39 13.51 79.25
N TYR WA 19 -27.59 14.75 79.70
CA TYR WA 19 -27.97 15.83 78.80
C TYR WA 19 -26.75 16.50 78.20
N GLN WA 20 -26.98 17.25 77.12
CA GLN WA 20 -25.89 17.93 76.41
C GLN WA 20 -25.50 19.17 77.19
N SER WA 21 -24.37 19.12 77.86
CA SER WA 21 -23.90 20.26 78.64
C SER WA 21 -23.36 21.34 77.70
N PRO WA 22 -23.76 22.59 77.87
CA PRO WA 22 -23.20 23.66 77.03
C PRO WA 22 -21.74 23.89 77.37
N SER WA 23 -20.88 23.75 76.36
CA SER WA 23 -19.43 23.78 76.59
C SER WA 23 -18.98 25.20 76.86
N ALA WA 24 -18.15 25.36 77.89
CA ALA WA 24 -17.69 26.69 78.29
C ALA WA 24 -16.61 27.22 77.37
N MET WA 25 -15.83 26.34 76.74
CA MET WA 25 -14.73 26.75 75.88
C MET WA 25 -14.97 26.15 74.50
N PRO WA 26 -15.80 26.80 73.67
CA PRO WA 26 -16.19 26.21 72.38
C PRO WA 26 -15.10 26.36 71.34
N GLN WA 27 -14.41 27.50 71.37
CA GLN WA 27 -13.31 27.73 70.45
C GLN WA 27 -12.18 26.74 70.70
N PHE WA 28 -11.98 26.38 71.97
CA PHE WA 28 -10.87 25.53 72.38
C PHE WA 28 -10.92 24.16 71.72
N ASP WA 29 -9.82 23.77 71.08
CA ASP WA 29 -9.67 22.46 70.48
C ASP WA 29 -8.68 21.63 71.31
N GLU WA 30 -9.15 20.51 71.84
CA GLU WA 30 -8.42 19.69 72.79
C GLU WA 30 -7.26 18.93 72.12
N THR WA 31 -6.34 18.48 72.96
CA THR WA 31 -5.12 17.83 72.51
C THR WA 31 -5.44 16.51 71.79
N PRO WA 32 -4.76 16.21 70.68
CA PRO WA 32 -5.02 14.95 69.99
C PRO WA 32 -4.65 13.74 70.85
N GLU WA 33 -5.42 12.67 70.71
CA GLU WA 33 -5.25 11.47 71.52
C GLU WA 33 -4.16 10.61 70.93
N MET WA 34 -3.04 10.47 71.65
CA MET WA 34 -2.04 9.50 71.25
C MET WA 34 -2.41 8.13 71.77
N HIS WA 35 -1.74 7.10 71.25
CA HIS WA 35 -1.94 5.75 71.73
C HIS WA 35 -1.08 5.52 72.96
N ILE WA 36 -1.72 5.30 74.11
CA ILE WA 36 -1.04 4.97 75.35
C ILE WA 36 -1.25 3.48 75.63
N PRO WA 37 -0.21 2.72 75.96
CA PRO WA 37 -0.37 1.28 76.14
C PRO WA 37 -1.20 0.94 77.37
N GLY WA 38 -2.01 -0.11 77.25
CA GLY WA 38 -2.73 -0.65 78.39
C GLY WA 38 -4.03 0.05 78.68
N GLU WA 39 -4.94 0.09 77.70
CA GLU WA 39 -6.23 0.72 77.92
C GLU WA 39 -7.18 -0.22 78.61
N VAL WA 40 -7.96 0.32 79.56
CA VAL WA 40 -9.04 -0.40 80.20
C VAL WA 40 -10.35 0.07 79.57
N ARG WA 41 -11.17 -0.87 79.12
CA ARG WA 41 -12.44 -0.57 78.51
C ARG WA 41 -13.59 -1.19 79.30
N ASN WA 42 -13.30 -1.87 80.41
CA ASN WA 42 -14.27 -2.57 81.22
C ASN WA 42 -13.62 -2.93 82.53
N LEU WA 43 -14.35 -2.75 83.63
CA LEU WA 43 -13.78 -2.99 84.95
C LEU WA 43 -13.45 -4.47 85.16
N MET WA 44 -14.29 -5.36 84.64
CA MET WA 44 -14.07 -6.80 84.82
C MET WA 44 -12.83 -7.30 84.11
N GLU WA 45 -12.06 -6.43 83.45
CA GLU WA 45 -10.72 -6.79 83.01
C GLU WA 45 -9.71 -6.72 84.14
N ILE WA 46 -10.06 -6.08 85.26
CA ILE WA 46 -9.21 -6.08 86.44
C ILE WA 46 -9.46 -7.31 87.29
N ALA WA 47 -10.71 -7.77 87.34
CA ALA WA 47 -11.04 -8.95 88.11
C ALA WA 47 -10.45 -10.23 87.53
N GLU WA 48 -10.18 -10.25 86.23
CA GLU WA 48 -9.64 -11.44 85.57
C GLU WA 48 -8.15 -11.61 85.79
N VAL WA 49 -7.49 -10.69 86.49
CA VAL WA 49 -6.07 -10.79 86.77
C VAL WA 49 -5.86 -11.55 88.09
N ASP WA 50 -5.03 -12.57 88.05
CA ASP WA 50 -4.68 -13.31 89.26
C ASP WA 50 -3.95 -12.39 90.24
N SER WA 51 -4.17 -12.64 91.52
CA SER WA 51 -3.46 -11.90 92.56
C SER WA 51 -3.43 -12.76 93.82
N VAL WA 52 -2.41 -12.54 94.64
CA VAL WA 52 -2.13 -13.44 95.75
C VAL WA 52 -3.15 -13.21 96.86
N VAL WA 53 -3.63 -14.30 97.44
CA VAL WA 53 -4.74 -14.28 98.38
C VAL WA 53 -4.17 -14.53 99.77
N PRO WA 54 -4.38 -13.63 100.73
CA PRO WA 54 -3.84 -13.82 102.10
C PRO WA 54 -4.65 -14.84 102.90
N VAL WA 55 -4.31 -16.12 102.70
CA VAL WA 55 -5.03 -17.20 103.39
C VAL WA 55 -4.61 -17.27 104.85
N ASN WA 56 -3.32 -17.05 105.13
CA ASN WA 56 -2.79 -17.13 106.49
C ASN WA 56 -2.88 -15.76 107.18
N ASN WA 57 -4.09 -15.21 107.21
CA ASN WA 57 -4.33 -13.91 107.82
C ASN WA 57 -4.72 -14.04 109.29
N VAL WA 58 -3.92 -14.77 110.06
CA VAL WA 58 -4.21 -14.94 111.49
C VAL WA 58 -3.83 -13.66 112.24
N THR WA 59 -4.13 -13.63 113.54
CA THR WA 59 -4.24 -12.38 114.29
C THR WA 59 -2.95 -11.57 114.32
N GLY WA 60 -1.79 -12.19 114.09
CA GLY WA 60 -0.54 -11.46 114.20
C GLY WA 60 0.30 -11.45 112.94
N LYS WA 61 -0.27 -11.88 111.83
CA LYS WA 61 0.49 -12.10 110.60
C LYS WA 61 -0.17 -11.41 109.41
N THR WA 62 -0.80 -10.26 109.64
CA THR WA 62 -1.49 -9.53 108.59
C THR WA 62 -0.80 -8.25 108.16
N LYS WA 63 0.12 -7.72 108.95
CA LYS WA 63 0.91 -6.56 108.56
C LYS WA 63 2.27 -6.95 107.98
N SER WA 64 2.56 -8.24 107.88
CA SER WA 64 3.73 -8.76 107.21
C SER WA 64 3.30 -9.54 105.98
N MET WA 65 4.29 -10.06 105.24
CA MET WA 65 4.01 -10.90 104.09
C MET WA 65 3.93 -12.38 104.47
N ASP WA 66 3.73 -12.68 105.75
CA ASP WA 66 3.39 -14.03 106.17
C ASP WA 66 1.90 -14.30 106.02
N ALA WA 67 1.11 -13.29 105.64
CA ALA WA 67 -0.31 -13.50 105.38
C ALA WA 67 -0.53 -14.33 104.12
N TYR WA 68 0.37 -14.21 103.14
CA TYR WA 68 0.18 -14.86 101.84
C TYR WA 68 0.71 -16.29 101.81
N GLN WA 69 1.42 -16.72 102.84
CA GLN WA 69 2.16 -17.97 102.82
C GLN WA 69 1.39 -19.02 103.64
N ILE WA 70 1.05 -20.13 102.99
CA ILE WA 70 0.37 -21.24 103.65
C ILE WA 70 1.45 -22.23 104.07
N PRO WA 71 1.70 -22.41 105.37
CA PRO WA 71 2.79 -23.30 105.80
C PRO WA 71 2.43 -24.76 105.59
N VAL WA 72 3.32 -25.50 104.93
CA VAL WA 72 3.13 -26.92 104.67
C VAL WA 72 4.37 -27.65 105.16
N GLY WA 73 4.19 -28.54 106.13
CA GLY WA 73 5.31 -29.25 106.72
C GLY WA 73 5.89 -28.53 107.93
N ASP WA 78 0.81 -33.35 111.92
CA ASP WA 78 -0.59 -33.62 112.21
C ASP WA 78 -1.41 -33.69 110.92
N LYS WA 79 -1.91 -34.89 110.61
CA LYS WA 79 -2.71 -35.12 109.41
C LYS WA 79 -4.20 -35.15 109.70
N THR WA 80 -4.60 -34.82 110.93
CA THR WA 80 -6.00 -34.92 111.32
C THR WA 80 -6.77 -33.61 111.14
N LYS WA 81 -6.09 -32.47 111.09
CA LYS WA 81 -6.75 -31.20 110.86
C LYS WA 81 -6.27 -30.60 109.55
N PRO WA 82 -7.14 -29.90 108.83
CA PRO WA 82 -6.79 -29.43 107.49
C PRO WA 82 -5.73 -28.34 107.52
N ILE WA 83 -5.08 -28.15 106.38
CA ILE WA 83 -4.03 -27.14 106.27
C ILE WA 83 -4.63 -25.75 106.34
N PHE WA 84 -5.61 -25.47 105.48
CA PHE WA 84 -6.32 -24.21 105.50
C PHE WA 84 -7.76 -24.45 105.07
N SER WA 85 -8.60 -23.43 105.28
CA SER WA 85 -10.02 -23.51 104.98
C SER WA 85 -10.60 -22.10 105.03
N PHE WA 86 -11.42 -21.74 104.04
CA PHE WA 86 -12.02 -20.42 104.03
C PHE WA 86 -13.32 -20.42 103.23
N GLN WA 87 -14.20 -19.49 103.58
CA GLN WA 87 -15.40 -19.24 102.80
C GLN WA 87 -15.05 -18.89 101.37
N MET WA 88 -15.87 -19.35 100.43
CA MET WA 88 -15.66 -19.06 99.02
C MET WA 88 -16.69 -18.02 98.58
N ASP WA 89 -16.44 -16.77 98.98
CA ASP WA 89 -17.22 -15.64 98.51
C ASP WA 89 -16.39 -14.36 98.61
N PRO WA 90 -16.14 -13.68 97.48
CA PRO WA 90 -15.24 -12.52 97.50
C PRO WA 90 -15.77 -11.33 98.29
N GLY WA 91 -17.05 -11.33 98.66
CA GLY WA 91 -17.59 -10.32 99.55
C GLY WA 91 -17.83 -10.92 100.92
N TYR WA 92 -17.65 -10.09 101.96
CA TYR WA 92 -17.91 -10.48 103.34
C TYR WA 92 -17.08 -11.71 103.76
N SER WA 93 -15.88 -11.84 103.22
CA SER WA 93 -14.96 -12.89 103.62
C SER WA 93 -13.57 -12.30 103.79
N SER WA 94 -12.97 -12.53 104.96
CA SER WA 94 -11.71 -11.87 105.29
C SER WA 94 -10.59 -12.26 104.34
N VAL WA 95 -10.67 -13.45 103.74
CA VAL WA 95 -9.58 -13.94 102.90
C VAL WA 95 -9.66 -13.35 101.50
N LEU WA 96 -10.88 -13.22 100.94
CA LEU WA 96 -11.07 -12.87 99.54
C LEU WA 96 -11.68 -11.48 99.34
N LYS WA 97 -11.66 -10.63 100.36
CA LYS WA 97 -12.33 -9.33 100.24
C LYS WA 97 -11.39 -8.22 99.78
N ARG WA 98 -10.08 -8.39 99.90
CA ARG WA 98 -9.14 -7.37 99.47
C ARG WA 98 -8.34 -7.83 98.26
N THR WA 99 -8.75 -8.92 97.63
CA THR WA 99 -8.21 -9.35 96.35
C THR WA 99 -8.67 -8.40 95.25
N LEU WA 100 -7.94 -8.38 94.13
CA LEU WA 100 -8.41 -7.66 92.95
C LEU WA 100 -9.79 -8.12 92.54
N LEU WA 101 -10.04 -9.43 92.62
CA LEU WA 101 -11.40 -9.94 92.45
C LEU WA 101 -12.33 -9.38 93.50
N GLY WA 102 -11.98 -9.54 94.77
CA GLY WA 102 -12.88 -9.17 95.84
C GLY WA 102 -13.01 -7.69 96.09
N GLU WA 103 -12.16 -6.87 95.46
CA GLU WA 103 -12.21 -5.43 95.65
C GLU WA 103 -12.97 -4.71 94.55
N MET WA 104 -13.00 -5.28 93.35
CA MET WA 104 -13.82 -4.70 92.30
C MET WA 104 -15.26 -5.20 92.38
N LEU WA 105 -15.54 -6.14 93.28
CA LEU WA 105 -16.87 -6.64 93.57
C LEU WA 105 -17.53 -5.96 94.76
N ASN WA 106 -16.79 -5.17 95.55
CA ASN WA 106 -17.41 -4.39 96.61
C ASN WA 106 -17.94 -3.05 96.14
N TYR WA 107 -17.65 -2.69 94.88
CA TYR WA 107 -18.30 -1.54 94.25
C TYR WA 107 -19.70 -1.87 93.75
N TYR WA 108 -20.16 -3.09 93.93
CA TYR WA 108 -21.42 -3.51 93.35
C TYR WA 108 -22.21 -4.34 94.35
N ALA WA 109 -23.53 -4.30 94.21
CA ALA WA 109 -24.44 -5.03 95.09
C ALA WA 109 -24.86 -6.37 94.51
N HIS WA 110 -25.14 -6.44 93.21
CA HIS WA 110 -25.53 -7.68 92.56
C HIS WA 110 -24.38 -8.15 91.69
N TRP WA 111 -23.80 -9.29 92.02
CA TRP WA 111 -22.78 -9.89 91.16
C TRP WA 111 -22.93 -11.41 91.21
N SER WA 112 -22.59 -12.05 90.10
CA SER WA 112 -22.75 -13.49 89.97
C SER WA 112 -21.79 -14.00 88.92
N GLY WA 113 -21.11 -15.10 89.22
CA GLY WA 113 -20.17 -15.69 88.29
C GLY WA 113 -19.37 -16.78 88.97
N SER WA 114 -18.29 -17.17 88.31
CA SER WA 114 -17.39 -18.18 88.83
C SER WA 114 -16.04 -17.57 89.13
N VAL WA 115 -15.23 -18.34 89.85
CA VAL WA 115 -13.95 -17.87 90.36
C VAL WA 115 -12.97 -19.04 90.35
N LYS WA 116 -11.79 -18.82 89.76
CA LYS WA 116 -10.77 -19.84 89.65
C LYS WA 116 -9.67 -19.59 90.67
N LEU WA 117 -9.09 -20.66 91.21
CA LEU WA 117 -8.07 -20.58 92.22
C LEU WA 117 -6.85 -21.37 91.77
N THR WA 118 -5.69 -20.76 91.88
CA THR WA 118 -4.42 -21.38 91.52
C THR WA 118 -3.59 -21.55 92.78
N PHE WA 119 -3.10 -22.77 93.02
CA PHE WA 119 -2.28 -23.08 94.19
C PHE WA 119 -0.85 -23.33 93.71
N LEU WA 120 0.00 -22.33 93.86
CA LEU WA 120 1.40 -22.42 93.47
C LEU WA 120 2.20 -22.94 94.67
N PHE WA 121 2.77 -24.13 94.52
CA PHE WA 121 3.61 -24.71 95.56
C PHE WA 121 5.01 -24.11 95.46
N CYS WA 122 5.39 -23.34 96.47
CA CYS WA 122 6.67 -22.64 96.49
C CYS WA 122 7.70 -23.34 97.35
N GLY WA 123 7.76 -24.67 97.30
CA GLY WA 123 8.74 -25.45 98.00
C GLY WA 123 9.93 -25.78 97.12
N SER WA 124 10.71 -26.77 97.56
CA SER WA 124 11.91 -27.14 96.83
C SER WA 124 11.55 -27.89 95.56
N ALA WA 125 12.54 -28.06 94.70
CA ALA WA 125 12.37 -28.87 93.50
C ALA WA 125 12.55 -30.35 93.78
N MET WA 126 12.87 -30.72 95.02
CA MET WA 126 13.04 -32.11 95.43
C MET WA 126 11.97 -32.57 96.41
N ALA WA 127 11.18 -31.66 96.97
CA ALA WA 127 10.14 -32.04 97.91
C ALA WA 127 8.97 -32.66 97.15
N THR WA 128 8.42 -33.73 97.70
CA THR WA 128 7.37 -34.47 97.02
C THR WA 128 6.32 -34.92 98.04
N GLY WA 129 5.05 -34.66 97.73
CA GLY WA 129 3.96 -35.07 98.59
C GLY WA 129 2.65 -34.91 97.85
N LYS WA 130 1.57 -35.21 98.56
CA LYS WA 130 0.23 -35.06 98.00
C LYS WA 130 -0.64 -34.23 98.94
N LEU WA 131 -1.45 -33.38 98.32
CA LEU WA 131 -2.43 -32.55 99.03
C LEU WA 131 -3.79 -32.79 98.39
N LEU WA 132 -4.84 -32.83 99.22
CA LEU WA 132 -6.18 -33.13 98.77
C LEU WA 132 -7.04 -31.89 98.97
N ILE WA 133 -7.43 -31.26 97.87
CA ILE WA 133 -8.14 -29.99 97.88
C ILE WA 133 -9.62 -30.28 97.67
N SER WA 134 -10.40 -30.15 98.72
CA SER WA 134 -11.82 -30.49 98.69
C SER WA 134 -12.67 -29.23 98.55
N TYR WA 135 -13.81 -29.37 97.90
CA TYR WA 135 -14.74 -28.27 97.68
C TYR WA 135 -16.10 -28.65 98.23
N SER WA 136 -16.64 -27.79 99.10
CA SER WA 136 -17.99 -28.12 99.53
C SER WA 136 -19.00 -27.23 98.83
N PRO WA 137 -20.14 -27.78 98.42
CA PRO WA 137 -21.20 -26.97 97.82
C PRO WA 137 -21.73 -25.95 98.82
N PRO WA 138 -22.41 -24.90 98.35
CA PRO WA 138 -22.75 -23.80 99.26
C PRO WA 138 -23.71 -24.19 100.38
N GLY WA 139 -24.44 -25.28 100.25
CA GLY WA 139 -25.34 -25.70 101.31
C GLY WA 139 -24.72 -26.70 102.26
N ALA WA 140 -23.70 -27.42 101.80
CA ALA WA 140 -23.18 -28.55 102.55
C ALA WA 140 -22.32 -28.07 103.71
N SER WA 141 -22.07 -28.99 104.65
CA SER WA 141 -21.21 -28.73 105.79
C SER WA 141 -19.78 -29.10 105.44
N VAL WA 142 -18.84 -28.55 106.19
CA VAL WA 142 -17.42 -28.77 105.93
C VAL WA 142 -17.07 -30.21 106.28
N PRO WA 143 -16.08 -30.80 105.61
CA PRO WA 143 -15.61 -32.13 106.03
C PRO WA 143 -14.80 -32.01 107.31
N THR WA 144 -15.12 -32.85 108.29
CA THR WA 144 -14.39 -32.86 109.55
C THR WA 144 -13.16 -33.75 109.52
N SER WA 145 -13.08 -34.66 108.55
CA SER WA 145 -11.98 -35.59 108.42
C SER WA 145 -11.50 -35.60 106.98
N ARG WA 146 -10.38 -36.29 106.73
CA ARG WA 146 -9.85 -36.37 105.38
C ARG WA 146 -10.67 -37.33 104.53
N LYS WA 147 -11.17 -38.42 105.13
CA LYS WA 147 -11.99 -39.37 104.37
C LYS WA 147 -13.29 -38.74 103.92
N ASP WA 148 -13.93 -37.97 104.79
CA ASP WA 148 -15.18 -37.32 104.43
C ASP WA 148 -14.98 -36.24 103.39
N ALA WA 149 -13.78 -35.66 103.31
CA ALA WA 149 -13.44 -34.76 102.21
C ALA WA 149 -13.16 -35.54 100.93
N MET WA 150 -12.66 -36.76 101.03
CA MET WA 150 -12.39 -37.57 99.85
C MET WA 150 -13.69 -38.04 99.19
N LEU WA 151 -14.74 -38.26 99.97
CA LEU WA 151 -16.00 -38.75 99.44
C LEU WA 151 -16.79 -37.67 98.72
N GLY WA 152 -16.43 -36.40 98.90
CA GLY WA 152 -17.07 -35.32 98.18
C GLY WA 152 -16.30 -34.96 96.91
N THR WA 153 -16.24 -33.68 96.59
CA THR WA 153 -15.45 -33.20 95.46
C THR WA 153 -14.05 -32.88 95.93
N HIS WA 154 -13.05 -33.37 95.19
CA HIS WA 154 -11.66 -33.14 95.57
C HIS WA 154 -10.77 -33.31 94.36
N ILE WA 155 -9.50 -32.94 94.52
CA ILE WA 155 -8.46 -33.18 93.52
C ILE WA 155 -7.18 -33.52 94.27
N VAL WA 156 -6.73 -34.76 94.16
CA VAL WA 156 -5.51 -35.19 94.83
C VAL WA 156 -4.34 -34.62 94.03
N TRP WA 157 -3.79 -33.51 94.51
CA TRP WA 157 -2.81 -32.71 93.77
C TRP WA 157 -1.41 -33.18 94.11
N ASP WA 158 -0.81 -33.97 93.22
CA ASP WA 158 0.56 -34.43 93.39
C ASP WA 158 1.53 -33.28 93.18
N ILE WA 159 2.30 -32.96 94.22
CA ILE WA 159 3.21 -31.82 94.17
C ILE WA 159 4.45 -32.16 93.35
N GLY WA 160 4.93 -33.40 93.42
CA GLY WA 160 6.16 -33.77 92.75
C GLY WA 160 6.06 -33.77 91.24
N LEU WA 161 4.86 -33.89 90.68
CA LEU WA 161 4.66 -33.87 89.25
C LEU WA 161 4.39 -32.46 88.74
N GLN WA 162 3.27 -31.87 89.18
CA GLN WA 162 2.92 -30.50 88.85
C GLN WA 162 2.97 -29.65 90.12
N SER WA 163 3.32 -28.38 89.95
CA SER WA 163 3.49 -27.45 91.06
C SER WA 163 2.43 -26.36 91.08
N SER WA 164 1.35 -26.51 90.31
CA SER WA 164 0.33 -25.48 90.22
C SER WA 164 -0.98 -26.15 89.80
N CYS WA 165 -1.95 -26.20 90.71
CA CYS WA 165 -3.24 -26.83 90.44
C CYS WA 165 -4.32 -25.76 90.42
N VAL WA 166 -5.15 -25.78 89.38
CA VAL WA 166 -6.12 -24.74 89.10
C VAL WA 166 -7.52 -25.29 89.31
N LEU WA 167 -8.34 -24.56 90.03
CA LEU WA 167 -9.75 -24.87 90.23
C LEU WA 167 -10.60 -23.91 89.42
N CYS WA 168 -11.93 -24.10 89.51
CA CYS WA 168 -12.88 -23.13 88.97
C CYS WA 168 -14.19 -23.35 89.73
N VAL WA 169 -14.45 -22.49 90.70
CA VAL WA 169 -15.55 -22.68 91.65
C VAL WA 169 -16.77 -21.95 91.10
N PRO WA 170 -17.86 -22.65 90.79
CA PRO WA 170 -19.06 -21.99 90.27
C PRO WA 170 -20.03 -21.60 91.38
N TRP WA 171 -21.18 -21.04 91.00
CA TRP WA 171 -22.25 -20.69 91.93
C TRP WA 171 -21.77 -19.71 92.99
N ILE WA 172 -21.16 -18.62 92.54
CA ILE WA 172 -20.62 -17.59 93.44
C ILE WA 172 -21.36 -16.30 93.15
N SER WA 173 -22.24 -15.91 94.08
CA SER WA 173 -23.07 -14.74 93.87
C SER WA 173 -23.61 -14.25 95.20
N GLN WA 174 -23.91 -12.96 95.27
CA GLN WA 174 -24.71 -12.40 96.35
C GLN WA 174 -25.58 -11.30 95.78
N SER WA 175 -26.53 -10.84 96.59
CA SER WA 175 -27.51 -9.87 96.15
C SER WA 175 -28.13 -9.13 97.33
N SER WA 187 -23.42 -18.17 103.64
CA SER WA 187 -23.69 -19.55 103.27
C SER WA 187 -23.14 -19.87 101.89
N ALA WA 188 -21.82 -19.97 101.79
CA ALA WA 188 -21.15 -20.23 100.53
C ALA WA 188 -20.28 -21.48 100.65
N GLY WA 189 -19.46 -21.72 99.63
CA GLY WA 189 -18.66 -22.92 99.54
C GLY WA 189 -17.47 -22.89 100.48
N TYR WA 190 -16.63 -23.90 100.32
CA TYR WA 190 -15.43 -24.07 101.13
C TYR WA 190 -14.32 -24.67 100.30
N ILE WA 191 -13.12 -24.14 100.45
CA ILE WA 191 -11.93 -24.73 99.82
C ILE WA 191 -11.01 -25.12 100.98
N THR WA 192 -11.16 -26.36 101.44
CA THR WA 192 -10.26 -26.92 102.43
C THR WA 192 -9.13 -27.65 101.73
N CYS WA 193 -8.08 -27.96 102.49
CA CYS WA 193 -6.93 -28.66 101.93
C CYS WA 193 -6.35 -29.57 103.00
N TRP WA 194 -5.97 -30.78 102.59
CA TRP WA 194 -5.66 -31.86 103.50
C TRP WA 194 -4.32 -32.49 103.16
N TYR WA 195 -3.69 -33.06 104.17
CA TYR WA 195 -2.49 -33.88 103.95
C TYR WA 195 -2.95 -35.26 103.51
N GLN WA 196 -2.87 -35.51 102.21
CA GLN WA 196 -2.95 -36.89 101.74
C GLN WA 196 -1.71 -37.66 102.15
N THR WA 197 -0.54 -37.13 101.81
CA THR WA 197 0.74 -37.63 102.27
C THR WA 197 1.54 -36.48 102.84
N ASN WA 198 2.54 -36.81 103.66
CA ASN WA 198 3.46 -35.79 104.13
C ASN WA 198 4.41 -35.38 103.00
N ILE WA 199 5.18 -34.31 103.25
CA ILE WA 199 6.14 -33.82 102.28
C ILE WA 199 7.41 -34.65 102.42
N VAL WA 200 7.72 -35.44 101.39
CA VAL WA 200 8.90 -36.29 101.39
C VAL WA 200 10.06 -35.51 100.79
N VAL WA 201 11.18 -35.50 101.48
CA VAL WA 201 12.27 -34.57 101.17
C VAL WA 201 13.61 -35.28 101.34
N PRO WA 202 14.55 -35.07 100.43
CA PRO WA 202 15.88 -35.67 100.58
C PRO WA 202 16.66 -34.99 101.69
N PRO WA 203 17.83 -35.51 102.06
CA PRO WA 203 18.58 -34.93 103.18
C PRO WA 203 19.05 -33.50 102.96
N GLY WA 204 19.18 -33.05 101.72
CA GLY WA 204 19.69 -31.71 101.46
C GLY WA 204 18.65 -30.61 101.48
N ALA WA 205 17.43 -30.91 101.05
CA ALA WA 205 16.43 -29.88 100.91
C ALA WA 205 15.71 -29.61 102.24
N PRO WA 206 15.20 -28.40 102.43
CA PRO WA 206 14.51 -28.08 103.69
C PRO WA 206 13.17 -28.80 103.79
N THR WA 207 12.68 -28.89 105.02
CA THR WA 207 11.52 -29.71 105.35
C THR WA 207 10.20 -28.95 105.24
N SER WA 208 10.19 -27.66 105.56
CA SER WA 208 8.97 -26.86 105.61
C SER WA 208 8.88 -25.99 104.36
N CYS WA 209 7.72 -26.04 103.70
CA CYS WA 209 7.50 -25.35 102.44
C CYS WA 209 6.30 -24.42 102.57
N ASP WA 210 6.03 -23.67 101.50
CA ASP WA 210 4.91 -22.74 101.46
C ASP WA 210 4.10 -22.96 100.19
N VAL WA 211 2.82 -22.60 100.26
CA VAL WA 211 1.90 -22.69 99.14
C VAL WA 211 1.22 -21.34 98.99
N LEU WA 212 1.41 -20.69 97.84
CA LEU WA 212 0.70 -19.47 97.53
C LEU WA 212 -0.62 -19.78 96.84
N CYS WA 213 -1.57 -18.88 97.00
CA CYS WA 213 -2.88 -19.02 96.38
C CYS WA 213 -3.16 -17.81 95.50
N PHE WA 214 -4.09 -17.98 94.56
CA PHE WA 214 -4.45 -16.93 93.62
C PHE WA 214 -5.95 -16.99 93.40
N ALA WA 215 -6.50 -15.90 92.85
CA ALA WA 215 -7.94 -15.85 92.60
C ALA WA 215 -8.22 -14.82 91.51
N SER WA 216 -9.13 -15.19 90.60
CA SER WA 216 -9.62 -14.28 89.56
C SER WA 216 -10.99 -14.76 89.12
N ALA WA 217 -11.51 -14.17 88.04
CA ALA WA 217 -12.75 -14.62 87.43
C ALA WA 217 -12.43 -15.72 86.43
N CYS WA 218 -13.20 -16.80 86.47
CA CYS WA 218 -12.81 -18.03 85.79
C CYS WA 218 -12.99 -17.88 84.28
N ASN WA 219 -14.22 -17.67 83.83
CA ASN WA 219 -14.51 -17.46 82.40
C ASN WA 219 -15.05 -16.07 82.14
N ASP WA 220 -16.15 -15.71 82.79
CA ASP WA 220 -16.78 -14.40 82.61
C ASP WA 220 -17.60 -14.13 83.85
N PHE WA 221 -17.74 -12.86 84.20
CA PHE WA 221 -18.30 -12.49 85.49
C PHE WA 221 -19.39 -11.46 85.27
N SER WA 222 -20.50 -11.62 85.99
CA SER WA 222 -21.66 -10.76 85.85
C SER WA 222 -21.84 -9.93 87.11
N VAL WA 223 -22.18 -8.66 86.92
CA VAL WA 223 -22.17 -7.70 88.02
C VAL WA 223 -23.06 -6.51 87.63
N ARG WA 224 -23.95 -6.10 88.53
CA ARG WA 224 -25.05 -5.22 88.14
C ARG WA 224 -25.05 -3.86 88.83
N LEU WA 225 -25.21 -3.79 90.15
CA LEU WA 225 -25.72 -2.58 90.80
C LEU WA 225 -24.59 -1.86 91.54
N LEU WA 226 -24.17 -0.73 91.00
CA LEU WA 226 -23.04 0.01 91.57
C LEU WA 226 -23.43 0.67 92.88
N ARG WA 227 -22.48 0.67 93.82
CA ARG WA 227 -22.67 1.31 95.12
C ARG WA 227 -21.33 1.89 95.58
N ASP WA 228 -21.35 2.53 96.74
CA ASP WA 228 -20.13 3.03 97.37
C ASP WA 228 -19.46 1.91 98.16
N THR WA 229 -18.12 1.91 98.16
CA THR WA 229 -17.38 0.86 98.84
C THR WA 229 -17.45 1.06 100.36
N PRO WA 230 -17.42 -0.04 101.13
CA PRO WA 230 -17.48 0.10 102.60
C PRO WA 230 -16.14 0.45 103.22
N PHE WA 231 -15.02 0.13 102.57
CA PHE WA 231 -13.71 0.26 103.19
C PHE WA 231 -13.38 1.71 103.52
N MET WA 232 -13.53 2.61 102.55
CA MET WA 232 -13.26 4.02 102.81
C MET WA 232 -14.23 4.56 103.86
N ALA WA 233 -13.72 5.46 104.70
CA ALA WA 233 -14.52 6.02 105.79
C ALA WA 233 -14.82 7.50 105.52
N GLN XA 43 108.78 -15.41 -4.77
CA GLN XA 43 107.37 -15.58 -5.12
C GLN XA 43 107.18 -15.57 -6.62
N THR XA 44 106.01 -16.02 -7.06
CA THR XA 44 105.68 -16.07 -8.48
C THR XA 44 104.26 -15.61 -8.69
N ARG XA 45 103.98 -15.10 -9.88
CA ARG XA 45 102.66 -14.58 -10.21
C ARG XA 45 101.74 -15.75 -10.55
N HIS XA 46 100.77 -16.01 -9.67
CA HIS XA 46 99.85 -17.11 -9.84
C HIS XA 46 98.50 -16.60 -10.34
N VAL XA 47 97.66 -17.53 -10.78
CA VAL XA 47 96.29 -17.21 -11.19
C VAL XA 47 95.47 -17.06 -9.90
N VAL XA 48 95.32 -15.82 -9.46
CA VAL XA 48 94.56 -15.52 -8.25
C VAL XA 48 93.11 -15.39 -8.71
N ASN XA 49 92.43 -16.52 -8.81
CA ASN XA 49 91.08 -16.60 -9.36
C ASN XA 49 90.09 -16.79 -8.22
N PHE XA 50 89.32 -15.73 -7.95
CA PHE XA 50 88.19 -15.75 -7.02
C PHE XA 50 87.51 -14.40 -7.15
N HIS XA 51 86.30 -14.31 -6.58
CA HIS XA 51 85.51 -13.09 -6.68
C HIS XA 51 84.86 -12.85 -5.33
N SER XA 52 85.45 -11.95 -4.55
CA SER XA 52 84.98 -11.70 -3.20
C SER XA 52 85.36 -10.29 -2.78
N ARG XA 53 84.41 -9.60 -2.12
CA ARG XA 53 84.68 -8.32 -1.48
C ARG XA 53 84.07 -8.28 -0.09
N SER XA 54 83.97 -9.43 0.57
CA SER XA 54 83.46 -9.46 1.94
C SER XA 54 84.50 -8.95 2.93
N GLU XA 55 85.78 -9.04 2.58
CA GLU XA 55 86.85 -8.55 3.43
C GLU XA 55 87.11 -7.06 3.23
N SER XA 56 86.42 -6.44 2.29
CA SER XA 56 86.61 -5.03 1.99
C SER XA 56 85.48 -4.18 2.54
N THR XA 57 84.51 -4.78 3.22
CA THR XA 57 83.47 -3.98 3.84
C THR XA 57 84.04 -3.22 5.04
N ILE XA 58 83.27 -2.26 5.55
CA ILE XA 58 83.78 -1.38 6.59
C ILE XA 58 83.94 -2.13 7.91
N GLU XA 59 82.99 -3.01 8.22
CA GLU XA 59 83.07 -3.75 9.48
C GLU XA 59 84.18 -4.79 9.46
N ASN XA 60 84.55 -5.28 8.29
CA ASN XA 60 85.64 -6.23 8.15
C ASN XA 60 86.98 -5.55 7.91
N PHE XA 61 86.99 -4.22 7.88
CA PHE XA 61 88.19 -3.41 7.68
C PHE XA 61 88.62 -2.66 8.93
N MET XA 62 87.65 -2.10 9.66
CA MET XA 62 87.90 -1.35 10.88
C MET XA 62 87.76 -2.19 12.14
N GLY XA 63 86.81 -3.13 12.16
CA GLY XA 63 86.54 -3.92 13.34
C GLY XA 63 87.62 -4.95 13.62
N ARG XA 64 88.81 -4.49 14.01
CA ARG XA 64 89.89 -5.39 14.38
C ARG XA 64 90.57 -4.87 15.63
N ALA XA 65 90.78 -5.75 16.60
CA ALA XA 65 91.31 -5.36 17.89
C ALA XA 65 92.80 -5.09 17.78
N ALA XA 66 93.22 -3.93 18.29
CA ALA XA 66 94.61 -3.51 18.25
C ALA XA 66 94.98 -2.91 19.59
N CYS XA 67 96.22 -3.17 20.03
CA CYS XA 67 96.66 -2.68 21.32
C CYS XA 67 96.98 -1.21 21.20
N VAL XA 68 96.33 -0.40 22.04
CA VAL XA 68 96.41 1.06 21.92
C VAL XA 68 96.95 1.75 23.17
N PHE XA 69 97.22 1.02 24.26
CA PHE XA 69 97.63 1.69 25.49
C PHE XA 69 98.36 0.69 26.39
N MET XA 70 99.69 0.83 26.47
CA MET XA 70 100.50 0.19 27.51
C MET XA 70 100.78 1.21 28.60
N ASP XA 71 100.68 0.78 29.85
CA ASP XA 71 101.02 1.66 30.96
C ASP XA 71 101.35 0.84 32.20
N GLN XA 72 102.21 1.41 33.04
CA GLN XA 72 102.59 0.82 34.32
C GLN XA 72 101.84 1.52 35.44
N TYR XA 73 101.56 0.79 36.51
CA TYR XA 73 101.03 1.40 37.72
C TYR XA 73 101.34 0.52 38.92
N LYS XA 74 101.88 1.14 39.97
CA LYS XA 74 102.39 0.43 41.13
C LYS XA 74 101.24 0.02 42.05
N ILE XA 75 101.55 -0.40 43.26
CA ILE XA 75 100.52 -0.77 44.23
C ILE XA 75 100.68 -0.02 45.55
N ASN XA 76 101.93 0.31 45.91
CA ASN XA 76 102.20 0.86 47.23
C ASN XA 76 103.27 1.95 47.14
N GLY XA 77 103.41 2.69 48.23
CA GLY XA 77 104.31 3.81 48.31
C GLY XA 77 103.70 5.07 47.70
N GLU XA 78 104.25 6.21 48.12
CA GLU XA 78 103.92 7.52 47.56
C GLU XA 78 102.41 7.74 47.52
N GLU XA 79 101.84 7.91 48.73
CA GLU XA 79 100.39 7.94 48.87
C GLU XA 79 99.75 9.02 47.99
N THR XA 80 100.46 10.13 47.77
CA THR XA 80 100.03 11.16 46.82
C THR XA 80 100.96 11.10 45.60
N SER XA 81 100.65 10.21 44.67
CA SER XA 81 101.43 10.07 43.44
C SER XA 81 100.51 9.80 42.27
N THR XA 82 101.01 10.10 41.08
CA THR XA 82 100.30 9.86 39.83
C THR XA 82 100.76 8.58 39.13
N ASP XA 83 101.64 7.80 39.76
CA ASP XA 83 102.16 6.57 39.16
C ASP XA 83 101.53 5.32 39.76
N ARG XA 84 100.36 5.46 40.38
CA ARG XA 84 99.62 4.32 40.93
C ARG XA 84 98.32 4.05 40.18
N PHE XA 85 98.10 4.72 39.06
CA PHE XA 85 96.92 4.48 38.24
C PHE XA 85 97.21 4.92 36.81
N ALA XA 86 96.32 4.51 35.90
CA ALA XA 86 96.45 4.81 34.48
C ALA XA 86 95.29 5.70 34.05
N VAL XA 87 95.44 6.33 32.88
CA VAL XA 87 94.48 7.33 32.43
C VAL XA 87 93.89 7.01 31.06
N TRP XA 88 94.69 7.19 30.00
CA TRP XA 88 94.28 6.96 28.61
C TRP XA 88 92.92 7.55 28.26
N THR XA 89 92.87 8.86 28.02
CA THR XA 89 91.70 9.46 27.38
C THR XA 89 91.43 8.79 26.04
N ILE XA 90 90.23 8.22 25.88
CA ILE XA 90 89.94 7.36 24.74
C ILE XA 90 89.79 8.22 23.48
N ASN XA 91 90.66 7.99 22.50
CA ASN XA 91 90.53 8.62 21.20
C ASN XA 91 91.09 7.70 20.13
N ILE XA 92 90.65 7.93 18.89
CA ILE XA 92 91.15 7.14 17.77
C ILE XA 92 92.56 7.53 17.35
N ARG XA 93 93.04 8.69 17.78
CA ARG XA 93 94.36 9.18 17.36
C ARG XA 93 95.45 8.70 18.30
N GLU XA 94 95.46 7.40 18.57
CA GLU XA 94 96.40 6.80 19.52
C GLU XA 94 97.69 6.37 18.82
N MET XA 95 97.60 5.39 17.93
CA MET XA 95 98.74 4.96 17.14
C MET XA 95 98.45 5.17 15.67
N ALA XA 96 99.50 5.43 14.90
CA ALA XA 96 99.34 5.90 13.52
C ALA XA 96 98.78 4.82 12.59
N GLN XA 97 98.95 3.55 12.94
CA GLN XA 97 98.43 2.49 12.08
C GLN XA 97 96.90 2.47 12.08
N LEU XA 98 96.29 2.54 13.27
CA LEU XA 98 94.84 2.64 13.34
C LEU XA 98 94.36 4.03 12.95
N ARG XA 99 95.06 5.07 13.40
CA ARG XA 99 94.66 6.44 13.06
C ARG XA 99 94.52 6.62 11.55
N ARG XA 100 95.39 5.98 10.78
CA ARG XA 100 95.34 6.10 9.33
C ARG XA 100 94.03 5.53 8.77
N LYS XA 101 93.55 4.43 9.35
CA LYS XA 101 92.33 3.82 8.85
C LYS XA 101 91.09 4.63 9.18
N CYS XA 102 91.07 5.29 10.33
CA CYS XA 102 89.93 6.12 10.69
C CYS XA 102 89.87 7.39 9.86
N GLU XA 103 90.97 7.78 9.23
CA GLU XA 103 91.02 8.96 8.39
C GLU XA 103 90.75 8.65 6.92
N MET XA 104 90.36 7.41 6.60
CA MET XA 104 89.77 7.13 5.29
C MET XA 104 88.41 7.80 5.16
N PHE XA 105 87.74 8.05 6.29
CA PHE XA 105 86.36 8.46 6.32
C PHE XA 105 86.23 9.69 7.20
N THR XA 106 85.37 10.62 6.80
CA THR XA 106 85.18 11.84 7.58
C THR XA 106 84.34 11.56 8.83
N TYR XA 107 83.18 10.93 8.65
CA TYR XA 107 82.26 10.65 9.74
C TYR XA 107 82.09 9.15 9.91
N MET XA 108 82.06 8.71 11.17
CA MET XA 108 81.83 7.31 11.46
C MET XA 108 81.25 7.19 12.87
N ARG XA 109 80.40 6.19 13.06
CA ARG XA 109 79.82 5.89 14.36
C ARG XA 109 79.94 4.40 14.62
N PHE XA 110 80.20 4.04 15.88
CA PHE XA 110 80.57 2.67 16.19
C PHE XA 110 80.56 2.49 17.70
N ASP XA 111 80.13 1.31 18.14
CA ASP XA 111 80.35 0.88 19.51
C ASP XA 111 81.79 0.42 19.66
N ILE XA 112 82.35 0.61 20.85
CA ILE XA 112 83.70 0.17 21.16
C ILE XA 112 83.61 -0.93 22.21
N GLU XA 113 84.46 -1.94 22.08
CA GLU XA 113 84.43 -3.11 22.98
C GLU XA 113 85.89 -3.46 23.27
N MET XA 114 86.43 -2.88 24.33
CA MET XA 114 87.82 -3.06 24.69
C MET XA 114 87.98 -4.17 25.71
N THR XA 115 89.06 -4.94 25.59
CA THR XA 115 89.39 -6.00 26.52
C THR XA 115 90.81 -5.78 27.00
N MET XA 116 90.96 -5.55 28.30
CA MET XA 116 92.28 -5.30 28.87
C MET XA 116 93.02 -6.61 29.11
N VAL XA 117 94.34 -6.54 29.06
CA VAL XA 117 95.21 -7.68 29.33
C VAL XA 117 96.22 -7.20 30.37
N ILE XA 118 96.02 -7.63 31.61
CA ILE XA 118 96.72 -7.07 32.77
C ILE XA 118 97.71 -8.11 33.28
N THR XA 119 98.96 -7.70 33.47
CA THR XA 119 100.00 -8.55 34.00
C THR XA 119 100.46 -8.00 35.34
N SER XA 120 101.50 -8.63 35.90
CA SER XA 120 102.06 -8.16 37.16
C SER XA 120 103.48 -8.68 37.28
N CYS XA 121 104.27 -8.00 38.10
CA CYS XA 121 105.65 -8.34 38.36
C CYS XA 121 105.89 -8.15 39.86
N GLN XA 122 107.15 -8.11 40.27
CA GLN XA 122 107.47 -7.85 41.67
C GLN XA 122 108.94 -7.49 41.83
N MET XA 132 102.91 -13.08 48.09
CA MET XA 132 101.89 -12.07 47.80
C MET XA 132 100.51 -12.70 47.80
N PRO XA 133 99.45 -11.87 47.81
CA PRO XA 133 98.09 -12.43 47.71
C PRO XA 133 97.65 -12.56 46.27
N VAL XA 134 96.39 -12.90 46.04
CA VAL XA 134 95.79 -12.83 44.71
C VAL XA 134 95.29 -11.41 44.49
N LEU XA 135 95.65 -10.83 43.35
CA LEU XA 135 95.41 -9.41 43.09
C LEU XA 135 94.08 -9.20 42.37
N THR XA 136 93.43 -8.11 42.72
CA THR XA 136 92.18 -7.70 42.10
C THR XA 136 92.36 -6.28 41.58
N HIS XA 137 91.92 -6.03 40.35
CA HIS XA 137 92.12 -4.75 39.69
C HIS XA 137 90.77 -4.04 39.55
N GLN XA 138 90.81 -2.81 39.05
CA GLN XA 138 89.61 -2.03 38.79
C GLN XA 138 89.85 -1.16 37.56
N ILE XA 139 89.01 -1.33 36.54
CA ILE XA 139 89.12 -0.56 35.31
C ILE XA 139 87.87 0.31 35.23
N MET XA 140 87.99 1.57 35.63
CA MET XA 140 86.86 2.49 35.72
C MET XA 140 86.80 3.34 34.46
N TYR XA 141 85.72 3.15 33.69
CA TYR XA 141 85.43 4.01 32.55
C TYR XA 141 84.56 5.17 33.02
N VAL XA 142 85.08 6.39 32.88
CA VAL XA 142 84.27 7.57 33.15
C VAL XA 142 83.70 8.08 31.82
N PRO XA 143 82.45 8.49 31.77
CA PRO XA 143 81.87 9.03 30.54
C PRO XA 143 82.46 10.40 30.23
N PRO XA 144 82.10 11.03 29.11
CA PRO XA 144 82.60 12.38 28.84
C PRO XA 144 82.20 13.38 29.91
N GLY XA 145 80.98 13.30 30.42
CA GLY XA 145 80.62 14.04 31.61
C GLY XA 145 80.79 13.19 32.85
N GLY XA 146 81.97 13.27 33.48
CA GLY XA 146 82.29 12.44 34.61
C GLY XA 146 83.48 12.96 35.39
N PRO XA 147 83.42 12.81 36.71
CA PRO XA 147 84.54 13.24 37.55
C PRO XA 147 85.71 12.27 37.45
N ILE XA 148 86.91 12.83 37.55
CA ILE XA 148 88.12 12.03 37.41
C ILE XA 148 88.82 11.97 38.77
N PRO XA 149 89.52 10.89 39.09
CA PRO XA 149 90.33 10.88 40.30
C PRO XA 149 91.59 11.69 40.13
N ALA XA 150 92.05 12.26 41.24
CA ALA XA 150 93.36 12.91 41.29
C ALA XA 150 94.42 12.03 41.95
N LYS XA 151 93.99 11.09 42.80
CA LYS XA 151 94.89 10.19 43.50
C LYS XA 151 94.28 8.79 43.47
N VAL XA 152 95.09 7.79 43.82
CA VAL XA 152 94.61 6.41 43.84
C VAL XA 152 93.53 6.22 44.90
N ASP XA 153 93.45 7.11 45.89
CA ASP XA 153 92.47 7.01 46.97
C ASP XA 153 91.46 8.14 46.94
N GLY XA 154 91.14 8.66 45.76
CA GLY XA 154 90.13 9.66 45.64
C GLY XA 154 88.74 9.09 45.81
N TYR XA 155 87.78 9.99 46.03
CA TYR XA 155 86.39 9.56 46.18
C TYR XA 155 85.70 9.30 44.84
N GLU XA 156 86.28 9.75 43.74
CA GLU XA 156 85.67 9.55 42.42
C GLU XA 156 85.55 8.07 42.10
N TRP XA 157 86.50 7.25 42.59
CA TRP XA 157 86.49 5.82 42.32
C TRP XA 157 85.20 5.15 42.78
N GLN XA 158 84.49 5.77 43.73
CA GLN XA 158 83.26 5.22 44.29
C GLN XA 158 82.01 5.80 43.64
N THR XA 159 82.14 6.47 42.49
CA THR XA 159 81.00 7.10 41.85
C THR XA 159 80.14 6.04 41.17
N SER XA 160 78.83 6.07 41.45
CA SER XA 160 77.92 5.06 40.94
C SER XA 160 77.66 5.21 39.44
N THR XA 161 77.89 6.40 38.89
CA THR XA 161 77.65 6.64 37.47
C THR XA 161 78.87 6.32 36.61
N ASN XA 162 80.02 5.99 37.22
CA ASN XA 162 81.18 5.54 36.49
C ASN XA 162 81.24 4.01 36.53
N PRO XA 163 80.89 3.31 35.46
CA PRO XA 163 80.93 1.85 35.49
C PRO XA 163 82.37 1.35 35.51
N SER XA 164 82.60 0.31 36.30
CA SER XA 164 83.95 -0.22 36.49
C SER XA 164 83.86 -1.73 36.68
N VAL XA 165 84.86 -2.44 36.14
CA VAL XA 165 84.96 -3.89 36.29
C VAL XA 165 86.02 -4.18 37.34
N PHE XA 166 85.76 -5.20 38.16
CA PHE XA 166 86.69 -5.63 39.20
C PHE XA 166 87.18 -7.02 38.81
N TRP XA 167 88.29 -7.05 38.08
CA TRP XA 167 88.88 -8.27 37.60
C TRP XA 167 89.96 -8.73 38.57
N THR XA 168 89.83 -9.96 39.06
CA THR XA 168 90.85 -10.57 39.90
C THR XA 168 91.75 -11.43 39.02
N GLU XA 169 93.00 -11.57 39.45
CA GLU XA 169 94.02 -12.16 38.59
C GLU XA 169 93.78 -13.66 38.41
N GLY XA 170 94.11 -14.16 37.23
CA GLY XA 170 94.00 -15.57 36.90
C GLY XA 170 92.85 -15.93 36.00
N ASN XA 171 91.82 -15.10 35.91
CA ASN XA 171 90.64 -15.42 35.12
C ASN XA 171 90.84 -14.97 33.67
N ALA XA 172 89.76 -15.04 32.89
CA ALA XA 172 89.77 -14.50 31.54
C ALA XA 172 89.89 -12.97 31.61
N PRO XA 173 90.39 -12.34 30.54
CA PRO XA 173 90.60 -10.90 30.60
C PRO XA 173 89.28 -10.16 30.72
N PRO XA 174 89.28 -8.99 31.37
CA PRO XA 174 88.03 -8.24 31.55
C PRO XA 174 87.63 -7.54 30.26
N ARG XA 175 86.35 -7.63 29.92
CA ARG XA 175 85.81 -6.99 28.73
C ARG XA 175 84.71 -6.03 29.12
N ILE XA 176 84.83 -4.78 28.67
CA ILE XA 176 83.88 -3.72 28.95
C ILE XA 176 83.51 -3.09 27.61
N SER XA 177 82.21 -2.94 27.36
CA SER XA 177 81.74 -2.42 26.08
C SER XA 177 81.03 -1.09 26.28
N ILE XA 178 81.29 -0.16 25.37
CA ILE XA 178 80.80 1.21 25.50
C ILE XA 178 80.02 1.56 24.24
N PRO XA 179 78.79 2.05 24.37
CA PRO XA 179 77.99 2.35 23.18
C PRO XA 179 78.42 3.63 22.49
N PHE XA 180 77.66 4.06 21.50
CA PHE XA 180 77.90 5.33 20.82
C PHE XA 180 77.53 6.48 21.75
N ILE XA 181 78.55 7.10 22.35
CA ILE XA 181 78.31 8.10 23.38
C ILE XA 181 77.98 9.47 22.79
N SER XA 182 78.52 9.79 21.61
CA SER XA 182 78.66 11.18 21.19
C SER XA 182 77.33 11.91 21.12
N VAL XA 183 77.39 13.24 21.25
CA VAL XA 183 76.19 14.06 21.28
C VAL XA 183 75.60 14.16 19.89
N GLY XA 184 76.46 14.29 18.88
CA GLY XA 184 76.02 14.38 17.51
C GLY XA 184 75.57 13.03 17.00
N ASN XA 185 75.53 12.90 15.68
CA ASN XA 185 75.07 11.68 15.05
C ASN XA 185 76.21 10.81 14.55
N ALA XA 186 77.45 11.29 14.63
CA ALA XA 186 78.61 10.48 14.27
C ALA XA 186 79.85 11.08 14.92
N TYR XA 187 80.88 10.25 15.07
CA TYR XA 187 82.20 10.76 15.43
C TYR XA 187 82.85 11.35 14.19
N SER XA 188 83.45 12.53 14.36
CA SER XA 188 84.12 13.23 13.27
C SER XA 188 85.62 13.00 13.38
N SER XA 189 86.20 12.41 12.34
CA SER XA 189 87.65 12.24 12.30
C SER XA 189 88.35 13.58 12.12
N PHE XA 190 87.76 14.46 11.32
CA PHE XA 190 88.29 15.79 11.05
C PHE XA 190 87.25 16.84 11.39
N TYR XA 191 87.69 17.97 11.94
CA TYR XA 191 86.79 19.05 12.29
C TYR XA 191 87.46 20.37 11.89
N ASP XA 192 87.12 20.87 10.71
CA ASP XA 192 87.63 22.15 10.22
C ASP XA 192 86.83 23.27 10.89
N GLY XA 193 87.19 23.57 12.13
CA GLY XA 193 86.45 24.52 12.92
C GLY XA 193 87.13 24.81 14.23
N TRP XA 194 86.56 25.76 14.96
CA TRP XA 194 87.14 26.26 16.20
C TRP XA 194 86.20 25.94 17.36
N SER XA 195 86.79 25.46 18.46
CA SER XA 195 85.99 25.11 19.63
C SER XA 195 85.30 26.33 20.22
N HIS XA 196 86.02 27.43 20.35
CA HIS XA 196 85.50 28.65 20.95
C HIS XA 196 85.08 29.62 19.84
N PHE XA 197 83.86 30.14 19.95
CA PHE XA 197 83.30 31.00 18.91
C PHE XA 197 84.14 32.25 18.73
N THR XA 198 84.10 32.78 17.50
CA THR XA 198 84.82 33.97 17.06
C THR XA 198 86.30 33.67 16.86
N GLN XA 199 86.61 32.49 16.34
CA GLN XA 199 87.96 32.11 15.90
C GLN XA 199 88.99 32.30 17.02
N ASP XA 200 88.73 31.64 18.14
CA ASP XA 200 89.63 31.68 19.28
C ASP XA 200 90.67 30.57 19.12
N GLY XA 201 91.27 30.12 20.23
CA GLY XA 201 92.25 29.06 20.18
C GLY XA 201 91.62 27.69 19.97
N THR XA 202 92.48 26.67 20.00
CA THR XA 202 92.10 25.27 19.89
C THR XA 202 91.38 24.99 18.57
N TYR XA 203 92.17 25.03 17.49
CA TYR XA 203 91.68 24.65 16.18
C TYR XA 203 91.50 23.13 16.09
N GLY XA 204 90.46 22.71 15.39
CA GLY XA 204 90.34 21.33 14.98
C GLY XA 204 89.81 20.37 16.03
N TYR XA 205 89.54 20.84 17.25
CA TYR XA 205 89.09 19.97 18.32
C TYR XA 205 87.62 20.28 18.63
N THR XA 206 86.74 19.38 18.22
CA THR XA 206 85.34 19.43 18.61
C THR XA 206 85.13 18.57 19.84
N THR XA 207 84.07 18.89 20.59
CA THR XA 207 83.71 18.11 21.77
C THR XA 207 82.70 17.02 21.46
N LEU XA 208 82.27 16.89 20.21
CA LEU XA 208 81.35 15.82 19.85
C LEU XA 208 82.06 14.47 19.85
N ASN XA 209 83.28 14.42 19.34
CA ASN XA 209 84.04 13.17 19.30
C ASN XA 209 84.87 12.97 20.58
N ALA XA 210 84.19 13.11 21.71
CA ALA XA 210 84.76 12.75 23.00
C ALA XA 210 84.16 11.42 23.43
N MET XA 211 85.02 10.49 23.85
CA MET XA 211 84.59 9.12 24.11
C MET XA 211 84.67 8.72 25.57
N GLY XA 212 85.41 9.45 26.39
CA GLY XA 212 85.55 9.15 27.80
C GLY XA 212 87.00 8.89 28.16
N LYS XA 213 87.19 8.39 29.38
CA LYS XA 213 88.49 8.05 29.90
C LYS XA 213 88.42 6.68 30.58
N LEU XA 214 89.58 6.17 30.98
CA LEU XA 214 89.67 4.79 31.46
C LEU XA 214 90.69 4.70 32.59
N TYR XA 215 90.22 4.92 33.82
CA TYR XA 215 91.07 4.91 35.00
C TYR XA 215 91.19 3.51 35.57
N ILE XA 216 92.43 3.07 35.79
CA ILE XA 216 92.75 1.69 36.13
C ILE XA 216 93.64 1.69 37.35
N ARG XA 217 93.27 0.89 38.36
CA ARG XA 217 94.08 0.81 39.57
C ARG XA 217 93.97 -0.58 40.17
N HIS XA 218 94.86 -0.86 41.12
CA HIS XA 218 94.70 -1.99 42.01
C HIS XA 218 93.67 -1.61 43.07
N VAL XA 219 92.81 -2.57 43.44
CA VAL XA 219 91.92 -2.34 44.59
C VAL XA 219 92.56 -2.75 45.90
N ASN XA 220 93.68 -3.48 45.85
CA ASN XA 220 94.38 -3.86 47.06
C ASN XA 220 95.01 -2.62 47.68
N ARG XA 221 94.81 -2.44 48.99
CA ARG XA 221 95.22 -1.19 49.63
C ARG XA 221 96.73 -1.10 49.75
N SER XA 222 97.40 -2.22 50.00
CA SER XA 222 98.85 -2.22 50.18
C SER XA 222 99.39 -3.60 49.84
N SER XA 223 100.70 -3.75 50.01
CA SER XA 223 101.39 -5.00 49.75
C SER XA 223 102.69 -4.99 50.54
N PRO XA 224 103.22 -6.17 50.91
CA PRO XA 224 104.51 -6.19 51.61
C PRO XA 224 105.66 -5.71 50.72
N HIS XA 225 105.71 -6.19 49.49
CA HIS XA 225 106.72 -5.76 48.52
C HIS XA 225 106.05 -4.97 47.40
N GLN XA 226 106.86 -4.56 46.42
CA GLN XA 226 106.38 -3.75 45.31
C GLN XA 226 105.88 -4.63 44.18
N ILE XA 227 104.68 -4.32 43.69
CA ILE XA 227 104.08 -5.03 42.55
C ILE XA 227 103.81 -3.99 41.47
N THR XA 228 104.34 -4.23 40.28
CA THR XA 228 104.24 -3.28 39.16
C THR XA 228 103.42 -3.94 38.06
N SER XA 229 102.17 -3.53 37.92
CA SER XA 229 101.26 -4.15 36.97
C SER XA 229 101.32 -3.40 35.64
N THR XA 230 101.12 -4.15 34.55
CA THR XA 230 101.14 -3.62 33.20
C THR XA 230 99.82 -3.96 32.54
N ILE XA 231 99.20 -2.97 31.90
CA ILE XA 231 97.91 -3.14 31.26
C ILE XA 231 98.05 -2.84 29.78
N ARG XA 232 97.35 -3.63 28.96
CA ARG XA 232 97.34 -3.48 27.51
C ARG XA 232 95.88 -3.41 27.07
N VAL XA 233 95.42 -2.23 26.68
CA VAL XA 233 94.03 -2.03 26.31
C VAL XA 233 93.86 -2.36 24.84
N TYR XA 234 92.95 -3.29 24.52
CA TYR XA 234 92.69 -3.72 23.15
C TYR XA 234 91.40 -3.08 22.65
N PHE XA 235 91.56 -2.00 21.90
CA PHE XA 235 90.44 -1.25 21.35
C PHE XA 235 89.88 -1.97 20.13
N LYS XA 236 88.56 -1.97 20.01
CA LYS XA 236 87.93 -2.56 18.84
C LYS XA 236 86.64 -1.83 18.47
N PRO XA 237 86.57 -1.25 17.28
CA PRO XA 237 85.29 -0.70 16.80
C PRO XA 237 84.31 -1.83 16.53
N LYS XA 238 83.03 -1.55 16.76
CA LYS XA 238 82.00 -2.56 16.57
C LYS XA 238 80.73 -1.90 16.03
N HIS XA 239 80.03 -2.64 15.18
CA HIS XA 239 78.81 -2.16 14.52
C HIS XA 239 79.06 -0.80 13.87
N ILE XA 240 80.09 -0.76 13.04
CA ILE XA 240 80.67 0.51 12.58
C ILE XA 240 80.04 0.90 11.25
N LYS XA 241 79.62 2.16 11.16
CA LYS XA 241 79.20 2.78 9.92
C LYS XA 241 80.13 3.95 9.64
N ALA XA 242 80.27 4.29 8.35
CA ALA XA 242 81.23 5.33 7.97
C ALA XA 242 80.68 6.09 6.77
N TRP XA 243 80.84 7.41 6.81
CA TRP XA 243 80.34 8.30 5.76
C TRP XA 243 81.50 9.12 5.21
N VAL XA 244 81.28 9.64 4.00
CA VAL XA 244 82.16 10.62 3.37
C VAL XA 244 83.57 10.08 3.27
N PRO XA 245 83.89 9.28 2.25
CA PRO XA 245 85.26 8.80 2.10
C PRO XA 245 86.21 9.96 1.84
N ARG XA 246 87.51 9.66 1.96
CA ARG XA 246 88.52 10.69 2.10
C ARG XA 246 89.83 10.09 1.62
N PRO XA 247 90.71 10.87 0.97
CA PRO XA 247 91.93 10.28 0.44
C PRO XA 247 92.85 9.86 1.57
N PRO XA 248 93.70 8.86 1.35
CA PRO XA 248 94.58 8.39 2.42
C PRO XA 248 95.65 9.40 2.79
N ARG XA 249 96.13 9.28 4.02
CA ARG XA 249 97.23 10.08 4.51
C ARG XA 249 98.50 9.81 3.70
N LEU XA 250 99.19 10.87 3.31
CA LEU XA 250 100.45 10.74 2.58
C LEU XA 250 101.67 11.02 3.47
N CYS XA 251 101.64 12.13 4.21
CA CYS XA 251 102.75 12.54 5.05
C CYS XA 251 102.73 11.80 6.39
N PRO XA 252 103.89 11.69 7.04
CA PRO XA 252 103.93 11.09 8.38
C PRO XA 252 103.28 12.00 9.42
N TYR XA 253 102.84 11.38 10.51
CA TYR XA 253 102.17 12.11 11.58
C TYR XA 253 103.19 12.81 12.48
N ILE XA 254 102.81 14.00 12.95
CA ILE XA 254 103.68 14.78 13.82
C ILE XA 254 103.22 14.63 15.27
N ASN XA 255 101.99 15.05 15.54
CA ASN XA 255 101.44 15.10 16.89
C ASN XA 255 100.06 14.48 16.92
N LYS XA 256 99.66 14.03 18.11
CA LYS XA 256 98.46 13.20 18.29
C LYS XA 256 97.18 14.01 18.47
N ARG XA 257 97.25 15.34 18.37
CA ARG XA 257 96.07 16.19 18.53
C ARG XA 257 95.89 17.15 17.36
N ASP XA 258 96.67 17.01 16.30
CA ASP XA 258 96.60 17.94 15.18
C ASP XA 258 96.89 17.20 13.89
N VAL XA 259 96.75 17.91 12.78
CA VAL XA 259 96.94 17.36 11.44
C VAL XA 259 98.21 17.92 10.80
N ASN XA 260 99.07 18.55 11.59
CA ASN XA 260 100.26 19.20 11.07
C ASN XA 260 101.21 18.17 10.45
N PHE XA 261 101.94 18.60 9.43
CA PHE XA 261 102.73 17.66 8.65
C PHE XA 261 103.89 18.39 8.00
N VAL XA 262 104.85 17.60 7.52
CA VAL XA 262 105.95 18.09 6.70
C VAL XA 262 105.65 17.72 5.26
N VAL XA 263 105.97 18.63 4.34
CA VAL XA 263 105.63 18.42 2.94
C VAL XA 263 106.45 17.24 2.41
N THR XA 264 105.76 16.16 2.04
CA THR XA 264 106.37 14.93 1.59
C THR XA 264 106.19 14.80 0.08
N GLU XA 265 107.09 14.05 -0.55
CA GLU XA 265 106.99 13.79 -1.96
C GLU XA 265 105.79 12.90 -2.26
N ILE XA 266 105.26 13.01 -3.47
CA ILE XA 266 104.05 12.26 -3.83
C ILE XA 266 104.35 10.76 -3.85
N THR XA 267 105.24 10.33 -4.73
CA THR XA 267 105.64 8.94 -4.83
C THR XA 267 107.15 8.84 -4.78
N ASP XA 268 107.65 7.61 -4.75
CA ASP XA 268 109.08 7.39 -4.85
C ASP XA 268 109.53 7.74 -6.26
N SER XA 269 110.70 8.36 -6.37
CA SER XA 269 111.14 8.84 -7.67
C SER XA 269 111.80 7.71 -8.46
N ARG XA 270 111.75 7.84 -9.77
CA ARG XA 270 112.49 6.98 -10.69
C ARG XA 270 113.40 7.85 -11.55
N THR XA 271 114.17 7.19 -12.41
CA THR XA 271 115.23 7.89 -13.13
C THR XA 271 114.67 8.77 -14.24
N SER XA 272 113.93 8.17 -15.17
CA SER XA 272 113.33 8.90 -16.28
C SER XA 272 111.83 8.56 -16.35
N ILE XA 273 111.14 9.22 -17.27
CA ILE XA 273 109.71 8.98 -17.45
C ILE XA 273 109.45 7.69 -18.21
N THR XA 274 110.46 7.13 -18.89
CA THR XA 274 110.26 5.99 -19.77
C THR XA 274 110.86 4.68 -19.28
N ASP XA 275 111.65 4.71 -18.21
CA ASP XA 275 112.28 3.48 -17.73
C ASP XA 275 111.30 2.67 -16.88
N VAL YA 13 72.97 27.21 -24.23
CA VAL YA 13 73.00 28.42 -23.40
C VAL YA 13 71.71 28.57 -22.62
N ARG YA 14 71.80 28.45 -21.30
CA ARG YA 14 70.65 28.59 -20.40
C ARG YA 14 70.90 29.76 -19.47
N SER YA 15 69.94 30.67 -19.40
CA SER YA 15 70.05 31.88 -18.59
C SER YA 15 69.27 31.64 -17.30
N MET YA 16 69.93 31.08 -16.30
CA MET YA 16 69.30 30.84 -15.02
C MET YA 16 69.09 32.15 -14.27
N THR YA 17 68.03 32.19 -13.47
CA THR YA 17 67.75 33.34 -12.63
C THR YA 17 67.26 32.86 -11.28
N LEU YA 18 67.67 33.57 -10.22
CA LEU YA 18 67.23 33.29 -8.86
C LEU YA 18 67.06 34.62 -8.14
N GLY YA 19 65.82 34.98 -7.82
CA GLY YA 19 65.57 36.24 -7.15
C GLY YA 19 65.82 37.42 -8.06
N ASN YA 20 66.83 38.21 -7.73
CA ASN YA 20 67.26 39.34 -8.54
C ASN YA 20 68.72 39.17 -8.99
N SER YA 21 69.06 37.95 -9.40
CA SER YA 21 70.41 37.65 -9.87
C SER YA 21 70.31 36.65 -11.01
N THR YA 22 70.72 37.07 -12.20
CA THR YA 22 70.68 36.24 -13.40
C THR YA 22 72.11 36.04 -13.89
N ILE YA 23 72.48 34.78 -14.14
CA ILE YA 23 73.74 34.45 -14.76
C ILE YA 23 73.45 33.74 -16.08
N THR YA 24 74.48 33.62 -16.90
CA THR YA 24 74.38 32.94 -18.18
C THR YA 24 75.29 31.72 -18.16
N THR YA 25 74.69 30.55 -18.31
CA THR YA 25 75.42 29.29 -18.22
C THR YA 25 75.47 28.60 -19.59
N GLN YA 26 76.31 27.57 -19.67
CA GLN YA 26 76.49 26.81 -20.90
C GLN YA 26 75.93 25.41 -20.75
N ASN YA 30 77.19 19.74 -17.29
CA ASN YA 30 76.35 18.83 -16.50
C ASN YA 30 76.68 18.92 -15.01
N VAL YA 31 75.64 18.86 -14.17
CA VAL YA 31 75.79 19.12 -12.75
C VAL YA 31 76.36 17.89 -12.06
N VAL YA 32 77.36 18.11 -11.20
CA VAL YA 32 77.91 17.06 -10.35
C VAL YA 32 77.21 17.21 -8.99
N VAL YA 33 76.14 16.45 -8.81
CA VAL YA 33 75.42 16.45 -7.54
C VAL YA 33 76.28 15.72 -6.51
N GLY YA 34 76.66 16.42 -5.45
CA GLY YA 34 77.62 15.88 -4.51
C GLY YA 34 77.03 14.74 -3.72
N TYR YA 35 77.66 13.56 -3.79
CA TYR YA 35 77.23 12.36 -3.07
C TYR YA 35 75.81 11.94 -3.45
N GLY YA 36 75.41 12.20 -4.69
CA GLY YA 36 74.16 11.68 -5.20
C GLY YA 36 72.92 12.20 -4.51
N GLU YA 37 73.04 13.24 -3.69
CA GLU YA 37 71.90 13.78 -2.96
C GLU YA 37 71.74 15.26 -3.24
N TRP YA 38 70.50 15.68 -3.36
CA TRP YA 38 70.11 17.07 -3.53
C TRP YA 38 69.84 17.65 -2.16
N PRO YA 39 70.28 18.88 -1.87
CA PRO YA 39 70.03 19.44 -0.55
C PRO YA 39 68.54 19.48 -0.26
N SER YA 40 68.19 19.40 1.02
CA SER YA 40 66.80 19.37 1.41
C SER YA 40 66.67 19.98 2.79
N TYR YA 41 65.43 20.25 3.19
CA TYR YA 41 65.18 20.75 4.53
C TYR YA 41 65.32 19.62 5.54
N LEU YA 42 65.26 19.99 6.82
CA LEU YA 42 65.55 19.04 7.89
C LEU YA 42 64.41 18.06 8.12
N SER YA 43 63.18 18.42 7.77
CA SER YA 43 62.05 17.52 7.93
C SER YA 43 62.10 16.40 6.90
N THR YA 48 59.46 19.42 15.32
CA THR YA 48 59.52 19.46 16.78
C THR YA 48 59.19 20.87 17.28
N ALA YA 49 58.42 20.95 18.36
CA ALA YA 49 58.10 22.24 18.97
C ALA YA 49 59.12 22.66 20.02
N GLU YA 50 60.02 21.78 20.43
CA GLU YA 50 61.08 22.16 21.35
C GLU YA 50 62.16 22.98 20.66
N ASP YA 51 62.44 22.66 19.40
CA ASP YA 51 63.33 23.45 18.56
C ASP YA 51 62.70 23.56 17.17
N GLN YA 52 62.51 24.79 16.70
CA GLN YA 52 61.78 25.02 15.46
C GLN YA 52 62.64 25.82 14.48
N PRO YA 53 62.88 25.29 13.28
CA PRO YA 53 63.68 26.04 12.30
C PRO YA 53 62.87 27.10 11.56
N THR YA 54 63.57 28.11 11.09
CA THR YA 54 63.02 29.17 10.24
C THR YA 54 63.60 29.02 8.85
N GLN YA 55 62.73 28.97 7.85
CA GLN YA 55 63.18 28.84 6.47
C GLN YA 55 63.10 30.19 5.78
N PRO YA 56 64.22 30.84 5.47
CA PRO YA 56 64.14 32.17 4.84
C PRO YA 56 63.57 32.15 3.43
N ASP YA 57 64.06 31.25 2.57
CA ASP YA 57 63.58 31.14 1.19
C ASP YA 57 63.76 32.47 0.45
N VAL YA 58 63.09 33.52 0.93
CA VAL YA 58 63.24 34.85 0.33
C VAL YA 58 64.71 35.26 0.36
N ALA YA 59 65.19 35.80 -0.75
CA ALA YA 59 66.60 36.18 -0.96
C ALA YA 59 67.43 34.92 -0.67
N THR YA 60 68.57 35.03 0.02
CA THR YA 60 69.43 33.90 0.37
C THR YA 60 69.76 32.97 -0.80
N CYS YA 61 68.76 32.63 -1.62
CA CYS YA 61 68.92 31.70 -2.72
C CYS YA 61 69.49 32.34 -3.98
N ARG YA 62 69.67 33.66 -4.00
CA ARG YA 62 70.14 34.33 -5.20
C ARG YA 62 71.62 34.02 -5.41
N PHE YA 63 72.12 34.37 -6.61
CA PHE YA 63 73.50 34.07 -6.96
C PHE YA 63 74.44 35.13 -6.40
N TYR YA 64 75.45 34.69 -5.67
CA TYR YA 64 76.47 35.57 -5.08
C TYR YA 64 77.76 35.33 -5.87
N THR YA 65 78.00 36.18 -6.86
CA THR YA 65 79.22 36.08 -7.66
C THR YA 65 80.38 36.69 -6.92
N LEU YA 66 81.41 35.89 -6.65
CA LEU YA 66 82.60 36.39 -5.99
C LEU YA 66 83.46 37.16 -6.98
N GLU YA 67 84.55 37.73 -6.49
CA GLU YA 67 85.46 38.46 -7.36
C GLU YA 67 86.18 37.49 -8.29
N SER YA 68 86.33 37.90 -9.55
CA SER YA 68 86.95 37.03 -10.53
C SER YA 68 88.44 36.89 -10.22
N VAL YA 69 88.97 35.70 -10.50
CA VAL YA 69 90.33 35.33 -10.10
C VAL YA 69 91.15 35.11 -11.36
N GLN YA 70 92.25 35.85 -11.48
CA GLN YA 70 93.10 35.75 -12.67
C GLN YA 70 94.02 34.54 -12.54
N TRP YA 71 94.00 33.68 -13.54
CA TRP YA 71 94.78 32.45 -13.57
C TRP YA 71 95.90 32.62 -14.59
N GLU YA 72 97.12 32.79 -14.08
CA GLU YA 72 98.30 32.96 -14.91
C GLU YA 72 98.99 31.62 -15.10
N LYS YA 73 100.17 31.64 -15.74
CA LYS YA 73 100.94 30.42 -15.95
C LYS YA 73 101.53 29.88 -14.66
N THR YA 74 101.73 30.74 -13.65
CA THR YA 74 102.41 30.37 -12.42
C THR YA 74 101.47 30.30 -11.23
N SER YA 75 100.17 30.24 -11.46
CA SER YA 75 99.22 30.15 -10.36
C SER YA 75 99.17 28.72 -9.84
N PRO YA 76 99.35 28.51 -8.54
CA PRO YA 76 99.33 27.13 -8.00
C PRO YA 76 97.95 26.66 -7.57
N GLY YA 77 97.05 27.58 -7.27
CA GLY YA 77 95.70 27.19 -6.86
C GLY YA 77 95.09 28.21 -5.93
N TRP YA 78 93.87 27.90 -5.49
CA TRP YA 78 93.12 28.76 -4.59
C TRP YA 78 92.27 27.89 -3.67
N TRP YA 79 91.80 28.48 -2.57
CA TRP YA 79 90.76 27.82 -1.80
C TRP YA 79 89.88 28.87 -1.13
N TRP YA 80 88.59 28.55 -1.02
CA TRP YA 80 87.62 29.31 -0.27
C TRP YA 80 87.06 28.40 0.81
N LYS YA 81 86.82 28.94 2.00
CA LYS YA 81 86.17 28.19 3.07
C LYS YA 81 84.80 28.78 3.32
N PHE YA 82 83.79 28.03 3.04
CA PHE YA 82 82.36 28.15 3.21
C PHE YA 82 81.93 27.45 4.49
N PRO YA 83 80.80 27.82 5.11
CA PRO YA 83 79.77 28.79 4.71
C PRO YA 83 80.18 30.25 4.88
N GLU YA 84 81.27 30.51 5.61
CA GLU YA 84 81.58 31.87 6.03
C GLU YA 84 82.36 32.64 4.97
N ALA YA 85 82.58 32.07 3.79
CA ALA YA 85 83.09 32.88 2.69
C ALA YA 85 82.02 33.87 2.24
N LEU YA 86 80.75 33.59 2.51
CA LEU YA 86 79.63 34.47 2.21
C LEU YA 86 79.24 35.31 3.42
N LYS YA 87 80.16 35.59 4.34
CA LYS YA 87 79.78 36.25 5.58
C LYS YA 87 79.49 37.73 5.40
N ASN YA 88 79.89 38.31 4.28
CA ASN YA 88 79.57 39.71 3.96
C ASN YA 88 78.71 39.80 2.71
N MET YA 89 78.05 38.72 2.31
CA MET YA 89 77.29 38.66 1.06
C MET YA 89 75.80 38.79 1.38
N GLY YA 90 75.36 40.04 1.57
CA GLY YA 90 73.94 40.33 1.52
C GLY YA 90 73.19 39.76 2.72
N LEU YA 91 71.97 39.28 2.44
CA LEU YA 91 71.11 38.76 3.50
C LEU YA 91 71.64 37.44 4.05
N PHE YA 92 72.28 36.62 3.22
CA PHE YA 92 72.87 35.39 3.73
C PHE YA 92 74.01 35.69 4.70
N GLY YA 93 74.81 36.71 4.39
CA GLY YA 93 75.85 37.12 5.32
C GLY YA 93 75.36 37.92 6.49
N GLN YA 94 74.10 38.36 6.46
CA GLN YA 94 73.50 39.05 7.59
C GLN YA 94 72.69 38.13 8.48
N ASN YA 95 72.06 37.09 7.93
CA ASN YA 95 71.41 36.08 8.76
C ASN YA 95 72.41 35.22 9.51
N MET YA 96 73.69 35.26 9.15
CA MET YA 96 74.70 34.56 9.94
C MET YA 96 74.92 35.23 11.29
N HIS YA 97 74.68 36.55 11.38
CA HIS YA 97 74.88 37.27 12.63
C HIS YA 97 73.67 37.24 13.56
N TYR YA 98 72.48 36.97 13.04
CA TYR YA 98 71.27 36.97 13.87
C TYR YA 98 70.85 35.58 14.32
N HIS YA 99 71.17 34.55 13.54
CA HIS YA 99 70.92 33.17 13.91
C HIS YA 99 72.26 32.47 14.13
N TYR YA 100 72.36 31.69 15.20
CA TYR YA 100 73.61 31.01 15.53
C TYR YA 100 73.60 29.55 15.10
N LEU YA 101 72.59 29.14 14.33
CA LEU YA 101 72.51 27.79 13.77
C LEU YA 101 71.96 27.88 12.35
N GLY YA 102 72.46 27.04 11.46
CA GLY YA 102 72.00 27.08 10.09
C GLY YA 102 72.60 25.96 9.25
N ARG YA 103 72.11 25.88 8.02
CA ARG YA 103 72.53 24.87 7.06
C ARG YA 103 72.07 25.32 5.68
N ALA YA 104 72.80 24.88 4.64
CA ALA YA 104 72.49 25.30 3.26
C ALA YA 104 73.10 24.29 2.29
N GLY YA 105 72.94 24.57 0.99
CA GLY YA 105 73.31 23.63 -0.05
C GLY YA 105 74.37 24.06 -1.05
N TYR YA 106 74.42 25.34 -1.39
CA TYR YA 106 75.54 25.95 -2.10
C TYR YA 106 75.78 25.30 -3.48
N THR YA 107 74.92 25.64 -4.43
CA THR YA 107 75.22 25.39 -5.84
C THR YA 107 76.35 26.31 -6.28
N ILE YA 108 77.45 25.73 -6.76
CA ILE YA 108 78.67 26.48 -7.06
C ILE YA 108 78.94 26.36 -8.56
N HIS YA 109 78.76 27.47 -9.28
CA HIS YA 109 79.16 27.54 -10.68
C HIS YA 109 80.57 28.11 -10.77
N VAL YA 110 81.39 27.52 -11.63
CA VAL YA 110 82.77 27.96 -11.86
C VAL YA 110 82.97 28.05 -13.37
N GLN YA 111 82.87 29.25 -13.92
CA GLN YA 111 83.24 29.50 -15.30
C GLN YA 111 84.72 29.86 -15.40
N CYS YA 112 85.22 29.84 -16.64
CA CYS YA 112 86.60 30.20 -16.90
C CYS YA 112 86.77 31.13 -18.09
N ASN YA 113 85.80 31.21 -18.99
CA ASN YA 113 85.73 32.09 -20.16
C ASN YA 113 87.11 32.42 -20.74
N ALA YA 114 87.92 31.38 -20.98
CA ALA YA 114 89.17 31.54 -21.69
C ALA YA 114 88.88 31.62 -23.19
N SER YA 115 89.94 31.72 -23.99
CA SER YA 115 89.78 31.77 -25.42
C SER YA 115 89.85 30.36 -26.00
N LYS YA 116 90.06 30.27 -27.31
CA LYS YA 116 90.18 28.99 -28.00
C LYS YA 116 91.63 28.57 -28.15
N PHE YA 117 92.58 29.50 -27.98
CA PHE YA 117 93.99 29.22 -28.07
C PHE YA 117 94.66 29.01 -26.71
N HIS YA 118 93.95 29.28 -25.61
CA HIS YA 118 94.45 28.96 -24.30
C HIS YA 118 94.28 27.47 -24.03
N GLN YA 119 95.18 26.92 -23.22
CA GLN YA 119 95.10 25.53 -22.82
C GLN YA 119 95.34 25.42 -21.32
N GLY YA 120 94.78 24.37 -20.72
CA GLY YA 120 94.91 24.17 -19.30
C GLY YA 120 93.84 23.24 -18.79
N CYS YA 121 93.90 23.00 -17.48
CA CYS YA 121 92.97 22.08 -16.85
C CYS YA 121 92.90 22.41 -15.36
N LEU YA 122 91.69 22.39 -14.81
CA LEU YA 122 91.43 22.71 -13.41
C LEU YA 122 90.75 21.53 -12.72
N LEU YA 123 91.04 21.38 -11.43
CA LEU YA 123 90.29 20.50 -10.56
C LEU YA 123 89.44 21.38 -9.64
N VAL YA 124 88.12 21.30 -9.80
CA VAL YA 124 87.17 22.03 -8.98
C VAL YA 124 86.56 21.03 -8.01
N VAL YA 125 87.01 21.06 -6.76
CA VAL YA 125 86.66 20.07 -5.76
C VAL YA 125 86.25 20.81 -4.49
N CYS YA 126 85.42 20.16 -3.67
CA CYS YA 126 84.75 20.83 -2.56
C CYS YA 126 85.25 20.42 -1.19
N VAL YA 127 85.68 19.17 -1.02
CA VAL YA 127 86.44 18.73 0.17
C VAL YA 127 85.70 19.10 1.45
N PRO YA 128 84.68 18.36 1.88
CA PRO YA 128 84.07 18.63 3.18
C PRO YA 128 85.05 18.35 4.31
N GLU YA 129 85.04 19.22 5.31
CA GLU YA 129 85.87 19.10 6.50
C GLU YA 129 87.37 19.07 6.16
N ALA YA 130 87.82 20.11 5.47
CA ALA YA 130 89.23 20.24 5.13
C ALA YA 130 89.96 20.87 6.32
N GLU YA 131 90.40 20.03 7.25
CA GLU YA 131 91.24 20.49 8.36
C GLU YA 131 92.67 20.62 7.86
N MET YA 132 93.15 21.85 7.77
CA MET YA 132 94.46 22.11 7.19
C MET YA 132 95.53 22.21 8.27
N GLY YA 133 96.77 22.03 7.85
CA GLY YA 133 97.90 21.94 8.77
C GLY YA 133 98.75 23.19 8.74
N CYS YA 134 99.36 23.49 9.89
CA CYS YA 134 100.19 24.68 10.02
C CYS YA 134 101.51 24.49 9.26
N ALA YA 135 102.12 25.62 8.91
CA ALA YA 135 103.30 25.58 8.04
C ALA YA 135 104.53 25.06 8.78
N ASP YA 136 104.79 25.59 9.97
CA ASP YA 136 105.81 25.05 10.86
C ASP YA 136 105.10 24.39 12.05
N THR YA 137 105.12 23.07 12.09
CA THR YA 137 104.40 22.34 13.12
C THR YA 137 105.08 22.54 14.48
N ASP YA 138 104.31 22.20 15.54
CA ASP YA 138 104.47 22.48 16.96
C ASP YA 138 103.75 23.76 17.38
N THR YA 139 102.98 24.37 16.48
CA THR YA 139 102.25 25.59 16.80
C THR YA 139 101.00 25.67 15.93
N THR YA 140 100.20 26.70 16.17
CA THR YA 140 98.96 26.96 15.44
C THR YA 140 99.07 28.24 14.64
N PHE YA 141 98.02 28.54 13.87
CA PHE YA 141 97.94 29.74 13.05
C PHE YA 141 96.85 30.68 13.56
N PRO YA 142 96.98 31.99 13.29
CA PRO YA 142 96.09 32.99 13.93
C PRO YA 142 94.70 33.12 13.35
N ALA YA 143 94.18 32.08 12.72
CA ALA YA 143 92.75 31.98 12.39
C ALA YA 143 92.32 32.92 11.27
N THR YA 144 93.14 33.92 10.94
CA THR YA 144 92.92 34.76 9.77
C THR YA 144 93.73 34.27 8.58
N GLU YA 145 94.38 33.12 8.71
CA GLU YA 145 95.13 32.51 7.62
C GLU YA 145 94.33 31.46 6.87
N LEU YA 146 93.28 30.90 7.48
CA LEU YA 146 92.41 29.98 6.76
C LEU YA 146 91.49 30.71 5.80
N THR YA 147 90.98 31.88 6.19
CA THR YA 147 89.97 32.55 5.38
C THR YA 147 90.16 34.06 5.41
N THR YA 148 89.93 34.68 4.26
CA THR YA 148 89.82 36.14 4.13
C THR YA 148 88.50 36.34 3.39
N GLU YA 149 87.41 36.10 4.11
CA GLU YA 149 86.03 36.06 3.59
C GLU YA 149 85.93 35.85 2.09
N ASP YA 150 85.74 36.94 1.35
CA ASP YA 150 85.51 36.85 -0.09
C ASP YA 150 86.77 36.43 -0.85
N THR YA 151 87.94 36.97 -0.47
CA THR YA 151 89.10 36.72 -1.32
C THR YA 151 89.71 35.35 -1.01
N PRO YA 152 90.28 34.69 -2.02
CA PRO YA 152 90.84 33.35 -1.82
C PRO YA 152 92.28 33.38 -1.31
N HIS YA 153 92.59 32.44 -0.43
CA HIS YA 153 93.97 32.14 -0.12
C HIS YA 153 94.55 31.24 -1.22
N VAL YA 154 95.66 31.67 -1.80
CA VAL YA 154 96.32 30.88 -2.82
C VAL YA 154 97.13 29.76 -2.17
N PHE YA 155 97.38 28.72 -2.95
CA PHE YA 155 98.37 27.73 -2.55
C PHE YA 155 99.76 28.26 -2.87
N THR YA 156 100.77 27.46 -2.60
CA THR YA 156 102.13 27.78 -2.98
C THR YA 156 102.71 26.61 -3.77
N SER YA 157 103.77 26.90 -4.53
CA SER YA 157 104.41 25.87 -5.34
C SER YA 157 105.39 25.02 -4.55
N ASP YA 158 105.94 25.56 -3.46
CA ASP YA 158 106.87 24.83 -2.61
C ASP YA 158 106.50 25.00 -1.15
N SER YA 159 107.35 24.49 -0.25
CA SER YA 159 107.08 24.59 1.18
C SER YA 159 107.31 25.99 1.69
N ILE YA 160 106.56 26.36 2.73
CA ILE YA 160 106.65 27.68 3.35
C ILE YA 160 106.74 27.50 4.86
N THR YA 161 107.22 28.53 5.53
CA THR YA 161 107.33 28.55 6.98
C THR YA 161 106.55 29.74 7.54
N GLY YA 162 106.45 29.79 8.85
CA GLY YA 162 105.68 30.83 9.52
C GLY YA 162 104.35 30.31 10.03
N LYS YA 163 103.73 31.11 10.90
CA LYS YA 163 102.47 30.72 11.55
C LYS YA 163 101.32 30.94 10.58
N LYS YA 164 101.22 30.03 9.61
CA LYS YA 164 100.15 30.08 8.63
C LYS YA 164 99.95 28.68 8.06
N VAL YA 165 99.04 28.56 7.10
CA VAL YA 165 98.65 27.26 6.57
C VAL YA 165 99.74 26.75 5.64
N GLN YA 166 100.10 25.48 5.78
CA GLN YA 166 101.00 24.84 4.84
C GLN YA 166 100.29 24.70 3.50
N ALA YA 167 100.43 25.71 2.65
CA ALA YA 167 99.66 25.81 1.41
C ALA YA 167 100.44 25.33 0.20
N ALA YA 168 101.33 24.35 0.38
CA ALA YA 168 102.02 23.77 -0.76
C ALA YA 168 101.12 22.76 -1.45
N VAL YA 169 100.96 22.91 -2.77
CA VAL YA 169 100.32 21.86 -3.54
C VAL YA 169 101.22 20.62 -3.55
N CYS YA 170 100.62 19.49 -3.95
CA CYS YA 170 101.02 18.10 -3.75
C CYS YA 170 100.69 17.65 -2.33
N ASN YA 171 100.37 18.58 -1.43
CA ASN YA 171 99.92 18.27 -0.08
C ASN YA 171 98.90 19.33 0.34
N ALA YA 172 97.82 19.44 -0.44
CA ALA YA 172 97.01 20.64 -0.58
C ALA YA 172 96.83 21.41 0.72
N GLY YA 173 96.07 20.85 1.65
CA GLY YA 173 96.05 21.38 3.00
C GLY YA 173 96.17 20.32 4.07
N MET YA 174 95.76 19.09 3.74
CA MET YA 174 95.45 18.08 4.73
C MET YA 174 96.53 17.02 4.87
N GLY YA 175 97.63 17.11 4.11
CA GLY YA 175 98.64 16.08 4.15
C GLY YA 175 98.34 14.88 3.28
N VAL YA 176 97.43 15.02 2.33
CA VAL YA 176 97.12 13.96 1.39
C VAL YA 176 97.79 14.27 0.05
N GLY YA 177 97.80 13.30 -0.84
CA GLY YA 177 98.24 13.57 -2.19
C GLY YA 177 97.22 14.42 -2.92
N VAL YA 178 97.71 15.40 -3.68
CA VAL YA 178 96.78 16.30 -4.36
C VAL YA 178 96.20 15.67 -5.62
N GLY YA 179 96.84 14.62 -6.14
CA GLY YA 179 96.31 13.96 -7.32
C GLY YA 179 95.05 13.17 -7.02
N ASN YA 180 95.06 12.41 -5.92
CA ASN YA 180 93.88 11.66 -5.51
C ASN YA 180 93.01 12.47 -4.57
N LEU YA 181 92.76 13.72 -4.95
CA LEU YA 181 91.76 14.57 -4.32
C LEU YA 181 90.44 14.49 -5.05
N THR YA 182 90.33 13.53 -5.98
CA THR YA 182 89.18 13.34 -6.84
C THR YA 182 88.08 12.52 -6.16
N ILE YA 183 88.34 12.02 -4.95
CA ILE YA 183 87.35 11.23 -4.22
C ILE YA 183 86.16 12.09 -3.80
N PHE YA 184 86.33 13.40 -3.72
CA PHE YA 184 85.28 14.31 -3.28
C PHE YA 184 84.41 14.71 -4.47
N PRO YA 185 83.30 15.43 -4.23
CA PRO YA 185 82.55 16.00 -5.35
C PRO YA 185 83.42 16.96 -6.15
N HIS YA 186 83.72 16.59 -7.39
CA HIS YA 186 84.69 17.30 -8.20
C HIS YA 186 84.13 17.52 -9.61
N GLN YA 187 84.87 18.30 -10.39
CA GLN YA 187 84.58 18.52 -11.80
C GLN YA 187 85.84 19.05 -12.46
N TRP YA 188 86.22 18.46 -13.58
CA TRP YA 188 87.36 18.93 -14.34
C TRP YA 188 86.93 20.03 -15.29
N ILE YA 189 87.73 21.09 -15.38
CA ILE YA 189 87.49 22.13 -16.38
C ILE YA 189 88.66 22.09 -17.36
N ASN YA 190 88.51 21.30 -18.42
CA ASN YA 190 89.51 21.24 -19.48
C ASN YA 190 89.17 22.27 -20.53
N LEU YA 191 90.03 23.28 -20.69
CA LEU YA 191 89.74 24.38 -21.60
C LEU YA 191 89.67 23.91 -23.05
N ARG YA 192 90.21 22.73 -23.35
CA ARG YA 192 90.04 22.14 -24.67
C ARG YA 192 88.57 21.87 -24.96
N THR YA 193 87.85 21.31 -23.99
CA THR YA 193 86.46 20.90 -24.18
C THR YA 193 85.48 21.89 -23.56
N ASN YA 194 85.53 22.06 -22.24
CA ASN YA 194 84.51 22.82 -21.51
C ASN YA 194 85.15 23.99 -20.78
N ASN YA 195 84.28 24.81 -20.20
CA ASN YA 195 84.70 25.97 -19.42
C ASN YA 195 83.97 26.10 -18.09
N SER YA 196 82.83 25.46 -17.91
CA SER YA 196 81.98 25.66 -16.75
C SER YA 196 81.90 24.40 -15.92
N ALA YA 197 81.78 24.59 -14.61
CA ALA YA 197 81.59 23.52 -13.65
C ALA YA 197 80.46 23.91 -12.72
N THR YA 198 79.74 22.91 -12.20
CA THR YA 198 78.68 23.17 -11.24
C THR YA 198 78.58 22.00 -10.29
N ILE YA 199 78.59 22.29 -8.99
CA ILE YA 199 78.62 21.28 -7.94
C ILE YA 199 77.56 21.63 -6.91
N VAL YA 200 76.84 20.62 -6.44
CA VAL YA 200 75.79 20.79 -5.45
C VAL YA 200 76.15 19.95 -4.23
N ILE YA 201 76.26 20.59 -3.08
CA ILE YA 201 76.86 20.00 -1.89
C ILE YA 201 75.82 20.03 -0.78
N PRO YA 202 75.17 18.89 -0.50
CA PRO YA 202 73.93 18.86 0.29
C PRO YA 202 74.12 18.90 1.80
N TYR YA 203 74.96 19.80 2.28
CA TYR YA 203 75.19 20.02 3.71
C TYR YA 203 75.63 18.73 4.41
N ILE YA 204 76.90 18.41 4.25
CA ILE YA 204 77.50 17.26 4.95
C ILE YA 204 77.95 17.71 6.33
N ASN YA 205 77.34 17.14 7.37
CA ASN YA 205 77.72 17.44 8.75
C ASN YA 205 77.15 16.35 9.65
N SER YA 206 77.76 16.21 10.84
CA SER YA 206 77.38 15.19 11.80
C SER YA 206 76.28 15.63 12.76
N VAL YA 207 75.89 16.90 12.73
CA VAL YA 207 74.83 17.44 13.56
C VAL YA 207 73.86 18.15 12.60
N PRO YA 208 72.55 18.13 12.83
CA PRO YA 208 71.65 18.69 11.81
C PRO YA 208 71.85 20.18 11.58
N MET YA 209 72.23 20.94 12.60
CA MET YA 209 72.49 22.37 12.45
C MET YA 209 73.73 22.73 13.24
N ASP YA 210 74.55 23.63 12.69
CA ASP YA 210 75.77 24.04 13.37
C ASP YA 210 75.99 25.53 13.14
N ASN YA 211 76.82 26.12 14.00
CA ASN YA 211 77.12 27.54 13.90
C ASN YA 211 77.93 27.81 12.64
N MET YA 212 77.65 28.94 11.99
CA MET YA 212 78.23 29.25 10.69
C MET YA 212 79.52 30.05 10.78
N PHE YA 213 79.96 30.42 11.99
CA PHE YA 213 81.25 31.09 12.14
C PHE YA 213 82.32 30.19 12.72
N ARG YA 214 81.96 29.22 13.56
CA ARG YA 214 82.96 28.30 14.10
C ARG YA 214 83.39 27.29 13.05
N HIS YA 215 82.43 26.70 12.34
CA HIS YA 215 82.66 25.49 11.56
C HIS YA 215 82.61 25.80 10.08
N TYR YA 216 83.65 25.39 9.35
CA TYR YA 216 83.73 25.52 7.91
C TYR YA 216 83.26 24.20 7.31
N ASN YA 217 82.09 24.19 6.70
CA ASN YA 217 81.48 22.92 6.30
C ASN YA 217 82.24 22.28 5.16
N PHE YA 218 82.72 23.06 4.20
CA PHE YA 218 83.54 22.51 3.13
C PHE YA 218 84.49 23.59 2.61
N THR YA 219 85.42 23.17 1.76
CA THR YA 219 86.49 24.03 1.28
C THR YA 219 86.58 23.91 -0.24
N LEU YA 220 85.94 24.84 -0.95
CA LEU YA 220 86.06 24.89 -2.40
C LEU YA 220 87.48 25.28 -2.78
N MET YA 221 88.23 24.34 -3.34
CA MET YA 221 89.60 24.60 -3.79
C MET YA 221 89.73 24.25 -5.26
N ILE YA 222 90.27 25.19 -6.03
CA ILE YA 222 90.45 25.06 -7.47
C ILE YA 222 91.94 24.94 -7.74
N ILE YA 223 92.37 23.82 -8.30
CA ILE YA 223 93.78 23.48 -8.40
C ILE YA 223 94.11 23.21 -9.87
N PRO YA 224 94.99 24.01 -10.49
CA PRO YA 224 95.39 23.77 -11.88
C PRO YA 224 96.38 22.62 -11.98
N PHE YA 225 95.92 21.49 -12.52
CA PHE YA 225 96.82 20.38 -12.79
C PHE YA 225 97.69 20.66 -14.01
N ALA YA 226 97.07 20.76 -15.17
CA ALA YA 226 97.86 21.19 -16.32
C ALA YA 226 97.94 22.71 -16.32
N PRO YA 227 99.13 23.29 -16.38
CA PRO YA 227 99.26 24.74 -16.23
C PRO YA 227 98.74 25.47 -17.46
N LEU YA 228 98.36 26.73 -17.25
CA LEU YA 228 97.93 27.57 -18.35
C LEU YA 228 99.09 27.80 -19.30
N ASN YA 229 98.80 27.81 -20.60
CA ASN YA 229 99.83 28.13 -21.58
C ASN YA 229 99.19 28.85 -22.76
N PHE YA 230 99.97 29.71 -23.40
CA PHE YA 230 99.53 30.55 -24.50
C PHE YA 230 100.77 31.14 -25.14
N THR YA 231 100.57 31.88 -26.22
CA THR YA 231 101.65 32.53 -26.94
C THR YA 231 101.67 34.03 -26.61
N ASP YA 232 102.58 34.75 -27.26
CA ASP YA 232 102.90 36.13 -26.90
C ASP YA 232 101.86 37.14 -27.36
N GLY YA 233 100.71 36.70 -27.87
CA GLY YA 233 99.69 37.63 -28.30
C GLY YA 233 98.43 37.60 -27.45
N ALA YA 234 98.20 36.48 -26.76
CA ALA YA 234 96.97 36.34 -25.99
C ALA YA 234 97.06 37.13 -24.69
N THR YA 235 95.94 37.18 -23.97
CA THR YA 235 95.93 37.80 -22.65
C THR YA 235 96.66 36.92 -21.66
N ALA YA 236 97.45 37.54 -20.78
CA ALA YA 236 98.38 36.82 -19.92
C ALA YA 236 97.69 36.10 -18.77
N TYR YA 237 96.38 35.98 -18.79
CA TYR YA 237 95.64 35.37 -17.69
C TYR YA 237 94.30 34.86 -18.20
N VAL YA 238 93.63 34.09 -17.34
CA VAL YA 238 92.29 33.59 -17.61
C VAL YA 238 91.46 33.79 -16.35
N PRO YA 239 90.45 34.67 -16.37
CA PRO YA 239 89.70 34.97 -15.14
C PRO YA 239 88.71 33.86 -14.81
N ILE YA 240 88.81 33.33 -13.59
CA ILE YA 240 87.94 32.25 -13.12
C ILE YA 240 86.85 32.90 -12.27
N THR YA 241 85.59 32.66 -12.63
CA THR YA 241 84.46 33.29 -11.99
C THR YA 241 83.72 32.27 -11.13
N VAL YA 242 83.53 32.59 -9.86
CA VAL YA 242 82.91 31.69 -8.88
C VAL YA 242 81.58 32.28 -8.45
N THR YA 243 80.54 31.46 -8.46
CA THR YA 243 79.18 31.88 -8.15
C THR YA 243 78.54 30.84 -7.25
N ILE YA 244 78.02 31.27 -6.10
CA ILE YA 244 77.47 30.38 -5.09
C ILE YA 244 76.02 30.76 -4.84
N ALA YA 245 75.13 29.77 -4.88
CA ALA YA 245 73.72 29.97 -4.57
C ALA YA 245 73.35 29.13 -3.36
N PRO YA 246 73.18 29.75 -2.18
CA PRO YA 246 72.82 28.97 -0.98
C PRO YA 246 71.40 28.43 -1.07
N MET YA 247 71.24 27.12 -1.25
CA MET YA 247 69.93 26.53 -1.43
C MET YA 247 69.46 25.88 -0.14
N TYR YA 248 68.15 25.96 0.10
CA TYR YA 248 67.50 25.32 1.23
C TYR YA 248 68.14 25.72 2.55
N ALA YA 249 68.47 27.00 2.66
CA ALA YA 249 69.04 27.53 3.88
C ALA YA 249 67.94 27.63 4.93
N GLU YA 250 68.16 27.03 6.09
CA GLU YA 250 67.23 27.18 7.21
C GLU YA 250 68.02 27.37 8.49
N TYR YA 251 67.38 28.05 9.43
CA TYR YA 251 68.02 28.64 10.59
C TYR YA 251 67.23 28.22 11.83
N ASN YA 252 67.62 28.70 12.99
CA ASN YA 252 66.84 28.40 14.18
C ASN YA 252 65.68 29.38 14.29
N GLY YA 253 64.81 29.14 15.27
CA GLY YA 253 63.68 30.00 15.52
C GLY YA 253 64.02 31.06 16.54
N LEU YA 254 63.49 32.27 16.33
CA LEU YA 254 63.70 33.39 17.24
C LEU YA 254 62.46 33.71 18.07
N ARG YA 255 61.30 33.23 17.64
CA ARG YA 255 60.03 33.46 18.32
C ARG YA 255 59.87 32.51 19.49
N LEU YA 256 58.96 32.86 20.40
CA LEU YA 256 58.60 31.97 21.48
C LEU YA 256 57.67 30.87 20.97
N ALA YA 257 57.46 29.87 21.81
CA ALA YA 257 56.54 28.78 21.48
C ALA YA 257 55.31 28.81 22.38
N GLY ZA 1 72.99 -28.32 38.28
CA GLY ZA 1 72.26 -27.88 37.10
C GLY ZA 1 72.67 -28.57 35.82
N VAL ZA 2 72.94 -27.77 34.78
CA VAL ZA 2 73.30 -28.31 33.47
C VAL ZA 2 74.75 -28.76 33.51
N PRO ZA 3 75.06 -30.04 33.23
CA PRO ZA 3 76.45 -30.47 33.22
C PRO ZA 3 77.18 -29.94 31.99
N VAL ZA 4 78.10 -29.02 32.21
CA VAL ZA 4 78.91 -28.47 31.13
C VAL ZA 4 80.35 -28.91 31.34
N LEU ZA 5 81.14 -28.86 30.27
CA LEU ZA 5 82.56 -29.11 30.39
C LEU ZA 5 83.32 -28.16 29.46
N ASN ZA 6 84.32 -27.49 30.02
CA ASN ZA 6 85.07 -26.49 29.28
C ASN ZA 6 86.02 -27.16 28.28
N THR ZA 7 85.94 -26.73 27.03
CA THR ZA 7 86.80 -27.23 25.97
C THR ZA 7 88.15 -26.53 26.05
N PRO ZA 8 89.15 -27.03 25.32
CA PRO ZA 8 90.35 -26.21 25.10
C PRO ZA 8 89.99 -24.93 24.38
N GLY ZA 9 90.54 -23.82 24.86
CA GLY ZA 9 90.15 -22.51 24.37
C GLY ZA 9 89.22 -21.73 25.27
N SER ZA 10 88.94 -22.23 26.48
CA SER ZA 10 88.17 -21.50 27.46
C SER ZA 10 89.09 -20.57 28.24
N ASN ZA 11 88.53 -19.43 28.67
CA ASN ZA 11 89.26 -18.45 29.47
C ASN ZA 11 90.51 -17.96 28.75
N GLN ZA 12 90.48 -17.94 27.43
CA GLN ZA 12 91.55 -17.33 26.64
C GLN ZA 12 91.02 -16.06 26.00
N PHE ZA 13 91.94 -15.28 25.45
CA PHE ZA 13 91.59 -14.05 24.75
C PHE ZA 13 92.14 -14.13 23.33
N LEU ZA 14 91.32 -14.66 22.42
CA LEU ZA 14 91.62 -14.57 21.00
C LEU ZA 14 91.31 -13.15 20.53
N THR ZA 15 92.28 -12.53 19.86
CA THR ZA 15 92.14 -11.12 19.48
C THR ZA 15 91.01 -10.95 18.48
N SER ZA 16 90.87 -11.88 17.54
CA SER ZA 16 89.84 -11.82 16.51
C SER ZA 16 88.70 -12.76 16.87
N ASP ZA 17 87.81 -12.28 17.73
CA ASP ZA 17 86.57 -12.99 18.05
C ASP ZA 17 85.40 -12.02 17.93
N ASP ZA 18 84.20 -12.57 17.91
CA ASP ZA 18 82.97 -11.81 17.69
C ASP ZA 18 81.94 -12.17 18.76
N TYR ZA 19 82.35 -12.13 20.01
CA TYR ZA 19 81.49 -12.50 21.12
C TYR ZA 19 80.67 -11.30 21.60
N GLN ZA 20 79.62 -11.59 22.35
CA GLN ZA 20 78.71 -10.56 22.86
C GLN ZA 20 79.37 -9.87 24.05
N SER ZA 21 79.86 -8.66 23.84
CA SER ZA 21 80.51 -7.94 24.92
C SER ZA 21 79.45 -7.41 25.89
N PRO ZA 22 79.64 -7.59 27.20
CA PRO ZA 22 78.67 -7.03 28.16
C PRO ZA 22 78.77 -5.52 28.18
N SER ZA 23 77.64 -4.86 27.91
CA SER ZA 23 77.64 -3.41 27.73
C SER ZA 23 77.78 -2.72 29.08
N ALA ZA 24 78.66 -1.72 29.14
CA ALA ZA 24 78.93 -1.03 30.39
C ALA ZA 24 77.83 -0.04 30.75
N MET ZA 25 77.13 0.49 29.75
CA MET ZA 25 76.09 1.48 29.98
C MET ZA 25 74.79 0.94 29.40
N PRO ZA 26 74.07 0.09 30.15
CA PRO ZA 26 72.89 -0.58 29.59
C PRO ZA 26 71.68 0.34 29.57
N GLN ZA 27 71.56 1.18 30.60
CA GLN ZA 27 70.46 2.14 30.66
C GLN ZA 27 70.58 3.14 29.52
N PHE ZA 28 71.81 3.49 29.15
CA PHE ZA 28 72.09 4.52 28.17
C PHE ZA 28 71.49 4.18 26.81
N ASP ZA 29 70.70 5.11 26.26
CA ASP ZA 29 70.14 4.97 24.91
C ASP ZA 29 70.84 5.95 23.98
N GLU ZA 30 71.49 5.42 22.95
CA GLU ZA 30 72.33 6.19 22.05
C GLU ZA 30 71.53 7.10 21.12
N THR ZA 31 72.23 8.08 20.55
CA THR ZA 31 71.62 9.11 19.73
C THR ZA 31 71.02 8.50 18.45
N PRO ZA 32 69.83 8.93 18.03
CA PRO ZA 32 69.24 8.40 16.81
C PRO ZA 32 70.08 8.75 15.58
N GLU ZA 33 70.11 7.81 14.63
CA GLU ZA 33 70.93 7.94 13.44
C GLU ZA 33 70.20 8.80 12.41
N MET ZA 34 70.75 9.98 12.12
CA MET ZA 34 70.23 10.77 11.02
C MET ZA 34 70.87 10.30 9.73
N HIS ZA 35 70.28 10.72 8.60
CA HIS ZA 35 70.85 10.42 7.29
C HIS ZA 35 71.94 11.43 6.97
N ILE ZA 36 73.17 10.96 6.86
CA ILE ZA 36 74.31 11.78 6.46
C ILE ZA 36 74.68 11.41 5.03
N PRO ZA 37 74.88 12.37 4.14
CA PRO ZA 37 75.14 12.04 2.73
C PRO ZA 37 76.50 11.39 2.54
N GLY ZA 38 76.55 10.44 1.62
CA GLY ZA 38 77.81 9.84 1.21
C GLY ZA 38 78.27 8.71 2.10
N GLU ZA 39 77.45 7.67 2.24
CA GLU ZA 39 77.83 6.53 3.06
C GLU ZA 39 78.72 5.58 2.27
N VAL ZA 40 79.74 5.04 2.93
CA VAL ZA 40 80.56 3.99 2.39
C VAL ZA 40 80.15 2.69 3.03
N ARG ZA 41 79.85 1.68 2.20
CA ARG ZA 41 79.45 0.38 2.67
C ARG ZA 41 80.43 -0.70 2.25
N ASN ZA 42 81.50 -0.33 1.55
CA ASN ZA 42 82.48 -1.26 1.00
C ASN ZA 42 83.70 -0.45 0.57
N LEU ZA 43 84.89 -0.96 0.89
CA LEU ZA 43 86.11 -0.22 0.58
C LEU ZA 43 86.33 -0.08 -0.92
N MET ZA 44 85.97 -1.11 -1.69
CA MET ZA 44 86.18 -1.06 -3.13
C MET ZA 44 85.31 -0.02 -3.84
N GLU ZA 45 84.50 0.74 -3.09
CA GLU ZA 45 83.87 1.93 -3.64
C GLU ZA 45 84.83 3.12 -3.70
N ILE ZA 46 85.96 3.04 -2.99
CA ILE ZA 46 86.99 4.06 -3.09
C ILE ZA 46 87.92 3.78 -4.27
N ALA ZA 47 88.18 2.50 -4.53
CA ALA ZA 47 89.06 2.13 -5.65
C ALA ZA 47 88.44 2.43 -7.01
N GLU ZA 48 87.11 2.49 -7.08
CA GLU ZA 48 86.43 2.75 -8.35
C GLU ZA 48 86.41 4.23 -8.72
N VAL ZA 49 86.96 5.11 -7.89
CA VAL ZA 49 87.03 6.53 -8.20
C VAL ZA 49 88.32 6.83 -8.95
N ASP ZA 50 88.20 7.50 -10.08
CA ASP ZA 50 89.37 7.93 -10.84
C ASP ZA 50 90.17 8.93 -10.02
N SER ZA 51 91.49 8.90 -10.21
CA SER ZA 51 92.37 9.85 -9.55
C SER ZA 51 93.65 9.96 -10.39
N VAL ZA 52 94.29 11.13 -10.30
CA VAL ZA 52 95.38 11.45 -11.21
C VAL ZA 52 96.61 10.67 -10.82
N VAL ZA 53 97.30 10.13 -11.82
CA VAL ZA 53 98.42 9.20 -11.63
C VAL ZA 53 99.71 9.95 -11.93
N PRO ZA 54 100.65 10.03 -10.99
CA PRO ZA 54 101.93 10.75 -11.23
C PRO ZA 54 102.88 9.95 -12.11
N VAL ZA 55 102.69 10.07 -13.43
CA VAL ZA 55 103.52 9.34 -14.37
C VAL ZA 55 104.89 9.97 -14.48
N ASN ZA 56 104.96 11.30 -14.44
CA ASN ZA 56 106.22 12.03 -14.57
C ASN ZA 56 106.86 12.24 -13.20
N ASN ZA 57 107.06 11.14 -12.48
CA ASN ZA 57 107.65 11.19 -11.14
C ASN ZA 57 109.17 11.02 -11.18
N VAL ZA 58 109.84 11.82 -12.00
CA VAL ZA 58 111.29 11.75 -12.11
C VAL ZA 58 111.93 12.42 -10.89
N THR ZA 59 113.25 12.33 -10.79
CA THR ZA 59 113.95 12.52 -9.51
C THR ZA 59 113.75 13.90 -8.89
N GLY ZA 60 113.36 14.90 -9.68
CA GLY ZA 60 113.25 16.24 -9.14
C GLY ZA 60 111.88 16.87 -9.26
N LYS ZA 61 110.88 16.07 -9.64
CA LYS ZA 61 109.57 16.59 -9.98
C LYS ZA 61 108.47 15.84 -9.23
N THR ZA 62 108.76 15.42 -7.99
CA THR ZA 62 107.79 14.68 -7.20
C THR ZA 62 107.19 15.46 -6.03
N LYS ZA 63 107.82 16.57 -5.63
CA LYS ZA 63 107.26 17.43 -4.60
C LYS ZA 63 106.48 18.61 -5.18
N SER ZA 64 106.40 18.71 -6.51
CA SER ZA 64 105.57 19.67 -7.20
C SER ZA 64 104.46 18.94 -7.94
N MET ZA 65 103.59 19.72 -8.60
CA MET ZA 65 102.54 19.15 -9.42
C MET ZA 65 102.99 18.92 -10.86
N ASP ZA 66 104.29 18.90 -11.11
CA ASP ZA 66 104.81 18.44 -12.39
C ASP ZA 66 104.92 16.93 -12.45
N ALA ZA 67 104.62 16.23 -11.35
CA ALA ZA 67 104.59 14.77 -11.36
C ALA ZA 67 103.42 14.23 -12.17
N TYR ZA 68 102.31 14.97 -12.20
CA TYR ZA 68 101.08 14.50 -12.83
C TYR ZA 68 101.03 14.81 -14.32
N GLN ZA 69 101.96 15.61 -14.83
CA GLN ZA 69 101.87 16.16 -16.18
C GLN ZA 69 102.83 15.40 -17.09
N ILE ZA 70 102.29 14.80 -18.15
CA ILE ZA 70 103.09 14.09 -19.15
C ILE ZA 70 103.39 15.08 -20.27
N PRO ZA 71 104.63 15.51 -20.46
CA PRO ZA 71 104.92 16.53 -21.48
C PRO ZA 71 104.84 15.92 -22.89
N VAL ZA 72 104.08 16.59 -23.75
CA VAL ZA 72 103.90 16.17 -25.14
C VAL ZA 72 104.23 17.36 -26.03
N GLY ZA 73 105.24 17.22 -26.86
CA GLY ZA 73 105.69 18.31 -27.72
C GLY ZA 73 106.75 19.16 -27.07
N ASP ZA 78 111.69 14.19 -31.04
CA ASP ZA 78 112.20 12.82 -31.10
C ASP ZA 78 111.06 11.81 -31.08
N LYS ZA 79 110.88 11.10 -32.19
CA LYS ZA 79 109.84 10.10 -32.33
C LYS ZA 79 110.37 8.68 -32.14
N THR ZA 80 111.63 8.53 -31.74
CA THR ZA 80 112.24 7.21 -31.63
C THR ZA 80 112.12 6.61 -30.23
N LYS ZA 81 111.92 7.43 -29.20
CA LYS ZA 81 111.74 6.92 -27.85
C LYS ZA 81 110.34 7.26 -27.35
N PRO ZA 82 109.75 6.39 -26.55
CA PRO ZA 82 108.34 6.59 -26.15
C PRO ZA 82 108.17 7.78 -25.23
N ILE ZA 83 106.93 8.25 -25.15
CA ILE ZA 83 106.62 9.40 -24.31
C ILE ZA 83 106.72 9.01 -22.84
N PHE ZA 84 106.02 7.95 -22.44
CA PHE ZA 84 106.09 7.44 -21.09
C PHE ZA 84 105.91 5.93 -21.13
N SER ZA 85 106.21 5.29 -20.01
CA SER ZA 85 106.14 3.84 -19.88
C SER ZA 85 106.21 3.47 -18.40
N PHE ZA 86 105.35 2.55 -17.95
CA PHE ZA 86 105.38 2.16 -16.55
C PHE ZA 86 104.79 0.76 -16.38
N GLN ZA 87 105.24 0.08 -15.33
CA GLN ZA 87 104.65 -1.18 -14.93
C GLN ZA 87 103.16 -1.02 -14.65
N MET ZA 88 102.39 -2.04 -15.02
CA MET ZA 88 100.95 -2.03 -14.79
C MET ZA 88 100.63 -2.95 -13.61
N ASP ZA 89 100.94 -2.48 -12.41
CA ASP ZA 89 100.55 -3.15 -11.18
C ASP ZA 89 100.46 -2.15 -10.03
N PRO ZA 90 99.28 -1.99 -9.42
CA PRO ZA 90 99.12 -0.95 -8.39
C PRO ZA 90 99.92 -1.18 -7.14
N GLY ZA 91 100.49 -2.37 -6.94
CA GLY ZA 91 101.42 -2.62 -5.85
C GLY ZA 91 102.83 -2.71 -6.39
N TYR ZA 92 103.79 -2.25 -5.58
CA TYR ZA 92 105.22 -2.33 -5.90
C TYR ZA 92 105.54 -1.63 -7.21
N SER ZA 93 104.82 -0.56 -7.53
CA SER ZA 93 105.12 0.25 -8.70
C SER ZA 93 105.05 1.72 -8.31
N SER ZA 94 106.12 2.47 -8.60
CA SER ZA 94 106.23 3.84 -8.11
C SER ZA 94 105.12 4.73 -8.68
N VAL ZA 95 104.59 4.39 -9.86
CA VAL ZA 95 103.62 5.25 -10.51
C VAL ZA 95 102.22 5.03 -9.93
N LEU ZA 96 101.86 3.77 -9.66
CA LEU ZA 96 100.48 3.41 -9.30
C LEU ZA 96 100.33 2.96 -7.85
N LYS ZA 97 101.30 3.27 -6.99
CA LYS ZA 97 101.23 2.78 -5.61
C LYS ZA 97 100.58 3.76 -4.65
N ARG ZA 98 100.52 5.04 -5.01
CA ARG ZA 98 99.89 6.03 -4.13
C ARG ZA 98 98.58 6.57 -4.72
N THR ZA 99 98.08 5.91 -5.76
CA THR ZA 99 96.75 6.17 -6.29
C THR ZA 99 95.70 5.67 -5.30
N LEU ZA 100 94.48 6.21 -5.41
CA LEU ZA 100 93.36 5.67 -4.64
C LEU ZA 100 93.19 4.18 -4.92
N LEU ZA 101 93.37 3.78 -6.17
CA LEU ZA 101 93.41 2.35 -6.48
C LEU ZA 101 94.59 1.67 -5.77
N GLY ZA 102 95.79 2.20 -5.96
CA GLY ZA 102 96.98 1.55 -5.46
C GLY ZA 102 97.18 1.67 -3.96
N GLU ZA 103 96.39 2.51 -3.29
CA GLU ZA 103 96.53 2.69 -1.85
C GLU ZA 103 95.53 1.87 -1.05
N MET ZA 104 94.37 1.56 -1.63
CA MET ZA 104 93.43 0.67 -0.97
C MET ZA 104 93.76 -0.78 -1.25
N LEU ZA 105 94.73 -1.04 -2.13
CA LEU ZA 105 95.25 -2.36 -2.43
C LEU ZA 105 96.50 -2.73 -1.63
N ASN ZA 106 97.12 -1.77 -0.94
CA ASN ZA 106 98.24 -2.09 -0.07
C ASN ZA 106 97.80 -2.50 1.33
N TYR ZA 107 96.51 -2.37 1.63
CA TYR ZA 107 95.93 -2.95 2.84
C TYR ZA 107 95.68 -4.44 2.71
N TYR ZA 108 95.98 -5.03 1.56
CA TYR ZA 108 95.61 -6.42 1.31
C TYR ZA 108 96.76 -7.14 0.62
N ALA ZA 109 96.83 -8.45 0.86
CA ALA ZA 109 97.87 -9.30 0.28
C ALA ZA 109 97.42 -9.98 -1.00
N HIS ZA 110 96.18 -10.48 -1.05
CA HIS ZA 110 95.66 -11.14 -2.24
C HIS ZA 110 94.63 -10.22 -2.88
N TRP ZA 111 94.91 -9.75 -4.08
CA TRP ZA 111 93.93 -8.98 -4.84
C TRP ZA 111 94.06 -9.32 -6.32
N SER ZA 112 92.95 -9.25 -7.03
CA SER ZA 112 92.90 -9.64 -8.43
C SER ZA 112 91.73 -8.94 -9.09
N GLY ZA 113 91.97 -8.37 -10.27
CA GLY ZA 113 90.93 -7.69 -11.00
C GLY ZA 113 91.52 -6.94 -12.18
N SER ZA 114 90.72 -6.05 -12.74
CA SER ZA 114 91.13 -5.24 -13.86
C SER ZA 114 91.18 -3.77 -13.43
N VAL ZA 115 91.81 -2.97 -14.31
CA VAL ZA 115 92.09 -1.57 -14.02
C VAL ZA 115 91.97 -0.77 -15.32
N LYS ZA 116 91.20 0.31 -15.27
CA LYS ZA 116 90.97 1.15 -16.43
C LYS ZA 116 91.80 2.43 -16.31
N LEU ZA 117 92.28 2.92 -17.44
CA LEU ZA 117 93.12 4.09 -17.50
C LEU ZA 117 92.52 5.11 -18.46
N THR ZA 118 92.41 6.35 -18.02
CA THR ZA 118 91.89 7.43 -18.83
C THR ZA 118 93.00 8.44 -19.09
N PHE ZA 119 93.22 8.78 -20.35
CA PHE ZA 119 94.26 9.73 -20.76
C PHE ZA 119 93.56 11.00 -21.22
N LEU ZA 120 93.54 12.00 -20.35
CA LEU ZA 120 92.95 13.30 -20.64
C LEU ZA 120 94.01 14.20 -21.25
N PHE ZA 121 93.83 14.57 -22.52
CA PHE ZA 121 94.75 15.47 -23.19
C PHE ZA 121 94.41 16.91 -22.79
N CYS ZA 122 95.32 17.56 -22.07
CA CYS ZA 122 95.10 18.91 -21.56
C CYS ZA 122 95.82 19.95 -22.39
N GLY ZA 123 95.82 19.81 -23.71
CA GLY ZA 123 96.39 20.79 -24.61
C GLY ZA 123 95.35 21.76 -25.12
N SER ZA 124 95.70 22.45 -26.20
CA SER ZA 124 94.81 23.46 -26.74
C SER ZA 124 93.65 22.80 -27.47
N ALA ZA 125 92.64 23.62 -27.79
CA ALA ZA 125 91.52 23.15 -28.59
C ALA ZA 125 91.83 23.16 -30.08
N MET ZA 126 93.02 23.61 -30.47
CA MET ZA 126 93.45 23.65 -31.85
C MET ZA 126 94.60 22.70 -32.15
N ALA ZA 127 95.24 22.15 -31.12
CA ALA ZA 127 96.35 21.22 -31.33
C ALA ZA 127 95.82 19.88 -31.78
N THR ZA 128 96.49 19.27 -32.76
CA THR ZA 128 96.01 18.04 -33.35
C THR ZA 128 97.19 17.12 -33.63
N GLY ZA 129 97.07 15.87 -33.19
CA GLY ZA 129 98.11 14.88 -33.43
C GLY ZA 129 97.58 13.51 -33.10
N LYS ZA 130 98.46 12.51 -33.23
CA LYS ZA 130 98.12 11.15 -32.90
C LYS ZA 130 99.14 10.56 -31.93
N LEU ZA 131 98.63 9.78 -30.99
CA LEU ZA 131 99.44 9.05 -30.02
C LEU ZA 131 99.04 7.58 -30.07
N LEU ZA 132 100.02 6.70 -29.95
CA LEU ZA 132 99.81 5.26 -30.06
C LEU ZA 132 100.09 4.63 -28.71
N ILE ZA 133 99.03 4.16 -28.06
CA ILE ZA 133 99.10 3.64 -26.69
C ILE ZA 133 99.13 2.12 -26.78
N SER ZA 134 100.29 1.54 -26.51
CA SER ZA 134 100.49 0.11 -26.64
C SER ZA 134 100.45 -0.57 -25.29
N TYR ZA 135 99.98 -1.81 -25.28
CA TYR ZA 135 99.87 -2.61 -24.06
C TYR ZA 135 100.64 -3.90 -24.23
N SER ZA 136 101.54 -4.17 -23.28
CA SER ZA 136 102.19 -5.46 -23.41
C SER ZA 136 101.62 -6.44 -22.39
N PRO ZA 137 101.43 -7.69 -22.79
CA PRO ZA 137 100.95 -8.71 -21.84
C PRO ZA 137 101.98 -8.93 -20.75
N PRO ZA 138 101.58 -9.53 -19.62
CA PRO ZA 138 102.49 -9.57 -18.45
C PRO ZA 138 103.76 -10.37 -18.69
N GLY ZA 139 103.79 -11.27 -19.66
CA GLY ZA 139 105.00 -12.02 -19.93
C GLY ZA 139 105.88 -11.41 -20.99
N ALA ZA 140 105.29 -10.59 -21.86
CA ALA ZA 140 105.99 -10.10 -23.04
C ALA ZA 140 106.99 -9.01 -22.66
N SER ZA 141 107.92 -8.75 -23.59
CA SER ZA 141 108.89 -7.70 -23.44
C SER ZA 141 108.34 -6.40 -24.02
N VAL ZA 142 108.92 -5.28 -23.59
CA VAL ZA 142 108.44 -3.97 -24.01
C VAL ZA 142 108.79 -3.76 -25.48
N PRO ZA 143 108.00 -2.99 -26.22
CA PRO ZA 143 108.39 -2.65 -27.59
C PRO ZA 143 109.53 -1.63 -27.56
N THR ZA 144 110.58 -1.90 -28.33
CA THR ZA 144 111.71 -0.99 -28.42
C THR ZA 144 111.52 0.08 -29.48
N SER ZA 145 110.58 -0.12 -30.41
CA SER ZA 145 110.33 0.80 -31.50
C SER ZA 145 108.82 1.04 -31.60
N ARG ZA 146 108.45 2.01 -32.44
CA ARG ZA 146 107.03 2.29 -32.62
C ARG ZA 146 106.36 1.22 -33.47
N LYS ZA 147 107.07 0.68 -34.47
CA LYS ZA 147 106.49 -0.37 -35.31
C LYS ZA 147 106.22 -1.63 -34.51
N ASP ZA 148 107.15 -2.01 -33.64
CA ASP ZA 148 106.96 -3.20 -32.82
C ASP ZA 148 105.85 -3.02 -31.79
N ALA ZA 149 105.57 -1.78 -31.40
CA ALA ZA 149 104.39 -1.51 -30.58
C ALA ZA 149 103.11 -1.55 -31.41
N MET ZA 150 103.19 -1.21 -32.69
CA MET ZA 150 102.02 -1.24 -33.55
C MET ZA 150 101.58 -2.68 -33.85
N LEU ZA 151 102.54 -3.61 -33.90
CA LEU ZA 151 102.23 -4.99 -34.22
C LEU ZA 151 101.60 -5.73 -33.04
N GLY ZA 152 101.67 -5.19 -31.84
CA GLY ZA 152 101.00 -5.78 -30.69
C GLY ZA 152 99.63 -5.18 -30.47
N THR ZA 153 99.25 -4.99 -29.22
CA THR ZA 153 97.98 -4.34 -28.88
C THR ZA 153 98.21 -2.84 -28.75
N HIS ZA 154 97.35 -2.05 -29.38
CA HIS ZA 154 97.51 -0.61 -29.36
C HIS ZA 154 96.16 0.05 -29.66
N ILE ZA 155 96.11 1.36 -29.49
CA ILE ZA 155 94.98 2.18 -29.88
C ILE ZA 155 95.53 3.51 -30.38
N VAL ZA 156 95.40 3.76 -31.68
CA VAL ZA 156 95.89 5.01 -32.28
C VAL ZA 156 94.90 6.10 -31.89
N TRP ZA 157 95.24 6.87 -30.86
CA TRP ZA 157 94.32 7.81 -30.22
C TRP ZA 157 94.46 9.18 -30.88
N ASP ZA 158 93.51 9.50 -31.76
CA ASP ZA 158 93.49 10.81 -32.42
C ASP ZA 158 93.08 11.89 -31.42
N ILE ZA 159 93.97 12.84 -31.19
CA ILE ZA 159 93.73 13.88 -30.20
C ILE ZA 159 92.75 14.92 -30.71
N GLY ZA 160 92.80 15.22 -32.01
CA GLY ZA 160 91.95 16.27 -32.57
C GLY ZA 160 90.48 15.93 -32.58
N LEU ZA 161 90.13 14.65 -32.55
CA LEU ZA 161 88.74 14.23 -32.52
C LEU ZA 161 88.22 14.07 -31.09
N GLN ZA 162 88.80 13.14 -30.34
CA GLN ZA 162 88.48 12.94 -28.95
C GLN ZA 162 89.68 13.30 -28.08
N SER ZA 163 89.41 13.79 -26.87
CA SER ZA 163 90.45 14.26 -25.97
C SER ZA 163 90.58 13.38 -24.73
N SER ZA 164 90.00 12.18 -24.75
CA SER ZA 164 90.04 11.30 -23.58
C SER ZA 164 89.84 9.87 -24.07
N CYS ZA 165 90.90 9.06 -23.96
CA CYS ZA 165 90.85 7.67 -24.41
C CYS ZA 165 90.97 6.76 -23.20
N VAL ZA 166 90.07 5.77 -23.11
CA VAL ZA 166 89.91 4.93 -21.95
C VAL ZA 166 90.34 3.52 -22.29
N LEU ZA 167 91.17 2.93 -21.43
CA LEU ZA 167 91.60 1.55 -21.54
C LEU ZA 167 90.88 0.71 -20.49
N CYS ZA 168 91.18 -0.59 -20.48
CA CYS ZA 168 90.76 -1.48 -19.40
C CYS ZA 168 91.73 -2.67 -19.42
N VAL ZA 169 92.70 -2.64 -18.50
CA VAL ZA 169 93.80 -3.59 -18.52
C VAL ZA 169 93.42 -4.78 -17.63
N PRO ZA 170 93.32 -5.99 -18.18
CA PRO ZA 170 92.97 -7.16 -17.36
C PRO ZA 170 94.20 -7.86 -16.81
N TRP ZA 171 93.97 -8.98 -16.11
CA TRP ZA 171 95.05 -9.82 -15.58
C TRP ZA 171 95.98 -9.04 -14.66
N ILE ZA 172 95.40 -8.37 -13.68
CA ILE ZA 172 96.16 -7.56 -12.73
C ILE ZA 172 95.94 -8.15 -11.35
N SER ZA 173 96.97 -8.80 -10.81
CA SER ZA 173 96.85 -9.50 -9.54
C SER ZA 173 98.23 -9.75 -8.97
N GLN ZA 174 98.29 -9.84 -7.64
CA GLN ZA 174 99.45 -10.37 -6.95
C GLN ZA 174 98.99 -11.17 -5.75
N SER ZA 175 99.92 -11.90 -5.15
CA SER ZA 175 99.60 -12.80 -4.05
C SER ZA 175 100.83 -13.11 -3.20
N SER ZA 187 106.68 -8.74 -12.71
CA SER ZA 187 106.42 -9.26 -14.04
C SER ZA 187 104.99 -8.98 -14.46
N ALA ZA 188 104.69 -7.71 -14.76
CA ALA ZA 188 103.35 -7.29 -15.13
C ALA ZA 188 103.38 -6.60 -16.49
N GLY ZA 189 102.25 -6.01 -16.86
CA GLY ZA 189 102.09 -5.40 -18.16
C GLY ZA 189 102.82 -4.08 -18.29
N TYR ZA 190 102.58 -3.42 -19.41
CA TYR ZA 190 103.21 -2.14 -19.74
C TYR ZA 190 102.24 -1.28 -20.51
N ILE ZA 191 102.17 0.00 -20.15
CA ILE ZA 191 101.40 0.97 -20.91
C ILE ZA 191 102.41 2.00 -21.41
N THR ZA 192 102.93 1.76 -22.61
CA THR ZA 192 103.80 2.72 -23.26
C THR ZA 192 102.96 3.62 -24.18
N CYS ZA 193 103.55 4.71 -24.61
CA CYS ZA 193 102.86 5.66 -25.48
C CYS ZA 193 103.86 6.26 -26.44
N TRP ZA 194 103.43 6.41 -27.69
CA TRP ZA 194 104.33 6.69 -28.80
C TRP ZA 194 103.81 7.87 -29.62
N TYR ZA 195 104.74 8.57 -30.26
CA TYR ZA 195 104.37 9.60 -31.23
C TYR ZA 195 104.06 8.89 -32.54
N GLN ZA 196 102.77 8.73 -32.82
CA GLN ZA 196 102.37 8.38 -34.18
C GLN ZA 196 102.63 9.55 -35.11
N THR ZA 197 102.08 10.72 -34.77
CA THR ZA 197 102.36 11.97 -35.45
C THR ZA 197 102.75 13.01 -34.40
N ASN ZA 198 103.41 14.08 -34.85
CA ASN ZA 198 103.69 15.19 -33.96
C ASN ZA 198 102.41 15.99 -33.72
N ILE ZA 199 102.49 16.92 -32.77
CA ILE ZA 199 101.37 17.78 -32.43
C ILE ZA 199 101.33 18.92 -33.44
N VAL ZA 200 100.31 18.95 -34.28
CA VAL ZA 200 100.16 19.98 -35.30
C VAL ZA 200 99.35 21.13 -34.69
N VAL ZA 201 99.86 22.35 -34.84
CA VAL ZA 201 99.35 23.47 -34.08
C VAL ZA 201 99.33 24.72 -34.97
N PRO ZA 202 98.27 25.52 -34.92
CA PRO ZA 202 98.23 26.77 -35.69
C PRO ZA 202 99.19 27.80 -35.11
N PRO ZA 203 99.39 28.93 -35.79
CA PRO ZA 203 100.36 29.93 -35.29
C PRO ZA 203 100.00 30.54 -33.94
N GLY ZA 204 98.74 30.54 -33.54
CA GLY ZA 204 98.35 31.17 -32.30
C GLY ZA 204 98.49 30.31 -31.06
N ALA ZA 205 98.27 29.02 -31.19
CA ALA ZA 205 98.24 28.14 -30.03
C ALA ZA 205 99.65 27.71 -29.63
N PRO ZA 206 99.87 27.40 -28.36
CA PRO ZA 206 101.20 26.98 -27.94
C PRO ZA 206 101.55 25.58 -28.45
N THR ZA 207 102.85 25.29 -28.44
CA THR ZA 207 103.38 24.09 -29.08
C THR ZA 207 103.45 22.90 -28.14
N SER ZA 208 103.71 23.12 -26.85
CA SER ZA 208 103.91 22.04 -25.90
C SER ZA 208 102.67 21.86 -25.04
N CYS ZA 209 102.20 20.62 -24.95
CA CYS ZA 209 100.96 20.29 -24.25
C CYS ZA 209 101.24 19.27 -23.16
N ASP ZA 210 100.20 18.96 -22.39
CA ASP ZA 210 100.29 17.97 -21.31
C ASP ZA 210 99.17 16.94 -21.44
N VAL ZA 211 99.43 15.76 -20.91
CA VAL ZA 211 98.46 14.67 -20.88
C VAL ZA 211 98.37 14.17 -19.44
N LEU ZA 212 97.18 14.25 -18.86
CA LEU ZA 212 96.93 13.68 -17.55
C LEU ZA 212 96.47 12.23 -17.69
N CYS ZA 213 96.75 11.44 -16.66
CA CYS ZA 213 96.34 10.05 -16.61
C CYS ZA 213 95.47 9.80 -15.39
N PHE ZA 214 94.69 8.73 -15.45
CA PHE ZA 214 93.78 8.36 -14.39
C PHE ZA 214 93.79 6.84 -14.22
N ALA ZA 215 93.30 6.37 -13.08
CA ALA ZA 215 93.27 4.94 -12.82
C ALA ZA 215 92.20 4.63 -11.79
N SER ZA 216 91.46 3.54 -12.03
CA SER ZA 216 90.48 3.03 -11.09
C SER ZA 216 90.27 1.55 -11.38
N ALA ZA 217 89.27 0.95 -10.75
CA ALA ZA 217 88.87 -0.41 -11.01
C ALA ZA 217 87.88 -0.42 -12.17
N CYS ZA 218 88.09 -1.32 -13.13
CA CYS ZA 218 87.40 -1.22 -14.41
C CYS ZA 218 85.93 -1.61 -14.28
N ASN ZA 219 85.67 -2.86 -13.90
CA ASN ZA 219 84.30 -3.34 -13.68
C ASN ZA 219 84.07 -3.72 -12.23
N ASP ZA 220 84.87 -4.64 -11.70
CA ASP ZA 220 84.74 -5.11 -10.32
C ASP ZA 220 86.09 -5.67 -9.91
N PHE ZA 221 86.40 -5.58 -8.63
CA PHE ZA 221 87.74 -5.86 -8.16
C PHE ZA 221 87.66 -6.83 -6.99
N SER ZA 222 88.54 -7.81 -6.97
CA SER ZA 222 88.54 -8.85 -5.96
C SER ZA 222 89.78 -8.70 -5.09
N VAL ZA 223 89.60 -8.90 -3.78
CA VAL ZA 223 90.64 -8.58 -2.82
C VAL ZA 223 90.35 -9.35 -1.52
N ARG ZA 224 91.36 -10.03 -0.97
CA ARG ZA 224 91.10 -11.03 0.05
C ARG ZA 224 91.74 -10.73 1.41
N LEU ZA 225 93.06 -10.67 1.52
CA LEU ZA 225 93.73 -10.90 2.80
C LEU ZA 225 94.26 -9.58 3.37
N LEU ZA 226 93.61 -9.10 4.43
CA LEU ZA 226 93.96 -7.80 5.00
C LEU ZA 226 95.30 -7.87 5.73
N ARG ZA 227 96.08 -6.80 5.62
CA ARG ZA 227 97.36 -6.69 6.30
C ARG ZA 227 97.58 -5.23 6.70
N ASP ZA 228 98.70 -4.97 7.36
CA ASP ZA 228 99.11 -3.60 7.68
C ASP ZA 228 99.84 -2.97 6.50
N THR ZA 229 99.62 -1.67 6.30
CA THR ZA 229 100.23 -0.99 5.17
C THR ZA 229 101.72 -0.78 5.41
N PRO ZA 230 102.52 -0.78 4.34
CA PRO ZA 230 103.97 -0.57 4.50
C PRO ZA 230 104.37 0.88 4.67
N PHE ZA 231 103.57 1.82 4.17
CA PHE ZA 231 103.96 3.22 4.13
C PHE ZA 231 104.18 3.79 5.53
N MET ZA 232 103.21 3.62 6.43
CA MET ZA 232 103.37 4.12 7.79
C MET ZA 232 104.52 3.42 8.48
N ALA ZA 233 105.25 4.17 9.31
CA ALA ZA 233 106.42 3.64 10.01
C ALA ZA 233 106.14 3.51 11.50
N GLN AB 43 -166.60 -65.08 -4.30
CA GLN AB 43 -165.20 -64.89 -4.65
C GLN AB 43 -165.02 -64.84 -6.16
N THR AB 44 -163.85 -64.37 -6.60
CA THR AB 44 -163.55 -64.26 -8.02
C THR AB 44 -162.11 -64.72 -8.26
N ARG AB 45 -161.85 -65.18 -9.48
CA ARG AB 45 -160.54 -65.69 -9.84
C ARG AB 45 -159.62 -64.51 -10.14
N HIS AB 46 -158.65 -64.28 -9.26
CA HIS AB 46 -157.72 -63.17 -9.40
C HIS AB 46 -156.38 -63.67 -9.94
N VAL AB 47 -155.54 -62.71 -10.34
CA VAL AB 47 -154.18 -63.02 -10.77
C VAL AB 47 -153.35 -63.23 -9.52
N VAL AB 48 -153.18 -64.48 -9.11
CA VAL AB 48 -152.42 -64.83 -7.93
C VAL AB 48 -150.97 -64.94 -8.40
N ASN AB 49 -150.29 -63.79 -8.47
CA ASN AB 49 -148.94 -63.70 -9.03
C ASN AB 49 -147.95 -63.56 -7.89
N PHE AB 50 -147.18 -64.62 -7.66
CA PHE AB 50 -146.03 -64.64 -6.75
C PHE AB 50 -145.35 -65.98 -6.94
N HIS AB 51 -144.15 -66.09 -6.40
CA HIS AB 51 -143.34 -67.31 -6.56
C HIS AB 51 -142.69 -67.61 -5.22
N SER AB 52 -143.27 -68.54 -4.46
CA SER AB 52 -142.79 -68.84 -3.13
C SER AB 52 -143.16 -70.28 -2.77
N ARG AB 53 -142.21 -70.98 -2.15
CA ARG AB 53 -142.47 -72.29 -1.56
C ARG AB 53 -141.84 -72.39 -0.18
N SER AB 54 -141.73 -71.26 0.53
CA SER AB 54 -141.21 -71.29 1.89
C SER AB 54 -142.24 -71.82 2.87
N GLU AB 55 -143.53 -71.73 2.53
CA GLU AB 55 -144.58 -72.26 3.39
C GLU AB 55 -144.84 -73.73 3.12
N SER AB 56 -144.17 -74.32 2.15
CA SER AB 56 -144.36 -75.71 1.81
C SER AB 56 -143.23 -76.59 2.31
N THR AB 57 -142.25 -76.01 3.00
CA THR AB 57 -141.19 -76.84 3.58
C THR AB 57 -141.76 -77.64 4.75
N ILE AB 58 -140.99 -78.62 5.20
CA ILE AB 58 -141.49 -79.55 6.22
C ILE AB 58 -141.63 -78.85 7.57
N GLU AB 59 -140.68 -77.98 7.90
CA GLU AB 59 -140.74 -77.30 9.19
C GLU AB 59 -141.85 -76.26 9.23
N ASN AB 60 -142.23 -75.72 8.07
CA ASN AB 60 -143.32 -74.76 7.99
C ASN AB 60 -144.66 -75.43 7.73
N PHE AB 61 -144.68 -76.76 7.66
CA PHE AB 61 -145.88 -77.56 7.44
C PHE AB 61 -146.29 -78.36 8.66
N MET AB 62 -145.32 -78.95 9.36
CA MET AB 62 -145.56 -79.74 10.55
C MET AB 62 -145.41 -78.95 11.84
N GLY AB 63 -144.46 -78.02 11.88
CA GLY AB 63 -144.18 -77.28 13.10
C GLY AB 63 -145.24 -76.25 13.43
N ARG AB 64 -146.43 -76.72 13.80
CA ARG AB 64 -147.50 -75.85 14.24
C ARG AB 64 -148.18 -76.43 15.47
N ALA AB 65 -148.38 -75.58 16.47
CA ALA AB 65 -148.89 -76.02 17.76
C ALA AB 65 -150.39 -76.29 17.64
N ALA AB 66 -150.80 -77.46 18.10
CA ALA AB 66 -152.20 -77.88 18.06
C ALA AB 66 -152.55 -78.53 19.39
N CYS AB 67 -153.77 -78.29 19.85
CA CYS AB 67 -154.21 -78.83 21.13
C CYS AB 67 -154.53 -80.31 20.95
N VAL AB 68 -153.88 -81.16 21.75
CA VAL AB 68 -153.95 -82.60 21.57
C VAL AB 68 -154.47 -83.33 22.79
N PHE AB 69 -154.73 -82.64 23.92
CA PHE AB 69 -155.13 -83.36 25.13
C PHE AB 69 -155.85 -82.41 26.07
N MET AB 70 -157.18 -82.55 26.16
CA MET AB 70 -157.97 -81.96 27.23
C MET AB 70 -158.25 -83.02 28.29
N ASP AB 71 -158.14 -82.63 29.56
CA ASP AB 71 -158.46 -83.56 30.63
C ASP AB 71 -158.78 -82.79 31.91
N GLN AB 72 -159.62 -83.39 32.73
CA GLN AB 72 -160.00 -82.86 34.03
C GLN AB 72 -159.23 -83.61 35.11
N TYR AB 73 -158.94 -82.91 36.21
CA TYR AB 73 -158.40 -83.58 37.40
C TYR AB 73 -158.71 -82.74 38.64
N LYS AB 74 -159.22 -83.40 39.66
CA LYS AB 74 -159.73 -82.74 40.86
C LYS AB 74 -158.56 -82.37 41.77
N ILE AB 75 -158.86 -82.00 43.01
CA ILE AB 75 -157.82 -81.67 43.98
C ILE AB 75 -157.97 -82.47 45.27
N ASN AB 76 -159.21 -82.81 45.63
CA ASN AB 76 -159.47 -83.42 46.93
C ASN AB 76 -160.54 -84.50 46.82
N GLY AB 77 -160.67 -85.29 47.87
CA GLY AB 77 -161.57 -86.40 47.91
C GLY AB 77 -160.97 -87.64 47.25
N GLU AB 78 -161.52 -88.80 47.62
CA GLU AB 78 -161.19 -90.09 47.02
C GLU AB 78 -159.68 -90.30 46.95
N GLU AB 79 -159.10 -90.53 48.13
CA GLU AB 79 -157.64 -90.56 48.26
C GLU AB 79 -157.01 -91.61 47.34
N THR AB 80 -157.72 -92.71 47.07
CA THR AB 80 -157.32 -93.69 46.08
C THR AB 80 -158.25 -93.59 44.88
N SER AB 81 -157.95 -92.66 43.98
CA SER AB 81 -158.74 -92.47 42.77
C SER AB 81 -157.83 -92.14 41.60
N THR AB 82 -158.35 -92.39 40.40
CA THR AB 82 -157.65 -92.10 39.16
C THR AB 82 -158.12 -90.81 38.51
N ASP AB 83 -158.99 -90.05 39.18
CA ASP AB 83 -159.52 -88.81 38.64
C ASP AB 83 -158.88 -87.58 39.27
N ARG AB 84 -157.70 -87.73 39.88
CA ARG AB 84 -156.96 -86.62 40.46
C ARG AB 84 -155.67 -86.32 39.72
N PHE AB 85 -155.45 -86.95 38.57
CA PHE AB 85 -154.28 -86.67 37.75
C PHE AB 85 -154.59 -87.06 36.31
N ALA AB 86 -153.72 -86.61 35.40
CA ALA AB 86 -153.85 -86.85 33.98
C ALA AB 86 -152.70 -87.73 33.49
N VAL AB 87 -152.86 -88.31 32.30
CA VAL AB 87 -151.91 -89.29 31.80
C VAL AB 87 -151.34 -88.92 30.44
N TRP AB 88 -152.15 -89.05 29.38
CA TRP AB 88 -151.75 -88.76 28.00
C TRP AB 88 -150.39 -89.34 27.61
N THR AB 89 -150.34 -90.64 27.32
CA THR AB 89 -149.18 -91.21 26.64
C THR AB 89 -148.92 -90.50 25.32
N ILE AB 90 -147.73 -89.91 25.18
CA ILE AB 90 -147.44 -89.00 24.07
C ILE AB 90 -147.32 -89.81 22.78
N ASN AB 91 -148.19 -89.55 21.82
CA ASN AB 91 -148.08 -90.13 20.49
C ASN AB 91 -148.65 -89.16 19.46
N ILE AB 92 -148.24 -89.34 18.21
CA ILE AB 92 -148.73 -88.50 17.12
C ILE AB 92 -150.15 -88.88 16.70
N ARG AB 93 -150.63 -90.05 17.10
CA ARG AB 93 -151.94 -90.53 16.67
C ARG AB 93 -153.03 -90.09 17.64
N GLU AB 94 -153.03 -88.80 17.96
CA GLU AB 94 -153.96 -88.24 18.94
C GLU AB 94 -155.26 -87.79 18.28
N MET AB 95 -155.19 -86.77 17.43
CA MET AB 95 -156.34 -86.31 16.67
C MET AB 95 -156.06 -86.44 15.18
N ALA AB 96 -157.12 -86.69 14.41
CA ALA AB 96 -156.97 -87.10 13.02
C ALA AB 96 -156.42 -85.99 12.13
N GLN AB 97 -156.58 -84.73 12.53
CA GLN AB 97 -156.07 -83.64 11.69
C GLN AB 97 -154.55 -83.62 11.70
N LEU AB 98 -153.93 -83.73 12.87
CA LEU AB 98 -152.48 -83.83 12.92
C LEU AB 98 -152.00 -85.21 12.46
N ARG AB 99 -152.70 -86.28 12.88
CA ARG AB 99 -152.29 -87.61 12.49
C ARG AB 99 -152.17 -87.74 10.98
N ARG AB 100 -153.05 -87.07 10.24
CA ARG AB 100 -153.01 -87.14 8.78
C ARG AB 100 -151.72 -86.54 8.23
N LYS AB 101 -151.22 -85.46 8.85
CA LYS AB 101 -150.01 -84.83 8.35
C LYS AB 101 -148.77 -85.66 8.63
N CYS AB 102 -148.73 -86.35 9.78
CA CYS AB 102 -147.58 -87.20 10.08
C CYS AB 102 -147.54 -88.44 9.20
N GLU AB 103 -148.65 -88.80 8.56
CA GLU AB 103 -148.71 -89.95 7.68
C GLU AB 103 -148.44 -89.58 6.23
N MET AB 104 -148.07 -88.33 5.95
CA MET AB 104 -147.49 -88.00 4.65
C MET AB 104 -146.13 -88.66 4.48
N PHE AB 105 -145.46 -88.96 5.58
CA PHE AB 105 -144.06 -89.37 5.58
C PHE AB 105 -143.92 -90.63 6.41
N THR AB 106 -143.07 -91.55 5.96
CA THR AB 106 -142.87 -92.79 6.70
C THR AB 106 -142.02 -92.57 7.94
N TYR AB 107 -140.86 -91.92 7.78
CA TYR AB 107 -139.94 -91.69 8.87
C TYR AB 107 -139.76 -90.21 9.10
N MET AB 108 -139.71 -89.80 10.37
CA MET AB 108 -139.47 -88.43 10.73
C MET AB 108 -138.88 -88.36 12.13
N ARG AB 109 -138.03 -87.37 12.35
CA ARG AB 109 -137.44 -87.12 13.66
C ARG AB 109 -137.56 -85.64 13.97
N PHE AB 110 -137.81 -85.34 15.24
CA PHE AB 110 -138.18 -83.98 15.62
C PHE AB 110 -138.15 -83.85 17.14
N ASP AB 111 -137.71 -82.69 17.61
CA ASP AB 111 -137.93 -82.33 19.00
C ASP AB 111 -139.36 -81.86 19.19
N ILE AB 112 -139.90 -82.11 20.37
CA ILE AB 112 -141.25 -81.67 20.71
C ILE AB 112 -141.13 -80.62 21.81
N GLU AB 113 -141.99 -79.60 21.73
CA GLU AB 113 -141.96 -78.48 22.66
C GLU AB 113 -143.42 -78.14 22.98
N MET AB 114 -143.94 -78.75 24.04
CA MET AB 114 -145.33 -78.59 24.41
C MET AB 114 -145.47 -77.53 25.49
N THR AB 115 -146.56 -76.76 25.40
CA THR AB 115 -146.88 -75.73 26.38
C THR AB 115 -148.29 -75.97 26.86
N MET AB 116 -148.43 -76.25 28.16
CA MET AB 116 -149.74 -76.52 28.73
C MET AB 116 -150.47 -75.22 29.02
N VAL AB 117 -151.81 -75.30 28.99
CA VAL AB 117 -152.68 -74.17 29.31
C VAL AB 117 -153.66 -74.69 30.35
N ILE AB 118 -153.46 -74.31 31.60
CA ILE AB 118 -154.15 -74.91 32.74
C ILE AB 118 -155.13 -73.90 33.30
N THR AB 119 -156.37 -74.31 33.49
CA THR AB 119 -157.42 -73.49 34.07
C THR AB 119 -157.86 -74.09 35.39
N SER AB 120 -158.89 -73.48 35.98
CA SER AB 120 -159.44 -74.01 37.23
C SER AB 120 -160.85 -73.48 37.39
N CYS AB 121 -161.63 -74.21 38.19
CA CYS AB 121 -163.02 -73.87 38.47
C CYS AB 121 -163.24 -74.11 39.96
N GLN AB 122 -164.49 -74.17 40.39
CA GLN AB 122 -164.80 -74.49 41.78
C GLN AB 122 -166.27 -74.86 41.94
N MET AB 132 -160.17 -69.52 48.35
CA MET AB 132 -159.15 -70.52 48.01
C MET AB 132 -157.77 -69.88 48.03
N PRO AB 133 -156.71 -70.71 48.00
CA PRO AB 133 -155.36 -70.15 47.90
C PRO AB 133 -154.93 -69.97 46.45
N VAL AB 134 -153.67 -69.61 46.23
CA VAL AB 134 -153.09 -69.63 44.89
C VAL AB 134 -152.59 -71.05 44.61
N LEU AB 135 -152.97 -71.58 43.44
CA LEU AB 135 -152.73 -72.98 43.12
C LEU AB 135 -151.41 -73.16 42.40
N THR AB 136 -150.74 -74.28 42.69
CA THR AB 136 -149.49 -74.66 42.04
C THR AB 136 -149.68 -76.06 41.47
N HIS AB 137 -149.26 -76.25 40.22
CA HIS AB 137 -149.47 -77.51 39.51
C HIS AB 137 -148.12 -78.21 39.32
N GLN AB 138 -148.17 -79.42 38.79
CA GLN AB 138 -146.97 -80.19 38.48
C GLN AB 138 -147.22 -81.01 37.22
N ILE AB 139 -146.40 -80.80 36.20
CA ILE AB 139 -146.51 -81.52 34.93
C ILE AB 139 -145.26 -82.38 34.81
N MET AB 140 -145.39 -83.66 35.16
CA MET AB 140 -144.25 -84.58 35.21
C MET AB 140 -144.20 -85.37 33.91
N TYR AB 141 -143.14 -85.16 33.14
CA TYR AB 141 -142.86 -85.97 31.96
C TYR AB 141 -141.99 -87.15 32.37
N VAL AB 142 -142.50 -88.36 32.18
CA VAL AB 142 -141.69 -89.55 32.40
C VAL AB 142 -141.15 -90.00 31.04
N PRO AB 143 -139.87 -90.41 30.97
CA PRO AB 143 -139.32 -90.91 29.72
C PRO AB 143 -139.93 -92.27 29.36
N PRO AB 144 -139.56 -92.84 28.20
CA PRO AB 144 -140.06 -94.19 27.88
C PRO AB 144 -139.66 -95.22 28.92
N GLY AB 145 -138.43 -95.16 29.42
CA GLY AB 145 -138.06 -95.95 30.57
C GLY AB 145 -138.23 -95.15 31.85
N GLY AB 146 -139.39 -95.26 32.47
CA GLY AB 146 -139.70 -94.48 33.64
C GLY AB 146 -140.88 -95.03 34.42
N PRO AB 147 -140.81 -94.93 35.74
CA PRO AB 147 -141.92 -95.39 36.58
C PRO AB 147 -143.09 -94.42 36.53
N ILE AB 148 -144.29 -94.98 36.62
CA ILE AB 148 -145.51 -94.18 36.52
C ILE AB 148 -146.17 -94.17 37.89
N PRO AB 149 -146.88 -93.11 38.25
CA PRO AB 149 -147.68 -93.14 39.48
C PRO AB 149 -148.94 -93.95 39.29
N ALA AB 150 -149.39 -94.56 40.38
CA ALA AB 150 -150.69 -95.22 40.42
C ALA AB 150 -151.74 -94.37 41.12
N LYS AB 151 -151.31 -93.46 42.00
CA LYS AB 151 -152.21 -92.58 42.75
C LYS AB 151 -151.59 -91.19 42.77
N VAL AB 152 -152.39 -90.20 43.18
CA VAL AB 152 -151.92 -88.83 43.24
C VAL AB 152 -150.82 -88.68 44.29
N ASP AB 153 -150.74 -89.60 45.24
CA ASP AB 153 -149.76 -89.55 46.32
C ASP AB 153 -148.74 -90.69 46.24
N GLY AB 154 -148.43 -91.14 45.03
CA GLY AB 154 -147.41 -92.15 44.86
C GLY AB 154 -146.03 -91.58 45.04
N TYR AB 155 -145.06 -92.49 45.20
CA TYR AB 155 -143.68 -92.06 45.37
C TYR AB 155 -143.00 -91.75 44.03
N GLU AB 156 -143.59 -92.16 42.91
CA GLU AB 156 -142.99 -91.90 41.61
C GLU AB 156 -142.88 -90.40 41.34
N TRP AB 157 -143.81 -89.62 41.87
CA TRP AB 157 -143.80 -88.18 41.66
C TRP AB 157 -142.52 -87.53 42.14
N GLN AB 158 -141.79 -88.17 43.05
CA GLN AB 158 -140.57 -87.64 43.62
C GLN AB 158 -139.32 -88.20 42.93
N THR AB 159 -139.47 -88.83 41.76
CA THR AB 159 -138.33 -89.43 41.08
C THR AB 159 -137.48 -88.34 40.43
N SER AB 160 -136.17 -88.39 40.70
CA SER AB 160 -135.26 -87.35 40.21
C SER AB 160 -135.02 -87.44 38.71
N THR AB 161 -135.25 -88.61 38.11
CA THR AB 161 -135.03 -88.79 36.68
C THR AB 161 -136.26 -88.44 35.85
N ASN AB 162 -137.39 -88.14 36.49
CA ASN AB 162 -138.57 -87.65 35.79
C ASN AB 162 -138.62 -86.14 35.90
N PRO AB 163 -138.28 -85.39 34.84
CA PRO AB 163 -138.33 -83.93 34.94
C PRO AB 163 -139.77 -83.43 34.98
N SER AB 164 -139.99 -82.42 35.83
CA SER AB 164 -141.33 -81.90 36.05
C SER AB 164 -141.25 -80.41 36.29
N VAL AB 165 -142.25 -79.67 35.80
CA VAL AB 165 -142.35 -78.24 36.01
C VAL AB 165 -143.40 -77.98 37.08
N PHE AB 166 -143.13 -77.00 37.94
CA PHE AB 166 -144.04 -76.60 39.00
C PHE AB 166 -144.54 -75.20 38.68
N TRP AB 167 -145.66 -75.15 37.96
CA TRP AB 167 -146.25 -73.89 37.53
C TRP AB 167 -147.32 -73.49 38.54
N THR AB 168 -147.19 -72.28 39.07
CA THR AB 168 -148.19 -71.69 39.94
C THR AB 168 -149.11 -70.80 39.11
N GLU AB 169 -150.36 -70.68 39.55
CA GLU AB 169 -151.38 -70.05 38.73
C GLU AB 169 -151.14 -68.55 38.62
N GLY AB 170 -151.48 -68.00 37.45
CA GLY AB 170 -151.38 -66.59 37.19
C GLY AB 170 -150.23 -66.19 36.28
N ASN AB 171 -149.20 -67.01 36.15
CA ASN AB 171 -148.04 -66.66 35.36
C ASN AB 171 -148.25 -67.05 33.90
N ALA AB 172 -147.18 -66.95 33.11
CA ALA AB 172 -147.20 -67.45 31.74
C ALA AB 172 -147.33 -68.97 31.74
N PRO AB 173 -147.83 -69.55 30.66
CA PRO AB 173 -148.05 -71.01 30.65
C PRO AB 173 -146.73 -71.75 30.74
N PRO AB 174 -146.72 -72.94 31.35
CA PRO AB 174 -145.47 -73.69 31.47
C PRO AB 174 -145.08 -74.34 30.15
N ARG AB 175 -143.81 -74.23 29.81
CA ARG AB 175 -143.28 -74.83 28.58
C ARG AB 175 -142.17 -75.79 28.92
N ILE AB 176 -142.30 -77.02 28.43
CA ILE AB 176 -141.33 -78.09 28.65
C ILE AB 176 -140.99 -78.68 27.30
N SER AB 177 -139.69 -78.83 27.01
CA SER AB 177 -139.23 -79.28 25.71
C SER AB 177 -138.53 -80.62 25.85
N ILE AB 178 -138.80 -81.52 24.91
CA ILE AB 178 -138.30 -82.89 24.98
C ILE AB 178 -137.54 -83.19 23.69
N PRO AB 179 -136.31 -83.68 23.79
CA PRO AB 179 -135.52 -83.93 22.57
C PRO AB 179 -135.96 -85.18 21.85
N PHE AB 180 -135.20 -85.58 20.83
CA PHE AB 180 -135.46 -86.82 20.10
C PHE AB 180 -135.09 -88.00 20.98
N ILE AB 181 -136.09 -88.65 21.57
CA ILE AB 181 -135.84 -89.69 22.56
C ILE AB 181 -135.51 -91.04 21.91
N SER AB 182 -136.07 -91.31 20.73
CA SER AB 182 -136.21 -92.68 20.24
C SER AB 182 -134.87 -93.41 20.14
N VAL AB 183 -134.94 -94.74 20.22
CA VAL AB 183 -133.74 -95.56 20.19
C VAL AB 183 -133.17 -95.61 18.78
N GLY AB 184 -134.04 -95.69 17.79
CA GLY AB 184 -133.61 -95.72 16.42
C GLY AB 184 -133.17 -94.36 15.96
N ASN AB 185 -133.15 -94.18 14.65
CA ASN AB 185 -132.69 -92.94 14.06
C ASN AB 185 -133.83 -92.04 13.59
N ALA AB 186 -135.07 -92.52 13.67
CA ALA AB 186 -136.24 -91.71 13.36
C ALA AB 186 -137.46 -92.34 14.00
N TYR AB 187 -138.49 -91.51 14.20
CA TYR AB 187 -139.81 -92.02 14.54
C TYR AB 187 -140.48 -92.57 13.29
N SER AB 188 -141.08 -93.75 13.42
CA SER AB 188 -141.75 -94.41 12.31
C SER AB 188 -143.25 -94.19 12.45
N SER AB 189 -143.85 -93.55 11.43
CA SER AB 189 -145.30 -93.39 11.43
C SER AB 189 -146.00 -94.72 11.20
N PHE AB 190 -145.41 -95.57 10.35
CA PHE AB 190 -145.95 -96.89 10.03
C PHE AB 190 -144.90 -97.95 10.32
N TYR AB 191 -145.35 -99.09 10.83
CA TYR AB 191 -144.44 -100.19 11.13
C TYR AB 191 -145.11 -101.48 10.68
N ASP AB 192 -144.79 -101.94 9.47
CA ASP AB 192 -145.30 -103.21 8.95
C ASP AB 192 -144.48 -104.34 9.56
N GLY AB 193 -144.85 -104.69 10.79
CA GLY AB 193 -144.09 -105.69 11.53
C GLY AB 193 -144.76 -106.02 12.83
N TRP AB 194 -144.18 -107.00 13.52
CA TRP AB 194 -144.75 -107.55 14.75
C TRP AB 194 -143.80 -107.27 15.91
N SER AB 195 -144.37 -106.84 17.03
CA SER AB 195 -143.56 -106.53 18.21
C SER AB 195 -142.87 -107.78 18.74
N HIS AB 196 -143.59 -108.89 18.84
CA HIS AB 196 -143.06 -110.13 19.37
C HIS AB 196 -142.65 -111.04 18.23
N PHE AB 197 -141.43 -111.57 18.31
CA PHE AB 197 -140.88 -112.38 17.23
C PHE AB 197 -141.72 -113.64 17.00
N THR AB 198 -141.70 -114.11 15.75
CA THR AB 198 -142.42 -115.28 15.26
C THR AB 198 -143.91 -114.98 15.11
N GLN AB 199 -144.22 -113.78 14.63
CA GLN AB 199 -145.57 -113.39 14.22
C GLN AB 199 -146.60 -113.61 15.35
N ASP AB 200 -146.31 -113.00 16.49
CA ASP AB 200 -147.21 -113.09 17.63
C ASP AB 200 -148.26 -111.97 17.53
N GLY AB 201 -148.83 -111.57 18.66
CA GLY AB 201 -149.81 -110.50 18.66
C GLY AB 201 -149.19 -109.13 18.50
N THR AB 202 -150.05 -108.11 18.58
CA THR AB 202 -149.67 -106.70 18.53
C THR AB 202 -148.96 -106.37 17.21
N TYR AB 203 -149.77 -106.37 16.14
CA TYR AB 203 -149.29 -105.93 14.84
C TYR AB 203 -149.10 -104.42 14.82
N GLY AB 204 -148.07 -103.97 14.11
CA GLY AB 204 -147.96 -102.57 13.77
C GLY AB 204 -147.43 -101.66 14.85
N TYR AB 205 -147.14 -102.18 16.04
CA TYR AB 205 -146.67 -101.35 17.14
C TYR AB 205 -145.21 -101.67 17.42
N THR AB 206 -144.32 -100.76 17.03
CA THR AB 206 -142.92 -100.82 17.40
C THR AB 206 -142.69 -100.01 18.68
N THR AB 207 -141.62 -100.36 19.40
CA THR AB 207 -141.26 -99.64 20.61
C THR AB 207 -140.26 -98.52 20.33
N LEU AB 208 -139.84 -98.35 19.07
CA LEU AB 208 -138.92 -97.26 18.76
C LEU AB 208 -139.62 -95.92 18.81
N ASN AB 209 -140.86 -95.85 18.32
CA ASN AB 209 -141.62 -94.60 18.35
C ASN AB 209 -142.42 -94.45 19.62
N ALA AB 210 -141.74 -94.63 20.75
CA ALA AB 210 -142.29 -94.32 22.07
C ALA AB 210 -141.69 -93.01 22.54
N MET AB 211 -142.54 -92.09 23.00
CA MET AB 211 -142.11 -90.75 23.31
C MET AB 211 -142.18 -90.40 24.79
N GLY AB 212 -142.91 -91.16 25.58
CA GLY AB 212 -143.04 -90.91 27.00
C GLY AB 212 -144.47 -90.68 27.40
N LYS AB 213 -144.64 -90.21 28.64
CA LYS AB 213 -145.95 -89.90 29.17
C LYS AB 213 -145.87 -88.57 29.91
N LEU AB 214 -147.03 -88.06 30.35
CA LEU AB 214 -147.11 -86.70 30.88
C LEU AB 214 -148.12 -86.66 32.03
N TYR AB 215 -147.63 -86.93 33.25
CA TYR AB 215 -148.48 -86.97 34.43
C TYR AB 215 -148.59 -85.60 35.06
N ILE AB 216 -149.83 -85.16 35.31
CA ILE AB 216 -150.13 -83.79 35.70
C ILE AB 216 -151.02 -83.84 36.94
N ARG AB 217 -150.64 -83.09 37.96
CA ARG AB 217 -151.43 -83.06 39.19
C ARG AB 217 -151.32 -81.69 39.84
N HIS AB 218 -152.20 -81.45 40.81
CA HIS AB 218 -152.02 -80.35 41.75
C HIS AB 218 -150.98 -80.78 42.78
N VAL AB 219 -150.13 -79.84 43.19
CA VAL AB 219 -149.22 -80.11 44.30
C VAL AB 219 -149.85 -79.74 45.64
N ASN AB 220 -150.97 -79.03 45.63
CA ASN AB 220 -151.65 -78.70 46.86
C ASN AB 220 -152.29 -79.96 47.44
N ARG AB 221 -152.06 -80.19 48.74
CA ARG AB 221 -152.46 -81.47 49.33
C ARG AB 221 -153.97 -81.56 49.45
N SER AB 222 -154.64 -80.46 49.78
CA SER AB 222 -156.09 -80.46 49.97
C SER AB 222 -156.62 -79.06 49.69
N SER AB 223 -157.94 -78.92 49.88
CA SER AB 223 -158.64 -77.66 49.68
C SER AB 223 -159.92 -77.70 50.48
N PRO AB 224 -160.45 -76.55 50.90
CA PRO AB 224 -161.74 -76.55 51.61
C PRO AB 224 -162.89 -76.99 50.72
N HIS AB 225 -162.96 -76.46 49.51
CA HIS AB 225 -163.97 -76.86 48.54
C HIS AB 225 -163.33 -77.60 47.38
N GLN AB 226 -164.14 -77.96 46.39
CA GLN AB 226 -163.66 -78.74 45.25
C GLN AB 226 -163.18 -77.80 44.14
N ILE AB 227 -161.99 -78.10 43.62
CA ILE AB 227 -161.40 -77.35 42.51
C ILE AB 227 -161.14 -78.34 41.39
N THR AB 228 -161.68 -78.06 40.21
CA THR AB 228 -161.58 -78.96 39.06
C THR AB 228 -160.79 -78.25 37.98
N SER AB 229 -159.53 -78.65 37.81
CA SER AB 229 -158.65 -78.01 36.86
C SER AB 229 -158.72 -78.69 35.50
N THR AB 230 -158.52 -77.90 34.46
CA THR AB 230 -158.56 -78.37 33.08
C THR AB 230 -157.25 -78.01 32.42
N ILE AB 231 -156.63 -78.97 31.74
CA ILE AB 231 -155.34 -78.77 31.09
C ILE AB 231 -155.50 -79.02 29.59
N ARG AB 232 -154.82 -78.20 28.80
CA ARG AB 232 -154.82 -78.29 27.35
C ARG AB 232 -153.37 -78.34 26.89
N VAL AB 233 -152.91 -79.50 26.45
CA VAL AB 233 -151.52 -79.69 26.06
C VAL AB 233 -151.38 -79.29 24.60
N TYR AB 234 -150.45 -78.37 24.31
CA TYR AB 234 -150.22 -77.87 22.96
C TYR AB 234 -148.93 -78.49 22.42
N PHE AB 235 -149.10 -79.55 21.62
CA PHE AB 235 -147.99 -80.27 21.04
C PHE AB 235 -147.44 -79.51 19.84
N LYS AB 236 -146.12 -79.50 19.70
CA LYS AB 236 -145.50 -78.86 18.55
C LYS AB 236 -144.22 -79.57 18.13
N PRO AB 237 -144.15 -80.11 16.91
CA PRO AB 237 -142.89 -80.63 16.41
C PRO AB 237 -141.91 -79.49 16.17
N LYS AB 238 -140.62 -79.78 16.38
CA LYS AB 238 -139.60 -78.77 16.21
C LYS AB 238 -138.34 -79.40 15.64
N HIS AB 239 -137.64 -78.62 14.81
CA HIS AB 239 -136.42 -79.08 14.12
C HIS AB 239 -136.69 -80.42 13.43
N ILE AB 240 -137.73 -80.43 12.61
CA ILE AB 240 -138.30 -81.67 12.09
C ILE AB 240 -137.69 -82.01 10.74
N LYS AB 241 -137.27 -83.26 10.59
CA LYS AB 241 -136.87 -83.84 9.33
C LYS AB 241 -137.81 -84.99 9.00
N ALA AB 242 -137.96 -85.28 7.72
CA ALA AB 242 -138.92 -86.30 7.30
C ALA AB 242 -138.39 -87.02 6.06
N TRP AB 243 -138.53 -88.33 6.05
CA TRP AB 243 -138.06 -89.18 4.97
C TRP AB 243 -139.21 -89.98 4.40
N VAL AB 244 -139.01 -90.46 3.17
CA VAL AB 244 -139.89 -91.41 2.49
C VAL AB 244 -141.31 -90.86 2.44
N PRO AB 245 -141.64 -90.03 1.45
CA PRO AB 245 -143.02 -89.54 1.34
C PRO AB 245 -143.97 -90.69 1.05
N ARG AB 246 -145.26 -90.39 1.19
CA ARG AB 246 -146.27 -91.43 1.29
C ARG AB 246 -147.59 -90.82 0.85
N PRO AB 247 -148.47 -91.56 0.19
CA PRO AB 247 -149.70 -90.95 -0.30
C PRO AB 247 -150.61 -90.58 0.85
N PRO AB 248 -151.46 -89.58 0.68
CA PRO AB 248 -152.32 -89.15 1.78
C PRO AB 248 -153.40 -90.17 2.11
N ARG AB 249 -153.86 -90.10 3.36
CA ARG AB 249 -154.96 -90.92 3.82
C ARG AB 249 -156.23 -90.61 3.04
N LEU AB 250 -156.93 -91.65 2.62
CA LEU AB 250 -158.20 -91.50 1.91
C LEU AB 250 -159.40 -91.82 2.80
N CYS AB 251 -159.36 -92.94 3.50
CA CYS AB 251 -160.46 -93.39 4.32
C CYS AB 251 -160.44 -92.71 5.69
N PRO AB 252 -161.59 -92.63 6.35
CA PRO AB 252 -161.61 -92.08 7.72
C PRO AB 252 -160.95 -93.03 8.71
N TYR AB 253 -160.50 -92.45 9.83
CA TYR AB 253 -159.83 -93.22 10.86
C TYR AB 253 -160.84 -93.96 11.73
N ILE AB 254 -160.46 -95.17 12.17
CA ILE AB 254 -161.31 -95.99 13.01
C ILE AB 254 -160.83 -95.90 14.45
N ASN AB 255 -159.59 -96.33 14.70
CA ASN AB 255 -159.04 -96.42 16.04
C ASN AB 255 -157.66 -95.80 16.08
N LYS AB 256 -157.24 -95.41 17.28
CA LYS AB 256 -156.04 -94.59 17.47
C LYS AB 256 -154.77 -95.41 17.61
N ARG AB 257 -154.83 -96.72 17.46
CA ARG AB 257 -153.65 -97.58 17.57
C ARG AB 257 -153.48 -98.49 16.37
N ASP AB 258 -154.27 -98.32 15.31
CA ASP AB 258 -154.23 -99.21 14.16
C ASP AB 258 -154.52 -98.40 12.91
N VAL AB 259 -154.40 -99.08 11.77
CA VAL AB 259 -154.59 -98.47 10.46
C VAL AB 259 -155.86 -99.01 9.80
N ASN AB 260 -156.72 -99.66 10.58
CA ASN AB 260 -157.92 -100.29 10.04
C ASN AB 260 -158.87 -99.24 9.47
N PHE AB 261 -159.61 -99.62 8.45
CA PHE AB 261 -160.41 -98.65 7.72
C PHE AB 261 -161.58 -99.36 7.05
N VAL AB 262 -162.54 -98.55 6.60
CA VAL AB 262 -163.66 -99.00 5.79
C VAL AB 262 -163.37 -98.58 4.36
N VAL AB 263 -163.70 -99.46 3.40
CA VAL AB 263 -163.37 -99.18 2.00
C VAL AB 263 -164.19 -97.98 1.54
N THR AB 264 -163.51 -96.90 1.20
CA THR AB 264 -164.12 -95.65 0.81
C THR AB 264 -163.96 -95.46 -0.70
N GLU AB 265 -164.87 -94.68 -1.27
CA GLU AB 265 -164.78 -94.37 -2.69
C GLU AB 265 -163.59 -93.46 -2.95
N ILE AB 266 -163.07 -93.53 -4.18
CA ILE AB 266 -161.87 -92.76 -4.52
C ILE AB 266 -162.16 -91.26 -4.48
N THR AB 267 -163.07 -90.79 -5.34
CA THR AB 267 -163.46 -89.40 -5.37
C THR AB 267 -164.98 -89.30 -5.30
N ASP AB 268 -165.47 -88.08 -5.21
CA ASP AB 268 -166.91 -87.86 -5.29
C ASP AB 268 -167.37 -88.16 -6.72
N SER AB 269 -168.55 -88.76 -6.83
CA SER AB 269 -169.00 -89.19 -8.15
C SER AB 269 -169.66 -88.03 -8.89
N ARG AB 270 -169.63 -88.10 -10.21
CA ARG AB 270 -170.38 -87.21 -11.07
C ARG AB 270 -171.29 -88.04 -11.97
N THR AB 271 -172.09 -87.36 -12.79
CA THR AB 271 -173.14 -88.02 -13.52
C THR AB 271 -172.59 -88.86 -14.68
N SER AB 272 -171.86 -88.23 -15.59
CA SER AB 272 -171.26 -88.91 -16.72
C SER AB 272 -169.78 -88.57 -16.80
N ILE AB 273 -169.10 -89.19 -17.76
CA ILE AB 273 -167.67 -88.94 -17.94
C ILE AB 273 -167.42 -87.61 -18.65
N THR AB 274 -168.43 -87.03 -19.30
CA THR AB 274 -168.24 -85.86 -20.15
C THR AB 274 -168.84 -84.57 -19.58
N ASP AB 275 -169.62 -84.64 -18.51
CA ASP AB 275 -170.24 -83.44 -17.96
C ASP AB 275 -169.25 -82.66 -17.10
N VAL BB 13 -131.00 -106.88 -25.83
CA VAL BB 13 -131.03 -108.12 -25.06
C VAL BB 13 -129.72 -108.30 -24.30
N ARG BB 14 -129.81 -108.23 -22.96
CA ARG BB 14 -128.65 -108.40 -22.10
C ARG BB 14 -128.89 -109.61 -21.21
N SER BB 15 -127.93 -110.54 -21.19
CA SER BB 15 -128.03 -111.77 -20.41
C SER BB 15 -127.22 -111.58 -19.13
N MET BB 16 -127.88 -111.05 -18.10
CA MET BB 16 -127.24 -110.87 -16.82
C MET BB 16 -127.03 -112.21 -16.12
N THR BB 17 -125.96 -112.27 -15.33
CA THR BB 17 -125.68 -113.47 -14.54
C THR BB 17 -125.17 -113.04 -13.17
N LEU BB 18 -125.56 -113.79 -12.15
CA LEU BB 18 -125.10 -113.56 -10.78
C LEU BB 18 -124.93 -114.93 -10.12
N GLY BB 19 -123.69 -115.28 -9.83
CA GLY BB 19 -123.43 -116.57 -9.21
C GLY BB 19 -123.68 -117.71 -10.17
N ASN BB 20 -124.70 -118.52 -9.85
CA ASN BB 20 -125.14 -119.63 -10.70
C ASN BB 20 -126.59 -119.44 -11.13
N SER BB 21 -126.94 -118.20 -11.50
CA SER BB 21 -128.29 -117.87 -11.93
C SER BB 21 -128.20 -116.84 -13.04
N THR BB 22 -128.63 -117.21 -14.23
CA THR BB 22 -128.61 -116.34 -15.39
C THR BB 22 -130.04 -116.11 -15.86
N ILE BB 23 -130.41 -114.85 -16.06
CA ILE BB 23 -131.69 -114.49 -16.66
C ILE BB 23 -131.40 -113.72 -17.94
N THR BB 24 -132.44 -113.57 -18.76
CA THR BB 24 -132.35 -112.84 -20.01
C THR BB 24 -133.26 -111.63 -19.92
N THR BB 25 -132.66 -110.44 -20.03
CA THR BB 25 -133.39 -109.19 -19.90
C THR BB 25 -133.45 -108.45 -21.22
N GLN BB 26 -134.30 -107.42 -21.25
CA GLN BB 26 -134.50 -106.62 -22.46
C GLN BB 26 -133.93 -105.21 -22.25
N ASN BB 30 -135.15 -99.69 -18.55
CA ASN BB 30 -134.31 -98.81 -17.74
C ASN BB 30 -134.62 -98.96 -16.25
N VAL BB 31 -133.58 -98.93 -15.43
CA VAL BB 31 -133.70 -99.26 -14.02
C VAL BB 31 -134.27 -98.06 -13.27
N VAL BB 32 -135.25 -98.31 -12.40
CA VAL BB 32 -135.79 -97.29 -11.51
C VAL BB 32 -135.09 -97.49 -10.17
N VAL BB 33 -134.00 -96.75 -9.96
CA VAL BB 33 -133.28 -96.79 -8.70
C VAL BB 33 -134.12 -96.10 -7.63
N GLY BB 34 -134.50 -96.85 -6.60
CA GLY BB 34 -135.44 -96.35 -5.63
C GLY BB 34 -134.84 -95.24 -4.79
N TYR BB 35 -135.48 -94.06 -4.81
CA TYR BB 35 -135.03 -92.89 -4.05
C TYR BB 35 -133.62 -92.46 -4.43
N GLY BB 36 -133.24 -92.66 -5.68
CA GLY BB 36 -131.99 -92.11 -6.18
C GLY BB 36 -130.74 -92.67 -5.53
N GLU BB 37 -130.85 -93.73 -4.75
CA GLU BB 37 -129.71 -94.30 -4.06
C GLU BB 37 -129.56 -95.77 -4.40
N TRP BB 38 -128.32 -96.19 -4.54
CA TRP BB 38 -127.93 -97.57 -4.78
C TRP BB 38 -127.64 -98.21 -3.44
N PRO BB 39 -128.07 -99.45 -3.20
CA PRO BB 39 -127.82 -100.06 -1.90
C PRO BB 39 -126.32 -100.11 -1.62
N SER BB 40 -125.96 -100.08 -0.35
CA SER BB 40 -124.56 -100.07 0.04
C SER BB 40 -124.42 -100.73 1.39
N TYR BB 41 -123.18 -101.02 1.76
CA TYR BB 41 -122.91 -101.57 3.08
C TYR BB 41 -123.03 -100.47 4.14
N LEU BB 42 -122.97 -100.90 5.39
CA LEU BB 42 -123.24 -100.00 6.50
C LEU BB 42 -122.11 -99.02 6.76
N SER BB 43 -120.88 -99.37 6.38
CA SER BB 43 -119.74 -98.48 6.56
C SER BB 43 -119.80 -97.30 5.58
N THR BB 48 -117.08 -100.67 13.85
CA THR BB 48 -117.12 -100.77 15.31
C THR BB 48 -116.78 -102.20 15.75
N ALA BB 49 -116.00 -102.33 16.81
CA ALA BB 49 -115.67 -103.63 17.38
C ALA BB 49 -116.68 -104.11 18.42
N GLU BB 50 -117.59 -103.23 18.87
CA GLU BB 50 -118.63 -103.66 19.79
C GLU BB 50 -119.72 -104.44 19.07
N ASP BB 51 -120.01 -104.07 17.82
CA ASP BB 51 -120.92 -104.82 16.96
C ASP BB 51 -120.30 -104.89 15.57
N GLN BB 52 -120.11 -106.10 15.05
CA GLN BB 52 -119.39 -106.28 13.79
C GLN BB 52 -120.27 -107.03 12.80
N PRO BB 53 -120.52 -106.47 11.61
CA PRO BB 53 -121.32 -107.16 10.62
C PRO BB 53 -120.52 -108.19 9.82
N THR BB 54 -121.24 -109.19 9.32
CA THR BB 54 -120.68 -110.21 8.43
C THR BB 54 -121.28 -110.01 7.05
N GLN BB 55 -120.42 -109.92 6.03
CA GLN BB 55 -120.90 -109.73 4.66
C GLN BB 55 -120.82 -111.05 3.93
N PRO BB 56 -121.95 -111.69 3.60
CA PRO BB 56 -121.87 -112.99 2.92
C PRO BB 56 -121.32 -112.92 1.51
N ASP BB 57 -121.80 -111.99 0.68
CA ASP BB 57 -121.35 -111.83 -0.70
C ASP BB 57 -121.53 -113.11 -1.49
N VAL BB 58 -120.87 -114.20 -1.06
CA VAL BB 58 -121.02 -115.50 -1.70
C VAL BB 58 -122.49 -115.90 -1.67
N ALA BB 59 -122.98 -116.41 -2.81
CA ALA BB 59 -124.39 -116.76 -3.01
C ALA BB 59 -125.21 -115.52 -2.67
N THR BB 60 -126.35 -115.66 -1.96
CA THR BB 60 -127.20 -114.54 -1.56
C THR BB 60 -127.55 -113.57 -2.70
N CYS BB 61 -126.56 -113.20 -3.50
CA CYS BB 61 -126.73 -112.22 -4.57
C CYS BB 61 -127.32 -112.81 -5.84
N ARG BB 62 -127.48 -114.13 -5.91
CA ARG BB 62 -127.97 -114.75 -7.14
C ARG BB 62 -129.46 -114.43 -7.33
N PHE BB 63 -129.96 -114.73 -8.52
CA PHE BB 63 -131.35 -114.42 -8.85
C PHE BB 63 -132.28 -115.51 -8.32
N TYR BB 64 -133.29 -115.09 -7.56
CA TYR BB 64 -134.31 -115.99 -7.00
C TYR BB 64 -135.61 -115.74 -7.76
N THR BB 65 -135.86 -116.53 -8.79
CA THR BB 65 -137.07 -116.40 -9.57
C THR BB 65 -138.24 -117.04 -8.83
N LEU BB 66 -139.27 -116.25 -8.53
CA LEU BB 66 -140.44 -116.78 -7.87
C LEU BB 66 -141.32 -117.51 -8.89
N GLU BB 67 -142.40 -118.10 -8.40
CA GLU BB 67 -143.32 -118.79 -9.30
C GLU BB 67 -144.05 -117.79 -10.17
N SER BB 68 -144.21 -118.14 -11.45
CA SER BB 68 -144.85 -117.24 -12.40
C SER BB 68 -146.33 -117.11 -12.07
N VAL BB 69 -146.87 -115.91 -12.29
CA VAL BB 69 -148.22 -115.56 -11.85
C VAL BB 69 -149.05 -115.29 -13.10
N GLN BB 70 -150.16 -116.02 -13.24
CA GLN BB 70 -151.02 -115.87 -14.41
C GLN BB 70 -151.93 -114.67 -14.22
N TRP BB 71 -151.91 -113.77 -15.20
CA TRP BB 71 -152.70 -112.54 -15.17
C TRP BB 71 -153.84 -112.67 -16.18
N GLU BB 72 -155.05 -112.86 -15.66
CA GLU BB 72 -156.24 -113.01 -16.48
C GLU BB 72 -156.94 -111.65 -16.62
N LYS BB 73 -158.12 -111.65 -17.24
CA LYS BB 73 -158.89 -110.42 -17.39
C LYS BB 73 -159.47 -109.94 -16.07
N THR BB 74 -159.65 -110.83 -15.10
CA THR BB 74 -160.33 -110.51 -13.84
C THR BB 74 -159.37 -110.49 -12.66
N SER BB 75 -158.06 -110.41 -12.92
CA SER BB 75 -157.10 -110.37 -11.82
C SER BB 75 -157.05 -108.96 -11.24
N PRO BB 76 -157.23 -108.80 -9.92
CA PRO BB 76 -157.19 -107.45 -9.33
C PRO BB 76 -155.81 -107.00 -8.90
N GLY BB 77 -154.90 -107.92 -8.64
CA GLY BB 77 -153.56 -107.55 -8.24
C GLY BB 77 -152.93 -108.62 -7.35
N TRP BB 78 -151.71 -108.31 -6.92
CA TRP BB 78 -150.94 -109.21 -6.06
C TRP BB 78 -150.09 -108.38 -5.12
N TRP BB 79 -149.61 -109.01 -4.05
CA TRP BB 79 -148.55 -108.38 -3.26
C TRP BB 79 -147.67 -109.47 -2.64
N TRP BB 80 -146.38 -109.15 -2.53
CA TRP BB 80 -145.40 -109.94 -1.82
C TRP BB 80 -144.83 -109.07 -0.71
N LYS BB 81 -144.58 -109.67 0.45
CA LYS BB 81 -143.91 -108.96 1.55
C LYS BB 81 -142.54 -109.56 1.76
N PHE BB 82 -141.54 -108.79 1.49
CA PHE BB 82 -140.10 -108.93 1.64
C PHE BB 82 -139.67 -108.27 2.95
N PRO BB 83 -138.52 -108.66 3.54
CA PRO BB 83 -137.51 -109.62 3.09
C PRO BB 83 -137.91 -111.08 3.20
N GLU BB 84 -138.99 -111.36 3.94
CA GLU BB 84 -139.30 -112.74 4.30
C GLU BB 84 -140.09 -113.48 3.23
N ALA BB 85 -140.33 -112.86 2.07
CA ALA BB 85 -140.83 -113.62 0.94
C ALA BB 85 -139.79 -114.60 0.43
N LEU BB 86 -138.51 -114.32 0.71
CA LEU BB 86 -137.39 -115.19 0.37
C LEU BB 86 -136.98 -116.07 1.53
N LYS BB 87 -137.90 -116.39 2.45
CA LYS BB 87 -137.51 -117.10 3.66
C LYS BB 87 -137.22 -118.58 3.42
N ASN BB 88 -137.62 -119.12 2.28
CA ASN BB 88 -137.31 -120.48 1.90
C ASN BB 88 -136.46 -120.54 0.63
N MET BB 89 -135.81 -119.44 0.27
CA MET BB 89 -135.06 -119.34 -0.98
C MET BB 89 -133.57 -119.47 -0.69
N GLY BB 90 -133.13 -120.72 -0.54
CA GLY BB 90 -131.71 -121.01 -0.62
C GLY BB 90 -130.93 -120.50 0.59
N LEU BB 91 -129.72 -120.00 0.32
CA LEU BB 91 -128.86 -119.52 1.39
C LEU BB 91 -129.38 -118.23 1.99
N PHE BB 92 -130.03 -117.37 1.20
CA PHE BB 92 -130.61 -116.17 1.77
C PHE BB 92 -131.74 -116.51 2.73
N GLY BB 93 -132.54 -117.51 2.40
CA GLY BB 93 -133.57 -117.96 3.31
C GLY BB 93 -133.07 -118.81 4.46
N GLN BB 94 -131.82 -119.25 4.39
CA GLN BB 94 -131.20 -119.97 5.50
C GLN BB 94 -130.38 -119.09 6.41
N ASN BB 95 -129.76 -118.04 5.88
CA ASN BB 95 -129.11 -117.05 6.75
C ASN BB 95 -130.09 -116.22 7.55
N MET BB 96 -131.38 -116.26 7.20
CA MET BB 96 -132.38 -115.60 8.03
C MET BB 96 -132.58 -116.31 9.35
N HIS BB 97 -132.33 -117.63 9.39
CA HIS BB 97 -132.52 -118.41 10.61
C HIS BB 97 -131.31 -118.40 11.53
N TYR BB 98 -130.11 -118.13 11.01
CA TYR BB 98 -128.91 -118.15 11.82
C TYR BB 98 -128.48 -116.78 12.32
N HIS BB 99 -128.81 -115.72 11.59
CA HIS BB 99 -128.55 -114.36 12.01
C HIS BB 99 -129.88 -113.67 12.28
N TYR BB 100 -129.98 -112.93 13.38
CA TYR BB 100 -131.22 -112.27 13.75
C TYR BB 100 -131.21 -110.79 13.37
N LEU BB 101 -130.22 -110.35 12.61
CA LEU BB 101 -130.14 -108.98 12.10
C LEU BB 101 -129.61 -109.01 10.68
N GLY BB 102 -130.13 -108.13 9.83
CA GLY BB 102 -129.67 -108.11 8.45
C GLY BB 102 -130.27 -106.97 7.67
N ARG BB 103 -129.81 -106.84 6.43
CA ARG BB 103 -130.23 -105.79 5.51
C ARG BB 103 -129.79 -106.18 4.11
N ALA BB 104 -130.53 -105.71 3.10
CA ALA BB 104 -130.24 -106.07 1.72
C ALA BB 104 -130.86 -105.03 0.78
N GLY BB 105 -130.71 -105.25 -0.53
CA GLY BB 105 -131.09 -104.26 -1.53
C GLY BB 105 -132.16 -104.65 -2.53
N TYR BB 106 -132.21 -105.92 -2.94
CA TYR BB 106 -133.35 -106.51 -3.65
C TYR BB 106 -133.60 -105.80 -5.00
N THR BB 107 -132.74 -106.10 -5.97
CA THR BB 107 -133.06 -105.80 -7.36
C THR BB 107 -134.20 -106.70 -7.83
N ILE BB 108 -135.30 -106.10 -8.28
CA ILE BB 108 -136.52 -106.82 -8.60
C ILE BB 108 -136.82 -106.65 -10.07
N HIS BB 109 -136.64 -107.73 -10.85
CA HIS BB 109 -137.05 -107.75 -12.25
C HIS BB 109 -138.47 -108.31 -12.34
N VAL BB 110 -139.30 -107.69 -13.17
CA VAL BB 110 -140.67 -108.13 -13.40
C VAL BB 110 -140.90 -108.15 -14.91
N GLN BB 111 -140.79 -109.34 -15.51
CA GLN BB 111 -141.18 -109.52 -16.90
C GLN BB 111 -142.66 -109.87 -17.00
N CYS BB 112 -143.18 -109.81 -18.22
CA CYS BB 112 -144.56 -110.15 -18.49
C CYS BB 112 -144.75 -111.04 -19.71
N ASN BB 113 -143.77 -111.09 -20.63
CA ASN BB 113 -143.73 -111.92 -21.82
C ASN BB 113 -145.11 -112.22 -22.41
N ALA BB 114 -145.92 -111.18 -22.59
CA ALA BB 114 -147.18 -111.31 -23.30
C ALA BB 114 -146.91 -111.32 -24.81
N SER BB 115 -147.97 -111.39 -25.59
CA SER BB 115 -147.83 -111.39 -27.04
C SER BB 115 -147.90 -109.95 -27.55
N LYS BB 116 -148.13 -109.80 -28.86
CA LYS BB 116 -148.25 -108.50 -29.49
C LYS BB 116 -149.71 -108.08 -29.61
N PHE BB 117 -150.65 -109.01 -29.46
CA PHE BB 117 -152.07 -108.73 -29.53
C PHE BB 117 -152.72 -108.58 -28.15
N HIS BB 118 -152.00 -108.90 -27.08
CA HIS BB 118 -152.48 -108.62 -25.74
C HIS BB 118 -152.31 -107.15 -25.41
N GLN BB 119 -153.20 -106.63 -24.57
CA GLN BB 119 -153.12 -105.25 -24.12
C GLN BB 119 -153.34 -105.20 -22.62
N GLY BB 120 -152.78 -104.19 -21.99
CA GLY BB 120 -152.90 -104.03 -20.55
C GLY BB 120 -151.82 -103.12 -20.02
N CYS BB 121 -151.87 -102.93 -18.71
CA CYS BB 121 -150.92 -102.05 -18.03
C CYS BB 121 -150.84 -102.44 -16.57
N LEU BB 122 -149.62 -102.44 -16.03
CA LEU BB 122 -149.35 -102.81 -14.65
C LEU BB 122 -148.67 -101.66 -13.92
N LEU BB 123 -148.94 -101.56 -12.62
CA LEU BB 123 -148.17 -100.73 -11.72
C LEU BB 123 -147.31 -101.64 -10.86
N VAL BB 124 -146.00 -101.55 -11.03
CA VAL BB 124 -145.04 -102.32 -10.24
C VAL BB 124 -144.42 -101.35 -9.24
N VAL BB 125 -144.86 -101.43 -7.98
CA VAL BB 125 -144.49 -100.48 -6.95
C VAL BB 125 -144.08 -101.27 -5.71
N CYS BB 126 -143.24 -100.66 -4.88
CA CYS BB 126 -142.56 -101.37 -3.81
C CYS BB 126 -143.03 -101.01 -2.41
N VAL BB 127 -143.47 -99.78 -2.18
CA VAL BB 127 -144.21 -99.39 -0.98
C VAL BB 127 -143.46 -99.81 0.29
N PRO BB 128 -142.44 -99.08 0.73
CA PRO BB 128 -141.81 -99.40 2.01
C PRO BB 128 -142.78 -99.16 3.16
N GLU BB 129 -142.75 -100.08 4.13
CA GLU BB 129 -143.59 -100.00 5.34
C GLU BB 129 -145.08 -99.96 5.01
N ALA BB 130 -145.54 -100.97 4.28
CA ALA BB 130 -146.96 -101.09 3.96
C ALA BB 130 -147.66 -101.77 5.12
N GLU BB 131 -148.11 -100.97 6.09
CA GLU BB 131 -148.92 -101.47 7.18
C GLU BB 131 -150.36 -101.58 6.70
N MET BB 132 -150.84 -102.81 6.56
CA MET BB 132 -152.15 -103.05 5.99
C MET BB 132 -153.21 -103.18 7.08
N GLY BB 133 -154.47 -102.99 6.69
CA GLY BB 133 -155.58 -102.93 7.61
C GLY BB 133 -156.44 -104.19 7.55
N CYS BB 134 -157.03 -104.53 8.69
CA CYS BB 134 -157.86 -105.72 8.77
C CYS BB 134 -159.18 -105.51 8.04
N ALA BB 135 -159.81 -106.61 7.65
CA ALA BB 135 -160.99 -106.55 6.79
C ALA BB 135 -162.21 -106.06 7.57
N ASP BB 136 -162.46 -106.64 8.75
CA ASP BB 136 -163.47 -106.13 9.66
C ASP BB 136 -162.75 -105.52 10.86
N THR BB 137 -162.76 -104.20 10.96
CA THR BB 137 -162.04 -103.51 12.02
C THR BB 137 -162.69 -103.77 13.37
N ASP BB 138 -161.93 -103.47 14.43
CA ASP BB 138 -162.07 -103.81 15.85
C ASP BB 138 -161.34 -105.11 16.21
N THR BB 139 -160.57 -105.67 15.27
CA THR BB 139 -159.85 -106.90 15.54
C THR BB 139 -158.61 -106.95 14.65
N THR BB 140 -157.80 -107.99 14.84
CA THR BB 140 -156.58 -108.22 14.09
C THR BB 140 -156.70 -109.47 13.24
N PHE BB 141 -155.65 -109.74 12.45
CA PHE BB 141 -155.58 -110.91 11.57
C PHE BB 141 -154.48 -111.87 12.03
N PRO BB 142 -154.61 -113.17 11.72
CA PRO BB 142 -153.73 -114.18 12.31
C PRO BB 142 -152.33 -114.29 11.71
N ALA BB 143 -151.81 -113.22 11.11
CA ALA BB 143 -150.39 -113.11 10.77
C ALA BB 143 -149.97 -114.01 9.61
N THR BB 144 -150.81 -114.99 9.26
CA THR BB 144 -150.60 -115.78 8.05
C THR BB 144 -151.42 -115.26 6.89
N GLU BB 145 -152.06 -114.10 7.06
CA GLU BB 145 -152.82 -113.45 6.01
C GLU BB 145 -152.03 -112.37 5.29
N LEU BB 146 -150.98 -111.84 5.92
CA LEU BB 146 -150.12 -110.90 5.22
C LEU BB 146 -149.21 -111.58 4.22
N THR BB 147 -148.69 -112.77 4.56
CA THR BB 147 -147.70 -113.40 3.72
C THR BB 147 -147.88 -114.91 3.69
N THR BB 148 -147.66 -115.49 2.51
CA THR BB 148 -147.56 -116.94 2.32
C THR BB 148 -146.25 -117.11 1.56
N GLU BB 149 -145.14 -116.90 2.27
CA GLU BB 149 -143.78 -116.84 1.75
C GLU BB 149 -143.68 -116.56 0.25
N ASP BB 150 -143.50 -117.62 -0.54
CA ASP BB 150 -143.30 -117.47 -1.97
C ASP BB 150 -144.56 -117.02 -2.69
N THR BB 151 -145.73 -117.58 -2.33
CA THR BB 151 -146.90 -117.30 -3.15
C THR BB 151 -147.49 -115.94 -2.79
N PRO BB 152 -148.08 -115.24 -3.77
CA PRO BB 152 -148.64 -113.91 -3.50
C PRO BB 152 -150.07 -113.96 -2.99
N HIS BB 153 -150.37 -113.06 -2.06
CA HIS BB 153 -151.76 -112.76 -1.72
C HIS BB 153 -152.34 -111.83 -2.78
N VAL BB 154 -153.47 -112.24 -3.36
CA VAL BB 154 -154.13 -111.40 -4.35
C VAL BB 154 -154.93 -110.31 -3.64
N PHE BB 155 -155.18 -109.23 -4.37
CA PHE BB 155 -156.17 -108.27 -3.93
C PHE BB 155 -157.56 -108.79 -4.25
N THR BB 156 -158.57 -107.99 -3.94
CA THR BB 156 -159.94 -108.30 -4.31
C THR BB 156 -160.53 -107.10 -5.05
N SER BB 157 -161.60 -107.35 -5.82
CA SER BB 157 -162.24 -106.30 -6.57
C SER BB 157 -163.22 -105.49 -5.73
N ASP BB 158 -163.75 -106.08 -4.66
CA ASP BB 158 -164.67 -105.37 -3.78
C ASP BB 158 -164.29 -105.59 -2.33
N SER BB 159 -165.13 -105.13 -1.41
CA SER BB 159 -164.84 -105.28 0.01
C SER BB 159 -165.07 -106.71 0.47
N ILE BB 160 -164.31 -107.12 1.49
CA ILE BB 160 -164.39 -108.45 2.05
C ILE BB 160 -164.46 -108.33 3.57
N THR BB 161 -164.94 -109.40 4.21
CA THR BB 161 -165.02 -109.47 5.66
C THR BB 161 -164.25 -110.69 6.16
N GLY BB 162 -164.14 -110.79 7.48
CA GLY BB 162 -163.36 -111.85 8.09
C GLY BB 162 -162.02 -111.36 8.60
N LYS BB 163 -161.38 -112.18 9.43
CA LYS BB 163 -160.13 -111.82 10.08
C LYS BB 163 -159.00 -112.00 9.08
N LYS BB 164 -158.89 -111.05 8.16
CA LYS BB 164 -157.83 -111.07 7.16
C LYS BB 164 -157.64 -109.64 6.66
N VAL BB 165 -156.74 -109.49 5.69
CA VAL BB 165 -156.36 -108.16 5.21
C VAL BB 165 -157.45 -107.62 4.30
N GLN BB 166 -157.80 -106.35 4.51
CA GLN BB 166 -158.73 -105.68 3.61
C GLN BB 166 -158.03 -105.48 2.27
N ALA BB 167 -158.18 -106.46 1.37
CA ALA BB 167 -157.43 -106.50 0.13
C ALA BB 167 -158.22 -105.98 -1.06
N ALA BB 168 -159.10 -105.02 -0.84
CA ALA BB 168 -159.81 -104.39 -1.93
C ALA BB 168 -158.91 -103.34 -2.60
N VAL BB 169 -158.77 -103.44 -3.92
CA VAL BB 169 -158.13 -102.35 -4.66
C VAL BB 169 -159.02 -101.12 -4.61
N CYS BB 170 -158.44 -99.98 -4.96
CA CYS BB 170 -158.83 -98.60 -4.71
C CYS BB 170 -158.48 -98.21 -3.28
N ASN BB 171 -158.15 -99.16 -2.41
CA ASN BB 171 -157.70 -98.92 -1.06
C ASN BB 171 -156.68 -99.99 -0.69
N ALA BB 172 -155.60 -100.07 -1.49
CA ALA BB 172 -154.79 -101.26 -1.69
C ALA BB 172 -154.60 -102.09 -0.42
N GLY BB 173 -153.83 -101.57 0.53
CA GLY BB 173 -153.78 -102.15 1.85
C GLY BB 173 -153.90 -101.13 2.97
N MET BB 174 -153.50 -99.89 2.68
CA MET BB 174 -153.18 -98.91 3.70
C MET BB 174 -154.25 -97.86 3.90
N GLY BB 175 -155.35 -97.93 3.14
CA GLY BB 175 -156.37 -96.90 3.24
C GLY BB 175 -156.08 -95.66 2.41
N VAL BB 176 -155.18 -95.76 1.44
CA VAL BB 176 -154.88 -94.67 0.56
C VAL BB 176 -155.56 -94.93 -0.79
N GLY BB 177 -155.58 -93.92 -1.65
CA GLY BB 177 -156.05 -94.13 -3.00
C GLY BB 177 -155.02 -94.95 -3.78
N VAL BB 178 -155.52 -95.91 -4.56
CA VAL BB 178 -154.59 -96.78 -5.29
C VAL BB 178 -154.04 -96.09 -6.53
N GLY BB 179 -154.67 -95.02 -7.00
CA GLY BB 179 -154.15 -94.32 -8.16
C GLY BB 179 -152.90 -93.54 -7.83
N ASN BB 180 -152.90 -92.82 -6.72
CA ASN BB 180 -151.71 -92.08 -6.29
C ASN BB 180 -150.83 -92.94 -5.38
N LEU BB 181 -150.59 -94.17 -5.82
CA LEU BB 181 -149.58 -95.05 -5.23
C LEU BB 181 -148.27 -94.93 -5.97
N THR BB 182 -148.17 -93.95 -6.86
CA THR BB 182 -147.03 -93.72 -7.73
C THR BB 182 -145.92 -92.93 -7.03
N ILE BB 183 -146.16 -92.46 -5.80
CA ILE BB 183 -145.17 -91.71 -5.05
C ILE BB 183 -143.97 -92.59 -4.69
N PHE BB 184 -144.15 -93.90 -4.64
CA PHE BB 184 -143.09 -94.83 -4.26
C PHE BB 184 -142.23 -95.17 -5.46
N PRO BB 185 -141.13 -95.91 -5.27
CA PRO BB 185 -140.39 -96.44 -6.42
C PRO BB 185 -141.25 -97.36 -7.26
N HIS BB 186 -141.57 -96.93 -8.47
CA HIS BB 186 -142.55 -97.61 -9.30
C HIS BB 186 -142.01 -97.78 -10.72
N GLN BB 187 -142.75 -98.53 -11.52
CA GLN BB 187 -142.48 -98.69 -12.94
C GLN BB 187 -143.75 -99.19 -13.60
N TRP BB 188 -144.13 -98.57 -14.71
CA TRP BB 188 -145.29 -99.01 -15.47
C TRP BB 188 -144.86 -100.07 -16.47
N ILE BB 189 -145.66 -101.12 -16.59
CA ILE BB 189 -145.44 -102.11 -17.63
C ILE BB 189 -146.61 -102.04 -18.60
N ASN BB 190 -146.49 -101.21 -19.63
CA ASN BB 190 -147.50 -101.10 -20.67
C ASN BB 190 -147.16 -102.09 -21.78
N LEU BB 191 -148.03 -103.09 -21.96
CA LEU BB 191 -147.74 -104.15 -22.92
C LEU BB 191 -147.70 -103.63 -24.35
N ARG BB 192 -148.23 -102.44 -24.59
CA ARG BB 192 -148.08 -101.80 -25.89
C ARG BB 192 -146.62 -101.52 -26.19
N THR BB 193 -145.88 -100.99 -25.20
CA THR BB 193 -144.49 -100.58 -25.39
C THR BB 193 -143.51 -101.58 -24.82
N ASN BB 194 -143.54 -101.81 -23.51
CA ASN BB 194 -142.52 -102.59 -22.83
C ASN BB 194 -143.15 -103.79 -22.13
N ASN BB 195 -142.27 -104.64 -21.58
CA ASN BB 195 -142.69 -105.82 -20.85
C ASN BB 195 -141.95 -106.02 -19.53
N SER BB 196 -140.79 -105.38 -19.35
CA SER BB 196 -139.93 -105.63 -18.21
C SER BB 196 -139.85 -104.40 -17.32
N ALA BB 197 -139.71 -104.65 -16.02
CA ALA BB 197 -139.51 -103.61 -15.03
C ALA BB 197 -138.37 -104.05 -14.12
N THR BB 198 -137.65 -103.07 -13.58
CA THR BB 198 -136.58 -103.37 -12.63
C THR BB 198 -136.47 -102.22 -11.64
N ILE BB 199 -136.46 -102.57 -10.35
CA ILE BB 199 -136.49 -101.60 -9.26
C ILE BB 199 -135.41 -102.00 -8.26
N VAL BB 200 -134.69 -101.00 -7.75
CA VAL BB 200 -133.62 -101.22 -6.78
C VAL BB 200 -133.97 -100.43 -5.53
N ILE BB 201 -134.07 -101.12 -4.40
CA ILE BB 201 -134.66 -100.57 -3.19
C ILE BB 201 -133.60 -100.63 -2.09
N PRO BB 202 -132.95 -99.51 -1.77
CA PRO BB 202 -131.70 -99.52 -0.99
C PRO BB 202 -131.87 -99.61 0.52
N TYR BB 203 -132.72 -100.54 0.97
CA TYR BB 203 -132.93 -100.81 2.39
C TYR BB 203 -133.35 -99.55 3.15
N ILE BB 204 -134.64 -99.22 3.02
CA ILE BB 204 -135.22 -98.11 3.76
C ILE BB 204 -135.66 -98.61 5.14
N ASN BB 205 -135.03 -98.08 6.19
CA ASN BB 205 -135.41 -98.43 7.56
C ASN BB 205 -134.83 -97.38 8.50
N SER BB 206 -135.42 -97.29 9.70
CA SER BB 206 -135.02 -96.30 10.69
C SER BB 206 -133.91 -96.78 11.62
N VAL BB 207 -133.53 -98.05 11.53
CA VAL BB 207 -132.45 -98.63 12.34
C VAL BB 207 -131.52 -99.30 11.33
N PRO BB 208 -130.19 -99.29 11.56
CA PRO BB 208 -129.29 -99.81 10.50
C PRO BB 208 -129.50 -101.28 10.21
N MET BB 209 -129.87 -102.08 11.20
CA MET BB 209 -130.14 -103.50 11.00
C MET BB 209 -131.38 -103.90 11.79
N ASP BB 210 -132.19 -104.78 11.21
CA ASP BB 210 -133.39 -105.22 11.89
C ASP BB 210 -133.63 -106.69 11.60
N ASN BB 211 -134.45 -107.31 12.44
CA ASN BB 211 -134.76 -108.73 12.29
C ASN BB 211 -135.58 -108.96 11.03
N MET BB 212 -135.30 -110.05 10.34
CA MET BB 212 -135.89 -110.32 9.03
C MET BB 212 -137.19 -111.12 9.10
N PHE BB 213 -137.61 -111.54 10.29
CA PHE BB 213 -138.89 -112.20 10.43
C PHE BB 213 -139.97 -111.34 11.07
N ARG BB 214 -139.59 -110.41 11.94
CA ARG BB 214 -140.58 -109.51 12.52
C ARG BB 214 -141.02 -108.45 11.52
N HIS BB 215 -140.07 -107.83 10.83
CA HIS BB 215 -140.32 -106.59 10.09
C HIS BB 215 -140.28 -106.85 8.60
N TYR BB 216 -141.33 -106.40 7.90
CA TYR BB 216 -141.42 -106.48 6.45
C TYR BB 216 -140.96 -105.13 5.91
N ASN BB 217 -139.79 -105.09 5.29
CA ASN BB 217 -139.19 -103.81 4.94
C ASN BB 217 -139.97 -103.12 3.82
N PHE BB 218 -140.46 -103.87 2.84
CA PHE BB 218 -141.28 -103.28 1.79
C PHE BB 218 -142.24 -104.34 1.26
N THR BB 219 -143.19 -103.88 0.43
CA THR BB 219 -144.26 -104.73 -0.08
C THR BB 219 -144.36 -104.54 -1.60
N LEU BB 220 -143.73 -105.45 -2.35
CA LEU BB 220 -143.87 -105.43 -3.79
C LEU BB 220 -145.28 -105.80 -4.17
N MET BB 221 -146.05 -104.85 -4.68
CA MET BB 221 -147.42 -105.09 -5.13
C MET BB 221 -147.56 -104.69 -6.58
N ILE BB 222 -148.11 -105.59 -7.38
CA ILE BB 222 -148.31 -105.40 -8.82
C ILE BB 222 -149.80 -105.27 -9.06
N ILE BB 223 -150.23 -104.12 -9.58
CA ILE BB 223 -151.64 -103.78 -9.65
C ILE BB 223 -151.99 -103.47 -11.10
N PRO BB 224 -152.88 -104.23 -11.75
CA PRO BB 224 -153.29 -103.94 -13.13
C PRO BB 224 -154.29 -102.78 -13.16
N PHE BB 225 -153.83 -101.63 -13.66
CA PHE BB 225 -154.73 -100.51 -13.88
C PHE BB 225 -155.61 -100.74 -15.10
N ALA BB 226 -155.01 -100.80 -16.27
CA ALA BB 226 -155.81 -101.18 -17.42
C ALA BB 226 -155.89 -102.69 -17.49
N PRO BB 227 -157.08 -103.27 -17.55
CA PRO BB 227 -157.20 -104.73 -17.46
C PRO BB 227 -156.70 -105.41 -18.73
N LEU BB 228 -156.33 -106.67 -18.57
CA LEU BB 228 -155.91 -107.47 -19.71
C LEU BB 228 -157.08 -107.67 -20.67
N ASN BB 229 -156.80 -107.63 -21.96
CA ASN BB 229 -157.83 -107.91 -22.94
C ASN BB 229 -157.21 -108.59 -24.15
N PHE BB 230 -158.00 -109.41 -24.82
CA PHE BB 230 -157.57 -110.20 -25.96
C PHE BB 230 -158.82 -110.77 -26.61
N THR BB 231 -158.63 -111.46 -27.73
CA THR BB 231 -159.72 -112.09 -28.45
C THR BB 231 -159.73 -113.59 -28.19
N ASP BB 232 -160.64 -114.30 -28.86
CA ASP BB 232 -160.96 -115.68 -28.53
C ASP BB 232 -159.93 -116.67 -29.06
N GLY BB 233 -158.79 -116.22 -29.56
CA GLY BB 233 -157.77 -117.13 -30.03
C GLY BB 233 -156.50 -117.13 -29.20
N ALA BB 234 -156.26 -116.05 -28.46
CA ALA BB 234 -155.03 -115.94 -27.70
C ALA BB 234 -155.10 -116.78 -26.43
N THR BB 235 -153.97 -116.85 -25.73
CA THR BB 235 -153.95 -117.53 -24.44
C THR BB 235 -154.67 -116.68 -23.40
N ALA BB 236 -155.45 -117.34 -22.55
CA ALA BB 236 -156.37 -116.65 -21.65
C ALA BB 236 -155.68 -115.99 -20.46
N TYR BB 237 -154.35 -115.85 -20.50
CA TYR BB 237 -153.61 -115.30 -19.38
C TYR BB 237 -152.27 -114.77 -19.89
N VAL BB 238 -151.60 -114.03 -19.02
CA VAL BB 238 -150.25 -113.52 -19.27
C VAL BB 238 -149.41 -113.76 -18.03
N PRO BB 239 -148.41 -114.64 -18.09
CA PRO BB 239 -147.64 -115.00 -16.88
C PRO BB 239 -146.65 -113.90 -16.53
N ILE BB 240 -146.74 -113.42 -15.29
CA ILE BB 240 -145.87 -112.37 -14.77
C ILE BB 240 -144.76 -113.04 -13.97
N THR BB 241 -143.51 -112.78 -14.33
CA THR BB 241 -142.36 -113.44 -13.73
C THR BB 241 -141.62 -112.45 -12.84
N VAL BB 242 -141.42 -112.83 -11.57
CA VAL BB 242 -140.79 -111.97 -10.57
C VAL BB 242 -139.45 -112.58 -10.18
N THR BB 243 -138.40 -111.75 -10.17
CA THR BB 243 -137.05 -112.19 -9.89
C THR BB 243 -136.40 -111.19 -8.95
N ILE BB 244 -135.87 -111.66 -7.83
CA ILE BB 244 -135.31 -110.81 -6.79
C ILE BB 244 -133.85 -111.20 -6.57
N ALA BB 245 -132.97 -110.21 -6.59
CA ALA BB 245 -131.55 -110.42 -6.30
C ALA BB 245 -131.16 -109.64 -5.05
N PRO BB 246 -130.99 -110.29 -3.90
CA PRO BB 246 -130.60 -109.57 -2.68
C PRO BB 246 -129.19 -109.03 -2.75
N MET BB 247 -129.04 -107.71 -2.89
CA MET BB 247 -127.73 -107.10 -3.06
C MET BB 247 -127.24 -106.51 -1.75
N TYR BB 248 -125.93 -106.60 -1.53
CA TYR BB 248 -125.26 -106.00 -0.38
C TYR BB 248 -125.89 -106.45 0.93
N ALA BB 249 -126.21 -107.74 0.99
CA ALA BB 249 -126.78 -108.32 2.20
C ALA BB 249 -125.67 -108.46 3.23
N GLU BB 250 -125.88 -107.91 4.42
CA GLU BB 250 -124.94 -108.10 5.51
C GLU BB 250 -125.70 -108.35 6.80
N TYR BB 251 -125.05 -109.07 7.70
CA TYR BB 251 -125.69 -109.69 8.85
C TYR BB 251 -124.88 -109.32 10.09
N ASN BB 252 -125.26 -109.85 11.24
CA ASN BB 252 -124.46 -109.61 12.43
C ASN BB 252 -123.30 -110.59 12.49
N GLY BB 253 -122.43 -110.38 13.47
CA GLY BB 253 -121.29 -111.26 13.66
C GLY BB 253 -121.63 -112.37 14.65
N LEU BB 254 -121.09 -113.56 14.38
CA LEU BB 254 -121.29 -114.70 15.26
C LEU BB 254 -120.05 -115.06 16.05
N ARG BB 255 -118.88 -114.57 15.63
CA ARG BB 255 -117.62 -114.83 16.29
C ARG BB 255 -117.45 -113.92 17.50
N LEU BB 256 -116.52 -114.31 18.37
CA LEU BB 256 -116.15 -113.46 19.49
C LEU BB 256 -115.24 -112.34 19.02
N ALA BB 257 -115.00 -111.38 19.90
CA ALA BB 257 -114.09 -110.28 19.59
C ALA BB 257 -112.85 -110.34 20.48
N GLY CB 1 -130.35 -53.89 38.84
CA GLY CB 1 -129.62 -54.29 37.65
C GLY CB 1 -130.06 -53.55 36.39
N VAL CB 2 -130.34 -54.30 35.33
CA VAL CB 2 -130.72 -53.71 34.05
C VAL CB 2 -132.17 -53.26 34.11
N PRO CB 3 -132.47 -51.99 33.90
CA PRO CB 3 -133.86 -51.55 33.91
C PRO CB 3 -134.60 -52.02 32.68
N VAL CB 4 -135.53 -52.96 32.85
CA VAL CB 4 -136.35 -53.46 31.77
C VAL CB 4 -137.78 -53.03 32.02
N LEU CB 5 -138.58 -53.04 30.95
CA LEU CB 5 -140.02 -52.78 31.08
C LEU CB 5 -140.77 -53.71 30.14
N ASN CB 6 -141.77 -54.40 30.69
CA ASN CB 6 -142.53 -55.36 29.91
C ASN CB 6 -143.49 -54.66 28.95
N THR CB 7 -143.43 -55.04 27.69
CA THR CB 7 -144.29 -54.50 26.66
C THR CB 7 -145.64 -55.19 26.72
N PRO CB 8 -146.65 -54.67 26.02
CA PRO CB 8 -147.85 -55.48 25.78
C PRO CB 8 -147.50 -56.73 25.00
N GLY CB 9 -148.03 -57.86 25.45
CA GLY CB 9 -147.65 -59.15 24.90
C GLY CB 9 -146.72 -59.95 25.76
N SER CB 10 -146.43 -59.50 26.98
CA SER CB 10 -145.65 -60.28 27.92
C SER CB 10 -146.55 -61.23 28.68
N ASN CB 11 -146.00 -62.39 29.05
CA ASN CB 11 -146.72 -63.41 29.82
C ASN CB 11 -147.97 -63.88 29.09
N GLN CB 12 -147.96 -63.84 27.77
CA GLN CB 12 -149.03 -64.42 26.97
C GLN CB 12 -148.51 -65.66 26.27
N PHE CB 13 -149.44 -66.41 25.70
CA PHE CB 13 -149.09 -67.62 24.96
C PHE CB 13 -149.66 -67.48 23.55
N LEU CB 14 -148.86 -66.91 22.65
CA LEU CB 14 -149.16 -66.95 21.23
C LEU CB 14 -148.86 -68.35 20.70
N THR CB 15 -149.84 -68.94 20.01
CA THR CB 15 -149.71 -70.32 19.57
C THR CB 15 -148.58 -70.46 18.56
N SER CB 16 -148.45 -69.49 17.65
CA SER CB 16 -147.44 -69.51 16.61
C SER CB 16 -146.29 -68.58 17.00
N ASP CB 17 -145.39 -69.10 17.83
CA ASP CB 17 -144.15 -68.41 18.17
C ASP CB 17 -142.99 -69.37 17.99
N ASP CB 18 -141.78 -68.80 17.98
CA ASP CB 18 -140.55 -69.56 17.73
C ASP CB 18 -139.51 -69.24 18.79
N TYR CB 19 -139.91 -69.35 20.05
CA TYR CB 19 -139.03 -69.02 21.16
C TYR CB 19 -138.22 -70.24 21.58
N GLN CB 20 -137.15 -69.97 22.33
CA GLN CB 20 -136.24 -71.03 22.79
C GLN CB 20 -136.88 -71.75 23.95
N SER CB 21 -137.38 -72.96 23.70
CA SER CB 21 -138.02 -73.73 24.76
C SER CB 21 -136.95 -74.30 25.70
N PRO CB 22 -137.12 -74.17 27.01
CA PRO CB 22 -136.15 -74.75 27.94
C PRO CB 22 -136.24 -76.28 27.90
N SER CB 23 -135.12 -76.93 27.59
CA SER CB 23 -135.12 -78.37 27.35
C SER CB 23 -135.25 -79.11 28.68
N ALA CB 24 -136.13 -80.11 28.71
CA ALA CB 24 -136.37 -80.85 29.93
C ALA CB 24 -135.27 -81.85 30.24
N MET CB 25 -134.58 -82.34 29.22
CA MET CB 25 -133.54 -83.34 29.39
C MET CB 25 -132.25 -82.78 28.83
N PRO CB 26 -131.52 -81.95 29.60
CA PRO CB 26 -130.34 -81.27 29.05
C PRO CB 26 -129.13 -82.19 28.98
N GLN CB 27 -129.01 -83.07 29.97
CA GLN CB 27 -127.91 -84.02 29.98
C GLN CB 27 -128.03 -84.98 28.80
N PHE CB 28 -129.27 -85.31 28.43
CA PHE CB 28 -129.56 -86.31 27.42
C PHE CB 28 -128.98 -85.91 26.06
N ASP CB 29 -128.20 -86.82 25.47
CA ASP CB 29 -127.65 -86.62 24.12
C ASP CB 29 -128.36 -87.57 23.16
N GLU CB 30 -129.02 -86.99 22.16
CA GLU CB 30 -129.88 -87.73 21.24
C GLU CB 30 -129.09 -88.60 20.27
N THR CB 31 -129.79 -89.56 19.67
CA THR CB 31 -129.18 -90.55 18.79
C THR CB 31 -128.60 -89.89 17.54
N PRO CB 32 -127.41 -90.31 17.09
CA PRO CB 32 -126.84 -89.72 15.87
C PRO CB 32 -127.68 -90.02 14.66
N GLU CB 33 -127.73 -89.05 13.74
CA GLU CB 33 -128.57 -89.13 12.55
C GLU CB 33 -127.85 -89.95 11.48
N MET CB 34 -128.39 -91.12 11.15
CA MET CB 34 -127.89 -91.86 10.02
C MET CB 34 -128.54 -91.33 8.74
N HIS CB 35 -127.97 -91.72 7.60
CA HIS CB 35 -128.55 -91.36 6.32
C HIS CB 35 -129.64 -92.35 5.96
N ILE CB 36 -130.88 -91.88 5.88
CA ILE CB 36 -132.02 -92.69 5.46
C ILE CB 36 -132.41 -92.26 4.06
N PRO CB 37 -132.61 -93.19 3.13
CA PRO CB 37 -132.89 -92.81 1.73
C PRO CB 37 -134.24 -92.13 1.59
N GLY CB 38 -134.31 -91.15 0.70
CA GLY CB 38 -135.57 -90.54 0.33
C GLY CB 38 -136.03 -89.44 1.27
N GLU CB 39 -135.21 -88.42 1.44
CA GLU CB 39 -135.58 -87.31 2.31
C GLU CB 39 -136.46 -86.32 1.57
N VAL CB 40 -137.49 -85.82 2.26
CA VAL CB 40 -138.32 -84.75 1.77
C VAL CB 40 -137.89 -83.46 2.46
N ARG CB 41 -137.61 -82.44 1.67
CA ARG CB 41 -137.19 -81.14 2.19
C ARG CB 41 -138.18 -80.05 1.82
N ASN CB 42 -139.26 -80.39 1.12
CA ASN CB 42 -140.24 -79.44 0.62
C ASN CB 42 -141.47 -80.23 0.17
N LEU CB 43 -142.65 -79.73 0.52
CA LEU CB 43 -143.88 -80.46 0.20
C LEU CB 43 -144.11 -80.54 -1.31
N MET CB 44 -143.76 -79.49 -2.04
CA MET CB 44 -143.99 -79.48 -3.49
C MET CB 44 -143.12 -80.49 -4.23
N GLU CB 45 -142.31 -81.28 -3.53
CA GLU CB 45 -141.69 -82.44 -4.13
C GLU CB 45 -142.64 -83.62 -4.23
N ILE CB 46 -143.76 -83.57 -3.50
CA ILE CB 46 -144.80 -84.59 -3.63
C ILE CB 46 -145.73 -84.27 -4.79
N ALA CB 47 -146.01 -82.97 -5.01
CA ALA CB 47 -146.88 -82.56 -6.09
C ALA CB 47 -146.28 -82.81 -7.46
N GLU CB 48 -144.95 -82.88 -7.56
CA GLU CB 48 -144.29 -83.07 -8.84
C GLU CB 48 -144.27 -84.54 -9.28
N VAL CB 49 -144.82 -85.45 -8.48
CA VAL CB 49 -144.88 -86.86 -8.84
C VAL CB 49 -146.19 -87.13 -9.59
N ASP CB 50 -146.07 -87.75 -10.76
CA ASP CB 50 -147.25 -88.15 -11.51
C ASP CB 50 -148.06 -89.18 -10.73
N SER CB 51 -149.37 -89.15 -10.90
CA SER CB 51 -150.25 -90.12 -10.28
C SER CB 51 -151.53 -90.20 -11.09
N VAL CB 52 -152.17 -91.36 -11.05
CA VAL CB 52 -153.27 -91.66 -11.96
C VAL CB 52 -154.51 -90.89 -11.53
N VAL CB 53 -155.20 -90.32 -12.49
CA VAL CB 53 -156.32 -89.39 -12.26
C VAL CB 53 -157.61 -90.13 -12.57
N PRO CB 54 -158.54 -90.25 -11.62
CA PRO CB 54 -159.82 -90.96 -11.88
C PRO CB 54 -160.78 -90.12 -12.72
N VAL CB 55 -160.60 -90.19 -14.04
CA VAL CB 55 -161.44 -89.41 -14.94
C VAL CB 55 -162.82 -90.05 -15.07
N ASN CB 56 -162.89 -91.38 -15.08
CA ASN CB 56 -164.16 -92.10 -15.23
C ASN CB 56 -164.78 -92.36 -13.85
N ASN CB 57 -164.97 -91.29 -13.09
CA ASN CB 57 -165.54 -91.39 -11.75
C ASN CB 57 -167.06 -91.21 -11.76
N VAL CB 58 -167.75 -91.99 -12.60
CA VAL CB 58 -169.20 -91.92 -12.69
C VAL CB 58 -169.81 -92.64 -11.50
N THR CB 59 -171.14 -92.55 -11.38
CA THR CB 59 -171.83 -92.79 -10.11
C THR CB 59 -171.62 -94.20 -9.55
N GLY CB 60 -171.24 -95.16 -10.38
CA GLY CB 60 -171.12 -96.53 -9.89
C GLY CB 60 -169.75 -97.15 -10.05
N LYS CB 61 -168.76 -96.33 -10.40
CA LYS CB 61 -167.45 -96.84 -10.78
C LYS CB 61 -166.34 -96.12 -10.01
N THR CB 62 -166.61 -95.75 -8.76
CA THR CB 62 -165.64 -95.04 -7.94
C THR CB 62 -165.04 -95.88 -6.82
N LYS CB 63 -165.65 -96.99 -6.46
CA LYS CB 63 -165.07 -97.90 -5.47
C LYS CB 63 -164.32 -99.05 -6.10
N SER CB 64 -164.24 -99.09 -7.43
CA SER CB 64 -163.42 -100.04 -8.17
C SER CB 64 -162.31 -99.27 -8.89
N MET CB 65 -161.46 -100.02 -9.59
CA MET CB 65 -160.42 -99.42 -10.40
C MET CB 65 -160.88 -99.14 -11.83
N ASP CB 66 -162.18 -99.10 -12.05
CA ASP CB 66 -162.72 -98.60 -13.31
C ASP CB 66 -162.83 -97.07 -13.32
N ALA CB 67 -162.51 -96.42 -12.19
CA ALA CB 67 -162.49 -94.97 -12.15
C ALA CB 67 -161.33 -94.40 -12.94
N TYR CB 68 -160.21 -95.13 -13.02
CA TYR CB 68 -159.00 -94.64 -13.63
C TYR CB 68 -158.96 -94.89 -15.14
N GLN CB 69 -159.89 -95.67 -15.67
CA GLN CB 69 -159.82 -96.16 -17.04
C GLN CB 69 -160.79 -95.36 -17.91
N ILE CB 70 -160.27 -94.73 -18.95
CA ILE CB 70 -161.07 -93.98 -19.92
C ILE CB 70 -161.38 -94.92 -21.07
N PRO CB 71 -162.63 -95.34 -21.27
CA PRO CB 71 -162.92 -96.31 -22.32
C PRO CB 71 -162.86 -95.65 -23.70
N VAL CB 72 -162.10 -96.29 -24.60
CA VAL CB 72 -161.94 -95.81 -25.97
C VAL CB 72 -162.28 -96.97 -26.90
N GLY CB 73 -163.31 -96.79 -27.72
CA GLY CB 73 -163.76 -97.85 -28.62
C GLY CB 73 -164.83 -98.73 -27.99
N ASP CB 78 -169.79 -93.60 -31.71
CA ASP CB 78 -170.30 -92.23 -31.70
C ASP CB 78 -169.17 -91.22 -31.66
N LYS CB 79 -169.00 -90.47 -32.74
CA LYS CB 79 -167.96 -89.46 -32.86
C LYS CB 79 -168.48 -88.05 -32.61
N THR CB 80 -169.73 -87.91 -32.18
CA THR CB 80 -170.34 -86.60 -32.00
C THR CB 80 -170.22 -86.06 -30.58
N LYS CB 81 -169.99 -86.91 -29.60
CA LYS CB 81 -169.81 -86.47 -28.22
C LYS CB 81 -168.41 -86.82 -27.75
N PRO CB 82 -167.80 -85.98 -26.92
CA PRO CB 82 -166.40 -86.19 -26.55
C PRO CB 82 -166.21 -87.43 -25.68
N ILE CB 83 -164.96 -87.91 -25.64
CA ILE CB 83 -164.65 -89.08 -24.84
C ILE CB 83 -164.74 -88.75 -23.36
N PHE CB 84 -164.03 -87.71 -22.94
CA PHE CB 84 -164.10 -87.25 -21.56
C PHE CB 84 -163.90 -85.74 -21.54
N SER CB 85 -164.19 -85.14 -20.38
CA SER CB 85 -164.12 -83.70 -20.20
C SER CB 85 -164.18 -83.40 -18.71
N PHE CB 86 -163.31 -82.50 -18.23
CA PHE CB 86 -163.34 -82.15 -16.82
C PHE CB 86 -162.74 -80.77 -16.60
N GLN CB 87 -163.18 -80.13 -15.51
CA GLN CB 87 -162.58 -78.87 -15.06
C GLN CB 87 -161.09 -79.05 -14.81
N MET CB 88 -160.32 -78.02 -15.14
CA MET CB 88 -158.87 -78.05 -14.94
C MET CB 88 -158.55 -77.17 -13.73
N ASP CB 89 -158.85 -77.69 -12.54
CA ASP CB 89 -158.44 -77.07 -11.29
C ASP CB 89 -158.34 -78.11 -10.19
N PRO CB 90 -157.15 -78.29 -9.59
CA PRO CB 90 -156.98 -79.38 -8.61
C PRO CB 90 -157.76 -79.20 -7.33
N GLY CB 91 -158.33 -78.02 -7.08
CA GLY CB 91 -159.25 -77.81 -5.97
C GLY CB 91 -160.67 -77.71 -6.49
N TYR CB 92 -161.62 -78.19 -5.69
CA TYR CB 92 -163.05 -78.09 -5.99
C TYR CB 92 -163.39 -78.74 -7.34
N SER CB 93 -162.68 -79.80 -7.69
CA SER CB 93 -162.98 -80.57 -8.90
C SER CB 93 -162.91 -82.05 -8.56
N SER CB 94 -163.98 -82.79 -8.88
CA SER CB 94 -164.08 -84.18 -8.44
C SER CB 94 -162.99 -85.04 -9.06
N VAL CB 95 -162.48 -84.66 -10.22
CA VAL CB 95 -161.50 -85.49 -10.91
C VAL CB 95 -160.10 -85.28 -10.35
N LEU CB 96 -159.74 -84.04 -10.03
CA LEU CB 96 -158.35 -83.69 -9.68
C LEU CB 96 -158.18 -83.32 -8.21
N LYS CB 97 -159.15 -83.65 -7.34
CA LYS CB 97 -159.06 -83.21 -5.95
C LYS CB 97 -158.41 -84.24 -5.04
N ARG CB 98 -158.33 -85.50 -5.44
CA ARG CB 98 -157.70 -86.53 -4.62
C ARG CB 98 -156.41 -87.04 -5.25
N THR CB 99 -155.91 -86.34 -6.26
CA THR CB 99 -154.59 -86.58 -6.82
C THR CB 99 -153.53 -86.12 -5.82
N LEU CB 100 -152.30 -86.65 -5.96
CA LEU CB 100 -151.19 -86.13 -5.18
C LEU CB 100 -151.01 -84.64 -5.40
N LEU CB 101 -151.21 -84.18 -6.64
CA LEU CB 101 -151.26 -82.75 -6.89
C LEU CB 101 -152.42 -82.11 -6.15
N GLY CB 102 -153.63 -82.63 -6.35
CA GLY CB 102 -154.81 -82.00 -5.79
C GLY CB 102 -154.99 -82.17 -4.31
N GLU CB 103 -154.19 -83.04 -3.67
CA GLU CB 103 -154.32 -83.27 -2.25
C GLU CB 103 -153.31 -82.49 -1.42
N MET CB 104 -152.15 -82.16 -2.00
CA MET CB 104 -151.22 -81.30 -1.31
C MET CB 104 -151.55 -79.83 -1.52
N LEU CB 105 -152.53 -79.54 -2.39
CA LEU CB 105 -153.05 -78.21 -2.63
C LEU CB 105 -154.28 -77.87 -1.80
N ASN CB 106 -154.91 -78.86 -1.15
CA ASN CB 106 -156.02 -78.57 -0.25
C ASN CB 106 -155.56 -78.22 1.16
N TYR CB 107 -154.26 -78.36 1.43
CA TYR CB 107 -153.67 -77.83 2.66
C TYR CB 107 -153.41 -76.34 2.59
N TYR CB 108 -153.74 -75.69 1.47
CA TYR CB 108 -153.37 -74.30 1.28
C TYR CB 108 -154.52 -73.55 0.63
N ALA CB 109 -154.59 -72.26 0.92
CA ALA CB 109 -155.63 -71.39 0.38
C ALA CB 109 -155.20 -70.65 -0.87
N HIS CB 110 -153.97 -70.14 -0.92
CA HIS CB 110 -153.46 -69.44 -2.08
C HIS CB 110 -152.43 -70.34 -2.77
N TRP CB 111 -152.73 -70.76 -4.00
CA TRP CB 111 -151.76 -71.50 -4.79
C TRP CB 111 -151.90 -71.10 -6.25
N SER CB 112 -150.79 -71.13 -6.97
CA SER CB 112 -150.76 -70.70 -8.37
C SER CB 112 -149.59 -71.37 -9.07
N GLY CB 113 -149.85 -71.88 -10.26
CA GLY CB 113 -148.81 -72.54 -11.03
C GLY CB 113 -149.42 -73.23 -12.23
N SER CB 114 -148.62 -74.10 -12.84
CA SER CB 114 -149.05 -74.87 -13.98
C SER CB 114 -149.10 -76.36 -13.62
N VAL CB 115 -149.73 -77.12 -14.51
CA VAL CB 115 -150.01 -78.53 -14.28
C VAL CB 115 -149.90 -79.27 -15.60
N LYS CB 116 -149.14 -80.35 -15.61
CA LYS CB 116 -148.92 -81.15 -16.81
C LYS CB 116 -149.75 -82.43 -16.73
N LEU CB 117 -150.23 -82.88 -17.88
CA LEU CB 117 -151.08 -84.05 -17.97
C LEU CB 117 -150.48 -85.02 -18.97
N THR CB 118 -150.37 -86.29 -18.58
CA THR CB 118 -149.86 -87.34 -19.45
C THR CB 118 -150.98 -88.33 -19.73
N PHE CB 119 -151.21 -88.61 -21.01
CA PHE CB 119 -152.25 -89.55 -21.44
C PHE CB 119 -151.56 -90.81 -21.96
N LEU CB 120 -151.53 -91.83 -21.12
CA LEU CB 120 -150.94 -93.12 -21.48
C LEU CB 120 -152.02 -94.00 -22.11
N PHE CB 121 -151.84 -94.31 -23.39
CA PHE CB 121 -152.77 -95.20 -24.10
C PHE CB 121 -152.43 -96.64 -23.76
N CYS CB 122 -153.33 -97.32 -23.05
CA CYS CB 122 -153.11 -98.69 -22.60
C CYS CB 122 -153.84 -99.71 -23.46
N GLY CB 123 -153.84 -99.50 -24.77
CA GLY CB 123 -154.43 -100.45 -25.71
C GLY CB 123 -153.39 -101.40 -26.27
N SER CB 124 -153.75 -102.05 -27.37
CA SER CB 124 -152.87 -103.04 -27.97
C SER CB 124 -151.71 -102.35 -28.67
N ALA CB 125 -150.71 -103.15 -29.04
CA ALA CB 125 -149.60 -102.64 -29.83
C ALA CB 125 -149.93 -102.60 -31.32
N MET CB 126 -151.12 -103.04 -31.70
CA MET CB 126 -151.57 -103.02 -33.08
C MET CB 126 -152.72 -102.06 -33.34
N ALA CB 127 -153.35 -101.55 -32.28
CA ALA CB 127 -154.46 -100.62 -32.44
C ALA CB 127 -153.93 -99.25 -32.84
N THR CB 128 -154.61 -98.61 -33.79
CA THR CB 128 -154.14 -97.35 -34.35
C THR CB 128 -155.33 -96.42 -34.56
N GLY CB 129 -155.20 -95.19 -34.09
CA GLY CB 129 -156.24 -94.19 -34.27
C GLY CB 129 -155.70 -92.83 -33.89
N LYS CB 130 -156.59 -91.84 -33.97
CA LYS CB 130 -156.24 -90.48 -33.59
C LYS CB 130 -157.25 -89.93 -32.59
N LEU CB 131 -156.74 -89.19 -31.62
CA LEU CB 131 -157.53 -88.51 -30.62
C LEU CB 131 -157.13 -87.04 -30.62
N LEU CB 132 -158.11 -86.16 -30.44
CA LEU CB 132 -157.90 -84.71 -30.50
C LEU CB 132 -158.15 -84.13 -29.12
N ILE CB 133 -157.10 -83.69 -28.45
CA ILE CB 133 -157.15 -83.23 -27.08
C ILE CB 133 -157.18 -81.71 -27.10
N SER CB 134 -158.34 -81.14 -26.80
CA SER CB 134 -158.55 -79.70 -26.87
C SER CB 134 -158.48 -79.09 -25.49
N TYR CB 135 -158.02 -77.84 -25.42
CA TYR CB 135 -157.89 -77.10 -24.19
C TYR CB 135 -158.67 -75.79 -24.28
N SER CB 136 -159.56 -75.56 -23.33
CA SER CB 136 -160.21 -74.27 -23.39
C SER CB 136 -159.63 -73.33 -22.34
N PRO CB 137 -159.43 -72.06 -22.69
CA PRO CB 137 -158.96 -71.08 -21.72
C PRO CB 137 -159.97 -70.90 -20.60
N PRO CB 138 -159.56 -70.36 -19.45
CA PRO CB 138 -160.45 -70.36 -18.28
C PRO CB 138 -161.73 -69.55 -18.46
N GLY CB 139 -161.77 -68.62 -19.41
CA GLY CB 139 -162.99 -67.84 -19.63
C GLY CB 139 -163.87 -68.43 -20.70
N ALA CB 140 -163.29 -69.21 -21.61
CA ALA CB 140 -164.01 -69.65 -22.80
C ALA CB 140 -165.00 -70.75 -22.46
N SER CB 141 -165.94 -70.97 -23.38
CA SER CB 141 -166.91 -72.04 -23.26
C SER CB 141 -166.37 -73.31 -23.91
N VAL CB 142 -166.94 -74.44 -23.51
CA VAL CB 142 -166.47 -75.74 -23.99
C VAL CB 142 -166.83 -75.88 -25.47
N PRO CB 143 -166.05 -76.62 -26.25
CA PRO CB 143 -166.46 -76.91 -27.62
C PRO CB 143 -167.59 -77.93 -27.62
N THR CB 144 -168.65 -77.63 -28.37
CA THR CB 144 -169.78 -78.54 -28.48
C THR CB 144 -169.61 -79.56 -29.59
N SER CB 145 -168.68 -79.33 -30.52
CA SER CB 145 -168.43 -80.21 -31.64
C SER CB 145 -166.94 -80.44 -31.77
N ARG CB 146 -166.57 -81.37 -32.65
CA ARG CB 146 -165.15 -81.64 -32.86
C ARG CB 146 -164.49 -80.54 -33.67
N LYS CB 147 -165.21 -79.96 -34.64
CA LYS CB 147 -164.64 -78.89 -35.44
C LYS CB 147 -164.36 -77.65 -34.60
N ASP CB 148 -165.28 -77.31 -33.70
CA ASP CB 148 -165.08 -76.15 -32.83
C ASP CB 148 -163.96 -76.37 -31.83
N ALA CB 149 -163.67 -77.63 -31.48
CA ALA CB 149 -162.49 -77.93 -30.70
C ALA CB 149 -161.22 -77.86 -31.53
N MET CB 150 -161.31 -78.14 -32.84
CA MET CB 150 -160.14 -78.08 -33.70
C MET CB 150 -159.72 -76.63 -33.95
N LEU CB 151 -160.67 -75.70 -33.94
CA LEU CB 151 -160.36 -74.30 -34.21
C LEU CB 151 -159.72 -73.61 -33.02
N GLY CB 152 -159.78 -74.20 -31.83
CA GLY CB 152 -159.10 -73.66 -30.67
C GLY CB 152 -157.72 -74.27 -30.49
N THR CB 153 -157.33 -74.51 -29.25
CA THR CB 153 -156.06 -75.17 -28.95
C THR CB 153 -156.29 -76.67 -28.88
N HIS CB 154 -155.44 -77.44 -29.55
CA HIS CB 154 -155.59 -78.88 -29.58
C HIS CB 154 -154.26 -79.52 -29.93
N ILE CB 155 -154.20 -80.84 -29.81
CA ILE CB 155 -153.07 -81.64 -30.24
C ILE CB 155 -153.63 -82.95 -30.80
N VAL CB 156 -153.51 -83.15 -32.11
CA VAL CB 156 -154.01 -84.38 -32.74
C VAL CB 156 -153.00 -85.48 -32.41
N TRP CB 157 -153.34 -86.29 -31.41
CA TRP CB 157 -152.42 -87.25 -30.83
C TRP CB 157 -152.56 -88.60 -31.53
N ASP CB 158 -151.63 -88.88 -32.43
CA ASP CB 158 -151.61 -90.16 -33.14
C ASP CB 158 -151.19 -91.28 -32.19
N ILE CB 159 -152.08 -92.24 -32.00
CA ILE CB 159 -151.83 -93.33 -31.04
C ILE CB 159 -150.85 -94.33 -31.62
N GLY CB 160 -150.91 -94.59 -32.93
CA GLY CB 160 -150.07 -95.61 -33.52
C GLY CB 160 -148.60 -95.27 -33.54
N LEU CB 161 -148.25 -94.00 -33.45
CA LEU CB 161 -146.85 -93.57 -33.43
C LEU CB 161 -146.33 -93.48 -32.00
N GLN CB 162 -146.90 -92.57 -31.21
CA GLN CB 162 -146.57 -92.42 -29.80
C GLN CB 162 -147.76 -92.83 -28.95
N SER CB 163 -147.47 -93.36 -27.77
CA SER CB 163 -148.50 -93.87 -26.87
C SER CB 163 -148.62 -93.04 -25.60
N SER CB 164 -148.04 -91.84 -25.57
CA SER CB 164 -148.06 -91.01 -24.37
C SER CB 164 -147.88 -89.55 -24.80
N CYS CB 165 -148.92 -88.75 -24.65
CA CYS CB 165 -148.89 -87.34 -25.04
C CYS CB 165 -148.98 -86.48 -23.79
N VAL CB 166 -148.09 -85.51 -23.69
CA VAL CB 166 -147.92 -84.70 -22.47
C VAL CB 166 -148.36 -83.28 -22.76
N LEU CB 167 -149.16 -82.72 -21.88
CA LEU CB 167 -149.59 -81.34 -21.92
C LEU CB 167 -148.87 -80.54 -20.84
N CYS CB 168 -149.16 -79.24 -20.79
CA CYS CB 168 -148.74 -78.41 -19.68
C CYS CB 168 -149.71 -77.23 -19.64
N VAL CB 169 -150.67 -77.28 -18.71
CA VAL CB 169 -151.77 -76.33 -18.67
C VAL CB 169 -151.38 -75.18 -17.74
N PRO CB 170 -151.27 -73.95 -18.25
CA PRO CB 170 -150.92 -72.82 -17.38
C PRO CB 170 -152.15 -72.12 -16.79
N TRP CB 171 -151.92 -71.05 -16.04
CA TRP CB 171 -152.99 -70.23 -15.48
C TRP CB 171 -153.91 -71.04 -14.58
N ILE CB 172 -153.32 -71.75 -13.63
CA ILE CB 172 -154.06 -72.60 -12.71
C ILE CB 172 -153.83 -72.06 -11.31
N SER CB 173 -154.85 -71.43 -10.73
CA SER CB 173 -154.72 -70.79 -9.44
C SER CB 173 -156.09 -70.56 -8.84
N GLN CB 174 -156.14 -70.53 -7.51
CA GLN CB 174 -157.30 -70.03 -6.79
C GLN CB 174 -156.82 -69.27 -5.55
N SER CB 175 -157.74 -68.56 -4.92
CA SER CB 175 -157.41 -67.71 -3.79
C SER CB 175 -158.63 -67.43 -2.92
N SER CB 187 -164.59 -71.43 -12.52
CA SER CB 187 -164.33 -70.85 -13.84
C SER CB 187 -162.91 -71.11 -14.29
N ALA CB 188 -162.61 -72.36 -14.64
CA ALA CB 188 -161.28 -72.77 -15.03
C ALA CB 188 -161.32 -73.40 -16.42
N GLY CB 189 -160.20 -73.98 -16.83
CA GLY CB 189 -160.06 -74.55 -18.15
C GLY CB 189 -160.79 -75.86 -18.32
N TYR CB 190 -160.56 -76.47 -19.49
CA TYR CB 190 -161.19 -77.73 -19.84
C TYR CB 190 -160.23 -78.56 -20.67
N ILE CB 191 -160.16 -79.85 -20.36
CA ILE CB 191 -159.39 -80.80 -21.16
C ILE CB 191 -160.40 -81.80 -21.70
N THR CB 192 -160.95 -81.52 -22.88
CA THR CB 192 -161.81 -82.46 -23.56
C THR CB 192 -160.98 -83.31 -24.51
N CYS CB 193 -161.58 -84.40 -24.99
CA CYS CB 193 -160.89 -85.30 -25.90
C CYS CB 193 -161.91 -85.86 -26.87
N TRP CB 194 -161.50 -85.96 -28.14
CA TRP CB 194 -162.41 -86.20 -29.24
C TRP CB 194 -161.90 -87.34 -30.11
N TYR CB 195 -162.83 -88.03 -30.77
CA TYR CB 195 -162.48 -89.00 -31.79
C TYR CB 195 -162.18 -88.25 -33.08
N GLN CB 196 -160.89 -88.06 -33.37
CA GLN CB 196 -160.52 -87.66 -34.72
C GLN CB 196 -160.77 -88.80 -35.70
N THR CB 197 -160.22 -89.98 -35.40
CA THR CB 197 -160.51 -91.20 -36.12
C THR CB 197 -160.89 -92.28 -35.11
N ASN CB 198 -161.55 -93.32 -35.60
CA ASN CB 198 -161.82 -94.47 -34.76
C ASN CB 198 -160.54 -95.28 -34.55
N ILE CB 199 -160.62 -96.26 -33.64
CA ILE CB 199 -159.48 -97.13 -33.35
C ILE CB 199 -159.46 -98.23 -34.40
N VAL CB 200 -158.44 -98.22 -35.26
CA VAL CB 200 -158.30 -99.22 -36.31
C VAL CB 200 -157.49 -100.39 -35.77
N VAL CB 201 -158.01 -101.59 -35.96
CA VAL CB 201 -157.48 -102.76 -35.24
C VAL CB 201 -157.47 -103.97 -36.18
N PRO CB 202 -156.42 -104.77 -36.18
CA PRO CB 202 -156.39 -105.98 -37.00
C PRO CB 202 -157.34 -107.04 -36.45
N PRO CB 203 -157.54 -108.15 -37.17
CA PRO CB 203 -158.51 -109.15 -36.71
C PRO CB 203 -158.14 -109.82 -35.39
N GLY CB 204 -156.87 -109.83 -35.00
CA GLY CB 204 -156.48 -110.52 -33.79
C GLY CB 204 -156.60 -109.70 -32.51
N ALA CB 205 -156.38 -108.40 -32.60
CA ALA CB 205 -156.34 -107.58 -31.40
C ALA CB 205 -157.74 -107.16 -30.97
N PRO CB 206 -157.95 -106.90 -29.69
CA PRO CB 206 -159.28 -106.50 -29.22
C PRO CB 206 -159.62 -105.08 -29.68
N THR CB 207 -160.93 -104.80 -29.65
CA THR CB 207 -161.46 -103.57 -30.23
C THR CB 207 -161.52 -102.41 -29.25
N SER CB 208 -161.77 -102.68 -27.97
CA SER CB 208 -161.97 -101.65 -26.96
C SER CB 208 -160.71 -101.51 -26.12
N CYS CB 209 -160.24 -100.27 -25.97
CA CYS CB 209 -158.99 -99.97 -25.28
C CYS CB 209 -159.26 -98.99 -24.14
N ASP CB 210 -158.21 -98.70 -23.38
CA ASP CB 210 -158.29 -97.76 -22.26
C ASP CB 210 -157.18 -96.74 -22.37
N VAL CB 211 -157.43 -95.57 -21.77
CA VAL CB 211 -156.46 -94.48 -21.71
C VAL CB 211 -156.35 -94.04 -20.26
N LEU CB 212 -155.15 -94.15 -19.70
CA LEU CB 212 -154.89 -93.63 -18.36
C LEU CB 212 -154.44 -92.18 -18.45
N CYS CB 213 -154.69 -91.43 -17.38
CA CYS CB 213 -154.29 -90.04 -17.29
C CYS CB 213 -153.41 -89.84 -16.07
N PHE CB 214 -152.63 -88.76 -16.10
CA PHE CB 214 -151.70 -88.44 -15.02
C PHE CB 214 -151.72 -86.94 -14.79
N ALA CB 215 -151.21 -86.51 -13.65
CA ALA CB 215 -151.19 -85.08 -13.34
C ALA CB 215 -150.10 -84.81 -12.30
N SER CB 216 -149.37 -83.71 -12.51
CA SER CB 216 -148.36 -83.25 -11.55
C SER CB 216 -148.16 -81.75 -11.79
N ALA CB 217 -147.15 -81.19 -11.13
CA ALA CB 217 -146.76 -79.80 -11.36
C ALA CB 217 -145.78 -79.75 -12.52
N CYS CB 218 -146.01 -78.82 -13.44
CA CYS CB 218 -145.33 -78.86 -14.73
C CYS CB 218 -143.85 -78.47 -14.60
N ASN CB 219 -143.59 -77.25 -14.17
CA ASN CB 219 -142.22 -76.78 -13.95
C ASN CB 219 -141.97 -76.45 -12.49
N ASP CB 220 -142.76 -75.55 -11.90
CA ASP CB 220 -142.62 -75.14 -10.52
C ASP CB 220 -143.96 -74.60 -10.07
N PHE CB 221 -144.26 -74.74 -8.79
CA PHE CB 221 -145.59 -74.48 -8.29
C PHE CB 221 -145.50 -73.56 -7.09
N SER CB 222 -146.39 -72.57 -7.03
CA SER CB 222 -146.38 -71.57 -5.97
C SER CB 222 -147.61 -71.75 -5.10
N VAL CB 223 -147.41 -71.61 -3.78
CA VAL CB 223 -148.43 -71.97 -2.82
C VAL CB 223 -148.14 -71.26 -1.49
N ARG CB 224 -149.14 -70.61 -0.91
CA ARG CB 224 -148.88 -69.64 0.15
C ARG CB 224 -149.49 -69.99 1.50
N LEU CB 225 -150.82 -70.05 1.63
CA LEU CB 225 -151.47 -69.88 2.92
C LEU CB 225 -151.99 -71.22 3.44
N LEU CB 226 -151.34 -71.75 4.47
CA LEU CB 226 -151.68 -73.06 4.99
C LEU CB 226 -153.01 -73.02 5.74
N ARG CB 227 -153.79 -74.09 5.60
CA ARG CB 227 -155.07 -74.24 6.29
C ARG CB 227 -155.28 -75.71 6.62
N ASP CB 228 -156.39 -75.99 7.29
CA ASP CB 228 -156.80 -77.37 7.56
C ASP CB 228 -157.54 -77.95 6.35
N THR CB 229 -157.32 -79.25 6.11
CA THR CB 229 -157.94 -79.89 4.96
C THR CB 229 -159.44 -80.11 5.20
N PRO CB 230 -160.25 -80.06 4.14
CA PRO CB 230 -161.69 -80.27 4.31
C PRO CB 230 -162.10 -81.73 4.43
N PHE CB 231 -161.29 -82.65 3.89
CA PHE CB 231 -161.69 -84.04 3.79
C PHE CB 231 -161.89 -84.67 5.17
N MET CB 232 -160.91 -84.54 6.06
CA MET CB 232 -161.05 -85.10 7.40
C MET CB 232 -162.21 -84.42 8.14
N ALA CB 233 -162.92 -85.20 8.94
CA ALA CB 233 -164.08 -84.70 9.67
C ALA CB 233 -163.79 -84.63 11.16
N GLN DB 43 6.44 25.01 87.20
CA GLN DB 43 6.13 24.40 85.91
C GLN DB 43 7.37 23.80 85.27
N THR DB 44 7.17 22.96 84.26
CA THR DB 44 8.26 22.32 83.55
C THR DB 44 7.98 22.32 82.06
N ARG DB 45 9.04 22.27 81.27
CA ARG DB 45 8.93 22.33 79.81
C ARG DB 45 8.53 20.94 79.31
N HIS DB 46 7.31 20.81 78.81
CA HIS DB 46 6.80 19.55 78.33
C HIS DB 46 6.82 19.52 76.81
N VAL DB 47 6.61 18.32 76.26
CA VAL DB 47 6.50 18.15 74.81
C VAL DB 47 5.08 18.58 74.43
N VAL DB 48 4.94 19.83 74.00
CA VAL DB 48 3.65 20.37 73.59
C VAL DB 48 3.49 19.99 72.13
N ASN DB 49 3.01 18.77 71.89
CA ASN DB 49 2.92 18.20 70.55
C ASN DB 49 1.47 18.22 70.09
N PHE DB 50 1.19 19.10 69.14
CA PHE DB 50 -0.09 19.17 68.43
C PHE DB 50 0.09 20.18 67.31
N HIS DB 51 -0.87 20.20 66.39
CA HIS DB 51 -0.79 21.08 65.23
C HIS DB 51 -2.19 21.66 64.99
N SER DB 52 -2.38 22.90 65.44
CA SER DB 52 -3.71 23.52 65.35
C SER DB 52 -3.55 25.03 65.32
N ARG DB 53 -4.33 25.67 64.45
CA ARG DB 53 -4.45 27.12 64.43
C ARG DB 53 -5.90 27.54 64.31
N SER DB 54 -6.83 26.73 64.83
CA SER DB 54 -8.24 27.09 64.81
C SER DB 54 -8.55 28.15 65.86
N GLU DB 55 -7.73 28.24 66.91
CA GLU DB 55 -7.93 29.23 67.95
C GLU DB 55 -7.26 30.55 67.59
N SER DB 56 -6.55 30.61 66.47
CA SER DB 56 -5.85 31.81 66.06
C SER DB 56 -6.57 32.53 64.93
N THR DB 57 -7.72 32.02 64.49
CA THR DB 57 -8.49 32.74 63.48
C THR DB 57 -9.10 33.99 64.09
N ILE DB 58 -9.62 34.87 63.23
CA ILE DB 58 -10.08 36.17 63.70
C ILE DB 58 -11.37 36.02 64.51
N GLU DB 59 -12.26 35.12 64.08
CA GLU DB 59 -13.52 34.95 64.78
C GLU DB 59 -13.32 34.27 66.13
N ASN DB 60 -12.26 33.47 66.27
CA ASN DB 60 -11.95 32.80 67.53
C ASN DB 60 -11.00 33.63 68.39
N PHE DB 61 -10.64 34.82 67.93
CA PHE DB 61 -9.77 35.74 68.64
C PHE DB 61 -10.49 36.99 69.14
N MET DB 62 -11.38 37.54 68.32
CA MET DB 62 -12.15 38.73 68.65
C MET DB 62 -13.53 38.40 69.22
N GLY DB 63 -14.17 37.36 68.72
CA GLY DB 63 -15.53 37.02 69.12
C GLY DB 63 -15.60 36.43 70.51
N ARG DB 64 -15.33 37.26 71.52
CA ARG DB 64 -15.45 36.85 72.91
C ARG DB 64 -16.13 37.93 73.71
N ALA DB 65 -17.12 37.54 74.51
CA ALA DB 65 -17.93 38.50 75.25
C ALA DB 65 -17.15 39.04 76.44
N ALA DB 66 -17.13 40.36 76.55
CA ALA DB 66 -16.41 41.04 77.62
C ALA DB 66 -17.28 42.17 78.16
N CYS DB 67 -17.23 42.37 79.46
CA CYS DB 67 -18.05 43.40 80.09
C CYS DB 67 -17.44 44.76 79.83
N VAL DB 68 -18.22 45.66 79.22
CA VAL DB 68 -17.71 46.93 78.74
C VAL DB 68 -18.40 48.14 79.36
N PHE DB 69 -19.44 47.95 80.19
CA PHE DB 69 -20.17 49.10 80.71
C PHE DB 69 -20.92 48.71 81.98
N MET DB 70 -20.41 49.16 83.13
CA MET DB 70 -21.16 49.16 84.38
C MET DB 70 -21.73 50.55 84.62
N ASP DB 71 -22.99 50.60 85.07
CA ASP DB 71 -23.59 51.89 85.40
C ASP DB 71 -24.75 51.68 86.36
N GLN DB 72 -24.98 52.70 87.18
CA GLN DB 72 -26.09 52.74 88.12
C GLN DB 72 -27.20 53.62 87.56
N TYR DB 73 -28.45 53.29 87.90
CA TYR DB 73 -29.56 54.17 87.59
C TYR DB 73 -30.71 53.90 88.55
N LYS DB 74 -31.25 54.96 89.13
CA LYS DB 74 -32.24 54.87 90.19
C LYS DB 74 -33.62 54.58 89.59
N ILE DB 75 -34.67 54.73 90.39
CA ILE DB 75 -36.03 54.52 89.90
C ILE DB 75 -36.92 55.73 90.21
N ASN DB 76 -36.65 56.43 91.30
CA ASN DB 76 -37.55 57.49 91.75
C ASN DB 76 -36.75 58.67 92.29
N GLY DB 77 -37.46 59.78 92.49
CA GLY DB 77 -36.86 61.02 92.92
C GLY DB 77 -36.25 61.79 91.75
N GLU DB 78 -36.11 63.09 91.97
CA GLU DB 78 -35.41 64.00 91.05
C GLU DB 78 -35.94 63.83 89.62
N GLU DB 79 -37.17 64.31 89.42
CA GLU DB 79 -37.89 64.06 88.17
C GLU DB 79 -37.11 64.56 86.96
N THR DB 80 -36.33 65.64 87.12
CA THR DB 80 -35.41 66.11 86.10
C THR DB 80 -33.97 65.81 86.57
N SER DB 81 -33.52 64.60 86.31
CA SER DB 81 -32.16 64.20 86.68
C SER DB 81 -31.58 63.30 85.59
N THR DB 82 -30.26 63.24 85.56
CA THR DB 82 -29.52 62.39 84.64
C THR DB 82 -29.05 61.10 85.27
N ASP DB 83 -29.44 60.83 86.51
CA ASP DB 83 -29.03 59.62 87.22
C ASP DB 83 -30.13 58.57 87.29
N ARG DB 84 -31.12 58.66 86.39
CA ARG DB 84 -32.18 57.67 86.31
C ARG DB 84 -32.13 56.86 85.03
N PHE DB 85 -31.07 56.99 84.24
CA PHE DB 85 -30.90 56.20 83.03
C PHE DB 85 -29.42 56.13 82.70
N ALA DB 86 -29.09 55.22 81.78
CA ALA DB 86 -27.72 55.00 81.34
C ALA DB 86 -27.58 55.38 79.87
N VAL DB 87 -26.33 55.53 79.43
CA VAL DB 87 -26.08 56.05 78.09
C VAL DB 87 -25.20 55.12 77.26
N TRP DB 88 -23.90 55.07 77.56
CA TRP DB 88 -22.91 54.25 76.86
C TRP DB 88 -23.00 54.34 75.34
N THR DB 89 -22.48 55.41 74.76
CA THR DB 89 -22.25 55.46 73.33
C THR DB 89 -21.35 54.30 72.90
N ILE DB 90 -21.86 53.45 72.00
CA ILE DB 90 -21.20 52.18 71.68
C ILE DB 90 -19.94 52.45 70.86
N ASN DB 91 -18.78 52.08 71.41
CA ASN DB 91 -17.53 52.14 70.66
C ASN DB 91 -16.61 51.04 71.16
N ILE DB 92 -15.63 50.68 70.32
CA ILE DB 92 -14.65 49.66 70.68
C ILE DB 92 -13.61 50.18 71.65
N ARG DB 93 -13.49 51.49 71.81
CA ARG DB 93 -12.46 52.08 72.66
C ARG DB 93 -12.96 52.24 74.09
N GLU DB 94 -13.53 51.17 74.64
CA GLU DB 94 -14.13 51.21 75.97
C GLU DB 94 -13.10 50.85 77.05
N MET DB 95 -12.61 49.62 77.05
CA MET DB 95 -11.56 49.21 77.97
C MET DB 95 -10.34 48.76 77.17
N ALA DB 96 -9.17 48.96 77.77
CA ALA DB 96 -7.92 48.83 77.03
C ALA DB 96 -7.61 47.40 76.64
N GLN DB 97 -8.17 46.41 77.33
CA GLN DB 97 -7.89 45.02 76.98
C GLN DB 97 -8.53 44.66 75.65
N LEU DB 98 -9.81 45.02 75.45
CA LEU DB 98 -10.43 44.81 74.15
C LEU DB 98 -9.93 45.80 73.12
N ARG DB 99 -9.76 47.07 73.50
CA ARG DB 99 -9.28 48.08 72.57
C ARG DB 99 -7.97 47.66 71.91
N ARG DB 100 -7.10 46.98 72.67
CA ARG DB 100 -5.82 46.55 72.13
C ARG DB 100 -6.02 45.53 71.01
N LYS DB 101 -7.00 44.64 71.14
CA LYS DB 101 -7.22 43.63 70.12
C LYS DB 101 -7.81 44.21 68.84
N CYS DB 102 -8.66 45.22 68.96
CA CYS DB 102 -9.22 45.84 67.76
C CYS DB 102 -8.19 46.66 67.01
N GLU DB 103 -7.09 47.02 67.66
CA GLU DB 103 -6.03 47.79 67.02
C GLU DB 103 -4.94 46.90 66.44
N MET DB 104 -5.14 45.57 66.43
CA MET DB 104 -4.30 44.72 65.61
C MET DB 104 -4.57 44.95 64.13
N PHE DB 105 -5.76 45.44 63.80
CA PHE DB 105 -6.25 45.50 62.43
C PHE DB 105 -6.76 46.92 62.16
N THR DB 106 -6.51 47.41 60.95
CA THR DB 106 -6.96 48.75 60.60
C THR DB 106 -8.47 48.76 60.34
N TYR DB 107 -8.95 47.87 59.48
CA TYR DB 107 -10.35 47.82 59.11
C TYR DB 107 -10.96 46.50 59.54
N MET DB 108 -12.19 46.56 60.05
CA MET DB 108 -12.91 45.36 60.43
C MET DB 108 -14.41 45.65 60.39
N ARG DB 109 -15.18 44.62 60.05
CA ARG DB 109 -16.63 44.70 60.05
C ARG DB 109 -17.20 43.48 60.76
N PHE DB 110 -18.27 43.69 61.51
CA PHE DB 110 -18.76 42.66 62.41
C PHE DB 110 -20.13 43.05 62.94
N ASP DB 111 -20.99 42.06 63.09
CA ASP DB 111 -22.20 42.23 63.87
C ASP DB 111 -21.87 42.19 65.35
N ILE DB 112 -22.64 42.95 66.14
CA ILE DB 112 -22.47 42.96 67.59
C ILE DB 112 -23.71 42.35 68.21
N GLU DB 113 -23.52 41.57 69.28
CA GLU DB 113 -24.61 40.86 69.95
C GLU DB 113 -24.36 40.98 71.44
N MET DB 114 -24.92 42.01 72.05
CA MET DB 114 -24.71 42.31 73.45
C MET DB 114 -25.83 41.73 74.30
N THR DB 115 -25.47 41.24 75.48
CA THR DB 115 -26.43 40.70 76.44
C THR DB 115 -26.22 41.40 77.76
N MET DB 116 -27.24 42.12 78.22
CA MET DB 116 -27.13 42.86 79.46
C MET DB 116 -27.37 41.93 80.65
N VAL DB 117 -26.77 42.28 81.79
CA VAL DB 117 -26.94 41.55 83.04
C VAL DB 117 -27.32 42.60 84.07
N ILE DB 118 -28.60 42.64 84.44
CA ILE DB 118 -29.18 43.73 85.22
C ILE DB 118 -29.49 43.20 86.62
N THR DB 119 -29.04 43.93 87.63
CA THR DB 119 -29.30 43.60 89.02
C THR DB 119 -30.14 44.70 89.65
N SER DB 120 -30.37 44.58 90.96
CA SER DB 120 -31.11 45.60 91.68
C SER DB 120 -30.78 45.48 93.17
N CYS DB 121 -31.00 46.59 93.86
CA CYS DB 121 -30.75 46.69 95.29
C CYS DB 121 -31.92 47.47 95.90
N GLN DB 122 -31.75 47.94 97.13
CA GLN DB 122 -32.77 48.78 97.75
C GLN DB 122 -32.22 49.49 98.98
N MET DB 132 -41.61 45.42 97.55
CA MET DB 132 -41.51 45.98 96.20
C MET DB 132 -42.24 45.10 95.19
N PRO DB 133 -42.47 45.62 93.98
CA PRO DB 133 -43.08 44.77 92.94
C PRO DB 133 -42.03 44.01 92.14
N VAL DB 134 -42.43 43.33 91.08
CA VAL DB 134 -41.50 42.77 90.12
C VAL DB 134 -41.14 43.85 89.10
N LEU DB 135 -39.85 44.03 88.87
CA LEU DB 135 -39.35 45.14 88.09
C LEU DB 135 -39.22 44.78 86.62
N THR DB 136 -39.51 45.75 85.75
CA THR DB 136 -39.36 45.59 84.31
C THR DB 136 -38.47 46.72 83.81
N HIS DB 137 -37.51 46.39 82.97
CA HIS DB 137 -36.51 47.34 82.48
C HIS DB 137 -36.77 47.61 80.99
N GLN DB 138 -35.99 48.56 80.44
CA GLN DB 138 -36.05 48.89 79.03
C GLN DB 138 -34.66 49.27 78.55
N ILE DB 139 -34.14 48.55 77.56
CA ILE DB 139 -32.83 48.80 77.00
C ILE DB 139 -33.05 49.27 75.57
N MET DB 140 -33.02 50.58 75.36
CA MET DB 140 -33.32 51.18 74.07
C MET DB 140 -32.03 51.46 73.32
N TYR DB 141 -31.83 50.77 72.21
CA TYR DB 141 -30.75 51.05 71.29
C TYR DB 141 -31.20 52.07 70.26
N VAL DB 142 -30.55 53.24 70.24
CA VAL DB 142 -30.82 54.21 69.19
C VAL DB 142 -29.76 54.05 68.11
N PRO DB 143 -30.12 54.11 66.83
CA PRO DB 143 -29.13 54.02 65.76
C PRO DB 143 -28.27 55.26 65.71
N PRO DB 144 -27.28 55.32 64.81
CA PRO DB 144 -26.49 56.57 64.70
C PRO DB 144 -27.33 57.77 64.34
N GLY DB 145 -28.30 57.60 63.44
CA GLY DB 145 -29.30 58.64 63.23
C GLY DB 145 -30.53 58.37 64.07
N GLY DB 146 -30.56 58.94 65.27
CA GLY DB 146 -31.64 58.69 66.19
C GLY DB 146 -31.71 59.72 67.30
N PRO DB 147 -32.92 60.06 67.71
CA PRO DB 147 -33.10 61.01 68.82
C PRO DB 147 -32.78 60.37 70.15
N ILE DB 148 -32.23 61.18 71.05
CA ILE DB 148 -31.82 60.70 72.36
C ILE DB 148 -32.74 61.30 73.41
N PRO DB 149 -33.00 60.60 74.51
CA PRO DB 149 -33.75 61.22 75.61
C PRO DB 149 -32.87 62.19 76.38
N ALA DB 150 -33.51 63.22 76.94
CA ALA DB 150 -32.85 64.12 77.88
C ALA DB 150 -33.22 63.80 79.32
N LYS DB 151 -34.38 63.18 79.55
CA LYS DB 151 -34.85 62.83 80.87
C LYS DB 151 -35.45 61.42 80.80
N VAL DB 152 -35.68 60.84 81.98
CA VAL DB 152 -36.25 59.50 82.05
C VAL DB 152 -37.67 59.47 81.48
N ASP DB 153 -38.33 60.62 81.42
CA ASP DB 153 -39.70 60.72 80.93
C ASP DB 153 -39.80 61.49 79.62
N GLY DB 154 -38.76 61.43 78.79
CA GLY DB 154 -38.81 62.08 77.50
C GLY DB 154 -39.68 61.31 76.53
N TYR DB 155 -40.02 61.98 75.43
CA TYR DB 155 -40.84 61.33 74.40
C TYR DB 155 -40.02 60.45 73.47
N GLU DB 156 -38.70 60.58 73.49
CA GLU DB 156 -37.86 59.76 72.61
C GLU DB 156 -38.01 58.28 72.92
N TRP DB 157 -38.25 57.95 74.19
CA TRP DB 157 -38.39 56.55 74.60
C TRP DB 157 -39.50 55.83 73.85
N GLN DB 158 -40.46 56.58 73.29
CA GLN DB 158 -41.58 56.01 72.58
C GLN DB 158 -41.38 56.00 71.06
N THR DB 159 -40.15 56.21 70.59
CA THR DB 159 -39.89 56.28 69.16
C THR DB 159 -39.91 54.88 68.56
N SER DB 160 -40.70 54.71 67.49
CA SER DB 160 -40.88 53.40 66.88
C SER DB 160 -39.63 52.93 66.13
N THR DB 161 -38.75 53.84 65.74
CA THR DB 161 -37.54 53.48 65.02
C THR DB 161 -36.38 53.14 65.94
N ASN DB 162 -36.53 53.34 67.25
CA ASN DB 162 -35.53 52.92 68.22
C ASN DB 162 -35.95 51.58 68.82
N PRO DB 163 -35.32 50.48 68.42
CA PRO DB 163 -35.71 49.18 68.98
C PRO DB 163 -35.27 49.06 70.42
N SER DB 164 -36.14 48.47 71.25
CA SER DB 164 -35.88 48.36 72.68
C SER DB 164 -36.47 47.06 73.19
N VAL DB 165 -35.78 46.45 74.15
CA VAL DB 165 -36.24 45.23 74.80
C VAL DB 165 -36.81 45.59 76.17
N PHE DB 166 -37.89 44.92 76.55
CA PHE DB 166 -38.54 45.13 77.84
C PHE DB 166 -38.35 43.85 78.64
N TRP DB 167 -37.27 43.81 79.40
CA TRP DB 167 -36.93 42.65 80.21
C TRP DB 167 -37.45 42.85 81.62
N THR DB 168 -38.25 41.91 82.09
CA THR DB 168 -38.72 41.88 83.47
C THR DB 168 -37.81 40.99 84.30
N GLU DB 169 -37.70 41.31 85.59
CA GLU DB 169 -36.69 40.68 86.42
C GLU DB 169 -37.03 39.22 86.68
N GLY DB 170 -35.98 38.41 86.78
CA GLY DB 170 -36.11 37.00 87.09
C GLY DB 170 -35.88 36.06 85.91
N ASN DB 171 -36.02 36.55 84.68
CA ASN DB 171 -35.89 35.70 83.50
C ASN DB 171 -34.42 35.61 83.07
N ALA DB 172 -34.19 35.01 81.90
CA ALA DB 172 -32.87 35.01 81.31
C ALA DB 172 -32.48 36.43 80.90
N PRO DB 173 -31.18 36.72 80.79
CA PRO DB 173 -30.76 38.08 80.48
C PRO DB 173 -31.23 38.50 79.10
N PRO DB 174 -31.50 39.79 78.89
CA PRO DB 174 -31.96 40.24 77.58
C PRO DB 174 -30.81 40.30 76.58
N ARG DB 175 -31.07 39.81 75.37
CA ARG DB 175 -30.08 39.82 74.31
C ARG DB 175 -30.62 40.57 73.10
N ILE DB 176 -29.85 41.56 72.65
CA ILE DB 176 -30.22 42.39 71.51
C ILE DB 176 -29.04 42.38 70.55
N SER DB 177 -29.30 42.14 69.27
CA SER DB 177 -28.25 42.02 68.28
C SER DB 177 -28.37 43.13 67.26
N ILE DB 178 -27.22 43.69 66.87
CA ILE DB 178 -27.18 44.86 66.00
C ILE DB 178 -26.31 44.53 64.79
N PRO DB 179 -26.80 44.73 63.58
CA PRO DB 179 -26.00 44.37 62.40
C PRO DB 179 -24.90 45.37 62.12
N PHE DB 180 -24.23 45.23 60.98
CA PHE DB 180 -23.21 46.16 60.54
C PHE DB 180 -23.88 47.46 60.11
N ILE DB 181 -23.83 48.47 60.97
CA ILE DB 181 -24.57 49.70 60.73
C ILE DB 181 -23.83 50.64 59.77
N SER DB 182 -22.50 50.62 59.77
CA SER DB 182 -21.71 51.75 59.28
C SER DB 182 -22.02 52.07 57.82
N VAL DB 183 -21.76 53.33 57.46
CA VAL DB 183 -22.05 53.80 56.11
C VAL DB 183 -21.04 53.24 55.12
N GLY DB 184 -19.78 53.18 55.53
CA GLY DB 184 -18.74 52.65 54.68
C GLY DB 184 -18.84 51.15 54.60
N ASN DB 185 -17.72 50.54 54.20
CA ASN DB 185 -17.68 49.10 54.03
C ASN DB 185 -16.99 48.38 55.19
N ALA DB 186 -16.44 49.12 56.15
CA ALA DB 186 -15.86 48.53 57.34
C ALA DB 186 -15.76 49.60 58.43
N TYR DB 187 -15.69 49.13 59.67
CA TYR DB 187 -15.33 50.01 60.77
C TYR DB 187 -13.83 50.25 60.75
N SER DB 188 -13.42 51.50 60.93
CA SER DB 188 -12.02 51.87 60.93
C SER DB 188 -11.56 52.05 62.38
N SER DB 189 -10.56 51.27 62.78
CA SER DB 189 -9.99 51.43 64.11
C SER DB 189 -9.20 52.73 64.19
N PHE DB 190 -8.50 53.09 63.11
CA PHE DB 190 -7.70 54.30 63.04
C PHE DB 190 -8.16 55.13 61.85
N TYR DB 191 -8.15 56.46 62.02
CA TYR DB 191 -8.57 57.37 60.95
C TYR DB 191 -7.60 58.55 60.96
N ASP DB 192 -6.57 58.48 60.11
CA ASP DB 192 -5.61 59.57 59.97
C ASP DB 192 -6.24 60.64 59.07
N GLY DB 193 -7.09 61.45 59.68
CA GLY DB 193 -7.84 62.44 58.91
C GLY DB 193 -8.63 63.33 59.83
N TRP DB 194 -9.26 64.34 59.22
CA TRP DB 194 -9.98 65.39 59.93
C TRP DB 194 -11.45 65.31 59.59
N SER DB 195 -12.31 65.42 60.60
CA SER DB 195 -13.75 65.36 60.39
C SER DB 195 -14.23 66.53 59.53
N HIS DB 196 -13.76 67.73 59.82
CA HIS DB 196 -14.18 68.93 59.12
C HIS DB 196 -13.14 69.28 58.07
N PHE DB 197 -13.60 69.52 56.84
CA PHE DB 197 -12.70 69.77 55.72
C PHE DB 197 -11.87 71.03 55.96
N THR DB 198 -10.67 71.04 55.36
CA THR DB 198 -9.68 72.11 55.45
C THR DB 198 -8.98 72.11 56.80
N GLN DB 199 -8.71 70.92 57.33
CA GLN DB 199 -7.87 70.73 58.52
C GLN DB 199 -8.38 71.54 59.71
N ASP DB 200 -9.64 71.31 60.06
CA ASP DB 200 -10.25 71.97 61.19
C ASP DB 200 -9.97 71.15 62.46
N GLY DB 201 -10.82 71.29 63.48
CA GLY DB 201 -10.65 70.53 64.70
C GLY DB 201 -11.07 69.08 64.56
N THR DB 202 -11.01 68.38 65.69
CA THR DB 202 -11.44 66.99 65.81
C THR DB 202 -10.64 66.08 64.86
N TYR DB 203 -9.37 65.90 65.22
CA TYR DB 203 -8.53 64.95 64.51
C TYR DB 203 -8.92 63.52 64.85
N GLY DB 204 -8.83 62.63 63.86
CA GLY DB 204 -8.88 61.21 64.12
C GLY DB 204 -10.26 60.63 64.31
N TYR DB 205 -11.31 61.44 64.28
CA TYR DB 205 -12.67 60.95 64.52
C TYR DB 205 -13.45 61.01 63.21
N THR DB 206 -13.68 59.85 62.62
CA THR DB 206 -14.58 59.72 61.49
C THR DB 206 -15.98 59.35 61.98
N THR DB 207 -16.98 59.69 61.16
CA THR DB 207 -18.36 59.35 61.48
C THR DB 207 -18.80 58.02 60.89
N LEU DB 208 -17.90 57.34 60.17
CA LEU DB 208 -18.24 56.03 59.62
C LEU DB 208 -18.30 54.97 60.71
N ASN DB 209 -17.37 55.02 61.66
CA ASN DB 209 -17.35 54.05 62.75
C ASN DB 209 -18.18 54.54 63.94
N ALA DB 210 -19.41 54.92 63.65
CA ALA DB 210 -20.40 55.22 64.67
C ALA DB 210 -21.37 54.04 64.76
N MET DB 211 -21.62 53.55 65.97
CA MET DB 211 -22.37 52.32 66.14
C MET DB 211 -23.73 52.52 66.81
N GLY DB 212 -23.95 53.66 67.46
CA GLY DB 212 -25.20 53.93 68.12
C GLY DB 212 -24.99 54.18 69.60
N LYS DB 213 -26.12 54.21 70.32
CA LYS DB 213 -26.11 54.39 71.76
C LYS DB 213 -27.10 53.41 72.38
N LEU DB 214 -27.12 53.35 73.72
CA LEU DB 214 -27.85 52.30 74.43
C LEU DB 214 -28.45 52.88 75.70
N TYR DB 215 -29.67 53.42 75.59
CA TYR DB 215 -30.34 54.06 76.72
C TYR DB 215 -31.15 53.03 77.50
N ILE DB 216 -30.96 53.00 78.80
CA ILE DB 216 -31.47 51.95 79.68
C ILE DB 216 -32.19 52.61 80.84
N ARG DB 217 -33.43 52.18 81.11
CA ARG DB 217 -34.18 52.74 82.22
C ARG DB 217 -35.10 51.68 82.81
N HIS DB 218 -35.63 52.00 83.98
CA HIS DB 218 -36.78 51.28 84.51
C HIS DB 218 -38.03 51.77 83.79
N VAL DB 219 -38.96 50.86 83.50
CA VAL DB 219 -40.26 51.29 82.98
C VAL DB 219 -41.26 51.54 84.09
N ASN DB 220 -40.94 51.12 85.31
CA ASN DB 220 -41.81 51.40 86.45
C ASN DB 220 -41.78 52.90 86.76
N ARG DB 221 -42.95 53.50 86.92
CA ARG DB 221 -43.03 54.95 87.04
C ARG DB 221 -42.48 55.42 88.38
N SER DB 222 -42.74 54.66 89.45
CA SER DB 222 -42.30 55.06 90.78
C SER DB 222 -42.14 53.81 91.64
N SER DB 223 -41.78 54.03 92.90
CA SER DB 223 -41.60 52.96 93.88
C SER DB 223 -41.76 53.56 95.27
N PRO DB 224 -42.17 52.77 96.26
CA PRO DB 224 -42.25 53.29 97.62
C PRO DB 224 -40.89 53.66 98.20
N HIS DB 225 -39.91 52.78 98.03
CA HIS DB 225 -38.55 53.03 98.47
C HIS DB 225 -37.63 53.18 97.26
N GLN DB 226 -36.33 53.35 97.53
CA GLN DB 226 -35.35 53.57 96.48
C GLN DB 226 -34.79 52.24 95.99
N ILE DB 227 -34.77 52.06 94.67
CA ILE DB 227 -34.21 50.88 94.04
C ILE DB 227 -33.10 51.34 93.10
N THR DB 228 -31.90 50.81 93.28
CA THR DB 228 -30.73 51.22 92.52
C THR DB 228 -30.27 50.02 91.68
N SER DB 229 -30.55 50.06 90.39
CA SER DB 229 -30.24 48.95 89.51
C SER DB 229 -28.86 49.13 88.89
N THR DB 230 -28.19 48.01 88.64
CA THR DB 230 -26.86 47.99 88.05
C THR DB 230 -26.91 47.14 86.80
N ILE DB 231 -26.35 47.65 85.71
CA ILE DB 231 -26.36 46.96 84.43
C ILE DB 231 -24.92 46.73 83.98
N ARG DB 232 -24.70 45.55 83.39
CA ARG DB 232 -23.39 45.14 82.89
C ARG DB 232 -23.59 44.71 81.43
N VAL DB 233 -23.13 45.52 80.49
CA VAL DB 233 -23.33 45.24 79.08
C VAL DB 233 -22.19 44.36 78.60
N TYR DB 234 -22.53 43.21 78.01
CA TYR DB 234 -21.55 42.24 77.51
C TYR DB 234 -21.48 42.34 75.99
N PHE DB 235 -20.47 43.08 75.52
CA PHE DB 235 -20.25 43.28 74.11
C PHE DB 235 -19.60 42.07 73.48
N LYS DB 236 -20.03 41.72 72.27
CA LYS DB 236 -19.42 40.61 71.56
C LYS DB 236 -19.43 40.83 70.05
N PRO DB 237 -18.26 40.89 69.41
CA PRO DB 237 -18.24 40.92 67.95
C PRO DB 237 -18.69 39.58 67.40
N LYS DB 238 -19.34 39.62 66.24
CA LYS DB 238 -19.85 38.41 65.62
C LYS DB 238 -19.73 38.51 64.11
N HIS DB 239 -19.46 37.37 63.48
CA HIS DB 239 -19.26 37.28 62.03
C HIS DB 239 -18.24 38.33 61.58
N ILE DB 240 -17.08 38.30 62.21
CA ILE DB 240 -16.11 39.39 62.13
C ILE DB 240 -15.10 39.10 61.02
N LYS DB 241 -14.87 40.11 60.18
CA LYS DB 241 -13.79 40.11 59.21
C LYS DB 241 -12.86 41.26 59.55
N ALA DB 242 -11.60 41.14 59.15
CA ALA DB 242 -10.60 42.14 59.51
C ALA DB 242 -9.58 42.26 58.39
N TRP DB 243 -9.21 43.49 58.07
CA TRP DB 243 -8.27 43.79 57.01
C TRP DB 243 -7.09 44.58 57.57
N VAL DB 244 -5.99 44.56 56.81
CA VAL DB 244 -4.83 45.40 57.05
C VAL DB 244 -4.31 45.20 58.46
N PRO DB 245 -3.48 44.18 58.71
CA PRO DB 245 -2.91 44.00 60.04
C PRO DB 245 -2.01 45.16 60.40
N ARG DB 246 -1.65 45.23 61.69
CA ARG DB 246 -1.09 46.44 62.27
C ARG DB 246 -0.29 46.02 63.49
N PRO DB 247 0.84 46.68 63.78
CA PRO DB 247 1.64 46.23 64.90
C PRO DB 247 0.92 46.48 66.21
N PRO DB 248 1.21 45.69 67.25
CA PRO DB 248 0.50 45.86 68.52
C PRO DB 248 0.88 47.15 69.23
N ARG DB 249 -0.04 47.61 70.07
CA ARG DB 249 0.19 48.77 70.92
C ARG DB 249 1.35 48.49 71.88
N LEU DB 250 2.25 49.47 72.01
CA LEU DB 250 3.37 49.38 72.94
C LEU DB 250 3.16 50.23 74.18
N CYS DB 251 2.79 51.49 74.00
CA CYS DB 251 2.61 52.42 75.10
C CYS DB 251 1.25 52.26 75.76
N PRO DB 252 1.12 52.66 77.02
CA PRO DB 252 -0.19 52.63 77.68
C PRO DB 252 -1.13 53.68 77.11
N TYR DB 253 -2.43 53.44 77.27
CA TYR DB 253 -3.45 54.35 76.77
C TYR DB 253 -3.63 55.53 77.69
N ILE DB 254 -3.90 56.69 77.10
CA ILE DB 254 -4.10 57.93 77.85
C ILE DB 254 -5.59 58.23 77.94
N ASN DB 255 -6.24 58.42 76.79
CA ASN DB 255 -7.62 58.85 76.71
C ASN DB 255 -8.38 57.98 75.71
N LYS DB 256 -9.70 57.93 75.88
CA LYS DB 256 -10.55 56.98 75.17
C LYS DB 256 -11.03 57.48 73.82
N ARG DB 257 -10.57 58.66 73.37
CA ARG DB 257 -10.97 59.20 72.09
C ARG DB 257 -9.78 59.61 71.23
N ASP DB 258 -8.56 59.26 71.64
CA ASP DB 258 -7.37 59.67 70.91
C ASP DB 258 -6.31 58.58 71.02
N VAL DB 259 -5.21 58.78 70.31
CA VAL DB 259 -4.11 57.84 70.24
C VAL DB 259 -2.88 58.38 70.98
N ASN DB 260 -3.06 59.44 71.76
CA ASN DB 260 -1.94 60.10 72.43
C ASN DB 260 -1.29 59.16 73.43
N PHE DB 261 0.02 59.32 73.61
CA PHE DB 261 0.78 58.37 74.40
C PHE DB 261 2.01 59.05 74.97
N VAL DB 262 2.62 58.38 75.94
CA VAL DB 262 3.91 58.77 76.50
C VAL DB 262 4.96 57.83 75.91
N VAL DB 263 6.13 58.38 75.58
CA VAL DB 263 7.16 57.58 74.92
C VAL DB 263 7.65 56.51 75.90
N THR DB 264 7.42 55.26 75.55
CA THR DB 264 7.75 54.12 76.39
C THR DB 264 8.95 53.40 75.82
N GLU DB 265 9.67 52.70 76.68
CA GLU DB 265 10.81 51.92 76.24
C GLU DB 265 10.34 50.73 75.41
N ILE DB 266 11.22 50.26 74.52
CA ILE DB 266 10.85 49.17 73.60
C ILE DB 266 10.59 47.89 74.39
N THR DB 267 11.63 47.37 75.06
CA THR DB 267 11.51 46.17 75.86
C THR DB 267 12.06 46.44 77.26
N ASP DB 268 11.91 45.46 78.14
CA ASP DB 268 12.55 45.55 79.44
C ASP DB 268 14.05 45.45 79.27
N SER DB 269 14.78 46.22 80.06
CA SER DB 269 16.22 46.27 79.89
C SER DB 269 16.89 45.11 80.62
N ARG DB 270 18.06 44.73 80.13
CA ARG DB 270 18.94 43.78 80.79
C ARG DB 270 20.28 44.45 81.02
N THR DB 271 21.19 43.72 81.68
CA THR DB 271 22.43 44.32 82.14
C THR DB 271 23.40 44.57 81.00
N SER DB 272 23.76 43.52 80.26
CA SER DB 272 24.66 43.63 79.12
C SER DB 272 24.03 42.95 77.91
N ILE DB 273 24.73 43.05 76.78
CA ILE DB 273 24.24 42.44 75.55
C ILE DB 273 24.45 40.93 75.54
N THR DB 274 25.32 40.41 76.41
CA THR DB 274 25.72 39.01 76.36
C THR DB 274 25.20 38.16 77.50
N ASP DB 275 24.59 38.75 78.53
CA ASP DB 275 24.10 37.98 79.66
C ASP DB 275 22.75 37.34 79.34
N VAL EB 13 19.85 47.99 34.57
CA VAL EB 13 19.46 49.38 34.44
C VAL EB 13 18.28 49.51 33.48
N ARG EB 14 17.14 49.92 34.02
CA ARG EB 14 15.92 50.11 33.23
C ARG EB 14 15.51 51.57 33.32
N SER EB 15 15.30 52.20 32.17
CA SER EB 15 14.93 53.62 32.10
C SER EB 15 13.43 53.70 31.89
N MET EB 16 12.68 53.72 32.99
CA MET EB 16 11.23 53.83 32.92
C MET EB 16 10.83 55.25 32.50
N THR EB 17 9.71 55.34 31.80
CA THR EB 17 9.16 56.63 31.41
C THR EB 17 7.64 56.59 31.56
N LEU EB 18 7.07 57.71 32.00
CA LEU EB 18 5.63 57.86 32.12
C LEU EB 18 5.28 59.30 31.73
N GLY EB 19 4.58 59.44 30.61
CA GLY EB 19 4.22 60.77 30.15
C GLY EB 19 5.43 61.55 29.68
N ASN EB 20 5.75 62.62 30.39
CA ASN EB 20 6.93 63.44 30.13
C ASN EB 20 7.86 63.44 31.33
N SER EB 21 8.06 62.27 31.93
CA SER EB 21 8.94 62.14 33.10
C SER EB 21 9.65 60.79 33.00
N THR EB 22 10.96 60.82 32.85
CA THR EB 22 11.77 59.62 32.75
C THR EB 22 12.74 59.58 33.92
N ILE EB 23 12.78 58.44 34.61
CA ILE EB 23 13.76 58.19 35.65
C ILE EB 23 14.60 57.00 35.23
N THR EB 24 15.71 56.81 35.93
CA THR EB 24 16.63 55.70 35.68
C THR EB 24 16.66 54.83 36.92
N THR EB 25 16.24 53.57 36.76
CA THR EB 25 16.14 52.63 37.87
C THR EB 25 17.17 51.53 37.74
N GLN EB 26 17.32 50.76 38.81
CA GLN EB 26 18.28 49.66 38.87
C GLN EB 26 17.56 48.32 38.90
N ASN EB 30 13.58 44.79 43.07
CA ASN EB 30 12.31 44.08 42.90
C ASN EB 30 11.16 44.78 43.62
N VAL EB 31 10.00 44.81 42.99
CA VAL EB 31 8.87 45.61 43.46
C VAL EB 31 8.18 44.89 44.61
N VAL EB 32 7.89 45.64 45.68
CA VAL EB 32 7.10 45.13 46.79
C VAL EB 32 5.68 45.61 46.55
N VAL EB 33 4.88 44.75 45.92
CA VAL EB 33 3.46 45.05 45.68
C VAL EB 33 2.74 44.98 47.01
N GLY EB 34 2.14 46.09 47.44
CA GLY EB 34 1.57 46.18 48.77
C GLY EB 34 0.34 45.30 48.88
N TYR EB 35 0.35 44.37 49.84
CA TYR EB 35 -0.76 43.45 50.08
C TYR EB 35 -1.12 42.62 48.87
N GLY EB 36 -0.12 42.29 48.04
CA GLY EB 36 -0.33 41.36 46.97
C GLY EB 36 -1.30 41.79 45.90
N GLU EB 37 -1.70 43.06 45.89
CA GLU EB 37 -2.67 43.56 44.92
C GLU EB 37 -2.10 44.75 44.19
N TRP EB 38 -2.40 44.81 42.90
CA TRP EB 38 -2.04 45.90 42.02
C TRP EB 38 -3.20 46.88 41.99
N PRO EB 39 -2.96 48.18 42.04
CA PRO EB 39 -4.08 49.13 42.03
C PRO EB 39 -4.93 48.93 40.79
N SER EB 40 -6.21 49.25 40.91
CA SER EB 40 -7.13 49.06 39.80
C SER EB 40 -8.24 50.09 39.91
N TYR EB 41 -9.02 50.21 38.84
CA TYR EB 41 -10.16 51.09 38.85
C TYR EB 41 -11.29 50.48 39.68
N LEU EB 42 -12.34 51.28 39.90
CA LEU EB 42 -13.39 50.89 40.82
C LEU EB 42 -14.31 49.83 40.23
N SER EB 43 -14.41 49.74 38.91
CA SER EB 43 -15.26 48.73 38.27
C SER EB 43 -14.62 47.35 38.39
N THR EB 48 -22.29 52.61 37.60
CA THR EB 48 -23.54 53.21 38.09
C THR EB 48 -23.75 54.58 37.46
N ALA EB 49 -24.99 54.88 37.07
CA ALA EB 49 -25.32 56.20 36.54
C ALA EB 49 -25.72 57.21 37.61
N GLU EB 50 -25.93 56.76 38.85
CA GLU EB 50 -26.21 57.69 39.93
C GLU EB 50 -24.94 58.41 40.40
N ASP EB 51 -23.80 57.72 40.35
CA ASP EB 51 -22.49 58.32 40.61
C ASP EB 51 -21.52 57.77 39.59
N GLN EB 52 -20.87 58.65 38.84
CA GLN EB 52 -20.03 58.24 37.72
C GLN EB 52 -18.61 58.78 37.90
N PRO EB 53 -17.59 57.92 37.94
CA PRO EB 53 -16.22 58.41 38.07
C PRO EB 53 -15.63 58.89 36.75
N THR EB 54 -14.66 59.80 36.87
CA THR EB 54 -13.88 60.30 35.76
C THR EB 54 -12.46 59.79 35.89
N GLN EB 55 -11.94 59.16 34.83
CA GLN EB 55 -10.59 58.64 34.85
C GLN EB 55 -9.67 59.58 34.08
N PRO EB 56 -8.77 60.31 34.76
CA PRO EB 56 -7.91 61.25 34.02
C PRO EB 56 -6.91 60.58 33.09
N ASP EB 57 -6.19 59.56 33.57
CA ASP EB 57 -5.21 58.85 32.75
C ASP EB 57 -4.14 59.79 32.22
N VAL EB 58 -4.56 60.78 31.42
CA VAL EB 58 -3.64 61.78 30.89
C VAL EB 58 -2.96 62.49 32.05
N ALA EB 59 -1.64 62.68 31.94
CA ALA EB 59 -0.80 63.25 32.99
C ALA EB 59 -1.02 62.43 34.26
N THR EB 60 -1.14 63.04 35.44
CA THR EB 60 -1.38 62.34 36.71
C THR EB 60 -0.46 61.15 36.97
N CYS EB 61 -0.25 60.32 35.95
CA CYS EB 61 0.54 59.10 36.08
C CYS EB 61 2.04 59.34 35.97
N ARG EB 62 2.47 60.55 35.65
CA ARG EB 62 3.88 60.82 35.47
C ARG EB 62 4.60 60.80 36.81
N PHE EB 63 5.93 60.78 36.76
CA PHE EB 63 6.73 60.70 37.98
C PHE EB 63 6.90 62.08 38.61
N TYR EB 64 6.56 62.18 39.89
CA TYR EB 64 6.70 63.41 40.67
C TYR EB 64 7.85 63.21 41.65
N THR EB 65 9.04 63.66 41.25
CA THR EB 65 10.21 63.54 42.11
C THR EB 65 10.18 64.64 43.16
N LEU EB 66 10.17 64.25 44.43
CA LEU EB 66 10.20 65.21 45.51
C LEU EB 66 11.62 65.73 45.69
N GLU EB 67 11.79 66.68 46.61
CA GLU EB 67 13.11 67.21 46.89
C GLU EB 67 13.97 66.16 47.58
N SER EB 68 15.23 66.09 47.18
CA SER EB 68 16.13 65.09 47.73
C SER EB 68 16.43 65.41 49.19
N VAL EB 69 16.57 64.37 49.99
CA VAL EB 69 16.68 64.49 51.44
C VAL EB 69 18.07 64.01 51.86
N GLN EB 70 18.82 64.87 52.54
CA GLN EB 70 20.17 64.53 52.95
C GLN EB 70 20.13 63.71 54.23
N TRP EB 71 20.77 62.55 54.20
CA TRP EB 71 20.80 61.61 55.31
C TRP EB 71 22.19 61.65 55.93
N GLU EB 72 22.30 62.27 57.11
CA GLU EB 72 23.55 62.38 57.83
C GLU EB 72 23.65 61.25 58.86
N LYS EB 73 24.69 61.31 59.69
CA LYS EB 73 24.87 60.30 60.74
C LYS EB 73 23.85 60.44 61.85
N THR EB 74 23.27 61.62 62.03
CA THR EB 74 22.38 61.90 63.14
C THR EB 74 20.92 62.06 62.71
N SER EB 75 20.58 61.63 61.50
CA SER EB 75 19.21 61.74 61.03
C SER EB 75 18.36 60.64 61.65
N PRO EB 76 17.24 60.97 62.30
CA PRO EB 76 16.41 59.93 62.92
C PRO EB 76 15.35 59.36 62.00
N GLY EB 77 14.95 60.09 60.97
CA GLY EB 77 13.95 59.59 60.05
C GLY EB 77 13.14 60.72 59.44
N TRP EB 78 12.19 60.32 58.61
CA TRP EB 78 11.30 61.26 57.91
C TRP EB 78 9.93 60.62 57.76
N TRP EB 79 8.93 61.45 57.47
CA TRP EB 79 7.66 60.92 57.02
C TRP EB 79 6.98 61.91 56.08
N TRP EB 80 6.28 61.36 55.09
CA TRP EB 80 5.41 62.12 54.20
C TRP EB 80 4.00 61.57 54.36
N LYS EB 81 3.01 62.44 54.33
CA LYS EB 81 1.61 62.02 54.35
C LYS EB 81 0.98 62.34 52.99
N PHE EB 82 0.63 61.31 52.29
CA PHE EB 82 -0.07 61.17 51.03
C PHE EB 82 -1.55 60.92 51.29
N PRO EB 83 -2.45 61.22 50.35
CA PRO EB 83 -2.28 61.72 48.98
C PRO EB 83 -1.88 63.19 48.88
N GLU EB 84 -2.02 63.93 49.98
CA GLU EB 84 -1.89 65.38 49.91
C GLU EB 84 -0.45 65.86 50.00
N ALA EB 85 0.52 64.96 50.04
CA ALA EB 85 1.90 65.38 49.85
C ALA EB 85 2.12 65.88 48.43
N LEU EB 86 1.29 65.43 47.50
CA LEU EB 86 1.31 65.87 46.10
C LEU EB 86 0.31 66.98 45.82
N LYS EB 87 -0.04 67.78 46.82
CA LYS EB 87 -1.11 68.75 46.65
C LYS EB 87 -0.69 69.95 45.82
N ASN EB 88 0.61 70.15 45.61
CA ASN EB 88 1.12 71.20 44.75
C ASN EB 88 1.89 70.63 43.56
N MET EB 89 1.68 69.36 43.24
CA MET EB 89 2.45 68.68 42.20
C MET EB 89 1.60 68.57 40.94
N GLY EB 90 1.57 69.66 40.18
CA GLY EB 90 1.10 69.59 38.80
C GLY EB 90 -0.40 69.35 38.69
N LEU EB 91 -0.77 68.54 37.71
CA LEU EB 91 -2.19 68.26 37.46
C LEU EB 91 -2.79 67.40 38.56
N PHE EB 92 -2.01 66.50 39.15
CA PHE EB 92 -2.53 65.72 40.27
C PHE EB 92 -2.84 66.61 41.47
N GLY EB 93 -1.98 67.60 41.72
CA GLY EB 93 -2.25 68.55 42.78
C GLY EB 93 -3.28 69.59 42.43
N GLN EB 94 -3.66 69.69 41.16
CA GLN EB 94 -4.71 70.59 40.74
C GLN EB 94 -6.07 69.90 40.62
N ASN EB 95 -6.10 68.63 40.24
CA ASN EB 95 -7.35 67.88 40.30
C ASN EB 95 -7.82 67.61 41.71
N MET EB 96 -6.98 67.81 42.72
CA MET EB 96 -7.43 67.71 44.10
C MET EB 96 -8.36 68.85 44.46
N HIS EB 97 -8.20 70.01 43.82
CA HIS EB 97 -9.02 71.18 44.13
C HIS EB 97 -10.34 71.21 43.36
N TYR EB 98 -10.44 70.51 42.23
CA TYR EB 98 -11.65 70.55 41.44
C TYR EB 98 -12.58 69.36 41.69
N HIS EB 99 -12.04 68.22 42.09
CA HIS EB 99 -12.82 67.06 42.46
C HIS EB 99 -12.65 66.83 43.96
N TYR EB 100 -13.75 66.54 44.66
CA TYR EB 100 -13.70 66.33 46.10
C TYR EB 100 -13.69 64.85 46.47
N LEU EB 101 -13.54 63.97 45.49
CA LEU EB 101 -13.43 62.54 45.71
C LEU EB 101 -12.40 61.96 44.76
N GLY EB 102 -11.63 60.99 45.23
CA GLY EB 102 -10.61 60.40 44.38
C GLY EB 102 -9.93 59.23 45.05
N ARG EB 103 -9.07 58.58 44.26
CA ARG EB 103 -8.31 57.41 44.68
C ARG EB 103 -7.17 57.20 43.69
N ALA EB 104 -6.08 56.59 44.17
CA ALA EB 104 -4.90 56.38 43.33
C ALA EB 104 -4.05 55.25 43.92
N GLY EB 105 -2.91 54.98 43.28
CA GLY EB 105 -2.09 53.83 43.61
C GLY EB 105 -0.67 54.09 44.09
N TYR EB 106 -0.02 55.12 43.58
CA TYR EB 106 1.23 55.66 44.13
C TYR EB 106 2.36 54.63 44.16
N THR EB 107 2.92 54.37 42.98
CA THR EB 107 4.21 53.70 42.90
C THR EB 107 5.30 54.61 43.44
N ILE EB 108 6.03 54.16 44.46
CA ILE EB 108 6.97 55.00 45.18
C ILE EB 108 8.37 54.40 45.01
N HIS EB 109 9.21 55.08 44.23
CA HIS EB 109 10.62 54.73 44.12
C HIS EB 109 11.41 55.52 45.15
N VAL EB 110 12.36 54.86 45.82
CA VAL EB 110 13.23 55.49 46.79
C VAL EB 110 14.66 55.05 46.48
N GLN EB 111 15.41 55.91 45.80
CA GLN EB 111 16.84 55.68 45.61
C GLN EB 111 17.62 56.30 46.76
N CYS EB 112 18.90 55.95 46.83
CA CYS EB 112 19.80 56.49 47.85
C CYS EB 112 21.14 56.92 47.30
N ASN EB 113 21.55 56.43 46.12
CA ASN EB 113 22.78 56.78 45.42
C ASN EB 113 23.93 57.18 46.33
N ALA EB 114 24.20 56.34 47.33
CA ALA EB 114 25.38 56.51 48.16
C ALA EB 114 26.60 55.94 47.42
N SER EB 115 27.74 55.98 48.07
CA SER EB 115 28.96 55.45 47.47
C SER EB 115 29.12 53.98 47.84
N LYS EB 116 30.33 53.46 47.65
CA LYS EB 116 30.65 52.09 48.00
C LYS EB 116 31.27 51.98 49.39
N PHE EB 117 31.74 53.10 49.95
CA PHE EB 117 32.34 53.13 51.28
C PHE EB 117 31.36 53.60 52.34
N HIS EB 118 30.19 54.09 51.96
CA HIS EB 118 29.15 54.41 52.94
C HIS EB 118 28.46 53.13 53.38
N GLN EB 119 27.98 53.14 54.62
CA GLN EB 119 27.23 52.02 55.17
C GLN EB 119 25.99 52.53 55.88
N GLY EB 120 24.97 51.69 55.94
CA GLY EB 120 23.74 52.06 56.57
C GLY EB 120 22.60 51.17 56.10
N CYS EB 121 21.43 51.44 56.65
CA CYS EB 121 20.24 50.66 56.34
C CYS EB 121 19.00 51.49 56.61
N LEU EB 122 18.02 51.40 55.72
CA LEU EB 122 16.77 52.14 55.83
C LEU EB 122 15.59 51.18 55.85
N LEU EB 123 14.54 51.59 56.56
CA LEU EB 123 13.23 50.96 56.47
C LEU EB 123 12.31 51.89 55.69
N VAL EB 124 11.89 51.46 54.51
CA VAL EB 124 10.98 52.23 53.66
C VAL EB 124 9.62 51.53 53.77
N VAL EB 125 8.72 52.13 54.55
CA VAL EB 125 7.44 51.53 54.88
C VAL EB 125 6.36 52.58 54.67
N CYS EB 126 5.14 52.11 54.41
CA CYS EB 126 4.06 52.97 53.93
C CYS EB 126 2.95 53.22 54.94
N VAL EB 127 2.66 52.27 55.81
CA VAL EB 127 1.82 52.49 57.00
C VAL EB 127 0.49 53.13 56.62
N PRO EB 128 -0.48 52.39 56.11
CA PRO EB 128 -1.80 52.97 55.87
C PRO EB 128 -2.47 53.36 57.20
N GLU EB 129 -3.13 54.52 57.19
CA GLU EB 129 -3.86 55.04 58.34
C GLU EB 129 -2.96 55.23 59.55
N ALA EB 130 -1.89 56.00 59.38
CA ALA EB 130 -0.99 56.32 60.49
C ALA EB 130 -1.57 57.50 61.26
N GLU EB 131 -2.42 57.18 62.24
CA GLU EB 131 -2.93 58.20 63.16
C GLU EB 131 -1.88 58.46 64.22
N MET EB 132 -1.28 59.64 64.19
CA MET EB 132 -0.17 59.96 65.07
C MET EB 132 -0.66 60.69 66.32
N GLY EB 133 0.18 60.66 67.36
CA GLY EB 133 -0.20 61.17 68.66
C GLY EB 133 0.50 62.48 68.97
N CYS EB 134 -0.18 63.33 69.75
CA CYS EB 134 0.36 64.62 70.11
C CYS EB 134 1.51 64.47 71.11
N ALA EB 135 2.36 65.50 71.16
CA ALA EB 135 3.59 65.40 71.94
C ALA EB 135 3.31 65.50 73.43
N ASP EB 136 2.52 66.47 73.84
CA ASP EB 136 2.01 66.55 75.21
C ASP EB 136 0.51 66.24 75.19
N THR EB 137 0.15 65.06 75.68
CA THR EB 137 -1.24 64.63 75.62
C THR EB 137 -2.10 65.47 76.56
N ASP EB 138 -3.42 65.37 76.34
CA ASP EB 138 -4.54 66.20 76.82
C ASP EB 138 -4.87 67.35 75.86
N THR EB 139 -4.23 67.38 74.69
CA THR EB 139 -4.51 68.43 73.71
C THR EB 139 -4.22 67.90 72.32
N THR EB 140 -4.50 68.74 71.31
CA THR EB 140 -4.31 68.41 69.90
C THR EB 140 -3.22 69.29 69.31
N PHE EB 141 -2.90 69.04 68.04
CA PHE EB 141 -1.90 69.79 67.29
C PHE EB 141 -2.55 70.58 66.15
N PRO EB 142 -1.93 71.70 65.72
CA PRO EB 142 -2.59 72.63 64.80
C PRO EB 142 -2.62 72.21 63.33
N ALA EB 143 -2.55 70.91 63.03
CA ALA EB 143 -2.87 70.38 61.71
C ALA EB 143 -1.83 70.72 60.65
N THR EB 144 -0.95 71.68 60.93
CA THR EB 144 0.21 71.95 60.08
C THR EB 144 1.46 71.26 60.59
N GLU EB 145 1.31 70.41 61.62
CA GLU EB 145 2.42 69.63 62.16
C GLU EB 145 2.47 68.22 61.58
N LEU EB 146 1.36 67.71 61.04
CA LEU EB 146 1.40 66.42 60.37
C LEU EB 146 2.07 66.51 59.00
N THR EB 147 1.80 67.59 58.25
CA THR EB 147 2.27 67.66 56.89
C THR EB 147 2.71 69.07 56.54
N THR EB 148 3.79 69.15 55.75
CA THR EB 148 4.24 70.38 55.10
C THR EB 148 4.40 70.00 53.64
N GLU EB 149 3.26 69.80 52.97
CA GLU EB 149 3.13 69.26 51.63
C GLU EB 149 4.36 68.49 51.14
N ASP EB 150 5.21 69.15 50.36
CA ASP EB 150 6.35 68.48 49.75
C ASP EB 150 7.42 68.12 50.77
N THR EB 151 7.71 69.00 51.73
CA THR EB 151 8.86 68.72 52.58
C THR EB 151 8.48 67.73 53.69
N PRO EB 152 9.44 66.90 54.13
CA PRO EB 152 9.14 65.90 55.15
C PRO EB 152 9.29 66.44 56.56
N HIS EB 153 8.41 65.98 57.44
CA HIS EB 153 8.62 66.15 58.87
C HIS EB 153 9.59 65.08 59.35
N VAL EB 154 10.65 65.49 60.01
CA VAL EB 154 11.62 64.54 60.54
C VAL EB 154 11.10 63.97 61.86
N PHE EB 155 11.60 62.79 62.20
CA PHE EB 155 11.40 62.28 63.55
C PHE EB 155 12.38 62.96 64.49
N THR EB 156 12.36 62.56 65.76
CA THR EB 156 13.34 63.02 66.73
C THR EB 156 13.96 61.80 67.40
N SER EB 157 15.13 62.02 68.01
CA SER EB 157 15.83 60.94 68.67
C SER EB 157 15.32 60.71 70.08
N ASP EB 158 14.73 61.71 70.72
CA ASP EB 158 14.18 61.58 72.07
C ASP EB 158 12.79 62.19 72.13
N SER EB 159 12.23 62.27 73.33
CA SER EB 159 10.89 62.81 73.50
C SER EB 159 10.90 64.33 73.37
N ILE EB 160 9.78 64.88 72.89
CA ILE EB 160 9.61 66.31 72.71
C ILE EB 160 8.28 66.72 73.32
N THR EB 161 8.15 68.01 73.58
CA THR EB 161 6.93 68.59 74.12
C THR EB 161 6.44 69.71 73.19
N GLY EB 162 5.25 70.22 73.49
CA GLY EB 162 4.63 71.22 72.66
C GLY EB 162 3.51 70.64 71.81
N LYS EB 163 2.70 71.54 71.25
CA LYS EB 163 1.51 71.15 70.49
C LYS EB 163 1.96 70.72 69.09
N LYS EB 164 2.52 69.52 69.02
CA LYS EB 164 2.96 68.96 67.75
C LYS EB 164 3.00 67.44 67.90
N VAL EB 165 3.44 66.77 66.83
CA VAL EB 165 3.41 65.32 66.78
C VAL EB 165 4.55 64.76 67.63
N GLN EB 166 4.23 63.74 68.44
CA GLN EB 166 5.26 63.03 69.18
C GLN EB 166 6.10 62.24 68.18
N ALA EB 167 7.18 62.86 67.69
CA ALA EB 167 7.96 62.31 66.59
C ALA EB 167 9.23 61.62 67.08
N ALA EB 168 9.18 61.01 68.25
CA ALA EB 168 10.31 60.21 68.72
C ALA EB 168 10.28 58.84 68.07
N VAL EB 169 11.40 58.44 67.46
CA VAL EB 169 11.55 57.06 67.03
C VAL EB 169 11.60 56.15 68.24
N CYS EB 170 11.42 54.85 68.00
CA CYS EB 170 11.05 53.77 68.90
C CYS EB 170 9.56 53.81 69.20
N ASN EB 171 8.87 54.91 68.87
CA ASN EB 171 7.43 55.04 69.00
C ASN EB 171 6.93 55.92 67.86
N ALA EB 172 7.19 55.48 66.63
CA ALA EB 172 7.29 56.33 65.44
C ALA EB 172 6.28 57.46 65.42
N GLY EB 173 5.00 57.13 65.23
CA GLY EB 173 3.96 58.10 65.43
C GLY EB 173 2.79 57.58 66.25
N MET EB 174 2.60 56.26 66.22
CA MET EB 174 1.35 55.64 66.61
C MET EB 174 1.39 54.98 67.98
N GLY EB 175 2.52 55.03 68.67
CA GLY EB 175 2.64 54.35 69.95
C GLY EB 175 2.96 52.88 69.83
N VAL EB 176 3.46 52.44 68.68
CA VAL EB 176 3.88 51.07 68.49
C VAL EB 176 5.40 51.00 68.56
N GLY EB 177 5.95 49.79 68.63
CA GLY EB 177 7.38 49.63 68.52
C GLY EB 177 7.81 49.90 67.08
N VAL EB 178 8.93 50.61 66.94
CA VAL EB 178 9.38 50.96 65.59
C VAL EB 178 10.07 49.79 64.92
N GLY EB 179 10.52 48.80 65.68
CA GLY EB 179 11.17 47.64 65.09
C GLY EB 179 10.19 46.77 64.34
N ASN EB 180 9.04 46.49 64.96
CA ASN EB 180 8.00 45.69 64.31
C ASN EB 180 7.03 46.57 63.54
N LEU EB 181 7.59 47.50 62.77
CA LEU EB 181 6.84 48.27 61.79
C LEU EB 181 6.92 47.62 60.41
N THR EB 182 7.44 46.41 60.37
CA THR EB 182 7.68 45.64 59.15
C THR EB 182 6.43 44.91 58.68
N ILE EB 183 5.34 44.97 59.46
CA ILE EB 183 4.10 44.31 59.08
C ILE EB 183 3.47 44.97 57.85
N PHE EB 184 3.80 46.22 57.58
CA PHE EB 184 3.23 46.96 56.47
C PHE EB 184 4.01 46.68 55.19
N PRO EB 185 3.53 47.17 54.03
CA PRO EB 185 4.35 47.10 52.81
C PRO EB 185 5.66 47.85 53.00
N HIS EB 186 6.77 47.12 53.01
CA HIS EB 186 8.06 47.68 53.37
C HIS EB 186 9.11 47.23 52.37
N GLN EB 187 10.30 47.82 52.50
CA GLN EB 187 11.48 47.42 51.74
C GLN EB 187 12.70 47.94 52.46
N TRP EB 188 13.70 47.08 52.65
CA TRP EB 188 14.95 47.48 53.27
C TRP EB 188 15.89 48.01 52.19
N ILE EB 189 16.57 49.12 52.51
CA ILE EB 189 17.61 49.61 51.63
C ILE EB 189 18.94 49.49 52.36
N ASN EB 190 19.61 48.35 52.18
CA ASN EB 190 20.92 48.13 52.77
C ASN EB 190 21.97 48.59 51.78
N LEU EB 191 22.72 49.63 52.13
CA LEU EB 191 23.69 50.21 51.21
C LEU EB 191 24.81 49.25 50.87
N ARG EB 192 24.98 48.19 51.66
CA ARG EB 192 25.92 47.13 51.31
C ARG EB 192 25.50 46.45 50.01
N THR EB 193 24.21 46.13 49.88
CA THR EB 193 23.70 45.38 48.73
C THR EB 193 23.02 46.28 47.71
N ASN EB 194 21.92 46.93 48.10
CA ASN EB 194 21.07 47.66 47.16
C ASN EB 194 20.99 49.13 47.54
N ASN EB 195 20.32 49.89 46.67
CA ASN EB 195 20.12 51.32 46.88
C ASN EB 195 18.70 51.77 46.59
N SER EB 196 17.90 51.00 45.86
CA SER EB 196 16.60 51.41 45.39
C SER EB 196 15.51 50.57 46.03
N ALA EB 197 14.36 51.21 46.26
CA ALA EB 197 13.17 50.55 46.77
C ALA EB 197 11.99 50.99 45.92
N THR EB 198 11.00 50.13 45.79
CA THR EB 198 9.78 50.48 45.06
C THR EB 198 8.61 49.75 45.68
N ILE EB 199 7.55 50.50 45.98
CA ILE EB 199 6.39 49.99 46.69
C ILE EB 199 5.14 50.45 45.95
N VAL EB 200 4.17 49.54 45.82
CA VAL EB 200 2.92 49.83 45.12
C VAL EB 200 1.78 49.61 46.13
N ILE EB 201 0.98 50.64 46.35
CA ILE EB 201 0.04 50.69 47.46
C ILE EB 201 -1.36 50.88 46.87
N PRO EB 202 -2.16 49.81 46.78
CA PRO EB 202 -3.37 49.81 45.93
C PRO EB 202 -4.61 50.44 46.56
N TYR EB 203 -4.44 51.63 47.13
CA TYR EB 203 -5.54 52.41 47.71
C TYR EB 203 -6.31 51.60 48.76
N ILE EB 204 -5.73 51.54 49.95
CA ILE EB 204 -6.39 50.91 51.09
C ILE EB 204 -7.32 51.92 51.77
N ASN EB 205 -8.62 51.67 51.75
CA ASN EB 205 -9.59 52.52 52.40
C ASN EB 205 -10.90 51.76 52.57
N SER EB 206 -11.73 52.21 53.51
CA SER EB 206 -12.99 51.56 53.83
C SER EB 206 -14.15 52.07 53.00
N VAL EB 207 -13.96 53.10 52.20
CA VAL EB 207 -14.99 53.67 51.33
C VAL EB 207 -14.35 53.72 49.94
N PRO EB 208 -15.10 53.50 48.85
CA PRO EB 208 -14.43 53.42 47.54
C PRO EB 208 -13.76 54.72 47.13
N MET EB 209 -14.30 55.86 47.51
CA MET EB 209 -13.69 57.15 47.19
C MET EB 209 -13.78 58.06 48.41
N ASP EB 210 -12.73 58.85 48.63
CA ASP EB 210 -12.73 59.75 49.79
C ASP EB 210 -12.05 61.06 49.39
N ASN EB 211 -12.30 62.09 50.19
CA ASN EB 211 -11.73 63.40 49.93
C ASN EB 211 -10.22 63.36 50.15
N MET EB 212 -9.48 64.06 49.30
CA MET EB 212 -8.02 64.00 49.31
C MET EB 212 -7.37 65.04 50.20
N PHE EB 213 -8.15 65.92 50.83
CA PHE EB 213 -7.58 66.87 51.78
C PHE EB 213 -7.89 66.54 53.23
N ARG EB 214 -9.03 65.89 53.50
CA ARG EB 214 -9.33 65.49 54.87
C ARG EB 214 -8.49 64.29 55.28
N HIS EB 215 -8.42 63.27 54.43
CA HIS EB 215 -7.95 61.94 54.81
C HIS EB 215 -6.58 61.66 54.19
N TYR EB 216 -5.63 61.25 55.04
CA TYR EB 216 -4.30 60.85 54.61
C TYR EB 216 -4.33 59.34 54.48
N ASN EB 217 -4.27 58.83 53.26
CA ASN EB 217 -4.49 57.41 53.04
C ASN EB 217 -3.34 56.57 53.59
N PHE EB 218 -2.11 57.04 53.45
CA PHE EB 218 -0.97 56.33 54.02
C PHE EB 218 0.14 57.32 54.33
N THR EB 219 1.15 56.84 55.04
CA THR EB 219 2.25 57.68 55.53
C THR EB 219 3.58 57.02 55.18
N LEU EB 220 4.18 57.45 54.07
CA LEU EB 220 5.51 56.97 53.71
C LEU EB 220 6.51 57.52 54.72
N MET EB 221 7.08 56.64 55.54
CA MET EB 221 8.09 57.01 56.52
C MET EB 221 9.34 56.18 56.30
N ILE EB 222 10.48 56.86 56.21
CA ILE EB 222 11.78 56.24 55.96
C ILE EB 222 12.59 56.38 57.24
N ILE EB 223 12.97 55.26 57.84
CA ILE EB 223 13.55 55.23 59.17
C ILE EB 223 14.90 54.53 59.10
N PRO EB 224 16.01 55.21 59.42
CA PRO EB 224 17.33 54.57 59.42
C PRO EB 224 17.52 53.72 60.67
N PHE EB 225 17.51 52.40 60.49
CA PHE EB 225 17.82 51.50 61.60
C PHE EB 225 19.32 51.49 61.89
N ALA EB 226 20.12 51.02 60.94
CA ALA EB 226 21.54 51.15 61.14
C ALA EB 226 21.98 52.54 60.67
N PRO EB 227 22.67 53.31 61.52
CA PRO EB 227 22.96 54.70 61.15
C PRO EB 227 24.02 54.78 60.06
N LEU EB 228 24.00 55.90 59.35
CA LEU EB 228 25.01 56.15 58.33
C LEU EB 228 26.38 56.28 58.98
N ASN EB 229 27.40 55.74 58.31
CA ASN EB 229 28.76 55.89 58.82
C ASN EB 229 29.71 55.95 57.63
N PHE EB 230 30.81 56.67 57.83
CA PHE EB 230 31.82 56.91 56.80
C PHE EB 230 33.04 57.49 57.50
N THR EB 231 34.10 57.70 56.72
CA THR EB 231 35.33 58.27 57.24
C THR EB 231 35.44 59.74 56.82
N ASP EB 232 36.57 60.36 57.16
CA ASP EB 232 36.74 61.81 57.08
C ASP EB 232 36.98 62.31 55.66
N GLY EB 233 36.84 61.46 54.64
CA GLY EB 233 37.03 61.90 53.28
C GLY EB 233 35.77 61.92 52.45
N ALA EB 234 34.78 61.12 52.84
CA ALA EB 234 33.57 61.00 52.05
C ALA EB 234 32.67 62.21 52.25
N THR EB 235 31.60 62.26 51.46
CA THR EB 235 30.61 63.32 51.64
C THR EB 235 29.81 63.05 52.91
N ALA EB 236 29.52 64.12 53.65
CA ALA EB 236 28.96 63.99 54.99
C ALA EB 236 27.49 63.64 55.00
N TYR EB 237 26.94 63.20 53.87
CA TYR EB 237 25.51 62.91 53.77
C TYR EB 237 25.28 61.95 52.62
N VAL EB 238 24.06 61.42 52.56
CA VAL EB 238 23.62 60.56 51.46
C VAL EB 238 22.22 61.03 51.05
N PRO EB 239 22.04 61.58 49.85
CA PRO EB 239 20.75 62.14 49.46
C PRO EB 239 19.77 61.04 49.08
N ILE EB 240 18.61 61.04 49.72
CA ILE EB 240 17.56 60.06 49.48
C ILE EB 240 16.54 60.70 48.55
N THR EB 241 16.27 60.06 47.41
CA THR EB 241 15.41 60.61 46.39
C THR EB 241 14.09 59.85 46.36
N VAL EB 242 12.99 60.57 46.47
CA VAL EB 242 11.65 59.98 46.55
C VAL EB 242 10.89 60.37 45.30
N THR EB 243 10.25 59.39 44.65
CA THR EB 243 9.53 59.58 43.40
C THR EB 243 8.21 58.83 43.48
N ILE EB 244 7.11 59.53 43.22
CA ILE EB 244 5.77 58.97 43.37
C ILE EB 244 5.05 59.08 42.02
N ALA EB 245 4.48 57.97 41.58
CA ALA EB 245 3.68 57.94 40.36
C ALA EB 245 2.24 57.56 40.69
N PRO EB 246 1.30 58.51 40.70
CA PRO EB 246 -0.09 58.18 41.02
C PRO EB 246 -0.74 57.34 39.93
N MET EB 247 -0.97 56.06 40.19
CA MET EB 247 -1.51 55.15 39.18
C MET EB 247 -3.01 54.94 39.39
N TYR EB 248 -3.72 54.81 38.27
CA TYR EB 248 -5.15 54.50 38.28
C TYR EB 248 -5.94 55.50 39.12
N ALA EB 249 -5.57 56.77 38.99
CA ALA EB 249 -6.27 57.83 39.69
C ALA EB 249 -7.61 58.06 39.01
N GLU EB 250 -8.69 58.01 39.77
CA GLU EB 250 -10.00 58.34 39.24
C GLU EB 250 -10.76 59.18 40.26
N TYR EB 251 -11.67 59.99 39.75
CA TYR EB 251 -12.28 61.09 40.47
C TYR EB 251 -13.78 60.99 40.30
N ASN EB 252 -14.52 61.95 40.84
CA ASN EB 252 -15.95 61.95 40.61
C ASN EB 252 -16.28 62.62 39.29
N GLY EB 253 -17.55 62.55 38.91
CA GLY EB 253 -18.00 63.16 37.67
C GLY EB 253 -18.48 64.58 37.92
N LEU EB 254 -18.21 65.46 36.96
CA LEU EB 254 -18.63 66.85 37.05
C LEU EB 254 -19.76 67.17 36.08
N ARG EB 255 -20.00 66.33 35.09
CA ARG EB 255 -21.05 66.50 34.10
C ARG EB 255 -22.40 66.04 34.66
N LEU EB 256 -23.46 66.48 34.01
CA LEU EB 256 -24.79 66.01 34.33
C LEU EB 256 -25.00 64.62 33.75
N ALA EB 257 -26.09 63.97 34.17
CA ALA EB 257 -26.45 62.66 33.63
C ALA EB 257 -27.73 62.75 32.82
N GLY FB 1 -49.19 21.26 73.40
CA GLY FB 1 -48.35 21.06 72.24
C GLY FB 1 -47.24 20.05 72.46
N VAL FB 2 -46.02 20.44 72.09
CA VAL FB 2 -44.86 19.55 72.20
C VAL FB 2 -44.41 19.49 73.65
N PRO FB 3 -44.38 18.31 74.27
CA PRO FB 3 -43.91 18.23 75.65
C PRO FB 3 -42.40 18.41 75.74
N VAL FB 4 -41.97 19.53 76.29
CA VAL FB 4 -40.56 19.82 76.48
C VAL FB 4 -40.28 19.82 77.97
N LEU FB 5 -39.00 19.64 78.33
CA LEU FB 5 -38.57 19.78 79.71
C LEU FB 5 -37.22 20.46 79.75
N ASN FB 6 -37.12 21.50 80.57
CA ASN FB 6 -35.90 22.30 80.67
C ASN FB 6 -34.83 21.55 81.43
N THR FB 7 -33.65 21.46 80.82
CA THR FB 7 -32.50 20.81 81.42
C THR FB 7 -31.84 21.76 82.41
N PRO FB 8 -30.92 21.27 83.23
CA PRO FB 8 -30.03 22.19 83.95
C PRO FB 8 -29.20 23.00 82.94
N GLY FB 9 -29.12 24.30 83.19
CA GLY FB 9 -28.51 25.21 82.23
C GLY FB 9 -29.48 26.03 81.42
N SER FB 10 -30.77 25.97 81.73
CA SER FB 10 -31.76 26.82 81.08
C SER FB 10 -31.82 28.15 81.81
N ASN FB 11 -32.14 29.21 81.06
CA ASN FB 11 -32.28 30.56 81.60
C ASN FB 11 -31.01 31.03 82.31
N GLN FB 12 -29.86 30.54 81.87
CA GLN FB 12 -28.59 31.03 82.35
C GLN FB 12 -27.90 31.82 81.25
N PHE FB 13 -26.84 32.53 81.61
CA PHE FB 13 -26.07 33.29 80.66
C PHE FB 13 -24.62 32.82 80.73
N LEU FB 14 -24.29 31.82 79.91
CA LEU FB 14 -22.90 31.43 79.70
C LEU FB 14 -22.25 32.47 78.79
N THR FB 15 -21.11 33.00 79.22
CA THR FB 15 -20.47 34.09 78.49
C THR FB 15 -20.00 33.62 77.11
N SER FB 16 -19.48 32.40 77.03
CA SER FB 16 -18.99 31.84 75.78
C SER FB 16 -20.01 30.86 75.22
N ASP FB 17 -21.02 31.42 74.53
CA ASP FB 17 -21.98 30.62 73.79
C ASP FB 17 -22.10 31.18 72.36
N ASP FB 18 -22.72 30.39 71.49
CA ASP FB 18 -22.83 30.73 70.08
C ASP FB 18 -24.27 30.56 69.61
N TYR FB 19 -25.20 31.17 70.36
CA TYR FB 19 -26.62 31.05 70.06
C TYR FB 19 -27.05 32.13 69.07
N GLN FB 20 -28.23 31.89 68.47
CA GLN FB 20 -28.76 32.81 67.47
C GLN FB 20 -29.37 34.02 68.18
N SER FB 21 -28.68 35.14 68.12
CA SER FB 21 -29.16 36.34 68.77
C SER FB 21 -30.30 36.94 67.95
N PRO FB 22 -31.43 37.31 68.58
CA PRO FB 22 -32.52 37.94 67.83
C PRO FB 22 -32.10 39.33 67.39
N SER FB 23 -32.15 39.57 66.08
CA SER FB 23 -31.62 40.80 65.52
C SER FB 23 -32.57 41.96 65.81
N ALA FB 24 -32.00 43.09 66.26
CA ALA FB 24 -32.81 44.24 66.64
C ALA FB 24 -33.32 45.00 65.43
N MET FB 25 -32.59 44.96 64.32
CA MET FB 25 -32.96 45.71 63.12
C MET FB 25 -33.13 44.71 61.99
N PRO FB 26 -34.30 44.05 61.88
CA PRO FB 26 -34.47 42.97 60.90
C PRO FB 26 -34.70 43.52 59.50
N GLN FB 27 -35.44 44.62 59.42
CA GLN FB 27 -35.68 45.26 58.13
C GLN FB 27 -34.38 45.77 57.53
N PHE FB 28 -33.46 46.22 58.38
CA PHE FB 28 -32.23 46.86 57.96
C PHE FB 28 -31.37 45.91 57.13
N ASP FB 29 -30.97 46.35 55.94
CA ASP FB 29 -30.05 45.60 55.07
C ASP FB 29 -28.70 46.30 55.06
N GLU FB 30 -27.67 45.58 55.50
CA GLU FB 30 -26.34 46.13 55.70
C GLU FB 30 -25.62 46.42 54.38
N THR FB 31 -24.59 47.25 54.49
CA THR FB 31 -23.84 47.73 53.32
C THR FB 31 -23.13 46.57 52.62
N PRO FB 32 -23.14 46.54 51.28
CA PRO FB 32 -22.44 45.46 50.56
C PRO FB 32 -20.94 45.51 50.80
N GLU FB 33 -20.34 44.32 50.87
CA GLU FB 33 -18.92 44.19 51.19
C GLU FB 33 -18.09 44.42 49.93
N MET FB 34 -17.32 45.49 49.90
CA MET FB 34 -16.37 45.68 48.82
C MET FB 34 -15.09 44.91 49.15
N HIS FB 35 -14.24 44.74 48.14
CA HIS FB 35 -12.94 44.11 48.35
C HIS FB 35 -11.95 45.15 48.85
N ILE FB 36 -11.47 44.97 50.08
CA ILE FB 36 -10.44 45.81 50.68
C ILE FB 36 -9.13 45.03 50.68
N PRO FB 37 -8.02 45.61 50.24
CA PRO FB 37 -6.77 44.86 50.15
C PRO FB 37 -6.22 44.50 51.52
N GLY FB 38 -5.64 43.31 51.62
CA GLY FB 38 -4.92 42.91 52.81
C GLY FB 38 -5.79 42.33 53.90
N GLU FB 39 -6.53 41.26 53.58
CA GLU FB 39 -7.38 40.62 54.58
C GLU FB 39 -6.58 39.67 55.44
N VAL FB 40 -6.88 39.68 56.73
CA VAL FB 40 -6.32 38.71 57.67
C VAL FB 40 -7.40 37.68 57.96
N ARG FB 41 -7.06 36.41 57.79
CA ARG FB 41 -7.98 35.31 58.04
C ARG FB 41 -7.48 34.41 59.15
N ASN FB 42 -6.33 34.72 59.75
CA ASN FB 42 -5.70 33.91 60.78
C ASN FB 42 -4.62 34.75 61.44
N LEU FB 43 -4.53 34.67 62.77
CA LEU FB 43 -3.58 35.51 63.50
C LEU FB 43 -2.14 35.13 63.16
N MET FB 44 -1.87 33.83 62.98
CA MET FB 44 -0.51 33.38 62.70
C MET FB 44 0.01 33.87 61.35
N GLU FB 45 -0.78 34.64 60.60
CA GLU FB 45 -0.23 35.36 59.45
C GLU FB 45 0.50 36.62 59.86
N ILE FB 46 0.33 37.07 61.11
CA ILE FB 46 1.10 38.19 61.64
C ILE FB 46 2.43 37.71 62.18
N ALA FB 47 2.46 36.52 62.79
CA ALA FB 47 3.69 35.97 63.35
C ALA FB 47 4.70 35.60 62.27
N GLU FB 48 4.24 35.33 61.05
CA GLU FB 48 5.14 34.93 59.96
C GLU FB 48 5.85 36.12 59.31
N VAL FB 49 5.57 37.34 59.75
CA VAL FB 49 6.23 38.52 59.21
C VAL FB 49 7.49 38.81 60.02
N ASP FB 50 8.61 38.96 59.32
CA ASP FB 50 9.85 39.33 59.97
C ASP FB 50 9.73 40.72 60.59
N SER FB 51 10.43 40.92 61.72
CA SER FB 51 10.47 42.22 62.36
C SER FB 51 11.74 42.30 63.19
N VAL FB 52 12.23 43.52 63.37
CA VAL FB 52 13.55 43.74 63.93
C VAL FB 52 13.51 43.45 65.44
N VAL FB 53 14.53 42.76 65.92
CA VAL FB 53 14.58 42.24 67.29
C VAL FB 53 15.57 43.10 68.07
N PRO FB 54 15.14 43.74 69.16
CA PRO FB 54 16.07 44.58 69.97
C PRO FB 54 17.02 43.74 70.81
N VAL FB 55 18.12 43.32 70.20
CA VAL FB 55 19.10 42.50 70.90
C VAL FB 55 19.92 43.34 71.86
N ASN FB 56 20.26 44.56 71.46
CA ASN FB 56 21.08 45.46 72.28
C ASN FB 56 20.19 46.31 73.21
N ASN FB 57 19.36 45.63 73.99
CA ASN FB 57 18.44 46.31 74.90
C ASN FB 57 19.05 46.48 76.29
N VAL FB 58 20.25 47.04 76.36
CA VAL FB 58 20.92 47.28 77.63
C VAL FB 58 20.28 48.47 78.32
N THR FB 59 20.72 48.74 79.56
CA THR FB 59 19.94 49.54 80.50
C THR FB 59 19.67 50.96 80.04
N GLY FB 60 20.46 51.48 79.10
CA GLY FB 60 20.29 52.87 78.70
C GLY FB 60 20.00 53.08 77.23
N LYS FB 61 19.71 51.99 76.51
CA LYS FB 61 19.60 52.03 75.06
C LYS FB 61 18.30 51.38 74.58
N THR FB 62 17.23 51.54 75.36
CA THR FB 62 15.94 50.94 75.01
C THR FB 62 14.89 51.95 74.58
N LYS FB 63 15.07 53.23 74.87
CA LYS FB 63 14.16 54.27 74.38
C LYS FB 63 14.67 54.93 73.11
N SER FB 64 15.81 54.51 72.60
CA SER FB 64 16.33 54.94 71.31
C SER FB 64 16.33 53.76 70.35
N MET FB 65 16.76 54.01 69.11
CA MET FB 65 16.91 52.94 68.12
C MET FB 65 18.29 52.31 68.15
N ASP FB 66 19.03 52.49 69.24
CA ASP FB 66 20.24 51.72 69.46
C ASP FB 66 19.96 50.36 70.07
N ALA FB 67 18.68 50.08 70.39
CA ALA FB 67 18.31 48.76 70.87
C ALA FB 67 18.40 47.71 69.77
N TYR FB 68 18.16 48.10 68.53
CA TYR FB 68 18.09 47.16 67.41
C TYR FB 68 19.46 46.87 66.80
N GLN FB 69 20.48 47.62 67.18
CA GLN FB 69 21.77 47.59 66.50
C GLN FB 69 22.77 46.78 67.33
N ILE FB 70 23.32 45.73 66.73
CA ILE FB 70 24.33 44.91 67.38
C ILE FB 70 25.70 45.44 66.94
N PRO FB 71 26.48 46.04 67.84
CA PRO FB 71 27.76 46.64 67.42
C PRO FB 71 28.79 45.56 67.12
N VAL FB 72 29.41 45.66 65.95
CA VAL FB 72 30.45 44.73 65.51
C VAL FB 72 31.66 45.55 65.11
N GLY FB 73 32.78 45.34 65.80
CA GLY FB 73 33.99 46.10 65.55
C GLY FB 73 34.08 47.36 66.39
N ASP FB 78 38.28 42.52 71.27
CA ASP FB 78 38.18 41.39 72.18
C ASP FB 78 37.45 40.23 71.53
N LYS FB 79 38.16 39.14 71.28
CA LYS FB 79 37.60 37.94 70.66
C LYS FB 79 37.28 36.85 71.69
N THR FB 80 37.40 37.15 72.98
CA THR FB 80 37.21 36.15 74.01
C THR FB 80 35.79 36.10 74.56
N LYS FB 81 35.02 37.17 74.41
CA LYS FB 81 33.63 37.18 74.85
C LYS FB 81 32.71 37.35 73.65
N PRO FB 82 31.53 36.73 73.68
CA PRO FB 82 30.67 36.74 72.48
C PRO FB 82 30.11 38.11 72.20
N ILE FB 83 29.65 38.28 70.96
CA ILE FB 83 29.08 39.56 70.55
C ILE FB 83 27.73 39.78 71.23
N PHE FB 84 26.83 38.82 71.10
CA PHE FB 84 25.54 38.88 71.77
C PHE FB 84 25.12 37.46 72.12
N SER FB 85 24.08 37.38 72.95
CA SER FB 85 23.57 36.10 73.44
C SER FB 85 22.21 36.32 74.09
N PHE FB 86 21.23 35.48 73.79
CA PHE FB 86 19.91 35.65 74.39
C PHE FB 86 19.16 34.33 74.41
N GLN FB 87 18.25 34.20 75.38
CA GLN FB 87 17.33 33.07 75.42
C GLN FB 87 16.52 32.99 74.14
N MET FB 88 16.26 31.76 73.69
CA MET FB 88 15.47 31.54 72.48
C MET FB 88 14.09 31.06 72.89
N ASP FB 89 13.28 32.01 73.37
CA ASP FB 89 11.87 31.77 73.64
C ASP FB 89 11.08 33.08 73.57
N PRO FB 90 10.10 33.18 72.66
CA PRO FB 90 9.41 34.47 72.47
C PRO FB 90 8.57 34.91 73.65
N GLY FB 91 8.33 34.04 74.63
CA GLY FB 91 7.69 34.43 75.87
C GLY FB 91 8.72 34.47 76.98
N TYR FB 92 8.52 35.40 77.93
CA TYR FB 92 9.35 35.53 79.12
C TYR FB 92 10.83 35.74 78.76
N SER FB 93 11.09 36.44 77.64
CA SER FB 93 12.45 36.80 77.25
C SER FB 93 12.45 38.25 76.81
N SER FB 94 13.33 39.05 77.39
CA SER FB 94 13.31 40.50 77.15
C SER FB 94 13.58 40.83 75.69
N VAL FB 95 14.31 39.97 74.99
CA VAL FB 95 14.70 40.28 73.61
C VAL FB 95 13.57 39.97 72.63
N LEU FB 96 12.85 38.87 72.84
CA LEU FB 96 11.89 38.36 71.87
C LEU FB 96 10.44 38.47 72.34
N LYS FB 97 10.16 39.28 73.35
CA LYS FB 97 8.80 39.33 73.89
C LYS FB 97 7.95 40.43 73.27
N ARG FB 98 8.56 41.44 72.64
CA ARG FB 98 7.80 42.51 72.01
C ARG FB 98 7.93 42.47 70.50
N THR FB 99 8.45 41.39 69.96
CA THR FB 99 8.44 41.12 68.53
C THR FB 99 7.02 40.80 68.07
N LEU FB 100 6.75 40.97 66.77
CA LEU FB 100 5.48 40.51 66.21
C LEU FB 100 5.27 39.03 66.50
N LEU FB 101 6.34 38.23 66.42
CA LEU FB 101 6.26 36.85 66.86
C LEU FB 101 5.95 36.77 68.35
N GLY FB 102 6.74 37.45 69.16
CA GLY FB 102 6.61 37.33 70.60
C GLY FB 102 5.42 38.03 71.20
N GLU FB 103 4.72 38.86 70.41
CA GLU FB 103 3.56 39.58 70.92
C GLU FB 103 2.25 38.92 70.58
N MET FB 104 2.20 38.17 69.48
CA MET FB 104 1.01 37.40 69.17
C MET FB 104 1.00 36.06 69.89
N LEU FB 105 2.11 35.72 70.57
CA LEU FB 105 2.24 34.54 71.39
C LEU FB 105 1.95 34.79 72.87
N ASN FB 106 1.86 36.05 73.30
CA ASN FB 106 1.47 36.33 74.67
C ASN FB 106 -0.04 36.39 74.85
N TYR FB 107 -0.81 36.32 73.76
CA TYR FB 107 -2.24 36.12 73.82
C TYR FB 107 -2.63 34.67 74.08
N TYR FB 108 -1.64 33.78 74.21
CA TYR FB 108 -1.93 32.35 74.29
C TYR FB 108 -1.05 31.71 75.35
N ALA FB 109 -1.57 30.64 75.94
CA ALA FB 109 -0.85 29.90 76.97
C ALA FB 109 -0.09 28.70 76.42
N HIS FB 110 -0.68 27.95 75.49
CA HIS FB 110 -0.03 26.80 74.89
C HIS FB 110 0.35 27.16 73.46
N TRP FB 111 1.65 27.19 73.16
CA TRP FB 111 2.10 27.38 71.80
C TRP FB 111 3.36 26.56 71.58
N SER FB 112 3.54 26.10 70.35
CA SER FB 112 4.65 25.22 70.01
C SER FB 112 4.94 25.34 68.52
N GLY FB 113 6.21 25.46 68.18
CA GLY FB 113 6.60 25.57 66.79
C GLY FB 113 8.06 25.93 66.69
N SER FB 114 8.46 26.34 65.48
CA SER FB 114 9.82 26.76 65.22
C SER FB 114 9.86 28.24 64.89
N VAL FB 115 11.07 28.79 64.89
CA VAL FB 115 11.30 30.22 64.73
C VAL FB 115 12.59 30.43 63.95
N LYS FB 116 12.51 31.24 62.91
CA LYS FB 116 13.65 31.52 62.05
C LYS FB 116 14.22 32.90 62.36
N LEU FB 117 15.53 33.02 62.26
CA LEU FB 117 16.23 34.25 62.58
C LEU FB 117 17.08 34.67 61.39
N THR FB 118 16.98 35.93 61.00
CA THR FB 118 17.75 36.49 59.91
C THR FB 118 18.70 37.55 60.47
N PHE FB 119 19.98 37.43 60.15
CA PHE FB 119 21.00 38.37 60.60
C PHE FB 119 21.46 39.19 59.40
N LEU FB 120 20.94 40.41 59.29
CA LEU FB 120 21.29 41.33 58.23
C LEU FB 120 22.49 42.15 58.67
N PHE FB 121 23.62 41.97 57.98
CA PHE FB 121 24.82 42.75 58.26
C PHE FB 121 24.70 44.11 57.58
N CYS FB 122 24.61 45.17 58.38
CA CYS FB 122 24.42 46.52 57.88
C CYS FB 122 25.72 47.33 57.89
N GLY FB 123 26.83 46.70 57.54
CA GLY FB 123 28.10 47.38 57.42
C GLY FB 123 28.38 47.83 55.99
N SER FB 124 29.64 48.13 55.73
CA SER FB 124 30.03 48.63 54.43
C SER FB 124 30.01 47.51 53.40
N ALA FB 125 30.09 47.88 52.12
CA ALA FB 125 30.21 46.91 51.06
C ALA FB 125 31.64 46.43 50.86
N MET FB 126 32.58 46.99 51.64
CA MET FB 126 33.99 46.59 51.58
C MET FB 126 34.46 45.89 52.84
N ALA FB 127 33.69 45.92 53.92
CA ALA FB 127 34.10 45.26 55.15
C ALA FB 127 33.91 43.75 55.01
N THR FB 128 34.89 43.00 55.51
CA THR FB 128 34.90 41.57 55.34
C THR FB 128 35.38 40.90 56.62
N GLY FB 129 34.62 39.92 57.09
CA GLY FB 129 35.00 39.17 58.28
C GLY FB 129 34.14 37.94 58.39
N LYS FB 130 34.36 37.20 59.48
CA LYS FB 130 33.58 36.00 59.77
C LYS FB 130 33.00 36.07 61.17
N LEU FB 131 31.76 35.60 61.29
CA LEU FB 131 31.06 35.49 62.56
C LEU FB 131 30.56 34.06 62.70
N LEU FB 132 30.62 33.54 63.92
CA LEU FB 132 30.26 32.15 64.20
C LEU FB 132 29.02 32.15 65.08
N ILE FB 133 27.90 31.73 64.52
CA ILE FB 133 26.60 31.78 65.18
C ILE FB 133 26.30 30.39 65.72
N SER FB 134 26.39 30.23 67.03
CA SER FB 134 26.22 28.93 67.68
C SER FB 134 24.82 28.83 68.28
N TYR FB 135 24.31 27.61 68.31
CA TYR FB 135 23.00 27.32 68.86
C TYR FB 135 23.12 26.27 69.96
N SER FB 136 22.60 26.58 71.14
CA SER FB 136 22.64 25.51 72.13
C SER FB 136 21.26 24.88 72.28
N PRO FB 137 21.21 23.56 72.42
CA PRO FB 137 19.93 22.89 72.66
C PRO FB 137 19.33 23.33 73.97
N PRO FB 138 18.02 23.13 74.19
CA PRO FB 138 17.37 23.72 75.37
C PRO FB 138 17.88 23.21 76.69
N GLY FB 139 18.52 22.05 76.74
CA GLY FB 139 19.05 21.54 77.99
C GLY FB 139 20.50 21.90 78.22
N ALA FB 140 21.23 22.19 77.14
CA ALA FB 140 22.67 22.34 77.23
C ALA FB 140 23.03 23.68 77.85
N SER FB 141 24.29 23.79 78.28
CA SER FB 141 24.83 25.02 78.83
C SER FB 141 25.45 25.85 77.70
N VAL FB 142 25.59 27.14 77.96
CA VAL FB 142 26.11 28.06 76.94
C VAL FB 142 27.59 27.77 76.72
N PRO FB 143 28.11 28.01 75.52
CA PRO FB 143 29.57 27.90 75.33
C PRO FB 143 30.26 29.09 75.98
N THR FB 144 31.30 28.80 76.77
CA THR FB 144 32.07 29.85 77.41
C THR FB 144 33.20 30.37 76.55
N SER FB 145 33.58 29.63 75.51
CA SER FB 145 34.67 29.99 74.61
C SER FB 145 34.21 29.83 73.17
N ARG FB 146 35.03 30.29 72.24
CA ARG FB 146 34.68 30.16 70.83
C ARG FB 146 34.88 28.73 70.35
N LYS FB 147 35.90 28.04 70.86
CA LYS FB 147 36.13 26.66 70.46
C LYS FB 147 35.00 25.75 70.91
N ASP FB 148 34.51 25.95 72.14
CA ASP FB 148 33.42 25.13 72.64
C ASP FB 148 32.11 25.42 71.91
N ALA FB 149 31.97 26.62 71.35
CA ALA FB 149 30.85 26.91 70.47
C ALA FB 149 31.03 26.27 69.09
N MET FB 150 32.28 26.11 68.65
CA MET FB 150 32.53 25.50 67.35
C MET FB 150 32.25 24.01 67.38
N LEU FB 151 32.43 23.36 68.54
CA LEU FB 151 32.23 21.93 68.65
C LEU FB 151 30.75 21.55 68.72
N GLY FB 152 29.87 22.52 68.97
CA GLY FB 152 28.44 22.26 68.93
C GLY FB 152 27.85 22.55 67.57
N THR FB 153 26.65 23.11 67.56
CA THR FB 153 26.00 23.53 66.31
C THR FB 153 26.37 24.99 66.04
N HIS FB 154 26.77 25.27 64.80
CA HIS FB 154 27.19 26.61 64.44
C HIS FB 154 27.07 26.78 62.93
N ILE FB 155 27.24 28.02 62.48
CA ILE FB 155 27.33 28.35 61.06
C ILE FB 155 28.34 29.49 60.93
N VAL FB 156 29.49 29.20 60.33
CA VAL FB 156 30.53 30.21 60.14
C VAL FB 156 30.07 31.10 58.99
N TRP FB 157 29.51 32.26 59.34
CA TRP FB 157 28.82 33.14 58.41
C TRP FB 157 29.80 34.15 57.84
N ASP FB 158 30.27 33.90 56.61
CA ASP FB 158 31.18 34.83 55.94
C ASP FB 158 30.42 36.08 55.51
N ILE FB 159 30.83 37.23 56.03
CA ILE FB 159 30.12 38.48 55.77
C ILE FB 159 30.44 38.99 54.36
N GLY FB 160 31.68 38.80 53.91
CA GLY FB 160 32.09 39.34 52.62
C GLY FB 160 31.41 38.70 51.43
N LEU FB 161 30.90 37.48 51.58
CA LEU FB 161 30.20 36.80 50.50
C LEU FB 161 28.70 37.08 50.55
N GLN FB 162 28.04 36.64 51.62
CA GLN FB 162 26.63 36.90 51.84
C GLN FB 162 26.47 37.83 53.04
N SER FB 163 25.43 38.65 52.99
CA SER FB 163 25.17 39.65 54.04
C SER FB 163 23.92 39.34 54.85
N SER FB 164 23.39 38.13 54.74
CA SER FB 164 22.16 37.78 55.44
C SER FB 164 22.14 36.27 55.63
N CYS FB 165 22.26 35.81 56.87
CA CYS FB 165 22.28 34.39 57.19
C CYS FB 165 21.02 34.04 57.98
N VAL FB 166 20.34 32.99 57.55
CA VAL FB 166 19.03 32.63 58.08
C VAL FB 166 19.14 31.32 58.85
N LEU FB 167 18.58 31.30 60.05
CA LEU FB 167 18.49 30.11 60.88
C LEU FB 167 17.05 29.58 60.87
N CYS FB 168 16.84 28.48 61.59
CA CYS FB 168 15.50 28.00 61.87
C CYS FB 168 15.60 27.15 63.13
N VAL FB 169 15.20 27.73 64.26
CA VAL FB 169 15.42 27.12 65.57
C VAL FB 169 14.18 26.29 65.92
N PRO FB 170 14.30 24.97 66.08
CA PRO FB 170 13.14 24.16 66.44
C PRO FB 170 12.98 23.99 67.95
N TRP FB 171 11.99 23.20 68.35
CA TRP FB 171 11.75 22.88 69.76
C TRP FB 171 11.52 24.14 70.60
N ILE FB 172 10.59 24.98 70.16
CA ILE FB 172 10.29 26.23 70.83
C ILE FB 172 8.84 26.16 71.27
N SER FB 173 8.62 26.01 72.57
CA SER FB 173 7.27 25.83 73.11
C SER FB 173 7.27 26.13 74.59
N GLN FB 174 6.11 26.56 75.09
CA GLN FB 174 5.85 26.60 76.51
C GLN FB 174 4.40 26.22 76.75
N SER FB 175 4.07 26.00 78.02
CA SER FB 175 2.74 25.53 78.39
C SER FB 175 2.43 25.84 79.85
N SER FB 187 14.26 27.58 80.55
CA SER FB 187 15.19 26.54 80.09
C SER FB 187 15.04 26.32 78.59
N ALA FB 188 15.50 27.27 77.80
CA ALA FB 188 15.40 27.21 76.35
C ALA FB 188 16.77 27.33 75.71
N GLY FB 189 16.79 27.47 74.39
CA GLY FB 189 18.02 27.50 73.64
C GLY FB 189 18.78 28.81 73.79
N TYR FB 190 19.83 28.93 72.99
CA TYR FB 190 20.70 30.10 73.00
C TYR FB 190 21.20 30.37 71.59
N ILE FB 191 21.19 31.63 71.19
CA ILE FB 191 21.79 32.06 69.94
C ILE FB 191 22.90 33.02 70.31
N THR FB 192 24.11 32.49 70.49
CA THR FB 192 25.29 33.30 70.71
C THR FB 192 25.97 33.58 69.38
N CYS FB 193 26.88 34.54 69.38
CA CYS FB 193 27.59 34.90 68.17
C CYS FB 193 29.00 35.32 68.54
N TRP FB 194 29.97 34.89 67.73
CA TRP FB 194 31.38 34.94 68.08
C TRP FB 194 32.18 35.58 66.97
N TYR FB 195 33.31 36.19 67.33
CA TYR FB 195 34.27 36.65 66.35
C TYR FB 195 35.11 35.46 65.91
N GLN FB 196 34.80 34.92 64.74
CA GLN FB 196 35.73 34.00 64.10
C GLN FB 196 36.95 34.77 63.62
N THR FB 197 36.72 35.83 62.83
CA THR FB 197 37.75 36.76 62.43
C THR FB 197 37.27 38.18 62.74
N ASN FB 198 38.21 39.11 62.80
CA ASN FB 198 37.83 40.51 62.93
C ASN FB 198 37.30 41.04 61.61
N ILE FB 199 36.74 42.25 61.65
CA ILE FB 199 36.21 42.89 60.45
C ILE FB 199 37.37 43.54 59.71
N VAL FB 200 37.69 43.02 58.53
CA VAL FB 200 38.79 43.53 57.72
C VAL FB 200 38.23 44.60 56.79
N VAL FB 201 38.88 45.76 56.77
CA VAL FB 201 38.30 46.95 56.16
C VAL FB 201 39.39 47.74 55.43
N PRO FB 202 39.12 48.23 54.23
CA PRO FB 202 40.11 49.06 53.52
C PRO FB 202 40.25 50.41 54.18
N PRO FB 203 41.23 51.23 53.74
CA PRO FB 203 41.44 52.52 54.42
C PRO FB 203 40.28 53.50 54.30
N GLY FB 204 39.40 53.35 53.30
CA GLY FB 204 38.32 54.31 53.13
C GLY FB 204 37.07 54.03 53.94
N ALA FB 205 36.77 52.76 54.15
CA ALA FB 205 35.51 52.40 54.79
C ALA FB 205 35.63 52.48 56.31
N PRO FB 206 34.53 52.73 57.01
CA PRO FB 206 34.58 52.80 58.48
C PRO FB 206 34.82 51.44 59.11
N THR FB 207 35.26 51.47 60.36
CA THR FB 207 35.73 50.28 61.05
C THR FB 207 34.62 49.56 61.83
N SER FB 208 33.67 50.30 62.37
CA SER FB 208 32.64 49.74 63.23
C SER FB 208 31.33 49.61 62.45
N CYS FB 209 30.73 48.44 62.51
CA CYS FB 209 29.53 48.11 61.73
C CYS FB 209 28.42 47.65 62.68
N ASP FB 210 27.25 47.41 62.11
CA ASP FB 210 26.08 46.96 62.86
C ASP FB 210 25.48 45.73 62.20
N VAL FB 211 24.80 44.92 63.01
CA VAL FB 211 24.10 43.73 62.55
C VAL FB 211 22.68 43.79 63.08
N LEU FB 212 21.71 43.81 62.18
CA LEU FB 212 20.31 43.73 62.57
C LEU FB 212 19.87 42.27 62.63
N CYS FB 213 18.88 42.01 63.47
CA CYS FB 213 18.31 40.68 63.61
C CYS FB 213 16.81 40.71 63.31
N PHE FB 214 16.28 39.55 62.98
CA PHE FB 214 14.87 39.41 62.63
C PHE FB 214 14.35 38.11 63.22
N ALA FB 215 13.03 37.99 63.31
CA ALA FB 215 12.42 36.79 63.87
C ALA FB 215 11.00 36.65 63.35
N SER FB 216 10.63 35.42 63.00
CA SER FB 216 9.27 35.08 62.59
C SER FB 216 9.05 33.59 62.85
N ALA FB 217 7.93 33.07 62.37
CA ALA FB 217 7.66 31.64 62.41
C ALA FB 217 8.26 30.98 61.18
N CYS FB 218 8.96 29.87 61.39
CA CYS FB 218 9.82 29.33 60.34
C CYS FB 218 9.00 28.68 59.22
N ASN FB 219 8.24 27.64 59.55
CA ASN FB 219 7.37 26.99 58.57
C ASN FB 219 5.90 27.13 58.95
N ASP FB 220 5.52 26.68 60.15
CA ASP FB 220 4.14 26.74 60.62
C ASP FB 220 4.19 26.69 62.13
N PHE FB 221 3.22 27.32 62.78
CA PHE FB 221 3.28 27.55 64.21
C PHE FB 221 1.98 27.09 64.83
N SER FB 222 2.08 26.41 65.97
CA SER FB 222 0.91 25.85 66.65
C SER FB 222 0.69 26.59 67.96
N VAL FB 223 -0.57 26.86 68.27
CA VAL FB 223 -0.91 27.74 69.38
C VAL FB 223 -2.37 27.47 69.79
N ARG FB 224 -2.60 27.30 71.10
CA ARG FB 224 -3.87 26.71 71.53
C ARG FB 224 -4.72 27.63 72.41
N LEU FB 225 -4.26 28.02 73.60
CA LEU FB 225 -5.17 28.45 74.66
C LEU FB 225 -5.11 29.97 74.83
N LEU FB 226 -6.17 30.65 74.42
CA LEU FB 226 -6.19 32.10 74.46
C LEU FB 226 -6.30 32.62 75.88
N ARG FB 227 -5.61 33.72 76.17
CA ARG FB 227 -5.66 34.37 77.47
C ARG FB 227 -5.53 35.88 77.27
N ASP FB 228 -5.58 36.61 78.39
CA ASP FB 228 -5.35 38.05 78.35
C ASP FB 228 -3.86 38.35 78.41
N THR FB 229 -3.43 39.39 77.70
CA THR FB 229 -2.02 39.73 77.65
C THR FB 229 -1.56 40.35 78.97
N PRO FB 230 -0.29 40.13 79.35
CA PRO FB 230 0.21 40.70 80.61
C PRO FB 230 0.60 42.16 80.51
N PHE FB 231 0.94 42.64 79.31
CA PHE FB 231 1.50 43.98 79.16
C PHE FB 231 0.51 45.06 79.59
N MET FB 232 -0.70 45.02 79.06
CA MET FB 232 -1.71 46.01 79.45
C MET FB 232 -2.03 45.90 80.93
N ALA FB 233 -2.25 47.05 81.56
CA ALA FB 233 -2.52 47.09 82.99
C ALA FB 233 -3.98 47.48 83.26
N GLN GB 43 84.02 23.76 25.44
CA GLN GB 43 82.82 23.16 24.87
C GLN GB 43 82.01 24.19 24.08
N THR GB 44 81.08 23.71 23.27
CA THR GB 44 80.23 24.58 22.46
C THR GB 44 78.81 24.06 22.49
N ARG GB 45 77.87 24.96 22.27
CA ARG GB 45 76.45 24.62 22.31
C ARG GB 45 76.06 23.98 20.99
N HIS GB 46 75.78 22.68 21.02
CA HIS GB 46 75.44 21.92 19.83
C HIS GB 46 73.93 21.69 19.78
N VAL GB 47 73.46 21.25 18.60
CA VAL GB 47 72.07 20.87 18.43
C VAL GB 47 71.89 19.49 19.04
N VAL GB 48 71.43 19.45 20.30
CA VAL GB 48 71.22 18.20 21.01
C VAL GB 48 69.81 17.76 20.63
N ASN GB 49 69.70 17.09 19.48
CA ASN GB 49 68.41 16.71 18.91
C ASN GB 49 68.19 15.21 19.13
N PHE GB 50 67.26 14.90 20.02
CA PHE GB 50 66.76 13.55 20.25
C PHE GB 50 65.58 13.68 21.21
N HIS GB 51 64.82 12.61 21.35
CA HIS GB 51 63.62 12.61 22.19
C HIS GB 51 63.59 11.30 22.95
N SER GB 52 64.00 11.34 24.22
CA SER GB 52 64.09 10.13 25.02
C SER GB 52 63.99 10.48 26.50
N ARG GB 53 63.22 9.65 27.22
CA ARG GB 53 63.16 9.74 28.68
C ARG GB 53 63.25 8.36 29.30
N SER GB 54 63.94 7.43 28.63
CA SER GB 54 64.13 6.10 29.19
C SER GB 54 65.17 6.11 30.31
N GLU GB 55 66.08 7.09 30.29
CA GLU GB 55 67.09 7.21 31.33
C GLU GB 55 66.58 7.98 32.53
N SER GB 56 65.36 8.50 32.46
CA SER GB 56 64.79 9.29 33.55
C SER GB 56 63.77 8.49 34.35
N THR GB 57 63.53 7.24 34.00
CA THR GB 57 62.62 6.43 34.79
C THR GB 57 63.28 6.09 36.13
N ILE GB 58 62.47 5.58 37.06
CA ILE GB 58 62.96 5.37 38.42
C ILE GB 58 63.96 4.22 38.47
N GLU GB 59 63.71 3.15 37.70
CA GLU GB 59 64.61 2.02 37.72
C GLU GB 59 65.93 2.33 37.03
N ASN GB 60 65.94 3.28 36.10
CA ASN GB 60 67.16 3.70 35.43
C ASN GB 60 67.83 4.87 36.12
N PHE GB 61 67.26 5.32 37.24
CA PHE GB 61 67.79 6.42 38.05
C PHE GB 61 68.35 5.96 39.38
N MET GB 62 67.66 5.04 40.04
CA MET GB 62 68.05 4.49 41.34
C MET GB 62 68.84 3.20 41.22
N GLY GB 63 68.49 2.34 40.26
CA GLY GB 63 69.11 1.04 40.14
C GLY GB 63 70.53 1.11 39.59
N ARG GB 64 71.45 1.65 40.40
CA ARG GB 64 72.85 1.69 40.03
C ARG GB 64 73.71 1.32 41.21
N ALA GB 65 74.66 0.41 40.98
CA ALA GB 65 75.47 -0.13 42.06
C ALA GB 65 76.50 0.90 42.51
N ALA GB 66 76.57 1.13 43.82
CA ALA GB 66 77.48 2.09 44.40
C ALA GB 66 78.10 1.48 45.65
N CYS GB 67 79.37 1.77 45.87
CA CYS GB 67 80.08 1.21 47.02
C CYS GB 67 79.65 1.96 48.27
N VAL GB 68 79.16 1.22 49.26
CA VAL GB 68 78.55 1.82 50.44
C VAL GB 68 79.21 1.40 51.74
N PHE GB 69 80.20 0.51 51.72
CA PHE GB 69 80.78 0.02 52.97
C PHE GB 69 82.17 -0.56 52.71
N MET GB 70 83.20 0.19 53.11
CA MET GB 70 84.55 -0.34 53.24
C MET GB 70 84.82 -0.67 54.70
N ASP GB 71 85.46 -1.82 54.94
CA ASP GB 71 85.83 -2.17 56.30
C ASP GB 71 86.96 -3.19 56.28
N GLN GB 72 87.77 -3.15 57.34
CA GLN GB 72 88.87 -4.07 57.55
C GLN GB 72 88.45 -5.13 58.57
N TYR GB 73 89.00 -6.33 58.43
CA TYR GB 73 88.83 -7.35 59.45
C TYR GB 73 89.98 -8.35 59.36
N LYS GB 74 90.58 -8.64 60.51
CA LYS GB 74 91.79 -9.46 60.58
C LYS GB 74 91.43 -10.94 60.48
N ILE GB 75 92.38 -11.81 60.79
CA ILE GB 75 92.12 -13.25 60.77
C ILE GB 75 92.51 -13.90 62.09
N ASN GB 76 93.51 -13.37 62.77
CA ASN GB 76 94.05 -14.03 63.95
C ASN GB 76 94.42 -13.00 65.02
N GLY GB 77 94.68 -13.50 66.22
CA GLY GB 77 94.95 -12.69 67.37
C GLY GB 77 93.68 -12.17 68.03
N GLU GB 78 93.81 -11.80 69.30
CA GLU GB 78 92.75 -11.16 70.08
C GLU GB 78 91.43 -11.91 69.96
N GLU GB 79 91.41 -13.10 70.61
CA GLU GB 79 90.31 -14.03 70.44
C GLU GB 79 88.97 -13.39 70.80
N THR GB 80 88.96 -12.46 71.76
CA THR GB 80 87.79 -11.65 72.08
C THR GB 80 88.04 -10.23 71.60
N SER GB 81 87.76 -9.99 70.31
CA SER GB 81 87.92 -8.66 69.73
C SER GB 81 86.81 -8.39 68.74
N THR GB 82 86.57 -7.11 68.49
CA THR GB 82 85.57 -6.65 67.53
C THR GB 82 86.18 -6.26 66.19
N ASP GB 83 87.48 -6.49 66.00
CA ASP GB 83 88.17 -6.14 64.76
C ASP GB 83 88.44 -7.35 63.88
N ARG GB 84 87.71 -8.45 64.10
CA ARG GB 84 87.84 -9.64 63.27
C ARG GB 84 86.60 -9.90 62.43
N PHE GB 85 85.65 -8.97 62.40
CA PHE GB 85 84.47 -9.11 61.57
C PHE GB 85 83.90 -7.73 61.28
N ALA GB 86 82.98 -7.67 60.32
CA ALA GB 86 82.34 -6.43 59.89
C ALA GB 86 80.86 -6.49 60.22
N VAL GB 87 80.22 -5.32 60.19
CA VAL GB 87 78.83 -5.21 60.64
C VAL GB 87 77.91 -4.61 59.58
N TRP GB 88 78.02 -3.31 59.35
CA TRP GB 88 77.20 -2.56 58.39
C TRP GB 88 75.71 -2.89 58.46
N THR GB 89 75.02 -2.31 59.43
CA THR GB 89 73.55 -2.31 59.42
C THR GB 89 73.04 -1.66 58.13
N ILE GB 90 72.27 -2.43 57.36
CA ILE GB 90 71.91 -2.00 56.00
C ILE GB 90 70.89 -0.87 56.08
N ASN GB 91 71.27 0.30 55.56
CA ASN GB 91 70.33 1.41 55.42
C ASN GB 91 70.72 2.24 54.20
N ILE GB 92 69.75 3.01 53.69
CA ILE GB 92 70.00 3.88 52.55
C ILE GB 92 70.78 5.13 52.94
N ARG GB 93 70.86 5.45 54.22
CA ARG GB 93 71.51 6.68 54.67
C ARG GB 93 73.00 6.45 54.93
N GLU GB 94 73.67 5.83 53.96
CA GLU GB 94 75.08 5.46 54.10
C GLU GB 94 75.99 6.58 53.63
N MET GB 95 75.96 6.89 52.33
CA MET GB 95 76.72 8.01 51.80
C MET GB 95 75.77 9.01 51.17
N ALA GB 96 76.17 10.29 51.21
CA ALA GB 96 75.25 11.37 50.89
C ALA GB 96 74.87 11.42 49.41
N GLN GB 97 75.68 10.84 48.53
CA GLN GB 97 75.35 10.87 47.12
C GLN GB 97 74.15 9.97 46.82
N LEU GB 98 74.14 8.75 47.36
CA LEU GB 98 72.96 7.90 47.21
C LEU GB 98 71.82 8.36 48.11
N ARG GB 99 72.13 8.77 49.34
CA ARG GB 99 71.09 9.22 50.26
C ARG GB 99 70.26 10.34 49.63
N ARG GB 100 70.90 11.21 48.86
CA ARG GB 100 70.18 12.31 48.24
C ARG GB 100 69.15 11.80 47.24
N LYS GB 101 69.47 10.74 46.50
CA LYS GB 101 68.54 10.23 45.51
C LYS GB 101 67.34 9.53 46.14
N CYS GB 102 67.54 8.84 47.27
CA CYS GB 102 66.43 8.20 47.94
C CYS GB 102 65.49 9.19 48.59
N GLU GB 103 65.95 10.43 48.81
CA GLU GB 103 65.12 11.47 49.39
C GLU GB 103 64.40 12.31 48.35
N MET GB 104 64.49 11.94 47.07
CA MET GB 104 63.58 12.50 46.08
C MET GB 104 62.16 12.04 46.33
N PHE GB 105 61.99 10.89 46.98
CA PHE GB 105 60.72 10.20 47.09
C PHE GB 105 60.47 9.85 48.55
N THR GB 106 59.22 9.97 48.98
CA THR GB 106 58.89 9.65 50.37
C THR GB 106 58.86 8.14 50.60
N TYR GB 107 58.13 7.41 49.76
CA TYR GB 107 57.98 5.97 49.91
C TYR GB 107 58.56 5.26 48.69
N MET GB 108 59.25 4.16 48.93
CA MET GB 108 59.79 3.35 47.85
C MET GB 108 59.97 1.92 48.35
N ARG GB 109 59.80 0.97 47.44
CA ARG GB 109 60.02 -0.45 47.73
C ARG GB 109 60.85 -1.06 46.61
N PHE GB 110 61.76 -1.96 46.99
CA PHE GB 110 62.77 -2.42 46.05
C PHE GB 110 63.48 -3.62 46.65
N ASP GB 111 63.82 -4.58 45.78
CA ASP GB 111 64.76 -5.62 46.15
C ASP GB 111 66.18 -5.06 46.10
N ILE GB 112 67.04 -5.57 46.96
CA ILE GB 112 68.44 -5.18 46.97
C ILE GB 112 69.28 -6.38 46.56
N GLU GB 113 70.34 -6.12 45.79
CA GLU GB 113 71.20 -7.18 45.24
C GLU GB 113 72.62 -6.67 45.36
N MET GB 114 73.27 -6.99 46.47
CA MET GB 114 74.61 -6.51 46.76
C MET GB 114 75.65 -7.55 46.36
N THR GB 115 76.78 -7.08 45.85
CA THR GB 115 77.89 -7.94 45.47
C THR GB 115 79.13 -7.42 46.16
N MET GB 116 79.72 -8.24 47.03
CA MET GB 116 80.91 -7.84 47.76
C MET GB 116 82.15 -8.01 46.90
N VAL GB 117 83.16 -7.20 47.19
CA VAL GB 117 84.46 -7.26 46.51
C VAL GB 117 85.49 -7.32 47.62
N ILE GB 118 86.05 -8.51 47.85
CA ILE GB 118 86.87 -8.79 49.01
C ILE GB 118 88.31 -8.95 48.57
N THR GB 119 89.21 -8.25 49.25
CA THR GB 119 90.64 -8.31 48.98
C THR GB 119 91.35 -8.89 50.20
N SER GB 120 92.67 -8.92 50.14
CA SER GB 120 93.47 -9.39 51.27
C SER GB 120 94.88 -8.85 51.14
N CYS GB 121 95.56 -8.78 52.28
CA CYS GB 121 96.93 -8.30 52.36
C CYS GB 121 97.67 -9.23 53.32
N GLN GB 122 98.84 -8.82 53.78
CA GLN GB 122 99.59 -9.60 54.76
C GLN GB 122 100.69 -8.76 55.42
N MET GB 132 100.90 -18.72 52.70
CA MET GB 132 99.54 -18.78 53.22
C MET GB 132 98.69 -19.78 52.44
N PRO GB 133 97.50 -20.13 52.95
CA PRO GB 133 96.61 -21.00 52.18
C PRO GB 133 95.70 -20.20 51.27
N VAL GB 134 94.74 -20.87 50.64
CA VAL GB 134 93.67 -20.18 49.92
C VAL GB 134 92.56 -19.84 50.92
N LEU GB 135 92.13 -18.58 50.92
CA LEU GB 135 91.23 -18.08 51.94
C LEU GB 135 89.76 -18.24 51.52
N THR GB 136 88.92 -18.53 52.50
CA THR GB 136 87.48 -18.64 52.30
C THR GB 136 86.80 -17.69 53.29
N HIS GB 137 85.83 -16.93 52.81
CA HIS GB 137 85.15 -15.91 53.59
C HIS GB 137 83.72 -16.35 53.87
N GLN GB 138 83.02 -15.56 54.69
CA GLN GB 138 81.61 -15.79 55.00
C GLN GB 138 80.92 -14.46 55.16
N ILE GB 139 79.89 -14.21 54.36
CA ILE GB 139 79.11 -12.99 54.40
C ILE GB 139 77.72 -13.36 54.88
N MET GB 140 77.46 -13.19 56.17
CA MET GB 140 76.20 -13.61 56.78
C MET GB 140 75.25 -12.43 56.86
N TYR GB 141 74.14 -12.52 56.13
CA TYR GB 141 73.06 -11.56 56.23
C TYR GB 141 72.07 -12.02 57.29
N VAL GB 142 71.90 -11.23 58.34
CA VAL GB 142 70.87 -11.53 59.33
C VAL GB 142 69.65 -10.69 59.00
N PRO GB 143 68.44 -11.24 59.09
CA PRO GB 143 67.23 -10.46 58.84
C PRO GB 143 67.00 -9.45 59.95
N PRO GB 144 65.96 -8.61 59.84
CA PRO GB 144 65.66 -7.69 60.96
C PRO GB 144 65.39 -8.40 62.27
N GLY GB 145 64.67 -9.52 62.22
CA GLY GB 145 64.57 -10.39 63.38
C GLY GB 145 65.60 -11.50 63.30
N GLY GB 146 66.76 -11.26 63.90
CA GLY GB 146 67.86 -12.20 63.83
C GLY GB 146 68.92 -11.95 64.87
N PRO GB 147 69.50 -13.02 65.40
CA PRO GB 147 70.57 -12.88 66.38
C PRO GB 147 71.88 -12.44 65.73
N ILE GB 148 72.63 -11.65 66.47
CA ILE GB 148 73.89 -11.11 65.94
C ILE GB 148 75.05 -11.75 66.70
N PRO GB 149 76.20 -11.93 66.06
CA PRO GB 149 77.38 -12.40 66.80
C PRO GB 149 77.96 -11.28 67.65
N ALA GB 150 78.57 -11.68 68.77
CA ALA GB 150 79.36 -10.76 69.58
C ALA GB 150 80.85 -10.92 69.36
N LYS GB 151 81.27 -12.11 68.90
CA LYS GB 151 82.67 -12.40 68.65
C LYS GB 151 82.76 -13.18 67.34
N VAL GB 152 83.98 -13.31 66.82
CA VAL GB 152 84.19 -14.04 65.58
C VAL GB 152 83.86 -15.52 65.74
N ASP GB 153 83.85 -16.02 66.97
CA ASP GB 153 83.57 -17.43 67.25
C ASP GB 153 82.27 -17.63 68.01
N GLY GB 154 81.30 -16.75 67.79
CA GLY GB 154 80.00 -16.92 68.42
C GLY GB 154 79.20 -18.03 67.76
N TYR GB 155 78.14 -18.45 68.45
CA TYR GB 155 77.30 -19.51 67.91
C TYR GB 155 76.28 -18.98 66.89
N GLU GB 156 76.09 -17.66 66.83
CA GLU GB 156 75.11 -17.09 65.90
C GLU GB 156 75.51 -17.39 64.46
N TRP GB 157 76.82 -17.47 64.18
CA TRP GB 157 77.30 -17.73 62.83
C TRP GB 157 76.76 -19.03 62.27
N GLN GB 158 76.33 -19.96 63.12
CA GLN GB 158 75.82 -21.26 62.71
C GLN GB 158 74.30 -21.29 62.64
N THR GB 159 73.63 -20.14 62.67
CA THR GB 159 72.17 -20.11 62.67
C THR GB 159 71.65 -20.43 61.28
N SER GB 160 70.72 -21.38 61.21
CA SER GB 160 70.20 -21.84 59.93
C SER GB 160 69.29 -20.82 59.27
N THR GB 161 68.72 -19.89 60.04
CA THR GB 161 67.83 -18.87 59.49
C THR GB 161 68.57 -17.63 59.01
N ASN GB 162 69.89 -17.54 59.26
CA ASN GB 162 70.71 -16.46 58.71
C ASN GB 162 71.41 -16.96 57.46
N PRO GB 163 70.97 -16.57 56.26
CA PRO GB 163 71.64 -17.04 55.04
C PRO GB 163 73.00 -16.39 54.89
N SER GB 164 73.97 -17.19 54.45
CA SER GB 164 75.34 -16.72 54.34
C SER GB 164 76.00 -17.39 53.13
N VAL GB 165 76.86 -16.65 52.46
CA VAL GB 165 77.63 -17.17 51.33
C VAL GB 165 79.05 -17.45 51.79
N PHE GB 166 79.62 -18.55 51.29
CA PHE GB 166 80.98 -18.94 51.61
C PHE GB 166 81.81 -18.80 50.33
N TRP GB 167 82.39 -17.63 50.15
CA TRP GB 167 83.17 -17.32 48.97
C TRP GB 167 84.64 -17.58 49.28
N THR GB 168 85.26 -18.41 48.45
CA THR GB 168 86.70 -18.66 48.52
C THR GB 168 87.42 -17.75 47.53
N GLU GB 169 88.65 -17.41 47.86
CA GLU GB 169 89.35 -16.37 47.11
C GLU GB 169 89.71 -16.86 45.71
N GLY GB 170 89.69 -15.93 44.75
CA GLY GB 170 90.07 -16.19 43.38
C GLY GB 170 88.90 -16.29 42.41
N ASN GB 171 87.69 -16.56 42.89
CA ASN GB 171 86.55 -16.73 42.01
C ASN GB 171 85.90 -15.38 41.70
N ALA GB 172 84.73 -15.43 41.05
CA ALA GB 172 83.93 -14.23 40.85
C ALA GB 172 83.42 -13.72 42.19
N PRO GB 173 83.09 -12.43 42.29
CA PRO GB 173 82.67 -11.89 43.57
C PRO GB 173 81.35 -12.50 44.03
N PRO GB 174 81.14 -12.62 45.33
CA PRO GB 174 79.90 -13.22 45.83
C PRO GB 174 78.74 -12.26 45.70
N ARG GB 175 77.60 -12.77 45.23
CA ARG GB 175 76.40 -11.96 45.07
C ARG GB 175 75.27 -12.59 45.88
N ILE GB 176 74.65 -11.77 46.74
CA ILE GB 176 73.55 -12.20 47.60
C ILE GB 176 72.43 -11.20 47.40
N SER GB 177 71.21 -11.70 47.17
CA SER GB 177 70.07 -10.84 46.88
C SER GB 177 69.03 -10.97 47.98
N ILE GB 178 68.45 -9.84 48.36
CA ILE GB 178 67.54 -9.77 49.50
C ILE GB 178 66.23 -9.16 49.02
N PRO GB 179 65.09 -9.81 49.27
CA PRO GB 179 63.82 -9.27 48.79
C PRO GB 179 63.33 -8.10 49.61
N PHE GB 180 62.10 -7.65 49.35
CA PHE GB 180 61.48 -6.59 50.13
C PHE GB 180 61.10 -7.13 51.49
N ILE GB 181 61.90 -6.80 52.50
CA ILE GB 181 61.73 -7.40 53.83
C ILE GB 181 60.62 -6.71 54.63
N SER GB 182 60.42 -5.40 54.41
CA SER GB 182 59.76 -4.55 55.40
C SER GB 182 58.35 -5.05 55.74
N VAL GB 183 57.91 -4.68 56.95
CA VAL GB 183 56.61 -5.12 57.43
C VAL GB 183 55.50 -4.37 56.72
N GLY GB 184 55.71 -3.08 56.48
CA GLY GB 184 54.73 -2.27 55.80
C GLY GB 184 54.72 -2.58 54.32
N ASN GB 185 54.19 -1.64 53.55
CA ASN GB 185 54.06 -1.83 52.11
C ASN GB 185 55.13 -1.06 51.32
N ALA GB 186 55.96 -0.26 52.00
CA ALA GB 186 57.06 0.41 51.35
C ALA GB 186 58.08 0.82 52.41
N TYR GB 187 59.32 1.03 51.97
CA TYR GB 187 60.30 1.68 52.82
C TYR GB 187 60.04 3.18 52.83
N SER GB 188 60.11 3.77 54.02
CA SER GB 188 59.87 5.19 54.19
C SER GB 188 61.22 5.89 54.32
N SER GB 189 61.50 6.83 53.41
CA SER GB 189 62.71 7.63 53.52
C SER GB 189 62.61 8.60 54.69
N PHE GB 190 61.43 9.16 54.93
CA PHE GB 190 61.17 10.09 56.01
C PHE GB 190 60.05 9.56 56.88
N TYR GB 191 60.15 9.78 58.19
CA TYR GB 191 59.12 9.34 59.13
C TYR GB 191 58.93 10.44 60.17
N ASP GB 192 57.94 11.30 59.93
CA ASP GB 192 57.60 12.37 60.87
C ASP GB 192 56.78 11.76 61.99
N GLY GB 193 57.47 11.14 62.94
CA GLY GB 193 56.79 10.42 64.01
C GLY GB 193 57.79 9.91 65.03
N TRP GB 194 57.24 9.34 66.09
CA TRP GB 194 58.01 8.89 67.25
C TRP GB 194 57.90 7.38 67.38
N SER GB 195 59.04 6.73 67.63
CA SER GB 195 59.06 5.28 67.76
C SER GB 195 58.24 4.83 68.97
N HIS GB 196 58.41 5.50 70.10
CA HIS GB 196 57.73 5.14 71.34
C HIS GB 196 56.51 6.04 71.53
N PHE GB 197 55.37 5.43 71.80
CA PHE GB 197 54.10 6.16 71.90
C PHE GB 197 54.15 7.19 73.03
N THR GB 198 53.38 8.26 72.85
CA THR GB 198 53.26 9.39 73.78
C THR GB 198 54.49 10.29 73.70
N GLN GB 199 55.02 10.48 72.49
CA GLN GB 199 56.07 11.47 72.20
C GLN GB 199 57.29 11.26 73.10
N ASP GB 200 57.84 10.05 73.05
CA ASP GB 200 59.03 9.74 73.83
C ASP GB 200 60.27 10.09 72.99
N GLY GB 201 61.40 9.46 73.27
CA GLY GB 201 62.61 9.72 72.52
C GLY GB 201 62.60 9.08 71.15
N THR GB 202 63.74 9.22 70.46
CA THR GB 202 63.98 8.64 69.14
C THR GB 202 62.96 9.13 68.12
N TYR GB 203 63.12 10.41 67.77
CA TYR GB 203 62.33 10.99 66.69
C TYR GB 203 62.78 10.46 65.34
N GLY GB 204 61.83 10.27 64.44
CA GLY GB 204 62.15 10.07 63.04
C GLY GB 204 62.58 8.67 62.66
N TYR GB 205 62.68 7.74 63.61
CA TYR GB 205 63.14 6.39 63.33
C TYR GB 205 61.98 5.43 63.47
N THR GB 206 61.47 4.94 62.34
CA THR GB 206 60.50 3.86 62.32
C THR GB 206 61.22 2.53 62.17
N THR GB 207 60.57 1.46 62.63
CA THR GB 207 61.11 0.12 62.49
C THR GB 207 60.64 -0.58 61.22
N LEU GB 208 59.81 0.08 60.42
CA LEU GB 208 59.38 -0.52 59.17
C LEU GB 208 60.51 -0.55 58.14
N ASN GB 209 61.30 0.52 58.08
CA ASN GB 209 62.42 0.58 57.13
C ASN GB 209 63.69 0.04 57.75
N ALA GB 210 63.59 -1.17 58.31
CA ALA GB 210 64.75 -1.94 58.76
C ALA GB 210 65.02 -3.02 57.73
N MET GB 211 66.28 -3.14 57.31
CA MET GB 211 66.62 -4.02 56.20
C MET GB 211 67.48 -5.21 56.60
N GLY GB 212 68.11 -5.17 57.77
CA GLY GB 212 68.95 -6.25 58.24
C GLY GB 212 70.37 -5.78 58.47
N LYS GB 213 71.25 -6.76 58.68
CA LYS GB 213 72.67 -6.50 58.89
C LYS GB 213 73.47 -7.49 58.06
N LEU GB 214 74.80 -7.30 58.04
CA LEU GB 214 75.66 -8.05 57.11
C LEU GB 214 76.99 -8.34 57.80
N TYR GB 215 77.04 -9.48 58.51
CA TYR GB 215 78.23 -9.87 59.25
C TYR GB 215 79.17 -10.69 58.37
N ILE GB 216 80.44 -10.28 58.32
CA ILE GB 216 81.41 -10.79 57.39
C ILE GB 216 82.65 -11.22 58.16
N ARG GB 217 83.13 -12.44 57.92
CA ARG GB 217 84.32 -12.91 58.60
C ARG GB 217 85.08 -13.87 57.70
N HIS GB 218 86.31 -14.16 58.10
CA HIS GB 218 87.03 -15.31 57.56
C HIS GB 218 86.50 -16.57 58.22
N VAL GB 219 86.40 -17.65 57.44
CA VAL GB 219 86.07 -18.95 58.04
C VAL GB 219 87.32 -19.69 58.46
N ASN GB 220 88.50 -19.25 58.02
CA ASN GB 220 89.74 -19.89 58.44
C ASN GB 220 89.98 -19.60 59.91
N ARG GB 221 90.30 -20.64 60.68
CA ARG GB 221 90.37 -20.50 62.14
C ARG GB 221 91.59 -19.68 62.55
N SER GB 222 92.71 -19.85 61.85
CA SER GB 222 93.93 -19.16 62.21
C SER GB 222 94.81 -19.03 60.96
N SER GB 223 96.00 -18.46 61.16
CA SER GB 223 96.97 -18.27 60.09
C SER GB 223 98.34 -18.12 60.73
N PRO GB 224 99.42 -18.47 60.03
CA PRO GB 224 100.76 -18.26 60.59
C PRO GB 224 101.10 -16.79 60.76
N HIS GB 225 100.82 -15.97 59.74
CA HIS GB 225 101.03 -14.54 59.82
C HIS GB 225 99.68 -13.81 59.81
N GLN GB 226 99.74 -12.48 59.81
CA GLN GB 226 98.53 -11.66 59.86
C GLN GB 226 98.02 -11.38 58.45
N ILE GB 227 96.73 -11.59 58.25
CA ILE GB 227 96.06 -11.30 56.98
C ILE GB 227 94.94 -10.31 57.27
N THR GB 228 94.95 -9.18 56.56
CA THR GB 228 93.99 -8.10 56.79
C THR GB 228 93.16 -7.95 55.53
N SER GB 229 91.92 -8.43 55.58
CA SER GB 229 91.05 -8.43 54.42
C SER GB 229 90.21 -7.14 54.40
N THR GB 230 89.91 -6.68 53.19
CA THR GB 230 89.12 -5.49 52.96
C THR GB 230 87.93 -5.85 52.10
N ILE GB 231 86.74 -5.41 52.51
CA ILE GB 231 85.51 -5.72 51.81
C ILE GB 231 84.85 -4.43 51.36
N ARG GB 232 84.29 -4.46 50.15
CA ARG GB 232 83.59 -3.32 49.55
C ARG GB 232 82.22 -3.80 49.12
N VAL GB 233 81.18 -3.40 49.84
CA VAL GB 233 79.82 -3.85 49.57
C VAL GB 233 79.20 -2.93 48.53
N TYR GB 234 78.72 -3.53 47.43
CA TYR GB 234 78.13 -2.78 46.32
C TYR GB 234 76.61 -2.94 46.38
N PHE GB 235 75.96 -1.93 46.96
CA PHE GB 235 74.51 -1.92 47.10
C PHE GB 235 73.84 -1.55 45.79
N LYS GB 236 72.74 -2.21 45.49
CA LYS GB 236 71.98 -1.89 44.29
C LYS GB 236 70.49 -2.10 44.47
N PRO GB 237 69.68 -1.06 44.37
CA PRO GB 237 68.22 -1.26 44.36
C PRO GB 237 67.80 -1.97 43.09
N LYS GB 238 66.76 -2.79 43.20
CA LYS GB 238 66.28 -3.56 42.06
C LYS GB 238 64.77 -3.67 42.12
N HIS GB 239 64.14 -3.67 40.94
CA HIS GB 239 62.69 -3.72 40.80
C HIS GB 239 62.04 -2.65 41.68
N ILE GB 240 62.50 -1.41 41.49
CA ILE GB 240 62.21 -0.34 42.43
C ILE GB 240 60.98 0.43 41.99
N LYS GB 241 60.06 0.66 42.94
CA LYS GB 241 58.94 1.57 42.77
C LYS GB 241 59.08 2.68 43.78
N ALA GB 242 58.50 3.84 43.46
CA ALA GB 242 58.65 5.01 44.32
C ALA GB 242 57.38 5.85 44.27
N TRP GB 243 56.96 6.32 45.44
CA TRP GB 243 55.75 7.12 45.58
C TRP GB 243 56.07 8.46 46.21
N VAL GB 244 55.17 9.41 46.01
CA VAL GB 244 55.18 10.71 46.68
C VAL GB 244 56.50 11.42 46.42
N PRO GB 245 56.66 12.12 45.30
CA PRO GB 245 57.90 12.87 45.08
C PRO GB 245 58.07 13.97 46.11
N ARG GB 246 59.27 14.53 46.15
CA ARG GB 246 59.71 15.34 47.27
C ARG GB 246 60.80 16.26 46.77
N PRO GB 247 60.89 17.50 47.26
CA PRO GB 247 61.89 18.41 46.72
C PRO GB 247 63.29 17.95 47.10
N PRO GB 248 64.29 18.28 46.30
CA PRO GB 248 65.65 17.83 46.59
C PRO GB 248 66.24 18.48 47.83
N ARG GB 249 67.20 17.79 48.42
CA ARG GB 249 67.95 18.31 49.55
C ARG GB 249 68.73 19.55 49.14
N LEU GB 250 68.67 20.59 49.98
CA LEU GB 250 69.42 21.82 49.74
C LEU GB 250 70.65 21.94 50.64
N CYS GB 251 70.47 21.72 51.94
CA CYS GB 251 71.54 21.85 52.90
C CYS GB 251 72.42 20.60 52.95
N PRO GB 252 73.66 20.74 53.39
CA PRO GB 252 74.52 19.55 53.56
C PRO GB 252 74.05 18.69 54.73
N TYR GB 253 74.44 17.41 54.66
CA TYR GB 253 74.06 16.46 55.70
C TYR GB 253 74.95 16.59 56.93
N ILE GB 254 74.36 16.39 58.10
CA ILE GB 254 75.08 16.48 59.36
C ILE GB 254 75.40 15.09 59.87
N ASN GB 255 74.35 14.30 60.13
CA ASN GB 255 74.48 12.99 60.74
C ASN GB 255 73.64 11.97 59.98
N LYS GB 256 74.02 10.70 60.12
CA LYS GB 256 73.49 9.62 59.29
C LYS GB 256 72.20 9.01 59.84
N ARG GB 257 71.65 9.55 60.92
CA ARG GB 257 70.41 9.03 61.50
C ARG GB 257 69.37 10.11 61.70
N ASP GB 258 69.59 11.32 61.20
CA ASP GB 258 68.67 12.42 61.42
C ASP GB 258 68.67 13.32 60.19
N VAL GB 259 67.78 14.31 60.23
CA VAL GB 259 67.59 15.25 59.13
C VAL GB 259 68.10 16.64 59.51
N ASN GB 260 68.86 16.73 60.59
CA ASN GB 260 69.31 18.02 61.10
C ASN GB 260 70.24 18.70 60.09
N PHE GB 261 70.20 20.02 60.08
CA PHE GB 261 70.89 20.77 59.04
C PHE GB 261 71.24 22.16 59.54
N VAL GB 262 72.13 22.82 58.81
CA VAL GB 262 72.47 24.22 59.02
C VAL GB 262 71.76 25.02 57.94
N VAL GB 263 71.23 26.18 58.31
CA VAL GB 263 70.45 26.98 57.36
C VAL GB 263 71.38 27.47 56.26
N THR GB 264 71.12 27.01 55.03
CA THR GB 264 71.94 27.31 53.88
C THR GB 264 71.22 28.30 52.98
N GLU GB 265 71.99 29.04 52.19
CA GLU GB 265 71.41 29.98 51.25
C GLU GB 265 70.70 29.21 50.13
N ILE GB 266 69.71 29.86 49.52
CA ILE GB 266 68.92 29.21 48.49
C ILE GB 266 69.78 28.91 47.26
N THR GB 267 70.30 29.95 46.62
CA THR GB 267 71.16 29.80 45.46
C THR GB 267 72.44 30.60 45.68
N ASP GB 268 73.37 30.46 44.75
CA ASP GB 268 74.56 31.30 44.78
C ASP GB 268 74.16 32.73 44.45
N SER GB 269 74.80 33.69 45.12
CA SER GB 269 74.40 35.08 44.96
C SER GB 269 75.06 35.68 43.73
N ARG GB 270 74.40 36.69 43.18
CA ARG GB 270 74.97 37.52 42.13
C ARG GB 270 74.95 38.98 42.60
N THR GB 271 75.49 39.86 41.77
CA THR GB 271 75.73 41.24 42.18
C THR GB 271 74.43 42.03 42.27
N SER GB 272 73.70 42.11 41.17
CA SER GB 272 72.43 42.83 41.12
C SER GB 272 71.35 41.92 40.54
N ILE GB 273 70.12 42.44 40.51
CA ILE GB 273 69.01 41.68 39.94
C ILE GB 273 69.03 41.68 38.42
N THR GB 274 69.78 42.59 37.80
CA THR GB 274 69.72 42.79 36.36
C THR GB 274 70.98 42.34 35.61
N ASP GB 275 72.05 41.99 36.30
CA ASP GB 275 73.28 41.59 35.62
C ASP GB 275 73.21 40.13 35.19
N VAL HB 13 29.03 31.58 45.30
CA VAL HB 13 28.91 31.37 46.73
C VAL HB 13 28.15 30.08 47.01
N ARG HB 14 28.83 29.09 47.59
CA ARG HB 14 28.24 27.81 47.94
C ARG HB 14 28.34 27.62 49.45
N SER HB 15 27.21 27.31 50.08
CA SER HB 15 27.14 27.15 51.53
C SER HB 15 27.16 25.65 51.82
N MET HB 16 28.37 25.10 51.97
CA MET HB 16 28.50 23.69 52.28
C MET HB 16 28.10 23.43 53.74
N THR HB 17 27.58 22.23 53.97
CA THR HB 17 27.24 21.80 55.32
C THR HB 17 27.62 20.35 55.50
N LEU HB 18 28.09 20.01 56.70
CA LEU HB 18 28.44 18.64 57.06
C LEU HB 18 28.04 18.43 58.52
N GLY HB 19 27.05 17.60 58.75
CA GLY HB 19 26.59 17.34 60.10
C GLY HB 19 25.91 18.56 60.69
N ASN HB 20 26.51 19.14 61.72
CA ASN HB 20 26.04 20.36 62.35
C ASN HB 20 27.08 21.47 62.24
N SER HB 21 27.70 21.59 61.07
CA SER HB 21 28.71 22.62 60.83
C SER HB 21 28.55 23.11 59.40
N THR HB 22 28.19 24.38 59.23
CA THR HB 22 28.02 24.99 57.93
C THR HB 22 29.02 26.12 57.77
N ILE HB 23 29.75 26.11 56.65
CA ILE HB 23 30.63 27.20 56.29
C ILE HB 23 30.14 27.79 54.98
N THR HB 24 30.66 28.97 54.65
CA THR HB 24 30.32 29.66 53.42
C THR HB 24 31.58 29.77 52.57
N THR HB 25 31.54 29.16 51.38
CA THR HB 25 32.69 29.12 50.49
C THR HB 25 32.44 29.95 49.24
N GLN HB 26 33.50 30.17 48.49
CA GLN HB 26 33.45 30.96 47.26
C GLN HB 26 33.66 30.07 46.04
N ASN HB 30 38.54 26.36 43.19
CA ASN HB 30 38.59 25.01 42.67
C ASN HB 30 39.46 24.10 43.54
N VAL HB 31 39.01 22.85 43.73
CA VAL HB 31 39.62 21.95 44.68
C VAL HB 31 40.90 21.36 44.09
N VAL HB 32 41.96 21.35 44.88
CA VAL HB 32 43.21 20.68 44.52
C VAL HB 32 43.18 19.31 45.19
N VAL HB 33 42.71 18.31 44.44
CA VAL HB 33 42.69 16.94 44.94
C VAL HB 33 44.12 16.43 44.99
N GLY HB 34 44.58 16.07 46.19
CA GLY HB 34 45.97 15.74 46.38
C GLY HB 34 46.32 14.43 45.70
N TYR HB 35 47.30 14.47 44.78
CA TYR HB 35 47.76 13.30 44.05
C TYR HB 35 46.64 12.63 43.24
N GLY HB 36 45.69 13.43 42.77
CA GLY HB 36 44.70 12.93 41.84
C GLY HB 36 43.78 11.87 42.40
N GLU HB 37 43.78 11.64 43.71
CA GLU HB 37 42.96 10.62 44.32
C GLU HB 37 42.09 11.21 45.41
N TRP HB 38 40.87 10.72 45.49
CA TRP HB 38 39.89 11.08 46.49
C TRP HB 38 40.01 10.08 47.63
N PRO HB 39 39.97 10.50 48.89
CA PRO HB 39 40.09 9.54 49.98
C PRO HB 39 39.01 8.49 49.88
N SER HB 40 39.32 7.29 50.39
CA SER HB 40 38.38 6.19 50.31
C SER HB 40 38.61 5.27 51.49
N TYR HB 41 37.67 4.35 51.69
CA TYR HB 41 37.83 3.35 52.73
C TYR HB 41 38.85 2.30 52.31
N LEU HB 42 39.20 1.43 53.25
CA LEU HB 42 40.28 0.48 53.03
C LEU HB 42 39.89 -0.65 52.10
N SER HB 43 38.60 -0.98 52.01
CA SER HB 43 38.14 -2.04 51.11
C SER HB 43 38.22 -1.59 49.66
N THR HB 48 38.44 -8.49 55.94
CA THR HB 48 39.08 -9.55 56.72
C THR HB 48 38.44 -9.66 58.10
N ALA HB 49 38.24 -10.89 58.57
CA ALA HB 49 37.70 -11.12 59.91
C ALA HB 49 38.79 -11.20 60.98
N GLU HB 50 40.06 -11.26 60.59
CA GLU HB 50 41.14 -11.24 61.57
C GLU HB 50 41.36 -9.84 62.11
N ASP HB 51 41.17 -8.82 61.27
CA ASP HB 51 41.20 -7.42 61.67
C ASP HB 51 40.06 -6.70 60.97
N GLN HB 52 39.18 -6.07 61.74
CA GLN HB 52 37.96 -5.48 61.19
C GLN HB 52 37.90 -3.99 61.53
N PRO HB 53 37.81 -3.11 60.54
CA PRO HB 53 37.70 -1.68 60.82
C PRO HB 53 36.29 -1.25 61.20
N THR HB 54 36.23 -0.16 61.96
CA THR HB 54 34.97 0.49 62.32
C THR HB 54 34.91 1.83 61.62
N GLN HB 55 33.81 2.08 60.91
CA GLN HB 55 33.65 3.34 60.19
C GLN HB 55 32.70 4.24 60.97
N PRO HB 56 33.19 5.32 61.58
CA PRO HB 56 32.29 6.18 62.38
C PRO HB 56 31.24 6.91 61.56
N ASP HB 57 31.64 7.54 60.45
CA ASP HB 57 30.72 8.28 59.58
C ASP HB 57 29.99 9.37 60.36
N VAL HB 58 29.22 8.97 61.38
CA VAL HB 58 28.52 9.93 62.23
C VAL HB 58 29.53 10.87 62.87
N ALA HB 59 29.20 12.17 62.86
CA ALA HB 59 30.09 13.25 63.33
C ALA HB 59 31.40 13.10 62.56
N THR HB 60 32.56 13.27 63.21
CA THR HB 60 33.87 13.14 62.58
C THR HB 60 34.04 13.92 61.27
N CYS HB 61 33.04 13.85 60.39
CA CYS HB 61 33.09 14.47 59.07
C CYS HB 61 32.73 15.96 59.10
N ARG HB 62 32.31 16.50 60.24
CA ARG HB 62 31.89 17.88 60.30
C ARG HB 62 33.11 18.80 60.20
N PHE HB 63 32.85 20.09 59.98
CA PHE HB 63 33.93 21.05 59.82
C PHE HB 63 34.47 21.51 61.17
N TYR HB 64 35.78 21.39 61.34
CA TYR HB 64 36.48 21.82 62.56
C TYR HB 64 37.27 23.08 62.21
N THR HB 65 36.67 24.23 62.48
CA THR HB 65 37.34 25.51 62.20
C THR HB 65 38.34 25.79 63.32
N LEU HB 66 39.61 25.93 62.95
CA LEU HB 66 40.63 26.28 63.93
C LEU HB 66 40.57 27.76 64.25
N GLU HB 67 41.41 28.20 65.17
CA GLU HB 67 41.45 29.61 65.53
C GLU HB 67 42.05 30.41 64.36
N SER HB 68 41.45 31.58 64.11
CA SER HB 68 41.90 32.40 63.01
C SER HB 68 43.28 32.98 63.30
N VAL HB 69 44.09 33.11 62.26
CA VAL HB 69 45.50 33.47 62.40
C VAL HB 69 45.72 34.82 61.73
N GLN HB 70 46.24 35.79 62.49
CA GLN HB 70 46.45 37.12 61.97
C GLN HB 70 47.74 37.17 61.19
N TRP HB 71 47.66 37.63 59.94
CA TRP HB 71 48.80 37.71 59.03
C TRP HB 71 49.19 39.17 58.88
N GLU HB 72 50.30 39.55 59.50
CA GLU HB 72 50.81 40.91 59.45
C GLU HB 72 51.86 41.02 58.34
N LYS HB 73 52.52 42.18 58.25
CA LYS HB 73 53.56 42.38 57.27
C LYS HB 73 54.82 41.58 57.56
N THR HB 74 55.04 41.21 58.82
CA THR HB 74 56.26 40.55 59.24
C THR HB 74 56.05 39.08 59.60
N SER HB 75 54.94 38.50 59.20
CA SER HB 75 54.68 37.09 59.50
C SER HB 75 55.48 36.21 58.53
N PRO HB 76 56.28 35.27 59.04
CA PRO HB 76 57.07 34.41 58.14
C PRO HB 76 56.34 33.14 57.71
N GLY HB 77 55.36 32.70 58.47
CA GLY HB 77 54.63 31.49 58.10
C GLY HB 77 54.10 30.77 59.32
N TRP HB 78 53.45 29.64 59.05
CA TRP HB 78 52.86 28.80 60.08
C TRP HB 78 52.95 27.35 59.65
N TRP HB 79 52.80 26.43 60.60
CA TRP HB 79 52.56 25.04 60.25
C TRP HB 79 51.71 24.38 61.31
N TRP HB 80 50.86 23.45 60.86
CA TRP HB 80 50.08 22.57 61.71
C TRP HB 80 50.48 21.15 61.37
N LYS HB 81 50.56 20.29 62.38
CA LYS HB 81 50.83 18.86 62.15
C LYS HB 81 49.58 18.07 62.54
N PHE HB 82 48.98 17.47 61.56
CA PHE HB 82 47.85 16.56 61.49
C PHE HB 82 48.36 15.13 61.45
N PRO HB 83 47.56 14.13 61.87
CA PRO HB 83 46.16 14.16 62.31
C PRO HB 83 45.94 14.73 63.70
N GLU HB 84 47.01 14.88 64.48
CA GLU HB 84 46.87 15.18 65.90
C GLU HB 84 46.71 16.67 66.17
N ALA HB 85 46.63 17.50 65.14
CA ALA HB 85 46.20 18.89 65.36
C ALA HB 85 44.75 18.94 65.80
N LEU HB 86 43.98 17.91 65.45
CA LEU HB 86 42.58 17.77 65.85
C LEU HB 86 42.41 16.90 67.09
N LYS HB 87 43.42 16.83 67.95
CA LYS HB 87 43.38 15.88 69.07
C LYS HB 87 42.45 16.33 70.17
N ASN HB 88 42.03 17.60 70.18
CA ASN HB 88 41.06 18.10 71.14
C ASN HB 88 39.79 18.59 70.44
N MET HB 89 39.55 18.16 69.20
CA MET HB 89 38.44 18.64 68.40
C MET HB 89 37.32 17.59 68.40
N GLY HB 90 36.53 17.60 69.46
CA GLY HB 90 35.26 16.91 69.43
C GLY HB 90 35.39 15.39 69.41
N LEU HB 91 34.51 14.75 68.64
CA LEU HB 91 34.51 13.30 68.56
C LEU HB 91 35.71 12.76 67.82
N PHE HB 92 36.21 13.49 66.83
CA PHE HB 92 37.43 13.06 66.15
C PHE HB 92 38.62 13.07 67.09
N GLY HB 93 38.70 14.08 67.96
CA GLY HB 93 39.75 14.11 68.95
C GLY HB 93 39.52 13.21 70.13
N GLN HB 94 38.33 12.65 70.25
CA GLN HB 94 38.04 11.67 71.29
C GLN HB 94 38.16 10.23 70.80
N ASN HB 95 37.85 9.97 69.54
CA ASN HB 95 38.12 8.65 68.97
C ASN HB 95 39.61 8.37 68.80
N MET HB 96 40.46 9.39 68.90
CA MET HB 96 41.90 9.16 68.88
C MET HB 96 42.35 8.47 70.16
N HIS HB 97 41.65 8.68 71.26
CA HIS HB 97 42.04 8.09 72.55
C HIS HB 97 41.48 6.68 72.76
N TYR HB 98 40.41 6.30 72.06
CA TYR HB 98 39.82 4.99 72.25
C TYR HB 98 40.26 3.97 71.22
N HIS HB 99 40.61 4.41 70.01
CA HIS HB 99 41.15 3.54 68.99
C HIS HB 99 42.62 3.92 68.75
N TYR HB 100 43.48 2.92 68.64
CA TYR HB 100 44.90 3.17 68.45
C TYR HB 100 45.33 3.02 67.00
N LEU HB 101 44.38 2.89 66.08
CA LEU HB 101 44.64 2.84 64.65
C LEU HB 101 43.56 3.62 63.92
N GLY HB 102 43.94 4.30 62.86
CA GLY HB 102 42.97 5.09 62.11
C GLY HB 102 43.57 5.70 60.86
N ARG HB 103 42.68 6.33 60.09
CA ARG HB 103 43.04 6.98 58.83
C ARG HB 103 41.89 7.91 58.44
N ALA HB 104 42.21 8.96 57.69
CA ALA HB 104 41.20 9.95 57.30
C ALA HB 104 41.70 10.71 56.08
N GLY HB 105 40.91 11.69 55.63
CA GLY HB 105 41.15 12.39 54.38
C GLY HB 105 41.40 13.88 54.44
N TYR HB 106 40.74 14.59 55.36
CA TYR HB 106 41.07 15.97 55.73
C TYR HB 106 40.96 16.93 54.55
N THR HB 107 39.72 17.25 54.19
CA THR HB 107 39.46 18.41 53.34
C THR HB 107 39.79 19.70 54.10
N ILE HB 108 40.70 20.49 53.56
CA ILE HB 108 41.23 21.66 54.27
C ILE HB 108 40.87 22.91 53.48
N HIS HB 109 39.94 23.71 54.02
CA HIS HB 109 39.63 25.02 53.46
C HIS HB 109 40.49 26.07 54.16
N VAL HB 110 41.02 27.00 53.38
CA VAL HB 110 41.82 28.10 53.90
C VAL HB 110 41.32 29.38 53.25
N GLN HB 111 40.49 30.12 53.98
CA GLN HB 111 40.08 31.45 53.55
C GLN HB 111 41.07 32.50 54.08
N CYS HB 112 40.95 33.71 53.55
CA CYS HB 112 41.79 34.83 53.96
C CYS HB 112 41.03 36.11 54.20
N ASN HB 113 39.82 36.26 53.64
CA ASN HB 113 38.91 37.39 53.79
C ASN HB 113 39.63 38.72 54.03
N ALA HB 114 40.61 39.02 53.19
CA ALA HB 114 41.23 40.33 53.20
C ALA HB 114 40.33 41.32 52.46
N SER HB 115 40.79 42.56 52.34
CA SER HB 115 40.04 43.58 51.63
C SER HB 115 40.43 43.59 50.16
N LYS HB 116 40.08 44.67 49.47
CA LYS HB 116 40.43 44.86 48.07
C LYS HB 116 41.71 45.67 47.90
N PHE HB 117 42.13 46.37 48.95
CA PHE HB 117 43.35 47.17 48.92
C PHE HB 117 44.55 46.45 49.55
N HIS HB 118 44.33 45.31 50.19
CA HIS HB 118 45.44 44.49 50.67
C HIS HB 118 46.05 43.72 49.51
N GLN HB 119 47.33 43.44 49.61
CA GLN HB 119 48.04 42.66 48.62
C GLN HB 119 48.91 41.62 49.32
N GLY HB 120 49.17 40.52 48.63
CA GLY HB 120 49.97 39.46 49.19
C GLY HB 120 49.72 38.15 48.46
N CYS HB 121 50.43 37.13 48.91
CA CYS HB 121 50.35 35.82 48.29
C CYS HB 121 50.78 34.77 49.31
N LEU HB 122 50.05 33.65 49.33
CA LEU HB 122 50.32 32.56 50.24
C LEU HB 122 50.57 31.27 49.47
N LEU HB 123 51.42 30.42 50.04
CA LEU HB 123 51.56 29.03 49.60
C LEU HB 123 50.89 28.14 50.63
N VAL HB 124 49.81 27.48 50.24
CA VAL HB 124 49.09 26.56 51.11
C VAL HB 124 49.44 25.16 50.63
N VAL HB 125 50.32 24.47 51.36
CA VAL HB 125 50.88 23.19 50.96
C VAL HB 125 50.79 22.25 52.15
N CYS HB 126 50.75 20.94 51.85
CA CYS HB 126 50.40 19.94 52.84
C CYS HB 126 51.56 19.06 53.27
N VAL HB 127 52.52 18.77 52.38
CA VAL HB 127 53.80 18.17 52.74
C VAL HB 127 53.61 16.91 53.57
N PRO HB 128 53.28 15.76 52.95
CA PRO HB 128 53.24 14.51 53.71
C PRO HB 128 54.63 14.13 54.22
N GLU HB 129 54.67 13.64 55.47
CA GLU HB 129 55.92 13.18 56.10
C GLU HB 129 56.97 14.29 56.19
N ALA HB 130 56.59 15.41 56.80
CA ALA HB 130 57.52 16.51 57.00
C ALA HB 130 58.34 16.24 58.26
N GLU HB 131 59.44 15.52 58.09
CA GLU HB 131 60.39 15.31 59.19
C GLU HB 131 61.26 16.54 59.31
N MET HB 132 61.09 17.28 60.40
CA MET HB 132 61.77 18.56 60.57
C MET HB 132 63.05 18.38 61.39
N GLY HB 133 63.95 19.35 61.26
CA GLY HB 133 65.27 19.28 61.84
C GLY HB 133 65.42 20.18 63.04
N CYS HB 134 66.26 19.77 63.98
CA CYS HB 134 66.47 20.53 65.20
C CYS HB 134 67.29 21.79 64.91
N ALA HB 135 67.15 22.77 65.80
CA ALA HB 135 67.73 24.09 65.55
C ALA HB 135 69.25 24.07 65.71
N ASP HB 136 69.74 23.49 66.79
CA ASP HB 136 71.17 23.23 66.97
C ASP HB 136 71.39 21.72 66.88
N THR HB 137 71.98 21.27 65.77
CA THR HB 137 72.16 19.85 65.54
C THR HB 137 73.19 19.27 66.51
N ASP HB 138 73.18 17.94 66.61
CA ASP HB 138 73.79 17.03 67.59
C ASP HB 138 72.85 16.72 68.75
N THR HB 139 71.59 17.15 68.67
CA THR HB 139 70.63 16.88 69.73
C THR HB 139 69.22 16.85 69.15
N THR HB 140 68.25 16.54 69.99
CA THR HB 140 66.85 16.45 69.61
C THR HB 140 66.05 17.54 70.33
N PHE HB 141 64.75 17.61 70.00
CA PHE HB 141 63.83 18.57 70.59
C PHE HB 141 62.77 17.86 71.45
N PRO HB 142 62.21 18.57 72.45
CA PRO HB 142 61.36 17.90 73.45
C PRO HB 142 59.93 17.56 73.02
N ALA HB 143 59.69 17.42 71.72
CA ALA HB 143 58.45 16.82 71.21
C ALA HB 143 57.22 17.71 71.38
N THR HB 144 57.33 18.75 72.20
CA THR HB 144 56.30 19.78 72.30
C THR HB 144 56.64 20.98 71.44
N GLU HB 145 57.70 20.90 70.64
CA GLU HB 145 58.09 21.94 69.72
C GLU HB 145 57.57 21.72 68.31
N LEU HB 146 57.24 20.47 67.95
CA LEU HB 146 56.62 20.23 66.66
C LEU HB 146 55.17 20.66 66.63
N THR HB 147 54.43 20.44 67.71
CA THR HB 147 52.99 20.69 67.69
C THR HB 147 52.52 21.26 69.02
N THR HB 148 51.58 22.20 68.93
CA THR HB 148 50.83 22.70 70.07
C THR HB 148 49.37 22.57 69.65
N GLU HB 149 48.90 21.32 69.60
CA GLU HB 149 47.61 20.91 69.05
C GLU HB 149 46.97 21.91 68.11
N ASP HB 150 46.04 22.72 68.63
CA ASP HB 150 45.28 23.64 67.79
C ASP HB 150 46.14 24.81 67.29
N THR HB 151 47.00 25.37 68.15
CA THR HB 151 47.68 26.58 67.73
C THR HB 151 48.87 26.26 66.82
N PRO HB 152 49.18 27.14 65.87
CA PRO HB 152 50.28 26.88 64.94
C PRO HB 152 51.63 27.33 65.47
N HIS HB 153 52.65 26.54 65.17
CA HIS HB 153 54.03 27.00 65.32
C HIS HB 153 54.39 27.88 64.13
N VAL HB 154 54.86 29.09 64.41
CA VAL HB 154 55.27 29.98 63.34
C VAL HB 154 56.68 29.59 62.87
N PHE HB 155 56.99 29.99 61.64
CA PHE HB 155 58.36 29.94 61.19
C PHE HB 155 59.11 31.15 61.74
N THR HB 156 60.38 31.27 61.37
CA THR HB 156 61.17 32.45 61.70
C THR HB 156 61.79 32.99 60.43
N SER HB 157 62.19 34.26 60.49
CA SER HB 157 62.79 34.91 59.32
C SER HB 157 64.27 34.61 59.19
N ASP HB 158 64.94 34.27 60.29
CA ASP HB 158 66.36 33.94 60.26
C ASP HB 158 66.62 32.67 61.06
N SER HB 159 67.89 32.32 61.24
CA SER HB 159 68.24 31.11 61.97
C SER HB 159 68.06 31.31 63.47
N ILE HB 160 67.74 30.22 64.16
CA ILE HB 160 67.52 30.23 65.60
C ILE HB 160 68.31 29.08 66.22
N THR HB 161 68.54 29.17 67.52
CA THR HB 161 69.24 28.14 68.28
C THR HB 161 68.35 27.66 69.42
N GLY HB 162 68.81 26.62 70.10
CA GLY HB 162 68.05 26.02 71.17
C GLY HB 162 67.41 24.70 70.74
N LYS HB 163 66.95 23.95 71.75
CA LYS HB 163 66.39 22.62 71.50
C LYS HB 163 64.97 22.77 71.00
N LYS HB 164 64.85 23.14 69.72
CA LYS HB 164 63.56 23.28 69.08
C LYS HB 164 63.75 23.14 67.58
N VAL HB 165 62.66 23.31 66.84
CA VAL HB 165 62.68 23.08 65.39
C VAL HB 165 63.37 24.24 64.70
N GLN HB 166 64.26 23.92 63.76
CA GLN HB 166 64.85 24.94 62.91
C GLN HB 166 63.77 25.50 62.00
N ALA HB 167 63.09 26.55 62.45
CA ALA HB 167 61.91 27.07 61.77
C ALA HB 167 62.22 28.28 60.90
N ALA HB 168 63.41 28.35 60.32
CA ALA HB 168 63.73 29.42 59.40
C ALA HB 168 63.14 29.10 58.03
N VAL HB 169 62.39 30.05 57.47
CA VAL HB 169 62.00 29.92 56.07
C VAL HB 169 63.23 30.05 55.18
N CYS HB 170 63.06 29.64 53.92
CA CYS HB 170 64.05 29.27 52.91
C CYS HB 170 64.58 27.88 53.18
N ASN HB 171 64.32 27.31 54.36
CA ASN HB 171 64.66 25.94 54.69
C ASN HB 171 63.59 25.38 55.61
N ALA HB 172 62.35 25.38 55.12
CA ALA HB 172 61.12 25.41 55.91
C ALA HB 172 61.21 24.57 57.18
N GLY HB 173 61.24 23.24 57.04
CA GLY HB 173 61.57 22.39 58.15
C GLY HB 173 62.57 21.31 57.82
N MET HB 174 62.63 20.94 56.54
CA MET HB 174 63.24 19.69 56.11
C MET HB 174 64.61 19.87 55.48
N GLY HB 175 65.11 21.09 55.37
CA GLY HB 175 66.37 21.31 54.71
C GLY HB 175 66.27 21.40 53.21
N VAL HB 176 65.09 21.66 52.68
CA VAL HB 176 64.89 21.85 51.25
C VAL HB 176 64.72 23.33 50.98
N GLY HB 177 64.75 23.70 49.71
CA GLY HB 177 64.42 25.07 49.35
C GLY HB 177 62.93 25.30 49.52
N VAL HB 178 62.58 26.46 50.06
CA VAL HB 178 61.16 26.74 50.31
C VAL HB 178 60.44 27.15 49.04
N GLY HB 179 61.17 27.57 48.01
CA GLY HB 179 60.51 27.94 46.77
C GLY HB 179 59.98 26.75 46.02
N ASN HB 180 60.77 25.68 45.93
CA ASN HB 180 60.33 24.46 45.27
C ASN HB 180 59.68 23.50 46.27
N LEU HB 181 58.80 24.06 47.10
CA LEU HB 181 57.92 23.28 47.95
C LEU HB 181 56.58 23.04 47.27
N THR HB 182 56.50 23.37 45.99
CA THR HB 182 55.29 23.31 45.18
C THR HB 182 55.05 21.90 44.62
N ILE HB 183 55.99 20.98 44.84
CA ILE HB 183 55.83 19.61 44.36
C ILE HB 183 54.70 18.88 45.08
N PHE HB 184 54.33 19.34 46.27
CA PHE HB 184 53.29 18.70 47.06
C PHE HB 184 51.91 19.22 46.64
N PRO HB 185 50.83 18.63 47.18
CA PRO HB 185 49.50 19.23 46.97
C PRO HB 185 49.44 20.65 47.53
N HIS HB 186 49.32 21.63 46.65
CA HIS HB 186 49.44 23.03 47.03
C HIS HB 186 48.31 23.83 46.42
N GLN HB 187 48.23 25.10 46.82
CA GLN HB 187 47.31 26.07 46.26
C GLN HB 187 47.81 27.46 46.60
N TRP HB 188 47.88 28.33 45.62
CA TRP HB 188 48.27 29.71 45.84
C TRP HB 188 47.05 30.53 46.22
N ILE HB 189 47.20 31.40 47.22
CA ILE HB 189 46.15 32.35 47.55
C ILE HB 189 46.67 33.75 47.25
N ASN HB 190 46.44 34.21 46.03
CA ASN HB 190 46.82 35.56 45.63
C ASN HB 190 45.65 36.49 45.91
N LEU HB 191 45.85 37.43 46.84
CA LEU HB 191 44.77 38.30 47.27
C LEU HB 191 44.29 39.21 46.14
N ARG HB 192 45.10 39.36 45.09
CA ARG HB 192 44.64 40.07 43.90
C ARG HB 192 43.46 39.37 43.25
N THR HB 193 43.54 38.04 43.14
CA THR HB 193 42.53 37.25 42.44
C THR HB 193 41.58 36.54 43.40
N ASN HB 194 42.10 35.62 44.22
CA ASN HB 194 41.29 34.74 45.03
C ASN HB 194 41.61 34.92 46.51
N ASN HB 195 40.83 34.25 47.34
CA ASN HB 195 41.00 34.27 48.79
C ASN HB 195 40.92 32.90 49.43
N SER HB 196 40.36 31.90 48.76
CA SER HB 196 40.09 30.60 49.36
C SER HB 196 40.92 29.52 48.68
N ALA HB 197 41.29 28.52 49.48
CA ALA HB 197 42.00 27.35 49.02
C ALA HB 197 41.34 26.13 49.61
N THR HB 198 41.40 25.01 48.89
CA THR HB 198 40.86 23.76 49.40
C THR HB 198 41.69 22.61 48.86
N ILE HB 199 42.12 21.73 49.75
CA ILE HB 199 43.03 20.63 49.43
C ILE HB 199 42.47 19.36 50.04
N VAL HB 200 42.52 18.27 49.29
CA VAL HB 200 42.03 16.98 49.73
C VAL HB 200 43.20 16.00 49.70
N ILE HB 201 43.50 15.39 50.83
CA ILE HB 201 44.73 14.65 51.03
C ILE HB 201 44.38 13.22 51.42
N PRO HB 202 44.45 12.27 50.48
CA PRO HB 202 43.81 10.96 50.62
C PRO HB 202 44.59 9.93 51.44
N TYR HB 203 45.08 10.35 52.60
CA TYR HB 203 45.79 9.47 53.54
C TYR HB 203 46.99 8.78 52.87
N ILE HB 204 48.07 9.52 52.76
CA ILE HB 204 49.32 8.98 52.25
C ILE HB 204 50.09 8.33 53.40
N ASN HB 205 50.28 7.02 53.33
CA ASN HB 205 51.05 6.29 54.33
C ASN HB 205 51.44 4.93 53.75
N SER HB 206 52.49 4.34 54.34
CA SER HB 206 53.04 3.07 53.88
C SER HB 206 52.37 1.86 54.53
N VAL HB 207 51.51 2.07 55.52
CA VAL HB 207 50.79 1.00 56.20
C VAL HB 207 49.32 1.41 56.15
N PRO HB 208 48.37 0.47 56.01
CA PRO HB 208 46.98 0.91 55.81
C PRO HB 208 46.40 1.67 56.99
N MET HB 209 46.82 1.37 58.21
CA MET HB 209 46.37 2.09 59.39
C MET HB 209 47.54 2.31 60.32
N ASP HB 210 47.58 3.48 60.96
CA ASP HB 210 48.67 3.80 61.86
C ASP HB 210 48.12 4.58 63.06
N ASN HB 211 48.90 4.60 64.13
CA ASN HB 211 48.49 5.30 65.34
C ASN HB 211 48.49 6.81 65.09
N MET HB 212 47.51 7.49 65.67
CA MET HB 212 47.28 8.90 65.41
C MET HB 212 48.02 9.83 66.36
N PHE HB 213 48.73 9.30 67.35
CA PHE HB 213 49.53 10.14 68.23
C PHE HB 213 51.03 10.02 67.96
N ARG HB 214 51.50 8.87 67.49
CA ARG HB 214 52.91 8.74 67.16
C ARG HB 214 53.24 9.45 65.86
N HIS HB 215 52.43 9.24 64.83
CA HIS HB 215 52.79 9.57 63.45
C HIS HB 215 51.98 10.78 62.97
N TYR HB 216 52.67 11.78 62.45
CA TYR HB 216 52.06 12.96 61.85
C TYR HB 216 52.01 12.71 60.35
N ASN HB 217 50.80 12.50 59.82
CA ASN HB 217 50.69 12.04 58.44
C ASN HB 217 51.09 13.13 57.46
N PHE HB 218 50.72 14.39 57.74
CA PHE HB 218 51.15 15.50 56.89
C PHE HB 218 51.24 16.77 57.72
N THR HB 219 51.79 17.81 57.11
CA THR HB 219 52.08 19.07 57.79
C THR HB 219 51.54 20.23 56.95
N LEU HB 220 50.34 20.70 57.27
CA LEU HB 220 49.80 21.87 56.60
C LEU HB 220 50.61 23.09 57.01
N MET HB 221 51.38 23.64 56.07
CA MET HB 221 52.16 24.84 56.32
C MET HB 221 51.78 25.92 55.31
N ILE HB 222 51.49 27.12 55.83
CA ILE HB 222 51.07 28.26 55.02
C ILE HB 222 52.20 29.27 55.07
N ILE HB 223 52.77 29.58 53.91
CA ILE HB 223 54.00 30.36 53.83
C ILE HB 223 53.75 31.58 52.94
N PRO HB 224 53.85 32.80 53.46
CA PRO HB 224 53.69 34.01 52.64
C PRO HB 224 54.92 34.28 51.79
N PHE HB 225 54.80 34.05 50.49
CA PHE HB 225 55.88 34.43 49.57
C PHE HB 225 55.92 35.93 49.36
N ALA HB 226 54.89 36.48 48.76
CA ALA HB 226 54.86 37.93 48.69
C ALA HB 226 54.27 38.48 49.99
N PRO HB 227 54.97 39.39 50.67
CA PRO HB 227 54.51 39.80 51.99
C PRO HB 227 53.26 40.68 51.91
N LEU HB 228 52.52 40.70 53.01
CA LEU HB 228 51.34 41.55 53.09
C LEU HB 228 51.76 43.02 53.03
N ASN HB 229 50.97 43.84 52.34
CA ASN HB 229 51.24 45.26 52.30
C ASN HB 229 49.92 46.01 52.22
N PHE HB 230 49.92 47.22 52.77
CA PHE HB 230 48.74 48.07 52.84
C PHE HB 230 49.21 49.46 53.25
N THR HB 231 48.26 50.40 53.29
CA THR HB 231 48.56 51.77 53.70
C THR HB 231 48.07 52.00 55.12
N ASP HB 232 48.21 53.25 55.57
CA ASP HB 232 48.04 53.59 56.99
C ASP HB 232 46.58 53.68 57.43
N GLY HB 233 45.63 53.27 56.59
CA GLY HB 233 44.24 53.29 56.97
C GLY HB 233 43.61 51.92 57.15
N ALA HB 234 44.18 50.91 56.51
CA ALA HB 234 43.60 49.58 56.55
C ALA HB 234 43.89 48.90 57.88
N THR HB 235 43.28 47.73 58.07
CA THR HB 235 43.57 46.95 59.26
C THR HB 235 44.95 46.32 59.13
N ALA HB 236 45.69 46.31 60.24
CA ALA HB 236 47.10 45.97 60.22
C ALA HB 236 47.36 44.48 60.08
N TYR HB 237 46.35 43.69 59.72
CA TYR HB 237 46.49 42.25 59.62
C TYR HB 237 45.42 41.70 58.69
N VAL HB 238 45.58 40.43 58.33
CA VAL HB 238 44.60 39.70 57.53
C VAL HB 238 44.39 38.33 58.18
N PRO HB 239 43.22 38.05 58.73
CA PRO HB 239 43.00 36.79 59.46
C PRO HB 239 42.83 35.62 58.50
N ILE HB 240 43.65 34.59 58.68
CA ILE HB 240 43.61 33.39 57.85
C ILE HB 240 42.82 32.33 58.62
N THR HB 241 41.77 31.81 58.00
CA THR HB 241 40.87 30.87 58.65
C THR HB 241 41.08 29.47 58.07
N VAL HB 242 41.34 28.51 58.95
CA VAL HB 242 41.64 27.13 58.56
C VAL HB 242 40.51 26.23 59.03
N THR HB 243 40.03 25.38 58.13
CA THR HB 243 38.89 24.50 58.40
C THR HB 243 39.20 23.12 57.86
N ILE HB 244 39.09 22.10 58.70
CA ILE HB 244 39.47 20.73 58.35
C ILE HB 244 38.25 19.84 58.52
N ALA HB 245 37.94 19.04 57.50
CA ALA HB 245 36.86 18.06 57.58
C ALA HB 245 37.43 16.66 57.40
N PRO HB 246 37.55 15.88 58.48
CA PRO HB 246 38.10 14.52 58.35
C PRO HB 246 37.16 13.60 57.59
N MET HB 247 37.51 13.23 56.36
CA MET HB 247 36.63 12.42 55.52
C MET HB 247 37.08 10.97 55.53
N TYR HB 248 36.10 10.07 55.48
CA TYR HB 248 36.34 8.63 55.39
C TYR HB 248 37.24 8.13 56.50
N ALA HB 249 37.01 8.65 57.70
CA ALA HB 249 37.77 8.22 58.87
C ALA HB 249 37.30 6.84 59.27
N GLU HB 250 38.22 5.89 59.38
CA GLU HB 250 37.88 4.57 59.89
C GLU HB 250 38.97 4.11 60.85
N TYR HB 251 38.58 3.25 61.78
CA TYR HB 251 39.35 2.93 62.97
C TYR HB 251 39.41 1.41 63.08
N ASN HB 252 40.02 0.91 64.14
CA ASN HB 252 40.03 -0.53 64.34
C ASN HB 252 38.74 -0.96 65.01
N GLY HB 253 38.56 -2.28 65.13
CA GLY HB 253 37.39 -2.83 65.78
C GLY HB 253 37.66 -3.07 67.26
N LEU HB 254 36.63 -2.83 68.07
CA LEU HB 254 36.73 -3.04 69.51
C LEU HB 254 35.94 -4.26 69.97
N ARG HB 255 35.03 -4.77 69.14
CA ARG HB 255 34.21 -5.93 69.45
C ARG HB 255 34.99 -7.21 69.20
N LEU HB 256 34.49 -8.30 69.78
CA LEU HB 256 35.05 -9.62 69.50
C LEU HB 256 34.56 -10.11 68.14
N ALA HB 257 35.17 -11.19 67.67
CA ALA HB 257 34.75 -11.81 66.41
C ALA HB 257 34.14 -13.18 66.67
N GLY IB 1 79.26 -33.35 29.42
CA GLY IB 1 77.98 -32.75 29.08
C GLY IB 1 78.06 -31.75 27.93
N VAL IB 2 77.50 -30.58 28.13
CA VAL IB 2 77.47 -29.55 27.09
C VAL IB 2 78.82 -28.88 27.00
N PRO IB 3 79.48 -28.92 25.83
CA PRO IB 3 80.79 -28.24 25.71
C PRO IB 3 80.62 -26.73 25.67
N VAL IB 4 81.05 -26.07 26.74
CA VAL IB 4 81.00 -24.62 26.81
C VAL IB 4 82.43 -24.10 26.81
N LEU IB 5 82.59 -22.82 26.46
CA LEU IB 5 83.88 -22.17 26.57
C LEU IB 5 83.68 -20.74 27.05
N ASN IB 6 84.44 -20.37 28.08
CA ASN IB 6 84.30 -19.05 28.70
C ASN IB 6 84.92 -17.98 27.81
N THR IB 7 84.14 -16.94 27.54
CA THR IB 7 84.58 -15.81 26.74
C THR IB 7 85.41 -14.87 27.61
N PRO IB 8 86.09 -13.91 27.01
CA PRO IB 8 86.61 -12.79 27.81
C PRO IB 8 85.48 -12.04 28.47
N GLY IB 9 85.64 -11.74 29.76
CA GLY IB 9 84.58 -11.17 30.55
C GLY IB 9 83.89 -12.14 31.49
N SER IB 10 84.40 -13.36 31.60
CA SER IB 10 83.88 -14.32 32.58
C SER IB 10 84.56 -14.08 33.93
N ASN IB 11 83.82 -14.36 34.99
CA ASN IB 11 84.33 -14.23 36.37
C ASN IB 11 84.80 -12.80 36.66
N GLN IB 12 84.21 -11.82 36.01
CA GLN IB 12 84.47 -10.42 36.32
C GLN IB 12 83.23 -9.83 36.98
N PHE IB 13 83.40 -8.63 37.53
CA PHE IB 13 82.30 -7.93 38.17
C PHE IB 13 82.16 -6.56 37.49
N LEU IB 14 81.36 -6.51 36.44
CA LEU IB 14 80.94 -5.24 35.87
C LEU IB 14 79.90 -4.61 36.77
N THR IB 15 80.12 -3.35 37.14
CA THR IB 15 79.25 -2.69 38.11
C THR IB 15 77.85 -2.53 37.57
N SER IB 16 77.73 -2.20 36.27
CA SER IB 16 76.44 -1.99 35.63
C SER IB 16 76.08 -3.22 34.80
N ASP IB 17 75.54 -4.23 35.47
CA ASP IB 17 74.99 -5.40 34.81
C ASP IB 17 73.59 -5.67 35.35
N ASP IB 18 72.85 -6.53 34.65
CA ASP IB 18 71.46 -6.82 34.96
C ASP IB 18 71.24 -8.32 35.00
N TYR IB 19 72.09 -9.03 35.75
CA TYR IB 19 72.03 -10.47 35.83
C TYR IB 19 71.08 -10.92 36.94
N GLN IB 20 70.67 -12.18 36.86
CA GLN IB 20 69.74 -12.75 37.82
C GLN IB 20 70.48 -13.06 39.12
N SER IB 21 70.27 -12.23 40.13
CA SER IB 21 70.93 -12.43 41.41
C SER IB 21 70.28 -13.60 42.14
N PRO IB 22 71.07 -14.55 42.68
CA PRO IB 22 70.47 -15.65 43.45
C PRO IB 22 69.90 -15.13 44.76
N SER IB 23 68.61 -15.34 44.98
CA SER IB 23 67.92 -14.75 46.11
C SER IB 23 68.32 -15.47 47.40
N ALA IB 24 68.63 -14.69 48.44
CA ALA IB 24 69.08 -15.25 49.70
C ALA IB 24 67.94 -15.85 50.50
N MET IB 25 66.73 -15.33 50.34
CA MET IB 25 65.57 -15.77 51.11
C MET IB 25 64.51 -16.26 50.12
N PRO IB 26 64.62 -17.50 49.64
CA PRO IB 26 63.72 -17.98 48.58
C PRO IB 26 62.35 -18.36 49.12
N GLN IB 27 62.34 -18.93 50.32
CA GLN IB 27 61.09 -19.29 50.96
C GLN IB 27 60.27 -18.05 51.27
N PHE IB 28 60.95 -16.95 51.60
CA PHE IB 28 60.30 -15.72 52.04
C PHE IB 28 59.39 -15.15 50.96
N ASP IB 29 58.14 -14.88 51.32
CA ASP IB 29 57.18 -14.23 50.44
C ASP IB 29 56.92 -12.82 50.93
N GLU IB 30 57.22 -11.84 50.09
CA GLU IB 30 57.20 -10.43 50.44
C GLU IB 30 55.76 -9.90 50.61
N THR IB 31 55.67 -8.75 51.28
CA THR IB 31 54.39 -8.15 51.63
C THR IB 31 53.63 -7.73 50.37
N PRO IB 32 52.31 -7.96 50.32
CA PRO IB 32 51.54 -7.54 49.14
C PRO IB 32 51.55 -6.03 48.97
N GLU IB 33 51.55 -5.59 47.71
CA GLU IB 33 51.66 -4.18 47.38
C GLU IB 33 50.27 -3.54 47.47
N MET IB 34 50.08 -2.64 48.42
CA MET IB 34 48.86 -1.85 48.44
C MET IB 34 49.02 -0.66 47.51
N HIS IB 35 47.89 -0.01 47.21
CA HIS IB 35 47.91 1.20 46.41
C HIS IB 35 48.22 2.40 47.29
N ILE IB 36 49.36 3.03 47.07
CA ILE IB 36 49.76 4.25 47.78
C ILE IB 36 49.59 5.43 46.81
N PRO IB 37 48.96 6.52 47.23
CA PRO IB 37 48.71 7.63 46.29
C PRO IB 37 49.99 8.33 45.88
N GLY IB 38 50.04 8.76 44.63
CA GLY IB 38 51.13 9.60 44.15
C GLY IB 38 52.35 8.83 43.71
N GLU IB 39 52.20 7.92 42.76
CA GLU IB 39 53.33 7.16 42.28
C GLU IB 39 54.10 7.96 41.23
N VAL IB 40 55.43 7.86 41.30
CA VAL IB 40 56.32 8.42 40.29
C VAL IB 40 56.79 7.26 39.42
N ARG IB 41 56.64 7.40 38.11
CA ARG IB 41 57.07 6.40 37.16
C ARG IB 41 58.13 6.94 36.21
N ASN IB 42 58.53 8.20 36.37
CA ASN IB 42 59.48 8.87 35.51
C ASN IB 42 59.92 10.15 36.19
N LEU IB 43 61.22 10.43 36.13
CA LEU IB 43 61.75 11.60 36.83
C LEU IB 43 61.22 12.90 36.24
N MET IB 44 61.05 12.96 34.92
CA MET IB 44 60.58 14.18 34.27
C MET IB 44 59.14 14.54 34.66
N GLU IB 45 58.50 13.77 35.52
CA GLU IB 45 57.25 14.20 36.14
C GLU IB 45 57.49 15.16 37.29
N ILE IB 46 58.73 15.25 37.78
CA ILE IB 46 59.07 16.25 38.78
C ILE IB 46 59.43 17.57 38.13
N ALA IB 47 60.07 17.53 36.96
CA ALA IB 47 60.46 18.74 36.26
C ALA IB 47 59.24 19.50 35.72
N GLU IB 48 58.13 18.82 35.49
CA GLU IB 48 56.93 19.47 34.96
C GLU IB 48 56.13 20.22 36.01
N VAL IB 49 56.56 20.19 37.27
CA VAL IB 49 55.87 20.91 38.34
C VAL IB 49 56.46 22.32 38.46
N ASP IB 50 55.59 23.31 38.44
CA ASP IB 50 56.03 24.69 38.64
C ASP IB 50 56.60 24.86 40.04
N SER IB 51 57.58 25.74 40.15
CA SER IB 51 58.17 26.08 41.45
C SER IB 51 58.78 27.46 41.37
N VAL IB 52 58.83 28.14 42.51
CA VAL IB 52 59.17 29.55 42.53
C VAL IB 52 60.67 29.71 42.29
N VAL IB 53 61.01 30.69 41.47
CA VAL IB 53 62.37 30.89 40.98
C VAL IB 53 62.97 32.09 41.69
N PRO IB 54 64.09 31.94 42.41
CA PRO IB 54 64.69 33.09 43.12
C PRO IB 54 65.42 34.04 42.18
N VAL IB 55 64.65 34.96 41.60
CA VAL IB 55 65.23 35.92 40.65
C VAL IB 55 66.02 36.99 41.38
N ASN IB 56 65.52 37.43 42.54
CA ASN IB 56 66.17 38.48 43.33
C ASN IB 56 67.18 37.88 44.31
N ASN IB 57 68.11 37.09 43.77
CA ASN IB 57 69.13 36.45 44.59
C ASN IB 57 70.40 37.29 44.69
N VAL IB 58 70.24 38.55 45.10
CA VAL IB 58 71.39 39.44 45.25
C VAL IB 58 72.13 39.09 46.53
N THR IB 59 73.28 39.75 46.76
CA THR IB 59 74.29 39.25 47.69
C THR IB 59 73.81 39.12 49.12
N GLY IB 60 72.73 39.81 49.50
CA GLY IB 60 72.31 39.76 50.89
C GLY IB 60 70.90 39.27 51.11
N LYS IB 61 70.28 38.72 50.06
CA LYS IB 61 68.87 38.40 50.09
C LYS IB 61 68.63 36.95 49.63
N THR IB 62 69.55 36.05 49.95
CA THR IB 62 69.44 34.66 49.53
C THR IB 62 69.13 33.70 50.67
N LYS IB 63 69.34 34.10 51.92
CA LYS IB 63 68.95 33.28 53.06
C LYS IB 63 67.59 33.66 53.63
N SER IB 64 66.91 34.64 53.04
CA SER IB 64 65.55 35.00 53.36
C SER IB 64 64.65 34.68 52.17
N MET IB 65 63.36 34.92 52.34
CA MET IB 65 62.40 34.77 51.25
C MET IB 65 62.23 36.04 50.43
N ASP IB 66 63.18 36.96 50.52
CA ASP IB 66 63.26 38.08 49.59
C ASP IB 66 63.95 37.70 48.30
N ALA IB 67 64.48 36.47 48.21
CA ALA IB 67 65.07 36.00 46.96
C ALA IB 67 64.02 35.77 45.89
N TYR IB 68 62.80 35.39 46.29
CA TYR IB 68 61.76 35.01 45.35
C TYR IB 68 60.94 36.20 44.85
N GLN IB 69 61.13 37.38 45.45
CA GLN IB 69 60.26 38.53 45.23
C GLN IB 69 60.96 39.51 44.30
N ILE IB 70 60.32 39.82 43.18
CA ILE IB 70 60.84 40.80 42.23
C ILE IB 70 60.18 42.14 42.55
N PRO IB 71 60.90 43.13 43.05
CA PRO IB 71 60.27 44.39 43.45
C PRO IB 71 59.86 45.21 42.23
N VAL IB 72 58.60 45.63 42.22
CA VAL IB 72 58.04 46.45 41.14
C VAL IB 72 57.42 47.69 41.76
N GLY IB 73 57.94 48.85 41.42
CA GLY IB 73 57.46 50.10 42.00
C GLY IB 73 58.23 50.50 43.24
N ASP IB 78 62.58 54.72 37.94
CA ASP IB 78 63.55 54.62 36.85
C ASP IB 78 63.08 53.64 35.80
N LYS IB 79 62.76 54.15 34.61
CA LYS IB 79 62.29 53.33 33.49
C LYS IB 79 63.39 53.04 32.49
N THR IB 80 64.63 53.40 32.79
CA THR IB 80 65.73 53.25 31.84
C THR IB 80 66.49 51.93 32.01
N LYS IB 81 66.42 51.31 33.18
CA LYS IB 81 67.07 50.02 33.40
C LYS IB 81 66.03 48.95 33.67
N PRO IB 82 66.27 47.72 33.23
CA PRO IB 82 65.22 46.69 33.33
C PRO IB 82 64.97 46.28 34.77
N ILE IB 83 63.82 45.66 34.98
CA ILE IB 83 63.44 45.20 36.32
C ILE IB 83 64.31 44.04 36.75
N PHE IB 84 64.37 42.99 35.91
CA PHE IB 84 65.22 41.85 36.16
C PHE IB 84 65.69 41.30 34.83
N SER IB 85 66.68 40.41 34.91
CA SER IB 85 67.30 39.81 33.73
C SER IB 85 68.14 38.61 34.16
N PHE IB 86 68.04 37.49 33.46
CA PHE IB 86 68.83 36.33 33.82
C PHE IB 86 69.02 35.42 32.62
N GLN IB 87 70.12 34.67 32.65
CA GLN IB 87 70.35 33.61 31.67
C GLN IB 87 69.21 32.61 31.67
N MET IB 88 68.87 32.11 30.48
CA MET IB 88 67.81 31.12 30.35
C MET IB 88 68.45 29.76 30.09
N ASP IB 89 69.01 29.19 31.15
CA ASP IB 89 69.51 27.81 31.12
C ASP IB 89 69.50 27.22 32.52
N PRO IB 90 68.76 26.13 32.75
CA PRO IB 90 68.62 25.60 34.11
C PRO IB 90 69.91 25.03 34.70
N GLY IB 91 70.94 24.82 33.89
CA GLY IB 91 72.25 24.45 34.40
C GLY IB 91 73.19 25.64 34.31
N TYR IB 92 74.11 25.72 35.27
CA TYR IB 92 75.15 26.76 35.30
C TYR IB 92 74.55 28.17 35.30
N SER IB 93 73.39 28.34 35.92
CA SER IB 93 72.78 29.64 36.08
C SER IB 93 72.27 29.78 37.51
N SER IB 94 72.67 30.85 38.19
CA SER IB 94 72.39 30.99 39.61
C SER IB 94 70.89 31.07 39.88
N VAL IB 95 70.12 31.55 38.91
CA VAL IB 95 68.69 31.75 39.14
C VAL IB 95 67.91 30.45 38.98
N LEU IB 96 68.27 29.62 37.99
CA LEU IB 96 67.48 28.46 37.61
C LEU IB 96 68.16 27.13 37.93
N LYS IB 97 69.19 27.13 38.79
CA LYS IB 97 69.92 25.90 39.05
C LYS IB 97 69.39 25.12 40.24
N ARG IB 98 68.64 25.76 41.14
CA ARG IB 98 68.10 25.06 42.30
C ARG IB 98 66.58 24.93 42.22
N THR IB 99 66.01 25.21 41.06
CA THR IB 99 64.61 24.92 40.77
C THR IB 99 64.40 23.42 40.64
N LEU IB 100 63.16 22.97 40.82
CA LEU IB 100 62.82 21.58 40.53
C LEU IB 100 63.20 21.22 39.11
N LEU IB 101 62.98 22.14 38.16
CA LEU IB 101 63.49 21.94 36.81
C LEU IB 101 65.01 21.86 36.82
N GLY IB 102 65.66 22.87 37.39
CA GLY IB 102 67.11 22.95 37.31
C GLY IB 102 67.85 21.98 38.19
N GLU IB 103 67.15 21.28 39.09
CA GLU IB 103 67.81 20.34 39.98
C GLU IB 103 67.70 18.90 39.51
N MET IB 104 66.64 18.57 38.75
CA MET IB 104 66.56 17.25 38.16
C MET IB 104 67.33 17.18 36.84
N LEU IB 105 67.84 18.32 36.37
CA LEU IB 105 68.68 18.42 35.19
C LEU IB 105 70.17 18.42 35.51
N ASN IB 106 70.56 18.57 36.78
CA ASN IB 106 71.96 18.45 37.13
C ASN IB 106 72.37 17.01 37.41
N TYR IB 107 71.42 16.08 37.43
CA TYR IB 107 71.72 14.65 37.44
C TYR IB 107 72.09 14.12 36.06
N TYR IB 108 72.09 14.97 35.04
CA TYR IB 108 72.28 14.52 33.68
C TYR IB 108 73.22 15.45 32.94
N ALA IB 109 73.92 14.90 31.96
CA ALA IB 109 74.86 15.66 31.14
C ALA IB 109 74.25 16.14 29.84
N HIS IB 110 73.45 15.32 29.16
CA HIS IB 110 72.81 15.70 27.92
C HIS IB 110 71.32 15.89 28.19
N TRP IB 111 70.82 17.11 28.04
CA TRP IB 111 69.40 17.37 28.13
C TRP IB 111 69.02 18.45 27.14
N SER IB 112 67.79 18.36 26.63
CA SER IB 112 67.32 19.28 25.60
C SER IB 112 65.80 19.32 25.65
N GLY IB 113 65.25 20.53 25.58
CA GLY IB 113 63.82 20.71 25.61
C GLY IB 113 63.47 22.17 25.75
N SER IB 114 62.21 22.42 26.08
CA SER IB 114 61.72 23.77 26.30
C SER IB 114 61.33 23.95 27.75
N VAL IB 115 61.11 25.21 28.12
CA VAL IB 115 60.88 25.62 29.50
C VAL IB 115 59.89 26.77 29.51
N LYS IB 116 58.83 26.65 30.30
CA LYS IB 116 57.79 27.66 30.39
C LYS IB 116 57.97 28.45 31.69
N LEU IB 117 57.65 29.74 31.62
CA LEU IB 117 57.81 30.64 32.75
C LEU IB 117 56.49 31.35 33.02
N THR IB 118 56.07 31.35 34.27
CA THR IB 118 54.83 32.00 34.70
C THR IB 118 55.20 33.16 35.62
N PHE IB 119 54.68 34.35 35.31
CA PHE IB 119 54.93 35.55 36.11
C PHE IB 119 53.65 35.91 36.83
N LEU IB 120 53.58 35.57 38.11
CA LEU IB 120 52.42 35.86 38.95
C LEU IB 120 52.64 37.22 39.60
N PHE IB 121 51.79 38.18 39.26
CA PHE IB 121 51.86 39.51 39.85
C PHE IB 121 51.15 39.48 41.20
N CYS IB 122 51.91 39.67 42.27
CA CYS IB 122 51.39 39.58 43.64
C CYS IB 122 51.17 40.96 44.24
N GLY IB 123 50.66 41.91 43.45
CA GLY IB 123 50.31 43.22 43.95
C GLY IB 123 48.85 43.32 44.32
N SER IB 124 48.38 44.57 44.44
CA SER IB 124 47.01 44.80 44.86
C SER IB 124 46.04 44.45 43.72
N ALA IB 125 44.76 44.39 44.07
CA ALA IB 125 43.73 44.19 43.07
C ALA IB 125 43.33 45.50 42.39
N MET IB 126 43.93 46.62 42.81
CA MET IB 126 43.67 47.92 42.22
C MET IB 126 44.86 48.50 41.48
N ALA IB 127 46.04 47.92 41.64
CA ALA IB 127 47.22 48.43 40.95
C ALA IB 127 47.18 48.02 39.49
N THR IB 128 47.55 48.95 38.61
CA THR IB 128 47.45 48.73 37.19
C THR IB 128 48.66 49.32 36.49
N GLY IB 129 49.28 48.52 35.62
CA GLY IB 129 50.42 48.98 34.86
C GLY IB 129 50.72 47.98 33.76
N LYS IB 130 51.79 48.27 33.02
CA LYS IB 130 52.24 47.38 31.96
C LYS IB 130 53.71 47.05 32.13
N LEU IB 131 54.04 45.79 31.85
CA LEU IB 131 55.41 45.30 31.86
C LEU IB 131 55.69 44.64 30.52
N LEU IB 132 56.90 44.82 30.01
CA LEU IB 132 57.29 44.32 28.70
C LEU IB 132 58.36 43.26 28.89
N ILE IB 133 58.00 42.01 28.63
CA ILE IB 133 58.85 40.85 28.87
C ILE IB 133 59.48 40.45 27.55
N SER IB 134 60.78 40.74 27.40
CA SER IB 134 61.49 40.49 26.15
C SER IB 134 62.32 39.22 26.26
N TYR IB 135 62.47 38.55 25.12
CA TYR IB 135 63.23 37.31 25.04
C TYR IB 135 64.33 37.46 23.99
N SER IB 136 65.57 37.18 24.40
CA SER IB 136 66.58 37.23 23.36
C SER IB 136 66.98 35.83 22.94
N PRO IB 137 67.18 35.62 21.64
CA PRO IB 137 67.64 34.31 21.16
C PRO IB 137 69.02 34.00 21.71
N PRO IB 138 69.44 32.72 21.70
CA PRO IB 138 70.68 32.35 22.41
C PRO IB 138 71.93 33.00 21.85
N GLY IB 139 71.92 33.47 20.61
CA GLY IB 139 73.09 34.12 20.06
C GLY IB 139 73.08 35.62 20.21
N ALA IB 140 71.89 36.20 20.36
CA ALA IB 140 71.75 37.64 20.32
C ALA IB 140 72.24 38.29 21.61
N SER IB 141 72.47 39.59 21.53
CA SER IB 141 72.87 40.38 22.69
C SER IB 141 71.63 40.92 23.39
N VAL IB 142 71.81 41.28 24.66
CA VAL IB 142 70.69 41.75 25.48
C VAL IB 142 70.25 43.12 24.98
N PRO IB 143 68.97 43.48 25.12
CA PRO IB 143 68.56 44.85 24.80
C PRO IB 143 69.05 45.80 25.88
N THR IB 144 69.67 46.90 25.46
CA THR IB 144 70.15 47.90 26.40
C THR IB 144 69.09 48.94 26.73
N SER IB 145 68.04 49.04 25.94
CA SER IB 145 66.97 50.01 26.12
C SER IB 145 65.63 49.30 26.00
N ARG IB 146 64.57 50.03 26.33
CA ARG IB 146 63.23 49.44 26.22
C ARG IB 146 62.78 49.36 24.77
N LYS IB 147 63.16 50.34 23.94
CA LYS IB 147 62.78 50.31 22.54
C LYS IB 147 63.44 49.15 21.82
N ASP IB 148 64.72 48.91 22.09
CA ASP IB 148 65.41 47.79 21.46
C ASP IB 148 64.89 46.45 21.92
N ALA IB 149 64.31 46.37 23.12
CA ALA IB 149 63.60 45.18 23.54
C ALA IB 149 62.25 45.05 22.86
N MET IB 150 61.62 46.17 22.52
CA MET IB 150 60.33 46.13 21.85
C MET IB 150 60.46 45.65 20.41
N LEU IB 151 61.60 45.93 19.77
CA LEU IB 151 61.81 45.55 18.38
C LEU IB 151 62.12 44.07 18.22
N GLY IB 152 62.45 43.38 19.30
CA GLY IB 152 62.66 41.95 19.25
C GLY IB 152 61.40 41.19 19.61
N THR IB 153 61.54 40.08 20.33
CA THR IB 153 60.41 39.31 20.81
C THR IB 153 60.02 39.82 22.19
N HIS IB 154 58.71 40.06 22.39
CA HIS IB 154 58.24 40.60 23.65
C HIS IB 154 56.77 40.27 23.81
N ILE IB 155 56.24 40.53 25.00
CA ILE IB 155 54.82 40.43 25.30
C ILE IB 155 54.48 41.56 26.26
N VAL IB 156 53.71 42.55 25.81
CA VAL IB 156 53.33 43.66 26.66
C VAL IB 156 52.24 43.16 27.60
N TRP IB 157 52.62 42.82 28.82
CA TRP IB 157 51.76 42.12 29.77
C TRP IB 157 51.01 43.13 30.63
N ASP IB 158 49.74 43.36 30.30
CA ASP IB 158 48.89 44.26 31.07
C ASP IB 158 48.53 43.61 32.40
N ILE IB 159 48.94 44.26 33.50
CA ILE IB 159 48.74 43.71 34.82
C ILE IB 159 47.28 43.86 35.26
N GLY IB 160 46.64 44.98 34.88
CA GLY IB 160 45.29 45.24 35.34
C GLY IB 160 44.24 44.30 34.77
N LEU IB 161 44.53 43.66 33.64
CA LEU IB 161 43.59 42.71 33.05
C LEU IB 161 43.87 41.29 33.54
N GLN IB 162 45.04 40.76 33.22
CA GLN IB 162 45.47 39.45 33.69
C GLN IB 162 46.64 39.61 34.64
N SER IB 163 46.73 38.69 35.61
CA SER IB 163 47.75 38.75 36.65
C SER IB 163 48.76 37.62 36.55
N SER IB 164 48.79 36.91 35.42
CA SER IB 164 49.69 35.77 35.25
C SER IB 164 49.94 35.57 33.77
N CYS IB 165 51.17 35.83 33.33
CA CYS IB 165 51.54 35.71 31.92
C CYS IB 165 52.53 34.55 31.77
N VAL IB 166 52.26 33.67 30.82
CA VAL IB 166 52.99 32.42 30.66
C VAL IB 166 53.79 32.49 29.36
N LEU IB 167 55.06 32.12 29.43
CA LEU IB 167 55.94 32.01 28.29
C LEU IB 167 56.18 30.53 27.98
N CYS IB 168 56.97 30.28 26.93
CA CYS IB 168 57.47 28.94 26.65
C CYS IB 168 58.74 29.14 25.81
N VAL IB 169 59.90 29.00 26.46
CA VAL IB 169 61.18 29.34 25.86
C VAL IB 169 61.75 28.08 25.22
N PRO IB 170 61.95 28.04 23.90
CA PRO IB 170 62.52 26.85 23.26
C PRO IB 170 64.03 26.91 23.16
N TRP IB 171 64.63 25.90 22.52
CA TRP IB 171 66.06 25.84 22.27
C TRP IB 171 66.88 25.93 23.56
N ILE IB 172 66.55 25.07 24.51
CA ILE IB 172 67.21 25.06 25.82
C ILE IB 172 67.87 23.70 25.96
N SER IB 173 69.20 23.67 25.85
CA SER IB 173 69.94 22.42 25.89
C SER IB 173 71.40 22.70 26.22
N GLN IB 174 72.05 21.71 26.81
CA GLN IB 174 73.50 21.68 26.91
C GLN IB 174 73.97 20.24 26.75
N SER IB 175 75.29 20.10 26.60
CA SER IB 175 75.89 18.79 26.33
C SER IB 175 77.36 18.76 26.71
N SER IB 187 76.12 30.69 26.75
CA SER IB 187 75.57 31.38 25.59
C SER IB 187 74.12 30.97 25.36
N ALA IB 188 73.23 31.41 26.23
CA ALA IB 188 71.81 31.07 26.15
C ALA IB 188 70.97 32.32 26.06
N GLY IB 189 69.65 32.15 26.18
CA GLY IB 189 68.72 33.23 26.02
C GLY IB 189 68.69 34.18 27.21
N TYR IB 190 67.73 35.10 27.16
CA TYR IB 190 67.56 36.11 28.20
C TYR IB 190 66.08 36.42 28.36
N ILE IB 191 65.64 36.52 29.60
CA ILE IB 191 64.28 36.95 29.92
C ILE IB 191 64.44 38.24 30.73
N THR IB 192 64.46 39.37 30.02
CA THR IB 192 64.45 40.67 30.66
C THR IB 192 63.02 41.16 30.82
N CYS IB 193 62.84 42.19 31.65
CA CYS IB 193 61.52 42.73 31.88
C CYS IB 193 61.65 44.24 32.09
N TRP IB 194 60.71 44.98 31.51
CA TRP IB 194 60.84 46.42 31.38
C TRP IB 194 59.58 47.12 31.86
N TYR IB 195 59.75 48.36 32.31
CA TYR IB 195 58.60 49.21 32.61
C TYR IB 195 58.09 49.79 31.32
N GLN IB 196 57.00 49.22 30.79
CA GLN IB 196 56.26 49.90 29.75
C GLN IB 196 55.57 51.12 30.33
N THR IB 197 54.79 50.92 31.39
CA THR IB 197 54.19 52.00 32.16
C THR IB 197 54.51 51.76 33.63
N ASN IB 198 54.39 52.83 34.42
CA ASN IB 198 54.52 52.67 35.86
C ASN IB 198 53.27 52.01 36.44
N ILE IB 199 53.35 51.64 37.72
CA ILE IB 199 52.22 51.02 38.40
C ILE IB 199 51.28 52.12 38.87
N VAL IB 200 50.09 52.17 38.28
CA VAL IB 200 49.10 53.18 38.63
C VAL IB 200 48.23 52.64 39.75
N VAL IB 201 48.05 53.44 40.79
CA VAL IB 201 47.49 52.92 42.04
C VAL IB 201 46.57 53.98 42.65
N PRO IB 202 45.41 53.59 43.16
CA PRO IB 202 44.52 54.56 43.82
C PRO IB 202 45.09 55.00 45.16
N PRO IB 203 44.48 55.99 45.82
CA PRO IB 203 45.05 56.48 47.08
C PRO IB 203 45.08 55.47 48.21
N GLY IB 204 44.24 54.43 48.17
CA GLY IB 204 44.19 53.48 49.27
C GLY IB 204 45.21 52.35 49.18
N ALA IB 205 45.52 51.91 47.98
CA ALA IB 205 46.36 50.73 47.81
C ALA IB 205 47.84 51.11 47.90
N PRO IB 206 48.69 50.17 48.32
CA PRO IB 206 50.13 50.48 48.40
C PRO IB 206 50.77 50.61 47.04
N THR IB 207 51.93 51.26 47.03
CA THR IB 207 52.59 51.66 45.80
C THR IB 207 53.55 50.61 45.26
N SER IB 208 54.21 49.86 46.14
CA SER IB 208 55.25 48.91 45.74
C SER IB 208 54.69 47.49 45.79
N CYS IB 209 54.88 46.75 44.71
CA CYS IB 209 54.33 45.42 44.55
C CYS IB 209 55.45 44.42 44.27
N ASP IB 210 55.08 43.15 44.19
CA ASP IB 210 56.02 42.07 43.92
C ASP IB 210 55.52 41.20 42.77
N VAL IB 211 56.45 40.56 42.09
CA VAL IB 211 56.16 39.64 40.99
C VAL IB 211 56.90 38.34 41.27
N LEU IB 212 56.17 37.25 41.42
CA LEU IB 212 56.77 35.93 41.54
C LEU IB 212 56.95 35.31 40.17
N CYS IB 213 57.95 34.43 40.06
CA CYS IB 213 58.23 33.73 38.82
C CYS IB 213 58.17 32.22 39.07
N PHE IB 214 57.98 31.48 37.99
CA PHE IB 214 57.85 30.03 38.05
C PHE IB 214 58.58 29.44 36.84
N ALA IB 215 58.87 28.15 36.92
CA ALA IB 215 59.57 27.47 35.83
C ALA IB 215 59.29 25.98 35.87
N SER IB 216 59.05 25.40 34.71
CA SER IB 216 58.88 23.95 34.56
C SER IB 216 59.22 23.57 33.13
N ALA IB 217 58.94 22.33 32.75
CA ALA IB 217 59.09 21.87 31.39
C ALA IB 217 57.81 22.17 30.62
N CYS IB 218 57.95 22.74 29.41
CA CYS IB 218 56.80 23.33 28.75
C CYS IB 218 55.86 22.26 28.21
N ASN IB 219 56.34 21.42 27.29
CA ASN IB 219 55.54 20.33 26.75
C ASN IB 219 56.14 18.97 27.10
N ASP IB 220 57.40 18.73 26.73
CA ASP IB 220 58.07 17.48 27.00
C ASP IB 220 59.57 17.76 26.97
N PHE IB 221 60.33 17.00 27.76
CA PHE IB 221 61.71 17.32 27.99
C PHE IB 221 62.55 16.08 27.75
N SER IB 222 63.69 16.27 27.07
CA SER IB 222 64.56 15.16 26.70
C SER IB 222 65.87 15.26 27.48
N VAL IB 223 66.36 14.12 27.94
CA VAL IB 223 67.46 14.08 28.88
C VAL IB 223 68.11 12.70 28.82
N ARG IB 224 69.45 12.65 28.71
CA ARG IB 224 70.10 11.40 28.32
C ARG IB 224 71.06 10.84 29.36
N LEU IB 225 72.14 11.54 29.71
CA LEU IB 225 73.31 10.87 30.28
C LEU IB 225 73.42 11.17 31.78
N LEU IB 226 73.15 10.15 32.59
CA LEU IB 226 73.12 10.34 34.05
C LEU IB 226 74.53 10.54 34.59
N ARG IB 227 74.66 11.41 35.59
CA ARG IB 227 75.92 11.66 36.26
C ARG IB 227 75.64 11.96 37.73
N ASP IB 228 76.72 12.18 38.49
CA ASP IB 228 76.60 12.61 39.88
C ASP IB 228 76.41 14.12 39.96
N THR IB 229 75.60 14.56 40.92
CA THR IB 229 75.31 15.98 41.05
C THR IB 229 76.51 16.73 41.62
N PRO IB 230 76.71 17.99 41.22
CA PRO IB 230 77.85 18.76 41.75
C PRO IB 230 77.62 19.33 43.14
N PHE IB 231 76.36 19.54 43.54
CA PHE IB 231 76.08 20.25 44.78
C PHE IB 231 76.60 19.51 46.00
N MET IB 232 76.28 18.22 46.12
CA MET IB 232 76.77 17.44 47.26
C MET IB 232 78.30 17.36 47.21
N ALA IB 233 78.91 17.39 48.40
CA ALA IB 233 80.36 17.36 48.52
C ALA IB 233 80.83 16.03 49.10
N GLN JB 43 85.62 25.20 -92.22
CA GLN JB 43 84.48 24.56 -91.57
C GLN JB 43 83.70 25.56 -90.72
N THR JB 44 82.48 25.16 -90.34
CA THR JB 44 81.62 26.01 -89.53
C THR JB 44 80.95 25.16 -88.46
N ARG JB 45 80.57 25.81 -87.37
CA ARG JB 45 79.95 25.12 -86.24
C ARG JB 45 78.48 24.91 -86.56
N HIS JB 46 78.10 23.65 -86.78
CA HIS JB 46 76.74 23.30 -87.13
C HIS JB 46 76.01 22.73 -85.91
N VAL JB 47 74.69 22.61 -86.03
CA VAL JB 47 73.88 21.97 -85.00
C VAL JB 47 74.04 20.47 -85.17
N VAL JB 48 74.94 19.89 -84.40
CA VAL JB 48 75.21 18.45 -84.44
C VAL JB 48 74.19 17.82 -83.50
N ASN JB 49 72.98 17.59 -84.01
CA ASN JB 49 71.86 17.11 -83.21
C ASN JB 49 71.64 15.63 -83.50
N PHE JB 50 71.96 14.81 -82.51
CA PHE JB 50 71.66 13.37 -82.51
C PHE JB 50 72.05 12.85 -81.13
N HIS JB 51 71.62 11.64 -80.83
CA HIS JB 51 71.88 11.04 -79.52
C HIS JB 51 72.24 9.58 -79.74
N SER JB 52 73.54 9.28 -79.71
CA SER JB 52 74.00 7.94 -79.98
C SER JB 52 75.34 7.70 -79.30
N ARG JB 53 75.48 6.51 -78.71
CA ARG JB 53 76.76 6.07 -78.18
C ARG JB 53 77.03 4.62 -78.58
N SER JB 54 76.52 4.20 -79.74
CA SER JB 54 76.79 2.86 -80.22
C SER JB 54 78.20 2.74 -80.78
N GLU JB 55 78.78 3.86 -81.22
CA GLU JB 55 80.14 3.87 -81.74
C GLU JB 55 81.17 4.01 -80.63
N SER JB 56 80.73 4.18 -79.39
CA SER JB 56 81.64 4.36 -78.27
C SER JB 56 81.74 3.11 -77.42
N THR JB 57 81.05 2.04 -77.79
CA THR JB 57 81.20 0.79 -77.05
C THR JB 57 82.58 0.20 -77.33
N ILE JB 58 82.94 -0.81 -76.53
CA ILE JB 58 84.30 -1.34 -76.61
C ILE JB 58 84.49 -2.13 -77.89
N GLU JB 59 83.48 -2.89 -78.32
CA GLU JB 59 83.60 -3.69 -79.53
C GLU JB 59 83.61 -2.82 -80.77
N ASN JB 60 83.00 -1.65 -80.72
CA ASN JB 60 82.99 -0.71 -81.84
C ASN JB 60 84.15 0.27 -81.77
N PHE JB 61 85.01 0.14 -80.77
CA PHE JB 61 86.18 0.99 -80.57
C PHE JB 61 87.49 0.24 -80.82
N MET JB 62 87.59 -1.00 -80.35
CA MET JB 62 88.77 -1.84 -80.50
C MET JB 62 88.69 -2.76 -81.70
N GLY JB 63 87.51 -3.28 -82.01
CA GLY JB 63 87.36 -4.25 -83.08
C GLY JB 63 87.47 -3.64 -84.46
N ARG JB 64 88.67 -3.20 -84.82
CA ARG JB 64 88.93 -2.65 -86.14
C ARG JB 64 90.25 -3.20 -86.66
N ALA JB 65 90.23 -3.67 -87.91
CA ALA JB 65 91.39 -4.33 -88.50
C ALA JB 65 92.44 -3.29 -88.87
N ALA JB 66 93.68 -3.53 -88.43
CA ALA JB 66 94.78 -2.63 -88.69
C ALA JB 66 96.00 -3.46 -89.08
N CYS JB 67 96.79 -2.96 -90.01
CA CYS JB 67 97.96 -3.68 -90.49
C CYS JB 67 99.06 -3.56 -89.45
N VAL JB 68 99.55 -4.70 -88.98
CA VAL JB 68 100.49 -4.73 -87.86
C VAL JB 68 101.82 -5.38 -88.20
N PHE JB 69 102.00 -5.93 -89.41
CA PHE JB 69 103.24 -6.65 -89.71
C PHE JB 69 103.45 -6.73 -91.22
N MET JB 70 104.38 -5.93 -91.72
CA MET JB 70 104.94 -6.10 -93.06
C MET JB 70 106.26 -6.84 -92.96
N ASP JB 71 106.47 -7.79 -93.88
CA ASP JB 71 107.74 -8.50 -93.91
C ASP JB 71 107.97 -9.10 -95.29
N GLN JB 72 109.23 -9.22 -95.65
CA GLN JB 72 109.66 -9.85 -96.90
C GLN JB 72 110.15 -11.27 -96.60
N TYR JB 73 109.97 -12.16 -97.58
CA TYR JB 73 110.58 -13.49 -97.49
C TYR JB 73 110.74 -14.06 -98.89
N LYS JB 74 111.94 -14.57 -99.17
CA LYS JB 74 112.31 -15.01 -100.51
C LYS JB 74 111.74 -16.40 -100.78
N ILE JB 75 112.21 -17.05 -101.84
CA ILE JB 75 111.75 -18.40 -102.16
C ILE JB 75 112.93 -19.36 -102.33
N ASN JB 76 114.07 -18.85 -102.80
CA ASN JB 76 115.18 -19.72 -103.14
C ASN JB 76 116.50 -19.08 -102.76
N GLY JB 77 117.55 -19.89 -102.80
CA GLY JB 77 118.87 -19.48 -102.38
C GLY JB 77 119.05 -19.58 -100.87
N GLU JB 78 120.31 -19.67 -100.46
CA GLU JB 78 120.71 -19.62 -99.05
C GLU JB 78 119.90 -20.61 -98.21
N GLU JB 79 120.20 -21.89 -98.44
CA GLU JB 79 119.38 -22.96 -97.87
C GLU JB 79 119.30 -22.86 -96.34
N THR JB 80 120.35 -22.36 -95.70
CA THR JB 80 120.34 -22.06 -94.27
C THR JB 80 120.34 -20.53 -94.11
N SER JB 81 119.15 -19.94 -94.18
CA SER JB 81 119.00 -18.50 -94.00
C SER JB 81 117.73 -18.20 -93.23
N THR JB 82 117.70 -17.02 -92.63
CA THR JB 82 116.55 -16.53 -91.88
C THR JB 82 115.70 -15.55 -92.67
N ASP JB 83 116.02 -15.35 -93.96
CA ASP JB 83 115.28 -14.42 -94.81
C ASP JB 83 114.34 -15.14 -95.77
N ARG JB 84 113.98 -16.39 -95.48
CA ARG JB 84 113.03 -17.13 -96.29
C ARG JB 84 111.72 -17.40 -95.56
N PHE JB 85 111.52 -16.80 -94.40
CA PHE JB 85 110.26 -16.94 -93.66
C PHE JB 85 110.10 -15.74 -92.75
N ALA JB 86 108.89 -15.58 -92.22
CA ALA JB 86 108.53 -14.49 -91.33
C ALA JB 86 108.19 -15.03 -89.95
N VAL JB 87 108.18 -14.14 -88.96
CA VAL JB 87 108.04 -14.56 -87.57
C VAL JB 87 106.85 -13.88 -86.88
N TRP JB 88 106.99 -12.60 -86.55
CA TRP JB 88 105.98 -11.81 -85.86
C TRP JB 88 105.35 -12.50 -84.65
N THR JB 89 106.06 -12.52 -83.52
CA THR JB 89 105.45 -12.88 -82.25
C THR JB 89 104.26 -11.98 -81.96
N ILE JB 90 103.07 -12.59 -81.81
CA ILE JB 90 101.83 -11.83 -81.76
C ILE JB 90 101.74 -11.10 -80.42
N ASN JB 91 101.69 -9.77 -80.47
CA ASN JB 91 101.44 -8.97 -79.29
C ASN JB 91 100.72 -7.69 -79.69
N ILE JB 92 100.04 -7.08 -78.71
CA ILE JB 92 99.33 -5.82 -78.96
C ILE JB 92 100.27 -4.63 -79.06
N ARG JB 93 101.52 -4.77 -78.61
CA ARG JB 93 102.46 -3.66 -78.59
C ARG JB 93 103.24 -3.57 -79.90
N GLU JB 94 102.53 -3.62 -81.02
CA GLU JB 94 103.14 -3.63 -82.34
C GLU JB 94 103.36 -2.21 -82.87
N MET JB 95 102.27 -1.49 -83.13
CA MET JB 95 102.35 -0.10 -83.55
C MET JB 95 101.64 0.77 -82.53
N ALA JB 96 102.13 2.01 -82.39
CA ALA JB 96 101.71 2.86 -81.28
C ALA JB 96 100.27 3.32 -81.39
N GLN JB 97 99.69 3.32 -82.59
CA GLN JB 97 98.31 3.75 -82.73
C GLN JB 97 97.35 2.74 -82.10
N LEU JB 98 97.54 1.45 -82.38
CA LEU JB 98 96.74 0.44 -81.72
C LEU JB 98 97.17 0.24 -80.26
N ARG JB 99 98.48 0.24 -80.00
CA ARG JB 99 98.97 0.08 -78.63
C ARG JB 99 98.33 1.07 -77.69
N ARG JB 100 98.10 2.30 -78.16
CA ARG JB 100 97.50 3.33 -77.31
C ARG JB 100 96.09 2.96 -76.91
N LYS JB 101 95.33 2.34 -77.81
CA LYS JB 101 93.95 1.98 -77.50
C LYS JB 101 93.87 0.82 -76.52
N CYS JB 102 94.79 -0.14 -76.60
CA CYS JB 102 94.78 -1.25 -75.66
C CYS JB 102 95.20 -0.81 -74.26
N GLU JB 103 95.86 0.34 -74.13
CA GLU JB 103 96.27 0.85 -72.84
C GLU JB 103 95.25 1.79 -72.23
N MET JB 104 94.07 1.93 -72.84
CA MET JB 104 92.95 2.54 -72.14
C MET JB 104 92.47 1.67 -70.99
N PHE JB 105 92.73 0.36 -71.07
CA PHE JB 105 92.15 -0.62 -70.18
C PHE JB 105 93.25 -1.51 -69.63
N THR JB 106 93.15 -1.88 -68.36
CA THR JB 106 94.18 -2.74 -67.77
C THR JB 106 94.02 -4.18 -68.23
N TYR JB 107 92.82 -4.73 -68.13
CA TYR JB 107 92.56 -6.12 -68.49
C TYR JB 107 91.56 -6.18 -69.63
N MET JB 108 91.80 -7.08 -70.57
CA MET JB 108 90.88 -7.30 -71.67
C MET JB 108 91.08 -8.71 -72.21
N ARG JB 109 89.99 -9.29 -72.70
CA ARG JB 109 90.02 -10.60 -73.32
C ARG JB 109 89.23 -10.54 -74.63
N PHE JB 110 89.72 -11.25 -75.64
CA PHE JB 110 89.21 -11.08 -76.99
C PHE JB 110 89.74 -12.18 -77.88
N ASP JB 111 88.91 -12.66 -78.79
CA ASP JB 111 89.39 -13.48 -79.89
C ASP JB 111 90.03 -12.59 -80.94
N ILE JB 112 91.03 -13.13 -81.63
CA ILE JB 112 91.71 -12.42 -82.69
C ILE JB 112 91.42 -13.14 -84.00
N GLU JB 113 91.22 -12.37 -85.07
CA GLU JB 113 90.85 -12.91 -86.38
C GLU JB 113 91.66 -12.11 -87.41
N MET JB 114 92.83 -12.63 -87.75
CA MET JB 114 93.74 -11.95 -88.66
C MET JB 114 93.57 -12.49 -90.07
N THR JB 115 93.69 -11.58 -91.04
CA THR JB 115 93.61 -11.93 -92.46
C THR JB 115 94.85 -11.39 -93.14
N MET JB 116 95.67 -12.27 -93.68
CA MET JB 116 96.89 -11.86 -94.34
C MET JB 116 96.61 -11.39 -95.76
N VAL JB 117 97.46 -10.50 -96.26
CA VAL JB 117 97.38 -9.99 -97.63
C VAL JB 117 98.77 -10.17 -98.21
N ILE JB 118 98.93 -11.17 -99.07
CA ILE JB 118 100.22 -11.63 -99.54
C ILE JB 118 100.39 -11.24 -101.00
N THR JB 119 101.51 -10.61 -101.31
CA THR JB 119 101.84 -10.21 -102.67
C THR JB 119 103.09 -10.97 -103.12
N SER JB 120 103.56 -10.63 -104.32
CA SER JB 120 104.78 -11.25 -104.84
C SER JB 120 105.37 -10.35 -105.91
N CYS JB 121 106.66 -10.52 -106.14
CA CYS JB 121 107.41 -9.76 -107.12
C CYS JB 121 108.34 -10.74 -107.82
N GLN JB 122 109.33 -10.22 -108.54
CA GLN JB 122 110.32 -11.08 -109.18
C GLN JB 122 111.54 -10.27 -109.64
N MET JB 132 106.95 -18.23 -114.37
CA MET JB 132 106.85 -18.81 -113.03
C MET JB 132 105.58 -19.65 -112.91
N PRO JB 133 105.48 -20.45 -111.84
CA PRO JB 133 104.24 -21.21 -111.62
C PRO JB 133 103.24 -20.40 -110.81
N VAL JB 134 102.13 -21.03 -110.41
CA VAL JB 134 101.23 -20.44 -109.44
C VAL JB 134 101.74 -20.77 -108.04
N LEU JB 135 101.83 -19.75 -107.19
CA LEU JB 135 102.48 -19.88 -105.90
C LEU JB 135 101.48 -20.26 -104.81
N THR JB 136 101.94 -21.08 -103.87
CA THR JB 136 101.15 -21.48 -102.71
C THR JB 136 101.95 -21.16 -101.47
N HIS JB 137 101.30 -20.54 -100.48
CA HIS JB 137 101.96 -20.09 -99.27
C HIS JB 137 101.52 -20.95 -98.09
N GLN JB 138 102.13 -20.70 -96.94
CA GLN JB 138 101.77 -21.38 -95.69
C GLN JB 138 101.93 -20.42 -94.53
N ILE JB 139 100.86 -20.19 -93.79
CA ILE JB 139 100.87 -19.30 -92.64
C ILE JB 139 100.63 -20.17 -91.41
N MET JB 140 101.71 -20.52 -90.72
CA MET JB 140 101.63 -21.45 -89.59
C MET JB 140 101.58 -20.66 -88.29
N TYR JB 141 100.47 -20.76 -87.58
CA TYR JB 141 100.33 -20.21 -86.24
C TYR JB 141 100.76 -21.26 -85.23
N VAL JB 142 101.80 -20.97 -84.46
CA VAL JB 142 102.19 -21.84 -83.36
C VAL JB 142 101.58 -21.28 -82.08
N PRO JB 143 101.04 -22.13 -81.20
CA PRO JB 143 100.50 -21.65 -79.93
C PRO JB 143 101.62 -21.19 -79.01
N PRO JB 144 101.29 -20.67 -77.82
CA PRO JB 144 102.37 -20.31 -76.87
C PRO JB 144 103.24 -21.48 -76.50
N GLY JB 145 102.66 -22.66 -76.29
CA GLY JB 145 103.45 -23.86 -76.17
C GLY JB 145 103.56 -24.57 -77.50
N GLY JB 146 104.61 -24.27 -78.25
CA GLY JB 146 104.78 -24.80 -79.58
C GLY JB 146 106.20 -24.67 -80.10
N PRO JB 147 106.64 -25.66 -80.84
CA PRO JB 147 107.99 -25.61 -81.43
C PRO JB 147 108.04 -24.65 -82.60
N ILE JB 148 109.19 -24.00 -82.75
CA ILE JB 148 109.36 -23.00 -83.80
C ILE JB 148 110.35 -23.55 -84.82
N PRO JB 149 110.23 -23.20 -86.09
CA PRO JB 149 111.26 -23.56 -87.06
C PRO JB 149 112.49 -22.70 -86.90
N ALA JB 150 113.64 -23.29 -87.23
CA ALA JB 150 114.88 -22.54 -87.33
C ALA JB 150 115.26 -22.23 -88.77
N LYS JB 151 114.77 -23.03 -89.72
CA LYS JB 151 115.05 -22.85 -91.14
C LYS JB 151 113.75 -23.07 -91.91
N VAL JB 152 113.76 -22.69 -93.18
CA VAL JB 152 112.58 -22.86 -94.02
C VAL JB 152 112.25 -24.33 -94.23
N ASP JB 153 113.23 -25.22 -94.03
CA ASP JB 153 113.04 -26.65 -94.23
C ASP JB 153 113.13 -27.44 -92.92
N GLY JB 154 112.73 -26.82 -91.81
CA GLY JB 154 112.72 -27.53 -90.54
C GLY JB 154 111.56 -28.50 -90.47
N TYR JB 155 111.64 -29.39 -89.48
CA TYR JB 155 110.58 -30.37 -89.29
C TYR JB 155 109.39 -29.81 -88.52
N GLU JB 156 109.55 -28.65 -87.88
CA GLU JB 156 108.46 -28.06 -87.11
C GLU JB 156 107.28 -27.72 -88.02
N TRP JB 157 107.55 -27.36 -89.28
CA TRP JB 157 106.50 -26.99 -90.21
C TRP JB 157 105.48 -28.11 -90.40
N GLN JB 158 105.85 -29.36 -90.11
CA GLN JB 158 104.98 -30.51 -90.27
C GLN JB 158 104.30 -30.91 -88.97
N THR JB 159 104.31 -30.06 -87.95
CA THR JB 159 103.72 -30.40 -86.66
C THR JB 159 102.20 -30.34 -86.75
N SER JB 160 101.54 -31.42 -86.31
CA SER JB 160 100.09 -31.51 -86.42
C SER JB 160 99.37 -30.59 -85.44
N THR JB 161 100.03 -30.17 -84.38
CA THR JB 161 99.42 -29.29 -83.39
C THR JB 161 99.58 -27.82 -83.71
N ASN JB 162 100.34 -27.48 -84.76
CA ASN JB 162 100.45 -26.11 -85.24
C ASN JB 162 99.51 -25.93 -86.43
N PRO JB 163 98.36 -25.28 -86.27
CA PRO JB 163 97.45 -25.11 -87.40
C PRO JB 163 98.02 -24.11 -88.41
N SER JB 164 97.85 -24.42 -89.69
CA SER JB 164 98.42 -23.61 -90.75
C SER JB 164 97.48 -23.63 -91.94
N VAL JB 165 97.39 -22.50 -92.64
CA VAL JB 165 96.59 -22.37 -93.84
C VAL JB 165 97.52 -22.41 -95.05
N PHE JB 166 97.06 -23.07 -96.11
CA PHE JB 166 97.81 -23.19 -97.36
C PHE JB 166 97.05 -22.40 -98.42
N TRP JB 167 97.39 -21.14 -98.55
CA TRP JB 167 96.73 -20.24 -99.49
C TRP JB 167 97.55 -20.20 -100.77
N THR JB 168 96.89 -20.51 -101.89
CA THR JB 168 97.49 -20.38 -103.21
C THR JB 168 97.11 -19.04 -103.81
N GLU JB 169 97.98 -18.51 -104.66
CA GLU JB 169 97.84 -17.13 -105.11
C GLU JB 169 96.64 -16.99 -106.04
N GLY JB 170 95.99 -15.82 -105.96
CA GLY JB 170 94.88 -15.48 -106.83
C GLY JB 170 93.52 -15.53 -106.15
N ASN JB 171 93.38 -16.25 -105.03
CA ASN JB 171 92.09 -16.39 -104.38
C ASN JB 171 91.87 -15.23 -103.40
N ALA JB 172 90.81 -15.35 -102.60
CA ALA JB 172 90.57 -14.41 -101.51
C ALA JB 172 91.67 -14.56 -100.45
N PRO JB 173 91.91 -13.52 -99.66
CA PRO JB 173 93.00 -13.59 -98.69
C PRO JB 173 92.72 -14.64 -97.63
N PRO JB 174 93.76 -15.26 -97.08
CA PRO JB 174 93.54 -16.30 -96.07
C PRO JB 174 93.18 -15.69 -94.73
N ARG JB 175 92.18 -16.27 -94.07
CA ARG JB 175 91.75 -15.81 -92.77
C ARG JB 175 91.84 -16.94 -91.76
N ILE JB 176 92.54 -16.67 -90.67
CA ILE JB 176 92.76 -17.63 -89.59
C ILE JB 176 92.35 -16.96 -88.29
N SER JB 177 91.53 -17.64 -87.49
CA SER JB 177 91.00 -17.06 -86.26
C SER JB 177 91.53 -17.83 -85.06
N ILE JB 178 91.88 -17.10 -84.00
CA ILE JB 178 92.53 -17.68 -82.83
C ILE JB 178 91.72 -17.30 -81.61
N PRO JB 179 91.32 -18.27 -80.78
CA PRO JB 179 90.49 -17.93 -79.61
C PRO JB 179 91.29 -17.30 -78.49
N PHE JB 180 90.66 -17.11 -77.34
CA PHE JB 180 91.33 -16.59 -76.15
C PHE JB 180 92.26 -17.66 -75.60
N ILE JB 181 93.56 -17.51 -75.86
CA ILE JB 181 94.51 -18.56 -75.52
C ILE JB 181 94.93 -18.50 -74.05
N SER JB 182 94.95 -17.31 -73.46
CA SER JB 182 95.75 -17.06 -72.26
C SER JB 182 95.37 -17.98 -71.10
N VAL JB 183 96.34 -18.19 -70.20
CA VAL JB 183 96.13 -19.10 -69.08
C VAL JB 183 95.21 -18.46 -68.05
N GLY JB 184 95.38 -17.16 -67.83
CA GLY JB 184 94.56 -16.44 -66.89
C GLY JB 184 93.18 -16.21 -67.44
N ASN JB 185 92.50 -15.23 -66.87
CA ASN JB 185 91.13 -14.92 -67.27
C ASN JB 185 91.05 -13.69 -68.17
N ALA JB 186 92.16 -13.00 -68.38
CA ALA JB 186 92.20 -11.87 -69.30
C ALA JB 186 93.65 -11.62 -69.71
N TYR JB 187 93.81 -10.94 -70.86
CA TYR JB 187 95.10 -10.40 -71.22
C TYR JB 187 95.35 -9.13 -70.42
N SER JB 188 96.56 -8.99 -69.90
CA SER JB 188 96.94 -7.82 -69.10
C SER JB 188 97.77 -6.90 -69.98
N SER JB 189 97.28 -5.66 -70.15
CA SER JB 189 98.07 -4.67 -70.89
C SER JB 189 99.27 -4.24 -70.08
N PHE JB 190 99.13 -4.13 -68.77
CA PHE JB 190 100.20 -3.73 -67.86
C PHE JB 190 100.38 -4.80 -66.80
N TYR JB 191 101.63 -5.04 -66.41
CA TYR JB 191 101.94 -6.03 -65.38
C TYR JB 191 103.03 -5.45 -64.48
N ASP JB 192 102.61 -4.85 -63.36
CA ASP JB 192 103.55 -4.31 -62.38
C ASP JB 192 104.07 -5.46 -61.53
N GLY JB 193 105.04 -6.18 -62.09
CA GLY JB 193 105.54 -7.38 -61.43
C GLY JB 193 106.74 -7.93 -62.17
N TRP JB 194 107.33 -8.96 -61.57
CA TRP JB 194 108.56 -9.57 -62.07
C TRP JB 194 108.29 -11.00 -62.49
N SER JB 195 108.83 -11.38 -63.65
CA SER JB 195 108.62 -12.73 -64.16
C SER JB 195 109.25 -13.77 -63.24
N HIS JB 196 110.47 -13.52 -62.78
CA HIS JB 196 111.20 -14.45 -61.94
C HIS JB 196 111.09 -14.02 -60.48
N PHE JB 197 110.71 -14.97 -59.62
CA PHE JB 197 110.46 -14.67 -58.22
C PHE JB 197 111.71 -14.13 -57.53
N THR JB 198 111.48 -13.30 -56.51
CA THR JB 198 112.51 -12.64 -55.71
C THR JB 198 113.14 -11.48 -56.46
N GLN JB 199 112.33 -10.75 -57.24
CA GLN JB 199 112.73 -9.50 -57.87
C GLN JB 199 113.98 -9.67 -58.75
N ASP JB 200 113.90 -10.60 -59.68
CA ASP JB 200 114.99 -10.86 -60.60
C ASP JB 200 114.84 -9.92 -61.81
N GLY JB 201 115.40 -10.29 -62.95
CA GLY JB 201 115.30 -9.49 -64.15
C GLY JB 201 113.93 -9.59 -64.80
N THR JB 202 113.82 -8.92 -65.95
CA THR JB 202 112.61 -8.92 -66.79
C THR JB 202 111.41 -8.38 -66.02
N TYR JB 203 111.45 -7.07 -65.80
CA TYR JB 203 110.31 -6.36 -65.23
C TYR JB 203 109.18 -6.25 -66.24
N GLY JB 204 107.95 -6.35 -65.76
CA GLY JB 204 106.80 -5.97 -66.55
C GLY JB 204 106.33 -6.98 -67.56
N TYR JB 205 107.00 -8.11 -67.71
CA TYR JB 205 106.62 -9.11 -68.70
C TYR JB 205 106.06 -10.33 -67.99
N THR JB 206 104.75 -10.51 -68.08
CA THR JB 206 104.08 -11.72 -67.63
C THR JB 206 103.95 -12.70 -68.81
N THR JB 207 103.83 -13.97 -68.48
CA THR JB 207 103.63 -15.00 -69.51
C THR JB 207 102.16 -15.30 -69.74
N LEU JB 208 101.26 -14.63 -69.03
CA LEU JB 208 99.83 -14.85 -69.26
C LEU JB 208 99.39 -14.22 -70.58
N ASN JB 209 99.90 -13.03 -70.89
CA ASN JB 209 99.54 -12.36 -72.13
C ASN JB 209 100.48 -12.74 -73.27
N ALA JB 210 100.66 -14.05 -73.45
CA ALA JB 210 101.35 -14.59 -74.61
C ALA JB 210 100.32 -15.15 -75.57
N MET JB 211 100.43 -14.78 -76.84
CA MET JB 211 99.38 -15.08 -77.81
C MET JB 211 99.82 -16.08 -78.89
N GLY JB 212 101.12 -16.28 -79.06
CA GLY JB 212 101.63 -17.20 -80.06
C GLY JB 212 102.53 -16.50 -81.05
N LYS JB 213 102.84 -17.22 -82.11
CA LYS JB 213 103.67 -16.70 -83.19
C LYS JB 213 103.04 -17.09 -84.52
N LEU JB 214 103.60 -16.57 -85.62
CA LEU JB 214 102.97 -16.70 -86.94
C LEU JB 214 104.05 -16.86 -88.00
N TYR JB 215 104.45 -18.12 -88.26
CA TYR JB 215 105.50 -18.42 -89.21
C TYR JB 215 104.92 -18.61 -90.61
N ILE JB 216 105.48 -17.90 -91.58
CA ILE JB 216 104.93 -17.78 -92.92
C ILE JB 216 106.03 -18.11 -93.92
N ARG JB 217 105.74 -19.00 -94.86
CA ARG JB 217 106.72 -19.36 -95.87
C ARG JB 217 106.02 -19.71 -97.17
N HIS JB 218 106.81 -19.79 -98.24
CA HIS JB 218 106.38 -20.44 -99.46
C HIS JB 218 106.45 -21.95 -99.26
N VAL JB 219 105.48 -22.67 -99.81
CA VAL JB 219 105.58 -24.13 -99.82
C VAL JB 219 106.29 -24.64 -101.07
N ASN JB 220 106.48 -23.78 -102.07
CA ASN JB 220 107.22 -24.18 -103.26
C ASN JB 220 108.68 -24.36 -102.90
N ARG JB 221 109.25 -25.50 -103.33
CA ARG JB 221 110.59 -25.86 -102.89
C ARG JB 221 111.64 -24.95 -103.53
N SER JB 222 111.45 -24.58 -104.79
CA SER JB 222 112.42 -23.76 -105.50
C SER JB 222 111.71 -22.98 -106.60
N SER JB 223 112.49 -22.23 -107.37
CA SER JB 223 111.99 -21.43 -108.47
C SER JB 223 113.15 -21.17 -109.42
N PRO JB 224 112.89 -20.96 -110.71
CA PRO JB 224 113.99 -20.61 -111.64
C PRO JB 224 114.60 -19.27 -111.32
N HIS JB 225 113.78 -18.25 -111.09
CA HIS JB 225 114.25 -16.92 -110.73
C HIS JB 225 113.86 -16.62 -109.27
N GLN JB 226 114.18 -15.41 -108.83
CA GLN JB 226 113.92 -14.99 -107.46
C GLN JB 226 112.53 -14.38 -107.34
N ILE JB 227 111.77 -14.84 -106.34
CA ILE JB 227 110.45 -14.30 -106.05
C ILE JB 227 110.47 -13.80 -104.61
N THR JB 228 110.11 -12.54 -104.42
CA THR JB 228 110.17 -11.89 -103.11
C THR JB 228 108.75 -11.53 -102.70
N SER JB 229 108.18 -12.30 -101.78
CA SER JB 229 106.80 -12.11 -101.38
C SER JB 229 106.73 -11.17 -100.18
N THR JB 230 105.63 -10.41 -100.12
CA THR JB 230 105.39 -9.45 -99.05
C THR JB 230 104.06 -9.78 -98.40
N ILE JB 231 104.05 -9.84 -97.08
CA ILE JB 231 102.84 -10.19 -96.34
C ILE JB 231 102.46 -9.04 -95.42
N ARG JB 232 101.16 -8.79 -95.31
CA ARG JB 232 100.61 -7.74 -94.46
C ARG JB 232 99.56 -8.38 -93.57
N VAL JB 233 99.86 -8.53 -92.28
CA VAL JB 233 98.96 -9.20 -91.36
C VAL JB 233 97.99 -8.17 -90.79
N TYR JB 234 96.69 -8.44 -90.94
CA TYR JB 234 95.64 -7.54 -90.48
C TYR JB 234 95.04 -8.08 -89.19
N PHE JB 235 95.50 -7.55 -88.07
CA PHE JB 235 95.05 -7.97 -86.76
C PHE JB 235 93.70 -7.33 -86.44
N LYS JB 236 92.83 -8.12 -85.81
CA LYS JB 236 91.53 -7.59 -85.40
C LYS JB 236 91.04 -8.25 -84.11
N PRO JB 237 90.85 -7.47 -83.04
CA PRO JB 237 90.20 -8.03 -81.85
C PRO JB 237 88.74 -8.34 -82.14
N LYS JB 238 88.23 -9.39 -81.50
CA LYS JB 238 86.86 -9.80 -81.71
C LYS JB 238 86.26 -10.31 -80.41
N HIS JB 239 84.96 -10.06 -80.24
CA HIS JB 239 84.23 -10.43 -79.02
C HIS JB 239 84.99 -9.94 -77.78
N ILE JB 240 85.29 -8.65 -77.78
CA ILE JB 240 86.25 -8.07 -76.84
C ILE JB 240 85.53 -7.55 -75.61
N LYS JB 241 86.04 -7.91 -74.44
CA LYS JB 241 85.64 -7.33 -73.17
C LYS JB 241 86.85 -6.65 -72.55
N ALA JB 242 86.60 -5.65 -71.71
CA ALA JB 242 87.67 -4.85 -71.16
C ALA JB 242 87.30 -4.40 -69.75
N TRP JB 243 88.27 -4.50 -68.83
CA TRP JB 243 88.09 -4.14 -67.44
C TRP JB 243 89.08 -3.07 -67.04
N VAL JB 244 88.75 -2.38 -65.95
CA VAL JB 244 89.65 -1.45 -65.27
C VAL JB 244 90.12 -0.37 -66.24
N PRO JB 245 89.36 0.69 -66.46
CA PRO JB 245 89.82 1.76 -67.34
C PRO JB 245 91.05 2.44 -66.76
N ARG JB 246 91.71 3.23 -67.59
CA ARG JB 246 93.07 3.68 -67.32
C ARG JB 246 93.27 4.97 -68.09
N PRO JB 247 94.03 5.93 -67.57
CA PRO JB 247 94.17 7.20 -68.27
C PRO JB 247 94.97 7.01 -69.54
N PRO JB 248 94.75 7.85 -70.54
CA PRO JB 248 95.46 7.70 -71.81
C PRO JB 248 96.94 8.01 -71.70
N ARG JB 249 97.71 7.42 -72.61
CA ARG JB 249 99.13 7.68 -72.72
C ARG JB 249 99.36 9.15 -73.08
N LEU JB 250 100.31 9.77 -72.38
CA LEU JB 250 100.69 11.16 -72.65
C LEU JB 250 102.01 11.27 -73.40
N CYS JB 251 103.03 10.56 -72.94
CA CYS JB 251 104.36 10.63 -73.52
C CYS JB 251 104.47 9.71 -74.74
N PRO JB 252 105.41 10.00 -75.65
CA PRO JB 252 105.63 9.09 -76.78
C PRO JB 252 106.27 7.79 -76.33
N TYR JB 253 106.10 6.76 -77.16
CA TYR JB 253 106.64 5.44 -76.86
C TYR JB 253 108.11 5.36 -77.21
N ILE JB 254 108.86 4.62 -76.41
CA ILE JB 254 110.30 4.45 -76.62
C ILE JB 254 110.56 3.08 -77.26
N ASN JB 255 110.18 2.02 -76.55
CA ASN JB 255 110.48 0.66 -76.95
C ASN JB 255 109.22 -0.20 -76.84
N LYS JB 256 109.21 -1.30 -77.60
CA LYS JB 256 108.02 -2.12 -77.79
C LYS JB 256 107.84 -3.20 -76.73
N ARG JB 257 108.70 -3.24 -75.71
CA ARG JB 257 108.58 -4.22 -74.65
C ARG JB 257 108.58 -3.59 -73.26
N ASP JB 258 108.50 -2.26 -73.16
CA ASP JB 258 108.57 -1.59 -71.88
C ASP JB 258 107.69 -0.35 -71.92
N VAL JB 259 107.57 0.30 -70.77
CA VAL JB 259 106.75 1.48 -70.59
C VAL JB 259 107.60 2.73 -70.40
N ASN JB 260 108.89 2.63 -70.69
CA ASN JB 260 109.81 3.72 -70.45
C ASN JB 260 109.47 4.92 -71.32
N PHE JB 261 109.74 6.11 -70.81
CA PHE JB 261 109.28 7.33 -71.46
C PHE JB 261 110.18 8.49 -71.08
N VAL JB 262 110.05 9.57 -71.84
CA VAL JB 262 110.69 10.85 -71.55
C VAL JB 262 109.62 11.77 -70.98
N VAL JB 263 109.99 12.55 -69.96
CA VAL JB 263 109.02 13.40 -69.28
C VAL JB 263 108.53 14.46 -70.25
N THR JB 264 107.24 14.42 -70.57
CA THR JB 264 106.62 15.30 -71.54
C THR JB 264 105.75 16.31 -70.82
N GLU JB 265 105.55 17.46 -71.46
CA GLU JB 265 104.68 18.49 -70.89
C GLU JB 265 103.24 18.02 -70.91
N ILE JB 266 102.44 18.56 -69.98
CA ILE JB 266 101.05 18.13 -69.85
C ILE JB 266 100.25 18.51 -71.09
N THR JB 267 100.14 19.80 -71.36
CA THR JB 267 99.42 20.30 -72.53
C THR JB 267 100.33 21.26 -73.28
N ASP JB 268 99.85 21.72 -74.44
CA ASP JB 268 100.55 22.76 -75.16
C ASP JB 268 100.43 24.06 -74.38
N SER JB 269 101.50 24.85 -74.37
CA SER JB 269 101.51 26.05 -73.55
C SER JB 269 100.83 27.20 -74.29
N ARG JB 270 100.30 28.13 -73.51
CA ARG JB 270 99.80 29.40 -74.02
C ARG JB 270 100.54 30.53 -73.32
N THR JB 271 100.22 31.77 -73.73
CA THR JB 271 101.00 32.92 -73.29
C THR JB 271 100.73 33.26 -71.83
N SER JB 272 99.47 33.54 -71.50
CA SER JB 272 99.08 33.86 -70.13
C SER JB 272 97.91 32.98 -69.71
N ILE JB 273 97.50 33.13 -68.45
CA ILE JB 273 96.37 32.37 -67.94
C ILE JB 273 95.03 32.91 -68.42
N THR JB 274 95.00 34.14 -68.94
CA THR JB 274 93.75 34.80 -69.26
C THR JB 274 93.50 34.99 -70.75
N ASP JB 275 94.48 34.71 -71.60
CA ASP JB 275 94.29 34.91 -73.03
C ASP JB 275 93.53 33.73 -73.66
N VAL KB 13 82.46 11.06 -35.05
CA VAL KB 13 83.63 10.33 -34.57
C VAL KB 13 83.28 8.87 -34.29
N ARG KB 14 83.85 7.97 -35.09
CA ARG KB 14 83.63 6.54 -34.94
C ARG KB 14 84.96 5.87 -34.63
N SER KB 15 84.99 5.08 -33.56
CA SER KB 15 86.20 4.39 -33.11
C SER KB 15 86.13 2.95 -33.60
N MET KB 16 86.62 2.72 -34.81
CA MET KB 16 86.64 1.37 -35.35
C MET KB 16 87.69 0.52 -34.66
N THR KB 17 87.42 -0.78 -34.57
CA THR KB 17 88.38 -1.72 -34.01
C THR KB 17 88.35 -2.99 -34.83
N LEU KB 18 89.53 -3.59 -35.00
CA LEU KB 18 89.68 -4.87 -35.71
C LEU KB 18 90.76 -5.67 -34.98
N GLY KB 19 90.37 -6.75 -34.34
CA GLY KB 19 91.31 -7.57 -33.63
C GLY KB 19 91.84 -6.87 -32.39
N ASN KB 20 93.13 -6.54 -32.39
CA ASN KB 20 93.77 -5.80 -31.33
C ASN KB 20 94.36 -4.49 -31.86
N SER KB 21 93.59 -3.81 -32.71
CA SER KB 21 94.03 -2.53 -33.30
C SER KB 21 92.81 -1.64 -33.42
N THR KB 22 92.81 -0.53 -32.68
CA THR KB 22 91.73 0.44 -32.70
C THR KB 22 92.25 1.77 -33.21
N ILE KB 23 91.56 2.33 -34.19
CA ILE KB 23 91.85 3.68 -34.68
C ILE KB 23 90.62 4.54 -34.43
N THR KB 24 90.81 5.85 -34.55
CA THR KB 24 89.73 6.82 -34.38
C THR KB 24 89.53 7.54 -35.69
N THR KB 25 88.32 7.40 -36.26
CA THR KB 25 87.99 7.97 -37.54
C THR KB 25 86.98 9.09 -37.40
N GLN KB 26 86.79 9.83 -38.50
CA GLN KB 26 85.87 10.95 -38.53
C GLN KB 26 84.67 10.64 -39.42
N ASN KB 30 83.30 9.56 -45.95
CA ASN KB 30 82.56 8.53 -46.67
C ASN KB 30 83.47 7.63 -47.50
N VAL KB 31 83.17 6.35 -47.51
CA VAL KB 31 84.07 5.34 -48.08
C VAL KB 31 83.93 5.35 -49.60
N VAL KB 32 85.06 5.33 -50.29
CA VAL KB 32 85.10 5.19 -51.75
C VAL KB 32 85.37 3.72 -52.02
N VAL KB 33 84.29 2.96 -52.22
CA VAL KB 33 84.41 1.54 -52.56
C VAL KB 33 84.92 1.43 -53.98
N GLY KB 34 86.10 0.81 -54.14
CA GLY KB 34 86.76 0.81 -55.43
C GLY KB 34 85.99 -0.05 -56.43
N TYR KB 35 85.60 0.56 -57.56
CA TYR KB 35 84.86 -0.12 -58.63
C TYR KB 35 83.55 -0.71 -58.14
N GLY KB 36 82.91 -0.08 -57.15
CA GLY KB 36 81.58 -0.47 -56.76
C GLY KB 36 81.46 -1.86 -56.18
N GLU KB 37 82.57 -2.51 -55.86
CA GLU KB 37 82.54 -3.87 -55.34
C GLU KB 37 83.28 -3.94 -54.02
N TRP KB 38 82.74 -4.71 -53.10
CA TRP KB 38 83.31 -5.01 -51.81
C TRP KB 38 84.14 -6.27 -51.92
N PRO KB 39 85.33 -6.34 -51.34
CA PRO KB 39 86.13 -7.56 -51.48
C PRO KB 39 85.35 -8.76 -50.95
N SER KB 40 85.66 -9.92 -51.50
CA SER KB 40 84.95 -11.13 -51.12
C SER KB 40 85.89 -12.32 -51.30
N TYR KB 41 85.46 -13.46 -50.76
CA TYR KB 41 86.23 -14.68 -50.95
C TYR KB 41 86.02 -15.21 -52.36
N LEU KB 42 86.80 -16.24 -52.70
CA LEU KB 42 86.84 -16.73 -54.06
C LEU KB 42 85.60 -17.53 -54.44
N SER KB 43 84.91 -18.12 -53.45
CA SER KB 43 83.70 -18.89 -53.73
C SER KB 43 82.54 -17.96 -54.08
N THR KB 48 86.62 -26.31 -54.88
CA THR KB 48 87.33 -27.36 -55.60
C THR KB 48 88.26 -28.12 -54.66
N ALA KB 49 88.32 -29.45 -54.80
CA ALA KB 49 89.22 -30.27 -54.01
C ALA KB 49 90.59 -30.42 -54.65
N GLU KB 50 90.76 -30.02 -55.91
CA GLU KB 50 92.07 -30.05 -56.54
C GLU KB 50 92.97 -28.93 -56.04
N ASP KB 51 92.37 -27.76 -55.76
CA ASP KB 51 93.06 -26.64 -55.14
C ASP KB 51 92.13 -26.05 -54.09
N GLN KB 52 92.59 -25.97 -52.85
CA GLN KB 52 91.75 -25.56 -51.73
C GLN KB 52 92.36 -24.36 -51.02
N PRO KB 53 91.64 -23.23 -50.91
CA PRO KB 53 92.18 -22.08 -50.21
C PRO KB 53 92.03 -22.19 -48.70
N THR KB 54 92.92 -21.49 -47.99
CA THR KB 54 92.88 -21.36 -46.55
C THR KB 54 92.53 -19.92 -46.21
N GLN KB 55 91.52 -19.73 -45.37
CA GLN KB 55 91.10 -18.39 -44.98
C GLN KB 55 91.62 -18.10 -43.58
N PRO KB 56 92.59 -17.21 -43.42
CA PRO KB 56 93.13 -16.94 -42.06
C PRO KB 56 92.13 -16.27 -41.14
N ASP KB 57 91.46 -15.21 -41.58
CA ASP KB 57 90.50 -14.48 -40.77
C ASP KB 57 91.13 -13.97 -39.48
N VAL KB 58 91.62 -14.89 -38.64
CA VAL KB 58 92.31 -14.51 -37.41
C VAL KB 58 93.49 -13.61 -37.75
N ALA KB 59 93.65 -12.53 -36.98
CA ALA KB 59 94.67 -11.49 -37.21
C ALA KB 59 94.50 -11.02 -38.65
N THR KB 60 95.58 -10.79 -39.41
CA THR KB 60 95.54 -10.35 -40.80
C THR KB 60 94.62 -9.14 -41.05
N CYS KB 61 93.42 -9.16 -40.47
CA CYS KB 61 92.42 -8.12 -40.70
C CYS KB 61 92.63 -6.88 -39.83
N ARG KB 62 93.58 -6.92 -38.90
CA ARG KB 62 93.78 -5.79 -38.00
C ARG KB 62 94.40 -4.62 -38.76
N PHE KB 63 94.40 -3.45 -38.12
CA PHE KB 63 94.91 -2.24 -38.75
C PHE KB 63 96.43 -2.17 -38.64
N TYR KB 64 97.10 -2.00 -39.77
CA TYR KB 64 98.55 -1.85 -39.86
C TYR KB 64 98.86 -0.40 -40.19
N THR KB 65 99.10 0.40 -39.16
CA THR KB 65 99.43 1.80 -39.35
C THR KB 65 100.89 1.94 -39.76
N LEU KB 66 101.12 2.52 -40.95
CA LEU KB 66 102.47 2.75 -41.42
C LEU KB 66 103.06 3.96 -40.71
N GLU KB 67 104.33 4.25 -40.99
CA GLU KB 67 104.98 5.41 -40.40
C GLU KB 67 104.38 6.68 -40.98
N SER KB 68 104.18 7.67 -40.10
CA SER KB 68 103.56 8.92 -40.53
C SER KB 68 104.52 9.69 -41.42
N VAL KB 69 103.97 10.38 -42.41
CA VAL KB 69 104.74 11.02 -43.46
C VAL KB 69 104.55 12.53 -43.36
N GLN KB 70 105.65 13.26 -43.22
CA GLN KB 70 105.58 14.70 -43.06
C GLN KB 70 105.43 15.36 -44.44
N TRP KB 71 104.40 16.18 -44.57
CA TRP KB 71 104.09 16.86 -45.81
C TRP KB 71 104.44 18.35 -45.66
N GLU KB 72 105.52 18.75 -46.31
CA GLU KB 72 106.01 20.12 -46.28
C GLU KB 72 105.47 20.89 -47.48
N LYS KB 73 105.94 22.12 -47.65
CA LYS KB 73 105.52 22.94 -48.80
C LYS KB 73 106.11 22.42 -50.11
N THR KB 74 107.24 21.70 -50.04
CA THR KB 74 107.96 21.28 -51.24
C THR KB 74 107.86 19.78 -51.48
N SER KB 75 106.91 19.10 -50.84
CA SER KB 75 106.75 17.68 -51.06
C SER KB 75 106.03 17.42 -52.38
N PRO KB 76 106.59 16.60 -53.27
CA PRO KB 76 105.92 16.35 -54.55
C PRO KB 76 104.95 15.18 -54.52
N GLY KB 77 105.12 14.25 -53.60
CA GLY KB 77 104.23 13.11 -53.53
C GLY KB 77 104.92 11.89 -52.95
N TRP KB 78 104.16 10.80 -52.89
CA TRP KB 78 104.65 9.53 -52.36
C TRP KB 78 103.97 8.40 -53.12
N TRP KB 79 104.54 7.21 -53.02
CA TRP KB 79 103.82 6.02 -53.45
C TRP KB 79 104.26 4.82 -52.61
N TRP KB 80 103.30 3.93 -52.36
CA TRP KB 80 103.53 2.63 -51.75
C TRP KB 80 103.07 1.57 -52.74
N LYS KB 81 103.80 0.47 -52.82
CA LYS KB 81 103.39 -0.67 -53.63
C LYS KB 81 103.04 -1.83 -52.72
N PHE KB 82 101.80 -2.19 -52.72
CA PHE KB 82 101.06 -3.27 -52.09
C PHE KB 82 100.91 -4.42 -53.09
N PRO KB 83 100.72 -5.67 -52.62
CA PRO KB 83 100.55 -6.17 -51.26
C PRO KB 83 101.82 -6.19 -50.41
N GLU KB 84 102.98 -6.05 -51.06
CA GLU KB 84 104.24 -6.32 -50.39
C GLU KB 84 104.76 -5.12 -49.61
N ALA KB 85 104.01 -4.02 -49.55
CA ALA KB 85 104.34 -2.97 -48.60
C ALA KB 85 104.14 -3.45 -47.17
N LEU KB 86 103.29 -4.45 -46.98
CA LEU KB 86 103.04 -5.07 -45.68
C LEU KB 86 103.86 -6.33 -45.48
N LYS KB 87 105.03 -6.44 -46.13
CA LYS KB 87 105.78 -7.70 -46.09
C LYS KB 87 106.48 -7.92 -44.76
N ASN KB 88 106.60 -6.89 -43.93
CA ASN KB 88 107.16 -7.03 -42.60
C ASN KB 88 106.14 -6.68 -41.52
N MET KB 89 104.85 -6.69 -41.86
CA MET KB 89 103.80 -6.26 -40.95
C MET KB 89 103.09 -7.48 -40.37
N GLY KB 90 103.71 -8.06 -39.35
CA GLY KB 90 103.01 -9.00 -38.49
C GLY KB 90 102.70 -10.32 -39.17
N LEU KB 91 101.51 -10.86 -38.88
CA LEU KB 91 101.11 -12.14 -39.44
C LEU KB 91 100.83 -12.06 -40.93
N PHE KB 92 100.33 -10.92 -41.40
CA PHE KB 92 100.12 -10.75 -42.84
C PHE KB 92 101.45 -10.76 -43.58
N GLY KB 93 102.48 -10.14 -43.01
CA GLY KB 93 103.79 -10.18 -43.61
C GLY KB 93 104.53 -11.48 -43.40
N GLN KB 94 104.02 -12.33 -42.51
CA GLN KB 94 104.60 -13.65 -42.29
C GLN KB 94 103.89 -14.74 -43.09
N ASN KB 95 102.59 -14.62 -43.31
CA ASN KB 95 101.90 -15.54 -44.21
C ASN KB 95 102.29 -15.33 -45.67
N MET KB 96 102.96 -14.23 -46.00
CA MET KB 96 103.47 -14.08 -47.35
C MET KB 96 104.64 -15.02 -47.61
N HIS KB 97 105.38 -15.39 -46.57
CA HIS KB 97 106.54 -16.29 -46.74
C HIS KB 97 106.17 -17.76 -46.71
N TYR KB 98 105.03 -18.14 -46.13
CA TYR KB 98 104.66 -19.54 -46.04
C TYR KB 98 103.70 -19.98 -47.12
N HIS KB 99 102.88 -19.08 -47.65
CA HIS KB 99 101.99 -19.36 -48.76
C HIS KB 99 102.47 -18.56 -49.97
N TYR KB 100 102.50 -19.19 -51.14
CA TYR KB 100 102.97 -18.53 -52.35
C TYR KB 100 101.83 -18.04 -53.23
N LEU KB 101 100.59 -18.08 -52.72
CA LEU KB 101 99.43 -17.57 -53.42
C LEU KB 101 98.51 -16.89 -52.40
N GLY KB 102 97.89 -15.79 -52.81
CA GLY KB 102 97.01 -15.08 -51.90
C GLY KB 102 96.29 -13.93 -52.57
N ARG KB 103 95.39 -13.33 -51.82
CA ARG KB 103 94.56 -12.21 -52.26
C ARG KB 103 93.97 -11.53 -51.04
N ALA KB 104 93.67 -10.24 -51.16
CA ALA KB 104 93.13 -9.47 -50.03
C ALA KB 104 92.43 -8.22 -50.56
N GLY KB 105 91.94 -7.39 -49.63
CA GLY KB 105 91.09 -6.27 -49.98
C GLY KB 105 91.59 -4.88 -49.62
N TYR KB 106 92.29 -4.74 -48.50
CA TYR KB 106 93.07 -3.54 -48.17
C TYR KB 106 92.19 -2.28 -48.07
N THR KB 107 91.45 -2.19 -46.97
CA THR KB 107 90.84 -0.91 -46.59
C THR KB 107 91.94 0.05 -46.16
N ILE KB 108 92.03 1.20 -46.82
CA ILE KB 108 93.13 2.13 -46.64
C ILE KB 108 92.57 3.44 -46.10
N HIS KB 109 92.85 3.73 -44.83
CA HIS KB 109 92.53 5.03 -44.24
C HIS KB 109 93.73 5.95 -44.39
N VAL KB 110 93.46 7.20 -44.74
CA VAL KB 110 94.51 8.22 -44.88
C VAL KB 110 94.02 9.46 -44.15
N GLN KB 111 94.49 9.67 -42.93
CA GLN KB 111 94.26 10.91 -42.20
C GLN KB 111 95.36 11.92 -42.53
N CYS KB 112 95.12 13.17 -42.13
CA CYS KB 112 96.09 14.24 -42.33
C CYS KB 112 96.27 15.12 -41.11
N ASN KB 113 95.31 15.13 -40.17
CA ASN KB 113 95.33 15.86 -38.91
C ASN KB 113 96.14 17.16 -38.96
N ALA KB 114 95.86 17.98 -39.96
CA ALA KB 114 96.42 19.32 -40.02
C ALA KB 114 95.63 20.24 -39.10
N SER KB 115 95.99 21.52 -39.08
CA SER KB 115 95.29 22.48 -38.25
C SER KB 115 94.16 23.11 -39.05
N LYS KB 116 93.64 24.23 -38.56
CA LYS KB 116 92.59 24.98 -39.23
C LYS KB 116 93.15 26.10 -40.10
N PHE KB 117 94.41 26.48 -39.89
CA PHE KB 117 95.06 27.52 -40.66
C PHE KB 117 95.94 26.97 -41.77
N HIS KB 118 96.17 25.65 -41.81
CA HIS KB 118 96.86 25.04 -42.94
C HIS KB 118 95.90 24.91 -44.11
N GLN KB 119 96.46 24.96 -45.32
CA GLN KB 119 95.69 24.78 -46.53
C GLN KB 119 96.43 23.83 -47.47
N GLY KB 120 95.67 23.14 -48.30
CA GLY KB 120 96.26 22.21 -49.24
C GLY KB 120 95.22 21.23 -49.73
N CYS KB 121 95.67 20.32 -50.59
CA CYS KB 121 94.79 19.33 -51.19
C CYS KB 121 95.62 18.15 -51.66
N LEU KB 122 95.10 16.95 -51.43
CA LEU KB 122 95.77 15.71 -51.79
C LEU KB 122 94.89 14.88 -52.72
N LEU KB 123 95.54 14.13 -53.60
CA LEU KB 123 94.90 13.09 -54.38
C LEU KB 123 95.35 11.75 -53.81
N VAL KB 124 94.41 11.01 -53.22
CA VAL KB 124 94.66 9.68 -52.67
C VAL KB 124 94.06 8.68 -53.65
N VAL KB 125 94.92 8.04 -54.45
CA VAL KB 125 94.50 7.18 -55.54
C VAL KB 125 95.30 5.89 -55.44
N CYS KB 126 94.71 4.81 -55.98
CA CYS KB 126 95.23 3.47 -55.75
C CYS KB 126 95.88 2.82 -56.96
N VAL KB 127 95.42 3.12 -58.17
CA VAL KB 127 96.13 2.79 -59.41
C VAL KB 127 96.49 1.30 -59.45
N PRO KB 128 95.55 0.41 -59.80
CA PRO KB 128 95.93 -1.00 -59.99
C PRO KB 128 96.86 -1.15 -61.18
N GLU KB 129 97.87 -2.02 -61.01
CA GLU KB 129 98.83 -2.34 -62.07
C GLU KB 129 99.59 -1.10 -62.56
N ALA KB 130 100.23 -0.40 -61.62
CA ALA KB 130 101.04 0.76 -61.97
C ALA KB 130 102.42 0.27 -62.39
N GLU KB 131 102.57 -0.02 -63.68
CA GLU KB 131 103.86 -0.35 -64.25
C GLU KB 131 104.62 0.95 -64.51
N MET KB 132 105.68 1.18 -63.75
CA MET KB 132 106.39 2.44 -63.82
C MET KB 132 107.60 2.33 -64.76
N GLY KB 133 108.07 3.49 -65.22
CA GLY KB 133 109.11 3.55 -66.23
C GLY KB 133 110.44 3.98 -65.64
N CYS KB 134 111.52 3.50 -66.24
CA CYS KB 134 112.86 3.81 -65.77
C CYS KB 134 113.22 5.26 -66.10
N ALA KB 135 114.18 5.79 -65.35
CA ALA KB 135 114.49 7.22 -65.44
C ALA KB 135 115.25 7.54 -66.73
N ASP KB 136 116.28 6.76 -67.04
CA ASP KB 136 116.96 6.83 -68.34
C ASP KB 136 116.62 5.56 -69.11
N THR KB 137 115.78 5.70 -70.14
CA THR KB 137 115.33 4.55 -70.89
C THR KB 137 116.47 3.96 -71.71
N ASP KB 138 116.25 2.71 -72.17
CA ASP KB 138 117.16 1.71 -72.74
C ASP KB 138 117.74 0.79 -71.67
N THR KB 139 117.25 0.87 -70.44
CA THR KB 139 117.73 0.01 -69.37
C THR KB 139 116.63 -0.17 -68.33
N THR KB 140 116.91 -1.00 -67.33
CA THR KB 140 115.99 -1.31 -66.25
C THR KB 140 116.53 -0.78 -64.92
N PHE KB 141 115.73 -0.94 -63.86
CA PHE KB 141 116.09 -0.53 -62.51
C PHE KB 141 116.26 -1.73 -61.60
N PRO KB 142 117.08 -1.61 -60.53
CA PRO KB 142 117.45 -2.78 -59.73
C PRO KB 142 116.42 -3.28 -58.74
N ALA KB 143 115.13 -3.03 -58.97
CA ALA KB 143 114.04 -3.71 -58.27
C ALA KB 143 113.90 -3.29 -56.82
N THR KB 144 114.90 -2.62 -56.27
CA THR KB 144 114.80 -1.99 -54.96
C THR KB 144 114.46 -0.51 -55.07
N GLU KB 145 114.16 -0.04 -56.27
CA GLU KB 145 113.74 1.33 -56.51
C GLU KB 145 112.23 1.49 -56.58
N LEU KB 146 111.50 0.42 -56.86
CA LEU KB 146 110.05 0.49 -56.81
C LEU KB 146 109.52 0.51 -55.38
N THR KB 147 110.14 -0.26 -54.49
CA THR KB 147 109.58 -0.40 -53.15
C THR KB 147 110.70 -0.48 -52.12
N THR KB 148 110.45 0.15 -50.96
CA THR KB 148 111.26 0.01 -49.76
C THR KB 148 110.26 -0.33 -48.67
N GLU KB 149 109.74 -1.56 -48.73
CA GLU KB 149 108.63 -2.07 -47.92
C GLU KB 149 107.77 -1.00 -47.29
N ASP KB 150 108.03 -0.70 -46.02
CA ASP KB 150 107.19 0.23 -45.26
C ASP KB 150 107.36 1.67 -45.74
N THR KB 151 108.60 2.10 -46.01
CA THR KB 151 108.78 3.51 -46.29
C THR KB 151 108.39 3.85 -47.73
N PRO KB 152 107.88 5.06 -47.97
CA PRO KB 152 107.45 5.44 -49.31
C PRO KB 152 108.57 6.01 -50.16
N HIS KB 153 108.55 5.66 -51.45
CA HIS KB 153 109.34 6.38 -52.43
C HIS KB 153 108.64 7.68 -52.79
N VAL KB 154 109.35 8.79 -52.67
CA VAL KB 154 108.78 10.08 -53.03
C VAL KB 154 108.86 10.26 -54.54
N PHE KB 155 107.98 11.12 -55.05
CA PHE KB 155 108.13 11.60 -56.42
C PHE KB 155 109.20 12.68 -56.45
N THR KB 156 109.42 13.24 -57.63
CA THR KB 156 110.31 14.39 -57.78
C THR KB 156 109.55 15.49 -58.51
N SER KB 157 110.05 16.72 -58.38
CA SER KB 157 109.42 17.87 -59.01
C SER KB 157 109.84 18.01 -60.47
N ASP KB 158 111.01 17.50 -60.84
CA ASP KB 158 111.48 17.58 -62.22
C ASP KB 158 112.02 16.23 -62.67
N SER KB 159 112.62 16.18 -63.85
CA SER KB 159 113.13 14.92 -64.38
C SER KB 159 114.42 14.54 -63.68
N ILE KB 160 114.65 13.22 -63.59
CA ILE KB 160 115.84 12.67 -62.96
C ILE KB 160 116.45 11.62 -63.89
N THR KB 161 117.71 11.31 -63.65
CA THR KB 161 118.43 10.30 -64.41
C THR KB 161 118.97 9.24 -63.46
N GLY KB 162 119.54 8.18 -64.03
CA GLY KB 162 120.03 7.07 -63.26
C GLY KB 162 119.08 5.87 -63.32
N LYS KB 163 119.61 4.72 -62.90
CA LYS KB 163 118.87 3.46 -62.98
C LYS KB 163 117.87 3.41 -61.83
N LYS KB 164 116.78 4.16 -61.98
CA LYS KB 164 115.72 4.18 -61.00
C LYS KB 164 114.44 4.63 -61.68
N VAL KB 165 113.37 4.75 -60.90
CA VAL KB 165 112.06 5.06 -61.45
C VAL KB 165 111.98 6.52 -61.83
N GLN KB 166 111.44 6.79 -63.01
CA GLN KB 166 111.17 8.17 -63.41
C GLN KB 166 110.05 8.72 -62.55
N ALA KB 167 110.41 9.32 -61.42
CA ALA KB 167 109.44 9.72 -60.40
C ALA KB 167 109.08 11.20 -60.49
N ALA KB 168 109.08 11.76 -61.69
CA ALA KB 168 108.63 13.14 -61.86
C ALA KB 168 107.10 13.17 -61.88
N VAL KB 169 106.52 14.04 -61.04
CA VAL KB 169 105.09 14.31 -61.17
C VAL KB 169 104.84 15.05 -62.48
N CYS KB 170 103.56 15.09 -62.88
CA CYS KB 170 103.00 15.37 -64.19
C CYS KB 170 103.13 14.15 -65.10
N ASN KB 171 103.93 13.16 -64.72
CA ASN KB 171 104.05 11.89 -65.43
C ASN KB 171 104.30 10.79 -64.41
N ALA KB 172 103.36 10.65 -63.47
CA ALA KB 172 103.58 10.08 -62.14
C ALA KB 172 104.53 8.90 -62.14
N GLY KB 173 104.12 7.77 -62.70
CA GLY KB 173 105.04 6.69 -62.96
C GLY KB 173 104.91 6.10 -64.35
N MET KB 174 103.72 6.23 -64.93
CA MET KB 174 103.30 5.41 -66.06
C MET KB 174 103.35 6.14 -67.39
N GLY KB 175 103.74 7.41 -67.41
CA GLY KB 175 103.72 8.17 -68.64
C GLY KB 175 102.37 8.76 -68.98
N VAL KB 176 101.47 8.85 -68.01
CA VAL KB 176 100.18 9.48 -68.20
C VAL KB 176 100.21 10.87 -67.59
N GLY KB 177 99.18 11.66 -67.87
CA GLY KB 177 99.03 12.93 -67.18
C GLY KB 177 98.62 12.69 -65.74
N VAL KB 178 99.23 13.45 -64.83
CA VAL KB 178 98.93 13.25 -63.42
C VAL KB 178 97.61 13.87 -63.02
N GLY KB 179 97.09 14.81 -63.82
CA GLY KB 179 95.82 15.42 -63.50
C GLY KB 179 94.67 14.46 -63.70
N ASN KB 180 94.65 13.74 -64.82
CA ASN KB 180 93.62 12.76 -65.09
C ASN KB 180 94.02 11.37 -64.58
N LEU KB 181 94.51 11.35 -63.34
CA LEU KB 181 94.73 10.12 -62.60
C LEU KB 181 93.54 9.80 -61.72
N THR KB 182 92.44 10.54 -61.92
CA THR KB 182 91.21 10.44 -61.14
C THR KB 182 90.31 9.31 -61.62
N ILE KB 183 90.68 8.65 -62.71
CA ILE KB 183 89.88 7.54 -63.25
C ILE KB 183 89.88 6.35 -62.30
N PHE KB 184 90.89 6.24 -61.43
CA PHE KB 184 91.01 5.12 -60.52
C PHE KB 184 90.21 5.38 -59.25
N PRO KB 185 90.10 4.38 -58.35
CA PRO KB 185 89.51 4.66 -57.04
C PRO KB 185 90.30 5.71 -56.29
N HIS KB 186 89.70 6.87 -56.08
CA HIS KB 186 90.40 8.03 -55.55
C HIS KB 186 89.58 8.68 -54.44
N GLN KB 187 90.20 9.65 -53.79
CA GLN KB 187 89.53 10.49 -52.80
C GLN KB 187 90.36 11.74 -52.61
N TRP KB 188 89.71 12.90 -52.65
CA TRP KB 188 90.39 14.16 -52.41
C TRP KB 188 90.41 14.45 -50.91
N ILE KB 189 91.56 14.92 -50.42
CA ILE KB 189 91.63 15.39 -49.04
C ILE KB 189 91.90 16.88 -49.08
N ASN KB 190 90.83 17.68 -49.08
CA ASN KB 190 90.93 19.13 -49.03
C ASN KB 190 90.92 19.55 -47.58
N LEU KB 191 92.03 20.13 -47.11
CA LEU KB 191 92.16 20.49 -45.70
C LEU KB 191 91.18 21.58 -45.30
N ARG KB 192 90.62 22.28 -46.27
CA ARG KB 192 89.54 23.22 -45.97
C ARG KB 192 88.33 22.51 -45.40
N THR KB 193 87.95 21.38 -46.00
CA THR KB 193 86.75 20.66 -45.62
C THR KB 193 87.05 19.44 -44.77
N ASN KB 194 87.77 18.46 -45.31
CA ASN KB 194 87.96 17.16 -44.68
C ASN KB 194 89.44 16.89 -44.43
N ASN KB 195 89.70 15.79 -43.74
CA ASN KB 195 91.05 15.34 -43.44
C ASN KB 195 91.28 13.87 -43.69
N SER KB 196 90.23 13.05 -43.77
CA SER KB 196 90.35 11.61 -43.82
C SER KB 196 89.86 11.09 -45.17
N ALA KB 197 90.48 10.01 -45.62
CA ALA KB 197 90.10 9.31 -46.82
C ALA KB 197 90.07 7.82 -46.51
N THR KB 198 89.20 7.09 -47.21
CA THR KB 198 89.15 5.64 -47.04
C THR KB 198 88.74 5.01 -48.36
N ILE KB 199 89.51 4.02 -48.79
CA ILE KB 199 89.35 3.37 -50.09
C ILE KB 199 89.38 1.87 -49.88
N VAL KB 200 88.49 1.16 -50.57
CA VAL KB 200 88.38 -0.28 -50.47
C VAL KB 200 88.60 -0.84 -51.88
N ILE KB 201 89.60 -1.71 -52.02
CA ILE KB 201 90.11 -2.13 -53.31
C ILE KB 201 89.99 -3.65 -53.41
N PRO KB 202 88.97 -4.15 -54.12
CA PRO KB 202 88.53 -5.55 -54.01
C PRO KB 202 89.34 -6.56 -54.82
N TYR KB 203 90.67 -6.46 -54.73
CA TYR KB 203 91.58 -7.40 -55.39
C TYR KB 203 91.32 -7.48 -56.89
N ILE KB 204 91.84 -6.48 -57.61
CA ILE KB 204 91.77 -6.48 -59.06
C ILE KB 204 92.96 -7.26 -59.62
N ASN KB 205 92.67 -8.37 -60.31
CA ASN KB 205 93.71 -9.17 -60.94
C ASN KB 205 93.06 -10.10 -61.96
N SER KB 206 93.86 -10.56 -62.91
CA SER KB 206 93.39 -11.40 -64.01
C SER KB 206 93.43 -12.89 -63.68
N VAL KB 207 93.99 -13.27 -62.54
CA VAL KB 207 94.06 -14.66 -62.10
C VAL KB 207 93.49 -14.65 -60.67
N PRO KB 208 92.78 -15.70 -60.23
CA PRO KB 208 92.13 -15.59 -58.91
C PRO KB 208 93.11 -15.47 -57.76
N MET KB 209 94.29 -16.06 -57.86
CA MET KB 209 95.30 -15.95 -56.83
C MET KB 209 96.67 -15.76 -57.49
N ASP KB 210 97.51 -14.94 -56.88
CA ASP KB 210 98.83 -14.68 -57.43
C ASP KB 210 99.83 -14.53 -56.30
N ASN KB 211 101.11 -14.70 -56.65
CA ASN KB 211 102.17 -14.59 -55.65
C ASN KB 211 102.29 -13.15 -55.17
N MET KB 212 102.56 -13.00 -53.88
CA MET KB 212 102.54 -11.69 -53.23
C MET KB 212 103.90 -11.00 -53.25
N PHE KB 213 104.95 -11.64 -53.75
CA PHE KB 213 106.24 -10.99 -53.87
C PHE KB 213 106.59 -10.61 -55.31
N ARG KB 214 106.11 -11.36 -56.30
CA ARG KB 214 106.37 -10.99 -57.68
C ARG KB 214 105.51 -9.81 -58.11
N HIS KB 215 104.22 -9.85 -57.79
CA HIS KB 215 103.23 -8.97 -58.40
C HIS KB 215 102.74 -7.94 -57.40
N TYR KB 216 102.80 -6.66 -57.80
CA TYR KB 216 102.28 -5.55 -57.01
C TYR KB 216 100.88 -5.26 -57.51
N ASN KB 217 99.87 -5.58 -56.71
CA ASN KB 217 98.50 -5.53 -57.20
C ASN KB 217 98.04 -4.10 -57.45
N PHE KB 218 98.44 -3.17 -56.58
CA PHE KB 218 98.10 -1.77 -56.80
C PHE KB 218 99.16 -0.88 -56.15
N THR KB 219 99.09 0.41 -56.44
CA THR KB 219 100.09 1.38 -56.00
C THR KB 219 99.39 2.58 -55.37
N LEU KB 220 99.29 2.58 -54.04
CA LEU KB 220 98.74 3.72 -53.33
C LEU KB 220 99.71 4.89 -53.47
N MET KB 221 99.32 5.91 -54.22
CA MET KB 221 100.13 7.11 -54.38
C MET KB 221 99.33 8.33 -53.96
N ILE KB 222 99.94 9.16 -53.11
CA ILE KB 222 99.32 10.36 -52.56
C ILE KB 222 100.05 11.55 -53.16
N ILE KB 223 99.32 12.38 -53.91
CA ILE KB 223 99.93 13.43 -54.71
C ILE KB 223 99.33 14.77 -54.31
N PRO KB 224 100.11 15.72 -53.79
CA PRO KB 224 99.58 17.04 -53.44
C PRO KB 224 99.40 17.90 -54.69
N PHE KB 225 98.14 18.14 -55.07
CA PHE KB 225 97.87 19.07 -56.16
C PHE KB 225 98.04 20.50 -55.70
N ALA KB 226 97.22 20.95 -54.79
CA ALA KB 226 97.47 22.27 -54.23
C ALA KB 226 98.50 22.15 -53.11
N PRO KB 227 99.58 22.90 -53.17
CA PRO KB 227 100.67 22.70 -52.20
C PRO KB 227 100.28 23.19 -50.82
N LEU KB 228 100.96 22.64 -49.82
CA LEU KB 228 100.74 23.08 -48.45
C LEU KB 228 101.19 24.52 -48.29
N ASN KB 229 100.44 25.29 -47.51
CA ASN KB 229 100.85 26.66 -47.22
C ASN KB 229 100.40 27.02 -45.82
N PHE KB 230 101.16 27.92 -45.20
CA PHE KB 230 100.93 28.35 -43.82
C PHE KB 230 101.80 29.58 -43.59
N THR KB 231 101.67 30.16 -42.40
CA THR KB 231 102.46 31.33 -42.03
C THR KB 231 103.58 30.91 -41.07
N ASP KB 232 104.32 31.91 -40.59
CA ASP KB 232 105.57 31.68 -39.88
C ASP KB 232 105.38 31.23 -38.43
N GLY KB 233 104.16 30.91 -38.02
CA GLY KB 233 103.93 30.44 -36.67
C GLY KB 233 103.52 28.99 -36.57
N ALA KB 234 102.96 28.44 -37.65
CA ALA KB 234 102.45 27.08 -37.62
C ALA KB 234 103.59 26.08 -37.72
N THR KB 235 103.26 24.80 -37.56
CA THR KB 235 104.23 23.75 -37.74
C THR KB 235 104.56 23.60 -39.22
N ALA KB 236 105.83 23.38 -39.52
CA ALA KB 236 106.32 23.45 -40.89
C ALA KB 236 105.96 22.21 -41.72
N TYR KB 237 105.05 21.39 -41.23
CA TYR KB 237 104.68 20.15 -41.92
C TYR KB 237 103.30 19.71 -41.48
N VAL KB 238 102.76 18.73 -42.20
CA VAL KB 238 101.49 18.10 -41.86
C VAL KB 238 101.67 16.59 -41.99
N PRO KB 239 101.61 15.84 -40.89
CA PRO KB 239 101.88 14.39 -40.95
C PRO KB 239 100.69 13.64 -41.53
N ILE KB 240 100.96 12.86 -42.57
CA ILE KB 240 99.94 12.06 -43.25
C ILE KB 240 100.04 10.64 -42.72
N THR KB 241 98.95 10.10 -42.19
CA THR KB 241 98.95 8.80 -41.54
C THR KB 241 98.21 7.79 -42.42
N VAL KB 242 98.87 6.69 -42.74
CA VAL KB 242 98.33 5.67 -43.63
C VAL KB 242 98.09 4.39 -42.83
N THR KB 243 96.90 3.81 -43.00
CA THR KB 243 96.48 2.64 -42.26
C THR KB 243 95.80 1.67 -43.21
N ILE KB 244 96.27 0.42 -43.23
CA ILE KB 244 95.80 -0.57 -44.18
C ILE KB 244 95.26 -1.77 -43.40
N ALA KB 245 94.05 -2.20 -43.73
CA ALA KB 245 93.45 -3.39 -43.13
C ALA KB 245 93.21 -4.44 -44.20
N PRO KB 246 94.03 -5.50 -44.26
CA PRO KB 246 93.83 -6.53 -45.29
C PRO KB 246 92.58 -7.34 -45.04
N MET KB 247 91.55 -7.15 -45.86
CA MET KB 247 90.26 -7.80 -45.66
C MET KB 247 90.13 -9.00 -46.59
N TYR KB 248 89.47 -10.05 -46.09
CA TYR KB 248 89.16 -11.24 -46.86
C TYR KB 248 90.40 -11.84 -47.49
N ALA KB 249 91.48 -11.87 -46.72
CA ALA KB 249 92.72 -12.46 -47.18
C ALA KB 249 92.57 -13.97 -47.16
N GLU KB 250 92.84 -14.62 -48.28
CA GLU KB 250 92.85 -16.08 -48.33
C GLU KB 250 94.03 -16.55 -49.16
N TYR KB 251 94.50 -17.75 -48.84
CA TYR KB 251 95.79 -18.26 -49.27
C TYR KB 251 95.57 -19.64 -49.85
N ASN KB 252 96.65 -20.31 -50.25
CA ASN KB 252 96.50 -21.67 -50.73
C ASN KB 252 96.47 -22.64 -49.54
N GLY KB 253 96.21 -23.90 -49.85
CA GLY KB 253 96.17 -24.93 -48.83
C GLY KB 253 97.53 -25.60 -48.69
N LEU KB 254 97.89 -25.93 -47.45
CA LEU KB 254 99.15 -26.61 -47.17
C LEU KB 254 98.96 -28.06 -46.80
N ARG KB 255 97.74 -28.46 -46.45
CA ARG KB 255 97.41 -29.83 -46.07
C ARG KB 255 97.22 -30.70 -47.30
N LEU KB 256 97.28 -32.01 -47.09
CA LEU KB 256 96.96 -32.95 -48.15
C LEU KB 256 95.45 -33.04 -48.33
N ALA KB 257 95.03 -33.70 -49.40
CA ALA KB 257 93.61 -33.92 -49.66
C ALA KB 257 93.28 -35.40 -49.57
N GLY LB 1 74.22 -28.82 -108.07
CA GLY LB 1 73.53 -28.49 -106.84
C GLY LB 1 72.78 -27.18 -106.89
N VAL LB 2 72.99 -26.33 -105.89
CA VAL LB 2 72.28 -25.05 -105.80
C VAL LB 2 72.91 -24.06 -106.78
N PRO LB 3 72.15 -23.51 -107.72
CA PRO LB 3 72.72 -22.53 -108.65
C PRO LB 3 72.97 -21.19 -107.95
N VAL LB 4 74.23 -20.86 -107.76
CA VAL LB 4 74.61 -19.60 -107.15
C VAL LB 4 75.31 -18.76 -108.20
N LEU LB 5 75.36 -17.45 -107.97
CA LEU LB 5 76.12 -16.56 -108.84
C LEU LB 5 76.79 -15.49 -107.98
N ASN LB 6 78.10 -15.33 -108.18
CA ASN LB 6 78.88 -14.40 -107.39
C ASN LB 6 78.60 -12.96 -107.81
N THR LB 7 78.27 -12.14 -106.82
CA THR LB 7 78.00 -10.72 -107.03
C THR LB 7 79.32 -9.97 -107.13
N PRO LB 8 79.30 -8.71 -107.57
CA PRO LB 8 80.47 -7.86 -107.36
C PRO LB 8 80.76 -7.70 -105.87
N GLY LB 9 82.03 -7.84 -105.52
CA GLY LB 9 82.42 -7.88 -104.12
C GLY LB 9 82.75 -9.26 -103.59
N SER LB 10 82.79 -10.28 -104.45
CA SER LB 10 83.22 -11.61 -104.05
C SER LB 10 84.74 -11.69 -104.15
N ASN LB 11 85.33 -12.50 -103.27
CA ASN LB 11 86.77 -12.73 -103.24
C ASN LB 11 87.55 -11.44 -103.04
N GLN LB 12 86.95 -10.47 -102.36
CA GLN LB 12 87.65 -9.26 -101.95
C GLN LB 12 87.87 -9.28 -100.46
N PHE LB 13 88.70 -8.36 -100.00
CA PHE LB 13 88.97 -8.22 -98.57
C PHE LB 13 88.63 -6.80 -98.15
N LEU LB 14 87.38 -6.59 -97.75
CA LEU LB 14 86.98 -5.35 -97.09
C LEU LB 14 87.51 -5.37 -95.66
N THR LB 15 88.21 -4.30 -95.27
CA THR LB 15 88.86 -4.28 -93.97
C THR LB 15 87.83 -4.30 -92.85
N SER LB 16 86.73 -3.58 -93.02
CA SER LB 16 85.67 -3.50 -92.01
C SER LB 16 84.51 -4.41 -92.42
N ASP LB 17 84.66 -5.70 -92.11
CA ASP LB 17 83.59 -6.67 -92.27
C ASP LB 17 83.43 -7.46 -90.98
N ASP LB 18 82.31 -8.16 -90.87
CA ASP LB 18 81.96 -8.90 -89.66
C ASP LB 18 81.56 -10.33 -90.01
N TYR LB 19 82.41 -11.00 -90.79
CA TYR LB 19 82.12 -12.35 -91.25
C TYR LB 19 82.61 -13.39 -90.23
N GLN LB 20 82.10 -14.60 -90.38
CA GLN LB 20 82.43 -15.69 -89.47
C GLN LB 20 83.81 -16.23 -89.83
N SER LB 21 84.81 -15.90 -89.02
CA SER LB 21 86.16 -16.36 -89.29
C SER LB 21 86.28 -17.83 -88.94
N PRO LB 22 86.85 -18.67 -89.80
CA PRO LB 22 87.05 -20.08 -89.45
C PRO LB 22 88.09 -20.22 -88.36
N SER LB 23 87.71 -20.82 -87.25
CA SER LB 23 88.57 -20.86 -86.07
C SER LB 23 89.70 -21.86 -86.28
N ALA LB 24 90.92 -21.45 -85.94
CA ALA LB 24 92.09 -22.29 -86.16
C ALA LB 24 92.20 -23.40 -85.13
N MET LB 25 91.67 -23.17 -83.93
CA MET LB 25 91.78 -24.15 -82.84
C MET LB 25 90.37 -24.51 -82.41
N PRO LB 26 89.71 -25.44 -83.11
CA PRO LB 26 88.29 -25.72 -82.82
C PRO LB 26 88.13 -26.61 -81.60
N GLN LB 27 89.05 -27.55 -81.43
CA GLN LB 27 89.03 -28.43 -80.27
C GLN LB 27 89.24 -27.62 -78.99
N PHE LB 28 90.06 -26.58 -79.08
CA PHE LB 28 90.47 -25.79 -77.93
C PHE LB 28 89.27 -25.13 -77.25
N ASP LB 29 89.14 -25.35 -75.95
CA ASP LB 29 88.11 -24.70 -75.13
C ASP LB 29 88.77 -23.66 -74.22
N GLU LB 30 88.36 -22.41 -74.39
CA GLU LB 30 88.98 -21.27 -73.72
C GLU LB 30 88.67 -21.21 -72.23
N THR LB 31 89.48 -20.45 -71.52
CA THR LB 31 89.41 -20.37 -70.06
C THR LB 31 88.07 -19.75 -69.62
N PRO LB 32 87.44 -20.27 -68.58
CA PRO LB 32 86.18 -19.68 -68.11
C PRO LB 32 86.37 -18.26 -67.60
N GLU LB 33 85.37 -17.42 -67.84
CA GLU LB 33 85.43 -16.00 -67.50
C GLU LB 33 85.08 -15.82 -66.03
N MET LB 34 86.06 -15.39 -65.24
CA MET LB 34 85.76 -15.00 -63.87
C MET LB 34 85.27 -13.56 -63.84
N HIS LB 35 84.70 -13.17 -62.72
CA HIS LB 35 84.26 -11.79 -62.54
C HIS LB 35 85.45 -10.94 -62.08
N ILE LB 36 85.86 -10.00 -62.91
CA ILE LB 36 86.92 -9.04 -62.58
C ILE LB 36 86.27 -7.70 -62.30
N PRO LB 37 86.62 -7.01 -61.21
CA PRO LB 37 85.94 -5.76 -60.88
C PRO LB 37 86.27 -4.65 -61.86
N GLY LB 38 85.28 -3.82 -62.13
CA GLY LB 38 85.49 -2.61 -62.91
C GLY LB 38 85.43 -2.82 -64.41
N GLU LB 39 84.32 -3.35 -64.91
CA GLU LB 39 84.18 -3.57 -66.34
C GLU LB 39 83.76 -2.30 -67.04
N VAL LB 40 84.34 -2.05 -68.20
CA VAL LB 40 83.93 -0.97 -69.09
C VAL LB 40 83.10 -1.58 -70.21
N ARG LB 41 81.91 -1.04 -70.42
CA ARG LB 41 81.01 -1.50 -71.46
C ARG LB 41 80.73 -0.41 -72.49
N ASN LB 42 81.32 0.77 -72.32
CA ASN LB 42 81.10 1.93 -73.16
C ASN LB 42 82.18 2.95 -72.87
N LEU LB 43 82.72 3.57 -73.92
CA LEU LB 43 83.82 4.51 -73.74
C LEU LB 43 83.38 5.75 -72.96
N MET LB 44 82.15 6.22 -73.21
CA MET LB 44 81.67 7.42 -72.54
C MET LB 44 81.49 7.25 -71.03
N GLU LB 45 81.82 6.07 -70.48
CA GLU LB 45 81.96 5.92 -69.04
C GLU LB 45 83.30 6.45 -68.54
N ILE LB 46 84.26 6.68 -69.43
CA ILE LB 46 85.51 7.32 -69.06
C ILE LB 46 85.38 8.83 -69.08
N ALA LB 47 84.59 9.36 -70.02
CA ALA LB 47 84.40 10.80 -70.11
C ALA LB 47 83.61 11.36 -68.94
N GLU LB 48 82.79 10.54 -68.29
CA GLU LB 48 81.98 10.99 -67.17
C GLU LB 48 82.76 11.10 -65.86
N VAL LB 49 84.04 10.74 -65.85
CA VAL LB 49 84.87 10.85 -64.66
C VAL LB 49 85.52 12.21 -64.62
N ASP LB 50 85.38 12.90 -63.48
CA ASP LB 50 86.05 14.18 -63.29
C ASP LB 50 87.56 13.99 -63.30
N SER LB 51 88.27 14.99 -63.79
CA SER LB 51 89.72 14.98 -63.78
C SER LB 51 90.22 16.41 -63.83
N VAL LB 52 91.40 16.64 -63.27
CA VAL LB 52 91.88 18.00 -63.04
C VAL LB 52 92.31 18.61 -64.36
N VAL LB 53 91.95 19.87 -64.55
CA VAL LB 53 92.12 20.57 -65.83
C VAL LB 53 93.28 21.56 -65.67
N PRO LB 54 94.33 21.46 -66.48
CA PRO LB 54 95.47 22.40 -66.37
C PRO LB 54 95.15 23.78 -66.94
N VAL LB 55 94.52 24.61 -66.10
CA VAL LB 55 94.14 25.95 -66.54
C VAL LB 55 95.36 26.87 -66.60
N ASN LB 56 96.28 26.73 -65.66
CA ASN LB 56 97.47 27.57 -65.58
C ASN LB 56 98.62 26.94 -66.39
N ASN LB 57 98.34 26.67 -67.66
CA ASN LB 57 99.33 26.05 -68.55
C ASN LB 57 100.14 27.10 -69.31
N VAL LB 58 100.72 28.06 -68.58
CA VAL LB 58 101.53 29.10 -69.21
C VAL LB 58 102.89 28.53 -69.58
N THR LB 59 103.69 29.34 -70.27
CA THR LB 59 104.82 28.84 -71.06
C THR LB 59 105.86 28.07 -70.25
N GLY LB 60 105.92 28.28 -68.94
CA GLY LB 60 106.97 27.65 -68.15
C GLY LB 60 106.47 26.76 -67.03
N LYS LB 61 105.16 26.48 -67.02
CA LYS LB 61 104.53 25.81 -65.89
C LYS LB 61 103.70 24.62 -66.35
N THR LB 62 104.16 23.93 -67.41
CA THR LB 62 103.43 22.79 -67.95
C THR LB 62 104.09 21.44 -67.69
N LYS LB 63 105.37 21.43 -67.34
CA LYS LB 63 106.04 20.18 -66.95
C LYS LB 63 106.07 19.98 -65.44
N SER LB 64 105.49 20.89 -64.67
CA SER LB 64 105.30 20.75 -63.24
C SER LB 64 103.82 20.65 -62.94
N MET LB 65 103.48 20.48 -61.66
CA MET LB 65 102.10 20.46 -61.23
C MET LB 65 101.59 21.85 -60.86
N ASP LB 66 102.27 22.90 -61.32
CA ASP LB 66 101.73 24.25 -61.25
C ASP LB 66 100.79 24.55 -62.40
N ALA LB 67 100.64 23.61 -63.35
CA ALA LB 67 99.67 23.78 -64.42
C ALA LB 67 98.24 23.67 -63.92
N TYR LB 68 98.01 22.87 -62.88
CA TYR LB 68 96.67 22.59 -62.39
C TYR LB 68 96.18 23.63 -61.39
N GLN LB 69 97.04 24.52 -60.93
CA GLN LB 69 96.75 25.41 -59.81
C GLN LB 69 96.45 26.80 -60.34
N ILE LB 70 95.25 27.31 -60.02
CA ILE LB 70 94.85 28.66 -60.40
C ILE LB 70 95.17 29.57 -59.22
N PRO LB 71 96.13 30.49 -59.35
CA PRO LB 71 96.51 31.32 -58.20
C PRO LB 71 95.45 32.37 -57.90
N VAL LB 72 95.03 32.44 -56.64
CA VAL LB 72 94.04 33.40 -56.19
C VAL LB 72 94.61 34.13 -54.99
N GLY LB 73 94.78 35.45 -55.12
CA GLY LB 73 95.38 36.24 -54.06
C GLY LB 73 96.89 36.36 -54.20
N ASP LB 78 94.94 43.15 -58.07
CA ASP LB 78 94.35 43.69 -59.29
C ASP LB 78 93.00 43.05 -59.58
N LYS LB 79 91.94 43.84 -59.48
CA LYS LB 79 90.58 43.38 -59.70
C LYS LB 79 90.06 43.74 -61.10
N THR LB 80 90.92 44.30 -61.96
CA THR LB 80 90.50 44.77 -63.27
C THR LB 80 90.66 43.73 -64.36
N LYS LB 81 91.52 42.73 -64.18
CA LYS LB 81 91.69 41.68 -65.16
C LYS LB 81 91.26 40.34 -64.56
N PRO LB 82 90.68 39.45 -65.35
CA PRO LB 82 90.12 38.22 -64.80
C PRO LB 82 91.19 37.28 -64.29
N ILE LB 83 90.76 36.35 -63.43
CA ILE LB 83 91.69 35.37 -62.87
C ILE LB 83 92.15 34.40 -63.94
N PHE LB 84 91.21 33.77 -64.63
CA PHE LB 84 91.52 32.87 -65.72
C PHE LB 84 90.41 32.96 -66.76
N SER LB 85 90.68 32.39 -67.93
CA SER LB 85 89.76 32.42 -69.06
C SER LB 85 90.22 31.41 -70.10
N PHE LB 86 89.29 30.63 -70.65
CA PHE LB 86 89.67 29.65 -71.66
C PHE LB 86 88.48 29.30 -72.53
N GLN LB 87 88.78 28.90 -73.76
CA GLN LB 87 87.78 28.36 -74.67
C GLN LB 87 87.09 27.15 -74.05
N MET LB 88 85.78 27.04 -74.29
CA MET LB 88 85.00 25.91 -73.78
C MET LB 88 84.73 24.95 -74.93
N ASP LB 89 85.76 24.21 -75.30
CA ASP LB 89 85.62 23.11 -76.26
C ASP LB 89 86.73 22.08 -76.04
N PRO LB 90 86.38 20.83 -75.72
CA PRO LB 90 87.40 19.83 -75.37
C PRO LB 90 88.32 19.45 -76.53
N GLY LB 91 87.98 19.81 -77.76
CA GLY LB 91 88.87 19.65 -78.90
C GLY LB 91 89.45 21.00 -79.30
N TYR LB 92 90.70 20.97 -79.78
CA TYR LB 92 91.38 22.15 -80.29
C TYR LB 92 91.46 23.26 -79.24
N SER LB 93 91.58 22.90 -77.97
CA SER LB 93 91.77 23.87 -76.91
C SER LB 93 92.84 23.36 -75.97
N SER LB 94 93.86 24.18 -75.71
CA SER LB 94 95.03 23.73 -74.97
C SER LB 94 94.67 23.32 -73.55
N VAL LB 95 93.60 23.89 -72.99
CA VAL LB 95 93.27 23.63 -71.59
C VAL LB 95 92.52 22.31 -71.45
N LEU LB 96 91.60 22.01 -72.38
CA LEU LB 96 90.67 20.89 -72.24
C LEU LB 96 90.94 19.76 -73.23
N LYS LB 97 92.12 19.72 -73.85
CA LYS LB 97 92.37 18.72 -74.88
C LYS LB 97 93.03 17.46 -74.34
N ARG LB 98 93.67 17.51 -73.17
CA ARG LB 98 94.31 16.35 -72.59
C ARG LB 98 93.58 15.86 -71.33
N THR LB 99 92.38 16.37 -71.09
CA THR LB 99 91.50 15.86 -70.06
C THR LB 99 90.95 14.49 -70.48
N LEU LB 100 90.50 13.71 -69.49
CA LEU LB 100 89.80 12.47 -69.81
C LEU LB 100 88.61 12.73 -70.72
N LEU LB 101 87.90 13.84 -70.47
CA LEU LB 101 86.87 14.27 -71.40
C LEU LB 101 87.46 14.59 -72.77
N GLY LB 102 88.47 15.46 -72.79
CA GLY LB 102 89.01 15.94 -74.05
C GLY LB 102 89.87 14.94 -74.78
N GLU LB 103 90.22 13.83 -74.16
CA GLU LB 103 91.07 12.83 -74.81
C GLU LB 103 90.27 11.68 -75.39
N MET LB 104 89.10 11.38 -74.83
CA MET LB 104 88.24 10.37 -75.42
C MET LB 104 87.38 10.97 -76.53
N LEU LB 105 87.42 12.29 -76.70
CA LEU LB 105 86.75 13.02 -77.77
C LEU LB 105 87.65 13.29 -78.98
N ASN LB 106 88.96 13.08 -78.87
CA ASN LB 106 89.82 13.20 -80.03
C ASN LB 106 89.90 11.91 -80.83
N TYR LB 107 89.32 10.83 -80.34
CA TYR LB 107 89.13 9.61 -81.13
C TYR LB 107 87.94 9.72 -82.08
N TYR LB 108 87.23 10.84 -82.08
CA TYR LB 108 86.01 10.96 -82.84
C TYR LB 108 85.94 12.30 -83.54
N ALA LB 109 85.24 12.33 -84.66
CA ALA LB 109 85.07 13.54 -85.45
C ALA LB 109 83.78 14.29 -85.14
N HIS LB 110 82.67 13.57 -84.96
CA HIS LB 110 81.39 14.19 -84.63
C HIS LB 110 81.07 13.87 -83.18
N TRP LB 111 81.01 14.90 -82.34
CA TRP LB 111 80.57 14.72 -80.97
C TRP LB 111 79.78 15.96 -80.55
N SER LB 112 78.81 15.73 -79.65
CA SER LB 112 77.91 16.80 -79.22
C SER LB 112 77.35 16.43 -77.86
N GLY LB 113 77.34 17.40 -76.96
CA GLY LB 113 76.81 17.18 -75.63
C GLY LB 113 77.14 18.36 -74.73
N SER LB 114 76.97 18.14 -73.43
CA SER LB 114 77.26 19.14 -72.44
C SER LB 114 78.43 18.70 -71.57
N VAL LB 115 78.95 19.65 -70.80
CA VAL LB 115 80.16 19.47 -70.01
C VAL LB 115 80.03 20.26 -68.72
N LYS LB 116 80.27 19.58 -67.60
CA LYS LB 116 80.16 20.20 -66.28
C LYS LB 116 81.55 20.50 -65.74
N LEU LB 117 81.66 21.61 -65.01
CA LEU LB 117 82.94 22.06 -64.46
C LEU LB 117 82.78 22.26 -62.96
N THR LB 118 83.72 21.71 -62.20
CA THR LB 118 83.74 21.84 -60.75
C THR LB 118 84.96 22.65 -60.35
N PHE LB 119 84.76 23.69 -59.56
CA PHE LB 119 85.83 24.55 -59.08
C PHE LB 119 86.03 24.30 -57.60
N LEU LB 120 87.05 23.51 -57.27
CA LEU LB 120 87.39 23.18 -55.89
C LEU LB 120 88.36 24.24 -55.37
N PHE LB 121 87.93 25.01 -54.39
CA PHE LB 121 88.79 26.01 -53.75
C PHE LB 121 89.68 25.32 -52.73
N CYS LB 122 90.98 25.31 -52.99
CA CYS LB 122 91.95 24.63 -52.14
C CYS LB 122 92.71 25.60 -51.25
N GLY LB 123 92.03 26.59 -50.70
CA GLY LB 123 92.62 27.52 -49.76
C GLY LB 123 92.38 27.09 -48.32
N SER LB 124 92.56 28.06 -47.41
CA SER LB 124 92.43 27.75 -45.99
C SER LB 124 90.95 27.60 -45.63
N ALA LB 125 90.72 27.08 -44.43
CA ALA LB 125 89.37 27.00 -43.90
C ALA LB 125 88.91 28.31 -43.28
N MET LB 126 89.77 29.32 -43.26
CA MET LB 126 89.44 30.63 -42.72
C MET LB 126 89.40 31.72 -43.78
N ALA LB 127 89.90 31.46 -44.99
CA ALA LB 127 89.90 32.44 -46.05
C ALA LB 127 88.49 32.58 -46.61
N THR LB 128 88.08 33.82 -46.86
CA THR LB 128 86.72 34.10 -47.29
C THR LB 128 86.73 35.18 -48.35
N GLY LB 129 86.04 34.93 -49.45
CA GLY LB 129 85.93 35.91 -50.52
C GLY LB 129 84.87 35.48 -51.50
N LYS LB 130 84.71 36.27 -52.55
CA LYS LB 130 83.75 35.96 -53.61
C LYS LB 130 84.43 35.99 -54.97
N LEU LB 131 84.04 35.05 -55.81
CA LEU LB 131 84.49 34.94 -57.18
C LEU LB 131 83.27 34.89 -58.08
N LEU LB 132 83.36 35.54 -59.24
CA LEU LB 132 82.24 35.66 -60.17
C LEU LB 132 82.60 34.91 -61.45
N ILE LB 133 81.93 33.78 -61.67
CA ILE LB 133 82.24 32.88 -62.77
C ILE LB 133 81.24 33.15 -63.88
N SER LB 134 81.70 33.78 -64.95
CA SER LB 134 80.84 34.19 -66.05
C SER LB 134 80.98 33.22 -67.22
N TYR LB 135 79.88 33.05 -67.96
CA TYR LB 135 79.84 32.17 -69.12
C TYR LB 135 79.40 32.95 -70.34
N SER LB 136 80.21 32.88 -71.39
CA SER LB 136 79.72 33.55 -72.59
C SER LB 136 79.18 32.54 -73.58
N PRO LB 137 78.07 32.85 -74.24
CA PRO LB 137 77.53 31.96 -75.29
C PRO LB 137 78.52 31.84 -76.43
N PRO LB 138 78.38 30.81 -77.28
CA PRO LB 138 79.43 30.55 -78.28
C PRO LB 138 79.60 31.66 -79.31
N GLY LB 139 78.60 32.51 -79.51
CA GLY LB 139 78.74 33.59 -80.46
C GLY LB 139 79.21 34.89 -79.85
N ALA LB 140 79.00 35.05 -78.55
CA ALA LB 140 79.22 36.33 -77.90
C ALA LB 140 80.71 36.58 -77.70
N SER LB 141 81.04 37.84 -77.43
CA SER LB 141 82.40 38.25 -77.13
C SER LB 141 82.64 38.17 -75.62
N VAL LB 142 83.91 38.09 -75.25
CA VAL LB 142 84.28 37.94 -73.85
C VAL LB 142 83.98 39.24 -73.11
N PRO LB 143 83.65 39.18 -71.82
CA PRO LB 143 83.52 40.41 -71.04
C PRO LB 143 84.89 41.02 -70.78
N THR LB 144 85.02 42.31 -71.05
CA THR LB 144 86.28 43.01 -70.81
C THR LB 144 86.38 43.55 -69.39
N SER LB 145 85.26 43.65 -68.68
CA SER LB 145 85.21 44.18 -67.32
C SER LB 145 84.40 43.25 -66.45
N ARG LB 146 84.42 43.50 -65.15
CA ARG LB 146 83.64 42.67 -64.23
C ARG LB 146 82.16 42.99 -64.33
N LYS LB 147 81.81 44.26 -64.53
CA LYS LB 147 80.41 44.63 -64.65
C LYS LB 147 79.77 44.01 -65.89
N ASP LB 148 80.48 44.02 -67.01
CA ASP LB 148 79.96 43.43 -68.23
C ASP LB 148 79.83 41.91 -68.13
N ALA LB 149 80.65 41.28 -67.28
CA ALA LB 149 80.46 39.87 -66.97
C ALA LB 149 79.27 39.65 -66.04
N MET LB 150 78.97 40.61 -65.18
CA MET LB 150 77.84 40.48 -64.27
C MET LB 150 76.51 40.59 -65.01
N LEU LB 151 76.48 41.36 -66.10
CA LEU LB 151 75.24 41.55 -66.85
C LEU LB 151 74.90 40.36 -67.73
N GLY LB 152 75.83 39.44 -67.95
CA GLY LB 152 75.55 38.22 -68.68
C GLY LB 152 75.18 37.09 -67.75
N THR LB 153 75.62 35.88 -68.06
CA THR LB 153 75.41 34.72 -67.20
C THR LB 153 76.59 34.60 -66.23
N HIS LB 154 76.28 34.40 -64.96
CA HIS LB 154 77.33 34.32 -63.95
C HIS LB 154 76.78 33.59 -62.73
N ILE LB 155 77.69 33.27 -61.81
CA ILE LB 155 77.34 32.71 -60.51
C ILE LB 155 78.32 33.30 -59.50
N VAL LB 156 77.82 34.15 -58.60
CA VAL LB 156 78.68 34.75 -57.57
C VAL LB 156 78.94 33.69 -56.52
N TRP LB 157 80.10 33.06 -56.60
CA TRP LB 157 80.43 31.87 -55.81
C TRP LB 157 81.11 32.29 -54.52
N ASP LB 158 80.34 32.28 -53.43
CA ASP LB 158 80.88 32.60 -52.11
C ASP LB 158 81.78 31.46 -51.62
N ILE LB 159 83.05 31.76 -51.40
CA ILE LB 159 84.02 30.75 -51.02
C ILE LB 159 83.84 30.35 -49.55
N GLY LB 160 83.49 31.33 -48.69
CA GLY LB 160 83.41 31.05 -47.27
C GLY LB 160 82.27 30.13 -46.88
N LEU LB 161 81.24 30.02 -47.72
CA LEU LB 161 80.12 29.13 -47.45
C LEU LB 161 80.34 27.76 -48.05
N GLN LB 162 80.42 27.69 -49.38
CA GLN LB 162 80.71 26.46 -50.09
C GLN LB 162 82.07 26.58 -50.77
N SER LB 163 82.76 25.44 -50.88
CA SER LB 163 84.10 25.39 -51.43
C SER LB 163 84.16 24.66 -52.77
N SER LB 164 83.02 24.44 -53.41
CA SER LB 164 82.99 23.70 -54.67
C SER LB 164 81.73 24.11 -55.43
N CYS LB 165 81.90 24.81 -56.54
CA CYS LB 165 80.78 25.29 -57.34
C CYS LB 165 80.79 24.56 -58.68
N VAL LB 166 79.64 24.02 -59.08
CA VAL LB 166 79.50 23.15 -60.23
C VAL LB 166 78.71 23.87 -61.31
N LEU LB 167 79.21 23.84 -62.53
CA LEU LB 167 78.54 24.36 -63.70
C LEU LB 167 78.03 23.20 -64.55
N CYS LB 168 77.36 23.56 -65.66
CA CYS LB 168 77.01 22.58 -66.69
C CYS LB 168 76.83 23.37 -67.98
N VAL LB 169 77.85 23.32 -68.84
CA VAL LB 169 77.92 24.17 -70.02
C VAL LB 169 77.30 23.41 -71.20
N PRO LB 170 76.21 23.89 -71.78
CA PRO LB 170 75.61 23.19 -72.93
C PRO LB 170 76.14 23.67 -74.26
N TRP LB 171 75.59 23.14 -75.35
CA TRP LB 171 75.94 23.56 -76.71
C TRP LB 171 77.44 23.39 -76.99
N ILE LB 172 77.95 22.19 -76.73
CA ILE LB 172 79.37 21.89 -76.91
C ILE LB 172 79.46 20.79 -77.95
N SER LB 173 79.91 21.15 -79.15
CA SER LB 173 79.95 20.20 -80.26
C SER LB 173 80.90 20.72 -81.32
N GLN LB 174 81.46 19.78 -82.09
CA GLN LB 174 82.15 20.10 -83.33
C GLN LB 174 81.87 18.99 -84.33
N SER LB 175 82.24 19.24 -85.58
CA SER LB 175 81.95 18.32 -86.67
C SER LB 175 82.88 18.54 -87.85
N SER LB 187 85.12 28.94 -82.33
CA SER LB 187 84.03 29.83 -81.94
C SER LB 187 83.13 29.15 -80.90
N ALA LB 188 83.64 29.03 -79.68
CA ALA LB 188 82.91 28.37 -78.61
C ALA LB 188 82.78 29.33 -77.41
N GLY LB 189 82.30 28.78 -76.30
CA GLY LB 189 82.03 29.57 -75.13
C GLY LB 189 83.28 30.00 -74.38
N TYR LB 190 83.06 30.60 -73.21
CA TYR LB 190 84.13 31.10 -72.37
C TYR LB 190 83.74 30.93 -70.91
N ILE LB 191 84.68 30.47 -70.11
CA ILE LB 191 84.51 30.41 -68.66
C ILE LB 191 85.57 31.33 -68.07
N THR LB 192 85.22 32.59 -67.88
CA THR LB 192 86.08 33.54 -67.19
C THR LB 192 85.74 33.54 -65.71
N CYS LB 193 86.63 34.14 -64.91
CA CYS LB 193 86.41 34.21 -63.48
C CYS LB 193 87.01 35.51 -62.97
N TRP LB 194 86.28 36.15 -62.05
CA TRP LB 194 86.54 37.52 -61.67
C TRP LB 194 86.61 37.65 -60.16
N TYR LB 195 87.36 38.66 -59.70
CA TYR LB 195 87.35 39.02 -58.29
C TYR LB 195 86.12 39.87 -58.03
N GLN LB 196 85.09 39.26 -57.46
CA GLN LB 196 84.01 40.04 -56.87
C GLN LB 196 84.53 40.77 -55.63
N THR LB 197 85.10 40.01 -54.69
CA THR LB 197 85.78 40.55 -53.53
C THR LB 197 87.16 39.91 -53.44
N ASN LB 198 88.05 40.55 -52.70
CA ASN LB 198 89.34 39.94 -52.43
C ASN LB 198 89.19 38.82 -51.40
N ILE LB 199 90.26 38.06 -51.20
CA ILE LB 199 90.27 36.97 -50.24
C ILE LB 199 90.55 37.55 -48.86
N VAL LB 200 89.55 37.50 -47.98
CA VAL LB 200 89.68 38.04 -46.63
C VAL LB 200 90.20 36.93 -45.73
N VAL LB 201 91.23 37.23 -44.96
CA VAL LB 201 91.99 36.19 -44.27
C VAL LB 201 92.39 36.68 -42.88
N PRO LB 202 92.28 35.86 -41.84
CA PRO LB 202 92.72 36.26 -40.51
C PRO LB 202 94.23 36.34 -40.43
N PRO LB 203 94.79 36.84 -39.32
CA PRO LB 203 96.25 36.99 -39.25
C PRO LB 203 97.03 35.68 -39.30
N GLY LB 204 96.42 34.56 -38.97
CA GLY LB 204 97.15 33.29 -38.95
C GLY LB 204 97.23 32.57 -40.27
N ALA LB 205 96.19 32.69 -41.09
CA ALA LB 205 96.13 31.89 -42.31
C ALA LB 205 96.89 32.58 -43.44
N PRO LB 206 97.39 31.82 -44.41
CA PRO LB 206 98.14 32.43 -45.51
C PRO LB 206 97.22 33.20 -46.45
N THR LB 207 97.83 34.08 -47.23
CA THR LB 207 97.10 35.05 -48.03
C THR LB 207 96.78 34.54 -49.43
N SER LB 208 97.66 33.73 -50.02
CA SER LB 208 97.51 33.28 -51.40
C SER LB 208 97.01 31.84 -51.43
N CYS LB 209 95.96 31.61 -52.21
CA CYS LB 209 95.29 30.32 -52.26
C CYS LB 209 95.28 29.81 -53.70
N ASP LB 210 94.76 28.59 -53.88
CA ASP LB 210 94.67 27.96 -55.19
C ASP LB 210 93.25 27.45 -55.42
N VAL LB 211 92.87 27.36 -56.70
CA VAL LB 211 91.59 26.83 -57.12
C VAL LB 211 91.84 25.76 -58.16
N LEU LB 212 91.42 24.53 -57.89
CA LEU LB 212 91.47 23.46 -58.86
C LEU LB 212 90.19 23.44 -59.69
N CYS LB 213 90.31 22.95 -60.91
CA CYS LB 213 89.17 22.81 -61.80
C CYS LB 213 89.02 21.36 -62.23
N PHE LB 214 87.81 21.02 -62.67
CA PHE LB 214 87.49 19.66 -63.10
C PHE LB 214 86.59 19.74 -64.32
N ALA LB 215 86.48 18.62 -65.03
CA ALA LB 215 85.65 18.58 -66.22
C ALA LB 215 85.23 17.15 -66.52
N SER LB 216 83.97 16.97 -66.90
CA SER LB 216 83.44 15.68 -67.33
C SER LB 216 82.23 15.93 -68.22
N ALA LB 217 81.51 14.87 -68.54
CA ALA LB 217 80.25 14.98 -69.27
C ALA LB 217 79.12 15.18 -68.27
N CYS LB 218 78.24 16.15 -68.56
CA CYS LB 218 77.32 16.63 -67.54
C CYS LB 218 76.21 15.61 -67.27
N ASN LB 219 75.41 15.30 -68.29
CA ASN LB 219 74.35 14.30 -68.17
C ASN LB 219 74.60 13.11 -69.09
N ASP LB 220 74.73 13.35 -70.38
CA ASP LB 220 74.97 12.29 -71.37
C ASP LB 220 75.61 12.95 -72.58
N PHE LB 221 76.44 12.18 -73.28
CA PHE LB 221 77.29 12.75 -74.31
C PHE LB 221 77.13 11.93 -75.58
N SER LB 222 77.05 12.63 -76.71
CA SER LB 222 76.82 12.01 -78.00
C SER LB 222 78.07 12.15 -78.86
N VAL LB 223 78.41 11.08 -79.57
CA VAL LB 223 79.69 11.01 -80.27
C VAL LB 223 79.59 9.95 -81.37
N ARG LB 224 80.03 10.29 -82.58
CA ARG LB 224 79.66 9.47 -83.75
C ARG LB 224 80.85 8.85 -84.47
N LEU LB 225 81.75 9.63 -85.05
CA LEU LB 225 82.60 9.13 -86.15
C LEU LB 225 84.03 8.91 -85.67
N LEU LB 226 84.41 7.64 -85.55
CA LEU LB 226 85.72 7.29 -85.02
C LEU LB 226 86.82 7.64 -86.01
N ARG LB 227 87.95 8.11 -85.48
CA ARG LB 227 89.13 8.42 -86.28
C ARG LB 227 90.38 8.10 -85.48
N ASP LB 228 91.54 8.32 -86.10
CA ASP LB 228 92.81 8.18 -85.41
C ASP LB 228 93.15 9.47 -84.66
N THR LB 229 93.77 9.32 -83.49
CA THR LB 229 94.09 10.48 -82.67
C THR LB 229 95.25 11.26 -83.27
N PRO LB 230 95.26 12.58 -83.09
CA PRO LB 230 96.38 13.40 -83.63
C PRO LB 230 97.64 13.36 -82.80
N PHE LB 231 97.53 13.09 -81.50
CA PHE LB 231 98.67 13.21 -80.59
C PHE LB 231 99.80 12.24 -80.96
N MET LB 232 99.48 10.96 -81.11
CA MET LB 232 100.50 9.99 -81.48
C MET LB 232 101.07 10.32 -82.86
N ALA LB 233 102.37 10.10 -83.01
CA ALA LB 233 103.06 10.41 -84.27
C ALA LB 233 103.47 9.13 -85.00
N GLN MB 43 -127.85 -28.41 67.57
CA GLN MB 43 -126.86 -28.45 66.49
C GLN MB 43 -125.67 -27.55 66.81
N THR MB 44 -124.57 -27.73 66.09
CA THR MB 44 -123.37 -26.94 66.28
C THR MB 44 -122.79 -26.56 64.93
N ARG MB 45 -122.05 -25.45 64.90
CA ARG MB 45 -121.46 -24.94 63.67
C ARG MB 45 -120.21 -25.74 63.36
N HIS MB 46 -120.26 -26.55 62.31
CA HIS MB 46 -119.14 -27.39 61.92
C HIS MB 46 -118.42 -26.79 60.73
N VAL MB 47 -117.23 -27.33 60.45
CA VAL MB 47 -116.47 -26.93 59.27
C VAL MB 47 -117.09 -27.64 58.07
N VAL MB 48 -117.97 -26.95 57.36
CA VAL MB 48 -118.65 -27.50 56.20
C VAL MB 48 -117.71 -27.23 55.02
N ASN MB 49 -116.74 -28.13 54.84
CA ASN MB 49 -115.69 -27.95 53.86
C ASN MB 49 -115.96 -28.87 52.67
N PHE MB 50 -116.34 -28.26 51.55
CA PHE MB 50 -116.47 -28.92 50.25
C PHE MB 50 -116.74 -27.83 49.24
N HIS MB 51 -116.63 -28.19 47.96
CA HIS MB 51 -116.81 -27.23 46.88
C HIS MB 51 -117.63 -27.89 45.78
N SER MB 52 -118.93 -27.61 45.74
CA SER MB 52 -119.82 -28.26 44.80
C SER MB 52 -121.01 -27.36 44.51
N ARG MB 53 -121.40 -27.29 43.24
CA ARG MB 53 -122.63 -26.64 42.83
C ARG MB 53 -123.38 -27.50 41.81
N SER MB 54 -123.22 -28.82 41.90
CA SER MB 54 -123.97 -29.70 41.02
C SER MB 54 -125.43 -29.82 41.43
N GLU MB 55 -125.72 -29.58 42.71
CA GLU MB 55 -127.09 -29.62 43.20
C GLU MB 55 -127.81 -28.30 43.00
N SER MB 56 -127.12 -27.29 42.49
CA SER MB 56 -127.71 -25.98 42.28
C SER MB 56 -128.02 -25.72 40.82
N THR MB 57 -127.76 -26.68 39.94
CA THR MB 57 -128.13 -26.49 38.55
C THR MB 57 -129.66 -26.58 38.40
N ILE MB 58 -130.15 -26.18 37.23
CA ILE MB 58 -131.60 -26.07 37.05
C ILE MB 58 -132.24 -27.45 37.01
N GLU MB 59 -131.58 -28.41 36.37
CA GLU MB 59 -132.16 -29.75 36.26
C GLU MB 59 -132.14 -30.48 37.60
N ASN MB 60 -131.21 -30.13 38.47
CA ASN MB 60 -131.13 -30.73 39.81
C ASN MB 60 -131.92 -29.93 40.83
N PHE MB 61 -132.58 -28.86 40.41
CA PHE MB 61 -133.40 -28.00 41.26
C PHE MB 61 -134.89 -28.13 40.98
N MET MB 62 -135.25 -28.21 39.70
CA MET MB 62 -136.64 -28.32 39.26
C MET MB 62 -137.06 -29.77 39.00
N GLY MB 63 -136.16 -30.59 38.48
CA GLY MB 63 -136.50 -31.95 38.12
C GLY MB 63 -136.67 -32.86 39.31
N ARG MB 64 -137.73 -32.64 40.08
CA ARG MB 64 -138.05 -33.49 41.22
C ARG MB 64 -139.55 -33.77 41.23
N ALA MB 65 -139.89 -35.05 41.39
CA ALA MB 65 -141.28 -35.47 41.31
C ALA MB 65 -142.03 -35.07 42.57
N ALA MB 66 -143.18 -34.43 42.39
CA ALA MB 66 -144.01 -33.96 43.48
C ALA MB 66 -145.46 -34.27 43.16
N CYS MB 67 -146.21 -34.65 44.20
CA CYS MB 67 -147.61 -35.01 43.99
C CYS MB 67 -148.42 -33.73 43.82
N VAL MB 68 -149.14 -33.64 42.71
CA VAL MB 68 -149.82 -32.41 42.32
C VAL MB 68 -151.32 -32.58 42.15
N PHE MB 69 -151.87 -33.79 42.28
CA PHE MB 69 -153.30 -33.98 42.01
C PHE MB 69 -153.79 -35.26 42.70
N MET MB 70 -154.53 -35.10 43.79
CA MET MB 70 -155.34 -36.16 44.38
C MET MB 70 -156.78 -35.99 43.92
N ASP MB 71 -157.43 -37.10 43.56
CA ASP MB 71 -158.83 -37.04 43.21
C ASP MB 71 -159.47 -38.41 43.37
N GLN MB 72 -160.77 -38.40 43.65
CA GLN MB 72 -161.58 -39.61 43.77
C GLN MB 72 -162.40 -39.79 42.50
N TYR MB 73 -162.67 -41.04 42.15
CA TYR MB 73 -163.62 -41.32 41.08
C TYR MB 73 -164.19 -42.72 41.26
N LYS MB 74 -165.51 -42.83 41.18
CA LYS MB 74 -166.24 -44.05 41.48
C LYS MB 74 -166.15 -45.01 40.30
N ILE MB 75 -166.97 -46.06 40.32
CA ILE MB 75 -167.00 -47.00 39.21
C ILE MB 75 -168.42 -47.20 38.68
N ASN MB 76 -169.43 -47.07 39.55
CA ASN MB 76 -170.79 -47.39 39.16
C ASN MB 76 -171.77 -46.41 39.77
N GLY MB 77 -173.00 -46.46 39.29
CA GLY MB 77 -174.04 -45.54 39.68
C GLY MB 77 -173.96 -44.23 38.92
N GLU MB 78 -175.11 -43.53 38.88
CA GLU MB 78 -175.21 -42.18 38.33
C GLU MB 78 -174.59 -42.10 36.93
N GLU MB 79 -175.29 -42.73 35.98
CA GLU MB 79 -174.73 -42.91 34.65
C GLU MB 79 -174.35 -41.58 34.00
N THR MB 80 -175.07 -40.50 34.33
CA THR MB 80 -174.71 -39.15 33.93
C THR MB 80 -174.23 -38.38 35.16
N SER MB 81 -172.96 -38.56 35.49
CA SER MB 81 -172.37 -37.87 36.63
C SER MB 81 -170.94 -37.45 36.30
N THR MB 82 -170.45 -36.46 37.04
CA THR MB 82 -169.10 -35.94 36.90
C THR MB 82 -168.16 -36.49 37.97
N ASP MB 83 -168.62 -37.43 38.80
CA ASP MB 83 -167.82 -38.00 39.86
C ASP MB 83 -167.32 -39.40 39.52
N ARG MB 84 -167.29 -39.76 38.24
CA ARG MB 84 -166.77 -41.05 37.80
C ARG MB 84 -165.49 -40.91 36.99
N PHE MB 85 -164.91 -39.72 36.92
CA PHE MB 85 -163.65 -39.51 36.24
C PHE MB 85 -162.96 -38.27 36.82
N ALA MB 86 -161.69 -38.11 36.48
CA ALA MB 86 -160.87 -37.02 36.96
C ALA MB 86 -160.47 -36.13 35.77
N VAL MB 87 -160.01 -34.92 36.09
CA VAL MB 87 -159.75 -33.93 35.05
C VAL MB 87 -158.31 -33.40 35.09
N TRP MB 88 -158.00 -32.56 36.08
CA TRP MB 88 -156.70 -31.93 36.25
C TRP MB 88 -156.09 -31.36 34.97
N THR MB 89 -156.56 -30.18 34.57
CA THR MB 89 -155.86 -29.41 33.54
C THR MB 89 -154.42 -29.15 33.97
N ILE MB 90 -153.47 -29.61 33.16
CA ILE MB 90 -152.07 -29.62 33.57
C ILE MB 90 -151.51 -28.20 33.56
N ASN MB 91 -151.09 -27.72 34.72
CA ASN MB 91 -150.41 -26.44 34.82
C ASN MB 91 -149.42 -26.48 35.99
N ILE MB 92 -148.44 -25.58 35.93
CA ILE MB 92 -147.45 -25.50 37.01
C ILE MB 92 -147.99 -24.82 38.25
N ARG MB 93 -149.12 -24.12 38.15
CA ARG MB 93 -149.68 -23.37 39.27
C ARG MB 93 -150.63 -24.24 40.10
N GLU MB 94 -150.16 -25.44 40.46
CA GLU MB 94 -150.99 -26.40 41.17
C GLU MB 94 -150.86 -26.23 42.68
N MET MB 95 -149.68 -26.48 43.23
CA MET MB 95 -149.42 -26.25 44.65
C MET MB 95 -148.31 -25.23 44.79
N ALA MB 96 -148.38 -24.47 45.89
CA ALA MB 96 -147.54 -23.28 46.03
C ALA MB 96 -146.07 -23.61 46.21
N GLN MB 97 -145.74 -24.82 46.68
CA GLN MB 97 -144.34 -25.17 46.86
C GLN MB 97 -143.63 -25.31 45.52
N LEU MB 98 -144.24 -26.03 44.57
CA LEU MB 98 -143.67 -26.10 43.24
C LEU MB 98 -143.86 -24.79 42.47
N ARG MB 99 -145.05 -24.18 42.58
CA ARG MB 99 -145.31 -22.93 41.89
C ARG MB 99 -144.24 -21.89 42.19
N ARG MB 100 -143.75 -21.87 43.44
CA ARG MB 100 -142.73 -20.89 43.82
C ARG MB 100 -141.44 -21.12 43.05
N LYS MB 101 -141.08 -22.38 42.81
CA LYS MB 101 -139.83 -22.65 42.09
C LYS MB 101 -139.91 -22.29 40.62
N CYS MB 102 -141.08 -22.48 40.00
CA CYS MB 102 -141.23 -22.13 38.59
C CYS MB 102 -141.24 -20.61 38.39
N GLU MB 103 -141.50 -19.84 39.44
CA GLU MB 103 -141.49 -18.39 39.36
C GLU MB 103 -140.15 -17.78 39.70
N MET MB 104 -139.11 -18.61 39.89
CA MET MB 104 -137.75 -18.07 39.89
C MET MB 104 -137.36 -17.58 38.51
N PHE MB 105 -138.00 -18.10 37.47
CA PHE MB 105 -137.57 -17.90 36.09
C PHE MB 105 -138.79 -17.47 35.27
N THR MB 106 -138.57 -16.55 34.34
CA THR MB 106 -139.66 -16.08 33.50
C THR MB 106 -140.04 -17.12 32.45
N TYR MB 107 -139.05 -17.60 31.70
CA TYR MB 107 -139.28 -18.55 30.62
C TYR MB 107 -138.56 -19.86 30.93
N MET MB 108 -139.23 -20.97 30.62
CA MET MB 108 -138.63 -22.28 30.79
C MET MB 108 -139.32 -23.26 29.85
N ARG MB 109 -138.56 -24.24 29.38
CA ARG MB 109 -139.09 -25.31 28.55
C ARG MB 109 -138.57 -26.64 29.06
N PHE MB 110 -139.42 -27.65 29.00
CA PHE MB 110 -139.13 -28.90 29.70
C PHE MB 110 -140.13 -29.96 29.25
N ASP MB 111 -139.64 -31.19 29.12
CA ASP MB 111 -140.54 -32.34 29.01
C ASP MB 111 -141.07 -32.70 30.39
N ILE MB 112 -142.30 -33.21 30.42
CA ILE MB 112 -142.91 -33.65 31.66
C ILE MB 112 -143.08 -35.16 31.60
N GLU MB 113 -142.87 -35.82 32.73
CA GLU MB 113 -142.92 -37.28 32.81
C GLU MB 113 -143.63 -37.62 34.12
N MET MB 114 -144.95 -37.78 34.05
CA MET MB 114 -145.75 -38.02 35.22
C MET MB 114 -146.01 -39.51 35.39
N THR MB 115 -146.04 -39.95 36.65
CA THR MB 115 -146.32 -41.33 36.99
C THR MB 115 -147.44 -41.34 38.01
N MET MB 116 -148.58 -41.94 37.64
CA MET MB 116 -149.73 -41.98 38.52
C MET MB 116 -149.58 -43.10 39.55
N VAL MB 117 -150.21 -42.92 40.70
CA VAL MB 117 -150.22 -43.91 41.76
C VAL MB 117 -151.69 -44.08 42.14
N ILE MB 118 -152.29 -45.19 41.71
CA ILE MB 118 -153.72 -45.40 41.76
C ILE MB 118 -154.02 -46.45 42.81
N THR MB 119 -154.96 -46.14 43.71
CA THR MB 119 -155.39 -47.05 44.75
C THR MB 119 -156.87 -47.39 44.52
N SER MB 120 -157.43 -48.14 45.46
CA SER MB 120 -158.84 -48.49 45.39
C SER MB 120 -159.33 -48.87 46.79
N CYS MB 121 -160.63 -48.75 46.98
CA CYS MB 121 -161.29 -49.08 48.23
C CYS MB 121 -162.58 -49.81 47.88
N GLN MB 122 -163.49 -49.93 48.84
CA GLN MB 122 -164.78 -50.54 48.58
C GLN MB 122 -165.77 -50.25 49.71
N MET MB 132 -164.68 -58.92 44.21
CA MET MB 132 -164.50 -58.03 43.06
C MET MB 132 -163.54 -58.64 42.05
N PRO MB 133 -163.48 -58.07 40.83
CA PRO MB 133 -162.50 -58.56 39.86
C PRO MB 133 -161.18 -57.81 39.99
N VAL MB 134 -160.25 -58.06 39.06
CA VAL MB 134 -159.04 -57.24 38.95
C VAL MB 134 -159.37 -56.01 38.10
N LEU MB 135 -159.00 -54.84 38.61
CA LEU MB 135 -159.42 -53.58 38.01
C LEU MB 135 -158.40 -53.09 36.99
N THR MB 136 -158.90 -52.47 35.92
CA THR MB 136 -158.07 -51.87 34.89
C THR MB 136 -158.50 -50.41 34.74
N HIS MB 137 -157.53 -49.52 34.68
CA HIS MB 137 -157.78 -48.09 34.63
C HIS MB 137 -157.42 -47.54 33.26
N GLN MB 138 -157.71 -46.26 33.04
CA GLN MB 138 -157.35 -45.57 31.81
C GLN MB 138 -157.01 -44.12 32.12
N ILE MB 139 -155.80 -43.70 31.78
CA ILE MB 139 -155.34 -42.34 32.02
C ILE MB 139 -155.14 -41.71 30.65
N MET MB 140 -156.13 -40.93 30.21
CA MET MB 140 -156.14 -40.36 28.87
C MET MB 140 -155.62 -38.92 28.94
N TYR MB 141 -154.47 -38.69 28.32
CA TYR MB 141 -153.94 -37.34 28.14
C TYR MB 141 -154.46 -36.76 26.83
N VAL MB 142 -155.22 -35.67 26.92
CA VAL MB 142 -155.64 -34.97 25.72
C VAL MB 142 -154.68 -33.80 25.49
N PRO MB 143 -154.26 -33.55 24.26
CA PRO MB 143 -153.39 -32.41 23.97
C PRO MB 143 -154.12 -31.10 24.14
N PRO MB 144 -153.44 -29.96 23.97
CA PRO MB 144 -154.18 -28.67 24.04
C PRO MB 144 -155.28 -28.57 23.01
N GLY MB 145 -155.05 -29.04 21.79
CA GLY MB 145 -156.12 -29.19 20.83
C GLY MB 145 -156.67 -30.60 20.86
N GLY MB 146 -157.70 -30.82 21.67
CA GLY MB 146 -158.26 -32.14 21.86
C GLY MB 146 -159.64 -32.10 22.47
N PRO MB 147 -160.50 -33.03 22.04
CA PRO MB 147 -161.84 -33.12 22.60
C PRO MB 147 -161.82 -33.72 24.00
N ILE MB 148 -162.73 -33.24 24.84
CA ILE MB 148 -162.79 -33.70 26.23
C ILE MB 148 -164.06 -34.52 26.40
N PRO MB 149 -164.07 -35.51 27.29
CA PRO MB 149 -165.32 -36.19 27.60
C PRO MB 149 -166.20 -35.34 28.49
N ALA MB 150 -167.51 -35.53 28.35
CA ALA MB 150 -168.48 -34.94 29.26
C ALA MB 150 -169.00 -35.96 30.27
N LYS MB 151 -168.95 -37.23 29.95
CA LYS MB 151 -169.41 -38.31 30.80
C LYS MB 151 -168.40 -39.45 30.74
N VAL MB 152 -168.53 -40.40 31.68
CA VAL MB 152 -167.62 -41.53 31.71
C VAL MB 152 -167.79 -42.41 30.48
N ASP MB 153 -168.92 -42.32 29.79
CA ASP MB 153 -169.20 -43.12 28.61
C ASP MB 153 -169.29 -42.27 27.34
N GLY MB 154 -168.54 -41.19 27.27
CA GLY MB 154 -168.50 -40.39 26.07
C GLY MB 154 -167.69 -41.05 24.98
N TYR MB 155 -167.84 -40.55 23.76
CA TYR MB 155 -167.10 -41.09 22.64
C TYR MB 155 -165.67 -40.54 22.55
N GLU MB 156 -165.36 -39.47 23.28
CA GLU MB 156 -164.04 -38.88 23.24
C GLU MB 156 -162.99 -39.88 23.74
N TRP MB 157 -163.37 -40.74 24.68
CA TRP MB 157 -162.44 -41.71 25.25
C TRP MB 157 -161.84 -42.63 24.18
N GLN MB 158 -162.52 -42.77 23.04
CA GLN MB 158 -162.06 -43.63 21.95
C GLN MB 158 -161.31 -42.87 20.87
N THR MB 159 -160.88 -41.65 21.14
CA THR MB 159 -160.20 -40.84 20.14
C THR MB 159 -158.76 -41.34 19.95
N SER MB 160 -158.38 -41.59 18.70
CA SER MB 160 -157.08 -42.15 18.40
C SER MB 160 -155.95 -41.15 18.61
N THR MB 161 -156.25 -39.85 18.60
CA THR MB 161 -155.23 -38.83 18.79
C THR MB 161 -155.01 -38.47 20.25
N ASN MB 162 -155.83 -39.00 21.15
CA ASN MB 162 -155.60 -38.83 22.59
C ASN MB 162 -154.89 -40.07 23.13
N PRO MB 163 -153.59 -39.99 23.41
CA PRO MB 163 -152.90 -41.18 23.93
C PRO MB 163 -153.32 -41.48 25.36
N SER MB 164 -153.48 -42.76 25.65
CA SER MB 164 -153.96 -43.19 26.96
C SER MB 164 -153.30 -44.50 27.34
N VAL MB 165 -153.01 -44.67 28.62
CA VAL MB 165 -152.44 -45.90 29.15
C VAL MB 165 -153.54 -46.69 29.84
N PHE MB 166 -153.50 -48.01 29.68
CA PHE MB 166 -154.46 -48.91 30.30
C PHE MB 166 -153.71 -49.74 31.33
N TRP MB 167 -153.68 -49.23 32.56
CA TRP MB 167 -152.98 -49.87 33.66
C TRP MB 167 -153.95 -50.74 34.44
N THR MB 168 -153.63 -52.01 34.58
CA THR MB 168 -154.40 -52.92 35.41
C THR MB 168 -153.75 -53.01 36.79
N GLU MB 169 -154.57 -53.28 37.79
CA GLU MB 169 -154.11 -53.15 39.18
C GLU MB 169 -153.12 -54.25 39.52
N GLY MB 170 -152.15 -53.91 40.38
CA GLY MB 170 -151.16 -54.84 40.86
C GLY MB 170 -149.78 -54.67 40.27
N ASN MB 171 -149.66 -54.04 39.09
CA ASN MB 171 -148.38 -53.90 38.43
C ASN MB 171 -147.64 -52.66 38.93
N ALA MB 172 -146.54 -52.32 38.27
CA ALA MB 172 -145.84 -51.08 38.53
C ALA MB 172 -146.72 -49.90 38.10
N PRO MB 173 -146.50 -48.72 38.68
CA PRO MB 173 -147.37 -47.58 38.36
C PRO MB 173 -147.22 -47.17 36.91
N PRO MB 174 -148.29 -46.65 36.31
CA PRO MB 174 -148.21 -46.25 34.89
C PRO MB 174 -147.44 -44.95 34.73
N ARG MB 175 -146.56 -44.91 33.73
CA ARG MB 175 -145.77 -43.73 33.45
C ARG MB 175 -146.01 -43.29 32.01
N ILE MB 176 -146.39 -42.02 31.85
CA ILE MB 176 -146.68 -41.43 30.56
C ILE MB 176 -145.86 -40.14 30.46
N SER MB 177 -145.15 -39.97 29.34
CA SER MB 177 -144.26 -38.83 29.17
C SER MB 177 -144.77 -37.95 28.04
N ILE MB 178 -144.69 -36.63 28.25
CA ILE MB 178 -145.26 -35.67 27.33
C ILE MB 178 -144.16 -34.69 26.93
N PRO MB 179 -143.92 -34.47 25.64
CA PRO MB 179 -142.84 -33.58 25.22
C PRO MB 179 -143.19 -32.12 25.41
N PHE MB 180 -142.34 -31.23 24.90
CA PHE MB 180 -142.59 -29.79 24.92
C PHE MB 180 -143.68 -29.47 23.90
N ILE MB 181 -144.90 -29.26 24.39
CA ILE MB 181 -146.05 -29.11 23.51
C ILE MB 181 -146.16 -27.69 22.95
N SER MB 182 -145.73 -26.68 23.70
CA SER MB 182 -146.18 -25.32 23.50
C SER MB 182 -145.89 -24.80 22.09
N VAL MB 183 -146.69 -23.83 21.66
CA VAL MB 183 -146.56 -23.27 20.32
C VAL MB 183 -145.33 -22.40 20.22
N GLY MB 184 -145.06 -21.62 21.27
CA GLY MB 184 -143.90 -20.76 21.31
C GLY MB 184 -142.64 -21.56 21.52
N ASN MB 185 -141.61 -20.86 21.97
CA ASN MB 185 -140.32 -21.49 22.18
C ASN MB 185 -140.03 -21.79 23.65
N ALA MB 186 -140.91 -21.36 24.56
CA ALA MB 186 -140.79 -21.70 25.97
C ALA MB 186 -142.13 -21.52 26.64
N TYR MB 187 -142.31 -22.19 27.78
CA TYR MB 187 -143.42 -21.90 28.66
C TYR MB 187 -143.13 -20.63 29.43
N SER MB 188 -144.14 -19.75 29.52
CA SER MB 188 -144.01 -18.49 30.23
C SER MB 188 -144.66 -18.62 31.59
N SER MB 189 -143.88 -18.41 32.65
CA SER MB 189 -144.44 -18.42 33.99
C SER MB 189 -145.32 -17.18 34.22
N PHE MB 190 -144.90 -16.05 33.67
CA PHE MB 190 -145.63 -14.79 33.78
C PHE MB 190 -145.92 -14.25 32.40
N TYR MB 191 -147.09 -13.64 32.23
CA TYR MB 191 -147.49 -13.06 30.95
C TYR MB 191 -148.18 -11.73 31.23
N ASP MB 192 -147.41 -10.64 31.14
CA ASP MB 192 -147.95 -9.30 31.33
C ASP MB 192 -148.62 -8.88 30.02
N GLY MB 193 -149.85 -9.36 29.84
CA GLY MB 193 -150.55 -9.13 28.59
C GLY MB 193 -151.97 -9.64 28.68
N TRP MB 194 -152.72 -9.38 27.60
CA TRP MB 194 -154.14 -9.68 27.55
C TRP MB 194 -154.39 -10.71 26.45
N SER MB 195 -155.22 -11.71 26.76
CA SER MB 195 -155.51 -12.76 25.79
C SER MB 195 -156.25 -12.19 24.58
N HIS MB 196 -157.23 -11.34 24.80
CA HIS MB 196 -158.04 -10.77 23.73
C HIS MB 196 -157.53 -9.38 23.40
N PHE MB 197 -157.31 -9.12 22.12
CA PHE MB 197 -156.73 -7.86 21.68
C PHE MB 197 -157.62 -6.68 22.04
N THR MB 198 -156.98 -5.53 22.24
CA THR MB 198 -157.60 -4.26 22.63
C THR MB 198 -158.00 -4.26 24.10
N GLN MB 199 -157.16 -4.87 24.94
CA GLN MB 199 -157.27 -4.80 26.40
C GLN MB 199 -158.66 -5.24 26.88
N ASP MB 200 -159.01 -6.47 26.50
CA ASP MB 200 -160.29 -7.05 26.90
C ASP MB 200 -160.10 -7.75 28.25
N GLY MB 201 -160.94 -8.73 28.57
CA GLY MB 201 -160.83 -9.47 29.80
C GLY MB 201 -159.68 -10.47 29.77
N THR MB 202 -159.59 -11.23 30.87
CA THR MB 202 -158.62 -12.32 31.03
C THR MB 202 -157.18 -11.79 30.93
N TYR MB 203 -156.80 -11.05 31.97
CA TYR MB 203 -155.42 -10.61 32.10
C TYR MB 203 -154.50 -11.77 32.47
N GLY MB 204 -153.29 -11.75 31.93
CA GLY MB 204 -152.24 -12.62 32.42
C GLY MB 204 -152.28 -14.05 31.94
N TYR MB 205 -153.27 -14.42 31.15
CA TYR MB 205 -153.40 -15.81 30.68
C TYR MB 205 -153.09 -15.86 29.19
N THR MB 206 -151.93 -16.39 28.84
CA THR MB 206 -151.59 -16.70 27.46
C THR MB 206 -151.96 -18.14 27.15
N THR MB 207 -152.17 -18.42 25.87
CA THR MB 207 -152.47 -19.78 25.42
C THR MB 207 -151.22 -20.54 25.01
N LEU MB 208 -150.05 -19.91 25.09
CA LEU MB 208 -148.82 -20.62 24.75
C LEU MB 208 -148.45 -21.63 25.82
N ASN MB 209 -148.63 -21.27 27.10
CA ASN MB 209 -148.32 -22.18 28.20
C ASN MB 209 -149.53 -23.04 28.56
N ALA MB 210 -150.11 -23.68 27.56
CA ALA MB 210 -151.13 -24.70 27.75
C ALA MB 210 -150.49 -26.06 27.53
N MET MB 211 -150.71 -26.98 28.46
CA MET MB 211 -150.01 -28.25 28.46
C MET MB 211 -150.91 -29.45 28.18
N GLY MB 212 -152.22 -29.31 28.33
CA GLY MB 212 -153.14 -30.39 28.09
C GLY MB 212 -153.97 -30.69 29.32
N LYS MB 213 -154.68 -31.82 29.26
CA LYS MB 213 -155.49 -32.30 30.37
C LYS MB 213 -155.26 -33.79 30.53
N LEU MB 214 -155.82 -34.35 31.60
CA LEU MB 214 -155.50 -35.74 31.98
C LEU MB 214 -156.77 -36.41 32.54
N TYR MB 215 -157.54 -37.02 31.64
CA TYR MB 215 -158.80 -37.67 32.01
C TYR MB 215 -158.56 -39.11 32.40
N ILE MB 216 -159.06 -39.50 33.56
CA ILE MB 216 -158.75 -40.77 34.20
C ILE MB 216 -160.06 -41.45 34.59
N ARG MB 217 -160.22 -42.71 34.20
CA ARG MB 217 -161.43 -43.44 34.54
C ARG MB 217 -161.11 -44.92 34.72
N HIS MB 218 -162.07 -45.64 35.29
CA HIS MB 218 -162.07 -47.09 35.22
C HIS MB 218 -162.55 -47.51 33.83
N VAL MB 219 -161.95 -48.57 33.29
CA VAL MB 219 -162.47 -49.14 32.04
C VAL MB 219 -163.51 -50.21 32.32
N ASN MB 220 -163.63 -50.67 33.56
CA ASN MB 220 -164.65 -51.65 33.91
C ASN MB 220 -166.02 -50.99 33.84
N ARG MB 221 -166.96 -51.64 33.17
CA ARG MB 221 -168.25 -51.01 32.90
C ARG MB 221 -169.09 -50.89 34.17
N SER MB 222 -169.02 -51.89 35.05
CA SER MB 222 -169.82 -51.88 36.27
C SER MB 222 -169.12 -52.73 37.33
N SER MB 223 -169.78 -52.85 38.47
CA SER MB 223 -169.27 -53.64 39.60
C SER MB 223 -170.45 -54.01 40.48
N PRO MB 224 -170.38 -55.11 41.21
CA PRO MB 224 -171.47 -55.46 42.13
C PRO MB 224 -171.60 -54.46 43.28
N HIS MB 225 -170.48 -54.09 43.89
CA HIS MB 225 -170.47 -53.09 44.95
C HIS MB 225 -169.76 -51.83 44.47
N GLN MB 226 -169.61 -50.86 45.37
CA GLN MB 226 -169.00 -49.58 45.04
C GLN MB 226 -167.50 -49.64 45.26
N ILE MB 227 -166.74 -49.19 44.26
CA ILE MB 227 -165.29 -49.10 44.35
C ILE MB 227 -164.90 -47.65 44.11
N THR MB 228 -164.16 -47.08 45.05
CA THR MB 228 -163.78 -45.66 45.01
C THR MB 228 -162.26 -45.59 44.87
N SER MB 229 -161.79 -45.27 43.67
CA SER MB 229 -160.36 -45.25 43.40
C SER MB 229 -159.80 -43.86 43.64
N THR MB 230 -158.54 -43.81 44.08
CA THR MB 230 -157.84 -42.57 44.36
C THR MB 230 -156.57 -42.54 43.53
N ILE MB 231 -156.33 -41.42 42.85
CA ILE MB 231 -155.17 -41.27 41.98
C ILE MB 231 -154.32 -40.12 42.48
N ARG MB 232 -153.00 -40.31 42.41
CA ARG MB 232 -152.01 -39.31 42.83
C ARG MB 232 -151.06 -39.11 41.66
N VAL MB 233 -151.15 -37.98 40.99
CA VAL MB 233 -150.34 -37.70 39.81
C VAL MB 233 -149.02 -37.09 40.26
N TYR MB 234 -147.91 -37.70 39.87
CA TYR MB 234 -146.57 -37.24 40.24
C TYR MB 234 -145.93 -36.53 39.05
N PHE MB 235 -146.01 -35.21 39.08
CA PHE MB 235 -145.47 -34.37 38.02
C PHE MB 235 -143.96 -34.24 38.17
N LYS MB 236 -143.25 -34.27 37.04
CA LYS MB 236 -141.81 -34.09 37.07
C LYS MB 236 -141.32 -33.38 35.81
N PRO MB 237 -140.71 -32.20 35.94
CA PRO MB 237 -140.05 -31.58 34.79
C PRO MB 237 -138.82 -32.39 34.39
N LYS MB 238 -138.54 -32.41 33.09
CA LYS MB 238 -137.41 -33.17 32.59
C LYS MB 238 -136.76 -32.43 31.43
N HIS MB 239 -135.45 -32.55 31.33
CA HIS MB 239 -134.64 -31.87 30.32
C HIS MB 239 -134.98 -30.38 30.28
N ILE MB 240 -134.89 -29.75 31.46
CA ILE MB 240 -135.45 -28.43 31.69
C ILE MB 240 -134.39 -27.36 31.43
N LYS MB 241 -134.77 -26.34 30.68
CA LYS MB 241 -133.99 -25.14 30.51
C LYS MB 241 -134.81 -23.96 31.03
N ALA MB 242 -134.13 -22.90 31.46
CA ALA MB 242 -134.81 -21.78 32.08
C ALA MB 242 -134.07 -20.50 31.74
N TRP MB 243 -134.84 -19.46 31.42
CA TRP MB 243 -134.31 -18.16 31.03
C TRP MB 243 -134.85 -17.08 31.95
N VAL MB 244 -134.14 -15.96 31.98
CA VAL MB 244 -134.59 -14.73 32.63
C VAL MB 244 -134.89 -15.00 34.10
N PRO MB 245 -133.90 -14.98 34.98
CA PRO MB 245 -134.18 -15.17 36.40
C PRO MB 245 -135.03 -14.02 36.94
N ARG MB 246 -135.56 -14.23 38.14
CA ARG MB 246 -136.65 -13.41 38.64
C ARG MB 246 -136.61 -13.50 40.16
N PRO MB 247 -136.94 -12.43 40.88
CA PRO MB 247 -136.82 -12.48 42.34
C PRO MB 247 -137.87 -13.42 42.92
N PRO MB 248 -137.59 -14.02 44.07
CA PRO MB 248 -138.54 -14.97 44.65
C PRO MB 248 -139.81 -14.31 45.14
N ARG MB 249 -140.86 -15.12 45.19
CA ARG MB 249 -142.15 -14.67 45.74
C ARG MB 249 -141.99 -14.32 47.21
N LEU MB 250 -142.57 -13.19 47.60
CA LEU MB 250 -142.58 -12.74 48.99
C LEU MB 250 -143.92 -12.96 49.68
N CYS MB 251 -145.00 -12.54 49.03
CA CYS MB 251 -146.33 -12.63 49.60
C CYS MB 251 -146.93 -14.02 49.41
N PRO MB 252 -147.89 -14.42 50.24
CA PRO MB 252 -148.57 -15.70 50.03
C PRO MB 252 -149.48 -15.65 48.82
N TYR MB 253 -149.75 -16.84 48.27
CA TYR MB 253 -150.59 -16.96 47.09
C TYR MB 253 -152.07 -16.86 47.46
N ILE MB 254 -152.84 -16.24 46.57
CA ILE MB 254 -154.28 -16.07 46.78
C ILE MB 254 -155.05 -17.10 45.95
N ASN MB 255 -154.88 -17.03 44.63
CA ASN MB 255 -155.63 -17.85 43.69
C ASN MB 255 -154.69 -18.47 42.67
N LYS MB 256 -155.14 -19.57 42.07
CA LYS MB 256 -154.30 -20.42 41.24
C LYS MB 256 -154.25 -19.99 39.77
N ARG MB 257 -154.88 -18.88 39.42
CA ARG MB 257 -154.87 -18.39 38.05
C ARG MB 257 -154.43 -16.93 37.95
N ASP MB 258 -153.95 -16.34 39.04
CA ASP MB 258 -153.59 -14.93 39.03
C ASP MB 258 -152.40 -14.72 39.95
N VAL MB 259 -151.89 -13.49 39.96
CA VAL MB 259 -150.73 -13.10 40.75
C VAL MB 259 -151.13 -12.18 41.90
N ASN MB 260 -152.43 -12.10 42.19
CA ASN MB 260 -152.93 -11.18 43.19
C ASN MB 260 -152.40 -11.54 44.57
N PHE MB 261 -152.22 -10.53 45.41
CA PHE MB 261 -151.54 -10.74 46.68
C PHE MB 261 -151.97 -9.67 47.68
N VAL MB 262 -151.67 -9.94 48.94
CA VAL MB 262 -151.84 -8.98 50.02
C VAL MB 262 -150.47 -8.42 50.36
N VAL MB 263 -150.40 -7.11 50.62
CA VAL MB 263 -149.11 -6.47 50.86
C VAL MB 263 -148.52 -7.02 52.15
N THR MB 264 -147.39 -7.70 52.03
CA THR MB 264 -146.72 -8.36 53.13
C THR MB 264 -145.47 -7.57 53.51
N GLU MB 265 -145.06 -7.73 54.77
CA GLU MB 265 -143.85 -7.07 55.23
C GLU MB 265 -142.63 -7.70 54.56
N ILE MB 266 -141.55 -6.92 54.46
CA ILE MB 266 -140.36 -7.39 53.77
C ILE MB 266 -139.72 -8.54 54.54
N THR MB 267 -139.27 -8.29 55.77
CA THR MB 267 -138.68 -9.30 56.61
C THR MB 267 -139.37 -9.30 57.97
N ASP MB 268 -139.00 -10.26 58.81
CA ASP MB 268 -139.48 -10.24 60.18
C ASP MB 268 -138.84 -9.08 60.92
N SER MB 269 -139.61 -8.44 61.79
CA SER MB 269 -139.12 -7.24 62.45
C SER MB 269 -138.28 -7.61 63.66
N ARG MB 270 -137.37 -6.71 64.01
CA ARG MB 270 -136.62 -6.79 65.25
C ARG MB 270 -136.84 -5.51 66.04
N THR MB 271 -136.25 -5.45 67.24
CA THR MB 271 -136.57 -4.38 68.17
C THR MB 271 -135.95 -3.05 67.73
N SER MB 272 -134.62 -3.02 67.59
CA SER MB 272 -133.92 -1.82 67.18
C SER MB 272 -133.01 -2.17 66.00
N ILE MB 273 -132.34 -1.14 65.47
CA ILE MB 273 -131.43 -1.32 64.35
C ILE MB 273 -130.10 -1.93 64.80
N THR MB 274 -129.79 -1.88 66.10
CA THR MB 274 -128.48 -2.26 66.60
C THR MB 274 -128.46 -3.54 67.41
N ASP MB 275 -129.61 -4.11 67.75
CA ASP MB 275 -129.64 -5.33 68.55
C ASP MB 275 -129.39 -6.56 67.69
N VAL NB 13 -118.69 14.38 28.02
CA VAL NB 13 -119.92 14.83 27.38
C VAL NB 13 -119.95 14.39 25.93
N ARG NB 14 -120.90 13.50 25.61
CA ARG NB 14 -121.09 12.98 24.26
C ARG NB 14 -122.48 13.37 23.78
N SER NB 15 -122.54 13.98 22.60
CA SER NB 15 -123.79 14.45 22.03
C SER NB 15 -124.25 13.42 20.99
N MET NB 16 -124.99 12.43 21.45
CA MET NB 16 -125.50 11.41 20.54
C MET NB 16 -126.62 11.98 19.67
N THR NB 17 -126.73 11.45 18.45
CA THR NB 17 -127.80 11.84 17.55
C THR NB 17 -128.31 10.60 16.82
N LEU NB 18 -129.62 10.55 16.60
CA LEU NB 18 -130.27 9.48 15.85
C LEU NB 18 -131.38 10.09 15.03
N GLY NB 19 -131.22 10.08 13.71
CA GLY NB 19 -132.22 10.65 12.84
C GLY NB 19 -132.28 12.16 12.97
N ASN NB 20 -133.40 12.67 13.48
CA ASN NB 20 -133.59 14.09 13.75
C ASN NB 20 -133.84 14.34 15.23
N SER NB 21 -133.08 13.65 16.08
CA SER NB 21 -133.22 13.79 17.54
C SER NB 21 -131.84 13.68 18.15
N THR NB 22 -131.38 14.77 18.77
CA THR NB 22 -130.07 14.82 19.40
C THR NB 22 -130.28 15.07 20.89
N ILE NB 23 -129.63 14.26 21.72
CA ILE NB 23 -129.59 14.47 23.16
C ILE NB 23 -128.15 14.67 23.57
N THR NB 24 -127.95 15.15 24.80
CA THR NB 24 -126.63 15.39 25.36
C THR NB 24 -126.46 14.47 26.55
N THR NB 25 -125.48 13.58 26.48
CA THR NB 25 -125.24 12.59 27.51
C THR NB 25 -123.92 12.86 28.24
N GLN NB 26 -123.74 12.18 29.36
CA GLN NB 26 -122.54 12.32 30.18
C GLN NB 26 -121.67 11.08 30.11
N ASN NB 30 -121.90 4.59 31.98
CA ASN NB 30 -121.63 3.33 31.29
C ASN NB 30 -122.90 2.52 31.06
N VAL NB 31 -122.99 1.89 29.90
CA VAL NB 31 -124.23 1.25 29.46
C VAL NB 31 -124.38 -0.10 30.16
N VAL NB 32 -125.58 -0.36 30.67
CA VAL NB 32 -125.91 -1.67 31.23
C VAL NB 32 -126.65 -2.42 30.12
N VAL NB 33 -125.90 -3.22 29.37
CA VAL NB 33 -126.49 -4.05 28.32
C VAL NB 33 -127.26 -5.18 28.98
N GLY NB 34 -128.58 -5.24 28.74
CA GLY NB 34 -129.43 -6.15 29.46
C GLY NB 34 -129.15 -7.59 29.05
N TYR NB 35 -128.79 -8.42 30.03
CA TYR NB 35 -128.50 -9.85 29.82
C TYR NB 35 -127.36 -10.06 28.83
N GLY NB 36 -126.40 -9.14 28.80
CA GLY NB 36 -125.19 -9.34 28.04
C GLY NB 36 -125.37 -9.45 26.54
N GLU NB 37 -126.55 -9.10 26.03
CA GLU NB 37 -126.82 -9.21 24.60
C GLU NB 37 -127.31 -7.88 24.06
N TRP NB 38 -126.86 -7.56 22.87
CA TRP NB 38 -127.25 -6.39 22.11
C TRP NB 38 -128.41 -6.77 21.22
N PRO NB 39 -129.45 -5.93 21.10
CA PRO NB 39 -130.58 -6.31 20.26
C PRO NB 39 -130.12 -6.57 18.84
N SER NB 40 -130.85 -7.43 18.14
CA SER NB 40 -130.47 -7.80 16.79
C SER NB 40 -131.72 -8.16 16.01
N TYR NB 41 -131.56 -8.27 14.69
CA TYR NB 41 -132.68 -8.72 13.87
C TYR NB 41 -132.90 -10.21 14.03
N LEU NB 42 -134.00 -10.69 13.44
CA LEU NB 42 -134.43 -12.06 13.66
C LEU NB 42 -133.56 -13.07 12.92
N SER NB 43 -132.92 -12.67 11.83
CA SER NB 43 -132.05 -13.57 11.07
C SER NB 43 -130.76 -13.84 11.84
N THR NB 48 -137.18 -16.73 5.72
CA THR NB 48 -138.30 -17.57 5.28
C THR NB 48 -139.22 -16.78 4.35
N ALA NB 49 -139.69 -17.42 3.27
CA ALA NB 49 -140.63 -16.80 2.36
C ALA NB 49 -142.09 -17.02 2.76
N GLU NB 50 -142.35 -17.90 3.74
CA GLU NB 50 -143.71 -18.06 4.24
C GLU NB 50 -144.12 -16.92 5.15
N ASP NB 51 -143.17 -16.38 5.90
CA ASP NB 51 -143.37 -15.18 6.71
C ASP NB 51 -142.14 -14.31 6.57
N GLN NB 52 -142.33 -13.06 6.13
CA GLN NB 52 -141.20 -12.17 5.82
C GLN NB 52 -141.29 -10.90 6.65
N PRO NB 53 -140.27 -10.57 7.43
CA PRO NB 53 -140.30 -9.32 8.20
C PRO NB 53 -139.93 -8.10 7.37
N THR NB 54 -140.43 -6.96 7.81
CA THR NB 54 -140.09 -5.66 7.24
C THR NB 54 -139.28 -4.88 8.26
N GLN NB 55 -138.11 -4.38 7.84
CA GLN NB 55 -137.26 -3.62 8.75
C GLN NB 55 -137.41 -2.13 8.44
N PRO NB 56 -138.03 -1.35 9.32
CA PRO NB 56 -138.22 0.08 9.00
C PRO NB 56 -136.91 0.87 8.97
N ASP NB 57 -136.05 0.72 9.99
CA ASP NB 57 -134.78 1.43 10.05
C ASP NB 57 -134.99 2.93 10.02
N VAL NB 58 -135.58 3.44 8.92
CA VAL NB 58 -135.88 4.86 8.79
C VAL NB 58 -136.79 5.28 9.94
N ALA NB 59 -136.48 6.43 10.54
CA ALA NB 59 -137.17 6.95 11.73
C ALA NB 59 -137.13 5.85 12.79
N THR NB 60 -138.21 5.60 13.54
CA THR NB 60 -138.30 4.57 14.56
C THR NB 60 -137.14 4.56 15.55
N CYS NB 61 -135.90 4.71 15.05
CA CYS NB 61 -134.70 4.64 15.87
C CYS NB 61 -134.37 5.95 16.58
N ARG NB 62 -135.11 7.03 16.29
CA ARG NB 62 -134.80 8.32 16.87
C ARG NB 62 -135.18 8.33 18.36
N PHE NB 63 -134.72 9.35 19.07
CA PHE NB 63 -134.96 9.44 20.50
C PHE NB 63 -136.34 10.02 20.78
N TYR NB 64 -137.11 9.30 21.59
CA TYR NB 64 -138.45 9.72 22.01
C TYR NB 64 -138.37 10.11 23.48
N THR NB 65 -138.19 11.40 23.73
CA THR NB 65 -138.11 11.91 25.10
C THR NB 65 -139.51 12.02 25.67
N LEU NB 66 -139.77 11.31 26.77
CA LEU NB 66 -141.05 11.39 27.43
C LEU NB 66 -141.13 12.67 28.26
N GLU NB 67 -142.28 12.91 28.86
CA GLU NB 67 -142.44 14.09 29.71
C GLU NB 67 -141.60 13.93 30.98
N SER NB 68 -140.97 15.03 31.39
CA SER NB 68 -140.11 14.99 32.56
C SER NB 68 -140.94 14.79 33.81
N VAL NB 69 -140.39 14.06 34.78
CA VAL NB 69 -141.13 13.64 35.96
C VAL NB 69 -140.49 14.29 37.17
N GLN NB 70 -141.28 15.03 37.94
CA GLN NB 70 -140.76 15.73 39.11
C GLN NB 70 -140.67 14.77 40.29
N TRP NB 71 -139.49 14.68 40.88
CA TRP NB 71 -139.21 13.79 42.00
C TRP NB 71 -139.08 14.63 43.27
N GLU NB 72 -140.10 14.55 44.12
CA GLU NB 72 -140.13 15.28 45.38
C GLU NB 72 -139.63 14.39 46.51
N LYS NB 73 -139.73 14.88 47.74
CA LYS NB 73 -139.32 14.09 48.90
C LYS NB 73 -140.27 12.93 49.17
N THR NB 74 -141.51 13.02 48.73
CA THR NB 74 -142.54 12.03 49.06
C THR NB 74 -142.93 11.18 47.85
N SER NB 75 -142.12 11.18 46.80
CA SER NB 75 -142.43 10.37 45.63
C SER NB 75 -142.07 8.91 45.90
N PRO NB 76 -142.99 7.97 45.71
CA PRO NB 76 -142.68 6.56 45.97
C PRO NB 76 -142.10 5.82 44.77
N GLY NB 77 -142.37 6.29 43.57
CA GLY NB 77 -141.85 5.64 42.38
C GLY NB 77 -142.76 5.84 41.18
N TRP NB 78 -142.35 5.23 40.07
CA TRP NB 78 -143.09 5.32 38.81
C TRP NB 78 -142.92 4.00 38.06
N TRP NB 79 -143.80 3.76 37.09
CA TRP NB 79 -143.54 2.71 36.13
C TRP NB 79 -144.15 3.06 34.79
N TRP NB 80 -143.47 2.64 33.73
CA TRP NB 80 -143.96 2.71 32.36
C TRP NB 80 -144.02 1.30 31.82
N LYS NB 81 -145.04 0.99 31.03
CA LYS NB 81 -145.14 -0.30 30.36
C LYS NB 81 -144.99 -0.09 28.86
N PHE NB 82 -143.93 -0.59 28.32
CA PHE NB 82 -143.45 -0.71 26.97
C PHE NB 82 -143.83 -2.08 26.41
N PRO NB 83 -143.93 -2.24 25.07
CA PRO NB 83 -143.67 -1.31 23.97
C PRO NB 83 -144.72 -0.22 23.79
N GLU NB 84 -145.87 -0.38 24.42
CA GLU NB 84 -147.01 0.47 24.10
C GLU NB 84 -147.01 1.79 24.87
N ALA NB 85 -145.96 2.06 25.65
CA ALA NB 85 -145.80 3.41 26.18
C ALA NB 85 -145.49 4.39 25.07
N LEU NB 86 -144.95 3.90 23.95
CA LEU NB 86 -144.67 4.69 22.77
C LEU NB 86 -145.78 4.60 21.73
N LYS NB 87 -147.02 4.34 22.16
CA LYS NB 87 -148.08 4.08 21.19
C LYS NB 87 -148.57 5.35 20.49
N ASN NB 88 -148.23 6.52 21.01
CA ASN NB 88 -148.56 7.79 20.38
C ASN NB 88 -147.30 8.56 19.99
N MET NB 89 -146.15 7.88 19.91
CA MET NB 89 -144.86 8.53 19.66
C MET NB 89 -144.47 8.33 18.20
N GLY NB 90 -145.03 9.16 17.34
CA GLY NB 90 -144.49 9.31 16.00
C GLY NB 90 -144.71 8.09 15.12
N LEU NB 91 -143.71 7.78 14.30
CA LEU NB 91 -143.81 6.66 13.38
C LEU NB 91 -143.79 5.32 14.11
N PHE NB 92 -143.06 5.22 15.22
CA PHE NB 92 -143.09 3.98 15.99
C PHE NB 92 -144.47 3.73 16.57
N GLY NB 93 -145.15 4.78 17.04
CA GLY NB 93 -146.50 4.64 17.51
C GLY NB 93 -147.54 4.52 16.42
N GLN NB 94 -147.15 4.78 15.17
CA GLN NB 94 -148.05 4.60 14.04
C GLN NB 94 -147.84 3.27 13.34
N ASN NB 95 -146.62 2.74 13.32
CA ASN NB 95 -146.41 1.39 12.82
C ASN NB 95 -146.98 0.32 13.74
N MET NB 96 -147.35 0.68 14.98
CA MET NB 96 -148.03 -0.28 15.84
C MET NB 96 -149.45 -0.55 15.35
N HIS NB 97 -150.07 0.42 14.68
CA HIS NB 97 -151.44 0.26 14.19
C HIS NB 97 -151.54 -0.43 12.84
N TYR NB 98 -150.47 -0.41 12.03
CA TYR NB 98 -150.52 -1.00 10.71
C TYR NB 98 -149.94 -2.42 10.66
N HIS NB 99 -149.01 -2.73 11.54
CA HIS NB 99 -148.44 -4.07 11.66
C HIS NB 99 -148.89 -4.66 13.00
N TYR NB 100 -149.30 -5.92 13.00
CA TYR NB 100 -149.78 -6.56 14.22
C TYR NB 100 -148.72 -7.46 14.85
N LEU NB 101 -147.49 -7.40 14.36
CA LEU NB 101 -146.36 -8.13 14.92
C LEU NB 101 -145.12 -7.24 14.87
N GLY NB 102 -144.28 -7.35 15.89
CA GLY NB 102 -143.09 -6.52 15.93
C GLY NB 102 -142.20 -6.86 17.10
N ARG NB 103 -141.03 -6.21 17.10
CA ARG NB 103 -140.01 -6.40 18.13
C ARG NB 103 -139.02 -5.24 18.03
N ALA NB 104 -138.39 -4.90 19.16
CA ALA NB 104 -137.47 -3.78 19.20
C ALA NB 104 -136.53 -3.93 20.40
N GLY NB 105 -135.65 -2.94 20.59
CA GLY NB 105 -134.58 -3.04 21.58
C GLY NB 105 -134.58 -2.01 22.70
N TYR NB 106 -134.99 -0.78 22.42
CA TYR NB 106 -135.31 0.23 23.44
C TYR NB 106 -134.09 0.56 24.33
N THR NB 107 -133.17 1.33 23.76
CA THR NB 107 -132.17 2.01 24.57
C THR NB 107 -132.83 3.09 25.41
N ILE NB 108 -132.70 3.00 26.73
CA ILE NB 108 -133.42 3.87 27.65
C ILE NB 108 -132.41 4.71 28.43
N HIS NB 109 -132.36 6.01 28.13
CA HIS NB 109 -131.57 6.95 28.92
C HIS NB 109 -132.45 7.55 30.01
N VAL NB 110 -131.90 7.66 31.21
CA VAL NB 110 -132.60 8.27 32.35
C VAL NB 110 -131.65 9.26 32.99
N GLN NB 111 -131.81 10.55 32.68
CA GLN NB 111 -131.09 11.60 33.38
C GLN NB 111 -131.89 12.06 34.60
N CYS NB 112 -131.22 12.83 35.45
CA CYS NB 112 -131.85 13.39 36.65
C CYS NB 112 -131.54 14.85 36.87
N ASN NB 113 -130.47 15.38 36.27
CA ASN NB 113 -130.05 16.78 36.31
C ASN NB 113 -130.42 17.50 37.61
N ALA NB 114 -130.11 16.88 38.75
CA ALA NB 114 -130.25 17.54 40.03
C ALA NB 114 -129.07 18.48 40.24
N SER NB 115 -129.03 19.12 41.40
CA SER NB 115 -127.93 20.02 41.73
C SER NB 115 -126.83 19.24 42.44
N LYS NB 116 -125.93 19.98 43.09
CA LYS NB 116 -124.84 19.39 43.86
C LYS NB 116 -125.20 19.27 45.33
N PHE NB 117 -126.23 19.97 45.78
CA PHE NB 117 -126.68 19.91 47.17
C PHE NB 117 -127.87 18.98 47.37
N HIS NB 118 -128.48 18.48 46.29
CA HIS NB 118 -129.50 17.47 46.41
C HIS NB 118 -128.87 16.12 46.67
N GLN NB 119 -129.59 15.26 47.39
CA GLN NB 119 -129.14 13.90 47.66
C GLN NB 119 -130.28 12.93 47.41
N GLY NB 120 -129.92 11.70 47.07
CA GLY NB 120 -130.92 10.69 46.79
C GLY NB 120 -130.32 9.56 46.00
N CYS NB 121 -131.17 8.58 45.70
CA CYS NB 121 -130.74 7.40 44.96
C CYS NB 121 -131.96 6.76 44.30
N LEU NB 122 -131.78 6.32 43.06
CA LEU NB 122 -132.83 5.70 42.28
C LEU NB 122 -132.42 4.30 41.85
N LEU NB 123 -133.42 3.43 41.72
CA LEU NB 123 -133.26 2.14 41.07
C LEU NB 123 -133.96 2.22 39.72
N VAL NB 124 -133.20 2.15 38.64
CA VAL NB 124 -133.74 2.17 37.28
C VAL NB 124 -133.64 0.73 36.76
N VAL NB 125 -134.78 0.04 36.73
CA VAL NB 125 -134.84 -1.37 36.42
C VAL NB 125 -135.95 -1.59 35.40
N CYS NB 126 -135.81 -2.66 34.62
CA CYS NB 126 -136.65 -2.86 33.44
C CYS NB 126 -137.68 -3.97 33.57
N VAL NB 127 -137.38 -5.03 34.31
CA VAL NB 127 -138.36 -6.03 34.73
C VAL NB 127 -139.14 -6.57 33.54
N PRO NB 128 -138.59 -7.50 32.76
CA PRO NB 128 -139.39 -8.12 31.68
C PRO NB 128 -140.53 -8.94 32.27
N GLU NB 129 -141.69 -8.86 31.64
CA GLU NB 129 -142.89 -9.61 32.03
C GLU NB 129 -143.32 -9.32 33.46
N ALA NB 130 -143.55 -8.04 33.75
CA ALA NB 130 -144.02 -7.62 35.07
C ALA NB 130 -145.54 -7.78 35.10
N GLU NB 131 -146.00 -8.97 35.46
CA GLU NB 131 -147.42 -9.21 35.68
C GLU NB 131 -147.79 -8.69 37.07
N MET NB 132 -148.57 -7.63 37.11
CA MET NB 132 -148.89 -6.96 38.36
C MET NB 132 -150.23 -7.47 38.91
N GLY NB 133 -150.41 -7.26 40.21
CA GLY NB 133 -151.55 -7.79 40.94
C GLY NB 133 -152.56 -6.72 41.28
N CYS NB 134 -153.83 -7.12 41.33
CA CYS NB 134 -154.91 -6.19 41.63
C CYS NB 134 -154.87 -5.79 43.10
N ALA NB 135 -155.49 -4.63 43.38
CA ALA NB 135 -155.38 -4.04 44.71
C ALA NB 135 -156.23 -4.80 45.73
N ASP NB 136 -157.47 -5.09 45.38
CA ASP NB 136 -158.33 -5.97 46.17
C ASP NB 136 -158.53 -7.27 45.38
N THR NB 137 -157.88 -8.34 45.83
CA THR NB 137 -157.94 -9.60 45.11
C THR NB 137 -159.34 -10.21 45.18
N ASP NB 138 -159.57 -11.17 44.29
CA ASP NB 138 -160.83 -11.80 43.84
C ASP NB 138 -161.45 -11.09 42.64
N THR NB 139 -160.74 -10.12 42.06
CA THR NB 139 -161.25 -9.41 40.90
C THR NB 139 -160.08 -8.91 40.06
N THR NB 140 -160.41 -8.30 38.92
CA THR NB 140 -159.43 -7.76 37.99
C THR NB 140 -159.56 -6.24 37.92
N PHE NB 141 -158.66 -5.63 37.14
CA PHE NB 141 -158.63 -4.18 36.94
C PHE NB 141 -158.98 -3.82 35.49
N PRO NB 142 -159.51 -2.61 35.25
CA PRO NB 142 -160.06 -2.28 33.93
C PRO NB 142 -159.06 -1.93 32.83
N ALA NB 143 -157.82 -2.42 32.93
CA ALA NB 143 -156.88 -2.41 31.83
C ALA NB 143 -156.34 -1.02 31.49
N THR NB 144 -157.00 0.03 31.99
CA THR NB 144 -156.47 1.38 31.90
C THR NB 144 -155.73 1.79 33.16
N GLU NB 145 -155.54 0.85 34.08
CA GLU NB 145 -154.79 1.08 35.31
C GLU NB 145 -153.33 0.63 35.21
N LEU NB 146 -153.02 -0.26 34.27
CA LEU NB 146 -151.62 -0.62 34.05
C LEU NB 146 -150.87 0.47 33.31
N THR NB 147 -151.50 1.12 32.33
CA THR NB 147 -150.79 2.06 31.48
C THR NB 147 -151.66 3.25 31.14
N THR NB 148 -151.04 4.42 31.11
CA THR NB 148 -151.62 5.64 30.56
C THR NB 148 -150.58 6.16 29.56
N GLU NB 149 -150.48 5.45 28.45
CA GLU NB 149 -149.44 5.62 27.41
C GLU NB 149 -148.19 6.35 27.89
N ASP NB 150 -148.12 7.65 27.60
CA ASP NB 150 -146.93 8.42 27.91
C ASP NB 150 -146.75 8.65 29.40
N THR NB 151 -147.83 8.95 30.13
CA THR NB 151 -147.63 9.34 31.52
C THR NB 151 -147.44 8.12 32.41
N PRO NB 152 -146.65 8.26 33.47
CA PRO NB 152 -146.36 7.11 34.35
C PRO NB 152 -147.41 6.94 35.44
N HIS NB 153 -147.72 5.68 35.74
CA HIS NB 153 -148.44 5.36 36.96
C HIS NB 153 -147.47 5.36 38.14
N VAL NB 154 -147.77 6.13 39.17
CA VAL NB 154 -146.93 6.18 40.35
C VAL NB 154 -147.21 4.97 41.22
N PHE NB 155 -146.24 4.61 42.05
CA PHE NB 155 -146.49 3.67 43.12
C PHE NB 155 -147.17 4.40 44.28
N THR NB 156 -147.43 3.67 45.36
CA THR NB 156 -147.95 4.26 46.58
C THR NB 156 -147.05 3.86 47.74
N SER NB 157 -147.13 4.62 48.83
CA SER NB 157 -146.33 4.34 50.00
C SER NB 157 -146.93 3.28 50.89
N ASP NB 158 -148.25 3.08 50.83
CA ASP NB 158 -148.92 2.07 51.62
C ASP NB 158 -149.89 1.28 50.76
N SER NB 159 -150.69 0.41 51.39
CA SER NB 159 -151.64 -0.40 50.65
C SER NB 159 -152.84 0.43 50.21
N ILE NB 160 -153.43 0.05 49.08
CA ILE NB 160 -154.59 0.71 48.51
C ILE NB 160 -155.63 -0.34 48.16
N THR NB 161 -156.87 0.12 48.00
CA THR NB 161 -157.98 -0.74 47.61
C THR NB 161 -158.63 -0.19 46.35
N GLY NB 162 -159.57 -0.95 45.80
CA GLY NB 162 -160.22 -0.59 44.56
C GLY NB 162 -159.70 -1.40 43.39
N LYS NB 163 -160.45 -1.35 42.29
CA LYS NB 163 -160.15 -2.15 41.10
C LYS NB 163 -159.01 -1.47 40.34
N LYS NB 164 -157.80 -1.62 40.86
CA LYS NB 164 -156.62 -1.07 40.23
C LYS NB 164 -155.41 -1.86 40.70
N VAL NB 165 -154.23 -1.44 40.26
CA VAL NB 165 -153.01 -2.18 40.54
C VAL NB 165 -152.57 -1.94 41.97
N GLN NB 166 -152.20 -3.01 42.65
CA GLN NB 166 -151.62 -2.88 43.98
C GLN NB 166 -150.25 -2.24 43.85
N ALA NB 167 -150.19 -0.91 43.92
CA ALA NB 167 -148.99 -0.15 43.61
C ALA NB 167 -148.24 0.26 44.86
N ALA NB 168 -148.28 -0.54 45.91
CA ALA NB 168 -147.48 -0.27 47.09
C ALA NB 168 -146.05 -0.72 46.86
N VAL NB 169 -145.09 0.17 47.11
CA VAL NB 169 -143.69 -0.24 47.15
C VAL NB 169 -143.47 -1.15 48.35
N CYS NB 170 -142.34 -1.86 48.34
CA CYS NB 170 -141.96 -3.04 49.10
C CYS NB 170 -142.61 -4.28 48.50
N ASN NB 171 -143.58 -4.11 47.60
CA ASN NB 171 -144.21 -5.21 46.86
C ASN NB 171 -144.58 -4.70 45.47
N ALA NB 172 -143.57 -4.22 44.74
CA ALA NB 172 -143.69 -3.24 43.67
C ALA NB 172 -144.94 -3.44 42.82
N GLY NB 173 -144.99 -4.51 42.03
CA GLY NB 173 -146.22 -4.90 41.38
C GLY NB 173 -146.51 -6.38 41.50
N MET NB 174 -145.47 -7.18 41.66
CA MET NB 174 -145.53 -8.60 41.41
C MET NB 174 -145.59 -9.45 42.67
N GLY NB 175 -145.59 -8.83 43.85
CA GLY NB 175 -145.56 -9.59 45.08
C GLY NB 175 -144.19 -10.05 45.51
N VAL NB 176 -143.15 -9.43 44.98
CA VAL NB 176 -141.78 -9.74 45.37
C VAL NB 176 -141.28 -8.62 46.28
N GLY NB 177 -140.14 -8.86 46.92
CA GLY NB 177 -139.51 -7.79 47.66
C GLY NB 177 -138.94 -6.76 46.72
N VAL NB 178 -139.11 -5.48 47.06
CA VAL NB 178 -138.64 -4.44 46.16
C VAL NB 178 -137.14 -4.22 46.28
N GLY NB 179 -136.53 -4.69 47.37
CA GLY NB 179 -135.09 -4.53 47.51
C GLY NB 179 -134.32 -5.44 46.57
N ASN NB 180 -134.73 -6.70 46.47
CA ASN NB 180 -134.10 -7.65 45.55
C ASN NB 180 -134.79 -7.64 44.20
N LEU NB 181 -135.04 -6.43 43.69
CA LEU NB 181 -135.47 -6.22 42.32
C LEU NB 181 -134.28 -5.94 41.41
N THR NB 182 -133.07 -6.15 41.94
CA THR NB 182 -131.81 -5.87 41.27
C THR NB 182 -131.38 -7.02 40.36
N ILE NB 183 -132.12 -8.12 40.36
CA ILE NB 183 -131.80 -9.26 39.50
C ILE NB 183 -131.97 -8.92 38.03
N PHE NB 184 -132.78 -7.93 37.71
CA PHE NB 184 -133.07 -7.55 36.34
C PHE NB 184 -132.01 -6.59 35.83
N PRO NB 185 -132.04 -6.24 34.53
CA PRO NB 185 -131.17 -5.17 34.04
C PRO NB 185 -131.46 -3.86 34.74
N HIS NB 186 -130.51 -3.39 35.55
CA HIS NB 186 -130.74 -2.25 36.43
C HIS NB 186 -129.57 -1.28 36.32
N GLN NB 187 -129.75 -0.12 36.97
CA GLN NB 187 -128.70 0.87 37.11
C GLN NB 187 -129.08 1.79 38.26
N TRP NB 188 -128.13 2.04 39.15
CA TRP NB 188 -128.35 2.95 40.26
C TRP NB 188 -128.02 4.37 39.81
N ILE NB 189 -128.86 5.32 40.19
CA ILE NB 189 -128.55 6.73 39.97
C ILE NB 189 -128.36 7.39 41.33
N ASN NB 190 -127.13 7.39 41.83
CA ASN NB 190 -126.80 8.05 43.08
C ASN NB 190 -126.38 9.48 42.76
N LEU NB 191 -127.19 10.45 43.24
CA LEU NB 191 -126.94 11.84 42.91
C LEU NB 191 -125.62 12.34 43.49
N ARG NB 192 -125.06 11.62 44.47
CA ARG NB 192 -123.73 11.95 44.94
C ARG NB 192 -122.69 11.79 43.84
N THR NB 193 -122.77 10.70 43.07
CA THR NB 193 -121.79 10.39 42.04
C THR NB 193 -122.28 10.72 40.64
N ASN NB 194 -123.35 10.06 40.19
CA ASN NB 194 -123.79 10.15 38.81
C ASN NB 194 -125.21 10.68 38.73
N ASN NB 195 -125.66 10.91 37.49
CA ASN NB 195 -127.00 11.39 37.22
C ASN NB 195 -127.69 10.64 36.09
N SER NB 196 -126.96 9.93 35.24
CA SER NB 196 -127.51 9.33 34.04
C SER NB 196 -127.45 7.81 34.12
N ALA NB 197 -128.44 7.17 33.52
CA ALA NB 197 -128.50 5.73 33.40
C ALA NB 197 -128.85 5.39 31.96
N THR NB 198 -128.39 4.24 31.49
CA THR NB 198 -128.73 3.77 30.15
C THR NB 198 -128.78 2.26 30.15
N ILE NB 199 -129.87 1.71 29.63
CA ILE NB 199 -130.14 0.27 29.65
C ILE NB 199 -130.57 -0.14 28.26
N VAL NB 200 -130.06 -1.29 27.81
CA VAL NB 200 -130.37 -1.83 26.50
C VAL NB 200 -131.00 -3.20 26.70
N ILE NB 201 -132.21 -3.39 26.19
CA ILE NB 201 -133.06 -4.52 26.54
C ILE NB 201 -133.40 -5.26 25.24
N PRO NB 202 -132.73 -6.38 24.96
CA PRO NB 202 -132.70 -6.97 23.61
C PRO NB 202 -133.91 -7.85 23.26
N TYR NB 203 -135.10 -7.34 23.55
CA TYR NB 203 -136.36 -8.02 23.21
C TYR NB 203 -136.41 -9.44 23.80
N ILE NB 204 -136.73 -9.49 25.09
CA ILE NB 204 -136.94 -10.77 25.77
C ILE NB 204 -138.38 -11.23 25.57
N ASN NB 205 -138.56 -12.34 24.87
CA ASN NB 205 -139.89 -12.92 24.65
C ASN NB 205 -139.73 -14.37 24.23
N SER NB 206 -140.80 -15.15 24.41
CA SER NB 206 -140.81 -16.57 24.10
C SER NB 206 -141.21 -16.88 22.67
N VAL NB 207 -141.64 -15.88 21.91
CA VAL NB 207 -142.04 -16.04 20.51
C VAL NB 207 -141.26 -14.97 19.75
N PRO NB 208 -140.80 -15.23 18.51
CA PRO NB 208 -139.93 -14.24 17.87
C PRO NB 208 -140.61 -12.90 17.62
N MET NB 209 -141.91 -12.88 17.36
CA MET NB 209 -142.64 -11.64 17.17
C MET NB 209 -143.97 -11.74 17.88
N ASP NB 210 -144.41 -10.63 18.47
CA ASP NB 210 -145.68 -10.62 19.19
C ASP NB 210 -146.37 -9.28 18.96
N ASN NB 211 -147.68 -9.26 19.21
CA ASN NB 211 -148.47 -8.05 19.03
C ASN NB 211 -148.07 -7.01 20.07
N MET NB 212 -148.03 -5.75 19.65
CA MET NB 212 -147.52 -4.67 20.49
C MET NB 212 -148.59 -3.99 21.33
N PHE NB 213 -149.85 -4.39 21.20
CA PHE NB 213 -150.90 -3.86 22.06
C PHE NB 213 -151.38 -4.83 23.11
N ARG NB 214 -151.33 -6.14 22.84
CA ARG NB 214 -151.72 -7.11 23.85
C ARG NB 214 -150.64 -7.25 24.92
N HIS NB 215 -149.38 -7.37 24.51
CA HIS NB 215 -148.31 -7.84 25.38
C HIS NB 215 -147.36 -6.70 25.71
N TYR NB 216 -147.11 -6.51 27.02
CA TYR NB 216 -146.16 -5.53 27.51
C TYR NB 216 -144.85 -6.26 27.74
N ASN NB 217 -143.84 -5.99 26.91
CA ASN NB 217 -142.63 -6.79 26.93
C ASN NB 217 -141.83 -6.56 28.20
N PHE NB 218 -141.77 -5.32 28.67
CA PHE NB 218 -141.07 -5.05 29.92
C PHE NB 218 -141.70 -3.81 30.57
N THR NB 219 -141.29 -3.55 31.82
CA THR NB 219 -141.88 -2.48 32.64
C THR NB 219 -140.74 -1.66 33.25
N LEU NB 220 -140.41 -0.54 32.61
CA LEU NB 220 -139.43 0.37 33.17
C LEU NB 220 -140.03 1.02 34.42
N MET NB 221 -139.49 0.67 35.58
CA MET NB 221 -139.94 1.25 36.85
C MET NB 221 -138.74 1.87 37.56
N ILE NB 222 -138.91 3.12 37.99
CA ILE NB 222 -137.88 3.92 38.66
C ILE NB 222 -138.32 4.10 40.10
N ILE NB 223 -137.54 3.57 41.04
CA ILE NB 223 -137.95 3.48 42.43
C ILE NB 223 -136.91 4.18 43.30
N PRO NB 224 -137.27 5.25 44.01
CA PRO NB 224 -136.32 5.94 44.91
C PRO NB 224 -136.12 5.16 46.20
N PHE NB 225 -134.95 4.54 46.34
CA PHE NB 225 -134.60 3.90 47.61
C PHE NB 225 -134.26 4.92 48.68
N ALA NB 226 -133.19 5.65 48.48
CA ALA NB 226 -132.94 6.75 49.41
C ALA NB 226 -133.74 7.97 48.98
N PRO NB 227 -134.55 8.55 49.85
CA PRO NB 227 -135.45 9.62 49.41
C PRO NB 227 -134.68 10.90 49.12
N LEU NB 228 -135.31 11.74 48.30
CA LEU NB 228 -134.73 13.04 48.00
C LEU NB 228 -134.70 13.90 49.26
N ASN NB 229 -133.62 14.67 49.42
CA ASN NB 229 -133.55 15.59 50.54
C ASN NB 229 -132.77 16.82 50.12
N PHE NB 230 -133.10 17.94 50.73
CA PHE NB 230 -132.51 19.25 50.43
C PHE NB 230 -132.93 20.20 51.54
N THR NB 231 -132.41 21.42 51.47
CA THR NB 231 -132.74 22.45 52.44
C THR NB 231 -133.74 23.44 51.84
N ASP NB 232 -134.05 24.49 52.61
CA ASP NB 232 -135.17 25.38 52.31
C ASP NB 232 -134.86 26.39 51.21
N GLY NB 233 -133.73 26.25 50.52
CA GLY NB 233 -133.42 27.16 49.44
C GLY NB 233 -133.44 26.53 48.06
N ALA NB 234 -133.27 25.22 48.00
CA ALA NB 234 -133.19 24.55 46.72
C ALA NB 234 -134.57 24.39 46.09
N THR NB 235 -134.59 23.91 44.86
CA THR NB 235 -135.87 23.62 44.21
C THR NB 235 -136.47 22.36 44.82
N ALA NB 236 -137.79 22.39 45.01
CA ALA NB 236 -138.48 21.37 45.79
C ALA NB 236 -138.65 20.05 45.05
N TYR NB 237 -137.95 19.86 43.94
CA TYR NB 237 -138.10 18.67 43.13
C TYR NB 237 -136.86 18.46 42.29
N VAL NB 238 -136.77 17.28 41.69
CA VAL NB 238 -135.69 16.94 40.75
C VAL NB 238 -136.33 16.27 39.54
N PRO NB 239 -136.30 16.90 38.36
CA PRO NB 239 -137.00 16.34 37.18
C PRO NB 239 -136.21 15.18 36.58
N ILE NB 240 -136.87 14.04 36.45
CA ILE NB 240 -136.27 12.83 35.88
C ILE NB 240 -136.70 12.75 34.43
N THR NB 241 -135.73 12.67 33.52
CA THR NB 241 -136.00 12.70 32.09
C THR NB 241 -135.75 11.32 31.50
N VAL NB 242 -136.76 10.79 30.81
CA VAL NB 242 -136.72 9.44 30.25
C VAL NB 242 -136.72 9.54 28.73
N THR NB 243 -135.81 8.81 28.09
CA THR NB 243 -135.62 8.86 26.64
C THR NB 243 -135.44 7.44 26.13
N ILE NB 244 -136.26 7.06 25.15
CA ILE NB 244 -136.29 5.69 24.64
C ILE NB 244 -135.98 5.72 23.15
N ALA NB 245 -135.04 4.90 22.72
CA ALA NB 245 -134.71 4.76 21.29
C ALA NB 245 -135.00 3.33 20.84
N PRO NB 246 -136.08 3.09 20.10
CA PRO NB 246 -136.39 1.72 19.65
C PRO NB 246 -135.40 1.24 18.61
N MET NB 247 -134.53 0.31 18.97
CA MET NB 247 -133.49 -0.16 18.08
C MET NB 247 -133.87 -1.49 17.46
N TYR NB 248 -133.48 -1.67 16.19
CA TYR NB 248 -133.68 -2.92 15.46
C TYR NB 248 -135.14 -3.35 15.46
N ALA NB 249 -136.02 -2.36 15.28
CA ALA NB 249 -137.44 -2.65 15.21
C ALA NB 249 -137.74 -3.28 13.86
N GLU NB 250 -138.38 -4.44 13.87
CA GLU NB 250 -138.83 -5.07 12.64
C GLU NB 250 -140.23 -5.62 12.83
N TYR NB 251 -140.97 -5.70 11.73
CA TYR NB 251 -142.41 -5.90 11.72
C TYR NB 251 -142.71 -7.03 10.76
N ASN NB 252 -143.99 -7.32 10.56
CA ASN NB 252 -144.33 -8.33 9.57
C ASN NB 252 -144.38 -7.72 8.19
N GLY NB 253 -144.56 -8.57 7.18
CA GLY NB 253 -144.65 -8.11 5.81
C GLY NB 253 -146.10 -7.87 5.42
N LEU NB 254 -146.30 -6.83 4.61
CA LEU NB 254 -147.63 -6.47 4.13
C LEU NB 254 -147.82 -6.80 2.66
N ARG NB 255 -146.73 -7.02 1.92
CA ARG NB 255 -146.74 -7.35 0.51
C ARG NB 255 -147.05 -8.82 0.29
N LEU NB 256 -147.45 -9.15 -0.93
CA LEU NB 256 -147.63 -10.55 -1.30
C LEU NB 256 -146.26 -11.18 -1.57
N ALA NB 257 -146.26 -12.51 -1.71
CA ALA NB 257 -145.04 -13.23 -2.04
C ALA NB 257 -145.15 -13.85 -3.43
N GLY OB 1 -135.93 -67.40 26.16
CA GLY OB 1 -134.97 -66.41 25.74
C GLY OB 1 -133.88 -66.15 26.77
N VAL OB 2 -133.65 -64.88 27.09
CA VAL OB 2 -132.60 -64.48 28.02
C VAL OB 2 -133.06 -64.75 29.45
N PRO OB 3 -132.36 -65.57 30.22
CA PRO OB 3 -132.77 -65.80 31.61
C PRO OB 3 -132.49 -64.58 32.48
N VAL OB 4 -133.54 -63.90 32.91
CA VAL OB 4 -133.42 -62.75 33.78
C VAL OB 4 -134.02 -63.12 35.13
N LEU OB 5 -133.63 -62.38 36.17
CA LEU OB 5 -134.24 -62.54 37.48
C LEU OB 5 -134.41 -61.16 38.12
N ASN OB 6 -135.61 -60.89 38.59
CA ASN OB 6 -135.93 -59.59 39.17
C ASN OB 6 -135.32 -59.46 40.56
N THR OB 7 -134.59 -58.36 40.75
CA THR OB 7 -133.97 -58.05 42.02
C THR OB 7 -135.00 -57.44 42.96
N PRO OB 8 -134.68 -57.31 44.25
CA PRO OB 8 -135.50 -56.45 45.11
C PRO OB 8 -135.45 -55.01 44.59
N GLY OB 9 -136.61 -54.38 44.54
CA GLY OB 9 -136.75 -53.08 43.92
C GLY OB 9 -137.36 -53.08 42.54
N SER OB 10 -137.86 -54.23 42.07
CA SER OB 10 -138.58 -54.30 40.81
C SER OB 10 -140.05 -53.96 41.06
N ASN OB 11 -140.68 -53.37 40.05
CA ASN OB 11 -142.10 -53.01 40.10
C ASN OB 11 -142.41 -52.08 41.26
N GLN OB 12 -141.44 -51.26 41.67
CA GLN OB 12 -141.67 -50.23 42.67
C GLN OB 12 -141.60 -48.88 41.98
N PHE OB 13 -142.03 -47.86 42.72
CA PHE OB 13 -141.98 -46.48 42.21
C PHE OB 13 -141.17 -45.65 43.19
N LEU OB 14 -139.86 -45.57 42.96
CA LEU OB 14 -139.00 -44.63 43.66
C LEU OB 14 -139.24 -43.25 43.07
N THR OB 15 -139.52 -42.27 43.93
CA THR OB 15 -139.89 -40.94 43.46
C THR OB 15 -138.73 -40.28 42.73
N SER OB 16 -137.51 -40.46 43.24
CA SER OB 16 -136.31 -39.87 42.64
C SER OB 16 -135.57 -40.93 41.83
N ASP OB 17 -136.03 -41.14 40.60
CA ASP OB 17 -135.33 -41.99 39.65
C ASP OB 17 -135.18 -41.24 38.32
N ASP OB 18 -134.32 -41.76 37.46
CA ASP OB 18 -133.99 -41.12 36.19
C ASP OB 18 -134.10 -42.13 35.05
N TYR OB 19 -135.22 -42.81 34.99
CA TYR OB 19 -135.45 -43.85 33.98
C TYR OB 19 -136.02 -43.24 32.70
N GLN OB 20 -135.93 -44.01 31.61
CA GLN OB 20 -136.40 -43.57 30.31
C GLN OB 20 -137.92 -43.70 30.27
N SER OB 21 -138.61 -42.57 30.36
CA SER OB 21 -140.07 -42.59 30.33
C SER OB 21 -140.54 -42.84 28.91
N PRO OB 22 -141.48 -43.76 28.70
CA PRO OB 22 -142.02 -43.98 27.34
C PRO OB 22 -142.85 -42.78 26.90
N SER OB 23 -142.46 -42.17 25.79
CA SER OB 23 -143.06 -40.92 25.35
C SER OB 23 -144.45 -41.17 24.80
N ALA OB 24 -145.41 -40.35 25.22
CA ALA OB 24 -146.80 -40.54 24.81
C ALA OB 24 -147.05 -40.06 23.39
N MET OB 25 -146.27 -39.09 22.92
CA MET OB 25 -146.46 -38.52 21.59
C MET OB 25 -145.16 -38.70 20.82
N PRO OB 26 -144.94 -39.88 20.23
CA PRO OB 26 -143.65 -40.17 19.59
C PRO OB 26 -143.53 -39.51 18.22
N GLN OB 27 -144.65 -39.49 17.50
CA GLN OB 27 -144.67 -38.84 16.20
C GLN OB 27 -144.41 -37.34 16.32
N PHE OB 28 -144.88 -36.76 17.42
CA PHE OB 28 -144.83 -35.32 17.64
C PHE OB 28 -143.39 -34.82 17.67
N ASP OB 29 -143.09 -33.81 16.85
CA ASP OB 29 -141.78 -33.15 16.85
C ASP OB 29 -141.93 -31.74 17.44
N GLU OB 30 -141.21 -31.50 18.53
CA GLU OB 30 -141.34 -30.29 19.32
C GLU OB 30 -140.76 -29.06 18.60
N THR OB 31 -141.16 -27.89 19.08
CA THR OB 31 -140.79 -26.62 18.46
C THR OB 31 -139.29 -26.38 18.55
N PRO OB 32 -138.66 -25.88 17.49
CA PRO OB 32 -137.21 -25.61 17.56
C PRO OB 32 -136.89 -24.53 18.59
N GLU OB 33 -135.74 -24.70 19.24
CA GLU OB 33 -135.33 -23.81 20.32
C GLU OB 33 -134.67 -22.56 19.73
N MET OB 34 -135.32 -21.42 19.90
CA MET OB 34 -134.68 -20.16 19.54
C MET OB 34 -133.79 -19.70 20.69
N HIS OB 35 -132.92 -18.73 20.40
CA HIS OB 35 -132.08 -18.14 21.43
C HIS OB 35 -132.87 -17.06 22.16
N ILE OB 36 -133.12 -17.27 23.44
CA ILE OB 36 -133.78 -16.29 24.31
C ILE OB 36 -132.72 -15.69 25.22
N PRO OB 37 -132.66 -14.37 25.36
CA PRO OB 37 -131.59 -13.76 26.17
C PRO OB 37 -131.75 -14.07 27.65
N GLY OB 38 -130.61 -14.26 28.32
CA GLY OB 38 -130.60 -14.39 29.77
C GLY OB 38 -130.89 -15.78 30.28
N GLU OB 39 -130.08 -16.75 29.85
CA GLU OB 39 -130.28 -18.12 30.30
C GLU OB 39 -129.63 -18.34 31.66
N VAL OB 40 -130.32 -19.08 32.51
CA VAL OB 40 -129.77 -19.52 33.79
C VAL OB 40 -129.38 -20.98 33.65
N ARG OB 41 -128.14 -21.30 34.00
CA ARG OB 41 -127.62 -22.66 33.92
C ARG OB 41 -127.23 -23.18 35.29
N ASN OB 42 -127.41 -22.37 36.34
CA ASN OB 42 -127.00 -22.71 37.69
C ASN OB 42 -127.66 -21.71 38.64
N LEU OB 43 -128.18 -22.21 39.76
CA LEU OB 43 -128.90 -21.35 40.69
C LEU OB 43 -127.98 -20.31 41.32
N MET OB 44 -126.74 -20.69 41.62
CA MET OB 44 -125.81 -19.76 42.25
C MET OB 44 -125.42 -18.58 41.37
N GLU OB 45 -125.97 -18.49 40.16
CA GLU OB 45 -125.89 -17.27 39.38
C GLU OB 45 -126.89 -16.22 39.85
N ILE OB 46 -127.88 -16.62 40.63
CA ILE OB 46 -128.81 -15.67 41.23
C ILE OB 46 -128.25 -15.11 42.54
N ALA OB 47 -127.52 -15.94 43.28
CA ALA OB 47 -126.94 -15.49 44.54
C ALA OB 47 -125.81 -14.48 44.34
N GLU OB 48 -125.18 -14.49 43.18
CA GLU OB 48 -124.07 -13.57 42.90
C GLU OB 48 -124.54 -12.17 42.51
N VAL OB 49 -125.84 -11.93 42.44
CA VAL OB 49 -126.37 -10.61 42.11
C VAL OB 49 -126.58 -9.83 43.40
N ASP OB 50 -126.03 -8.61 43.44
CA ASP OB 50 -126.25 -7.74 44.58
C ASP OB 50 -127.73 -7.38 44.68
N SER OB 51 -128.18 -7.19 45.92
CA SER OB 51 -129.55 -6.75 46.16
C SER OB 51 -129.59 -6.06 47.52
N VAL OB 52 -130.55 -5.14 47.67
CA VAL OB 52 -130.55 -4.24 48.82
C VAL OB 52 -131.01 -5.01 50.05
N VAL OB 53 -130.35 -4.78 51.16
CA VAL OB 53 -130.52 -5.54 52.39
C VAL OB 53 -131.29 -4.67 53.38
N PRO OB 54 -132.45 -5.09 53.88
CA PRO OB 54 -133.23 -4.29 54.84
C PRO OB 54 -132.62 -4.31 56.23
N VAL OB 55 -131.64 -3.44 56.45
CA VAL OB 55 -130.96 -3.39 57.74
C VAL OB 55 -131.85 -2.71 58.79
N ASN OB 56 -132.58 -1.67 58.38
CA ASN OB 56 -133.44 -0.92 59.31
C ASN OB 56 -134.85 -1.53 59.34
N ASN OB 57 -134.90 -2.83 59.65
CA ASN OB 57 -136.17 -3.56 59.71
C ASN OB 57 -136.76 -3.55 61.12
N VAL OB 58 -136.88 -2.37 61.71
CA VAL OB 58 -137.44 -2.24 63.06
C VAL OB 58 -138.96 -2.40 62.99
N THR OB 59 -139.61 -2.43 64.15
CA THR OB 59 -140.95 -2.99 64.29
C THR OB 59 -142.00 -2.28 63.44
N GLY OB 60 -141.76 -1.05 63.02
CA GLY OB 60 -142.79 -0.31 62.29
C GLY OB 60 -142.38 0.15 60.92
N LYS OB 61 -141.24 -0.34 60.43
CA LYS OB 61 -140.63 0.18 59.21
C LYS OB 61 -140.30 -0.95 58.24
N THR OB 62 -141.12 -2.01 58.22
CA THR OB 62 -140.86 -3.15 57.35
C THR OB 62 -141.84 -3.28 56.19
N LYS OB 63 -142.98 -2.60 56.24
CA LYS OB 63 -143.90 -2.58 55.11
C LYS OB 63 -143.72 -1.35 54.23
N SER OB 64 -142.77 -0.48 54.55
CA SER OB 64 -142.37 0.65 53.72
C SER OB 64 -140.95 0.42 53.23
N MET OB 65 -140.46 1.36 52.42
CA MET OB 65 -139.08 1.33 51.96
C MET OB 65 -138.13 2.06 52.90
N ASP OB 66 -138.55 2.29 54.14
CA ASP OB 66 -137.63 2.74 55.17
C ASP OB 66 -136.86 1.58 55.80
N ALA OB 67 -137.17 0.34 55.40
CA ALA OB 67 -136.41 -0.81 55.88
C ALA OB 67 -135.01 -0.84 55.29
N TYR OB 68 -134.84 -0.32 54.07
CA TYR OB 68 -133.58 -0.41 53.36
C TYR OB 68 -132.62 0.73 53.70
N GLN OB 69 -133.08 1.74 54.41
CA GLN OB 69 -132.35 2.99 54.60
C GLN OB 69 -131.75 3.01 56.00
N ILE OB 70 -130.43 3.13 56.07
CA ILE OB 70 -129.72 3.24 57.36
C ILE OB 70 -129.54 4.72 57.65
N PRO OB 71 -130.20 5.27 58.67
CA PRO OB 71 -130.10 6.72 58.91
C PRO OB 71 -128.74 7.08 59.50
N VAL OB 72 -128.09 8.07 58.89
CA VAL OB 72 -126.79 8.56 59.33
C VAL OB 72 -126.90 10.07 59.51
N GLY OB 73 -126.70 10.54 60.73
CA GLY OB 73 -126.83 11.95 61.04
C GLY OB 73 -128.24 12.33 61.48
N ASP OB 78 -125.12 11.15 68.81
CA ASP OB 78 -124.63 10.14 69.74
C ASP OB 78 -123.59 9.24 69.07
N LYS OB 79 -122.34 9.34 69.52
CA LYS OB 79 -121.25 8.54 68.98
C LYS OB 79 -120.91 7.35 69.85
N THR OB 80 -121.71 7.07 70.89
CA THR OB 80 -121.41 6.01 71.84
C THR OB 80 -122.06 4.68 71.48
N LYS OB 81 -123.13 4.70 70.68
CA LYS OB 81 -123.78 3.47 70.25
C LYS OB 81 -123.67 3.32 68.75
N PRO OB 82 -123.53 2.10 68.24
CA PRO OB 82 -123.25 1.92 66.82
C PRO OB 82 -124.46 2.29 65.96
N ILE OB 83 -124.17 2.52 64.67
CA ILE OB 83 -125.23 2.90 63.74
C ILE OB 83 -126.14 1.71 63.47
N PHE OB 84 -125.56 0.58 63.08
CA PHE OB 84 -126.32 -0.64 62.87
C PHE OB 84 -125.44 -1.83 63.23
N SER OB 85 -126.08 -2.99 63.34
CA SER OB 85 -125.40 -4.22 63.73
C SER OB 85 -126.32 -5.41 63.43
N PHE OB 86 -125.79 -6.47 62.83
CA PHE OB 86 -126.61 -7.63 62.53
C PHE OB 86 -125.75 -8.87 62.42
N GLN OB 87 -126.38 -10.02 62.70
CA GLN OB 87 -125.76 -11.32 62.47
C GLN OB 87 -125.35 -11.47 61.02
N MET OB 88 -124.20 -12.11 60.80
CA MET OB 88 -123.71 -12.36 59.44
C MET OB 88 -123.95 -13.82 59.09
N ASP OB 89 -125.21 -14.14 58.80
CA ASP OB 89 -125.57 -15.46 58.29
C ASP OB 89 -126.87 -15.36 57.49
N PRO OB 90 -126.85 -15.69 56.20
CA PRO OB 90 -128.05 -15.50 55.36
C PRO OB 90 -129.22 -16.38 55.74
N GLY OB 91 -129.02 -17.40 56.57
CA GLY OB 91 -130.12 -18.18 57.12
C GLY OB 91 -130.35 -17.82 58.57
N TYR OB 92 -131.61 -17.88 59.00
CA TYR OB 92 -131.99 -17.63 60.39
C TYR OB 92 -131.54 -16.26 60.87
N SER OB 93 -131.53 -15.27 59.98
CA SER OB 93 -131.23 -13.89 60.35
C SER OB 93 -132.22 -12.97 59.67
N SER OB 94 -132.89 -12.12 60.45
CA SER OB 94 -133.98 -11.32 59.92
C SER OB 94 -133.51 -10.36 58.85
N VAL OB 95 -132.24 -9.95 58.88
CA VAL OB 95 -131.75 -8.95 57.94
C VAL OB 95 -131.40 -9.59 56.60
N LEU OB 96 -130.80 -10.79 56.61
CA LEU OB 96 -130.24 -11.39 55.40
C LEU OB 96 -131.00 -12.62 54.93
N LYS OB 97 -132.22 -12.84 55.40
CA LYS OB 97 -132.94 -14.05 55.06
C LYS OB 97 -133.84 -13.91 53.84
N ARG OB 98 -134.20 -12.68 53.46
CA ARG OB 98 -135.04 -12.47 52.29
C ARG OB 98 -134.28 -11.79 51.16
N THR OB 99 -132.96 -11.73 51.27
CA THR OB 99 -132.09 -11.31 50.18
C THR OB 99 -132.06 -12.38 49.10
N LEU OB 100 -131.69 -11.98 47.88
CA LEU OB 100 -131.46 -12.96 46.82
C LEU OB 100 -130.42 -13.99 47.26
N LEU OB 101 -129.38 -13.54 47.97
CA LEU OB 101 -128.46 -14.48 48.59
C LEU OB 101 -129.18 -15.35 49.62
N GLY OB 102 -129.87 -14.72 50.57
CA GLY OB 102 -130.46 -15.46 51.66
C GLY OB 102 -131.69 -16.25 51.30
N GLU OB 103 -132.24 -16.05 50.11
CA GLU OB 103 -133.45 -16.76 49.70
C GLU OB 103 -133.14 -17.97 48.83
N MET OB 104 -132.03 -17.96 48.11
CA MET OB 104 -131.63 -19.13 47.36
C MET OB 104 -130.84 -20.10 48.23
N LEU OB 105 -130.53 -19.69 49.46
CA LEU OB 105 -129.87 -20.52 50.47
C LEU OB 105 -130.84 -21.19 51.42
N ASN OB 106 -132.12 -20.81 51.43
CA ASN OB 106 -133.11 -21.51 52.24
C ASN OB 106 -133.71 -22.70 51.52
N TYR OB 107 -133.40 -22.88 50.24
CA TYR OB 107 -133.71 -24.11 49.53
C TYR OB 107 -132.75 -25.23 49.85
N TYR OB 108 -131.75 -25.00 50.69
CA TYR OB 108 -130.69 -25.97 50.92
C TYR OB 108 -130.37 -26.04 52.40
N ALA OB 109 -129.90 -27.22 52.82
CA ALA OB 109 -129.54 -27.45 54.21
C ALA OB 109 -128.05 -27.26 54.47
N HIS OB 110 -127.18 -27.72 53.57
CA HIS OB 110 -125.75 -27.56 53.71
C HIS OB 110 -125.27 -26.53 52.70
N TRP OB 111 -124.76 -25.41 53.19
CA TRP OB 111 -124.16 -24.42 52.32
C TRP OB 111 -122.97 -23.79 53.04
N SER OB 112 -121.96 -23.39 52.26
CA SER OB 112 -120.73 -22.85 52.82
C SER OB 112 -120.06 -21.99 51.76
N GLY OB 113 -119.61 -20.81 52.18
CA GLY OB 113 -118.94 -19.91 51.26
C GLY OB 113 -118.73 -18.56 51.93
N SER OB 114 -118.41 -17.58 51.09
CA SER OB 114 -118.20 -16.22 51.55
C SER OB 114 -119.27 -15.31 50.98
N VAL OB 115 -119.34 -14.10 51.54
CA VAL OB 115 -120.39 -13.14 51.23
C VAL OB 115 -119.80 -11.75 51.28
N LYS OB 116 -120.02 -10.97 50.22
CA LYS OB 116 -119.50 -9.62 50.12
C LYS OB 116 -120.62 -8.61 50.37
N LEU OB 117 -120.26 -7.50 51.01
CA LEU OB 117 -121.22 -6.46 51.37
C LEU OB 117 -120.75 -5.13 50.81
N THR OB 118 -121.65 -4.42 50.15
CA THR OB 118 -121.37 -3.11 49.60
C THR OB 118 -122.20 -2.07 50.33
N PHE OB 119 -121.56 -1.02 50.82
CA PHE OB 119 -122.23 0.06 51.55
C PHE OB 119 -122.22 1.30 50.66
N LEU OB 120 -123.35 1.55 50.02
CA LEU OB 120 -123.51 2.72 49.16
C LEU OB 120 -124.02 3.89 49.99
N PHE OB 121 -123.20 4.93 50.13
CA PHE OB 121 -123.61 6.13 50.85
C PHE OB 121 -124.46 6.99 49.94
N CYS OB 122 -125.74 7.15 50.28
CA CYS OB 122 -126.69 7.89 49.47
C CYS OB 122 -126.96 9.28 50.03
N GLY OB 123 -125.92 9.96 50.51
CA GLY OB 123 -126.03 11.32 50.98
C GLY OB 123 -125.67 12.33 49.90
N SER OB 124 -125.39 13.55 50.33
CA SER OB 124 -125.10 14.62 49.39
C SER OB 124 -123.70 14.44 48.82
N ALA OB 125 -123.41 15.20 47.77
CA ALA OB 125 -122.07 15.22 47.20
C ALA OB 125 -121.14 16.15 47.96
N MET OB 126 -121.65 16.84 48.98
CA MET OB 126 -120.86 17.74 49.81
C MET OB 126 -120.70 17.26 51.24
N ALA OB 127 -121.46 16.24 51.66
CA ALA OB 127 -121.35 15.73 53.01
C ALA OB 127 -120.09 14.89 53.15
N THR OB 128 -119.39 15.05 54.26
CA THR OB 128 -118.11 14.39 54.45
C THR OB 128 -117.99 13.92 55.89
N GLY OB 129 -117.62 12.66 56.06
CA GLY OB 129 -117.43 12.10 57.38
C GLY OB 129 -116.73 10.76 57.27
N LYS OB 130 -116.54 10.13 58.43
CA LYS OB 130 -115.92 8.81 58.48
C LYS OB 130 -116.80 7.85 59.26
N LEU OB 131 -116.86 6.62 58.77
CA LEU OB 131 -117.56 5.52 59.40
C LEU OB 131 -116.59 4.36 59.56
N LEU OB 132 -116.70 3.64 60.68
CA LEU OB 132 -115.78 2.56 61.00
C LEU OB 132 -116.57 1.26 61.02
N ILE OB 133 -116.32 0.41 60.04
CA ILE OB 133 -117.08 -0.81 59.83
C ILE OB 133 -116.26 -1.96 60.39
N SER OB 134 -116.70 -2.49 61.53
CA SER OB 134 -115.97 -3.53 62.24
C SER OB 134 -116.60 -4.90 61.96
N TYR OB 135 -115.76 -5.93 61.97
CA TYR OB 135 -116.19 -7.30 61.74
C TYR OB 135 -115.76 -8.17 62.91
N SER OB 136 -116.73 -8.88 63.48
CA SER OB 136 -116.29 -9.78 64.53
C SER OB 136 -116.26 -11.22 64.02
N PRO OB 137 -115.25 -11.99 64.40
CA PRO OB 137 -115.20 -13.40 64.03
C PRO OB 137 -116.36 -14.16 64.64
N PRO OB 138 -116.70 -15.35 64.12
CA PRO OB 138 -117.93 -16.00 64.55
C PRO OB 138 -117.96 -16.41 66.02
N GLY OB 139 -116.81 -16.52 66.67
CA GLY OB 139 -116.79 -16.87 68.09
C GLY OB 139 -116.74 -15.67 69.00
N ALA OB 140 -116.25 -14.54 68.49
CA ALA OB 140 -115.97 -13.40 69.33
C ALA OB 140 -117.26 -12.68 69.72
N SER OB 141 -117.15 -11.84 70.75
CA SER OB 141 -118.25 -11.01 71.21
C SER OB 141 -118.23 -9.68 70.48
N VAL OB 142 -119.37 -9.00 70.47
CA VAL OB 142 -119.51 -7.75 69.75
C VAL OB 142 -118.71 -6.67 70.47
N PRO OB 143 -118.19 -5.68 69.76
CA PRO OB 143 -117.55 -4.55 70.44
C PRO OB 143 -118.62 -3.66 71.09
N THR OB 144 -118.41 -3.33 72.36
CA THR OB 144 -119.34 -2.46 73.07
C THR OB 144 -119.02 -0.99 72.90
N SER OB 145 -117.81 -0.66 72.44
CA SER OB 145 -117.36 0.71 72.26
C SER OB 145 -116.72 0.84 70.90
N ARG OB 146 -116.41 2.08 70.52
CA ARG OB 146 -115.77 2.30 69.23
C ARG OB 146 -114.30 1.92 69.27
N LYS OB 147 -113.64 2.15 70.41
CA LYS OB 147 -112.23 1.79 70.53
C LYS OB 147 -112.04 0.28 70.46
N ASP OB 148 -112.92 -0.48 71.12
CA ASP OB 148 -112.82 -1.93 71.08
C ASP OB 148 -113.13 -2.50 69.70
N ALA OB 149 -113.92 -1.78 68.90
CA ALA OB 149 -114.11 -2.14 67.51
C ALA OB 149 -112.90 -1.78 66.66
N MET OB 150 -112.17 -0.73 67.05
CA MET OB 150 -110.98 -0.33 66.29
C MET OB 150 -109.83 -1.31 66.50
N LEU OB 151 -109.78 -1.96 67.67
CA LEU OB 151 -108.70 -2.89 67.97
C LEU OB 151 -108.87 -4.23 67.27
N GLY OB 152 -110.06 -4.52 66.76
CA GLY OB 152 -110.29 -5.72 65.99
C GLY OB 152 -110.11 -5.49 64.50
N THR OB 153 -110.94 -6.13 63.68
CA THR OB 153 -110.93 -5.91 62.25
C THR OB 153 -111.89 -4.79 61.90
N HIS OB 154 -111.43 -3.84 61.08
CA HIS OB 154 -112.25 -2.70 60.73
C HIS OB 154 -111.74 -2.10 59.42
N ILE OB 155 -112.51 -1.17 58.88
CA ILE OB 155 -112.10 -0.36 57.73
C ILE OB 155 -112.68 1.04 57.94
N VAL OB 156 -111.80 2.01 58.17
CA VAL OB 156 -112.23 3.39 58.37
C VAL OB 156 -112.60 3.95 57.00
N TRP OB 157 -113.90 3.96 56.70
CA TRP OB 157 -114.41 4.25 55.37
C TRP OB 157 -114.69 5.75 55.25
N ASP OB 158 -113.77 6.47 54.59
CA ASP OB 158 -113.96 7.89 54.35
C ASP OB 158 -115.03 8.11 53.30
N ILE OB 159 -116.10 8.80 53.69
CA ILE OB 159 -117.24 9.01 52.80
C ILE OB 159 -116.92 10.07 51.75
N GLY OB 160 -116.16 11.09 52.12
CA GLY OB 160 -115.90 12.19 51.20
C GLY OB 160 -115.03 11.82 50.02
N LEU OB 161 -114.25 10.75 50.14
CA LEU OB 161 -113.40 10.30 49.04
C LEU OB 161 -114.13 9.28 48.17
N GLN OB 162 -114.47 8.12 48.74
CA GLN OB 162 -115.23 7.09 48.07
C GLN OB 162 -116.60 6.97 48.73
N SER OB 163 -117.59 6.60 47.92
CA SER OB 163 -118.97 6.50 48.38
C SER OB 163 -119.49 5.06 48.39
N SER OB 164 -118.60 4.08 48.28
CA SER OB 164 -119.01 2.69 48.22
C SER OB 164 -117.85 1.83 48.70
N CYS OB 165 -118.01 1.20 49.86
CA CYS OB 165 -116.96 0.36 50.45
C CYS OB 165 -117.43 -1.08 50.45
N VAL OB 166 -116.57 -1.98 49.96
CA VAL OB 166 -116.92 -3.37 49.72
C VAL OB 166 -116.15 -4.25 50.70
N LEU OB 167 -116.86 -5.17 51.34
CA LEU OB 167 -116.27 -6.16 52.21
C LEU OB 167 -116.29 -7.53 51.52
N CYS OB 168 -115.76 -8.53 52.22
CA CYS OB 168 -115.91 -9.92 51.79
C CYS OB 168 -115.75 -10.78 53.06
N VAL OB 169 -116.87 -11.24 53.60
CA VAL OB 169 -116.90 -11.90 54.90
C VAL OB 169 -116.76 -13.40 54.67
N PRO OB 170 -115.70 -14.04 55.16
CA PRO OB 170 -115.54 -15.49 54.98
C PRO OB 170 -116.14 -16.29 56.13
N TRP OB 171 -115.99 -17.62 56.07
CA TRP OB 171 -116.44 -18.52 57.13
C TRP OB 171 -117.94 -18.38 57.39
N ILE OB 172 -118.72 -18.49 56.32
CA ILE OB 172 -120.18 -18.35 56.40
C ILE OB 172 -120.78 -19.68 55.96
N SER OB 173 -121.31 -20.44 56.91
CA SER OB 173 -121.82 -21.77 56.61
C SER OB 173 -122.76 -22.20 57.73
N GLN OB 174 -123.70 -23.07 57.38
CA GLN OB 174 -124.48 -23.82 58.36
C GLN OB 174 -124.73 -25.22 57.81
N SER OB 175 -125.23 -26.09 58.68
CA SER OB 175 -125.42 -27.49 58.34
C SER OB 175 -126.45 -28.15 59.26
N SER OB 187 -124.48 -18.50 66.07
CA SER OB 187 -123.12 -18.12 66.46
C SER OB 187 -122.30 -17.76 65.24
N ALA OB 188 -122.58 -16.60 64.65
CA ALA OB 188 -121.90 -16.14 63.45
C ALA OB 188 -121.28 -14.77 63.69
N GLY OB 189 -120.79 -14.16 62.61
CA GLY OB 189 -120.09 -12.91 62.70
C GLY OB 189 -121.01 -11.72 62.94
N TYR OB 190 -120.40 -10.54 62.88
CA TYR OB 190 -121.11 -9.29 63.11
C TYR OB 190 -120.53 -8.21 62.22
N ILE OB 191 -121.40 -7.42 61.62
CA ILE OB 191 -121.00 -6.24 60.84
C ILE OB 191 -121.61 -5.05 61.55
N THR OB 192 -120.87 -4.48 62.50
CA THR OB 192 -121.28 -3.24 63.15
C THR OB 192 -120.69 -2.06 62.40
N CYS OB 193 -121.21 -0.87 62.71
CA CYS OB 193 -120.73 0.34 62.05
C CYS OB 193 -120.81 1.49 63.05
N TRP OB 194 -119.77 2.33 63.04
CA TRP OB 194 -119.53 3.28 64.10
C TRP OB 194 -119.29 4.67 63.52
N TYR OB 195 -119.62 5.69 64.31
CA TYR OB 195 -119.25 7.07 63.97
C TYR OB 195 -117.80 7.26 64.35
N GLN OB 196 -116.91 7.21 63.36
CA GLN OB 196 -115.56 7.73 63.59
C GLN OB 196 -115.59 9.24 63.72
N THR OB 197 -116.18 9.91 62.73
CA THR OB 197 -116.46 11.33 62.78
C THR OB 197 -117.93 11.55 62.43
N ASN OB 198 -118.44 12.72 62.80
CA ASN OB 198 -119.78 13.09 62.38
C ASN OB 198 -119.78 13.48 60.90
N ILE OB 199 -120.98 13.65 60.35
CA ILE OB 199 -121.13 14.05 58.95
C ILE OB 199 -120.97 15.55 58.87
N VAL OB 200 -119.90 16.00 58.23
CA VAL OB 200 -119.61 17.43 58.09
C VAL OB 200 -120.25 17.91 56.80
N VAL OB 201 -121.00 19.00 56.88
CA VAL OB 201 -121.89 19.41 55.80
C VAL OB 201 -121.87 20.92 55.66
N PRO OB 202 -121.83 21.45 54.43
CA PRO OB 202 -121.88 22.90 54.25
C PRO OB 202 -123.26 23.45 54.54
N PRO OB 203 -123.43 24.77 54.56
CA PRO OB 203 -124.74 25.33 54.92
C PRO OB 203 -125.87 24.98 53.96
N GLY OB 204 -125.58 24.63 52.71
CA GLY OB 204 -126.63 24.36 51.75
C GLY OB 204 -127.15 22.94 51.75
N ALA OB 205 -126.29 21.97 52.04
CA ALA OB 205 -126.68 20.57 51.92
C ALA OB 205 -127.40 20.11 53.18
N PRO OB 206 -128.28 19.11 53.06
CA PRO OB 206 -128.99 18.61 54.24
C PRO OB 206 -128.08 17.84 55.18
N THR OB 207 -128.53 17.71 56.42
CA THR OB 207 -127.71 17.18 57.51
C THR OB 207 -127.81 15.67 57.66
N SER OB 208 -128.98 15.10 57.39
CA SER OB 208 -129.22 13.68 57.62
C SER OB 208 -129.18 12.92 56.29
N CYS OB 209 -128.41 11.85 56.27
CA CYS OB 209 -128.17 11.07 55.06
C CYS OB 209 -128.57 9.61 55.29
N ASP OB 210 -128.48 8.82 54.22
CA ASP OB 210 -128.81 7.40 54.27
C ASP OB 210 -127.67 6.59 53.69
N VAL OB 211 -127.58 5.33 54.14
CA VAL OB 211 -126.60 4.37 53.64
C VAL OB 211 -127.34 3.11 53.25
N LEU OB 212 -127.26 2.73 51.99
CA LEU OB 212 -127.81 1.46 51.53
C LEU OB 212 -126.76 0.36 51.65
N CYS OB 213 -127.23 -0.87 51.82
CA CYS OB 213 -126.37 -2.02 51.91
C CYS OB 213 -126.73 -3.03 50.83
N PHE OB 214 -125.78 -3.90 50.52
CA PHE OB 214 -125.94 -4.92 49.49
C PHE OB 214 -125.30 -6.20 49.96
N ALA OB 215 -125.66 -7.31 49.31
CA ALA OB 215 -125.10 -8.61 49.69
C ALA OB 215 -125.20 -9.56 48.50
N SER OB 216 -124.13 -10.33 48.29
CA SER OB 216 -124.10 -11.38 47.29
C SER OB 216 -123.04 -12.41 47.70
N ALA OB 217 -122.74 -13.34 46.80
CA ALA OB 217 -121.65 -14.29 47.01
C ALA OB 217 -120.35 -13.68 46.52
N CYS OB 218 -119.30 -13.79 47.33
CA CYS OB 218 -118.10 -12.99 47.09
C CYS OB 218 -117.32 -13.49 45.89
N ASN OB 219 -116.84 -14.74 45.96
CA ASN OB 219 -116.12 -15.35 44.84
C ASN OB 219 -116.87 -16.55 44.28
N ASP OB 220 -117.16 -17.55 45.12
CA ASP OB 220 -117.86 -18.75 44.72
C ASP OB 220 -118.51 -19.34 45.95
N PHE OB 221 -119.63 -20.02 45.78
CA PHE OB 221 -120.45 -20.42 46.90
C PHE OB 221 -120.77 -21.90 46.76
N SER OB 222 -120.69 -22.62 47.88
CA SER OB 222 -120.90 -24.06 47.90
C SER OB 222 -122.18 -24.38 48.65
N VAL OB 223 -122.95 -25.33 48.13
CA VAL OB 223 -124.29 -25.58 48.61
C VAL OB 223 -124.71 -26.99 48.19
N ARG OB 224 -125.25 -27.79 49.14
CA ARG OB 224 -125.35 -29.22 48.91
C ARG OB 224 -126.78 -29.76 48.92
N LEU OB 225 -127.51 -29.67 50.03
CA LEU OB 225 -128.64 -30.57 50.28
C LEU OB 225 -129.95 -29.83 50.11
N LEU OB 226 -130.67 -30.13 49.03
CA LEU OB 226 -131.91 -29.42 48.71
C LEU OB 226 -133.02 -29.82 49.68
N ARG OB 227 -133.85 -28.84 50.04
CA ARG OB 227 -134.99 -29.06 50.91
C ARG OB 227 -136.12 -28.12 50.48
N ASP OB 228 -137.26 -28.23 51.16
CA ASP OB 228 -138.37 -27.31 50.96
C ASP OB 228 -138.17 -26.04 51.77
N THR OB 229 -138.59 -24.91 51.21
CA THR OB 229 -138.39 -23.64 51.89
C THR OB 229 -139.37 -23.49 53.06
N PRO OB 230 -138.96 -22.79 54.12
CA PRO OB 230 -139.86 -22.61 55.28
C PRO OB 230 -140.90 -21.53 55.09
N PHE OB 231 -140.65 -20.55 54.22
CA PHE OB 231 -141.52 -19.37 54.12
C PHE OB 231 -142.92 -19.75 53.65
N MET OB 232 -143.04 -20.51 52.56
CA MET OB 232 -144.34 -20.92 52.08
C MET OB 232 -145.03 -21.81 53.11
N ALA OB 233 -146.35 -21.65 53.22
CA ALA OB 233 -147.12 -22.40 54.20
C ALA OB 233 -148.01 -23.42 53.51
N GLN PB 43 109.12 -18.20 -67.24
CA GLN PB 43 107.74 -18.48 -66.89
C GLN PB 43 107.56 -18.56 -65.37
N THR PB 44 106.30 -18.50 -64.92
CA THR PB 44 105.99 -18.56 -63.50
C THR PB 44 104.78 -19.46 -63.30
N ARG PB 45 104.68 -20.02 -62.10
CA ARG PB 45 103.61 -20.95 -61.76
C ARG PB 45 102.36 -20.14 -61.42
N HIS PB 46 101.36 -20.20 -62.30
CA HIS PB 46 100.12 -19.45 -62.12
C HIS PB 46 99.02 -20.37 -61.61
N VAL PB 47 97.93 -19.76 -61.18
CA VAL PB 47 96.74 -20.50 -60.77
C VAL PB 47 96.01 -20.91 -62.04
N VAL PB 48 96.25 -22.14 -62.49
CA VAL PB 48 95.63 -22.67 -63.70
C VAL PB 48 94.30 -23.25 -63.24
N ASN PB 49 93.29 -22.39 -63.12
CA ASN PB 49 91.99 -22.77 -62.57
C ASN PB 49 90.99 -22.91 -63.71
N PHE PB 50 90.60 -24.15 -63.98
CA PHE PB 50 89.52 -24.48 -64.89
C PHE PB 50 89.31 -25.99 -64.77
N HIS PB 51 88.20 -26.47 -65.33
CA HIS PB 51 87.83 -27.88 -65.22
C HIS PB 51 87.30 -28.32 -66.59
N SER PB 52 88.14 -28.98 -67.37
CA SER PB 52 87.77 -29.37 -68.72
C SER PB 52 88.58 -30.58 -69.14
N ARG PB 53 87.90 -31.54 -69.79
CA ARG PB 53 88.56 -32.67 -70.42
C ARG PB 53 87.99 -32.91 -71.82
N SER PB 54 87.53 -31.85 -72.47
CA SER PB 54 87.03 -31.97 -73.85
C SER PB 54 88.18 -32.12 -74.84
N GLU PB 55 89.36 -31.63 -74.49
CA GLU PB 55 90.53 -31.74 -75.35
C GLU PB 55 91.25 -33.06 -75.15
N SER PB 56 90.80 -33.89 -74.20
CA SER PB 56 91.44 -35.16 -73.92
C SER PB 56 90.64 -36.33 -74.46
N THR PB 57 89.53 -36.08 -75.13
CA THR PB 57 88.80 -37.17 -75.75
C THR PB 57 89.58 -37.70 -76.95
N ILE PB 58 89.15 -38.86 -77.46
CA ILE PB 58 89.92 -39.53 -78.50
C ILE PB 58 89.82 -38.77 -79.81
N GLU PB 59 88.65 -38.23 -80.13
CA GLU PB 59 88.47 -37.52 -81.39
C GLU PB 59 89.19 -36.18 -81.37
N ASN PB 60 89.39 -35.59 -80.20
CA ASN PB 60 90.11 -34.34 -80.06
C ASN PB 60 91.59 -34.56 -79.83
N PHE PB 61 92.04 -35.81 -79.80
CA PHE PB 61 93.43 -36.19 -79.60
C PHE PB 61 94.07 -36.76 -80.86
N MET PB 62 93.34 -37.60 -81.59
CA MET PB 62 93.81 -38.23 -82.81
C MET PB 62 93.41 -37.48 -84.06
N GLY PB 63 92.21 -36.90 -84.08
CA GLY PB 63 91.70 -36.24 -85.26
C GLY PB 63 92.37 -34.92 -85.55
N ARG PB 64 93.64 -34.96 -85.94
CA ARG PB 64 94.38 -33.77 -86.32
C ARG PB 64 95.19 -34.05 -87.57
N ALA PB 65 95.09 -33.14 -88.53
CA ALA PB 65 95.72 -33.34 -89.83
C ALA PB 65 97.23 -33.12 -89.72
N ALA PB 66 98.00 -34.08 -90.23
CA ALA PB 66 99.44 -34.03 -90.20
C ALA PB 66 99.98 -34.48 -91.55
N CYS PB 67 101.06 -33.84 -92.00
CA CYS PB 67 101.64 -34.16 -93.29
C CYS PB 67 102.42 -35.46 -93.17
N VAL PB 68 102.07 -36.44 -94.00
CA VAL PB 68 102.60 -37.78 -93.88
C VAL PB 68 103.32 -38.26 -95.14
N PHE PB 69 103.34 -37.49 -96.22
CA PHE PB 69 103.95 -37.98 -97.46
C PHE PB 69 104.31 -36.80 -98.36
N MET PB 70 105.61 -36.51 -98.44
CA MET PB 70 106.16 -35.65 -99.49
C MET PB 70 106.76 -36.52 -100.58
N ASP PB 71 106.52 -36.15 -101.83
CA ASP PB 71 107.12 -36.88 -102.94
C ASP PB 71 107.16 -35.99 -104.18
N GLN PB 72 108.16 -36.25 -105.02
CA GLN PB 72 108.33 -35.57 -106.30
C GLN PB 72 107.84 -36.48 -107.42
N TYR PB 73 107.33 -35.88 -108.49
CA TYR PB 73 107.02 -36.63 -109.70
C TYR PB 73 107.03 -35.70 -110.90
N LYS PB 74 107.73 -36.11 -111.95
CA LYS PB 74 107.99 -35.27 -113.11
C LYS PB 74 106.76 -35.26 -114.02
N ILE PB 75 106.92 -34.76 -115.25
CA ILE PB 75 105.81 -34.75 -116.20
C ILE PB 75 106.21 -35.40 -117.52
N ASN PB 76 107.49 -35.30 -117.89
CA ASN PB 76 107.92 -35.75 -119.21
C ASN PB 76 109.28 -36.43 -119.13
N GLY PB 77 109.65 -37.09 -120.22
CA GLY PB 77 110.86 -37.86 -120.30
C GLY PB 77 110.70 -39.25 -119.69
N GLU PB 78 111.58 -40.15 -120.11
CA GLU PB 78 111.69 -41.50 -119.56
C GLU PB 78 110.33 -42.20 -119.51
N GLU PB 79 109.85 -42.54 -120.71
CA GLU PB 79 108.48 -43.03 -120.84
C GLU PB 79 108.23 -44.27 -119.98
N THR PB 80 109.25 -45.09 -119.75
CA THR PB 80 109.19 -46.19 -118.80
C THR PB 80 110.06 -45.85 -117.59
N SER PB 81 109.47 -45.10 -116.66
CA SER PB 81 110.18 -44.72 -115.44
C SER PB 81 109.21 -44.76 -114.26
N THR PB 82 109.79 -44.87 -113.06
CA THR PB 82 109.05 -44.87 -111.81
C THR PB 82 109.08 -43.52 -111.11
N ASP PB 83 109.66 -42.49 -111.74
CA ASP PB 83 109.75 -41.17 -111.15
C ASP PB 83 108.74 -40.18 -111.75
N ARG PB 84 107.68 -40.69 -112.37
CA ARG PB 84 106.62 -39.85 -112.90
C ARG PB 84 105.31 -40.01 -112.15
N PHE PB 85 105.31 -40.73 -111.02
CA PHE PB 85 104.11 -40.87 -110.21
C PHE PB 85 104.53 -41.19 -108.78
N ALA PB 86 103.58 -41.09 -107.86
CA ALA PB 86 103.80 -41.33 -106.45
C ALA PB 86 102.99 -42.55 -106.00
N VAL PB 87 103.34 -43.09 -104.84
CA VAL PB 87 102.75 -44.35 -104.39
C VAL PB 87 102.10 -44.23 -103.01
N TRP PB 88 102.91 -44.15 -101.96
CA TRP PB 88 102.46 -44.06 -100.57
C TRP PB 88 101.36 -45.05 -100.21
N THR PB 89 101.73 -46.31 -99.97
CA THR PB 89 100.83 -47.26 -99.33
C THR PB 89 100.35 -46.71 -97.99
N ILE PB 90 99.03 -46.56 -97.83
CA ILE PB 90 98.49 -45.84 -96.68
C ILE PB 90 98.63 -46.68 -95.43
N ASN PB 91 99.39 -46.19 -94.45
CA ASN PB 91 99.47 -46.83 -93.15
C ASN PB 91 99.70 -45.78 -92.08
N ILE PB 92 99.38 -46.14 -90.83
CA ILE PB 92 99.59 -45.22 -89.71
C ILE PB 92 101.05 -45.14 -89.30
N ARG PB 93 101.89 -46.09 -89.73
CA ARG PB 93 103.29 -46.13 -89.32
C ARG PB 93 104.17 -45.33 -90.26
N GLU PB 94 103.75 -44.09 -90.53
CA GLU PB 94 104.45 -43.23 -91.48
C GLU PB 94 105.53 -42.40 -90.79
N MET PB 95 105.14 -41.50 -89.91
CA MET PB 95 106.09 -40.73 -89.12
C MET PB 95 105.87 -41.01 -87.64
N ALA PB 96 106.97 -40.93 -86.87
CA ALA PB 96 106.96 -41.42 -85.50
C ALA PB 96 106.10 -40.58 -84.57
N GLN PB 97 105.84 -39.32 -84.91
CA GLN PB 97 105.02 -38.48 -84.04
C GLN PB 97 103.57 -38.95 -84.05
N LEU PB 98 103.00 -39.21 -85.23
CA LEU PB 98 101.66 -39.77 -85.30
C LEU PB 98 101.65 -41.25 -84.91
N ARG PB 99 102.65 -42.01 -85.36
CA ARG PB 99 102.71 -43.43 -85.02
C ARG PB 99 102.64 -43.65 -83.51
N ARG PB 100 103.26 -42.76 -82.74
CA ARG PB 100 103.26 -42.90 -81.29
C ARG PB 100 101.84 -42.77 -80.72
N LYS PB 101 101.03 -41.89 -81.30
CA LYS PB 101 99.67 -41.70 -80.80
C LYS PB 101 98.76 -42.87 -81.12
N CYS PB 102 98.95 -43.50 -82.28
CA CYS PB 102 98.13 -44.66 -82.63
C CYS PB 102 98.50 -45.87 -81.80
N GLU PB 103 99.67 -45.88 -81.18
CA GLU PB 103 100.09 -47.00 -80.34
C GLU PB 103 99.73 -46.78 -78.87
N MET PB 104 98.98 -45.73 -78.54
CA MET PB 104 98.34 -45.66 -77.24
C MET PB 104 97.26 -46.73 -77.10
N PHE PB 105 96.71 -47.18 -78.22
CA PHE PB 105 95.52 -48.02 -78.24
C PHE PB 105 95.79 -49.22 -79.13
N THR PB 106 95.29 -50.38 -78.72
CA THR PB 106 95.49 -51.59 -79.51
C THR PB 106 94.60 -51.60 -80.75
N TYR PB 107 93.30 -51.37 -80.56
CA TYR PB 107 92.34 -51.41 -81.66
C TYR PB 107 91.70 -50.05 -81.82
N MET PB 108 91.51 -49.64 -83.07
CA MET PB 108 90.84 -48.39 -83.38
C MET PB 108 90.25 -48.46 -84.77
N ARG PB 109 89.13 -47.79 -84.96
CA ARG PB 109 88.47 -47.69 -86.26
C ARG PB 109 88.10 -46.24 -86.52
N PHE PB 110 88.23 -45.82 -87.77
CA PHE PB 110 88.15 -44.40 -88.10
C PHE PB 110 88.07 -44.23 -89.61
N ASP PB 111 87.28 -43.26 -90.04
CA ASP PB 111 87.35 -42.79 -91.41
C ASP PB 111 88.56 -41.87 -91.57
N ILE PB 112 89.15 -41.89 -92.76
CA ILE PB 112 90.28 -41.02 -93.07
C ILE PB 112 89.84 -40.02 -94.12
N GLU PB 113 90.31 -38.79 -93.99
CA GLU PB 113 89.92 -37.70 -94.89
C GLU PB 113 91.19 -36.89 -95.18
N MET PB 114 91.87 -37.27 -96.25
CA MET PB 114 93.14 -36.65 -96.61
C MET PB 114 92.92 -35.54 -97.64
N THR PB 115 93.69 -34.48 -97.52
CA THR PB 115 93.66 -33.37 -98.45
C THR PB 115 95.08 -33.12 -98.94
N MET PB 116 95.28 -33.28 -100.24
CA MET PB 116 96.61 -33.09 -100.81
C MET PB 116 96.89 -31.61 -101.05
N VAL PB 117 98.17 -31.26 -101.02
CA VAL PB 117 98.63 -29.90 -101.28
C VAL PB 117 99.72 -30.04 -102.33
N ILE PB 118 99.40 -29.69 -103.58
CA ILE PB 118 100.23 -29.99 -104.73
C ILE PB 118 100.84 -28.69 -105.24
N THR PB 119 102.14 -28.68 -105.44
CA THR PB 119 102.86 -27.54 -105.97
C THR PB 119 103.47 -27.91 -107.32
N SER PB 120 104.24 -26.98 -107.88
CA SER PB 120 104.93 -27.25 -109.13
C SER PB 120 106.10 -26.29 -109.27
N CYS PB 121 107.07 -26.70 -110.09
CA CYS PB 121 108.27 -25.92 -110.35
C CYS PB 121 108.54 -26.02 -111.85
N GLN PB 122 109.75 -25.66 -112.26
CA GLN PB 122 110.13 -25.80 -113.66
C GLN PB 122 111.64 -25.66 -113.84
N MET PB 132 104.10 -22.32 -120.07
CA MET PB 132 103.46 -23.60 -119.77
C MET PB 132 101.95 -23.45 -119.77
N PRO PB 133 101.21 -24.57 -119.77
CA PRO PB 133 99.76 -24.48 -119.67
C PRO PB 133 99.31 -24.51 -118.22
N VAL PB 134 98.00 -24.59 -117.99
CA VAL PB 134 97.46 -24.85 -116.67
C VAL PB 134 97.45 -26.35 -116.43
N LEU PB 135 97.98 -26.78 -115.30
CA LEU PB 135 98.21 -28.19 -115.04
C LEU PB 135 97.02 -28.82 -114.32
N THR PB 136 96.74 -30.08 -114.67
CA THR PB 136 95.69 -30.87 -114.04
C THR PB 136 96.32 -32.16 -113.52
N HIS PB 137 96.00 -32.52 -112.29
CA HIS PB 137 96.60 -33.68 -111.63
C HIS PB 137 95.55 -34.78 -111.48
N GLN PB 138 95.99 -35.94 -111.00
CA GLN PB 138 95.11 -37.06 -110.72
C GLN PB 138 95.61 -37.81 -109.49
N ILE PB 139 94.77 -37.91 -108.48
CA ILE PB 139 95.12 -38.61 -107.24
C ILE PB 139 94.22 -39.83 -107.16
N MET PB 140 94.74 -40.99 -107.57
CA MET PB 140 93.97 -42.21 -107.65
C MET PB 140 94.18 -43.04 -106.38
N TYR PB 141 93.11 -43.21 -105.62
CA TYR PB 141 93.11 -44.12 -104.48
C TYR PB 141 92.66 -45.50 -104.93
N VAL PB 142 93.54 -46.49 -104.80
CA VAL PB 142 93.16 -47.86 -105.07
C VAL PB 142 92.79 -48.52 -103.73
N PRO PB 143 91.73 -49.32 -103.68
CA PRO PB 143 91.38 -50.02 -102.45
C PRO PB 143 92.37 -51.12 -102.15
N PRO PB 144 92.23 -51.83 -101.02
CA PRO PB 144 93.14 -52.96 -100.76
C PRO PB 144 93.08 -54.02 -101.83
N GLY PB 145 91.90 -54.33 -102.34
CA GLY PB 145 91.79 -55.16 -103.53
C GLY PB 145 91.68 -54.30 -104.76
N GLY PB 146 92.81 -54.00 -105.38
CA GLY PB 146 92.85 -53.11 -106.52
C GLY PB 146 94.14 -53.22 -107.31
N PRO PB 147 94.03 -53.10 -108.63
CA PRO PB 147 95.22 -53.14 -109.48
C PRO PB 147 96.02 -51.85 -109.38
N ILE PB 148 97.34 -52.00 -109.48
CA ILE PB 148 98.23 -50.84 -109.36
C ILE PB 148 98.86 -50.57 -110.71
N PRO PB 149 99.17 -49.32 -111.03
CA PRO PB 149 99.93 -49.05 -112.25
C PRO PB 149 101.40 -49.42 -112.08
N ALA PB 150 102.00 -49.80 -113.20
CA ALA PB 150 103.45 -49.99 -113.26
C ALA PB 150 104.17 -48.83 -113.91
N LYS PB 151 103.46 -48.07 -114.75
CA LYS PB 151 104.02 -46.93 -115.45
C LYS PB 151 102.99 -45.81 -115.43
N VAL PB 152 103.42 -44.60 -115.79
CA VAL PB 152 102.53 -43.45 -115.80
C VAL PB 152 101.43 -43.61 -116.85
N ASP PB 153 101.65 -44.47 -117.85
CA ASP PB 153 100.70 -44.69 -118.92
C ASP PB 153 100.10 -46.09 -118.89
N GLY PB 154 99.96 -46.68 -117.70
CA GLY PB 154 99.33 -47.98 -117.58
C GLY PB 154 97.82 -47.88 -117.75
N TYR PB 155 97.21 -49.03 -117.95
CA TYR PB 155 95.76 -49.06 -118.10
C TYR PB 155 95.03 -49.04 -116.77
N GLU PB 156 95.73 -49.29 -115.66
CA GLU PB 156 95.08 -49.30 -114.35
C GLU PB 156 94.49 -47.93 -114.03
N TRP PB 157 95.12 -46.85 -114.51
CA TRP PB 157 94.65 -45.51 -114.24
C TRP PB 157 93.22 -45.28 -114.71
N GLN PB 158 92.74 -46.09 -115.65
CA GLN PB 158 91.40 -45.96 -116.19
C GLN PB 158 90.41 -46.92 -115.55
N THR PB 159 90.75 -47.51 -114.40
CA THR PB 159 89.87 -48.47 -113.75
C THR PB 159 88.72 -47.74 -113.07
N SER PB 160 87.49 -48.20 -113.35
CA SER PB 160 86.31 -47.53 -112.82
C SER PB 160 86.11 -47.76 -111.33
N THR PB 161 86.72 -48.81 -110.77
CA THR PB 161 86.58 -49.11 -109.36
C THR PB 161 87.63 -48.41 -108.50
N ASN PB 162 88.61 -47.74 -109.12
CA ASN PB 162 89.57 -46.93 -108.40
C ASN PB 162 89.14 -45.47 -108.44
N PRO PB 163 88.57 -44.93 -107.36
CA PRO PB 163 88.15 -43.52 -107.39
C PRO PB 163 89.35 -42.58 -107.41
N SER PB 164 89.23 -41.53 -108.21
CA SER PB 164 90.33 -40.59 -108.40
C SER PB 164 89.77 -39.19 -108.59
N VAL PB 165 90.49 -38.20 -108.06
CA VAL PB 165 90.12 -36.80 -108.21
C VAL PB 165 91.02 -36.17 -109.26
N PHE PB 166 90.44 -35.30 -110.08
CA PHE PB 166 91.17 -34.58 -111.12
C PHE PB 166 91.20 -33.11 -110.73
N TRP PB 167 92.24 -32.73 -110.01
CA TRP PB 167 92.40 -31.38 -109.53
C TRP PB 167 93.28 -30.60 -110.50
N THR PB 168 92.76 -29.48 -111.00
CA THR PB 168 93.52 -28.57 -111.83
C THR PB 168 94.10 -27.47 -110.96
N GLU PB 169 95.24 -26.93 -111.39
CA GLU PB 169 96.02 -26.04 -110.53
C GLU PB 169 95.31 -24.71 -110.35
N GLY PB 170 95.47 -24.12 -109.17
CA GLY PB 170 94.91 -22.83 -108.85
C GLY PB 170 93.70 -22.85 -107.93
N ASN PB 171 93.00 -23.98 -107.85
CA ASN PB 171 91.78 -24.05 -107.05
C ASN PB 171 92.11 -24.41 -105.60
N ALA PB 172 91.08 -24.69 -104.82
CA ALA PB 172 91.27 -25.20 -103.47
C ALA PB 172 91.87 -26.60 -103.54
N PRO PB 173 92.56 -27.05 -102.47
CA PRO PB 173 93.22 -28.34 -102.53
C PRO PB 173 92.21 -29.47 -102.65
N PRO PB 174 92.58 -30.56 -103.31
CA PRO PB 174 91.64 -31.68 -103.47
C PRO PB 174 91.48 -32.47 -102.17
N ARG PB 175 90.24 -32.80 -101.84
CA ARG PB 175 89.96 -33.57 -100.64
C ARG PB 175 89.21 -34.84 -101.03
N ILE PB 176 89.73 -35.98 -100.58
CA ILE PB 176 89.16 -37.29 -100.85
C ILE PB 176 89.03 -38.01 -99.53
N SER PB 177 87.85 -38.57 -99.26
CA SER PB 177 87.56 -39.21 -97.99
C SER PB 177 87.34 -40.70 -98.18
N ILE PB 178 87.88 -41.50 -97.27
CA ILE PB 178 87.86 -42.95 -97.40
C ILE PB 178 87.24 -43.53 -96.14
N PRO PB 179 86.23 -44.39 -96.26
CA PRO PB 179 85.57 -44.92 -95.06
C PRO PB 179 86.40 -46.01 -94.38
N PHE PB 180 85.81 -46.67 -93.40
CA PHE PB 180 86.46 -47.78 -92.71
C PHE PB 180 86.48 -48.99 -93.64
N ILE PB 181 87.63 -49.25 -94.24
CA ILE PB 181 87.73 -50.27 -95.28
C ILE PB 181 87.85 -51.67 -94.68
N SER PB 182 88.48 -51.82 -93.52
CA SER PB 182 89.06 -53.08 -93.08
C SER PB 182 88.02 -54.20 -93.02
N VAL PB 183 88.52 -55.43 -93.16
CA VAL PB 183 87.65 -56.61 -93.17
C VAL PB 183 87.13 -56.89 -91.77
N GLY PB 184 87.98 -56.73 -90.77
CA GLY PB 184 87.60 -56.95 -89.40
C GLY PB 184 86.74 -55.82 -88.89
N ASN PB 185 86.67 -55.71 -87.57
CA ASN PB 185 85.84 -54.71 -86.94
C ASN PB 185 86.64 -53.52 -86.43
N ALA PB 186 87.97 -53.56 -86.52
CA ALA PB 186 88.82 -52.43 -86.17
C ALA PB 186 90.17 -52.60 -86.83
N TYR PB 187 90.88 -51.48 -86.98
CA TYR PB 187 92.29 -51.53 -87.33
C TYR PB 187 93.10 -51.90 -86.10
N SER PB 188 94.05 -52.81 -86.28
CA SER PB 188 94.92 -53.26 -85.19
C SER PB 188 96.26 -52.55 -85.31
N SER PB 189 96.63 -51.81 -84.27
CA SER PB 189 97.94 -51.18 -84.24
C SER PB 189 99.03 -52.23 -84.06
N PHE PB 190 98.76 -53.26 -83.26
CA PHE PB 190 99.70 -54.34 -82.99
C PHE PB 190 99.04 -55.66 -83.33
N TYR PB 191 99.83 -56.59 -83.87
CA TYR PB 191 99.33 -57.91 -84.23
C TYR PB 191 100.38 -58.94 -83.83
N ASP PB 192 100.23 -59.53 -82.64
CA ASP PB 192 101.12 -60.57 -82.16
C ASP PB 192 100.71 -61.89 -82.83
N GLY PB 193 101.16 -62.05 -84.07
CA GLY PB 193 100.75 -63.20 -84.86
C GLY PB 193 101.49 -63.25 -86.17
N TRP PB 194 101.25 -64.34 -86.90
CA TRP PB 194 101.95 -64.63 -88.14
C TRP PB 194 100.97 -64.62 -89.30
N SER PB 195 101.36 -63.97 -90.40
CA SER PB 195 100.49 -63.90 -91.57
C SER PB 195 100.22 -65.28 -92.15
N HIS PB 196 101.27 -66.09 -92.29
CA HIS PB 196 101.16 -67.42 -92.88
C HIS PB 196 101.08 -68.46 -91.78
N PHE PB 197 100.09 -69.35 -91.88
CA PHE PB 197 99.83 -70.34 -90.85
C PHE PB 197 101.03 -71.26 -90.65
N THR PB 198 101.17 -71.77 -89.43
CA THR PB 198 102.24 -72.67 -88.99
C THR PB 198 103.55 -71.91 -88.80
N GLN PB 199 103.46 -70.68 -88.29
CA GLN PB 199 104.62 -69.90 -87.85
C GLN PB 199 105.65 -69.74 -88.97
N ASP PB 200 105.19 -69.20 -90.10
CA ASP PB 200 106.05 -68.96 -91.24
C ASP PB 200 106.67 -67.57 -91.08
N GLY PB 201 107.09 -66.95 -92.19
CA GLY PB 201 107.68 -65.63 -92.14
C GLY PB 201 106.64 -64.54 -91.92
N THR PB 202 107.13 -63.30 -91.96
CA THR PB 202 106.32 -62.08 -91.85
C THR PB 202 105.55 -62.06 -90.52
N TYR PB 203 106.32 -61.84 -89.46
CA TYR PB 203 105.74 -61.62 -88.14
C TYR PB 203 105.08 -60.26 -88.06
N GLY PB 204 103.95 -60.19 -87.34
CA GLY PB 204 103.40 -58.92 -86.93
C GLY PB 204 102.60 -58.18 -87.98
N TYR PB 205 102.48 -58.72 -89.19
CA TYR PB 205 101.76 -58.04 -90.27
C TYR PB 205 100.48 -58.80 -90.57
N THR PB 206 99.36 -58.24 -90.15
CA THR PB 206 98.04 -58.73 -90.54
C THR PB 206 97.56 -57.99 -91.77
N THR PB 207 96.66 -58.64 -92.52
CA THR PB 207 96.07 -58.02 -93.69
C THR PB 207 94.76 -57.31 -93.38
N LEU PB 208 94.32 -57.32 -92.13
CA LEU PB 208 93.10 -56.60 -91.76
C LEU PB 208 93.34 -55.10 -91.76
N ASN PB 209 94.48 -54.65 -91.26
CA ASN PB 209 94.80 -53.23 -91.23
C ASN PB 209 95.50 -52.78 -92.50
N ALA PB 210 94.91 -53.12 -93.64
CA ALA PB 210 95.33 -52.60 -94.94
C ALA PB 210 94.34 -51.54 -95.36
N MET PB 211 94.85 -50.38 -95.77
CA MET PB 211 94.00 -49.23 -96.03
C MET PB 211 93.94 -48.82 -97.49
N GLY PB 212 94.87 -49.27 -98.31
CA GLY PB 212 94.90 -48.93 -99.72
C GLY PB 212 96.18 -48.24 -100.10
N LYS PB 213 96.19 -47.70 -101.31
CA LYS PB 213 97.33 -46.95 -101.83
C LYS PB 213 96.82 -45.69 -102.51
N LEU PB 214 97.74 -44.82 -102.92
CA LEU PB 214 97.38 -43.48 -103.39
C LEU PB 214 98.32 -43.08 -104.53
N TYR PB 215 97.94 -43.44 -105.76
CA TYR PB 215 98.74 -43.16 -106.95
C TYR PB 215 98.40 -41.79 -107.51
N ILE PB 216 99.43 -40.98 -107.74
CA ILE PB 216 99.27 -39.56 -108.07
C ILE PB 216 100.12 -39.27 -109.30
N ARG PB 217 99.51 -38.65 -110.31
CA ARG PB 217 100.24 -38.31 -111.52
C ARG PB 217 99.69 -37.02 -112.11
N HIS PB 218 100.45 -36.47 -113.07
CA HIS PB 218 99.91 -35.46 -113.97
C HIS PB 218 99.06 -36.15 -115.01
N VAL PB 219 97.94 -35.52 -115.40
CA VAL PB 219 97.17 -36.02 -116.52
C VAL PB 219 97.63 -35.42 -117.84
N ASN PB 220 98.46 -34.38 -117.80
CA ASN PB 220 99.00 -33.80 -119.02
C ASN PB 220 100.00 -34.77 -119.63
N ARG PB 221 99.85 -35.01 -120.94
CA ARG PB 221 100.64 -36.06 -121.58
C ARG PB 221 102.10 -35.66 -121.70
N SER PB 222 102.37 -34.38 -121.97
CA SER PB 222 103.74 -33.92 -122.15
C SER PB 222 103.81 -32.44 -121.81
N SER PB 223 105.00 -31.87 -121.98
CA SER PB 223 105.26 -30.45 -121.73
C SER PB 223 106.49 -30.05 -122.53
N PRO PB 224 106.61 -28.77 -122.90
CA PRO PB 224 107.82 -28.33 -123.59
C PRO PB 224 109.07 -28.41 -122.72
N HIS PB 225 108.97 -27.94 -121.48
CA HIS PB 225 110.06 -28.02 -120.52
C HIS PB 225 109.70 -28.99 -119.40
N GLN PB 226 110.59 -29.11 -118.42
CA GLN PB 226 110.41 -30.03 -117.31
C GLN PB 226 109.65 -29.36 -116.18
N ILE PB 227 108.61 -30.04 -115.68
CA ILE PB 227 107.83 -29.57 -114.54
C ILE PB 227 107.91 -30.64 -113.46
N THR PB 228 108.33 -30.24 -112.27
CA THR PB 228 108.54 -31.16 -111.15
C THR PB 228 107.56 -30.80 -110.04
N SER PB 229 106.51 -31.59 -109.90
CA SER PB 229 105.46 -31.31 -108.94
C SER PB 229 105.76 -31.98 -107.61
N THR PB 230 105.33 -31.34 -106.53
CA THR PB 230 105.53 -31.83 -105.17
C THR PB 230 104.17 -31.94 -104.50
N ILE PB 231 103.90 -33.08 -103.87
CA ILE PB 231 102.63 -33.33 -103.23
C ILE PB 231 102.86 -33.58 -101.74
N ARG PB 232 101.96 -33.05 -100.92
CA ARG PB 232 102.00 -33.19 -99.47
C ARG PB 232 100.64 -33.73 -99.03
N VAL PB 233 100.58 -34.99 -98.63
CA VAL PB 233 99.33 -35.63 -98.26
C VAL PB 233 99.07 -35.36 -96.79
N TYR PB 234 97.91 -34.79 -96.47
CA TYR PB 234 97.53 -34.46 -95.10
C TYR PB 234 96.52 -35.47 -94.59
N PHE PB 235 97.03 -36.44 -93.84
CA PHE PB 235 96.20 -37.52 -93.29
C PHE PB 235 95.45 -37.03 -92.06
N LYS PB 236 94.20 -37.44 -91.94
CA LYS PB 236 93.41 -37.09 -90.76
C LYS PB 236 92.44 -38.19 -90.39
N PRO PB 237 92.56 -38.76 -89.20
CA PRO PB 237 91.52 -39.69 -88.72
C PRO PB 237 90.24 -38.94 -88.45
N LYS PB 238 89.11 -39.61 -88.66
CA LYS PB 238 87.81 -38.98 -88.47
C LYS PB 238 86.83 -40.01 -87.93
N HIS PB 239 85.92 -39.55 -87.08
CA HIS PB 239 84.93 -40.40 -86.41
C HIS PB 239 85.62 -41.60 -85.76
N ILE PB 240 86.61 -41.31 -84.94
CA ILE PB 240 87.56 -42.32 -84.48
C ILE PB 240 87.08 -42.90 -83.15
N LYS PB 241 87.09 -44.22 -83.06
CA LYS PB 241 86.91 -44.94 -81.81
C LYS PB 241 88.17 -45.74 -81.53
N ALA PB 242 88.42 -46.03 -80.26
CA ALA PB 242 89.65 -46.70 -79.87
C ALA PB 242 89.39 -47.59 -78.67
N TRP PB 243 89.96 -48.80 -78.71
CA TRP PB 243 89.79 -49.80 -77.67
C TRP PB 243 91.14 -50.21 -77.12
N VAL PB 244 91.11 -50.77 -75.91
CA VAL PB 244 92.25 -51.42 -75.28
C VAL PB 244 93.42 -50.44 -75.19
N PRO PB 245 93.48 -49.60 -74.16
CA PRO PB 245 94.62 -48.69 -74.01
C PRO PB 245 95.89 -49.48 -73.78
N ARG PB 246 97.02 -48.78 -73.89
CA ARG PB 246 98.31 -49.43 -74.04
C ARG PB 246 99.36 -48.44 -73.57
N PRO PB 247 100.44 -48.89 -72.91
CA PRO PB 247 101.41 -47.94 -72.39
C PRO PB 247 102.14 -47.26 -73.53
N PRO PB 248 102.62 -46.04 -73.30
CA PRO PB 248 103.30 -45.30 -74.38
C PRO PB 248 104.64 -45.92 -74.75
N ARG PB 249 105.05 -45.65 -75.99
CA ARG PB 249 106.35 -46.06 -76.49
C ARG PB 249 107.46 -45.38 -75.67
N LEU PB 250 108.47 -46.16 -75.29
CA LEU PB 250 109.62 -45.64 -74.57
C LEU PB 250 110.85 -45.51 -75.46
N CYS PB 251 111.17 -46.56 -76.21
CA CYS PB 251 112.36 -46.60 -77.05
C CYS PB 251 112.11 -45.90 -78.38
N PRO PB 252 113.17 -45.43 -79.03
CA PRO PB 252 113.00 -44.85 -80.37
C PRO PB 252 112.67 -45.93 -81.41
N TYR PB 253 112.05 -45.48 -82.50
CA TYR PB 253 111.66 -46.38 -83.57
C TYR PB 253 112.84 -46.72 -84.47
N ILE PB 254 112.86 -47.96 -84.95
CA ILE PB 254 113.93 -48.43 -85.83
C ILE PB 254 113.44 -48.44 -87.26
N ASN PB 255 112.40 -49.23 -87.53
CA ASN PB 255 111.90 -49.45 -88.89
C ASN PB 255 110.39 -49.31 -88.91
N LYS PB 256 109.85 -49.01 -90.09
CA LYS PB 256 108.47 -48.61 -90.26
C LYS PB 256 107.52 -49.80 -90.44
N ARG PB 257 108.01 -51.03 -90.35
CA ARG PB 257 107.16 -52.20 -90.49
C ARG PB 257 107.31 -53.18 -89.33
N ASP PB 258 108.00 -52.80 -88.27
CA ASP PB 258 108.24 -53.70 -87.15
C ASP PB 258 108.28 -52.90 -85.87
N VAL PB 259 108.38 -53.62 -84.75
CA VAL PB 259 108.39 -53.04 -83.41
C VAL PB 259 109.77 -53.16 -82.77
N ASN PB 260 110.79 -53.48 -83.58
CA ASN PB 260 112.12 -53.71 -83.06
C ASN PB 260 112.69 -52.43 -82.44
N PHE PB 261 113.53 -52.60 -81.42
CA PHE PB 261 113.98 -51.45 -80.64
C PHE PB 261 115.32 -51.77 -80.00
N VAL PB 262 115.97 -50.72 -79.52
CA VAL PB 262 117.17 -50.82 -78.72
C VAL PB 262 116.78 -50.57 -77.27
N VAL PB 263 117.38 -51.33 -76.35
CA VAL PB 263 116.99 -51.23 -74.94
C VAL PB 263 117.39 -49.86 -74.42
N THR PB 264 116.39 -49.07 -74.04
CA THR PB 264 116.57 -47.70 -73.60
C THR PB 264 116.37 -47.63 -72.09
N GLU PB 265 116.98 -46.63 -71.47
CA GLU PB 265 116.80 -46.42 -70.05
C GLU PB 265 115.39 -45.95 -69.76
N ILE PB 266 114.92 -46.23 -68.53
CA ILE PB 266 113.54 -45.91 -68.17
C ILE PB 266 113.34 -44.40 -68.15
N THR PB 267 114.06 -43.70 -67.27
CA THR PB 267 113.97 -42.26 -67.17
C THR PB 267 115.37 -41.67 -67.23
N ASP PB 268 115.45 -40.35 -67.27
CA ASP PB 268 116.75 -39.68 -67.16
C ASP PB 268 117.28 -39.88 -65.75
N SER PB 269 118.59 -40.08 -65.65
CA SER PB 269 119.17 -40.39 -64.35
C SER PB 269 119.43 -39.10 -63.56
N ARG PB 270 119.44 -39.24 -62.25
CA ARG PB 270 119.86 -38.19 -61.34
C ARG PB 270 121.00 -38.72 -60.47
N THR PB 271 121.52 -37.85 -59.62
CA THR PB 271 122.76 -38.17 -58.91
C THR PB 271 122.51 -39.18 -57.79
N SER PB 272 121.62 -38.85 -56.86
CA SER PB 272 121.29 -39.74 -55.75
C SER PB 272 119.77 -39.90 -55.68
N ILE PB 273 119.33 -40.75 -54.75
CA ILE PB 273 117.89 -40.97 -54.56
C ILE PB 273 117.23 -39.83 -53.80
N THR PB 274 118.01 -38.98 -53.13
CA THR PB 274 117.46 -37.97 -52.24
C THR PB 274 117.61 -36.54 -52.74
N ASP PB 275 118.36 -36.31 -53.81
CA ASP PB 275 118.56 -34.95 -54.31
C ASP PB 275 117.37 -34.49 -55.15
N VAL QB 13 88.99 -70.06 -47.66
CA VAL QB 13 89.42 -71.19 -48.48
C VAL QB 13 88.23 -71.76 -49.27
N ARG QB 14 88.28 -71.61 -50.59
CA ARG QB 14 87.24 -72.10 -51.47
C ARG QB 14 87.85 -73.14 -52.41
N SER QB 15 87.23 -74.32 -52.47
CA SER QB 15 87.72 -75.42 -53.30
C SER QB 15 86.89 -75.45 -54.58
N MET QB 16 87.34 -74.69 -55.58
CA MET QB 16 86.66 -74.67 -56.85
C MET QB 16 86.88 -75.99 -57.60
N THR QB 17 85.89 -76.36 -58.40
CA THR QB 17 86.00 -77.54 -59.24
C THR QB 17 85.36 -77.25 -60.60
N LEU QB 18 85.97 -77.79 -61.65
CA LEU QB 18 85.46 -77.67 -63.01
C LEU QB 18 85.73 -78.99 -63.73
N GLY QB 19 84.67 -79.72 -64.04
CA GLY QB 19 84.83 -81.00 -64.71
C GLY QB 19 85.46 -82.03 -63.80
N ASN QB 20 86.66 -82.46 -64.14
CA ASN QB 20 87.44 -83.39 -63.34
C ASN QB 20 88.76 -82.76 -62.89
N SER QB 21 88.70 -81.50 -62.47
CA SER QB 21 89.88 -80.76 -62.02
C SER QB 21 89.46 -79.86 -60.87
N THR QB 22 90.00 -80.12 -59.68
CA THR QB 22 89.71 -79.35 -58.49
C THR QB 22 90.99 -78.70 -58.00
N ILE QB 23 90.94 -77.40 -57.76
CA ILE QB 23 92.03 -76.67 -57.14
C ILE QB 23 91.53 -76.09 -55.81
N THR QB 24 92.46 -75.64 -55.00
CA THR QB 24 92.16 -75.03 -53.71
C THR QB 24 92.62 -73.59 -53.74
N THR QB 25 91.68 -72.67 -53.59
CA THR QB 25 91.96 -71.24 -53.67
C THR QB 25 91.80 -70.57 -52.31
N GLN QB 26 92.26 -69.33 -52.24
CA GLN QB 26 92.20 -68.55 -51.00
C GLN QB 26 91.21 -67.40 -51.15
N ASN QB 30 90.56 -61.63 -54.61
CA ASN QB 30 89.48 -61.04 -55.40
C ASN QB 30 89.81 -61.01 -56.89
N VAL QB 31 88.81 -61.29 -57.72
CA VAL QB 31 89.02 -61.50 -59.14
C VAL QB 31 89.17 -60.16 -59.83
N VAL QB 32 90.17 -60.04 -60.70
CA VAL QB 32 90.35 -58.87 -61.56
C VAL QB 32 89.74 -59.23 -62.90
N VAL QB 33 88.48 -58.86 -63.09
CA VAL QB 33 87.79 -59.09 -64.35
C VAL QB 33 88.36 -58.12 -65.38
N GLY QB 34 88.95 -58.67 -66.44
CA GLY QB 34 89.69 -57.85 -67.40
C GLY QB 34 88.75 -56.95 -68.18
N TYR QB 35 88.97 -55.64 -68.11
CA TYR QB 35 88.17 -54.65 -68.83
C TYR QB 35 86.70 -54.71 -68.45
N GLY QB 36 86.41 -55.07 -67.20
CA GLY QB 36 85.06 -54.98 -66.69
C GLY QB 36 84.04 -55.87 -67.37
N GLU QB 37 84.49 -56.82 -68.19
CA GLU QB 37 83.58 -57.69 -68.92
C GLU QB 37 83.92 -59.14 -68.64
N TRP QB 38 82.88 -59.95 -68.52
CA TRP QB 38 82.95 -61.39 -68.34
C TRP QB 38 82.88 -62.04 -69.71
N PRO QB 39 83.68 -63.05 -69.99
CA PRO QB 39 83.63 -63.66 -71.32
C PRO QB 39 82.23 -64.18 -71.60
N SER QB 40 81.88 -64.21 -72.88
CA SER QB 40 80.54 -64.64 -73.28
C SER QB 40 80.61 -65.25 -74.66
N TYR QB 41 79.51 -65.92 -75.04
CA TYR QB 41 79.44 -66.46 -76.39
C TYR QB 41 79.19 -65.35 -77.39
N LEU QB 42 79.26 -65.72 -78.67
CA LEU QB 42 79.22 -64.73 -79.74
C LEU QB 42 77.83 -64.16 -79.96
N SER QB 43 76.78 -64.91 -79.60
CA SER QB 43 75.42 -64.41 -79.76
C SER QB 43 75.11 -63.34 -78.73
N THR QB 48 73.55 -67.06 -87.16
CA THR QB 48 73.62 -67.07 -88.62
C THR QB 48 73.75 -68.51 -89.11
N ALA QB 49 73.04 -68.85 -90.19
CA ALA QB 49 73.15 -70.16 -90.81
C ALA QB 49 74.25 -70.24 -91.86
N GLU QB 50 74.82 -69.11 -92.26
CA GLU QB 50 75.94 -69.14 -93.19
C GLU QB 50 77.23 -69.55 -92.50
N ASP QB 51 77.39 -69.17 -91.24
CA ASP QB 51 78.51 -69.62 -90.40
C ASP QB 51 77.94 -69.93 -89.02
N GLN QB 52 78.15 -71.16 -88.54
CA GLN QB 52 77.55 -71.63 -87.31
C GLN QB 52 78.62 -72.08 -86.33
N PRO QB 53 78.70 -71.51 -85.13
CA PRO QB 53 79.69 -71.96 -84.15
C PRO QB 53 79.25 -73.23 -83.41
N THR QB 54 80.26 -73.96 -82.95
CA THR QB 54 80.07 -75.13 -82.10
C THR QB 54 80.58 -74.81 -80.70
N GLN QB 55 79.75 -75.04 -79.69
CA GLN QB 55 80.15 -74.76 -78.32
C GLN QB 55 80.50 -76.07 -77.63
N PRO QB 56 81.78 -76.33 -77.32
CA PRO QB 56 82.13 -77.61 -76.69
C PRO QB 56 81.59 -77.78 -75.28
N ASP QB 57 81.75 -76.78 -74.42
CA ASP QB 57 81.28 -76.82 -73.04
C ASP QB 57 81.87 -78.02 -72.31
N VAL QB 58 81.59 -79.23 -72.78
CA VAL QB 58 82.15 -80.43 -72.19
C VAL QB 58 83.67 -80.35 -72.22
N ALA QB 59 84.31 -80.72 -71.11
CA ALA QB 59 85.76 -80.62 -70.91
C ALA QB 59 86.15 -79.15 -71.20
N THR QB 60 87.25 -78.89 -71.90
CA THR QB 60 87.71 -77.54 -72.24
C THR QB 60 87.73 -76.56 -71.07
N CYS QB 61 86.68 -76.56 -70.26
CA CYS QB 61 86.53 -75.63 -69.15
C CYS QB 61 87.28 -76.05 -67.90
N ARG QB 62 87.87 -77.24 -67.88
CA ARG QB 62 88.54 -77.72 -66.68
C ARG QB 62 89.84 -76.95 -66.46
N PHE QB 63 90.43 -77.12 -65.28
CA PHE QB 63 91.64 -76.39 -64.93
C PHE QB 63 92.87 -77.10 -65.50
N TYR QB 64 93.69 -76.35 -66.24
CA TYR QB 64 94.93 -76.85 -66.83
C TYR QB 64 96.09 -76.21 -66.04
N THR QB 65 96.59 -76.95 -65.06
CA THR QB 65 97.70 -76.46 -64.25
C THR QB 65 99.01 -76.66 -65.02
N LEU QB 66 99.72 -75.57 -65.28
CA LEU QB 66 101.00 -75.65 -65.94
C LEU QB 66 102.07 -76.11 -64.95
N GLU QB 67 103.28 -76.30 -65.45
CA GLU QB 67 104.38 -76.70 -64.59
C GLU QB 67 104.76 -75.55 -63.66
N SER QB 68 105.03 -75.88 -62.40
CA SER QB 68 105.35 -74.86 -61.42
C SER QB 68 106.71 -74.25 -61.73
N VAL QB 69 106.83 -72.96 -61.46
CA VAL QB 69 108.00 -72.17 -61.86
C VAL QB 69 108.71 -71.70 -60.61
N GLN QB 70 109.99 -72.03 -60.48
CA GLN QB 70 110.76 -71.66 -59.31
C GLN QB 70 111.25 -70.23 -59.44
N TRP QB 71 110.95 -69.42 -58.43
CA TRP QB 71 111.30 -68.01 -58.40
C TRP QB 71 112.42 -67.80 -57.40
N GLU QB 72 113.62 -67.58 -57.90
CA GLU QB 72 114.80 -67.36 -57.08
C GLU QB 72 115.03 -65.86 -56.88
N LYS QB 73 116.15 -65.50 -56.26
CA LYS QB 73 116.49 -64.10 -56.06
C LYS QB 73 116.86 -63.40 -57.35
N THR QB 74 117.33 -64.15 -58.35
CA THR QB 74 117.85 -63.58 -59.59
C THR QB 74 116.93 -63.81 -60.78
N SER QB 75 115.68 -64.18 -60.53
CA SER QB 75 114.73 -64.40 -61.63
C SER QB 75 114.23 -63.06 -62.15
N PRO QB 76 114.34 -62.80 -63.45
CA PRO QB 76 113.87 -61.51 -63.99
C PRO QB 76 112.41 -61.51 -64.42
N GLY QB 77 111.85 -62.67 -64.71
CA GLY QB 77 110.45 -62.73 -65.11
C GLY QB 77 110.20 -63.91 -66.04
N TRP QB 78 108.94 -64.00 -66.48
CA TRP QB 78 108.50 -65.06 -67.38
C TRP QB 78 107.42 -64.50 -68.29
N TRP QB 79 107.16 -65.20 -69.39
CA TRP QB 79 105.94 -64.93 -70.15
C TRP QB 79 105.46 -66.21 -70.82
N TRP QB 80 104.14 -66.31 -70.92
CA TRP QB 80 103.45 -67.35 -71.68
C TRP QB 80 102.63 -66.66 -72.75
N LYS QB 81 102.57 -67.26 -73.94
CA LYS QB 81 101.72 -66.76 -75.01
C LYS QB 81 100.60 -67.77 -75.26
N PHE QB 82 99.41 -67.37 -74.97
CA PHE QB 82 98.08 -67.95 -75.13
C PHE QB 82 97.46 -67.42 -76.42
N PRO QB 83 96.50 -68.13 -77.02
CA PRO QB 83 95.85 -69.39 -76.62
C PRO QB 83 96.70 -70.64 -76.80
N GLU QB 84 97.80 -70.53 -77.53
CA GLU QB 84 98.54 -71.71 -77.95
C GLU QB 84 99.52 -72.19 -76.90
N ALA QB 85 99.56 -71.57 -75.73
CA ALA QB 85 100.29 -72.18 -74.62
C ALA QB 85 99.62 -73.47 -74.16
N LEU QB 86 98.32 -73.60 -74.43
CA LEU QB 86 97.55 -74.80 -74.13
C LEU QB 86 97.43 -75.73 -75.34
N LYS QB 87 98.39 -75.70 -76.26
CA LYS QB 87 98.24 -76.44 -77.50
C LYS QB 87 98.45 -77.94 -77.32
N ASN QB 88 99.02 -78.36 -76.20
CA ASN QB 88 99.17 -79.77 -75.88
C ASN QB 88 98.39 -80.15 -74.62
N MET QB 89 97.42 -79.33 -74.22
CA MET QB 89 96.68 -79.53 -72.97
C MET QB 89 95.31 -80.13 -73.28
N GLY QB 90 95.30 -81.44 -73.48
CA GLY QB 90 94.04 -82.17 -73.43
C GLY QB 90 93.14 -81.89 -74.61
N LEU QB 91 91.84 -81.82 -74.33
CA LEU QB 91 90.85 -81.60 -75.38
C LEU QB 91 90.92 -80.19 -75.94
N PHE QB 92 91.27 -79.20 -75.11
CA PHE QB 92 91.44 -77.85 -75.62
C PHE QB 92 92.60 -77.78 -76.59
N GLY QB 93 93.69 -78.48 -76.30
CA GLY QB 93 94.81 -78.53 -77.22
C GLY QB 93 94.60 -79.45 -78.40
N GLN QB 94 93.54 -80.27 -78.36
CA GLN QB 94 93.19 -81.11 -79.49
C GLN QB 94 92.12 -80.50 -80.38
N ASN QB 95 91.20 -79.72 -79.81
CA ASN QB 95 90.26 -78.97 -80.64
C ASN QB 95 90.92 -77.83 -81.39
N MET QB 96 92.16 -77.47 -81.05
CA MET QB 96 92.88 -76.48 -81.84
C MET QB 96 93.29 -77.05 -83.19
N HIS QB 97 93.48 -78.37 -83.29
CA HIS QB 97 93.90 -78.99 -84.53
C HIS QB 97 92.75 -79.35 -85.46
N TYR QB 98 91.53 -79.49 -84.93
CA TYR QB 98 90.39 -79.87 -85.76
C TYR QB 98 89.54 -78.69 -86.21
N HIS QB 99 89.52 -77.61 -85.42
CA HIS QB 99 88.83 -76.39 -85.79
C HIS QB 99 89.88 -75.29 -86.02
N TYR QB 100 89.71 -74.52 -87.09
CA TYR QB 100 90.67 -73.48 -87.42
C TYR QB 100 90.19 -72.09 -86.99
N LEU QB 101 89.12 -72.02 -86.21
CA LEU QB 101 88.61 -70.78 -85.65
C LEU QB 101 88.12 -71.04 -84.24
N GLY QB 102 88.33 -70.08 -83.35
CA GLY QB 102 87.90 -70.27 -81.97
C GLY QB 102 88.12 -69.01 -81.14
N ARG QB 103 87.64 -69.09 -79.90
CA ARG QB 103 87.71 -68.01 -78.94
C ARG QB 103 87.43 -68.58 -77.56
N ALA QB 104 87.98 -67.93 -76.52
CA ALA QB 104 87.82 -68.42 -75.15
C ALA QB 104 88.09 -67.27 -74.17
N GLY QB 105 88.03 -67.58 -72.87
CA GLY QB 105 88.07 -66.57 -71.84
C GLY QB 105 89.23 -66.64 -70.85
N TYR QB 106 89.69 -67.83 -70.50
CA TYR QB 106 90.96 -68.06 -69.79
C TYR QB 106 90.98 -67.36 -68.42
N THR QB 107 90.26 -67.96 -67.46
CA THR QB 107 90.48 -67.62 -66.06
C THR QB 107 91.84 -68.13 -65.62
N ILE QB 108 92.70 -67.23 -65.14
CA ILE QB 108 94.10 -67.54 -64.85
C ILE QB 108 94.33 -67.34 -63.36
N HIS QB 109 94.52 -68.44 -62.63
CA HIS QB 109 94.92 -68.39 -61.23
C HIS QB 109 96.44 -68.47 -61.15
N VAL QB 110 97.03 -67.64 -60.29
CA VAL QB 110 98.48 -67.63 -60.07
C VAL QB 110 98.70 -67.65 -58.56
N GLN QB 111 99.00 -68.82 -58.01
CA GLN QB 111 99.42 -68.92 -56.62
C GLN QB 111 100.94 -68.79 -56.53
N CYS QB 112 101.42 -68.61 -55.30
CA CYS QB 112 102.85 -68.50 -55.04
C CYS QB 112 103.31 -69.33 -53.86
N ASN QB 113 102.40 -69.72 -52.94
CA ASN QB 113 102.65 -70.57 -51.78
C ASN QB 113 104.05 -70.43 -51.21
N ALA QB 114 104.49 -69.20 -50.98
CA ALA QB 114 105.72 -68.95 -50.26
C ALA QB 114 105.48 -69.11 -48.77
N SER QB 115 106.52 -68.86 -47.97
CA SER QB 115 106.40 -68.96 -46.53
C SER QB 115 106.00 -67.60 -45.96
N LYS QB 116 106.17 -67.45 -44.65
CA LYS QB 116 105.88 -66.20 -43.96
C LYS QB 116 107.12 -65.33 -43.81
N PHE QB 117 108.32 -65.92 -43.99
CA PHE QB 117 109.57 -65.18 -43.90
C PHE QB 117 110.12 -64.78 -45.26
N HIS QB 118 109.53 -65.26 -46.35
CA HIS QB 118 109.90 -64.80 -47.68
C HIS QB 118 109.26 -63.44 -47.95
N GLN QB 119 109.93 -62.64 -48.76
CA GLN QB 119 109.42 -61.34 -49.16
C GLN QB 119 109.59 -61.17 -50.65
N GLY QB 120 108.72 -60.36 -51.25
CA GLY QB 120 108.78 -60.12 -52.67
C GLY QB 120 107.46 -59.58 -53.18
N CYS QB 121 107.44 -59.33 -54.48
CA CYS QB 121 106.25 -58.77 -55.12
C CYS QB 121 106.29 -59.11 -56.60
N LEU QB 122 105.13 -59.48 -57.15
CA LEU QB 122 104.99 -59.86 -58.55
C LEU QB 122 103.97 -58.96 -59.23
N LEU QB 123 104.19 -58.73 -60.52
CA LEU QB 123 103.19 -58.14 -61.40
C LEU QB 123 102.66 -59.24 -62.31
N VAL QB 124 101.39 -59.59 -62.14
CA VAL QB 124 100.73 -60.60 -62.97
C VAL QB 124 99.81 -59.84 -63.92
N VAL QB 125 100.25 -59.73 -65.18
CA VAL QB 125 99.59 -58.90 -66.18
C VAL QB 125 99.44 -59.74 -67.45
N CYS QB 126 98.44 -59.38 -68.25
CA CYS QB 126 98.01 -60.24 -69.36
C CYS QB 126 98.35 -59.68 -70.74
N VAL QB 127 98.37 -58.37 -70.92
CA VAL QB 127 98.93 -57.71 -72.10
C VAL QB 127 98.35 -58.30 -73.38
N PRO QB 128 97.14 -57.92 -73.79
CA PRO QB 128 96.64 -58.38 -75.10
C PRO QB 128 97.48 -57.80 -76.24
N GLU QB 129 97.74 -58.63 -77.24
CA GLU QB 129 98.50 -58.24 -78.44
C GLU QB 129 99.90 -57.73 -78.11
N ALA QB 130 100.66 -58.57 -77.41
CA ALA QB 130 102.05 -58.24 -77.07
C ALA QB 130 102.92 -58.61 -78.27
N GLU QB 131 103.07 -57.66 -79.20
CA GLU QB 131 104.01 -57.83 -80.31
C GLU QB 131 105.41 -57.51 -79.82
N MET QB 132 106.26 -58.51 -79.73
CA MET QB 132 107.58 -58.34 -79.16
C MET QB 132 108.62 -58.08 -80.25
N GLY QB 133 109.75 -57.51 -79.83
CA GLY QB 133 110.78 -57.06 -80.75
C GLY QB 133 111.99 -57.98 -80.73
N CYS QB 134 112.66 -58.07 -81.88
CA CYS QB 134 113.83 -58.92 -82.01
C CYS QB 134 115.01 -58.32 -81.26
N ALA QB 135 115.96 -59.18 -80.91
CA ALA QB 135 117.07 -58.78 -80.05
C ALA QB 135 118.07 -57.89 -80.79
N ASP QB 136 118.47 -58.30 -81.98
CA ASP QB 136 119.27 -57.47 -82.88
C ASP QB 136 118.38 -57.08 -84.06
N THR QB 137 117.96 -55.81 -84.09
CA THR QB 137 117.05 -55.36 -85.13
C THR QB 137 117.75 -55.33 -86.49
N ASP QB 138 116.91 -55.25 -87.54
CA ASP QB 138 117.14 -55.47 -88.97
C ASP QB 138 116.87 -56.92 -89.38
N THR QB 139 116.34 -57.74 -88.48
CA THR QB 139 116.04 -59.13 -88.80
C THR QB 139 114.89 -59.60 -87.93
N THR QB 140 114.46 -60.84 -88.16
CA THR QB 140 113.37 -61.48 -87.44
C THR QB 140 113.90 -62.66 -86.63
N PHE QB 141 113.00 -63.28 -85.86
CA PHE QB 141 113.31 -64.44 -85.04
C PHE QB 141 112.58 -65.69 -85.54
N PRO QB 142 113.13 -66.88 -85.27
CA PRO QB 142 112.61 -68.11 -85.92
C PRO QB 142 111.33 -68.69 -85.33
N ALA QB 143 110.49 -67.87 -84.69
CA ALA QB 143 109.12 -68.22 -84.35
C ALA QB 143 109.02 -69.26 -83.24
N THR QB 144 110.12 -69.94 -82.91
CA THR QB 144 110.19 -70.80 -81.75
C THR QB 144 110.81 -70.09 -80.56
N GLU QB 145 111.04 -68.78 -80.68
CA GLU QB 145 111.56 -67.96 -79.59
C GLU QB 145 110.46 -67.23 -78.83
N LEU QB 146 109.30 -67.03 -79.45
CA LEU QB 146 108.19 -66.45 -78.72
C LEU QB 146 107.55 -67.43 -77.76
N THR QB 147 107.43 -68.70 -78.15
CA THR QB 147 106.70 -69.66 -77.34
C THR QB 147 107.37 -71.02 -77.37
N THR QB 148 107.36 -71.69 -76.22
CA THR QB 148 107.72 -73.10 -76.08
C THR QB 148 106.54 -73.72 -75.35
N GLU QB 149 105.42 -73.85 -76.05
CA GLU QB 149 104.11 -74.25 -75.54
C GLU QB 149 103.95 -74.08 -74.03
N ASP QB 150 104.12 -75.17 -73.29
CA ASP QB 150 103.88 -75.16 -71.85
C ASP QB 150 104.95 -74.36 -71.10
N THR QB 151 106.23 -74.50 -71.47
CA THR QB 151 107.25 -73.88 -70.63
C THR QB 151 107.38 -72.38 -70.94
N PRO QB 152 107.71 -71.58 -69.93
CA PRO QB 152 107.81 -70.13 -70.14
C PRO QB 152 109.17 -69.70 -70.65
N HIS QB 153 109.17 -68.71 -71.54
CA HIS QB 153 110.38 -67.97 -71.84
C HIS QB 153 110.64 -66.95 -70.75
N VAL QB 154 111.84 -66.99 -70.18
CA VAL QB 154 112.20 -66.02 -69.16
C VAL QB 154 112.61 -64.71 -69.81
N PHE QB 155 112.51 -63.64 -69.04
CA PHE QB 155 113.12 -62.39 -69.44
C PHE QB 155 114.62 -62.45 -69.12
N THR QB 156 115.32 -61.36 -69.39
CA THR QB 156 116.71 -61.22 -69.02
C THR QB 156 116.89 -59.93 -68.23
N SER QB 157 117.99 -59.86 -67.48
CA SER QB 157 118.25 -58.68 -66.67
C SER QB 157 118.92 -57.57 -67.47
N ASP QB 158 119.60 -57.91 -68.56
CA ASP QB 158 120.24 -56.91 -69.40
C ASP QB 158 119.94 -57.18 -70.87
N SER QB 159 120.59 -56.44 -71.77
CA SER QB 159 120.35 -56.61 -73.19
C SER QB 159 121.03 -57.88 -73.71
N ILE QB 160 120.43 -58.47 -74.74
CA ILE QB 160 120.94 -59.68 -75.37
C ILE QB 160 120.95 -59.48 -76.87
N THR QB 161 121.73 -60.31 -77.55
CA THR QB 161 121.84 -60.30 -79.00
C THR QB 161 121.48 -61.67 -79.55
N GLY QB 162 121.41 -61.75 -80.88
CA GLY QB 162 121.00 -62.97 -81.54
C GLY QB 162 119.57 -62.92 -82.03
N LYS QB 163 119.24 -63.88 -82.90
CA LYS QB 163 117.93 -63.90 -83.55
C LYS QB 163 116.92 -64.49 -82.57
N LYS QB 164 116.52 -63.66 -81.60
CA LYS QB 164 115.53 -64.05 -80.62
C LYS QB 164 114.89 -62.79 -80.06
N VAL QB 165 114.00 -62.97 -79.09
CA VAL QB 165 113.21 -61.86 -78.56
C VAL QB 165 114.08 -61.02 -77.63
N GLN QB 166 114.00 -59.71 -77.78
CA GLN QB 166 114.67 -58.81 -76.84
C GLN QB 166 113.95 -58.90 -75.50
N ALA QB 167 114.41 -59.82 -74.64
CA ALA QB 167 113.72 -60.15 -73.40
C ALA QB 167 114.32 -59.45 -72.19
N ALA QB 168 114.83 -58.25 -72.37
CA ALA QB 168 115.32 -57.47 -71.24
C ALA QB 168 114.13 -56.80 -70.55
N VAL QB 169 114.03 -56.99 -69.23
CA VAL QB 169 113.09 -56.20 -68.45
C VAL QB 169 113.54 -54.74 -68.44
N CYS QB 170 112.62 -53.87 -68.05
CA CYS QB 170 112.54 -52.41 -68.24
C CYS QB 170 112.08 -52.11 -69.66
N ASN QB 171 112.07 -53.08 -70.56
CA ASN QB 171 111.55 -52.93 -71.91
C ASN QB 171 110.92 -54.26 -72.33
N ALA QB 172 109.94 -54.72 -71.54
CA ALA QB 172 109.55 -56.12 -71.39
C ALA QB 172 109.63 -56.91 -72.70
N GLY QB 173 108.72 -56.62 -73.63
CA GLY QB 173 108.87 -57.13 -74.97
C GLY QB 173 108.64 -56.08 -76.05
N MET QB 174 107.87 -55.06 -75.71
CA MET QB 174 107.24 -54.19 -76.70
C MET QB 174 107.92 -52.85 -76.84
N GLY QB 175 108.98 -52.58 -76.09
CA GLY QB 175 109.61 -51.28 -76.13
C GLY QB 175 108.94 -50.23 -75.26
N VAL QB 176 108.14 -50.65 -74.30
CA VAL QB 176 107.50 -49.75 -73.36
C VAL QB 176 108.24 -49.84 -72.03
N GLY QB 177 107.94 -48.91 -71.13
CA GLY QB 177 108.46 -49.02 -69.78
C GLY QB 177 107.76 -50.16 -69.05
N VAL QB 178 108.55 -50.94 -68.30
CA VAL QB 178 107.96 -52.08 -67.61
C VAL QB 178 107.21 -51.66 -66.35
N GLY QB 179 107.48 -50.47 -65.84
CA GLY QB 179 106.77 -50.01 -64.65
C GLY QB 179 105.32 -49.67 -64.95
N ASN QB 180 105.09 -48.95 -66.05
CA ASN QB 180 103.72 -48.61 -66.45
C ASN QB 180 103.14 -49.67 -67.38
N LEU QB 181 103.32 -50.92 -67.00
CA LEU QB 181 102.66 -52.06 -67.64
C LEU QB 181 101.38 -52.40 -66.90
N THR QB 182 100.96 -51.54 -65.98
CA THR QB 182 99.82 -51.72 -65.10
C THR QB 182 98.52 -51.30 -65.77
N ILE QB 183 98.58 -50.74 -66.99
CA ILE QB 183 97.40 -50.32 -67.71
C ILE QB 183 96.54 -51.51 -68.12
N PHE QB 184 97.13 -52.69 -68.22
CA PHE QB 184 96.42 -53.89 -68.65
C PHE QB 184 95.74 -54.55 -67.45
N PRO QB 185 94.92 -55.59 -67.69
CA PRO QB 185 94.40 -56.37 -66.57
C PRO QB 185 95.52 -57.00 -65.77
N HIS QB 186 95.69 -56.55 -64.53
CA HIS QB 186 96.84 -56.92 -63.72
C HIS QB 186 96.39 -57.30 -62.33
N GLN QB 187 97.35 -57.80 -61.54
CA GLN QB 187 97.15 -58.10 -60.13
C GLN QB 187 98.51 -58.20 -59.48
N TRP QB 188 98.69 -57.52 -58.35
CA TRP QB 188 99.92 -57.59 -57.60
C TRP QB 188 99.86 -58.78 -56.64
N ILE QB 189 100.97 -59.52 -56.57
CA ILE QB 189 101.09 -60.57 -55.56
C ILE QB 189 102.19 -60.17 -54.58
N ASN QB 190 101.80 -59.47 -53.53
CA ASN QB 190 102.73 -59.08 -52.47
C ASN QB 190 102.73 -60.17 -51.42
N LEU QB 191 103.88 -60.84 -51.26
CA LEU QB 191 103.96 -61.97 -50.34
C LEU QB 191 103.75 -61.56 -48.89
N ARG QB 192 103.88 -60.26 -48.60
CA ARG QB 192 103.54 -59.77 -47.28
C ARG QB 192 102.06 -59.98 -46.98
N THR QB 193 101.19 -59.68 -47.95
CA THR QB 193 99.75 -59.74 -47.75
C THR QB 193 99.13 -60.99 -48.36
N ASN QB 194 99.23 -61.14 -49.69
CA ASN QB 194 98.51 -62.17 -50.41
C ASN QB 194 99.48 -63.09 -51.15
N ASN QB 195 98.92 -64.15 -51.74
CA ASN QB 195 99.69 -65.10 -52.52
C ASN QB 195 99.04 -65.47 -53.84
N SER QB 196 97.74 -65.23 -54.01
CA SER QB 196 97.01 -65.70 -55.17
C SER QB 196 96.52 -64.53 -56.01
N ALA QB 197 96.46 -64.75 -57.31
CA ALA QB 197 95.94 -63.80 -58.26
C ALA QB 197 94.98 -64.53 -59.20
N THR QB 198 93.98 -63.81 -59.71
CA THR QB 198 93.07 -64.40 -60.66
C THR QB 198 92.58 -63.32 -61.62
N ILE QB 199 92.68 -63.61 -62.92
CA ILE QB 199 92.39 -62.64 -63.97
C ILE QB 199 91.49 -63.30 -64.99
N VAL QB 200 90.48 -62.57 -65.46
CA VAL QB 200 89.53 -63.09 -66.44
C VAL QB 200 89.60 -62.17 -67.65
N ILE QB 201 89.91 -62.75 -68.82
CA ILE QB 201 90.28 -62.00 -70.00
C ILE QB 201 89.29 -62.35 -71.12
N PRO QB 202 88.31 -61.48 -71.39
CA PRO QB 202 87.13 -61.86 -72.17
C PRO QB 202 87.31 -61.83 -73.69
N TYR QB 203 88.41 -62.43 -74.17
CA TYR QB 203 88.69 -62.55 -75.60
C TYR QB 203 88.68 -61.19 -76.31
N ILE QB 204 89.79 -60.48 -76.15
CA ILE QB 204 89.97 -59.21 -76.84
C ILE QB 204 90.54 -59.48 -78.23
N ASN QB 205 89.78 -59.14 -79.27
CA ASN QB 205 90.23 -59.29 -80.65
C ASN QB 205 89.33 -58.45 -81.55
N SER QB 206 89.85 -58.13 -82.74
CA SER QB 206 89.16 -57.28 -83.70
C SER QB 206 88.26 -58.05 -84.65
N VAL QB 207 88.30 -59.38 -84.61
CA VAL QB 207 87.46 -60.24 -85.46
C VAL QB 207 86.80 -61.21 -84.48
N PRO QB 208 85.54 -61.62 -84.71
CA PRO QB 208 84.87 -62.44 -83.69
C PRO QB 208 85.54 -63.78 -83.45
N MET QB 209 86.14 -64.38 -84.47
CA MET QB 209 86.85 -65.64 -84.32
C MET QB 209 88.13 -65.59 -85.12
N ASP QB 210 89.20 -66.18 -84.59
CA ASP QB 210 90.48 -66.18 -85.27
C ASP QB 210 91.17 -67.52 -85.04
N ASN QB 211 92.15 -67.81 -85.89
CA ASN QB 211 92.89 -69.06 -85.80
C ASN QB 211 93.75 -69.06 -84.54
N MET QB 212 93.84 -70.21 -83.90
CA MET QB 212 94.50 -70.32 -82.60
C MET QB 212 95.98 -70.66 -82.69
N PHE QB 213 96.52 -70.87 -83.89
CA PHE QB 213 97.95 -71.08 -84.06
C PHE QB 213 98.68 -69.90 -84.65
N ARG QB 214 98.02 -69.10 -85.49
CA ARG QB 214 98.66 -67.91 -86.03
C ARG QB 214 98.74 -66.81 -84.98
N HIS QB 215 97.65 -66.55 -84.27
CA HIS QB 215 97.48 -65.33 -83.48
C HIS QB 215 97.55 -65.65 -82.00
N TYR QB 216 98.40 -64.92 -81.27
CA TYR QB 216 98.52 -65.02 -79.83
C TYR QB 216 97.66 -63.91 -79.24
N ASN QB 217 96.54 -64.28 -78.62
CA ASN QB 217 95.56 -63.28 -78.23
C ASN QB 217 96.08 -62.42 -77.07
N PHE QB 218 96.79 -63.01 -76.13
CA PHE QB 218 97.39 -62.22 -75.05
C PHE QB 218 98.64 -62.93 -74.55
N THR QB 219 99.39 -62.24 -73.70
CA THR QB 219 100.69 -62.71 -73.21
C THR QB 219 100.73 -62.58 -71.69
N LEU QB 220 100.44 -63.66 -70.98
CA LEU QB 220 100.56 -63.66 -69.53
C LEU QB 220 102.04 -63.57 -69.17
N MET QB 221 102.45 -62.44 -68.60
CA MET QB 221 103.82 -62.25 -68.16
C MET QB 221 103.84 -61.88 -66.69
N ILE QB 222 104.66 -62.59 -65.93
CA ILE QB 222 104.79 -62.41 -64.48
C ILE QB 222 106.17 -61.81 -64.22
N ILE QB 223 106.21 -60.61 -63.65
CA ILE QB 223 107.44 -59.84 -63.56
C ILE QB 223 107.68 -59.48 -62.10
N PRO QB 224 108.77 -59.94 -61.48
CA PRO QB 224 109.08 -59.59 -60.09
C PRO QB 224 109.64 -58.18 -59.99
N PHE QB 225 108.84 -57.26 -59.45
CA PHE QB 225 109.35 -55.92 -59.18
C PHE QB 225 110.25 -55.90 -57.97
N ALA QB 226 109.70 -56.20 -56.81
CA ALA QB 226 110.60 -56.35 -55.67
C ALA QB 226 111.16 -57.76 -55.65
N PRO QB 227 112.48 -57.93 -55.61
CA PRO QB 227 113.06 -59.26 -55.76
C PRO QB 227 112.81 -60.12 -54.53
N LEU QB 228 112.86 -61.43 -54.74
CA LEU QB 228 112.73 -62.36 -53.64
C LEU QB 228 113.91 -62.21 -52.69
N ASN QB 229 113.64 -62.31 -51.39
CA ASN QB 229 114.71 -62.29 -50.42
C ASN QB 229 114.35 -63.18 -49.23
N PHE QB 230 115.37 -63.73 -48.60
CA PHE QB 230 115.22 -64.66 -47.49
C PHE QB 230 116.59 -64.83 -46.85
N THR QB 231 116.65 -65.59 -45.77
CA THR QB 231 117.89 -65.86 -45.06
C THR QB 231 118.37 -67.27 -45.39
N ASP QB 232 119.47 -67.67 -44.74
CA ASP QB 232 120.21 -68.87 -45.11
C ASP QB 232 119.57 -70.16 -44.64
N GLY QB 233 118.34 -70.11 -44.13
CA GLY QB 233 117.67 -71.31 -43.70
C GLY QB 233 116.47 -71.69 -44.54
N ALA QB 234 115.88 -70.72 -45.24
CA ALA QB 234 114.67 -70.98 -46.00
C ALA QB 234 115.00 -71.70 -47.31
N THR QB 235 113.96 -72.11 -48.02
CA THR QB 235 114.14 -72.70 -49.33
C THR QB 235 114.55 -71.63 -50.33
N ALA QB 236 115.50 -71.96 -51.21
CA ALA QB 236 116.14 -70.98 -52.07
C ALA QB 236 115.25 -70.52 -53.22
N TYR QB 237 113.96 -70.83 -53.19
CA TYR QB 237 113.07 -70.50 -54.30
C TYR QB 237 111.64 -70.45 -53.79
N VAL QB 238 110.75 -69.92 -54.63
CA VAL QB 238 109.32 -69.88 -54.35
C VAL QB 238 108.60 -70.34 -55.61
N PRO QB 239 107.93 -71.49 -55.60
CA PRO QB 239 107.30 -72.02 -56.83
C PRO QB 239 106.01 -71.29 -57.14
N ILE QB 240 105.93 -70.76 -58.36
CA ILE QB 240 104.77 -70.03 -58.83
C ILE QB 240 103.93 -70.98 -59.67
N THR QB 241 102.66 -71.15 -59.32
CA THR QB 241 101.78 -72.13 -59.95
C THR QB 241 100.75 -71.39 -60.81
N VAL QB 242 100.68 -71.76 -62.08
CA VAL QB 242 99.81 -71.10 -63.05
C VAL QB 242 98.73 -72.10 -63.47
N THR QB 243 97.48 -71.65 -63.46
CA THR QB 243 96.32 -72.50 -63.76
C THR QB 243 95.38 -71.71 -64.66
N ILE QB 244 95.02 -72.29 -65.80
CA ILE QB 244 94.21 -71.62 -66.82
C ILE QB 244 92.96 -72.44 -67.06
N ALA QB 245 91.80 -71.79 -67.01
CA ALA QB 245 90.53 -72.44 -67.32
C ALA QB 245 89.90 -71.77 -68.53
N PRO QB 246 89.93 -72.40 -69.72
CA PRO QB 246 89.33 -71.79 -70.90
C PRO QB 246 87.82 -71.73 -70.82
N MET QB 247 87.25 -70.55 -70.63
CA MET QB 247 85.82 -70.40 -70.44
C MET QB 247 85.16 -69.93 -71.73
N TYR QB 248 83.94 -70.45 -71.97
CA TYR QB 248 83.11 -70.04 -73.10
C TYR QB 248 83.85 -70.21 -74.42
N ALA QB 249 84.57 -71.32 -74.52
CA ALA QB 249 85.27 -71.63 -75.76
C ALA QB 249 84.27 -72.09 -76.79
N GLU QB 250 84.28 -71.45 -77.96
CA GLU QB 250 83.44 -71.89 -79.07
C GLU QB 250 84.23 -71.83 -80.36
N TYR QB 251 83.84 -72.68 -81.30
CA TYR QB 251 84.64 -73.02 -82.47
C TYR QB 251 83.75 -72.88 -83.69
N ASN QB 252 84.28 -73.21 -84.86
CA ASN QB 252 83.43 -73.19 -86.04
C ASN QB 252 82.65 -74.50 -86.16
N GLY QB 253 81.75 -74.54 -87.13
CA GLY QB 253 80.95 -75.72 -87.36
C GLY QB 253 81.61 -76.61 -88.40
N LEU QB 254 81.49 -77.92 -88.18
CA LEU QB 254 82.06 -78.91 -89.09
C LEU QB 254 80.98 -79.62 -89.91
N ARG QB 255 79.72 -79.54 -89.49
CA ARG QB 255 78.60 -80.17 -90.16
C ARG QB 255 78.15 -79.32 -91.34
N LEU QB 256 77.39 -79.95 -92.23
CA LEU QB 256 76.75 -79.22 -93.32
C LEU QB 256 75.53 -78.48 -92.80
N ALA QB 257 74.99 -77.60 -93.65
CA ALA QB 257 73.77 -76.86 -93.30
C ALA QB 257 72.61 -77.29 -94.19
N GLY RB 1 70.91 -17.51 -110.13
CA GLY RB 1 70.36 -18.18 -108.95
C GLY RB 1 70.54 -17.38 -107.66
N VAL RB 2 71.05 -18.04 -106.64
CA VAL RB 2 71.23 -17.42 -105.32
C VAL RB 2 72.46 -16.53 -105.37
N PRO RB 3 72.33 -15.23 -105.10
CA PRO RB 3 73.51 -14.36 -105.08
C PRO RB 3 74.38 -14.62 -103.85
N VAL RB 4 75.55 -15.21 -104.07
CA VAL RB 4 76.49 -15.47 -103.00
C VAL RB 4 77.72 -14.59 -103.22
N LEU RB 5 78.48 -14.38 -102.15
CA LEU RB 5 79.75 -13.68 -102.27
C LEU RB 5 80.77 -14.34 -101.35
N ASN RB 6 81.93 -14.65 -101.91
CA ASN RB 6 82.97 -15.35 -101.17
C ASN RB 6 83.66 -14.41 -100.20
N THR RB 7 83.73 -14.85 -98.94
CA THR RB 7 84.38 -14.10 -97.88
C THR RB 7 85.88 -14.32 -97.97
N PRO RB 8 86.67 -13.53 -97.24
CA PRO RB 8 88.08 -13.91 -97.03
C PRO RB 8 88.15 -15.25 -96.29
N GLY RB 9 89.01 -16.12 -96.78
CA GLY RB 9 89.07 -17.48 -96.30
C GLY RB 9 88.44 -18.52 -97.20
N SER RB 10 88.02 -18.13 -98.40
CA SER RB 10 87.51 -19.08 -99.37
C SER RB 10 88.68 -19.66 -100.16
N ASN RB 11 88.52 -20.91 -100.59
CA ASN RB 11 89.53 -21.62 -101.39
C ASN RB 11 90.87 -21.69 -100.68
N GLN RB 12 90.86 -21.71 -99.35
CA GLN RB 12 92.06 -21.94 -98.57
C GLN RB 12 91.97 -23.31 -97.93
N PHE RB 13 93.10 -23.76 -97.38
CA PHE RB 13 93.16 -25.03 -96.68
C PHE RB 13 93.66 -24.78 -95.27
N LEU RB 14 92.73 -24.54 -94.35
CA LEU RB 14 93.04 -24.53 -92.93
C LEU RB 14 93.20 -25.97 -92.46
N THR RB 15 94.33 -26.25 -91.80
CA THR RB 15 94.64 -27.61 -91.41
C THR RB 15 93.63 -28.15 -90.41
N SER RB 16 93.22 -27.31 -89.47
CA SER RB 16 92.26 -27.69 -88.43
C SER RB 16 90.88 -27.17 -88.80
N ASP RB 17 90.18 -27.92 -89.66
CA ASP RB 17 88.79 -27.65 -89.96
C ASP RB 17 87.98 -28.94 -89.85
N ASP RB 18 86.66 -28.80 -89.81
CA ASP RB 18 85.75 -29.91 -89.60
C ASP RB 18 84.65 -29.92 -90.65
N TYR RB 19 85.05 -29.82 -91.91
CA TYR RB 19 84.11 -29.75 -93.02
C TYR RB 19 83.73 -31.15 -93.49
N GLN RB 20 82.63 -31.21 -94.24
CA GLN RB 20 82.11 -32.48 -94.75
C GLN RB 20 82.94 -32.91 -95.95
N SER RB 21 83.80 -33.91 -95.74
CA SER RB 21 84.64 -34.39 -96.81
C SER RB 21 83.81 -35.23 -97.78
N PRO RB 22 83.92 -34.99 -99.09
CA PRO RB 22 83.17 -35.83 -100.05
C PRO RB 22 83.75 -37.24 -100.07
N SER RB 23 82.91 -38.23 -99.78
CA SER RB 23 83.37 -39.60 -99.62
C SER RB 23 83.72 -40.21 -100.96
N ALA RB 24 84.88 -40.87 -101.03
CA ALA RB 24 85.34 -41.44 -102.29
C ALA RB 24 84.62 -42.72 -102.63
N MET RB 25 84.13 -43.45 -101.64
CA MET RB 25 83.47 -44.73 -101.87
C MET RB 25 82.06 -44.63 -101.28
N PRO RB 26 81.10 -44.06 -102.03
CA PRO RB 26 79.77 -43.81 -101.47
C PRO RB 26 78.93 -45.07 -101.44
N GLN RB 27 79.08 -45.89 -102.46
CA GLN RB 27 78.35 -47.16 -102.52
C GLN RB 27 78.78 -48.08 -101.38
N PHE RB 28 80.06 -48.00 -101.02
CA PHE RB 28 80.66 -48.90 -100.03
C PHE RB 28 79.99 -48.76 -98.67
N ASP RB 29 79.55 -49.89 -98.12
CA ASP RB 29 78.98 -49.94 -96.78
C ASP RB 29 79.96 -50.65 -95.85
N GLU RB 30 80.40 -49.93 -94.82
CA GLU RB 30 81.46 -50.38 -93.92
C GLU RB 30 80.99 -51.51 -92.99
N THR RB 31 81.98 -52.20 -92.42
CA THR RB 31 81.72 -53.39 -91.60
C THR RB 31 80.97 -53.00 -90.32
N PRO RB 32 79.98 -53.79 -89.90
CA PRO RB 32 79.26 -53.47 -88.66
C PRO RB 32 80.17 -53.53 -87.45
N GLU RB 33 79.90 -52.63 -86.50
CA GLU RB 33 80.73 -52.49 -85.31
C GLU RB 33 80.32 -53.54 -84.28
N MET RB 34 81.21 -54.49 -84.00
CA MET RB 34 80.98 -55.39 -82.89
C MET RB 34 81.43 -54.74 -81.59
N HIS RB 35 81.02 -55.33 -80.47
CA HIS RB 35 81.47 -54.86 -79.17
C HIS RB 35 82.83 -55.47 -78.84
N ILE RB 36 83.85 -54.63 -78.74
CA ILE RB 36 85.20 -55.03 -78.35
C ILE RB 36 85.43 -54.56 -76.92
N PRO RB 37 85.92 -55.42 -76.03
CA PRO RB 37 86.07 -55.02 -74.62
C PRO RB 37 87.15 -53.96 -74.43
N GLY RB 38 86.89 -53.04 -73.51
CA GLY RB 38 87.89 -52.08 -73.10
C GLY RB 38 87.97 -50.85 -74.00
N GLU RB 39 86.85 -50.13 -74.13
CA GLU RB 39 86.84 -48.93 -74.95
C GLU RB 39 87.38 -47.75 -74.16
N VAL RB 40 88.18 -46.92 -74.83
CA VAL RB 40 88.63 -45.64 -74.28
C VAL RB 40 87.79 -44.55 -74.93
N ARG RB 41 87.20 -43.70 -74.10
CA ARG RB 41 86.40 -42.58 -74.57
C ARG RB 41 86.98 -41.24 -74.15
N ASN RB 42 88.12 -41.25 -73.46
CA ASN RB 42 88.75 -40.06 -72.91
C ASN RB 42 90.17 -40.43 -72.50
N LEU RB 43 91.13 -39.56 -72.81
CA LEU RB 43 92.52 -39.87 -72.51
C LEU RB 43 92.77 -39.93 -71.01
N MET RB 44 92.11 -39.07 -70.23
CA MET RB 44 92.33 -39.05 -68.78
C MET RB 44 91.84 -40.32 -68.09
N GLU RB 45 91.32 -41.30 -68.83
CA GLU RB 45 91.11 -42.63 -68.27
C GLU RB 45 92.40 -43.44 -68.22
N ILE RB 46 93.43 -43.00 -68.94
CA ILE RB 46 94.75 -43.64 -68.84
C ILE RB 46 95.54 -43.08 -67.67
N ALA RB 47 95.37 -41.78 -67.39
CA ALA RB 47 96.08 -41.15 -66.29
C ALA RB 47 95.60 -41.63 -64.93
N GLU RB 48 94.36 -42.12 -64.84
CA GLU RB 48 93.81 -42.58 -63.59
C GLU RB 48 94.27 -43.98 -63.20
N VAL RB 49 95.08 -44.63 -64.03
CA VAL RB 49 95.59 -45.97 -63.73
C VAL RB 49 96.92 -45.84 -62.99
N ASP RB 50 97.02 -46.51 -61.85
CA ASP RB 50 98.27 -46.53 -61.10
C ASP RB 50 99.35 -47.22 -61.92
N SER RB 51 100.58 -46.77 -61.74
CA SER RB 51 101.73 -47.39 -62.39
C SER RB 51 102.97 -47.09 -61.57
N VAL RB 52 103.96 -47.98 -61.66
CA VAL RB 52 105.10 -47.93 -60.75
C VAL RB 52 106.01 -46.79 -61.15
N VAL RB 53 106.50 -46.07 -60.15
CA VAL RB 53 107.26 -44.83 -60.34
C VAL RB 53 108.72 -45.12 -60.05
N PRO RB 54 109.64 -44.90 -61.00
CA PRO RB 54 111.07 -45.16 -60.76
C PRO RB 54 111.71 -44.10 -59.88
N VAL RB 55 111.58 -44.28 -58.56
CA VAL RB 55 112.13 -43.30 -57.63
C VAL RB 55 113.64 -43.46 -57.52
N ASN RB 56 114.13 -44.70 -57.56
CA ASN RB 56 115.57 -44.99 -57.43
C ASN RB 56 116.24 -44.98 -58.82
N ASN RB 57 116.06 -43.87 -59.53
CA ASN RB 57 116.63 -43.73 -60.87
C ASN RB 57 118.01 -43.08 -60.84
N VAL RB 58 118.91 -43.62 -60.02
CA VAL RB 58 120.26 -43.09 -59.92
C VAL RB 58 121.07 -43.52 -61.14
N THR RB 59 122.30 -43.01 -61.25
CA THR RB 59 123.02 -42.97 -62.52
C THR RB 59 123.27 -44.34 -63.14
N GLY RB 60 123.23 -45.41 -62.36
CA GLY RB 60 123.56 -46.72 -62.90
C GLY RB 60 122.46 -47.75 -62.77
N LYS RB 61 121.25 -47.31 -62.39
CA LYS RB 61 120.18 -48.23 -62.04
C LYS RB 61 118.90 -47.87 -62.79
N THR RB 62 119.02 -47.39 -64.02
CA THR RB 62 117.87 -46.99 -64.82
C THR RB 62 117.56 -47.94 -65.98
N LYS RB 63 118.50 -48.78 -66.39
CA LYS RB 63 118.24 -49.78 -67.41
C LYS RB 63 117.89 -51.14 -66.83
N SER RB 64 117.85 -51.26 -65.51
CA SER RB 64 117.38 -52.44 -64.81
C SER RB 64 116.09 -52.11 -64.07
N MET RB 65 115.52 -53.12 -63.41
CA MET RB 65 114.35 -52.92 -62.57
C MET RB 65 114.71 -52.56 -61.14
N ASP RB 66 115.93 -52.11 -60.89
CA ASP RB 66 116.28 -51.51 -59.62
C ASP RB 66 115.90 -50.04 -59.56
N ALA RB 67 115.38 -49.49 -60.65
CA ALA RB 67 114.89 -48.11 -60.64
C ALA RB 67 113.61 -47.98 -59.82
N TYR RB 68 112.79 -49.04 -59.79
CA TYR RB 68 111.49 -48.98 -59.15
C TYR RB 68 111.54 -49.29 -57.66
N GLN RB 69 112.68 -49.75 -57.16
CA GLN RB 69 112.78 -50.29 -55.82
C GLN RB 69 113.45 -49.27 -54.91
N ILE RB 70 112.75 -48.88 -53.84
CA ILE RB 70 113.29 -47.95 -52.85
C ILE RB 70 113.89 -48.79 -51.73
N PRO RB 71 115.21 -48.79 -51.55
CA PRO RB 71 115.81 -49.65 -50.52
C PRO RB 71 115.54 -49.11 -49.12
N VAL RB 72 115.04 -49.99 -48.25
CA VAL RB 72 114.74 -49.65 -46.86
C VAL RB 72 115.43 -50.68 -45.98
N GLY RB 73 116.36 -50.21 -45.14
CA GLY RB 73 117.13 -51.10 -44.29
C GLY RB 73 118.41 -51.57 -44.94
N ASP RB 78 121.50 -45.26 -40.99
CA ASP RB 78 121.54 -43.80 -40.94
C ASP RB 78 120.13 -43.21 -40.95
N LYS RB 79 119.75 -42.60 -39.83
CA LYS RB 79 118.43 -41.98 -39.69
C LYS RB 79 118.47 -40.48 -39.88
N THR RB 80 119.62 -39.92 -40.29
CA THR RB 80 119.77 -38.48 -40.41
C THR RB 80 119.47 -37.95 -41.80
N LYS RB 81 119.53 -38.79 -42.83
CA LYS RB 81 119.20 -38.37 -44.18
C LYS RB 81 117.98 -39.14 -44.68
N PRO RB 82 117.13 -38.51 -45.48
CA PRO RB 82 115.86 -39.14 -45.86
C PRO RB 82 116.09 -40.33 -46.78
N ILE RB 83 115.05 -41.18 -46.85
CA ILE RB 83 115.13 -42.37 -47.70
C ILE RB 83 115.10 -41.96 -49.16
N PHE RB 84 114.09 -41.19 -49.56
CA PHE RB 84 113.99 -40.68 -50.91
C PHE RB 84 113.32 -39.31 -50.87
N SER RB 85 113.40 -38.61 -52.00
CA SER RB 85 112.87 -37.26 -52.12
C SER RB 85 112.81 -36.89 -53.61
N PHE RB 86 111.70 -36.30 -54.05
CA PHE RB 86 111.59 -35.91 -55.44
C PHE RB 86 110.58 -34.78 -55.61
N GLN RB 87 110.79 -33.99 -56.66
CA GLN RB 87 109.82 -32.98 -57.07
C GLN RB 87 108.47 -33.62 -57.34
N MET RB 88 107.40 -32.89 -56.96
CA MET RB 88 106.05 -33.38 -57.19
C MET RB 88 105.44 -32.60 -58.36
N ASP RB 89 105.89 -32.95 -59.57
CA ASP RB 89 105.29 -32.44 -60.79
C ASP RB 89 105.53 -33.42 -61.94
N PRO RB 90 104.46 -33.95 -62.55
CA PRO RB 90 104.64 -34.99 -63.57
C PRO RB 90 105.32 -34.51 -64.84
N GLY RB 91 105.47 -33.21 -65.04
CA GLY RB 91 106.26 -32.67 -66.13
C GLY RB 91 107.58 -32.14 -65.60
N TYR RB 92 108.63 -32.25 -66.41
CA TYR RB 92 109.95 -31.72 -66.10
C TYR RB 92 110.49 -32.27 -64.78
N SER RB 93 110.17 -33.52 -64.47
CA SER RB 93 110.71 -34.20 -63.30
C SER RB 93 111.11 -35.61 -63.69
N SER RB 94 112.36 -35.97 -63.40
CA SER RB 94 112.90 -37.23 -63.88
C SER RB 94 112.15 -38.43 -63.32
N VAL RB 95 111.54 -38.29 -62.14
CA VAL RB 95 110.90 -39.41 -61.49
C VAL RB 95 109.50 -39.65 -62.05
N LEU RB 96 108.75 -38.58 -62.33
CA LEU RB 96 107.34 -38.68 -62.67
C LEU RB 96 107.04 -38.31 -64.13
N LYS RB 97 108.05 -38.28 -65.00
CA LYS RB 97 107.82 -37.84 -66.38
C LYS RB 97 107.53 -38.98 -67.33
N ARG RB 98 107.88 -40.22 -66.98
CA ARG RB 98 107.60 -41.35 -67.84
C ARG RB 98 106.53 -42.28 -67.25
N THR RB 99 105.85 -41.82 -66.22
CA THR RB 99 104.68 -42.50 -65.68
C THR RB 99 103.51 -42.37 -66.66
N LEU RB 100 102.53 -43.27 -66.55
CA LEU RB 100 101.30 -43.11 -67.31
C LEU RB 100 100.66 -41.76 -67.03
N LEU RB 101 100.70 -41.31 -65.78
CA LEU RB 101 100.29 -39.95 -65.47
C LEU RB 101 101.18 -38.94 -66.18
N GLY RB 102 102.50 -39.05 -65.99
CA GLY RB 102 103.39 -38.05 -66.51
C GLY RB 102 103.62 -38.10 -68.01
N GLU RB 103 103.14 -39.14 -68.67
CA GLU RB 103 103.33 -39.27 -70.11
C GLU RB 103 102.11 -38.82 -70.91
N MET RB 104 100.92 -38.91 -70.33
CA MET RB 104 99.75 -38.36 -70.98
C MET RB 104 99.59 -36.88 -70.70
N LEU RB 105 100.43 -36.32 -69.84
CA LEU RB 105 100.50 -34.90 -69.53
C LEU RB 105 101.55 -34.16 -70.33
N ASN RB 106 102.46 -34.86 -71.02
CA ASN RB 106 103.41 -34.20 -71.90
C ASN RB 106 102.84 -33.96 -73.29
N TYR RB 107 101.66 -34.49 -73.59
CA TYR RB 107 100.93 -34.13 -74.79
C TYR RB 107 100.20 -32.80 -74.67
N TYR RB 108 100.30 -32.14 -73.52
CA TYR RB 108 99.52 -30.94 -73.27
C TYR RB 108 100.38 -29.89 -72.59
N ALA RB 109 100.02 -28.64 -72.82
CA ALA RB 109 100.73 -27.50 -72.24
C ALA RB 109 100.09 -26.99 -70.96
N HIS RB 110 98.77 -26.91 -70.90
CA HIS RB 110 98.06 -26.46 -69.71
C HIS RB 110 97.38 -27.67 -69.07
N TRP RB 111 97.80 -28.02 -67.86
CA TRP RB 111 97.12 -29.06 -67.11
C TRP RB 111 97.16 -28.70 -65.63
N SER RB 112 96.12 -29.12 -64.92
CA SER RB 112 95.95 -28.77 -63.51
C SER RB 112 95.07 -29.81 -62.84
N GLY RB 113 95.49 -30.26 -61.67
CA GLY RB 113 94.72 -31.24 -60.94
C GLY RB 113 95.53 -31.75 -59.76
N SER RB 114 95.05 -32.86 -59.20
CA SER RB 114 95.72 -33.50 -58.07
C SER RB 114 96.23 -34.87 -58.50
N VAL RB 115 97.08 -35.42 -57.64
CA VAL RB 115 97.81 -36.66 -57.92
C VAL RB 115 97.96 -37.45 -56.63
N LYS RB 116 97.57 -38.72 -56.67
CA LYS RB 116 97.63 -39.60 -55.51
C LYS RB 116 98.82 -40.54 -55.63
N LEU RB 117 99.43 -40.85 -54.50
CA LEU RB 117 100.62 -41.69 -54.46
C LEU RB 117 100.37 -42.84 -53.49
N THR RB 118 100.67 -44.05 -53.94
CA THR RB 118 100.53 -45.25 -53.12
C THR RB 118 101.91 -45.84 -52.87
N PHE RB 119 102.22 -46.08 -51.60
CA PHE RB 119 103.52 -46.66 -51.21
C PHE RB 119 103.27 -48.09 -50.73
N LEU RB 120 103.57 -49.04 -51.61
CA LEU RB 120 103.42 -50.46 -51.32
C LEU RB 120 104.73 -50.96 -50.71
N PHE RB 121 104.68 -51.38 -49.44
CA PHE RB 121 105.84 -51.94 -48.78
C PHE RB 121 105.98 -53.41 -49.17
N CYS RB 122 107.04 -53.72 -49.89
CA CYS RB 122 107.27 -55.07 -50.41
C CYS RB 122 108.30 -55.84 -49.59
N GLY RB 123 108.25 -55.70 -48.26
CA GLY RB 123 109.11 -56.44 -47.37
C GLY RB 123 108.44 -57.70 -46.85
N SER RB 124 109.00 -58.24 -45.77
CA SER RB 124 108.49 -59.48 -45.22
C SER RB 124 107.16 -59.23 -44.50
N ALA RB 125 106.49 -60.32 -44.17
CA ALA RB 125 105.27 -60.23 -43.37
C ALA RB 125 105.57 -60.14 -41.87
N MET RB 126 106.85 -60.19 -41.50
CA MET RB 126 107.29 -60.09 -40.11
C MET RB 126 108.06 -58.82 -39.82
N ALA RB 127 108.49 -58.09 -40.85
CA ALA RB 127 109.25 -56.86 -40.64
C ALA RB 127 108.31 -55.76 -40.18
N THR RB 128 108.75 -54.97 -39.21
CA THR RB 128 107.90 -53.95 -38.61
C THR RB 128 108.73 -52.70 -38.34
N GLY RB 129 108.21 -51.56 -38.78
CA GLY RB 129 108.87 -50.29 -38.54
C GLY RB 129 107.93 -49.16 -38.88
N LYS RB 130 108.44 -47.94 -38.75
CA LYS RB 130 107.68 -46.74 -39.07
C LYS RB 130 108.45 -45.87 -40.04
N LEU RB 131 107.72 -45.29 -40.98
CA LEU RB 131 108.24 -44.34 -41.95
C LEU RB 131 107.39 -43.09 -41.90
N LEU RB 132 108.03 -41.92 -42.03
CA LEU RB 132 107.36 -40.64 -41.91
C LEU RB 132 107.42 -39.95 -43.27
N ILE RB 133 106.27 -39.84 -43.92
CA ILE RB 133 106.16 -39.33 -45.28
C ILE RB 133 105.71 -37.89 -45.19
N SER RB 134 106.62 -36.96 -45.46
CA SER RB 134 106.35 -35.53 -45.33
C SER RB 134 106.08 -34.91 -46.69
N TYR RB 135 105.24 -33.89 -46.70
CA TYR RB 135 104.87 -33.17 -47.91
C TYR RB 135 105.19 -31.69 -47.75
N SER RB 136 105.95 -31.15 -48.69
CA SER RB 136 106.15 -29.72 -48.57
C SER RB 136 105.29 -28.98 -49.58
N PRO RB 137 104.70 -27.86 -49.18
CA PRO RB 137 103.93 -27.03 -50.12
C PRO RB 137 104.82 -26.50 -51.23
N PRO RB 138 104.25 -26.06 -52.36
CA PRO RB 138 105.09 -25.73 -53.52
C PRO RB 138 106.04 -24.57 -53.30
N GLY RB 139 105.79 -23.71 -52.32
CA GLY RB 139 106.68 -22.60 -52.05
C GLY RB 139 107.73 -22.91 -50.99
N ALA RB 140 107.43 -23.87 -50.13
CA ALA RB 140 108.26 -24.10 -48.96
C ALA RB 140 109.55 -24.81 -49.33
N SER RB 141 110.51 -24.76 -48.41
CA SER RB 141 111.78 -25.45 -48.57
C SER RB 141 111.68 -26.85 -47.99
N VAL RB 142 112.58 -27.72 -48.42
CA VAL RB 142 112.56 -29.12 -47.99
C VAL RB 142 112.95 -29.20 -46.52
N PRO RB 143 112.45 -30.18 -45.78
CA PRO RB 143 112.95 -30.38 -44.41
C PRO RB 143 114.34 -30.98 -44.45
N THR RB 144 115.26 -30.39 -43.68
CA THR RB 144 116.62 -30.90 -43.60
C THR RB 144 116.79 -31.96 -42.53
N SER RB 145 115.85 -32.07 -41.60
CA SER RB 145 115.90 -33.03 -40.52
C SER RB 145 114.56 -33.73 -40.41
N ARG RB 146 114.52 -34.76 -39.57
CA ARG RB 146 113.26 -35.50 -39.39
C ARG RB 146 112.28 -34.70 -38.53
N LYS RB 147 112.79 -33.96 -37.53
CA LYS RB 147 111.91 -33.16 -36.69
C LYS RB 147 111.25 -32.05 -37.49
N ASP RB 148 112.00 -31.38 -38.36
CA ASP RB 148 111.43 -30.32 -39.18
C ASP RB 148 110.44 -30.85 -40.20
N ALA RB 149 110.56 -32.11 -40.59
CA ALA RB 149 109.54 -32.75 -41.41
C ALA RB 149 108.32 -33.13 -40.58
N MET RB 150 108.51 -33.41 -39.29
CA MET RB 150 107.38 -33.77 -38.43
C MET RB 150 106.51 -32.55 -38.13
N LEU RB 151 107.12 -31.36 -38.10
CA LEU RB 151 106.38 -30.14 -37.77
C LEU RB 151 105.54 -29.64 -38.93
N GLY RB 152 105.78 -30.14 -40.14
CA GLY RB 152 104.95 -29.80 -41.29
C GLY RB 152 103.84 -30.81 -41.50
N THR RB 153 103.54 -31.12 -42.75
CA THR RB 153 102.55 -32.13 -43.08
C THR RB 153 103.25 -33.48 -43.22
N HIS RB 154 102.69 -34.50 -42.58
CA HIS RB 154 103.30 -35.82 -42.60
C HIS RB 154 102.24 -36.87 -42.29
N ILE RB 155 102.62 -38.13 -42.47
CA ILE RB 155 101.81 -39.27 -42.08
C ILE RB 155 102.75 -40.35 -41.57
N VAL RB 156 102.72 -40.64 -40.27
CA VAL RB 156 103.59 -41.65 -39.69
C VAL RB 156 102.99 -43.01 -40.07
N TRP RB 157 103.56 -43.62 -41.10
CA TRP RB 157 102.99 -44.81 -41.73
C TRP RB 157 103.57 -46.07 -41.07
N ASP RB 158 102.78 -46.68 -40.19
CA ASP RB 158 103.19 -47.92 -39.54
C ASP RB 158 103.14 -49.07 -40.53
N ILE RB 159 104.30 -49.69 -40.77
CA ILE RB 159 104.40 -50.75 -41.76
C ILE RB 159 103.79 -52.05 -41.24
N GLY RB 160 103.95 -52.32 -39.95
CA GLY RB 160 103.48 -53.58 -39.39
C GLY RB 160 101.98 -53.74 -39.37
N LEU RB 161 101.24 -52.63 -39.41
CA LEU RB 161 99.78 -52.69 -39.42
C LEU RB 161 99.24 -52.70 -40.85
N GLN RB 162 99.49 -51.64 -41.60
CA GLN RB 162 99.11 -51.55 -43.00
C GLN RB 162 100.37 -51.51 -43.85
N SER RB 163 100.26 -52.06 -45.07
CA SER RB 163 101.39 -52.17 -45.98
C SER RB 163 101.23 -51.29 -47.21
N SER RB 164 100.29 -50.35 -47.20
CA SER RB 164 100.04 -49.50 -48.36
C SER RB 164 99.40 -48.21 -47.87
N CYS RB 165 100.13 -47.10 -47.98
CA CYS RB 165 99.65 -45.80 -47.54
C CYS RB 165 99.45 -44.90 -48.75
N VAL RB 166 98.29 -44.26 -48.82
CA VAL RB 166 97.85 -43.51 -50.00
C VAL RB 166 97.82 -42.03 -49.64
N LEU RB 167 98.40 -41.21 -50.51
CA LEU RB 167 98.37 -39.76 -50.41
C LEU RB 167 97.42 -39.20 -51.45
N CYS RB 168 97.28 -37.88 -51.45
CA CYS RB 168 96.59 -37.17 -52.54
C CYS RB 168 97.14 -35.74 -52.52
N VAL RB 169 98.05 -35.45 -53.44
CA VAL RB 169 98.80 -34.19 -53.43
C VAL RB 169 98.05 -33.19 -54.31
N PRO RB 170 97.56 -32.09 -53.77
CA PRO RB 170 96.86 -31.09 -54.58
C PRO RB 170 97.78 -30.01 -55.13
N TRP RB 171 97.21 -29.03 -55.83
CA TRP RB 171 97.95 -27.89 -56.37
C TRP RB 171 99.08 -28.33 -57.29
N ILE RB 172 98.75 -29.16 -58.28
CA ILE RB 172 99.72 -29.68 -59.22
C ILE RB 172 99.32 -29.19 -60.60
N SER RB 173 100.08 -28.24 -61.14
CA SER RB 173 99.73 -27.63 -62.41
C SER RB 173 100.97 -26.95 -63.00
N GLN RB 174 100.99 -26.84 -64.32
CA GLN RB 174 101.92 -25.97 -65.02
C GLN RB 174 101.21 -25.36 -66.22
N SER RB 175 101.86 -24.37 -66.82
CA SER RB 175 101.25 -23.61 -67.92
C SER RB 175 102.33 -22.93 -68.77
N SER RB 187 109.31 -25.18 -59.29
CA SER RB 187 108.90 -24.77 -57.95
C SER RB 187 107.63 -25.50 -57.53
N ALA RB 188 107.76 -26.79 -57.23
CA ALA RB 188 106.62 -27.62 -56.85
C ALA RB 188 106.88 -28.26 -55.49
N GLY RB 189 106.01 -29.19 -55.12
CA GLY RB 189 106.06 -29.82 -53.82
C GLY RB 189 107.19 -30.83 -53.69
N TYR RB 190 107.17 -31.53 -52.57
CA TYR RB 190 108.17 -32.53 -52.25
C TYR RB 190 107.53 -33.67 -51.48
N ILE RB 191 107.87 -34.89 -51.83
CA ILE RB 191 107.46 -36.07 -51.07
C ILE RB 191 108.74 -36.72 -50.57
N THR RB 192 109.17 -36.32 -49.38
CA THR RB 192 110.30 -36.96 -48.72
C THR RB 192 109.80 -38.07 -47.81
N CYS RB 193 110.72 -38.92 -47.39
CA CYS RB 193 110.36 -40.03 -46.51
C CYS RB 193 111.51 -40.29 -45.56
N TRP RB 194 111.17 -40.56 -44.30
CA TRP RB 194 112.12 -40.54 -43.21
C TRP RB 194 112.00 -41.81 -42.38
N TYR RB 195 113.11 -42.19 -41.74
CA TYR RB 195 113.09 -43.27 -40.76
C TYR RB 195 112.57 -42.70 -39.45
N GLN RB 196 111.29 -42.97 -39.16
CA GLN RB 196 110.82 -42.76 -37.80
C GLN RB 196 111.44 -43.80 -36.88
N THR RB 197 111.29 -45.06 -37.21
CA THR RB 197 111.97 -46.16 -36.55
C THR RB 197 112.67 -47.02 -37.60
N ASN RB 198 113.63 -47.81 -37.13
CA ASN RB 198 114.25 -48.78 -38.04
C ASN RB 198 113.30 -49.95 -38.28
N ILE RB 199 113.68 -50.81 -39.23
CA ILE RB 199 112.89 -51.99 -39.55
C ILE RB 199 113.22 -53.08 -38.56
N VAL RB 200 112.26 -53.43 -37.71
CA VAL RB 200 112.46 -54.46 -36.69
C VAL RB 200 112.07 -55.80 -37.29
N VAL RB 201 112.94 -56.79 -37.15
CA VAL RB 201 112.81 -58.04 -37.91
C VAL RB 201 113.20 -59.21 -37.03
N PRO RB 202 112.45 -60.31 -37.08
CA PRO RB 202 112.83 -61.50 -36.30
C PRO RB 202 114.05 -62.17 -36.88
N PRO RB 203 114.61 -63.18 -36.20
CA PRO RB 203 115.85 -63.81 -36.70
C PRO RB 203 115.71 -64.50 -38.05
N GLY RB 204 114.50 -64.91 -38.45
CA GLY RB 204 114.34 -65.63 -39.69
C GLY RB 204 114.20 -64.78 -40.93
N ALA RB 205 113.57 -63.62 -40.79
CA ALA RB 205 113.25 -62.81 -41.96
C ALA RB 205 114.45 -61.94 -42.36
N PRO RB 206 114.56 -61.57 -43.63
CA PRO RB 206 115.68 -60.75 -44.06
C PRO RB 206 115.55 -59.32 -43.56
N THR RB 207 116.69 -58.62 -43.57
CA THR RB 207 116.82 -57.31 -42.93
C THR RB 207 116.49 -56.15 -43.86
N SER RB 208 116.80 -56.29 -45.15
CA SER RB 208 116.64 -55.21 -46.11
C SER RB 208 115.40 -55.44 -46.96
N CYS RB 209 114.56 -54.42 -47.06
CA CYS RB 209 113.28 -54.50 -47.74
C CYS RB 209 113.21 -53.44 -48.84
N ASP RB 210 112.12 -53.48 -49.60
CA ASP RB 210 111.88 -52.52 -50.67
C ASP RB 210 110.50 -51.90 -50.53
N VAL RB 211 110.36 -50.70 -51.07
CA VAL RB 211 109.09 -49.98 -51.10
C VAL RB 211 108.83 -49.53 -52.53
N LEU RB 212 107.73 -50.00 -53.11
CA LEU RB 212 107.31 -49.54 -54.42
C LEU RB 212 106.41 -48.32 -54.28
N CYS RB 213 106.41 -47.48 -55.31
CA CYS RB 213 105.58 -46.29 -55.35
C CYS RB 213 104.67 -46.34 -56.57
N PHE RB 214 103.58 -45.57 -56.51
CA PHE RB 214 102.60 -45.52 -57.58
C PHE RB 214 102.13 -44.08 -57.73
N ALA RB 215 101.50 -43.79 -58.87
CA ALA RB 215 101.02 -42.45 -59.13
C ALA RB 215 99.89 -42.49 -60.16
N SER RB 216 98.85 -41.70 -59.91
CA SER RB 216 97.75 -41.54 -60.85
C SER RB 216 97.07 -40.20 -60.56
N ALA RB 217 95.93 -39.97 -61.19
CA ALA RB 217 95.12 -38.79 -60.92
C ALA RB 217 94.18 -39.10 -59.76
N CYS RB 218 94.10 -38.18 -58.79
CA CYS RB 218 93.48 -38.50 -57.51
C CYS RB 218 91.96 -38.60 -57.65
N ASN RB 219 91.31 -37.50 -58.02
CA ASN RB 219 89.87 -37.49 -58.23
C ASN RB 219 89.51 -37.20 -59.69
N ASP RB 220 89.97 -36.08 -60.22
CA ASP RB 220 89.69 -35.68 -61.59
C ASP RB 220 90.78 -34.71 -62.01
N PHE RB 221 91.10 -34.70 -63.29
CA PHE RB 221 92.28 -34.00 -63.76
C PHE RB 221 91.89 -33.12 -64.93
N SER RB 222 92.41 -31.89 -64.95
CA SER RB 222 92.06 -30.91 -65.97
C SER RB 222 93.29 -30.65 -66.84
N VAL RB 223 93.05 -30.53 -68.14
CA VAL RB 223 94.12 -30.49 -69.12
C VAL RB 223 93.61 -29.86 -70.41
N ARG RB 224 94.34 -28.90 -70.96
CA ARG RB 224 93.77 -28.02 -71.99
C ARG RB 224 94.46 -28.11 -73.34
N LEU RB 225 95.74 -27.74 -73.46
CA LEU RB 225 96.29 -27.31 -74.74
C LEU RB 225 97.20 -28.39 -75.32
N LEU RB 226 96.75 -29.06 -76.37
CA LEU RB 226 97.49 -30.17 -76.95
C LEU RB 226 98.74 -29.68 -77.68
N ARG RB 227 99.83 -30.44 -77.57
CA ARG RB 227 101.07 -30.14 -78.26
C ARG RB 227 101.74 -31.45 -78.65
N ASP RB 228 102.89 -31.33 -79.32
CA ASP RB 228 103.70 -32.49 -79.64
C ASP RB 228 104.61 -32.85 -78.47
N THR RB 229 104.82 -34.16 -78.28
CA THR RB 229 105.61 -34.61 -77.15
C THR RB 229 107.10 -34.33 -77.39
N PRO RB 230 107.86 -34.06 -76.32
CA PRO RB 230 109.30 -33.79 -76.49
C PRO RB 230 110.15 -35.04 -76.67
N PHE RB 231 109.69 -36.18 -76.16
CA PHE RB 231 110.52 -37.39 -76.12
C PHE RB 231 110.90 -37.86 -77.52
N MET RB 232 109.92 -38.01 -78.42
CA MET RB 232 110.23 -38.43 -79.78
C MET RB 232 111.10 -37.40 -80.48
N ALA RB 233 112.01 -37.87 -81.30
CA ALA RB 233 112.95 -37.00 -82.01
C ALA RB 233 112.64 -36.96 -83.50
N GLN SB 43 -141.53 -105.42 24.05
CA GLN SB 43 -140.34 -104.79 23.49
C GLN SB 43 -139.54 -105.79 22.65
N THR SB 44 -138.61 -105.28 21.84
CA THR SB 44 -137.78 -106.12 21.00
C THR SB 44 -136.35 -105.60 21.04
N ARG SB 45 -135.41 -106.50 20.76
CA ARG SB 45 -133.99 -106.16 20.81
C ARG SB 45 -133.62 -105.46 19.51
N HIS SB 46 -133.34 -104.16 19.59
CA HIS SB 46 -133.00 -103.36 18.43
C HIS SB 46 -131.50 -103.12 18.36
N VAL SB 47 -131.04 -102.64 17.21
CA VAL SB 47 -129.65 -102.25 17.04
C VAL SB 47 -129.47 -100.89 17.70
N VAL SB 48 -128.99 -100.91 18.94
CA VAL SB 48 -128.77 -99.69 19.71
C VAL SB 48 -127.36 -99.23 19.33
N ASN SB 49 -127.27 -98.51 18.22
CA ASN SB 49 -125.99 -98.11 17.64
C ASN SB 49 -125.77 -96.63 17.92
N PHE SB 50 -124.82 -96.35 18.81
CA PHE SB 50 -124.31 -95.01 19.10
C PHE SB 50 -123.13 -95.18 20.03
N HIS SB 51 -122.37 -94.11 20.20
CA HIS SB 51 -121.17 -94.15 21.03
C HIS SB 51 -121.12 -92.87 21.85
N SER SB 52 -121.53 -92.95 23.11
CA SER SB 52 -121.61 -91.78 23.97
C SER SB 52 -121.48 -92.18 25.42
N ARG SB 53 -120.71 -91.40 26.17
CA ARG SB 53 -120.63 -91.54 27.62
C ARG SB 53 -120.71 -90.18 28.29
N SER SB 54 -121.41 -89.22 27.68
CA SER SB 54 -121.60 -87.92 28.29
C SER SB 54 -122.62 -87.98 29.42
N GLU SB 55 -123.53 -88.95 29.38
CA GLU SB 55 -124.53 -89.11 30.41
C GLU SB 55 -124.01 -89.93 31.58
N SER SB 56 -122.79 -90.45 31.48
CA SER SB 56 -122.21 -91.27 32.53
C SER SB 56 -121.18 -90.52 33.33
N THR SB 57 -120.94 -89.26 33.03
CA THR SB 57 -120.03 -88.47 33.86
C THR SB 57 -120.67 -88.19 35.22
N ILE SB 58 -119.85 -87.71 36.16
CA ILE SB 58 -120.32 -87.56 37.53
C ILE SB 58 -121.32 -86.41 37.63
N GLU SB 59 -121.07 -85.32 36.91
CA GLU SB 59 -121.99 -84.18 36.99
C GLU SB 59 -123.32 -84.47 36.31
N ASN SB 60 -123.33 -85.38 35.33
CA ASN SB 60 -124.55 -85.77 34.66
C ASN SB 60 -125.22 -86.97 35.31
N PHE SB 61 -124.65 -87.47 36.40
CA PHE SB 61 -125.17 -88.59 37.16
C PHE SB 61 -125.71 -88.19 38.52
N MET SB 62 -125.01 -87.29 39.22
CA MET SB 62 -125.39 -86.80 40.54
C MET SB 62 -126.17 -85.50 40.48
N GLY SB 63 -125.83 -84.61 39.55
CA GLY SB 63 -126.47 -83.31 39.49
C GLY SB 63 -127.88 -83.35 38.95
N ARG SB 64 -128.78 -83.92 39.74
CA ARG SB 64 -130.20 -83.96 39.38
C ARG SB 64 -131.05 -83.62 40.60
N ALA SB 65 -132.00 -82.71 40.41
CA ALA SB 65 -132.80 -82.22 41.51
C ALA SB 65 -133.82 -83.27 41.93
N ALA SB 66 -133.88 -83.55 43.23
CA ALA SB 66 -134.78 -84.53 43.80
C ALA SB 66 -135.39 -83.97 45.08
N CYS SB 67 -136.66 -84.27 45.29
CA CYS SB 67 -137.35 -83.75 46.46
C CYS SB 67 -136.91 -84.55 47.69
N VAL SB 68 -136.40 -83.85 48.70
CA VAL SB 68 -135.79 -84.50 49.85
C VAL SB 68 -136.44 -84.13 51.17
N PHE SB 69 -137.43 -83.24 51.20
CA PHE SB 69 -137.99 -82.80 52.47
C PHE SB 69 -139.39 -82.22 52.25
N MET SB 70 -140.41 -82.97 52.62
CA MET SB 70 -141.76 -82.45 52.79
C MET SB 70 -142.02 -82.18 54.26
N ASP SB 71 -142.66 -81.05 54.56
CA ASP SB 71 -143.00 -80.75 55.94
C ASP SB 71 -144.14 -79.74 55.97
N GLN SB 72 -144.93 -79.82 57.04
CA GLN SB 72 -146.03 -78.91 57.30
C GLN SB 72 -145.61 -77.89 58.35
N TYR SB 73 -146.16 -76.68 58.27
CA TYR SB 73 -145.97 -75.70 59.33
C TYR SB 73 -147.12 -74.69 59.29
N LYS SB 74 -147.71 -74.45 60.46
CA LYS SB 74 -148.92 -73.64 60.57
C LYS SB 74 -148.56 -72.16 60.53
N ILE SB 75 -149.50 -71.30 60.88
CA ILE SB 75 -149.24 -69.86 60.91
C ILE SB 75 -149.61 -69.26 62.27
N ASN SB 76 -150.62 -69.83 62.94
CA ASN SB 76 -151.14 -69.22 64.15
C ASN SB 76 -151.49 -70.28 65.18
N GLY SB 77 -151.74 -69.82 66.39
CA GLY SB 77 -152.00 -70.69 67.52
C GLY SB 77 -150.72 -71.23 68.14
N GLU SB 78 -150.84 -71.64 69.40
CA GLU SB 78 -149.78 -72.32 70.14
C GLU SB 78 -148.46 -71.55 70.04
N GLU SB 79 -148.44 -70.41 70.73
CA GLU SB 79 -147.33 -69.47 70.58
C GLU SB 79 -145.99 -70.12 70.91
N THR SB 80 -145.97 -71.08 71.83
CA THR SB 80 -144.80 -71.91 72.11
C THR SB 80 -145.05 -73.32 71.57
N SER SB 81 -144.79 -73.50 70.28
CA SER SB 81 -144.95 -74.80 69.64
C SER SB 81 -143.85 -75.04 68.63
N THR SB 82 -143.61 -76.30 68.32
CA THR SB 82 -142.63 -76.73 67.34
C THR SB 82 -143.24 -77.05 65.98
N ASP SB 83 -144.55 -76.83 65.82
CA ASP SB 83 -145.24 -77.13 64.58
C ASP SB 83 -145.53 -75.88 63.75
N ARG SB 84 -144.80 -74.79 64.00
CA ARG SB 84 -144.94 -73.57 63.22
C ARG SB 84 -143.71 -73.26 62.38
N PHE SB 85 -142.76 -74.19 62.30
CA PHE SB 85 -141.58 -74.02 61.47
C PHE SB 85 -141.03 -75.39 61.12
N ALA SB 86 -140.11 -75.41 60.15
CA ALA SB 86 -139.48 -76.63 59.66
C ALA SB 86 -137.99 -76.59 59.97
N VAL SB 87 -137.35 -77.76 59.89
CA VAL SB 87 -135.96 -77.88 60.33
C VAL SB 87 -135.05 -78.43 59.23
N TRP SB 88 -135.16 -79.74 58.94
CA TRP SB 88 -134.36 -80.43 57.95
C TRP SB 88 -132.86 -80.12 58.02
N THR SB 89 -132.16 -80.73 58.97
CA THR SB 89 -130.70 -80.73 58.93
C THR SB 89 -130.20 -81.32 57.62
N ILE SB 90 -129.43 -80.53 56.86
CA ILE SB 90 -129.09 -80.90 55.48
C ILE SB 90 -128.07 -82.04 55.50
N ASN SB 91 -128.46 -83.19 54.94
CA ASN SB 91 -127.52 -84.29 54.74
C ASN SB 91 -127.91 -85.07 53.51
N ILE SB 92 -126.95 -85.81 52.96
CA ILE SB 92 -127.22 -86.64 51.79
C ILE SB 92 -127.99 -87.90 52.13
N ARG SB 93 -128.05 -88.28 53.40
CA ARG SB 93 -128.71 -89.52 53.80
C ARG SB 93 -130.19 -89.30 54.09
N GLU SB 94 -130.87 -88.64 53.15
CA GLU SB 94 -132.27 -88.28 53.32
C GLU SB 94 -133.20 -89.39 52.81
N MET SB 95 -133.18 -89.65 51.51
CA MET SB 95 -133.95 -90.74 50.93
C MET SB 95 -133.00 -91.72 50.26
N ALA SB 96 -133.40 -92.99 50.25
CA ALA SB 96 -132.48 -94.06 49.87
C ALA SB 96 -132.12 -94.05 48.40
N GLN SB 97 -132.95 -93.43 47.56
CA GLN SB 97 -132.63 -93.39 46.13
C GLN SB 97 -131.43 -92.50 45.86
N LEU SB 98 -131.42 -91.30 46.44
CA LEU SB 98 -130.23 -90.44 46.32
C LEU SB 98 -129.09 -90.94 47.19
N ARG SB 99 -129.38 -91.39 48.40
CA ARG SB 99 -128.32 -91.88 49.29
C ARG SB 99 -127.50 -92.97 48.62
N ARG SB 100 -128.15 -93.81 47.81
CA ARG SB 100 -127.44 -94.89 47.14
C ARG SB 100 -126.42 -94.35 46.14
N LYS SB 101 -126.75 -93.25 45.46
CA LYS SB 101 -125.83 -92.69 44.47
C LYS SB 101 -124.63 -92.03 45.13
N CYS SB 102 -124.81 -91.39 46.28
CA CYS SB 102 -123.70 -90.77 46.97
C CYS SB 102 -122.75 -91.79 47.57
N GLU SB 103 -123.20 -93.03 47.74
CA GLU SB 103 -122.36 -94.09 48.28
C GLU SB 103 -121.66 -94.89 47.19
N MET SB 104 -121.77 -94.47 45.93
CA MET SB 104 -120.86 -95.00 44.91
C MET SB 104 -119.43 -94.54 45.15
N PHE SB 105 -119.27 -93.42 45.85
CA PHE SB 105 -117.99 -92.73 45.98
C PHE SB 105 -117.73 -92.44 47.44
N THR SB 106 -116.48 -92.57 47.86
CA THR SB 106 -116.13 -92.31 49.25
C THR SB 106 -116.11 -90.81 49.54
N TYR SB 107 -115.38 -90.05 48.73
CA TYR SB 107 -115.23 -88.62 48.93
C TYR SB 107 -115.81 -87.87 47.75
N MET SB 108 -116.50 -86.77 48.04
CA MET SB 108 -117.05 -85.92 47.00
C MET SB 108 -117.23 -84.51 47.55
N ARG SB 109 -117.07 -83.52 46.68
CA ARG SB 109 -117.29 -82.13 47.03
C ARG SB 109 -118.13 -81.47 45.95
N PHE SB 110 -119.03 -80.58 46.36
CA PHE SB 110 -120.05 -80.08 45.46
C PHE SB 110 -120.76 -78.90 46.11
N ASP SB 111 -121.10 -77.92 45.30
CA ASP SB 111 -122.05 -76.89 45.71
C ASP SB 111 -123.46 -77.44 45.64
N ILE SB 112 -124.32 -76.96 46.54
CA ILE SB 112 -125.72 -77.37 46.55
C ILE SB 112 -126.56 -76.15 46.20
N GLU SB 113 -127.62 -76.38 45.43
CA GLU SB 113 -128.48 -75.30 44.94
C GLU SB 113 -129.92 -75.81 45.04
N MET SB 114 -130.55 -75.54 46.18
CA MET SB 114 -131.89 -76.03 46.46
C MET SB 114 -132.92 -74.96 46.11
N THR SB 115 -134.06 -75.42 45.60
CA THR SB 115 -135.18 -74.55 45.27
C THR SB 115 -136.42 -75.10 45.94
N MET SB 116 -136.99 -74.31 46.85
CA MET SB 116 -138.17 -74.75 47.58
C MET SB 116 -139.42 -74.54 46.75
N VAL SB 117 -140.44 -75.37 47.01
CA VAL SB 117 -141.73 -75.27 46.34
C VAL SB 117 -142.75 -75.25 47.47
N ILE SB 118 -143.31 -74.08 47.75
CA ILE SB 118 -144.12 -73.84 48.94
C ILE SB 118 -145.57 -73.66 48.51
N THR SB 119 -146.47 -74.40 49.17
CA THR SB 119 -147.89 -74.31 48.92
C THR SB 119 -148.59 -73.79 50.17
N SER SB 120 -149.91 -73.75 50.13
CA SER SB 120 -150.70 -73.33 51.28
C SER SB 120 -152.11 -73.87 51.14
N CYS SB 121 -152.78 -73.97 52.29
CA CYS SB 121 -154.14 -74.47 52.37
C CYS SB 121 -154.88 -73.58 53.36
N GLN SB 122 -156.03 -74.02 53.83
CA GLN SB 122 -156.77 -73.27 54.84
C GLN SB 122 -157.87 -74.13 55.48
N MET SB 132 -158.11 -64.07 53.17
CA MET SB 132 -156.74 -64.04 53.68
C MET SB 132 -155.90 -63.00 52.91
N PRO SB 133 -154.71 -62.68 53.43
CA PRO SB 133 -153.83 -61.77 52.69
C PRO SB 133 -152.92 -62.54 51.73
N VAL SB 134 -151.96 -61.85 51.12
CA VAL SB 134 -150.90 -62.50 50.37
C VAL SB 134 -149.79 -62.87 51.35
N LEU SB 135 -149.35 -64.13 51.28
CA LEU SB 135 -148.45 -64.68 52.27
C LEU SB 135 -146.99 -64.51 51.85
N THR SB 136 -146.13 -64.25 52.84
CA THR SB 136 -144.69 -64.14 52.63
C THR SB 136 -144.00 -65.12 53.56
N HIS SB 137 -143.04 -65.86 53.03
CA HIS SB 137 -142.36 -66.91 53.78
C HIS SB 137 -140.91 -66.48 54.06
N GLN SB 138 -140.21 -67.31 54.83
CA GLN SB 138 -138.80 -67.08 55.14
C GLN SB 138 -138.11 -68.43 55.24
N ILE SB 139 -137.08 -68.63 54.42
CA ILE SB 139 -136.31 -69.87 54.41
C ILE SB 139 -134.91 -69.50 54.89
N MET SB 140 -134.63 -69.74 56.17
CA MET SB 140 -133.37 -69.34 56.78
C MET SB 140 -132.42 -70.52 56.80
N TYR SB 141 -131.32 -70.40 56.06
CA TYR SB 141 -130.23 -71.36 56.11
C TYR SB 141 -129.23 -70.94 57.17
N VAL SB 142 -129.05 -71.77 58.20
CA VAL SB 142 -128.01 -71.52 59.18
C VAL SB 142 -126.79 -72.34 58.80
N PRO SB 143 -125.59 -71.79 58.91
CA PRO SB 143 -124.38 -72.56 58.61
C PRO SB 143 -124.13 -73.62 59.68
N PRO SB 144 -123.10 -74.45 59.53
CA PRO SB 144 -122.78 -75.41 60.60
C PRO SB 144 -122.50 -74.75 61.93
N GLY SB 145 -121.77 -73.63 61.93
CA GLY SB 145 -121.67 -72.81 63.12
C GLY SB 145 -122.70 -71.71 63.11
N GLY SB 146 -123.86 -71.97 63.70
CA GLY SB 146 -124.95 -71.03 63.67
C GLY SB 146 -126.01 -71.32 64.72
N PRO SB 147 -126.58 -70.27 65.29
CA PRO SB 147 -127.64 -70.44 66.28
C PRO SB 147 -128.95 -70.86 65.62
N ILE SB 148 -129.70 -71.69 66.34
CA ILE SB 148 -130.96 -72.20 65.81
C ILE SB 148 -132.11 -71.59 66.60
N PRO SB 149 -133.27 -71.39 65.98
CA PRO SB 149 -134.43 -70.96 66.75
C PRO SB 149 -135.01 -72.10 67.56
N ALA SB 150 -135.61 -71.76 68.71
CA ALA SB 150 -136.39 -72.70 69.49
C ALA SB 150 -137.89 -72.52 69.28
N LYS SB 151 -138.32 -71.33 68.88
CA LYS SB 151 -139.71 -71.02 68.66
C LYS SB 151 -139.82 -70.18 67.38
N VAL SB 152 -141.04 -70.04 66.88
CA VAL SB 152 -141.27 -69.26 65.67
C VAL SB 152 -140.93 -67.78 65.88
N ASP SB 153 -140.90 -67.33 67.14
CA ASP SB 153 -140.63 -65.94 67.47
C ASP SB 153 -139.31 -65.77 68.22
N GLY SB 154 -138.34 -66.64 67.96
CA GLY SB 154 -137.04 -66.49 68.58
C GLY SB 154 -136.25 -65.36 67.95
N TYR SB 155 -135.18 -64.97 68.65
CA TYR SB 155 -134.34 -63.89 68.14
C TYR SB 155 -133.34 -64.38 67.10
N GLU SB 156 -133.14 -65.69 66.98
CA GLU SB 156 -132.18 -66.22 66.01
C GLU SB 156 -132.59 -65.87 64.59
N TRP SB 157 -133.91 -65.78 64.33
CA TRP SB 157 -134.40 -65.45 63.00
C TRP SB 157 -133.86 -64.13 62.48
N GLN SB 158 -133.43 -63.24 63.38
CA GLN SB 158 -132.92 -61.93 63.00
C GLN SB 158 -131.40 -61.89 62.93
N THR SB 159 -130.74 -63.04 62.90
CA THR SB 159 -129.28 -63.08 62.88
C THR SB 159 -128.77 -62.70 61.50
N SER SB 160 -127.84 -61.74 61.46
CA SER SB 160 -127.33 -61.24 60.18
C SER SB 160 -126.43 -62.24 59.47
N THR SB 161 -125.85 -63.19 60.20
CA THR SB 161 -124.98 -64.18 59.60
C THR SB 161 -125.72 -65.41 59.09
N ASN SB 162 -127.03 -65.51 59.34
CA ASN SB 162 -127.85 -66.56 58.77
C ASN SB 162 -128.57 -66.02 57.54
N PRO SB 163 -128.14 -66.36 56.32
CA PRO SB 163 -128.82 -65.83 55.13
C PRO SB 163 -130.19 -66.48 54.97
N SER SB 164 -131.16 -65.66 54.57
CA SER SB 164 -132.54 -66.13 54.45
C SER SB 164 -133.20 -65.41 53.29
N VAL SB 165 -134.08 -66.12 52.58
CA VAL SB 165 -134.86 -65.56 51.49
C VAL SB 165 -136.27 -65.30 51.97
N PHE SB 166 -136.84 -64.19 51.52
CA PHE SB 166 -138.20 -63.81 51.87
C PHE SB 166 -139.04 -63.89 50.60
N TRP SB 167 -139.63 -65.05 50.38
CA TRP SB 167 -140.43 -65.32 49.19
C TRP SB 167 -141.89 -65.07 49.53
N THR SB 168 -142.53 -64.20 48.74
CA THR SB 168 -143.95 -63.96 48.85
C THR SB 168 -144.68 -64.83 47.82
N GLU SB 169 -145.91 -65.19 48.15
CA GLU SB 169 -146.61 -66.20 47.37
C GLU SB 169 -147.00 -65.65 45.99
N GLY SB 170 -146.98 -66.54 45.00
CA GLY SB 170 -147.38 -66.22 43.64
C GLY SB 170 -146.23 -66.09 42.66
N ASN SB 171 -145.00 -65.84 43.14
CA ASN SB 171 -143.87 -65.63 42.25
C ASN SB 171 -143.22 -66.96 41.88
N ALA SB 172 -142.07 -66.89 41.23
CA ALA SB 172 -141.27 -68.07 40.97
C ALA SB 172 -140.74 -68.64 42.28
N PRO SB 173 -140.42 -69.94 42.32
CA PRO SB 173 -139.98 -70.53 43.58
C PRO SB 173 -138.66 -69.94 44.04
N PRO SB 174 -138.43 -69.87 45.36
CA PRO SB 174 -137.19 -69.29 45.85
C PRO SB 174 -136.02 -70.25 45.68
N ARG SB 175 -134.89 -69.71 45.21
CA ARG SB 175 -133.69 -70.51 45.02
C ARG SB 175 -132.55 -69.92 45.83
N ILE SB 176 -131.92 -70.76 46.65
CA ILE SB 176 -130.82 -70.37 47.51
C ILE SB 176 -129.69 -71.36 47.27
N SER SB 177 -128.48 -70.86 47.04
CA SER SB 177 -127.34 -71.69 46.70
C SER SB 177 -126.30 -71.62 47.80
N ILE SB 178 -125.71 -72.76 48.13
CA ILE SB 178 -124.79 -72.87 49.26
C ILE SB 178 -123.49 -73.46 48.75
N PRO SB 179 -122.34 -72.83 49.01
CA PRO SB 179 -121.07 -73.35 48.48
C PRO SB 179 -120.58 -74.56 49.26
N PHE SB 180 -119.36 -74.99 48.96
CA PHE SB 180 -118.72 -76.09 49.68
C PHE SB 180 -118.32 -75.60 51.07
N ILE SB 181 -119.11 -75.96 52.08
CA ILE SB 181 -118.93 -75.42 53.42
C ILE SB 181 -117.81 -76.15 54.19
N SER SB 182 -117.62 -77.44 53.91
CA SER SB 182 -116.95 -78.32 54.87
C SER SB 182 -115.54 -77.85 55.21
N VAL SB 183 -115.08 -78.26 56.40
CA VAL SB 183 -113.77 -77.84 56.88
C VAL SB 183 -112.67 -78.56 56.12
N GLY SB 184 -112.87 -79.84 55.84
CA GLY SB 184 -111.91 -80.62 55.10
C GLY SB 184 -111.92 -80.25 53.65
N ASN SB 185 -111.40 -81.16 52.83
CA ASN SB 185 -111.28 -80.92 51.40
C ASN SB 185 -112.36 -81.65 50.60
N ALA SB 186 -113.18 -82.47 51.25
CA ALA SB 186 -114.30 -83.13 50.59
C ALA SB 186 -115.30 -83.57 51.64
N TYR SB 187 -116.54 -83.76 51.21
CA TYR SB 187 -117.52 -84.46 52.03
C TYR SB 187 -117.26 -85.95 51.98
N SER SB 188 -117.31 -86.59 53.14
CA SER SB 188 -117.07 -88.03 53.25
C SER SB 188 -118.42 -88.73 53.37
N SER SB 189 -118.70 -89.62 52.43
CA SER SB 189 -119.91 -90.43 52.52
C SER SB 189 -119.81 -91.44 53.65
N PHE SB 190 -118.62 -92.01 53.85
CA PHE SB 190 -118.36 -92.98 54.90
C PHE SB 190 -117.22 -92.49 55.78
N TYR SB 191 -117.31 -92.76 57.07
CA TYR SB 191 -116.27 -92.35 58.02
C TYR SB 191 -116.08 -93.50 59.01
N ASP SB 192 -115.08 -94.35 58.73
CA ASP SB 192 -114.73 -95.45 59.63
C ASP SB 192 -113.89 -94.89 60.76
N GLY SB 193 -114.58 -94.29 61.74
CA GLY SB 193 -113.89 -93.62 62.82
C GLY SB 193 -114.88 -93.17 63.88
N TRP SB 194 -114.31 -92.63 64.96
CA TRP SB 194 -115.08 -92.24 66.14
C TRP SB 194 -114.97 -90.73 66.33
N SER SB 195 -116.10 -90.09 66.61
CA SER SB 195 -116.11 -88.64 66.81
C SER SB 195 -115.28 -88.25 68.02
N HIS SB 196 -115.44 -88.96 69.14
CA HIS SB 196 -114.74 -88.65 70.37
C HIS SB 196 -113.53 -89.56 70.51
N PHE SB 197 -112.38 -88.96 70.80
CA PHE SB 197 -111.12 -89.69 70.86
C PHE SB 197 -111.16 -90.77 71.95
N THR SB 198 -110.39 -91.83 71.72
CA THR SB 198 -110.26 -92.99 72.59
C THR SB 198 -111.49 -93.89 72.49
N GLN SB 199 -112.04 -94.03 71.28
CA GLN SB 199 -113.08 -95.00 70.97
C GLN SB 199 -114.29 -94.84 71.88
N ASP SB 200 -114.84 -93.63 71.89
CA ASP SB 200 -116.03 -93.34 72.69
C ASP SB 200 -117.27 -93.67 71.86
N GLY SB 201 -118.39 -93.04 72.17
CA GLY SB 201 -119.62 -93.27 71.43
C GLY SB 201 -119.62 -92.58 70.07
N THR SB 202 -120.77 -92.70 69.40
CA THR SB 202 -121.01 -92.05 68.11
C THR SB 202 -120.01 -92.52 67.05
N TYR SB 203 -120.17 -93.77 66.65
CA TYR SB 203 -119.40 -94.31 65.54
C TYR SB 203 -119.86 -93.72 64.22
N GLY SB 204 -118.92 -93.50 63.31
CA GLY SB 204 -119.25 -93.24 61.93
C GLY SB 204 -119.69 -91.82 61.61
N TYR SB 205 -119.79 -90.94 62.61
CA TYR SB 205 -120.25 -89.58 62.38
C TYR SB 205 -119.08 -88.62 62.55
N THR SB 206 -118.59 -88.09 61.43
CA THR SB 206 -117.62 -87.01 61.45
C THR SB 206 -118.33 -85.66 61.36
N THR SB 207 -117.67 -84.62 61.85
CA THR SB 207 -118.22 -83.27 61.78
C THR SB 207 -117.76 -82.53 60.53
N LEU SB 208 -116.94 -83.16 59.69
CA LEU SB 208 -116.53 -82.50 58.46
C LEU SB 208 -117.67 -82.43 57.45
N ASN SB 209 -118.45 -83.50 57.35
CA ASN SB 209 -119.59 -83.53 56.42
C ASN SB 209 -120.86 -83.00 57.07
N ALA SB 210 -120.75 -81.82 57.67
CA ALA SB 210 -121.90 -81.08 58.16
C ALA SB 210 -122.18 -79.95 57.19
N MET SB 211 -123.44 -79.82 56.77
CA MET SB 211 -123.80 -78.89 55.71
C MET SB 211 -124.65 -77.72 56.18
N GLY SB 212 -125.27 -77.81 57.34
CA GLY SB 212 -126.10 -76.74 57.86
C GLY SB 212 -127.52 -77.23 58.09
N LYS SB 213 -128.40 -76.26 58.34
CA LYS SB 213 -129.82 -76.53 58.57
C LYS SB 213 -130.62 -75.50 57.79
N LEU SB 214 -131.95 -75.70 57.76
CA LEU SB 214 -132.82 -74.91 56.88
C LEU SB 214 -134.15 -74.63 57.59
N TYR SB 215 -134.19 -73.53 58.35
CA TYR SB 215 -135.38 -73.17 59.11
C TYR SB 215 -136.32 -72.32 58.28
N ILE SB 216 -137.58 -72.73 58.23
CA ILE SB 216 -138.57 -72.17 57.32
C ILE SB 216 -139.81 -71.78 58.13
N ARG SB 217 -140.28 -70.55 57.94
CA ARG SB 217 -141.46 -70.10 58.65
C ARG SB 217 -142.24 -69.11 57.80
N HIS SB 218 -143.47 -68.84 58.22
CA HIS SB 218 -144.20 -67.69 57.74
C HIS SB 218 -143.65 -66.44 58.45
N VAL SB 219 -143.56 -65.33 57.70
CA VAL SB 219 -143.22 -64.06 58.36
C VAL SB 219 -144.46 -63.32 58.81
N ASN SB 220 -145.65 -63.74 58.38
CA ASN SB 220 -146.89 -63.13 58.83
C ASN SB 220 -147.12 -63.48 60.30
N ARG SB 221 -147.42 -62.47 61.11
CA ARG SB 221 -147.48 -62.67 62.56
C ARG SB 221 -148.69 -63.51 62.94
N SER SB 222 -149.82 -63.30 62.27
CA SER SB 222 -151.04 -64.01 62.61
C SER SB 222 -151.93 -64.08 61.37
N SER SB 223 -153.12 -64.67 61.56
CA SER SB 223 -154.10 -64.81 60.50
C SER SB 223 -155.46 -64.99 61.14
N PRO SB 224 -156.55 -64.61 60.46
CA PRO SB 224 -157.88 -64.84 61.02
C PRO SB 224 -158.22 -66.33 61.14
N HIS SB 225 -157.95 -67.10 60.09
CA HIS SB 225 -158.16 -68.53 60.11
C HIS SB 225 -156.81 -69.26 60.06
N GLN SB 226 -156.87 -70.58 60.00
CA GLN SB 226 -155.66 -71.41 60.00
C GLN SB 226 -155.17 -71.63 58.59
N ILE SB 227 -153.87 -71.42 58.37
CA ILE SB 227 -153.22 -71.65 57.09
C ILE SB 227 -152.10 -72.65 57.33
N THR SB 228 -152.12 -73.75 56.58
CA THR SB 228 -151.17 -74.85 56.76
C THR SB 228 -150.33 -74.94 55.48
N SER SB 229 -149.10 -74.47 55.54
CA SER SB 229 -148.24 -74.43 54.37
C SER SB 229 -147.41 -75.70 54.28
N THR SB 230 -147.12 -76.11 53.05
CA THR SB 230 -146.34 -77.30 52.78
C THR SB 230 -145.15 -76.91 51.91
N ILE SB 231 -143.95 -77.36 52.30
CA ILE SB 231 -142.73 -77.02 51.59
C ILE SB 231 -142.08 -78.30 51.09
N ARG SB 232 -141.53 -78.22 49.87
CA ARG SB 232 -140.84 -79.33 49.22
C ARG SB 232 -139.47 -78.82 48.80
N VAL SB 233 -138.42 -79.26 49.49
CA VAL SB 233 -137.07 -78.79 49.23
C VAL SB 233 -136.46 -79.67 48.13
N TYR SB 234 -136.00 -79.04 47.06
CA TYR SB 234 -135.41 -79.74 45.91
C TYR SB 234 -133.89 -79.59 45.96
N PHE SB 235 -133.23 -80.61 46.49
CA PHE SB 235 -131.79 -80.63 46.62
C PHE SB 235 -131.14 -80.96 45.29
N LYS SB 236 -130.03 -80.27 45.00
CA LYS SB 236 -129.28 -80.55 43.78
C LYS SB 236 -127.79 -80.34 43.97
N PRO SB 237 -126.98 -81.39 43.80
CA PRO SB 237 -125.53 -81.18 43.78
C PRO SB 237 -125.12 -80.41 42.54
N LYS SB 238 -124.07 -79.60 42.68
CA LYS SB 238 -123.60 -78.79 41.57
C LYS SB 238 -122.09 -78.68 41.62
N HIS SB 239 -121.49 -78.63 40.42
CA HIS SB 239 -120.03 -78.58 40.27
C HIS SB 239 -119.37 -79.68 41.10
N ILE SB 240 -119.83 -80.91 40.88
CA ILE SB 240 -119.54 -82.02 41.76
C ILE SB 240 -118.30 -82.77 41.28
N LYS SB 241 -117.39 -83.04 42.19
CA LYS SB 241 -116.27 -83.93 41.98
C LYS SB 241 -116.38 -85.10 42.95
N ALA SB 242 -115.80 -86.23 42.58
CA ALA SB 242 -115.96 -87.44 43.39
C ALA SB 242 -114.69 -88.28 43.30
N TRP SB 243 -114.26 -88.80 44.44
CA TRP SB 243 -113.04 -89.59 44.54
C TRP SB 243 -113.37 -90.96 45.12
N VAL SB 244 -112.46 -91.91 44.87
CA VAL SB 244 -112.46 -93.23 45.48
C VAL SB 244 -113.79 -93.93 45.22
N PRO SB 245 -113.95 -94.59 44.07
CA PRO SB 245 -115.20 -95.32 43.83
C PRO SB 245 -115.35 -96.46 44.81
N ARG SB 246 -116.56 -97.02 44.84
CA ARG SB 246 -116.98 -97.88 45.94
C ARG SB 246 -118.08 -98.77 45.41
N PRO SB 247 -118.17 -100.03 45.86
CA PRO SB 247 -119.17 -100.92 45.29
C PRO SB 247 -120.57 -100.48 45.70
N PRO SB 248 -121.58 -100.78 44.90
CA PRO SB 248 -122.94 -100.34 45.22
C PRO SB 248 -123.51 -101.04 46.44
N ARG SB 249 -124.47 -100.37 47.07
CA ARG SB 249 -125.20 -100.94 48.19
C ARG SB 249 -125.98 -102.16 47.73
N LEU SB 250 -125.92 -103.23 48.52
CA LEU SB 250 -126.67 -104.45 48.25
C LEU SB 250 -127.89 -104.60 49.16
N CYS SB 251 -127.70 -104.43 50.45
CA CYS SB 251 -128.77 -104.61 51.44
C CYS SB 251 -129.64 -103.36 51.53
N PRO SB 252 -130.88 -103.51 51.99
CA PRO SB 252 -131.73 -102.34 52.21
C PRO SB 252 -131.26 -101.52 53.40
N TYR SB 253 -131.64 -100.24 53.40
CA TYR SB 253 -131.25 -99.34 54.47
C TYR SB 253 -132.12 -99.52 55.69
N ILE SB 254 -131.52 -99.37 56.88
CA ILE SB 254 -132.23 -99.51 58.13
C ILE SB 254 -132.54 -98.13 58.70
N ASN SB 255 -131.49 -97.36 58.99
CA ASN SB 255 -131.61 -96.07 59.65
C ASN SB 255 -130.77 -95.02 58.92
N LYS SB 256 -131.16 -93.76 59.12
CA LYS SB 256 -130.63 -92.65 58.32
C LYS SB 256 -129.34 -92.06 58.89
N ARG SB 257 -128.78 -92.64 59.94
CA ARG SB 257 -127.54 -92.14 60.52
C ARG SB 257 -126.49 -93.23 60.67
N ASP SB 258 -126.72 -94.41 60.12
CA ASP SB 258 -125.79 -95.53 60.28
C ASP SB 258 -125.81 -96.38 59.03
N VAL SB 259 -124.92 -97.37 59.01
CA VAL SB 259 -124.73 -98.27 57.87
C VAL SB 259 -125.23 -99.67 58.21
N ASN SB 260 -125.99 -99.81 59.29
CA ASN SB 260 -126.44 -101.11 59.75
C ASN SB 260 -127.37 -101.75 58.73
N PHE SB 261 -127.35 -103.07 58.66
CA PHE SB 261 -128.05 -103.78 57.60
C PHE SB 261 -128.39 -105.19 58.05
N VAL SB 262 -129.29 -105.82 57.30
CA VAL SB 262 -129.62 -107.22 57.46
C VAL SB 262 -128.93 -107.98 56.34
N VAL SB 263 -128.39 -109.16 56.65
CA VAL SB 263 -127.62 -109.91 55.66
C VAL SB 263 -128.56 -110.35 54.55
N THR SB 264 -128.32 -109.84 53.35
CA THR SB 264 -129.15 -110.10 52.19
C THR SB 264 -128.44 -111.05 51.24
N GLU SB 265 -129.21 -111.76 50.43
CA GLU SB 265 -128.64 -112.66 49.45
C GLU SB 265 -127.96 -111.86 48.35
N ILE SB 266 -126.96 -112.49 47.71
CA ILE SB 266 -126.19 -111.78 46.69
C ILE SB 266 -127.05 -111.44 45.49
N THR SB 267 -127.58 -112.45 44.81
CA THR SB 267 -128.46 -112.26 43.67
C THR SB 267 -129.73 -113.07 43.87
N ASP SB 268 -130.67 -112.89 42.96
CA ASP SB 268 -131.87 -113.73 42.97
C ASP SB 268 -131.47 -115.15 42.58
N SER SB 269 -132.10 -116.13 43.22
CA SER SB 269 -131.70 -117.50 43.00
C SER SB 269 -132.37 -118.07 41.76
N ARG SB 270 -131.73 -119.05 41.15
CA ARG SB 270 -132.30 -119.84 40.08
C ARG SB 270 -132.28 -121.31 40.48
N THR SB 271 -132.83 -122.16 39.62
CA THR SB 271 -133.07 -123.55 39.99
C THR SB 271 -131.77 -124.34 40.03
N SER SB 272 -131.05 -124.39 38.92
CA SER SB 272 -129.78 -125.10 38.84
C SER SB 272 -128.71 -124.17 38.27
N ILE SB 273 -127.48 -124.69 38.20
CA ILE SB 273 -126.37 -123.91 37.66
C ILE SB 273 -126.41 -123.84 36.14
N THR SB 274 -127.16 -124.73 35.49
CA THR SB 274 -127.12 -124.87 34.05
C THR SB 274 -128.38 -124.39 33.33
N ASP SB 275 -129.45 -124.07 34.04
CA ASP SB 275 -130.68 -123.64 33.40
C ASP SB 275 -130.62 -122.17 33.02
N VAL TB 13 -86.34 -114.01 42.99
CA VAL TB 13 -86.19 -113.85 44.43
C VAL TB 13 -85.42 -112.59 44.76
N ARG TB 14 -86.11 -111.63 45.37
CA ARG TB 14 -85.52 -110.36 45.77
C ARG TB 14 -85.60 -110.23 47.29
N SER TB 15 -84.46 -109.94 47.93
CA SER TB 15 -84.38 -109.83 49.38
C SER TB 15 -84.39 -108.35 49.72
N MET TB 16 -85.60 -107.81 49.90
CA MET TB 16 -85.73 -106.42 50.28
C MET TB 16 -85.32 -106.21 51.73
N THR TB 17 -84.79 -105.02 52.02
CA THR TB 17 -84.42 -104.65 53.38
C THR TB 17 -84.80 -103.19 53.62
N LEU TB 18 -85.28 -102.91 54.84
CA LEU TB 18 -85.61 -101.55 55.26
C LEU TB 18 -85.20 -101.41 56.71
N GLY TB 19 -84.20 -100.58 56.97
CA GLY TB 19 -83.73 -100.39 58.33
C GLY TB 19 -83.04 -101.63 58.86
N ASN TB 20 -83.64 -102.25 59.87
CA ASN TB 20 -83.16 -103.49 60.45
C ASN TB 20 -84.20 -104.59 60.30
N SER TB 21 -84.82 -104.67 59.14
CA SER TB 21 -85.84 -105.69 58.86
C SER TB 21 -85.70 -106.11 57.41
N THR TB 22 -85.35 -107.38 57.20
CA THR TB 22 -85.18 -107.93 55.87
C THR TB 22 -86.19 -109.06 55.67
N ILE TB 23 -86.92 -109.01 54.57
CA ILE TB 23 -87.82 -110.08 54.17
C ILE TB 23 -87.34 -110.62 52.82
N THR TB 24 -87.87 -111.78 52.46
CA THR TB 24 -87.54 -112.43 51.19
C THR TB 24 -88.79 -112.51 50.35
N THR TB 25 -88.77 -111.86 49.20
CA THR TB 25 -89.92 -111.76 48.31
C THR TB 25 -89.69 -112.56 47.03
N GLN TB 26 -90.77 -112.74 46.29
CA GLN TB 26 -90.73 -113.48 45.03
C GLN TB 26 -90.95 -112.54 43.84
N ASN TB 30 -95.86 -108.73 41.19
CA ASN TB 30 -95.92 -107.35 40.73
C ASN TB 30 -96.78 -106.47 41.65
N VAL TB 31 -96.32 -105.24 41.86
CA VAL TB 31 -96.93 -104.37 42.87
C VAL TB 31 -98.21 -103.76 42.32
N VAL TB 32 -99.27 -103.78 43.13
CA VAL TB 32 -100.51 -103.10 42.80
C VAL TB 32 -100.47 -101.76 43.53
N VAL TB 33 -100.02 -100.73 42.82
CA VAL TB 33 -99.99 -99.38 43.37
C VAL TB 33 -101.42 -98.87 43.45
N GLY TB 34 -101.87 -98.56 44.67
CA GLY TB 34 -103.26 -98.24 44.88
C GLY TB 34 -103.61 -96.91 44.26
N TYR TB 35 -104.60 -96.91 43.36
CA TYR TB 35 -105.07 -95.70 42.67
C TYR TB 35 -103.96 -95.01 41.89
N GLY TB 36 -103.01 -95.78 41.36
CA GLY TB 36 -102.03 -95.25 40.45
C GLY TB 36 -101.10 -94.20 41.04
N GLU TB 37 -101.09 -94.04 42.36
CA GLU TB 37 -100.27 -93.03 43.00
C GLU TB 37 -99.38 -93.68 44.06
N TRP TB 38 -98.16 -93.19 44.14
CA TRP TB 38 -97.18 -93.59 45.13
C TRP TB 38 -97.28 -92.63 46.30
N PRO TB 39 -97.22 -93.10 47.54
CA PRO TB 39 -97.34 -92.19 48.67
C PRO TB 39 -96.26 -91.12 48.60
N SER TB 40 -96.56 -89.96 49.17
CA SER TB 40 -95.62 -88.85 49.12
C SER TB 40 -95.84 -87.98 50.34
N TYR TB 41 -94.89 -87.06 50.56
CA TYR TB 41 -95.05 -86.12 51.64
C TYR TB 41 -96.07 -85.04 51.27
N LEU TB 42 -96.40 -84.21 52.25
CA LEU TB 42 -97.50 -83.27 52.08
C LEU TB 42 -97.11 -82.08 51.20
N SER TB 43 -95.83 -81.76 51.11
CA SER TB 43 -95.38 -80.66 50.25
C SER TB 43 -95.47 -81.05 48.78
N THR TB 48 -95.61 -74.41 55.34
CA THR TB 48 -96.25 -73.38 56.16
C THR TB 48 -95.59 -73.33 57.53
N ALA TB 49 -95.40 -72.11 58.05
CA ALA TB 49 -94.85 -71.93 59.38
C ALA TB 49 -95.91 -71.90 60.48
N GLU TB 50 -97.19 -71.82 60.11
CA GLU TB 50 -98.26 -71.89 61.10
C GLU TB 50 -98.47 -73.31 61.58
N ASP TB 51 -98.29 -74.29 60.70
CA ASP TB 51 -98.32 -75.71 61.05
C ASP TB 51 -97.18 -76.39 60.30
N GLN TB 52 -96.29 -77.06 61.04
CA GLN TB 52 -95.08 -77.63 60.45
C GLN TB 52 -95.02 -79.13 60.73
N PRO TB 53 -94.94 -79.97 59.70
CA PRO TB 53 -94.84 -81.41 59.92
C PRO TB 53 -93.42 -81.86 60.27
N THR TB 54 -93.34 -82.97 60.99
CA THR TB 54 -92.09 -83.64 61.30
C THR TB 54 -92.03 -84.95 60.55
N GLN TB 55 -90.94 -85.17 59.82
CA GLN TB 55 -90.77 -86.40 59.06
C GLN TB 55 -89.83 -87.33 59.79
N PRO TB 56 -90.31 -88.44 60.35
CA PRO TB 56 -89.41 -89.32 61.10
C PRO TB 56 -88.37 -90.01 60.25
N ASP TB 57 -88.78 -90.61 59.12
CA ASP TB 57 -87.86 -91.32 58.22
C ASP TB 57 -87.12 -92.43 58.95
N VAL TB 58 -86.34 -92.08 59.97
CA VAL TB 58 -85.64 -93.06 60.77
C VAL TB 58 -86.64 -94.03 61.38
N ALA TB 59 -86.31 -95.32 61.31
CA ALA TB 59 -87.19 -96.42 61.74
C ALA TB 59 -88.52 -96.26 61.01
N THR TB 60 -89.67 -96.44 61.65
CA THR TB 60 -90.99 -96.29 61.05
C THR TB 60 -91.16 -97.01 59.71
N CYS TB 61 -90.17 -96.90 58.82
CA CYS TB 61 -90.24 -97.47 57.49
C CYS TB 61 -89.88 -98.96 57.44
N ARG TB 62 -89.44 -99.54 58.55
CA ARG TB 62 -89.03 -100.94 58.55
C ARG TB 62 -90.24 -101.85 58.43
N PHE TB 63 -89.99 -103.12 58.17
CA PHE TB 63 -91.07 -104.08 57.98
C PHE TB 63 -91.60 -104.59 59.31
N TYR TB 64 -92.91 -104.48 59.50
CA TYR TB 64 -93.59 -104.96 60.71
C TYR TB 64 -94.39 -106.20 60.32
N THR TB 65 -93.79 -107.37 60.53
CA THR TB 65 -94.46 -108.63 60.22
C THR TB 65 -95.45 -108.96 61.33
N LEU TB 66 -96.72 -109.08 60.97
CA LEU TB 66 -97.73 -109.46 61.94
C LEU TB 66 -97.67 -110.97 62.19
N GLU TB 67 -98.50 -111.44 63.12
CA GLU TB 67 -98.54 -112.87 63.41
C GLU TB 67 -99.15 -113.62 62.23
N SER TB 68 -98.56 -114.77 61.92
CA SER TB 68 -99.01 -115.56 60.78
C SER TB 68 -100.39 -116.15 61.08
N VAL TB 69 -101.22 -116.23 60.04
CA VAL TB 69 -102.62 -116.59 60.18
C VAL TB 69 -102.84 -117.91 59.46
N GLN TB 70 -103.35 -118.91 60.19
CA GLN TB 70 -103.57 -120.23 59.61
C GLN TB 70 -104.88 -120.25 58.84
N TRP TB 71 -104.81 -120.65 57.58
CA TRP TB 71 -105.95 -120.70 56.68
C TRP TB 71 -106.34 -122.15 56.46
N GLU TB 72 -107.45 -122.56 57.09
CA GLU TB 72 -107.97 -123.91 56.99
C GLU TB 72 -109.03 -123.98 55.88
N LYS TB 73 -109.69 -125.14 55.76
CA LYS TB 73 -110.74 -125.30 54.77
C LYS TB 73 -111.99 -124.50 55.11
N THR TB 74 -112.19 -124.18 56.39
CA THR TB 74 -113.42 -123.55 56.86
C THR TB 74 -113.21 -122.09 57.28
N SER TB 75 -112.09 -121.49 56.87
CA SER TB 75 -111.83 -120.10 57.22
C SER TB 75 -112.64 -119.18 56.32
N PRO TB 76 -113.43 -118.26 56.87
CA PRO TB 76 -114.23 -117.37 56.01
C PRO TB 76 -113.51 -116.08 55.62
N GLY TB 77 -112.52 -115.66 56.38
CA GLY TB 77 -111.79 -114.45 56.05
C GLY TB 77 -111.25 -113.78 57.30
N TRP TB 78 -110.61 -112.63 57.06
CA TRP TB 78 -110.00 -111.83 58.13
C TRP TB 78 -110.09 -110.37 57.75
N TRP TB 79 -109.93 -109.50 58.75
CA TRP TB 79 -109.70 -108.10 58.44
C TRP TB 79 -108.84 -107.47 59.52
N TRP TB 80 -107.99 -106.53 59.10
CA TRP TB 80 -107.21 -105.68 59.97
C TRP TB 80 -107.62 -104.24 59.69
N LYS TB 81 -107.68 -103.42 60.74
CA LYS TB 81 -107.94 -101.99 60.57
C LYS TB 81 -106.70 -101.22 60.98
N PHE TB 82 -106.10 -100.58 60.02
CA PHE TB 82 -104.97 -99.66 59.98
C PHE TB 82 -105.48 -98.23 60.01
N PRO TB 83 -104.68 -97.24 60.44
CA PRO TB 83 -103.27 -97.29 60.87
C PRO TB 83 -103.04 -97.92 62.24
N GLU TB 84 -104.10 -98.10 63.02
CA GLU TB 84 -103.94 -98.46 64.42
C GLU TB 84 -103.78 -99.97 64.63
N ALA TB 85 -103.72 -100.75 63.57
CA ALA TB 85 -103.30 -102.14 63.74
C ALA TB 85 -101.84 -102.21 64.14
N LEU TB 86 -101.06 -101.17 63.84
CA LEU TB 86 -99.66 -101.05 64.22
C LEU TB 86 -99.48 -100.23 65.50
N LYS TB 87 -100.48 -100.19 66.37
CA LYS TB 87 -100.42 -99.29 67.52
C LYS TB 87 -99.47 -99.78 68.60
N ASN TB 88 -99.07 -101.05 68.55
CA ASN TB 88 -98.08 -101.59 69.48
C ASN TB 88 -96.82 -102.04 68.75
N MET TB 89 -96.60 -101.57 67.52
CA MET TB 89 -95.49 -102.01 66.69
C MET TB 89 -94.38 -100.98 66.71
N GLY TB 90 -93.58 -101.01 67.77
CA GLY TB 90 -92.30 -100.32 67.75
C GLY TB 90 -92.43 -98.81 67.80
N LEU TB 91 -91.56 -98.14 67.04
CA LEU TB 91 -91.55 -96.68 67.03
C LEU TB 91 -92.77 -96.12 66.32
N PHE TB 92 -93.29 -96.82 65.30
CA PHE TB 92 -94.51 -96.34 64.66
C PHE TB 92 -95.69 -96.41 65.61
N GLY TB 93 -95.76 -97.45 66.43
CA GLY TB 93 -96.80 -97.52 67.44
C GLY TB 93 -96.56 -96.66 68.64
N GLN TB 94 -95.36 -96.10 68.79
CA GLN TB 94 -95.06 -95.17 69.85
C GLN TB 94 -95.18 -93.72 69.43
N ASN TB 95 -94.89 -93.40 68.16
CA ASN TB 95 -95.16 -92.05 67.65
C ASN TB 95 -96.66 -91.78 67.51
N MET TB 96 -97.51 -92.80 67.58
CA MET TB 96 -98.94 -92.56 67.59
C MET TB 96 -99.39 -91.93 68.90
N HIS TB 97 -98.67 -92.18 69.99
CA HIS TB 97 -99.04 -91.64 71.29
C HIS TB 97 -98.48 -90.24 71.56
N TYR TB 98 -97.42 -89.84 70.87
CA TYR TB 98 -96.82 -88.53 71.10
C TYR TB 98 -97.28 -87.47 70.12
N HIS TB 99 -97.65 -87.86 68.90
CA HIS TB 99 -98.20 -86.96 67.91
C HIS TB 99 -99.66 -87.32 67.69
N TYR TB 100 -100.53 -86.32 67.61
CA TYR TB 100 -101.96 -86.56 67.44
C TYR TB 100 -102.40 -86.36 65.99
N LEU TB 101 -101.45 -86.19 65.07
CA LEU TB 101 -101.73 -86.08 63.64
C LEU TB 101 -100.66 -86.83 62.88
N GLY TB 102 -101.06 -87.47 61.78
CA GLY TB 102 -100.09 -88.22 61.00
C GLY TB 102 -100.70 -88.79 59.74
N ARG TB 103 -99.82 -89.38 58.93
CA ARG TB 103 -100.18 -89.98 57.65
C ARG TB 103 -99.04 -90.89 57.21
N ALA TB 104 -99.37 -91.91 56.41
CA ALA TB 104 -98.38 -92.89 55.97
C ALA TB 104 -98.88 -93.61 54.72
N GLY TB 105 -98.09 -94.56 54.23
CA GLY TB 105 -98.35 -95.21 52.96
C GLY TB 105 -98.60 -96.70 52.97
N TYR TB 106 -97.93 -97.44 53.85
CA TYR TB 106 -98.26 -98.84 54.17
C TYR TB 106 -98.15 -99.75 52.94
N THR TB 107 -96.91 -100.06 52.56
CA THR TB 107 -96.68 -101.18 51.66
C THR TB 107 -96.99 -102.49 52.38
N ILE TB 108 -97.91 -103.27 51.82
CA ILE TB 108 -98.44 -104.46 52.48
C ILE TB 108 -98.08 -105.68 51.64
N HIS TB 109 -97.15 -106.50 52.13
CA HIS TB 109 -96.85 -107.79 51.53
C HIS TB 109 -97.69 -108.86 52.19
N VAL TB 110 -98.24 -109.77 51.37
CA VAL TB 110 -99.04 -110.89 51.86
C VAL TB 110 -98.53 -112.15 51.16
N GLN TB 111 -97.69 -112.92 51.84
CA GLN TB 111 -97.30 -114.23 51.37
C GLN TB 111 -98.27 -115.28 51.86
N CYS TB 112 -98.17 -116.49 51.27
CA CYS TB 112 -99.01 -117.61 51.66
C CYS TB 112 -98.24 -118.91 51.83
N ASN TB 113 -97.05 -119.03 51.25
CA ASN TB 113 -96.12 -120.17 51.35
C ASN TB 113 -96.84 -121.50 51.54
N ALA TB 114 -97.82 -121.77 50.70
CA ALA TB 114 -98.45 -123.09 50.66
C ALA TB 114 -97.56 -124.05 49.87
N SER TB 115 -98.03 -125.27 49.70
CA SER TB 115 -97.27 -126.26 48.96
C SER TB 115 -97.69 -126.22 47.48
N LYS TB 116 -97.35 -127.26 46.74
CA LYS TB 116 -97.71 -127.39 45.35
C LYS TB 116 -98.99 -128.20 45.16
N PHE TB 117 -99.40 -128.95 46.19
CA PHE TB 117 -100.62 -129.74 46.14
C PHE TB 117 -101.81 -129.05 46.81
N HIS TB 118 -101.59 -127.93 47.50
CA HIS TB 118 -102.68 -127.14 48.02
C HIS TB 118 -103.30 -126.31 46.89
N GLN TB 119 -104.59 -126.05 47.02
CA GLN TB 119 -105.31 -125.23 46.06
C GLN TB 119 -106.17 -124.23 46.81
N GLY TB 120 -106.43 -123.09 46.17
CA GLY TB 120 -107.23 -122.05 46.78
C GLY TB 120 -106.99 -120.73 46.10
N CYS TB 121 -107.70 -119.72 46.60
CA CYS TB 121 -107.61 -118.38 46.04
C CYS TB 121 -108.04 -117.37 47.09
N LEU TB 122 -107.32 -116.25 47.16
CA LEU TB 122 -107.57 -115.20 48.12
C LEU TB 122 -107.82 -113.87 47.40
N LEU TB 123 -108.66 -113.05 48.01
CA LEU TB 123 -108.81 -111.65 47.62
C LEU TB 123 -108.13 -110.80 48.70
N VAL TB 124 -107.06 -110.13 48.32
CA VAL TB 124 -106.33 -109.23 49.22
C VAL TB 124 -106.67 -107.81 48.79
N VAL TB 125 -107.56 -107.17 49.56
CA VAL TB 125 -108.12 -105.88 49.21
C VAL TB 125 -108.01 -104.97 50.44
N CYS TB 126 -107.98 -103.66 50.19
CA CYS TB 126 -107.63 -102.70 51.22
C CYS TB 126 -108.77 -101.83 51.70
N VAL TB 127 -109.73 -101.52 50.84
CA VAL TB 127 -111.03 -100.92 51.23
C VAL TB 127 -110.82 -99.69 52.10
N PRO TB 128 -110.51 -98.52 51.53
CA PRO TB 128 -110.45 -97.31 52.34
C PRO TB 128 -111.83 -96.95 52.89
N GLU TB 129 -111.86 -96.52 54.14
CA GLU TB 129 -113.09 -96.08 54.81
C GLU TB 129 -114.15 -97.18 54.86
N ALA TB 130 -113.77 -98.33 55.42
CA ALA TB 130 -114.69 -99.44 55.59
C ALA TB 130 -115.50 -99.21 56.87
N GLU TB 131 -116.61 -98.49 56.74
CA GLU TB 131 -117.54 -98.32 57.85
C GLU TB 131 -118.41 -99.57 57.94
N MET TB 132 -118.23 -100.35 58.99
CA MET TB 132 -118.91 -101.62 59.12
C MET TB 132 -120.18 -101.48 59.96
N GLY TB 133 -121.08 -102.45 59.79
CA GLY TB 133 -122.40 -102.40 60.39
C GLY TB 133 -122.52 -103.35 61.57
N CYS TB 134 -123.35 -102.97 62.54
CA CYS TB 134 -123.56 -103.78 63.72
C CYS TB 134 -124.37 -105.03 63.38
N ALA TB 135 -124.24 -106.04 64.24
CA ALA TB 135 -124.81 -107.35 63.94
C ALA TB 135 -126.33 -107.34 64.12
N ASP TB 136 -126.82 -106.80 65.23
CA ASP TB 136 -128.24 -106.55 65.43
C ASP TB 136 -128.46 -105.04 65.40
N THR TB 137 -129.06 -104.55 64.32
CA THR TB 137 -129.24 -103.12 64.15
C THR TB 137 -130.26 -102.58 65.15
N ASP TB 138 -130.25 -101.25 65.30
CA ASP TB 138 -130.85 -100.38 66.33
C ASP TB 138 -129.90 -100.12 67.49
N THR TB 139 -128.64 -100.54 67.38
CA THR TB 139 -127.66 -100.31 68.44
C THR TB 139 -126.27 -100.27 67.84
N THR TB 140 -125.28 -99.99 68.68
CA THR TB 140 -123.89 -99.88 68.30
C THR TB 140 -123.07 -101.00 68.96
N PHE TB 141 -121.78 -101.06 68.61
CA PHE TB 141 -120.85 -102.04 69.15
C PHE TB 141 -119.80 -101.37 70.04
N PRO TB 142 -119.21 -102.10 70.99
CA PRO TB 142 -118.35 -101.48 72.01
C PRO TB 142 -116.93 -101.13 71.57
N ALA TB 143 -116.70 -100.93 70.28
CA ALA TB 143 -115.47 -100.31 69.78
C ALA TB 143 -114.25 -101.21 69.91
N THR TB 144 -114.34 -102.28 70.69
CA THR TB 144 -113.31 -103.31 70.73
C THR TB 144 -113.66 -104.49 69.83
N GLU TB 145 -114.73 -104.36 69.04
CA GLU TB 145 -115.13 -105.38 68.08
C GLU TB 145 -114.63 -105.09 66.68
N LEU TB 146 -114.29 -103.83 66.37
CA LEU TB 146 -113.70 -103.53 65.08
C LEU TB 146 -112.24 -103.97 65.01
N THR TB 147 -111.49 -103.80 66.10
CA THR TB 147 -110.06 -104.04 66.06
C THR TB 147 -109.57 -104.66 67.36
N THR TB 148 -108.63 -105.59 67.22
CA THR TB 148 -107.86 -106.14 68.34
C THR TB 148 -106.41 -105.99 67.89
N GLU TB 149 -105.94 -104.75 67.89
CA GLU TB 149 -104.65 -104.32 67.36
C GLU TB 149 -104.03 -105.28 66.36
N ASP TB 150 -103.09 -106.11 66.84
CA ASP TB 150 -102.34 -107.00 65.95
C ASP TB 150 -103.21 -108.13 65.42
N THR TB 151 -104.06 -108.72 66.26
CA THR TB 151 -104.74 -109.92 65.79
C THR TB 151 -105.94 -109.57 64.92
N PRO TB 152 -106.26 -110.41 63.93
CA PRO TB 152 -107.37 -110.12 63.03
C PRO TB 152 -108.71 -110.59 63.56
N HIS TB 153 -109.75 -109.78 63.31
CA HIS TB 153 -111.12 -110.25 63.45
C HIS TB 153 -111.49 -111.08 62.23
N VAL TB 154 -111.95 -112.30 62.46
CA VAL TB 154 -112.39 -113.15 61.36
C VAL TB 154 -113.79 -112.74 60.93
N PHE TB 155 -114.12 -113.09 59.68
CA PHE TB 155 -115.50 -113.03 59.25
C PHE TB 155 -116.24 -114.25 59.76
N THR TB 156 -117.51 -114.36 59.40
CA THR TB 156 -118.30 -115.54 59.69
C THR TB 156 -118.93 -116.05 58.40
N SER TB 157 -119.32 -117.32 58.41
CA SER TB 157 -119.94 -117.92 57.23
C SER TB 157 -121.43 -117.60 57.12
N ASP TB 158 -122.08 -117.32 58.24
CA ASP TB 158 -123.50 -116.98 58.24
C ASP TB 158 -123.76 -115.74 59.10
N SER TB 159 -125.03 -115.40 59.31
CA SER TB 159 -125.37 -114.23 60.08
C SER TB 159 -125.16 -114.49 61.58
N ILE TB 160 -124.83 -113.42 62.30
CA ILE TB 160 -124.60 -113.49 63.74
C ILE TB 160 -125.39 -112.36 64.41
N THR TB 161 -125.60 -112.51 65.71
CA THR TB 161 -126.29 -111.51 66.52
C THR TB 161 -125.40 -111.08 67.67
N GLY TB 162 -125.85 -110.07 68.40
CA GLY TB 162 -125.07 -109.50 69.48
C GLY TB 162 -124.44 -108.18 69.09
N LYS TB 163 -123.97 -107.46 70.12
CA LYS TB 163 -123.41 -106.12 69.93
C LYS TB 163 -121.99 -106.25 69.41
N LYS TB 164 -121.89 -106.57 68.12
CA LYS TB 164 -120.60 -106.69 67.45
C LYS TB 164 -120.81 -106.49 65.96
N VAL TB 165 -119.74 -106.63 65.20
CA VAL TB 165 -119.77 -106.33 63.77
C VAL TB 165 -120.46 -107.47 63.03
N GLN TB 166 -121.35 -107.12 62.11
CA GLN TB 166 -121.97 -108.10 61.24
C GLN TB 166 -120.90 -108.62 60.29
N ALA TB 167 -120.20 -109.70 60.69
CA ALA TB 167 -119.03 -110.18 59.98
C ALA TB 167 -119.35 -111.36 59.07
N ALA TB 168 -120.55 -111.39 58.51
CA ALA TB 168 -120.88 -112.43 57.54
C ALA TB 168 -120.30 -112.06 56.17
N VAL TB 169 -119.56 -112.98 55.56
CA VAL TB 169 -119.18 -112.80 54.18
C VAL TB 169 -120.41 -112.89 53.29
N CYS TB 170 -120.27 -112.44 52.05
CA CYS TB 170 -121.27 -112.03 51.06
C CYS TB 170 -121.79 -110.64 51.40
N ASN TB 171 -121.52 -110.12 52.59
CA ASN TB 171 -121.87 -108.76 52.99
C ASN TB 171 -120.78 -108.24 53.91
N ALA TB 172 -119.53 -108.23 53.40
CA ALA TB 172 -118.30 -108.28 54.19
C ALA TB 172 -118.38 -107.50 55.49
N GLY TB 173 -118.41 -106.17 55.40
CA GLY TB 173 -118.72 -105.35 56.55
C GLY TB 173 -119.73 -104.27 56.26
N MET TB 174 -119.81 -103.84 55.01
CA MET TB 174 -120.42 -102.58 54.63
C MET TB 174 -121.80 -102.73 54.01
N GLY TB 175 -122.30 -103.95 53.86
CA GLY TB 175 -123.57 -104.14 53.21
C GLY TB 175 -123.49 -104.17 51.70
N VAL TB 176 -122.31 -104.40 51.15
CA VAL TB 176 -122.12 -104.54 49.72
C VAL TB 176 -121.95 -106.01 49.38
N GLY TB 177 -122.01 -106.34 48.09
CA GLY TB 177 -121.68 -107.68 47.67
C GLY TB 177 -120.18 -107.92 47.81
N VAL TB 178 -119.82 -109.10 48.32
CA VAL TB 178 -118.41 -109.38 48.55
C VAL TB 178 -117.70 -109.74 47.24
N GLY TB 179 -118.44 -110.12 46.20
CA GLY TB 179 -117.80 -110.45 44.94
C GLY TB 179 -117.27 -109.22 44.23
N ASN TB 180 -118.07 -108.15 44.19
CA ASN TB 180 -117.63 -106.91 43.58
C ASN TB 180 -116.97 -105.99 44.61
N LEU TB 181 -116.08 -106.57 45.41
CA LEU TB 181 -115.19 -105.83 46.29
C LEU TB 181 -113.85 -105.57 45.60
N THR TB 182 -113.79 -105.85 44.30
CA THR TB 182 -112.59 -105.75 43.48
C THR TB 182 -112.35 -104.33 42.99
N ILE TB 183 -113.29 -103.41 43.25
CA ILE TB 183 -113.14 -102.03 42.82
C ILE TB 183 -112.00 -101.33 43.56
N PHE TB 184 -111.61 -101.83 44.73
CA PHE TB 184 -110.57 -101.22 45.53
C PHE TB 184 -109.20 -101.73 45.07
N PRO TB 185 -108.11 -101.16 45.63
CA PRO TB 185 -106.78 -101.75 45.38
C PRO TB 185 -106.71 -103.19 45.88
N HIS TB 186 -106.60 -104.14 44.96
CA HIS TB 186 -106.72 -105.55 45.28
C HIS TB 186 -105.59 -106.33 44.63
N GLN TB 187 -105.52 -107.61 44.98
CA GLN TB 187 -104.60 -108.55 44.36
C GLN TB 187 -105.10 -109.96 44.67
N TRP TB 188 -105.18 -110.79 43.64
CA TRP TB 188 -105.56 -112.18 43.82
C TRP TB 188 -104.33 -113.02 44.14
N ILE TB 189 -104.48 -113.92 45.11
CA ILE TB 189 -103.43 -114.88 45.39
C ILE TB 189 -103.95 -116.26 45.04
N ASN TB 190 -103.74 -116.68 43.80
CA ASN TB 190 -104.13 -118.01 43.35
C ASN TB 190 -102.95 -118.95 43.59
N LEU TB 191 -103.13 -119.93 44.48
CA LEU TB 191 -102.04 -120.82 44.85
C LEU TB 191 -101.58 -121.68 43.69
N ARG TB 192 -102.40 -121.78 42.64
CA ARG TB 192 -101.96 -122.45 41.43
C ARG TB 192 -100.77 -121.71 40.79
N THR TB 193 -100.86 -120.39 40.72
CA THR TB 193 -99.86 -119.58 40.05
C THR TB 193 -98.90 -118.90 41.03
N ASN TB 194 -99.42 -118.02 41.89
CA ASN TB 194 -98.59 -117.17 42.72
C ASN TB 194 -98.90 -117.41 44.20
N ASN TB 195 -98.10 -116.77 45.05
CA ASN TB 195 -98.26 -116.84 46.49
C ASN TB 195 -98.18 -115.50 47.19
N SER TB 196 -97.61 -114.48 46.56
CA SER TB 196 -97.35 -113.21 47.20
C SER TB 196 -98.19 -112.10 46.59
N ALA TB 197 -98.55 -111.14 47.42
CA ALA TB 197 -99.27 -109.95 47.01
C ALA TB 197 -98.59 -108.74 47.65
N THR TB 198 -98.67 -107.60 46.97
CA THR TB 198 -98.12 -106.38 47.52
C THR TB 198 -98.95 -105.19 47.04
N ILE TB 199 -99.37 -104.36 47.98
CA ILE TB 199 -100.28 -103.25 47.70
C ILE TB 199 -99.71 -102.00 48.37
N VAL TB 200 -99.79 -100.88 47.66
CA VAL TB 200 -99.28 -99.60 48.14
C VAL TB 200 -100.45 -98.63 48.16
N ILE TB 201 -100.73 -98.06 49.33
CA ILE TB 201 -101.97 -97.34 49.58
C ILE TB 201 -101.61 -95.92 50.01
N PRO TB 202 -101.69 -94.93 49.10
CA PRO TB 202 -101.05 -93.63 49.29
C PRO TB 202 -101.82 -92.63 50.16
N TYR TB 203 -102.30 -93.10 51.31
CA TYR TB 203 -103.00 -92.26 52.29
C TYR TB 203 -104.20 -91.54 51.66
N ILE TB 204 -105.29 -92.28 51.53
CA ILE TB 204 -106.54 -91.72 51.06
C ILE TB 204 -107.31 -91.12 52.23
N ASN TB 205 -107.50 -89.80 52.22
CA ASN TB 205 -108.26 -89.12 53.27
C ASN TB 205 -108.65 -87.73 52.75
N SER TB 206 -109.70 -87.17 53.37
CA SER TB 206 -110.24 -85.88 52.96
C SER TB 206 -109.57 -84.70 53.66
N VAL TB 207 -108.70 -84.94 54.62
CA VAL TB 207 -107.96 -83.90 55.34
C VAL TB 207 -106.49 -84.31 55.25
N PRO TB 208 -105.55 -83.36 55.15
CA PRO TB 208 -104.16 -83.79 54.92
C PRO TB 208 -103.58 -84.61 56.06
N MET TB 209 -103.98 -84.35 57.30
CA MET TB 209 -103.51 -85.12 58.44
C MET TB 209 -104.68 -85.39 59.37
N ASP TB 210 -104.70 -86.57 59.97
CA ASP TB 210 -105.79 -86.93 60.87
C ASP TB 210 -105.22 -87.76 62.02
N ASN TB 211 -106.00 -87.82 63.10
CA ASN TB 211 -105.57 -88.57 64.28
C ASN TB 211 -105.57 -90.06 63.97
N MET TB 212 -104.58 -90.76 64.51
CA MET TB 212 -104.37 -92.16 64.18
C MET TB 212 -105.09 -93.13 65.10
N PHE TB 213 -105.78 -92.64 66.13
CA PHE TB 213 -106.58 -93.51 66.98
C PHE TB 213 -108.08 -93.38 66.73
N ARG TB 214 -108.56 -92.21 66.32
CA ARG TB 214 -109.97 -92.07 66.01
C ARG TB 214 -110.31 -92.73 64.67
N HIS TB 215 -109.51 -92.48 63.65
CA HIS TB 215 -109.89 -92.77 62.27
C HIS TB 215 -109.08 -93.95 61.73
N TYR TB 216 -109.79 -94.93 61.18
CA TYR TB 216 -109.18 -96.09 60.52
C TYR TB 216 -109.15 -95.77 59.03
N ASN TB 217 -107.95 -95.53 58.50
CA ASN TB 217 -107.85 -95.03 57.14
C ASN TB 217 -108.26 -96.08 56.12
N PHE TB 218 -107.89 -97.35 56.34
CA PHE TB 218 -108.32 -98.41 55.45
C PHE TB 218 -108.40 -99.72 56.24
N THR TB 219 -108.97 -100.74 55.59
CA THR TB 219 -109.25 -102.03 56.22
C THR TB 219 -108.72 -103.15 55.33
N LEU TB 220 -107.51 -103.62 55.61
CA LEU TB 220 -106.98 -104.77 54.89
C LEU TB 220 -107.79 -106.01 55.27
N MET TB 221 -108.56 -106.52 54.31
CA MET TB 221 -109.34 -107.73 54.52
C MET TB 221 -108.97 -108.77 53.47
N ILE TB 222 -108.68 -109.98 53.92
CA ILE TB 222 -108.27 -111.10 53.08
C ILE TB 222 -109.39 -112.11 53.09
N ILE TB 223 -109.98 -112.38 51.92
CA ILE TB 223 -111.21 -113.15 51.83
C ILE TB 223 -110.97 -114.33 50.89
N PRO TB 224 -111.08 -115.57 51.36
CA PRO TB 224 -110.90 -116.74 50.49
C PRO TB 224 -112.15 -116.98 49.64
N PHE TB 225 -112.04 -116.71 48.35
CA PHE TB 225 -113.13 -117.03 47.43
C PHE TB 225 -113.18 -118.53 47.15
N ALA TB 226 -112.16 -119.06 46.53
CA ALA TB 226 -112.12 -120.51 46.40
C ALA TB 226 -111.53 -121.11 47.67
N PRO TB 227 -112.20 -122.04 48.32
CA PRO TB 227 -111.73 -122.52 49.62
C PRO TB 227 -110.49 -123.38 49.49
N LEU TB 228 -109.73 -123.45 50.58
CA LEU TB 228 -108.57 -124.31 50.62
C LEU TB 228 -108.98 -125.76 50.50
N ASN TB 229 -108.20 -126.55 49.77
CA ASN TB 229 -108.47 -127.98 49.68
C ASN TB 229 -107.15 -128.72 49.55
N PHE TB 230 -107.14 -129.95 50.04
CA PHE TB 230 -105.95 -130.80 50.08
C PHE TB 230 -106.42 -132.20 50.43
N THR TB 231 -105.48 -133.14 50.44
CA THR TB 231 -105.77 -134.52 50.78
C THR TB 231 -105.26 -134.82 52.19
N ASP TB 232 -105.40 -136.09 52.60
CA ASP TB 232 -105.22 -136.48 53.99
C ASP TB 232 -103.76 -136.59 54.41
N GLY TB 233 -102.82 -136.14 53.58
CA GLY TB 233 -101.42 -136.19 53.95
C GLY TB 233 -100.79 -134.83 54.17
N ALA TB 234 -101.37 -133.79 53.58
CA ALA TB 234 -100.78 -132.46 53.66
C ALA TB 234 -101.06 -131.83 55.02
N THR TB 235 -100.44 -130.68 55.26
CA THR TB 235 -100.72 -129.93 56.47
C THR TB 235 -102.11 -129.30 56.39
N ALA TB 236 -102.83 -129.35 57.51
CA ALA TB 236 -104.25 -129.00 57.52
C ALA TB 236 -104.50 -127.49 57.43
N TYR TB 237 -103.50 -126.71 57.10
CA TYR TB 237 -103.64 -125.26 57.06
C TYR TB 237 -102.58 -124.67 56.14
N VAL TB 238 -102.74 -123.39 55.83
CA VAL TB 238 -101.77 -122.62 55.05
C VAL TB 238 -101.56 -121.28 55.75
N PRO TB 239 -100.37 -121.02 56.30
CA PRO TB 239 -100.15 -119.80 57.08
C PRO TB 239 -99.99 -118.59 56.16
N ILE TB 240 -100.80 -117.57 56.39
CA ILE TB 240 -100.78 -116.34 55.62
C ILE TB 240 -99.99 -115.31 56.41
N THR TB 241 -98.95 -114.76 55.81
CA THR TB 241 -98.03 -113.85 56.48
C THR TB 241 -98.24 -112.42 55.97
N VAL TB 242 -98.50 -111.50 56.88
CA VAL TB 242 -98.80 -110.11 56.56
C VAL TB 242 -97.66 -109.23 57.05
N THR TB 243 -97.18 -108.34 56.19
CA THR TB 243 -96.05 -107.47 56.48
C THR TB 243 -96.37 -106.07 55.98
N ILE TB 244 -96.24 -105.08 56.87
CA ILE TB 244 -96.63 -103.71 56.57
C ILE TB 244 -95.41 -102.82 56.77
N ALA TB 245 -95.12 -101.99 55.79
CA ALA TB 245 -94.03 -101.01 55.87
C ALA TB 245 -94.60 -99.61 55.77
N PRO TB 246 -94.71 -98.86 56.88
CA PRO TB 246 -95.25 -97.50 56.81
C PRO TB 246 -94.32 -96.54 56.09
N MET TB 247 -94.69 -96.13 54.88
CA MET TB 247 -93.83 -95.28 54.06
C MET TB 247 -94.28 -93.84 54.13
N TYR TB 248 -93.29 -92.93 54.10
CA TYR TB 248 -93.53 -91.50 54.06
C TYR TB 248 -94.42 -91.04 55.22
N ALA TB 249 -94.17 -91.61 56.39
CA ALA TB 249 -94.92 -91.22 57.57
C ALA TB 249 -94.44 -89.86 58.03
N GLU TB 250 -95.36 -88.92 58.20
CA GLU TB 250 -95.03 -87.62 58.75
C GLU TB 250 -96.10 -87.19 59.73
N TYR TB 251 -95.70 -86.38 60.69
CA TYR TB 251 -96.46 -86.10 61.91
C TYR TB 251 -96.52 -84.59 62.07
N ASN TB 252 -97.12 -84.13 63.16
CA ASN TB 252 -97.13 -82.70 63.42
C ASN TB 252 -95.82 -82.29 64.09
N GLY TB 253 -95.65 -80.98 64.27
CA GLY TB 253 -94.47 -80.46 64.92
C GLY TB 253 -94.72 -80.28 66.41
N LEU TB 254 -93.68 -80.55 67.20
CA LEU TB 254 -93.76 -80.40 68.65
C LEU TB 254 -92.98 -79.20 69.15
N ARG TB 255 -92.08 -78.66 68.34
CA ARG TB 255 -91.26 -77.51 68.67
C ARG TB 255 -92.03 -76.22 68.49
N LEU TB 256 -91.53 -75.15 69.11
CA LEU TB 256 -92.09 -73.83 68.89
C LEU TB 256 -91.61 -73.28 67.54
N ALA TB 257 -92.22 -72.18 67.12
CA ALA TB 257 -91.82 -71.52 65.89
C ALA TB 257 -91.21 -70.15 66.19
N GLY UB 1 -136.71 -48.52 30.27
CA GLY UB 1 -135.44 -49.10 29.89
C GLY UB 1 -135.54 -50.05 28.70
N VAL UB 2 -134.97 -51.24 28.84
CA VAL UB 2 -134.93 -52.22 27.76
C VAL UB 2 -136.30 -52.88 27.66
N PRO UB 3 -136.97 -52.80 26.51
CA PRO UB 3 -138.28 -53.47 26.37
C PRO UB 3 -138.12 -54.98 26.27
N VAL UB 4 -138.53 -55.69 27.31
CA VAL UB 4 -138.48 -57.14 27.33
C VAL UB 4 -139.92 -57.65 27.32
N LEU UB 5 -140.08 -58.92 26.92
CA LEU UB 5 -141.36 -59.58 27.01
C LEU UB 5 -141.16 -61.02 27.43
N ASN UB 6 -141.90 -61.44 28.46
CA ASN UB 6 -141.77 -62.77 29.02
C ASN UB 6 -142.40 -63.81 28.09
N THR UB 7 -141.61 -64.83 27.77
CA THR UB 7 -142.06 -65.94 26.94
C THR UB 7 -142.88 -66.90 27.78
N PRO UB 8 -143.58 -67.85 27.15
CA PRO UB 8 -144.10 -68.99 27.91
C PRO UB 8 -142.94 -69.77 28.52
N GLY UB 9 -143.10 -70.13 29.80
CA GLY UB 9 -142.02 -70.72 30.55
C GLY UB 9 -141.33 -69.80 31.53
N SER UB 10 -141.82 -68.57 31.70
CA SER UB 10 -141.31 -67.67 32.71
C SER UB 10 -141.97 -67.95 34.05
N ASN UB 11 -141.21 -67.72 35.13
CA ASN UB 11 -141.71 -67.90 36.49
C ASN UB 11 -142.18 -69.33 36.74
N GLN UB 12 -141.60 -70.30 36.03
CA GLN UB 12 -141.85 -71.70 36.30
C GLN UB 12 -140.61 -72.32 36.91
N PHE UB 13 -140.77 -73.53 37.43
CA PHE UB 13 -139.66 -74.28 38.01
C PHE UB 13 -139.54 -75.61 37.29
N LEU UB 14 -138.74 -75.62 36.22
CA LEU UB 14 -138.34 -76.86 35.59
C LEU UB 14 -137.28 -77.53 36.47
N THR UB 15 -137.50 -78.81 36.79
CA THR UB 15 -136.62 -79.50 37.72
C THR UB 15 -135.22 -79.64 37.15
N SER UB 16 -135.12 -79.92 35.84
CA SER UB 16 -133.84 -80.10 35.18
C SER UB 16 -133.49 -78.83 34.40
N ASP UB 17 -132.94 -77.85 35.11
CA ASP UB 17 -132.40 -76.66 34.49
C ASP UB 17 -130.99 -76.41 35.02
N ASP UB 18 -130.26 -75.53 34.34
CA ASP UB 18 -128.86 -75.25 34.65
C ASP UB 18 -128.64 -73.73 34.75
N TYR UB 19 -129.48 -73.07 35.54
CA TYR UB 19 -129.42 -71.63 35.67
C TYR UB 19 -128.45 -71.23 36.79
N GLN UB 20 -128.05 -69.96 36.76
CA GLN UB 20 -127.11 -69.43 37.74
C GLN UB 20 -127.83 -69.18 39.04
N SER UB 21 -127.61 -70.04 40.03
CA SER UB 21 -128.26 -69.89 41.31
C SER UB 21 -127.61 -68.75 42.09
N PRO UB 22 -128.38 -67.83 42.67
CA PRO UB 22 -127.77 -66.76 43.48
C PRO UB 22 -127.20 -67.34 44.76
N SER UB 23 -125.90 -67.13 44.97
CA SER UB 23 -125.20 -67.77 46.08
C SER UB 23 -125.59 -67.10 47.39
N ALA UB 24 -125.88 -67.93 48.41
CA ALA UB 24 -126.32 -67.40 49.68
C ALA UB 24 -125.17 -66.84 50.51
N MET UB 25 -123.96 -67.36 50.31
CA MET UB 25 -122.80 -66.95 51.08
C MET UB 25 -121.75 -66.43 50.10
N PRO UB 26 -121.86 -65.16 49.67
CA PRO UB 26 -120.98 -64.64 48.62
C PRO UB 26 -119.60 -64.28 49.16
N GLN UB 27 -119.58 -63.76 50.39
CA GLN UB 27 -118.32 -63.42 51.04
C GLN UB 27 -117.49 -64.67 51.28
N PHE UB 28 -118.17 -65.79 51.57
CA PHE UB 28 -117.53 -67.03 51.96
C PHE UB 28 -116.63 -67.56 50.84
N ASP UB 29 -115.37 -67.84 51.19
CA ASP UB 29 -114.42 -68.45 50.26
C ASP UB 29 -114.15 -69.89 50.70
N GLU UB 30 -114.46 -70.83 49.81
CA GLU UB 30 -114.43 -72.26 50.11
C GLU UB 30 -113.00 -72.79 50.25
N THR UB 31 -112.90 -73.96 50.87
CA THR UB 31 -111.61 -74.58 51.17
C THR UB 31 -110.87 -74.95 49.89
N PRO UB 32 -109.55 -74.72 49.83
CA PRO UB 32 -108.79 -75.09 48.63
C PRO UB 32 -108.80 -76.59 48.41
N GLU UB 33 -108.83 -76.98 47.13
CA GLU UB 33 -108.93 -78.38 46.74
C GLU UB 33 -107.54 -79.01 46.79
N MET UB 34 -107.34 -79.96 47.71
CA MET UB 34 -106.13 -80.75 47.68
C MET UB 34 -106.29 -81.90 46.70
N HIS UB 35 -105.18 -82.54 46.37
CA HIS UB 35 -105.21 -83.71 45.52
C HIS UB 35 -105.50 -84.95 46.36
N ILE UB 36 -106.64 -85.57 46.12
CA ILE UB 36 -107.02 -86.82 46.78
C ILE UB 36 -106.87 -87.95 45.77
N PRO UB 37 -106.23 -89.06 46.13
CA PRO UB 37 -105.99 -90.13 45.14
C PRO UB 37 -107.28 -90.81 44.73
N GLY UB 38 -107.34 -91.20 43.45
CA GLY UB 38 -108.43 -92.01 42.96
C GLY UB 38 -109.67 -91.23 42.57
N GLU UB 39 -109.52 -90.28 41.65
CA GLU UB 39 -110.66 -89.50 41.20
C GLU UB 39 -111.45 -90.25 40.15
N VAL UB 40 -112.77 -90.17 40.23
CA VAL UB 40 -113.66 -90.69 39.20
C VAL UB 40 -114.15 -89.49 38.39
N ARG UB 41 -114.01 -89.58 37.07
CA ARG UB 41 -114.45 -88.53 36.17
C ARG UB 41 -115.52 -89.03 35.21
N ASN UB 42 -115.92 -90.30 35.32
CA ASN UB 42 -116.87 -90.94 34.43
C ASN UB 42 -117.31 -92.25 35.08
N LEU UB 43 -118.61 -92.52 35.02
CA LEU UB 43 -119.15 -93.73 35.68
C LEU UB 43 -118.61 -95.00 35.03
N MET UB 44 -118.46 -95.01 33.71
CA MET UB 44 -117.99 -96.20 33.00
C MET UB 44 -116.55 -96.57 33.36
N GLU UB 45 -115.90 -95.83 34.25
CA GLU UB 45 -114.65 -96.29 34.83
C GLU UB 45 -114.87 -97.30 35.95
N ILE UB 46 -116.10 -97.41 36.44
CA ILE UB 46 -116.44 -98.44 37.42
C ILE UB 46 -116.81 -99.75 36.71
N ALA UB 47 -117.46 -99.64 35.55
CA ALA UB 47 -117.85 -100.84 34.81
C ALA UB 47 -116.65 -101.57 34.23
N GLU UB 48 -115.53 -100.89 34.01
CA GLU UB 48 -114.34 -101.51 33.45
C GLU UB 48 -113.52 -102.30 34.46
N VAL UB 49 -113.94 -102.33 35.72
CA VAL UB 49 -113.25 -103.09 36.75
C VAL UB 49 -113.83 -104.49 36.82
N ASP UB 50 -112.96 -105.50 36.75
CA ASP UB 50 -113.40 -106.88 36.90
C ASP UB 50 -113.95 -107.10 38.30
N SER UB 51 -114.93 -107.99 38.39
CA SER UB 51 -115.50 -108.37 39.67
C SER UB 51 -116.12 -109.75 39.55
N VAL UB 52 -116.16 -110.47 40.66
CA VAL UB 52 -116.50 -111.89 40.63
C VAL UB 52 -118.00 -112.04 40.40
N VAL UB 53 -118.36 -112.98 39.54
CA VAL UB 53 -119.73 -113.16 39.06
C VAL UB 53 -120.30 -114.39 39.73
N PRO UB 54 -121.42 -114.27 40.46
CA PRO UB 54 -122.02 -115.45 41.14
C PRO UB 54 -122.76 -116.37 40.16
N VAL UB 55 -121.99 -117.26 39.53
CA VAL UB 55 -122.57 -118.17 38.56
C VAL UB 55 -123.35 -119.28 39.27
N ASN UB 56 -122.85 -119.76 40.39
CA ASN UB 56 -123.49 -120.84 41.14
C ASN UB 56 -124.48 -120.28 42.16
N ASN UB 57 -125.42 -119.48 41.66
CA ASN UB 57 -126.43 -118.86 42.51
C ASN UB 57 -127.70 -119.71 42.60
N VAL UB 58 -127.55 -120.98 42.94
CA VAL UB 58 -128.69 -121.88 43.07
C VAL UB 58 -129.42 -121.58 44.38
N THR UB 59 -130.56 -122.25 44.59
CA THR UB 59 -131.56 -121.79 45.54
C THR UB 59 -131.06 -121.71 46.98
N GLY UB 60 -129.99 -122.41 47.33
CA GLY UB 60 -129.56 -122.43 48.72
C GLY UB 60 -128.14 -121.94 48.94
N LYS UB 61 -127.54 -121.35 47.91
CA LYS UB 61 -126.12 -121.03 47.93
C LYS UB 61 -125.88 -119.58 47.52
N THR UB 62 -126.81 -118.68 47.89
CA THR UB 62 -126.69 -117.27 47.53
C THR UB 62 -126.37 -116.36 48.70
N LYS UB 63 -126.57 -116.81 49.94
CA LYS UB 63 -126.17 -116.04 51.11
C LYS UB 63 -124.81 -116.44 51.65
N SER UB 64 -124.14 -117.39 51.00
CA SER UB 64 -122.76 -117.77 51.29
C SER UB 64 -121.88 -117.39 50.12
N MET UB 65 -120.58 -117.66 50.25
CA MET UB 65 -119.64 -117.45 49.17
C MET UB 65 -119.49 -118.68 48.29
N ASP UB 66 -120.44 -119.62 48.36
CA ASP UB 66 -120.51 -120.69 47.38
C ASP UB 66 -121.21 -120.26 46.11
N ALA UB 67 -121.75 -119.04 46.07
CA ALA UB 67 -122.35 -118.51 44.85
C ALA UB 67 -121.31 -118.24 43.78
N TYR UB 68 -120.09 -117.88 44.19
CA TYR UB 68 -119.06 -117.46 43.25
C TYR UB 68 -118.25 -118.62 42.70
N GLN UB 69 -118.43 -119.83 43.25
CA GLN UB 69 -117.56 -120.96 42.97
C GLN UB 69 -118.27 -121.92 42.03
N ILE UB 70 -117.65 -122.17 40.88
CA ILE UB 70 -118.17 -123.11 39.90
C ILE UB 70 -117.51 -124.46 40.15
N PRO UB 71 -118.24 -125.47 40.62
CA PRO UB 71 -117.59 -126.75 40.96
C PRO UB 71 -117.19 -127.51 39.71
N VAL UB 72 -115.94 -127.95 39.67
CA VAL UB 72 -115.40 -128.72 38.56
C VAL UB 72 -114.76 -129.98 39.12
N GLY UB 73 -115.29 -131.13 38.73
CA GLY UB 73 -114.81 -132.40 39.25
C GLY UB 73 -115.56 -132.85 40.48
N ASP UB 78 -119.97 -136.86 35.07
CA ASP UB 78 -120.95 -136.72 34.00
C ASP UB 78 -120.49 -135.68 32.97
N LYS UB 79 -120.18 -136.15 31.76
CA LYS UB 79 -119.72 -135.29 30.68
C LYS UB 79 -120.83 -134.95 29.70
N THR UB 80 -122.08 -135.33 29.99
CA THR UB 80 -123.18 -135.14 29.07
C THR UB 80 -123.94 -133.83 29.29
N LYS UB 81 -123.85 -133.25 30.49
CA LYS UB 81 -124.50 -131.98 30.76
C LYS UB 81 -123.45 -130.92 31.07
N PRO UB 82 -123.69 -129.67 30.68
CA PRO UB 82 -122.65 -128.64 30.81
C PRO UB 82 -122.38 -128.29 32.26
N ILE UB 83 -121.22 -127.68 32.48
CA ILE UB 83 -120.84 -127.28 33.84
C ILE UB 83 -121.71 -126.12 34.32
N PHE UB 84 -121.77 -125.05 33.53
CA PHE UB 84 -122.62 -123.93 33.84
C PHE UB 84 -123.11 -123.31 32.53
N SER UB 85 -124.10 -122.43 32.65
CA SER UB 85 -124.73 -121.79 31.51
C SER UB 85 -125.56 -120.61 32.00
N PHE UB 86 -125.47 -119.46 31.34
CA PHE UB 86 -126.25 -118.32 31.75
C PHE UB 86 -126.45 -117.36 30.59
N GLN UB 87 -127.55 -116.60 30.66
CA GLN UB 87 -127.80 -115.52 29.73
C GLN UB 87 -126.66 -114.51 29.76
N MET UB 88 -126.33 -113.97 28.59
CA MET UB 88 -125.27 -112.97 28.48
C MET UB 88 -125.92 -111.60 28.29
N ASP UB 89 -126.46 -111.06 29.38
CA ASP UB 89 -126.96 -109.69 29.40
C ASP UB 89 -126.93 -109.15 30.83
N PRO UB 90 -126.19 -108.07 31.10
CA PRO UB 90 -126.03 -107.60 32.48
C PRO UB 90 -127.32 -107.06 33.10
N GLY UB 91 -128.36 -106.82 32.31
CA GLY UB 91 -129.66 -106.47 32.84
C GLY UB 91 -130.61 -107.65 32.72
N TYR UB 92 -131.51 -107.77 33.68
CA TYR UB 92 -132.55 -108.81 33.69
C TYR UB 92 -131.96 -110.21 33.62
N SER UB 93 -130.79 -110.41 34.22
CA SER UB 93 -130.17 -111.73 34.33
C SER UB 93 -129.65 -111.91 35.73
N SER UB 94 -130.06 -113.02 36.38
CA SER UB 94 -129.75 -113.21 37.79
C SER UB 94 -128.25 -113.30 38.04
N VAL UB 95 -127.48 -113.74 37.05
CA VAL UB 95 -126.05 -113.95 37.25
C VAL UB 95 -125.27 -112.63 37.13
N LEU UB 96 -125.65 -111.78 36.18
CA LEU UB 96 -124.87 -110.59 35.83
C LEU UB 96 -125.55 -109.28 36.22
N LYS UB 97 -126.55 -109.32 37.09
CA LYS UB 97 -127.28 -108.10 37.41
C LYS UB 97 -126.75 -107.36 38.63
N ARG UB 98 -125.98 -108.04 39.49
CA ARG UB 98 -125.43 -107.39 40.66
C ARG UB 98 -123.91 -107.26 40.58
N THR UB 99 -123.35 -107.49 39.39
CA THR UB 99 -121.96 -107.20 39.10
C THR UB 99 -121.75 -105.69 39.04
N LEU UB 100 -120.49 -105.25 39.23
CA LEU UB 100 -120.17 -103.85 39.00
C LEU UB 100 -120.56 -103.42 37.59
N LEU UB 101 -120.35 -104.30 36.60
CA LEU UB 101 -120.88 -104.05 35.28
C LEU UB 101 -122.40 -103.98 35.29
N GLY UB 102 -123.05 -105.00 35.83
CA GLY UB 102 -124.49 -105.08 35.76
C GLY UB 102 -125.22 -104.15 36.69
N GLU UB 103 -124.52 -103.49 37.61
CA GLU UB 103 -125.16 -102.58 38.54
C GLU UB 103 -125.05 -101.12 38.13
N MET UB 104 -124.02 -100.77 37.37
CA MET UB 104 -123.93 -99.42 36.82
C MET UB 104 -124.72 -99.30 35.53
N LEU UB 105 -125.23 -100.42 35.01
CA LEU UB 105 -126.08 -100.47 33.84
C LEU UB 105 -127.57 -100.49 34.17
N ASN UB 106 -127.95 -100.69 35.43
CA ASN UB 106 -129.35 -100.58 35.83
C ASN UB 106 -129.75 -99.15 36.15
N TYR UB 107 -128.80 -98.22 36.20
CA TYR UB 107 -129.09 -96.80 36.27
C TYR UB 107 -129.48 -96.21 34.92
N TYR UB 108 -129.50 -97.03 33.87
CA TYR UB 108 -129.70 -96.51 32.53
C TYR UB 108 -130.65 -97.42 31.75
N ALA UB 109 -131.36 -96.83 30.81
CA ALA UB 109 -132.31 -97.55 29.97
C ALA UB 109 -131.70 -97.99 28.64
N HIS UB 110 -130.92 -97.13 28.00
CA HIS UB 110 -130.28 -97.47 26.73
C HIS UB 110 -128.79 -97.67 26.99
N TRP UB 111 -128.31 -98.88 26.77
CA TRP UB 111 -126.88 -99.13 26.83
C TRP UB 111 -126.51 -100.17 25.80
N SER UB 112 -125.29 -100.08 25.28
CA SER UB 112 -124.82 -100.94 24.21
C SER UB 112 -123.31 -101.00 24.24
N GLY UB 113 -122.77 -102.20 24.12
CA GLY UB 113 -121.33 -102.37 24.12
C GLY UB 113 -120.98 -103.85 24.21
N SER UB 114 -119.72 -104.10 24.51
CA SER UB 114 -119.22 -105.46 24.67
C SER UB 114 -118.81 -105.69 26.11
N VAL UB 115 -118.59 -106.97 26.42
CA VAL UB 115 -118.34 -107.43 27.79
C VAL UB 115 -117.35 -108.59 27.73
N LYS UB 116 -116.29 -108.50 28.52
CA LYS UB 116 -115.26 -109.51 28.56
C LYS UB 116 -115.41 -110.35 29.83
N LEU UB 117 -115.10 -111.64 29.71
CA LEU UB 117 -115.25 -112.59 30.80
C LEU UB 117 -113.91 -113.29 31.02
N THR UB 118 -113.48 -113.35 32.27
CA THR UB 118 -112.25 -114.03 32.66
C THR UB 118 -112.60 -115.22 33.53
N PHE UB 119 -112.09 -116.39 33.17
CA PHE UB 119 -112.34 -117.62 33.93
C PHE UB 119 -111.04 -118.02 34.62
N LEU UB 120 -110.96 -117.71 35.91
CA LEU UB 120 -109.80 -118.05 36.72
C LEU UB 120 -110.00 -119.43 37.32
N PHE UB 121 -109.17 -120.39 36.93
CA PHE UB 121 -109.21 -121.73 37.48
C PHE UB 121 -108.49 -121.75 38.82
N CYS UB 122 -109.24 -121.97 39.89
CA CYS UB 122 -108.71 -121.96 41.25
C CYS UB 122 -108.48 -123.35 41.80
N GLY UB 123 -107.97 -124.27 40.97
CA GLY UB 123 -107.63 -125.60 41.41
C GLY UB 123 -106.16 -125.72 41.76
N SER UB 124 -105.69 -126.97 41.81
CA SER UB 124 -104.31 -127.21 42.21
C SER UB 124 -103.36 -126.82 41.09
N ALA UB 125 -102.07 -126.76 41.42
CA ALA UB 125 -101.05 -126.53 40.41
C ALA UB 125 -100.67 -127.81 39.68
N MET UB 126 -101.25 -128.95 40.06
CA MET UB 126 -100.99 -130.23 39.42
C MET UB 126 -102.20 -130.77 38.67
N ALA UB 127 -103.38 -130.20 38.87
CA ALA UB 127 -104.58 -130.67 38.17
C ALA UB 127 -104.55 -130.21 36.72
N THR UB 128 -104.93 -131.10 35.81
CA THR UB 128 -104.83 -130.83 34.39
C THR UB 128 -106.06 -131.39 33.68
N GLY UB 129 -106.68 -130.56 32.86
CA GLY UB 129 -107.84 -130.99 32.09
C GLY UB 129 -108.15 -129.95 31.04
N LYS UB 130 -109.22 -130.20 30.30
CA LYS UB 130 -109.69 -129.28 29.28
C LYS UB 130 -111.16 -128.96 29.47
N LEU UB 131 -111.49 -127.69 29.25
CA LEU UB 131 -112.86 -127.20 29.29
C LEU UB 131 -113.15 -126.48 27.99
N LEU UB 132 -114.36 -126.64 27.48
CA LEU UB 132 -114.77 -126.10 26.19
C LEU UB 132 -115.83 -125.04 26.44
N ILE UB 133 -115.47 -123.78 26.22
CA ILE UB 133 -116.32 -122.63 26.53
C ILE UB 133 -116.98 -122.18 25.22
N SER UB 134 -118.26 -122.45 25.08
CA SER UB 134 -118.99 -122.16 23.85
C SER UB 134 -119.81 -120.89 24.01
N TYR UB 135 -119.99 -120.18 22.91
CA TYR UB 135 -120.75 -118.93 22.88
C TYR UB 135 -121.86 -119.04 21.85
N SER UB 136 -123.09 -118.78 22.28
CA SER UB 136 -124.12 -118.80 21.25
C SER UB 136 -124.51 -117.37 20.88
N PRO UB 137 -124.73 -117.11 19.60
CA PRO UB 137 -125.20 -115.78 19.18
C PRO UB 137 -126.57 -115.50 19.76
N PRO UB 138 -126.99 -114.23 19.80
CA PRO UB 138 -128.22 -113.88 20.53
C PRO UB 138 -129.48 -114.50 19.96
N GLY UB 139 -129.48 -114.93 18.71
CA GLY UB 139 -130.66 -115.56 18.13
C GLY UB 139 -130.64 -117.07 18.23
N ALA UB 140 -129.45 -117.64 18.35
CA ALA UB 140 -129.31 -119.08 18.24
C ALA UB 140 -129.79 -119.77 19.51
N SER UB 141 -130.02 -121.08 19.38
CA SER UB 141 -130.41 -121.92 20.51
C SER UB 141 -129.16 -122.49 21.18
N VAL UB 142 -129.32 -122.90 22.44
CA VAL UB 142 -128.20 -123.39 23.22
C VAL UB 142 -127.77 -124.75 22.66
N PRO UB 143 -126.49 -125.10 22.77
CA PRO UB 143 -126.08 -126.47 22.39
C PRO UB 143 -126.56 -127.46 23.45
N THR UB 144 -127.19 -128.53 22.99
CA THR UB 144 -127.66 -129.58 23.89
C THR UB 144 -126.60 -130.62 24.18
N SER UB 145 -125.55 -130.69 23.36
CA SER UB 145 -124.48 -131.67 23.50
C SER UB 145 -123.15 -130.96 23.39
N ARG UB 146 -122.07 -131.70 23.68
CA ARG UB 146 -120.74 -131.11 23.58
C ARG UB 146 -120.31 -130.97 22.12
N LYS UB 147 -120.69 -131.91 21.27
CA LYS UB 147 -120.32 -131.83 19.86
C LYS UB 147 -120.99 -130.63 19.19
N ASP UB 148 -122.27 -130.40 19.49
CA ASP UB 148 -122.97 -129.27 18.91
C ASP UB 148 -122.44 -127.94 19.41
N ALA UB 149 -121.85 -127.92 20.61
CA ALA UB 149 -121.14 -126.74 21.07
C ALA UB 149 -119.79 -126.59 20.39
N MET UB 150 -119.17 -127.69 19.99
CA MET UB 150 -117.88 -127.63 19.31
C MET UB 150 -118.03 -127.09 17.90
N LEU UB 151 -119.17 -127.35 17.25
CA LEU UB 151 -119.39 -126.91 15.89
C LEU UB 151 -119.70 -125.42 15.79
N GLY UB 152 -120.04 -124.78 16.90
CA GLY UB 152 -120.24 -123.33 16.91
C GLY UB 152 -118.97 -122.59 17.29
N THR UB 153 -119.12 -121.52 18.05
CA THR UB 153 -117.98 -120.77 18.55
C THR UB 153 -117.56 -121.34 19.91
N HIS UB 154 -116.27 -121.58 20.08
CA HIS UB 154 -115.78 -122.17 21.31
C HIS UB 154 -114.30 -121.84 21.46
N ILE UB 155 -113.76 -122.15 22.65
CA ILE UB 155 -112.33 -122.06 22.92
C ILE UB 155 -111.99 -123.23 23.85
N VAL UB 156 -111.22 -124.20 23.35
CA VAL UB 156 -110.83 -125.35 24.14
C VAL UB 156 -109.73 -124.88 25.09
N TRP UB 157 -110.10 -124.59 26.33
CA TRP UB 157 -109.23 -123.93 27.30
C TRP UB 157 -108.47 -124.98 28.10
N ASP UB 158 -107.20 -125.19 27.75
CA ASP UB 158 -106.35 -126.12 28.47
C ASP UB 158 -105.97 -125.53 29.83
N ILE UB 159 -106.37 -126.23 30.90
CA ILE UB 159 -106.15 -125.72 32.24
C ILE UB 159 -104.69 -125.89 32.66
N GLY UB 160 -104.05 -126.98 32.23
CA GLY UB 160 -102.70 -127.27 32.66
C GLY UB 160 -101.66 -126.31 32.13
N LEU UB 161 -101.96 -125.62 31.03
CA LEU UB 161 -101.03 -124.65 30.46
C LEU UB 161 -101.29 -123.25 31.01
N GLN UB 162 -102.48 -122.71 30.72
CA GLN UB 162 -102.90 -121.41 31.25
C GLN UB 162 -104.06 -121.62 32.22
N SER UB 163 -104.14 -120.74 33.21
CA SER UB 163 -105.15 -120.85 34.26
C SER UB 163 -106.15 -119.71 34.21
N SER UB 164 -106.20 -118.95 33.11
CA SER UB 164 -107.10 -117.81 33.01
C SER UB 164 -107.37 -117.55 31.53
N CYS UB 165 -108.60 -117.79 31.09
CA CYS UB 165 -108.98 -117.60 29.69
C CYS UB 165 -109.97 -116.45 29.61
N VAL UB 166 -109.71 -115.53 28.69
CA VAL UB 166 -110.45 -114.27 28.58
C VAL UB 166 -111.26 -114.29 27.29
N LEU UB 167 -112.53 -113.93 27.40
CA LEU UB 167 -113.42 -113.77 26.28
C LEU UB 167 -113.67 -112.28 26.02
N CYS UB 168 -114.47 -111.99 24.99
CA CYS UB 168 -114.97 -110.64 24.77
C CYS UB 168 -116.25 -110.80 23.94
N VAL UB 169 -117.39 -110.70 24.60
CA VAL UB 169 -118.68 -111.01 23.99
C VAL UB 169 -119.27 -109.72 23.43
N PRO UB 170 -119.47 -109.63 22.11
CA PRO UB 170 -120.05 -108.41 21.52
C PRO UB 170 -121.57 -108.48 21.43
N TRP UB 171 -122.16 -107.43 20.84
CA TRP UB 171 -123.61 -107.37 20.60
C TRP UB 171 -124.40 -107.51 21.89
N ILE UB 172 -124.06 -106.69 22.88
CA ILE UB 172 -124.70 -106.72 24.19
C ILE UB 172 -125.38 -105.37 24.40
N SER UB 173 -126.70 -105.34 24.31
CA SER UB 173 -127.44 -104.09 24.39
C SER UB 173 -128.90 -104.38 24.72
N GLN UB 174 -129.54 -103.41 25.37
CA GLN UB 174 -130.99 -103.40 25.49
C GLN UB 174 -131.47 -101.96 25.39
N SER UB 175 -132.79 -101.80 25.26
CA SER UB 175 -133.38 -100.49 25.05
C SER UB 175 -134.85 -100.48 25.45
N SER UB 187 -133.61 -112.39 25.00
CA SER UB 187 -133.07 -113.03 23.80
C SER UB 187 -131.63 -112.61 23.57
N ALA UB 188 -130.73 -113.10 24.41
CA ALA UB 188 -129.32 -112.74 24.34
C ALA UB 188 -128.48 -114.01 24.19
N GLY UB 189 -127.16 -113.83 24.30
CA GLY UB 189 -126.22 -114.91 24.08
C GLY UB 189 -126.18 -115.90 25.24
N TYR UB 190 -125.23 -116.82 25.14
CA TYR UB 190 -125.04 -117.87 26.14
C TYR UB 190 -123.56 -118.18 26.27
N ILE UB 191 -123.11 -118.33 27.50
CA ILE UB 191 -121.75 -118.78 27.78
C ILE UB 191 -121.90 -120.10 28.54
N THR UB 192 -121.92 -121.20 27.79
CA THR UB 192 -121.91 -122.52 28.38
C THR UB 192 -120.47 -123.01 28.50
N CYS UB 193 -120.29 -124.08 29.28
CA CYS UB 193 -118.96 -124.64 29.47
C CYS UB 193 -119.09 -126.14 29.64
N TRP UB 194 -118.16 -126.86 29.03
CA TRP UB 194 -118.29 -128.29 28.82
C TRP UB 194 -117.03 -129.01 29.27
N TYR UB 195 -117.19 -130.27 29.67
CA TYR UB 195 -116.04 -131.13 29.93
C TYR UB 195 -115.54 -131.66 28.60
N GLN UB 196 -114.47 -131.07 28.09
CA GLN UB 196 -113.74 -131.71 27.01
C GLN UB 196 -113.03 -132.95 27.53
N THR UB 197 -112.24 -132.80 28.58
CA THR UB 197 -111.64 -133.89 29.31
C THR UB 197 -111.94 -133.73 30.80
N ASN UB 198 -111.81 -134.81 31.55
CA ASN UB 198 -111.92 -134.72 33.00
C ASN UB 198 -110.67 -134.08 33.58
N ILE UB 199 -110.74 -133.77 34.87
CA ILE UB 199 -109.60 -133.17 35.57
C ILE UB 199 -108.65 -134.29 35.98
N VAL UB 200 -107.47 -134.32 35.38
CA VAL UB 200 -106.48 -135.34 35.67
C VAL UB 200 -105.59 -134.84 36.81
N VAL UB 201 -105.41 -135.68 37.82
CA VAL UB 201 -104.83 -135.22 39.08
C VAL UB 201 -103.90 -136.30 39.63
N PRO UB 202 -102.74 -135.93 40.15
CA PRO UB 202 -101.84 -136.92 40.76
C PRO UB 202 -102.40 -137.42 42.08
N PRO UB 203 -101.78 -138.42 42.70
CA PRO UB 203 -102.34 -138.98 43.96
C PRO UB 203 -102.36 -138.01 45.12
N GLY UB 204 -101.52 -136.97 45.11
CA GLY UB 204 -101.46 -136.06 46.24
C GLY UB 204 -102.47 -134.92 46.21
N ALA UB 205 -102.79 -134.44 45.03
CA ALA UB 205 -103.64 -133.26 44.92
C ALA UB 205 -105.12 -133.63 45.00
N PRO UB 206 -105.97 -132.72 45.47
CA PRO UB 206 -107.39 -133.03 45.56
C PRO UB 206 -108.06 -133.11 44.20
N THR UB 207 -109.22 -133.75 44.18
CA THR UB 207 -109.89 -134.11 42.94
C THR UB 207 -110.86 -133.04 42.45
N SER UB 208 -111.51 -132.32 43.36
CA SER UB 208 -112.54 -131.36 43.02
C SER UB 208 -111.99 -129.95 43.11
N CYS UB 209 -112.19 -129.15 42.07
CA CYS UB 209 -111.63 -127.82 41.95
C CYS UB 209 -112.77 -126.82 41.73
N ASP UB 210 -112.40 -125.54 41.70
CA ASP UB 210 -113.34 -124.45 41.48
C ASP UB 210 -112.84 -123.54 40.37
N VAL UB 211 -113.79 -122.87 39.71
CA VAL UB 211 -113.50 -121.90 38.66
C VAL UB 211 -114.25 -120.61 38.99
N LEU UB 212 -113.51 -119.53 39.17
CA LEU UB 212 -114.11 -118.22 39.36
C LEU UB 212 -114.31 -117.55 38.01
N CYS UB 213 -115.31 -116.67 37.95
CA CYS UB 213 -115.60 -115.90 36.75
C CYS UB 213 -115.54 -114.42 37.05
N PHE UB 214 -115.35 -113.63 36.00
CA PHE UB 214 -115.23 -112.19 36.11
C PHE UB 214 -115.97 -111.55 34.94
N ALA UB 215 -116.26 -110.25 35.07
CA ALA UB 215 -116.97 -109.54 34.02
C ALA UB 215 -116.69 -108.05 34.12
N SER UB 216 -116.46 -107.42 32.97
CA SER UB 216 -116.29 -105.97 32.88
C SER UB 216 -116.65 -105.54 31.46
N ALA UB 217 -116.37 -104.27 31.15
CA ALA UB 217 -116.54 -103.77 29.80
C ALA UB 217 -115.26 -104.04 29.00
N CYS UB 218 -115.42 -104.55 27.78
CA CYS UB 218 -114.28 -105.12 27.08
C CYS UB 218 -113.34 -104.03 26.57
N ASN UB 219 -113.83 -103.16 25.69
CA ASN UB 219 -113.04 -102.04 25.19
C ASN UB 219 -113.64 -100.71 25.60
N ASP UB 220 -114.89 -100.44 25.26
CA ASP UB 220 -115.56 -99.20 25.58
C ASP UB 220 -117.06 -99.48 25.56
N PHE UB 221 -117.80 -98.75 26.38
CA PHE UB 221 -119.20 -99.09 26.62
C PHE UB 221 -120.04 -97.83 26.42
N SER UB 222 -121.18 -97.99 25.76
CA SER UB 222 -122.06 -96.88 25.44
C SER UB 222 -123.35 -97.01 26.23
N VAL UB 223 -123.83 -95.88 26.74
CA VAL UB 223 -124.93 -95.88 27.70
C VAL UB 223 -125.58 -94.50 27.70
N ARG UB 224 -126.92 -94.44 27.61
CA ARG UB 224 -127.58 -93.18 27.27
C ARG UB 224 -128.52 -92.67 28.35
N LEU UB 225 -129.60 -93.37 28.68
CA LEU UB 225 -130.77 -92.73 29.29
C LEU UB 225 -130.86 -93.09 30.77
N LEU UB 226 -130.57 -92.11 31.63
CA LEU UB 226 -130.54 -92.35 33.07
C LEU UB 226 -131.94 -92.57 33.62
N ARG UB 227 -132.06 -93.48 34.58
CA ARG UB 227 -133.32 -93.77 35.26
C ARG UB 227 -133.02 -94.12 36.71
N ASP UB 228 -134.08 -94.37 37.47
CA ASP UB 228 -133.95 -94.85 38.84
C ASP UB 228 -133.76 -96.37 38.86
N THR UB 229 -132.94 -96.84 39.80
CA THR UB 229 -132.66 -98.27 39.87
C THR UB 229 -133.85 -99.04 40.41
N PRO UB 230 -134.04 -100.29 39.98
CA PRO UB 230 -135.17 -101.09 40.48
C PRO UB 230 -134.94 -101.70 41.84
N PHE UB 231 -133.69 -101.93 42.22
CA PHE UB 231 -133.38 -102.69 43.43
C PHE UB 231 -133.89 -101.99 44.69
N MET UB 232 -133.57 -100.71 44.85
CA MET UB 232 -134.05 -99.98 46.02
C MET UB 232 -135.57 -99.89 46.00
N ALA UB 233 -136.17 -99.97 47.19
CA ALA UB 233 -137.62 -99.95 47.31
C ALA UB 233 -138.09 -98.65 47.96
N GLY VB 1 -140.16 -56.86 22.43
CA GLY VB 1 -138.75 -56.59 22.53
C GLY VB 1 -137.90 -57.82 22.75
N VAL VB 2 -137.01 -57.77 23.75
CA VAL VB 2 -136.10 -58.87 24.04
C VAL VB 2 -136.86 -59.98 24.77
N PRO VB 3 -136.91 -61.19 24.23
CA PRO VB 3 -137.60 -62.27 24.94
C PRO VB 3 -136.80 -62.74 26.15
N VAL VB 4 -137.31 -62.45 27.34
CA VAL VB 4 -136.68 -62.88 28.58
C VAL VB 4 -137.59 -63.89 29.24
N LEU VB 5 -137.01 -64.69 30.14
CA LEU VB 5 -137.81 -65.60 30.95
C LEU VB 5 -137.23 -65.63 32.36
N ASN VB 6 -138.11 -65.44 33.35
CA ASN VB 6 -137.70 -65.38 34.74
C ASN VB 6 -137.35 -66.77 35.26
N THR VB 7 -136.16 -66.88 35.85
CA THR VB 7 -135.69 -68.13 36.43
C THR VB 7 -136.31 -68.30 37.82
N PRO VB 8 -136.19 -69.48 38.42
CA PRO VB 8 -136.46 -69.59 39.85
C PRO VB 8 -135.50 -68.70 40.64
N GLY VB 9 -136.05 -67.97 41.60
CA GLY VB 9 -135.28 -66.96 42.32
C GLY VB 9 -135.55 -65.54 41.89
N SER VB 10 -136.53 -65.31 41.03
CA SER VB 10 -136.95 -63.96 40.67
C SER VB 10 -137.95 -63.45 41.70
N ASN VB 11 -137.93 -62.13 41.92
CA ASN VB 11 -138.85 -61.47 42.84
C ASN VB 11 -138.74 -62.04 44.26
N GLN VB 12 -137.57 -62.53 44.63
CA GLN VB 12 -137.31 -62.93 45.99
C GLN VB 12 -136.34 -61.94 46.63
N PHE VB 13 -136.20 -62.06 47.95
CA PHE VB 13 -135.28 -61.21 48.69
C PHE VB 13 -134.29 -62.10 49.43
N LEU VB 14 -133.18 -62.42 48.77
CA LEU VB 14 -132.06 -63.06 49.45
C LEU VB 14 -131.34 -62.02 50.29
N THR VB 15 -131.12 -62.32 51.57
CA THR VB 15 -130.56 -61.33 52.48
C THR VB 15 -129.14 -60.98 52.09
N SER VB 16 -128.36 -61.98 51.66
CA SER VB 16 -126.96 -61.78 51.26
C SER VB 16 -126.87 -61.74 49.75
N ASP VB 17 -127.15 -60.57 49.18
CA ASP VB 17 -126.94 -60.32 47.76
C ASP VB 17 -126.17 -59.02 47.59
N ASP VB 18 -125.65 -58.81 46.39
CA ASP VB 18 -124.81 -57.66 46.07
C ASP VB 18 -125.30 -56.98 44.80
N TYR VB 19 -126.59 -56.67 44.77
CA TYR VB 19 -127.20 -56.07 43.59
C TYR VB 19 -127.10 -54.54 43.65
N GLN VB 20 -127.30 -53.91 42.51
CA GLN VB 20 -127.20 -52.46 42.39
C GLN VB 20 -128.47 -51.84 42.95
N SER VB 21 -128.36 -51.26 44.14
CA SER VB 21 -129.53 -50.64 44.76
C SER VB 21 -129.83 -49.31 44.08
N PRO VB 22 -131.08 -49.04 43.70
CA PRO VB 22 -131.41 -47.74 43.11
C PRO VB 22 -131.30 -46.64 44.15
N SER VB 23 -130.44 -45.65 43.87
CA SER VB 23 -130.11 -44.63 44.85
C SER VB 23 -131.28 -43.65 45.00
N ALA VB 24 -131.62 -43.35 46.25
CA ALA VB 24 -132.77 -42.49 46.52
C ALA VB 24 -132.45 -41.02 46.28
N MET VB 25 -131.18 -40.63 46.41
CA MET VB 25 -130.79 -39.24 46.26
C MET VB 25 -129.73 -39.18 45.16
N PRO VB 26 -130.16 -39.15 43.88
CA PRO VB 26 -129.20 -39.23 42.78
C PRO VB 26 -128.50 -37.92 42.52
N GLN VB 27 -129.24 -36.83 42.68
CA GLN VB 27 -128.67 -35.49 42.51
C GLN VB 27 -127.61 -35.24 43.56
N PHE VB 28 -127.82 -35.78 44.76
CA PHE VB 28 -126.96 -35.52 45.92
C PHE VB 28 -125.53 -35.98 45.66
N ASP VB 29 -124.58 -35.07 45.87
CA ASP VB 29 -123.16 -35.40 45.77
C ASP VB 29 -122.54 -35.39 47.17
N GLU VB 30 -122.00 -36.53 47.57
CA GLU VB 30 -121.51 -36.75 48.93
C GLU VB 30 -120.22 -36.00 49.22
N THR VB 31 -119.94 -35.85 50.51
CA THR VB 31 -118.79 -35.06 50.98
C THR VB 31 -117.47 -35.70 50.52
N PRO VB 32 -116.51 -34.89 50.09
CA PRO VB 32 -115.21 -35.46 49.68
C PRO VB 32 -114.49 -36.12 50.84
N GLU VB 33 -113.78 -37.21 50.53
CA GLU VB 33 -113.11 -38.00 51.55
C GLU VB 33 -111.77 -37.37 51.89
N MET VB 34 -111.63 -36.87 53.11
CA MET VB 34 -110.32 -36.42 53.57
C MET VB 34 -109.54 -37.63 54.10
N HIS VB 35 -108.23 -37.42 54.28
CA HIS VB 35 -107.39 -38.46 54.86
C HIS VB 35 -107.49 -38.40 56.38
N ILE VB 36 -108.02 -39.46 56.98
CA ILE VB 36 -108.11 -39.59 58.43
C ILE VB 36 -107.07 -40.62 58.86
N PRO VB 37 -106.26 -40.34 59.87
CA PRO VB 37 -105.20 -41.27 60.26
C PRO VB 37 -105.73 -42.57 60.85
N GLY VB 38 -105.07 -43.67 60.53
CA GLY VB 38 -105.37 -44.94 61.15
C GLY VB 38 -106.49 -45.70 60.50
N GLU VB 39 -106.36 -45.99 59.20
CA GLU VB 39 -107.39 -46.74 58.50
C GLU VB 39 -107.22 -48.22 58.74
N VAL VB 40 -108.35 -48.92 58.93
CA VAL VB 40 -108.38 -50.37 59.00
C VAL VB 40 -108.90 -50.88 57.66
N ARG VB 41 -108.16 -51.80 57.05
CA ARG VB 41 -108.55 -52.39 55.78
C ARG VB 41 -108.76 -53.89 55.90
N ASN VB 42 -108.60 -54.44 57.10
CA ASN VB 42 -108.69 -55.87 57.35
C ASN VB 42 -108.78 -56.08 58.86
N LEU VB 43 -109.67 -56.98 59.27
CA LEU VB 43 -109.89 -57.19 60.70
C LEU VB 43 -108.65 -57.77 61.37
N MET VB 44 -107.93 -58.67 60.69
CA MET VB 44 -106.76 -59.29 61.28
C MET VB 44 -105.61 -58.31 61.54
N GLU VB 45 -105.80 -57.02 61.25
CA GLU VB 45 -104.88 -56.01 61.73
C GLU VB 45 -105.15 -55.64 63.19
N ILE VB 46 -106.29 -56.02 63.73
CA ILE VB 46 -106.57 -55.84 65.15
C ILE VB 46 -106.00 -57.00 65.96
N ALA VB 47 -106.04 -58.22 65.40
CA ALA VB 47 -105.51 -59.38 66.10
C ALA VB 47 -104.00 -59.34 66.25
N GLU VB 48 -103.30 -58.62 65.37
CA GLU VB 48 -101.85 -58.55 65.42
C GLU VB 48 -101.33 -57.58 66.47
N VAL VB 49 -102.21 -56.89 67.19
CA VAL VB 49 -101.81 -55.96 68.24
C VAL VB 49 -101.72 -56.72 69.56
N ASP VB 50 -100.58 -56.58 70.24
CA ASP VB 50 -100.42 -57.18 71.56
C ASP VB 50 -101.39 -56.53 72.54
N SER VB 51 -101.84 -57.34 73.50
CA SER VB 51 -102.70 -56.83 74.57
C SER VB 51 -102.57 -57.74 75.78
N VAL VB 52 -102.80 -57.17 76.95
CA VAL VB 52 -102.47 -57.86 78.20
C VAL VB 52 -103.49 -58.96 78.45
N VAL VB 53 -103.00 -60.11 78.88
CA VAL VB 53 -103.79 -61.32 79.01
C VAL VB 53 -104.04 -61.57 80.49
N PRO VB 54 -105.29 -61.65 80.94
CA PRO VB 54 -105.59 -61.88 82.37
C PRO VB 54 -105.35 -63.34 82.79
N VAL VB 55 -104.09 -63.64 83.10
CA VAL VB 55 -103.74 -65.01 83.49
C VAL VB 55 -104.22 -65.30 84.91
N ASN VB 56 -104.12 -64.32 85.80
CA ASN VB 56 -104.51 -64.50 87.20
C ASN VB 56 -105.99 -64.14 87.40
N ASN VB 57 -106.84 -64.81 86.62
CA ASN VB 57 -108.29 -64.57 86.68
C ASN VB 57 -108.97 -65.52 87.65
N VAL VB 58 -108.48 -65.58 88.88
CA VAL VB 58 -109.07 -66.45 89.89
C VAL VB 58 -110.35 -65.81 90.42
N THR VB 59 -111.07 -66.54 91.27
CA THR VB 59 -112.49 -66.29 91.53
C THR VB 59 -112.77 -64.90 92.10
N GLY VB 60 -111.78 -64.24 92.69
CA GLY VB 60 -112.05 -62.96 93.33
C GLY VB 60 -111.22 -61.80 92.80
N LYS VB 61 -110.53 -62.02 91.69
CA LYS VB 61 -109.54 -61.06 91.19
C LYS VB 61 -109.79 -60.75 89.72
N THR VB 62 -111.06 -60.74 89.29
CA THR VB 62 -111.39 -60.49 87.89
C THR VB 62 -112.04 -59.13 87.65
N LYS VB 63 -112.56 -58.47 88.68
CA LYS VB 63 -113.08 -57.12 88.55
C LYS VB 63 -112.08 -56.05 88.94
N SER VB 64 -110.86 -56.44 89.32
CA SER VB 64 -109.76 -55.53 89.56
C SER VB 64 -108.68 -55.77 88.50
N MET VB 65 -107.60 -55.00 88.59
CA MET VB 65 -106.46 -55.18 87.72
C MET VB 65 -105.44 -56.14 88.30
N ASP VB 66 -105.83 -56.95 89.28
CA ASP VB 66 -105.01 -58.06 89.72
C ASP VB 66 -105.17 -59.29 88.83
N ALA VB 67 -106.08 -59.23 87.85
CA ALA VB 67 -106.24 -60.32 86.90
C ALA VB 67 -105.05 -60.41 85.96
N TYR VB 68 -104.42 -59.28 85.65
CA TYR VB 68 -103.35 -59.23 84.66
C TYR VB 68 -101.98 -59.54 85.25
N GLN VB 69 -101.87 -59.63 86.57
CA GLN VB 69 -100.59 -59.69 87.26
C GLN VB 69 -100.32 -61.12 87.70
N ILE VB 70 -99.22 -61.69 87.25
CA ILE VB 70 -98.79 -63.03 87.64
C ILE VB 70 -97.83 -62.88 88.81
N PRO VB 71 -98.20 -63.29 90.02
CA PRO VB 71 -97.31 -63.07 91.17
C PRO VB 71 -96.11 -64.02 91.13
N VAL VB 72 -94.92 -63.45 91.27
CA VAL VB 72 -93.68 -64.21 91.28
C VAL VB 72 -92.91 -63.82 92.53
N GLY VB 73 -92.66 -64.80 93.41
CA GLY VB 73 -91.99 -64.54 94.66
C GLY VB 73 -92.95 -64.21 95.79
N ASP VB 78 -92.36 -72.12 97.20
CA ASP VB 78 -92.72 -73.44 96.69
C ASP VB 78 -92.33 -73.59 95.22
N LYS VB 79 -91.35 -74.46 94.97
CA LYS VB 79 -90.85 -74.71 93.62
C LYS VB 79 -91.44 -75.99 93.02
N THR VB 80 -92.39 -76.63 93.70
CA THR VB 80 -92.94 -77.89 93.25
C THR VB 80 -94.18 -77.75 92.38
N LYS VB 81 -94.89 -76.63 92.46
CA LYS VB 81 -96.06 -76.39 91.63
C LYS VB 81 -95.80 -75.20 90.71
N PRO VB 82 -96.33 -75.23 89.49
CA PRO VB 82 -95.99 -74.19 88.51
C PRO VB 82 -96.58 -72.84 88.90
N ILE VB 83 -96.01 -71.80 88.30
CA ILE VB 83 -96.48 -70.44 88.59
C ILE VB 83 -97.86 -70.22 87.99
N PHE VB 84 -97.99 -70.48 86.69
CA PHE VB 84 -99.28 -70.39 86.02
C PHE VB 84 -99.34 -71.46 84.93
N SER VB 85 -100.54 -71.66 84.39
CA SER VB 85 -100.80 -72.67 83.38
C SER VB 85 -102.17 -72.42 82.76
N PHE VB 86 -102.27 -72.47 81.44
CA PHE VB 86 -103.56 -72.25 80.80
C PHE VB 86 -103.60 -72.92 79.43
N GLN VB 87 -104.81 -73.27 79.00
CA GLN VB 87 -105.05 -73.75 77.65
C GLN VB 87 -104.57 -72.73 76.62
N MET VB 88 -104.02 -73.23 75.53
CA MET VB 88 -103.54 -72.37 74.45
C MET VB 88 -104.54 -72.45 73.30
N ASP VB 89 -105.67 -71.78 73.48
CA ASP VB 89 -106.65 -71.61 72.41
C ASP VB 89 -107.50 -70.37 72.66
N PRO VB 90 -107.47 -69.38 71.75
CA PRO VB 90 -108.16 -68.12 72.02
C PRO VB 90 -109.68 -68.23 72.07
N GLY VB 91 -110.25 -69.35 71.64
CA GLY VB 91 -111.67 -69.61 71.83
C GLY VB 91 -111.87 -70.64 72.93
N TYR VB 92 -112.97 -70.50 73.67
CA TYR VB 92 -113.36 -71.44 74.70
C TYR VB 92 -112.28 -71.60 75.78
N SER VB 93 -111.53 -70.53 76.06
CA SER VB 93 -110.55 -70.51 77.13
C SER VB 93 -110.69 -69.22 77.91
N SER VB 94 -110.83 -69.34 79.23
CA SER VB 94 -111.15 -68.18 80.05
C SER VB 94 -110.03 -67.14 80.01
N VAL VB 95 -108.80 -67.57 79.75
CA VAL VB 95 -107.67 -66.65 79.81
C VAL VB 95 -107.54 -65.85 78.51
N LEU VB 96 -107.78 -66.50 77.36
CA LEU VB 96 -107.48 -65.91 76.06
C LEU VB 96 -108.74 -65.60 75.25
N LYS VB 97 -109.92 -65.55 75.88
CA LYS VB 97 -111.14 -65.36 75.12
C LYS VB 97 -111.57 -63.90 75.02
N ARG VB 98 -111.07 -63.03 75.90
CA ARG VB 98 -111.43 -61.62 75.85
C ARG VB 98 -110.25 -60.75 75.44
N THR VB 99 -109.17 -61.38 74.95
CA THR VB 99 -108.05 -60.67 74.33
C THR VB 99 -108.49 -60.11 72.98
N LEU VB 100 -107.76 -59.09 72.50
CA LEU VB 100 -107.98 -58.62 71.13
C LEU VB 100 -107.83 -59.75 70.13
N LEU VB 101 -106.87 -60.64 70.36
CA LEU VB 101 -106.79 -61.86 69.57
C LEU VB 101 -108.04 -62.71 69.76
N GLY VB 102 -108.36 -63.03 71.01
CA GLY VB 102 -109.44 -63.95 71.26
C GLY VB 102 -110.84 -63.40 71.06
N GLU VB 103 -110.95 -62.08 70.85
CA GLU VB 103 -112.26 -61.48 70.65
C GLU VB 103 -112.58 -61.25 69.19
N MET VB 104 -111.58 -61.08 68.33
CA MET VB 104 -111.83 -61.00 66.91
C MET VB 104 -111.92 -62.39 66.28
N LEU VB 105 -111.63 -63.44 67.05
CA LEU VB 105 -111.76 -64.82 66.65
C LEU VB 105 -113.09 -65.46 67.07
N ASN VB 106 -113.87 -64.80 67.94
CA ASN VB 106 -115.19 -65.30 68.27
C ASN VB 106 -116.26 -64.83 67.28
N TYR VB 107 -115.90 -63.93 66.36
CA TYR VB 107 -116.76 -63.59 65.24
C TYR VB 107 -116.71 -64.63 64.13
N TYR VB 108 -115.91 -65.69 64.29
CA TYR VB 108 -115.69 -66.63 63.21
C TYR VB 108 -115.71 -68.05 63.76
N ALA VB 109 -116.11 -68.98 62.89
CA ALA VB 109 -116.18 -70.40 63.24
C ALA VB 109 -114.93 -71.17 62.86
N HIS VB 110 -114.37 -70.91 61.68
CA HIS VB 110 -113.16 -71.58 61.22
C HIS VB 110 -112.02 -70.59 61.27
N TRP VB 111 -111.03 -70.84 62.12
CA TRP VB 111 -109.82 -70.05 62.14
C TRP VB 111 -108.63 -70.94 62.44
N SER VB 112 -107.47 -70.57 61.90
CA SER VB 112 -106.27 -71.37 62.02
C SER VB 112 -105.06 -70.47 61.84
N GLY VB 113 -104.07 -70.63 62.71
CA GLY VB 113 -102.87 -69.84 62.62
C GLY VB 113 -102.02 -70.05 63.86
N SER VB 114 -101.05 -69.17 64.03
CA SER VB 114 -100.15 -69.21 65.17
C SER VB 114 -100.38 -67.97 66.03
N VAL VB 115 -99.82 -68.02 67.24
CA VAL VB 115 -100.03 -67.01 68.27
C VAL VB 115 -98.74 -66.85 69.07
N LYS VB 116 -98.30 -65.61 69.21
CA LYS VB 116 -97.08 -65.30 69.92
C LYS VB 116 -97.41 -64.73 71.29
N LEU VB 117 -96.58 -65.05 72.28
CA LEU VB 117 -96.79 -64.63 73.66
C LEU VB 117 -95.54 -63.92 74.15
N THR VB 118 -95.73 -62.76 74.76
CA THR VB 118 -94.65 -61.97 75.32
C THR VB 118 -94.82 -61.91 76.83
N PHE VB 119 -93.77 -62.26 77.57
CA PHE VB 119 -93.79 -62.24 79.03
C PHE VB 119 -92.90 -61.10 79.51
N LEU VB 120 -93.55 -59.99 79.88
CA LEU VB 120 -92.85 -58.81 80.38
C LEU VB 120 -92.71 -58.94 81.89
N PHE VB 121 -91.46 -59.05 82.37
CA PHE VB 121 -91.20 -59.11 83.80
C PHE VB 121 -91.21 -57.69 84.36
N CYS VB 122 -92.20 -57.41 85.22
CA CYS VB 122 -92.38 -56.08 85.79
C CYS VB 122 -91.87 -56.00 87.22
N GLY VB 123 -90.73 -56.61 87.50
CA GLY VB 123 -90.09 -56.53 88.79
C GLY VB 123 -89.03 -55.43 88.83
N SER VB 124 -88.17 -55.52 89.84
CA SER VB 124 -87.15 -54.49 90.03
C SER VB 124 -86.05 -54.65 88.98
N ALA VB 125 -85.21 -53.63 88.89
CA ALA VB 125 -84.03 -53.69 88.02
C ALA VB 125 -82.88 -54.42 88.68
N MET VB 126 -83.05 -54.86 89.93
CA MET VB 126 -82.03 -55.59 90.66
C MET VB 126 -82.42 -57.04 90.94
N ALA VB 127 -83.68 -57.40 90.74
CA ALA VB 127 -84.12 -58.76 90.99
C ALA VB 127 -83.64 -59.67 89.87
N THR VB 128 -83.17 -60.86 90.23
CA THR VB 128 -82.57 -61.77 89.27
C THR VB 128 -82.99 -63.19 89.59
N GLY VB 129 -83.46 -63.91 88.58
CA GLY VB 129 -83.85 -65.29 88.73
C GLY VB 129 -84.06 -65.92 87.38
N LYS VB 130 -84.48 -67.18 87.40
CA LYS VB 130 -84.77 -67.91 86.18
C LYS VB 130 -86.16 -68.52 86.24
N LEU VB 131 -86.85 -68.48 85.10
CA LEU VB 131 -88.15 -69.08 84.93
C LEU VB 131 -88.10 -69.99 83.71
N LEU VB 132 -88.78 -71.13 83.80
CA LEU VB 132 -88.75 -72.15 82.75
C LEU VB 132 -90.14 -72.25 82.14
N ILE VB 133 -90.28 -71.79 80.91
CA ILE VB 133 -91.56 -71.69 80.23
C ILE VB 133 -91.69 -72.89 79.30
N SER VB 134 -92.53 -73.85 79.67
CA SER VB 134 -92.68 -75.09 78.92
C SER VB 134 -93.93 -75.05 78.06
N TYR VB 135 -93.87 -75.73 76.92
CA TYR VB 135 -94.98 -75.80 75.98
C TYR VB 135 -95.35 -77.25 75.74
N SER VB 136 -96.63 -77.57 75.94
CA SER VB 136 -96.97 -78.94 75.60
C SER VB 136 -97.72 -78.98 74.27
N PRO VB 137 -97.42 -79.97 73.43
CA PRO VB 137 -98.16 -80.14 72.17
C PRO VB 137 -99.62 -80.42 72.44
N PRO VB 138 -100.50 -80.22 71.44
CA PRO VB 138 -101.95 -80.29 71.72
C PRO VB 138 -102.44 -81.65 72.17
N GLY VB 139 -101.70 -82.73 71.91
CA GLY VB 139 -102.12 -84.04 72.34
C GLY VB 139 -101.52 -84.45 73.67
N ALA VB 140 -100.38 -83.85 74.03
CA ALA VB 140 -99.62 -84.32 75.18
C ALA VB 140 -100.29 -83.88 76.48
N SER VB 141 -99.88 -84.54 77.57
CA SER VB 141 -100.34 -84.19 78.90
C SER VB 141 -99.41 -83.16 79.52
N VAL VB 142 -99.93 -82.45 80.52
CA VAL VB 142 -99.19 -81.37 81.15
C VAL VB 142 -98.03 -81.96 81.96
N PRO VB 143 -96.91 -81.25 82.10
CA PRO VB 143 -95.86 -81.73 83.00
C PRO VB 143 -96.29 -81.55 84.45
N THR VB 144 -96.14 -82.62 85.24
CA THR VB 144 -96.48 -82.55 86.66
C THR VB 144 -95.34 -82.06 87.52
N SER VB 145 -94.11 -82.08 87.00
CA SER VB 145 -92.93 -81.66 87.72
C SER VB 145 -92.11 -80.72 86.84
N ARG VB 146 -91.08 -80.12 87.44
CA ARG VB 146 -90.23 -79.22 86.68
C ARG VB 146 -89.30 -79.99 85.75
N LYS VB 147 -88.82 -81.16 86.20
CA LYS VB 147 -87.94 -81.97 85.36
C LYS VB 147 -88.67 -82.47 84.13
N ASP VB 148 -89.91 -82.92 84.28
CA ASP VB 148 -90.68 -83.41 83.14
C ASP VB 148 -91.04 -82.28 82.18
N ALA VB 149 -91.10 -81.04 82.66
CA ALA VB 149 -91.24 -79.89 81.78
C ALA VB 149 -89.92 -79.56 81.08
N MET VB 150 -88.80 -79.85 81.73
CA MET VB 150 -87.50 -79.58 81.12
C MET VB 150 -87.20 -80.54 79.97
N LEU VB 151 -87.72 -81.76 80.05
CA LEU VB 151 -87.47 -82.77 79.03
C LEU VB 151 -88.29 -82.54 77.77
N GLY VB 152 -89.31 -81.70 77.83
CA GLY VB 152 -90.07 -81.35 76.65
C GLY VB 152 -89.54 -80.09 76.00
N THR VB 153 -90.46 -79.25 75.49
CA THR VB 153 -90.08 -77.97 74.92
C THR VB 153 -90.13 -76.91 76.02
N HIS VB 154 -89.07 -76.10 76.09
CA HIS VB 154 -88.99 -75.08 77.14
C HIS VB 154 -88.03 -74.00 76.69
N ILE VB 155 -88.00 -72.91 77.46
CA ILE VB 155 -87.02 -71.83 77.29
C ILE VB 155 -86.68 -71.32 78.69
N VAL VB 156 -85.44 -71.56 79.13
CA VAL VB 156 -85.02 -71.11 80.46
C VAL VB 156 -84.76 -69.61 80.35
N TRP VB 157 -85.73 -68.81 80.79
CA TRP VB 157 -85.74 -67.37 80.56
C TRP VB 157 -85.07 -66.67 81.74
N ASP VB 158 -83.82 -66.25 81.53
CA ASP VB 158 -83.07 -65.52 82.55
C ASP VB 158 -83.63 -64.11 82.66
N ILE VB 159 -84.14 -63.76 83.86
CA ILE VB 159 -84.77 -62.47 84.06
C ILE VB 159 -83.73 -61.37 84.18
N GLY VB 160 -82.58 -61.67 84.80
CA GLY VB 160 -81.58 -60.64 85.03
C GLY VB 160 -80.92 -60.11 83.77
N LEU VB 161 -80.95 -60.88 82.69
CA LEU VB 161 -80.36 -60.44 81.42
C LEU VB 161 -81.40 -59.74 80.56
N GLN VB 162 -82.43 -60.46 80.14
CA GLN VB 162 -83.54 -59.91 79.38
C GLN VB 162 -84.80 -59.94 80.22
N SER VB 163 -85.67 -58.96 80.00
CA SER VB 163 -86.90 -58.80 80.77
C SER VB 163 -88.15 -59.07 79.94
N SER VB 164 -88.01 -59.66 78.76
CA SER VB 164 -89.15 -59.91 77.88
C SER VB 164 -88.81 -61.07 76.96
N CYS VB 165 -89.49 -62.20 77.15
CA CYS VB 165 -89.25 -63.39 76.35
C CYS VB 165 -90.47 -63.67 75.48
N VAL VB 166 -90.24 -63.90 74.20
CA VAL VB 166 -91.29 -64.01 73.20
C VAL VB 166 -91.35 -65.44 72.70
N LEU VB 167 -92.56 -65.98 72.65
CA LEU VB 167 -92.83 -67.31 72.09
C LEU VB 167 -93.53 -67.15 70.75
N CYS VB 168 -93.83 -68.28 70.11
CA CYS VB 168 -94.69 -68.31 68.93
C CYS VB 168 -95.27 -69.73 68.86
N VAL VB 169 -96.51 -69.88 69.30
CA VAL VB 169 -97.13 -71.18 69.47
C VAL VB 169 -97.86 -71.53 68.18
N PRO VB 170 -97.48 -72.60 67.48
CA PRO VB 170 -98.18 -72.98 66.24
C PRO VB 170 -99.32 -73.96 66.50
N TRP VB 171 -99.96 -74.41 65.42
CA TRP VB 171 -101.02 -75.41 65.48
C TRP VB 171 -102.17 -74.97 66.37
N ILE VB 172 -102.69 -73.76 66.11
CA ILE VB 172 -103.78 -73.19 66.90
C ILE VB 172 -104.96 -72.99 65.96
N SER VB 173 -105.98 -73.82 66.12
CA SER VB 173 -107.11 -73.80 65.22
C SER VB 173 -108.30 -74.50 65.87
N GLN VB 174 -109.50 -74.08 65.47
CA GLN VB 174 -110.71 -74.84 65.75
C GLN VB 174 -111.65 -74.73 64.55
N SER VB 175 -112.69 -75.55 64.57
CA SER VB 175 -113.61 -75.63 63.44
C SER VB 175 -114.96 -76.20 63.87
N SER VB 187 -108.84 -79.67 73.58
CA SER VB 187 -107.61 -80.44 73.44
C SER VB 187 -106.53 -79.63 72.73
N ALA VB 188 -106.00 -78.63 73.42
CA ALA VB 188 -104.99 -77.74 72.84
C ALA VB 188 -103.72 -77.76 73.70
N GLY VB 189 -102.81 -76.85 73.40
CA GLY VB 189 -101.52 -76.81 74.06
C GLY VB 189 -101.60 -76.26 75.46
N TYR VB 190 -100.42 -76.07 76.05
CA TYR VB 190 -100.28 -75.56 77.40
C TYR VB 190 -99.03 -74.69 77.50
N ILE VB 191 -99.17 -73.56 78.17
CA ILE VB 191 -98.03 -72.70 78.47
C ILE VB 191 -97.94 -72.65 79.99
N THR VB 192 -97.16 -73.57 80.55
CA THR VB 192 -96.87 -73.56 81.97
C THR VB 192 -95.58 -72.79 82.22
N CYS VB 193 -95.34 -72.45 83.48
CA CYS VB 193 -94.14 -71.71 83.84
C CYS VB 193 -93.69 -72.15 85.22
N TRP VB 194 -92.38 -72.30 85.38
CA TRP VB 194 -91.79 -72.99 86.52
C TRP VB 194 -90.70 -72.14 87.14
N TYR VB 195 -90.49 -72.34 88.43
CA TYR VB 195 -89.34 -71.76 89.11
C TYR VB 195 -88.12 -72.63 88.81
N GLN VB 196 -87.29 -72.18 87.89
CA GLN VB 196 -85.96 -72.75 87.77
C GLN VB 196 -85.12 -72.36 88.98
N THR VB 197 -85.02 -71.06 89.23
CA THR VB 197 -84.42 -70.53 90.44
C THR VB 197 -85.39 -69.55 91.09
N ASN VB 198 -85.17 -69.27 92.37
CA ASN VB 198 -85.95 -68.24 93.03
C ASN VB 198 -85.48 -66.85 92.58
N ILE VB 199 -86.24 -65.83 92.96
CA ILE VB 199 -85.90 -64.46 92.62
C ILE VB 199 -84.87 -63.96 93.63
N VAL VB 200 -83.65 -63.72 93.16
CA VAL VB 200 -82.57 -63.25 94.01
C VAL VB 200 -82.58 -61.72 94.02
N VAL VB 201 -82.54 -61.13 95.20
CA VAL VB 201 -82.84 -59.72 95.35
C VAL VB 201 -81.90 -59.11 96.39
N PRO VB 202 -81.36 -57.92 96.15
CA PRO VB 202 -80.52 -57.27 97.15
C PRO VB 202 -81.34 -56.77 98.33
N PRO VB 203 -80.71 -56.28 99.39
CA PRO VB 203 -81.48 -55.86 100.58
C PRO VB 203 -82.42 -54.70 100.34
N GLY VB 204 -82.18 -53.87 99.32
CA GLY VB 204 -83.02 -52.70 99.10
C GLY VB 204 -84.27 -52.94 98.29
N ALA VB 205 -84.20 -53.87 97.34
CA ALA VB 205 -85.31 -54.05 96.42
C ALA VB 205 -86.37 -54.98 97.02
N PRO VB 206 -87.63 -54.83 96.61
CA PRO VB 206 -88.68 -55.70 97.15
C PRO VB 206 -88.55 -57.13 96.64
N THR VB 207 -89.20 -58.04 97.38
CA THR VB 207 -89.03 -59.48 97.16
C THR VB 207 -90.02 -60.05 96.16
N SER VB 208 -91.24 -59.53 96.12
CA SER VB 208 -92.32 -60.08 95.30
C SER VB 208 -92.50 -59.22 94.06
N CYS VB 209 -92.52 -59.86 92.89
CA CYS VB 209 -92.58 -59.19 91.61
C CYS VB 209 -93.80 -59.69 90.82
N ASP VB 210 -94.02 -59.08 89.66
CA ASP VB 210 -95.13 -59.45 88.78
C ASP VB 210 -94.61 -59.68 87.37
N VAL VB 211 -95.35 -60.51 86.63
CA VAL VB 211 -95.06 -60.81 85.24
C VAL VB 211 -96.32 -60.58 84.43
N LEU VB 212 -96.27 -59.66 83.47
CA LEU VB 212 -97.37 -59.45 82.55
C LEU VB 212 -97.21 -60.36 81.33
N CYS VB 213 -98.34 -60.70 80.72
CA CYS VB 213 -98.35 -61.51 79.52
C CYS VB 213 -99.05 -60.76 78.39
N PHE VB 214 -98.76 -61.18 77.17
CA PHE VB 214 -99.32 -60.56 75.97
C PHE VB 214 -99.65 -61.65 74.97
N ALA VB 215 -100.47 -61.31 73.99
CA ALA VB 215 -100.86 -62.27 72.97
C ALA VB 215 -101.29 -61.55 71.70
N SER VB 216 -100.87 -62.06 70.55
CA SER VB 216 -101.30 -61.55 69.25
C SER VB 216 -101.13 -62.67 68.23
N ALA VB 217 -101.28 -62.34 66.96
CA ALA VB 217 -101.03 -63.28 65.88
C ALA VB 217 -99.55 -63.20 65.50
N CYS VB 218 -98.91 -64.36 65.35
CA CYS VB 218 -97.46 -64.41 65.29
C CYS VB 218 -96.94 -63.86 63.96
N ASN VB 219 -97.30 -64.52 62.85
CA ASN VB 219 -96.92 -64.08 61.53
C ASN VB 219 -98.13 -63.68 60.69
N ASP VB 220 -99.07 -64.60 60.50
CA ASP VB 220 -100.27 -64.35 59.71
C ASP VB 220 -101.33 -65.33 60.19
N PHE VB 221 -102.59 -64.93 60.11
CA PHE VB 221 -103.65 -65.67 60.73
C PHE VB 221 -104.75 -65.91 59.71
N SER VB 222 -105.30 -67.11 59.70
CA SER VB 222 -106.32 -67.51 58.74
C SER VB 222 -107.63 -67.73 59.46
N VAL VB 223 -108.72 -67.26 58.82
CA VAL VB 223 -110.01 -67.21 59.48
C VAL VB 223 -111.10 -67.14 58.41
N ARG VB 224 -112.14 -67.97 58.54
CA ARG VB 224 -113.04 -68.20 57.40
C ARG VB 224 -114.49 -67.79 57.66
N LEU VB 225 -115.19 -68.40 58.60
CA LEU VB 225 -116.66 -68.43 58.56
C LEU VB 225 -117.24 -67.50 59.62
N LEU VB 226 -117.81 -66.38 59.17
CA LEU VB 226 -118.32 -65.37 60.09
C LEU VB 226 -119.59 -65.86 60.77
N ARG VB 227 -119.73 -65.51 62.05
CA ARG VB 227 -120.91 -65.84 62.84
C ARG VB 227 -121.19 -64.71 63.83
N ASP VB 228 -122.26 -64.85 64.59
CA ASP VB 228 -122.57 -63.91 65.66
C ASP VB 228 -121.79 -64.28 66.93
N THR VB 229 -121.37 -63.26 67.67
CA THR VB 229 -120.58 -63.50 68.86
C THR VB 229 -121.45 -64.05 69.99
N PRO VB 230 -120.89 -64.89 70.86
CA PRO VB 230 -121.69 -65.44 71.97
C PRO VB 230 -121.85 -64.49 73.15
N PHE VB 231 -120.93 -63.55 73.33
CA PHE VB 231 -120.91 -62.72 74.53
C PHE VB 231 -122.17 -61.86 74.65
N MET VB 232 -122.51 -61.13 73.59
CA MET VB 232 -123.72 -60.32 73.64
C MET VB 232 -124.96 -61.19 73.80
N ALA VB 233 -125.93 -60.70 74.56
CA ALA VB 233 -127.14 -61.44 74.84
C ALA VB 233 -128.34 -60.82 74.13
N VAL WB 13 -78.73 -39.07 76.27
CA VAL WB 13 -79.33 -37.87 76.84
C VAL WB 13 -79.39 -36.75 75.80
N ARG WB 14 -80.61 -36.40 75.41
CA ARG WB 14 -80.84 -35.34 74.43
C ARG WB 14 -81.63 -34.22 75.10
N SER WB 15 -81.13 -33.00 74.99
CA SER WB 15 -81.76 -31.83 75.60
C SER WB 15 -82.55 -31.10 74.53
N MET WB 16 -83.81 -31.50 74.35
CA MET WB 16 -84.67 -30.85 73.37
C MET WB 16 -85.07 -29.45 73.86
N THR WB 17 -85.28 -28.55 72.90
CA THR WB 17 -85.75 -27.21 73.21
C THR WB 17 -86.76 -26.79 72.17
N LEU WB 18 -87.79 -26.07 72.61
CA LEU WB 18 -88.81 -25.52 71.72
C LEU WB 18 -89.20 -24.14 72.26
N GLY WB 19 -88.86 -23.10 71.52
CA GLY WB 19 -89.18 -21.75 71.96
C GLY WB 19 -88.36 -21.35 73.16
N ASN WB 20 -89.02 -21.17 74.29
CA ASN WB 20 -88.39 -20.84 75.57
C ASN WB 20 -88.69 -21.92 76.61
N SER WB 21 -88.63 -23.18 76.19
CA SER WB 21 -88.89 -24.31 77.07
C SER WB 21 -87.95 -25.45 76.69
N THR WB 22 -87.05 -25.81 77.60
CA THR WB 22 -86.10 -26.88 77.38
C THR WB 22 -86.35 -27.98 78.40
N ILE WB 23 -86.45 -29.21 77.92
CA ILE WB 23 -86.54 -30.38 78.78
C ILE WB 23 -85.33 -31.27 78.48
N THR WB 24 -85.10 -32.23 79.37
CA THR WB 24 -84.01 -33.18 79.23
C THR WB 24 -84.60 -34.57 79.08
N THR WB 25 -84.34 -35.21 77.95
CA THR WB 25 -84.88 -36.50 77.62
C THR WB 25 -83.80 -37.57 77.60
N GLN WB 26 -84.25 -38.82 77.57
CA GLN WB 26 -83.35 -39.97 77.55
C GLN WB 26 -83.39 -40.67 76.21
N ASN WB 30 -87.67 -44.28 72.43
CA ASN WB 30 -88.08 -44.22 71.03
C ASN WB 30 -89.53 -43.75 70.89
N VAL WB 31 -89.79 -42.92 69.88
CA VAL WB 31 -91.07 -42.24 69.74
C VAL WB 31 -92.09 -43.21 69.15
N VAL WB 32 -93.29 -43.24 69.75
CA VAL WB 32 -94.41 -44.00 69.21
C VAL WB 32 -95.27 -43.00 68.43
N VAL WB 33 -95.01 -42.93 67.12
CA VAL WB 33 -95.80 -42.07 66.25
C VAL WB 33 -97.18 -42.67 66.08
N GLY WB 34 -98.20 -41.94 66.52
CA GLY WB 34 -99.54 -42.50 66.58
C GLY WB 34 -100.09 -42.73 65.18
N TYR WB 35 -100.47 -43.98 64.89
CA TYR WB 35 -101.04 -44.38 63.60
C TYR WB 35 -100.10 -44.08 62.44
N GLY WB 36 -98.80 -44.16 62.69
CA GLY WB 36 -97.83 -44.08 61.61
C GLY WB 36 -97.79 -42.77 60.87
N GLU WB 37 -98.44 -41.73 61.39
CA GLU WB 37 -98.49 -40.44 60.72
C GLU WB 37 -98.00 -39.35 61.65
N TRP WB 38 -97.26 -38.42 61.09
CA TRP WB 38 -96.75 -37.24 61.75
C TRP WB 38 -97.76 -36.12 61.54
N PRO WB 39 -98.07 -35.32 62.56
CA PRO WB 39 -99.05 -34.24 62.37
C PRO WB 39 -98.60 -33.31 61.25
N SER WB 40 -99.57 -32.70 60.59
CA SER WB 40 -99.27 -31.82 59.47
C SER WB 40 -100.35 -30.77 59.37
N TYR WB 41 -100.09 -29.75 58.57
CA TYR WB 41 -101.09 -28.72 58.32
C TYR WB 41 -102.18 -29.25 57.38
N LEU WB 42 -103.22 -28.45 57.22
CA LEU WB 42 -104.40 -28.91 56.51
C LEU WB 42 -104.20 -28.96 55.00
N SER WB 43 -103.27 -28.17 54.48
CA SER WB 43 -102.99 -28.19 53.04
C SER WB 43 -102.25 -29.45 52.64
N THR WB 48 -108.05 -22.52 50.31
CA THR WB 48 -109.34 -21.96 49.96
C THR WB 48 -109.46 -20.53 50.49
N ALA WB 49 -110.03 -19.64 49.69
CA ALA WB 49 -110.27 -18.27 50.11
C ALA WB 49 -111.61 -18.08 50.81
N GLU WB 50 -112.50 -19.08 50.76
CA GLU WB 50 -113.76 -18.99 51.49
C GLU WB 50 -113.56 -19.21 52.98
N ASP WB 51 -112.62 -20.09 53.33
CA ASP WB 51 -112.20 -20.30 54.71
C ASP WB 51 -110.68 -20.41 54.74
N GLN WB 52 -110.03 -19.56 55.53
CA GLN WB 52 -108.57 -19.47 55.53
C GLN WB 52 -108.03 -19.72 56.93
N PRO WB 53 -107.15 -20.69 57.12
CA PRO WB 53 -106.57 -20.93 58.44
C PRO WB 53 -105.42 -20.00 58.76
N THR WB 54 -105.22 -19.78 60.05
CA THR WB 54 -104.08 -19.02 60.57
C THR WB 54 -103.15 -19.98 61.30
N GLN WB 55 -101.87 -19.94 60.94
CA GLN WB 55 -100.89 -20.82 61.57
C GLN WB 55 -100.09 -20.01 62.58
N PRO WB 56 -100.26 -20.24 63.89
CA PRO WB 56 -99.51 -19.44 64.87
C PRO WB 56 -98.02 -19.69 64.86
N ASP WB 57 -97.58 -20.96 64.87
CA ASP WB 57 -96.17 -21.32 64.86
C ASP WB 57 -95.44 -20.71 66.05
N VAL WB 58 -95.44 -19.36 66.14
CA VAL WB 58 -94.83 -18.68 67.26
C VAL WB 58 -95.48 -19.13 68.56
N ALA WB 59 -94.66 -19.41 69.57
CA ALA WB 59 -95.10 -19.96 70.86
C ALA WB 59 -95.88 -21.23 70.56
N THR WB 60 -97.00 -21.49 71.24
CA THR WB 60 -97.85 -22.67 71.01
C THR WB 60 -97.09 -23.99 70.99
N CYS WB 61 -95.95 -24.04 70.29
CA CYS WB 61 -95.17 -25.25 70.13
C CYS WB 61 -94.25 -25.55 71.30
N ARG WB 62 -94.15 -24.66 72.28
CA ARG WB 62 -93.24 -24.88 73.40
C ARG WB 62 -93.79 -25.98 74.31
N PHE WB 63 -92.93 -26.44 75.22
CA PHE WB 63 -93.30 -27.53 76.11
C PHE WB 63 -94.10 -27.01 77.31
N TYR WB 64 -95.28 -27.60 77.52
CA TYR WB 64 -96.15 -27.26 78.64
C TYR WB 64 -96.10 -28.42 79.63
N THR WB 65 -95.23 -28.30 80.64
CA THR WB 65 -95.10 -29.33 81.65
C THR WB 65 -96.24 -29.20 82.66
N LEU WB 66 -97.04 -30.24 82.79
CA LEU WB 66 -98.12 -30.25 83.76
C LEU WB 66 -97.56 -30.51 85.16
N GLU WB 67 -98.43 -30.47 86.15
CA GLU WB 67 -98.00 -30.74 87.52
C GLU WB 67 -97.64 -32.21 87.67
N SER WB 68 -96.56 -32.47 88.40
CA SER WB 68 -96.09 -33.84 88.57
C SER WB 68 -97.07 -34.62 89.43
N VAL WB 69 -97.22 -35.90 89.13
CA VAL WB 69 -98.24 -36.74 89.73
C VAL WB 69 -97.55 -37.83 90.53
N GLN WB 70 -97.87 -37.92 91.83
CA GLN WB 70 -97.23 -38.89 92.69
C GLN WB 70 -97.92 -40.25 92.53
N TRP WB 71 -97.14 -41.27 92.24
CA TRP WB 71 -97.61 -42.62 92.01
C TRP WB 71 -97.23 -43.48 93.21
N GLU WB 72 -98.22 -43.80 94.04
CA GLU WB 72 -98.02 -44.62 95.22
C GLU WB 72 -98.34 -46.08 94.91
N LYS WB 73 -98.33 -46.93 95.92
CA LYS WB 73 -98.65 -48.34 95.75
C LYS WB 73 -100.12 -48.57 95.43
N THR WB 74 -100.99 -47.64 95.84
CA THR WB 74 -102.43 -47.81 95.74
C THR WB 74 -103.05 -46.90 94.67
N SER WB 75 -102.24 -46.34 93.78
CA SER WB 75 -102.77 -45.48 92.74
C SER WB 75 -103.38 -46.33 91.63
N PRO WB 76 -104.64 -46.09 91.25
CA PRO WB 76 -105.26 -46.90 90.19
C PRO WB 76 -105.05 -46.36 88.79
N GLY WB 77 -104.79 -45.07 88.65
CA GLY WB 77 -104.56 -44.49 87.34
C GLY WB 77 -104.97 -43.03 87.30
N TRP WB 78 -104.83 -42.45 86.11
CA TRP WB 78 -105.16 -41.05 85.87
C TRP WB 78 -105.67 -40.92 84.44
N TRP WB 79 -106.34 -39.79 84.17
CA TRP WB 79 -106.61 -39.43 82.78
C TRP WB 79 -106.66 -37.91 82.66
N TRP WB 80 -106.20 -37.43 81.51
CA TRP WB 80 -106.32 -36.05 81.09
C TRP WB 80 -107.11 -36.02 79.80
N LYS WB 81 -107.98 -35.02 79.64
CA LYS WB 81 -108.71 -34.84 78.39
C LYS WB 81 -108.22 -33.56 77.72
N PHE WB 82 -107.58 -33.71 76.61
CA PHE WB 82 -107.06 -32.78 75.63
C PHE WB 82 -108.06 -32.59 74.50
N PRO WB 83 -108.03 -31.48 73.76
CA PRO WB 83 -107.09 -30.35 73.78
C PRO WB 83 -107.25 -29.40 74.97
N GLU WB 84 -108.37 -29.50 75.68
CA GLU WB 84 -108.72 -28.49 76.66
C GLU WB 84 -108.06 -28.72 78.02
N ALA WB 85 -107.21 -29.74 78.15
CA ALA WB 85 -106.36 -29.81 79.33
C ALA WB 85 -105.36 -28.67 79.37
N LEU WB 86 -105.05 -28.10 78.21
CA LEU WB 86 -104.16 -26.97 78.06
C LEU WB 86 -104.93 -25.64 77.97
N LYS WB 87 -106.13 -25.58 78.55
CA LYS WB 87 -106.97 -24.40 78.35
C LYS WB 87 -106.50 -23.19 79.15
N ASN WB 88 -105.62 -23.40 80.14
CA ASN WB 88 -105.03 -22.31 80.91
C ASN WB 88 -103.52 -22.25 80.71
N MET WB 89 -103.00 -22.88 79.66
CA MET WB 89 -101.56 -23.00 79.45
C MET WB 89 -101.12 -21.99 78.39
N GLY WB 90 -100.94 -20.74 78.83
CA GLY WB 90 -100.21 -19.78 78.02
C GLY WB 90 -100.96 -19.34 76.78
N LEU WB 91 -100.20 -19.16 75.69
CA LEU WB 91 -100.80 -18.70 74.44
C LEU WB 91 -101.68 -19.76 73.80
N PHE WB 92 -101.34 -21.04 73.97
CA PHE WB 92 -102.23 -22.09 73.45
C PHE WB 92 -103.56 -22.09 74.17
N GLY WB 93 -103.55 -21.86 75.47
CA GLY WB 93 -104.80 -21.75 76.21
C GLY WB 93 -105.50 -20.43 76.04
N GLN WB 94 -104.84 -19.45 75.45
CA GLN WB 94 -105.47 -18.17 75.14
C GLN WB 94 -105.98 -18.09 73.71
N ASN WB 95 -105.31 -18.75 72.76
CA ASN WB 95 -105.87 -18.86 71.41
C ASN WB 95 -107.09 -19.75 71.34
N MET WB 96 -107.38 -20.52 72.39
CA MET WB 96 -108.62 -21.28 72.41
C MET WB 96 -109.82 -20.38 72.61
N HIS WB 97 -109.63 -19.22 73.26
CA HIS WB 97 -110.74 -18.30 73.52
C HIS WB 97 -110.99 -17.32 72.37
N TYR WB 98 -110.01 -17.08 71.50
CA TYR WB 98 -110.18 -16.12 70.41
C TYR WB 98 -110.54 -16.79 69.09
N HIS WB 99 -110.13 -18.03 68.88
CA HIS WB 99 -110.50 -18.80 67.69
C HIS WB 99 -111.40 -19.94 68.14
N TYR WB 100 -112.48 -20.17 67.39
CA TYR WB 100 -113.44 -21.22 67.73
C TYR WB 100 -113.22 -22.50 66.91
N LEU WB 101 -112.12 -22.57 66.16
CA LEU WB 101 -111.76 -23.75 65.39
C LEU WB 101 -110.25 -23.93 65.47
N GLY WB 102 -109.81 -25.18 65.53
CA GLY WB 102 -108.38 -25.44 65.62
C GLY WB 102 -108.07 -26.92 65.57
N ARG WB 103 -106.77 -27.20 65.53
CA ARG WB 103 -106.23 -28.55 65.45
C ARG WB 103 -104.76 -28.51 65.82
N ALA WB 104 -104.24 -29.62 66.34
CA ALA WB 104 -102.85 -29.66 66.79
C ALA WB 104 -102.39 -31.13 66.86
N GLY WB 105 -101.15 -31.33 67.29
CA GLY WB 105 -100.52 -32.64 67.24
C GLY WB 105 -100.09 -33.27 68.56
N TYR WB 106 -99.65 -32.45 69.52
CA TYR WB 106 -99.48 -32.86 70.92
C TYR WB 106 -98.47 -34.02 71.07
N THR WB 107 -97.19 -33.67 70.94
CA THR WB 107 -96.13 -34.56 71.40
C THR WB 107 -96.15 -34.63 72.92
N ILE WB 108 -96.31 -35.85 73.46
CA ILE WB 108 -96.52 -36.05 74.89
C ILE WB 108 -95.37 -36.86 75.45
N HIS WB 109 -94.50 -36.21 76.24
CA HIS WB 109 -93.46 -36.90 76.97
C HIS WB 109 -93.97 -37.26 78.35
N VAL WB 110 -93.67 -38.47 78.81
CA VAL WB 110 -94.06 -38.95 80.14
C VAL WB 110 -92.82 -39.57 80.77
N GLN WB 111 -92.14 -38.83 81.63
CA GLN WB 111 -91.07 -39.37 82.44
C GLN WB 111 -91.63 -39.94 83.75
N CYS WB 112 -90.79 -40.68 84.46
CA CYS WB 112 -91.15 -41.26 85.74
C CYS WB 112 -90.08 -41.10 86.80
N ASN WB 113 -88.82 -40.86 86.41
CA ASN WB 113 -87.67 -40.62 87.29
C ASN WB 113 -87.77 -41.33 88.63
N ALA WB 114 -88.05 -42.62 88.61
CA ALA WB 114 -87.99 -43.45 89.79
C ALA WB 114 -86.53 -43.82 90.08
N SER WB 115 -86.32 -44.62 91.12
CA SER WB 115 -84.97 -45.06 91.45
C SER WB 115 -84.67 -46.36 90.75
N LYS WB 116 -83.64 -47.05 91.21
CA LYS WB 116 -83.24 -48.34 90.68
C LYS WB 116 -83.84 -49.49 91.48
N PHE WB 117 -84.32 -49.23 92.70
CA PHE WB 117 -84.93 -50.24 93.54
C PHE WB 117 -86.46 -50.21 93.48
N HIS WB 118 -87.05 -49.21 92.84
CA HIS WB 118 -88.48 -49.21 92.62
C HIS WB 118 -88.81 -50.13 91.45
N GLN WB 119 -90.00 -50.72 91.50
CA GLN WB 119 -90.49 -51.58 90.43
C GLN WB 119 -91.92 -51.21 90.10
N GLY WB 120 -92.30 -51.46 88.86
CA GLY WB 120 -93.65 -51.14 88.41
C GLY WB 120 -93.71 -51.08 86.91
N CYS WB 121 -94.90 -50.80 86.41
CA CYS WB 121 -95.15 -50.73 84.98
C CYS WB 121 -96.38 -49.87 84.71
N LEU WB 122 -96.29 -49.04 83.69
CA LEU WB 122 -97.37 -48.13 83.31
C LEU WB 122 -97.79 -48.39 81.86
N LEU WB 123 -99.07 -48.16 81.61
CA LEU WB 123 -99.60 -48.07 80.25
C LEU WB 123 -99.89 -46.61 79.96
N VAL WB 124 -99.15 -46.04 79.02
CA VAL WB 124 -99.35 -44.66 78.59
C VAL WB 124 -100.02 -44.72 77.23
N VAL WB 125 -101.33 -44.45 77.20
CA VAL WB 125 -102.15 -44.62 76.02
C VAL WB 125 -102.99 -43.36 75.85
N CYS WB 126 -103.40 -43.10 74.61
CA CYS WB 126 -103.98 -41.80 74.25
C CYS WB 126 -105.46 -41.85 73.93
N VAL WB 127 -105.98 -42.95 73.39
CA VAL WB 127 -107.40 -43.23 73.30
C VAL WB 127 -108.15 -42.06 72.65
N PRO WB 128 -108.13 -41.93 71.33
CA PRO WB 128 -108.96 -40.89 70.69
C PRO WB 128 -110.44 -41.18 70.88
N GLU WB 129 -111.21 -40.14 71.14
CA GLU WB 129 -112.67 -40.22 71.31
C GLU WB 129 -113.06 -41.15 72.45
N ALA WB 130 -112.54 -40.89 73.64
CA ALA WB 130 -112.88 -41.67 74.82
C ALA WB 130 -114.19 -41.12 75.40
N GLU WB 131 -115.31 -41.63 74.90
CA GLU WB 131 -116.62 -41.30 75.46
C GLU WB 131 -116.82 -42.16 76.70
N MET WB 132 -116.83 -41.52 77.87
CA MET WB 132 -116.90 -42.24 79.14
C MET WB 132 -118.34 -42.32 79.64
N GLY WB 133 -118.57 -43.28 80.52
CA GLY WB 133 -119.91 -43.60 80.99
C GLY WB 133 -120.14 -43.11 82.42
N CYS WB 134 -121.38 -42.76 82.71
CA CYS WB 134 -121.75 -42.27 84.03
C CYS WB 134 -121.72 -43.40 85.06
N ALA WB 135 -121.56 -43.02 86.32
CA ALA WB 135 -121.36 -44.00 87.38
C ALA WB 135 -122.63 -44.76 87.69
N ASP WB 136 -123.75 -44.04 87.88
CA ASP WB 136 -125.07 -44.65 88.00
C ASP WB 136 -125.86 -44.31 86.73
N THR WB 137 -126.04 -45.30 85.88
CA THR WB 137 -126.72 -45.07 84.61
C THR WB 137 -128.19 -44.75 84.81
N ASP WB 138 -128.80 -44.20 83.76
CA ASP WB 138 -130.09 -43.51 83.64
C ASP WB 138 -129.97 -42.01 83.83
N THR WB 139 -128.75 -41.49 83.94
CA THR WB 139 -128.54 -40.06 84.11
C THR WB 139 -127.19 -39.67 83.54
N THR WB 140 -126.90 -38.37 83.58
CA THR WB 140 -125.66 -37.80 83.06
C THR WB 140 -124.85 -37.20 84.21
N PHE WB 141 -123.65 -36.71 83.87
CA PHE WB 141 -122.75 -36.08 84.84
C PHE WB 141 -122.58 -34.59 84.53
N PRO WB 142 -122.25 -33.78 85.54
CA PRO WB 142 -122.28 -32.32 85.38
C PRO WB 142 -121.10 -31.69 84.63
N ALA WB 143 -120.42 -32.45 83.77
CA ALA WB 143 -119.48 -31.89 82.79
C ALA WB 143 -118.19 -31.37 83.43
N THR WB 144 -118.16 -31.19 84.75
CA THR WB 144 -116.94 -30.90 85.47
C THR WB 144 -116.34 -32.15 86.07
N GLU WB 145 -116.88 -33.32 85.75
CA GLU WB 145 -116.35 -34.59 86.20
C GLU WB 145 -115.44 -35.25 85.17
N LEU WB 146 -115.56 -34.87 83.90
CA LEU WB 146 -114.63 -35.38 82.90
C LEU WB 146 -113.27 -34.71 83.00
N THR WB 147 -113.23 -33.41 83.27
CA THR WB 147 -111.98 -32.68 83.21
C THR WB 147 -111.92 -31.64 84.32
N THR WB 148 -110.72 -31.48 84.89
CA THR WB 148 -110.38 -30.39 85.79
C THR WB 148 -109.10 -29.81 85.21
N GLU WB 149 -109.24 -29.13 84.07
CA GLU WB 149 -108.16 -28.63 83.22
C GLU WB 149 -106.81 -29.31 83.44
N ASP WB 150 -105.95 -28.68 84.23
CA ASP WB 150 -104.59 -29.18 84.42
C ASP WB 150 -104.57 -30.46 85.26
N THR WB 151 -105.36 -30.52 86.33
CA THR WB 151 -105.20 -31.66 87.22
C THR WB 151 -105.92 -32.90 86.68
N PRO WB 152 -105.38 -34.09 86.96
CA PRO WB 152 -105.97 -35.32 86.43
C PRO WB 152 -107.08 -35.87 87.32
N HIS WB 153 -108.11 -36.40 86.67
CA HIS WB 153 -109.06 -37.25 87.37
C HIS WB 153 -108.48 -38.65 87.52
N VAL WB 154 -108.45 -39.14 88.75
CA VAL WB 154 -107.94 -40.48 88.99
C VAL WB 154 -109.02 -41.51 88.66
N PHE WB 155 -108.59 -42.73 88.37
CA PHE WB 155 -109.51 -43.84 88.32
C PHE WB 155 -109.82 -44.30 89.75
N THR WB 156 -110.63 -45.34 89.87
CA THR WB 156 -110.89 -45.98 91.15
C THR WB 156 -110.61 -47.47 91.03
N SER WB 157 -110.39 -48.10 92.18
CA SER WB 157 -110.10 -49.53 92.19
C SER WB 157 -111.37 -50.38 92.12
N ASP WB 158 -112.51 -49.84 92.55
CA ASP WB 158 -113.77 -50.57 92.48
C ASP WB 158 -114.86 -49.69 91.91
N SER WB 159 -116.11 -50.17 91.93
CA SER WB 159 -117.21 -49.40 91.38
C SER WB 159 -117.60 -48.27 92.31
N ILE WB 160 -118.12 -47.19 91.72
CA ILE WB 160 -118.55 -46.02 92.46
C ILE WB 160 -119.94 -45.61 91.96
N THR WB 161 -120.63 -44.82 92.77
CA THR WB 161 -121.94 -44.31 92.45
C THR WB 161 -121.93 -42.79 92.50
N GLY WB 162 -123.04 -42.18 92.09
CA GLY WB 162 -123.14 -40.75 92.03
C GLY WB 162 -123.02 -40.22 90.60
N LYS WB 163 -123.40 -38.95 90.42
CA LYS WB 163 -123.43 -38.33 89.10
C LYS WB 163 -122.01 -37.93 88.72
N LYS WB 164 -121.22 -38.93 88.33
CA LYS WB 164 -119.86 -38.71 87.89
C LYS WB 164 -119.44 -39.87 87.00
N VAL WB 165 -118.19 -39.85 86.56
CA VAL WB 165 -117.70 -40.83 85.60
C VAL WB 165 -117.45 -42.15 86.31
N GLN WB 166 -117.89 -43.24 85.69
CA GLN WB 166 -117.57 -44.56 86.20
C GLN WB 166 -116.09 -44.81 85.99
N ALA WB 167 -115.27 -44.46 86.99
CA ALA WB 167 -113.82 -44.45 86.86
C ALA WB 167 -113.18 -45.69 87.46
N ALA WB 168 -113.86 -46.83 87.39
CA ALA WB 168 -113.27 -48.08 87.85
C ALA WB 168 -112.35 -48.62 86.75
N VAL WB 169 -111.10 -48.94 87.11
CA VAL WB 169 -110.26 -49.69 86.19
C VAL WB 169 -110.81 -51.10 86.03
N CYS WB 170 -110.32 -51.78 85.00
CA CYS WB 170 -110.84 -52.97 84.33
C CYS WB 170 -111.99 -52.59 83.40
N ASN WB 171 -112.52 -51.37 83.50
CA ASN WB 171 -113.53 -50.84 82.60
C ASN WB 171 -113.31 -49.34 82.45
N ALA WB 172 -112.10 -48.98 81.99
CA ALA WB 172 -111.45 -47.69 82.22
C ALA WB 172 -112.42 -46.53 82.22
N GLY WB 173 -112.95 -46.18 81.05
CA GLY WB 173 -114.05 -45.25 80.98
C GLY WB 173 -115.18 -45.70 80.08
N MET WB 174 -114.84 -46.54 79.11
CA MET WB 174 -115.70 -46.76 77.94
C MET WB 174 -116.44 -48.09 77.97
N GLY WB 175 -116.27 -48.88 79.03
CA GLY WB 175 -116.90 -50.18 79.07
C GLY WB 175 -116.14 -51.27 78.33
N VAL WB 176 -114.87 -51.05 78.05
CA VAL WB 176 -114.03 -52.04 77.42
C VAL WB 176 -113.13 -52.67 78.47
N GLY WB 177 -112.47 -53.76 78.11
CA GLY WB 177 -111.46 -54.32 78.99
C GLY WB 177 -110.24 -53.41 79.02
N VAL WB 178 -109.69 -53.21 80.23
CA VAL WB 178 -108.55 -52.30 80.34
C VAL WB 178 -107.26 -52.97 79.89
N GLY WB 179 -107.23 -54.30 79.81
CA GLY WB 179 -106.01 -54.96 79.35
C GLY WB 179 -105.79 -54.77 77.87
N ASN WB 180 -106.85 -54.93 77.06
CA ASN WB 180 -106.74 -54.71 75.63
C ASN WB 180 -107.06 -53.28 75.25
N LEU WB 181 -106.47 -52.35 76.01
CA LEU WB 181 -106.47 -50.93 75.67
C LEU WB 181 -105.21 -50.58 74.89
N THR WB 182 -104.46 -51.58 74.46
CA THR WB 182 -103.19 -51.45 73.77
C THR WB 182 -103.37 -51.23 72.27
N ILE WB 183 -104.61 -51.28 71.78
CA ILE WB 183 -104.89 -51.06 70.37
C ILE WB 183 -104.59 -49.62 69.96
N PHE WB 184 -104.59 -48.69 70.90
CA PHE WB 184 -104.37 -47.29 70.62
C PHE WB 184 -102.89 -46.98 70.60
N PRO WB 185 -102.50 -45.75 70.21
CA PRO WB 185 -101.09 -45.35 70.38
C PRO WB 185 -100.68 -45.39 71.83
N HIS WB 186 -99.77 -46.31 72.17
CA HIS WB 186 -99.43 -46.61 73.55
C HIS WB 186 -97.91 -46.68 73.70
N GLN WB 187 -97.48 -46.78 74.96
CA GLN WB 187 -96.08 -47.01 75.29
C GLN WB 187 -96.03 -47.53 76.72
N TRP WB 188 -95.28 -48.61 76.93
CA TRP WB 188 -95.10 -49.17 78.26
C TRP WB 188 -93.93 -48.47 78.94
N ILE WB 189 -94.10 -48.12 80.21
CA ILE WB 189 -92.99 -47.61 81.00
C ILE WB 189 -92.68 -48.63 82.09
N ASN WB 190 -91.78 -49.56 81.79
CA ASN WB 190 -91.33 -50.55 82.75
C ASN WB 190 -90.12 -49.99 83.47
N LEU WB 191 -90.26 -49.76 84.78
CA LEU WB 191 -89.19 -49.13 85.55
C LEU WB 191 -87.94 -50.00 85.62
N ARG WB 192 -88.07 -51.29 85.32
CA ARG WB 192 -86.91 -52.15 85.20
C ARG WB 192 -85.99 -51.68 84.07
N THR WB 193 -86.58 -51.35 82.92
CA THR WB 193 -85.82 -51.00 81.72
C THR WB 193 -85.78 -49.49 81.49
N ASN WB 194 -86.94 -48.87 81.26
CA ASN WB 194 -87.02 -47.49 80.82
C ASN WB 194 -87.82 -46.65 81.81
N ASN WB 195 -87.84 -45.35 81.56
CA ASN WB 195 -88.57 -44.40 82.38
C ASN WB 195 -89.38 -43.40 81.57
N SER WB 196 -89.08 -43.20 80.29
CA SER WB 196 -89.67 -42.15 79.50
C SER WB 196 -90.53 -42.75 78.38
N ALA WB 197 -91.59 -42.03 78.04
CA ALA WB 197 -92.47 -42.37 76.94
C ALA WB 197 -92.72 -41.11 76.13
N THR WB 198 -92.95 -41.29 74.83
CA THR WB 198 -93.27 -40.16 73.97
C THR WB 198 -94.20 -40.62 72.86
N ILE WB 199 -95.30 -39.90 72.69
CA ILE WB 199 -96.36 -40.28 71.76
C ILE WB 199 -96.73 -39.05 70.93
N VAL WB 200 -96.92 -39.26 69.64
CA VAL WB 200 -97.27 -38.18 68.71
C VAL WB 200 -98.61 -38.54 68.08
N ILE WB 201 -99.60 -37.66 68.24
CA ILE WB 201 -100.99 -37.97 67.94
C ILE WB 201 -101.48 -36.97 66.90
N PRO WB 202 -101.55 -37.37 65.62
CA PRO WB 202 -101.67 -36.43 64.51
C PRO WB 202 -103.08 -35.91 64.22
N TYR WB 203 -103.78 -35.51 65.27
CA TYR WB 203 -105.13 -34.91 65.16
C TYR WB 203 -106.09 -35.85 64.43
N ILE WB 204 -106.58 -36.82 65.18
CA ILE WB 204 -107.60 -37.73 64.65
C ILE WB 204 -108.99 -37.11 64.87
N ASN WB 205 -109.68 -36.81 63.76
CA ASN WB 205 -111.02 -36.26 63.83
C ASN WB 205 -111.69 -36.43 62.47
N SER WB 206 -113.03 -36.40 62.46
CA SER WB 206 -113.82 -36.60 61.25
C SER WB 206 -114.09 -35.31 60.49
N VAL WB 207 -113.72 -34.16 61.04
CA VAL WB 207 -113.89 -32.86 60.39
C VAL WB 207 -112.52 -32.19 60.45
N PRO WB 208 -112.11 -31.42 59.45
CA PRO WB 208 -110.73 -30.90 59.47
C PRO WB 208 -110.45 -29.98 60.64
N MET WB 209 -111.42 -29.22 61.11
CA MET WB 209 -111.23 -28.34 62.25
C MET WB 209 -112.47 -28.42 63.13
N ASP WB 210 -112.26 -28.38 64.45
CA ASP WB 210 -113.38 -28.46 65.38
C ASP WB 210 -113.10 -27.55 66.57
N ASN WB 211 -114.17 -27.22 67.29
CA ASN WB 211 -114.05 -26.35 68.45
C ASN WB 211 -113.29 -27.05 69.57
N MET WB 212 -112.46 -26.31 70.27
CA MET WB 212 -111.55 -26.87 71.26
C MET WB 212 -112.14 -26.93 72.66
N PHE WB 213 -113.35 -26.42 72.87
CA PHE WB 213 -114.01 -26.54 74.16
C PHE WB 213 -115.14 -27.57 74.18
N ARG WB 214 -115.82 -27.77 73.05
CA ARG WB 214 -116.86 -28.78 73.01
C ARG WB 214 -116.26 -30.19 72.96
N HIS WB 215 -115.27 -30.40 72.10
CA HIS WB 215 -114.83 -31.73 71.72
C HIS WB 215 -113.47 -32.04 72.31
N TYR WB 216 -113.37 -33.18 72.98
CA TYR WB 216 -112.11 -33.69 73.54
C TYR WB 216 -111.56 -34.67 72.52
N ASN WB 217 -110.46 -34.28 71.86
CA ASN WB 217 -109.98 -35.07 70.73
C ASN WB 217 -109.41 -36.41 71.18
N PHE WB 218 -108.70 -36.43 72.31
CA PHE WB 218 -108.20 -37.69 72.84
C PHE WB 218 -108.07 -37.59 74.35
N THR WB 219 -107.81 -38.73 74.99
CA THR WB 219 -107.77 -38.84 76.45
C THR WB 219 -106.49 -39.56 76.86
N LEU WB 220 -105.46 -38.79 77.22
CA LEU WB 220 -104.24 -39.38 77.75
C LEU WB 220 -104.54 -39.98 79.12
N MET WB 221 -104.51 -41.31 79.20
CA MET WB 221 -104.72 -42.01 80.46
C MET WB 221 -103.53 -42.91 80.76
N ILE WB 222 -102.99 -42.79 81.97
CA ILE WB 222 -101.83 -43.54 82.42
C ILE WB 222 -102.30 -44.52 83.48
N ILE WB 223 -102.14 -45.82 83.21
CA ILE WB 223 -102.75 -46.86 84.02
C ILE WB 223 -101.65 -47.80 84.52
N PRO WB 224 -101.43 -47.91 85.82
CA PRO WB 224 -100.42 -48.84 86.36
C PRO WB 224 -100.93 -50.27 86.33
N PHE WB 225 -100.38 -51.09 85.44
CA PHE WB 225 -100.69 -52.51 85.43
C PHE WB 225 -99.99 -53.23 86.57
N ALA WB 226 -98.68 -53.26 86.54
CA ALA WB 226 -97.99 -53.81 87.71
C ALA WB 226 -97.84 -52.71 88.75
N PRO WB 227 -98.28 -52.93 89.98
CA PRO WB 227 -98.29 -51.84 90.95
C PRO WB 227 -96.89 -51.48 91.42
N LEU WB 228 -96.76 -50.26 91.91
CA LEU WB 228 -95.48 -49.82 92.46
C LEU WB 228 -95.15 -50.63 93.72
N ASN WB 229 -93.88 -50.96 93.88
CA ASN WB 229 -93.47 -51.65 95.10
C ASN WB 229 -92.05 -51.22 95.45
N PHE WB 230 -91.75 -51.24 96.74
CA PHE WB 230 -90.48 -50.80 97.29
C PHE WB 230 -90.42 -51.26 98.74
N THR WB 231 -89.29 -51.01 99.38
CA THR WB 231 -89.10 -51.38 100.78
C THR WB 231 -89.20 -50.13 101.66
N ASP WB 232 -88.97 -50.31 102.95
CA ASP WB 232 -89.28 -49.30 103.96
C ASP WB 232 -88.26 -48.17 104.02
N GLY WB 233 -87.34 -48.09 103.07
CA GLY WB 233 -86.37 -47.01 103.06
C GLY WB 233 -86.54 -46.03 101.92
N ALA WB 234 -87.16 -46.47 100.83
CA ALA WB 234 -87.29 -45.64 99.65
C ALA WB 234 -88.38 -44.58 99.85
N THR WB 235 -88.47 -43.68 98.88
CA THR WB 235 -89.55 -42.70 98.91
C THR WB 235 -90.88 -43.37 98.56
N ALA WB 236 -91.93 -42.98 99.26
CA ALA WB 236 -93.20 -43.69 99.21
C ALA WB 236 -93.99 -43.41 97.93
N TYR WB 237 -93.36 -42.81 96.92
CA TYR WB 237 -94.07 -42.46 95.70
C TYR WB 237 -93.05 -42.33 94.56
N VAL WB 238 -93.58 -42.23 93.35
CA VAL WB 238 -92.77 -42.00 92.15
C VAL WB 238 -93.48 -40.92 91.33
N PRO WB 239 -92.89 -39.73 91.19
CA PRO WB 239 -93.57 -38.62 90.50
C PRO WB 239 -93.54 -38.81 88.99
N ILE WB 240 -94.71 -38.79 88.37
CA ILE WB 240 -94.85 -38.96 86.93
C ILE WB 240 -95.01 -37.57 86.33
N THR WB 241 -94.14 -37.22 85.38
CA THR WB 241 -94.09 -35.88 84.80
C THR WB 241 -94.62 -35.93 83.37
N VAL WB 242 -95.62 -35.10 83.09
CA VAL WB 242 -96.29 -35.07 81.78
C VAL WB 242 -95.98 -33.75 81.10
N THR WB 243 -95.58 -33.82 79.83
CA THR WB 243 -95.17 -32.66 79.06
C THR WB 243 -95.78 -32.76 77.67
N ILE WB 244 -96.50 -31.72 77.25
CA ILE WB 244 -97.23 -31.71 75.99
C ILE WB 244 -96.73 -30.55 75.14
N ALA WB 245 -96.39 -30.84 73.89
CA ALA WB 245 -95.99 -29.82 72.94
C ALA WB 245 -96.98 -29.78 71.78
N PRO WB 246 -97.86 -28.77 71.72
CA PRO WB 246 -98.83 -28.71 70.62
C PRO WB 246 -98.16 -28.39 69.29
N MET WB 247 -98.08 -29.37 68.39
CA MET WB 247 -97.39 -29.20 67.13
C MET WB 247 -98.37 -28.94 66.00
N TYR WB 248 -97.96 -28.08 65.06
CA TYR WB 248 -98.73 -27.78 63.85
C TYR WB 248 -100.14 -27.31 64.19
N ALA WB 249 -100.24 -26.48 65.23
CA ALA WB 249 -101.51 -25.91 65.61
C ALA WB 249 -101.91 -24.85 64.60
N GLU WB 250 -103.10 -24.97 64.03
CA GLU WB 250 -103.61 -23.93 63.15
C GLU WB 250 -105.09 -23.71 63.45
N TYR WB 251 -105.53 -22.49 63.18
CA TYR WB 251 -106.79 -21.95 63.68
C TYR WB 251 -107.54 -21.37 62.49
N ASN WB 252 -108.69 -20.76 62.74
CA ASN WB 252 -109.40 -20.11 61.65
C ASN WB 252 -108.86 -18.71 61.44
N GLY WB 253 -109.33 -18.06 60.38
CA GLY WB 253 -108.91 -16.71 60.08
C GLY WB 253 -109.85 -15.69 60.70
N LEU WB 254 -109.27 -14.59 61.16
CA LEU WB 254 -110.04 -13.51 61.77
C LEU WB 254 -110.14 -12.29 60.87
N ARG WB 255 -109.28 -12.19 59.86
CA ARG WB 255 -109.26 -11.08 58.92
C ARG WB 255 -110.33 -11.26 57.86
N LEU WB 256 -110.65 -10.16 57.18
CA LEU WB 256 -111.54 -10.22 56.04
C LEU WB 256 -110.79 -10.76 54.82
N ALA WB 257 -111.54 -11.07 53.77
CA ALA WB 257 -110.95 -11.53 52.52
C ALA WB 257 -111.17 -10.51 51.41
#